data_8UQ5
#
_entry.id   8UQ5
#
_cell.length_a   1.00
_cell.length_b   1.00
_cell.length_c   1.00
_cell.angle_alpha   90.00
_cell.angle_beta   90.00
_cell.angle_gamma   90.00
#
_symmetry.space_group_name_H-M   'P 1'
#
loop_
_entity.id
_entity.type
_entity.pdbx_description
1 polymer 'Ryanodine receptor 2'
2 non-polymer 'ZINC ION'
3 non-polymer "ADENOSINE-5'-TRIPHOSPHATE"
#
_entity_poly.entity_id   1
_entity_poly.type   'polypeptide(L)'
_entity_poly.pdbx_seq_one_letter_code
;MADGGEGEDEIQFLRTDDEVVLQCTATIHKEQQKLCLAAEGFGNRLCFLESTSNSKNVPPDLSICTFVLEQSLSVRALQE
MLANTVEKSEGQVDVEKWKFMMKTAQGGGHRTLLYGHAILLRHSYSGMYLCCLSTSRSSTDKLAFDVGLQEDTTGEACWW
TIHPASKQRSEGEKVRVGDDLILVSVSSERYLHLSYGNGSLHVDAAFQQTLWSVAPISSGSEAAQGYLIGGDVLRLLHGH
MDECLTVPSGEHGEEQRRTVHYEGGAVSVHARSLWRLETLRVAWSGSHIRWGQPFRLRHVTTGKYLSLMEDKNLLLMDKE
KADVKSTAFTFRSSKEKLDVGVRKEVDGMGTSEIKYGDSVCYIQHVDTGLWLTYQSVDVKSVRMGSIQRKAIMHHEGHMD
DGISLSRSQHEESRTARVIRSTVFLFNRFIRGLDALSKKAKASTVDLPIESVSLSLQDLIGYFHPPDEHLEHEDKQNRLR
ALKNRQNLFQEEGMINLVLECIDRLHVYSSAAHFADVAGREAGESWKSILNSLYELLAALIRGNRKNCAQFSGSLDWLIS
RLERLEASSGILEVLHCVLVESPEALNIIKEGHIKSIISLLDKHGRNHKVLDVLCSLCVCHGVAVRSNQHLICDNLLPGR
DLLLQTRLVNHVSSMRPNIFLGVSEGSAQYKKWYYELMVDHTEPFVTAEATHLRVGWASTEGYSPYPGGGEEWGGNGVGD
DLFSYGFDGLHLWSGCIARTVSSPNQHLLRTDDVISCCLDLSAPSISFRINGQPVQGMFENFNIDGLFFPVVSFSAGIKV
RFLLGGRHGEFKFLPPPGYAPCYEAVLPKEKLKVEHSREYKQERTYTRDLLGPTVSLTQAAFTPIPVDTSQIVLPPHLER
IREKLAENIHELWVMNKIELGWQYGPVRDDNKRQHPCLVEFSKLPEQERNYNLQMSLETLKTLLALGCHVGISDEHAEDK
VKKMKLPKNYQLTSGYKPAPMDLSFIKLTPSQEAMVDKLAENAHNVWARDRIRQGWTYGIQQDVKNRRNPRLVPYTLLDD
RTKKSNKDSLREAVRTLLGYGYNLEAPDQDHAARAEVCSGTGERFRIFRAEKTYAVKAGRWYFEFETVTAGDMRVGWSRP
GCQPDQELGSDERAFAFDGFKAQRWHQGNEHYGRSWQAGDVVGCMVDMNEHTMMFTLNGEILLDDSGSELAFKDFDVGDG
FIPVCSLGVAQVGRMNFGKDVSTLKYFTICGLQEGYEPFAVNTNRDITMWLSKRLPQFLQVPSNHEHIEVTRIDGTIDSS
PCLKVTQKSFGSQNSNTDIMFYRLSMPIECAEVFSKTVAGGLPGAGLFGPKNDLEDYDADSDFEVLMKTAHGHLVPDRVD
KDKEATKPEFNNHKDYAQEKPSRLKQRFLLRRTKPDYSTSHSARLTEDVLADDRDDYDFLMQTSTYYYSVRIFPGQEPAN
VWVGWITSDFHQYDTGFDLDRVRTVTVTLGDEKGKVHESIKRSNCYMVCAGESMSPGQGRNNNGLEIGCVVDAASGLLTF
IANGKELSTYYQVEPSTKLFPAVFAQATSPNVFQFELGRIKNVMPLSAGLFKSEHKNPVPQCPPRLHVQFLSHVLWSRMP
NQFLKVDVSRISERQGWLVQCLDPLQFMSLHIPEENRSVDILELTEQEELLKFHYHTLRLYSAVCALGNHRVAHALCSHV
DEPQLLYAIENKYMPGLLRAGYYDLLIDIHLSSYATARLMMNNEYIVPMTEETKSITLFPDENKKHGLPGIGLSTSLRPR
MQFSSPSFVSISNECYQYSPEFPLDILKSKTIQMLTEAVKEGSLHARDPVGGTTEFLFVPLIKLFYTLLIMGIFHNEDLK
HILQLIEPSVFKEAATPEEESDTLEKELSVDDAKLQGAGEEEAKGGKRPKEGLLQMKLPEPVKLQMCLLLQYLCDCQVRH
RIEAIVAFSDDFVAKLQDNQRFRYNEVMQALNMSAALTARKTKEFRSPPQEQINMLLNFKDDKSECPCPEEIRDQLLDFH
EDLMTHCGIELDEDGSLDGNSDLTIRGRLLSLVEKVTYLKKKQAEKPVESDSKKSSTLQQLISETMVRWAQESVIEDPEL
VRAMFVLLHRQYDGIGGLVRALPKTYTINGVSVEDTINLLASLGQIRSLLSVRMGKEEEKLMIRGLGDIMNNKVFYQHPN
LMRALGMHETVMEVMVNVLGGGESKEITFPKMVANCCRFLCYFCRISRQNQKAMFDHLSYLLENSSVGLASPAMRGSTPL
DVAAASVMDNNELALALREPDLEKVVRYLAGCGLQSCQMLVSKGYPDIGWNPVEGERYLDFLRFAVFCNGESVEENANVV
VRLLIRRPECFGPALRGEGGNGLLAAMEEAIKIAEDPSRDGPSPNSGSSKTLDTEEEEDDTIHMGNAIMTFYSALIDLLG
RCAPEMHLIHAGKGEAIRIRSILRSLIPLGDLVGVISIAFQMPTIAKDGNVVEPDMSAGFCPDHKAAMVLFLDRVYGIEV
QDFLLHLLEVGFLPDLRAAASLDTAALSATDMALALNRYLCTAVLPLLTRCAPLFAGTEHHASLIDSLLHTVYRLSKGCS
LTKAQRDSIEVCLLSICGQLRPSMMQHLLRRLVFDVPLLNEHAKMPLKLLTNHYERCWKYYCLPGGWGNFGAASEEELHL
SRKLFWGIFDALSQKKYEQELFKLALPCLSAVAGALPPDYMESNYVSMMEKQSSMDSEGNFNPQPVDTSNITIPEKLEYF
INKYAEHSHDKWSMDKLANGWIYGEIYSDSSKVQPLMKPYKLLSEKEKEIYRWPIKESLKTMLAWGWRIERTREGDSMAL
YNRTRRIDQTSQVSVDAAHGYSPRAIDMSNVTLSRDLHAMAEMMAENYHNIWAKKKKMELESKGGGNHPLLVPYDTLTAK
EKAKDREKAQDILKFLQINGYAVSRGFKDLELDTPSIEKRFAYSFLQQLIRYVDEAHQYILEFDGGSRGKGEHFPYEQEI
KFFAKVVLPLIDQYFKNHRLYFLSAASRPLCSGGHASNKEKEMVTSLFCKLGVLVRHRISLFGNDATSIVNCLHILGQTL
DARTVMKTGLESVKSALRAFLDNAAEDLEKTMENLKQGQFTHTRNQPKGVTQIINYTTVALLPMLSSLFEHIGQHQFGED
LILEDVQVSCYRILTSLYALGTSKSIYVERQRSALGECLAAFAGAFPVAFLETHLDKHNIYSIYNTKSSRERAALSLPTN
VEDVCPNIPSLEKLMEEIVELAESGIRYTQMPHVMEVILPMLCSYMSRWWEHGPENNPERAEMCCTALNSEHMNTLLGNI
LKIIYNNLGIDEGAWMKRLAVFSQPIINKVKPQLLKTHFLPLMEKLKKKAATVVSEEDHLKAEARGDMSEAELLILDEFT
TLARDLYAFYPLLIRFVDYNRAKWLKEPNPEAEELFRMVAEVFIYWSKSHNFKREEQNFVVQNEINNMSFLITDTKSKMS
KAAVSDQERKKMKRKGDRYSMQTSLIVAALKRLLPIGLNICAPGDQELIALAKNRFSLKDTEDEVRDIIRSNIHLQGKLE
DPAIRWQMALYKDLPNRTDDTSDPEKTVERVLDIANVLFHLEQKSKRVGRRHYCLVEHPQRSKKAVWHKLLSKQRKRAVV
ACFRMAPLYNLPRHRAVNLFLQGYEKSWIETEEHYFEDKLIEDLAKPGAEPPEEDEGTKRVDPLHQLILLFSRTALTEKC
KLEEDFLYMAYADIMAKSCHDEEDDDGEEEVKSFEEKEMEKQKLLYQQARLHDRGAAEMVLQTISASKGETGPMVAATLK
LGIAILNGGNSTVQQKMLDYLKEKKDVGFFQSLAGLMQSCSVLDLNAFERQNKAEGLGMVTEEGSGEKVLQDDEFTCDLF
RFLQLLCEGHNSDFQNYLRTQTGNNTTVNIIISTVDYLLRVQESISDFYWYYSGKDVIDEQGQRNFSKAIQVAKQVFNTL
TEYIQGPCTGNQQSLAHSRLWDAVVGFLHVFAHMQMKLSQDSSQIELLKELMDLQKDMVVMLLSMLEGNVVNGTIGKQMV
DMLVESSNNVEMILKFFDMFLKLKDLTSSDTFKEYDPDGKGVISKRDFHKAMESHKHYTQSETEFLLSCAETDENETLDY
EEFVKRFHEPAKDIGFNVAVLLTNLSEHMPNDTRLQTFLELAESVLNYFQPFLGRIEIMGSAKRIERVYFEISESSRTQW
EKPQVKESKRQFIFDVVNEGGEKEKMELFVNFCEDTIFEMQLAAQISESDLNERSANKEESEKERPEEQGPRMAFFSILT
VRSALFALRYNILTLMRMLSLKSLKKQMKKVKKMTVKDMVTAFFSSYWSIFMTLLHFVASVFRGFFRIICSLLLGGSLVE
GAKKIKVAELLANMPDPTQDEVRGDGEEGERKPLEAALPSEDLTDLKELTEESDLLSDIFGLDLKREGGQYKLIPHNPNA
GLSDLMSNPVPMPEVQEKFQEQKAKEEEKEEKEETKSEPEKAEGEDGEKEEKAKEDKGKQKLRQLHTHRYGEPEVPESAF
WKKIIAYQQKLLNYFARNFYNMRMLALFVAFAINFILLFYKVSTSSVVEGKELPTRSSSENAKVTSLDSSSHRIIAVHYV
LEESSGYMEPTLRILAILHTVISFFCIIGYYCLKVPLVIFKREKEVARKLEFDGLYITEQPSEDDIKGQWDRLVINTQSF
PNNYWDKFVKRKVMDKYGEFYGRDRISELLGMDKAALDFSDAREKKKPKKDSSLSAVLNSIDVKYQMWKLGVVFTDNSFL
YLAWYMTMSVLGHYNNFFFAAHLLDIAMGFKTLRTILSSVTHNGKQLVLTVGLLAVVVYLYTVVAFNFFRKFYNKSEDGD
TPDMKCDDMLTCYMFHMYVGVRAGGGIGDEIEDPAGDEYEIYRIIFDITFFFFVIVILLAIIQGLIIDAFGELRDQQEQV
KEDMETKCFICGIGNDYFDTVPHGFETHTLQEHNLANYLFFLMYLINKDETEHTGQESYVWKMYQERCWEFFPAGDCFRK
QYEDQLN
;
_entity_poly.pdbx_strand_id   A,B,C,D
#
loop_
_chem_comp.id
_chem_comp.type
_chem_comp.name
_chem_comp.formula
ATP non-polymer ADENOSINE-5'-TRIPHOSPHATE 'C10 H16 N5 O13 P3'
ZN non-polymer 'ZINC ION' 'Zn 2'
#
# COMPACT_ATOMS: atom_id res chain seq x y z
N GLU A 10 -0.66 21.16 18.88
CA GLU A 10 -1.54 21.68 19.91
C GLU A 10 -0.75 22.63 20.82
N ILE A 11 -1.45 23.57 21.44
CA ILE A 11 -0.77 24.61 22.22
C ILE A 11 -0.27 24.04 23.55
N GLN A 12 0.99 24.32 23.86
CA GLN A 12 1.53 23.98 25.16
C GLN A 12 1.43 25.17 26.11
N PHE A 13 1.62 24.90 27.39
CA PHE A 13 1.56 25.91 28.43
C PHE A 13 2.82 25.84 29.29
N LEU A 14 3.37 27.00 29.63
CA LEU A 14 4.55 27.05 30.48
C LEU A 14 4.22 26.57 31.89
N ARG A 15 5.09 25.74 32.44
CA ARG A 15 4.93 25.22 33.79
C ARG A 15 6.15 25.61 34.63
N THR A 16 6.08 25.28 35.92
CA THR A 16 7.18 25.54 36.82
C THR A 16 8.35 24.62 36.50
N ASP A 17 9.55 25.04 36.93
CA ASP A 17 10.81 24.33 36.68
C ASP A 17 11.13 24.20 35.20
N ASP A 18 10.42 24.92 34.34
CA ASP A 18 10.72 24.98 32.92
C ASP A 18 11.70 26.12 32.65
N GLU A 19 12.63 25.86 31.74
CA GLU A 19 13.68 26.81 31.42
C GLU A 19 13.25 27.63 30.20
N VAL A 20 13.33 28.96 30.32
CA VAL A 20 12.81 29.86 29.30
C VAL A 20 13.82 30.96 29.03
N VAL A 21 13.62 31.65 27.91
CA VAL A 21 14.42 32.80 27.51
C VAL A 21 13.47 33.93 27.17
N LEU A 22 13.69 35.10 27.76
CA LEU A 22 12.85 36.28 27.51
C LEU A 22 13.42 37.06 26.33
N GLN A 23 12.59 37.31 25.32
CA GLN A 23 13.01 38.03 24.14
C GLN A 23 12.27 39.36 24.02
N CYS A 24 12.96 40.36 23.47
CA CYS A 24 12.37 41.66 23.20
C CYS A 24 12.73 42.07 21.77
N THR A 25 11.85 42.85 21.17
CA THR A 25 11.98 43.27 19.78
C THR A 25 12.34 44.75 19.72
N ALA A 26 13.41 45.07 18.99
CA ALA A 26 13.90 46.44 18.88
C ALA A 26 14.10 46.77 17.41
N THR A 27 13.47 47.84 16.95
CA THR A 27 13.62 48.30 15.56
C THR A 27 14.62 49.47 15.50
N ILE A 28 15.86 49.15 15.82
CA ILE A 28 16.94 50.14 15.80
C ILE A 28 17.33 50.40 14.35
N HIS A 29 17.58 51.67 14.03
CA HIS A 29 17.94 52.14 12.69
C HIS A 29 17.08 51.53 11.60
N LYS A 30 15.76 51.50 11.82
CA LYS A 30 14.77 51.08 10.83
C LYS A 30 14.95 49.62 10.41
N GLU A 31 15.59 48.81 11.26
CA GLU A 31 15.74 47.39 11.01
C GLU A 31 15.43 46.65 12.30
N GLN A 32 14.64 45.59 12.20
CA GLN A 32 14.17 44.88 13.38
C GLN A 32 15.25 43.95 13.91
N GLN A 33 15.51 44.01 15.22
CA GLN A 33 16.43 43.11 15.89
C GLN A 33 15.67 42.29 16.93
N LYS A 34 16.16 41.08 17.17
CA LYS A 34 15.62 40.20 18.20
C LYS A 34 16.66 40.05 19.30
N LEU A 35 16.34 40.55 20.49
CA LEU A 35 17.26 40.57 21.61
C LEU A 35 16.76 39.64 22.72
N CYS A 36 17.67 39.30 23.63
CA CYS A 36 17.36 38.43 24.75
C CYS A 36 17.94 39.02 26.03
N LEU A 37 17.26 38.76 27.15
CA LEU A 37 17.70 39.22 28.45
C LEU A 37 18.85 38.33 28.92
N ALA A 38 20.01 38.94 29.18
CA ALA A 38 21.21 38.22 29.58
C ALA A 38 21.77 38.80 30.87
N ALA A 39 22.48 37.95 31.61
CA ALA A 39 23.14 38.38 32.84
C ALA A 39 24.30 37.45 33.11
N GLU A 40 25.36 38.01 33.70
CA GLU A 40 26.58 37.28 34.03
C GLU A 40 26.70 37.20 35.53
N GLY A 41 26.89 35.99 36.05
CA GLY A 41 26.97 35.77 37.49
C GLY A 41 28.07 36.54 38.17
N PHE A 42 29.33 36.17 37.91
CA PHE A 42 30.44 36.91 38.48
C PHE A 42 30.71 38.18 37.67
N GLY A 43 31.23 39.19 38.35
CA GLY A 43 31.47 40.46 37.68
C GLY A 43 30.21 41.31 37.71
N ASN A 44 29.90 41.92 36.57
CA ASN A 44 28.75 42.82 36.49
C ASN A 44 27.45 42.08 36.76
N ARG A 45 26.79 42.43 37.86
CA ARG A 45 25.47 41.89 38.17
C ARG A 45 24.37 42.49 37.31
N LEU A 46 24.63 43.61 36.66
CA LEU A 46 23.62 44.29 35.87
C LEU A 46 23.31 43.48 34.61
N CYS A 47 22.02 43.34 34.31
CA CYS A 47 21.61 42.60 33.13
C CYS A 47 21.84 43.42 31.87
N PHE A 48 22.22 42.73 30.79
CA PHE A 48 22.41 43.34 29.49
C PHE A 48 21.68 42.50 28.45
N LEU A 49 21.50 43.07 27.27
CA LEU A 49 20.75 42.44 26.20
C LEU A 49 21.69 41.85 25.15
N GLU A 50 21.44 40.60 24.77
CA GLU A 50 22.23 39.88 23.78
C GLU A 50 21.40 39.71 22.52
N SER A 51 21.93 40.16 21.39
CA SER A 51 21.22 40.05 20.13
C SER A 51 21.21 38.61 19.63
N THR A 52 20.06 38.18 19.11
CA THR A 52 19.91 36.85 18.55
C THR A 52 19.31 36.89 17.14
N SER A 53 19.26 38.07 16.52
CA SER A 53 18.71 38.20 15.18
C SER A 53 19.67 37.66 14.13
N ASN A 54 20.92 38.13 14.14
CA ASN A 54 21.95 37.65 13.22
C ASN A 54 22.72 36.47 13.78
N SER A 55 22.03 35.37 14.07
CA SER A 55 22.72 34.17 14.58
C SER A 55 23.61 33.55 13.52
N LYS A 56 23.38 33.92 12.25
CA LYS A 56 24.17 33.33 11.16
C LYS A 56 25.63 33.78 11.21
N ASN A 57 25.85 35.09 11.37
CA ASN A 57 27.22 35.60 11.34
C ASN A 57 27.85 35.63 12.74
N VAL A 58 27.02 35.84 13.77
CA VAL A 58 27.49 35.91 15.14
C VAL A 58 26.63 34.98 16.00
N PRO A 59 27.18 33.94 16.62
CA PRO A 59 26.38 33.04 17.44
C PRO A 59 25.83 33.75 18.66
N PRO A 60 24.66 33.34 19.14
CA PRO A 60 24.13 33.91 20.38
C PRO A 60 24.62 33.12 21.60
N ASP A 61 24.80 33.85 22.71
CA ASP A 61 25.23 33.24 23.96
C ASP A 61 24.02 33.03 24.88
N LEU A 62 23.24 31.99 24.54
CA LEU A 62 22.01 31.70 25.27
C LEU A 62 22.28 31.12 26.66
N SER A 63 23.52 30.68 26.92
CA SER A 63 23.82 30.07 28.21
C SER A 63 23.60 31.05 29.36
N ILE A 64 23.90 32.33 29.13
CA ILE A 64 23.70 33.35 30.14
C ILE A 64 22.39 34.09 29.86
N CYS A 65 21.60 33.58 28.93
CA CYS A 65 20.29 34.14 28.61
C CYS A 65 19.15 33.26 29.10
N THR A 66 19.43 32.01 29.46
CA THR A 66 18.41 31.08 29.90
C THR A 66 18.01 31.36 31.34
N PHE A 67 16.70 31.30 31.61
CA PHE A 67 16.15 31.42 32.95
C PHE A 67 15.17 30.29 33.20
N VAL A 68 15.04 29.89 34.46
CA VAL A 68 14.16 28.80 34.86
C VAL A 68 13.08 29.34 35.79
N LEU A 69 11.85 28.89 35.59
CA LEU A 69 10.71 29.36 36.37
C LEU A 69 10.45 28.45 37.57
N GLU A 70 10.99 28.81 38.73
CA GLU A 70 10.82 27.99 39.92
C GLU A 70 9.37 27.90 40.38
N GLN A 71 8.80 29.03 40.78
CA GLN A 71 7.49 29.05 41.43
C GLN A 71 6.58 30.08 40.79
N SER A 72 5.31 29.72 40.62
CA SER A 72 4.26 30.64 40.20
C SER A 72 3.20 30.66 41.29
N LEU A 73 2.98 31.83 41.89
CA LEU A 73 2.08 31.96 43.02
C LEU A 73 1.23 33.22 42.87
N SER A 74 0.07 33.19 43.52
CA SER A 74 -0.82 34.34 43.51
C SER A 74 -0.23 35.48 44.33
N VAL A 75 -0.71 36.69 44.07
CA VAL A 75 -0.19 37.88 44.74
C VAL A 75 -0.43 37.81 46.24
N ARG A 76 -1.59 37.30 46.64
CA ARG A 76 -1.90 37.24 48.07
C ARG A 76 -1.08 36.14 48.75
N ALA A 77 -0.85 35.02 48.05
CA ALA A 77 0.05 34.01 48.58
C ALA A 77 1.45 34.56 48.74
N LEU A 78 1.90 35.38 47.79
CA LEU A 78 3.17 36.09 47.93
C LEU A 78 3.19 36.99 49.14
N GLN A 79 2.11 37.73 49.38
CA GLN A 79 2.03 38.56 50.58
C GLN A 79 2.10 37.73 51.85
N GLU A 80 1.39 36.60 51.89
CA GLU A 80 1.39 35.76 53.10
C GLU A 80 2.77 35.17 53.37
N MET A 81 3.42 34.65 52.33
CA MET A 81 4.72 34.01 52.54
C MET A 81 5.80 35.05 52.87
N LEU A 82 5.59 36.28 52.42
CA LEU A 82 6.50 37.36 52.81
C LEU A 82 6.27 37.78 54.25
N ALA A 83 5.01 37.81 54.67
CA ALA A 83 4.70 38.13 56.06
C ALA A 83 5.25 37.07 57.02
N ASN A 84 5.11 35.80 56.66
CA ASN A 84 5.64 34.71 57.48
C ASN A 84 6.03 33.49 56.65
N HIS A 110 4.62 20.62 39.88
CA HIS A 110 4.42 21.36 38.64
C HIS A 110 3.01 21.93 38.54
N ARG A 111 2.91 23.26 38.47
CA ARG A 111 1.66 23.95 38.19
C ARG A 111 1.89 24.89 37.02
N THR A 112 0.92 24.92 36.10
CA THR A 112 1.06 25.75 34.90
C THR A 112 0.94 27.22 35.27
N LEU A 113 1.63 28.07 34.50
CA LEU A 113 1.58 29.50 34.73
C LEU A 113 0.25 30.07 34.26
N LEU A 114 -0.39 30.86 35.11
CA LEU A 114 -1.64 31.54 34.77
C LEU A 114 -1.40 33.04 34.85
N TYR A 115 -2.10 33.79 34.00
CA TYR A 115 -1.99 35.25 33.99
C TYR A 115 -2.42 35.83 35.34
N GLY A 116 -1.61 36.76 35.86
CA GLY A 116 -1.89 37.39 37.13
C GLY A 116 -1.08 36.89 38.29
N HIS A 117 -0.42 35.74 38.17
CA HIS A 117 0.42 35.22 39.23
C HIS A 117 1.73 35.99 39.30
N ALA A 118 2.48 35.76 40.38
CA ALA A 118 3.82 36.28 40.55
C ALA A 118 4.80 35.12 40.41
N ILE A 119 5.75 35.25 39.49
CA ILE A 119 6.67 34.17 39.14
C ILE A 119 8.08 34.56 39.58
N LEU A 120 8.88 33.54 39.89
CA LEU A 120 10.26 33.72 40.33
C LEU A 120 11.18 33.12 39.27
N LEU A 121 12.11 33.93 38.79
CA LEU A 121 13.07 33.50 37.77
C LEU A 121 14.44 33.33 38.39
N ARG A 122 15.05 32.16 38.15
CA ARG A 122 16.42 31.88 38.54
C ARG A 122 17.28 31.84 37.28
N HIS A 123 18.37 32.59 37.30
CA HIS A 123 19.31 32.58 36.19
C HIS A 123 20.01 31.22 36.15
N SER A 124 19.95 30.56 35.00
CA SER A 124 20.39 29.17 34.92
C SER A 124 21.88 29.03 35.25
N TYR A 125 22.70 29.93 34.72
CA TYR A 125 24.14 29.82 34.94
C TYR A 125 24.51 30.21 36.38
N SER A 126 24.20 31.44 36.77
CA SER A 126 24.63 31.93 38.07
C SER A 126 23.89 31.24 39.21
N GLY A 127 22.61 30.95 39.03
CA GLY A 127 21.77 30.48 40.10
C GLY A 127 21.11 31.58 40.90
N MET A 128 21.40 32.84 40.61
CA MET A 128 20.78 33.97 41.28
C MET A 128 19.42 34.27 40.65
N TYR A 129 18.70 35.20 41.26
CA TYR A 129 17.34 35.52 40.87
C TYR A 129 17.24 36.92 40.28
N LEU A 130 16.43 37.05 39.24
CA LEU A 130 16.15 38.34 38.63
C LEU A 130 15.37 39.22 39.59
N CYS A 131 15.74 40.50 39.65
CA CYS A 131 15.10 41.42 40.58
C CYS A 131 15.35 42.85 40.14
N CYS A 132 14.66 43.78 40.79
CA CYS A 132 14.97 45.19 40.68
C CYS A 132 16.02 45.56 41.72
N LEU A 133 17.11 46.17 41.26
CA LEU A 133 18.25 46.47 42.13
C LEU A 133 18.04 47.71 42.98
N SER A 134 16.96 48.47 42.74
CA SER A 134 16.61 49.66 43.51
C SER A 134 17.64 50.77 43.34
N THR A 135 18.65 50.54 42.49
CA THR A 135 19.65 51.54 42.15
C THR A 135 19.61 51.74 40.64
N SER A 136 19.84 52.97 40.19
CA SER A 136 19.70 53.33 38.79
C SER A 136 20.99 53.95 38.27
N ARG A 137 21.28 53.70 37.00
CA ARG A 137 22.39 54.36 36.33
C ARG A 137 22.12 55.84 36.08
N SER A 138 20.88 56.29 36.25
CA SER A 138 20.50 57.70 36.09
C SER A 138 20.84 58.21 34.69
N SER A 139 20.43 57.44 33.68
CA SER A 139 20.62 57.83 32.29
C SER A 139 19.52 58.81 31.87
N THR A 140 19.39 59.92 32.60
CA THR A 140 18.34 60.92 32.35
C THR A 140 16.95 60.29 32.41
N ASP A 141 16.85 59.20 33.18
CA ASP A 141 15.61 58.45 33.36
C ASP A 141 15.49 58.14 34.86
N LYS A 142 15.62 59.20 35.67
CA LYS A 142 15.69 59.05 37.13
C LYS A 142 14.59 58.18 37.69
N LEU A 143 13.43 58.12 37.02
CA LEU A 143 12.35 57.26 37.49
C LEU A 143 12.68 55.79 37.33
N ALA A 144 13.44 55.44 36.29
CA ALA A 144 13.72 54.03 36.01
C ALA A 144 14.68 53.45 37.05
N PHE A 145 14.55 52.14 37.26
CA PHE A 145 15.43 51.38 38.14
C PHE A 145 16.15 50.31 37.33
N ASP A 146 17.44 50.16 37.55
CA ASP A 146 18.21 49.13 36.86
C ASP A 146 17.81 47.74 37.34
N VAL A 147 17.96 46.76 36.45
CA VAL A 147 17.56 45.38 36.71
C VAL A 147 18.80 44.49 36.70
N GLY A 148 18.97 43.71 37.76
CA GLY A 148 20.09 42.81 37.86
C GLY A 148 19.74 41.48 38.51
N LEU A 149 20.70 40.85 39.17
CA LEU A 149 20.51 39.58 39.85
C LEU A 149 20.78 39.73 41.34
N GLN A 150 20.08 38.94 42.15
CA GLN A 150 20.24 38.96 43.60
C GLN A 150 20.49 37.55 44.11
N GLU A 151 21.40 37.43 45.08
CA GLU A 151 21.75 36.12 45.61
C GLU A 151 20.58 35.50 46.38
N ASP A 152 19.91 36.30 47.22
CA ASP A 152 18.86 35.80 48.09
C ASP A 152 17.50 36.04 47.46
N THR A 153 16.61 35.05 47.60
CA THR A 153 15.25 35.18 47.07
C THR A 153 14.33 35.91 48.04
N THR A 154 14.78 36.19 49.26
CA THR A 154 13.93 36.88 50.22
C THR A 154 13.62 38.29 49.76
N GLY A 155 12.39 38.72 50.07
CA GLY A 155 11.91 40.03 49.66
C GLY A 155 11.05 39.94 48.41
N GLU A 156 10.38 41.07 48.13
CA GLU A 156 9.49 41.18 46.98
C GLU A 156 10.19 41.72 45.74
N ALA A 157 11.49 41.98 45.81
CA ALA A 157 12.21 42.48 44.66
C ALA A 157 12.42 41.39 43.60
N CYS A 158 12.67 40.16 44.04
CA CYS A 158 12.94 39.07 43.10
C CYS A 158 11.69 38.70 42.30
N TRP A 159 10.51 38.95 42.86
CA TRP A 159 9.28 38.47 42.25
C TRP A 159 8.80 39.41 41.14
N TRP A 160 8.24 38.80 40.10
CA TRP A 160 7.67 39.53 38.98
C TRP A 160 6.31 38.94 38.66
N THR A 161 5.40 39.80 38.19
CA THR A 161 4.05 39.41 37.85
C THR A 161 3.86 39.49 36.34
N ILE A 162 3.21 38.47 35.78
CA ILE A 162 2.95 38.39 34.35
C ILE A 162 1.52 38.84 34.11
N HIS A 163 1.32 39.64 33.06
CA HIS A 163 0.03 40.19 32.71
C HIS A 163 -0.27 39.98 31.23
N PRO A 164 -1.54 39.93 30.84
CA PRO A 164 -1.87 39.75 29.41
C PRO A 164 -1.31 40.87 28.55
N ALA A 165 -0.76 40.48 27.39
CA ALA A 165 -0.19 41.46 26.48
C ALA A 165 -1.28 42.19 25.69
N SER A 166 -2.30 41.46 25.25
CA SER A 166 -3.34 42.01 24.38
C SER A 166 -4.73 41.67 24.95
N LYS A 167 -5.76 42.06 24.20
CA LYS A 167 -7.13 41.82 24.64
C LYS A 167 -7.54 40.37 24.49
N GLN A 168 -6.88 39.62 23.61
CA GLN A 168 -7.19 38.20 23.45
C GLN A 168 -6.93 37.43 24.74
N ARG A 169 -5.84 37.79 25.43
CA ARG A 169 -5.52 37.16 26.69
C ARG A 169 -6.33 37.78 27.83
N SER A 170 -6.40 37.07 28.95
CA SER A 170 -7.19 37.53 30.08
C SER A 170 -6.57 37.02 31.37
N GLU A 171 -6.97 37.66 32.48
CA GLU A 171 -6.46 37.26 33.79
C GLU A 171 -6.94 35.86 34.16
N GLY A 172 -6.03 35.07 34.71
CA GLY A 172 -6.34 33.78 35.28
C GLY A 172 -6.18 32.61 34.35
N GLU A 173 -6.15 32.84 33.04
CA GLU A 173 -6.04 31.73 32.11
C GLU A 173 -4.59 31.29 31.95
N LYS A 174 -4.42 30.11 31.36
CA LYS A 174 -3.10 29.53 31.20
C LYS A 174 -2.24 30.34 30.25
N VAL A 175 -0.97 30.51 30.61
CA VAL A 175 -0.02 31.25 29.80
C VAL A 175 0.51 30.32 28.71
N ARG A 176 0.13 30.60 27.47
CA ARG A 176 0.53 29.75 26.35
C ARG A 176 2.01 29.91 26.05
N VAL A 177 2.59 28.86 25.46
CA VAL A 177 3.98 28.94 25.02
C VAL A 177 4.06 29.76 23.74
N GLY A 178 5.20 30.43 23.55
CA GLY A 178 5.35 31.33 22.42
C GLY A 178 4.39 32.50 22.46
N ASP A 179 4.01 32.95 23.65
CA ASP A 179 3.07 34.03 23.83
C ASP A 179 3.78 35.26 24.36
N ASP A 180 3.47 36.42 23.77
CA ASP A 180 4.04 37.67 24.22
C ASP A 180 3.51 38.02 25.61
N LEU A 181 4.40 38.49 26.48
CA LEU A 181 4.07 38.76 27.88
C LEU A 181 4.61 40.12 28.29
N ILE A 182 3.99 40.70 29.32
CA ILE A 182 4.45 41.92 29.95
C ILE A 182 4.68 41.62 31.43
N LEU A 183 5.84 42.00 31.94
CA LEU A 183 6.22 41.72 33.32
C LEU A 183 6.16 42.99 34.16
N VAL A 184 5.62 42.86 35.37
CA VAL A 184 5.44 43.98 36.28
C VAL A 184 6.18 43.66 37.58
N SER A 185 7.02 44.59 38.03
CA SER A 185 7.77 44.40 39.26
C SER A 185 6.85 44.58 40.46
N VAL A 186 6.91 43.62 41.39
CA VAL A 186 6.09 43.71 42.60
C VAL A 186 6.61 44.81 43.51
N SER A 187 7.94 44.88 43.69
CA SER A 187 8.52 45.81 44.64
C SER A 187 8.42 47.25 44.16
N SER A 188 8.78 47.50 42.89
CA SER A 188 8.91 48.85 42.38
C SER A 188 7.77 49.29 41.48
N GLU A 189 6.87 48.38 41.11
CA GLU A 189 5.77 48.68 40.19
C GLU A 189 6.28 49.33 38.91
N ARG A 190 7.41 48.82 38.40
CA ARG A 190 8.02 49.33 37.18
C ARG A 190 8.17 48.19 36.20
N TYR A 191 7.74 48.40 34.96
CA TYR A 191 7.75 47.36 33.96
C TYR A 191 9.17 47.14 33.45
N LEU A 192 9.43 45.92 32.96
CA LEU A 192 10.66 45.68 32.23
C LEU A 192 10.66 46.48 30.94
N HIS A 193 11.64 47.37 30.80
CA HIS A 193 11.63 48.37 29.75
C HIS A 193 12.92 48.32 28.96
N LEU A 194 12.79 48.51 27.64
CA LEU A 194 13.92 48.58 26.72
C LEU A 194 14.11 50.04 26.33
N SER A 195 15.27 50.60 26.66
CA SER A 195 15.55 52.01 26.42
C SER A 195 16.03 52.21 24.99
N TYR A 196 15.27 52.99 24.22
CA TYR A 196 15.61 53.26 22.83
C TYR A 196 16.45 54.51 22.65
N GLY A 197 16.20 55.56 23.45
CA GLY A 197 16.85 56.84 23.21
C GLY A 197 18.35 56.78 23.35
N ASN A 198 18.84 56.06 24.36
CA ASN A 198 20.28 55.96 24.57
C ASN A 198 20.94 55.17 23.43
N GLY A 199 22.22 55.45 23.20
CA GLY A 199 22.93 54.80 22.11
C GLY A 199 23.03 53.29 22.28
N SER A 200 23.37 52.84 23.48
CA SER A 200 23.45 51.42 23.79
C SER A 200 22.18 50.99 24.51
N LEU A 201 21.47 50.03 23.92
CA LEU A 201 20.20 49.58 24.49
C LEU A 201 20.42 48.97 25.86
N HIS A 202 19.60 49.39 26.82
CA HIS A 202 19.69 48.91 28.19
C HIS A 202 18.33 48.42 28.65
N VAL A 203 18.33 47.39 29.50
CA VAL A 203 17.11 46.87 30.10
C VAL A 203 17.04 47.39 31.53
N ASP A 204 15.89 47.91 31.91
CA ASP A 204 15.69 48.51 33.23
C ASP A 204 14.21 48.45 33.60
N ALA A 205 13.91 48.80 34.84
CA ALA A 205 12.55 48.82 35.35
C ALA A 205 12.00 50.24 35.26
N ALA A 206 11.11 50.47 34.30
CA ALA A 206 10.53 51.79 34.07
C ALA A 206 9.01 51.67 33.97
N PHE A 207 8.33 52.81 34.08
CA PHE A 207 6.88 52.81 34.04
C PHE A 207 6.34 52.48 32.65
N GLN A 208 7.11 52.78 31.61
CA GLN A 208 6.70 52.39 30.27
C GLN A 208 6.82 50.89 30.08
N GLN A 209 6.09 50.36 29.10
CA GLN A 209 5.99 48.93 28.88
C GLN A 209 6.79 48.52 27.65
N THR A 210 7.57 47.44 27.80
CA THR A 210 8.21 46.76 26.69
C THR A 210 7.71 45.32 26.69
N LEU A 211 7.22 44.86 25.54
CA LEU A 211 6.55 43.57 25.48
C LEU A 211 7.58 42.47 25.26
N TRP A 212 7.56 41.46 26.13
CA TRP A 212 8.55 40.39 26.14
C TRP A 212 7.91 39.09 25.69
N SER A 213 8.48 38.46 24.67
CA SER A 213 8.07 37.11 24.30
C SER A 213 8.91 36.10 25.06
N VAL A 214 8.33 34.92 25.30
CA VAL A 214 8.97 33.86 26.06
C VAL A 214 9.11 32.62 25.17
N ALA A 215 10.33 32.09 25.11
CA ALA A 215 10.63 30.94 24.28
C ALA A 215 11.02 29.76 25.17
N PRO A 216 10.45 28.57 24.94
CA PRO A 216 10.83 27.41 25.75
C PRO A 216 12.18 26.85 25.36
N ILE A 217 13.25 27.40 25.93
CA ILE A 217 14.60 26.97 25.57
C ILE A 217 14.81 25.49 25.88
N SER A 218 14.24 25.02 26.99
CA SER A 218 14.37 23.62 27.38
C SER A 218 13.42 23.34 28.53
N SER A 219 13.16 22.06 28.76
CA SER A 219 12.35 21.59 29.88
C SER A 219 12.92 20.26 30.36
N GLY A 220 13.54 20.27 31.54
CA GLY A 220 14.21 19.08 32.02
C GLY A 220 13.28 18.08 32.68
N SER A 221 11.99 18.43 32.77
CA SER A 221 11.04 17.53 33.43
C SER A 221 10.89 16.21 32.66
N GLU A 222 10.80 16.28 31.34
CA GLU A 222 10.65 15.09 30.51
C GLU A 222 11.92 14.72 29.76
N ALA A 223 13.06 15.32 30.12
CA ALA A 223 14.32 15.03 29.48
C ALA A 223 14.91 13.74 30.06
N ALA A 224 15.11 12.75 29.21
CA ALA A 224 15.65 11.47 29.66
C ALA A 224 17.12 11.63 30.02
N GLN A 225 17.51 11.09 31.18
CA GLN A 225 18.88 11.19 31.64
C GLN A 225 19.79 10.29 30.80
N GLY A 226 21.03 10.73 30.61
CA GLY A 226 22.02 9.98 29.88
C GLY A 226 22.04 10.23 28.39
N TYR A 227 21.09 11.00 27.86
CA TYR A 227 21.01 11.30 26.44
C TYR A 227 21.45 12.75 26.20
N LEU A 228 22.24 12.95 25.15
CA LEU A 228 22.75 14.28 24.85
C LEU A 228 21.62 15.23 24.47
N ILE A 229 21.62 16.40 25.10
CA ILE A 229 20.67 17.47 24.79
C ILE A 229 21.46 18.73 24.48
N GLY A 230 20.81 19.67 23.78
CA GLY A 230 21.48 20.89 23.41
C GLY A 230 21.88 21.71 24.62
N GLY A 231 23.02 22.39 24.50
CA GLY A 231 23.55 23.22 25.55
C GLY A 231 24.44 22.51 26.55
N ASP A 232 24.62 21.21 26.41
CA ASP A 232 25.46 20.47 27.34
C ASP A 232 26.93 20.81 27.15
N VAL A 233 27.71 20.59 28.21
CA VAL A 233 29.16 20.71 28.16
C VAL A 233 29.74 19.29 28.20
N LEU A 234 30.43 18.90 27.14
CA LEU A 234 30.86 17.52 26.96
C LEU A 234 32.31 17.47 26.51
N ARG A 235 32.90 16.28 26.66
CA ARG A 235 34.26 16.00 26.19
C ARG A 235 34.16 15.06 24.99
N LEU A 236 34.89 15.40 23.93
CA LEU A 236 34.94 14.54 22.75
C LEU A 236 36.06 13.52 22.92
N LEU A 237 35.69 12.27 23.18
CA LEU A 237 36.63 11.20 23.39
C LEU A 237 36.84 10.40 22.11
N HIS A 238 38.10 10.20 21.75
CA HIS A 238 38.45 9.47 20.54
C HIS A 238 38.18 7.99 20.79
N GLY A 239 38.16 7.19 19.70
CA GLY A 239 37.76 5.79 19.80
C GLY A 239 38.54 4.96 20.79
N HIS A 240 39.76 5.36 21.12
CA HIS A 240 40.53 4.67 22.15
C HIS A 240 40.13 5.07 23.56
N MET A 241 39.02 5.81 23.72
CA MET A 241 38.46 6.24 25.01
C MET A 241 39.55 6.60 26.03
N ASP A 242 40.59 7.29 25.55
CA ASP A 242 41.70 7.68 26.40
C ASP A 242 42.16 9.12 26.18
N GLU A 243 41.84 9.72 25.05
CA GLU A 243 42.33 11.05 24.68
C GLU A 243 41.16 11.96 24.34
N CYS A 244 41.30 13.23 24.67
CA CYS A 244 40.27 14.22 24.43
C CYS A 244 40.67 15.15 23.28
N LEU A 245 39.68 15.85 22.73
CA LEU A 245 39.94 16.87 21.72
C LEU A 245 40.25 18.17 22.44
N THR A 246 41.54 18.53 22.51
CA THR A 246 42.00 19.60 23.38
C THR A 246 42.85 20.59 22.59
N VAL A 247 42.99 21.78 23.13
CA VAL A 247 43.83 22.82 22.54
C VAL A 247 45.18 22.81 23.26
N PRO A 248 46.20 23.52 22.76
CA PRO A 248 47.46 23.61 23.52
C PRO A 248 47.26 24.21 24.90
N SER A 249 48.12 23.83 25.85
CA SER A 249 47.94 24.21 27.24
C SER A 249 48.12 25.72 27.43
N GLY A 250 47.93 26.15 28.66
CA GLY A 250 47.95 27.57 29.00
C GLY A 250 49.30 28.22 29.02
N GLU A 251 50.39 27.45 28.95
CA GLU A 251 51.72 28.04 28.91
C GLU A 251 51.95 28.76 27.58
N HIS A 252 51.38 28.22 26.50
CA HIS A 252 51.45 28.90 25.22
C HIS A 252 50.53 30.12 25.20
N GLY A 253 50.98 31.19 24.57
CA GLY A 253 50.20 32.41 24.52
C GLY A 253 49.00 32.29 23.61
N GLU A 254 48.17 33.34 23.64
CA GLU A 254 46.99 33.42 22.79
C GLU A 254 47.41 33.40 21.33
N GLU A 255 46.55 32.84 20.47
CA GLU A 255 46.69 32.53 19.04
C GLU A 255 47.73 31.46 18.77
N GLN A 256 48.40 30.96 19.82
CA GLN A 256 48.99 29.62 19.77
C GLN A 256 48.08 28.56 20.34
N ARG A 257 46.98 28.95 21.00
CA ARG A 257 45.98 28.01 21.50
C ARG A 257 44.88 27.74 20.49
N ARG A 258 44.94 28.37 19.31
CA ARG A 258 43.87 28.24 18.32
C ARG A 258 43.88 26.89 17.61
N THR A 259 45.01 26.18 17.63
CA THR A 259 45.07 24.88 16.97
C THR A 259 44.27 23.85 17.77
N VAL A 260 43.82 22.81 17.06
CA VAL A 260 43.02 21.75 17.63
C VAL A 260 43.73 20.42 17.42
N HIS A 261 43.87 19.65 18.50
CA HIS A 261 44.59 18.39 18.46
C HIS A 261 44.11 17.49 19.59
N TYR A 262 44.75 16.34 19.73
CA TYR A 262 44.34 15.32 20.69
C TYR A 262 45.37 15.17 21.79
N GLU A 263 44.90 15.14 23.04
CA GLU A 263 45.73 14.87 24.20
C GLU A 263 45.03 13.85 25.10
N GLY A 264 45.83 12.99 25.72
CA GLY A 264 45.30 11.99 26.62
C GLY A 264 46.04 12.01 27.95
N GLY A 265 45.32 11.56 28.98
CA GLY A 265 45.90 11.48 30.31
C GLY A 265 45.29 12.45 31.30
N ALA A 266 46.13 13.36 31.82
CA ALA A 266 45.66 14.28 32.86
C ALA A 266 44.71 15.33 32.31
N VAL A 267 44.78 15.62 31.01
CA VAL A 267 43.93 16.63 30.40
C VAL A 267 42.45 16.25 30.42
N SER A 268 42.15 14.96 30.59
CA SER A 268 40.75 14.52 30.56
C SER A 268 39.98 15.06 31.75
N VAL A 269 40.68 15.52 32.79
CA VAL A 269 40.02 16.03 34.00
C VAL A 269 40.39 17.51 34.14
N HIS A 270 40.58 18.19 33.02
CA HIS A 270 40.95 19.59 32.99
C HIS A 270 39.87 20.41 32.30
N ALA A 271 40.02 21.74 32.36
CA ALA A 271 39.06 22.66 31.78
C ALA A 271 39.38 23.02 30.34
N ARG A 272 40.49 22.53 29.79
CA ARG A 272 40.85 22.76 28.40
C ARG A 272 40.33 21.68 27.47
N SER A 273 39.56 20.72 28.00
CA SER A 273 38.97 19.66 27.20
C SER A 273 37.44 19.76 27.17
N LEU A 274 36.89 20.91 27.50
CA LEU A 274 35.45 21.09 27.64
C LEU A 274 34.91 21.85 26.44
N TRP A 275 33.84 21.32 25.84
CA TRP A 275 33.17 21.94 24.71
C TRP A 275 31.68 22.00 24.97
N ARG A 276 31.04 23.04 24.44
CA ARG A 276 29.60 23.20 24.54
C ARG A 276 28.97 23.03 23.17
N LEU A 277 27.91 22.21 23.11
CA LEU A 277 27.17 21.99 21.88
C LEU A 277 26.04 23.00 21.81
N GLU A 278 26.12 23.93 20.86
CA GLU A 278 25.13 24.98 20.68
C GLU A 278 24.40 24.75 19.37
N THR A 279 23.08 24.56 19.45
CA THR A 279 22.28 24.39 18.26
C THR A 279 22.09 25.73 17.54
N LEU A 280 21.83 25.65 16.25
CA LEU A 280 21.63 26.86 15.44
C LEU A 280 20.26 27.47 15.65
N ARG A 281 19.38 26.83 16.40
CA ARG A 281 18.04 27.34 16.66
C ARG A 281 17.99 27.98 18.04
N VAL A 282 17.25 29.08 18.15
CA VAL A 282 17.12 29.77 19.42
C VAL A 282 16.06 29.11 20.29
N ALA A 283 14.86 28.91 19.75
CA ALA A 283 13.81 28.25 20.49
C ALA A 283 14.05 26.75 20.54
N TRP A 284 13.75 26.16 21.70
CA TRP A 284 13.86 24.73 21.94
C TRP A 284 15.29 24.24 21.66
N SER A 285 16.26 25.03 22.08
CA SER A 285 17.67 24.69 21.88
C SER A 285 18.19 23.69 22.89
N GLY A 286 17.42 23.39 23.93
CA GLY A 286 17.77 22.38 24.90
C GLY A 286 17.23 20.99 24.59
N SER A 287 16.70 20.78 23.38
CA SER A 287 16.12 19.49 23.03
C SER A 287 17.21 18.44 22.82
N HIS A 288 16.78 17.19 22.78
CA HIS A 288 17.69 16.09 22.50
C HIS A 288 18.29 16.25 21.10
N ILE A 289 19.60 16.04 20.99
CA ILE A 289 20.27 16.20 19.72
C ILE A 289 20.05 14.97 18.85
N ARG A 290 19.54 15.18 17.64
CA ARG A 290 19.28 14.11 16.70
C ARG A 290 20.44 13.99 15.73
N TRP A 291 20.58 12.80 15.13
CA TRP A 291 21.63 12.56 14.16
C TRP A 291 21.44 13.46 12.94
N GLY A 292 22.41 14.34 12.71
CA GLY A 292 22.37 15.27 11.59
C GLY A 292 21.95 16.67 11.95
N GLN A 293 21.60 16.92 13.21
CA GLN A 293 21.24 18.26 13.62
C GLN A 293 22.47 19.16 13.59
N PRO A 294 22.43 20.28 12.87
CA PRO A 294 23.60 21.18 12.85
C PRO A 294 23.78 21.86 14.20
N PHE A 295 25.04 21.92 14.65
CA PHE A 295 25.36 22.56 15.92
C PHE A 295 26.77 23.14 15.85
N ARG A 296 27.03 24.10 16.74
CA ARG A 296 28.34 24.72 16.87
C ARG A 296 29.00 24.24 18.14
N LEU A 297 30.29 23.89 18.05
CA LEU A 297 31.07 23.48 19.20
C LEU A 297 31.93 24.65 19.67
N ARG A 298 31.66 25.11 20.89
CA ARG A 298 32.37 26.23 21.48
C ARG A 298 33.26 25.75 22.61
N HIS A 299 34.50 26.23 22.63
CA HIS A 299 35.44 25.87 23.69
C HIS A 299 35.15 26.74 24.90
N VAL A 300 34.91 26.09 26.04
CA VAL A 300 34.39 26.81 27.22
C VAL A 300 35.43 27.76 27.79
N THR A 301 36.66 27.28 27.96
CA THR A 301 37.66 28.08 28.68
C THR A 301 38.18 29.23 27.82
N THR A 302 38.22 29.05 26.51
CA THR A 302 38.71 30.11 25.62
C THR A 302 37.59 30.96 25.05
N GLY A 303 36.37 30.45 24.97
CA GLY A 303 35.26 31.18 24.37
C GLY A 303 35.26 31.18 22.87
N LYS A 304 36.15 30.44 22.22
CA LYS A 304 36.25 30.39 20.78
C LYS A 304 35.38 29.28 20.22
N TYR A 305 35.08 29.38 18.93
CA TYR A 305 34.23 28.43 18.23
C TYR A 305 35.07 27.59 17.26
N LEU A 306 34.80 26.29 17.26
CA LEU A 306 35.46 25.40 16.30
C LEU A 306 35.03 25.76 14.88
N SER A 307 36.00 25.83 13.97
CA SER A 307 35.73 26.28 12.62
C SER A 307 36.61 25.52 11.64
N LEU A 308 36.18 25.52 10.39
CA LEU A 308 36.92 24.90 9.29
C LEU A 308 37.44 26.00 8.39
N MET A 309 38.76 26.17 8.35
CA MET A 309 39.36 27.15 7.46
C MET A 309 39.35 26.64 6.02
N GLU A 310 39.59 27.57 5.09
CA GLU A 310 39.55 27.23 3.67
C GLU A 310 40.63 26.23 3.30
N ASP A 311 41.72 26.18 4.06
CA ASP A 311 42.81 25.23 3.80
C ASP A 311 42.53 23.84 4.38
N LYS A 312 41.28 23.58 4.79
CA LYS A 312 40.81 22.31 5.34
C LYS A 312 41.46 21.98 6.68
N ASN A 313 42.05 22.95 7.37
CA ASN A 313 42.69 22.72 8.65
C ASN A 313 41.81 23.25 9.78
N LEU A 314 41.64 22.43 10.82
CA LEU A 314 40.84 22.84 11.97
C LEU A 314 41.53 23.97 12.71
N LEU A 315 40.76 24.95 13.16
CA LEU A 315 41.29 26.12 13.84
C LEU A 315 40.19 26.77 14.67
N LEU A 316 40.47 27.03 15.94
CA LEU A 316 39.56 27.84 16.73
C LEU A 316 39.50 29.25 16.16
N MET A 317 38.31 29.83 16.17
CA MET A 317 38.07 31.12 15.54
C MET A 317 36.98 31.85 16.31
N ASP A 318 37.04 33.18 16.24
CA ASP A 318 36.38 34.04 17.21
C ASP A 318 34.85 34.08 17.01
N LYS A 319 34.17 34.53 18.05
CA LYS A 319 32.70 34.65 18.02
C LYS A 319 32.25 35.63 16.95
N GLU A 320 32.99 36.72 16.77
CA GLU A 320 32.59 37.76 15.83
C GLU A 320 32.55 37.23 14.39
N LYS A 321 33.53 36.43 13.99
CA LYS A 321 33.58 35.86 12.65
C LYS A 321 33.01 34.45 12.59
N ALA A 322 32.47 33.94 13.70
CA ALA A 322 31.95 32.57 13.76
C ALA A 322 30.66 32.48 12.96
N ASP A 323 30.83 32.27 11.66
CA ASP A 323 29.68 32.10 10.77
C ASP A 323 29.16 30.67 10.83
N VAL A 324 27.93 30.48 10.36
CA VAL A 324 27.34 29.15 10.33
C VAL A 324 28.14 28.23 9.41
N LYS A 325 28.54 28.74 8.24
CA LYS A 325 29.23 27.90 7.27
C LYS A 325 30.50 27.30 7.84
N SER A 326 31.30 28.10 8.55
CA SER A 326 32.56 27.60 9.07
C SER A 326 32.37 26.74 10.32
N THR A 327 31.40 27.08 11.15
CA THR A 327 31.29 26.51 12.48
C THR A 327 30.22 25.41 12.61
N ALA A 328 29.66 24.93 11.51
CA ALA A 328 28.59 23.95 11.55
C ALA A 328 29.16 22.53 11.48
N PHE A 329 28.77 21.70 12.44
CA PHE A 329 29.12 20.29 12.46
C PHE A 329 27.90 19.47 12.87
N THR A 330 27.88 18.21 12.44
CA THR A 330 26.78 17.30 12.73
C THR A 330 27.32 15.97 13.23
N PHE A 331 26.48 15.26 13.97
CA PHE A 331 26.79 13.92 14.46
C PHE A 331 26.14 12.90 13.54
N ARG A 332 26.93 11.94 13.06
CA ARG A 332 26.46 10.89 12.18
C ARG A 332 26.70 9.53 12.81
N SER A 333 25.67 8.69 12.79
CA SER A 333 25.77 7.37 13.42
C SER A 333 26.78 6.49 12.70
N SER A 334 26.82 6.57 11.37
CA SER A 334 27.70 5.74 10.57
C SER A 334 28.42 6.58 9.53
N LYS A 335 29.56 6.07 9.07
CA LYS A 335 30.35 6.71 8.03
C LYS A 335 29.65 6.70 6.67
N GLU A 336 28.57 5.93 6.52
CA GLU A 336 27.90 5.78 5.25
C GLU A 336 27.45 7.13 4.70
N LYS A 337 27.61 7.31 3.39
CA LYS A 337 27.60 8.62 2.75
C LYS A 337 26.20 9.19 2.54
N LEU A 338 25.15 8.39 2.70
CA LEU A 338 23.79 8.88 2.45
C LEU A 338 23.42 9.85 3.55
N ASP A 339 23.65 11.14 3.25
CA ASP A 339 23.33 12.20 4.20
C ASP A 339 21.82 12.35 4.35
N VAL A 340 21.40 12.75 5.55
CA VAL A 340 19.98 12.89 5.84
C VAL A 340 19.37 14.00 4.99
N GLY A 341 20.16 14.98 4.59
CA GLY A 341 19.63 16.08 3.80
C GLY A 341 18.98 17.11 4.68
N VAL A 342 17.69 17.36 4.49
CA VAL A 342 16.93 18.32 5.27
C VAL A 342 15.78 17.60 5.96
N ARG A 343 15.57 17.92 7.23
CA ARG A 343 14.48 17.35 8.02
C ARG A 343 13.73 18.48 8.72
N LYS A 344 12.45 18.29 8.95
CA LYS A 344 11.65 19.28 9.64
C LYS A 344 12.03 19.33 11.12
N GLU A 345 12.09 20.53 11.67
CA GLU A 345 12.39 20.68 13.09
C GLU A 345 11.14 20.41 13.93
N VAL A 346 11.34 19.84 15.11
CA VAL A 346 10.24 19.50 16.01
C VAL A 346 10.28 20.44 17.22
N ASP A 347 9.11 20.93 17.62
CA ASP A 347 9.00 21.85 18.75
C ASP A 347 8.88 21.04 20.03
N GLY A 348 9.98 20.93 20.76
CA GLY A 348 9.99 20.19 22.01
C GLY A 348 11.27 19.41 22.15
N MET A 349 11.31 18.58 23.20
CA MET A 349 12.47 17.72 23.43
C MET A 349 12.65 16.73 22.29
N GLY A 350 11.57 16.16 21.78
CA GLY A 350 11.66 15.17 20.74
C GLY A 350 12.11 13.82 21.25
N THR A 351 12.65 13.04 20.31
CA THR A 351 13.11 11.68 20.60
C THR A 351 14.60 11.70 20.90
N SER A 352 14.99 11.07 22.01
CA SER A 352 16.39 11.00 22.38
C SER A 352 17.11 9.94 21.53
N GLU A 353 18.11 10.39 20.77
CA GLU A 353 18.84 9.48 19.89
C GLU A 353 20.27 9.28 20.36
N ILE A 354 20.99 10.39 20.56
CA ILE A 354 22.38 10.29 20.99
C ILE A 354 22.44 10.09 22.50
N LYS A 355 23.20 9.07 22.92
CA LYS A 355 23.32 8.71 24.33
C LYS A 355 24.77 8.81 24.76
N TYR A 356 24.98 9.19 26.01
CA TYR A 356 26.33 9.43 26.52
C TYR A 356 27.07 8.13 26.76
N GLY A 357 28.32 8.07 26.27
CA GLY A 357 29.24 7.01 26.64
C GLY A 357 29.11 5.72 25.87
N ASP A 358 28.02 5.52 25.13
CA ASP A 358 27.84 4.28 24.38
C ASP A 358 27.71 4.55 22.88
N SER A 359 26.94 5.57 22.52
CA SER A 359 26.75 5.89 21.11
C SER A 359 28.04 6.40 20.50
N VAL A 360 28.37 5.87 19.32
CA VAL A 360 29.58 6.26 18.59
C VAL A 360 29.19 7.34 17.59
N CYS A 361 29.82 8.50 17.71
CA CYS A 361 29.50 9.67 16.88
C CYS A 361 30.68 9.99 15.98
N TYR A 362 30.38 10.30 14.72
CA TYR A 362 31.38 10.76 13.76
C TYR A 362 31.06 12.20 13.39
N ILE A 363 31.98 13.11 13.71
CA ILE A 363 31.79 14.53 13.42
C ILE A 363 32.15 14.79 11.96
N GLN A 364 31.23 15.41 11.22
CA GLN A 364 31.51 15.87 9.87
C GLN A 364 31.06 17.32 9.74
N HIS A 365 31.83 18.12 9.01
CA HIS A 365 31.42 19.48 8.71
C HIS A 365 30.25 19.46 7.73
N VAL A 366 29.34 20.42 7.91
CA VAL A 366 28.10 20.42 7.14
C VAL A 366 28.35 20.81 5.69
N ASP A 367 28.87 22.02 5.48
CA ASP A 367 29.01 22.55 4.13
C ASP A 367 30.05 21.76 3.33
N THR A 368 31.24 21.55 3.92
CA THR A 368 32.31 20.88 3.20
C THR A 368 32.04 19.39 3.02
N GLY A 369 31.46 18.76 4.03
CA GLY A 369 31.16 17.34 3.98
C GLY A 369 32.29 16.42 4.38
N LEU A 370 33.45 16.97 4.73
CA LEU A 370 34.58 16.17 5.17
C LEU A 370 34.26 15.54 6.53
N TRP A 371 35.09 14.57 6.93
CA TRP A 371 34.93 13.92 8.23
C TRP A 371 36.09 14.25 9.16
N LEU A 372 35.77 14.38 10.45
CA LEU A 372 36.79 14.61 11.46
C LEU A 372 37.62 13.35 11.67
N THR A 373 38.94 13.52 11.76
CA THR A 373 39.85 12.40 11.94
C THR A 373 41.16 12.90 12.51
N TYR A 374 41.97 11.95 12.98
CA TYR A 374 43.31 12.25 13.46
C TYR A 374 44.28 12.22 12.28
N GLN A 375 45.16 13.22 12.21
CA GLN A 375 46.11 13.29 11.10
C GLN A 375 47.16 12.19 11.22
N SER A 376 47.48 11.80 12.45
CA SER A 376 48.53 10.83 12.77
C SER A 376 49.92 11.34 12.39
N VAL A 377 50.27 12.55 12.81
CA VAL A 377 51.60 13.07 12.55
C VAL A 377 52.65 12.20 13.24
N ASP A 378 53.85 12.19 12.69
CA ASP A 378 54.95 11.41 13.25
C ASP A 378 56.01 12.34 13.86
N SER A 386 52.09 14.07 26.13
CA SER A 386 52.62 14.84 25.00
C SER A 386 52.51 14.05 23.71
N ILE A 387 51.42 13.28 23.58
CA ILE A 387 51.20 12.49 22.37
C ILE A 387 51.01 13.40 21.16
N GLN A 388 50.23 14.47 21.33
CA GLN A 388 50.00 15.48 20.29
C GLN A 388 49.57 14.85 18.97
N ARG A 389 48.53 14.03 19.04
CA ARG A 389 47.93 13.50 17.83
C ARG A 389 47.10 14.58 17.14
N LYS A 390 47.59 15.05 16.00
CA LYS A 390 46.93 16.15 15.31
C LYS A 390 45.56 15.73 14.79
N ALA A 391 44.59 16.62 14.94
CA ALA A 391 43.24 16.40 14.42
C ALA A 391 43.10 17.16 13.11
N ILE A 392 42.76 16.43 12.04
CA ILE A 392 42.73 17.00 10.69
C ILE A 392 41.37 16.67 10.08
N MET A 393 41.06 17.37 8.98
CA MET A 393 39.72 17.33 8.41
C MET A 393 39.85 16.69 7.03
N HIS A 394 39.18 15.55 6.81
CA HIS A 394 39.48 14.72 5.64
C HIS A 394 38.21 14.31 4.90
N HIS A 395 38.36 14.16 3.58
CA HIS A 395 37.28 13.65 2.74
C HIS A 395 36.85 12.26 3.15
N GLU A 396 37.81 11.37 3.39
CA GLU A 396 37.49 9.98 3.71
C GLU A 396 37.93 9.65 5.13
N GLY A 397 39.18 9.91 5.45
CA GLY A 397 39.69 9.64 6.78
C GLY A 397 39.91 8.17 7.03
N HIS A 398 40.18 7.85 8.30
CA HIS A 398 40.44 6.49 8.73
C HIS A 398 39.17 5.86 9.29
N MET A 399 39.24 4.55 9.53
CA MET A 399 38.08 3.81 10.00
C MET A 399 37.80 4.07 11.47
N ASP A 400 38.86 4.23 12.28
CA ASP A 400 38.71 4.45 13.72
C ASP A 400 38.58 5.95 14.03
N ASP A 401 37.58 6.56 13.42
CA ASP A 401 37.24 7.97 13.68
C ASP A 401 36.10 8.11 14.68
N GLY A 402 35.64 7.01 15.26
CA GLY A 402 34.56 7.06 16.23
C GLY A 402 34.87 7.92 17.43
N ILE A 403 33.92 8.78 17.82
CA ILE A 403 34.11 9.71 18.92
C ILE A 403 33.05 9.43 19.97
N SER A 404 33.49 9.14 21.19
CA SER A 404 32.58 8.96 22.30
C SER A 404 32.32 10.29 23.00
N LEU A 405 31.22 10.35 23.75
CA LEU A 405 30.80 11.56 24.44
C LEU A 405 30.67 11.29 25.92
N SER A 406 31.26 12.18 26.73
CA SER A 406 31.19 12.10 28.18
C SER A 406 30.69 13.42 28.74
N ARG A 407 29.63 13.35 29.54
CA ARG A 407 29.05 14.55 30.12
C ARG A 407 29.93 15.08 31.25
N SER A 408 30.00 16.40 31.33
CA SER A 408 30.80 17.09 32.35
C SER A 408 29.88 17.63 33.43
N GLN A 409 30.37 17.67 34.66
CA GLN A 409 29.55 18.09 35.79
C GLN A 409 29.26 19.59 35.73
N HIS A 410 28.14 19.98 36.33
CA HIS A 410 27.75 21.38 36.38
C HIS A 410 28.77 22.23 37.14
N GLU A 411 29.33 21.70 38.23
CA GLU A 411 30.35 22.41 38.97
C GLU A 411 31.55 22.72 38.09
N GLU A 412 32.02 21.72 37.34
CA GLU A 412 33.15 21.92 36.44
C GLU A 412 32.81 22.90 35.31
N SER A 413 31.62 22.81 34.72
CA SER A 413 31.24 23.77 33.69
C SER A 413 31.21 25.20 34.20
N ARG A 414 30.60 25.40 35.38
CA ARG A 414 30.59 26.73 36.00
C ARG A 414 32.00 27.22 36.31
N THR A 415 32.87 26.32 36.81
CA THR A 415 34.25 26.70 37.06
C THR A 415 34.96 27.13 35.79
N ALA A 416 34.77 26.40 34.70
CA ALA A 416 35.40 26.77 33.43
C ALA A 416 34.90 28.12 32.92
N ARG A 417 33.59 28.36 33.00
CA ARG A 417 33.08 29.67 32.58
C ARG A 417 33.62 30.79 33.45
N VAL A 418 33.71 30.56 34.76
CA VAL A 418 34.29 31.54 35.67
C VAL A 418 35.75 31.81 35.31
N ILE A 419 36.49 30.75 34.96
CA ILE A 419 37.88 30.92 34.55
C ILE A 419 37.97 31.79 33.30
N ARG A 420 37.10 31.54 32.31
CA ARG A 420 37.13 32.36 31.10
C ARG A 420 36.84 33.83 31.40
N SER A 421 35.81 34.07 32.21
CA SER A 421 35.45 35.45 32.54
C SER A 421 36.57 36.15 33.31
N THR A 422 37.18 35.43 34.25
CA THR A 422 38.29 36.01 35.02
C THR A 422 39.48 36.29 34.12
N VAL A 423 39.76 35.40 33.17
CA VAL A 423 40.83 35.63 32.21
C VAL A 423 40.58 36.93 31.46
N PHE A 424 39.36 37.09 30.93
CA PHE A 424 39.05 38.29 30.17
C PHE A 424 39.22 39.55 31.03
N LEU A 425 38.64 39.55 32.22
CA LEU A 425 38.66 40.75 33.06
C LEU A 425 40.08 41.09 33.51
N PHE A 426 40.85 40.09 33.94
CA PHE A 426 42.20 40.34 34.40
C PHE A 426 43.16 40.67 33.27
N ASN A 427 42.90 40.21 32.04
CA ASN A 427 43.69 40.69 30.91
C ASN A 427 43.37 42.14 30.58
N ARG A 428 42.09 42.54 30.68
CA ARG A 428 41.76 43.95 30.52
C ARG A 428 42.46 44.80 31.57
N PHE A 429 42.47 44.34 32.82
CA PHE A 429 43.13 45.06 33.89
C PHE A 429 44.62 45.22 33.62
N ILE A 430 45.28 44.12 33.20
CA ILE A 430 46.72 44.16 32.95
C ILE A 430 47.03 45.06 31.78
N ARG A 431 46.21 45.02 30.72
CA ARG A 431 46.44 45.89 29.57
C ARG A 431 46.26 47.36 29.95
N GLY A 432 45.27 47.67 30.78
CA GLY A 432 45.11 49.04 31.24
C GLY A 432 46.30 49.51 32.06
N LEU A 433 46.80 48.64 32.96
CA LEU A 433 47.98 48.99 33.74
C LEU A 433 49.20 49.18 32.85
N ASP A 434 49.34 48.34 31.81
CA ASP A 434 50.45 48.48 30.87
C ASP A 434 50.36 49.81 30.12
N ALA A 435 49.17 50.20 29.70
CA ALA A 435 49.01 51.49 29.04
C ALA A 435 49.37 52.65 29.98
N LEU A 436 48.91 52.56 31.23
CA LEU A 436 49.23 53.60 32.20
C LEU A 436 50.74 53.68 32.42
N SER A 437 51.42 52.54 32.48
CA SER A 437 52.87 52.54 32.59
C SER A 437 53.53 53.15 31.35
N LYS A 438 53.01 52.84 30.17
CA LYS A 438 53.50 53.41 28.93
C LYS A 438 53.09 54.86 28.74
N LYS A 439 52.37 55.43 29.71
CA LYS A 439 52.06 56.86 29.80
C LYS A 439 50.98 57.30 28.82
N ALA A 440 50.11 56.39 28.40
CA ALA A 440 48.95 56.80 27.63
C ALA A 440 48.02 57.64 28.50
N LYS A 441 47.25 58.51 27.85
CA LYS A 441 46.37 59.40 28.59
C LYS A 441 45.35 58.61 29.39
N ALA A 442 45.10 59.07 30.63
CA ALA A 442 44.25 58.31 31.55
C ALA A 442 42.83 58.17 31.03
N SER A 443 42.30 59.21 30.39
CA SER A 443 40.93 59.15 29.89
C SER A 443 40.77 58.07 28.82
N THR A 444 41.75 57.97 27.91
CA THR A 444 41.67 56.97 26.85
C THR A 444 41.72 55.55 27.41
N VAL A 445 42.57 55.32 28.41
CA VAL A 445 42.72 53.98 28.97
C VAL A 445 41.52 53.66 29.85
N ASP A 446 41.00 52.45 29.70
CA ASP A 446 39.89 51.94 30.50
C ASP A 446 40.43 51.03 31.59
N LEU A 447 40.08 51.33 32.84
CA LEU A 447 40.56 50.58 33.99
C LEU A 447 39.39 50.05 34.78
N PRO A 448 39.10 48.75 34.73
CA PRO A 448 37.87 48.22 35.33
C PRO A 448 37.90 48.19 36.86
N ILE A 449 37.93 49.37 37.49
CA ILE A 449 38.12 49.45 38.93
C ILE A 449 37.03 48.73 39.71
N GLU A 450 35.76 49.01 39.40
CA GLU A 450 34.67 48.41 40.17
C GLU A 450 34.50 46.94 39.84
N SER A 451 34.57 46.59 38.56
CA SER A 451 34.32 45.23 38.13
C SER A 451 35.39 44.28 38.65
N VAL A 452 36.66 44.70 38.62
CA VAL A 452 37.73 43.86 39.15
C VAL A 452 37.54 43.59 40.63
N SER A 453 37.20 44.62 41.40
CA SER A 453 36.97 44.43 42.84
C SER A 453 35.80 43.50 43.09
N LEU A 454 34.69 43.70 42.37
CA LEU A 454 33.50 42.87 42.60
C LEU A 454 33.79 41.42 42.23
N SER A 455 34.47 41.20 41.10
CA SER A 455 34.88 39.85 40.72
C SER A 455 35.85 39.24 41.72
N LEU A 456 36.74 40.03 42.31
CA LEU A 456 37.61 39.55 43.36
C LEU A 456 36.86 39.09 44.60
N GLN A 457 35.86 39.85 45.07
CA GLN A 457 35.03 39.36 46.16
C GLN A 457 34.23 38.12 45.79
N ASP A 458 33.72 38.06 44.55
CA ASP A 458 33.02 36.86 44.11
C ASP A 458 33.94 35.64 44.10
N LEU A 459 35.19 35.83 43.67
CA LEU A 459 36.15 34.72 43.67
C LEU A 459 36.53 34.31 45.09
N ILE A 460 36.64 35.27 46.01
CA ILE A 460 36.86 34.95 47.41
C ILE A 460 35.70 34.11 47.94
N GLY A 461 34.46 34.49 47.63
CA GLY A 461 33.33 33.68 48.04
C GLY A 461 33.35 32.30 47.40
N TYR A 462 33.78 32.22 46.14
CA TYR A 462 33.86 30.93 45.45
C TYR A 462 34.86 30.00 46.12
N PHE A 463 36.02 30.52 46.51
CA PHE A 463 37.06 29.72 47.14
C PHE A 463 37.05 29.82 48.66
N HIS A 464 35.95 30.28 49.23
CA HIS A 464 35.83 30.33 50.69
C HIS A 464 35.87 28.92 51.28
N PRO A 465 36.69 28.70 52.30
CA PRO A 465 36.76 27.37 52.93
C PRO A 465 35.46 27.06 53.66
N PRO A 466 35.10 25.78 53.78
CA PRO A 466 33.86 25.43 54.48
C PRO A 466 33.93 25.79 55.96
N ASP A 467 32.78 26.14 56.52
CA ASP A 467 32.70 26.46 57.94
C ASP A 467 32.69 25.19 58.77
N GLU A 468 33.13 25.32 60.02
CA GLU A 468 33.34 24.14 60.87
C GLU A 468 32.04 23.56 61.42
N HIS A 469 31.00 24.38 61.63
CA HIS A 469 29.80 23.85 62.28
C HIS A 469 28.99 22.97 61.33
N LEU A 470 29.32 22.97 60.05
CA LEU A 470 28.57 22.20 59.07
C LEU A 470 28.72 20.71 59.32
N GLU A 471 27.74 19.94 58.85
CA GLU A 471 27.76 18.50 59.01
C GLU A 471 28.93 17.89 58.24
N HIS A 472 29.41 16.74 58.72
CA HIS A 472 30.65 16.16 58.22
C HIS A 472 30.60 15.82 56.73
N GLU A 473 29.52 15.17 56.27
CA GLU A 473 29.45 14.77 54.87
C GLU A 473 29.39 15.98 53.94
N ASP A 474 28.57 16.98 54.30
CA ASP A 474 28.50 18.20 53.50
C ASP A 474 29.84 18.92 53.50
N LYS A 475 30.53 18.93 54.64
CA LYS A 475 31.86 19.53 54.71
C LYS A 475 32.82 18.83 53.77
N GLN A 476 32.79 17.49 53.75
CA GLN A 476 33.67 16.75 52.85
C GLN A 476 33.35 17.05 51.40
N ASN A 477 32.07 17.17 51.07
CA ASN A 477 31.68 17.53 49.70
C ASN A 477 32.21 18.91 49.33
N ARG A 478 32.10 19.87 50.24
CA ARG A 478 32.63 21.21 49.98
C ARG A 478 34.15 21.19 49.82
N LEU A 479 34.85 20.40 50.63
CA LEU A 479 36.30 20.27 50.44
C LEU A 479 36.62 19.67 49.08
N ARG A 480 35.89 18.65 48.65
CA ARG A 480 36.14 18.08 47.33
C ARG A 480 35.92 19.11 46.24
N ALA A 481 34.82 19.87 46.33
CA ALA A 481 34.55 20.90 45.34
C ALA A 481 35.62 21.99 45.33
N LEU A 482 36.07 22.43 46.50
CA LEU A 482 37.10 23.46 46.57
C LEU A 482 38.41 22.95 46.00
N LYS A 483 38.78 21.71 46.29
CA LYS A 483 39.99 21.14 45.72
C LYS A 483 39.90 21.04 44.20
N ASN A 484 38.74 20.63 43.69
CA ASN A 484 38.56 20.57 42.23
C ASN A 484 38.67 21.96 41.61
N ARG A 485 38.06 22.96 42.25
CA ARG A 485 38.14 24.32 41.72
C ARG A 485 39.57 24.83 41.71
N GLN A 486 40.31 24.60 42.79
CA GLN A 486 41.71 25.02 42.84
C GLN A 486 42.55 24.31 41.78
N ASN A 487 42.32 23.01 41.60
CA ASN A 487 43.07 22.26 40.59
C ASN A 487 42.78 22.79 39.18
N LEU A 488 41.50 23.07 38.90
CA LEU A 488 41.16 23.61 37.58
C LEU A 488 41.77 24.98 37.37
N PHE A 489 41.73 25.84 38.40
CA PHE A 489 42.32 27.17 38.27
C PHE A 489 43.82 27.09 38.03
N GLN A 490 44.50 26.21 38.77
CA GLN A 490 45.95 26.07 38.59
C GLN A 490 46.30 25.47 37.24
N GLU A 491 45.51 24.51 36.75
CA GLU A 491 45.72 23.95 35.42
C GLU A 491 45.51 24.97 34.31
N GLU A 492 44.53 25.85 34.46
CA GLU A 492 44.35 26.97 33.54
C GLU A 492 45.36 28.09 33.80
N GLY A 493 46.13 27.99 34.88
CA GLY A 493 47.19 28.95 35.13
C GLY A 493 46.72 30.25 35.73
N MET A 494 45.75 30.21 36.63
CA MET A 494 45.21 31.43 37.22
C MET A 494 46.15 32.06 38.22
N ILE A 495 47.13 31.32 38.73
CA ILE A 495 48.11 31.87 39.66
C ILE A 495 48.97 32.95 39.01
N ASN A 496 49.47 32.71 37.80
CA ASN A 496 50.39 33.65 37.16
C ASN A 496 49.70 34.97 36.83
N LEU A 497 48.41 34.92 36.45
CA LEU A 497 47.68 36.15 36.17
C LEU A 497 47.56 37.02 37.41
N VAL A 498 47.23 36.39 38.55
CA VAL A 498 47.14 37.12 39.81
C VAL A 498 48.51 37.67 40.20
N LEU A 499 49.56 36.89 39.98
CA LEU A 499 50.92 37.37 40.26
C LEU A 499 51.27 38.59 39.41
N GLU A 500 50.90 38.56 38.13
CA GLU A 500 51.16 39.71 37.26
C GLU A 500 50.38 40.94 37.72
N CYS A 501 49.12 40.75 38.11
CA CYS A 501 48.34 41.88 38.63
C CYS A 501 48.97 42.45 39.90
N ILE A 502 49.44 41.57 40.79
CA ILE A 502 50.08 42.03 42.02
C ILE A 502 51.34 42.82 41.70
N ASP A 503 52.15 42.32 40.76
CA ASP A 503 53.37 43.03 40.39
C ASP A 503 53.06 44.39 39.77
N ARG A 504 52.06 44.45 38.89
CA ARG A 504 51.77 45.69 38.20
C ARG A 504 51.00 46.66 39.09
N LEU A 505 50.49 46.18 40.22
CA LEU A 505 50.01 47.11 41.24
C LEU A 505 51.11 47.55 42.20
N HIS A 506 52.13 46.71 42.39
CA HIS A 506 53.27 47.08 43.23
C HIS A 506 54.27 47.99 42.52
N VAL A 507 54.20 48.08 41.18
CA VAL A 507 55.05 49.05 40.50
C VAL A 507 54.76 50.47 41.00
N TYR A 508 53.54 50.73 41.44
CA TYR A 508 53.21 51.99 42.11
C TYR A 508 53.46 51.83 43.60
N SER A 509 54.30 52.71 44.16
CA SER A 509 54.74 52.54 45.54
C SER A 509 53.60 52.79 46.52
N SER A 510 52.82 53.84 46.30
CA SER A 510 51.83 54.29 47.27
C SER A 510 50.49 54.55 46.60
N ALA A 511 49.45 54.62 47.43
CA ALA A 511 48.12 54.94 46.94
C ALA A 511 48.08 56.34 46.33
N ALA A 512 48.80 57.29 46.95
CA ALA A 512 48.88 58.62 46.37
C ALA A 512 49.56 58.60 45.01
N HIS A 513 50.62 57.79 44.87
CA HIS A 513 51.30 57.67 43.58
C HIS A 513 50.37 57.08 42.53
N PHE A 514 49.60 56.04 42.90
CA PHE A 514 48.68 55.46 41.95
C PHE A 514 47.53 56.42 41.62
N ALA A 515 47.16 57.28 42.56
CA ALA A 515 46.14 58.28 42.28
C ALA A 515 46.68 59.40 41.40
N ASP A 516 48.00 59.63 41.43
CA ASP A 516 48.61 60.57 40.50
C ASP A 516 48.69 59.99 39.09
N VAL A 517 49.06 58.71 38.98
CA VAL A 517 49.16 58.09 37.66
C VAL A 517 47.76 57.86 37.07
N ALA A 518 46.96 57.03 37.74
CA ALA A 518 45.59 56.76 37.32
C ALA A 518 44.62 57.73 37.99
N GLY A 519 43.32 57.43 37.93
CA GLY A 519 42.32 58.31 38.50
C GLY A 519 42.28 58.22 40.01
N ARG A 520 41.57 59.17 40.61
CA ARG A 520 41.47 59.23 42.07
C ARG A 520 40.72 58.01 42.62
N GLU A 521 39.66 57.58 41.91
CA GLU A 521 38.94 56.40 42.34
C GLU A 521 39.84 55.16 42.31
N ALA A 522 40.69 55.06 41.29
CA ALA A 522 41.72 54.02 41.28
C ALA A 522 42.65 54.18 42.47
N GLY A 523 42.94 55.43 42.85
CA GLY A 523 43.76 55.66 44.02
C GLY A 523 43.15 55.10 45.29
N GLU A 524 41.86 55.34 45.50
CA GLU A 524 41.22 54.76 46.69
C GLU A 524 41.11 53.24 46.60
N SER A 525 40.86 52.70 45.41
CA SER A 525 40.68 51.26 45.24
C SER A 525 41.99 50.49 45.18
N TRP A 526 43.13 51.19 45.13
CA TRP A 526 44.43 50.53 45.04
C TRP A 526 44.71 49.62 46.23
N LYS A 527 44.41 50.07 47.45
CA LYS A 527 44.60 49.23 48.63
C LYS A 527 43.69 48.01 48.62
N SER A 528 42.40 48.24 48.31
CA SER A 528 41.43 47.15 48.36
C SER A 528 41.73 46.07 47.33
N ILE A 529 42.03 46.48 46.09
CA ILE A 529 42.31 45.51 45.03
C ILE A 529 43.58 44.74 45.35
N LEU A 530 44.61 45.44 45.83
CA LEU A 530 45.88 44.77 46.17
C LEU A 530 45.70 43.77 47.31
N ASN A 531 44.92 44.11 48.34
CA ASN A 531 44.67 43.15 49.41
C ASN A 531 43.82 41.98 48.93
N SER A 532 42.83 42.25 48.09
CA SER A 532 41.94 41.19 47.60
C SER A 532 42.69 40.21 46.73
N LEU A 533 43.65 40.70 45.93
CA LEU A 533 44.45 39.79 45.11
C LEU A 533 45.28 38.85 45.96
N TYR A 534 45.89 39.36 47.03
CA TYR A 534 46.67 38.50 47.92
C TYR A 534 45.78 37.50 48.64
N GLU A 535 44.59 37.94 49.07
CA GLU A 535 43.66 37.00 49.69
C GLU A 535 43.23 35.92 48.71
N LEU A 536 43.02 36.29 47.45
CA LEU A 536 42.67 35.31 46.42
C LEU A 536 43.81 34.32 46.20
N LEU A 537 45.05 34.80 46.17
CA LEU A 537 46.19 33.90 46.03
C LEU A 537 46.26 32.92 47.20
N ALA A 538 46.05 33.43 48.42
CA ALA A 538 46.05 32.57 49.60
C ALA A 538 44.95 31.53 49.53
N ALA A 539 43.75 31.93 49.09
CA ALA A 539 42.66 30.99 48.92
C ALA A 539 42.93 29.94 47.85
N LEU A 540 43.58 30.34 46.74
CA LEU A 540 43.92 29.40 45.69
C LEU A 540 44.98 28.40 46.11
N ILE A 541 45.93 28.81 46.95
CA ILE A 541 47.02 27.93 47.37
C ILE A 541 46.69 27.13 48.64
N ARG A 542 45.69 27.55 49.41
CA ARG A 542 45.45 26.92 50.71
C ARG A 542 44.96 25.49 50.54
N GLY A 543 45.65 24.56 51.21
CA GLY A 543 45.25 23.17 51.23
C GLY A 543 45.58 22.37 49.98
N ASN A 544 46.16 23.00 48.96
CA ASN A 544 46.49 22.33 47.70
C ASN A 544 48.00 22.13 47.65
N ARG A 545 48.44 20.89 47.89
CA ARG A 545 49.86 20.59 47.88
C ARG A 545 50.48 20.82 46.50
N LYS A 546 49.80 20.43 45.43
CA LYS A 546 50.33 20.64 44.09
C LYS A 546 50.49 22.12 43.78
N ASN A 547 49.48 22.94 44.11
CA ASN A 547 49.58 24.37 43.87
C ASN A 547 50.70 24.99 44.69
N CYS A 548 50.83 24.59 45.96
CA CYS A 548 51.90 25.13 46.79
C CYS A 548 53.26 24.69 46.27
N ALA A 549 53.36 23.48 45.70
CA ALA A 549 54.60 23.04 45.08
C ALA A 549 54.96 23.83 43.84
N GLN A 550 53.99 24.13 42.98
CA GLN A 550 54.25 25.00 41.83
C GLN A 550 54.51 26.45 42.23
N PHE A 551 54.09 26.86 43.43
CA PHE A 551 54.38 28.20 43.92
C PHE A 551 55.78 28.32 44.53
N SER A 552 56.53 27.21 44.61
CA SER A 552 57.85 27.24 45.23
C SER A 552 58.80 28.15 44.45
N GLY A 553 58.75 28.11 43.12
CA GLY A 553 59.62 28.97 42.34
C GLY A 553 59.33 30.44 42.54
N SER A 554 58.05 30.80 42.65
CA SER A 554 57.65 32.19 42.84
C SER A 554 57.73 32.65 44.28
N LEU A 555 57.98 31.74 45.23
CA LEU A 555 58.16 32.15 46.62
C LEU A 555 59.23 33.22 46.76
N ASP A 556 60.38 33.04 46.10
CA ASP A 556 61.47 34.00 46.24
C ASP A 556 61.06 35.38 45.73
N TRP A 557 60.24 35.44 44.69
CA TRP A 557 59.70 36.72 44.22
C TRP A 557 58.83 37.36 45.29
N LEU A 558 58.05 36.54 46.01
CA LEU A 558 57.10 37.07 47.00
C LEU A 558 57.84 37.66 48.19
N ILE A 559 58.84 36.96 48.71
CA ILE A 559 59.56 37.41 49.91
C ILE A 559 60.29 38.72 49.70
N SER A 560 60.69 39.02 48.47
CA SER A 560 61.42 40.26 48.17
C SER A 560 60.62 41.51 48.44
N ARG A 561 59.30 41.40 48.57
CA ARG A 561 58.44 42.55 48.87
C ARG A 561 57.77 42.44 50.24
N LEU A 562 58.29 41.57 51.10
CA LEU A 562 57.74 41.43 52.45
C LEU A 562 57.89 42.70 53.27
N GLU A 563 58.93 43.50 52.98
CA GLU A 563 59.18 44.71 53.75
C GLU A 563 58.13 45.78 53.48
N ARG A 564 57.45 45.69 52.33
CA ARG A 564 56.44 46.69 51.99
C ARG A 564 55.23 46.57 52.91
N LEU A 565 54.85 47.69 53.52
CA LEU A 565 53.77 47.71 54.50
C LEU A 565 52.39 47.49 53.89
N GLU A 566 52.19 47.87 52.63
CA GLU A 566 50.87 47.78 52.02
C GLU A 566 50.41 46.35 51.75
N ALA A 567 51.34 45.38 51.81
CA ALA A 567 51.00 43.99 51.51
C ALA A 567 51.66 43.00 52.45
N SER A 568 52.19 43.46 53.58
CA SER A 568 52.94 42.57 54.47
C SER A 568 52.07 41.44 55.00
N SER A 569 50.85 41.75 55.42
CA SER A 569 49.98 40.73 55.99
C SER A 569 49.62 39.67 54.96
N GLY A 570 49.25 40.09 53.75
CA GLY A 570 48.91 39.13 52.71
C GLY A 570 50.09 38.29 52.28
N ILE A 571 51.26 38.91 52.12
CA ILE A 571 52.46 38.17 51.76
C ILE A 571 52.80 37.14 52.83
N LEU A 572 52.70 37.54 54.10
CA LEU A 572 53.02 36.61 55.18
C LEU A 572 52.01 35.47 55.26
N GLU A 573 50.72 35.75 55.03
CA GLU A 573 49.73 34.69 55.01
C GLU A 573 49.99 33.70 53.88
N VAL A 574 50.31 34.21 52.69
CA VAL A 574 50.62 33.33 51.56
C VAL A 574 51.84 32.48 51.86
N LEU A 575 52.88 33.11 52.43
CA LEU A 575 54.09 32.39 52.79
C LEU A 575 53.81 31.30 53.83
N HIS A 576 53.01 31.62 54.85
CA HIS A 576 52.62 30.62 55.84
C HIS A 576 51.87 29.46 55.23
N CYS A 577 50.90 29.73 54.36
CA CYS A 577 50.18 28.63 53.71
C CYS A 577 51.10 27.75 52.90
N VAL A 578 51.98 28.34 52.10
CA VAL A 578 52.89 27.56 51.27
C VAL A 578 53.83 26.73 52.15
N LEU A 579 54.36 27.33 53.22
CA LEU A 579 55.29 26.62 54.08
C LEU A 579 54.61 25.45 54.79
N VAL A 580 53.38 25.64 55.27
CA VAL A 580 52.73 24.58 56.01
C VAL A 580 52.25 23.47 55.06
N GLU A 581 52.00 23.82 53.80
CA GLU A 581 51.44 22.83 52.88
C GLU A 581 52.53 22.06 52.14
N SER A 582 53.47 22.76 51.50
CA SER A 582 54.42 22.14 50.59
C SER A 582 55.76 21.92 51.27
N PRO A 583 56.23 20.68 51.42
CA PRO A 583 57.60 20.47 51.89
C PRO A 583 58.66 21.06 50.98
N GLU A 584 58.39 21.13 49.67
CA GLU A 584 59.38 21.65 48.73
C GLU A 584 59.69 23.11 49.00
N ALA A 585 58.76 23.82 49.64
CA ALA A 585 59.00 25.23 49.96
C ALA A 585 60.17 25.39 50.92
N LEU A 586 60.32 24.46 51.86
CA LEU A 586 61.38 24.56 52.86
C LEU A 586 62.76 24.56 52.22
N ASN A 587 62.96 23.72 51.20
CA ASN A 587 64.23 23.70 50.48
C ASN A 587 64.46 25.01 49.72
N ILE A 588 63.40 25.62 49.20
CA ILE A 588 63.53 26.89 48.48
C ILE A 588 63.93 28.01 49.45
N ILE A 589 63.38 27.97 50.66
CA ILE A 589 63.72 29.00 51.66
C ILE A 589 65.21 28.95 51.95
N LYS A 590 65.85 30.12 51.94
CA LYS A 590 67.29 30.23 52.11
C LYS A 590 67.63 31.16 53.27
N GLU A 591 68.94 31.40 53.45
CA GLU A 591 69.42 32.17 54.58
C GLU A 591 68.97 33.63 54.47
N GLY A 592 69.03 34.20 53.26
CA GLY A 592 68.53 35.56 53.07
C GLY A 592 67.06 35.73 53.37
N HIS A 593 66.22 34.80 52.91
CA HIS A 593 64.80 34.85 53.23
C HIS A 593 64.54 34.66 54.72
N ILE A 594 65.24 33.74 55.38
CA ILE A 594 65.06 33.54 56.82
C ILE A 594 65.57 34.72 57.63
N LYS A 595 66.52 35.49 57.11
CA LYS A 595 66.88 36.76 57.73
C LYS A 595 65.85 37.85 57.48
N SER A 596 65.28 37.90 56.27
CA SER A 596 64.28 38.91 55.97
C SER A 596 63.02 38.70 56.82
N ILE A 597 62.66 37.45 57.09
CA ILE A 597 61.51 37.19 57.94
C ILE A 597 61.73 37.76 59.35
N ILE A 598 62.94 37.58 59.89
CA ILE A 598 63.25 38.15 61.20
C ILE A 598 63.32 39.67 61.14
N SER A 599 63.84 40.22 60.04
CA SER A 599 63.86 41.68 59.87
C SER A 599 62.44 42.24 59.84
N LEU A 600 61.48 41.46 59.34
CA LEU A 600 60.08 41.87 59.44
C LEU A 600 59.66 42.09 60.88
N LEU A 601 59.96 41.13 61.75
CA LEU A 601 59.66 41.27 63.17
C LEU A 601 60.39 42.47 63.76
N ASP A 602 61.65 42.67 63.36
CA ASP A 602 62.45 43.75 63.92
C ASP A 602 61.87 45.12 63.55
N LYS A 603 61.56 45.32 62.27
CA LYS A 603 61.16 46.65 61.80
C LYS A 603 59.69 46.93 62.09
N HIS A 604 58.81 45.96 61.85
CA HIS A 604 57.38 46.22 62.03
C HIS A 604 56.95 46.10 63.48
N GLY A 605 57.45 45.11 64.21
CA GLY A 605 57.10 44.96 65.61
C GLY A 605 56.67 43.56 65.99
N ARG A 606 56.26 43.38 67.24
CA ARG A 606 55.87 42.07 67.73
C ARG A 606 54.60 41.60 67.04
N ASN A 607 54.71 40.51 66.28
CA ASN A 607 53.59 39.96 65.51
C ASN A 607 53.66 38.45 65.60
N HIS A 608 52.60 37.83 66.16
CA HIS A 608 52.65 36.41 66.48
C HIS A 608 52.61 35.52 65.25
N LYS A 609 52.01 35.98 64.15
CA LYS A 609 52.00 35.14 62.95
C LYS A 609 53.36 35.05 62.27
N VAL A 610 54.24 36.05 62.46
CA VAL A 610 55.61 35.88 62.02
C VAL A 610 56.28 34.76 62.80
N LEU A 611 56.06 34.70 64.11
CA LEU A 611 56.58 33.60 64.91
C LEU A 611 55.98 32.26 64.48
N ASP A 612 54.70 32.26 64.09
CA ASP A 612 54.09 31.04 63.58
C ASP A 612 54.75 30.58 62.28
N VAL A 613 55.05 31.53 61.39
CA VAL A 613 55.75 31.20 60.15
C VAL A 613 57.13 30.63 60.46
N LEU A 614 57.84 31.25 61.40
CA LEU A 614 59.14 30.75 61.82
C LEU A 614 59.06 29.35 62.43
N CYS A 615 57.99 29.06 63.19
CA CYS A 615 57.76 27.72 63.71
C CYS A 615 57.55 26.72 62.59
N SER A 616 56.72 27.09 61.60
CA SER A 616 56.47 26.20 60.47
C SER A 616 57.75 25.96 59.68
N LEU A 617 58.65 26.94 59.68
CA LEU A 617 59.94 26.76 59.00
C LEU A 617 60.77 25.67 59.66
N CYS A 618 60.71 25.56 60.99
CA CYS A 618 61.55 24.60 61.70
C CYS A 618 61.17 23.16 61.37
N VAL A 619 59.88 22.83 61.48
CA VAL A 619 59.40 21.47 61.29
C VAL A 619 58.18 21.51 60.37
N CYS A 620 58.19 20.66 59.34
CA CYS A 620 57.08 20.55 58.41
C CYS A 620 56.74 19.07 58.24
N HIS A 621 55.46 18.72 58.42
CA HIS A 621 54.97 17.36 58.26
C HIS A 621 55.75 16.37 59.14
N GLY A 622 56.10 16.80 60.34
CA GLY A 622 56.84 15.96 61.25
C GLY A 622 58.32 15.80 60.93
N VAL A 623 58.83 16.56 59.97
CA VAL A 623 60.24 16.49 59.58
C VAL A 623 60.90 17.80 59.96
N ALA A 624 62.02 17.71 60.68
CA ALA A 624 62.73 18.87 61.19
C ALA A 624 63.85 19.26 60.25
N VAL A 625 63.99 20.55 59.99
CA VAL A 625 65.06 21.08 59.15
C VAL A 625 66.14 21.63 60.05
N ARG A 626 67.28 20.95 60.11
CA ARG A 626 68.37 21.37 60.98
C ARG A 626 68.91 22.74 60.58
N SER A 627 69.04 23.00 59.28
CA SER A 627 69.54 24.29 58.82
C SER A 627 68.63 25.43 59.21
N ASN A 628 67.32 25.27 59.02
CA ASN A 628 66.37 26.32 59.41
C ASN A 628 66.36 26.51 60.91
N GLN A 629 66.38 25.41 61.67
CA GLN A 629 66.42 25.51 63.13
C GLN A 629 67.67 26.22 63.62
N HIS A 630 68.82 25.94 63.03
CA HIS A 630 70.06 26.62 63.38
C HIS A 630 70.06 28.09 63.00
N LEU A 631 69.59 28.42 61.80
CA LEU A 631 69.56 29.81 61.34
C LEU A 631 68.61 30.67 62.17
N ILE A 632 67.40 30.17 62.46
CA ILE A 632 66.48 30.94 63.28
C ILE A 632 67.10 31.22 64.65
N CYS A 633 67.67 30.19 65.28
CA CYS A 633 68.35 30.37 66.55
C CYS A 633 69.45 31.43 66.45
N ASP A 634 70.46 31.20 65.62
CA ASP A 634 71.63 32.07 65.55
C ASP A 634 71.32 33.46 65.02
N ASN A 635 70.16 33.69 64.42
CA ASN A 635 69.81 35.02 63.94
C ASN A 635 68.81 35.74 64.81
N LEU A 636 68.09 35.03 65.69
CA LEU A 636 67.11 35.68 66.55
C LEU A 636 67.51 35.69 68.02
N LEU A 637 67.88 34.53 68.58
CA LEU A 637 68.09 34.41 70.03
C LEU A 637 69.22 35.28 70.58
N PRO A 638 70.43 35.27 70.01
CA PRO A 638 71.53 35.98 70.66
C PRO A 638 71.32 37.49 70.76
N GLY A 639 70.50 38.07 69.88
CA GLY A 639 70.29 39.51 69.92
C GLY A 639 69.62 39.96 71.20
N ARG A 640 68.61 39.21 71.65
CA ARG A 640 67.84 39.55 72.86
C ARG A 640 67.30 40.97 72.79
N ASP A 641 66.79 41.34 71.62
CA ASP A 641 66.18 42.65 71.41
C ASP A 641 64.76 42.60 70.90
N LEU A 642 64.28 41.43 70.44
CA LEU A 642 62.92 41.29 69.94
C LEU A 642 62.06 40.45 70.86
N LEU A 643 62.48 39.24 71.18
CA LEU A 643 61.69 38.37 72.06
C LEU A 643 61.76 38.87 73.50
N LEU A 644 60.68 38.63 74.24
CA LEU A 644 60.56 39.10 75.62
C LEU A 644 61.41 38.21 76.52
N GLN A 645 62.44 38.79 77.12
CA GLN A 645 63.32 38.04 78.02
C GLN A 645 62.63 37.77 79.35
N THR A 646 63.05 36.69 80.00
CA THR A 646 62.46 36.25 81.25
C THR A 646 63.56 35.83 82.22
N ARG A 647 63.29 36.03 83.51
CA ARG A 647 64.28 35.74 84.54
C ARG A 647 63.59 35.74 85.90
N LEU A 648 64.18 35.02 86.84
CA LEU A 648 63.72 35.01 88.23
C LEU A 648 64.45 36.11 89.00
N VAL A 649 63.69 36.93 89.72
CA VAL A 649 64.23 38.00 90.53
C VAL A 649 63.72 37.84 91.95
N ASN A 650 64.62 37.92 92.92
CA ASN A 650 64.23 37.82 94.33
C ASN A 650 63.40 39.03 94.73
N HIS A 651 62.39 38.79 95.56
CA HIS A 651 61.62 39.89 96.12
C HIS A 651 62.48 40.71 97.07
N VAL A 652 62.35 42.03 96.98
CA VAL A 652 63.12 42.96 97.80
C VAL A 652 62.14 43.89 98.51
N SER A 653 62.22 43.91 99.84
CA SER A 653 61.40 44.79 100.66
C SER A 653 62.27 45.85 101.31
N SER A 654 61.63 46.86 101.87
CA SER A 654 62.33 48.00 102.47
C SER A 654 61.68 48.38 103.78
N MET A 655 62.50 48.55 104.82
CA MET A 655 62.06 49.01 106.12
C MET A 655 62.51 50.45 106.32
N ARG A 656 61.64 51.27 106.89
CA ARG A 656 62.02 52.65 107.17
C ARG A 656 61.56 53.06 108.56
N PRO A 657 62.30 53.96 109.22
CA PRO A 657 61.83 54.53 110.48
C PRO A 657 60.69 55.52 110.27
N ASN A 658 60.13 55.99 111.38
CA ASN A 658 59.02 56.94 111.31
C ASN A 658 59.49 58.34 110.94
N ILE A 659 60.78 58.63 111.09
CA ILE A 659 61.25 59.99 110.90
C ILE A 659 61.16 60.39 109.43
N PHE A 660 60.62 61.58 109.20
CA PHE A 660 60.55 62.20 107.87
C PHE A 660 61.31 63.52 107.96
N LEU A 661 62.62 63.46 107.76
CA LEU A 661 63.48 64.63 107.85
C LEU A 661 63.58 65.32 106.50
N GLY A 662 63.44 66.65 106.51
CA GLY A 662 63.50 67.45 105.30
C GLY A 662 64.08 68.82 105.57
N VAL A 663 64.30 69.55 104.48
CA VAL A 663 64.90 70.88 104.54
C VAL A 663 64.05 71.85 103.71
N SER A 664 63.79 73.02 104.28
CA SER A 664 63.09 74.09 103.57
C SER A 664 63.39 75.40 104.29
N GLU A 665 63.13 76.50 103.60
CA GLU A 665 63.40 77.82 104.16
C GLU A 665 62.43 78.13 105.30
N GLY A 666 62.95 78.78 106.33
CA GLY A 666 62.14 79.13 107.49
C GLY A 666 61.59 77.93 108.22
N SER A 667 62.35 76.84 108.27
CA SER A 667 61.90 75.60 108.90
C SER A 667 62.96 75.15 109.90
N ALA A 668 62.52 74.78 111.11
CA ALA A 668 63.44 74.44 112.18
C ALA A 668 63.74 72.95 112.22
N GLN A 669 64.56 72.47 111.28
CA GLN A 669 65.10 71.13 111.31
C GLN A 669 66.60 71.20 111.03
N TYR A 670 67.36 70.37 111.72
CA TYR A 670 68.81 70.37 111.58
C TYR A 670 69.18 69.77 110.22
N LYS A 671 70.19 70.34 109.57
CA LYS A 671 70.57 69.97 108.22
C LYS A 671 71.60 68.85 108.17
N LYS A 672 72.08 68.37 109.32
CA LYS A 672 73.08 67.33 109.38
C LYS A 672 72.56 66.18 110.23
N TRP A 673 72.65 64.95 109.71
CA TRP A 673 72.02 63.80 110.34
C TRP A 673 72.90 62.57 110.17
N TYR A 674 72.71 61.61 111.06
CA TYR A 674 73.60 60.46 111.15
C TYR A 674 72.84 59.27 111.73
N TYR A 675 72.97 58.12 111.08
CA TYR A 675 72.43 56.87 111.59
C TYR A 675 73.35 55.74 111.15
N GLU A 676 73.24 54.62 111.87
CA GLU A 676 74.23 53.56 111.76
C GLU A 676 73.53 52.21 111.73
N LEU A 677 73.99 51.33 110.85
CA LEU A 677 73.39 50.03 110.63
C LEU A 677 74.32 48.92 111.10
N MET A 678 73.74 47.89 111.72
CA MET A 678 74.48 46.74 112.23
C MET A 678 73.96 45.50 111.50
N VAL A 679 74.84 44.79 110.81
CA VAL A 679 74.48 43.57 110.08
C VAL A 679 74.79 42.39 110.98
N ASP A 680 73.75 41.80 111.58
CA ASP A 680 73.94 40.67 112.49
C ASP A 680 74.32 39.41 111.73
N HIS A 681 73.63 39.13 110.63
CA HIS A 681 73.88 37.94 109.83
C HIS A 681 73.29 38.12 108.45
N THR A 682 74.00 37.60 107.45
CA THR A 682 73.56 37.68 106.06
C THR A 682 74.10 36.48 105.30
N GLU A 683 73.22 35.56 104.93
CA GLU A 683 73.62 34.44 104.08
C GLU A 683 73.93 34.96 102.68
N PRO A 684 75.09 34.61 102.11
CA PRO A 684 75.43 35.16 100.79
C PRO A 684 74.53 34.66 99.67
N PHE A 685 74.27 33.35 99.61
CA PHE A 685 73.46 32.75 98.55
C PHE A 685 72.40 31.86 99.20
N VAL A 686 71.27 32.47 99.58
CA VAL A 686 70.12 31.67 99.99
C VAL A 686 69.50 30.97 98.79
N THR A 687 69.52 31.63 97.63
CA THR A 687 69.06 31.11 96.36
C THR A 687 70.20 31.16 95.35
N ALA A 688 69.88 30.85 94.09
CA ALA A 688 70.88 30.96 93.03
C ALA A 688 71.34 32.40 92.85
N GLU A 689 70.40 33.35 92.90
CA GLU A 689 70.74 34.76 92.80
C GLU A 689 71.27 35.28 94.13
N ALA A 690 72.27 36.16 94.04
CA ALA A 690 72.87 36.74 95.24
C ALA A 690 71.85 37.58 95.99
N THR A 691 71.95 37.55 97.32
CA THR A 691 71.04 38.30 98.18
C THR A 691 71.25 39.80 98.00
N HIS A 692 70.16 40.55 98.13
CA HIS A 692 70.16 42.00 97.94
C HIS A 692 70.13 42.65 99.32
N LEU A 693 71.15 43.47 99.60
CA LEU A 693 71.23 44.23 100.86
C LEU A 693 71.82 45.60 100.54
N ARG A 694 70.97 46.62 100.48
CA ARG A 694 71.39 47.98 100.23
C ARG A 694 70.84 48.88 101.33
N VAL A 695 71.66 49.81 101.80
CA VAL A 695 71.27 50.73 102.86
C VAL A 695 71.61 52.16 102.43
N GLY A 696 70.79 53.09 102.87
CA GLY A 696 70.98 54.49 102.55
C GLY A 696 69.72 55.28 102.83
N TRP A 697 69.58 56.40 102.12
CA TRP A 697 68.46 57.29 102.27
C TRP A 697 67.56 57.25 101.03
N ALA A 698 66.29 57.58 101.25
CA ALA A 698 65.32 57.69 100.17
C ALA A 698 64.48 58.94 100.38
N SER A 699 63.95 59.47 99.30
CA SER A 699 63.17 60.69 99.31
C SER A 699 61.72 60.40 98.95
N THR A 700 60.85 61.35 99.26
CA THR A 700 59.43 61.27 98.95
C THR A 700 59.05 62.37 97.98
N GLU A 701 58.30 62.01 96.93
CA GLU A 701 57.84 63.00 95.97
C GLU A 701 56.88 63.97 96.66
N GLY A 702 57.24 65.24 96.67
CA GLY A 702 56.46 66.20 97.42
C GLY A 702 56.59 65.97 98.92
N TYR A 703 55.55 66.37 99.65
CA TYR A 703 55.50 66.18 101.09
C TYR A 703 54.63 64.98 101.49
N SER A 704 54.19 64.19 100.53
CA SER A 704 53.41 62.99 100.83
C SER A 704 54.31 61.95 101.49
N PRO A 705 53.75 61.10 102.35
CA PRO A 705 54.56 60.06 103.02
C PRO A 705 54.91 58.86 102.16
N TYR A 706 54.47 58.82 100.91
CA TYR A 706 54.79 57.71 100.02
C TYR A 706 56.19 57.90 99.43
N PRO A 707 57.03 56.88 99.43
CA PRO A 707 58.28 56.95 98.66
C PRO A 707 57.98 57.16 97.19
N GLY A 708 58.80 57.99 96.55
CA GLY A 708 58.53 58.38 95.18
C GLY A 708 59.37 57.69 94.14
N GLY A 709 58.82 57.52 92.94
CA GLY A 709 59.57 57.03 91.80
C GLY A 709 59.83 55.54 91.79
N GLY A 710 59.34 54.79 92.77
CA GLY A 710 59.62 53.37 92.85
C GLY A 710 58.35 52.57 93.01
N GLU A 711 58.37 51.35 92.46
CA GLU A 711 57.24 50.45 92.54
C GLU A 711 57.11 49.92 93.96
N GLU A 712 55.87 49.73 94.42
CA GLU A 712 55.62 49.28 95.77
C GLU A 712 56.17 47.87 96.00
N TRP A 713 56.03 47.00 95.01
CA TRP A 713 56.54 45.63 95.08
C TRP A 713 57.29 45.28 93.81
N GLY A 714 58.19 44.30 93.94
CA GLY A 714 59.04 43.84 92.86
C GLY A 714 60.44 43.61 93.35
N GLY A 715 61.38 43.64 92.42
CA GLY A 715 62.78 43.44 92.74
C GLY A 715 63.55 44.74 92.88
N ASN A 716 62.83 45.84 93.07
CA ASN A 716 63.43 47.16 93.17
C ASN A 716 63.65 47.53 94.63
N GLY A 717 64.84 48.05 94.93
CA GLY A 717 65.17 48.48 96.27
C GLY A 717 65.77 49.87 96.33
N VAL A 718 66.53 50.15 97.37
CA VAL A 718 67.17 51.46 97.50
C VAL A 718 68.25 51.59 96.44
N GLY A 719 68.25 52.71 95.73
CA GLY A 719 69.20 52.96 94.67
C GLY A 719 68.75 52.51 93.29
N ASP A 720 67.60 51.87 93.18
CA ASP A 720 67.08 51.48 91.87
C ASP A 720 66.28 52.58 91.20
N ASP A 721 65.49 53.33 91.96
CA ASP A 721 64.84 54.52 91.43
C ASP A 721 65.73 55.73 91.68
N LEU A 722 65.35 56.86 91.08
CA LEU A 722 66.15 58.08 91.18
C LEU A 722 65.80 58.89 92.42
N PHE A 723 64.97 58.35 93.31
CA PHE A 723 64.61 59.01 94.56
C PHE A 723 65.31 58.37 95.76
N SER A 724 66.14 57.36 95.54
CA SER A 724 66.79 56.64 96.62
C SER A 724 68.29 56.63 96.39
N TYR A 725 69.04 56.51 97.48
CA TYR A 725 70.49 56.56 97.44
C TYR A 725 71.03 55.50 98.38
N GLY A 726 71.70 54.47 97.83
CA GLY A 726 72.06 53.31 98.61
C GLY A 726 73.52 52.95 98.46
N PHE A 727 73.95 52.00 99.29
CA PHE A 727 75.31 51.49 99.32
C PHE A 727 75.29 50.03 99.74
N ASP A 728 75.71 49.14 98.84
CA ASP A 728 75.63 47.71 99.08
C ASP A 728 76.93 47.10 99.55
N GLY A 729 77.98 47.90 99.75
CA GLY A 729 79.28 47.43 100.16
C GLY A 729 80.37 47.62 99.12
N LEU A 730 80.04 47.40 97.85
CA LEU A 730 80.99 47.58 96.76
C LEU A 730 80.60 48.67 95.77
N HIS A 731 79.33 49.04 95.69
CA HIS A 731 78.85 49.96 94.68
C HIS A 731 77.99 51.04 95.32
N LEU A 732 77.91 52.17 94.63
CA LEU A 732 76.99 53.25 94.98
C LEU A 732 75.81 53.19 94.03
N TRP A 733 74.60 53.05 94.58
CA TRP A 733 73.41 52.78 93.79
C TRP A 733 72.52 54.01 93.74
N SER A 734 72.12 54.40 92.53
CA SER A 734 71.18 55.49 92.34
C SER A 734 70.60 55.37 90.93
N GLY A 735 69.29 55.12 90.84
CA GLY A 735 68.65 54.99 89.56
C GLY A 735 69.07 53.79 88.74
N CYS A 736 69.18 52.61 89.36
CA CYS A 736 69.58 51.36 88.72
C CYS A 736 70.98 51.42 88.12
N ILE A 737 71.80 52.39 88.52
CA ILE A 737 73.17 52.53 88.05
C ILE A 737 74.11 52.38 89.22
N ALA A 738 75.05 51.45 89.11
CA ALA A 738 76.00 51.16 90.18
C ALA A 738 77.42 51.51 89.71
N ARG A 739 78.13 52.29 90.52
CA ARG A 739 79.52 52.61 90.28
C ARG A 739 80.37 52.06 91.41
N THR A 740 81.43 51.35 91.06
CA THR A 740 82.30 50.73 92.05
C THR A 740 83.00 51.81 92.87
N VAL A 741 82.84 51.76 94.19
CA VAL A 741 83.37 52.77 95.10
C VAL A 741 84.55 52.16 95.85
N SER A 742 85.64 52.92 95.96
CA SER A 742 86.84 52.43 96.62
C SER A 742 86.71 52.59 98.13
N SER A 743 86.95 51.50 98.85
CA SER A 743 86.87 51.48 100.30
C SER A 743 87.97 50.56 100.84
N PRO A 744 88.43 50.79 102.07
CA PRO A 744 89.37 49.84 102.67
C PRO A 744 88.72 48.47 102.85
N ASN A 745 89.43 47.44 102.37
CA ASN A 745 88.95 46.06 102.43
C ASN A 745 87.60 45.92 101.74
N GLN A 746 87.59 46.15 100.42
CA GLN A 746 86.35 46.08 99.64
C GLN A 746 85.72 44.70 99.75
N HIS A 747 84.42 44.68 100.01
CA HIS A 747 83.66 43.44 100.07
C HIS A 747 82.17 43.77 100.13
N LEU A 748 81.36 42.81 99.72
CA LEU A 748 79.92 42.93 99.92
C LEU A 748 79.59 42.86 101.40
N LEU A 749 78.50 43.50 101.79
CA LEU A 749 78.10 43.55 103.19
C LEU A 749 77.86 42.14 103.71
N ARG A 750 78.58 41.76 104.76
CA ARG A 750 78.50 40.43 105.34
C ARG A 750 78.19 40.53 106.82
N THR A 751 78.30 39.39 107.51
CA THR A 751 78.07 39.33 108.94
C THR A 751 79.05 40.24 109.69
N ASP A 752 78.51 40.94 110.70
CA ASP A 752 79.30 41.79 111.58
C ASP A 752 79.99 42.92 110.81
N ASP A 753 79.26 43.52 109.89
CA ASP A 753 79.68 44.74 109.21
C ASP A 753 78.82 45.89 109.66
N VAL A 754 79.44 47.02 109.97
CA VAL A 754 78.76 48.19 110.50
C VAL A 754 78.78 49.29 109.43
N ILE A 755 77.61 49.75 109.04
CA ILE A 755 77.46 50.80 108.04
C ILE A 755 76.79 52.00 108.71
N SER A 756 77.44 53.15 108.61
CA SER A 756 76.91 54.39 109.17
C SER A 756 76.78 55.42 108.05
N CYS A 757 75.61 56.05 107.96
CA CYS A 757 75.27 56.96 106.88
C CYS A 757 75.18 58.39 107.41
N CYS A 758 75.61 59.34 106.58
CA CYS A 758 75.55 60.76 106.91
C CYS A 758 74.83 61.50 105.79
N LEU A 759 73.89 62.37 106.17
CA LEU A 759 73.13 63.16 105.22
C LEU A 759 73.22 64.62 105.60
N ASP A 760 73.65 65.45 104.65
CA ASP A 760 73.74 66.90 104.83
C ASP A 760 72.74 67.55 103.87
N LEU A 761 71.70 68.16 104.43
CA LEU A 761 70.69 68.84 103.63
C LEU A 761 70.99 70.30 103.37
N SER A 762 71.93 70.90 104.12
CA SER A 762 72.34 72.27 103.83
C SER A 762 72.98 72.36 102.45
N ALA A 763 73.95 71.48 102.17
CA ALA A 763 74.48 71.29 100.83
C ALA A 763 74.32 69.81 100.51
N PRO A 764 73.59 69.45 99.45
CA PRO A 764 73.25 68.04 99.21
C PRO A 764 74.44 67.10 99.31
N SER A 765 74.44 66.26 100.33
CA SER A 765 75.59 65.43 100.68
C SER A 765 75.12 64.17 101.38
N ILE A 766 75.42 63.02 100.80
CA ILE A 766 75.18 61.72 101.43
C ILE A 766 76.51 60.99 101.49
N SER A 767 76.94 60.67 102.71
CA SER A 767 78.23 60.05 102.94
C SER A 767 78.04 58.73 103.70
N PHE A 768 78.88 57.75 103.35
CA PHE A 768 78.84 56.44 103.95
C PHE A 768 80.16 56.17 104.70
N ARG A 769 80.06 55.36 105.74
CA ARG A 769 81.19 55.07 106.62
C ARG A 769 81.09 53.61 107.04
N ILE A 770 82.00 52.78 106.52
CA ILE A 770 81.96 51.33 106.73
C ILE A 770 82.97 50.96 107.80
N ASN A 771 82.48 50.26 108.84
CA ASN A 771 83.31 49.72 109.91
C ASN A 771 84.27 50.76 110.50
N GLY A 772 83.86 52.03 110.48
CA GLY A 772 84.71 53.10 110.95
C GLY A 772 85.68 53.66 109.92
N GLN A 773 85.75 53.06 108.71
CA GLN A 773 86.61 53.58 107.67
C GLN A 773 85.80 54.39 106.67
N PRO A 774 86.39 55.46 106.11
CA PRO A 774 85.62 56.33 105.21
C PRO A 774 85.45 55.74 103.82
N VAL A 775 84.21 55.70 103.33
CA VAL A 775 83.95 55.25 101.98
C VAL A 775 84.19 56.39 101.01
N GLN A 776 85.06 56.16 100.02
CA GLN A 776 85.39 57.20 99.04
C GLN A 776 84.27 57.32 98.00
N GLY A 777 83.07 57.62 98.51
CA GLY A 777 81.91 57.81 97.66
C GLY A 777 81.15 59.02 98.11
N MET A 778 80.36 59.58 97.19
CA MET A 778 79.77 60.89 97.43
C MET A 778 78.53 61.08 96.56
N PHE A 779 77.47 61.58 97.20
CA PHE A 779 76.25 61.99 96.49
C PHE A 779 76.11 63.50 96.65
N GLU A 780 76.03 64.22 95.54
CA GLU A 780 76.01 65.67 95.52
C GLU A 780 74.85 66.20 94.70
N ASN A 781 74.37 67.38 95.09
CA ASN A 781 73.47 68.20 94.28
C ASN A 781 72.21 67.43 93.86
N PHE A 782 71.65 66.66 94.80
CA PHE A 782 70.38 66.01 94.53
C PHE A 782 69.22 66.90 94.99
N ASN A 783 68.02 66.55 94.54
CA ASN A 783 66.84 67.34 94.86
C ASN A 783 66.51 67.24 96.34
N ILE A 784 66.29 68.39 96.97
CA ILE A 784 66.00 68.47 98.40
C ILE A 784 64.59 68.98 98.66
N ASP A 785 63.73 69.01 97.64
CA ASP A 785 62.36 69.50 97.82
C ASP A 785 61.55 68.59 98.73
N GLY A 786 61.72 67.27 98.58
CA GLY A 786 60.94 66.30 99.31
C GLY A 786 61.55 65.94 100.66
N LEU A 787 60.83 65.09 101.39
CA LEU A 787 61.27 64.63 102.69
C LEU A 787 62.10 63.36 102.56
N PHE A 788 63.19 63.29 103.30
CA PHE A 788 64.08 62.14 103.30
C PHE A 788 63.74 61.23 104.48
N PHE A 789 64.34 60.04 104.46
CA PHE A 789 64.20 59.08 105.56
C PHE A 789 65.20 57.96 105.35
N PRO A 790 65.75 57.40 106.43
CA PRO A 790 66.59 56.20 106.29
C PRO A 790 65.79 55.02 105.79
N VAL A 791 66.47 54.12 105.08
CA VAL A 791 65.82 52.96 104.49
C VAL A 791 66.87 51.92 104.17
N VAL A 792 66.51 50.65 104.34
CA VAL A 792 67.34 49.52 103.95
C VAL A 792 66.49 48.60 103.08
N SER A 793 67.07 48.15 101.96
CA SER A 793 66.40 47.21 101.06
C SER A 793 67.07 45.85 101.24
N PHE A 794 66.28 44.84 101.60
CA PHE A 794 66.81 43.52 101.91
C PHE A 794 66.06 42.47 101.11
N SER A 795 66.67 41.27 101.07
CA SER A 795 66.09 40.12 100.40
C SER A 795 66.05 39.00 101.44
N ALA A 796 65.84 37.76 101.03
CA ALA A 796 65.87 36.62 101.94
C ALA A 796 67.23 36.49 102.59
N GLY A 797 67.24 35.95 103.80
CA GLY A 797 68.47 35.75 104.53
C GLY A 797 69.18 37.02 104.97
N ILE A 798 68.42 38.00 105.45
CA ILE A 798 68.98 39.25 105.97
C ILE A 798 68.49 39.42 107.41
N LYS A 799 69.43 39.68 108.32
CA LYS A 799 69.13 39.95 109.72
C LYS A 799 70.01 41.13 110.15
N VAL A 800 69.43 42.33 110.13
CA VAL A 800 70.17 43.55 110.43
C VAL A 800 69.42 44.33 111.51
N ARG A 801 70.13 45.27 112.13
CA ARG A 801 69.58 46.08 113.21
C ARG A 801 69.86 47.56 112.96
N PHE A 802 68.88 48.40 113.27
CA PHE A 802 68.99 49.85 113.18
C PHE A 802 69.54 50.37 114.52
N LEU A 803 70.75 50.94 114.46
CA LEU A 803 71.30 51.68 115.58
C LEU A 803 71.01 53.16 115.34
N LEU A 804 69.88 53.64 115.85
CA LEU A 804 69.42 55.00 115.59
C LEU A 804 69.93 56.00 116.62
N GLY A 805 70.54 55.55 117.70
CA GLY A 805 71.11 56.44 118.69
C GLY A 805 70.13 56.75 119.82
N GLY A 806 70.69 57.22 120.92
CA GLY A 806 69.88 57.63 122.06
C GLY A 806 69.18 56.47 122.73
N ARG A 807 67.87 56.65 122.97
CA ARG A 807 67.09 55.62 123.64
C ARG A 807 67.03 54.34 122.81
N HIS A 808 66.82 54.48 121.51
CA HIS A 808 66.57 53.30 120.67
C HIS A 808 67.85 52.50 120.45
N GLY A 809 68.96 53.17 120.20
CA GLY A 809 70.21 52.48 119.94
C GLY A 809 71.39 53.26 120.48
N GLU A 810 72.56 52.64 120.35
CA GLU A 810 73.84 53.28 120.66
C GLU A 810 74.78 53.10 119.48
N PHE A 811 75.41 54.19 119.06
CA PHE A 811 76.29 54.15 117.90
C PHE A 811 77.59 53.44 118.23
N LYS A 812 78.00 52.52 117.35
CA LYS A 812 79.29 51.86 117.50
C LYS A 812 80.43 52.85 117.35
N PHE A 813 80.31 53.79 116.41
CA PHE A 813 81.31 54.81 116.17
C PHE A 813 80.73 56.19 116.44
N LEU A 814 81.59 57.10 116.87
CA LEU A 814 81.17 58.46 117.20
C LEU A 814 80.66 59.17 115.94
N PRO A 815 79.53 59.85 116.04
CA PRO A 815 79.02 60.63 114.90
C PRO A 815 80.02 61.70 114.49
N PRO A 816 80.08 62.04 113.21
CA PRO A 816 80.94 63.15 112.77
C PRO A 816 80.52 64.44 113.42
N PRO A 817 81.46 65.37 113.63
CA PRO A 817 81.13 66.60 114.37
C PRO A 817 79.96 67.35 113.75
N GLY A 818 79.04 67.79 114.61
CA GLY A 818 77.87 68.52 114.15
C GLY A 818 76.85 67.69 113.41
N TYR A 819 76.83 66.38 113.63
CA TYR A 819 75.88 65.49 112.97
C TYR A 819 74.94 64.90 114.02
N ALA A 820 73.71 65.40 114.05
CA ALA A 820 72.73 64.94 115.02
C ALA A 820 72.31 63.51 114.73
N PRO A 821 72.06 62.70 115.77
CA PRO A 821 71.52 61.36 115.56
C PRO A 821 70.08 61.43 115.05
N CYS A 822 69.68 60.40 114.31
CA CYS A 822 68.38 60.44 113.62
C CYS A 822 67.20 60.30 114.57
N TYR A 823 67.43 59.78 115.78
CA TYR A 823 66.31 59.59 116.71
C TYR A 823 65.78 60.93 117.22
N GLU A 824 66.54 62.00 117.07
CA GLU A 824 66.16 63.32 117.56
C GLU A 824 65.12 64.00 116.67
N ALA A 825 64.81 63.44 115.51
CA ALA A 825 63.83 64.01 114.60
C ALA A 825 62.41 63.53 114.88
N VAL A 826 62.23 62.60 115.81
CA VAL A 826 60.90 62.09 116.11
C VAL A 826 60.07 63.19 116.77
N LEU A 827 58.82 63.33 116.33
CA LEU A 827 57.92 64.28 116.94
C LEU A 827 57.62 63.86 118.39
N PRO A 828 57.36 64.83 119.27
CA PRO A 828 57.21 64.52 120.71
C PRO A 828 56.16 63.45 121.00
N LYS A 829 54.91 63.69 120.59
CA LYS A 829 53.84 62.74 120.88
C LYS A 829 53.90 61.48 120.03
N GLU A 830 54.67 61.50 118.94
CA GLU A 830 54.82 60.32 118.10
C GLU A 830 55.95 59.43 118.62
N LYS A 831 55.77 58.13 118.44
CA LYS A 831 56.71 57.13 118.93
C LYS A 831 57.48 56.56 117.75
N LEU A 832 58.81 56.51 117.87
CA LEU A 832 59.63 56.01 116.78
C LEU A 832 59.48 54.50 116.65
N LYS A 833 59.04 54.06 115.49
CA LYS A 833 58.87 52.64 115.18
C LYS A 833 59.42 52.38 113.79
N VAL A 834 59.84 51.15 113.53
CA VAL A 834 60.31 50.76 112.20
C VAL A 834 59.19 49.97 111.51
N GLU A 835 58.75 50.45 110.35
CA GLU A 835 57.65 49.84 109.63
C GLU A 835 58.10 49.49 108.21
N HIS A 836 57.17 48.92 107.45
CA HIS A 836 57.39 48.70 106.03
C HIS A 836 57.41 50.04 105.30
N SER A 837 58.29 50.16 104.32
CA SER A 837 58.31 51.37 103.49
C SER A 837 57.01 51.50 102.70
N ARG A 838 56.46 50.38 102.25
CA ARG A 838 55.20 50.37 101.52
C ARG A 838 54.05 50.04 102.47
N GLU A 839 52.83 50.36 102.02
CA GLU A 839 51.68 50.29 102.92
C GLU A 839 51.09 48.89 102.99
N TYR A 840 51.31 48.07 101.96
CA TYR A 840 50.80 46.70 101.95
C TYR A 840 51.89 45.72 102.34
N LYS A 841 51.54 44.77 103.21
CA LYS A 841 52.45 43.76 103.72
C LYS A 841 51.76 42.41 103.70
N GLN A 842 52.45 41.40 104.24
CA GLN A 842 51.91 40.04 104.27
C GLN A 842 50.94 39.87 105.44
N GLU A 843 49.74 39.42 105.13
CA GLU A 843 48.68 39.19 106.11
C GLU A 843 47.52 38.50 105.38
N ARG A 844 46.50 38.14 106.16
CA ARG A 844 45.33 37.48 105.59
C ARG A 844 44.60 38.42 104.64
N THR A 845 44.03 37.85 103.58
CA THR A 845 43.38 38.66 102.56
C THR A 845 42.15 39.38 103.11
N TYR A 846 41.38 38.73 103.99
CA TYR A 846 40.21 39.39 104.55
C TYR A 846 40.58 40.36 105.65
N THR A 847 41.70 40.13 106.35
CA THR A 847 42.19 41.08 107.33
C THR A 847 43.02 42.19 106.68
N ARG A 848 43.32 42.08 105.39
CA ARG A 848 44.16 43.07 104.72
C ARG A 848 43.49 44.44 104.76
N ASP A 849 44.22 45.42 105.27
CA ASP A 849 43.75 46.80 105.34
C ASP A 849 44.09 47.49 104.03
N LEU A 850 43.07 47.86 103.27
CA LEU A 850 43.26 48.55 102.00
C LEU A 850 43.33 50.05 102.26
N LEU A 851 44.43 50.67 101.88
CA LEU A 851 44.66 52.09 102.12
C LEU A 851 44.49 52.88 100.82
N GLY A 852 43.67 53.92 100.87
CA GLY A 852 43.55 54.84 99.76
C GLY A 852 44.66 55.88 99.81
N PRO A 853 44.54 56.91 98.98
CA PRO A 853 45.54 58.00 99.02
C PRO A 853 45.56 58.65 100.40
N THR A 854 46.75 59.01 100.85
CA THR A 854 46.93 59.66 102.13
C THR A 854 47.20 61.15 101.95
N VAL A 855 46.81 61.93 102.95
CA VAL A 855 47.04 63.37 102.92
C VAL A 855 48.53 63.65 102.99
N SER A 856 48.95 64.67 102.23
CA SER A 856 50.36 65.06 102.23
C SER A 856 50.76 65.57 103.60
N LEU A 857 51.93 65.14 104.07
CA LEU A 857 52.39 65.52 105.41
C LEU A 857 53.13 66.85 105.38
N THR A 858 52.48 67.90 104.88
CA THR A 858 53.08 69.22 104.93
C THR A 858 53.17 69.74 106.36
N GLN A 859 52.32 69.25 107.25
CA GLN A 859 52.35 69.68 108.64
C GLN A 859 53.59 69.14 109.36
N ALA A 860 54.25 68.12 108.79
CA ALA A 860 55.48 67.62 109.38
C ALA A 860 56.56 68.70 109.39
N ALA A 861 56.69 69.44 108.30
CA ALA A 861 57.58 70.58 108.28
C ALA A 861 56.90 71.78 108.94
N PHE A 862 57.62 72.41 109.87
CA PHE A 862 57.08 73.53 110.64
C PHE A 862 57.72 74.83 110.15
N THR A 863 56.89 75.77 109.73
CA THR A 863 57.34 77.07 109.26
C THR A 863 56.45 78.14 109.88
N PRO A 864 57.03 79.10 110.61
CA PRO A 864 56.20 80.15 111.22
C PRO A 864 55.60 81.06 110.15
N ILE A 865 54.29 81.29 110.26
CA ILE A 865 53.61 82.16 109.31
C ILE A 865 52.86 83.24 110.09
N PRO A 866 53.55 84.26 110.58
CA PRO A 866 52.85 85.40 111.21
C PRO A 866 52.31 86.35 110.16
N VAL A 867 51.12 86.89 110.42
CA VAL A 867 50.53 87.86 109.52
C VAL A 867 51.22 89.21 109.70
N ASP A 868 51.60 89.83 108.60
CA ASP A 868 52.24 91.14 108.67
C ASP A 868 51.22 92.20 109.07
N THR A 869 51.61 93.05 110.01
CA THR A 869 50.72 94.07 110.55
C THR A 869 51.16 95.50 110.24
N SER A 870 52.30 95.67 109.57
CA SER A 870 52.81 97.02 109.31
C SER A 870 51.86 97.81 108.42
N GLN A 871 51.14 97.11 107.53
CA GLN A 871 50.21 97.80 106.64
C GLN A 871 49.01 98.34 107.41
N ILE A 872 48.64 97.69 108.52
CA ILE A 872 47.55 98.21 109.34
C ILE A 872 48.01 99.46 110.06
N VAL A 873 47.20 100.52 109.94
CA VAL A 873 47.46 101.79 110.60
C VAL A 873 46.43 101.99 111.69
N LEU A 874 46.87 102.46 112.84
CA LEU A 874 45.96 102.66 113.97
C LEU A 874 45.12 103.91 113.75
N PRO A 875 43.81 103.84 113.95
CA PRO A 875 43.01 105.07 114.07
C PRO A 875 43.46 105.89 115.25
N PRO A 876 43.34 107.23 115.18
CA PRO A 876 43.87 108.09 116.26
C PRO A 876 43.30 107.81 117.65
N HIS A 877 42.03 107.43 117.73
CA HIS A 877 41.43 107.10 119.02
C HIS A 877 42.00 105.81 119.58
N LEU A 878 42.05 104.77 118.76
CA LEU A 878 42.71 103.55 119.19
C LEU A 878 44.18 103.83 119.46
N GLU A 879 44.71 104.95 118.93
CA GLU A 879 46.09 105.30 119.21
C GLU A 879 46.29 105.95 120.58
N ARG A 880 45.41 106.90 121.03
CA ARG A 880 45.52 107.27 122.45
C ARG A 880 45.49 106.01 123.28
N ILE A 881 44.50 105.17 123.00
CA ILE A 881 44.32 103.95 123.78
C ILE A 881 45.57 103.08 123.66
N ARG A 882 46.28 103.19 122.55
CA ARG A 882 47.51 102.42 122.39
C ARG A 882 48.57 102.85 123.39
N GLU A 883 48.87 104.16 123.47
CA GLU A 883 49.91 104.52 124.44
C GLU A 883 49.44 104.29 125.87
N LYS A 884 48.17 104.64 126.15
CA LYS A 884 47.65 104.46 127.51
C LYS A 884 47.67 102.99 127.92
N LEU A 885 47.26 102.10 127.02
CA LEU A 885 47.33 100.68 127.31
C LEU A 885 48.76 100.17 127.30
N ALA A 886 49.69 100.89 126.68
CA ALA A 886 51.10 100.52 126.83
C ALA A 886 51.57 100.75 128.27
N GLU A 887 51.19 101.89 128.85
CA GLU A 887 51.44 102.04 130.29
C GLU A 887 50.73 100.96 131.08
N ASN A 888 49.47 100.69 130.75
CA ASN A 888 48.76 99.59 131.38
C ASN A 888 49.48 98.26 131.22
N ILE A 889 50.17 98.04 130.10
CA ILE A 889 50.90 96.80 129.85
C ILE A 889 52.12 96.69 130.73
N HIS A 890 52.89 97.77 130.94
CA HIS A 890 54.03 97.57 131.82
C HIS A 890 53.54 97.35 133.24
N GLU A 891 52.43 98.01 133.60
CA GLU A 891 51.77 97.71 134.87
C GLU A 891 51.41 96.23 134.99
N LEU A 892 50.72 95.67 134.00
CA LEU A 892 50.38 94.26 134.02
C LEU A 892 51.61 93.35 134.06
N TRP A 893 52.69 93.73 133.38
CA TRP A 893 53.87 92.88 133.38
C TRP A 893 54.50 92.83 134.77
N VAL A 894 54.67 93.99 135.40
CA VAL A 894 55.25 93.99 136.75
C VAL A 894 54.31 93.32 137.74
N MET A 895 53.00 93.41 137.49
CA MET A 895 52.07 92.72 138.38
C MET A 895 52.11 91.21 138.19
N ASN A 896 52.31 90.72 136.96
CA ASN A 896 52.58 89.31 136.78
C ASN A 896 53.88 88.91 137.48
N LYS A 897 54.90 89.76 137.41
CA LYS A 897 56.15 89.49 138.10
C LYS A 897 55.94 89.35 139.61
N ILE A 898 55.10 90.21 140.19
CA ILE A 898 54.81 90.12 141.62
C ILE A 898 53.85 89.00 141.96
N GLU A 899 53.00 88.58 141.03
CA GLU A 899 52.14 87.42 141.25
C GLU A 899 52.93 86.12 141.23
N LEU A 900 54.04 86.11 140.48
CA LEU A 900 54.91 84.94 140.49
C LEU A 900 55.59 84.72 141.83
N GLY A 901 55.49 85.68 142.75
CA GLY A 901 56.20 85.58 144.01
C GLY A 901 57.70 85.64 143.87
N TRP A 902 58.21 86.56 143.04
CA TRP A 902 59.62 86.61 142.72
C TRP A 902 60.28 87.65 143.61
N GLN A 903 61.61 87.68 143.67
CA GLN A 903 62.32 88.58 144.55
C GLN A 903 63.08 89.62 143.75
N TYR A 904 63.29 90.79 144.36
CA TYR A 904 63.99 91.90 143.73
C TYR A 904 65.37 92.06 144.36
N GLY A 905 66.37 92.23 143.50
CA GLY A 905 67.74 92.36 143.94
C GLY A 905 68.57 93.27 143.05
N PRO A 906 69.85 93.43 143.38
CA PRO A 906 70.69 94.38 142.63
C PRO A 906 71.13 93.86 141.28
N VAL A 907 71.30 92.55 141.13
CA VAL A 907 71.81 91.97 139.90
C VAL A 907 70.68 91.27 139.17
N ARG A 908 70.82 91.14 137.85
CA ARG A 908 69.77 90.58 136.99
C ARG A 908 70.04 89.10 136.70
N ASP A 909 69.99 88.29 137.75
CA ASP A 909 70.29 86.86 137.65
C ASP A 909 69.11 86.03 138.10
N ASP A 910 68.66 85.11 137.24
CA ASP A 910 67.56 84.23 137.60
C ASP A 910 68.01 83.11 138.53
N ASN A 911 69.25 82.63 138.36
CA ASN A 911 69.72 81.52 139.17
C ASN A 911 69.83 81.89 140.64
N LYS A 912 70.31 83.11 140.93
CA LYS A 912 70.41 83.53 142.32
C LYS A 912 69.09 84.15 142.79
N ARG A 913 68.11 84.24 141.88
CA ARG A 913 66.71 84.54 142.18
C ARG A 913 66.46 86.01 142.52
N GLN A 914 67.22 86.93 141.95
CA GLN A 914 67.02 88.36 142.14
C GLN A 914 66.97 89.07 140.79
N HIS A 915 66.00 89.99 140.65
CA HIS A 915 65.90 90.86 139.48
C HIS A 915 65.34 92.21 139.93
N PRO A 916 65.98 93.32 139.53
CA PRO A 916 65.43 94.64 139.86
C PRO A 916 64.31 95.09 138.93
N CYS A 917 63.70 94.18 138.17
CA CYS A 917 62.68 94.52 137.19
C CYS A 917 61.26 94.36 137.73
N LEU A 918 61.05 94.61 139.02
CA LEU A 918 59.78 94.28 139.67
C LEU A 918 58.95 95.50 140.04
N VAL A 919 59.56 96.68 140.16
CA VAL A 919 58.87 97.80 140.80
C VAL A 919 58.18 98.68 139.78
N GLU A 920 58.93 99.31 138.87
CA GLU A 920 58.29 100.16 137.88
C GLU A 920 58.97 100.02 136.51
N PHE A 921 58.50 100.84 135.56
CA PHE A 921 59.07 100.80 134.22
C PHE A 921 60.40 101.53 134.16
N SER A 922 60.56 102.59 134.95
CA SER A 922 61.82 103.33 134.92
C SER A 922 62.94 102.55 135.59
N LYS A 923 62.60 101.73 136.58
CA LYS A 923 63.59 100.83 137.17
C LYS A 923 64.10 99.83 136.14
N LEU A 924 63.26 99.49 135.16
CA LEU A 924 63.70 98.68 134.04
C LEU A 924 64.67 99.46 133.16
N PRO A 925 65.46 98.77 132.34
CA PRO A 925 66.14 99.45 131.24
C PRO A 925 65.12 100.09 130.32
N GLU A 926 65.42 101.30 129.87
CA GLU A 926 64.48 102.04 129.04
C GLU A 926 64.28 101.35 127.70
N GLN A 927 65.34 100.74 127.15
CA GLN A 927 65.20 99.98 125.92
C GLN A 927 64.31 98.76 126.12
N GLU A 928 64.42 98.08 127.26
CA GLU A 928 63.54 96.95 127.54
C GLU A 928 62.09 97.40 127.67
N ARG A 929 61.85 98.53 128.34
CA ARG A 929 60.49 99.04 128.46
C ARG A 929 59.95 99.44 127.09
N ASN A 930 60.79 100.02 126.24
CA ASN A 930 60.37 100.37 124.89
C ASN A 930 60.04 99.14 124.07
N TYR A 931 60.82 98.07 124.21
CA TYR A 931 60.48 96.83 123.50
C TYR A 931 59.19 96.22 124.03
N ASN A 932 58.94 96.34 125.34
CA ASN A 932 57.67 95.90 125.90
C ASN A 932 56.51 96.68 125.28
N LEU A 933 56.67 98.00 125.19
CA LEU A 933 55.67 98.84 124.56
C LEU A 933 55.45 98.44 123.11
N GLN A 934 56.53 98.16 122.38
CA GLN A 934 56.37 97.87 120.96
C GLN A 934 55.77 96.50 120.74
N MET A 935 56.01 95.54 121.64
CA MET A 935 55.38 94.23 121.47
C MET A 935 53.91 94.28 121.85
N SER A 936 53.55 95.14 122.81
CA SER A 936 52.14 95.39 123.06
C SER A 936 51.47 96.04 121.86
N LEU A 937 52.18 96.98 121.22
CA LEU A 937 51.71 97.59 119.98
C LEU A 937 51.52 96.55 118.89
N GLU A 938 52.47 95.62 118.77
CA GLU A 938 52.36 94.56 117.76
C GLU A 938 51.23 93.59 118.10
N THR A 939 51.01 93.33 119.39
CA THR A 939 49.91 92.47 119.81
C THR A 939 48.57 93.08 119.44
N LEU A 940 48.41 94.39 119.67
CA LEU A 940 47.15 95.02 119.29
C LEU A 940 47.02 95.19 117.78
N LYS A 941 48.15 95.33 117.08
CA LYS A 941 48.09 95.30 115.62
C LYS A 941 47.69 93.93 115.11
N THR A 942 48.10 92.86 115.79
CA THR A 942 47.59 91.53 115.47
C THR A 942 46.10 91.42 115.74
N LEU A 943 45.64 91.97 116.87
CA LEU A 943 44.22 92.06 117.14
C LEU A 943 43.48 92.73 115.99
N LEU A 944 44.03 93.82 115.45
CA LEU A 944 43.44 94.48 114.30
C LEU A 944 43.51 93.61 113.04
N ALA A 945 44.64 92.93 112.84
CA ALA A 945 44.84 92.13 111.63
C ALA A 945 43.83 90.99 111.55
N LEU A 946 43.50 90.38 112.68
CA LEU A 946 42.46 89.36 112.67
C LEU A 946 41.08 89.98 112.44
N GLY A 947 40.98 91.31 112.50
CA GLY A 947 39.80 92.02 112.02
C GLY A 947 38.78 92.38 113.07
N CYS A 948 39.19 92.59 114.31
CA CYS A 948 38.23 92.96 115.35
C CYS A 948 37.65 94.34 115.07
N HIS A 949 36.33 94.44 115.11
CA HIS A 949 35.67 95.74 114.95
C HIS A 949 35.92 96.58 116.18
N VAL A 950 36.42 97.81 115.97
CA VAL A 950 36.76 98.69 117.07
C VAL A 950 35.49 99.06 117.84
N GLY A 951 35.51 98.87 119.15
CA GLY A 951 34.37 99.17 119.99
C GLY A 951 34.80 99.78 121.30
N ILE A 952 33.95 100.66 121.81
CA ILE A 952 34.20 101.37 123.06
C ILE A 952 32.90 101.41 123.87
N SER A 953 33.01 101.21 125.18
CA SER A 953 31.84 101.19 126.03
C SER A 953 31.29 102.61 126.24
N ASP A 954 32.09 103.48 126.85
CA ASP A 954 31.69 104.85 127.10
C ASP A 954 32.92 105.68 127.42
N GLU A 955 32.75 107.00 127.38
CA GLU A 955 33.87 107.90 127.60
C GLU A 955 34.27 107.97 129.08
N HIS A 956 33.33 107.75 130.00
CA HIS A 956 33.67 107.74 131.41
C HIS A 956 34.57 106.55 131.75
N ALA A 957 34.28 105.38 131.17
CA ALA A 957 35.12 104.20 131.40
C ALA A 957 36.53 104.37 130.87
N GLU A 958 36.75 105.34 129.99
CA GLU A 958 38.09 105.68 129.53
C GLU A 958 38.74 106.77 130.36
N ASP A 959 38.00 107.82 130.69
CA ASP A 959 38.58 108.92 131.47
C ASP A 959 38.94 108.47 132.89
N LYS A 960 38.05 107.70 133.53
CA LYS A 960 38.27 107.24 134.90
C LYS A 960 38.13 105.73 134.94
N VAL A 961 39.25 105.05 135.13
CA VAL A 961 39.27 103.61 135.33
C VAL A 961 39.40 103.34 136.82
N LYS A 962 38.74 102.28 137.29
CA LYS A 962 38.79 101.96 138.71
C LYS A 962 40.13 101.32 139.08
N LYS A 963 40.43 101.36 140.39
CA LYS A 963 41.69 100.86 140.94
C LYS A 963 41.33 99.87 142.06
N MET A 964 41.35 98.58 141.75
CA MET A 964 41.14 97.60 142.81
C MET A 964 42.34 97.58 143.74
N LYS A 965 42.10 97.35 145.02
CA LYS A 965 43.18 97.26 146.00
C LYS A 965 43.32 95.81 146.44
N LEU A 966 44.54 95.28 146.36
CA LEU A 966 44.87 93.96 146.88
C LEU A 966 45.49 94.14 148.26
N PRO A 967 45.57 93.09 149.08
CA PRO A 967 46.18 93.24 150.40
C PRO A 967 47.62 93.72 150.32
N LYS A 968 48.16 94.12 151.47
CA LYS A 968 49.51 94.67 151.50
C LYS A 968 50.55 93.64 151.08
N ASN A 969 50.26 92.36 151.30
CA ASN A 969 51.19 91.32 150.88
C ASN A 969 51.37 91.29 149.37
N TYR A 970 50.27 91.47 148.62
CA TYR A 970 50.30 91.49 147.16
C TYR A 970 50.34 92.91 146.60
N GLN A 971 50.51 93.90 147.46
CA GLN A 971 50.62 95.29 147.05
C GLN A 971 52.00 95.53 146.42
N LEU A 972 52.02 96.14 145.24
CA LEU A 972 53.28 96.43 144.59
C LEU A 972 54.06 97.49 145.36
N THR A 973 55.38 97.38 145.33
CA THR A 973 56.22 98.36 146.00
C THR A 973 56.06 99.75 145.40
N SER A 974 55.79 99.82 144.09
CA SER A 974 55.54 101.10 143.46
C SER A 974 54.15 101.62 143.83
N GLY A 975 53.86 102.85 143.39
CA GLY A 975 52.59 103.48 143.72
C GLY A 975 51.42 103.06 142.84
N TYR A 976 51.65 102.18 141.88
CA TYR A 976 50.58 101.77 140.98
C TYR A 976 49.56 100.89 141.72
N LYS A 977 48.35 100.85 141.15
CA LYS A 977 47.29 100.00 141.69
C LYS A 977 47.71 98.54 141.60
N PRO A 978 47.42 97.71 142.60
CA PRO A 978 47.85 96.31 142.56
C PRO A 978 47.32 95.55 141.34
N ALA A 979 46.21 95.99 140.76
CA ALA A 979 45.67 95.43 139.53
C ALA A 979 44.68 96.42 138.97
N PRO A 980 44.38 96.36 137.66
CA PRO A 980 43.39 97.31 137.11
C PRO A 980 42.00 97.14 137.72
N MET A 981 41.42 95.94 137.65
CA MET A 981 40.14 95.65 138.29
C MET A 981 39.92 94.14 138.28
N ASP A 982 39.30 93.64 139.35
CA ASP A 982 39.27 92.20 139.62
C ASP A 982 38.53 91.43 138.54
N LEU A 983 38.99 90.19 138.31
CA LEU A 983 38.52 89.38 137.19
C LEU A 983 37.08 88.91 137.37
N SER A 984 36.51 89.08 138.56
CA SER A 984 35.18 88.54 138.82
C SER A 984 34.11 89.25 137.99
N PHE A 985 34.12 90.58 137.98
CA PHE A 985 33.08 91.33 137.28
C PHE A 985 33.20 91.26 135.77
N ILE A 986 34.36 90.85 135.25
CA ILE A 986 34.59 90.78 133.80
C ILE A 986 34.66 89.31 133.40
N LYS A 987 33.68 88.87 132.61
CA LYS A 987 33.70 87.56 131.97
C LYS A 987 33.91 87.77 130.47
N LEU A 988 34.94 87.11 129.93
CA LEU A 988 35.31 87.34 128.55
C LEU A 988 34.66 86.30 127.65
N THR A 989 34.06 86.77 126.55
CA THR A 989 33.25 85.90 125.70
C THR A 989 34.14 84.96 124.89
N PRO A 990 33.63 83.78 124.52
CA PRO A 990 34.44 82.85 123.71
C PRO A 990 34.88 83.43 122.37
N SER A 991 34.13 84.40 121.85
CA SER A 991 34.51 85.05 120.59
C SER A 991 35.90 85.68 120.71
N GLN A 992 36.17 86.35 121.83
CA GLN A 992 37.52 86.86 122.08
C GLN A 992 38.42 85.84 122.76
N GLU A 993 37.87 84.77 123.34
CA GLU A 993 38.73 83.72 123.86
C GLU A 993 39.50 83.03 122.75
N ALA A 994 38.83 82.73 121.64
CA ALA A 994 39.53 82.21 120.47
C ALA A 994 40.44 83.26 119.84
N MET A 995 40.05 84.53 119.94
CA MET A 995 40.88 85.65 119.50
C MET A 995 42.23 85.64 120.22
N VAL A 996 42.21 85.43 121.54
CA VAL A 996 43.45 85.36 122.32
C VAL A 996 44.26 84.12 121.94
N ASP A 997 43.59 83.01 121.64
CA ASP A 997 44.30 81.83 121.16
C ASP A 997 45.07 82.14 119.88
N LYS A 998 44.42 82.81 118.93
CA LYS A 998 45.08 83.18 117.69
C LYS A 998 46.26 84.12 117.96
N LEU A 999 46.08 85.05 118.92
CA LEU A 999 47.22 85.86 119.37
C LEU A 999 48.36 84.98 119.86
N ALA A 1000 48.03 83.91 120.59
CA ALA A 1000 49.07 83.01 121.09
C ALA A 1000 49.82 82.33 119.95
N GLU A 1001 49.09 81.82 118.95
CA GLU A 1001 49.79 81.22 117.82
C GLU A 1001 50.66 82.24 117.08
N ASN A 1002 50.16 83.47 116.90
CA ASN A 1002 50.96 84.44 116.15
C ASN A 1002 52.20 84.87 116.94
N ALA A 1003 52.06 85.02 118.27
CA ALA A 1003 53.22 85.36 119.08
C ALA A 1003 54.24 84.23 119.07
N HIS A 1004 53.77 82.98 119.14
CA HIS A 1004 54.68 81.84 119.05
C HIS A 1004 55.39 81.82 117.70
N ASN A 1005 54.67 82.14 116.61
CA ASN A 1005 55.30 82.19 115.30
C ASN A 1005 56.32 83.32 115.21
N VAL A 1006 56.05 84.46 115.83
CA VAL A 1006 57.01 85.56 115.84
C VAL A 1006 58.28 85.15 116.58
N TRP A 1007 58.11 84.51 117.74
CA TRP A 1007 59.28 84.03 118.49
C TRP A 1007 60.04 82.99 117.69
N ALA A 1008 59.32 82.13 116.96
CA ALA A 1008 59.96 81.09 116.17
C ALA A 1008 60.74 81.66 115.00
N ARG A 1009 60.20 82.67 114.31
CA ARG A 1009 61.00 83.31 113.26
C ARG A 1009 62.17 84.08 113.84
N ASP A 1010 62.03 84.62 115.04
CA ASP A 1010 63.18 85.23 115.70
C ASP A 1010 64.27 84.20 115.94
N ARG A 1011 63.89 83.00 116.41
CA ARG A 1011 64.86 81.93 116.62
C ARG A 1011 65.47 81.50 115.28
N ILE A 1012 64.66 81.46 114.23
CA ILE A 1012 65.17 81.08 112.90
C ILE A 1012 66.19 82.10 112.41
N ARG A 1013 65.91 83.39 112.60
CA ARG A 1013 66.88 84.44 112.24
C ARG A 1013 68.16 84.27 113.05
N GLN A 1014 68.03 83.96 114.34
CA GLN A 1014 69.20 83.66 115.16
C GLN A 1014 69.92 82.41 114.68
N GLY A 1015 69.24 81.52 113.97
CA GLY A 1015 69.82 80.27 113.53
C GLY A 1015 69.43 79.06 114.33
N TRP A 1016 68.49 79.19 115.26
CA TRP A 1016 68.12 78.08 116.12
C TRP A 1016 67.30 77.05 115.37
N THR A 1017 67.39 75.80 115.79
CA THR A 1017 66.68 74.69 115.18
C THR A 1017 66.07 73.81 116.28
N TYR A 1018 65.03 73.07 115.90
CA TYR A 1018 64.35 72.20 116.84
C TYR A 1018 65.26 71.11 117.35
N GLY A 1019 65.22 70.87 118.66
CA GLY A 1019 65.97 69.80 119.28
C GLY A 1019 65.25 69.22 120.48
N ILE A 1020 65.11 67.89 120.52
CA ILE A 1020 64.37 67.26 121.61
C ILE A 1020 65.02 67.55 122.96
N GLN A 1021 66.33 67.78 122.96
CA GLN A 1021 67.07 68.15 124.15
C GLN A 1021 67.58 69.58 124.00
N GLN A 1022 67.35 70.40 125.02
CA GLN A 1022 67.78 71.79 124.98
C GLN A 1022 69.31 71.86 125.01
N ASP A 1023 69.87 72.62 124.06
CA ASP A 1023 71.32 72.81 123.97
C ASP A 1023 71.58 74.18 123.38
N VAL A 1024 72.16 75.07 124.19
CA VAL A 1024 72.36 76.46 123.75
C VAL A 1024 73.45 76.55 122.70
N LYS A 1025 74.51 75.74 122.84
CA LYS A 1025 75.65 75.87 121.94
C LYS A 1025 75.29 75.42 120.52
N ASN A 1026 74.43 74.42 120.40
CA ASN A 1026 73.97 73.93 119.10
C ASN A 1026 72.66 74.59 118.68
N ARG A 1027 72.19 75.57 119.45
CA ARG A 1027 70.95 76.29 119.16
C ARG A 1027 69.76 75.33 119.08
N ARG A 1028 69.66 74.46 120.08
CA ARG A 1028 68.60 73.47 120.17
C ARG A 1028 67.48 74.00 121.06
N ASN A 1029 66.24 73.89 120.59
CA ASN A 1029 65.08 74.31 121.34
C ASN A 1029 63.90 73.43 120.96
N PRO A 1030 63.38 72.63 121.90
CA PRO A 1030 62.18 71.82 121.60
C PRO A 1030 60.92 72.64 121.41
N ARG A 1031 60.94 73.92 121.76
CA ARG A 1031 59.74 74.75 121.68
C ARG A 1031 59.42 75.13 120.23
N LEU A 1032 60.37 74.95 119.31
CA LEU A 1032 60.17 75.32 117.91
C LEU A 1032 59.26 74.29 117.26
N VAL A 1033 57.98 74.31 117.64
CA VAL A 1033 56.97 73.39 117.14
C VAL A 1033 55.67 74.17 116.95
N PRO A 1034 54.70 73.66 116.19
CA PRO A 1034 53.40 74.32 116.13
C PRO A 1034 52.73 74.36 117.50
N TYR A 1035 51.85 75.35 117.69
CA TYR A 1035 51.25 75.59 118.99
C TYR A 1035 50.47 74.37 119.49
N THR A 1036 49.84 73.64 118.56
CA THR A 1036 49.16 72.41 118.93
C THR A 1036 50.14 71.38 119.46
N LEU A 1037 51.31 71.27 118.83
CA LEU A 1037 52.34 70.33 119.29
C LEU A 1037 53.16 70.91 120.43
N LEU A 1038 52.87 72.13 120.86
CA LEU A 1038 53.68 72.77 121.88
C LEU A 1038 53.50 72.08 123.22
N ASP A 1039 54.45 72.31 124.13
CA ASP A 1039 54.34 71.78 125.48
C ASP A 1039 53.17 72.42 126.22
N ASP A 1040 52.44 71.59 126.96
CA ASP A 1040 51.23 72.06 127.62
C ASP A 1040 51.53 73.13 128.66
N ARG A 1041 52.60 72.97 129.43
CA ARG A 1041 52.91 73.93 130.49
C ARG A 1041 53.24 75.30 129.90
N THR A 1042 54.12 75.35 128.92
CA THR A 1042 54.49 76.64 128.32
C THR A 1042 53.31 77.26 127.60
N LYS A 1043 52.53 76.45 126.87
CA LYS A 1043 51.40 76.99 126.15
C LYS A 1043 50.34 77.53 127.11
N LYS A 1044 50.09 76.86 128.23
CA LYS A 1044 49.13 77.38 129.18
C LYS A 1044 49.66 78.62 129.88
N SER A 1045 50.99 78.67 130.12
CA SER A 1045 51.58 79.85 130.74
C SER A 1045 51.38 81.09 129.88
N ASN A 1046 51.91 81.07 128.65
CA ASN A 1046 51.77 82.25 127.81
C ASN A 1046 50.31 82.45 127.40
N LYS A 1047 49.52 81.38 127.42
CA LYS A 1047 48.10 81.48 127.09
C LYS A 1047 47.35 82.26 128.15
N ASP A 1048 47.60 81.97 129.43
CA ASP A 1048 46.96 82.71 130.50
C ASP A 1048 47.50 84.13 130.55
N SER A 1049 48.78 84.31 130.20
CA SER A 1049 49.32 85.67 130.10
C SER A 1049 48.55 86.50 129.08
N LEU A 1050 48.28 85.92 127.91
CA LEU A 1050 47.56 86.66 126.86
C LEU A 1050 46.07 86.81 127.19
N ARG A 1051 45.48 85.78 127.82
CA ARG A 1051 44.14 85.94 128.39
C ARG A 1051 44.08 87.16 129.31
N GLU A 1052 45.01 87.25 130.26
CA GLU A 1052 45.00 88.37 131.20
C GLU A 1052 45.19 89.69 130.47
N ALA A 1053 46.12 89.74 129.52
CA ALA A 1053 46.36 90.98 128.79
C ALA A 1053 45.11 91.45 128.05
N VAL A 1054 44.49 90.56 127.27
CA VAL A 1054 43.32 90.97 126.48
C VAL A 1054 42.13 91.26 127.39
N ARG A 1055 41.98 90.49 128.47
CA ARG A 1055 40.86 90.74 129.38
C ARG A 1055 41.02 92.10 130.05
N THR A 1056 42.25 92.48 130.39
CA THR A 1056 42.50 93.84 130.86
C THR A 1056 42.23 94.86 129.77
N LEU A 1057 42.57 94.53 128.52
CA LEU A 1057 42.30 95.43 127.41
C LEU A 1057 40.81 95.74 127.30
N LEU A 1058 39.97 94.71 127.43
CA LEU A 1058 38.53 94.90 127.35
C LEU A 1058 37.97 95.55 128.62
N GLY A 1059 38.55 95.24 129.78
CA GLY A 1059 38.10 95.89 131.01
C GLY A 1059 38.50 97.35 131.06
N TYR A 1060 39.46 97.74 130.22
CA TYR A 1060 39.85 99.15 130.12
C TYR A 1060 38.73 100.00 129.56
N GLY A 1061 37.69 99.40 128.99
CA GLY A 1061 36.54 100.10 128.45
C GLY A 1061 36.43 100.01 126.94
N TYR A 1062 37.53 99.73 126.25
CA TYR A 1062 37.50 99.60 124.80
C TYR A 1062 37.05 98.20 124.40
N ASN A 1063 35.75 97.93 124.54
CA ASN A 1063 35.18 96.62 124.25
C ASN A 1063 35.12 96.44 122.73
N LEU A 1064 36.27 96.09 122.15
CA LEU A 1064 36.34 95.83 120.72
C LEU A 1064 35.48 94.63 120.34
N GLU A 1065 34.73 94.79 119.25
CA GLU A 1065 33.87 93.72 118.77
C GLU A 1065 34.69 92.62 118.11
N ALA A 1066 34.17 91.40 118.17
CA ALA A 1066 34.84 90.27 117.54
C ALA A 1066 34.75 90.36 116.02
N PRO A 1067 35.75 89.84 115.31
CA PRO A 1067 35.69 89.84 113.85
C PRO A 1067 34.65 88.87 113.31
N ASP A 1068 34.52 88.79 111.99
CA ASP A 1068 33.58 87.87 111.36
C ASP A 1068 33.96 86.42 111.68
N GLN A 1069 33.09 85.73 112.42
CA GLN A 1069 33.36 84.34 112.78
C GLN A 1069 33.43 83.48 111.52
N ASP A 1070 34.46 82.64 111.45
CA ASP A 1070 34.70 81.79 110.29
C ASP A 1070 33.90 80.50 110.40
N HIS A 1071 32.91 80.34 109.53
CA HIS A 1071 32.10 79.14 109.48
C HIS A 1071 32.38 78.29 108.24
N ALA A 1072 33.44 78.62 107.49
CA ALA A 1072 33.73 77.90 106.26
C ALA A 1072 34.34 76.54 106.56
N ALA A 1073 34.28 75.65 105.57
CA ALA A 1073 34.84 74.31 105.68
C ALA A 1073 35.66 74.02 104.42
N ARG A 1074 36.86 73.49 104.62
CA ARG A 1074 37.75 73.18 103.50
C ARG A 1074 37.33 71.92 102.74
N ALA A 1075 36.61 71.01 103.40
CA ALA A 1075 36.15 69.75 102.82
C ALA A 1075 37.31 68.83 102.45
N GLU A 1076 38.50 69.12 102.98
CA GLU A 1076 39.68 68.27 102.84
C GLU A 1076 39.98 67.96 101.39
N VAL A 1077 40.34 68.99 100.61
CA VAL A 1077 40.69 68.80 99.20
C VAL A 1077 42.09 68.24 99.04
N CYS A 1078 42.94 68.36 100.06
CA CYS A 1078 44.32 67.89 99.98
C CYS A 1078 44.40 66.38 99.78
N SER A 1079 45.37 65.93 99.01
CA SER A 1079 45.55 64.51 98.74
C SER A 1079 47.00 64.25 98.35
N GLY A 1080 47.41 63.00 98.44
CA GLY A 1080 48.75 62.60 98.00
C GLY A 1080 48.94 62.83 96.52
N THR A 1081 49.97 63.58 96.16
CA THR A 1081 50.22 63.97 94.78
C THR A 1081 48.99 64.62 94.17
N GLY A 1082 48.30 63.90 93.29
CA GLY A 1082 47.08 64.41 92.69
C GLY A 1082 45.99 63.36 92.59
N GLU A 1083 46.24 62.18 93.14
CA GLU A 1083 45.27 61.09 93.08
C GLU A 1083 44.24 61.25 94.19
N ARG A 1084 42.96 61.31 93.80
CA ARG A 1084 41.88 61.47 94.76
C ARG A 1084 41.35 60.15 95.29
N PHE A 1085 41.53 59.05 94.57
CA PHE A 1085 41.02 57.76 94.99
C PHE A 1085 41.83 56.65 94.32
N ARG A 1086 41.95 55.53 95.01
CA ARG A 1086 42.58 54.33 94.47
C ARG A 1086 41.53 53.24 94.33
N ILE A 1087 41.45 52.65 93.14
CA ILE A 1087 40.43 51.66 92.81
C ILE A 1087 41.01 50.28 93.03
N PHE A 1088 40.32 49.45 93.80
CA PHE A 1088 40.73 48.08 94.09
C PHE A 1088 39.67 47.14 93.54
N ARG A 1089 40.10 46.12 92.80
CA ARG A 1089 39.19 45.20 92.14
C ARG A 1089 39.82 43.82 92.04
N ALA A 1090 38.97 42.83 91.83
CA ALA A 1090 39.42 41.47 91.62
C ALA A 1090 39.93 41.29 90.19
N GLU A 1091 40.54 40.14 89.93
CA GLU A 1091 41.08 39.86 88.60
C GLU A 1091 39.96 39.71 87.59
N LYS A 1092 40.26 40.04 86.33
CA LYS A 1092 39.26 39.97 85.28
C LYS A 1092 38.82 38.53 85.02
N THR A 1093 39.75 37.57 85.15
CA THR A 1093 39.42 36.18 84.88
C THR A 1093 38.36 35.64 85.83
N TYR A 1094 38.23 36.24 87.00
CA TYR A 1094 37.23 35.83 87.99
C TYR A 1094 35.85 36.43 87.73
N ALA A 1095 35.62 36.95 86.53
CA ALA A 1095 34.32 37.54 86.22
C ALA A 1095 33.24 36.46 86.21
N VAL A 1096 32.05 36.84 86.67
CA VAL A 1096 30.91 35.95 86.75
C VAL A 1096 29.90 36.32 85.67
N LYS A 1097 29.52 35.34 84.86
CA LYS A 1097 28.52 35.53 83.81
C LYS A 1097 27.11 35.18 84.27
N ALA A 1098 26.95 34.09 85.02
CA ALA A 1098 25.67 33.72 85.61
C ALA A 1098 25.90 33.44 87.08
N GLY A 1099 24.85 33.02 87.76
CA GLY A 1099 24.92 32.71 89.17
C GLY A 1099 24.32 33.81 90.03
N ARG A 1100 24.67 33.75 91.31
CA ARG A 1100 24.11 34.64 92.32
C ARG A 1100 25.08 34.70 93.49
N TRP A 1101 25.80 35.82 93.62
CA TRP A 1101 27.02 35.88 94.42
C TRP A 1101 26.92 36.95 95.49
N TYR A 1102 27.76 36.80 96.52
CA TYR A 1102 27.76 37.67 97.70
C TYR A 1102 29.19 37.89 98.17
N PHE A 1103 29.49 39.13 98.58
CA PHE A 1103 30.74 39.47 99.25
C PHE A 1103 30.51 40.67 100.16
N GLU A 1104 31.40 40.86 101.12
CA GLU A 1104 31.26 41.89 102.14
C GLU A 1104 32.40 42.89 102.04
N PHE A 1105 32.09 44.13 102.41
CA PHE A 1105 33.07 45.21 102.48
C PHE A 1105 33.00 45.83 103.87
N GLU A 1106 34.11 45.79 104.60
CA GLU A 1106 34.17 46.31 105.96
C GLU A 1106 34.79 47.70 105.92
N THR A 1107 34.05 48.69 106.41
CA THR A 1107 34.51 50.07 106.40
C THR A 1107 35.28 50.37 107.68
N VAL A 1108 36.62 50.34 107.59
CA VAL A 1108 37.44 50.63 108.75
C VAL A 1108 37.28 52.09 109.19
N THR A 1109 37.34 53.02 108.24
CA THR A 1109 37.19 54.44 108.52
C THR A 1109 36.10 55.03 107.64
N ALA A 1110 35.15 55.72 108.26
CA ALA A 1110 34.04 56.31 107.53
C ALA A 1110 34.52 57.47 106.67
N GLY A 1111 33.99 57.55 105.46
CA GLY A 1111 34.38 58.59 104.55
C GLY A 1111 33.96 58.25 103.13
N ASP A 1112 34.58 58.96 102.17
CA ASP A 1112 34.22 58.85 100.76
C ASP A 1112 34.77 57.54 100.21
N MET A 1113 33.94 56.50 100.31
CA MET A 1113 34.26 55.19 99.74
C MET A 1113 33.09 54.71 98.90
N ARG A 1114 33.39 53.95 97.86
CA ARG A 1114 32.39 53.36 96.98
C ARG A 1114 32.68 51.88 96.80
N VAL A 1115 31.66 51.05 96.95
CA VAL A 1115 31.78 49.61 96.81
C VAL A 1115 30.64 49.13 95.91
N GLY A 1116 30.95 48.20 95.01
CA GLY A 1116 29.95 47.68 94.10
C GLY A 1116 30.54 46.67 93.15
N TRP A 1117 29.86 46.50 92.02
CA TRP A 1117 30.29 45.56 90.99
C TRP A 1117 30.68 46.32 89.73
N SER A 1118 31.78 45.91 89.11
CA SER A 1118 32.30 46.57 87.93
C SER A 1118 32.56 45.56 86.83
N ARG A 1119 32.56 46.04 85.60
CA ARG A 1119 32.90 45.26 84.42
C ARG A 1119 34.40 45.22 84.21
N PRO A 1120 34.91 44.24 83.47
CA PRO A 1120 36.35 44.16 83.23
C PRO A 1120 36.92 45.38 82.52
N GLY A 1121 36.07 46.13 81.82
CA GLY A 1121 36.48 47.30 81.09
C GLY A 1121 36.54 48.58 81.90
N CYS A 1122 36.37 48.51 83.23
CA CYS A 1122 36.39 49.72 84.05
C CYS A 1122 37.78 50.32 84.07
N GLN A 1123 37.84 51.64 83.84
CA GLN A 1123 39.12 52.33 83.87
C GLN A 1123 39.52 52.63 85.31
N PRO A 1124 40.81 52.55 85.63
CA PRO A 1124 41.27 52.79 87.01
C PRO A 1124 41.41 54.25 87.41
N ASP A 1125 41.20 55.20 86.50
CA ASP A 1125 41.34 56.61 86.81
C ASP A 1125 40.01 57.33 86.99
N GLN A 1126 38.95 56.89 86.33
CA GLN A 1126 37.66 57.54 86.45
C GLN A 1126 36.99 57.16 87.77
N GLU A 1127 36.01 57.97 88.16
CA GLU A 1127 35.27 57.69 89.38
C GLU A 1127 34.45 56.41 89.23
N LEU A 1128 34.36 55.66 90.33
CA LEU A 1128 33.65 54.39 90.32
C LEU A 1128 32.14 54.65 90.27
N GLY A 1129 31.52 54.30 89.14
CA GLY A 1129 30.10 54.51 88.93
C GLY A 1129 29.76 55.73 88.10
N SER A 1130 30.78 56.54 87.76
CA SER A 1130 30.53 57.72 86.94
C SER A 1130 30.02 57.33 85.56
N ASP A 1131 30.59 56.27 84.98
CA ASP A 1131 30.21 55.78 83.68
C ASP A 1131 29.49 54.43 83.82
N GLU A 1132 29.17 53.80 82.69
CA GLU A 1132 28.42 52.55 82.68
C GLU A 1132 29.25 51.34 83.05
N ARG A 1133 30.58 51.50 83.18
CA ARG A 1133 31.44 50.33 83.39
C ARG A 1133 31.23 49.71 84.76
N ALA A 1134 30.74 50.48 85.72
CA ALA A 1134 30.66 50.01 87.10
C ALA A 1134 29.30 50.36 87.69
N PHE A 1135 28.88 49.54 88.65
CA PHE A 1135 27.70 49.79 89.46
C PHE A 1135 28.14 49.77 90.92
N ALA A 1136 28.12 50.92 91.57
CA ALA A 1136 28.70 51.06 92.90
C ALA A 1136 27.73 51.76 93.83
N PHE A 1137 27.94 51.55 95.13
CA PHE A 1137 27.15 52.16 96.19
C PHE A 1137 28.06 53.10 96.98
N ASP A 1138 27.65 54.37 97.07
CA ASP A 1138 28.36 55.35 97.88
C ASP A 1138 27.56 55.63 99.14
N GLY A 1139 28.16 55.33 100.30
CA GLY A 1139 27.48 55.51 101.56
C GLY A 1139 27.73 56.86 102.20
N PHE A 1140 28.87 57.48 101.89
CA PHE A 1140 29.19 58.77 102.47
C PHE A 1140 28.15 59.82 102.07
N LYS A 1141 27.73 59.79 100.80
CA LYS A 1141 26.61 60.59 100.34
C LYS A 1141 25.28 59.84 100.36
N ALA A 1142 25.30 58.56 100.72
CA ALA A 1142 24.10 57.71 100.70
C ALA A 1142 23.41 57.78 99.34
N GLN A 1143 24.16 57.47 98.28
CA GLN A 1143 23.73 57.72 96.92
C GLN A 1143 24.33 56.67 96.00
N ARG A 1144 23.49 56.07 95.15
CA ARG A 1144 23.94 55.09 94.18
C ARG A 1144 24.72 55.80 93.07
N TRP A 1145 25.39 55.01 92.22
CA TRP A 1145 26.21 55.56 91.16
C TRP A 1145 26.22 54.61 89.96
N HIS A 1146 25.55 55.02 88.88
CA HIS A 1146 25.69 54.37 87.57
C HIS A 1146 25.25 55.38 86.52
N GLN A 1147 26.22 55.90 85.75
CA GLN A 1147 25.97 56.93 84.75
C GLN A 1147 25.32 58.16 85.38
N GLY A 1148 25.61 58.38 86.65
CA GLY A 1148 24.97 59.41 87.43
C GLY A 1148 24.71 58.90 88.83
N ASN A 1149 24.12 59.75 89.66
CA ASN A 1149 23.90 59.44 91.06
C ASN A 1149 22.44 59.67 91.44
N GLU A 1150 21.87 58.73 92.20
CA GLU A 1150 20.54 58.84 92.76
C GLU A 1150 20.56 58.39 94.21
N HIS A 1151 19.77 59.07 95.04
CA HIS A 1151 19.77 58.81 96.47
C HIS A 1151 19.31 57.39 96.78
N TYR A 1152 20.04 56.72 97.67
CA TYR A 1152 19.76 55.33 97.98
C TYR A 1152 20.46 54.96 99.28
N GLY A 1153 19.73 54.31 100.18
CA GLY A 1153 20.31 53.83 101.42
C GLY A 1153 20.63 54.95 102.42
N ARG A 1154 21.36 54.55 103.45
CA ARG A 1154 21.79 55.46 104.52
C ARG A 1154 23.30 55.68 104.41
N SER A 1155 23.83 56.39 105.40
CA SER A 1155 25.27 56.57 105.54
C SER A 1155 25.81 55.65 106.64
N TRP A 1156 26.99 55.10 106.40
CA TRP A 1156 27.63 54.19 107.33
C TRP A 1156 28.51 54.97 108.31
N GLN A 1157 28.82 54.31 109.42
CA GLN A 1157 29.81 54.79 110.39
C GLN A 1157 31.07 53.94 110.29
N ALA A 1158 32.07 54.31 111.07
CA ALA A 1158 33.30 53.53 111.12
C ALA A 1158 33.03 52.17 111.75
N GLY A 1159 33.44 51.11 111.05
CA GLY A 1159 33.23 49.75 111.49
C GLY A 1159 32.03 49.07 110.86
N ASP A 1160 31.13 49.83 110.26
CA ASP A 1160 29.97 49.25 109.61
C ASP A 1160 30.40 48.41 108.40
N VAL A 1161 29.73 47.27 108.22
CA VAL A 1161 30.04 46.34 107.15
C VAL A 1161 28.89 46.37 106.15
N VAL A 1162 29.22 46.61 104.89
CA VAL A 1162 28.24 46.64 103.81
C VAL A 1162 28.43 45.41 102.94
N GLY A 1163 27.34 44.69 102.72
CA GLY A 1163 27.37 43.52 101.85
C GLY A 1163 26.76 43.80 100.49
N CYS A 1164 27.40 43.25 99.46
CA CYS A 1164 27.00 43.46 98.08
C CYS A 1164 26.45 42.14 97.52
N MET A 1165 25.22 42.19 97.00
CA MET A 1165 24.55 41.03 96.47
C MET A 1165 24.25 41.25 94.99
N VAL A 1166 24.63 40.29 94.15
CA VAL A 1166 24.38 40.38 92.71
C VAL A 1166 23.65 39.12 92.27
N ASP A 1167 22.59 39.30 91.50
CA ASP A 1167 21.83 38.20 90.91
C ASP A 1167 21.91 38.35 89.39
N MET A 1168 22.56 37.39 88.74
CA MET A 1168 22.77 37.46 87.30
C MET A 1168 21.65 36.79 86.51
N ASN A 1169 20.66 36.20 87.18
CA ASN A 1169 19.53 35.57 86.49
C ASN A 1169 18.44 36.60 86.15
N GLU A 1170 17.94 37.30 87.16
CA GLU A 1170 16.96 38.38 86.95
C GLU A 1170 17.61 39.74 86.83
N HIS A 1171 18.95 39.79 86.74
CA HIS A 1171 19.69 41.04 86.55
C HIS A 1171 19.38 42.05 87.65
N THR A 1172 19.46 41.59 88.90
CA THR A 1172 19.20 42.42 90.05
C THR A 1172 20.42 42.46 90.96
N MET A 1173 20.64 43.63 91.57
CA MET A 1173 21.72 43.83 92.53
C MET A 1173 21.14 44.44 93.78
N MET A 1174 21.69 44.06 94.93
CA MET A 1174 21.17 44.50 96.22
C MET A 1174 22.31 44.70 97.21
N PHE A 1175 22.19 45.73 98.04
CA PHE A 1175 23.19 46.06 99.03
C PHE A 1175 22.56 46.02 100.42
N THR A 1176 23.36 45.58 101.40
CA THR A 1176 22.92 45.52 102.79
C THR A 1176 23.98 46.17 103.67
N LEU A 1177 23.54 47.04 104.58
CA LEU A 1177 24.44 47.72 105.50
C LEU A 1177 24.21 47.22 106.92
N ASN A 1178 25.23 46.58 107.49
CA ASN A 1178 25.19 46.03 108.85
C ASN A 1178 24.04 45.03 109.02
N GLY A 1179 23.59 44.41 107.92
CA GLY A 1179 22.57 43.39 108.01
C GLY A 1179 21.24 43.78 107.38
N GLU A 1180 20.80 45.02 107.62
CA GLU A 1180 19.53 45.46 107.05
C GLU A 1180 19.68 45.77 105.57
N ILE A 1181 18.62 45.47 104.81
CA ILE A 1181 18.66 45.68 103.36
C ILE A 1181 18.38 47.15 103.07
N LEU A 1182 19.30 47.79 102.36
CA LEU A 1182 19.08 49.17 101.92
C LEU A 1182 18.03 49.19 100.81
N LEU A 1183 17.19 50.21 100.84
CA LEU A 1183 16.08 50.34 99.91
C LEU A 1183 16.15 51.68 99.18
N ASP A 1184 15.43 51.77 98.06
CA ASP A 1184 15.50 52.92 97.18
C ASP A 1184 14.70 54.08 97.78
N ASP A 1185 14.47 55.12 96.99
CA ASP A 1185 13.57 56.19 97.40
C ASP A 1185 12.16 55.62 97.64
N SER A 1186 11.72 54.72 96.78
CA SER A 1186 10.49 53.98 97.00
C SER A 1186 10.77 52.74 97.86
N GLY A 1187 9.78 51.86 97.93
CA GLY A 1187 9.93 50.64 98.70
C GLY A 1187 10.72 49.55 98.03
N SER A 1188 11.14 49.77 96.78
CA SER A 1188 11.89 48.75 96.04
C SER A 1188 13.24 48.49 96.71
N GLU A 1189 13.58 47.22 96.83
CA GLU A 1189 14.82 46.81 97.49
C GLU A 1189 15.97 46.60 96.52
N LEU A 1190 15.73 46.68 95.21
CA LEU A 1190 16.75 46.39 94.21
C LEU A 1190 17.53 47.67 93.93
N ALA A 1191 18.86 47.62 94.09
CA ALA A 1191 19.69 48.80 93.86
C ALA A 1191 19.60 49.27 92.42
N PHE A 1192 19.67 48.33 91.47
CA PHE A 1192 19.55 48.63 90.04
C PHE A 1192 18.52 47.68 89.46
N LYS A 1193 17.51 48.25 88.78
CA LYS A 1193 16.37 47.47 88.33
C LYS A 1193 16.77 46.40 87.31
N ASP A 1194 17.47 46.80 86.25
CA ASP A 1194 17.75 45.87 85.15
C ASP A 1194 18.99 46.32 84.41
N PHE A 1195 19.85 45.35 84.08
CA PHE A 1195 21.03 45.60 83.27
C PHE A 1195 21.22 44.45 82.28
N ASP A 1196 22.38 44.40 81.63
CA ASP A 1196 22.74 43.31 80.74
C ASP A 1196 23.98 42.61 81.28
N VAL A 1197 24.09 41.31 80.99
CA VAL A 1197 25.25 40.54 81.48
C VAL A 1197 26.54 41.11 80.89
N GLY A 1198 26.54 41.40 79.59
CA GLY A 1198 27.72 41.98 78.98
C GLY A 1198 28.89 41.01 79.02
N ASP A 1199 30.01 41.48 79.58
CA ASP A 1199 31.22 40.68 79.71
C ASP A 1199 31.43 40.14 81.12
N GLY A 1200 30.48 40.34 82.02
CA GLY A 1200 30.57 39.84 83.38
C GLY A 1200 30.81 40.96 84.38
N PHE A 1201 30.82 40.55 85.66
CA PHE A 1201 31.01 41.47 86.76
C PHE A 1201 32.08 40.95 87.71
N ILE A 1202 32.80 41.89 88.32
CA ILE A 1202 33.82 41.57 89.32
C ILE A 1202 33.65 42.51 90.51
N PRO A 1203 33.99 42.09 91.72
CA PRO A 1203 33.92 43.01 92.87
C PRO A 1203 34.92 44.15 92.72
N VAL A 1204 34.54 45.32 93.25
CA VAL A 1204 35.37 46.51 93.14
C VAL A 1204 35.06 47.42 94.32
N CYS A 1205 36.06 48.21 94.73
CA CYS A 1205 35.85 49.22 95.75
C CYS A 1205 36.67 50.47 95.45
N SER A 1206 36.09 51.64 95.72
CA SER A 1206 36.79 52.92 95.58
C SER A 1206 37.06 53.46 96.97
N LEU A 1207 38.31 53.85 97.22
CA LEU A 1207 38.74 54.35 98.51
C LEU A 1207 39.23 55.79 98.37
N GLY A 1208 38.67 56.68 99.16
CA GLY A 1208 39.00 58.10 99.09
C GLY A 1208 40.26 58.44 99.86
N VAL A 1209 40.47 59.74 100.03
CA VAL A 1209 41.65 60.21 100.74
C VAL A 1209 41.54 59.85 102.22
N ALA A 1210 42.61 59.27 102.75
CA ALA A 1210 42.66 58.84 104.15
C ALA A 1210 41.52 57.89 104.48
N GLN A 1211 41.22 56.98 103.56
CA GLN A 1211 40.15 56.01 103.72
C GLN A 1211 40.73 54.60 103.77
N VAL A 1212 40.29 53.82 104.75
CA VAL A 1212 40.75 52.45 104.95
C VAL A 1212 39.55 51.53 104.90
N GLY A 1213 39.65 50.45 104.11
CA GLY A 1213 38.58 49.49 103.98
C GLY A 1213 39.11 48.08 103.89
N ARG A 1214 38.21 47.11 104.03
CA ARG A 1214 38.55 45.70 103.94
C ARG A 1214 37.49 44.97 103.14
N MET A 1215 37.92 44.19 102.15
CA MET A 1215 37.03 43.35 101.37
C MET A 1215 37.22 41.90 101.78
N ASN A 1216 36.12 41.21 102.08
CA ASN A 1216 36.15 39.80 102.42
C ASN A 1216 35.39 39.04 101.34
N PHE A 1217 36.13 38.34 100.48
CA PHE A 1217 35.53 37.56 99.41
C PHE A 1217 34.87 36.28 99.89
N GLY A 1218 34.90 36.02 101.20
CA GLY A 1218 34.24 34.86 101.75
C GLY A 1218 34.84 33.53 101.36
N LYS A 1219 36.17 33.43 101.38
CA LYS A 1219 36.80 32.11 101.24
C LYS A 1219 36.38 31.21 102.39
N ASP A 1220 36.43 31.73 103.62
CA ASP A 1220 35.87 31.04 104.78
C ASP A 1220 34.51 31.65 105.09
N VAL A 1221 33.47 30.80 105.09
CA VAL A 1221 32.10 31.26 105.27
C VAL A 1221 31.96 31.88 106.64
N SER A 1222 32.73 31.39 107.61
CA SER A 1222 32.69 31.91 108.96
C SER A 1222 33.19 33.35 109.05
N THR A 1223 34.08 33.77 108.14
CA THR A 1223 34.56 35.15 108.15
C THR A 1223 33.44 36.13 107.81
N LEU A 1224 32.54 35.74 106.90
CA LEU A 1224 31.40 36.57 106.56
C LEU A 1224 30.52 36.76 107.80
N LYS A 1225 30.28 38.02 108.18
CA LYS A 1225 29.64 38.29 109.46
C LYS A 1225 28.13 38.40 109.34
N TYR A 1226 27.64 38.99 108.25
CA TYR A 1226 26.21 39.20 108.06
C TYR A 1226 25.63 38.28 107.00
N PHE A 1227 26.43 37.34 106.48
CA PHE A 1227 25.95 36.40 105.47
C PHE A 1227 24.85 35.51 106.02
N THR A 1228 24.99 35.07 107.27
CA THR A 1228 24.00 34.17 107.86
C THR A 1228 22.64 34.84 107.96
N ILE A 1229 22.60 36.10 108.39
CA ILE A 1229 21.31 36.79 108.56
C ILE A 1229 20.77 37.25 107.22
N CYS A 1230 21.65 37.56 106.27
CA CYS A 1230 21.19 37.95 104.93
C CYS A 1230 22.14 37.40 103.88
N GLY A 1231 21.60 36.64 102.94
CA GLY A 1231 22.38 36.11 101.84
C GLY A 1231 22.38 34.60 101.76
N LEU A 1232 22.45 33.94 102.92
CA LEU A 1232 22.50 32.48 102.95
C LEU A 1232 21.14 31.88 102.64
N GLN A 1233 20.10 32.33 103.36
CA GLN A 1233 18.75 31.81 103.10
C GLN A 1233 18.22 32.30 101.77
N GLU A 1234 18.64 33.50 101.35
CA GLU A 1234 18.19 34.05 100.08
C GLU A 1234 18.72 33.23 98.90
N GLY A 1235 19.79 32.47 99.11
CA GLY A 1235 20.39 31.70 98.04
C GLY A 1235 21.66 32.27 97.47
N TYR A 1236 22.11 33.44 97.94
CA TYR A 1236 23.36 34.00 97.47
C TYR A 1236 24.54 33.16 97.96
N GLU A 1237 25.56 33.07 97.13
CA GLU A 1237 26.75 32.31 97.47
C GLU A 1237 27.94 33.24 97.66
N PRO A 1238 28.88 32.88 98.54
CA PRO A 1238 30.10 33.67 98.66
C PRO A 1238 30.89 33.66 97.36
N PHE A 1239 31.58 34.77 97.09
CA PHE A 1239 32.36 34.87 95.87
C PHE A 1239 33.45 33.80 95.82
N ALA A 1240 34.16 33.63 96.92
CA ALA A 1240 35.15 32.55 97.05
C ALA A 1240 34.55 31.34 97.76
N VAL A 1241 33.44 30.85 97.22
CA VAL A 1241 32.73 29.74 97.85
C VAL A 1241 33.53 28.44 97.72
N ASN A 1242 34.15 28.24 96.55
CA ASN A 1242 34.85 26.98 96.28
C ASN A 1242 36.18 27.20 95.59
N THR A 1243 36.97 28.16 96.06
CA THR A 1243 38.29 28.43 95.52
C THR A 1243 39.35 27.90 96.46
N ASN A 1244 40.23 27.05 95.95
CA ASN A 1244 41.30 26.49 96.77
C ASN A 1244 42.34 27.55 97.13
N ARG A 1245 42.62 28.46 96.21
CA ARG A 1245 43.58 29.54 96.42
C ARG A 1245 42.88 30.89 96.40
N ASP A 1246 43.52 31.86 97.04
CA ASP A 1246 42.91 33.18 97.21
C ASP A 1246 42.84 33.94 95.89
N ILE A 1247 41.91 34.90 95.83
CA ILE A 1247 41.74 35.73 94.66
C ILE A 1247 42.92 36.71 94.54
N THR A 1248 43.46 36.83 93.34
CA THR A 1248 44.47 37.83 93.02
C THR A 1248 43.76 39.15 92.81
N MET A 1249 44.05 40.13 93.67
CA MET A 1249 43.37 41.42 93.65
C MET A 1249 44.24 42.44 92.94
N TRP A 1250 43.60 43.29 92.13
CA TRP A 1250 44.28 44.28 91.32
C TRP A 1250 43.91 45.68 91.79
N LEU A 1251 44.90 46.54 91.90
CA LEU A 1251 44.72 47.93 92.31
C LEU A 1251 45.16 48.88 91.20
N SER A 1252 44.80 50.14 91.35
CA SER A 1252 45.19 51.16 90.40
C SER A 1252 46.67 51.52 90.56
N LYS A 1253 47.39 51.54 89.45
CA LYS A 1253 48.81 51.86 89.49
C LYS A 1253 49.02 53.32 89.86
N ARG A 1254 50.04 53.58 90.68
CA ARG A 1254 50.37 54.93 91.12
C ARG A 1254 51.31 55.64 90.16
N LEU A 1255 52.39 54.97 89.76
CA LEU A 1255 53.35 55.59 88.86
C LEU A 1255 52.82 55.61 87.44
N PRO A 1256 52.71 56.78 86.81
CA PRO A 1256 52.29 56.82 85.41
C PRO A 1256 53.32 56.15 84.51
N GLN A 1257 52.82 55.54 83.43
CA GLN A 1257 53.66 54.83 82.47
C GLN A 1257 53.36 55.34 81.08
N PHE A 1258 54.25 54.99 80.14
CA PHE A 1258 54.15 55.41 78.76
C PHE A 1258 53.52 54.29 77.94
N LEU A 1259 52.39 54.60 77.30
CA LEU A 1259 51.71 53.66 76.42
C LEU A 1259 51.30 54.36 75.14
N GLN A 1260 51.14 53.57 74.08
CA GLN A 1260 50.84 54.11 72.76
C GLN A 1260 49.52 54.87 72.78
N VAL A 1261 49.51 56.02 72.10
CA VAL A 1261 48.33 56.87 72.06
C VAL A 1261 47.19 56.14 71.37
N PRO A 1262 46.05 55.96 72.04
CA PRO A 1262 44.93 55.26 71.39
C PRO A 1262 44.37 56.06 70.22
N SER A 1263 43.83 55.31 69.25
CA SER A 1263 43.22 55.95 68.09
C SER A 1263 41.95 56.70 68.47
N ASN A 1264 41.26 56.27 69.52
CA ASN A 1264 40.01 56.87 69.96
C ASN A 1264 40.20 57.86 71.11
N HIS A 1265 41.42 58.31 71.36
CA HIS A 1265 41.67 59.28 72.43
C HIS A 1265 40.88 60.55 72.17
N GLU A 1266 40.22 61.06 73.21
CA GLU A 1266 39.33 62.20 73.04
C GLU A 1266 40.08 63.50 72.81
N HIS A 1267 41.35 63.58 73.22
CA HIS A 1267 42.15 64.78 73.04
C HIS A 1267 43.28 64.61 72.04
N ILE A 1268 44.15 63.64 72.24
CA ILE A 1268 45.35 63.49 71.43
C ILE A 1268 45.04 62.73 70.15
N GLU A 1269 45.63 63.20 69.05
CA GLU A 1269 45.56 62.49 67.77
C GLU A 1269 46.95 62.53 67.13
N VAL A 1270 47.40 61.38 66.66
CA VAL A 1270 48.71 61.24 66.02
C VAL A 1270 48.52 60.74 64.61
N THR A 1271 49.12 61.43 63.65
CA THR A 1271 49.06 61.05 62.24
C THR A 1271 50.48 60.80 61.74
N ARG A 1272 50.63 59.79 60.89
CA ARG A 1272 51.94 59.42 60.36
C ARG A 1272 52.06 59.97 58.95
N ILE A 1273 53.04 60.84 58.72
CA ILE A 1273 53.29 61.45 57.42
C ILE A 1273 54.46 60.71 56.78
N ASP A 1274 54.19 60.01 55.69
CA ASP A 1274 55.26 59.32 54.96
C ASP A 1274 56.21 60.33 54.34
N GLY A 1275 57.49 60.02 54.39
CA GLY A 1275 58.50 60.93 53.87
C GLY A 1275 58.71 60.77 52.38
N THR A 1276 58.65 61.89 51.65
CA THR A 1276 58.91 61.87 50.22
C THR A 1276 60.41 61.95 49.96
N ILE A 1277 60.77 62.16 48.70
CA ILE A 1277 62.18 62.30 48.35
C ILE A 1277 62.76 63.58 48.93
N ASP A 1278 61.94 64.64 48.97
CA ASP A 1278 62.38 65.94 49.46
C ASP A 1278 61.94 66.24 50.89
N SER A 1279 61.11 65.38 51.49
CA SER A 1279 60.58 65.60 52.83
C SER A 1279 60.87 64.38 53.70
N SER A 1280 61.33 64.64 54.92
CA SER A 1280 61.60 63.56 55.86
C SER A 1280 60.28 62.98 56.39
N PRO A 1281 60.29 61.71 56.80
CA PRO A 1281 59.10 61.16 57.46
C PRO A 1281 58.79 61.92 58.75
N CYS A 1282 57.49 62.08 59.02
CA CYS A 1282 57.04 62.93 60.11
C CYS A 1282 55.98 62.21 60.94
N LEU A 1283 56.03 62.44 62.25
CA LEU A 1283 54.97 62.02 63.17
C LEU A 1283 54.41 63.27 63.84
N LYS A 1284 53.15 63.56 63.57
CA LYS A 1284 52.54 64.83 63.93
C LYS A 1284 51.50 64.63 65.02
N VAL A 1285 51.60 65.43 66.08
CA VAL A 1285 50.69 65.35 67.22
C VAL A 1285 49.80 66.57 67.20
N THR A 1286 48.48 66.35 67.29
CA THR A 1286 47.51 67.42 67.25
C THR A 1286 46.51 67.26 68.39
N GLN A 1287 45.87 68.36 68.78
CA GLN A 1287 44.86 68.36 69.81
C GLN A 1287 43.48 68.38 69.17
N LYS A 1288 42.69 67.33 69.39
CA LYS A 1288 41.40 67.20 68.73
C LYS A 1288 40.42 68.29 69.16
N SER A 1289 40.29 68.53 70.47
CA SER A 1289 39.21 69.34 71.01
C SER A 1289 39.69 70.71 71.49
N PHE A 1290 40.76 71.24 70.92
CA PHE A 1290 41.18 72.59 71.29
C PHE A 1290 40.29 73.62 70.62
N GLY A 1291 40.03 74.71 71.33
CA GLY A 1291 39.02 75.66 70.91
C GLY A 1291 37.61 75.21 71.16
N SER A 1292 37.41 74.05 71.78
CA SER A 1292 36.11 73.49 72.10
C SER A 1292 36.03 73.19 73.60
N GLN A 1293 34.93 72.57 73.99
CA GLN A 1293 34.74 72.23 75.40
C GLN A 1293 35.67 71.08 75.79
N ASN A 1294 35.76 70.86 77.11
CA ASN A 1294 36.53 69.83 77.81
C ASN A 1294 37.97 69.71 77.32
N SER A 1295 38.56 70.77 76.79
CA SER A 1295 39.97 70.72 76.40
C SER A 1295 40.87 70.59 77.62
N ASN A 1296 42.00 69.93 77.43
CA ASN A 1296 42.96 69.67 78.50
C ASN A 1296 44.17 70.58 78.33
N THR A 1297 44.38 71.46 79.30
CA THR A 1297 45.49 72.39 79.28
C THR A 1297 46.73 71.90 80.04
N ASP A 1298 46.64 70.74 80.68
CA ASP A 1298 47.79 70.20 81.39
C ASP A 1298 48.88 69.80 80.40
N ILE A 1299 50.14 69.90 80.85
CA ILE A 1299 51.26 69.57 79.99
C ILE A 1299 51.21 68.09 79.65
N MET A 1300 51.18 67.78 78.37
CA MET A 1300 51.08 66.40 77.93
C MET A 1300 52.47 65.89 77.56
N PHE A 1301 52.84 64.75 78.12
CA PHE A 1301 54.17 64.17 77.94
C PHE A 1301 54.13 63.14 76.83
N TYR A 1302 55.00 63.29 75.84
CA TYR A 1302 55.07 62.39 74.70
C TYR A 1302 56.46 61.78 74.59
N ARG A 1303 56.51 60.57 74.04
CA ARG A 1303 57.77 59.84 73.91
C ARG A 1303 57.71 58.95 72.68
N LEU A 1304 58.87 58.79 72.04
CA LEU A 1304 59.00 57.79 70.98
C LEU A 1304 59.27 56.41 71.60
N SER A 1305 58.77 55.37 70.92
CA SER A 1305 58.81 54.03 71.50
C SER A 1305 60.24 53.52 71.65
N MET A 1306 61.09 53.75 70.65
CA MET A 1306 62.36 53.06 70.81
C MET A 1306 63.48 54.01 71.20
N PRO A 1307 64.41 53.54 72.04
CA PRO A 1307 65.48 54.42 72.53
C PRO A 1307 66.76 54.35 71.71
N ILE A 1308 67.66 55.29 71.95
CA ILE A 1308 69.02 55.26 71.41
C ILE A 1308 69.94 54.80 72.52
N GLU A 1309 70.70 53.74 72.26
CA GLU A 1309 71.58 53.15 73.27
C GLU A 1309 73.01 53.64 73.04
N CYS A 1310 73.62 54.17 74.09
CA CYS A 1310 75.00 54.61 74.02
C CYS A 1310 75.95 53.41 74.03
N ALA A 1311 77.20 53.67 73.66
CA ALA A 1311 78.20 52.61 73.64
C ALA A 1311 78.50 52.11 75.04
N GLU A 1312 78.90 50.84 75.12
CA GLU A 1312 79.24 50.25 76.41
C GLU A 1312 80.43 50.96 77.06
N VAL A 1313 81.45 51.27 76.26
CA VAL A 1313 82.62 51.98 76.74
C VAL A 1313 82.79 53.24 75.90
N PHE A 1314 82.96 54.38 76.57
CA PHE A 1314 83.18 55.64 75.86
C PHE A 1314 84.62 55.76 75.39
N SER A 1315 84.79 56.39 74.24
CA SER A 1315 86.12 56.68 73.74
C SER A 1315 86.79 57.76 74.58
N LYS A 1316 88.11 57.63 74.74
CA LYS A 1316 88.86 58.57 75.55
C LYS A 1316 89.90 59.30 74.72
N ARG A 1414 77.87 65.03 48.46
CA ARG A 1414 77.71 66.06 49.49
C ARG A 1414 78.38 65.63 50.78
N ASP A 1415 77.64 64.87 51.59
CA ASP A 1415 78.21 64.34 52.83
C ASP A 1415 79.15 63.18 52.51
N ASP A 1416 80.23 63.08 53.28
CA ASP A 1416 81.16 61.98 53.09
C ASP A 1416 80.49 60.66 53.47
N TYR A 1417 80.39 59.77 52.47
CA TYR A 1417 79.80 58.46 52.72
C TYR A 1417 80.63 57.62 53.68
N ASP A 1418 81.96 57.81 53.72
CA ASP A 1418 82.80 57.08 54.67
C ASP A 1418 82.59 57.60 56.09
N PHE A 1419 82.49 58.92 56.24
CA PHE A 1419 82.18 59.50 57.55
C PHE A 1419 80.82 59.05 58.06
N LEU A 1420 79.81 59.03 57.16
CA LEU A 1420 78.48 58.54 57.49
C LEU A 1420 78.46 57.04 57.75
N MET A 1421 79.48 56.30 57.33
CA MET A 1421 79.52 54.89 57.71
C MET A 1421 80.22 54.67 59.03
N GLN A 1422 81.27 55.45 59.32
CA GLN A 1422 82.03 55.29 60.55
C GLN A 1422 81.48 56.10 61.73
N THR A 1423 80.50 56.97 61.51
CA THR A 1423 79.99 57.82 62.57
C THR A 1423 78.98 57.09 63.44
N SER A 1424 78.70 57.69 64.60
CA SER A 1424 77.70 57.17 65.53
C SER A 1424 76.74 58.23 66.04
N THR A 1425 76.78 59.44 65.50
CA THR A 1425 75.90 60.52 65.95
C THR A 1425 74.56 60.43 65.23
N TYR A 1426 73.48 60.46 66.00
CA TYR A 1426 72.13 60.35 65.47
C TYR A 1426 71.34 61.62 65.77
N TYR A 1427 70.44 61.97 64.84
CA TYR A 1427 69.75 63.25 64.85
C TYR A 1427 68.27 63.09 64.58
N TYR A 1428 67.47 63.76 65.40
CA TYR A 1428 66.06 63.98 65.11
C TYR A 1428 65.74 65.41 65.48
N SER A 1429 64.66 65.94 64.92
CA SER A 1429 64.24 67.31 65.20
C SER A 1429 62.73 67.38 65.34
N VAL A 1430 62.26 68.52 65.83
CA VAL A 1430 60.84 68.76 66.05
C VAL A 1430 60.49 70.09 65.41
N ARG A 1431 59.30 70.18 64.83
CA ARG A 1431 58.79 71.42 64.24
C ARG A 1431 57.71 71.98 65.14
N ILE A 1432 58.04 73.06 65.85
CA ILE A 1432 57.03 73.77 66.63
C ILE A 1432 56.15 74.55 65.68
N PHE A 1433 54.88 74.16 65.60
CA PHE A 1433 53.97 74.71 64.60
C PHE A 1433 53.74 76.20 64.85
N PRO A 1434 53.78 77.02 63.80
CA PRO A 1434 53.48 78.45 63.98
C PRO A 1434 52.11 78.64 64.58
N GLY A 1435 52.04 79.52 65.59
CA GLY A 1435 50.85 79.67 66.39
C GLY A 1435 50.85 78.90 67.69
N GLN A 1436 51.89 78.11 67.96
CA GLN A 1436 52.04 77.39 69.21
C GLN A 1436 53.17 78.03 70.01
N GLU A 1437 52.90 78.36 71.26
CA GLU A 1437 53.86 79.09 72.07
C GLU A 1437 55.06 78.20 72.39
N PRO A 1438 56.28 78.58 72.01
CA PRO A 1438 57.46 77.75 72.32
C PRO A 1438 57.78 77.66 73.80
N ALA A 1439 57.29 78.60 74.62
CA ALA A 1439 57.62 78.58 76.04
C ALA A 1439 56.92 77.43 76.77
N ASN A 1440 55.89 76.85 76.15
CA ASN A 1440 55.15 75.75 76.75
C ASN A 1440 55.58 74.38 76.23
N VAL A 1441 56.66 74.33 75.45
CA VAL A 1441 57.12 73.11 74.82
C VAL A 1441 58.58 72.88 75.22
N TRP A 1442 58.90 71.64 75.60
CA TRP A 1442 60.27 71.22 75.89
C TRP A 1442 60.65 70.08 74.96
N VAL A 1443 61.91 70.06 74.54
CA VAL A 1443 62.42 69.06 73.61
C VAL A 1443 63.73 68.51 74.16
N GLY A 1444 63.93 67.21 73.98
CA GLY A 1444 65.16 66.56 74.39
C GLY A 1444 64.96 65.06 74.50
N TRP A 1445 65.78 64.44 75.35
CA TRP A 1445 65.77 63.01 75.57
C TRP A 1445 65.40 62.72 77.02
N ILE A 1446 64.72 61.60 77.24
CA ILE A 1446 64.38 61.13 78.59
C ILE A 1446 64.76 59.66 78.69
N THR A 1447 64.98 59.19 79.92
CA THR A 1447 65.28 57.80 80.16
C THR A 1447 63.99 57.04 80.49
N SER A 1448 64.15 55.73 80.76
CA SER A 1448 62.99 54.91 81.07
C SER A 1448 62.43 55.20 82.46
N ASP A 1449 63.26 55.79 83.33
CA ASP A 1449 62.87 56.00 84.72
C ASP A 1449 61.96 57.21 84.90
N PHE A 1450 61.73 57.97 83.83
CA PHE A 1450 60.95 59.20 83.90
C PHE A 1450 59.47 58.84 84.07
N HIS A 1451 59.01 58.92 85.33
CA HIS A 1451 57.60 58.69 85.66
C HIS A 1451 57.00 59.89 86.40
N GLN A 1452 57.62 61.06 86.31
CA GLN A 1452 57.18 62.24 87.04
C GLN A 1452 56.12 62.97 86.22
N TYR A 1453 54.86 62.79 86.61
CA TYR A 1453 53.73 63.47 85.98
C TYR A 1453 53.33 64.65 86.86
N ASP A 1454 53.68 65.85 86.44
CA ASP A 1454 53.33 67.09 87.14
C ASP A 1454 52.56 67.99 86.19
N THR A 1455 51.49 68.61 86.71
CA THR A 1455 50.70 69.53 85.91
C THR A 1455 51.55 70.72 85.47
N GLY A 1456 52.39 71.22 86.36
CA GLY A 1456 53.33 72.27 86.02
C GLY A 1456 54.76 71.74 85.95
N PHE A 1457 55.32 71.68 84.76
CA PHE A 1457 56.66 71.13 84.54
C PHE A 1457 57.65 72.24 84.24
N ASP A 1458 58.77 72.21 84.96
CA ASP A 1458 59.87 73.14 84.72
C ASP A 1458 61.17 72.35 84.70
N LEU A 1459 62.15 72.85 83.94
CA LEU A 1459 63.43 72.15 83.83
C LEU A 1459 64.23 72.20 85.12
N ASP A 1460 63.82 73.02 86.09
CA ASP A 1460 64.58 73.13 87.33
C ASP A 1460 64.35 71.93 88.24
N ARG A 1461 63.14 71.38 88.25
CA ARG A 1461 62.78 70.30 89.17
C ARG A 1461 62.92 68.92 88.53
N VAL A 1462 63.81 68.76 87.54
CA VAL A 1462 64.10 67.45 87.00
C VAL A 1462 64.99 66.70 87.98
N ARG A 1463 64.61 65.48 88.32
CA ARG A 1463 65.35 64.71 89.31
C ARG A 1463 66.76 64.42 88.81
N THR A 1464 67.74 64.66 89.68
CA THR A 1464 69.13 64.48 89.31
C THR A 1464 69.97 64.16 90.53
N VAL A 1465 71.13 63.54 90.30
CA VAL A 1465 72.09 63.21 91.33
C VAL A 1465 73.48 63.30 90.73
N THR A 1466 74.47 63.62 91.57
CA THR A 1466 75.85 63.79 91.13
C THR A 1466 76.75 62.92 92.01
N VAL A 1467 77.12 61.75 91.49
CA VAL A 1467 78.06 60.88 92.19
C VAL A 1467 79.48 61.26 91.82
N THR A 1468 80.28 61.62 92.82
CA THR A 1468 81.66 62.04 92.62
C THR A 1468 82.58 61.08 93.36
N LEU A 1469 83.07 60.08 92.63
CA LEU A 1469 84.00 59.12 93.21
C LEU A 1469 85.37 59.77 93.38
N GLY A 1470 85.96 59.61 94.57
CA GLY A 1470 87.24 60.21 94.86
C GLY A 1470 88.24 59.19 95.37
N ASP A 1471 89.48 59.63 95.51
CA ASP A 1471 90.54 58.78 96.03
C ASP A 1471 90.65 58.92 97.55
N GLU A 1472 91.60 58.18 98.12
CA GLU A 1472 91.86 58.28 99.55
C GLU A 1472 92.44 59.64 99.91
N LYS A 1473 93.12 60.29 98.96
CA LYS A 1473 93.68 61.62 99.22
C LYS A 1473 92.59 62.68 99.26
N GLY A 1474 91.41 62.38 98.70
CA GLY A 1474 90.32 63.32 98.67
C GLY A 1474 90.08 63.99 97.34
N LYS A 1475 91.00 63.85 96.38
CA LYS A 1475 90.81 64.44 95.07
C LYS A 1475 89.66 63.77 94.33
N VAL A 1476 88.89 64.55 93.59
CA VAL A 1476 87.73 64.06 92.86
C VAL A 1476 88.24 63.39 91.59
N HIS A 1477 88.20 62.06 91.55
CA HIS A 1477 88.58 61.34 90.34
C HIS A 1477 87.65 61.67 89.18
N GLU A 1478 86.34 61.70 89.44
CA GLU A 1478 85.36 61.93 88.40
C GLU A 1478 84.05 62.37 89.02
N SER A 1479 83.35 63.25 88.32
CA SER A 1479 82.03 63.72 88.71
C SER A 1479 81.03 63.32 87.65
N ILE A 1480 80.02 62.54 88.04
CA ILE A 1480 79.04 61.99 87.12
C ILE A 1480 77.68 62.55 87.49
N LYS A 1481 77.08 63.33 86.58
CA LYS A 1481 75.72 63.80 86.77
C LYS A 1481 74.75 62.83 86.13
N ARG A 1482 73.74 62.42 86.90
CA ARG A 1482 72.75 61.45 86.44
C ARG A 1482 71.36 62.04 86.57
N SER A 1483 70.58 61.96 85.49
CA SER A 1483 69.23 62.47 85.48
C SER A 1483 68.38 61.64 84.54
N ASN A 1484 67.08 61.61 84.80
CA ASN A 1484 66.17 60.88 83.92
C ASN A 1484 65.79 61.73 82.71
N CYS A 1485 65.85 63.05 82.84
CA CYS A 1485 65.40 63.97 81.80
C CYS A 1485 66.56 64.85 81.34
N TYR A 1486 66.79 64.86 80.03
CA TYR A 1486 67.75 65.77 79.40
C TYR A 1486 67.01 66.50 78.28
N MET A 1487 66.41 67.64 78.61
CA MET A 1487 65.57 68.36 77.66
C MET A 1487 65.84 69.86 77.77
N VAL A 1488 65.41 70.59 76.75
CA VAL A 1488 65.58 72.03 76.69
C VAL A 1488 64.25 72.68 76.34
N CYS A 1489 64.13 73.96 76.66
CA CYS A 1489 62.91 74.71 76.41
C CYS A 1489 63.02 75.49 75.11
N ALA A 1490 61.95 75.44 74.31
CA ALA A 1490 61.93 76.14 73.03
C ALA A 1490 61.78 77.64 73.21
N GLY A 1491 61.09 78.07 74.28
CA GLY A 1491 60.89 79.49 74.49
C GLY A 1491 62.18 80.26 74.71
N GLU A 1492 63.05 79.72 75.57
CA GLU A 1492 64.35 80.36 75.80
C GLU A 1492 65.27 80.25 74.59
N SER A 1493 65.12 79.21 73.76
CA SER A 1493 65.92 79.08 72.56
C SER A 1493 65.48 80.03 71.46
N MET A 1494 64.20 80.38 71.41
CA MET A 1494 63.68 81.26 70.35
C MET A 1494 64.12 82.69 70.65
N SER A 1495 65.36 83.00 70.27
CA SER A 1495 65.87 84.36 70.49
C SER A 1495 65.27 85.36 69.52
N PRO A 1496 65.06 85.06 68.22
CA PRO A 1496 64.38 86.05 67.36
C PRO A 1496 62.98 86.40 67.82
N GLY A 1497 62.26 85.44 68.40
CA GLY A 1497 60.91 85.69 68.85
C GLY A 1497 59.87 85.42 67.76
N GLN A 1498 58.61 85.42 68.20
CA GLN A 1498 57.41 85.19 67.41
C GLN A 1498 57.54 83.94 66.53
N GLY A 1499 56.68 83.83 65.52
CA GLY A 1499 56.69 82.67 64.65
C GLY A 1499 56.92 82.99 63.20
N ARG A 1500 57.53 82.05 62.47
CA ARG A 1500 57.78 82.19 61.04
C ARG A 1500 56.93 81.17 60.28
N ASN A 1501 56.19 81.64 59.28
CA ASN A 1501 55.35 80.74 58.50
C ASN A 1501 56.19 79.81 57.63
N ASN A 1502 57.29 80.31 57.08
CA ASN A 1502 58.12 79.50 56.20
C ASN A 1502 58.69 78.29 56.93
N ASN A 1503 59.11 78.49 58.18
CA ASN A 1503 59.48 77.35 59.03
C ASN A 1503 59.28 77.74 60.48
N GLY A 1504 58.63 76.87 61.24
CA GLY A 1504 58.47 77.11 62.67
C GLY A 1504 59.77 76.84 63.42
N LEU A 1505 59.73 77.08 64.72
CA LEU A 1505 60.89 76.80 65.57
C LEU A 1505 61.28 75.34 65.45
N GLU A 1506 62.46 75.09 64.90
CA GLU A 1506 62.92 73.75 64.55
C GLU A 1506 64.06 73.37 65.50
N ILE A 1507 63.70 72.76 66.64
CA ILE A 1507 64.71 72.29 67.57
C ILE A 1507 65.23 70.94 67.11
N GLY A 1508 66.55 70.83 66.98
CA GLY A 1508 67.17 69.60 66.56
C GLY A 1508 68.06 69.01 67.63
N CYS A 1509 67.97 67.69 67.83
CA CYS A 1509 68.72 66.99 68.85
C CYS A 1509 69.70 66.02 68.20
N VAL A 1510 70.96 66.10 68.60
CA VAL A 1510 71.99 65.17 68.15
C VAL A 1510 72.57 64.46 69.36
N VAL A 1511 72.70 63.14 69.26
CA VAL A 1511 73.25 62.30 70.32
C VAL A 1511 74.46 61.57 69.76
N ASP A 1512 75.58 61.63 70.48
CA ASP A 1512 76.79 60.92 70.11
C ASP A 1512 76.88 59.69 70.99
N ALA A 1513 76.48 58.54 70.45
CA ALA A 1513 76.46 57.29 71.21
C ALA A 1513 77.84 56.83 71.62
N ALA A 1514 78.90 57.31 70.97
CA ALA A 1514 80.26 56.94 71.33
C ALA A 1514 80.82 57.80 72.46
N SER A 1515 80.32 59.03 72.61
CA SER A 1515 80.78 59.94 73.65
C SER A 1515 79.71 60.32 74.66
N GLY A 1516 78.44 60.08 74.37
CA GLY A 1516 77.40 60.44 75.31
C GLY A 1516 77.12 61.92 75.42
N LEU A 1517 77.46 62.70 74.39
CA LEU A 1517 77.29 64.15 74.42
C LEU A 1517 75.95 64.50 73.77
N LEU A 1518 75.10 65.19 74.53
CA LEU A 1518 73.78 65.60 74.06
C LEU A 1518 73.79 67.11 73.85
N THR A 1519 73.93 67.52 72.59
CA THR A 1519 73.87 68.92 72.21
C THR A 1519 72.66 69.17 71.32
N PHE A 1520 72.16 70.40 71.35
CA PHE A 1520 70.93 70.76 70.68
C PHE A 1520 71.19 71.83 69.64
N ILE A 1521 70.71 71.60 68.42
CA ILE A 1521 70.85 72.54 67.30
C ILE A 1521 69.48 73.15 67.04
N ALA A 1522 69.43 74.46 66.89
CA ALA A 1522 68.17 75.18 66.67
C ALA A 1522 68.39 76.28 65.65
N ASN A 1523 67.66 76.20 64.54
CA ASN A 1523 67.71 77.21 63.47
C ASN A 1523 69.12 77.42 62.95
N GLY A 1524 69.92 76.34 62.94
CA GLY A 1524 71.27 76.40 62.42
C GLY A 1524 72.32 76.91 63.40
N LYS A 1525 71.95 77.27 64.62
CA LYS A 1525 72.89 77.73 65.62
C LYS A 1525 72.83 76.81 66.84
N GLU A 1526 74.00 76.44 67.35
CA GLU A 1526 74.08 75.50 68.46
C GLU A 1526 73.73 76.20 69.77
N LEU A 1527 72.81 75.61 70.54
CA LEU A 1527 72.45 76.15 71.83
C LEU A 1527 73.54 75.88 72.84
N SER A 1528 73.60 76.74 73.87
CA SER A 1528 74.65 76.62 74.89
C SER A 1528 74.47 75.38 75.75
N THR A 1529 73.23 75.00 76.03
CA THR A 1529 72.98 73.86 76.91
C THR A 1529 73.46 72.57 76.26
N TYR A 1530 74.13 71.74 77.07
CA TYR A 1530 74.63 70.45 76.62
C TYR A 1530 74.63 69.47 77.79
N TYR A 1531 74.29 68.22 77.51
CA TYR A 1531 74.22 67.18 78.52
C TYR A 1531 75.19 66.06 78.17
N GLN A 1532 75.93 65.59 79.16
CA GLN A 1532 76.81 64.44 79.01
C GLN A 1532 76.23 63.28 79.81
N VAL A 1533 75.95 62.17 79.12
CA VAL A 1533 75.30 61.03 79.76
C VAL A 1533 76.31 59.92 79.99
N GLU A 1534 75.93 58.93 80.80
CA GLU A 1534 76.68 57.76 81.21
C GLU A 1534 76.72 56.72 80.10
N PRO A 1535 77.75 55.86 80.09
CA PRO A 1535 77.80 54.77 79.10
C PRO A 1535 76.62 53.83 79.25
N SER A 1536 76.17 53.28 78.12
CA SER A 1536 75.09 52.31 77.98
C SER A 1536 73.73 52.91 78.35
N THR A 1537 73.62 54.22 78.49
CA THR A 1537 72.33 54.84 78.81
C THR A 1537 71.40 54.77 77.60
N LYS A 1538 70.16 54.37 77.85
CA LYS A 1538 69.13 54.29 76.81
C LYS A 1538 68.32 55.58 76.85
N LEU A 1539 68.44 56.38 75.80
CA LEU A 1539 67.78 57.69 75.73
C LEU A 1539 66.58 57.61 74.78
N PHE A 1540 65.41 57.98 75.29
CA PHE A 1540 64.20 57.99 74.50
C PHE A 1540 63.92 59.40 74.00
N PRO A 1541 63.80 59.61 72.69
CA PRO A 1541 63.34 60.92 72.20
C PRO A 1541 62.00 61.29 72.82
N ALA A 1542 61.85 62.54 73.27
CA ALA A 1542 60.63 62.94 73.95
C ALA A 1542 60.43 64.44 73.79
N VAL A 1543 59.16 64.84 73.68
CA VAL A 1543 58.77 66.24 73.60
C VAL A 1543 57.61 66.46 74.57
N PHE A 1544 57.80 67.38 75.51
CA PHE A 1544 56.75 67.78 76.44
C PHE A 1544 56.19 69.12 76.02
N ALA A 1545 54.88 69.19 75.85
CA ALA A 1545 54.26 70.40 75.32
C ALA A 1545 52.89 70.59 75.95
N GLN A 1546 52.54 71.85 76.18
CA GLN A 1546 51.20 72.24 76.60
C GLN A 1546 50.47 72.80 75.37
N ALA A 1547 49.34 72.19 75.03
CA ALA A 1547 48.65 72.52 73.79
C ALA A 1547 48.04 73.91 73.88
N THR A 1548 48.56 74.82 73.06
CA THR A 1548 47.97 76.15 72.89
C THR A 1548 47.42 76.34 71.49
N SER A 1549 47.34 75.29 70.69
CA SER A 1549 46.90 75.36 69.31
C SER A 1549 46.45 73.99 68.87
N PRO A 1550 45.58 73.90 67.86
CA PRO A 1550 45.22 72.57 67.32
C PRO A 1550 46.41 71.79 66.81
N ASN A 1551 47.38 72.48 66.20
CA ASN A 1551 48.62 71.85 65.77
C ASN A 1551 49.72 72.29 66.74
N VAL A 1552 50.34 71.32 67.42
CA VAL A 1552 51.30 71.64 68.48
C VAL A 1552 52.72 71.42 67.98
N PHE A 1553 53.05 70.19 67.60
CA PHE A 1553 54.39 69.85 67.15
C PHE A 1553 54.34 68.58 66.33
N GLN A 1554 55.44 68.31 65.62
CA GLN A 1554 55.57 67.10 64.83
C GLN A 1554 57.01 66.60 64.92
N PHE A 1555 57.18 65.29 64.82
CA PHE A 1555 58.49 64.65 64.96
C PHE A 1555 59.16 64.56 63.59
N GLU A 1556 60.17 65.39 63.38
CA GLU A 1556 60.96 65.34 62.15
C GLU A 1556 62.10 64.34 62.34
N LEU A 1557 62.21 63.39 61.41
CA LEU A 1557 63.22 62.33 61.49
C LEU A 1557 64.27 62.45 60.40
N GLY A 1558 64.63 63.68 60.04
CA GLY A 1558 65.60 63.92 59.00
C GLY A 1558 67.03 63.81 59.51
N ARG A 1559 67.97 64.18 58.63
CA ARG A 1559 69.39 64.16 58.96
C ARG A 1559 70.03 65.48 58.57
N ILE A 1560 70.78 66.05 59.50
CA ILE A 1560 71.60 67.23 59.24
C ILE A 1560 72.96 66.79 58.72
N LYS A 1561 73.75 67.74 58.23
CA LYS A 1561 75.05 67.44 57.63
C LYS A 1561 75.92 66.60 58.56
N ASN A 1562 76.48 65.52 58.02
CA ASN A 1562 77.47 64.67 58.68
C ASN A 1562 76.93 64.01 59.95
N VAL A 1563 75.61 63.87 60.08
CA VAL A 1563 75.02 63.22 61.25
C VAL A 1563 74.13 62.08 60.76
N MET A 1564 74.33 60.89 61.30
CA MET A 1564 73.61 59.71 60.87
C MET A 1564 72.14 59.85 61.29
N PRO A 1565 71.19 59.50 60.43
CA PRO A 1565 69.78 59.62 60.81
C PRO A 1565 69.41 58.66 61.93
N LEU A 1566 68.32 59.02 62.63
CA LEU A 1566 67.87 58.36 63.84
C LEU A 1566 67.51 56.89 63.64
N SER A 1567 66.91 56.54 62.51
CA SER A 1567 66.52 55.16 62.26
C SER A 1567 67.70 54.20 62.29
N ALA A 1568 68.89 54.66 61.94
CA ALA A 1568 70.07 53.80 62.03
C ALA A 1568 70.39 53.40 63.47
N GLY A 1569 70.33 54.35 64.40
CA GLY A 1569 70.58 54.04 65.79
C GLY A 1569 69.42 53.29 66.41
N LEU A 1570 68.22 53.50 65.88
CA LEU A 1570 67.04 52.82 66.41
C LEU A 1570 67.04 51.35 66.02
N PHE A 1571 67.09 51.07 64.71
CA PHE A 1571 66.97 49.71 64.20
C PHE A 1571 68.34 49.19 63.77
N LYS A 1572 68.69 48.01 64.27
CA LYS A 1572 69.98 47.41 63.91
C LYS A 1572 70.01 47.01 62.45
N SER A 1573 68.86 46.65 61.87
CA SER A 1573 68.81 46.28 60.47
C SER A 1573 69.18 47.44 59.56
N GLU A 1574 68.82 48.66 59.94
CA GLU A 1574 69.14 49.86 59.17
C GLU A 1574 70.31 50.62 59.75
N HIS A 1575 71.24 49.91 60.41
CA HIS A 1575 72.39 50.57 61.03
C HIS A 1575 73.26 51.29 60.02
N LYS A 1576 73.19 50.89 58.74
CA LYS A 1576 74.06 51.44 57.71
C LYS A 1576 73.26 52.06 56.56
N ASN A 1577 72.03 52.50 56.81
CA ASN A 1577 71.19 53.07 55.77
C ASN A 1577 71.07 54.57 55.96
N PRO A 1578 71.71 55.40 55.14
CA PRO A 1578 71.62 56.85 55.33
C PRO A 1578 70.22 57.40 55.08
N VAL A 1579 69.35 56.67 54.39
CA VAL A 1579 68.00 57.17 54.13
C VAL A 1579 67.19 57.14 55.41
N PRO A 1580 66.60 58.26 55.83
CA PRO A 1580 65.75 58.23 57.02
C PRO A 1580 64.56 57.32 56.84
N GLN A 1581 64.16 56.66 57.93
CA GLN A 1581 63.06 55.70 57.90
C GLN A 1581 62.20 55.87 59.14
N CYS A 1582 60.91 55.55 58.99
CA CYS A 1582 59.96 55.56 60.10
C CYS A 1582 59.18 54.25 60.07
N PRO A 1583 59.78 53.16 60.53
CA PRO A 1583 59.09 51.87 60.52
C PRO A 1583 57.90 51.87 61.46
N PRO A 1584 56.91 51.01 61.22
CA PRO A 1584 55.69 51.04 62.05
C PRO A 1584 55.93 50.76 63.52
N ARG A 1585 57.05 50.12 63.88
CA ARG A 1585 57.32 49.83 65.28
C ARG A 1585 57.45 51.13 66.08
N LEU A 1586 58.13 52.12 65.51
CA LEU A 1586 58.25 53.41 66.18
C LEU A 1586 56.91 54.14 66.17
N HIS A 1587 56.47 54.58 67.33
CA HIS A 1587 55.19 55.26 67.46
C HIS A 1587 55.23 56.17 68.69
N VAL A 1588 54.41 57.22 68.65
CA VAL A 1588 54.38 58.17 69.75
C VAL A 1588 53.61 57.58 70.92
N GLN A 1589 54.19 57.70 72.12
CA GLN A 1589 53.57 57.23 73.34
C GLN A 1589 53.40 58.40 74.30
N PHE A 1590 52.29 58.42 75.02
CA PHE A 1590 51.98 59.49 75.96
C PHE A 1590 51.87 58.93 77.38
N LEU A 1591 52.30 59.75 78.34
CA LEU A 1591 52.27 59.35 79.73
C LEU A 1591 50.85 59.44 80.27
N SER A 1592 50.37 58.34 80.87
CA SER A 1592 49.00 58.27 81.34
C SER A 1592 48.94 57.47 82.64
N HIS A 1593 47.84 57.67 83.38
CA HIS A 1593 47.60 56.98 84.63
C HIS A 1593 46.66 55.80 84.48
N VAL A 1594 46.20 55.50 83.27
CA VAL A 1594 45.19 54.47 83.06
C VAL A 1594 45.83 53.10 82.89
N LEU A 1595 46.21 52.48 84.00
CA LEU A 1595 46.79 51.15 84.02
C LEU A 1595 46.54 50.52 85.38
N TRP A 1596 46.32 49.20 85.40
CA TRP A 1596 46.14 48.49 86.64
C TRP A 1596 47.46 47.89 87.12
N SER A 1597 47.43 47.30 88.31
CA SER A 1597 48.61 46.68 88.89
C SER A 1597 48.19 45.46 89.69
N ARG A 1598 49.04 44.44 89.67
CA ARG A 1598 48.74 43.15 90.29
C ARG A 1598 49.38 43.08 91.67
N MET A 1599 48.55 43.00 92.71
CA MET A 1599 49.05 42.80 94.06
C MET A 1599 49.62 41.39 94.19
N PRO A 1600 50.83 41.22 94.69
CA PRO A 1600 51.40 39.87 94.84
C PRO A 1600 50.55 39.00 95.74
N ASN A 1601 50.43 37.72 95.38
CA ASN A 1601 49.68 36.79 96.21
C ASN A 1601 50.36 36.58 97.55
N GLN A 1602 51.69 36.50 97.55
CA GLN A 1602 52.47 36.30 98.76
C GLN A 1602 53.54 37.38 98.86
N PHE A 1603 53.70 37.94 100.06
CA PHE A 1603 54.71 38.94 100.33
C PHE A 1603 55.82 38.35 101.19
N LEU A 1604 56.97 39.02 101.19
CA LEU A 1604 58.07 38.58 102.03
C LEU A 1604 57.71 38.68 103.50
N LYS A 1605 58.00 37.62 104.25
CA LYS A 1605 57.71 37.57 105.67
C LYS A 1605 58.88 38.15 106.44
N VAL A 1606 58.68 39.32 107.05
CA VAL A 1606 59.70 39.99 107.84
C VAL A 1606 59.06 40.46 109.15
N ASP A 1607 59.76 40.24 110.25
CA ASP A 1607 59.30 40.70 111.57
C ASP A 1607 60.27 41.74 112.12
N VAL A 1608 59.72 42.80 112.70
CA VAL A 1608 60.50 43.91 113.23
C VAL A 1608 60.18 44.06 114.71
N SER A 1609 61.21 44.19 115.52
CA SER A 1609 61.07 44.35 116.97
C SER A 1609 62.35 44.92 117.53
N ARG A 1610 62.23 45.83 118.50
CA ARG A 1610 63.39 46.40 119.17
C ARG A 1610 63.81 45.45 120.29
N ILE A 1611 64.94 44.77 120.08
CA ILE A 1611 65.39 43.77 121.06
C ILE A 1611 65.67 44.42 122.40
N SER A 1612 66.40 45.53 122.40
CA SER A 1612 66.70 46.26 123.61
C SER A 1612 67.13 47.68 123.24
N GLU A 1613 67.34 48.49 124.28
CA GLU A 1613 67.83 49.85 124.05
C GLU A 1613 69.22 49.83 123.44
N ARG A 1614 70.07 48.90 123.90
CA ARG A 1614 71.41 48.79 123.33
C ARG A 1614 71.38 48.23 121.91
N GLN A 1615 70.59 47.18 121.68
CA GLN A 1615 70.62 46.48 120.40
C GLN A 1615 69.80 47.16 119.31
N GLY A 1616 68.93 48.09 119.66
CA GLY A 1616 68.14 48.79 118.66
C GLY A 1616 67.04 47.94 118.05
N TRP A 1617 66.50 48.46 116.96
CA TRP A 1617 65.44 47.76 116.23
C TRP A 1617 66.04 46.72 115.30
N LEU A 1618 65.40 45.55 115.25
CA LEU A 1618 65.91 44.42 114.49
C LEU A 1618 64.96 44.10 113.33
N VAL A 1619 65.56 43.83 112.17
CA VAL A 1619 64.83 43.42 110.98
C VAL A 1619 65.32 42.04 110.58
N GLN A 1620 64.40 41.10 110.38
CA GLN A 1620 64.74 39.70 110.19
C GLN A 1620 63.86 39.11 109.10
N CYS A 1621 64.49 38.64 108.01
CA CYS A 1621 63.81 37.92 106.93
C CYS A 1621 64.65 36.71 106.58
N LEU A 1622 64.08 35.51 106.74
CA LEU A 1622 64.83 34.28 106.57
C LEU A 1622 64.24 33.34 105.52
N ASP A 1623 63.04 33.60 105.02
CA ASP A 1623 62.42 32.71 104.05
C ASP A 1623 62.57 33.25 102.64
N PRO A 1624 62.92 32.41 101.67
CA PRO A 1624 63.10 32.90 100.30
C PRO A 1624 61.79 32.99 99.54
N LEU A 1625 61.68 34.02 98.72
CA LEU A 1625 60.52 34.24 97.85
C LEU A 1625 61.01 34.82 96.53
N GLN A 1626 60.55 34.25 95.43
CA GLN A 1626 60.98 34.66 94.10
C GLN A 1626 59.79 34.88 93.19
N PHE A 1627 59.98 35.73 92.19
CA PHE A 1627 59.01 35.95 91.13
C PHE A 1627 59.76 36.03 89.81
N MET A 1628 59.05 35.68 88.73
CA MET A 1628 59.63 35.71 87.39
C MET A 1628 59.26 37.03 86.72
N SER A 1629 60.27 37.74 86.20
CA SER A 1629 60.08 39.04 85.59
C SER A 1629 60.19 38.92 84.09
N LEU A 1630 59.24 39.52 83.38
CA LEU A 1630 59.26 39.58 81.92
C LEU A 1630 59.78 40.94 81.51
N HIS A 1631 60.95 40.97 80.87
CA HIS A 1631 61.63 42.22 80.53
C HIS A 1631 61.34 42.55 79.07
N ILE A 1632 60.64 43.66 78.86
CA ILE A 1632 60.42 44.19 77.52
C ILE A 1632 61.71 44.86 77.06
N PRO A 1633 62.32 44.39 75.97
CA PRO A 1633 63.64 44.93 75.59
C PRO A 1633 63.60 46.37 75.11
N GLU A 1634 62.66 46.72 74.23
CA GLU A 1634 62.67 48.05 73.63
C GLU A 1634 62.32 49.13 74.65
N GLU A 1635 61.43 48.83 75.58
CA GLU A 1635 60.96 49.82 76.54
C GLU A 1635 61.82 49.91 77.79
N ASN A 1636 62.82 49.02 77.93
CA ASN A 1636 63.66 48.98 79.12
C ASN A 1636 62.83 48.82 80.38
N ARG A 1637 61.78 48.02 80.28
CA ARG A 1637 60.82 47.79 81.37
C ARG A 1637 60.87 46.33 81.80
N SER A 1638 60.17 46.03 82.88
CA SER A 1638 60.07 44.68 83.39
C SER A 1638 58.80 44.55 84.22
N VAL A 1639 58.04 43.48 83.95
CA VAL A 1639 56.81 43.20 84.67
C VAL A 1639 56.81 41.73 85.10
N ASP A 1640 56.02 41.44 86.12
CA ASP A 1640 55.85 40.06 86.56
C ASP A 1640 55.11 39.27 85.49
N ILE A 1641 55.55 38.03 85.26
CA ILE A 1641 54.92 37.21 84.23
C ILE A 1641 53.48 36.85 84.60
N LEU A 1642 53.16 36.81 85.88
CA LEU A 1642 51.79 36.54 86.31
C LEU A 1642 50.86 37.71 86.06
N GLU A 1643 51.39 38.89 85.72
CA GLU A 1643 50.60 40.04 85.36
C GLU A 1643 50.03 39.94 83.95
N LEU A 1644 50.59 39.06 83.12
CA LEU A 1644 50.15 38.88 81.74
C LEU A 1644 48.75 38.28 81.64
N THR A 1645 48.08 38.02 82.76
CA THR A 1645 46.71 37.57 82.74
C THR A 1645 45.75 38.65 82.24
N GLU A 1646 46.21 39.89 82.13
CA GLU A 1646 45.39 40.99 81.64
C GLU A 1646 45.90 41.63 80.38
N GLN A 1647 47.16 41.41 80.00
CA GLN A 1647 47.70 41.87 78.72
C GLN A 1647 47.63 40.71 77.75
N GLU A 1648 46.60 40.70 76.90
CA GLU A 1648 46.37 39.58 75.99
C GLU A 1648 47.44 39.53 74.90
N GLU A 1649 47.85 40.70 74.38
CA GLU A 1649 48.82 40.72 73.29
C GLU A 1649 50.16 40.15 73.74
N LEU A 1650 50.67 40.61 74.88
CA LEU A 1650 51.94 40.11 75.37
C LEU A 1650 51.85 38.62 75.72
N LEU A 1651 50.72 38.20 76.29
CA LEU A 1651 50.54 36.78 76.61
C LEU A 1651 50.59 35.92 75.36
N LYS A 1652 49.87 36.34 74.31
CA LYS A 1652 49.89 35.58 73.06
C LYS A 1652 51.28 35.56 72.44
N PHE A 1653 51.96 36.72 72.43
CA PHE A 1653 53.29 36.78 71.82
C PHE A 1653 54.28 35.91 72.57
N HIS A 1654 54.22 35.90 73.91
CA HIS A 1654 55.10 35.04 74.68
C HIS A 1654 54.76 33.56 74.55
N TYR A 1655 53.48 33.21 74.45
CA TYR A 1655 53.12 31.82 74.18
C TYR A 1655 53.68 31.35 72.85
N HIS A 1656 53.55 32.18 71.81
CA HIS A 1656 54.12 31.81 70.52
C HIS A 1656 55.65 31.84 70.52
N THR A 1657 56.27 32.70 71.34
CA THR A 1657 57.72 32.63 71.53
C THR A 1657 58.13 31.32 72.16
N LEU A 1658 57.37 30.85 73.16
CA LEU A 1658 57.63 29.54 73.75
C LEU A 1658 57.45 28.43 72.72
N ARG A 1659 56.44 28.55 71.86
CA ARG A 1659 56.24 27.57 70.81
C ARG A 1659 57.43 27.54 69.85
N LEU A 1660 57.97 28.73 69.50
CA LEU A 1660 59.14 28.78 68.64
C LEU A 1660 60.36 28.19 69.34
N TYR A 1661 60.49 28.45 70.65
CA TYR A 1661 61.57 27.85 71.42
C TYR A 1661 61.49 26.33 71.40
N SER A 1662 60.29 25.78 71.54
CA SER A 1662 60.11 24.33 71.41
C SER A 1662 60.43 23.84 70.00
N ALA A 1663 59.97 24.56 68.98
CA ALA A 1663 60.18 24.13 67.60
C ALA A 1663 61.63 24.14 67.17
N VAL A 1664 62.42 25.13 67.58
CA VAL A 1664 63.80 25.21 67.13
C VAL A 1664 64.62 24.05 67.70
N CYS A 1665 64.29 23.59 68.91
CA CYS A 1665 64.98 22.47 69.53
C CYS A 1665 64.23 21.15 69.35
N ALA A 1666 63.13 21.16 68.60
CA ALA A 1666 62.33 19.97 68.38
C ALA A 1666 63.12 18.92 67.60
N LEU A 1667 62.72 17.66 67.78
CA LEU A 1667 63.34 16.52 67.11
C LEU A 1667 64.82 16.42 67.42
N GLY A 1668 65.17 16.66 68.69
CA GLY A 1668 66.53 16.44 69.16
C GLY A 1668 67.60 17.34 68.58
N ASN A 1669 67.33 18.63 68.46
CA ASN A 1669 68.37 19.60 68.07
C ASN A 1669 69.11 19.99 69.36
N HIS A 1670 70.13 19.18 69.68
CA HIS A 1670 70.78 19.28 70.97
C HIS A 1670 71.58 20.57 71.10
N ARG A 1671 72.22 21.01 70.03
CA ARG A 1671 72.95 22.27 70.07
C ARG A 1671 72.01 23.44 70.33
N VAL A 1672 70.85 23.45 69.67
CA VAL A 1672 69.87 24.50 69.87
C VAL A 1672 69.32 24.44 71.29
N ALA A 1673 69.12 23.23 71.82
CA ALA A 1673 68.67 23.10 73.20
C ALA A 1673 69.70 23.64 74.18
N HIS A 1674 70.99 23.36 73.93
CA HIS A 1674 72.03 23.91 74.79
C HIS A 1674 72.08 25.43 74.71
N ALA A 1675 71.87 25.99 73.51
CA ALA A 1675 71.80 27.44 73.37
C ALA A 1675 70.60 27.99 74.14
N LEU A 1676 69.45 27.33 74.05
CA LEU A 1676 68.24 27.77 74.74
C LEU A 1676 68.33 27.65 76.25
N CYS A 1677 69.20 26.78 76.76
CA CYS A 1677 69.38 26.67 78.20
C CYS A 1677 69.83 27.99 78.81
N SER A 1678 70.51 28.83 78.03
CA SER A 1678 70.90 30.15 78.54
C SER A 1678 69.69 31.07 78.66
N HIS A 1679 68.83 31.10 77.65
CA HIS A 1679 67.66 31.95 77.69
C HIS A 1679 66.68 31.51 78.76
N VAL A 1680 66.39 30.22 78.83
CA VAL A 1680 65.51 29.64 79.84
C VAL A 1680 66.32 28.62 80.62
N ASP A 1681 66.44 28.84 81.92
CA ASP A 1681 67.31 28.04 82.78
C ASP A 1681 66.50 27.14 83.72
N GLU A 1682 67.22 26.33 84.48
CA GLU A 1682 66.61 25.40 85.43
C GLU A 1682 65.74 26.08 86.48
N PRO A 1683 66.19 27.12 87.20
CA PRO A 1683 65.29 27.75 88.18
C PRO A 1683 64.04 28.32 87.56
N GLN A 1684 64.17 28.98 86.39
CA GLN A 1684 63.01 29.52 85.71
C GLN A 1684 62.02 28.42 85.34
N LEU A 1685 62.54 27.35 84.73
CA LEU A 1685 61.67 26.23 84.38
C LEU A 1685 60.98 25.66 85.60
N LEU A 1686 61.72 25.33 86.66
CA LEU A 1686 61.16 24.71 87.85
C LEU A 1686 60.17 25.62 88.57
N TYR A 1687 60.35 26.94 88.55
CA TYR A 1687 59.37 27.85 89.12
C TYR A 1687 58.11 27.92 88.27
N ALA A 1688 58.25 27.96 86.94
CA ALA A 1688 57.08 27.90 86.07
C ALA A 1688 56.37 26.57 86.21
N ILE A 1689 57.09 25.54 86.65
CA ILE A 1689 56.45 24.24 86.85
C ILE A 1689 55.42 24.32 87.97
N GLU A 1690 55.77 25.01 89.06
CA GLU A 1690 55.02 24.93 90.30
C GLU A 1690 54.12 26.12 90.59
N ASN A 1691 54.39 27.30 90.02
CA ASN A 1691 53.54 28.45 90.30
C ASN A 1691 52.09 28.15 89.90
N LYS A 1692 51.17 28.39 90.83
CA LYS A 1692 49.76 28.10 90.60
C LYS A 1692 49.01 29.25 89.93
N TYR A 1693 49.60 30.43 89.87
CA TYR A 1693 48.94 31.60 89.29
C TYR A 1693 49.41 31.86 87.86
N MET A 1694 50.20 30.96 87.28
CA MET A 1694 50.64 31.11 85.91
C MET A 1694 49.44 30.98 84.97
N PRO A 1695 49.38 31.78 83.90
CA PRO A 1695 48.36 31.57 82.88
C PRO A 1695 48.48 30.19 82.27
N GLY A 1696 47.32 29.64 81.87
CA GLY A 1696 47.30 28.27 81.39
C GLY A 1696 48.12 28.07 80.12
N LEU A 1697 48.05 29.04 79.20
CA LEU A 1697 48.83 28.94 77.97
C LEU A 1697 50.32 28.92 78.25
N LEU A 1698 50.78 29.80 79.14
CA LEU A 1698 52.19 29.83 79.49
C LEU A 1698 52.60 28.56 80.24
N ARG A 1699 51.70 28.04 81.08
CA ARG A 1699 51.99 26.78 81.79
C ARG A 1699 52.19 25.64 80.81
N ALA A 1700 51.29 25.52 79.83
CA ALA A 1700 51.44 24.49 78.81
C ALA A 1700 52.71 24.69 77.99
N GLY A 1701 53.01 25.93 77.61
CA GLY A 1701 54.21 26.22 76.86
C GLY A 1701 55.48 25.87 77.61
N TYR A 1702 55.49 26.14 78.91
CA TYR A 1702 56.68 25.83 79.71
C TYR A 1702 56.81 24.33 79.96
N TYR A 1703 55.71 23.63 80.20
CA TYR A 1703 55.84 22.17 80.29
C TYR A 1703 56.26 21.53 78.98
N ASP A 1704 55.88 22.10 77.84
CA ASP A 1704 56.40 21.66 76.55
C ASP A 1704 57.87 21.98 76.37
N LEU A 1705 58.29 23.19 76.79
CA LEU A 1705 59.68 23.60 76.62
C LEU A 1705 60.62 22.74 77.46
N LEU A 1706 60.21 22.42 78.70
CA LEU A 1706 61.03 21.54 79.52
C LEU A 1706 61.24 20.20 78.84
N ILE A 1707 60.16 19.59 78.35
CA ILE A 1707 60.27 18.29 77.69
C ILE A 1707 61.17 18.38 76.47
N ASP A 1708 60.95 19.38 75.63
CA ASP A 1708 61.72 19.49 74.40
C ASP A 1708 63.20 19.73 74.67
N ILE A 1709 63.53 20.59 75.64
CA ILE A 1709 64.93 20.92 75.89
C ILE A 1709 65.66 19.77 76.55
N HIS A 1710 65.07 19.20 77.61
CA HIS A 1710 65.84 18.29 78.46
C HIS A 1710 65.49 16.81 78.28
N LEU A 1711 64.21 16.45 78.20
CA LEU A 1711 63.78 15.07 78.37
C LEU A 1711 62.84 14.65 77.22
N SER A 1712 63.27 14.92 75.99
CA SER A 1712 62.52 14.45 74.82
C SER A 1712 63.27 13.42 73.99
N SER A 1713 64.58 13.58 73.81
CA SER A 1713 65.33 12.69 72.93
C SER A 1713 65.36 11.27 73.46
N TYR A 1714 65.67 11.09 74.75
CA TYR A 1714 65.70 9.75 75.32
C TYR A 1714 64.31 9.13 75.32
N ALA A 1715 63.28 9.93 75.60
CA ALA A 1715 61.92 9.41 75.56
C ALA A 1715 61.57 8.91 74.17
N THR A 1716 61.93 9.66 73.13
CA THR A 1716 61.73 9.22 71.76
C THR A 1716 62.50 7.96 71.42
N ALA A 1717 63.76 7.86 71.86
CA ALA A 1717 64.55 6.67 71.57
C ALA A 1717 63.94 5.43 72.24
N ARG A 1718 63.59 5.54 73.51
CA ARG A 1718 63.00 4.40 74.21
C ARG A 1718 61.64 4.06 73.65
N LEU A 1719 60.85 5.05 73.23
CA LEU A 1719 59.56 4.76 72.60
C LEU A 1719 59.74 4.04 71.27
N MET A 1720 60.77 4.41 70.49
CA MET A 1720 61.03 3.70 69.25
C MET A 1720 61.50 2.26 69.49
N MET A 1721 62.26 2.05 70.56
CA MET A 1721 62.78 0.70 70.83
C MET A 1721 61.86 -0.10 71.75
N ASN A 1722 60.72 0.48 72.12
CA ASN A 1722 59.76 -0.18 73.01
C ASN A 1722 59.20 -1.48 72.47
N ASN A 1723 59.10 -1.65 71.15
CA ASN A 1723 58.47 -2.82 70.57
C ASN A 1723 59.44 -3.94 70.23
N GLU A 1724 60.71 -3.80 70.63
CA GLU A 1724 61.72 -4.81 70.37
C GLU A 1724 62.28 -5.33 71.68
N TYR A 1725 62.50 -6.66 71.75
CA TYR A 1725 62.87 -7.34 72.99
C TYR A 1725 64.14 -8.16 72.74
N ILE A 1726 65.28 -7.64 73.19
CA ILE A 1726 66.52 -8.40 73.23
C ILE A 1726 66.76 -8.74 74.70
N VAL A 1727 66.62 -10.02 75.04
CA VAL A 1727 66.71 -10.48 76.43
C VAL A 1727 68.01 -11.25 76.58
N PRO A 1728 69.00 -10.72 77.31
CA PRO A 1728 70.25 -11.47 77.51
C PRO A 1728 70.02 -12.70 78.37
N MET A 1729 70.89 -13.70 78.21
CA MET A 1729 70.82 -14.93 78.98
C MET A 1729 71.66 -14.81 80.25
N THR A 1730 71.09 -14.10 81.23
CA THR A 1730 71.75 -13.90 82.50
C THR A 1730 71.00 -14.65 83.60
N GLU A 1731 71.65 -14.77 84.76
CA GLU A 1731 70.98 -15.39 85.91
C GLU A 1731 69.78 -14.57 86.36
N GLU A 1732 69.89 -13.24 86.28
CA GLU A 1732 68.74 -12.39 86.57
C GLU A 1732 67.60 -12.67 85.60
N THR A 1733 67.92 -12.88 84.32
CA THR A 1733 66.91 -13.27 83.35
C THR A 1733 66.27 -14.61 83.71
N LYS A 1734 67.08 -15.60 84.07
CA LYS A 1734 66.52 -16.90 84.45
C LYS A 1734 65.64 -16.80 85.70
N SER A 1735 65.93 -15.84 86.58
CA SER A 1735 65.15 -15.69 87.80
C SER A 1735 63.76 -15.13 87.54
N ILE A 1736 63.54 -14.55 86.35
CA ILE A 1736 62.24 -13.94 86.06
C ILE A 1736 61.17 -15.01 85.97
N THR A 1737 60.00 -14.71 86.52
CA THR A 1737 58.85 -15.61 86.50
C THR A 1737 57.60 -14.84 86.15
N LEU A 1738 56.60 -15.57 85.63
CA LEU A 1738 55.33 -14.95 85.30
C LEU A 1738 54.63 -14.37 86.52
N PHE A 1739 54.62 -15.11 87.63
CA PHE A 1739 53.90 -14.70 88.82
C PHE A 1739 54.87 -14.60 89.99
N PRO A 1740 54.85 -13.50 90.75
CA PRO A 1740 55.86 -13.31 91.81
C PRO A 1740 55.83 -14.39 92.89
N ASP A 1741 54.65 -14.90 93.24
CA ASP A 1741 54.50 -15.82 94.35
C ASP A 1741 53.59 -16.98 93.97
N GLU A 1742 53.34 -17.87 94.94
CA GLU A 1742 52.66 -19.12 94.65
C GLU A 1742 51.23 -18.90 94.18
N ASN A 1743 50.49 -17.97 94.80
CA ASN A 1743 49.16 -17.67 94.33
C ASN A 1743 49.20 -16.87 93.03
N LYS A 1744 48.25 -17.14 92.14
CA LYS A 1744 48.28 -16.59 90.79
C LYS A 1744 47.54 -15.26 90.76
N LYS A 1745 48.20 -14.23 91.28
CA LYS A 1745 47.70 -12.86 91.26
C LYS A 1745 48.72 -11.98 90.57
N HIS A 1746 48.25 -11.10 89.68
CA HIS A 1746 49.16 -10.22 88.96
C HIS A 1746 49.78 -9.19 89.90
N GLY A 1747 51.07 -8.95 89.73
CA GLY A 1747 51.73 -7.87 90.42
C GLY A 1747 51.44 -6.54 89.77
N LEU A 1748 51.92 -5.48 90.42
CA LEU A 1748 51.72 -4.15 89.88
C LEU A 1748 52.52 -4.00 88.58
N PRO A 1749 51.92 -3.49 87.51
CA PRO A 1749 52.67 -3.31 86.27
C PRO A 1749 53.82 -2.34 86.46
N GLY A 1750 54.92 -2.62 85.77
CA GLY A 1750 56.12 -1.80 85.87
C GLY A 1750 57.17 -2.27 86.86
N ILE A 1751 56.78 -2.46 88.12
CA ILE A 1751 57.74 -2.89 89.13
C ILE A 1751 58.14 -4.33 88.86
N GLY A 1752 59.34 -4.70 89.30
CA GLY A 1752 59.86 -6.02 89.08
C GLY A 1752 61.27 -5.94 88.55
N LEU A 1753 61.80 -7.10 88.17
CA LEU A 1753 63.14 -7.22 87.61
C LEU A 1753 63.03 -7.45 86.11
N SER A 1754 63.37 -6.44 85.33
CA SER A 1754 63.36 -6.50 83.87
C SER A 1754 64.78 -6.46 83.35
N THR A 1755 65.14 -7.45 82.54
CA THR A 1755 66.50 -7.57 82.02
C THR A 1755 66.61 -7.26 80.53
N SER A 1756 65.53 -6.82 79.89
CA SER A 1756 65.58 -6.50 78.47
C SER A 1756 66.50 -5.32 78.23
N LEU A 1757 67.29 -5.38 77.16
CA LEU A 1757 68.19 -4.29 76.83
C LEU A 1757 67.41 -3.06 76.40
N ARG A 1758 67.75 -1.93 76.97
CA ARG A 1758 67.03 -0.67 76.76
C ARG A 1758 68.05 0.41 76.45
N PRO A 1759 67.64 1.50 75.82
CA PRO A 1759 68.57 2.60 75.52
C PRO A 1759 69.17 3.16 76.80
N ARG A 1760 70.42 3.61 76.67
CA ARG A 1760 71.23 4.04 77.81
C ARG A 1760 71.09 5.54 78.00
N MET A 1761 70.96 5.98 79.25
CA MET A 1761 70.87 7.39 79.59
C MET A 1761 72.27 7.99 79.65
N GLN A 1762 72.49 9.04 78.89
CA GLN A 1762 73.71 9.84 78.99
C GLN A 1762 73.36 11.27 78.64
N PHE A 1763 73.56 12.18 79.58
CA PHE A 1763 73.16 13.57 79.44
C PHE A 1763 74.41 14.45 79.42
N SER A 1764 74.47 15.36 78.44
CA SER A 1764 75.57 16.30 78.35
C SER A 1764 75.43 17.40 79.40
N SER A 1765 76.55 17.99 79.77
CA SER A 1765 76.54 19.09 80.72
C SER A 1765 75.83 20.31 80.11
N PRO A 1766 75.12 21.08 80.94
CA PRO A 1766 74.44 22.28 80.42
C PRO A 1766 75.40 23.37 79.94
N SER A 1767 76.71 23.22 80.15
CA SER A 1767 77.67 24.22 79.71
C SER A 1767 77.81 24.20 78.20
N PHE A 1768 77.15 25.16 77.53
CA PHE A 1768 77.23 25.28 76.08
C PHE A 1768 78.36 26.18 75.62
N VAL A 1769 79.17 26.70 76.55
CA VAL A 1769 80.25 27.60 76.18
C VAL A 1769 81.27 26.87 75.31
N SER A 1770 81.61 25.64 75.67
CA SER A 1770 82.50 24.84 74.84
C SER A 1770 81.85 24.57 73.48
N ILE A 1771 82.63 24.78 72.41
CA ILE A 1771 82.12 24.63 71.05
C ILE A 1771 82.22 23.20 70.55
N SER A 1772 82.57 22.24 71.39
CA SER A 1772 82.75 20.87 70.95
C SER A 1772 81.43 20.24 70.55
N ASN A 1773 81.39 19.65 69.35
CA ASN A 1773 80.21 18.89 68.94
C ASN A 1773 80.00 17.66 69.81
N GLU A 1774 81.06 17.10 70.39
CA GLU A 1774 80.91 15.96 71.29
C GLU A 1774 80.09 16.33 72.52
N CYS A 1775 80.36 17.49 73.11
CA CYS A 1775 79.56 17.93 74.25
C CYS A 1775 78.22 18.52 73.81
N TYR A 1776 78.13 19.04 72.58
CA TYR A 1776 76.82 19.45 72.07
C TYR A 1776 75.89 18.25 71.86
N GLN A 1777 76.46 17.07 71.61
CA GLN A 1777 75.65 15.87 71.55
C GLN A 1777 74.92 15.63 72.87
N TYR A 1778 73.93 14.73 72.83
CA TYR A 1778 73.16 14.34 74.00
C TYR A 1778 72.26 15.49 74.47
N SER A 1779 71.53 15.28 75.56
CA SER A 1779 70.57 16.26 76.04
C SER A 1779 71.16 16.99 77.24
N PRO A 1780 70.80 18.27 77.43
CA PRO A 1780 71.30 19.01 78.60
C PRO A 1780 70.88 18.36 79.90
N GLU A 1781 71.77 18.42 80.89
CA GLU A 1781 71.51 17.82 82.19
C GLU A 1781 70.41 18.59 82.93
N PHE A 1782 69.67 17.87 83.77
CA PHE A 1782 68.59 18.43 84.56
C PHE A 1782 68.47 17.65 85.86
N PRO A 1783 68.06 18.30 86.96
CA PRO A 1783 67.84 17.56 88.21
C PRO A 1783 66.62 16.65 88.12
N LEU A 1784 66.82 15.50 87.50
CA LEU A 1784 65.74 14.58 87.13
C LEU A 1784 65.14 13.85 88.33
N ASP A 1785 65.76 13.95 89.51
CA ASP A 1785 65.17 13.44 90.75
C ASP A 1785 64.31 14.48 91.45
N ILE A 1786 64.77 15.73 91.50
CA ILE A 1786 63.90 16.81 91.97
C ILE A 1786 62.67 16.92 91.08
N LEU A 1787 62.85 16.76 89.76
CA LEU A 1787 61.73 16.80 88.84
C LEU A 1787 60.73 15.68 89.12
N LYS A 1788 61.22 14.46 89.33
CA LYS A 1788 60.31 13.35 89.57
C LYS A 1788 59.60 13.46 90.92
N SER A 1789 60.27 13.98 91.95
CA SER A 1789 59.59 14.22 93.23
C SER A 1789 58.52 15.31 93.11
N LYS A 1790 58.86 16.41 92.45
CA LYS A 1790 57.92 17.51 92.29
C LYS A 1790 56.71 17.09 91.46
N THR A 1791 56.91 16.30 90.41
CA THR A 1791 55.78 15.85 89.60
C THR A 1791 54.82 14.98 90.41
N ILE A 1792 55.36 14.07 91.22
CA ILE A 1792 54.51 13.22 92.06
C ILE A 1792 53.74 14.04 93.08
N GLN A 1793 54.43 14.97 93.76
CA GLN A 1793 53.74 15.85 94.70
C GLN A 1793 52.65 16.64 93.99
N MET A 1794 52.95 17.09 92.77
CA MET A 1794 52.02 17.91 92.01
C MET A 1794 50.76 17.14 91.66
N LEU A 1795 50.92 15.93 91.14
CA LEU A 1795 49.77 15.14 90.75
C LEU A 1795 48.98 14.71 91.98
N THR A 1796 49.67 14.44 93.09
CA THR A 1796 48.97 14.15 94.34
C THR A 1796 48.09 15.32 94.76
N GLU A 1797 48.61 16.54 94.72
CA GLU A 1797 47.80 17.69 95.07
C GLU A 1797 46.65 17.90 94.08
N ALA A 1798 46.91 17.69 92.79
CA ALA A 1798 45.90 17.95 91.77
C ALA A 1798 44.74 16.96 91.87
N VAL A 1799 45.03 15.70 92.22
CA VAL A 1799 43.96 14.73 92.37
C VAL A 1799 43.00 15.16 93.48
N LYS A 1800 43.53 15.65 94.60
CA LYS A 1800 42.68 16.08 95.70
C LYS A 1800 41.94 17.37 95.36
N GLU A 1801 42.63 18.31 94.69
CA GLU A 1801 42.01 19.60 94.40
C GLU A 1801 40.91 19.48 93.36
N GLY A 1802 41.16 18.76 92.26
CA GLY A 1802 40.17 18.68 91.20
C GLY A 1802 38.99 17.80 91.57
N SER A 1803 39.18 16.90 92.54
CA SER A 1803 38.09 16.03 92.97
C SER A 1803 36.95 16.83 93.58
N LEU A 1804 37.28 17.86 94.35
CA LEU A 1804 36.25 18.72 94.93
C LEU A 1804 35.59 19.61 93.87
N HIS A 1805 36.15 19.63 92.67
CA HIS A 1805 35.63 20.43 91.56
C HIS A 1805 35.62 21.91 91.90
N ALA A 1806 36.77 22.46 92.25
CA ALA A 1806 36.89 23.87 92.56
C ALA A 1806 36.72 24.70 91.29
N ARG A 1807 36.29 25.95 91.48
CA ARG A 1807 36.08 26.87 90.38
C ARG A 1807 37.37 27.57 89.95
N ASP A 1808 38.48 27.30 90.62
CA ASP A 1808 39.77 27.94 90.33
C ASP A 1808 40.83 26.88 90.09
N PRO A 1809 40.80 26.23 88.93
CA PRO A 1809 41.87 25.29 88.58
C PRO A 1809 43.17 26.03 88.27
N VAL A 1810 44.29 25.33 88.43
CA VAL A 1810 45.57 25.91 88.06
C VAL A 1810 45.62 26.13 86.57
N GLY A 1811 45.90 27.37 86.16
CA GLY A 1811 45.85 27.75 84.77
C GLY A 1811 44.49 28.22 84.28
N GLY A 1812 43.47 28.15 85.13
CA GLY A 1812 42.14 28.61 84.78
C GLY A 1812 41.17 27.54 84.36
N THR A 1813 41.64 26.40 83.83
CA THR A 1813 40.76 25.33 83.39
C THR A 1813 41.34 23.99 83.83
N THR A 1814 40.45 23.00 83.93
CA THR A 1814 40.87 21.64 84.24
C THR A 1814 41.81 21.10 83.17
N GLU A 1815 41.56 21.44 81.91
CA GLU A 1815 42.46 21.02 80.84
C GLU A 1815 43.87 21.56 81.05
N PHE A 1816 43.98 22.87 81.31
CA PHE A 1816 45.30 23.46 81.54
C PHE A 1816 45.94 22.89 82.80
N LEU A 1817 45.12 22.50 83.79
CA LEU A 1817 45.67 21.93 85.02
C LEU A 1817 46.23 20.54 84.79
N PHE A 1818 45.54 19.70 84.02
CA PHE A 1818 45.85 18.29 83.93
C PHE A 1818 46.65 17.89 82.70
N VAL A 1819 46.26 18.35 81.51
CA VAL A 1819 46.88 17.85 80.28
C VAL A 1819 48.39 18.02 80.27
N PRO A 1820 48.95 19.20 80.58
CA PRO A 1820 50.42 19.32 80.54
C PRO A 1820 51.10 18.60 81.69
N LEU A 1821 50.48 18.60 82.87
CA LEU A 1821 51.07 17.92 84.02
C LEU A 1821 51.13 16.41 83.80
N ILE A 1822 50.05 15.82 83.31
CA ILE A 1822 49.99 14.38 83.08
C ILE A 1822 50.96 14.03 81.96
N LYS A 1823 51.06 14.90 80.96
CA LYS A 1823 52.02 14.72 79.88
C LYS A 1823 53.47 14.74 80.34
N LEU A 1824 53.82 15.64 81.26
CA LEU A 1824 55.14 15.56 81.89
C LEU A 1824 55.30 14.26 82.68
N PHE A 1825 54.27 13.86 83.42
CA PHE A 1825 54.29 12.57 84.10
C PHE A 1825 54.41 11.43 83.09
N TYR A 1826 53.67 11.50 81.98
CA TYR A 1826 53.75 10.44 80.98
C TYR A 1826 55.14 10.35 80.37
N THR A 1827 55.77 11.49 80.08
CA THR A 1827 57.13 11.50 79.56
C THR A 1827 58.11 10.90 80.57
N LEU A 1828 57.98 11.28 81.85
CA LEU A 1828 58.87 10.72 82.86
C LEU A 1828 58.69 9.20 82.97
N LEU A 1829 57.44 8.74 82.95
CA LEU A 1829 57.17 7.31 83.08
C LEU A 1829 57.67 6.54 81.86
N ILE A 1830 57.49 7.11 80.67
CA ILE A 1830 58.04 6.51 79.46
C ILE A 1830 59.55 6.40 79.57
N MET A 1831 60.19 7.48 80.04
CA MET A 1831 61.64 7.47 80.20
C MET A 1831 62.08 6.48 81.29
N GLY A 1832 61.17 6.14 82.20
CA GLY A 1832 61.42 5.06 83.14
C GLY A 1832 62.19 5.42 84.37
N ILE A 1833 62.31 6.71 84.70
CA ILE A 1833 63.02 7.11 85.92
C ILE A 1833 62.26 6.65 87.15
N PHE A 1834 60.92 6.71 87.09
CA PHE A 1834 60.11 6.22 88.20
C PHE A 1834 60.37 4.74 88.43
N HIS A 1835 60.57 4.38 89.70
CA HIS A 1835 60.90 3.00 90.03
C HIS A 1835 60.40 2.68 91.43
N ASN A 1836 59.88 1.47 91.59
CA ASN A 1836 59.53 0.90 92.89
C ASN A 1836 58.46 1.72 93.61
N GLU A 1837 58.80 2.30 94.76
CA GLU A 1837 57.79 2.94 95.60
C GLU A 1837 57.19 4.16 94.93
N ASP A 1838 57.96 4.89 94.13
CA ASP A 1838 57.40 6.03 93.41
C ASP A 1838 56.33 5.57 92.42
N LEU A 1839 56.61 4.49 91.69
CA LEU A 1839 55.61 3.93 90.78
C LEU A 1839 54.40 3.40 91.54
N LYS A 1840 54.63 2.81 92.71
CA LYS A 1840 53.52 2.33 93.52
C LYS A 1840 52.60 3.47 93.95
N HIS A 1841 53.19 4.57 94.44
CA HIS A 1841 52.40 5.72 94.84
C HIS A 1841 51.66 6.34 93.65
N ILE A 1842 52.33 6.44 92.50
CA ILE A 1842 51.67 7.05 91.34
C ILE A 1842 50.56 6.14 90.81
N LEU A 1843 50.71 4.82 90.92
CA LEU A 1843 49.63 3.90 90.58
C LEU A 1843 48.47 3.98 91.56
N GLN A 1844 48.76 4.19 92.85
CA GLN A 1844 47.69 4.47 93.81
C GLN A 1844 46.94 5.74 93.41
N LEU A 1845 47.67 6.77 92.98
CA LEU A 1845 47.03 8.00 92.51
C LEU A 1845 46.15 7.73 91.30
N ILE A 1846 46.65 6.93 90.35
CA ILE A 1846 45.90 6.64 89.13
C ILE A 1846 44.62 5.88 89.46
N GLU A 1847 44.73 4.83 90.27
CA GLU A 1847 43.57 4.08 90.72
C GLU A 1847 43.90 3.38 92.05
N PRO A 1848 43.26 3.78 93.15
CA PRO A 1848 43.60 3.15 94.43
C PRO A 1848 43.12 1.73 94.58
N SER A 1849 41.89 1.44 94.14
CA SER A 1849 41.28 0.14 94.41
C SER A 1849 42.01 -0.98 93.66
N VAL A 1850 42.23 -0.81 92.36
CA VAL A 1850 42.79 -1.89 91.55
C VAL A 1850 44.22 -2.20 91.95
N PHE A 1851 45.02 -1.15 92.16
CA PHE A 1851 46.43 -1.32 92.46
C PHE A 1851 46.73 -1.39 93.96
N LYS A 1852 45.70 -1.44 94.81
CA LYS A 1852 45.91 -1.53 96.25
C LYS A 1852 46.68 -2.79 96.61
N GLU A 1853 47.70 -2.63 97.43
CA GLU A 1853 48.51 -3.77 97.86
C GLU A 1853 47.73 -4.62 98.86
N ALA A 1854 47.78 -5.94 98.65
CA ALA A 1854 47.08 -6.87 99.52
C ALA A 1854 47.77 -8.23 99.53
N PRO A 1889 36.66 7.13 101.10
CA PRO A 1889 36.08 7.46 99.80
C PRO A 1889 37.06 8.22 98.90
N LYS A 1890 38.07 7.51 98.41
CA LYS A 1890 39.10 8.08 97.54
C LYS A 1890 38.94 7.49 96.14
N GLU A 1891 38.85 8.36 95.14
CA GLU A 1891 38.68 7.95 93.75
C GLU A 1891 39.89 8.42 92.94
N GLY A 1892 40.38 7.55 92.07
CA GLY A 1892 41.53 7.86 91.26
C GLY A 1892 41.20 8.73 90.06
N LEU A 1893 42.21 8.94 89.22
CA LEU A 1893 42.04 9.77 88.04
C LEU A 1893 41.09 9.13 87.03
N LEU A 1894 40.98 7.80 87.03
CA LEU A 1894 40.19 7.11 86.01
C LEU A 1894 38.71 7.44 86.13
N GLN A 1895 38.22 7.67 87.35
CA GLN A 1895 36.84 8.08 87.56
C GLN A 1895 36.83 9.45 88.24
N MET A 1896 36.98 10.50 87.41
CA MET A 1896 37.05 11.86 87.91
C MET A 1896 36.27 12.83 87.02
N LYS A 1897 35.54 12.31 86.03
CA LYS A 1897 34.85 13.12 85.03
C LYS A 1897 35.85 14.09 84.36
N LEU A 1898 36.83 13.47 83.70
CA LEU A 1898 37.95 14.14 83.06
C LEU A 1898 37.57 14.64 81.67
N PRO A 1899 38.19 15.74 81.23
CA PRO A 1899 37.98 16.22 79.86
C PRO A 1899 38.60 15.27 78.84
N GLU A 1900 38.22 15.48 77.58
CA GLU A 1900 38.70 14.62 76.50
C GLU A 1900 40.22 14.65 76.31
N PRO A 1901 40.90 15.81 76.30
CA PRO A 1901 42.37 15.77 76.19
C PRO A 1901 43.03 15.05 77.35
N VAL A 1902 42.47 15.17 78.56
CA VAL A 1902 43.02 14.44 79.71
C VAL A 1902 42.79 12.94 79.53
N LYS A 1903 41.63 12.57 79.02
CA LYS A 1903 41.33 11.16 78.76
C LYS A 1903 42.27 10.55 77.73
N LEU A 1904 42.66 11.32 76.70
CA LEU A 1904 43.63 10.82 75.73
C LEU A 1904 44.97 10.50 76.38
N GLN A 1905 45.48 11.39 77.24
CA GLN A 1905 46.72 11.13 77.95
C GLN A 1905 46.61 9.95 78.91
N MET A 1906 45.46 9.83 79.59
CA MET A 1906 45.24 8.65 80.44
C MET A 1906 45.23 7.37 79.64
N CYS A 1907 44.64 7.39 78.44
CA CYS A 1907 44.69 6.22 77.57
C CYS A 1907 46.12 5.90 77.16
N LEU A 1908 46.92 6.92 76.89
CA LEU A 1908 48.34 6.70 76.59
C LEU A 1908 49.06 6.03 77.76
N LEU A 1909 48.80 6.50 78.98
CA LEU A 1909 49.42 5.90 80.16
C LEU A 1909 48.99 4.45 80.34
N LEU A 1910 47.70 4.18 80.14
CA LEU A 1910 47.19 2.81 80.24
C LEU A 1910 47.81 1.90 79.19
N GLN A 1911 47.98 2.38 77.96
CA GLN A 1911 48.66 1.62 76.92
C GLN A 1911 50.12 1.36 77.28
N TYR A 1912 50.81 2.33 77.88
CA TYR A 1912 52.18 2.07 78.34
C TYR A 1912 52.20 0.98 79.42
N LEU A 1913 51.25 1.01 80.35
CA LEU A 1913 51.19 -0.04 81.36
C LEU A 1913 50.97 -1.41 80.71
N CYS A 1914 50.08 -1.46 79.72
CA CYS A 1914 49.86 -2.72 78.99
C CYS A 1914 51.15 -3.18 78.30
N ASP A 1915 51.89 -2.24 77.71
CA ASP A 1915 53.15 -2.58 77.07
C ASP A 1915 54.15 -3.14 78.07
N CYS A 1916 54.18 -2.56 79.28
CA CYS A 1916 55.05 -3.10 80.33
C CYS A 1916 54.66 -4.52 80.70
N GLN A 1917 53.35 -4.79 80.80
CA GLN A 1917 52.90 -6.14 81.07
C GLN A 1917 53.30 -7.12 79.96
N VAL A 1918 53.18 -6.69 78.70
CA VAL A 1918 53.61 -7.55 77.59
C VAL A 1918 55.11 -7.82 77.65
N ARG A 1919 55.92 -6.81 77.96
CA ARG A 1919 57.35 -7.01 78.12
C ARG A 1919 57.67 -8.00 79.24
N HIS A 1920 56.96 -7.90 80.37
CA HIS A 1920 57.15 -8.86 81.45
C HIS A 1920 56.81 -10.28 80.98
N ARG A 1921 55.72 -10.42 80.23
CA ARG A 1921 55.33 -11.72 79.70
C ARG A 1921 56.42 -12.29 78.80
N ILE A 1922 56.95 -11.47 77.90
CA ILE A 1922 57.99 -11.92 76.98
C ILE A 1922 59.24 -12.34 77.73
N GLU A 1923 59.65 -11.55 78.73
CA GLU A 1923 60.80 -11.91 79.54
C GLU A 1923 60.60 -13.21 80.31
N ALA A 1924 59.41 -13.44 80.85
CA ALA A 1924 59.14 -14.70 81.53
C ALA A 1924 59.18 -15.88 80.56
N ILE A 1925 58.66 -15.70 79.34
CA ILE A 1925 58.74 -16.76 78.35
C ILE A 1925 60.19 -17.08 78.01
N VAL A 1926 61.01 -16.04 77.82
CA VAL A 1926 62.44 -16.25 77.59
C VAL A 1926 63.12 -16.96 78.75
N ALA A 1927 62.77 -16.61 79.99
CA ALA A 1927 63.30 -17.29 81.17
C ALA A 1927 62.94 -18.77 81.20
N PHE A 1928 61.69 -19.10 80.88
CA PHE A 1928 61.28 -20.50 80.83
C PHE A 1928 62.01 -21.26 79.73
N SER A 1929 62.23 -20.60 78.58
CA SER A 1929 62.97 -21.22 77.49
C SER A 1929 64.33 -21.74 77.92
N ASP A 1930 65.01 -21.04 78.84
CA ASP A 1930 66.36 -21.43 79.25
C ASP A 1930 66.40 -22.88 79.73
N ASP A 1931 65.48 -23.28 80.60
CA ASP A 1931 65.55 -24.65 81.11
C ASP A 1931 64.79 -25.61 80.20
N PHE A 1932 63.70 -25.14 79.56
CA PHE A 1932 62.93 -26.06 78.73
C PHE A 1932 63.74 -26.54 77.54
N VAL A 1933 64.45 -25.61 76.86
CA VAL A 1933 65.29 -25.98 75.73
C VAL A 1933 66.47 -26.84 76.18
N ALA A 1934 67.03 -26.58 77.35
CA ALA A 1934 68.13 -27.40 77.83
C ALA A 1934 67.69 -28.85 78.05
N LYS A 1935 66.54 -29.05 78.71
CA LYS A 1935 66.07 -30.42 78.89
C LYS A 1935 65.64 -31.05 77.58
N LEU A 1936 65.08 -30.26 76.65
CA LEU A 1936 64.77 -30.78 75.32
C LEU A 1936 66.01 -31.27 74.61
N GLN A 1937 67.09 -30.48 74.63
CA GLN A 1937 68.34 -30.89 74.02
C GLN A 1937 68.92 -32.13 74.67
N ASP A 1938 68.87 -32.21 76.00
CA ASP A 1938 69.38 -33.40 76.69
C ASP A 1938 68.61 -34.66 76.30
N ASN A 1939 67.27 -34.62 76.30
CA ASN A 1939 66.53 -35.82 75.95
C ASN A 1939 66.67 -36.14 74.46
N GLN A 1940 66.77 -35.11 73.61
CA GLN A 1940 66.95 -35.30 72.18
C GLN A 1940 68.31 -35.87 71.82
N ARG A 1941 69.35 -35.60 72.62
CA ARG A 1941 70.64 -36.25 72.46
C ARG A 1941 70.68 -37.65 73.05
N PHE A 1942 69.99 -37.89 74.17
CA PHE A 1942 69.89 -39.25 74.70
C PHE A 1942 69.18 -40.15 73.69
N ARG A 1943 68.11 -39.65 73.06
CA ARG A 1943 67.42 -40.40 72.02
C ARG A 1943 68.35 -40.69 70.85
N TYR A 1944 69.18 -39.73 70.46
CA TYR A 1944 70.12 -39.95 69.38
C TYR A 1944 71.15 -41.01 69.74
N ASN A 1945 71.64 -40.99 70.98
CA ASN A 1945 72.57 -42.02 71.43
C ASN A 1945 71.94 -43.40 71.41
N GLU A 1946 70.70 -43.51 71.89
CA GLU A 1946 70.00 -44.78 71.83
C GLU A 1946 69.80 -45.24 70.38
N VAL A 1947 69.43 -44.31 69.50
CA VAL A 1947 69.22 -44.66 68.10
C VAL A 1947 70.52 -45.16 67.46
N MET A 1948 71.61 -44.50 67.75
CA MET A 1948 72.86 -44.85 67.09
C MET A 1948 73.44 -46.14 67.65
N GLN A 1949 73.13 -46.46 68.92
CA GLN A 1949 73.57 -47.73 69.48
C GLN A 1949 72.68 -48.88 69.02
N ALA A 1950 71.42 -48.60 68.70
CA ALA A 1950 70.53 -49.62 68.17
C ALA A 1950 70.59 -49.71 66.65
N LEU A 1951 71.34 -48.81 66.00
CA LEU A 1951 71.47 -48.80 64.54
C LEU A 1951 71.90 -50.14 63.96
N ASN A 1952 72.79 -50.86 64.65
CA ASN A 1952 73.28 -52.12 64.13
C ASN A 1952 72.18 -53.18 64.11
N MET A 1953 71.19 -53.05 65.01
CA MET A 1953 70.14 -54.06 65.11
C MET A 1953 69.28 -54.11 63.85
N SER A 1954 68.92 -52.93 63.32
CA SER A 1954 68.05 -52.86 62.16
C SER A 1954 68.43 -51.65 61.33
N ALA A 1955 68.88 -51.88 60.10
CA ALA A 1955 69.24 -50.79 59.21
C ALA A 1955 68.01 -50.09 58.64
N ALA A 1956 66.93 -50.85 58.42
CA ALA A 1956 65.71 -50.26 57.86
C ALA A 1956 65.10 -49.25 58.82
N LEU A 1957 65.04 -49.60 60.11
CA LEU A 1957 64.49 -48.69 61.10
C LEU A 1957 65.38 -47.46 61.31
N THR A 1958 66.66 -47.59 60.94
CA THR A 1958 67.62 -46.50 61.18
C THR A 1958 67.21 -45.24 60.43
N ALA A 1959 66.77 -45.39 59.18
CA ALA A 1959 66.42 -44.21 58.37
C ALA A 1959 65.26 -43.45 58.98
N ARG A 1960 64.20 -44.16 59.40
CA ARG A 1960 63.04 -43.46 59.96
C ARG A 1960 63.33 -42.94 61.36
N LYS A 1961 64.27 -43.57 62.07
CA LYS A 1961 64.68 -43.01 63.37
C LYS A 1961 65.49 -41.74 63.20
N THR A 1962 66.36 -41.70 62.18
CA THR A 1962 67.26 -40.56 61.98
C THR A 1962 66.65 -39.46 61.12
N LYS A 1963 65.47 -39.68 60.55
CA LYS A 1963 64.80 -38.62 59.79
C LYS A 1963 64.63 -37.36 60.63
N GLU A 1964 64.25 -37.52 61.89
CA GLU A 1964 64.16 -36.38 62.80
C GLU A 1964 65.52 -35.72 62.98
N PHE A 1965 66.58 -36.52 63.12
CA PHE A 1965 67.90 -35.99 63.37
C PHE A 1965 68.52 -35.34 62.14
N ARG A 1966 68.00 -35.65 60.94
CA ARG A 1966 68.46 -35.00 59.72
C ARG A 1966 67.48 -33.97 59.19
N SER A 1967 66.34 -33.78 59.85
CA SER A 1967 65.45 -32.68 59.51
C SER A 1967 66.04 -31.35 60.01
N PRO A 1968 65.78 -30.25 59.32
CA PRO A 1968 66.38 -28.96 59.69
C PRO A 1968 66.00 -28.57 61.11
N PRO A 1969 66.86 -27.82 61.82
CA PRO A 1969 66.59 -27.51 63.23
C PRO A 1969 65.24 -26.84 63.47
N GLN A 1970 64.80 -25.96 62.54
CA GLN A 1970 63.46 -25.39 62.66
C GLN A 1970 62.40 -26.49 62.59
N GLU A 1971 62.57 -27.45 61.69
CA GLU A 1971 61.65 -28.57 61.60
C GLU A 1971 61.69 -29.42 62.86
N GLN A 1972 62.87 -29.59 63.44
CA GLN A 1972 63.03 -30.35 64.68
C GLN A 1972 62.26 -29.69 65.81
N ILE A 1973 62.38 -28.37 65.92
CA ILE A 1973 61.60 -27.63 66.92
C ILE A 1973 60.11 -27.80 66.66
N ASN A 1974 59.70 -27.64 65.40
CA ASN A 1974 58.28 -27.74 65.06
C ASN A 1974 57.71 -29.13 65.35
N MET A 1975 58.48 -30.19 65.13
CA MET A 1975 57.98 -31.53 65.36
C MET A 1975 58.05 -31.93 66.83
N LEU A 1976 59.09 -31.51 67.55
CA LEU A 1976 59.15 -31.75 68.98
C LEU A 1976 58.14 -30.91 69.76
N LEU A 1977 57.57 -29.87 69.14
CA LEU A 1977 56.58 -29.04 69.81
C LEU A 1977 55.15 -29.35 69.37
N ASN A 1978 54.86 -30.59 68.95
CA ASN A 1978 53.51 -30.98 68.58
C ASN A 1978 52.79 -31.77 69.67
N PHE A 1979 53.31 -31.80 70.89
CA PHE A 1979 52.60 -32.54 71.94
C PHE A 1979 51.33 -31.82 72.39
N LYS A 1980 51.05 -30.64 71.84
CA LYS A 1980 49.72 -30.07 71.97
C LYS A 1980 48.71 -30.96 71.27
N ASP A 1981 47.46 -30.91 71.74
CA ASP A 1981 46.41 -31.82 71.31
C ASP A 1981 46.77 -33.25 71.69
N ASP A 1982 46.29 -34.23 70.92
CA ASP A 1982 46.47 -35.62 71.30
C ASP A 1982 47.11 -36.48 70.21
N LYS A 1983 47.61 -35.87 69.13
CA LYS A 1983 48.26 -36.65 68.08
C LYS A 1983 49.57 -37.26 68.57
N SER A 1984 50.32 -36.50 69.38
CA SER A 1984 51.50 -37.02 70.09
C SER A 1984 52.51 -37.68 69.17
N GLU A 1985 52.72 -37.10 67.99
CA GLU A 1985 53.69 -37.67 67.05
C GLU A 1985 55.12 -37.39 67.48
N CYS A 1986 55.32 -36.42 68.37
CA CYS A 1986 56.67 -36.06 68.79
C CYS A 1986 57.25 -37.14 69.70
N PRO A 1987 58.56 -37.39 69.63
CA PRO A 1987 59.21 -38.26 70.62
C PRO A 1987 59.63 -37.48 71.87
N CYS A 1988 58.66 -36.82 72.49
CA CYS A 1988 58.90 -35.95 73.63
C CYS A 1988 58.59 -36.67 74.92
N PRO A 1989 59.49 -36.63 75.91
CA PRO A 1989 59.20 -37.27 77.19
C PRO A 1989 58.01 -36.62 77.90
N GLU A 1990 57.34 -37.42 78.73
CA GLU A 1990 56.11 -36.97 79.37
C GLU A 1990 56.35 -35.79 80.29
N GLU A 1991 57.45 -35.82 81.04
CA GLU A 1991 57.75 -34.70 81.94
C GLU A 1991 58.03 -33.42 81.15
N ILE A 1992 58.75 -33.54 80.03
CA ILE A 1992 58.99 -32.38 79.18
C ILE A 1992 57.68 -31.84 78.63
N ARG A 1993 56.76 -32.74 78.28
CA ARG A 1993 55.43 -32.30 77.83
C ARG A 1993 54.71 -31.56 78.95
N ASP A 1994 54.77 -32.09 80.18
CA ASP A 1994 54.05 -31.51 81.29
C ASP A 1994 54.58 -30.12 81.63
N GLN A 1995 55.90 -29.93 81.53
CA GLN A 1995 56.47 -28.62 81.85
C GLN A 1995 55.85 -27.52 80.99
N LEU A 1996 55.82 -27.72 79.68
CA LEU A 1996 55.26 -26.71 78.80
C LEU A 1996 53.73 -26.67 78.90
N LEU A 1997 53.09 -27.81 79.14
CA LEU A 1997 51.65 -27.81 79.33
C LEU A 1997 51.22 -27.03 80.55
N ASP A 1998 52.08 -26.93 81.56
CA ASP A 1998 51.82 -26.10 82.73
C ASP A 1998 52.20 -24.65 82.50
N PHE A 1999 53.34 -24.42 81.84
CA PHE A 1999 53.78 -23.05 81.60
C PHE A 1999 52.82 -22.31 80.67
N HIS A 2000 52.33 -22.99 79.63
CA HIS A 2000 51.36 -22.38 78.72
C HIS A 2000 50.05 -22.04 79.42
N GLU A 2001 49.56 -22.90 80.31
CA GLU A 2001 48.38 -22.58 81.11
C GLU A 2001 48.63 -21.39 82.03
N ASP A 2002 49.80 -21.33 82.66
CA ASP A 2002 50.12 -20.18 83.50
C ASP A 2002 50.18 -18.89 82.68
N LEU A 2003 50.77 -18.96 81.49
CA LEU A 2003 50.84 -17.79 80.61
C LEU A 2003 49.46 -17.34 80.14
N MET A 2004 48.59 -18.29 79.79
CA MET A 2004 47.22 -17.94 79.44
C MET A 2004 46.45 -17.34 80.62
N THR A 2005 46.68 -17.86 81.83
CA THR A 2005 46.07 -17.26 83.02
C THR A 2005 46.56 -15.83 83.22
N HIS A 2006 47.86 -15.60 83.03
CA HIS A 2006 48.41 -14.24 83.14
C HIS A 2006 47.80 -13.32 82.09
N CYS A 2007 47.64 -13.81 80.86
CA CYS A 2007 47.03 -13.02 79.81
C CYS A 2007 45.52 -12.87 79.99
N GLY A 2008 44.91 -13.66 80.88
CA GLY A 2008 43.47 -13.58 81.09
C GLY A 2008 42.64 -14.33 80.09
N ILE A 2009 43.26 -15.15 79.23
CA ILE A 2009 42.52 -15.87 78.21
C ILE A 2009 41.57 -16.89 78.84
N GLU A 2010 42.06 -17.64 79.82
CA GLU A 2010 41.24 -18.66 80.47
C GLU A 2010 40.76 -18.20 81.84
N LYS A 2053 34.00 -8.33 93.79
CA LYS A 2053 33.52 -8.25 92.42
C LYS A 2053 34.28 -7.19 91.63
N LYS A 2054 35.24 -6.55 92.29
CA LYS A 2054 36.05 -5.52 91.66
C LYS A 2054 36.93 -6.14 90.58
N SER A 2055 37.43 -5.30 89.68
CA SER A 2055 38.21 -5.79 88.55
C SER A 2055 39.47 -6.50 89.01
N SER A 2056 40.24 -5.86 89.90
CA SER A 2056 41.45 -6.40 90.51
C SER A 2056 42.59 -6.60 89.52
N THR A 2057 42.36 -6.34 88.23
CA THR A 2057 43.38 -6.49 87.21
C THR A 2057 43.33 -5.29 86.27
N LEU A 2058 44.48 -4.98 85.68
CA LEU A 2058 44.55 -3.85 84.75
C LEU A 2058 43.67 -4.10 83.52
N GLN A 2059 43.65 -5.34 83.03
CA GLN A 2059 42.85 -5.66 81.85
C GLN A 2059 41.37 -5.40 82.10
N GLN A 2060 40.83 -5.93 83.20
CA GLN A 2060 39.42 -5.72 83.53
C GLN A 2060 39.15 -4.26 83.84
N LEU A 2061 40.08 -3.59 84.52
CA LEU A 2061 39.91 -2.17 84.81
C LEU A 2061 39.77 -1.36 83.53
N ILE A 2062 40.64 -1.60 82.55
CA ILE A 2062 40.56 -0.88 81.29
C ILE A 2062 39.29 -1.24 80.53
N SER A 2063 38.95 -2.53 80.49
CA SER A 2063 37.73 -2.96 79.81
C SER A 2063 36.48 -2.33 80.40
N GLU A 2064 36.46 -2.10 81.70
CA GLU A 2064 35.34 -1.38 82.31
C GLU A 2064 35.41 0.12 82.02
N THR A 2065 36.59 0.72 82.13
CA THR A 2065 36.71 2.17 82.04
C THR A 2065 36.41 2.68 80.65
N MET A 2066 36.92 2.00 79.61
CA MET A 2066 36.69 2.45 78.25
C MET A 2066 35.20 2.44 77.91
N VAL A 2067 34.52 1.33 78.22
CA VAL A 2067 33.10 1.20 77.95
C VAL A 2067 32.32 2.19 78.79
N ARG A 2068 32.74 2.43 80.03
CA ARG A 2068 32.04 3.39 80.88
C ARG A 2068 32.13 4.79 80.29
N TRP A 2069 33.32 5.19 79.82
CA TRP A 2069 33.47 6.50 79.18
C TRP A 2069 32.57 6.61 77.95
N ALA A 2070 32.60 5.58 77.09
CA ALA A 2070 31.83 5.62 75.86
C ALA A 2070 30.34 5.70 76.14
N GLN A 2071 29.86 4.95 77.13
CA GLN A 2071 28.44 5.02 77.50
C GLN A 2071 28.10 6.36 78.15
N GLU A 2072 29.03 6.91 78.93
CA GLU A 2072 28.76 8.15 79.65
C GLU A 2072 28.62 9.32 78.69
N SER A 2073 29.54 9.46 77.75
CA SER A 2073 29.51 10.63 76.88
C SER A 2073 29.75 10.23 75.44
N VAL A 2074 29.20 11.03 74.53
CA VAL A 2074 29.49 10.90 73.11
C VAL A 2074 30.80 11.63 72.83
N ILE A 2075 31.88 10.87 72.63
CA ILE A 2075 33.20 11.47 72.49
C ILE A 2075 33.28 12.17 71.13
N GLU A 2076 33.53 13.48 71.16
CA GLU A 2076 33.58 14.29 69.95
C GLU A 2076 34.89 14.09 69.19
N ASP A 2077 36.00 13.93 69.91
CA ASP A 2077 37.30 13.84 69.26
C ASP A 2077 37.49 12.44 68.67
N PRO A 2078 37.70 12.32 67.35
CA PRO A 2078 37.90 10.99 66.77
C PRO A 2078 39.11 10.24 67.31
N GLU A 2079 40.19 10.95 67.63
CA GLU A 2079 41.39 10.29 68.14
C GLU A 2079 41.16 9.64 69.49
N LEU A 2080 40.37 10.26 70.37
CA LEU A 2080 40.06 9.63 71.65
C LEU A 2080 39.28 8.33 71.45
N VAL A 2081 38.31 8.35 70.54
CA VAL A 2081 37.55 7.13 70.24
C VAL A 2081 38.48 6.06 69.70
N ARG A 2082 39.36 6.44 68.77
CA ARG A 2082 40.30 5.48 68.20
C ARG A 2082 41.18 4.87 69.27
N ALA A 2083 41.76 5.70 70.14
CA ALA A 2083 42.64 5.20 71.19
C ALA A 2083 41.89 4.30 72.16
N MET A 2084 40.68 4.69 72.55
CA MET A 2084 39.89 3.89 73.49
C MET A 2084 39.60 2.52 72.91
N PHE A 2085 39.18 2.47 71.65
CA PHE A 2085 38.83 1.18 71.07
C PHE A 2085 40.07 0.33 70.78
N VAL A 2086 41.19 0.97 70.42
CA VAL A 2086 42.43 0.23 70.27
C VAL A 2086 42.83 -0.40 71.59
N LEU A 2087 42.74 0.36 72.68
CA LEU A 2087 43.10 -0.17 73.99
C LEU A 2087 42.16 -1.30 74.42
N LEU A 2088 40.86 -1.13 74.17
CA LEU A 2088 39.90 -2.19 74.50
C LEU A 2088 40.18 -3.46 73.71
N HIS A 2089 40.49 -3.32 72.42
CA HIS A 2089 40.85 -4.49 71.62
C HIS A 2089 42.14 -5.13 72.12
N ARG A 2090 43.09 -4.32 72.57
CA ARG A 2090 44.31 -4.87 73.15
C ARG A 2090 44.01 -5.70 74.39
N GLN A 2091 43.12 -5.20 75.25
CA GLN A 2091 42.74 -5.98 76.43
C GLN A 2091 42.03 -7.27 76.06
N TYR A 2092 41.13 -7.22 75.06
CA TYR A 2092 40.34 -8.39 74.70
C TYR A 2092 41.08 -9.35 73.75
N ASP A 2093 42.26 -8.97 73.27
CA ASP A 2093 43.01 -9.79 72.33
C ASP A 2093 44.46 -9.94 72.82
N GLY A 2094 44.61 -10.33 74.10
CA GLY A 2094 45.94 -10.41 74.68
C GLY A 2094 46.88 -11.34 73.95
N ILE A 2095 46.34 -12.38 73.31
CA ILE A 2095 47.17 -13.28 72.52
C ILE A 2095 47.79 -12.56 71.33
N GLY A 2096 47.10 -11.51 70.85
CA GLY A 2096 47.66 -10.71 69.78
C GLY A 2096 48.95 -10.02 70.14
N GLY A 2097 49.05 -9.52 71.37
CA GLY A 2097 50.31 -8.97 71.83
C GLY A 2097 51.44 -9.97 71.75
N LEU A 2098 51.17 -11.22 72.12
CA LEU A 2098 52.19 -12.26 72.02
C LEU A 2098 52.54 -12.56 70.57
N VAL A 2099 51.53 -12.71 69.71
CA VAL A 2099 51.81 -13.03 68.30
C VAL A 2099 52.49 -11.89 67.57
N ARG A 2100 52.43 -10.67 68.09
CA ARG A 2100 53.15 -9.56 67.49
C ARG A 2100 54.48 -9.25 68.17
N ALA A 2101 54.68 -9.72 69.39
CA ALA A 2101 55.93 -9.42 70.10
C ALA A 2101 56.95 -10.54 69.93
N LEU A 2102 56.52 -11.80 70.00
CA LEU A 2102 57.43 -12.93 69.86
C LEU A 2102 58.20 -12.94 68.55
N PRO A 2103 57.61 -12.66 67.39
CA PRO A 2103 58.42 -12.55 66.17
C PRO A 2103 59.45 -11.44 66.21
N LYS A 2104 59.27 -10.44 67.07
CA LYS A 2104 60.28 -9.40 67.30
C LYS A 2104 61.06 -9.64 68.59
N THR A 2105 61.07 -10.87 69.09
CA THR A 2105 61.81 -11.23 70.29
C THR A 2105 63.06 -11.99 69.91
N TYR A 2106 64.22 -11.50 70.37
CA TYR A 2106 65.50 -12.15 70.12
C TYR A 2106 66.22 -12.36 71.44
N THR A 2107 67.10 -13.37 71.43
CA THR A 2107 67.83 -13.77 72.63
C THR A 2107 69.32 -13.84 72.29
N ILE A 2108 70.15 -13.28 73.16
CA ILE A 2108 71.58 -13.22 72.95
C ILE A 2108 72.29 -13.77 74.19
N ASN A 2109 73.54 -14.17 74.00
CA ASN A 2109 74.36 -14.63 75.11
C ASN A 2109 74.86 -13.45 75.92
N GLY A 2110 75.33 -13.74 77.14
CA GLY A 2110 75.80 -12.69 78.02
C GLY A 2110 77.05 -11.99 77.50
N VAL A 2111 77.91 -12.71 76.77
CA VAL A 2111 79.15 -12.14 76.29
C VAL A 2111 78.90 -11.07 75.24
N SER A 2112 77.81 -11.18 74.48
CA SER A 2112 77.53 -10.29 73.36
C SER A 2112 76.73 -9.05 73.78
N VAL A 2113 76.52 -8.84 75.08
CA VAL A 2113 75.66 -7.75 75.54
C VAL A 2113 76.23 -6.40 75.13
N GLU A 2114 77.54 -6.19 75.31
CA GLU A 2114 78.13 -4.90 74.99
C GLU A 2114 78.06 -4.61 73.48
N ASP A 2115 78.37 -5.61 72.65
CA ASP A 2115 78.29 -5.40 71.21
C ASP A 2115 76.85 -5.14 70.79
N THR A 2116 75.89 -5.87 71.38
CA THR A 2116 74.50 -5.65 71.05
C THR A 2116 74.03 -4.26 71.44
N ILE A 2117 74.43 -3.77 72.62
CA ILE A 2117 73.98 -2.44 73.04
C ILE A 2117 74.64 -1.36 72.18
N ASN A 2118 75.90 -1.54 71.79
CA ASN A 2118 76.52 -0.58 70.88
C ASN A 2118 75.81 -0.56 69.53
N LEU A 2119 75.50 -1.74 68.99
CA LEU A 2119 74.78 -1.80 67.73
C LEU A 2119 73.39 -1.19 67.85
N LEU A 2120 72.69 -1.41 68.96
CA LEU A 2120 71.39 -0.80 69.18
C LEU A 2120 71.48 0.72 69.29
N ALA A 2121 72.52 1.25 69.93
CA ALA A 2121 72.69 2.71 69.96
C ALA A 2121 72.94 3.28 68.57
N SER A 2122 73.78 2.60 67.77
CA SER A 2122 74.01 3.05 66.40
C SER A 2122 72.72 3.00 65.59
N LEU A 2123 71.96 1.93 65.74
CA LEU A 2123 70.67 1.82 65.05
C LEU A 2123 69.69 2.88 65.51
N GLY A 2124 69.72 3.22 66.80
CA GLY A 2124 68.85 4.24 67.32
C GLY A 2124 69.16 5.57 66.68
N GLN A 2125 70.45 5.87 66.53
CA GLN A 2125 70.84 7.10 65.84
C GLN A 2125 70.37 7.09 64.39
N ILE A 2126 70.60 5.99 63.67
CA ILE A 2126 70.24 5.92 62.26
C ILE A 2126 68.73 6.07 62.08
N ARG A 2127 67.95 5.39 62.92
CA ARG A 2127 66.50 5.44 62.86
C ARG A 2127 65.92 6.78 63.30
N SER A 2128 66.49 7.41 64.32
CA SER A 2128 66.04 8.71 64.77
C SER A 2128 66.36 9.83 63.78
N LEU A 2129 67.43 9.69 63.00
CA LEU A 2129 67.70 10.70 61.99
C LEU A 2129 66.86 10.53 60.73
N LEU A 2130 65.89 9.61 60.73
CA LEU A 2130 64.91 9.55 59.65
C LEU A 2130 64.00 10.77 59.67
N SER A 2131 63.70 11.29 60.84
CA SER A 2131 62.70 12.34 61.01
C SER A 2131 63.24 13.74 60.73
N VAL A 2132 64.48 13.86 60.28
CA VAL A 2132 65.07 15.16 59.97
C VAL A 2132 65.35 15.23 58.48
N ARG A 2133 65.29 16.45 57.94
CA ARG A 2133 65.60 16.65 56.52
C ARG A 2133 67.08 16.41 56.27
N MET A 2134 67.37 15.86 55.09
CA MET A 2134 68.72 15.39 54.80
C MET A 2134 69.70 16.55 54.66
N GLY A 2135 70.93 16.35 55.15
CA GLY A 2135 71.94 17.38 55.10
C GLY A 2135 73.34 16.77 55.10
N LYS A 2136 74.34 17.66 55.13
CA LYS A 2136 75.73 17.20 55.08
C LYS A 2136 76.16 16.53 56.39
N GLU A 2137 75.86 17.17 57.52
CA GLU A 2137 76.21 16.57 58.80
C GLU A 2137 75.43 15.28 59.03
N GLU A 2138 74.17 15.23 58.58
CA GLU A 2138 73.42 13.99 58.59
C GLU A 2138 74.02 12.95 57.67
N GLU A 2139 74.62 13.35 56.55
CA GLU A 2139 75.32 12.41 55.68
C GLU A 2139 76.51 11.80 56.40
N LYS A 2140 77.30 12.62 57.08
CA LYS A 2140 78.39 12.10 57.90
C LYS A 2140 77.89 11.17 58.99
N LEU A 2141 76.79 11.51 59.66
CA LEU A 2141 76.24 10.64 60.70
C LEU A 2141 75.79 9.30 60.12
N MET A 2142 75.11 9.32 58.97
CA MET A 2142 74.70 8.08 58.32
C MET A 2142 75.91 7.21 57.97
N ILE A 2143 76.93 7.81 57.34
CA ILE A 2143 78.08 7.01 56.94
C ILE A 2143 78.79 6.43 58.16
N ARG A 2144 78.98 7.25 59.20
CA ARG A 2144 79.68 6.77 60.40
C ARG A 2144 78.88 5.68 61.11
N GLY A 2145 77.57 5.85 61.21
CA GLY A 2145 76.75 4.84 61.86
C GLY A 2145 76.73 3.54 61.09
N LEU A 2146 76.62 3.63 59.76
CA LEU A 2146 76.67 2.42 58.94
C LEU A 2146 78.02 1.72 59.08
N GLY A 2147 79.10 2.49 59.15
CA GLY A 2147 80.41 1.91 59.38
C GLY A 2147 80.50 1.18 60.70
N ASP A 2148 79.99 1.80 61.78
CA ASP A 2148 80.00 1.13 63.08
C ASP A 2148 79.18 -0.16 63.03
N ILE A 2149 78.00 -0.10 62.40
CA ILE A 2149 77.14 -1.29 62.33
C ILE A 2149 77.85 -2.40 61.57
N MET A 2150 78.52 -2.07 60.47
CA MET A 2150 79.30 -3.06 59.75
C MET A 2150 80.40 -3.64 60.63
N ASN A 2151 81.07 -2.78 61.41
CA ASN A 2151 82.19 -3.26 62.21
C ASN A 2151 81.73 -4.14 63.37
N ASN A 2152 80.50 -3.97 63.84
CA ASN A 2152 80.00 -4.81 64.92
C ASN A 2152 79.95 -6.28 64.49
N LYS A 2153 80.43 -7.16 65.37
CA LYS A 2153 80.42 -8.59 65.07
C LYS A 2153 79.01 -9.17 65.14
N VAL A 2154 78.11 -8.49 65.87
CA VAL A 2154 76.73 -8.96 65.98
C VAL A 2154 76.05 -8.91 64.62
N PHE A 2155 76.39 -7.91 63.81
CA PHE A 2155 75.81 -7.79 62.47
C PHE A 2155 76.05 -9.04 61.64
N TYR A 2156 77.21 -9.67 61.83
CA TYR A 2156 77.50 -10.92 61.12
C TYR A 2156 76.90 -12.12 61.84
N GLN A 2157 77.09 -12.19 63.16
CA GLN A 2157 76.75 -13.41 63.88
C GLN A 2157 75.24 -13.62 63.98
N HIS A 2158 74.46 -12.55 63.94
CA HIS A 2158 73.03 -12.67 64.12
C HIS A 2158 72.27 -11.97 63.00
N PRO A 2159 72.17 -12.59 61.82
CA PRO A 2159 71.38 -11.97 60.74
C PRO A 2159 69.89 -11.92 61.04
N ASN A 2160 69.38 -12.89 61.82
CA ASN A 2160 67.97 -12.89 62.16
C ASN A 2160 67.59 -11.69 63.03
N LEU A 2161 68.45 -11.34 63.99
CA LEU A 2161 68.21 -10.12 64.77
C LEU A 2161 68.22 -8.90 63.87
N MET A 2162 69.15 -8.85 62.91
CA MET A 2162 69.24 -7.70 62.02
C MET A 2162 67.98 -7.56 61.18
N ARG A 2163 67.45 -8.69 60.70
CA ARG A 2163 66.22 -8.69 59.92
C ARG A 2163 65.00 -8.33 60.77
N ALA A 2164 64.96 -8.80 62.02
CA ALA A 2164 63.82 -8.52 62.89
C ALA A 2164 63.82 -7.08 63.36
N LEU A 2165 64.99 -6.45 63.41
CA LEU A 2165 65.08 -5.05 63.84
C LEU A 2165 64.57 -4.11 62.75
N GLY A 2166 64.30 -4.65 61.56
CA GLY A 2166 63.82 -3.84 60.46
C GLY A 2166 64.87 -2.85 59.97
N MET A 2167 66.13 -3.28 59.99
CA MET A 2167 67.24 -2.37 59.68
C MET A 2167 67.33 -2.09 58.19
N HIS A 2168 67.16 -3.13 57.37
CA HIS A 2168 67.21 -2.93 55.93
C HIS A 2168 66.08 -2.02 55.47
N GLU A 2169 64.91 -2.10 56.11
CA GLU A 2169 63.84 -1.15 55.82
C GLU A 2169 64.22 0.27 56.17
N THR A 2170 64.94 0.48 57.28
CA THR A 2170 65.36 1.83 57.66
C THR A 2170 66.33 2.41 56.63
N VAL A 2171 67.33 1.61 56.25
CA VAL A 2171 68.28 2.05 55.23
C VAL A 2171 67.56 2.33 53.92
N MET A 2172 66.60 1.47 53.56
CA MET A 2172 65.80 1.65 52.36
C MET A 2172 65.02 2.95 52.41
N GLU A 2173 64.41 3.27 53.55
CA GLU A 2173 63.65 4.50 53.67
C GLU A 2173 64.53 5.73 53.56
N VAL A 2174 65.73 5.69 54.14
CA VAL A 2174 66.67 6.79 53.96
C VAL A 2174 66.98 6.98 52.48
N MET A 2175 67.28 5.88 51.79
CA MET A 2175 67.60 5.97 50.37
C MET A 2175 66.40 6.45 49.55
N VAL A 2176 65.19 6.01 49.91
CA VAL A 2176 63.98 6.46 49.22
C VAL A 2176 63.81 7.95 49.37
N ASN A 2177 63.95 8.46 50.59
CA ASN A 2177 63.80 9.90 50.81
C ASN A 2177 64.80 10.68 49.98
N VAL A 2178 66.07 10.27 50.00
CA VAL A 2178 67.09 11.06 49.31
C VAL A 2178 66.93 10.95 47.80
N LEU A 2179 66.63 9.75 47.28
CA LEU A 2179 66.44 9.59 45.84
C LEU A 2179 65.23 10.37 45.35
N GLY A 2180 64.14 10.38 46.12
CA GLY A 2180 62.99 11.17 45.75
C GLY A 2180 63.27 12.66 45.80
N GLY A 2181 64.06 13.12 46.76
CA GLY A 2181 64.43 14.51 46.83
C GLY A 2181 65.42 14.90 45.73
N GLY A 2182 64.96 15.71 44.79
CA GLY A 2182 65.79 16.19 43.72
C GLY A 2182 66.29 15.10 42.77
N GLU A 2183 65.38 14.23 42.35
CA GLU A 2183 65.76 13.13 41.45
C GLU A 2183 66.18 13.66 40.08
N SER A 2184 65.54 14.73 39.61
CA SER A 2184 65.86 15.26 38.29
C SER A 2184 67.27 15.82 38.24
N LYS A 2185 67.68 16.57 39.27
CA LYS A 2185 69.02 17.14 39.33
C LYS A 2185 69.98 16.12 39.95
N GLU A 2186 70.30 15.11 39.13
CA GLU A 2186 71.09 13.94 39.52
C GLU A 2186 70.71 13.47 40.92
N ILE A 2187 71.67 13.10 41.77
CA ILE A 2187 71.33 12.64 43.11
C ILE A 2187 72.06 13.48 44.16
N THR A 2188 71.30 14.19 44.98
CA THR A 2188 71.90 14.94 46.08
C THR A 2188 72.51 13.97 47.10
N PHE A 2189 73.68 14.35 47.62
CA PHE A 2189 74.43 13.54 48.57
C PHE A 2189 74.67 12.15 48.01
N PRO A 2190 75.40 12.03 46.89
CA PRO A 2190 75.59 10.70 46.29
C PRO A 2190 76.39 9.75 47.15
N LYS A 2191 77.28 10.27 48.00
CA LYS A 2191 78.11 9.41 48.85
C LYS A 2191 77.29 8.57 49.82
N MET A 2192 76.29 9.15 50.47
CA MET A 2192 75.49 8.39 51.41
C MET A 2192 74.58 7.40 50.68
N VAL A 2193 74.11 7.75 49.49
CA VAL A 2193 73.34 6.81 48.68
C VAL A 2193 74.20 5.60 48.32
N ALA A 2194 75.44 5.84 47.89
CA ALA A 2194 76.37 4.76 47.60
C ALA A 2194 76.65 3.93 48.84
N ASN A 2195 76.81 4.57 50.00
CA ASN A 2195 77.06 3.85 51.24
C ASN A 2195 75.88 2.95 51.60
N CYS A 2196 74.66 3.46 51.44
CA CYS A 2196 73.47 2.67 51.75
C CYS A 2196 73.34 1.49 50.78
N CYS A 2197 73.62 1.72 49.49
CA CYS A 2197 73.58 0.63 48.54
C CYS A 2197 74.62 -0.44 48.87
N ARG A 2198 75.82 0.00 49.25
CA ARG A 2198 76.86 -0.94 49.66
C ARG A 2198 76.43 -1.73 50.90
N PHE A 2199 75.82 -1.05 51.86
CA PHE A 2199 75.36 -1.72 53.08
C PHE A 2199 74.27 -2.74 52.76
N LEU A 2200 73.36 -2.40 51.86
CA LEU A 2200 72.31 -3.34 51.47
C LEU A 2200 72.88 -4.55 50.72
N CYS A 2201 73.85 -4.31 49.83
CA CYS A 2201 74.50 -5.42 49.14
C CYS A 2201 75.21 -6.35 50.13
N TYR A 2202 75.93 -5.78 51.08
CA TYR A 2202 76.59 -6.60 52.10
C TYR A 2202 75.61 -7.31 53.00
N PHE A 2203 74.48 -6.66 53.32
CA PHE A 2203 73.42 -7.30 54.11
C PHE A 2203 72.85 -8.50 53.36
N CYS A 2204 72.65 -8.36 52.04
CA CYS A 2204 72.24 -9.50 51.23
C CYS A 2204 73.29 -10.61 51.26
N ARG A 2205 74.56 -10.24 51.17
CA ARG A 2205 75.64 -11.22 51.12
C ARG A 2205 75.83 -11.95 52.45
N ILE A 2206 75.45 -11.32 53.57
CA ILE A 2206 75.66 -11.93 54.88
C ILE A 2206 74.95 -13.27 54.98
N SER A 2207 73.67 -13.33 54.63
CA SER A 2207 72.90 -14.54 54.79
C SER A 2207 71.86 -14.63 53.68
N ARG A 2208 71.40 -15.86 53.42
CA ARG A 2208 70.49 -16.09 52.30
C ARG A 2208 69.09 -15.58 52.60
N GLN A 2209 68.61 -15.72 53.84
CA GLN A 2209 67.30 -15.19 54.21
C GLN A 2209 67.25 -13.67 54.10
N ASN A 2210 68.32 -12.97 54.46
CA ASN A 2210 68.39 -11.53 54.26
C ASN A 2210 68.29 -11.19 52.78
N GLN A 2211 68.83 -12.06 51.92
CA GLN A 2211 68.72 -11.83 50.48
C GLN A 2211 67.27 -11.86 50.03
N LYS A 2212 66.48 -12.81 50.53
CA LYS A 2212 65.06 -12.85 50.21
C LYS A 2212 64.32 -11.65 50.81
N ALA A 2213 64.69 -11.26 52.02
CA ALA A 2213 64.07 -10.10 52.65
C ALA A 2213 64.29 -8.84 51.82
N MET A 2214 65.49 -8.68 51.26
CA MET A 2214 65.74 -7.55 50.38
C MET A 2214 65.06 -7.73 49.03
N PHE A 2215 64.96 -8.97 48.54
CA PHE A 2215 64.27 -9.26 47.30
C PHE A 2215 62.80 -8.88 47.35
N ASP A 2216 62.19 -8.93 48.53
CA ASP A 2216 60.78 -8.58 48.65
C ASP A 2216 60.48 -7.15 48.19
N HIS A 2217 61.48 -6.27 48.15
CA HIS A 2217 61.31 -4.91 47.67
C HIS A 2217 62.10 -4.64 46.40
N LEU A 2218 62.30 -5.68 45.57
CA LEU A 2218 63.10 -5.52 44.36
C LEU A 2218 62.41 -4.62 43.34
N SER A 2219 61.09 -4.46 43.45
CA SER A 2219 60.36 -3.65 42.48
C SER A 2219 60.80 -2.20 42.50
N TYR A 2220 60.99 -1.64 43.70
CA TYR A 2220 61.35 -0.23 43.84
C TYR A 2220 62.69 0.06 43.18
N LEU A 2221 63.67 -0.81 43.42
CA LEU A 2221 65.01 -0.61 42.89
C LEU A 2221 65.01 -0.59 41.36
N LEU A 2222 64.01 -1.23 40.75
CA LEU A 2222 63.97 -1.24 39.29
C LEU A 2222 63.59 0.12 38.71
N GLU A 2223 62.55 0.77 39.24
CA GLU A 2223 62.23 2.10 38.74
C GLU A 2223 63.26 3.13 39.21
N ASN A 2224 64.01 2.81 40.27
CA ASN A 2224 65.15 3.64 40.65
C ASN A 2224 66.49 3.00 40.32
N SER A 2225 66.57 2.31 39.19
CA SER A 2225 67.84 1.76 38.73
C SER A 2225 68.75 2.85 38.19
N SER A 2226 68.20 3.80 37.42
CA SER A 2226 68.98 4.85 36.80
C SER A 2226 69.27 5.96 37.81
N VAL A 2227 70.23 5.69 38.69
CA VAL A 2227 70.62 6.63 39.73
C VAL A 2227 72.03 7.16 39.45
N GLY A 2228 73.00 6.25 39.42
CA GLY A 2228 74.39 6.65 39.20
C GLY A 2228 75.13 5.70 38.28
N LEU A 2229 74.41 5.08 37.35
CA LEU A 2229 75.02 4.12 36.44
C LEU A 2229 76.07 4.78 35.56
N ALA A 2230 75.79 6.00 35.08
CA ALA A 2230 76.73 6.71 34.23
C ALA A 2230 78.01 7.06 34.98
N SER A 2231 77.89 7.50 36.22
CA SER A 2231 79.05 7.94 36.98
C SER A 2231 79.87 6.73 37.42
N PRO A 2232 81.16 6.66 37.06
CA PRO A 2232 82.00 5.57 37.55
C PRO A 2232 82.39 5.76 39.01
N ALA A 2233 83.13 4.80 39.57
CA ALA A 2233 83.54 4.72 40.97
C ALA A 2233 82.35 4.47 41.89
N MET A 2234 81.13 4.43 41.35
CA MET A 2234 79.95 4.04 42.11
C MET A 2234 79.49 2.63 41.75
N ARG A 2235 80.26 1.92 40.94
CA ARG A 2235 79.90 0.56 40.57
C ARG A 2235 79.88 -0.34 41.81
N GLY A 2236 78.84 -1.16 41.90
CA GLY A 2236 78.61 -1.95 43.10
C GLY A 2236 77.92 -1.20 44.22
N SER A 2237 77.60 0.08 44.01
CA SER A 2237 76.92 0.89 45.02
C SER A 2237 75.73 1.65 44.44
N THR A 2238 75.00 1.06 43.51
CA THR A 2238 73.79 1.61 42.94
C THR A 2238 72.60 0.71 43.23
N PRO A 2239 71.38 1.24 43.18
CA PRO A 2239 70.20 0.39 43.42
C PRO A 2239 70.10 -0.78 42.44
N LEU A 2240 70.59 -0.61 41.21
CA LEU A 2240 70.67 -1.73 40.29
C LEU A 2240 71.61 -2.80 40.81
N ASP A 2241 72.74 -2.40 41.40
CA ASP A 2241 73.64 -3.37 42.02
C ASP A 2241 72.98 -4.06 43.21
N VAL A 2242 72.18 -3.32 43.98
CA VAL A 2242 71.49 -3.92 45.12
C VAL A 2242 70.48 -4.97 44.63
N ALA A 2243 69.75 -4.65 43.56
CA ALA A 2243 68.83 -5.63 42.99
C ALA A 2243 69.58 -6.84 42.45
N ALA A 2244 70.73 -6.62 41.82
CA ALA A 2244 71.53 -7.73 41.31
C ALA A 2244 72.01 -8.62 42.45
N ALA A 2245 72.44 -8.02 43.56
CA ALA A 2245 72.83 -8.79 44.73
C ALA A 2245 71.67 -9.53 45.37
N SER A 2246 70.46 -8.94 45.35
CA SER A 2246 69.29 -9.61 45.89
C SER A 2246 68.85 -10.78 45.03
N VAL A 2247 69.09 -10.70 43.71
CA VAL A 2247 68.73 -11.77 42.80
C VAL A 2247 69.92 -12.67 42.47
N MET A 2248 71.06 -12.43 43.12
CA MET A 2248 72.31 -13.10 42.76
C MET A 2248 72.37 -14.48 43.39
N ASP A 2249 72.62 -15.50 42.55
CA ASP A 2249 72.94 -16.87 42.96
C ASP A 2249 71.89 -17.51 43.85
N ASN A 2250 70.66 -17.00 43.89
CA ASN A 2250 69.57 -17.60 44.64
C ASN A 2250 68.57 -18.16 43.63
N ASN A 2251 68.46 -19.49 43.58
CA ASN A 2251 67.62 -20.12 42.57
C ASN A 2251 66.14 -19.89 42.86
N GLU A 2252 65.74 -19.96 44.14
CA GLU A 2252 64.36 -19.62 44.50
C GLU A 2252 64.00 -18.22 44.06
N LEU A 2253 64.87 -17.25 44.34
CA LEU A 2253 64.61 -15.88 43.94
C LEU A 2253 64.63 -15.69 42.43
N ALA A 2254 65.55 -16.35 41.72
CA ALA A 2254 65.59 -16.24 40.27
C ALA A 2254 64.32 -16.81 39.63
N LEU A 2255 63.84 -17.93 40.15
CA LEU A 2255 62.60 -18.52 39.67
C LEU A 2255 61.37 -17.67 40.02
N ALA A 2256 61.34 -17.08 41.22
CA ALA A 2256 60.21 -16.25 41.60
C ALA A 2256 60.25 -14.88 40.94
N LEU A 2257 61.37 -14.50 40.34
CA LEU A 2257 61.45 -13.24 39.60
C LEU A 2257 60.36 -13.21 38.52
N ARG A 2258 59.62 -12.10 38.48
CA ARG A 2258 58.49 -11.99 37.57
C ARG A 2258 58.92 -11.44 36.21
N GLU A 2259 57.99 -11.48 35.26
CA GLU A 2259 58.23 -11.02 33.91
C GLU A 2259 58.19 -9.49 33.79
N PRO A 2260 57.25 -8.78 34.43
CA PRO A 2260 57.30 -7.31 34.38
C PRO A 2260 58.59 -6.72 34.95
N ASP A 2261 59.16 -7.39 35.96
CA ASP A 2261 60.43 -6.91 36.52
C ASP A 2261 61.54 -6.96 35.48
N LEU A 2262 61.59 -8.04 34.69
CA LEU A 2262 62.54 -8.09 33.59
C LEU A 2262 62.19 -7.11 32.49
N GLU A 2263 60.89 -6.88 32.27
CA GLU A 2263 60.43 -5.99 31.22
C GLU A 2263 60.86 -4.55 31.48
N LYS A 2264 60.82 -4.13 32.74
CA LYS A 2264 61.26 -2.77 33.08
C LYS A 2264 62.73 -2.56 32.73
N VAL A 2265 63.57 -3.55 33.07
CA VAL A 2265 65.00 -3.45 32.77
C VAL A 2265 65.23 -3.50 31.27
N VAL A 2266 64.46 -4.33 30.55
CA VAL A 2266 64.57 -4.38 29.10
C VAL A 2266 64.20 -3.04 28.48
N ARG A 2267 63.15 -2.39 29.01
CA ARG A 2267 62.75 -1.08 28.52
C ARG A 2267 63.84 -0.04 28.79
N TYR A 2268 64.47 -0.10 29.97
CA TYR A 2268 65.57 0.81 30.26
C TYR A 2268 66.74 0.58 29.31
N LEU A 2269 67.05 -0.67 29.02
CA LEU A 2269 68.11 -0.97 28.04
C LEU A 2269 67.76 -0.46 26.65
N ALA A 2270 66.49 -0.59 26.23
CA ALA A 2270 66.05 -0.03 24.96
C ALA A 2270 66.19 1.48 24.94
N GLY A 2271 65.81 2.15 26.04
CA GLY A 2271 65.98 3.59 26.11
C GLY A 2271 67.43 4.00 26.01
N CYS A 2272 68.32 3.27 26.69
CA CYS A 2272 69.76 3.52 26.60
C CYS A 2272 70.30 3.27 25.19
N GLY A 2273 69.75 2.31 24.46
CA GLY A 2273 70.20 2.04 23.12
C GLY A 2273 69.68 3.05 22.10
N LEU A 2274 68.52 3.65 22.38
CA LEU A 2274 67.93 4.61 21.45
C LEU A 2274 68.44 6.03 21.71
N GLN A 2275 68.66 6.39 22.97
CA GLN A 2275 68.89 7.78 23.35
C GLN A 2275 70.35 7.99 23.72
N SER A 2276 70.82 9.22 23.49
CA SER A 2276 72.16 9.63 23.85
C SER A 2276 72.26 9.84 25.36
N CYS A 2277 73.50 9.90 25.87
CA CYS A 2277 73.75 10.06 27.29
C CYS A 2277 73.87 11.55 27.61
N GLN A 2278 72.81 12.11 28.20
CA GLN A 2278 72.73 13.55 28.38
C GLN A 2278 73.82 14.07 29.30
N MET A 2279 74.12 13.33 30.37
CA MET A 2279 75.11 13.82 31.34
C MET A 2279 76.50 13.88 30.72
N LEU A 2280 76.89 12.83 29.99
CA LEU A 2280 78.21 12.83 29.37
C LEU A 2280 78.30 13.85 28.24
N VAL A 2281 77.25 13.98 27.42
CA VAL A 2281 77.33 14.99 26.36
C VAL A 2281 77.32 16.41 26.95
N SER A 2282 76.73 16.58 28.14
CA SER A 2282 76.80 17.88 28.80
C SER A 2282 78.20 18.13 29.34
N LYS A 2283 78.83 17.11 29.93
CA LYS A 2283 80.21 17.27 30.36
C LYS A 2283 81.19 17.38 29.20
N GLY A 2284 80.76 17.09 27.97
CA GLY A 2284 81.59 17.31 26.81
C GLY A 2284 81.99 16.09 26.02
N TYR A 2285 81.49 14.91 26.39
CA TYR A 2285 81.84 13.70 25.67
C TYR A 2285 81.22 13.73 24.28
N PRO A 2286 81.86 13.11 23.28
CA PRO A 2286 81.29 13.09 21.94
C PRO A 2286 79.95 12.37 21.92
N ASP A 2287 79.05 12.89 21.09
CA ASP A 2287 77.65 12.44 21.08
C ASP A 2287 77.50 11.24 20.15
N ILE A 2288 77.01 10.13 20.71
CA ILE A 2288 76.60 8.98 19.93
C ILE A 2288 75.14 8.70 20.24
N GLY A 2289 74.52 7.79 19.49
CA GLY A 2289 73.09 7.59 19.60
C GLY A 2289 72.64 6.65 20.70
N TRP A 2290 73.58 6.08 21.45
CA TRP A 2290 73.27 5.05 22.42
C TRP A 2290 74.15 5.19 23.66
N ASN A 2291 73.77 4.46 24.72
CA ASN A 2291 74.36 4.64 26.04
C ASN A 2291 75.10 3.37 26.47
N PRO A 2292 76.37 3.21 26.09
CA PRO A 2292 77.10 1.99 26.50
C PRO A 2292 77.24 1.83 27.99
N VAL A 2293 77.46 2.92 28.72
CA VAL A 2293 77.79 2.82 30.15
C VAL A 2293 76.59 2.36 30.95
N GLU A 2294 75.39 2.84 30.62
CA GLU A 2294 74.19 2.33 31.28
C GLU A 2294 73.81 0.95 30.75
N GLY A 2295 74.00 0.74 29.44
CA GLY A 2295 73.63 -0.54 28.86
C GLY A 2295 74.41 -1.70 29.43
N GLU A 2296 75.69 -1.47 29.74
CA GLU A 2296 76.51 -2.52 30.33
C GLU A 2296 75.98 -2.94 31.70
N ARG A 2297 75.60 -1.97 32.55
CA ARG A 2297 75.03 -2.30 33.85
C ARG A 2297 73.68 -3.02 33.72
N TYR A 2298 72.83 -2.53 32.82
CA TYR A 2298 71.54 -3.19 32.61
C TYR A 2298 71.70 -4.58 32.03
N LEU A 2299 72.78 -4.83 31.28
CA LEU A 2299 73.05 -6.17 30.79
C LEU A 2299 73.62 -7.06 31.89
N ASP A 2300 74.41 -6.49 32.79
CA ASP A 2300 74.90 -7.25 33.94
C ASP A 2300 73.75 -7.73 34.81
N PHE A 2301 72.76 -6.85 35.05
CA PHE A 2301 71.62 -7.28 35.86
C PHE A 2301 70.86 -8.41 35.19
N LEU A 2302 70.67 -8.34 33.87
CA LEU A 2302 70.02 -9.42 33.15
C LEU A 2302 70.84 -10.71 33.20
N ARG A 2303 72.17 -10.59 33.13
CA ARG A 2303 73.03 -11.75 33.30
C ARG A 2303 72.79 -12.41 34.64
N PHE A 2304 72.81 -11.63 35.72
CA PHE A 2304 72.55 -12.20 37.04
C PHE A 2304 71.14 -12.75 37.17
N ALA A 2305 70.17 -12.20 36.43
CA ALA A 2305 68.81 -12.71 36.49
C ALA A 2305 68.66 -14.04 35.77
N VAL A 2306 69.34 -14.21 34.63
CA VAL A 2306 69.11 -15.39 33.81
C VAL A 2306 70.04 -16.54 34.21
N PHE A 2307 71.25 -16.23 34.67
CA PHE A 2307 72.27 -17.24 34.91
C PHE A 2307 72.47 -17.39 36.42
N CYS A 2308 72.41 -18.63 36.90
CA CYS A 2308 72.50 -18.90 38.33
C CYS A 2308 73.18 -20.24 38.57
N ASN A 2309 74.29 -20.21 39.32
CA ASN A 2309 74.95 -21.42 39.82
C ASN A 2309 75.38 -22.37 38.69
N GLY A 2310 76.05 -21.83 37.68
CA GLY A 2310 76.57 -22.65 36.61
C GLY A 2310 75.53 -22.99 35.55
N GLU A 2311 74.30 -23.25 35.97
CA GLU A 2311 73.23 -23.53 35.04
C GLU A 2311 72.54 -22.25 34.61
N SER A 2312 71.72 -22.35 33.57
CA SER A 2312 70.95 -21.23 33.06
C SER A 2312 69.48 -21.44 33.35
N VAL A 2313 68.86 -20.49 34.03
CA VAL A 2313 67.44 -20.57 34.32
C VAL A 2313 66.69 -20.38 33.00
N GLU A 2314 66.11 -21.47 32.49
CA GLU A 2314 65.50 -21.43 31.16
C GLU A 2314 64.29 -20.51 31.13
N GLU A 2315 63.48 -20.51 32.20
CA GLU A 2315 62.28 -19.69 32.21
C GLU A 2315 62.61 -18.21 32.08
N ASN A 2316 63.64 -17.75 32.81
CA ASN A 2316 64.04 -16.35 32.69
C ASN A 2316 64.78 -16.08 31.38
N ALA A 2317 65.61 -17.03 30.93
CA ALA A 2317 66.38 -16.83 29.72
C ALA A 2317 65.48 -16.68 28.49
N ASN A 2318 64.45 -17.52 28.37
CA ASN A 2318 63.54 -17.42 27.25
C ASN A 2318 62.76 -16.12 27.25
N VAL A 2319 62.32 -15.65 28.42
CA VAL A 2319 61.62 -14.37 28.49
C VAL A 2319 62.55 -13.23 28.10
N VAL A 2320 63.79 -13.26 28.61
CA VAL A 2320 64.73 -12.17 28.34
C VAL A 2320 65.09 -12.12 26.86
N VAL A 2321 65.37 -13.27 26.25
CA VAL A 2321 65.74 -13.27 24.83
C VAL A 2321 64.56 -12.86 23.97
N ARG A 2322 63.33 -13.26 24.34
CA ARG A 2322 62.15 -12.83 23.60
C ARG A 2322 61.95 -11.32 23.69
N LEU A 2323 62.11 -10.74 24.88
CA LEU A 2323 62.01 -9.28 25.00
C LEU A 2323 63.11 -8.59 24.20
N LEU A 2324 64.32 -9.14 24.24
CA LEU A 2324 65.45 -8.57 23.51
C LEU A 2324 65.23 -8.60 22.00
N ILE A 2325 64.61 -9.65 21.47
CA ILE A 2325 64.36 -9.70 20.04
C ILE A 2325 63.13 -8.90 19.65
N ARG A 2326 62.15 -8.76 20.56
CA ARG A 2326 61.01 -7.87 20.28
C ARG A 2326 61.45 -6.41 20.24
N ARG A 2327 62.42 -6.05 21.08
CA ARG A 2327 63.03 -4.71 21.02
C ARG A 2327 64.45 -4.83 20.48
N PRO A 2328 64.62 -4.82 19.15
CA PRO A 2328 65.97 -4.99 18.58
C PRO A 2328 66.91 -3.83 18.88
N GLU A 2329 66.40 -2.68 19.31
CA GLU A 2329 67.26 -1.54 19.61
C GLU A 2329 68.16 -1.81 20.81
N CYS A 2330 67.83 -2.82 21.61
CA CYS A 2330 68.64 -3.16 22.78
C CYS A 2330 70.00 -3.75 22.42
N PHE A 2331 70.21 -4.13 21.17
CA PHE A 2331 71.42 -4.83 20.75
C PHE A 2331 72.55 -3.87 20.37
N GLY A 2332 72.32 -2.57 20.40
CA GLY A 2332 73.32 -1.62 19.98
C GLY A 2332 73.22 -1.35 18.48
N PRO A 2333 73.84 -0.26 18.02
CA PRO A 2333 73.76 0.07 16.59
C PRO A 2333 74.35 -0.99 15.67
N ALA A 2334 75.42 -1.66 16.12
CA ALA A 2334 76.10 -2.62 15.25
C ALA A 2334 75.22 -3.82 14.94
N LEU A 2335 74.55 -4.38 15.95
CA LEU A 2335 73.72 -5.56 15.78
C LEU A 2335 72.24 -5.23 15.68
N ARG A 2336 71.90 -3.94 15.63
CA ARG A 2336 70.49 -3.55 15.56
C ARG A 2336 69.85 -3.96 14.24
N GLY A 2337 70.57 -3.80 13.12
CA GLY A 2337 70.11 -4.33 11.85
C GLY A 2337 69.68 -3.32 10.81
N GLU A 2338 69.82 -2.03 11.06
CA GLU A 2338 69.52 -1.03 10.04
C GLU A 2338 70.78 -0.68 9.26
N GLY A 2339 71.47 -1.68 8.74
CA GLY A 2339 72.75 -1.46 8.11
C GLY A 2339 73.92 -1.44 9.07
N GLY A 2340 73.81 -2.12 10.20
CA GLY A 2340 74.90 -2.14 11.16
C GLY A 2340 76.15 -2.77 10.57
N ASN A 2341 77.29 -2.23 10.97
CA ASN A 2341 78.58 -2.67 10.44
C ASN A 2341 78.95 -4.08 10.88
N GLY A 2342 78.36 -4.60 11.93
CA GLY A 2342 78.68 -5.92 12.43
C GLY A 2342 79.49 -5.87 13.72
N LEU A 2343 79.53 -7.02 14.40
CA LEU A 2343 80.23 -7.09 15.68
C LEU A 2343 81.73 -6.86 15.51
N LEU A 2344 82.33 -7.50 14.49
CA LEU A 2344 83.77 -7.35 14.26
C LEU A 2344 84.12 -5.92 13.89
N ALA A 2345 83.33 -5.30 13.01
CA ALA A 2345 83.59 -3.93 12.63
C ALA A 2345 83.41 -2.98 13.81
N ALA A 2346 82.39 -3.24 14.64
CA ALA A 2346 82.19 -2.42 15.84
C ALA A 2346 83.36 -2.54 16.78
N MET A 2347 83.87 -3.76 17.00
CA MET A 2347 85.06 -3.93 17.82
C MET A 2347 86.29 -3.23 17.25
N GLU A 2348 86.53 -3.32 15.94
CA GLU A 2348 87.65 -2.61 15.34
C GLU A 2348 87.52 -1.10 15.50
N GLU A 2349 86.32 -0.57 15.25
CA GLU A 2349 86.10 0.86 15.39
C GLU A 2349 86.28 1.31 16.83
N ALA A 2350 85.84 0.49 17.79
CA ALA A 2350 86.00 0.84 19.20
C ALA A 2350 87.47 0.91 19.61
N ILE A 2351 88.29 -0.03 19.14
CA ILE A 2351 89.72 0.05 19.42
C ILE A 2351 90.32 1.28 18.75
N LYS A 2352 89.92 1.57 17.51
CA LYS A 2352 90.42 2.78 16.85
C LYS A 2352 90.08 4.02 17.66
N ILE A 2353 88.86 4.09 18.19
CA ILE A 2353 88.49 5.17 19.10
C ILE A 2353 89.39 5.16 20.33
N ALA A 2354 89.72 3.97 20.82
CA ALA A 2354 90.55 3.85 22.03
C ALA A 2354 91.91 4.49 21.84
N GLU A 2355 92.57 4.20 20.71
CA GLU A 2355 93.85 4.89 20.45
C GLU A 2355 93.63 6.35 20.09
N ASP A 2356 92.46 6.70 19.54
CA ASP A 2356 92.22 8.10 19.21
C ASP A 2356 91.96 8.91 20.48
N PRO A 2357 92.73 9.97 20.73
CA PRO A 2357 92.51 10.73 21.97
C PRO A 2357 91.24 11.57 21.94
N SER A 2358 90.86 12.11 20.79
CA SER A 2358 89.75 13.06 20.72
C SER A 2358 88.42 12.37 20.98
N ARG A 2359 88.17 11.24 20.31
CA ARG A 2359 86.88 10.57 20.44
C ARG A 2359 86.75 9.83 21.76
N ASP A 2360 87.89 9.40 22.32
CA ASP A 2360 87.85 8.63 23.57
C ASP A 2360 87.48 9.51 24.75
N GLY A 2361 88.00 10.73 24.80
CA GLY A 2361 87.78 11.62 25.93
C GLY A 2361 86.89 12.78 25.59
N PRO A 2362 86.35 13.44 26.62
CA PRO A 2362 85.49 14.62 26.38
C PRO A 2362 86.19 15.72 25.60
N SER A 2363 87.47 15.97 25.88
CA SER A 2363 88.29 16.98 25.21
C SER A 2363 87.58 18.35 25.19
N PRO A 2364 87.51 19.05 26.33
CA PRO A 2364 86.84 20.36 26.43
C PRO A 2364 87.35 21.37 25.41
N GLU A 2377 90.57 9.83 38.30
CA GLU A 2377 91.56 9.41 37.31
C GLU A 2377 90.86 8.78 36.11
N GLU A 2378 89.99 7.81 36.39
CA GLU A 2378 89.21 7.15 35.34
C GLU A 2378 87.76 7.61 35.33
N ASP A 2379 87.19 7.89 36.51
CA ASP A 2379 85.83 8.39 36.57
C ASP A 2379 85.70 9.74 35.88
N ASP A 2380 86.78 10.52 35.86
CA ASP A 2380 86.76 11.83 35.21
C ASP A 2380 86.63 11.66 33.69
N THR A 2381 87.30 10.66 33.12
CA THR A 2381 87.32 10.46 31.67
C THR A 2381 86.85 9.04 31.38
N ILE A 2382 85.55 8.89 31.11
CA ILE A 2382 85.03 7.60 30.68
C ILE A 2382 85.47 7.33 29.25
N HIS A 2383 86.14 6.20 29.04
CA HIS A 2383 86.64 5.85 27.72
C HIS A 2383 85.51 5.27 26.89
N MET A 2384 85.13 5.98 25.83
CA MET A 2384 84.03 5.55 24.98
C MET A 2384 84.30 4.21 24.31
N GLY A 2385 85.53 3.99 23.85
CA GLY A 2385 85.85 2.70 23.23
C GLY A 2385 85.66 1.55 24.20
N ASN A 2386 86.17 1.70 25.42
CA ASN A 2386 85.98 0.67 26.42
C ASN A 2386 84.50 0.48 26.75
N ALA A 2387 83.74 1.59 26.83
CA ALA A 2387 82.32 1.47 27.07
C ALA A 2387 81.64 0.65 25.98
N ILE A 2388 81.98 0.91 24.72
CA ILE A 2388 81.36 0.19 23.60
C ILE A 2388 81.73 -1.29 23.65
N MET A 2389 83.01 -1.60 23.84
CA MET A 2389 83.46 -2.99 23.88
C MET A 2389 82.84 -3.74 25.06
N THR A 2390 82.77 -3.10 26.23
CA THR A 2390 82.16 -3.75 27.38
C THR A 2390 80.66 -3.96 27.19
N PHE A 2391 79.98 -2.99 26.55
CA PHE A 2391 78.57 -3.17 26.23
C PHE A 2391 78.36 -4.37 25.33
N TYR A 2392 79.14 -4.46 24.25
CA TYR A 2392 78.94 -5.56 23.32
C TYR A 2392 79.33 -6.90 23.94
N SER A 2393 80.42 -6.93 24.72
CA SER A 2393 80.80 -8.15 25.40
C SER A 2393 79.79 -8.58 26.46
N ALA A 2394 79.12 -7.64 27.12
CA ALA A 2394 78.07 -7.95 28.07
C ALA A 2394 76.82 -8.48 27.38
N LEU A 2395 76.45 -7.87 26.24
CA LEU A 2395 75.33 -8.40 25.46
C LEU A 2395 75.61 -9.81 24.98
N ILE A 2396 76.81 -10.04 24.44
CA ILE A 2396 77.19 -11.37 23.96
C ILE A 2396 77.22 -12.36 25.11
N ASP A 2397 77.77 -11.94 26.26
CA ASP A 2397 77.82 -12.82 27.43
C ASP A 2397 76.42 -13.18 27.91
N LEU A 2398 75.52 -12.18 27.97
CA LEU A 2398 74.16 -12.44 28.42
C LEU A 2398 73.45 -13.40 27.48
N LEU A 2399 73.60 -13.21 26.17
CA LEU A 2399 72.94 -14.12 25.22
C LEU A 2399 73.52 -15.53 25.31
N GLY A 2400 74.84 -15.65 25.47
CA GLY A 2400 75.45 -16.95 25.62
C GLY A 2400 74.99 -17.67 26.87
N ARG A 2401 74.82 -16.93 27.97
CA ARG A 2401 74.28 -17.53 29.19
C ARG A 2401 72.82 -17.88 29.02
N CYS A 2402 72.09 -17.10 28.22
CA CYS A 2402 70.69 -17.41 27.93
C CYS A 2402 70.55 -18.59 26.99
N ALA A 2403 71.63 -19.02 26.35
CA ALA A 2403 71.57 -20.18 25.48
C ALA A 2403 71.14 -21.41 26.27
N PRO A 2404 70.32 -22.29 25.70
CA PRO A 2404 69.85 -23.46 26.43
C PRO A 2404 70.97 -24.44 26.74
N GLU A 2405 70.75 -25.24 27.79
CA GLU A 2405 71.72 -26.26 28.18
C GLU A 2405 71.78 -27.37 27.14
N MET A 2406 72.92 -28.04 27.09
CA MET A 2406 73.12 -29.09 26.09
C MET A 2406 72.26 -30.31 26.37
N HIS A 2407 71.90 -30.56 27.63
CA HIS A 2407 71.03 -31.69 27.93
C HIS A 2407 69.65 -31.49 27.33
N LEU A 2408 69.14 -30.26 27.35
CA LEU A 2408 67.85 -29.98 26.70
C LEU A 2408 67.95 -30.14 25.20
N ILE A 2409 69.07 -29.74 24.60
CA ILE A 2409 69.26 -29.92 23.16
C ILE A 2409 69.28 -31.41 22.82
N HIS A 2410 69.97 -32.22 23.63
CA HIS A 2410 69.97 -33.65 23.41
C HIS A 2410 68.57 -34.24 23.55
N ALA A 2411 67.81 -33.78 24.55
CA ALA A 2411 66.42 -34.18 24.69
C ALA A 2411 65.57 -33.72 23.51
N GLY A 2412 66.01 -32.70 22.79
CA GLY A 2412 65.30 -32.23 21.62
C GLY A 2412 64.13 -31.31 21.89
N LYS A 2413 64.16 -30.55 22.98
CA LYS A 2413 63.04 -29.67 23.31
C LYS A 2413 62.94 -28.53 22.30
N GLY A 2414 61.75 -28.40 21.70
CA GLY A 2414 61.59 -27.49 20.57
C GLY A 2414 61.83 -26.04 20.94
N GLU A 2415 61.39 -25.62 22.12
CA GLU A 2415 61.59 -24.24 22.54
C GLU A 2415 63.07 -23.93 22.71
N ALA A 2416 63.82 -24.86 23.29
CA ALA A 2416 65.27 -24.67 23.43
C ALA A 2416 65.94 -24.62 22.06
N ILE A 2417 65.53 -25.50 21.15
CA ILE A 2417 66.08 -25.48 19.79
C ILE A 2417 65.80 -24.12 19.14
N ARG A 2418 64.58 -23.62 19.31
CA ARG A 2418 64.20 -22.34 18.71
C ARG A 2418 65.04 -21.20 19.27
N ILE A 2419 65.23 -21.17 20.59
CA ILE A 2419 66.02 -20.10 21.20
C ILE A 2419 67.46 -20.17 20.73
N ARG A 2420 68.03 -21.38 20.68
CA ARG A 2420 69.41 -21.52 20.25
C ARG A 2420 69.59 -21.09 18.80
N SER A 2421 68.65 -21.46 17.92
CA SER A 2421 68.70 -21.01 16.54
C SER A 2421 68.54 -19.50 16.42
N ILE A 2422 67.68 -18.91 17.24
CA ILE A 2422 67.53 -17.45 17.24
C ILE A 2422 68.83 -16.78 17.61
N LEU A 2423 69.52 -17.30 18.62
CA LEU A 2423 70.80 -16.73 19.02
C LEU A 2423 71.84 -16.89 17.91
N ARG A 2424 71.83 -18.05 17.24
CA ARG A 2424 72.73 -18.25 16.10
C ARG A 2424 72.47 -17.23 15.01
N SER A 2425 71.20 -16.96 14.71
CA SER A 2425 70.86 -15.95 13.70
C SER A 2425 71.27 -14.56 14.16
N LEU A 2426 71.08 -14.25 15.44
CA LEU A 2426 71.43 -12.94 15.97
C LEU A 2426 72.92 -12.67 15.83
N ILE A 2427 73.76 -13.62 16.21
CA ILE A 2427 75.20 -13.43 16.22
C ILE A 2427 75.85 -14.38 15.22
N PRO A 2428 76.45 -13.89 14.14
CA PRO A 2428 77.18 -14.77 13.23
C PRO A 2428 78.43 -15.32 13.88
N LEU A 2429 78.81 -16.53 13.45
CA LEU A 2429 80.02 -17.17 13.98
C LEU A 2429 81.27 -16.46 13.51
N GLY A 2430 81.27 -15.96 12.27
CA GLY A 2430 82.44 -15.31 11.72
C GLY A 2430 82.85 -14.06 12.49
N ASP A 2431 81.87 -13.28 12.98
CA ASP A 2431 82.18 -12.11 13.78
C ASP A 2431 82.89 -12.52 15.08
N LEU A 2432 82.40 -13.59 15.72
CA LEU A 2432 83.03 -14.09 16.93
C LEU A 2432 84.46 -14.51 16.63
N VAL A 2433 84.66 -15.20 15.51
CA VAL A 2433 85.99 -15.66 15.13
C VAL A 2433 86.91 -14.47 14.92
N GLY A 2434 86.42 -13.43 14.24
CA GLY A 2434 87.23 -12.25 14.01
C GLY A 2434 87.63 -11.55 15.29
N VAL A 2435 86.67 -11.39 16.21
CA VAL A 2435 86.97 -10.72 17.48
C VAL A 2435 87.99 -11.52 18.27
N ILE A 2436 87.87 -12.85 18.24
CA ILE A 2436 88.90 -13.68 18.89
C ILE A 2436 90.24 -13.50 18.19
N SER A 2437 90.22 -13.33 16.86
CA SER A 2437 91.46 -13.19 16.11
C SER A 2437 92.15 -11.86 16.41
N ILE A 2438 91.39 -10.84 16.80
CA ILE A 2438 91.99 -9.56 17.15
C ILE A 2438 92.98 -9.74 18.30
N ALA A 2439 94.13 -9.08 18.20
CA ALA A 2439 95.20 -9.21 19.17
C ALA A 2439 95.24 -8.00 20.11
N PHE A 2440 95.87 -8.20 21.26
CA PHE A 2440 96.02 -7.15 22.27
C PHE A 2440 97.22 -6.26 21.93
N GLN A 2441 97.61 -5.44 22.90
CA GLN A 2441 98.82 -4.63 22.85
C GLN A 2441 99.69 -5.02 24.03
N MET A 2442 100.86 -5.59 23.75
CA MET A 2442 101.70 -6.11 24.82
C MET A 2442 102.48 -4.99 25.48
N PRO A 2443 102.66 -5.04 26.81
CA PRO A 2443 103.51 -4.05 27.48
C PRO A 2443 104.97 -4.24 27.10
N THR A 2444 105.74 -3.15 27.21
CA THR A 2444 107.14 -3.14 26.85
C THR A 2444 107.92 -2.26 27.82
N ILE A 2445 109.22 -2.54 27.95
CA ILE A 2445 110.08 -1.64 28.70
C ILE A 2445 110.67 -0.59 27.77
N ALA A 2446 111.12 0.51 28.38
CA ALA A 2446 111.55 1.66 27.60
C ALA A 2446 113.07 1.66 27.43
N LYS A 2447 113.59 2.76 26.88
CA LYS A 2447 115.03 2.93 26.73
C LYS A 2447 115.75 2.84 28.05
N ASP A 2448 115.21 3.47 29.10
CA ASP A 2448 115.81 3.35 30.43
C ASP A 2448 115.66 1.95 30.98
N GLY A 2449 114.74 1.16 30.42
CA GLY A 2449 114.45 -0.17 30.90
C GLY A 2449 113.23 -0.24 31.81
N ASN A 2450 112.67 0.91 32.21
CA ASN A 2450 111.48 0.94 33.03
C ASN A 2450 110.30 0.34 32.28
N VAL A 2451 109.45 -0.42 32.99
CA VAL A 2451 108.31 -1.05 32.34
C VAL A 2451 107.28 0.01 31.96
N VAL A 2452 107.01 0.13 30.67
CA VAL A 2452 105.95 1.00 30.16
C VAL A 2452 104.74 0.14 29.89
N GLU A 2453 103.69 0.32 30.71
CA GLU A 2453 102.53 -0.56 30.70
C GLU A 2453 101.27 0.21 30.34
N PRO A 2454 100.66 -0.07 29.19
CA PRO A 2454 99.41 0.62 28.83
C PRO A 2454 98.31 0.31 29.84
N ASP A 2455 97.54 1.34 30.19
CA ASP A 2455 96.54 1.20 31.25
C ASP A 2455 95.43 0.24 30.83
N MET A 2456 95.01 -0.62 31.77
CA MET A 2456 93.90 -1.53 31.53
C MET A 2456 92.57 -0.83 31.38
N SER A 2457 92.41 0.37 31.95
CA SER A 2457 91.17 1.10 31.76
C SER A 2457 91.03 1.60 30.33
N ALA A 2458 92.09 1.53 29.54
CA ALA A 2458 92.07 1.93 28.13
C ALA A 2458 92.70 0.83 27.28
N GLY A 2459 91.87 0.07 26.59
CA GLY A 2459 92.32 -0.97 25.68
C GLY A 2459 91.39 -2.16 25.68
N PHE A 2460 91.73 -3.13 24.83
CA PHE A 2460 90.93 -4.33 24.62
C PHE A 2460 91.20 -5.31 25.76
N CYS A 2461 90.17 -5.66 26.51
CA CYS A 2461 90.33 -6.47 27.70
C CYS A 2461 90.20 -7.97 27.37
N PRO A 2462 90.92 -8.82 28.10
CA PRO A 2462 90.73 -10.27 27.93
C PRO A 2462 89.32 -10.75 28.27
N ASP A 2463 88.60 -10.03 29.12
CA ASP A 2463 87.23 -10.40 29.42
C ASP A 2463 86.34 -10.31 28.18
N HIS A 2464 86.70 -9.42 27.26
CA HIS A 2464 85.97 -9.32 25.99
C HIS A 2464 86.07 -10.61 25.21
N LYS A 2465 87.27 -11.21 25.17
CA LYS A 2465 87.42 -12.51 24.52
C LYS A 2465 86.80 -13.64 25.35
N ALA A 2466 86.80 -13.49 26.68
CA ALA A 2466 86.17 -14.46 27.54
C ALA A 2466 84.66 -14.57 27.29
N ALA A 2467 83.98 -13.45 27.09
CA ALA A 2467 82.58 -13.48 26.68
C ALA A 2467 82.40 -14.14 25.32
N MET A 2468 83.30 -13.86 24.38
CA MET A 2468 83.21 -14.47 23.05
C MET A 2468 83.33 -15.99 23.13
N VAL A 2469 84.30 -16.47 23.92
CA VAL A 2469 84.47 -17.92 24.06
C VAL A 2469 83.24 -18.55 24.70
N LEU A 2470 82.67 -17.90 25.72
CA LEU A 2470 81.48 -18.43 26.37
C LEU A 2470 80.31 -18.51 25.41
N PHE A 2471 80.09 -17.45 24.61
CA PHE A 2471 79.03 -17.50 23.61
C PHE A 2471 79.29 -18.60 22.60
N LEU A 2472 80.54 -18.77 22.19
CA LEU A 2472 80.88 -19.81 21.23
C LEU A 2472 80.55 -21.20 21.78
N ASP A 2473 80.93 -21.47 23.03
CA ASP A 2473 80.77 -22.82 23.55
C ASP A 2473 79.33 -23.11 23.92
N ARG A 2474 78.55 -22.08 24.28
CA ARG A 2474 77.17 -22.34 24.70
C ARG A 2474 76.15 -22.21 23.57
N VAL A 2475 76.43 -21.41 22.54
CA VAL A 2475 75.44 -21.13 21.51
C VAL A 2475 75.73 -21.95 20.26
N TYR A 2476 76.86 -21.67 19.62
CA TYR A 2476 77.17 -22.32 18.35
C TYR A 2476 77.58 -23.76 18.54
N GLY A 2477 78.32 -24.03 19.61
CA GLY A 2477 78.82 -25.38 19.81
C GLY A 2477 80.07 -25.66 18.99
N ILE A 2478 81.01 -26.32 19.62
CA ILE A 2478 82.29 -26.66 19.01
C ILE A 2478 82.35 -28.17 18.87
N GLU A 2479 82.11 -28.66 17.65
CA GLU A 2479 82.04 -30.08 17.37
C GLU A 2479 82.75 -30.46 16.07
N VAL A 2480 83.37 -29.51 15.40
CA VAL A 2480 83.99 -29.74 14.09
C VAL A 2480 85.50 -29.60 14.24
N GLN A 2481 86.24 -30.60 13.78
CA GLN A 2481 87.67 -30.67 14.01
C GLN A 2481 88.44 -29.59 13.24
N ASP A 2482 88.14 -29.43 11.95
CA ASP A 2482 88.84 -28.43 11.16
C ASP A 2482 88.49 -27.01 11.62
N PHE A 2483 87.24 -26.80 12.01
CA PHE A 2483 86.86 -25.52 12.62
C PHE A 2483 87.64 -25.27 13.91
N LEU A 2484 87.76 -26.30 14.75
CA LEU A 2484 88.51 -26.15 16.00
C LEU A 2484 89.95 -25.75 15.73
N LEU A 2485 90.61 -26.45 14.80
CA LEU A 2485 92.01 -26.11 14.50
C LEU A 2485 92.15 -24.75 13.82
N HIS A 2486 91.20 -24.38 12.95
CA HIS A 2486 91.24 -23.07 12.32
C HIS A 2486 91.13 -21.95 13.35
N LEU A 2487 90.19 -22.08 14.29
CA LEU A 2487 90.07 -21.10 15.36
C LEU A 2487 91.32 -21.09 16.24
N LEU A 2488 91.85 -22.27 16.55
CA LEU A 2488 93.07 -22.37 17.34
C LEU A 2488 94.20 -21.59 16.68
N GLU A 2489 94.33 -21.70 15.35
CA GLU A 2489 95.39 -20.99 14.65
C GLU A 2489 95.12 -19.49 14.60
N VAL A 2490 93.88 -19.09 14.29
CA VAL A 2490 93.63 -17.68 14.03
C VAL A 2490 93.61 -16.85 15.31
N GLY A 2491 92.92 -17.31 16.36
CA GLY A 2491 92.72 -16.47 17.52
C GLY A 2491 93.26 -16.97 18.84
N PHE A 2492 93.31 -18.29 19.01
CA PHE A 2492 93.67 -18.84 20.32
C PHE A 2492 95.19 -18.88 20.51
N LEU A 2493 95.89 -19.47 19.56
CA LEU A 2493 97.33 -19.69 19.66
C LEU A 2493 98.12 -18.38 19.72
N PRO A 2494 97.82 -17.35 18.89
CA PRO A 2494 98.57 -16.09 19.01
C PRO A 2494 98.50 -15.48 20.41
N ASP A 2495 97.34 -15.53 21.04
CA ASP A 2495 97.20 -14.97 22.38
C ASP A 2495 98.02 -15.77 23.40
N LEU A 2496 98.01 -17.10 23.27
CA LEU A 2496 98.79 -17.92 24.18
C LEU A 2496 100.29 -17.71 23.98
N ARG A 2497 100.72 -17.52 22.74
CA ARG A 2497 102.12 -17.22 22.48
C ARG A 2497 102.50 -15.85 23.03
N ALA A 2498 101.60 -14.87 22.94
CA ALA A 2498 101.86 -13.58 23.55
C ALA A 2498 101.98 -13.71 25.07
N ALA A 2499 101.13 -14.52 25.68
CA ALA A 2499 101.24 -14.78 27.12
C ALA A 2499 102.57 -15.43 27.46
N ALA A 2500 103.01 -16.38 26.63
CA ALA A 2500 104.30 -17.03 26.80
C ALA A 2500 105.47 -16.05 26.68
N SER A 2501 105.44 -15.15 25.70
CA SER A 2501 106.47 -14.14 25.54
C SER A 2501 106.45 -13.10 26.63
N LEU A 2502 105.30 -12.88 27.27
CA LEU A 2502 105.21 -11.96 28.41
C LEU A 2502 105.30 -12.70 29.74
N ASP A 2503 106.05 -13.80 29.79
CA ASP A 2503 106.25 -14.55 31.02
C ASP A 2503 107.53 -14.16 31.75
N THR A 2504 108.24 -13.12 31.29
CA THR A 2504 109.42 -12.67 31.99
C THR A 2504 109.05 -12.14 33.37
N ALA A 2505 109.98 -12.27 34.32
CA ALA A 2505 109.67 -12.00 35.72
C ALA A 2505 109.25 -10.55 35.92
N ALA A 2506 109.94 -9.60 35.30
CA ALA A 2506 109.59 -8.20 35.44
C ALA A 2506 108.21 -7.92 34.83
N LEU A 2507 107.95 -8.47 33.64
CA LEU A 2507 106.68 -8.23 32.97
C LEU A 2507 105.58 -9.16 33.47
N SER A 2508 105.93 -10.18 34.26
CA SER A 2508 104.90 -11.07 34.82
C SER A 2508 104.00 -10.33 35.79
N ALA A 2509 104.57 -9.43 36.60
CA ALA A 2509 103.79 -8.72 37.61
C ALA A 2509 102.81 -7.73 37.00
N THR A 2510 102.92 -7.43 35.71
CA THR A 2510 102.01 -6.51 35.04
C THR A 2510 100.59 -7.09 35.00
N ASP A 2511 99.61 -6.21 35.17
CA ASP A 2511 98.22 -6.66 35.21
C ASP A 2511 97.72 -7.13 33.84
N MET A 2512 98.43 -6.76 32.77
CA MET A 2512 98.22 -7.43 31.49
C MET A 2512 98.46 -8.93 31.60
N ALA A 2513 99.58 -9.33 32.19
CA ALA A 2513 99.88 -10.76 32.29
C ALA A 2513 98.86 -11.47 33.15
N LEU A 2514 98.45 -10.84 34.25
CA LEU A 2514 97.45 -11.44 35.12
C LEU A 2514 96.12 -11.61 34.39
N ALA A 2515 95.71 -10.59 33.64
CA ALA A 2515 94.46 -10.67 32.89
C ALA A 2515 94.53 -11.76 31.82
N LEU A 2516 95.67 -11.87 31.13
CA LEU A 2516 95.82 -12.91 30.13
C LEU A 2516 95.76 -14.30 30.74
N ASN A 2517 96.46 -14.50 31.86
CA ASN A 2517 96.41 -15.80 32.53
C ASN A 2517 95.01 -16.13 32.99
N ARG A 2518 94.30 -15.14 33.55
CA ARG A 2518 92.92 -15.35 33.98
C ARG A 2518 92.04 -15.76 32.81
N TYR A 2519 92.09 -15.02 31.71
CA TYR A 2519 91.28 -15.35 30.54
C TYR A 2519 91.59 -16.74 30.01
N LEU A 2520 92.87 -17.07 29.84
CA LEU A 2520 93.23 -18.37 29.32
C LEU A 2520 92.71 -19.48 30.23
N CYS A 2521 93.05 -19.42 31.52
CA CYS A 2521 92.69 -20.50 32.44
C CYS A 2521 91.20 -20.57 32.71
N THR A 2522 90.45 -19.51 32.42
CA THR A 2522 89.01 -19.54 32.64
C THR A 2522 88.24 -20.01 31.40
N ALA A 2523 88.72 -19.65 30.21
CA ALA A 2523 87.97 -19.93 28.99
C ALA A 2523 88.67 -20.88 28.03
N VAL A 2524 89.93 -20.61 27.69
CA VAL A 2524 90.57 -21.28 26.56
C VAL A 2524 90.91 -22.72 26.95
N LEU A 2525 91.65 -22.88 28.04
CA LEU A 2525 92.03 -24.21 28.48
C LEU A 2525 90.83 -25.08 28.83
N PRO A 2526 89.80 -24.61 29.54
CA PRO A 2526 88.60 -25.44 29.69
C PRO A 2526 87.95 -25.81 28.37
N LEU A 2527 87.94 -24.89 27.39
CA LEU A 2527 87.37 -25.20 26.09
C LEU A 2527 88.19 -26.26 25.38
N LEU A 2528 89.51 -26.15 25.42
CA LEU A 2528 90.37 -27.16 24.82
C LEU A 2528 90.31 -28.50 25.54
N THR A 2529 90.00 -28.50 26.84
CA THR A 2529 89.77 -29.73 27.57
C THR A 2529 88.45 -30.39 27.19
N ARG A 2530 87.40 -29.59 27.01
CA ARG A 2530 86.13 -30.10 26.49
C ARG A 2530 86.24 -30.55 25.05
N CYS A 2531 87.21 -30.03 24.30
CA CYS A 2531 87.44 -30.41 22.91
C CYS A 2531 88.49 -31.51 22.78
N ALA A 2532 88.74 -32.24 23.86
CA ALA A 2532 89.81 -33.24 23.87
C ALA A 2532 89.61 -34.33 22.82
N PRO A 2533 88.41 -34.94 22.66
CA PRO A 2533 88.28 -35.99 21.64
C PRO A 2533 88.59 -35.52 20.23
N LEU A 2534 88.33 -34.25 19.91
CA LEU A 2534 88.54 -33.77 18.54
C LEU A 2534 90.02 -33.71 18.17
N PHE A 2535 90.91 -33.77 19.16
CA PHE A 2535 92.34 -33.66 18.89
C PHE A 2535 92.95 -34.94 18.36
N ALA A 2536 92.12 -35.90 17.95
CA ALA A 2536 92.64 -37.17 17.45
C ALA A 2536 93.31 -36.99 16.10
N GLY A 2537 92.55 -36.53 15.10
CA GLY A 2537 93.08 -36.37 13.76
C GLY A 2537 93.79 -35.06 13.55
N THR A 2538 94.99 -34.92 14.09
CA THR A 2538 95.78 -33.71 13.98
C THR A 2538 97.13 -33.95 13.28
N GLU A 2539 97.23 -35.00 12.47
CA GLU A 2539 98.49 -35.30 11.79
C GLU A 2539 98.84 -34.21 10.78
N HIS A 2540 97.84 -33.68 10.09
CA HIS A 2540 98.09 -32.70 9.04
C HIS A 2540 98.38 -31.32 9.62
N HIS A 2541 98.14 -31.12 10.92
CA HIS A 2541 98.53 -29.91 11.64
C HIS A 2541 99.47 -30.24 12.78
N ALA A 2542 100.48 -31.06 12.48
CA ALA A 2542 101.46 -31.44 13.48
C ALA A 2542 102.21 -30.23 14.03
N SER A 2543 102.58 -29.31 13.14
CA SER A 2543 103.28 -28.10 13.58
C SER A 2543 102.40 -27.28 14.53
N LEU A 2544 101.11 -27.15 14.19
CA LEU A 2544 100.20 -26.40 15.04
C LEU A 2544 100.04 -27.05 16.42
N ILE A 2545 99.86 -28.37 16.44
CA ILE A 2545 99.65 -29.02 17.74
C ILE A 2545 100.95 -29.00 18.57
N ASP A 2546 102.11 -29.12 17.92
CA ASP A 2546 103.36 -29.00 18.63
C ASP A 2546 103.55 -27.60 19.21
N SER A 2547 103.18 -26.57 18.43
CA SER A 2547 103.23 -25.20 18.94
C SER A 2547 102.31 -25.01 20.14
N LEU A 2548 101.11 -25.59 20.09
CA LEU A 2548 100.21 -25.52 21.24
C LEU A 2548 100.83 -26.19 22.46
N LEU A 2549 101.42 -27.37 22.27
CA LEU A 2549 102.05 -28.07 23.40
C LEU A 2549 103.18 -27.24 23.99
N HIS A 2550 104.03 -26.68 23.14
CA HIS A 2550 105.14 -25.86 23.62
C HIS A 2550 104.67 -24.63 24.37
N THR A 2551 103.66 -23.94 23.84
CA THR A 2551 103.13 -22.76 24.53
C THR A 2551 102.51 -23.13 25.87
N VAL A 2552 101.74 -24.22 25.92
CA VAL A 2552 101.14 -24.64 27.19
C VAL A 2552 102.21 -24.98 28.20
N TYR A 2553 103.26 -25.69 27.75
CA TYR A 2553 104.35 -26.04 28.66
C TYR A 2553 105.07 -24.79 29.17
N ARG A 2554 105.28 -23.80 28.29
CA ARG A 2554 105.97 -22.60 28.74
C ARG A 2554 105.14 -21.81 29.72
N LEU A 2555 103.81 -21.74 29.50
CA LEU A 2555 102.94 -21.11 30.49
C LEU A 2555 102.94 -21.87 31.81
N SER A 2556 102.98 -23.21 31.75
CA SER A 2556 103.12 -23.99 32.97
C SER A 2556 104.40 -23.65 33.72
N LYS A 2557 105.51 -23.47 33.01
CA LYS A 2557 106.76 -23.03 33.60
C LYS A 2557 106.72 -21.53 33.87
N GLY A 2558 105.86 -21.14 34.81
CA GLY A 2558 105.68 -19.75 35.16
C GLY A 2558 105.68 -19.49 36.65
N CYS A 2559 105.76 -18.21 37.04
CA CYS A 2559 105.81 -17.83 38.45
C CYS A 2559 104.51 -17.19 38.92
N SER A 2560 104.01 -16.19 38.17
CA SER A 2560 102.78 -15.51 38.58
C SER A 2560 101.57 -16.42 38.50
N LEU A 2561 101.70 -17.56 37.82
CA LEU A 2561 100.61 -18.52 37.68
C LEU A 2561 100.15 -19.01 39.04
N THR A 2562 98.88 -18.78 39.35
CA THR A 2562 98.32 -19.15 40.65
C THR A 2562 98.13 -20.66 40.74
N LYS A 2563 97.66 -21.12 41.90
CA LYS A 2563 97.50 -22.55 42.12
C LYS A 2563 96.37 -23.13 41.28
N ALA A 2564 95.23 -22.45 41.25
CA ALA A 2564 94.13 -22.90 40.41
C ALA A 2564 94.50 -22.81 38.93
N GLN A 2565 95.28 -21.80 38.57
CA GLN A 2565 95.75 -21.68 37.20
C GLN A 2565 96.68 -22.84 36.82
N ARG A 2566 97.55 -23.23 37.75
CA ARG A 2566 98.38 -24.42 37.54
C ARG A 2566 97.53 -25.65 37.38
N ASP A 2567 96.47 -25.77 38.19
CA ASP A 2567 95.57 -26.91 38.07
C ASP A 2567 94.92 -26.96 36.70
N SER A 2568 94.45 -25.81 36.21
CA SER A 2568 93.83 -25.75 34.90
C SER A 2568 94.82 -26.13 33.81
N ILE A 2569 96.05 -25.59 33.89
CA ILE A 2569 97.09 -25.94 32.93
C ILE A 2569 97.33 -27.44 32.93
N GLU A 2570 97.46 -28.03 34.14
CA GLU A 2570 97.75 -29.45 34.25
C GLU A 2570 96.64 -30.29 33.63
N VAL A 2571 95.39 -29.98 33.98
CA VAL A 2571 94.27 -30.76 33.45
C VAL A 2571 94.19 -30.63 31.93
N CYS A 2572 94.33 -29.42 31.41
CA CYS A 2572 94.21 -29.22 29.97
C CYS A 2572 95.31 -29.97 29.22
N LEU A 2573 96.56 -29.81 29.67
CA LEU A 2573 97.68 -30.45 28.97
C LEU A 2573 97.60 -31.97 29.08
N LEU A 2574 97.26 -32.48 30.27
CA LEU A 2574 97.15 -33.93 30.44
C LEU A 2574 96.02 -34.51 29.61
N SER A 2575 94.93 -33.77 29.45
CA SER A 2575 93.83 -34.21 28.60
C SER A 2575 94.26 -34.22 27.13
N ILE A 2576 94.88 -33.15 26.66
CA ILE A 2576 95.26 -33.07 25.25
C ILE A 2576 96.27 -34.15 24.90
N CYS A 2577 97.31 -34.31 25.72
CA CYS A 2577 98.34 -35.30 25.42
C CYS A 2577 97.78 -36.72 25.50
N GLY A 2578 96.63 -36.89 26.15
CA GLY A 2578 96.02 -38.21 26.21
CA GLY A 2578 96.02 -38.21 26.21
C GLY A 2578 95.59 -38.72 24.85
N GLN A 2579 94.69 -37.98 24.20
CA GLN A 2579 94.25 -38.41 22.86
C GLN A 2579 95.24 -37.99 21.79
N LEU A 2580 96.27 -37.23 22.17
CA LEU A 2580 97.27 -36.82 21.20
C LEU A 2580 98.06 -38.04 20.70
N ARG A 2581 98.25 -38.11 19.39
CA ARG A 2581 98.94 -39.24 18.79
C ARG A 2581 100.43 -39.20 19.16
N PRO A 2582 101.03 -40.34 19.48
CA PRO A 2582 102.41 -40.33 20.00
C PRO A 2582 103.44 -39.76 19.02
N SER A 2583 103.12 -39.72 17.73
CA SER A 2583 104.11 -39.28 16.75
C SER A 2583 104.51 -37.82 16.95
N MET A 2584 103.55 -36.94 17.22
CA MET A 2584 103.85 -35.51 17.26
C MET A 2584 104.58 -35.10 18.53
N MET A 2585 104.26 -35.72 19.67
CA MET A 2585 104.73 -35.18 20.95
C MET A 2585 106.21 -35.46 21.21
N GLN A 2586 106.98 -35.93 20.22
CA GLN A 2586 108.38 -36.20 20.49
C GLN A 2586 109.17 -34.91 20.64
N HIS A 2587 108.67 -33.80 20.09
CA HIS A 2587 109.23 -32.49 20.40
C HIS A 2587 109.09 -32.15 21.88
N LEU A 2588 107.88 -32.32 22.42
CA LEU A 2588 107.68 -32.10 23.85
C LEU A 2588 108.54 -33.05 24.67
N LEU A 2589 108.66 -34.30 24.24
CA LEU A 2589 109.50 -35.26 24.96
C LEU A 2589 110.97 -34.84 24.96
N ARG A 2590 111.48 -34.41 23.81
CA ARG A 2590 112.89 -34.04 23.72
C ARG A 2590 113.19 -32.76 24.49
N ARG A 2591 112.24 -31.83 24.59
CA ARG A 2591 112.44 -30.70 25.48
C ARG A 2591 112.25 -31.05 26.95
N LEU A 2592 111.40 -32.03 27.25
CA LEU A 2592 111.20 -32.45 28.64
C LEU A 2592 112.41 -33.16 29.21
N VAL A 2593 113.05 -34.04 28.44
CA VAL A 2593 114.14 -34.86 28.97
C VAL A 2593 115.31 -34.04 29.51
N PHE A 2594 115.37 -32.74 29.24
CA PHE A 2594 116.44 -31.90 29.74
C PHE A 2594 116.09 -31.15 31.02
N ASP A 2595 114.82 -30.82 31.24
CA ASP A 2595 114.45 -30.01 32.39
C ASP A 2595 113.65 -30.77 33.45
N VAL A 2596 113.08 -31.92 33.10
CA VAL A 2596 112.41 -32.75 34.11
C VAL A 2596 113.38 -33.41 35.09
N PRO A 2597 114.67 -33.72 34.72
CA PRO A 2597 115.56 -34.35 35.72
C PRO A 2597 115.81 -33.47 36.94
N LEU A 2598 115.56 -32.17 36.83
CA LEU A 2598 115.75 -31.27 37.97
C LEU A 2598 114.90 -31.70 39.16
N LEU A 2599 113.77 -32.35 38.92
CA LEU A 2599 112.90 -32.87 39.97
C LEU A 2599 112.43 -31.75 40.91
N ASN A 2600 112.26 -30.55 40.35
CA ASN A 2600 111.69 -29.45 41.10
C ASN A 2600 110.17 -29.61 41.15
N GLU A 2601 109.51 -28.71 41.87
CA GLU A 2601 108.05 -28.76 41.98
C GLU A 2601 107.39 -28.51 40.63
N HIS A 2602 108.10 -27.85 39.71
CA HIS A 2602 107.54 -27.61 38.38
C HIS A 2602 107.64 -28.84 37.49
N ALA A 2603 108.36 -29.88 37.94
CA ALA A 2603 108.49 -31.09 37.14
C ALA A 2603 107.37 -32.09 37.38
N LYS A 2604 106.45 -31.80 38.30
CA LYS A 2604 105.45 -32.80 38.70
C LYS A 2604 104.46 -33.09 37.58
N MET A 2605 103.97 -32.05 36.91
CA MET A 2605 103.05 -32.31 35.80
C MET A 2605 103.76 -32.86 34.56
N PRO A 2606 105.02 -32.53 34.25
CA PRO A 2606 105.74 -33.37 33.28
C PRO A 2606 105.82 -34.82 33.71
N LEU A 2607 105.95 -35.08 35.01
CA LEU A 2607 106.01 -36.44 35.50
C LEU A 2607 104.71 -37.18 35.21
N LYS A 2608 103.56 -36.54 35.53
CA LYS A 2608 102.28 -37.15 35.19
C LYS A 2608 102.12 -37.33 33.69
N LEU A 2609 102.53 -36.33 32.90
CA LEU A 2609 102.37 -36.39 31.45
C LEU A 2609 103.12 -37.58 30.88
N LEU A 2610 104.40 -37.72 31.27
CA LEU A 2610 105.19 -38.86 30.82
C LEU A 2610 104.60 -40.19 31.30
N THR A 2611 104.15 -40.25 32.55
CA THR A 2611 103.55 -41.49 33.06
C THR A 2611 102.38 -41.93 32.21
N ASN A 2612 101.41 -41.03 31.99
CA ASN A 2612 100.22 -41.43 31.27
C ASN A 2612 100.51 -41.68 29.80
N HIS A 2613 101.42 -40.89 29.20
CA HIS A 2613 101.75 -41.11 27.79
C HIS A 2613 102.39 -42.48 27.59
N TYR A 2614 103.34 -42.84 28.45
CA TYR A 2614 104.01 -44.13 28.28
C TYR A 2614 103.07 -45.29 28.61
N GLU A 2615 102.20 -45.11 29.60
CA GLU A 2615 101.21 -46.15 29.88
C GLU A 2615 100.29 -46.37 28.68
N ARG A 2616 99.85 -45.29 28.03
CA ARG A 2616 98.96 -45.44 26.89
C ARG A 2616 99.69 -46.00 25.68
N CYS A 2617 100.94 -45.59 25.45
CA CYS A 2617 101.70 -45.99 24.27
C CYS A 2617 102.72 -47.06 24.62
N TRP A 2618 102.39 -47.90 25.60
CA TRP A 2618 103.27 -49.01 25.99
C TRP A 2618 103.62 -49.89 24.80
N LYS A 2619 102.62 -50.35 24.05
CA LYS A 2619 102.88 -51.35 23.02
C LYS A 2619 103.49 -50.71 21.77
N TYR A 2620 103.37 -49.39 21.65
CA TYR A 2620 104.02 -48.67 20.55
C TYR A 2620 105.54 -48.81 20.63
N TYR A 2621 106.09 -48.69 21.84
CA TYR A 2621 107.54 -48.71 22.00
C TYR A 2621 108.07 -50.13 22.13
N CYS A 2622 107.50 -50.92 23.05
CA CYS A 2622 108.04 -52.24 23.33
C CYS A 2622 107.92 -53.16 22.13
N LEU A 2623 106.72 -53.27 21.56
CA LEU A 2623 106.53 -54.16 20.42
C LEU A 2623 107.09 -53.51 19.16
N PRO A 2624 107.93 -54.22 18.40
CA PRO A 2624 108.43 -53.65 17.14
C PRO A 2624 107.33 -53.28 16.15
N GLY A 2625 106.27 -54.08 16.09
CA GLY A 2625 105.19 -53.77 15.17
C GLY A 2625 104.39 -52.55 15.60
N GLY A 2626 103.96 -52.52 16.86
CA GLY A 2626 103.16 -51.42 17.36
C GLY A 2626 101.79 -51.38 16.72
N TRP A 2627 101.11 -50.25 16.93
CA TRP A 2627 99.84 -50.01 16.26
C TRP A 2627 100.07 -49.71 14.79
N GLY A 2628 99.29 -50.37 13.93
CA GLY A 2628 99.48 -50.20 12.49
C GLY A 2628 99.21 -48.78 12.05
N ASN A 2629 98.14 -48.17 12.56
CA ASN A 2629 97.85 -46.78 12.24
C ASN A 2629 98.92 -45.85 12.80
N PHE A 2630 99.38 -46.10 14.02
CA PHE A 2630 100.42 -45.26 14.61
C PHE A 2630 101.79 -45.56 14.00
N GLY A 2631 102.09 -46.84 13.77
CA GLY A 2631 103.37 -47.22 13.21
C GLY A 2631 104.30 -47.83 14.23
N ALA A 2632 105.51 -47.29 14.34
CA ALA A 2632 106.50 -47.79 15.29
C ALA A 2632 107.45 -46.65 15.63
N ALA A 2633 108.29 -46.89 16.63
CA ALA A 2633 109.24 -45.89 17.08
C ALA A 2633 110.27 -45.61 15.99
N SER A 2634 110.69 -44.35 15.90
CA SER A 2634 111.72 -43.91 14.98
C SER A 2634 113.12 -44.12 15.51
N GLU A 2635 113.23 -44.63 16.73
CA GLU A 2635 114.47 -44.89 17.47
C GLU A 2635 115.09 -43.60 18.00
N GLU A 2636 114.66 -42.45 17.49
CA GLU A 2636 115.00 -41.20 18.17
C GLU A 2636 114.17 -41.04 19.43
N GLU A 2637 112.87 -41.38 19.34
CA GLU A 2637 112.04 -41.43 20.54
C GLU A 2637 112.57 -42.45 21.52
N LEU A 2638 113.08 -43.58 21.01
CA LEU A 2638 113.64 -44.61 21.88
C LEU A 2638 114.89 -44.11 22.60
N HIS A 2639 115.79 -43.42 21.88
CA HIS A 2639 116.97 -42.85 22.53
C HIS A 2639 116.58 -41.78 23.54
N LEU A 2640 115.60 -40.94 23.22
CA LEU A 2640 115.15 -39.93 24.17
C LEU A 2640 114.53 -40.56 25.41
N SER A 2641 113.79 -41.65 25.24
CA SER A 2641 113.24 -42.36 26.39
C SER A 2641 114.35 -43.01 27.22
N ARG A 2642 115.40 -43.52 26.57
CA ARG A 2642 116.56 -44.01 27.30
C ARG A 2642 117.18 -42.89 28.14
N LYS A 2643 117.37 -41.71 27.54
CA LYS A 2643 117.94 -40.59 28.27
C LYS A 2643 117.04 -40.18 29.43
N LEU A 2644 115.73 -40.16 29.20
CA LEU A 2644 114.78 -39.83 30.26
C LEU A 2644 114.88 -40.83 31.41
N PHE A 2645 114.90 -42.12 31.08
CA PHE A 2645 115.00 -43.15 32.10
C PHE A 2645 116.26 -42.97 32.93
N TRP A 2646 117.41 -42.83 32.28
CA TRP A 2646 118.67 -42.73 33.02
C TRP A 2646 118.74 -41.44 33.84
N GLY A 2647 118.27 -40.32 33.26
CA GLY A 2647 118.29 -39.07 34.00
C GLY A 2647 117.42 -39.11 35.24
N ILE A 2648 116.19 -39.63 35.09
CA ILE A 2648 115.31 -39.75 36.24
C ILE A 2648 115.90 -40.69 37.28
N PHE A 2649 116.46 -41.81 36.82
CA PHE A 2649 117.01 -42.79 37.75
C PHE A 2649 118.16 -42.19 38.57
N ASP A 2650 119.04 -41.43 37.92
CA ASP A 2650 120.15 -40.83 38.64
C ASP A 2650 119.69 -39.68 39.54
N ALA A 2651 118.83 -38.81 39.01
CA ALA A 2651 118.41 -37.64 39.78
C ALA A 2651 117.55 -38.04 40.97
N LEU A 2652 116.85 -39.17 40.87
CA LEU A 2652 116.07 -39.64 42.00
C LEU A 2652 116.96 -40.20 43.11
N SER A 2653 118.10 -40.79 42.74
CA SER A 2653 119.07 -41.20 43.73
C SER A 2653 119.73 -40.01 44.40
N GLN A 2654 120.07 -38.98 43.62
CA GLN A 2654 120.69 -37.80 44.20
C GLN A 2654 119.67 -36.88 44.88
N LYS A 2655 118.38 -37.16 44.70
CA LYS A 2655 117.34 -36.27 45.19
C LYS A 2655 117.07 -36.50 46.68
N LYS A 2656 116.81 -35.42 47.41
CA LYS A 2656 116.51 -35.51 48.82
C LYS A 2656 115.14 -36.14 49.04
N TYR A 2657 114.97 -36.77 50.20
CA TYR A 2657 113.76 -37.51 50.52
C TYR A 2657 112.53 -36.61 50.54
N GLU A 2658 111.56 -36.93 49.68
CA GLU A 2658 110.20 -36.39 49.77
C GLU A 2658 109.29 -37.55 49.34
N GLN A 2659 108.62 -38.16 50.33
CA GLN A 2659 107.90 -39.41 50.14
C GLN A 2659 106.81 -39.29 49.08
N GLU A 2660 106.16 -38.13 48.99
CA GLU A 2660 105.19 -37.91 47.93
C GLU A 2660 105.86 -37.91 46.56
N LEU A 2661 107.06 -37.32 46.48
CA LEU A 2661 107.81 -37.32 45.23
C LEU A 2661 108.17 -38.74 44.80
N PHE A 2662 108.60 -39.58 45.75
CA PHE A 2662 108.83 -40.97 45.38
C PHE A 2662 107.56 -41.75 45.11
N LYS A 2663 106.42 -41.37 45.69
CA LYS A 2663 105.17 -41.95 45.25
C LYS A 2663 104.90 -41.64 43.78
N LEU A 2664 105.06 -40.38 43.39
CA LEU A 2664 104.59 -39.96 42.07
C LEU A 2664 105.60 -40.32 40.99
N ALA A 2665 106.89 -40.38 41.33
CA ALA A 2665 107.90 -40.73 40.32
C ALA A 2665 107.96 -42.22 40.06
N LEU A 2666 107.42 -43.05 40.95
CA LEU A 2666 107.45 -44.49 40.76
C LEU A 2666 106.72 -44.93 39.50
N PRO A 2667 105.43 -44.56 39.26
CA PRO A 2667 104.75 -45.03 38.06
C PRO A 2667 105.40 -44.55 36.77
N CYS A 2668 105.95 -43.34 36.78
CA CYS A 2668 106.61 -42.82 35.58
C CYS A 2668 107.84 -43.64 35.23
N LEU A 2669 108.71 -43.87 36.21
CA LEU A 2669 109.92 -44.65 35.98
C LEU A 2669 109.57 -46.07 35.54
N SER A 2670 108.58 -46.67 36.20
CA SER A 2670 108.15 -48.01 35.84
C SER A 2670 107.60 -48.06 34.43
N ALA A 2671 106.79 -47.07 34.04
CA ALA A 2671 106.22 -47.03 32.70
C ALA A 2671 107.30 -46.87 31.64
N VAL A 2672 108.29 -46.01 31.90
CA VAL A 2672 109.39 -45.82 30.94
C VAL A 2672 110.17 -47.12 30.79
N ALA A 2673 110.48 -47.77 31.91
CA ALA A 2673 111.23 -49.02 31.87
C ALA A 2673 110.46 -50.10 31.11
N GLY A 2674 109.16 -50.21 31.35
CA GLY A 2674 108.35 -51.19 30.64
C GLY A 2674 108.23 -50.89 29.17
N ALA A 2675 108.07 -49.61 28.81
CA ALA A 2675 107.93 -49.23 27.41
C ALA A 2675 109.21 -49.50 26.63
N LEU A 2676 110.36 -49.25 27.25
CA LEU A 2676 111.62 -49.50 26.56
C LEU A 2676 111.81 -51.00 26.35
N PRO A 2677 112.03 -51.46 25.12
CA PRO A 2677 112.18 -52.90 24.87
C PRO A 2677 113.48 -53.42 25.46
N PRO A 2678 113.43 -54.54 26.18
CA PRO A 2678 114.63 -55.01 26.89
C PRO A 2678 115.83 -55.26 25.98
N ASP A 2679 115.60 -55.60 24.72
CA ASP A 2679 116.68 -55.80 23.76
C ASP A 2679 117.13 -54.52 23.09
N TYR A 2680 116.92 -53.36 23.73
CA TYR A 2680 117.10 -52.08 23.06
C TYR A 2680 118.53 -51.88 22.60
N MET A 2681 118.66 -51.30 21.40
CA MET A 2681 119.92 -50.86 20.83
C MET A 2681 120.14 -49.38 21.10
N GLU A 2682 121.06 -49.06 22.00
CA GLU A 2682 121.54 -47.69 22.07
C GLU A 2682 122.58 -47.50 20.99
N SER A 2683 122.35 -46.55 20.09
CA SER A 2683 123.27 -46.34 18.98
C SER A 2683 124.57 -45.74 19.48
N ASN A 2684 125.67 -46.47 19.29
CA ASN A 2684 126.98 -45.92 19.63
C ASN A 2684 127.26 -44.67 18.81
N TYR A 2685 126.81 -44.64 17.55
CA TYR A 2685 126.83 -43.43 16.73
C TYR A 2685 125.58 -42.62 17.02
N VAL A 2686 125.60 -41.88 18.13
CA VAL A 2686 124.50 -40.96 18.41
C VAL A 2686 124.62 -39.75 17.50
N SER A 2687 123.53 -38.97 17.43
CA SER A 2687 123.61 -37.70 16.74
C SER A 2687 124.35 -36.68 17.59
N MET A 2688 125.31 -36.00 16.97
CA MET A 2688 126.10 -34.96 17.63
C MET A 2688 125.53 -33.60 17.26
N MET A 2689 126.15 -32.55 17.82
CA MET A 2689 125.79 -31.15 17.57
C MET A 2689 124.28 -30.94 17.69
N GLU A 2690 123.73 -31.26 18.85
CA GLU A 2690 122.29 -31.21 19.06
C GLU A 2690 121.80 -29.76 19.09
N LYS A 2691 120.51 -29.59 19.37
CA LYS A 2691 119.94 -28.26 19.51
C LYS A 2691 120.57 -27.55 20.70
N GLN A 2692 121.45 -26.58 20.42
CA GLN A 2692 122.10 -25.83 21.49
C GLN A 2692 121.11 -25.01 22.30
N SER A 2693 119.97 -24.65 21.69
CA SER A 2693 118.93 -23.92 22.42
C SER A 2693 118.31 -24.79 23.50
N SER A 2694 118.24 -26.11 23.27
CA SER A 2694 117.65 -27.01 24.24
C SER A 2694 118.42 -27.03 25.55
N MET A 2695 119.75 -27.09 25.47
CA MET A 2695 120.57 -27.08 26.68
C MET A 2695 120.57 -25.71 27.35
N ASP A 2696 120.36 -24.65 26.57
CA ASP A 2696 120.26 -23.32 27.14
C ASP A 2696 119.02 -23.22 28.01
N SER A 2697 119.24 -22.98 29.31
CA SER A 2697 118.16 -22.97 30.29
C SER A 2697 117.46 -21.62 30.40
N GLU A 2698 117.96 -20.58 29.73
CA GLU A 2698 117.34 -19.25 29.79
C GLU A 2698 116.19 -19.20 28.78
N GLY A 2699 115.08 -19.84 29.16
CA GLY A 2699 113.89 -19.86 28.34
C GLY A 2699 113.93 -20.75 27.13
N ASN A 2700 115.02 -21.47 26.89
CA ASN A 2700 115.21 -22.37 25.76
C ASN A 2700 115.09 -21.66 24.42
N PHE A 2701 115.21 -20.33 24.38
CA PHE A 2701 115.14 -19.57 23.15
C PHE A 2701 116.48 -18.95 22.76
N ASN A 2702 117.59 -19.45 23.31
CA ASN A 2702 118.90 -18.90 23.01
C ASN A 2702 119.54 -19.66 21.84
N PRO A 2703 119.63 -19.04 20.68
CA PRO A 2703 120.25 -19.70 19.52
C PRO A 2703 121.75 -19.50 19.48
N GLN A 2704 122.39 -20.28 18.62
CA GLN A 2704 123.82 -20.16 18.36
C GLN A 2704 124.08 -20.55 16.91
N PRO A 2705 124.32 -19.60 16.01
CA PRO A 2705 124.66 -19.96 14.63
C PRO A 2705 125.99 -20.69 14.57
N VAL A 2706 126.09 -21.59 13.59
CA VAL A 2706 127.30 -22.38 13.40
C VAL A 2706 128.42 -21.49 12.90
N ASP A 2707 129.65 -21.85 13.26
CA ASP A 2707 130.83 -21.09 12.86
C ASP A 2707 131.06 -21.22 11.36
N THR A 2708 131.41 -20.11 10.73
CA THR A 2708 131.58 -20.07 9.28
C THR A 2708 132.98 -19.67 8.81
N SER A 2709 133.78 -19.00 9.64
CA SER A 2709 135.10 -18.56 9.20
C SER A 2709 136.07 -19.73 9.10
N ASN A 2710 135.77 -20.84 9.78
CA ASN A 2710 136.70 -21.96 9.80
C ASN A 2710 136.79 -22.66 8.45
N ILE A 2711 135.84 -22.42 7.56
CA ILE A 2711 135.72 -23.18 6.32
C ILE A 2711 135.89 -22.24 5.13
N THR A 2712 136.24 -22.83 3.99
CA THR A 2712 136.48 -22.09 2.76
C THR A 2712 135.64 -22.66 1.63
N ILE A 2713 135.40 -21.84 0.62
CA ILE A 2713 134.53 -22.20 -0.50
C ILE A 2713 135.31 -23.03 -1.51
N PRO A 2714 134.72 -24.09 -2.08
CA PRO A 2714 135.36 -24.78 -3.19
C PRO A 2714 134.95 -24.19 -4.53
N GLU A 2715 135.83 -24.31 -5.53
CA GLU A 2715 135.47 -23.86 -6.88
C GLU A 2715 134.34 -24.68 -7.48
N LYS A 2716 134.18 -25.93 -7.05
CA LYS A 2716 133.03 -26.72 -7.49
C LYS A 2716 131.73 -26.14 -6.98
N LEU A 2717 131.72 -25.64 -5.74
CA LEU A 2717 130.53 -24.95 -5.22
C LEU A 2717 130.38 -23.56 -5.84
N GLU A 2718 131.49 -22.93 -6.21
CA GLU A 2718 131.40 -21.68 -6.96
C GLU A 2718 130.68 -21.90 -8.30
N TYR A 2719 131.01 -23.01 -8.97
CA TYR A 2719 130.30 -23.37 -10.20
C TYR A 2719 128.81 -23.52 -9.94
N PHE A 2720 128.44 -24.13 -8.80
CA PHE A 2720 127.03 -24.24 -8.46
C PHE A 2720 126.36 -22.89 -8.23
N ILE A 2721 127.00 -21.98 -7.49
CA ILE A 2721 126.38 -20.67 -7.29
C ILE A 2721 126.28 -19.93 -8.61
N ASN A 2722 127.16 -20.25 -9.56
CA ASN A 2722 126.94 -19.83 -10.93
C ASN A 2722 125.73 -20.53 -11.52
N LYS A 2723 124.90 -19.74 -12.20
CA LYS A 2723 123.59 -20.10 -12.76
C LYS A 2723 122.54 -20.27 -11.68
N TYR A 2724 122.94 -20.39 -10.42
CA TYR A 2724 121.95 -20.38 -9.35
C TYR A 2724 121.59 -18.95 -8.96
N ALA A 2725 122.62 -18.11 -8.76
CA ALA A 2725 122.36 -16.69 -8.61
C ALA A 2725 121.65 -16.15 -9.84
N GLU A 2726 121.96 -16.69 -11.01
CA GLU A 2726 121.26 -16.29 -12.23
C GLU A 2726 119.79 -16.66 -12.20
N HIS A 2727 119.46 -17.88 -11.78
CA HIS A 2727 118.05 -18.28 -11.71
C HIS A 2727 117.30 -17.49 -10.64
N SER A 2728 117.98 -17.18 -9.53
CA SER A 2728 117.38 -16.34 -8.49
C SER A 2728 117.09 -14.94 -9.01
N HIS A 2729 118.07 -14.34 -9.71
CA HIS A 2729 117.83 -13.06 -10.37
C HIS A 2729 116.68 -13.16 -11.36
N ASP A 2730 116.57 -14.30 -12.04
CA ASP A 2730 115.50 -14.45 -13.03
C ASP A 2730 114.13 -14.43 -12.36
N LYS A 2731 113.95 -15.23 -11.30
CA LYS A 2731 112.66 -15.26 -10.63
C LYS A 2731 112.34 -13.91 -9.99
N TRP A 2732 113.35 -13.25 -9.42
CA TRP A 2732 113.12 -11.92 -8.87
C TRP A 2732 112.83 -10.91 -9.97
N SER A 2733 113.30 -11.18 -11.20
CA SER A 2733 112.97 -10.34 -12.34
C SER A 2733 111.51 -10.50 -12.74
N MET A 2734 110.99 -11.73 -12.73
CA MET A 2734 109.55 -11.91 -12.92
C MET A 2734 108.76 -11.26 -11.78
N ASP A 2735 109.30 -11.27 -10.57
CA ASP A 2735 108.64 -10.54 -9.48
C ASP A 2735 108.58 -9.04 -9.79
N LYS A 2736 109.67 -8.49 -10.32
CA LYS A 2736 109.71 -7.07 -10.65
C LYS A 2736 108.74 -6.73 -11.78
N LEU A 2737 108.68 -7.58 -12.80
CA LEU A 2737 107.74 -7.29 -13.89
C LEU A 2737 106.30 -7.50 -13.44
N ALA A 2738 106.07 -8.40 -12.47
CA ALA A 2738 104.74 -8.58 -11.92
C ALA A 2738 104.28 -7.38 -11.09
N ASN A 2739 105.16 -6.81 -10.27
CA ASN A 2739 104.78 -5.64 -9.48
C ASN A 2739 105.08 -4.32 -10.21
N GLY A 2740 105.45 -4.40 -11.49
CA GLY A 2740 105.31 -3.23 -12.34
C GLY A 2740 106.56 -2.66 -12.96
N TRP A 2741 107.72 -3.29 -12.76
CA TRP A 2741 108.97 -2.69 -13.23
C TRP A 2741 109.20 -2.99 -14.72
N ILE A 2742 109.57 -1.94 -15.47
CA ILE A 2742 109.90 -2.05 -16.88
C ILE A 2742 111.38 -1.75 -17.05
N TYR A 2743 112.04 -2.49 -17.94
CA TYR A 2743 113.48 -2.33 -18.17
C TYR A 2743 113.77 -0.93 -18.68
N GLY A 2744 114.52 -0.16 -17.89
CA GLY A 2744 114.95 1.17 -18.28
C GLY A 2744 116.25 1.57 -17.59
N GLU A 2745 117.22 2.03 -18.36
CA GLU A 2745 118.53 2.36 -17.81
C GLU A 2745 118.45 3.48 -16.78
N ILE A 2746 117.47 4.38 -16.93
CA ILE A 2746 117.27 5.43 -15.94
C ILE A 2746 116.82 4.81 -14.63
N TYR A 2747 117.35 5.33 -13.52
CA TYR A 2747 117.02 4.82 -12.19
C TYR A 2747 115.73 5.46 -11.67
N SER A 2748 114.69 5.36 -12.51
CA SER A 2748 113.38 5.95 -12.19
C SER A 2748 112.60 4.97 -11.32
N ASP A 2749 113.08 4.81 -10.08
CA ASP A 2749 112.45 3.88 -9.15
C ASP A 2749 111.10 4.37 -8.65
N SER A 2750 110.78 5.65 -8.84
CA SER A 2750 109.45 6.13 -8.46
C SER A 2750 108.40 5.68 -9.47
N SER A 2751 108.73 5.72 -10.75
CA SER A 2751 107.77 5.46 -11.83
C SER A 2751 107.84 4.04 -12.37
N LYS A 2752 108.33 3.09 -11.58
CA LYS A 2752 108.41 1.69 -11.96
C LYS A 2752 109.24 1.50 -13.24
N VAL A 2753 110.46 2.01 -13.17
CA VAL A 2753 111.45 1.82 -14.23
C VAL A 2753 112.76 1.40 -13.58
N GLN A 2754 113.33 0.30 -14.06
CA GLN A 2754 114.55 -0.25 -13.47
C GLN A 2754 115.33 -1.02 -14.53
N PRO A 2755 116.66 -0.88 -14.56
CA PRO A 2755 117.47 -1.62 -15.54
C PRO A 2755 117.81 -3.04 -15.12
N LEU A 2756 117.21 -3.55 -14.05
CA LEU A 2756 117.63 -4.84 -13.49
C LEU A 2756 117.05 -6.01 -14.28
N MET A 2757 116.06 -5.74 -15.14
CA MET A 2757 115.56 -6.76 -16.05
C MET A 2757 116.48 -6.92 -17.23
N LYS A 2758 117.69 -7.39 -16.96
CA LYS A 2758 118.74 -7.58 -17.95
C LYS A 2758 119.67 -8.66 -17.43
N PRO A 2759 120.12 -9.57 -18.30
CA PRO A 2759 120.73 -10.82 -17.82
C PRO A 2759 121.85 -10.61 -16.82
N TYR A 2760 121.95 -11.56 -15.87
CA TYR A 2760 122.81 -11.37 -14.70
C TYR A 2760 124.27 -11.23 -15.08
N LYS A 2761 124.75 -12.02 -16.05
CA LYS A 2761 126.14 -11.88 -16.48
C LYS A 2761 126.42 -10.52 -17.10
N LEU A 2762 125.47 -9.97 -17.86
CA LEU A 2762 125.68 -8.65 -18.43
C LEU A 2762 125.47 -7.55 -17.41
N LEU A 2763 124.90 -7.86 -16.25
CA LEU A 2763 124.79 -6.90 -15.17
C LEU A 2763 126.17 -6.58 -14.57
N SER A 2764 126.23 -5.47 -13.85
CA SER A 2764 127.47 -5.01 -13.24
C SER A 2764 127.88 -5.93 -12.09
N GLU A 2765 129.18 -6.11 -11.92
CA GLU A 2765 129.69 -7.00 -10.89
C GLU A 2765 129.40 -6.48 -9.49
N LYS A 2766 129.32 -5.15 -9.33
CA LYS A 2766 128.89 -4.59 -8.04
C LYS A 2766 127.50 -5.07 -7.67
N GLU A 2767 126.57 -5.06 -8.63
CA GLU A 2767 125.25 -5.62 -8.38
C GLU A 2767 125.32 -7.13 -8.19
N LYS A 2768 126.20 -7.80 -8.93
CA LYS A 2768 126.40 -9.23 -8.75
C LYS A 2768 126.89 -9.55 -7.35
N GLU A 2769 127.81 -8.74 -6.83
CA GLU A 2769 128.25 -8.89 -5.45
C GLU A 2769 127.10 -8.51 -4.51
N ILE A 2770 127.27 -8.85 -3.23
CA ILE A 2770 126.32 -8.68 -2.11
C ILE A 2770 124.97 -9.32 -2.42
N TYR A 2771 124.65 -9.49 -3.70
CA TYR A 2771 123.51 -10.31 -4.10
C TYR A 2771 123.79 -11.80 -3.94
N ARG A 2772 125.00 -12.25 -4.28
CA ARG A 2772 125.42 -13.62 -4.02
C ARG A 2772 125.84 -13.85 -2.57
N TRP A 2773 126.00 -12.78 -1.80
CA TRP A 2773 126.43 -12.88 -0.40
C TRP A 2773 125.51 -13.75 0.45
N PRO A 2774 124.17 -13.60 0.41
CA PRO A 2774 123.32 -14.54 1.16
C PRO A 2774 123.56 -15.99 0.75
N ILE A 2775 123.82 -16.24 -0.54
CA ILE A 2775 124.19 -17.59 -0.97
C ILE A 2775 125.49 -18.02 -0.31
N LYS A 2776 126.44 -17.10 -0.16
CA LYS A 2776 127.70 -17.44 0.51
C LYS A 2776 127.45 -17.86 1.96
N GLU A 2777 126.63 -17.10 2.70
CA GLU A 2777 126.35 -17.49 4.08
C GLU A 2777 125.58 -18.81 4.12
N SER A 2778 124.69 -19.03 3.16
CA SER A 2778 123.95 -20.28 3.12
C SER A 2778 124.88 -21.47 2.91
N LEU A 2779 125.87 -21.33 2.02
CA LEU A 2779 126.76 -22.45 1.76
C LEU A 2779 127.76 -22.65 2.89
N LYS A 2780 128.19 -21.56 3.54
CA LYS A 2780 128.91 -21.70 4.80
C LYS A 2780 128.10 -22.50 5.81
N THR A 2781 126.81 -22.20 5.93
CA THR A 2781 125.97 -22.92 6.89
C THR A 2781 125.84 -24.39 6.53
N MET A 2782 125.62 -24.71 5.25
CA MET A 2782 125.45 -26.11 4.88
C MET A 2782 126.74 -26.90 5.05
N LEU A 2783 127.90 -26.32 4.71
CA LEU A 2783 129.14 -27.06 4.85
C LEU A 2783 129.58 -27.15 6.31
N ALA A 2784 129.21 -26.16 7.13
CA ALA A 2784 129.56 -26.22 8.55
C ALA A 2784 128.96 -27.43 9.24
N TRP A 2785 127.84 -27.94 8.71
CA TRP A 2785 127.32 -29.21 9.17
C TRP A 2785 128.24 -30.37 8.86
N GLY A 2786 129.20 -30.18 7.95
CA GLY A 2786 130.12 -31.24 7.58
C GLY A 2786 129.60 -32.23 6.57
N TRP A 2787 128.43 -31.95 5.98
CA TRP A 2787 127.80 -32.92 5.08
C TRP A 2787 128.61 -33.10 3.81
N ARG A 2788 128.67 -34.33 3.33
CA ARG A 2788 129.44 -34.65 2.12
C ARG A 2788 128.61 -34.38 0.89
N ILE A 2789 129.26 -33.93 -0.19
CA ILE A 2789 128.60 -33.62 -1.45
C ILE A 2789 129.30 -34.39 -2.57
N GLU A 2790 128.51 -35.07 -3.41
CA GLU A 2790 129.03 -35.87 -4.51
C GLU A 2790 128.40 -35.40 -5.81
N ARG A 2791 129.23 -35.23 -6.83
CA ARG A 2791 128.73 -34.78 -8.14
C ARG A 2791 128.38 -35.99 -9.00
N THR A 2792 127.25 -35.92 -9.69
CA THR A 2792 126.84 -37.00 -10.57
C THR A 2792 127.47 -36.82 -11.96
N ARG A 2793 127.40 -37.89 -12.75
CA ARG A 2793 127.92 -37.84 -14.12
C ARG A 2793 127.15 -36.84 -14.96
N GLU A 2794 125.83 -36.76 -14.78
CA GLU A 2794 125.03 -35.77 -15.50
C GLU A 2794 125.45 -34.35 -15.14
N GLY A 2795 125.63 -34.07 -13.85
CA GLY A 2795 126.06 -32.77 -13.41
C GLY A 2795 127.45 -32.37 -13.82
N ASP A 2796 128.32 -33.34 -14.12
CA ASP A 2796 129.64 -33.07 -14.65
C ASP A 2796 129.65 -32.91 -16.16
N SER A 2797 128.81 -33.67 -16.87
CA SER A 2797 128.65 -33.44 -18.30
C SER A 2797 128.05 -32.06 -18.56
N MET A 2798 127.15 -31.60 -17.69
CA MET A 2798 126.63 -30.25 -17.81
C MET A 2798 127.73 -29.21 -17.58
N ALA A 2799 128.63 -29.47 -16.63
CA ALA A 2799 129.75 -28.57 -16.44
C ALA A 2799 130.66 -28.55 -17.67
N LEU A 2800 130.87 -29.72 -18.28
CA LEU A 2800 131.65 -29.78 -19.51
C LEU A 2800 131.00 -28.98 -20.64
N TYR A 2801 129.68 -29.09 -20.77
CA TYR A 2801 128.98 -28.37 -21.84
C TYR A 2801 128.89 -26.88 -21.56
N ASN A 2802 128.96 -26.49 -20.29
CA ASN A 2802 128.78 -25.10 -19.86
C ASN A 2802 127.41 -24.58 -20.30
N GLY A 2820 116.54 -10.18 -25.42
CA GLY A 2820 117.12 -11.13 -26.35
C GLY A 2820 116.53 -12.52 -26.21
N TYR A 2821 116.30 -12.94 -24.97
CA TYR A 2821 115.73 -14.25 -24.69
C TYR A 2821 114.61 -14.10 -23.67
N SER A 2822 113.58 -14.93 -23.82
CA SER A 2822 112.50 -14.98 -22.86
C SER A 2822 112.98 -15.66 -21.59
N PRO A 2823 112.74 -15.07 -20.42
CA PRO A 2823 113.25 -15.68 -19.18
C PRO A 2823 112.66 -17.05 -18.88
N ARG A 2824 113.51 -18.05 -18.70
CA ARG A 2824 113.09 -19.39 -18.28
C ARG A 2824 113.36 -19.55 -16.80
N ALA A 2825 112.30 -19.70 -16.01
CA ALA A 2825 112.39 -20.19 -14.65
C ALA A 2825 111.55 -21.46 -14.54
N ILE A 2826 112.14 -22.48 -13.92
CA ILE A 2826 111.49 -23.78 -13.75
C ILE A 2826 110.97 -23.89 -12.33
N ASP A 2827 109.68 -24.22 -12.19
CA ASP A 2827 109.15 -24.56 -10.89
C ASP A 2827 109.71 -25.91 -10.47
N MET A 2828 109.98 -26.04 -9.19
CA MET A 2828 110.67 -27.19 -8.66
C MET A 2828 110.00 -27.73 -7.39
N SER A 2829 108.82 -27.18 -7.05
CA SER A 2829 107.88 -27.83 -6.13
C SER A 2829 107.36 -29.14 -6.72
N ASN A 2830 107.44 -29.29 -8.03
CA ASN A 2830 107.07 -30.55 -8.68
C ASN A 2830 107.95 -31.70 -8.19
N VAL A 2831 109.26 -31.44 -8.08
CA VAL A 2831 110.16 -32.46 -7.55
C VAL A 2831 109.87 -32.63 -6.07
N THR A 2832 110.21 -33.81 -5.53
CA THR A 2832 109.98 -34.11 -4.12
C THR A 2832 111.24 -34.72 -3.52
N LEU A 2833 111.57 -34.29 -2.30
CA LEU A 2833 112.70 -34.84 -1.57
C LEU A 2833 112.29 -36.10 -0.81
N SER A 2834 113.29 -36.76 -0.23
CA SER A 2834 113.06 -37.94 0.61
C SER A 2834 112.93 -37.53 2.07
N ARG A 2835 112.66 -38.52 2.93
CA ARG A 2835 112.63 -38.29 4.36
C ARG A 2835 113.92 -37.67 4.87
N ASP A 2836 115.06 -38.20 4.42
CA ASP A 2836 116.35 -37.75 4.94
C ASP A 2836 116.63 -36.30 4.57
N LEU A 2837 116.50 -35.97 3.29
CA LEU A 2837 116.67 -34.59 2.86
C LEU A 2837 115.64 -33.67 3.49
N HIS A 2838 114.43 -34.19 3.74
CA HIS A 2838 113.41 -33.42 4.45
CA HIS A 2838 113.41 -33.42 4.45
C HIS A 2838 113.91 -33.00 5.82
N ALA A 2839 114.39 -33.97 6.60
CA ALA A 2839 114.86 -33.70 7.96
C ALA A 2839 116.07 -32.77 7.94
N MET A 2840 116.99 -32.99 6.99
CA MET A 2840 118.16 -32.12 6.86
C MET A 2840 117.73 -30.69 6.58
N ALA A 2841 116.79 -30.51 5.64
CA ALA A 2841 116.29 -29.19 5.29
C ALA A 2841 115.58 -28.55 6.47
N GLU A 2842 114.82 -29.34 7.23
CA GLU A 2842 114.12 -28.80 8.40
C GLU A 2842 115.09 -28.29 9.45
N MET A 2843 116.17 -29.02 9.73
CA MET A 2843 117.09 -28.58 10.77
C MET A 2843 117.97 -27.42 10.30
N MET A 2844 118.32 -27.40 9.02
CA MET A 2844 119.07 -26.25 8.51
C MET A 2844 118.18 -25.01 8.42
N ALA A 2845 116.88 -25.19 8.17
CA ALA A 2845 115.93 -24.09 8.30
C ALA A 2845 115.80 -23.64 9.74
N GLU A 2846 115.84 -24.58 10.69
CA GLU A 2846 115.96 -24.23 12.10
C GLU A 2846 117.15 -23.30 12.31
N ASN A 2847 118.30 -23.63 11.72
CA ASN A 2847 119.49 -22.80 11.89
C ASN A 2847 119.30 -21.40 11.28
N TYR A 2848 118.68 -21.31 10.10
CA TYR A 2848 118.44 -19.99 9.52
C TYR A 2848 117.47 -19.17 10.36
N HIS A 2849 116.44 -19.81 10.91
CA HIS A 2849 115.55 -19.07 11.81
C HIS A 2849 116.30 -18.61 13.05
N ASN A 2850 117.24 -19.44 13.53
CA ASN A 2850 118.07 -19.04 14.66
C ASN A 2850 118.94 -17.83 14.32
N ILE A 2851 119.47 -17.81 13.10
CA ILE A 2851 120.27 -16.67 12.65
C ILE A 2851 119.40 -15.40 12.60
N TRP A 2852 118.21 -15.52 12.04
CA TRP A 2852 117.30 -14.38 11.99
C TRP A 2852 116.89 -13.94 13.38
N ALA A 2853 116.70 -14.88 14.30
CA ALA A 2853 116.38 -14.54 15.68
C ALA A 2853 117.54 -13.84 16.37
N LYS A 2854 118.78 -14.25 16.07
CA LYS A 2854 119.94 -13.53 16.58
C LYS A 2854 119.96 -12.09 16.08
N LYS A 2855 119.74 -11.89 14.77
CA LYS A 2855 119.66 -10.52 14.28
C LYS A 2855 118.59 -9.73 15.02
N LYS A 2856 117.35 -10.25 15.03
CA LYS A 2856 116.27 -9.56 15.73
C LYS A 2856 116.63 -9.29 17.18
N LYS A 2857 117.45 -10.15 17.78
CA LYS A 2857 117.91 -9.92 19.15
C LYS A 2857 118.86 -8.74 19.21
N MET A 2858 119.77 -8.62 18.24
CA MET A 2858 120.63 -7.43 18.23
C MET A 2858 119.83 -6.14 18.06
N GLU A 2859 118.86 -6.08 17.15
CA GLU A 2859 118.02 -4.88 17.12
C GLU A 2859 117.21 -4.74 18.42
N LEU A 2860 116.91 -5.86 19.08
CA LEU A 2860 116.19 -5.77 20.35
C LEU A 2860 117.02 -5.08 21.42
N GLU A 2861 118.30 -5.47 21.55
CA GLU A 2861 119.14 -4.78 22.52
C GLU A 2861 119.48 -3.36 22.07
N SER A 2862 119.51 -3.10 20.76
CA SER A 2862 119.69 -1.73 20.30
C SER A 2862 118.53 -0.84 20.72
N LYS A 2863 117.30 -1.36 20.58
CA LYS A 2863 116.13 -0.62 21.06
C LYS A 2863 116.15 -0.50 22.58
N GLY A 2864 116.66 -1.53 23.26
CA GLY A 2864 116.69 -1.56 24.70
C GLY A 2864 115.46 -2.11 25.36
N GLY A 2865 114.45 -2.52 24.58
CA GLY A 2865 113.23 -3.07 25.14
C GLY A 2865 112.38 -3.74 24.10
N GLY A 2866 111.26 -4.30 24.56
CA GLY A 2866 110.31 -4.94 23.69
C GLY A 2866 110.68 -6.38 23.36
N ASN A 2867 109.84 -7.00 22.55
CA ASN A 2867 110.03 -8.37 22.12
C ASN A 2867 109.29 -8.58 20.80
N HIS A 2868 109.62 -9.67 20.12
CA HIS A 2868 108.98 -9.97 18.86
C HIS A 2868 108.19 -11.27 18.96
N PRO A 2869 106.97 -11.33 18.40
CA PRO A 2869 106.16 -12.55 18.55
C PRO A 2869 106.83 -13.79 17.97
N LEU A 2870 107.61 -13.65 16.90
CA LEU A 2870 108.26 -14.79 16.27
C LEU A 2870 109.64 -15.08 16.86
N LEU A 2871 110.04 -14.35 17.90
CA LEU A 2871 111.31 -14.64 18.56
C LEU A 2871 111.33 -16.04 19.19
N VAL A 2872 110.17 -16.63 19.42
CA VAL A 2872 110.07 -17.98 19.98
C VAL A 2872 110.71 -18.95 19.00
N PRO A 2873 111.23 -20.09 19.46
CA PRO A 2873 111.97 -21.00 18.56
C PRO A 2873 111.20 -21.46 17.33
N TYR A 2874 111.95 -21.96 16.35
CA TYR A 2874 111.38 -22.29 15.05
C TYR A 2874 110.34 -23.39 15.18
N ASP A 2875 110.62 -24.41 16.00
CA ASP A 2875 109.65 -25.47 16.22
C ASP A 2875 108.39 -24.93 16.90
N THR A 2876 108.56 -23.98 17.83
CA THR A 2876 107.40 -23.37 18.47
C THR A 2876 106.59 -22.54 17.50
N LEU A 2877 107.20 -22.07 16.42
CA LEU A 2877 106.45 -21.38 15.38
C LEU A 2877 105.50 -22.34 14.67
N THR A 2878 104.67 -21.78 13.79
CA THR A 2878 103.76 -22.58 12.97
C THR A 2878 104.12 -22.47 11.50
N ALA A 2879 103.56 -23.38 10.69
CA ALA A 2879 104.02 -23.56 9.32
C ALA A 2879 103.83 -22.29 8.48
N LYS A 2880 102.82 -21.49 8.78
CA LYS A 2880 102.53 -20.32 7.97
C LYS A 2880 103.68 -19.32 7.98
N GLU A 2881 104.17 -18.94 9.17
CA GLU A 2881 105.31 -18.05 9.23
C GLU A 2881 106.62 -18.78 8.90
N LYS A 2882 106.64 -20.10 9.09
CA LYS A 2882 107.79 -20.91 8.67
C LYS A 2882 107.93 -20.96 7.15
N ALA A 2883 106.87 -20.63 6.43
CA ALA A 2883 106.74 -21.02 5.03
C ALA A 2883 107.88 -20.47 4.18
N LYS A 2884 108.24 -19.20 4.37
CA LYS A 2884 109.30 -18.62 3.54
C LYS A 2884 110.63 -19.31 3.78
N ASP A 2885 110.96 -19.56 5.05
CA ASP A 2885 112.23 -20.22 5.36
C ASP A 2885 112.25 -21.65 4.82
N ARG A 2886 111.15 -22.40 5.01
CA ARG A 2886 111.11 -23.72 4.41
C ARG A 2886 111.28 -23.66 2.90
N GLU A 2887 110.46 -22.89 2.20
CA GLU A 2887 110.49 -22.89 0.74
C GLU A 2887 111.88 -22.50 0.24
N LYS A 2888 112.54 -21.57 0.93
CA LYS A 2888 113.92 -21.27 0.58
C LYS A 2888 114.81 -22.50 0.77
N ALA A 2889 114.63 -23.20 1.88
CA ALA A 2889 115.43 -24.40 2.14
C ALA A 2889 115.28 -25.43 1.03
N GLN A 2890 114.04 -25.82 0.71
CA GLN A 2890 113.90 -26.88 -0.28
C GLN A 2890 114.27 -26.39 -1.66
N ASP A 2891 114.06 -25.09 -1.97
CA ASP A 2891 114.46 -24.68 -3.32
C ASP A 2891 115.97 -24.73 -3.47
N ILE A 2892 116.73 -24.28 -2.46
CA ILE A 2892 118.18 -24.36 -2.63
C ILE A 2892 118.64 -25.82 -2.69
N LEU A 2893 118.11 -26.69 -1.84
CA LEU A 2893 118.61 -28.07 -1.82
C LEU A 2893 118.14 -28.84 -3.07
N LYS A 2894 116.92 -28.56 -3.55
CA LYS A 2894 116.43 -29.12 -4.81
C LYS A 2894 117.27 -28.63 -5.97
N PHE A 2895 117.70 -27.37 -5.93
CA PHE A 2895 118.54 -26.86 -7.00
C PHE A 2895 119.88 -27.56 -6.98
N LEU A 2896 120.40 -27.85 -5.78
CA LEU A 2896 121.61 -28.67 -5.68
C LEU A 2896 121.40 -30.04 -6.29
N GLN A 2897 120.27 -30.70 -5.98
CA GLN A 2897 119.99 -32.00 -6.57
C GLN A 2897 119.93 -31.95 -8.10
N ILE A 2898 119.24 -30.95 -8.66
CA ILE A 2898 119.07 -30.91 -10.10
C ILE A 2898 120.39 -30.54 -10.79
N ASN A 2899 121.20 -29.71 -10.13
CA ASN A 2899 122.54 -29.44 -10.66
C ASN A 2899 123.41 -30.69 -10.59
N GLY A 2900 123.06 -31.63 -9.73
CA GLY A 2900 123.68 -32.93 -9.69
C GLY A 2900 124.51 -33.20 -8.47
N TYR A 2901 124.88 -32.15 -7.73
CA TYR A 2901 125.56 -32.34 -6.46
C TYR A 2901 124.65 -33.12 -5.51
N ALA A 2902 125.21 -34.17 -4.91
CA ALA A 2902 124.44 -35.07 -4.05
C ALA A 2902 124.91 -34.90 -2.61
N VAL A 2903 124.09 -34.24 -1.80
CA VAL A 2903 124.42 -34.06 -0.39
C VAL A 2903 123.90 -35.25 0.41
N SER A 2904 124.69 -35.66 1.40
CA SER A 2904 124.34 -36.77 2.25
C SER A 2904 124.77 -36.45 3.68
N ARG A 2905 124.75 -37.46 4.54
CA ARG A 2905 125.20 -37.27 5.91
C ARG A 2905 126.70 -37.01 5.94
N GLY A 2906 127.13 -36.20 6.90
CA GLY A 2906 128.54 -35.85 6.99
C GLY A 2906 129.44 -37.06 7.22
N PHE A 2907 129.00 -37.98 8.06
CA PHE A 2907 129.79 -39.15 8.42
C PHE A 2907 128.89 -40.36 8.60
N LYS A 2908 129.16 -41.40 7.82
CA LYS A 2908 128.39 -42.64 7.93
C LYS A 2908 128.80 -43.41 9.18
N ASP A 2909 128.04 -44.45 9.49
CA ASP A 2909 128.25 -45.22 10.71
C ASP A 2909 129.66 -45.78 10.77
N LEU A 2910 130.30 -45.60 11.93
CA LEU A 2910 131.68 -46.05 12.09
C LEU A 2910 131.74 -47.44 12.71
N GLU A 2911 130.83 -47.73 13.64
CA GLU A 2911 130.86 -49.00 14.35
C GLU A 2911 129.45 -49.35 14.82
N LEU A 2912 129.28 -50.53 15.40
CA LEU A 2912 127.97 -50.98 15.88
C LEU A 2912 128.16 -51.76 17.16
N ASP A 2913 127.30 -51.48 18.14
CA ASP A 2913 127.46 -51.97 19.51
C ASP A 2913 126.66 -53.24 19.78
N THR A 2914 126.05 -53.85 18.76
CA THR A 2914 125.32 -55.10 18.96
C THR A 2914 126.16 -56.22 19.57
N PRO A 2915 127.42 -56.45 19.19
CA PRO A 2915 128.16 -57.57 19.81
C PRO A 2915 128.29 -57.46 21.32
N SER A 2916 128.37 -56.24 21.84
CA SER A 2916 128.48 -56.03 23.28
C SER A 2916 127.24 -56.58 23.99
N ILE A 2917 127.46 -57.16 25.19
CA ILE A 2917 126.33 -57.66 25.97
C ILE A 2917 125.72 -56.57 26.85
N GLU A 2918 126.42 -55.45 27.05
CA GLU A 2918 125.82 -54.27 27.65
C GLU A 2918 125.00 -53.46 26.66
N LYS A 2919 124.91 -53.92 25.40
CA LYS A 2919 124.03 -53.31 24.42
C LYS A 2919 122.62 -53.16 24.96
N ARG A 2920 122.11 -54.21 25.62
CA ARG A 2920 120.76 -54.16 26.17
C ARG A 2920 120.70 -53.22 27.36
N PHE A 2921 119.79 -52.24 27.28
CA PHE A 2921 119.63 -51.34 28.41
C PHE A 2921 119.17 -52.12 29.64
N ALA A 2922 118.49 -53.24 29.42
CA ALA A 2922 118.16 -54.13 30.53
C ALA A 2922 119.42 -54.66 31.20
N TYR A 2923 120.41 -55.06 30.40
CA TYR A 2923 121.67 -55.54 30.96
C TYR A 2923 122.37 -54.41 31.74
N SER A 2924 122.44 -53.21 31.15
CA SER A 2924 123.10 -52.11 31.84
C SER A 2924 122.36 -51.72 33.12
N PHE A 2925 121.03 -51.65 33.05
CA PHE A 2925 120.22 -51.28 34.20
C PHE A 2925 120.34 -52.32 35.30
N LEU A 2926 120.38 -53.61 34.93
CA LEU A 2926 120.58 -54.66 35.92
C LEU A 2926 121.98 -54.62 36.52
N GLN A 2927 122.98 -54.19 35.72
CA GLN A 2927 124.31 -54.01 36.27
C GLN A 2927 124.31 -52.93 37.35
N GLN A 2928 123.75 -51.76 37.02
CA GLN A 2928 123.64 -50.70 38.02
C GLN A 2928 122.79 -51.16 39.20
N LEU A 2929 121.76 -51.96 38.94
CA LEU A 2929 120.87 -52.44 40.00
C LEU A 2929 121.63 -53.34 40.97
N ILE A 2930 122.38 -54.30 40.44
CA ILE A 2930 123.19 -55.17 41.28
C ILE A 2930 124.21 -54.36 42.05
N ARG A 2931 124.76 -53.31 41.43
CA ARG A 2931 125.64 -52.41 42.17
C ARG A 2931 124.92 -51.83 43.39
N TYR A 2932 123.84 -51.08 43.16
CA TYR A 2932 123.13 -50.43 44.26
C TYR A 2932 122.69 -51.44 45.32
N VAL A 2933 122.38 -52.67 44.92
CA VAL A 2933 122.01 -53.67 45.92
C VAL A 2933 123.24 -54.20 46.66
N ASP A 2934 124.42 -54.14 46.04
CA ASP A 2934 125.64 -54.46 46.80
C ASP A 2934 125.96 -53.38 47.83
N GLU A 2935 125.83 -52.10 47.43
CA GLU A 2935 125.90 -51.03 48.41
C GLU A 2935 124.84 -51.21 49.49
N ALA A 2936 123.64 -51.67 49.12
CA ALA A 2936 122.61 -51.93 50.11
C ALA A 2936 123.00 -53.06 51.05
N HIS A 2937 123.68 -54.09 50.52
CA HIS A 2937 124.13 -55.19 51.36
C HIS A 2937 125.17 -54.73 52.37
N GLN A 2938 126.12 -53.89 51.94
CA GLN A 2938 127.12 -53.44 52.90
C GLN A 2938 126.51 -52.41 53.86
N TYR A 2939 125.51 -51.66 53.39
CA TYR A 2939 124.69 -50.84 54.28
C TYR A 2939 124.04 -51.69 55.37
N ILE A 2940 123.40 -52.79 54.98
CA ILE A 2940 122.67 -53.60 55.95
C ILE A 2940 123.62 -54.31 56.88
N LEU A 2941 124.83 -54.65 56.42
CA LEU A 2941 125.85 -55.09 57.35
C LEU A 2941 126.19 -54.01 58.36
N GLU A 2942 126.28 -52.75 57.89
CA GLU A 2942 126.57 -51.65 58.81
C GLU A 2942 125.44 -51.45 59.82
N PHE A 2943 124.18 -51.48 59.37
CA PHE A 2943 123.07 -51.36 60.32
C PHE A 2943 122.92 -52.57 61.23
N ASP A 2944 123.36 -53.76 60.80
CA ASP A 2944 123.39 -54.88 61.72
C ASP A 2944 124.46 -54.69 62.79
N GLY A 2945 125.61 -54.15 62.40
CA GLY A 2945 126.63 -53.81 63.39
C GLY A 2945 126.16 -52.74 64.36
N GLY A 2946 125.42 -51.75 63.85
CA GLY A 2946 124.97 -50.67 64.70
C GLY A 2946 123.70 -50.99 65.47
N SER A 2947 122.99 -52.04 65.07
CA SER A 2947 121.80 -52.45 65.80
C SER A 2947 122.17 -53.19 67.09
N ARG A 2948 123.24 -53.98 67.04
CA ARG A 2948 123.82 -54.49 68.28
C ARG A 2948 124.36 -53.34 69.12
N GLY A 2949 124.84 -52.28 68.48
CA GLY A 2949 125.22 -51.08 69.21
C GLY A 2949 124.00 -50.31 69.68
N LYS A 2950 124.23 -49.39 70.61
CA LYS A 2950 123.13 -48.64 71.20
C LYS A 2950 122.43 -47.75 70.18
N GLY A 2951 123.21 -47.08 69.33
CA GLY A 2951 122.63 -46.11 68.42
C GLY A 2951 121.90 -46.78 67.27
N GLU A 2952 120.58 -46.59 67.22
CA GLU A 2952 119.77 -47.07 66.11
C GLU A 2952 119.64 -46.06 64.98
N HIS A 2953 120.19 -44.87 65.15
CA HIS A 2953 120.18 -43.88 64.07
C HIS A 2953 121.08 -44.34 62.93
N PHE A 2954 120.57 -44.23 61.70
CA PHE A 2954 121.29 -44.66 60.52
C PHE A 2954 121.62 -43.47 59.65
N PRO A 2955 122.90 -43.23 59.34
CA PRO A 2955 123.23 -42.15 58.40
C PRO A 2955 122.68 -42.37 57.00
N TYR A 2956 122.34 -43.61 56.65
CA TYR A 2956 121.91 -43.96 55.30
C TYR A 2956 120.41 -44.21 55.23
N GLU A 2957 119.63 -43.46 56.01
CA GLU A 2957 118.18 -43.62 55.97
C GLU A 2957 117.60 -43.16 54.63
N GLN A 2958 118.20 -42.12 54.05
CA GLN A 2958 117.77 -41.68 52.72
C GLN A 2958 118.02 -42.78 51.69
N GLU A 2959 119.16 -43.45 51.79
CA GLU A 2959 119.43 -44.58 50.90
C GLU A 2959 118.48 -45.75 51.14
N ILE A 2960 118.13 -46.02 52.40
CA ILE A 2960 117.16 -47.07 52.69
C ILE A 2960 115.83 -46.76 52.02
N LYS A 2961 115.36 -45.52 52.18
CA LYS A 2961 114.09 -45.13 51.58
C LYS A 2961 114.15 -45.18 50.06
N PHE A 2962 115.26 -44.69 49.47
CA PHE A 2962 115.43 -44.80 48.03
C PHE A 2962 115.34 -46.24 47.56
N PHE A 2963 116.12 -47.12 48.18
CA PHE A 2963 116.07 -48.54 47.81
C PHE A 2963 114.64 -49.06 47.88
N ALA A 2964 114.02 -48.97 49.06
CA ALA A 2964 112.71 -49.59 49.28
C ALA A 2964 111.64 -49.02 48.36
N LYS A 2965 111.68 -47.72 48.06
CA LYS A 2965 110.59 -47.11 47.33
C LYS A 2965 110.82 -47.06 45.83
N VAL A 2966 112.06 -47.29 45.37
CA VAL A 2966 112.39 -47.23 43.94
C VAL A 2966 112.85 -48.59 43.42
N VAL A 2967 113.95 -49.12 43.97
CA VAL A 2967 114.52 -50.35 43.43
C VAL A 2967 113.56 -51.51 43.64
N LEU A 2968 112.94 -51.58 44.82
CA LEU A 2968 112.04 -52.68 45.14
C LEU A 2968 110.82 -52.73 44.23
N PRO A 2969 110.08 -51.61 44.00
CA PRO A 2969 108.90 -51.71 43.13
C PRO A 2969 109.23 -51.73 41.65
N LEU A 2970 110.33 -51.07 41.24
CA LEU A 2970 110.69 -51.04 39.83
C LEU A 2970 111.02 -52.43 39.31
N ILE A 2971 111.74 -53.22 40.12
CA ILE A 2971 112.00 -54.62 39.76
C ILE A 2971 110.69 -55.36 39.53
N ASP A 2972 109.74 -55.20 40.44
CA ASP A 2972 108.47 -55.92 40.35
C ASP A 2972 107.72 -55.54 39.08
N GLN A 2973 107.60 -54.24 38.82
CA GLN A 2973 106.83 -53.80 37.65
C GLN A 2973 107.52 -54.23 36.36
N TYR A 2974 108.83 -54.05 36.28
CA TYR A 2974 109.58 -54.49 35.11
C TYR A 2974 109.40 -55.98 34.86
N PHE A 2975 109.46 -56.78 35.92
CA PHE A 2975 109.44 -58.22 35.74
C PHE A 2975 108.03 -58.71 35.40
N LYS A 2976 107.01 -58.12 36.02
CA LYS A 2976 105.64 -58.49 35.67
C LYS A 2976 105.23 -57.95 34.30
N ASN A 2977 105.92 -56.95 33.77
CA ASN A 2977 105.61 -56.45 32.43
C ASN A 2977 106.36 -57.22 31.35
N HIS A 2978 107.62 -57.61 31.61
CA HIS A 2978 108.45 -58.29 30.62
C HIS A 2978 108.81 -59.68 31.17
N ARG A 2979 107.82 -60.34 31.76
CA ARG A 2979 108.02 -61.70 32.26
C ARG A 2979 108.41 -62.66 31.15
N LEU A 2980 107.80 -62.52 29.97
CA LEU A 2980 108.10 -63.43 28.87
C LEU A 2980 109.55 -63.28 28.41
N TYR A 2981 110.11 -62.08 28.56
CA TYR A 2981 111.49 -61.85 28.14
C TYR A 2981 112.47 -62.73 28.91
N PHE A 2982 112.30 -62.81 30.24
CA PHE A 2982 113.18 -63.65 31.04
C PHE A 2982 112.89 -65.14 30.83
N LEU A 2983 111.64 -65.49 30.55
CA LEU A 2983 111.28 -66.89 30.33
C LEU A 2983 111.66 -67.39 28.95
N SER A 2984 112.43 -66.63 28.18
CA SER A 2984 112.93 -67.11 26.89
C SER A 2984 113.83 -68.31 27.11
N ALA A 2985 113.36 -69.49 26.73
CA ALA A 2985 114.04 -70.75 26.99
C ALA A 2985 114.39 -71.47 25.69
N ALA A 2986 114.94 -70.73 24.72
CA ALA A 2986 115.41 -71.26 23.45
C ALA A 2986 114.25 -71.82 22.60
N SER A 2987 113.02 -71.69 23.08
CA SER A 2987 111.84 -72.05 22.32
C SER A 2987 111.34 -70.92 21.45
N ARG A 2988 112.02 -69.78 21.47
CA ARG A 2988 111.63 -68.58 20.73
C ARG A 2988 110.19 -68.15 21.03
N PRO A 2989 109.89 -67.76 22.28
CA PRO A 2989 108.57 -67.17 22.55
C PRO A 2989 108.50 -65.75 22.03
N LEU A 2990 107.35 -65.36 21.47
CA LEU A 2990 107.23 -64.05 20.82
C LEU A 2990 108.28 -63.95 19.73
N CYS A 2991 108.15 -64.78 18.69
CA CYS A 2991 109.22 -65.03 17.72
C CYS A 2991 109.80 -63.75 17.11
N SER A 2992 109.12 -62.61 17.25
CA SER A 2992 109.68 -61.36 16.74
C SER A 2992 110.99 -61.02 17.44
N GLY A 2993 111.07 -61.28 18.74
CA GLY A 2993 112.27 -61.02 19.50
C GLY A 2993 112.00 -61.12 20.99
N GLY A 2994 113.05 -60.91 21.77
CA GLY A 2994 112.92 -60.93 23.21
C GLY A 2994 113.69 -62.04 23.90
N HIS A 2995 114.83 -62.43 23.33
CA HIS A 2995 115.66 -63.46 23.94
C HIS A 2995 116.58 -62.84 24.98
N ALA A 2996 116.33 -63.14 26.25
CA ALA A 2996 117.23 -62.73 27.30
C ALA A 2996 118.54 -63.51 27.21
N SER A 2997 119.64 -62.79 27.34
CA SER A 2997 120.95 -63.43 27.22
C SER A 2997 121.26 -64.26 28.44
N ASN A 2998 122.21 -65.18 28.28
CA ASN A 2998 122.62 -66.02 29.40
C ASN A 2998 123.23 -65.19 30.51
N LYS A 2999 124.01 -64.16 30.16
CA LYS A 2999 124.53 -63.23 31.15
C LYS A 2999 123.40 -62.49 31.86
N GLU A 3000 122.40 -62.03 31.11
CA GLU A 3000 121.24 -61.40 31.71
C GLU A 3000 120.60 -62.32 32.75
N LYS A 3001 120.33 -63.58 32.37
CA LYS A 3001 119.69 -64.51 33.28
C LYS A 3001 120.56 -64.83 34.49
N GLU A 3002 121.88 -65.01 34.31
CA GLU A 3002 122.73 -65.35 35.44
C GLU A 3002 122.83 -64.19 36.41
N MET A 3003 122.88 -62.95 35.92
CA MET A 3003 122.98 -61.83 36.84
C MET A 3003 121.63 -61.53 37.49
N VAL A 3004 120.54 -61.88 36.79
CA VAL A 3004 119.22 -61.86 37.43
C VAL A 3004 119.18 -62.86 38.58
N THR A 3005 119.74 -64.04 38.38
CA THR A 3005 119.82 -65.03 39.46
C THR A 3005 120.72 -64.58 40.61
N SER A 3006 121.82 -63.89 40.31
CA SER A 3006 122.64 -63.36 41.40
C SER A 3006 121.88 -62.30 42.20
N LEU A 3007 121.15 -61.42 41.50
CA LEU A 3007 120.29 -60.47 42.20
C LEU A 3007 119.21 -61.18 43.01
N PHE A 3008 118.67 -62.26 42.45
CA PHE A 3008 117.72 -63.14 43.13
C PHE A 3008 118.28 -63.59 44.48
N CYS A 3009 119.49 -64.15 44.45
CA CYS A 3009 120.10 -64.69 45.66
C CYS A 3009 120.45 -63.60 46.65
N LYS A 3010 120.97 -62.46 46.17
CA LYS A 3010 121.39 -61.42 47.09
C LYS A 3010 120.19 -60.71 47.72
N LEU A 3011 119.08 -60.59 46.99
CA LEU A 3011 117.84 -60.12 47.59
C LEU A 3011 117.34 -61.08 48.66
N GLY A 3012 117.47 -62.39 48.40
CA GLY A 3012 117.16 -63.35 49.45
C GLY A 3012 118.02 -63.15 50.70
N VAL A 3013 119.33 -62.94 50.50
CA VAL A 3013 120.23 -62.73 51.63
C VAL A 3013 119.84 -61.48 52.40
N LEU A 3014 119.49 -60.41 51.68
CA LEU A 3014 119.07 -59.18 52.35
C LEU A 3014 117.79 -59.39 53.16
N VAL A 3015 116.77 -60.01 52.55
CA VAL A 3015 115.50 -60.19 53.24
C VAL A 3015 115.61 -61.16 54.41
N ARG A 3016 116.65 -61.99 54.44
CA ARG A 3016 116.83 -62.92 55.56
C ARG A 3016 116.90 -62.16 56.88
N HIS A 3017 115.86 -62.34 57.70
CA HIS A 3017 115.83 -61.85 59.09
C HIS A 3017 116.01 -60.34 59.18
N ARG A 3018 115.20 -59.61 58.40
CA ARG A 3018 115.21 -58.14 58.49
C ARG A 3018 113.80 -57.55 58.38
N ILE A 3019 112.77 -58.34 58.66
CA ILE A 3019 111.40 -57.85 58.52
C ILE A 3019 111.12 -56.73 59.51
N SER A 3020 111.72 -56.82 60.71
CA SER A 3020 111.56 -55.74 61.68
C SER A 3020 112.18 -54.45 61.19
N LEU A 3021 113.36 -54.53 60.57
CA LEU A 3021 113.99 -53.34 60.02
C LEU A 3021 113.17 -52.76 58.89
N PHE A 3022 112.59 -53.62 58.04
CA PHE A 3022 111.67 -53.14 57.02
C PHE A 3022 110.45 -52.53 57.68
N GLY A 3023 110.17 -51.27 57.37
CA GLY A 3023 109.06 -50.55 57.98
C GLY A 3023 107.72 -50.97 57.43
N ASN A 3024 107.30 -52.20 57.76
CA ASN A 3024 106.09 -52.86 57.27
C ASN A 3024 106.13 -53.10 55.76
N ASP A 3025 107.23 -52.78 55.09
CA ASP A 3025 107.42 -53.08 53.68
C ASP A 3025 107.99 -54.47 53.45
N ALA A 3026 108.26 -55.23 54.52
CA ALA A 3026 108.72 -56.60 54.37
C ALA A 3026 107.78 -57.42 53.50
N THR A 3027 106.47 -57.18 53.58
CA THR A 3027 105.54 -57.82 52.65
C THR A 3027 105.82 -57.41 51.22
N SER A 3028 106.23 -56.16 51.00
CA SER A 3028 106.60 -55.73 49.65
C SER A 3028 107.83 -56.46 49.15
N ILE A 3029 108.83 -56.68 50.01
CA ILE A 3029 109.97 -57.50 49.59
C ILE A 3029 109.54 -58.93 49.32
N VAL A 3030 108.59 -59.45 50.11
CA VAL A 3030 108.10 -60.80 49.89
C VAL A 3030 107.46 -60.93 48.51
N ASN A 3031 106.61 -59.96 48.14
CA ASN A 3031 106.01 -59.95 46.82
C ASN A 3031 107.07 -59.77 45.73
N CYS A 3032 108.10 -58.96 46.03
CA CYS A 3032 109.18 -58.74 45.08
C CYS A 3032 109.89 -60.05 44.76
N LEU A 3033 110.21 -60.84 45.78
CA LEU A 3033 110.93 -62.07 45.52
C LEU A 3033 109.99 -63.14 45.00
N HIS A 3034 108.68 -63.02 45.27
CA HIS A 3034 107.70 -63.83 44.55
C HIS A 3034 107.80 -63.60 43.04
N ILE A 3035 107.78 -62.33 42.61
CA ILE A 3035 107.83 -62.08 41.17
C ILE A 3035 109.20 -62.44 40.61
N LEU A 3036 110.26 -62.29 41.43
CA LEU A 3036 111.58 -62.76 41.02
C LEU A 3036 111.56 -64.25 40.73
N GLY A 3037 110.98 -65.04 41.63
CA GLY A 3037 110.90 -66.48 41.40
C GLY A 3037 110.03 -66.84 40.23
N GLN A 3038 108.93 -66.09 40.02
CA GLN A 3038 108.07 -66.35 38.87
C GLN A 3038 108.79 -66.05 37.56
N THR A 3039 109.66 -65.04 37.55
CA THR A 3039 110.43 -64.71 36.36
C THR A 3039 111.78 -65.43 36.30
N LEU A 3040 112.06 -66.31 37.25
CA LEU A 3040 113.34 -67.00 37.29
C LEU A 3040 113.58 -67.83 36.03
N ASP A 3041 114.84 -67.82 35.58
CA ASP A 3041 115.35 -68.72 34.53
C ASP A 3041 116.73 -69.20 35.01
N ALA A 3042 116.74 -70.31 35.77
CA ALA A 3042 117.97 -70.73 36.43
C ALA A 3042 118.60 -71.93 35.74
N ARG A 3043 117.81 -72.67 34.96
CA ARG A 3043 118.32 -73.91 34.36
C ARG A 3043 119.42 -73.60 33.35
N THR A 3044 119.20 -72.60 32.50
CA THR A 3044 120.20 -72.25 31.50
C THR A 3044 121.49 -71.78 32.15
N VAL A 3045 121.37 -70.99 33.23
CA VAL A 3045 122.57 -70.43 33.85
C VAL A 3045 123.30 -71.49 34.66
N MET A 3046 122.58 -72.49 35.17
CA MET A 3046 123.29 -73.57 35.87
C MET A 3046 123.96 -74.51 34.88
N LYS A 3047 123.33 -74.79 33.75
CA LYS A 3047 123.97 -75.66 32.76
C LYS A 3047 125.15 -74.96 32.11
N THR A 3048 125.05 -73.65 31.89
CA THR A 3048 126.18 -72.86 31.41
C THR A 3048 126.18 -71.54 32.17
N GLY A 3049 127.14 -71.37 33.09
CA GLY A 3049 127.20 -70.16 33.89
C GLY A 3049 128.46 -70.08 34.72
N LEU A 3050 128.68 -68.91 35.29
CA LEU A 3050 129.89 -68.67 36.07
C LEU A 3050 129.78 -69.29 37.46
N GLU A 3051 130.92 -69.73 37.99
CA GLU A 3051 130.93 -70.51 39.23
C GLU A 3051 130.42 -69.68 40.41
N SER A 3052 130.63 -68.37 40.39
CA SER A 3052 130.08 -67.52 41.44
C SER A 3052 128.55 -67.55 41.42
N VAL A 3053 127.97 -67.50 40.21
CA VAL A 3053 126.52 -67.61 40.07
C VAL A 3053 126.05 -68.99 40.54
N LYS A 3054 126.81 -70.03 40.20
CA LYS A 3054 126.49 -71.36 40.69
C LYS A 3054 126.42 -71.38 42.22
N SER A 3055 127.48 -70.89 42.87
CA SER A 3055 127.52 -70.89 44.33
C SER A 3055 126.41 -70.06 44.93
N ALA A 3056 126.10 -68.91 44.32
CA ALA A 3056 125.00 -68.09 44.81
C ALA A 3056 123.67 -68.82 44.72
N LEU A 3057 123.42 -69.50 43.60
CA LEU A 3057 122.13 -70.18 43.45
C LEU A 3057 122.03 -71.39 44.37
N ARG A 3058 123.13 -72.08 44.63
CA ARG A 3058 123.11 -73.11 45.66
C ARG A 3058 122.81 -72.51 47.04
N ALA A 3059 123.55 -71.46 47.41
CA ALA A 3059 123.44 -70.90 48.75
C ALA A 3059 122.06 -70.30 49.00
N PHE A 3060 121.40 -69.81 47.93
CA PHE A 3060 120.06 -69.25 48.08
C PHE A 3060 119.08 -70.23 48.70
N LEU A 3061 119.13 -71.50 48.31
CA LEU A 3061 118.30 -72.51 48.95
C LEU A 3061 118.98 -73.18 50.14
N ASP A 3062 120.31 -73.21 50.18
CA ASP A 3062 121.02 -73.74 51.33
C ASP A 3062 120.71 -72.97 52.61
N ASN A 3063 120.80 -71.64 52.56
CA ASN A 3063 120.54 -70.82 53.74
C ASN A 3063 119.12 -71.02 54.24
N ALA A 3064 118.15 -71.03 53.31
CA ALA A 3064 116.79 -71.37 53.69
C ALA A 3064 116.72 -72.74 54.33
N ALA A 3065 117.54 -73.68 53.85
CA ALA A 3065 117.55 -75.03 54.41
C ALA A 3065 117.97 -75.02 55.88
N GLU A 3066 119.10 -74.41 56.20
CA GLU A 3066 119.47 -74.47 57.64
C GLU A 3066 118.57 -73.59 58.48
N ASP A 3067 118.05 -72.48 57.91
CA ASP A 3067 117.12 -71.65 58.65
C ASP A 3067 115.89 -72.45 59.05
N LEU A 3068 115.26 -73.13 58.10
CA LEU A 3068 114.12 -73.95 58.43
C LEU A 3068 114.50 -75.08 59.38
N GLU A 3069 115.63 -75.74 59.14
CA GLU A 3069 116.01 -76.85 60.01
C GLU A 3069 116.10 -76.40 61.47
N LYS A 3070 116.90 -75.37 61.75
CA LYS A 3070 117.01 -74.89 63.12
C LYS A 3070 115.67 -74.36 63.62
N THR A 3071 114.80 -73.92 62.71
CA THR A 3071 113.45 -73.54 63.12
C THR A 3071 112.70 -74.72 63.72
N MET A 3072 112.74 -75.88 63.05
CA MET A 3072 112.10 -77.07 63.64
C MET A 3072 112.75 -77.50 64.94
N GLU A 3073 114.09 -77.50 65.03
CA GLU A 3073 114.61 -77.85 66.36
C GLU A 3073 114.12 -76.85 67.41
N ASN A 3074 114.01 -75.57 67.09
CA ASN A 3074 113.67 -74.61 68.14
C ASN A 3074 112.21 -74.68 68.56
N LEU A 3075 111.28 -74.93 67.61
CA LEU A 3075 109.88 -75.05 68.06
C LEU A 3075 109.70 -76.19 69.04
N LYS A 3076 110.30 -77.36 68.77
CA LYS A 3076 110.08 -78.50 69.66
C LYS A 3076 110.95 -78.47 70.91
N GLN A 3077 112.14 -77.88 70.85
CA GLN A 3077 112.92 -77.73 72.09
C GLN A 3077 112.31 -76.67 73.00
N GLY A 3078 111.96 -75.51 72.43
CA GLY A 3078 111.33 -74.45 73.20
C GLY A 3078 109.82 -74.49 73.13
N GLN A 3079 109.22 -75.57 73.62
CA GLN A 3079 107.77 -75.67 73.66
C GLN A 3079 107.17 -74.57 74.52
N PHE A 3080 107.88 -74.15 75.56
CA PHE A 3080 107.45 -73.04 76.39
C PHE A 3080 107.45 -71.75 75.58
N THR A 3081 106.50 -70.86 75.87
CA THR A 3081 106.40 -69.58 75.18
C THR A 3081 107.66 -68.73 75.36
N LYS A 3088 111.13 -61.82 71.11
CA LYS A 3088 112.51 -62.23 71.29
C LYS A 3088 113.09 -62.56 69.91
N GLY A 3089 114.42 -62.72 69.85
CA GLY A 3089 115.05 -62.98 68.56
C GLY A 3089 114.54 -64.22 67.87
N VAL A 3090 114.36 -65.31 68.62
CA VAL A 3090 113.87 -66.55 68.01
C VAL A 3090 112.43 -66.39 67.54
N THR A 3091 111.62 -65.64 68.31
CA THR A 3091 110.24 -65.39 67.88
C THR A 3091 110.22 -64.56 66.60
N GLN A 3092 111.10 -63.56 66.50
CA GLN A 3092 111.19 -62.77 65.27
C GLN A 3092 111.65 -63.63 64.11
N ILE A 3093 112.57 -64.56 64.37
CA ILE A 3093 113.05 -65.43 63.30
C ILE A 3093 111.93 -66.36 62.81
N ILE A 3094 111.14 -66.88 63.74
CA ILE A 3094 110.00 -67.72 63.35
C ILE A 3094 108.96 -66.89 62.60
N ASN A 3095 108.77 -65.63 63.01
CA ASN A 3095 107.86 -64.76 62.28
C ASN A 3095 108.33 -64.53 60.85
N TYR A 3096 109.63 -64.25 60.68
CA TYR A 3096 110.20 -64.17 59.34
C TYR A 3096 109.98 -65.46 58.56
N THR A 3097 110.28 -66.60 59.19
CA THR A 3097 110.08 -67.89 58.54
C THR A 3097 108.66 -68.03 58.01
N THR A 3098 107.67 -67.95 58.89
CA THR A 3098 106.28 -68.17 58.49
C THR A 3098 105.83 -67.13 57.46
N VAL A 3099 106.18 -65.85 57.67
CA VAL A 3099 105.66 -64.79 56.82
C VAL A 3099 106.25 -64.84 55.43
N ALA A 3100 107.57 -65.06 55.33
CA ALA A 3100 108.25 -64.99 54.03
C ALA A 3100 108.84 -66.32 53.60
N LEU A 3101 109.60 -67.00 54.46
CA LEU A 3101 110.47 -68.07 53.99
C LEU A 3101 109.70 -69.19 53.33
N LEU A 3102 108.59 -69.63 53.93
CA LEU A 3102 107.78 -70.66 53.28
C LEU A 3102 107.16 -70.15 51.97
N PRO A 3103 106.48 -68.99 51.93
CA PRO A 3103 105.91 -68.53 50.64
C PRO A 3103 106.92 -68.36 49.52
N MET A 3104 108.13 -67.88 49.80
CA MET A 3104 109.11 -67.68 48.74
C MET A 3104 109.51 -69.02 48.12
N LEU A 3105 109.80 -70.00 48.97
CA LEU A 3105 110.08 -71.34 48.48
C LEU A 3105 108.89 -71.92 47.74
N SER A 3106 107.67 -71.67 48.21
CA SER A 3106 106.49 -72.19 47.51
C SER A 3106 106.37 -71.58 46.12
N SER A 3107 106.63 -70.28 46.00
CA SER A 3107 106.60 -69.62 44.69
C SER A 3107 107.67 -70.21 43.76
N LEU A 3108 108.87 -70.44 44.29
CA LEU A 3108 109.92 -71.08 43.49
C LEU A 3108 109.50 -72.47 43.04
N PHE A 3109 108.88 -73.23 43.93
CA PHE A 3109 108.47 -74.59 43.59
C PHE A 3109 107.36 -74.58 42.54
N GLU A 3110 106.43 -73.62 42.64
CA GLU A 3110 105.39 -73.48 41.62
C GLU A 3110 106.00 -73.11 40.26
N HIS A 3111 106.97 -72.21 40.26
CA HIS A 3111 107.70 -71.88 39.04
C HIS A 3111 108.32 -73.13 38.42
N ILE A 3112 109.05 -73.90 39.22
CA ILE A 3112 109.69 -75.12 38.74
C ILE A 3112 108.62 -76.07 38.18
N GLY A 3113 107.50 -76.21 38.89
CA GLY A 3113 106.45 -77.11 38.47
C GLY A 3113 105.81 -76.76 37.14
N GLN A 3114 105.47 -75.49 36.92
CA GLN A 3114 104.75 -75.15 35.69
C GLN A 3114 105.73 -74.88 34.55
N HIS A 3115 107.04 -74.83 34.84
CA HIS A 3115 108.00 -75.06 33.76
C HIS A 3115 108.26 -76.53 33.50
N GLN A 3116 107.92 -77.40 34.45
CA GLN A 3116 108.16 -78.85 34.34
C GLN A 3116 109.63 -79.16 34.15
N PHE A 3117 110.49 -78.17 34.30
CA PHE A 3117 111.89 -78.31 33.94
C PHE A 3117 112.75 -77.75 35.08
N GLY A 3118 113.80 -78.49 35.43
CA GLY A 3118 114.48 -78.36 36.70
C GLY A 3118 114.97 -79.67 37.26
N GLU A 3119 114.67 -80.78 36.57
CA GLU A 3119 115.35 -82.04 36.77
C GLU A 3119 116.86 -81.91 36.59
N ASP A 3120 117.32 -80.81 36.02
CA ASP A 3120 118.73 -80.46 36.03
C ASP A 3120 119.08 -79.61 37.24
N LEU A 3121 118.19 -78.70 37.67
CA LEU A 3121 118.40 -77.97 38.90
C LEU A 3121 118.70 -78.89 40.07
N ILE A 3122 118.01 -80.03 40.12
CA ILE A 3122 118.28 -80.95 41.22
C ILE A 3122 119.63 -81.61 40.99
N LEU A 3123 120.54 -81.46 41.94
CA LEU A 3123 121.93 -81.84 41.78
C LEU A 3123 122.52 -82.37 43.09
N GLU A 3124 123.86 -82.44 43.12
CA GLU A 3124 124.57 -82.96 44.27
C GLU A 3124 124.43 -82.02 45.47
N ASP A 3125 124.08 -82.61 46.61
CA ASP A 3125 123.81 -81.95 47.89
C ASP A 3125 122.50 -81.18 47.75
N VAL A 3126 122.02 -81.01 46.52
CA VAL A 3126 120.71 -80.43 46.31
C VAL A 3126 119.64 -81.43 46.70
N GLN A 3127 119.87 -82.72 46.40
CA GLN A 3127 119.00 -83.77 46.94
C GLN A 3127 119.09 -83.86 48.45
N VAL A 3128 120.29 -83.65 49.01
CA VAL A 3128 120.40 -83.66 50.47
C VAL A 3128 119.52 -82.58 51.08
N SER A 3129 119.65 -81.35 50.56
CA SER A 3129 118.80 -80.26 51.03
C SER A 3129 117.34 -80.53 50.73
N CYS A 3130 117.04 -81.24 49.64
CA CYS A 3130 115.66 -81.48 49.25
C CYS A 3130 114.99 -82.49 50.18
N TYR A 3131 115.70 -83.56 50.53
CA TYR A 3131 115.20 -84.49 51.54
C TYR A 3131 115.09 -83.83 52.91
N ARG A 3132 116.04 -82.98 53.28
CA ARG A 3132 115.88 -82.22 54.51
C ARG A 3132 114.61 -81.37 54.46
N ILE A 3133 114.37 -80.66 53.35
CA ILE A 3133 113.19 -79.83 53.22
C ILE A 3133 111.92 -80.66 53.25
N LEU A 3134 111.94 -81.82 52.58
CA LEU A 3134 110.76 -82.69 52.54
C LEU A 3134 110.41 -83.20 53.94
N THR A 3135 111.35 -83.90 54.58
CA THR A 3135 111.11 -84.40 55.93
C THR A 3135 110.70 -83.28 56.87
N SER A 3136 111.29 -82.09 56.69
CA SER A 3136 111.05 -80.97 57.60
C SER A 3136 109.65 -80.42 57.47
N LEU A 3137 109.28 -79.95 56.27
CA LEU A 3137 107.96 -79.41 56.06
C LEU A 3137 106.88 -80.48 56.13
N TYR A 3138 107.27 -81.76 56.14
CA TYR A 3138 106.32 -82.82 56.41
C TYR A 3138 106.09 -83.02 57.91
N ALA A 3139 107.17 -82.96 58.70
CA ALA A 3139 107.03 -83.05 60.15
C ALA A 3139 106.30 -81.84 60.72
N LEU A 3140 106.48 -80.66 60.10
CA LEU A 3140 105.72 -79.50 60.52
C LEU A 3140 104.22 -79.72 60.37
N GLY A 3141 103.79 -80.28 59.25
CA GLY A 3141 102.39 -80.60 59.09
C GLY A 3141 101.91 -81.80 59.86
N THR A 3142 102.80 -82.74 60.18
CA THR A 3142 102.47 -83.90 60.97
C THR A 3142 102.28 -83.61 62.45
N SER A 3143 103.13 -82.78 63.03
CA SER A 3143 102.97 -82.40 64.43
C SER A 3143 101.83 -81.40 64.58
N LYS A 3144 101.20 -81.40 65.77
CA LYS A 3144 100.14 -80.46 66.10
C LYS A 3144 100.64 -79.58 67.24
N SER A 3145 100.46 -78.27 67.10
CA SER A 3145 100.93 -77.29 68.07
C SER A 3145 100.16 -76.00 67.91
N ILE A 3146 100.02 -75.27 69.01
CA ILE A 3146 99.26 -74.02 69.00
C ILE A 3146 99.92 -73.01 68.07
N TYR A 3147 101.24 -73.06 67.95
CA TYR A 3147 101.95 -72.16 67.04
C TYR A 3147 101.69 -72.53 65.59
N VAL A 3148 101.80 -73.82 65.26
CA VAL A 3148 101.69 -74.26 63.87
C VAL A 3148 100.26 -74.23 63.36
N GLU A 3149 99.26 -74.24 64.26
CA GLU A 3149 97.87 -74.23 63.83
C GLU A 3149 97.55 -73.04 62.93
N ARG A 3150 98.09 -71.86 63.27
CA ARG A 3150 97.79 -70.66 62.49
C ARG A 3150 98.36 -70.76 61.07
N GLN A 3151 99.57 -71.29 60.94
CA GLN A 3151 100.25 -71.36 59.65
C GLN A 3151 100.15 -72.73 58.99
N ARG A 3152 99.18 -73.57 59.40
CA ARG A 3152 98.98 -74.86 58.75
C ARG A 3152 98.78 -74.72 57.25
N SER A 3153 97.92 -73.79 56.83
CA SER A 3153 97.59 -73.67 55.41
C SER A 3153 98.81 -73.30 54.57
N ALA A 3154 99.63 -72.36 55.05
CA ALA A 3154 100.80 -71.93 54.30
C ALA A 3154 101.78 -73.07 54.08
N LEU A 3155 102.09 -73.84 55.12
CA LEU A 3155 103.03 -74.96 54.97
C LEU A 3155 102.45 -76.05 54.07
N GLY A 3156 101.13 -76.25 54.14
CA GLY A 3156 100.51 -77.19 53.23
C GLY A 3156 100.67 -76.79 51.78
N GLU A 3157 100.40 -75.52 51.47
CA GLU A 3157 100.63 -75.00 50.12
C GLU A 3157 102.10 -75.17 49.72
N CYS A 3158 103.02 -74.82 50.62
CA CYS A 3158 104.44 -74.86 50.32
C CYS A 3158 104.91 -76.27 50.01
N LEU A 3159 104.52 -77.24 50.82
CA LEU A 3159 104.99 -78.60 50.63
C LEU A 3159 104.27 -79.25 49.46
N ALA A 3160 103.04 -78.82 49.17
CA ALA A 3160 102.36 -79.26 47.95
C ALA A 3160 103.10 -78.80 46.71
N ALA A 3161 103.55 -77.54 46.72
CA ALA A 3161 104.37 -77.06 45.61
C ALA A 3161 105.70 -77.79 45.55
N PHE A 3162 106.30 -78.08 46.70
CA PHE A 3162 107.57 -78.81 46.75
C PHE A 3162 107.45 -80.21 46.16
N ALA A 3163 106.35 -80.91 46.45
CA ALA A 3163 106.18 -82.25 45.92
C ALA A 3163 106.14 -82.25 44.39
N GLY A 3164 105.43 -81.27 43.81
CA GLY A 3164 105.43 -81.14 42.37
C GLY A 3164 106.77 -80.75 41.79
N ALA A 3165 107.46 -79.82 42.46
CA ALA A 3165 108.74 -79.33 41.93
C ALA A 3165 109.81 -80.41 41.98
N PHE A 3166 109.83 -81.20 43.05
CA PHE A 3166 110.87 -82.20 43.23
C PHE A 3166 110.66 -83.34 42.24
N PRO A 3167 111.62 -83.62 41.35
CA PRO A 3167 111.37 -84.52 40.22
C PRO A 3167 111.74 -85.98 40.45
N VAL A 3168 112.29 -86.34 41.60
CA VAL A 3168 112.63 -87.72 41.92
C VAL A 3168 111.51 -88.27 42.80
N ALA A 3169 111.19 -89.55 42.62
CA ALA A 3169 110.15 -90.15 43.44
C ALA A 3169 110.51 -90.04 44.91
N PHE A 3170 109.81 -89.14 45.61
CA PHE A 3170 110.05 -88.93 47.04
C PHE A 3170 109.21 -89.84 47.92
N LEU A 3171 108.16 -90.42 47.36
CA LEU A 3171 107.26 -91.30 48.09
C LEU A 3171 107.33 -92.75 47.60
N GLU A 3172 107.80 -92.96 46.38
CA GLU A 3172 108.02 -94.29 45.80
C GLU A 3172 109.43 -94.79 46.03
N THR A 3173 109.72 -95.25 47.25
CA THR A 3173 111.08 -95.70 47.56
C THR A 3173 111.23 -97.21 47.42
N HIS A 3174 110.12 -97.93 47.23
CA HIS A 3174 110.19 -99.39 47.22
C HIS A 3174 110.76 -99.92 45.90
N LEU A 3175 110.42 -99.29 44.78
CA LEU A 3175 110.96 -99.68 43.47
C LEU A 3175 111.72 -98.54 42.81
N ASP A 3176 112.28 -97.62 43.59
CA ASP A 3176 113.08 -96.54 43.04
C ASP A 3176 114.43 -97.03 42.52
N LYS A 3177 114.82 -98.26 42.84
CA LYS A 3177 116.07 -98.81 42.31
C LYS A 3177 116.02 -98.93 40.80
N HIS A 3178 114.82 -99.09 40.23
CA HIS A 3178 114.68 -99.21 38.79
C HIS A 3178 115.01 -97.90 38.08
N ASN A 3179 114.85 -96.77 38.78
CA ASN A 3179 115.16 -95.48 38.19
C ASN A 3179 116.66 -95.36 37.96
N ILE A 3180 117.02 -94.74 36.83
CA ILE A 3180 118.41 -94.45 36.51
C ILE A 3180 118.67 -92.94 36.49
N TYR A 3181 117.64 -92.14 36.21
CA TYR A 3181 117.85 -90.69 36.19
C TYR A 3181 117.91 -90.13 37.60
N SER A 3182 117.42 -90.87 38.60
CA SER A 3182 117.50 -90.43 39.98
C SER A 3182 118.95 -90.05 40.31
N ILE A 3183 119.19 -88.77 40.61
CA ILE A 3183 120.54 -88.33 40.93
C ILE A 3183 121.09 -89.06 42.15
N TYR A 3184 120.22 -89.49 43.05
CA TYR A 3184 120.63 -90.42 44.10
C TYR A 3184 121.09 -91.75 43.53
N ASN A 3185 120.70 -92.08 42.30
CA ASN A 3185 121.31 -93.24 41.65
C ASN A 3185 122.59 -92.84 40.91
N THR A 3186 122.65 -91.60 40.40
CA THR A 3186 123.77 -91.21 39.52
C THR A 3186 125.04 -90.89 40.30
N LYS A 3187 124.90 -90.42 41.56
CA LYS A 3187 126.08 -89.97 42.29
C LYS A 3187 127.11 -91.08 42.50
N SER A 3188 126.65 -92.33 42.56
CA SER A 3188 127.46 -93.52 42.84
C SER A 3188 127.87 -93.67 44.31
N SER A 3189 128.19 -94.91 44.68
CA SER A 3189 128.47 -95.26 46.07
C SER A 3189 129.71 -94.55 46.60
N ARG A 3190 130.65 -94.23 45.72
CA ARG A 3190 131.82 -93.47 46.15
C ARG A 3190 131.41 -92.11 46.68
N GLU A 3191 130.51 -91.44 45.97
CA GLU A 3191 130.03 -90.14 46.43
C GLU A 3191 129.14 -90.28 47.66
N ARG A 3192 128.39 -91.38 47.77
CA ARG A 3192 127.69 -91.65 49.03
C ARG A 3192 128.61 -91.81 50.24
N ALA A 3193 129.73 -92.50 50.09
CA ALA A 3193 130.70 -92.58 51.19
C ALA A 3193 131.44 -91.29 51.43
N ALA A 3194 131.70 -90.51 50.39
CA ALA A 3194 132.39 -89.23 50.56
C ALA A 3194 131.50 -88.19 51.25
N LEU A 3195 130.23 -88.10 50.86
CA LEU A 3195 129.33 -87.10 51.40
C LEU A 3195 128.53 -87.67 52.56
N SER A 3196 128.01 -86.78 53.40
CA SER A 3196 127.22 -87.17 54.57
C SER A 3196 125.89 -87.75 54.10
N LEU A 3197 125.96 -89.01 53.66
CA LEU A 3197 124.79 -89.67 53.12
C LEU A 3197 124.65 -91.06 53.74
N PRO A 3198 123.45 -91.43 54.20
CA PRO A 3198 123.30 -92.66 55.00
C PRO A 3198 123.44 -93.95 54.22
N THR A 3199 123.67 -93.91 52.91
CA THR A 3199 123.91 -95.05 52.03
C THR A 3199 122.72 -95.99 51.90
N ASN A 3200 121.58 -95.68 52.49
CA ASN A 3200 120.37 -96.48 52.36
C ASN A 3200 119.15 -95.57 52.34
N VAL A 3201 118.34 -95.71 51.28
CA VAL A 3201 117.19 -94.82 51.07
C VAL A 3201 116.22 -94.90 52.24
N GLU A 3202 116.11 -96.08 52.86
CA GLU A 3202 115.16 -96.24 53.96
C GLU A 3202 115.59 -95.46 55.20
N ASP A 3203 116.89 -95.42 55.49
CA ASP A 3203 117.35 -94.60 56.60
C ASP A 3203 117.39 -93.12 56.22
N VAL A 3204 117.52 -92.81 54.93
CA VAL A 3204 117.58 -91.40 54.52
C VAL A 3204 116.27 -90.70 54.87
N CYS A 3205 115.13 -91.33 54.56
CA CYS A 3205 113.81 -90.78 54.89
C CYS A 3205 112.96 -91.88 55.52
N PRO A 3206 113.19 -92.20 56.80
CA PRO A 3206 112.36 -93.23 57.45
C PRO A 3206 111.05 -92.67 57.99
N ASN A 3207 110.98 -91.36 58.25
CA ASN A 3207 109.79 -90.80 58.87
C ASN A 3207 108.57 -90.91 57.95
N ILE A 3208 108.75 -90.66 56.66
CA ILE A 3208 107.64 -90.69 55.71
C ILE A 3208 107.26 -92.15 55.42
N PRO A 3209 106.00 -92.52 55.57
CA PRO A 3209 105.57 -93.88 55.26
C PRO A 3209 105.46 -94.17 53.78
N SER A 3210 105.22 -95.44 53.46
CA SER A 3210 105.13 -95.88 52.08
C SER A 3210 103.82 -95.41 51.44
N LEU A 3211 103.83 -95.32 50.11
CA LEU A 3211 102.71 -94.73 49.39
C LEU A 3211 101.44 -95.57 49.51
N GLU A 3212 101.56 -96.90 49.34
CA GLU A 3212 100.38 -97.76 49.42
C GLU A 3212 99.84 -97.78 50.84
N LYS A 3213 100.71 -97.78 51.84
CA LYS A 3213 100.24 -97.73 53.21
C LYS A 3213 99.50 -96.43 53.48
N LEU A 3214 100.13 -95.29 53.14
CA LEU A 3214 99.48 -94.01 53.35
C LEU A 3214 98.12 -93.94 52.67
N MET A 3215 98.03 -94.42 51.43
CA MET A 3215 96.74 -94.35 50.75
C MET A 3215 95.73 -95.31 51.37
N GLU A 3216 96.18 -96.40 52.00
CA GLU A 3216 95.18 -97.24 52.66
C GLU A 3216 94.70 -96.66 53.99
N GLU A 3217 95.56 -95.95 54.76
CA GLU A 3217 94.98 -95.21 55.87
C GLU A 3217 94.07 -94.10 55.38
N ILE A 3218 94.39 -93.48 54.24
CA ILE A 3218 93.47 -92.50 53.67
C ILE A 3218 92.13 -93.14 53.37
N VAL A 3219 92.14 -94.33 52.77
CA VAL A 3219 90.90 -95.03 52.44
C VAL A 3219 90.11 -95.32 53.71
N GLU A 3220 90.78 -95.83 54.75
CA GLU A 3220 90.04 -96.23 55.94
C GLU A 3220 89.52 -95.02 56.72
N LEU A 3221 90.27 -93.91 56.72
CA LEU A 3221 89.76 -92.72 57.41
C LEU A 3221 88.62 -92.10 56.62
N ALA A 3222 88.65 -92.18 55.29
CA ALA A 3222 87.50 -91.77 54.50
C ALA A 3222 86.28 -92.63 54.84
N GLU A 3223 86.47 -93.95 54.95
CA GLU A 3223 85.37 -94.83 55.31
C GLU A 3223 84.82 -94.50 56.69
N SER A 3224 85.70 -94.20 57.65
CA SER A 3224 85.25 -93.85 58.99
C SER A 3224 84.52 -92.52 59.00
N GLY A 3225 84.95 -91.58 58.16
CA GLY A 3225 84.32 -90.27 58.08
C GLY A 3225 84.48 -89.42 59.31
N ILE A 3226 85.70 -89.40 59.87
CA ILE A 3226 85.95 -88.55 61.04
C ILE A 3226 85.91 -87.08 60.63
N ARG A 3227 85.53 -86.23 61.59
CA ARG A 3227 85.39 -84.81 61.32
C ARG A 3227 86.74 -84.14 61.12
N TYR A 3228 86.74 -83.03 60.40
CA TYR A 3228 87.99 -82.34 60.08
C TYR A 3228 88.60 -81.68 61.32
N THR A 3229 87.76 -81.11 62.20
CA THR A 3229 88.29 -80.53 63.43
C THR A 3229 88.81 -81.60 64.39
N GLN A 3230 88.36 -82.84 64.23
CA GLN A 3230 88.85 -83.91 65.09
C GLN A 3230 90.34 -84.14 64.88
N MET A 3231 90.77 -84.26 63.63
CA MET A 3231 92.17 -84.42 63.28
C MET A 3231 92.35 -83.91 61.84
N PRO A 3232 92.84 -82.67 61.67
CA PRO A 3232 92.84 -82.06 60.32
C PRO A 3232 94.11 -82.31 59.53
N HIS A 3233 95.06 -83.07 60.11
CA HIS A 3233 96.36 -83.29 59.48
C HIS A 3233 96.24 -83.75 58.05
N VAL A 3234 95.59 -84.91 57.84
CA VAL A 3234 95.56 -85.52 56.52
C VAL A 3234 94.75 -84.66 55.55
N MET A 3235 93.54 -84.28 55.93
CA MET A 3235 92.69 -83.48 55.03
C MET A 3235 93.33 -82.15 54.68
N GLU A 3236 94.27 -81.66 55.49
CA GLU A 3236 94.82 -80.35 55.19
C GLU A 3236 96.12 -80.45 54.39
N VAL A 3237 96.96 -81.46 54.65
CA VAL A 3237 98.24 -81.50 53.95
C VAL A 3237 98.40 -82.73 53.07
N ILE A 3238 97.96 -83.89 53.56
CA ILE A 3238 98.31 -85.16 52.89
C ILE A 3238 97.59 -85.29 51.56
N LEU A 3239 96.31 -84.89 51.51
CA LEU A 3239 95.59 -84.93 50.24
C LEU A 3239 96.27 -84.07 49.17
N PRO A 3240 96.64 -82.81 49.46
CA PRO A 3240 97.48 -82.09 48.46
C PRO A 3240 98.79 -82.78 48.17
N MET A 3241 99.38 -83.50 49.15
CA MET A 3241 100.62 -84.22 48.89
C MET A 3241 100.42 -85.22 47.76
N LEU A 3242 99.40 -86.07 47.88
CA LEU A 3242 99.08 -87.01 46.82
C LEU A 3242 98.75 -86.28 45.53
N CYS A 3243 97.84 -85.30 45.59
CA CYS A 3243 97.40 -84.63 44.36
C CYS A 3243 98.59 -84.10 43.56
N SER A 3244 99.55 -83.43 44.23
CA SER A 3244 100.76 -82.98 43.55
C SER A 3244 101.61 -84.16 43.07
N TYR A 3245 101.74 -85.21 43.87
CA TYR A 3245 102.52 -86.39 43.49
C TYR A 3245 102.01 -87.04 42.20
N MET A 3246 100.75 -87.46 42.18
CA MET A 3246 100.14 -88.04 40.98
C MET A 3246 100.13 -87.05 39.81
N SER A 3247 99.80 -85.79 40.07
CA SER A 3247 99.78 -84.84 38.97
C SER A 3247 101.14 -84.71 38.30
N ARG A 3248 102.21 -84.78 39.10
CA ARG A 3248 103.54 -84.68 38.52
C ARG A 3248 104.01 -85.97 37.85
N TRP A 3249 103.70 -87.12 38.43
CA TRP A 3249 104.26 -88.37 37.93
C TRP A 3249 103.30 -89.17 37.05
N TRP A 3250 102.15 -88.60 36.68
CA TRP A 3250 101.21 -89.33 35.84
C TRP A 3250 101.78 -89.64 34.46
N GLU A 3251 102.37 -88.63 33.81
CA GLU A 3251 102.99 -88.89 32.53
C GLU A 3251 104.22 -89.78 32.65
N HIS A 3252 104.84 -89.82 33.84
CA HIS A 3252 105.99 -90.69 34.06
C HIS A 3252 105.59 -92.13 34.39
N GLY A 3253 104.32 -92.37 34.72
CA GLY A 3253 103.87 -93.71 35.06
C GLY A 3253 103.96 -94.68 33.89
N PRO A 3254 104.11 -95.97 34.20
CA PRO A 3254 104.24 -96.97 33.12
C PRO A 3254 102.99 -97.10 32.26
N GLU A 3255 101.83 -96.67 32.77
CA GLU A 3255 100.62 -96.70 31.95
C GLU A 3255 100.71 -95.76 30.76
N ASN A 3256 101.37 -94.60 30.92
CA ASN A 3256 101.60 -93.72 29.78
C ASN A 3256 102.81 -94.15 28.97
N ASN A 3257 103.74 -94.88 29.59
CA ASN A 3257 104.96 -95.35 28.93
C ASN A 3257 105.10 -96.85 29.16
N PRO A 3258 104.33 -97.68 28.42
CA PRO A 3258 104.53 -99.14 28.53
C PRO A 3258 105.91 -99.57 28.10
N GLU A 3259 106.65 -98.69 27.41
CA GLU A 3259 108.04 -98.97 27.05
C GLU A 3259 108.92 -98.97 28.30
N ARG A 3260 110.23 -99.12 28.07
CA ARG A 3260 111.26 -99.21 29.10
C ARG A 3260 110.80 -100.03 30.31
N ALA A 3261 110.20 -101.20 30.04
CA ALA A 3261 109.72 -102.08 31.10
C ALA A 3261 110.85 -102.43 32.06
N GLU A 3262 110.49 -102.55 33.34
CA GLU A 3262 111.37 -102.77 34.49
C GLU A 3262 112.47 -101.71 34.58
N MET A 3263 112.36 -100.65 33.79
CA MET A 3263 113.09 -99.40 34.04
C MET A 3263 112.16 -98.28 34.52
N CYS A 3264 110.92 -98.61 34.90
CA CYS A 3264 109.95 -97.62 35.35
C CYS A 3264 110.08 -97.45 36.86
N CYS A 3265 110.22 -96.20 37.31
CA CYS A 3265 110.38 -95.95 38.73
C CYS A 3265 109.05 -95.92 39.46
N THR A 3266 108.19 -94.96 39.11
CA THR A 3266 106.94 -94.73 39.82
C THR A 3266 105.80 -95.48 39.16
N ALA A 3267 105.02 -96.18 39.98
CA ALA A 3267 103.88 -96.96 39.51
C ALA A 3267 102.59 -96.26 39.93
N LEU A 3268 101.77 -95.93 38.95
CA LEU A 3268 100.51 -95.22 39.14
C LEU A 3268 99.58 -95.55 37.99
N ASN A 3269 98.27 -95.41 38.21
CA ASN A 3269 97.32 -95.73 37.15
C ASN A 3269 96.02 -94.96 37.36
N SER A 3270 95.23 -94.90 36.28
CA SER A 3270 93.96 -94.19 36.30
C SER A 3270 93.04 -94.68 37.41
N GLU A 3271 93.02 -95.98 37.68
CA GLU A 3271 92.20 -96.46 38.78
C GLU A 3271 92.75 -96.00 40.13
N HIS A 3272 94.08 -95.85 40.24
CA HIS A 3272 94.65 -95.31 41.46
C HIS A 3272 94.14 -93.89 41.70
N MET A 3273 94.22 -93.03 40.66
CA MET A 3273 93.69 -91.69 40.86
C MET A 3273 92.19 -91.71 41.10
N ASN A 3274 91.45 -92.59 40.43
CA ASN A 3274 90.00 -92.62 40.58
C ASN A 3274 89.63 -92.99 42.00
N THR A 3275 90.30 -94.00 42.58
CA THR A 3275 90.05 -94.37 43.96
C THR A 3275 90.40 -93.24 44.91
N LEU A 3276 91.52 -92.55 44.66
CA LEU A 3276 91.93 -91.51 45.60
C LEU A 3276 91.01 -90.29 45.53
N LEU A 3277 90.58 -89.91 44.33
CA LEU A 3277 89.64 -88.80 44.21
C LEU A 3277 88.26 -89.20 44.73
N GLY A 3278 87.90 -90.48 44.64
CA GLY A 3278 86.70 -90.96 45.29
C GLY A 3278 86.82 -90.82 46.79
N ASN A 3279 88.01 -91.11 47.32
CA ASN A 3279 88.27 -90.88 48.74
C ASN A 3279 88.11 -89.41 49.10
N ILE A 3280 88.64 -88.52 48.27
CA ILE A 3280 88.54 -87.09 48.52
C ILE A 3280 87.07 -86.64 48.53
N LEU A 3281 86.30 -87.08 47.53
CA LEU A 3281 84.90 -86.69 47.45
C LEU A 3281 84.07 -87.30 48.56
N LYS A 3282 84.37 -88.53 48.99
CA LYS A 3282 83.64 -89.10 50.11
C LYS A 3282 84.01 -88.41 51.41
N ILE A 3283 85.26 -87.95 51.54
CA ILE A 3283 85.66 -87.18 52.70
C ILE A 3283 84.90 -85.85 52.75
N ILE A 3284 84.83 -85.15 51.61
CA ILE A 3284 84.12 -83.87 51.61
C ILE A 3284 82.63 -84.11 51.82
N TYR A 3285 82.10 -85.25 51.36
CA TYR A 3285 80.73 -85.63 51.69
C TYR A 3285 80.55 -85.79 53.19
N ASN A 3286 81.49 -86.46 53.85
CA ASN A 3286 81.42 -86.62 55.30
C ASN A 3286 81.50 -85.28 56.02
N ASN A 3287 82.25 -84.32 55.46
CA ASN A 3287 82.49 -83.04 56.13
C ASN A 3287 81.73 -81.89 55.47
N LEU A 3288 80.64 -82.18 54.75
CA LEU A 3288 79.84 -81.11 54.18
C LEU A 3288 79.22 -80.23 55.26
N GLY A 3289 78.32 -80.80 56.06
CA GLY A 3289 77.64 -80.03 57.08
C GLY A 3289 78.46 -79.88 58.35
N ILE A 3290 79.62 -80.53 58.36
CA ILE A 3290 80.54 -80.48 59.49
C ILE A 3290 81.57 -79.39 59.20
N ASP A 3291 81.62 -78.39 60.08
CA ASP A 3291 82.68 -77.42 60.40
C ASP A 3291 83.08 -76.56 59.20
N GLU A 3292 82.55 -76.90 58.02
CA GLU A 3292 82.81 -76.18 56.78
C GLU A 3292 84.26 -75.73 56.64
N GLY A 3293 84.47 -74.44 56.43
CA GLY A 3293 85.80 -73.90 56.24
C GLY A 3293 86.11 -73.64 54.78
N ALA A 3294 87.41 -73.42 54.53
CA ALA A 3294 87.91 -73.22 53.17
C ALA A 3294 88.93 -74.26 52.76
N TRP A 3295 89.22 -75.24 53.62
CA TRP A 3295 90.19 -76.28 53.25
C TRP A 3295 89.71 -77.09 52.06
N MET A 3296 88.41 -77.43 52.02
CA MET A 3296 87.87 -78.07 50.83
C MET A 3296 87.95 -77.15 49.63
N LYS A 3297 87.75 -75.84 49.83
CA LYS A 3297 87.84 -74.88 48.73
C LYS A 3297 89.23 -74.89 48.10
N ARG A 3298 90.28 -74.92 48.92
CA ARG A 3298 91.63 -74.91 48.36
C ARG A 3298 92.04 -76.29 47.82
N LEU A 3299 91.61 -77.37 48.47
CA LEU A 3299 91.96 -78.68 47.93
C LEU A 3299 91.23 -78.94 46.61
N ALA A 3300 90.10 -78.27 46.38
CA ALA A 3300 89.43 -78.39 45.09
C ALA A 3300 90.29 -77.80 43.97
N VAL A 3301 90.89 -76.63 44.19
CA VAL A 3301 91.71 -76.05 43.15
C VAL A 3301 93.04 -76.81 43.03
N PHE A 3302 93.49 -77.45 44.12
CA PHE A 3302 94.65 -78.33 43.99
C PHE A 3302 94.31 -79.61 43.23
N SER A 3303 93.07 -80.09 43.34
CA SER A 3303 92.64 -81.30 42.65
C SER A 3303 92.14 -81.06 41.24
N GLN A 3304 91.98 -79.79 40.85
CA GLN A 3304 91.62 -79.44 39.47
C GLN A 3304 92.47 -80.14 38.41
N PRO A 3305 93.81 -80.16 38.49
CA PRO A 3305 94.57 -80.92 37.48
C PRO A 3305 94.20 -82.39 37.45
N ILE A 3306 93.86 -82.99 38.59
CA ILE A 3306 93.46 -84.39 38.60
C ILE A 3306 92.14 -84.59 37.85
N ILE A 3307 91.18 -83.67 38.02
CA ILE A 3307 89.90 -83.86 37.35
C ILE A 3307 90.02 -83.52 35.86
N ASN A 3308 91.00 -82.70 35.49
CA ASN A 3308 91.32 -82.58 34.07
C ASN A 3308 92.00 -83.84 33.52
N LYS A 3309 92.86 -84.47 34.33
CA LYS A 3309 93.57 -85.66 33.91
C LYS A 3309 92.61 -86.83 33.68
N VAL A 3310 91.68 -87.05 34.62
CA VAL A 3310 90.78 -88.18 34.53
C VAL A 3310 89.78 -87.96 33.40
N LYS A 3311 89.48 -89.03 32.66
CA LYS A 3311 88.57 -88.96 31.53
C LYS A 3311 87.14 -88.67 32.01
N PRO A 3312 86.45 -87.73 31.36
CA PRO A 3312 85.03 -87.52 31.68
C PRO A 3312 84.17 -88.75 31.43
N GLN A 3313 84.49 -89.51 30.38
CA GLN A 3313 83.85 -90.80 30.13
C GLN A 3313 84.04 -91.76 31.31
N LEU A 3314 85.23 -91.74 31.91
CA LEU A 3314 85.44 -92.54 33.11
C LEU A 3314 84.69 -91.95 34.30
N LEU A 3315 84.53 -90.62 34.32
CA LEU A 3315 83.86 -89.96 35.43
C LEU A 3315 82.35 -89.87 35.21
N LYS A 3316 81.83 -90.57 34.20
CA LYS A 3316 80.45 -91.01 34.24
C LYS A 3316 80.26 -91.97 35.41
N THR A 3317 79.02 -92.06 35.91
CA THR A 3317 78.68 -92.74 37.16
C THR A 3317 79.32 -92.02 38.34
N HIS A 3318 80.06 -90.94 38.04
CA HIS A 3318 80.55 -90.02 39.04
C HIS A 3318 79.99 -88.61 38.86
N PHE A 3319 79.43 -88.33 37.68
CA PHE A 3319 78.66 -87.10 37.51
C PHE A 3319 77.63 -86.92 38.62
N LEU A 3320 76.86 -87.96 38.92
CA LEU A 3320 75.82 -87.84 39.94
C LEU A 3320 76.39 -87.52 41.32
N PRO A 3321 77.47 -88.17 41.79
CA PRO A 3321 78.10 -87.71 43.04
C PRO A 3321 78.64 -86.29 42.97
N LEU A 3322 78.81 -85.75 41.76
CA LEU A 3322 79.29 -84.37 41.64
C LEU A 3322 78.17 -83.37 41.89
N MET A 3323 77.02 -83.55 41.23
CA MET A 3323 75.88 -82.66 41.48
C MET A 3323 75.28 -82.88 42.86
N GLU A 3324 75.25 -84.12 43.34
CA GLU A 3324 74.87 -84.39 44.72
C GLU A 3324 76.09 -84.14 45.60
N LYS A 3325 75.85 -84.05 46.91
CA LYS A 3325 76.72 -83.41 47.91
C LYS A 3325 76.62 -81.90 47.78
N LEU A 3326 75.94 -81.44 46.73
CA LEU A 3326 75.73 -80.01 46.54
C LEU A 3326 74.24 -79.69 46.45
N LYS A 3327 73.50 -80.51 45.72
CA LYS A 3327 72.06 -80.27 45.55
C LYS A 3327 71.29 -80.65 46.81
N LYS A 3328 71.78 -81.63 47.57
CA LYS A 3328 70.99 -82.15 48.68
C LYS A 3328 71.00 -81.20 49.87
N LYS A 3329 72.13 -80.53 50.11
CA LYS A 3329 72.24 -79.56 51.20
C LYS A 3329 71.62 -78.21 50.84
N ALA A 3330 70.33 -78.19 50.52
CA ALA A 3330 69.66 -76.91 50.24
C ALA A 3330 69.51 -76.08 51.51
N ALA A 3331 69.47 -76.75 52.67
CA ALA A 3331 69.38 -76.02 53.94
C ALA A 3331 70.62 -75.16 54.16
N THR A 3332 71.79 -75.70 53.85
CA THR A 3332 73.03 -74.94 53.97
C THR A 3332 73.10 -73.86 52.88
N VAL A 3333 74.00 -72.90 53.09
CA VAL A 3333 74.18 -71.78 52.17
C VAL A 3333 75.57 -71.76 51.56
N VAL A 3334 76.54 -72.44 52.15
CA VAL A 3334 77.88 -72.46 51.59
C VAL A 3334 77.91 -73.26 50.29
N SER A 3335 78.63 -72.74 49.31
CA SER A 3335 78.73 -73.34 47.99
C SER A 3335 80.18 -73.68 47.70
N GLU A 3336 80.41 -74.87 47.13
CA GLU A 3336 81.75 -75.30 46.77
C GLU A 3336 81.68 -76.28 45.62
N GLU A 3337 82.59 -76.09 44.65
CA GLU A 3337 82.70 -76.94 43.48
C GLU A 3337 81.39 -76.99 42.70
N VAL A 3599 73.13 -41.16 55.94
CA VAL A 3599 74.24 -41.31 56.87
C VAL A 3599 74.96 -39.98 57.06
N VAL A 3600 75.34 -39.36 55.94
CA VAL A 3600 76.09 -38.11 55.99
C VAL A 3600 75.21 -36.89 56.24
N ALA A 3601 73.89 -37.05 56.23
CA ALA A 3601 73.00 -35.90 56.45
C ALA A 3601 73.13 -35.38 57.87
N CYS A 3602 73.16 -36.27 58.85
CA CYS A 3602 73.26 -35.89 60.26
C CYS A 3602 74.55 -35.14 60.57
N PHE A 3603 75.59 -35.31 59.76
CA PHE A 3603 76.83 -34.54 59.90
C PHE A 3603 76.84 -33.29 59.04
N ARG A 3604 76.26 -33.35 57.84
CA ARG A 3604 76.11 -32.16 57.02
C ARG A 3604 75.31 -31.09 57.75
N MET A 3605 74.37 -31.51 58.59
CA MET A 3605 73.55 -30.60 59.38
C MET A 3605 73.26 -31.27 60.72
N ALA A 3606 73.60 -30.59 61.81
CA ALA A 3606 73.61 -31.18 63.13
C ALA A 3606 72.24 -31.10 63.81
N PRO A 3607 71.98 -31.99 64.76
CA PRO A 3607 70.75 -31.91 65.55
C PRO A 3607 70.77 -30.70 66.49
N LEU A 3608 69.67 -30.55 67.23
CA LEU A 3608 69.52 -29.41 68.14
C LEU A 3608 70.53 -29.44 69.28
N TYR A 3609 70.94 -30.62 69.76
CA TYR A 3609 71.86 -30.69 70.88
C TYR A 3609 73.24 -30.15 70.55
N ASN A 3610 73.63 -30.15 69.27
CA ASN A 3610 74.90 -29.55 68.88
C ASN A 3610 74.80 -28.04 68.77
N LEU A 3611 73.59 -27.52 68.62
CA LEU A 3611 73.41 -26.08 68.42
C LEU A 3611 73.73 -25.32 69.71
N PRO A 3612 74.18 -24.07 69.62
CA PRO A 3612 74.41 -23.27 70.83
C PRO A 3612 73.12 -23.01 71.59
N ARG A 3613 73.24 -22.60 72.86
CA ARG A 3613 72.06 -22.43 73.70
C ARG A 3613 71.16 -21.31 73.17
N HIS A 3614 71.75 -20.17 72.79
CA HIS A 3614 70.94 -19.02 72.38
C HIS A 3614 70.23 -19.27 71.05
N ARG A 3615 70.90 -19.92 70.10
CA ARG A 3615 70.26 -20.25 68.84
C ARG A 3615 69.07 -21.19 69.04
N ALA A 3616 69.25 -22.22 69.88
CA ALA A 3616 68.17 -23.14 70.17
C ALA A 3616 67.04 -22.44 70.91
N VAL A 3617 67.38 -21.50 71.79
CA VAL A 3617 66.35 -20.74 72.52
C VAL A 3617 65.52 -19.92 71.54
N ASN A 3618 66.17 -19.24 70.61
CA ASN A 3618 65.43 -18.44 69.63
C ASN A 3618 64.56 -19.31 68.73
N LEU A 3619 65.12 -20.45 68.28
CA LEU A 3619 64.34 -21.37 67.45
C LEU A 3619 63.13 -21.91 68.22
N PHE A 3620 63.31 -22.22 69.50
CA PHE A 3620 62.19 -22.68 70.31
C PHE A 3620 61.16 -21.59 70.52
N LEU A 3621 61.60 -20.34 70.69
CA LEU A 3621 60.64 -19.24 70.81
C LEU A 3621 59.78 -19.14 69.56
N GLN A 3622 60.41 -19.18 68.38
CA GLN A 3622 59.66 -19.10 67.14
C GLN A 3622 58.71 -20.30 66.98
N GLY A 3623 59.21 -21.50 67.29
CA GLY A 3623 58.38 -22.69 67.15
C GLY A 3623 57.21 -22.70 68.11
N TYR A 3624 57.45 -22.35 69.37
CA TYR A 3624 56.38 -22.23 70.35
C TYR A 3624 55.34 -21.23 69.90
N GLU A 3625 55.79 -20.03 69.48
CA GLU A 3625 54.87 -19.03 68.96
C GLU A 3625 53.98 -19.63 67.88
N LYS A 3626 54.59 -20.10 66.79
CA LYS A 3626 53.82 -20.56 65.63
C LYS A 3626 52.91 -21.73 65.99
N SER A 3627 53.40 -22.67 66.81
CA SER A 3627 52.65 -23.90 67.03
C SER A 3627 51.53 -23.72 68.04
N TRP A 3628 51.71 -22.86 69.04
CA TRP A 3628 50.79 -22.80 70.17
C TRP A 3628 49.95 -21.52 70.17
N ILE A 3629 50.57 -20.35 69.96
CA ILE A 3629 49.89 -19.11 70.30
C ILE A 3629 48.72 -18.85 69.34
N GLU A 3630 48.93 -19.09 68.05
CA GLU A 3630 47.82 -18.94 67.10
C GLU A 3630 46.76 -20.01 67.31
N THR A 3631 47.18 -21.26 67.53
CA THR A 3631 46.23 -22.35 67.70
C THR A 3631 45.37 -22.16 68.94
N GLU A 3632 45.87 -21.47 69.95
CA GLU A 3632 45.05 -21.10 71.09
C GLU A 3632 44.03 -20.05 70.68
N GLU A 3633 42.76 -20.41 70.73
CA GLU A 3633 41.67 -19.56 70.26
C GLU A 3633 40.64 -19.40 71.35
N HIS A 3634 40.23 -18.15 71.60
CA HIS A 3634 39.21 -17.82 72.56
C HIS A 3634 38.12 -16.98 71.88
N TYR A 3635 36.87 -17.24 72.25
CA TYR A 3635 35.71 -16.63 71.61
C TYR A 3635 35.17 -15.53 72.52
N PHE A 3636 35.35 -14.28 72.10
CA PHE A 3636 34.92 -13.12 72.86
C PHE A 3636 34.04 -12.17 72.06
N GLU A 3637 33.84 -12.44 70.77
CA GLU A 3637 33.20 -11.46 69.89
C GLU A 3637 31.76 -11.21 70.29
N ASP A 3638 31.02 -12.27 70.61
CA ASP A 3638 29.61 -12.11 70.96
C ASP A 3638 29.45 -11.25 72.21
N LYS A 3639 30.20 -11.58 73.27
CA LYS A 3639 30.11 -10.82 74.51
C LYS A 3639 30.58 -9.38 74.30
N LEU A 3640 31.64 -9.19 73.51
CA LEU A 3640 32.16 -7.85 73.28
C LEU A 3640 31.14 -6.97 72.56
N ILE A 3641 30.55 -7.49 71.48
CA ILE A 3641 29.63 -6.71 70.67
C ILE A 3641 28.30 -6.57 71.39
N GLU A 3642 28.04 -7.43 72.38
CA GLU A 3642 26.83 -7.22 73.17
C GLU A 3642 27.03 -6.19 74.26
N ASP A 3643 28.16 -6.22 74.97
CA ASP A 3643 28.44 -5.19 75.97
C ASP A 3643 28.57 -3.81 75.32
N LEU A 3644 29.21 -3.74 74.15
CA LEU A 3644 29.27 -2.48 73.42
C LEU A 3644 27.89 -2.02 72.97
N ALA A 3645 26.99 -2.96 72.69
CA ALA A 3645 25.64 -2.60 72.27
C ALA A 3645 24.80 -2.13 73.46
N LYS A 3646 25.10 -2.61 74.66
CA LYS A 3646 24.32 -2.22 75.82
C LYS A 3646 24.47 -0.71 76.08
N PRO A 3647 23.36 0.02 76.19
CA PRO A 3647 23.42 1.41 76.65
C PRO A 3647 23.68 1.47 78.15
N GLY A 3648 24.75 2.16 78.54
CA GLY A 3648 25.18 2.17 79.92
C GLY A 3648 24.38 3.08 80.83
N ALA A 3649 23.12 2.72 81.08
CA ALA A 3649 22.24 3.46 81.99
C ALA A 3649 22.16 4.94 81.61
N GLU A 3650 21.94 5.20 80.33
CA GLU A 3650 21.86 6.59 79.87
C GLU A 3650 20.67 7.35 80.48
N PRO A 3651 19.45 6.83 80.48
CA PRO A 3651 18.35 7.54 81.16
C PRO A 3651 18.60 7.73 82.65
N PRO A 3652 19.18 6.75 83.36
CA PRO A 3652 19.62 7.05 84.73
C PRO A 3652 20.64 8.16 84.82
N GLU A 3653 21.55 8.26 83.84
CA GLU A 3653 22.52 9.33 83.85
C GLU A 3653 21.83 10.68 83.63
N GLU A 3654 22.36 11.72 84.29
CA GLU A 3654 21.78 13.06 84.21
C GLU A 3654 22.11 13.72 82.87
N ASP A 3655 21.52 13.16 81.81
CA ASP A 3655 21.70 13.73 80.49
C ASP A 3655 20.58 14.72 80.15
N GLU A 3656 19.35 14.38 80.51
CA GLU A 3656 18.17 15.22 80.24
C GLU A 3656 18.09 15.62 78.77
N GLY A 3657 18.26 14.64 77.88
CA GLY A 3657 18.25 14.91 76.46
C GLY A 3657 17.87 13.66 75.68
N THR A 3658 18.09 13.74 74.37
CA THR A 3658 17.77 12.63 73.50
C THR A 3658 18.70 11.45 73.77
N LYS A 3659 18.29 10.27 73.30
CA LYS A 3659 19.06 9.05 73.47
C LYS A 3659 20.46 9.19 72.90
N ARG A 3660 21.47 9.05 73.76
CA ARG A 3660 22.85 9.12 73.31
C ARG A 3660 23.23 7.86 72.55
N VAL A 3661 24.21 8.00 71.64
CA VAL A 3661 24.60 6.90 70.78
C VAL A 3661 25.43 5.90 71.57
N ASP A 3662 25.15 4.61 71.36
CA ASP A 3662 25.86 3.55 72.06
C ASP A 3662 27.29 3.43 71.54
N PRO A 3663 28.20 2.84 72.34
CA PRO A 3663 29.60 2.75 71.91
C PRO A 3663 29.80 2.06 70.57
N LEU A 3664 29.03 1.01 70.30
CA LEU A 3664 29.11 0.35 68.99
C LEU A 3664 28.71 1.31 67.88
N HIS A 3665 27.65 2.09 68.12
CA HIS A 3665 27.23 3.07 67.12
C HIS A 3665 28.30 4.14 66.91
N GLN A 3666 28.95 4.61 67.98
CA GLN A 3666 30.05 5.55 67.83
C GLN A 3666 31.23 4.97 67.06
N LEU A 3667 31.59 3.71 67.31
CA LEU A 3667 32.63 3.05 66.52
C LEU A 3667 32.27 2.95 65.05
N ILE A 3668 31.03 2.57 64.75
CA ILE A 3668 30.60 2.48 63.36
C ILE A 3668 30.60 3.85 62.70
N LEU A 3669 30.17 4.90 63.42
CA LEU A 3669 30.24 6.25 62.91
C LEU A 3669 31.68 6.71 62.66
N LEU A 3670 32.60 6.38 63.57
CA LEU A 3670 34.01 6.71 63.35
C LEU A 3670 34.54 6.06 62.07
N PHE A 3671 34.26 4.76 61.91
CA PHE A 3671 34.69 4.08 60.69
C PHE A 3671 34.05 4.67 59.44
N SER A 3672 32.75 4.99 59.50
CA SER A 3672 32.07 5.58 58.35
C SER A 3672 32.64 6.94 57.99
N ARG A 3673 32.92 7.78 58.99
CA ARG A 3673 33.53 9.08 58.73
C ARG A 3673 34.93 8.93 58.15
N THR A 3674 35.71 7.98 58.66
CA THR A 3674 37.03 7.74 58.10
C THR A 3674 36.94 7.31 56.64
N ALA A 3675 35.97 6.46 56.32
CA ALA A 3675 35.77 6.05 54.93
C ALA A 3675 35.34 7.22 54.06
N LEU A 3676 34.44 8.07 54.58
CA LEU A 3676 33.90 9.16 53.78
C LEU A 3676 34.93 10.26 53.55
N THR A 3677 35.89 10.40 54.46
CA THR A 3677 36.93 11.41 54.30
C THR A 3677 37.71 11.19 53.01
N GLU A 3678 37.89 12.26 52.24
CA GLU A 3678 38.55 12.14 50.95
C GLU A 3678 40.03 11.89 51.12
N LYS A 3679 40.52 10.80 50.54
CA LYS A 3679 41.93 10.44 50.56
C LYS A 3679 42.31 9.88 49.21
N CYS A 3680 43.59 10.06 48.84
CA CYS A 3680 44.06 9.52 47.58
C CYS A 3680 44.07 8.00 47.57
N LYS A 3681 44.28 7.38 48.73
CA LYS A 3681 44.32 5.93 48.85
C LYS A 3681 43.68 5.52 50.17
N LEU A 3682 43.03 4.37 50.16
CA LEU A 3682 42.41 3.81 51.37
C LEU A 3682 43.51 3.20 52.22
N GLU A 3683 44.02 3.97 53.18
CA GLU A 3683 45.10 3.50 54.03
C GLU A 3683 44.62 2.38 54.94
N GLU A 3684 45.49 1.41 55.18
CA GLU A 3684 45.16 0.28 56.04
C GLU A 3684 45.02 0.74 57.49
N ASP A 3685 43.96 0.30 58.15
CA ASP A 3685 43.69 0.63 59.55
C ASP A 3685 43.59 -0.66 60.34
N PHE A 3686 44.56 -0.88 61.23
CA PHE A 3686 44.55 -2.09 62.06
C PHE A 3686 43.31 -2.15 62.93
N LEU A 3687 42.85 -1.00 63.43
CA LEU A 3687 41.61 -0.97 64.19
C LEU A 3687 40.44 -1.49 63.36
N TYR A 3688 40.37 -1.08 62.08
CA TYR A 3688 39.29 -1.57 61.23
C TYR A 3688 39.43 -3.06 60.98
N MET A 3689 40.63 -3.53 60.60
CA MET A 3689 40.80 -4.94 60.31
C MET A 3689 40.56 -5.82 61.54
N ALA A 3690 40.68 -5.26 62.74
CA ALA A 3690 40.35 -6.03 63.94
C ALA A 3690 38.86 -6.00 64.23
N TYR A 3691 38.28 -4.80 64.33
CA TYR A 3691 36.90 -4.71 64.78
C TYR A 3691 35.91 -5.18 63.73
N ALA A 3692 36.20 -5.00 62.44
CA ALA A 3692 35.32 -5.55 61.40
C ALA A 3692 35.28 -7.08 61.49
N ASP A 3693 36.43 -7.71 61.73
CA ASP A 3693 36.46 -9.15 61.93
C ASP A 3693 35.66 -9.54 63.17
N ILE A 3694 35.79 -8.78 64.26
CA ILE A 3694 35.02 -9.07 65.46
C ILE A 3694 33.52 -8.99 65.18
N MET A 3695 33.09 -7.94 64.48
CA MET A 3695 31.68 -7.77 64.14
C MET A 3695 31.18 -8.90 63.24
N ALA A 3696 31.97 -9.30 62.24
CA ALA A 3696 31.57 -10.39 61.37
C ALA A 3696 31.44 -11.71 62.13
N LYS A 3697 32.40 -11.99 63.02
CA LYS A 3697 32.31 -13.19 63.84
C LYS A 3697 31.06 -13.15 64.73
N SER A 3698 30.76 -11.98 65.31
CA SER A 3698 29.58 -11.86 66.15
C SER A 3698 28.31 -12.17 65.38
N CYS A 3699 28.26 -11.80 64.10
CA CYS A 3699 27.07 -12.08 63.30
C CYS A 3699 26.99 -13.54 62.90
N HIS A 3700 28.03 -14.08 62.27
CA HIS A 3700 27.88 -15.41 61.68
C HIS A 3700 27.96 -16.50 62.73
N ASP A 3701 28.54 -16.19 63.90
CA ASP A 3701 28.52 -17.02 65.12
C ASP A 3701 28.63 -18.53 64.84
N GLU A 3702 29.48 -18.92 63.90
CA GLU A 3702 29.67 -20.33 63.58
C GLU A 3702 31.10 -20.61 63.14
N GLU A 3710 22.18 -34.96 64.72
CA GLU A 3710 22.69 -33.81 63.99
C GLU A 3710 21.56 -33.06 63.31
N VAL A 3711 20.50 -33.79 62.97
CA VAL A 3711 19.34 -33.19 62.32
C VAL A 3711 18.66 -32.21 63.28
N LYS A 3712 18.25 -31.07 62.76
CA LYS A 3712 17.63 -30.02 63.54
C LYS A 3712 16.12 -30.02 63.32
N SER A 3713 15.38 -29.80 64.41
CA SER A 3713 13.94 -29.65 64.30
C SER A 3713 13.58 -28.29 63.72
N PHE A 3714 12.33 -28.16 63.26
CA PHE A 3714 11.89 -26.92 62.66
C PHE A 3714 11.91 -25.77 63.67
N GLU A 3715 11.49 -26.02 64.91
CA GLU A 3715 11.56 -25.00 65.94
C GLU A 3715 13.00 -24.55 66.19
N GLU A 3716 13.93 -25.51 66.26
CA GLU A 3716 15.33 -25.14 66.42
C GLU A 3716 15.82 -24.29 65.26
N LYS A 3717 15.52 -24.72 64.02
CA LYS A 3717 16.00 -23.98 62.86
C LYS A 3717 15.46 -22.56 62.83
N GLU A 3718 14.16 -22.39 63.13
CA GLU A 3718 13.61 -21.06 63.33
C GLU A 3718 14.34 -20.30 64.42
N MET A 3719 14.80 -21.00 65.46
CA MET A 3719 15.59 -20.33 66.49
C MET A 3719 16.92 -19.81 65.97
N GLU A 3720 17.68 -20.61 65.22
CA GLU A 3720 18.94 -20.05 64.70
C GLU A 3720 18.67 -18.94 63.71
N LYS A 3721 17.56 -19.02 62.96
CA LYS A 3721 17.21 -17.91 62.08
C LYS A 3721 16.94 -16.64 62.87
N GLN A 3722 16.18 -16.74 63.97
CA GLN A 3722 15.92 -15.56 64.79
C GLN A 3722 17.20 -15.03 65.43
N LYS A 3723 18.08 -15.93 65.88
CA LYS A 3723 19.35 -15.50 66.46
C LYS A 3723 20.19 -14.74 65.43
N LEU A 3724 20.27 -15.26 64.21
CA LEU A 3724 21.03 -14.58 63.17
C LEU A 3724 20.41 -13.23 62.84
N LEU A 3725 19.07 -13.16 62.78
CA LEU A 3725 18.41 -11.89 62.51
C LEU A 3725 18.70 -10.87 63.60
N TYR A 3726 18.64 -11.28 64.87
CA TYR A 3726 18.92 -10.36 65.96
C TYR A 3726 20.37 -9.89 65.93
N GLN A 3727 21.31 -10.80 65.67
CA GLN A 3727 22.72 -10.43 65.61
C GLN A 3727 23.01 -9.50 64.44
N GLN A 3728 22.34 -9.71 63.30
CA GLN A 3728 22.48 -8.79 62.18
C GLN A 3728 21.80 -7.45 62.45
N ALA A 3729 20.71 -7.45 63.21
CA ALA A 3729 20.05 -6.22 63.62
C ALA A 3729 20.93 -5.36 64.51
N ARG A 3730 21.64 -5.99 65.44
CA ARG A 3730 22.53 -5.24 66.32
C ARG A 3730 23.57 -4.44 65.54
N LEU A 3731 23.89 -4.86 64.32
CA LEU A 3731 24.88 -4.15 63.53
C LEU A 3731 24.28 -3.25 62.46
N HIS A 3732 23.25 -3.68 61.74
CA HIS A 3732 22.71 -2.83 60.69
C HIS A 3732 21.66 -1.86 61.21
N ASP A 3733 21.38 -1.88 62.51
CA ASP A 3733 20.62 -0.80 63.13
C ASP A 3733 21.51 0.36 63.56
N ARG A 3734 22.81 0.27 63.31
CA ARG A 3734 23.77 1.28 63.74
C ARG A 3734 24.64 1.80 62.60
N GLY A 3735 24.31 1.46 61.36
CA GLY A 3735 25.03 2.00 60.22
C GLY A 3735 26.04 1.10 59.56
N ALA A 3736 26.10 -0.19 59.94
CA ALA A 3736 27.07 -1.10 59.33
C ALA A 3736 26.79 -1.30 57.85
N ALA A 3737 25.52 -1.30 57.45
CA ALA A 3737 25.18 -1.47 56.05
C ALA A 3737 25.75 -0.35 55.19
N GLU A 3738 25.67 0.89 55.69
CA GLU A 3738 26.27 2.02 54.97
C GLU A 3738 27.79 1.99 55.09
N MET A 3739 28.32 1.52 56.22
CA MET A 3739 29.76 1.46 56.41
C MET A 3739 30.44 0.51 55.43
N VAL A 3740 29.87 -0.68 55.25
CA VAL A 3740 30.45 -1.65 54.34
C VAL A 3740 30.37 -1.23 52.89
N LEU A 3741 29.44 -0.33 52.55
CA LEU A 3741 29.41 0.26 51.21
C LEU A 3741 30.41 1.40 51.07
N GLN A 3742 30.52 2.23 52.12
CA GLN A 3742 31.44 3.35 52.07
C GLN A 3742 32.89 2.90 51.97
N THR A 3743 33.25 1.85 52.71
CA THR A 3743 34.63 1.36 52.66
C THR A 3743 34.95 0.81 51.26
N ILE A 3744 34.02 0.05 50.68
CA ILE A 3744 34.24 -0.48 49.34
C ILE A 3744 34.36 0.66 48.33
N SER A 3745 33.49 1.67 48.43
CA SER A 3745 33.57 2.81 47.52
C SER A 3745 34.88 3.57 47.66
N ALA A 3746 35.37 3.76 48.89
CA ALA A 3746 36.63 4.46 49.08
C ALA A 3746 37.82 3.61 48.66
N SER A 3747 37.65 2.29 48.59
CA SER A 3747 38.74 1.43 48.13
C SER A 3747 39.18 1.74 46.71
N LYS A 3748 38.27 2.24 45.87
CA LYS A 3748 38.57 2.61 44.49
C LYS A 3748 39.17 1.44 43.70
N GLY A 3749 38.62 0.25 43.93
CA GLY A 3749 39.02 -0.92 43.19
C GLY A 3749 40.45 -1.38 43.43
N GLU A 3750 40.92 -1.30 44.67
CA GLU A 3750 42.26 -1.75 45.03
C GLU A 3750 42.11 -2.92 45.99
N THR A 3751 42.61 -4.09 45.58
CA THR A 3751 42.53 -5.28 46.42
C THR A 3751 43.44 -5.12 47.63
N GLY A 3752 42.90 -5.41 48.82
CA GLY A 3752 43.66 -5.31 50.03
C GLY A 3752 42.91 -5.84 51.24
N PRO A 3753 43.57 -5.88 52.39
CA PRO A 3753 42.91 -6.35 53.62
C PRO A 3753 41.69 -5.52 54.00
N MET A 3754 41.70 -4.22 53.66
CA MET A 3754 40.53 -3.39 53.89
C MET A 3754 39.29 -3.99 53.25
N VAL A 3755 39.37 -4.30 51.95
CA VAL A 3755 38.24 -4.90 51.25
C VAL A 3755 38.02 -6.33 51.73
N ALA A 3756 39.10 -7.05 52.04
CA ALA A 3756 38.97 -8.43 52.51
C ALA A 3756 38.17 -8.53 53.80
N ALA A 3757 38.27 -7.56 54.68
CA ALA A 3757 37.45 -7.52 55.90
C ALA A 3757 36.08 -6.91 55.68
N THR A 3758 35.99 -5.87 54.84
CA THR A 3758 34.70 -5.25 54.56
C THR A 3758 33.74 -6.22 53.88
N LEU A 3759 34.23 -7.00 52.92
CA LEU A 3759 33.40 -7.98 52.24
C LEU A 3759 32.91 -9.05 53.20
N LYS A 3760 33.79 -9.51 54.11
CA LYS A 3760 33.38 -10.48 55.10
C LYS A 3760 32.30 -9.93 56.02
N LEU A 3761 32.45 -8.67 56.45
CA LEU A 3761 31.41 -8.06 57.28
C LEU A 3761 30.10 -7.94 56.53
N GLY A 3762 30.16 -7.54 55.25
CA GLY A 3762 28.95 -7.46 54.46
C GLY A 3762 28.26 -8.79 54.29
N ILE A 3763 29.04 -9.85 54.05
CA ILE A 3763 28.47 -11.19 53.95
C ILE A 3763 27.84 -11.60 55.27
N ALA A 3764 28.52 -11.30 56.39
CA ALA A 3764 27.99 -11.67 57.70
C ALA A 3764 26.66 -10.99 57.97
N ILE A 3765 26.54 -9.71 57.59
CA ILE A 3765 25.28 -9.00 57.86
C ILE A 3765 24.22 -9.35 56.82
N LEU A 3766 24.62 -9.87 55.66
CA LEU A 3766 23.68 -10.24 54.61
C LEU A 3766 23.35 -11.73 54.58
N ASN A 3767 23.88 -12.52 55.50
CA ASN A 3767 23.59 -13.95 55.52
C ASN A 3767 22.09 -14.20 55.63
N GLY A 3768 21.60 -15.14 54.83
CA GLY A 3768 20.18 -15.44 54.77
C GLY A 3768 19.37 -14.52 53.90
N GLY A 3769 20.00 -13.63 53.14
CA GLY A 3769 19.28 -12.70 52.29
C GLY A 3769 18.46 -11.69 53.08
N ASN A 3770 19.10 -11.00 54.01
CA ASN A 3770 18.40 -10.06 54.88
C ASN A 3770 17.77 -8.94 54.07
N SER A 3771 16.44 -8.96 53.99
CA SER A 3771 15.72 -7.97 53.20
C SER A 3771 15.88 -6.56 53.74
N THR A 3772 15.86 -6.39 55.08
CA THR A 3772 16.03 -5.06 55.65
C THR A 3772 17.39 -4.47 55.31
N VAL A 3773 18.44 -5.29 55.43
CA VAL A 3773 19.78 -4.82 55.07
C VAL A 3773 19.92 -4.54 53.58
N GLN A 3774 19.34 -5.40 52.73
CA GLN A 3774 19.36 -5.14 51.30
C GLN A 3774 18.68 -3.82 50.96
N GLN A 3775 17.51 -3.57 51.57
CA GLN A 3775 16.80 -2.32 51.35
C GLN A 3775 17.61 -1.13 51.84
N LYS A 3776 18.28 -1.27 52.98
CA LYS A 3776 19.11 -0.17 53.49
C LYS A 3776 20.24 0.15 52.54
N MET A 3777 20.96 -0.87 52.06
CA MET A 3777 22.03 -0.59 51.10
C MET A 3777 21.51 0.02 49.81
N LEU A 3778 20.40 -0.51 49.26
CA LEU A 3778 19.87 0.05 48.03
C LEU A 3778 19.41 1.48 48.20
N ASP A 3779 18.72 1.79 49.30
CA ASP A 3779 18.29 3.16 49.55
C ASP A 3779 19.48 4.09 49.73
N TYR A 3780 20.51 3.66 50.45
CA TYR A 3780 21.69 4.50 50.64
C TYR A 3780 22.36 4.79 49.31
N LEU A 3781 22.54 3.76 48.48
CA LEU A 3781 23.18 3.96 47.18
C LEU A 3781 22.34 4.90 46.31
N LYS A 3782 21.02 4.72 46.31
CA LYS A 3782 20.16 5.56 45.49
C LYS A 3782 20.22 7.02 45.94
N GLU A 3783 20.18 7.26 47.25
CA GLU A 3783 20.11 8.64 47.73
C GLU A 3783 21.46 9.33 47.64
N LYS A 3784 22.56 8.59 47.78
CA LYS A 3784 23.87 9.21 47.64
C LYS A 3784 24.33 9.30 46.18
N LYS A 3785 23.73 8.55 45.28
CA LYS A 3785 24.12 8.54 43.87
C LYS A 3785 25.61 8.26 43.73
N ASP A 3786 26.07 7.23 44.45
CA ASP A 3786 27.49 6.91 44.54
C ASP A 3786 27.89 6.04 43.36
N VAL A 3787 28.71 6.61 42.47
CA VAL A 3787 29.30 5.84 41.38
C VAL A 3787 30.56 5.11 41.82
N GLY A 3788 31.24 5.62 42.86
CA GLY A 3788 32.49 5.01 43.30
C GLY A 3788 32.31 3.58 43.77
N PHE A 3789 31.16 3.26 44.35
CA PHE A 3789 30.91 1.89 44.78
C PHE A 3789 30.99 0.92 43.61
N PHE A 3790 30.27 1.21 42.53
CA PHE A 3790 30.26 0.31 41.37
C PHE A 3790 31.60 0.35 40.65
N GLN A 3791 32.25 1.52 40.61
CA GLN A 3791 33.58 1.59 39.99
C GLN A 3791 34.58 0.72 40.74
N SER A 3792 34.53 0.76 42.07
CA SER A 3792 35.43 -0.07 42.87
C SER A 3792 35.08 -1.55 42.75
N LEU A 3793 33.79 -1.87 42.67
CA LEU A 3793 33.40 -3.26 42.43
C LEU A 3793 33.98 -3.78 41.12
N ALA A 3794 33.84 -3.00 40.04
CA ALA A 3794 34.42 -3.38 38.76
C ALA A 3794 35.93 -3.56 38.87
N GLY A 3795 36.63 -2.56 39.44
CA GLY A 3795 38.07 -2.65 39.59
C GLY A 3795 38.53 -3.84 40.39
N LEU A 3796 37.84 -4.17 41.48
CA LEU A 3796 38.13 -5.40 42.20
C LEU A 3796 37.94 -6.62 41.31
N MET A 3797 36.92 -6.59 40.45
CA MET A 3797 36.71 -7.71 39.54
C MET A 3797 37.88 -7.89 38.58
N GLN A 3798 38.40 -6.80 37.99
CA GLN A 3798 39.55 -6.97 37.12
C GLN A 3798 40.79 -7.37 37.93
N SER A 3799 40.91 -6.89 39.16
CA SER A 3799 42.10 -7.21 39.95
C SER A 3799 42.06 -8.62 40.53
N CYS A 3800 40.89 -9.28 40.49
CA CYS A 3800 40.81 -10.66 40.96
C CYS A 3800 41.69 -11.57 40.12
N SER A 3801 42.33 -12.53 40.78
CA SER A 3801 43.33 -13.38 40.13
C SER A 3801 42.72 -14.71 39.70
N VAL A 3802 43.44 -15.40 38.81
CA VAL A 3802 43.04 -16.71 38.30
C VAL A 3802 44.25 -17.64 38.34
N LEU A 3803 44.08 -18.85 37.82
CA LEU A 3803 45.18 -19.80 37.71
C LEU A 3803 46.27 -19.28 36.79
N ASP A 3804 47.52 -19.60 37.12
CA ASP A 3804 48.67 -19.16 36.33
C ASP A 3804 49.58 -20.37 36.09
N LEU A 3805 49.59 -20.86 34.85
CA LEU A 3805 50.42 -22.00 34.49
C LEU A 3805 51.89 -21.69 34.68
N ASN A 3806 52.32 -20.48 34.35
CA ASN A 3806 53.72 -20.10 34.51
C ASN A 3806 54.14 -20.19 35.97
N ALA A 3807 53.34 -19.62 36.87
CA ALA A 3807 53.66 -19.68 38.29
C ALA A 3807 53.63 -21.12 38.80
N PHE A 3808 52.64 -21.91 38.35
CA PHE A 3808 52.57 -23.29 38.79
C PHE A 3808 53.79 -24.08 38.35
N GLU A 3809 54.22 -23.92 37.10
CA GLU A 3809 55.40 -24.62 36.58
C GLU A 3809 56.67 -24.17 37.29
N ARG A 3810 56.82 -22.86 37.54
CA ARG A 3810 57.98 -22.36 38.25
C ARG A 3810 58.06 -22.93 39.66
N GLN A 3811 56.93 -22.92 40.37
CA GLN A 3811 56.89 -23.51 41.71
C GLN A 3811 57.15 -25.01 41.70
N ASN A 3812 56.58 -25.73 40.73
CA ASN A 3812 56.81 -27.16 40.62
C ASN A 3812 58.28 -27.47 40.39
N LYS A 3813 58.95 -26.71 39.51
CA LYS A 3813 60.39 -26.91 39.33
C LYS A 3813 61.15 -26.54 40.61
N ALA A 3814 60.67 -25.54 41.34
CA ALA A 3814 61.27 -25.16 42.61
C ALA A 3814 61.24 -26.29 43.63
N GLU A 3815 60.10 -26.98 43.79
CA GLU A 3815 60.11 -28.14 44.67
C GLU A 3815 60.85 -29.33 44.07
N GLY A 3816 60.83 -29.47 42.74
CA GLY A 3816 61.50 -30.60 42.12
C GLY A 3816 63.00 -30.58 42.33
N LEU A 3817 63.59 -29.38 42.26
CA LEU A 3817 65.02 -29.26 42.45
C LEU A 3817 65.41 -29.49 43.92
N GLY A 3818 64.42 -29.53 44.82
CA GLY A 3818 64.62 -29.94 46.19
C GLY A 3818 64.73 -28.83 47.21
N MET A 3819 64.66 -27.58 46.79
CA MET A 3819 64.89 -26.45 47.69
C MET A 3819 63.64 -26.12 48.51
N VAL A 3820 63.88 -25.65 49.74
CA VAL A 3820 62.80 -25.40 50.68
C VAL A 3820 61.89 -24.29 50.17
N THR A 3821 60.58 -24.51 50.28
CA THR A 3821 59.56 -23.58 49.79
C THR A 3821 58.75 -23.08 50.98
N GLU A 3822 58.56 -21.76 51.04
CA GLU A 3822 57.78 -21.16 52.13
C GLU A 3822 56.33 -21.63 52.08
N GLU A 3823 55.76 -21.71 50.88
CA GLU A 3823 54.37 -22.09 50.69
C GLU A 3823 54.31 -23.46 50.02
N GLY A 3824 53.64 -24.40 50.66
CA GLY A 3824 53.50 -25.73 50.09
C GLY A 3824 52.47 -25.78 48.98
N SER A 3825 51.22 -25.46 49.30
CA SER A 3825 50.18 -25.39 48.27
C SER A 3825 50.47 -24.29 47.27
N GLY A 3826 50.94 -23.14 47.74
CA GLY A 3826 51.33 -22.06 46.85
C GLY A 3826 50.28 -20.96 46.72
N GLU A 3827 50.56 -19.81 47.33
CA GLU A 3827 49.67 -18.67 47.17
C GLU A 3827 49.89 -17.96 45.84
N LYS A 3828 50.99 -18.27 45.15
CA LYS A 3828 51.27 -17.62 43.87
C LYS A 3828 50.20 -17.94 42.83
N VAL A 3829 49.81 -19.21 42.72
CA VAL A 3829 48.72 -19.58 41.83
C VAL A 3829 47.39 -19.30 42.53
N LEU A 3830 46.49 -18.61 41.82
CA LEU A 3830 45.23 -18.18 42.40
C LEU A 3830 45.48 -17.38 43.66
N GLN A 3831 46.07 -16.20 43.50
CA GLN A 3831 46.59 -15.36 44.59
C GLN A 3831 45.66 -15.32 45.80
N ASP A 3832 44.42 -14.89 45.61
CA ASP A 3832 43.44 -14.79 46.69
C ASP A 3832 42.18 -15.53 46.29
N ASP A 3833 42.03 -16.74 46.80
CA ASP A 3833 40.84 -17.56 46.54
C ASP A 3833 39.66 -17.20 47.43
N GLU A 3834 39.91 -16.88 48.70
CA GLU A 3834 38.84 -16.46 49.59
C GLU A 3834 38.31 -15.08 49.23
N PHE A 3835 39.18 -14.21 48.72
CA PHE A 3835 38.75 -12.85 48.38
C PHE A 3835 37.74 -12.85 47.25
N THR A 3836 38.03 -13.60 46.17
CA THR A 3836 37.10 -13.65 45.05
C THR A 3836 35.78 -14.30 45.44
N CYS A 3837 35.85 -15.39 46.22
CA CYS A 3837 34.64 -16.04 46.69
C CYS A 3837 33.81 -15.11 47.54
N ASP A 3838 34.44 -14.35 48.45
CA ASP A 3838 33.71 -13.40 49.26
C ASP A 3838 33.12 -12.28 48.41
N LEU A 3839 33.88 -11.78 47.43
CA LEU A 3839 33.40 -10.72 46.56
C LEU A 3839 32.16 -11.14 45.78
N PHE A 3840 32.13 -12.36 45.26
CA PHE A 3840 30.96 -12.81 44.51
C PHE A 3840 29.83 -13.27 45.41
N ARG A 3841 30.13 -13.80 46.61
CA ARG A 3841 29.08 -14.14 47.55
C ARG A 3841 28.38 -12.89 48.08
N PHE A 3842 29.13 -11.80 48.23
CA PHE A 3842 28.52 -10.53 48.61
C PHE A 3842 27.47 -10.10 47.59
N LEU A 3843 27.81 -10.15 46.31
CA LEU A 3843 26.90 -9.76 45.24
C LEU A 3843 25.75 -10.74 45.06
N GLN A 3844 25.97 -12.02 45.32
CA GLN A 3844 24.90 -13.01 45.35
C GLN A 3844 23.92 -12.80 46.48
N LEU A 3845 24.43 -12.51 47.69
CA LEU A 3845 23.56 -12.20 48.82
C LEU A 3845 22.81 -10.89 48.60
N LEU A 3846 23.43 -9.95 47.88
CA LEU A 3846 22.77 -8.69 47.60
C LEU A 3846 21.51 -8.88 46.76
N CYS A 3847 21.50 -9.90 45.91
CA CYS A 3847 20.35 -10.19 45.04
C CYS A 3847 19.57 -11.41 45.48
N GLU A 3848 19.94 -12.06 46.57
CA GLU A 3848 19.22 -13.23 47.03
C GLU A 3848 17.79 -12.85 47.43
N GLY A 3849 16.90 -13.84 47.35
CA GLY A 3849 15.49 -13.60 47.55
C GLY A 3849 14.77 -12.99 46.38
N HIS A 3850 15.33 -13.07 45.18
CA HIS A 3850 14.76 -12.47 43.96
C HIS A 3850 14.53 -10.97 44.15
N ASN A 3851 15.55 -10.28 44.64
CA ASN A 3851 15.49 -8.83 44.84
C ASN A 3851 15.58 -8.16 43.49
N SER A 3852 14.43 -7.97 42.84
CA SER A 3852 14.41 -7.44 41.48
C SER A 3852 14.93 -6.00 41.41
N ASP A 3853 14.63 -5.18 42.42
CA ASP A 3853 15.08 -3.80 42.40
C ASP A 3853 16.60 -3.70 42.34
N PHE A 3854 17.28 -4.40 43.25
CA PHE A 3854 18.74 -4.35 43.25
C PHE A 3854 19.33 -5.12 42.07
N GLN A 3855 18.64 -6.16 41.61
CA GLN A 3855 19.08 -6.88 40.42
C GLN A 3855 19.13 -5.96 39.21
N ASN A 3856 18.09 -5.15 39.02
CA ASN A 3856 18.07 -4.20 37.91
C ASN A 3856 19.04 -3.04 38.16
N TYR A 3857 19.20 -2.63 39.41
CA TYR A 3857 20.06 -1.49 39.70
C TYR A 3857 21.53 -1.83 39.48
N LEU A 3858 21.90 -3.10 39.69
CA LEU A 3858 23.26 -3.53 39.36
C LEU A 3858 23.53 -3.42 37.86
N ARG A 3859 22.57 -3.84 37.03
CA ARG A 3859 22.77 -3.77 35.58
C ARG A 3859 22.80 -2.32 35.12
N THR A 3860 21.81 -1.52 35.53
CA THR A 3860 21.71 -0.13 35.10
C THR A 3860 21.45 0.73 36.33
N GLN A 3861 22.39 1.62 36.64
CA GLN A 3861 22.19 2.61 37.70
C GLN A 3861 21.53 3.83 37.08
N THR A 3862 20.23 3.98 37.31
CA THR A 3862 19.47 5.03 36.65
C THR A 3862 19.90 6.41 37.13
N GLY A 3863 19.99 6.59 38.45
CA GLY A 3863 20.30 7.91 38.99
C GLY A 3863 21.72 8.37 38.66
N ASN A 3864 22.67 7.44 38.66
CA ASN A 3864 24.07 7.80 38.50
C ASN A 3864 24.35 8.36 37.11
N ASN A 3865 25.29 9.30 37.04
CA ASN A 3865 25.67 9.88 35.76
C ASN A 3865 26.29 8.84 34.84
N THR A 3866 27.15 7.98 35.39
CA THR A 3866 27.82 6.93 34.63
C THR A 3866 27.41 5.57 35.19
N THR A 3867 27.21 4.61 34.29
CA THR A 3867 26.70 3.29 34.65
C THR A 3867 27.76 2.22 34.38
N VAL A 3868 27.91 1.31 35.33
CA VAL A 3868 28.83 0.19 35.22
C VAL A 3868 28.01 -1.09 35.25
N ASN A 3869 28.25 -1.97 34.28
CA ASN A 3869 27.48 -3.20 34.14
C ASN A 3869 28.16 -4.31 34.94
N ILE A 3870 27.73 -4.45 36.19
CA ILE A 3870 28.25 -5.51 37.06
C ILE A 3870 27.92 -6.87 36.47
N ILE A 3871 26.76 -7.00 35.82
CA ILE A 3871 26.37 -8.27 35.22
C ILE A 3871 27.36 -8.68 34.15
N ILE A 3872 27.76 -7.74 33.30
CA ILE A 3872 28.74 -8.03 32.26
C ILE A 3872 30.13 -8.28 32.83
N SER A 3873 30.52 -7.52 33.87
CA SER A 3873 31.83 -7.74 34.46
C SER A 3873 31.93 -9.12 35.11
N THR A 3874 30.83 -9.59 35.71
CA THR A 3874 30.83 -10.93 36.32
C THR A 3874 31.07 -12.01 35.27
N VAL A 3875 30.38 -11.92 34.13
CA VAL A 3875 30.59 -12.91 33.09
C VAL A 3875 31.96 -12.77 32.44
N ASP A 3876 32.54 -11.56 32.41
CA ASP A 3876 33.91 -11.42 31.96
C ASP A 3876 34.87 -12.16 32.87
N TYR A 3877 34.70 -12.03 34.19
CA TYR A 3877 35.53 -12.79 35.11
C TYR A 3877 35.29 -14.30 34.97
N LEU A 3878 34.04 -14.70 34.73
CA LEU A 3878 33.76 -16.10 34.48
C LEU A 3878 34.47 -16.61 33.24
N LEU A 3879 34.51 -15.83 32.17
CA LEU A 3879 35.28 -16.19 30.99
C LEU A 3879 36.77 -16.32 31.28
N ARG A 3880 37.34 -15.38 32.04
CA ARG A 3880 38.75 -15.47 32.40
C ARG A 3880 39.08 -16.70 33.24
N VAL A 3881 38.26 -17.00 34.26
CA VAL A 3881 38.50 -18.19 35.06
C VAL A 3881 38.24 -19.48 34.25
N GLN A 3882 37.29 -19.45 33.32
CA GLN A 3882 37.10 -20.60 32.43
C GLN A 3882 38.34 -20.84 31.58
N GLU A 3883 38.93 -19.77 31.03
CA GLU A 3883 40.16 -19.92 30.27
C GLU A 3883 41.30 -20.45 31.13
N SER A 3884 41.42 -19.96 32.37
CA SER A 3884 42.46 -20.46 33.26
C SER A 3884 42.28 -21.94 33.55
N ILE A 3885 41.04 -22.36 33.83
CA ILE A 3885 40.77 -23.76 34.12
C ILE A 3885 41.04 -24.64 32.91
N SER A 3886 40.62 -24.17 31.72
CA SER A 3886 40.85 -24.93 30.50
C SER A 3886 42.34 -25.08 30.23
N ASP A 3887 43.12 -24.01 30.44
CA ASP A 3887 44.56 -24.10 30.26
C ASP A 3887 45.21 -25.06 31.26
N PHE A 3888 44.73 -25.05 32.50
CA PHE A 3888 45.28 -25.96 33.50
C PHE A 3888 44.96 -27.41 33.14
N TYR A 3889 43.73 -27.65 32.69
CA TYR A 3889 43.38 -28.96 32.14
C TYR A 3889 44.29 -29.35 31.00
N TRP A 3890 44.53 -28.43 30.07
CA TRP A 3890 45.36 -28.76 28.91
C TRP A 3890 46.79 -29.09 29.33
N TYR A 3891 47.30 -28.40 30.36
CA TYR A 3891 48.60 -28.76 30.91
C TYR A 3891 48.58 -30.16 31.50
N TYR A 3892 47.50 -30.51 32.20
CA TYR A 3892 47.41 -31.81 32.86
C TYR A 3892 46.85 -32.92 31.98
N SER A 3893 46.60 -32.65 30.69
CA SER A 3893 45.95 -33.66 29.84
C SER A 3893 46.86 -34.85 29.57
N GLY A 3894 48.11 -34.58 29.17
CA GLY A 3894 49.00 -35.67 28.84
C GLY A 3894 49.40 -36.51 30.04
N LYS A 3895 49.66 -35.85 31.17
CA LYS A 3895 50.12 -36.56 32.35
C LYS A 3895 49.03 -37.46 32.91
N ASP A 3896 49.44 -38.67 33.33
CA ASP A 3896 48.47 -39.70 33.71
C ASP A 3896 47.80 -39.38 35.04
N VAL A 3897 48.58 -38.97 36.03
CA VAL A 3897 48.10 -38.80 37.40
C VAL A 3897 48.19 -37.33 37.79
N ILE A 3898 47.17 -36.84 38.50
CA ILE A 3898 47.17 -35.47 38.99
C ILE A 3898 47.84 -35.44 40.37
N ASP A 3899 48.83 -34.57 40.52
CA ASP A 3899 49.51 -34.45 41.80
C ASP A 3899 48.65 -33.68 42.80
N GLU A 3900 49.14 -33.61 44.04
CA GLU A 3900 48.39 -32.95 45.11
C GLU A 3900 48.21 -31.46 44.83
N GLN A 3901 49.27 -30.80 44.35
CA GLN A 3901 49.16 -29.37 44.03
C GLN A 3901 48.15 -29.15 42.93
N GLY A 3902 48.16 -29.99 41.89
CA GLY A 3902 47.17 -29.88 40.84
C GLY A 3902 45.76 -30.09 41.35
N GLN A 3903 45.56 -31.09 42.22
CA GLN A 3903 44.25 -31.31 42.83
C GLN A 3903 43.77 -30.12 43.64
N ARG A 3904 44.63 -29.53 44.46
CA ARG A 3904 44.27 -28.32 45.21
C ARG A 3904 43.93 -27.14 44.32
N ASN A 3905 44.73 -26.92 43.26
CA ASN A 3905 44.43 -25.82 42.34
C ASN A 3905 43.10 -26.05 41.62
N PHE A 3906 42.84 -27.28 41.17
CA PHE A 3906 41.56 -27.59 40.54
C PHE A 3906 40.42 -27.36 41.52
N SER A 3907 40.57 -27.81 42.76
CA SER A 3907 39.51 -27.62 43.75
C SER A 3907 39.21 -26.15 44.01
N LYS A 3908 40.25 -25.34 44.21
CA LYS A 3908 40.07 -23.90 44.42
C LYS A 3908 39.46 -23.20 43.22
N ALA A 3909 39.93 -23.49 42.01
CA ALA A 3909 39.34 -22.92 40.80
C ALA A 3909 37.89 -23.35 40.60
N ILE A 3910 37.56 -24.61 40.87
CA ILE A 3910 36.19 -25.08 40.75
C ILE A 3910 35.29 -24.40 41.78
N GLN A 3911 35.79 -24.20 43.00
CA GLN A 3911 35.01 -23.46 44.00
C GLN A 3911 34.75 -22.04 43.55
N VAL A 3912 35.76 -21.36 43.00
CA VAL A 3912 35.57 -20.00 42.52
C VAL A 3912 34.56 -19.97 41.39
N ALA A 3913 34.69 -20.91 40.43
CA ALA A 3913 33.76 -20.96 39.32
C ALA A 3913 32.33 -21.24 39.78
N LYS A 3914 32.18 -22.14 40.76
CA LYS A 3914 30.87 -22.42 41.34
C LYS A 3914 30.25 -21.19 41.97
N GLN A 3915 31.04 -20.42 42.72
CA GLN A 3915 30.53 -19.18 43.29
C GLN A 3915 30.12 -18.18 42.22
N VAL A 3916 30.90 -18.07 41.14
CA VAL A 3916 30.54 -17.16 40.06
C VAL A 3916 29.26 -17.61 39.38
N PHE A 3917 29.10 -18.92 39.13
CA PHE A 3917 27.85 -19.41 38.54
C PHE A 3917 26.67 -19.17 39.46
N ASN A 3918 26.85 -19.34 40.78
CA ASN A 3918 25.77 -19.03 41.71
C ASN A 3918 25.40 -17.56 41.67
N THR A 3919 26.40 -16.67 41.60
CA THR A 3919 26.12 -15.25 41.51
C THR A 3919 25.37 -14.91 40.23
N LEU A 3920 25.78 -15.49 39.10
CA LEU A 3920 25.07 -15.27 37.84
C LEU A 3920 23.64 -15.80 37.92
N THR A 3921 23.45 -16.96 38.54
CA THR A 3921 22.12 -17.54 38.67
C THR A 3921 21.22 -16.64 39.50
N GLU A 3922 21.73 -16.09 40.59
CA GLU A 3922 20.93 -15.15 41.38
C GLU A 3922 20.70 -13.84 40.63
N TYR A 3923 21.63 -13.46 39.75
CA TYR A 3923 21.38 -12.32 38.87
C TYR A 3923 20.20 -12.57 37.95
N ILE A 3924 20.10 -13.77 37.37
CA ILE A 3924 19.14 -14.03 36.32
C ILE A 3924 17.80 -14.60 36.81
N GLN A 3925 17.75 -15.16 38.02
CA GLN A 3925 16.48 -15.70 38.52
C GLN A 3925 15.50 -14.58 38.85
N GLY A 3926 14.28 -14.94 39.23
CA GLY A 3926 13.24 -13.98 39.41
C GLY A 3926 12.93 -13.29 38.09
N PRO A 3927 12.47 -14.09 37.10
CA PRO A 3927 12.53 -13.71 35.68
C PRO A 3927 13.00 -12.30 35.34
N CYS A 3928 14.23 -11.97 35.75
CA CYS A 3928 14.80 -10.66 35.46
C CYS A 3928 15.14 -10.58 33.98
N THR A 3929 14.22 -10.03 33.19
CA THR A 3929 14.37 -10.03 31.74
C THR A 3929 15.58 -9.21 31.31
N GLY A 3930 15.84 -8.09 31.97
CA GLY A 3930 16.98 -7.27 31.63
C GLY A 3930 18.30 -7.98 31.78
N ASN A 3931 18.50 -8.62 32.94
CA ASN A 3931 19.73 -9.39 33.16
C ASN A 3931 19.82 -10.58 32.22
N GLN A 3932 18.68 -11.24 31.97
CA GLN A 3932 18.68 -12.36 31.04
C GLN A 3932 19.12 -11.94 29.64
N GLN A 3933 18.55 -10.85 29.13
CA GLN A 3933 18.91 -10.33 27.82
C GLN A 3933 20.34 -9.80 27.77
N SER A 3934 20.83 -9.23 28.86
CA SER A 3934 22.23 -8.79 28.90
C SER A 3934 23.20 -9.96 28.83
N LEU A 3935 22.94 -11.01 29.63
CA LEU A 3935 23.84 -12.16 29.62
C LEU A 3935 23.67 -12.99 28.35
N ALA A 3936 22.53 -12.85 27.68
CA ALA A 3936 22.37 -13.48 26.36
C ALA A 3936 23.32 -12.89 25.33
N HIS A 3937 23.50 -11.58 25.30
CA HIS A 3937 24.40 -10.92 24.37
C HIS A 3937 25.82 -10.80 24.91
N SER A 3938 26.04 -11.15 26.18
CA SER A 3938 27.36 -11.16 26.75
C SER A 3938 28.15 -12.36 26.22
N ARG A 3939 29.35 -12.59 26.76
CA ARG A 3939 30.21 -13.69 26.35
C ARG A 3939 30.03 -14.93 27.21
N LEU A 3940 28.82 -15.14 27.72
CA LEU A 3940 28.55 -16.33 28.54
C LEU A 3940 28.69 -17.61 27.73
N TRP A 3941 28.34 -17.56 26.44
CA TRP A 3941 28.30 -18.77 25.64
C TRP A 3941 29.68 -19.39 25.45
N ASP A 3942 30.71 -18.55 25.26
CA ASP A 3942 32.07 -19.08 25.14
C ASP A 3942 32.55 -19.73 26.43
N ALA A 3943 32.25 -19.13 27.58
CA ALA A 3943 32.59 -19.76 28.86
C ALA A 3943 31.87 -21.08 29.01
N VAL A 3944 30.59 -21.13 28.65
CA VAL A 3944 29.82 -22.37 28.78
C VAL A 3944 30.38 -23.45 27.87
N VAL A 3945 30.73 -23.09 26.63
CA VAL A 3945 31.29 -24.08 25.71
C VAL A 3945 32.68 -24.54 26.12
N GLY A 3946 33.45 -23.69 26.81
CA GLY A 3946 34.70 -24.14 27.38
C GLY A 3946 34.51 -25.12 28.51
N PHE A 3947 33.60 -24.78 29.44
CA PHE A 3947 33.30 -25.70 30.53
C PHE A 3947 32.74 -27.02 30.03
N LEU A 3948 31.97 -27.00 28.94
CA LEU A 3948 31.42 -28.24 28.41
C LEU A 3948 32.52 -29.18 27.94
N HIS A 3949 33.52 -28.64 27.23
CA HIS A 3949 34.66 -29.44 26.80
C HIS A 3949 35.44 -29.95 28.01
N VAL A 3950 35.64 -29.08 29.01
CA VAL A 3950 36.38 -29.48 30.21
C VAL A 3950 35.66 -30.64 30.90
N PHE A 3951 34.35 -30.55 31.03
CA PHE A 3951 33.55 -31.60 31.63
C PHE A 3951 33.57 -32.88 30.80
N ALA A 3952 33.49 -32.78 29.47
CA ALA A 3952 33.53 -33.94 28.61
C ALA A 3952 34.84 -34.70 28.74
N HIS A 3953 35.95 -33.99 28.95
CA HIS A 3953 37.22 -34.70 29.02
C HIS A 3953 37.63 -35.14 30.43
N MET A 3954 37.29 -34.35 31.46
CA MET A 3954 37.51 -34.81 32.83
C MET A 3954 36.64 -36.02 33.17
N GLN A 3955 35.40 -36.04 32.71
CA GLN A 3955 34.55 -37.19 33.04
C GLN A 3955 35.12 -38.49 32.48
N MET A 3956 35.77 -38.45 31.33
CA MET A 3956 36.54 -39.59 30.86
C MET A 3956 37.80 -39.84 31.67
N LYS A 3957 38.60 -38.81 31.97
CA LYS A 3957 39.91 -39.03 32.56
C LYS A 3957 39.83 -39.44 34.03
N LEU A 3958 39.13 -38.65 34.84
CA LEU A 3958 39.13 -38.86 36.30
C LEU A 3958 38.42 -40.14 36.69
N SER A 3959 37.36 -40.51 35.96
CA SER A 3959 36.60 -41.70 36.32
C SER A 3959 37.46 -42.96 36.19
N GLN A 3960 38.39 -42.98 35.24
CA GLN A 3960 39.27 -44.13 35.10
C GLN A 3960 40.15 -44.30 36.33
N ASP A 3961 40.68 -43.20 36.86
CA ASP A 3961 41.49 -43.24 38.05
C ASP A 3961 40.61 -43.31 39.30
N SER A 3962 41.21 -43.73 40.41
CA SER A 3962 40.49 -43.89 41.66
C SER A 3962 40.93 -42.93 42.76
N SER A 3963 42.01 -42.18 42.55
CA SER A 3963 42.53 -41.28 43.56
C SER A 3963 42.03 -39.85 43.42
N GLN A 3964 41.22 -39.55 42.39
CA GLN A 3964 40.68 -38.22 42.18
C GLN A 3964 39.16 -38.19 42.24
N ILE A 3965 38.55 -39.03 43.09
CA ILE A 3965 37.09 -39.07 43.17
C ILE A 3965 36.54 -37.77 43.75
N GLU A 3966 37.27 -37.17 44.71
CA GLU A 3966 36.85 -35.89 45.25
C GLU A 3966 36.88 -34.79 44.20
N LEU A 3967 37.93 -34.76 43.37
CA LEU A 3967 37.97 -33.80 42.28
C LEU A 3967 36.84 -34.05 41.29
N LEU A 3968 36.56 -35.32 41.00
CA LEU A 3968 35.46 -35.66 40.12
C LEU A 3968 34.13 -35.14 40.66
N LYS A 3969 33.84 -35.36 41.94
CA LYS A 3969 32.55 -34.91 42.47
C LYS A 3969 32.47 -33.40 42.57
N GLU A 3970 33.57 -32.71 42.91
CA GLU A 3970 33.55 -31.25 42.90
C GLU A 3970 33.25 -30.72 41.49
N LEU A 3971 33.89 -31.31 40.48
CA LEU A 3971 33.64 -30.86 39.11
C LEU A 3971 32.23 -31.20 38.64
N MET A 3972 31.69 -32.35 39.04
CA MET A 3972 30.32 -32.73 38.71
C MET A 3972 29.32 -31.77 39.33
N ASP A 3973 29.57 -31.32 40.56
CA ASP A 3973 28.80 -30.24 41.18
C ASP A 3973 28.89 -28.94 40.41
N LEU A 3974 30.09 -28.60 39.90
CA LEU A 3974 30.22 -27.43 39.04
C LEU A 3974 29.35 -27.55 37.80
N GLN A 3975 29.30 -28.74 37.19
CA GLN A 3975 28.46 -28.95 36.02
C GLN A 3975 26.99 -28.78 36.36
N LYS A 3976 26.57 -29.31 37.52
CA LYS A 3976 25.18 -29.15 37.94
C LYS A 3976 24.83 -27.68 38.13
N ASP A 3977 25.72 -26.90 38.74
CA ASP A 3977 25.46 -25.47 38.91
C ASP A 3977 25.40 -24.76 37.57
N MET A 3978 26.25 -25.14 36.61
CA MET A 3978 26.18 -24.53 35.29
C MET A 3978 24.84 -24.83 34.62
N VAL A 3979 24.37 -26.07 34.73
CA VAL A 3979 23.09 -26.42 34.12
C VAL A 3979 21.94 -25.68 34.81
N VAL A 3980 22.01 -25.50 36.14
CA VAL A 3980 21.00 -24.72 36.82
C VAL A 3980 21.02 -23.27 36.33
N MET A 3981 22.21 -22.72 36.09
CA MET A 3981 22.31 -21.37 35.54
C MET A 3981 21.68 -21.29 34.16
N LEU A 3982 21.90 -22.32 33.32
CA LEU A 3982 21.28 -22.34 32.01
C LEU A 3982 19.75 -22.43 32.11
N LEU A 3983 19.26 -23.23 33.05
CA LEU A 3983 17.82 -23.30 33.28
C LEU A 3983 17.25 -21.96 33.74
N SER A 3984 17.97 -21.24 34.60
CA SER A 3984 17.53 -19.92 35.00
C SER A 3984 17.59 -18.91 33.85
N MET A 3985 18.53 -19.09 32.91
CA MET A 3985 18.48 -18.32 31.67
C MET A 3985 17.21 -18.60 30.90
N LEU A 3986 16.86 -19.88 30.74
CA LEU A 3986 15.66 -20.27 30.01
C LEU A 3986 14.38 -19.96 30.77
N GLU A 3987 14.47 -19.60 32.04
CA GLU A 3987 13.30 -19.23 32.82
C GLU A 3987 12.53 -18.10 32.14
N GLY A 3988 11.22 -18.25 32.04
CA GLY A 3988 10.39 -17.27 31.38
C GLY A 3988 10.64 -17.13 29.89
N ASN A 3989 10.94 -18.24 29.21
CA ASN A 3989 11.23 -18.19 27.79
C ASN A 3989 9.94 -18.08 26.98
N VAL A 3990 10.09 -17.56 25.76
CA VAL A 3990 9.00 -17.44 24.81
C VAL A 3990 9.31 -18.35 23.62
N VAL A 3991 8.27 -18.60 22.82
CA VAL A 3991 8.43 -19.45 21.64
C VAL A 3991 9.34 -18.75 20.65
N ASN A 3992 10.34 -19.48 20.15
CA ASN A 3992 11.35 -18.94 19.23
C ASN A 3992 12.05 -17.73 19.83
N GLY A 3993 12.43 -17.82 21.10
CA GLY A 3993 13.13 -16.74 21.76
C GLY A 3993 14.58 -16.64 21.33
N THR A 3994 15.11 -15.41 21.39
CA THR A 3994 16.51 -15.18 21.01
C THR A 3994 17.46 -15.88 21.97
N ILE A 3995 17.11 -15.92 23.26
CA ILE A 3995 17.94 -16.64 24.23
C ILE A 3995 18.00 -18.12 23.89
N GLY A 3996 16.85 -18.71 23.55
CA GLY A 3996 16.84 -20.10 23.14
C GLY A 3996 17.64 -20.34 21.88
N LYS A 3997 17.49 -19.45 20.89
CA LYS A 3997 18.26 -19.59 19.66
C LYS A 3997 19.76 -19.58 19.95
N GLN A 3998 20.21 -18.62 20.77
CA GLN A 3998 21.62 -18.54 21.11
C GLN A 3998 22.08 -19.79 21.87
N MET A 3999 21.24 -20.30 22.76
CA MET A 3999 21.61 -21.50 23.52
C MET A 3999 21.75 -22.71 22.60
N VAL A 4000 20.87 -22.85 21.61
CA VAL A 4000 20.98 -23.96 20.67
C VAL A 4000 22.20 -23.77 19.77
N ASP A 4001 22.53 -22.53 19.42
CA ASP A 4001 23.78 -22.29 18.70
C ASP A 4001 24.98 -22.74 19.53
N MET A 4002 24.95 -22.44 20.83
CA MET A 4002 25.99 -22.92 21.73
C MET A 4002 26.04 -24.45 21.76
N LEU A 4003 24.87 -25.09 21.80
CA LEU A 4003 24.82 -26.55 21.85
C LEU A 4003 25.38 -27.17 20.59
N VAL A 4004 25.01 -26.64 19.42
CA VAL A 4004 25.51 -27.21 18.17
C VAL A 4004 27.00 -26.90 18.00
N GLU A 4005 27.47 -25.80 18.61
CA GLU A 4005 28.90 -25.56 18.67
C GLU A 4005 29.60 -26.61 19.51
N SER A 4006 28.99 -27.00 20.63
CA SER A 4006 29.56 -27.98 21.55
C SER A 4006 28.93 -29.37 21.37
N SER A 4007 28.52 -29.71 20.15
CA SER A 4007 27.84 -30.98 19.90
C SER A 4007 28.65 -32.17 20.42
N ASN A 4008 29.94 -32.23 20.08
CA ASN A 4008 30.75 -33.38 20.47
C ASN A 4008 30.89 -33.49 21.98
N ASN A 4009 31.13 -32.37 22.66
CA ASN A 4009 31.33 -32.41 24.10
C ASN A 4009 30.07 -32.85 24.84
N VAL A 4010 28.92 -32.26 24.48
CA VAL A 4010 27.67 -32.64 25.15
C VAL A 4010 27.29 -34.06 24.78
N GLU A 4011 27.61 -34.50 23.55
CA GLU A 4011 27.37 -35.89 23.17
C GLU A 4011 28.18 -36.83 24.06
N MET A 4012 29.45 -36.51 24.29
CA MET A 4012 30.27 -37.34 25.17
C MET A 4012 29.73 -37.33 26.59
N ILE A 4013 29.28 -36.17 27.07
CA ILE A 4013 28.73 -36.08 28.41
C ILE A 4013 27.47 -36.94 28.53
N LEU A 4014 26.61 -36.88 27.52
CA LEU A 4014 25.37 -37.65 27.56
C LEU A 4014 25.64 -39.14 27.48
N LYS A 4015 26.61 -39.56 26.67
CA LYS A 4015 27.02 -40.96 26.67
C LYS A 4015 27.58 -41.39 28.02
N PHE A 4016 28.43 -40.58 28.64
CA PHE A 4016 28.92 -40.89 29.97
C PHE A 4016 27.81 -40.97 31.01
N PHE A 4017 26.76 -40.15 30.86
CA PHE A 4017 25.64 -40.16 31.79
C PHE A 4017 24.75 -41.38 31.62
N ASP A 4018 24.30 -41.68 30.40
CA ASP A 4018 23.44 -42.83 30.20
C ASP A 4018 24.21 -44.15 30.22
N MET A 4019 25.54 -44.10 30.22
CA MET A 4019 26.35 -45.30 30.44
C MET A 4019 26.34 -45.74 31.90
N PHE A 4020 26.22 -44.79 32.84
CA PHE A 4020 26.15 -45.09 34.26
C PHE A 4020 24.73 -45.08 34.79
N LEU A 4021 23.78 -44.51 34.04
CA LEU A 4021 22.38 -44.54 34.42
C LEU A 4021 21.75 -45.92 34.26
N LYS A 4022 22.35 -46.79 33.46
CA LYS A 4022 21.91 -48.17 33.31
C LYS A 4022 22.53 -49.09 34.36
N LEU A 4023 23.42 -48.56 35.21
CA LEU A 4023 24.09 -49.39 36.21
C LEU A 4023 23.10 -49.88 37.27
N LYS A 4024 22.10 -49.07 37.61
CA LYS A 4024 21.07 -49.53 38.53
C LYS A 4024 20.30 -50.72 37.97
N ASP A 4025 19.92 -50.66 36.70
CA ASP A 4025 19.24 -51.80 36.07
C ASP A 4025 20.15 -53.00 36.02
N LEU A 4026 21.43 -52.80 35.71
CA LEU A 4026 22.38 -53.91 35.66
C LEU A 4026 22.50 -54.58 37.01
N THR A 4027 22.59 -53.78 38.09
CA THR A 4027 22.71 -54.33 39.43
C THR A 4027 21.42 -55.04 39.85
N SER A 4028 20.28 -54.47 39.51
CA SER A 4028 18.99 -55.05 39.90
C SER A 4028 18.57 -56.22 39.01
N SER A 4029 19.29 -56.49 37.93
CA SER A 4029 18.97 -57.63 37.08
C SER A 4029 19.17 -58.93 37.85
N ASP A 4030 18.32 -59.92 37.52
CA ASP A 4030 18.41 -61.22 38.19
C ASP A 4030 19.70 -61.95 37.84
N THR A 4031 20.27 -61.66 36.67
CA THR A 4031 21.55 -62.25 36.31
C THR A 4031 22.65 -61.82 37.28
N PHE A 4032 22.64 -60.54 37.67
CA PHE A 4032 23.57 -60.07 38.69
C PHE A 4032 23.20 -60.62 40.07
N LYS A 4033 21.91 -60.80 40.35
CA LYS A 4033 21.50 -61.33 41.64
C LYS A 4033 22.00 -62.75 41.84
N GLU A 4034 21.93 -63.59 40.80
CA GLU A 4034 22.40 -64.96 40.93
C GLU A 4034 23.93 -65.03 40.94
N TYR A 4035 24.58 -64.03 40.33
CA TYR A 4035 26.03 -63.89 40.49
C TYR A 4035 26.40 -63.56 41.93
N ASP A 4036 25.61 -62.69 42.57
CA ASP A 4036 25.89 -62.23 43.93
C ASP A 4036 24.66 -62.45 44.81
N PRO A 4037 24.47 -63.67 45.32
CA PRO A 4037 23.38 -63.92 46.28
C PRO A 4037 23.71 -63.53 47.72
N ASP A 4038 24.90 -62.99 47.96
CA ASP A 4038 25.33 -62.66 49.31
C ASP A 4038 24.83 -61.28 49.72
N GLY A 4039 24.49 -61.15 51.01
CA GLY A 4039 24.07 -59.86 51.52
C GLY A 4039 25.20 -58.84 51.55
N LYS A 4040 26.42 -59.30 51.80
CA LYS A 4040 27.57 -58.39 51.85
C LYS A 4040 27.80 -57.71 50.51
N GLY A 4041 27.54 -58.41 49.40
CA GLY A 4041 27.49 -57.79 48.11
C GLY A 4041 28.81 -57.55 47.41
N VAL A 4042 29.93 -57.98 47.99
CA VAL A 4042 31.22 -57.78 47.34
C VAL A 4042 31.36 -58.79 46.20
N ILE A 4043 31.08 -58.35 44.98
CA ILE A 4043 31.04 -59.25 43.83
C ILE A 4043 32.43 -59.36 43.20
N SER A 4044 32.70 -60.53 42.64
CA SER A 4044 33.97 -60.78 41.96
C SER A 4044 34.08 -59.96 40.69
N LYS A 4045 35.32 -59.56 40.38
CA LYS A 4045 35.58 -58.79 39.17
C LYS A 4045 35.19 -59.58 37.93
N ARG A 4046 35.52 -60.87 37.90
CA ARG A 4046 35.16 -61.71 36.76
C ARG A 4046 33.64 -61.81 36.62
N ASP A 4047 32.93 -61.96 37.73
CA ASP A 4047 31.48 -62.04 37.68
C ASP A 4047 30.88 -60.74 37.15
N PHE A 4048 31.36 -59.61 37.62
CA PHE A 4048 30.85 -58.32 37.15
C PHE A 4048 31.16 -58.12 35.67
N HIS A 4049 32.38 -58.49 35.26
CA HIS A 4049 32.77 -58.39 33.86
C HIS A 4049 31.88 -59.24 32.95
N LYS A 4050 31.65 -60.51 33.31
CA LYS A 4050 30.80 -61.36 32.48
C LYS A 4050 29.34 -60.92 32.52
N ALA A 4051 28.87 -60.39 33.65
CA ALA A 4051 27.53 -59.86 33.72
C ALA A 4051 27.36 -58.68 32.76
N MET A 4052 28.43 -57.92 32.57
CA MET A 4052 28.32 -56.72 31.74
C MET A 4052 28.14 -57.04 30.26
N GLU A 4053 28.41 -58.28 29.84
CA GLU A 4053 27.98 -58.65 28.49
C GLU A 4053 26.76 -59.56 28.51
N SER A 4054 26.52 -60.28 29.61
CA SER A 4054 25.31 -61.09 29.70
C SER A 4054 24.07 -60.20 29.74
N HIS A 4055 24.22 -58.97 30.24
CA HIS A 4055 23.09 -58.04 30.28
C HIS A 4055 22.67 -57.61 28.87
N LYS A 4056 23.59 -57.69 27.91
CA LYS A 4056 23.32 -57.49 26.49
C LYS A 4056 22.92 -56.06 26.14
N HIS A 4057 22.93 -55.17 27.13
CA HIS A 4057 22.65 -53.75 26.87
C HIS A 4057 23.89 -52.89 26.99
N TYR A 4058 25.04 -53.47 27.32
CA TYR A 4058 26.32 -52.75 27.37
C TYR A 4058 27.21 -53.26 26.26
N THR A 4059 27.71 -52.34 25.43
CA THR A 4059 28.61 -52.72 24.36
C THR A 4059 29.98 -53.07 24.94
N GLN A 4060 30.88 -53.52 24.05
CA GLN A 4060 32.22 -53.91 24.49
C GLN A 4060 33.03 -52.69 24.95
N SER A 4061 32.85 -51.56 24.26
CA SER A 4061 33.53 -50.34 24.66
C SER A 4061 33.07 -49.89 26.05
N GLU A 4062 31.76 -49.91 26.30
CA GLU A 4062 31.25 -49.58 27.62
C GLU A 4062 31.73 -50.59 28.66
N THR A 4063 31.81 -51.86 28.27
CA THR A 4063 32.32 -52.90 29.15
C THR A 4063 33.75 -52.60 29.59
N GLU A 4064 34.63 -52.31 28.64
CA GLU A 4064 36.03 -52.06 28.99
C GLU A 4064 36.17 -50.74 29.74
N PHE A 4065 35.33 -49.75 29.42
CA PHE A 4065 35.41 -48.49 30.16
C PHE A 4065 34.98 -48.66 31.61
N LEU A 4066 33.90 -49.39 31.87
CA LEU A 4066 33.50 -49.67 33.24
C LEU A 4066 34.52 -50.54 33.97
N LEU A 4067 35.17 -51.48 33.26
CA LEU A 4067 36.21 -52.27 33.89
C LEU A 4067 37.39 -51.39 34.30
N SER A 4068 37.78 -50.44 33.43
CA SER A 4068 38.86 -49.52 33.77
C SER A 4068 38.46 -48.61 34.94
N CYS A 4069 37.21 -48.16 34.94
CA CYS A 4069 36.68 -47.28 35.99
C CYS A 4069 36.37 -48.04 37.28
N ALA A 4070 36.66 -49.32 37.34
CA ALA A 4070 36.33 -50.16 38.50
C ALA A 4070 37.60 -50.39 39.30
N GLU A 4071 37.63 -49.86 40.52
CA GLU A 4071 38.76 -50.08 41.41
C GLU A 4071 38.59 -51.42 42.11
N THR A 4072 39.68 -52.18 42.19
CA THR A 4072 39.68 -53.50 42.82
C THR A 4072 40.80 -53.59 43.83
N ASP A 4073 40.55 -54.34 44.90
CA ASP A 4073 41.55 -54.54 45.94
C ASP A 4073 42.49 -55.69 45.55
N GLU A 4074 43.34 -56.07 46.50
CA GLU A 4074 44.25 -57.19 46.30
C GLU A 4074 43.48 -58.49 46.19
N ASN A 4075 42.26 -58.53 46.70
CA ASN A 4075 41.37 -59.69 46.64
C ASN A 4075 40.75 -59.90 45.26
N GLU A 4076 40.93 -58.95 44.35
CA GLU A 4076 40.38 -59.04 43.00
C GLU A 4076 38.86 -59.16 43.05
N THR A 4077 38.23 -58.13 43.61
CA THR A 4077 36.78 -58.09 43.79
C THR A 4077 36.33 -56.65 43.97
N LEU A 4078 35.03 -56.43 43.84
CA LEU A 4078 34.46 -55.08 43.87
C LEU A 4078 33.09 -55.13 44.53
N ASP A 4079 32.71 -54.00 45.13
CA ASP A 4079 31.39 -53.84 45.75
C ASP A 4079 30.52 -53.02 44.81
N TYR A 4080 29.49 -53.66 44.25
CA TYR A 4080 28.61 -52.95 43.33
C TYR A 4080 27.87 -51.83 44.04
N GLU A 4081 27.63 -51.97 45.34
CA GLU A 4081 26.96 -50.93 46.09
C GLU A 4081 27.77 -49.64 46.10
N GLU A 4082 29.05 -49.73 46.45
CA GLU A 4082 29.89 -48.53 46.46
C GLU A 4082 30.10 -48.02 45.04
N PHE A 4083 30.22 -48.93 44.07
CA PHE A 4083 30.34 -48.52 42.67
C PHE A 4083 29.16 -47.66 42.24
N VAL A 4084 27.93 -48.15 42.50
CA VAL A 4084 26.74 -47.46 42.03
C VAL A 4084 26.52 -46.17 42.80
N LYS A 4085 26.76 -46.18 44.11
CA LYS A 4085 26.59 -44.94 44.87
C LYS A 4085 27.64 -43.91 44.47
N ARG A 4086 28.79 -44.38 43.96
CA ARG A 4086 29.84 -43.46 43.54
C ARG A 4086 29.51 -42.84 42.18
N PHE A 4087 28.92 -43.61 41.27
CA PHE A 4087 28.70 -43.11 39.90
C PHE A 4087 27.27 -42.65 39.63
N HIS A 4088 26.27 -43.47 39.93
CA HIS A 4088 24.90 -43.24 39.49
C HIS A 4088 24.31 -41.92 40.01
N GLU A 4089 24.51 -41.63 41.30
CA GLU A 4089 23.82 -40.51 41.92
C GLU A 4089 24.15 -39.17 41.27
N PRO A 4090 25.43 -38.81 41.09
CA PRO A 4090 25.72 -37.59 40.31
C PRO A 4090 25.18 -37.66 38.89
N ALA A 4091 25.24 -38.84 38.28
CA ALA A 4091 24.73 -39.00 36.93
C ALA A 4091 23.25 -38.70 36.85
N LYS A 4092 22.44 -39.28 37.74
CA LYS A 4092 21.01 -38.96 37.76
C LYS A 4092 20.77 -37.49 38.08
N ASP A 4093 21.50 -36.95 39.06
CA ASP A 4093 21.27 -35.57 39.50
C ASP A 4093 21.50 -34.59 38.37
N ILE A 4094 22.54 -34.79 37.57
CA ILE A 4094 22.83 -33.85 36.49
C ILE A 4094 22.02 -34.20 35.25
N GLY A 4095 21.73 -35.48 35.03
CA GLY A 4095 20.97 -35.89 33.87
C GLY A 4095 19.54 -35.37 33.90
N PHE A 4096 18.95 -35.30 35.09
CA PHE A 4096 17.61 -34.72 35.19
C PHE A 4096 17.62 -33.26 34.75
N ASN A 4097 18.62 -32.48 35.19
CA ASN A 4097 18.70 -31.09 34.80
C ASN A 4097 18.95 -30.94 33.30
N VAL A 4098 19.82 -31.80 32.74
CA VAL A 4098 20.07 -31.75 31.30
C VAL A 4098 18.80 -32.08 30.52
N ALA A 4099 18.05 -33.09 30.97
CA ALA A 4099 16.78 -33.43 30.34
C ALA A 4099 15.76 -32.32 30.44
N VAL A 4100 15.67 -31.64 31.58
CA VAL A 4100 14.77 -30.50 31.71
C VAL A 4100 15.17 -29.40 30.74
N LEU A 4101 16.46 -29.09 30.66
CA LEU A 4101 16.94 -28.07 29.74
C LEU A 4101 16.58 -28.40 28.30
N LEU A 4102 16.88 -29.62 27.86
CA LEU A 4102 16.58 -30.06 26.51
C LEU A 4102 15.10 -30.10 26.20
N THR A 4103 14.27 -30.58 27.13
CA THR A 4103 12.83 -30.61 26.92
C THR A 4103 12.26 -29.19 26.81
N ASN A 4104 12.75 -28.27 27.66
CA ASN A 4104 12.30 -26.89 27.58
C ASN A 4104 12.66 -26.27 26.23
N LEU A 4105 13.91 -26.49 25.79
CA LEU A 4105 14.32 -25.96 24.50
C LEU A 4105 13.48 -26.53 23.37
N SER A 4106 13.26 -27.85 23.37
CA SER A 4106 12.50 -28.49 22.31
C SER A 4106 11.07 -28.00 22.28
N GLU A 4107 10.44 -27.83 23.45
CA GLU A 4107 9.05 -27.38 23.48
C GLU A 4107 8.93 -25.92 23.06
N HIS A 4108 9.88 -25.08 23.49
CA HIS A 4108 9.78 -23.66 23.16
C HIS A 4108 10.10 -23.39 21.70
N MET A 4109 10.98 -24.20 21.09
CA MET A 4109 11.25 -24.10 19.66
C MET A 4109 10.91 -25.42 18.99
N PRO A 4110 9.77 -25.53 18.31
CA PRO A 4110 9.33 -26.84 17.83
C PRO A 4110 9.92 -27.25 16.48
N ASN A 4111 10.49 -26.31 15.73
CA ASN A 4111 10.90 -26.57 14.36
C ASN A 4111 12.32 -26.07 14.08
N ASP A 4112 13.26 -26.41 14.96
CA ASP A 4112 14.67 -26.11 14.74
C ASP A 4112 15.40 -27.41 14.40
N THR A 4113 15.79 -27.56 13.12
CA THR A 4113 16.32 -28.83 12.64
C THR A 4113 17.53 -29.27 13.45
N ARG A 4114 18.44 -28.33 13.74
CA ARG A 4114 19.57 -28.66 14.60
C ARG A 4114 19.10 -29.13 15.97
N LEU A 4115 18.02 -28.53 16.48
CA LEU A 4115 17.49 -28.95 17.77
C LEU A 4115 16.99 -30.39 17.73
N GLN A 4116 16.23 -30.77 16.69
CA GLN A 4116 15.79 -32.16 16.62
C GLN A 4116 16.97 -33.12 16.45
N THR A 4117 17.96 -32.74 15.63
CA THR A 4117 19.13 -33.61 15.50
C THR A 4117 19.82 -33.83 16.85
N PHE A 4118 20.08 -32.75 17.58
CA PHE A 4118 20.71 -32.88 18.88
C PHE A 4118 19.81 -33.67 19.83
N LEU A 4119 18.50 -33.59 19.64
CA LEU A 4119 17.58 -34.42 20.41
C LEU A 4119 17.75 -35.90 20.12
N GLU A 4120 17.87 -36.30 18.85
CA GLU A 4120 18.12 -37.72 18.59
C GLU A 4120 19.48 -38.16 19.12
N LEU A 4121 20.47 -37.25 19.13
CA LEU A 4121 21.68 -37.59 19.88
C LEU A 4121 21.40 -37.74 21.38
N ALA A 4122 20.40 -37.03 21.91
CA ALA A 4122 20.07 -37.09 23.33
C ALA A 4122 18.82 -37.92 23.62
N GLU A 4123 18.60 -39.02 22.89
CA GLU A 4123 17.37 -39.80 23.08
C GLU A 4123 17.36 -40.55 24.40
N SER A 4124 18.46 -41.25 24.72
CA SER A 4124 18.44 -42.22 25.81
C SER A 4124 18.14 -41.56 27.15
N VAL A 4125 18.82 -40.44 27.44
CA VAL A 4125 18.62 -39.77 28.73
C VAL A 4125 17.19 -39.23 28.83
N LEU A 4126 16.67 -38.68 27.73
CA LEU A 4126 15.31 -38.17 27.74
C LEU A 4126 14.30 -39.30 27.97
N ASN A 4127 14.50 -40.45 27.33
CA ASN A 4127 13.63 -41.59 27.55
C ASN A 4127 13.70 -42.10 28.98
N TYR A 4128 14.90 -42.11 29.56
CA TYR A 4128 15.03 -42.56 30.95
C TYR A 4128 14.35 -41.60 31.92
N PHE A 4129 14.48 -40.28 31.69
CA PHE A 4129 13.98 -39.29 32.62
C PHE A 4129 12.55 -38.83 32.30
N GLN A 4130 11.93 -39.39 31.26
CA GLN A 4130 10.55 -39.00 30.93
C GLN A 4130 9.57 -39.31 32.06
N PRO A 4131 9.56 -40.51 32.67
CA PRO A 4131 8.61 -40.74 33.77
C PRO A 4131 8.80 -39.81 34.95
N PHE A 4132 10.04 -39.40 35.24
CA PHE A 4132 10.32 -38.52 36.37
C PHE A 4132 10.24 -37.05 36.01
N LEU A 4133 9.88 -36.72 34.78
CA LEU A 4133 9.76 -35.34 34.32
C LEU A 4133 8.29 -34.97 34.19
N GLY A 4134 7.90 -33.85 34.81
CA GLY A 4134 6.55 -33.35 34.73
C GLY A 4134 6.52 -31.92 34.24
N ARG A 4135 5.43 -31.57 33.57
CA ARG A 4135 5.26 -30.24 32.99
C ARG A 4135 3.87 -29.74 33.29
N ILE A 4136 3.78 -28.47 33.69
CA ILE A 4136 2.50 -27.80 33.91
C ILE A 4136 2.58 -26.42 33.28
N GLU A 4137 1.41 -25.80 33.14
CA GLU A 4137 1.31 -24.44 32.60
C GLU A 4137 0.69 -23.56 33.67
N ILE A 4138 1.36 -22.46 33.99
CA ILE A 4138 0.92 -21.54 35.03
C ILE A 4138 0.65 -20.18 34.41
N MET A 4139 -0.07 -19.34 35.15
CA MET A 4139 -0.39 -17.99 34.71
C MET A 4139 0.73 -17.09 35.23
N GLY A 4140 1.74 -16.85 34.40
CA GLY A 4140 2.97 -16.20 34.85
C GLY A 4140 2.84 -14.74 35.24
N SER A 4141 3.86 -14.22 35.92
CA SER A 4141 3.87 -12.83 36.37
C SER A 4141 3.92 -11.84 35.21
N ALA A 4142 4.49 -12.23 34.07
CA ALA A 4142 4.54 -11.36 32.91
C ALA A 4142 3.23 -11.31 32.14
N LYS A 4143 2.12 -11.73 32.75
CA LYS A 4143 0.82 -11.84 32.10
C LYS A 4143 0.91 -12.73 30.88
N ARG A 4144 1.68 -13.82 31.00
CA ARG A 4144 1.81 -14.83 29.96
C ARG A 4144 1.77 -16.22 30.58
N ILE A 4145 1.37 -17.19 29.77
CA ILE A 4145 1.34 -18.59 30.20
C ILE A 4145 2.73 -19.18 30.02
N GLU A 4146 3.29 -19.73 31.10
CA GLU A 4146 4.64 -20.28 31.09
C GLU A 4146 4.60 -21.71 31.61
N ARG A 4147 5.55 -22.51 31.14
CA ARG A 4147 5.64 -23.91 31.50
C ARG A 4147 6.67 -24.12 32.60
N VAL A 4148 6.31 -24.95 33.58
CA VAL A 4148 7.17 -25.26 34.72
C VAL A 4148 7.55 -26.72 34.66
N TYR A 4149 8.85 -27.00 34.72
CA TYR A 4149 9.38 -28.35 34.69
C TYR A 4149 9.99 -28.70 36.04
N PHE A 4150 9.59 -29.82 36.60
CA PHE A 4150 9.96 -30.22 37.95
C PHE A 4150 10.16 -31.73 38.02
N GLU A 4151 10.50 -32.21 39.20
CA GLU A 4151 10.91 -33.60 39.40
C GLU A 4151 9.73 -34.42 39.92
N ILE A 4152 9.40 -35.49 39.21
CA ILE A 4152 8.42 -36.46 39.69
C ILE A 4152 9.15 -37.57 40.43
N SER A 4153 8.81 -37.77 41.70
CA SER A 4153 9.47 -38.81 42.46
C SER A 4153 8.76 -40.15 42.28
N GLU A 4154 9.56 -41.21 42.29
CA GLU A 4154 9.05 -42.56 42.07
C GLU A 4154 8.04 -42.94 43.14
N SER A 4155 8.34 -42.60 44.40
CA SER A 4155 7.41 -42.89 45.49
C SER A 4155 6.08 -42.18 45.28
N SER A 4156 6.13 -40.89 44.91
CA SER A 4156 4.90 -40.15 44.69
C SER A 4156 4.09 -40.74 43.55
N ARG A 4157 4.75 -41.11 42.44
CA ARG A 4157 4.02 -41.69 41.32
C ARG A 4157 3.39 -43.03 41.70
N THR A 4158 4.11 -43.88 42.43
CA THR A 4158 3.53 -45.15 42.84
C THR A 4158 2.34 -44.95 43.78
N GLN A 4159 2.48 -44.07 44.78
CA GLN A 4159 1.37 -43.81 45.69
C GLN A 4159 0.17 -43.22 44.94
N TRP A 4160 0.44 -42.41 43.91
CA TRP A 4160 -0.65 -41.87 43.10
C TRP A 4160 -1.34 -42.96 42.30
N GLU A 4161 -0.56 -43.90 41.76
CA GLU A 4161 -1.11 -44.99 40.97
C GLU A 4161 -1.73 -46.09 41.82
N LYS A 4162 -1.58 -46.04 43.14
CA LYS A 4162 -2.27 -47.01 43.98
C LYS A 4162 -3.79 -46.84 43.84
N PRO A 4163 -4.54 -47.95 43.89
CA PRO A 4163 -5.98 -47.87 43.54
C PRO A 4163 -6.81 -47.00 44.47
N GLN A 4164 -6.49 -46.95 45.76
CA GLN A 4164 -7.31 -46.16 46.69
C GLN A 4164 -7.26 -44.68 46.35
N VAL A 4165 -6.06 -44.18 45.99
CA VAL A 4165 -5.94 -42.81 45.53
C VAL A 4165 -6.73 -42.58 44.24
N LYS A 4166 -6.78 -43.57 43.36
CA LYS A 4166 -7.59 -43.45 42.14
C LYS A 4166 -9.07 -43.34 42.47
N GLU A 4167 -9.56 -44.13 43.42
CA GLU A 4167 -10.94 -44.02 43.85
C GLU A 4167 -11.21 -42.65 44.47
N SER A 4168 -10.27 -42.15 45.26
CA SER A 4168 -10.42 -40.82 45.83
C SER A 4168 -10.49 -39.76 44.74
N LYS A 4169 -9.65 -39.89 43.71
CA LYS A 4169 -9.70 -38.98 42.58
C LYS A 4169 -11.05 -39.01 41.88
N ARG A 4170 -11.58 -40.22 41.64
CA ARG A 4170 -12.88 -40.33 40.99
C ARG A 4170 -13.97 -39.69 41.83
N GLN A 4171 -13.96 -39.93 43.15
CA GLN A 4171 -14.96 -39.33 44.02
C GLN A 4171 -14.86 -37.81 44.03
N PHE A 4172 -13.64 -37.28 44.10
CA PHE A 4172 -13.44 -35.84 44.07
C PHE A 4172 -13.91 -35.23 42.75
N ILE A 4173 -13.61 -35.86 41.62
CA ILE A 4173 -14.09 -35.36 40.34
C ILE A 4173 -15.62 -35.37 40.28
N PHE A 4174 -16.24 -36.47 40.72
CA PHE A 4174 -17.70 -36.54 40.72
C PHE A 4174 -18.29 -35.42 41.58
N ASP A 4175 -17.73 -35.19 42.76
CA ASP A 4175 -18.25 -34.16 43.65
C ASP A 4175 -18.09 -32.77 43.05
N VAL A 4176 -16.89 -32.46 42.55
CA VAL A 4176 -16.63 -31.10 42.06
C VAL A 4176 -17.43 -30.84 40.77
N VAL A 4177 -17.79 -31.91 40.05
CA VAL A 4177 -18.58 -31.71 38.85
C VAL A 4177 -20.06 -31.53 39.20
N ASN A 4178 -20.58 -32.34 40.12
CA ASN A 4178 -22.02 -32.32 40.39
C ASN A 4178 -22.42 -31.20 41.33
N GLU A 4179 -21.72 -31.01 42.45
CA GLU A 4179 -22.07 -29.97 43.42
C GLU A 4179 -20.93 -28.98 43.58
N GLY A 4180 -20.26 -28.67 42.48
CA GLY A 4180 -19.16 -27.72 42.50
C GLY A 4180 -19.47 -26.52 41.64
N GLY A 4181 -18.89 -25.38 42.03
CA GLY A 4181 -19.05 -24.13 41.30
C GLY A 4181 -17.70 -23.59 40.90
N GLU A 4182 -17.69 -22.76 39.84
CA GLU A 4182 -16.44 -22.22 39.32
C GLU A 4182 -15.76 -21.28 40.31
N LYS A 4183 -16.54 -20.71 41.24
CA LYS A 4183 -15.96 -19.85 42.27
C LYS A 4183 -14.95 -20.60 43.14
N GLU A 4184 -15.31 -21.77 43.63
CA GLU A 4184 -14.44 -22.54 44.51
C GLU A 4184 -14.05 -23.89 43.93
N LYS A 4185 -14.20 -24.08 42.61
CA LYS A 4185 -13.76 -25.33 41.99
C LYS A 4185 -12.28 -25.55 42.22
N MET A 4186 -11.46 -24.54 41.92
CA MET A 4186 -10.03 -24.70 42.01
C MET A 4186 -9.53 -24.69 43.45
N GLU A 4187 -10.22 -23.97 44.34
CA GLU A 4187 -10.02 -24.11 45.79
C GLU A 4187 -10.25 -25.53 46.26
N LEU A 4188 -11.35 -26.16 45.82
CA LEU A 4188 -11.59 -27.56 46.17
C LEU A 4188 -10.52 -28.46 45.58
N PHE A 4189 -10.06 -28.14 44.36
CA PHE A 4189 -8.98 -28.91 43.76
C PHE A 4189 -7.71 -28.82 44.60
N VAL A 4190 -7.37 -27.62 45.09
CA VAL A 4190 -6.20 -27.46 45.94
C VAL A 4190 -6.37 -28.20 47.26
N ASN A 4191 -7.57 -28.15 47.86
CA ASN A 4191 -7.81 -28.89 49.10
C ASN A 4191 -7.66 -30.39 48.89
N PHE A 4192 -8.22 -30.91 47.80
CA PHE A 4192 -8.07 -32.33 47.48
C PHE A 4192 -6.61 -32.68 47.24
N CYS A 4193 -5.88 -31.81 46.56
CA CYS A 4193 -4.46 -32.05 46.31
C CYS A 4193 -3.67 -32.12 47.62
N GLU A 4194 -3.95 -31.20 48.55
CA GLU A 4194 -3.27 -31.22 49.84
C GLU A 4194 -3.60 -32.47 50.64
N ASP A 4195 -4.88 -32.85 50.69
CA ASP A 4195 -5.26 -34.06 51.43
C ASP A 4195 -4.62 -35.29 50.82
N THR A 4196 -4.63 -35.39 49.49
CA THR A 4196 -4.03 -36.51 48.79
C THR A 4196 -2.52 -36.57 48.98
N ILE A 4197 -1.85 -35.41 48.97
CA ILE A 4197 -0.42 -35.38 49.28
C ILE A 4197 -0.15 -35.87 50.69
N PHE A 4198 -0.95 -35.43 51.66
CA PHE A 4198 -0.74 -35.90 53.03
C PHE A 4198 -0.92 -37.41 53.14
N GLU A 4199 -1.97 -37.95 52.52
CA GLU A 4199 -2.20 -39.39 52.62
C GLU A 4199 -1.17 -40.20 51.86
N MET A 4200 -0.68 -39.74 50.70
CA MET A 4200 0.43 -40.43 50.05
C MET A 4200 1.72 -40.37 50.84
N GLN A 4201 2.04 -39.23 51.46
CA GLN A 4201 3.20 -39.15 52.34
C GLN A 4201 3.08 -40.06 53.55
N LEU A 4202 1.87 -40.24 54.09
CA LEU A 4202 1.68 -41.19 55.17
C LEU A 4202 1.82 -42.63 54.69
N ALA A 4203 1.23 -42.96 53.53
CA ALA A 4203 1.30 -44.33 53.01
C ALA A 4203 2.73 -44.74 52.66
N ALA A 4204 3.49 -43.87 52.00
CA ALA A 4204 4.88 -44.19 51.69
C ALA A 4204 5.71 -44.34 52.96
N GLN A 4205 5.44 -43.49 53.96
CA GLN A 4205 6.17 -43.58 55.22
C GLN A 4205 5.89 -44.89 55.93
N ILE A 4206 4.62 -45.31 55.98
CA ILE A 4206 4.29 -46.54 56.70
C ILE A 4206 4.74 -47.76 55.91
N SER A 4207 4.78 -47.67 54.59
CA SER A 4207 5.23 -48.80 53.78
C SER A 4207 6.73 -48.99 53.90
N GLU A 4208 7.15 -50.18 54.33
CA GLU A 4208 8.55 -50.52 54.50
C GLU A 4208 8.86 -51.81 53.75
N SER A 4209 10.07 -51.88 53.20
CA SER A 4209 10.50 -53.06 52.46
C SER A 4209 11.88 -53.53 52.93
N SER A 4237 -5.36 -72.66 40.24
CA SER A 4237 -5.81 -72.66 38.85
C SER A 4237 -4.82 -73.42 37.97
N ILE A 4238 -3.58 -73.52 38.42
CA ILE A 4238 -2.56 -74.22 37.65
C ILE A 4238 -2.90 -75.71 37.55
N LEU A 4239 -3.53 -76.27 38.58
CA LEU A 4239 -3.97 -77.65 38.51
C LEU A 4239 -5.03 -77.85 37.43
N THR A 4240 -5.98 -76.92 37.35
CA THR A 4240 -7.00 -76.97 36.30
C THR A 4240 -6.39 -76.80 34.92
N VAL A 4241 -5.43 -75.90 34.77
CA VAL A 4241 -4.76 -75.74 33.48
C VAL A 4241 -4.03 -77.02 33.09
N ARG A 4242 -3.32 -77.63 34.04
CA ARG A 4242 -2.62 -78.88 33.77
C ARG A 4242 -3.58 -79.98 33.35
N SER A 4243 -4.71 -80.11 34.05
CA SER A 4243 -5.70 -81.12 33.70
C SER A 4243 -6.31 -80.87 32.32
N ALA A 4244 -6.73 -79.64 32.04
CA ALA A 4244 -7.36 -79.29 30.78
C ALA A 4244 -6.40 -79.34 29.60
N LEU A 4245 -5.09 -79.22 29.85
CA LEU A 4245 -4.09 -79.35 28.80
C LEU A 4245 -3.71 -80.80 28.57
N PHE A 4246 -3.58 -81.59 29.64
CA PHE A 4246 -3.32 -83.01 29.49
C PHE A 4246 -4.47 -83.70 28.77
N ALA A 4247 -5.72 -83.33 29.09
CA ALA A 4247 -6.86 -83.92 28.40
C ALA A 4247 -6.86 -83.54 26.92
N LEU A 4248 -6.66 -82.26 26.61
CA LEU A 4248 -6.63 -81.80 25.23
C LEU A 4248 -5.46 -82.38 24.43
N ARG A 4249 -4.39 -82.80 25.09
CA ARG A 4249 -3.34 -83.53 24.39
C ARG A 4249 -3.75 -84.97 24.18
N TYR A 4250 -4.07 -85.68 25.27
CA TYR A 4250 -4.28 -87.12 25.22
C TYR A 4250 -5.46 -87.53 24.33
N ASN A 4251 -6.57 -86.79 24.42
CA ASN A 4251 -7.73 -87.15 23.61
C ASN A 4251 -7.42 -87.02 22.12
N ILE A 4252 -6.68 -85.98 21.74
CA ILE A 4252 -6.31 -85.81 20.34
C ILE A 4252 -5.29 -86.86 19.92
N LEU A 4253 -4.41 -87.26 20.83
CA LEU A 4253 -3.50 -88.36 20.53
C LEU A 4253 -4.27 -89.65 20.25
N THR A 4254 -5.28 -89.95 21.07
CA THR A 4254 -6.10 -91.13 20.79
C THR A 4254 -6.89 -90.97 19.49
N LEU A 4255 -7.30 -89.75 19.18
CA LEU A 4255 -8.02 -89.50 17.93
C LEU A 4255 -7.13 -89.81 16.72
N MET A 4256 -5.87 -89.39 16.78
CA MET A 4256 -4.93 -89.61 15.68
C MET A 4256 -4.20 -90.94 15.79
N ARG A 4257 -4.48 -91.71 16.84
CA ARG A 4257 -3.77 -92.97 17.07
C ARG A 4257 -4.05 -93.98 15.98
N MET A 4258 -5.28 -93.99 15.45
CA MET A 4258 -5.61 -94.97 14.41
C MET A 4258 -4.91 -94.64 13.11
N LEU A 4259 -4.80 -93.34 12.77
CA LEU A 4259 -3.95 -92.95 11.64
C LEU A 4259 -2.49 -93.31 11.89
N SER A 4260 -2.03 -93.16 13.15
CA SER A 4260 -0.65 -93.53 13.47
C SER A 4260 -0.41 -95.01 13.25
N LEU A 4261 -1.36 -95.86 13.64
CA LEU A 4261 -1.28 -97.29 13.42
C LEU A 4261 -1.54 -97.67 11.96
N LYS A 4262 -2.12 -96.76 11.17
CA LYS A 4262 -2.53 -97.04 9.80
C LYS A 4262 -3.64 -98.09 9.81
N SER A 4263 -4.72 -97.77 10.52
CA SER A 4263 -5.89 -98.63 10.61
C SER A 4263 -6.91 -98.34 9.51
N LEU A 4264 -6.60 -97.43 8.59
CA LEU A 4264 -7.48 -97.10 7.48
C LEU A 4264 -7.37 -98.11 6.34
N LYS A 4265 -6.44 -99.07 6.45
CA LYS A 4265 -6.33 -100.11 5.43
C LYS A 4265 -7.58 -100.99 5.38
N LYS A 4266 -8.31 -101.10 6.49
CA LYS A 4266 -9.58 -101.82 6.46
C LYS A 4266 -10.60 -101.11 5.60
N GLN A 4267 -10.70 -99.78 5.71
CA GLN A 4267 -11.61 -99.03 4.85
C GLN A 4267 -11.06 -98.85 3.45
N MET A 4268 -9.78 -99.16 3.24
CA MET A 4268 -9.18 -99.03 1.91
C MET A 4268 -9.88 -99.86 0.86
N LYS A 4269 -10.19 -101.14 1.16
CA LYS A 4269 -10.79 -102.01 0.16
C LYS A 4269 -12.18 -101.54 -0.22
N LYS A 4270 -12.93 -100.99 0.73
CA LYS A 4270 -14.23 -100.40 0.43
C LYS A 4270 -14.10 -99.06 -0.29
N VAL A 4271 -13.05 -98.29 -0.01
CA VAL A 4271 -12.79 -97.03 -0.71
C VAL A 4271 -12.47 -97.32 -2.17
N LYS A 4272 -11.91 -98.51 -2.43
CA LYS A 4272 -11.61 -98.91 -3.80
C LYS A 4272 -12.85 -98.83 -4.70
N LYS A 4273 -14.04 -98.99 -4.11
CA LYS A 4273 -15.30 -98.80 -4.83
C LYS A 4273 -15.70 -97.32 -4.76
N MET A 4274 -15.11 -96.53 -5.66
CA MET A 4274 -15.41 -95.11 -5.71
C MET A 4274 -16.85 -94.87 -6.15
N THR A 4275 -17.66 -94.38 -5.23
CA THR A 4275 -19.02 -93.95 -5.55
C THR A 4275 -19.49 -92.97 -4.49
N VAL A 4276 -20.49 -92.16 -4.86
CA VAL A 4276 -20.92 -91.05 -4.02
C VAL A 4276 -21.47 -91.55 -2.70
N LYS A 4277 -22.31 -92.59 -2.72
CA LYS A 4277 -22.91 -93.09 -1.50
C LYS A 4277 -21.86 -93.68 -0.56
N ASP A 4278 -20.92 -94.45 -1.12
CA ASP A 4278 -19.87 -95.01 -0.28
C ASP A 4278 -19.02 -93.91 0.35
N MET A 4279 -18.68 -92.88 -0.42
CA MET A 4279 -17.89 -91.78 0.12
C MET A 4279 -18.65 -91.00 1.18
N VAL A 4280 -19.96 -90.77 0.98
CA VAL A 4280 -20.73 -90.01 1.95
C VAL A 4280 -20.85 -90.78 3.25
N THR A 4281 -21.11 -92.09 3.17
CA THR A 4281 -21.13 -92.91 4.38
C THR A 4281 -19.75 -92.97 5.03
N ALA A 4282 -18.68 -92.96 4.23
CA ALA A 4282 -17.34 -93.01 4.79
C ALA A 4282 -17.02 -91.77 5.60
N PHE A 4283 -17.28 -90.58 5.05
CA PHE A 4283 -16.91 -89.40 5.82
C PHE A 4283 -17.92 -89.14 6.94
N PHE A 4284 -19.15 -89.65 6.79
CA PHE A 4284 -20.08 -89.64 7.92
C PHE A 4284 -19.55 -90.50 9.06
N SER A 4285 -18.98 -91.66 8.73
CA SER A 4285 -18.37 -92.51 9.76
C SER A 4285 -17.16 -91.82 10.38
N SER A 4286 -16.38 -91.11 9.58
CA SER A 4286 -15.24 -90.37 10.11
C SER A 4286 -15.69 -89.28 11.08
N TYR A 4287 -16.72 -88.52 10.71
CA TYR A 4287 -17.23 -87.49 11.61
C TYR A 4287 -17.90 -88.09 12.83
N TRP A 4288 -18.48 -89.28 12.68
CA TRP A 4288 -19.04 -90.00 13.83
C TRP A 4288 -17.93 -90.40 14.80
N SER A 4289 -16.79 -90.84 14.26
CA SER A 4289 -15.63 -91.11 15.10
C SER A 4289 -15.14 -89.86 15.81
N ILE A 4290 -15.12 -88.73 15.09
CA ILE A 4290 -14.73 -87.46 15.71
C ILE A 4290 -15.69 -87.11 16.85
N PHE A 4291 -16.98 -87.30 16.61
CA PHE A 4291 -17.99 -86.95 17.61
C PHE A 4291 -17.93 -87.86 18.82
N MET A 4292 -17.66 -89.16 18.62
CA MET A 4292 -17.54 -90.07 19.76
C MET A 4292 -16.27 -89.76 20.55
N THR A 4293 -15.21 -89.34 19.85
CA THR A 4293 -14.02 -88.87 20.57
C THR A 4293 -14.34 -87.62 21.39
N LEU A 4294 -15.15 -86.72 20.84
CA LEU A 4294 -15.59 -85.55 21.59
C LEU A 4294 -16.42 -85.95 22.80
N LEU A 4295 -17.27 -86.98 22.64
CA LEU A 4295 -18.06 -87.49 23.76
C LEU A 4295 -17.17 -88.05 24.85
N HIS A 4296 -16.13 -88.80 24.46
CA HIS A 4296 -15.16 -89.28 25.44
C HIS A 4296 -14.47 -88.11 26.13
N PHE A 4297 -14.14 -87.06 25.38
CA PHE A 4297 -13.50 -85.89 25.97
C PHE A 4297 -14.40 -85.23 27.02
N VAL A 4298 -15.67 -85.02 26.69
CA VAL A 4298 -16.57 -84.33 27.62
C VAL A 4298 -16.87 -85.22 28.82
N ALA A 4299 -16.98 -86.53 28.60
CA ALA A 4299 -17.17 -87.46 29.72
C ALA A 4299 -15.95 -87.48 30.63
N SER A 4300 -14.75 -87.42 30.07
CA SER A 4300 -13.55 -87.36 30.89
C SER A 4300 -13.45 -86.04 31.64
N VAL A 4301 -13.92 -84.95 31.03
CA VAL A 4301 -13.97 -83.66 31.73
C VAL A 4301 -14.89 -83.74 32.93
N PHE A 4302 -16.08 -84.33 32.73
CA PHE A 4302 -17.01 -84.50 33.86
C PHE A 4302 -16.41 -85.42 34.93
N ARG A 4303 -15.73 -86.48 34.52
CA ARG A 4303 -15.11 -87.39 35.48
C ARG A 4303 -14.04 -86.69 36.29
N GLY A 4304 -13.21 -85.86 35.62
CA GLY A 4304 -12.21 -85.11 36.34
C GLY A 4304 -12.80 -84.08 37.28
N PHE A 4305 -13.91 -83.45 36.85
CA PHE A 4305 -14.59 -82.50 37.72
C PHE A 4305 -15.14 -83.19 38.97
N PHE A 4306 -15.73 -84.38 38.79
CA PHE A 4306 -16.20 -85.15 39.94
C PHE A 4306 -15.05 -85.59 40.83
N ARG A 4307 -13.91 -85.95 40.23
CA ARG A 4307 -12.75 -86.33 41.02
C ARG A 4307 -12.23 -85.15 41.86
N ILE A 4308 -12.22 -83.95 41.27
CA ILE A 4308 -11.82 -82.76 42.02
C ILE A 4308 -12.81 -82.47 43.14
N ILE A 4309 -14.11 -82.68 42.87
CA ILE A 4309 -15.12 -82.50 43.92
C ILE A 4309 -14.87 -83.47 45.06
N CYS A 4310 -14.62 -84.74 44.74
CA CYS A 4310 -14.40 -85.76 45.76
C CYS A 4310 -12.92 -86.01 45.98
N PHE A 4480 16.30 -51.40 75.54
CA PHE A 4480 16.39 -49.94 75.65
C PHE A 4480 15.32 -49.25 74.79
N TRP A 4481 15.21 -47.93 74.98
CA TRP A 4481 14.09 -47.18 74.40
C TRP A 4481 14.13 -47.19 72.88
N LYS A 4482 15.30 -46.98 72.28
CA LYS A 4482 15.38 -46.76 70.84
C LYS A 4482 15.04 -48.01 70.04
N LYS A 4483 15.12 -49.20 70.65
CA LYS A 4483 14.78 -50.44 69.95
C LYS A 4483 13.29 -50.74 70.12
N ILE A 4484 12.79 -50.57 71.35
CA ILE A 4484 11.39 -50.90 71.62
C ILE A 4484 10.47 -49.93 70.89
N ILE A 4485 10.83 -48.64 70.84
CA ILE A 4485 10.01 -47.67 70.13
C ILE A 4485 10.02 -47.97 68.63
N ALA A 4486 11.18 -48.38 68.11
CA ALA A 4486 11.26 -48.74 66.70
C ALA A 4486 10.37 -49.94 66.39
N TYR A 4487 10.39 -50.97 67.24
CA TYR A 4487 9.54 -52.13 67.00
C TYR A 4487 8.07 -51.78 67.15
N GLN A 4488 7.75 -50.88 68.09
CA GLN A 4488 6.37 -50.39 68.21
C GLN A 4488 5.93 -49.69 66.93
N GLN A 4489 6.79 -48.82 66.39
CA GLN A 4489 6.46 -48.15 65.14
C GLN A 4489 6.27 -49.14 64.01
N LYS A 4490 7.09 -50.19 63.98
CA LYS A 4490 6.93 -51.22 62.96
C LYS A 4490 5.57 -51.92 63.10
N LEU A 4491 5.17 -52.24 64.33
CA LEU A 4491 3.90 -52.91 64.53
C LEU A 4491 2.72 -52.02 64.14
N LEU A 4492 2.78 -50.74 64.53
CA LEU A 4492 1.72 -49.80 64.17
C LEU A 4492 1.64 -49.62 62.65
N ASN A 4493 2.80 -49.56 61.99
CA ASN A 4493 2.81 -49.47 60.54
C ASN A 4493 2.23 -50.71 59.90
N TYR A 4494 2.51 -51.89 60.47
CA TYR A 4494 1.93 -53.14 59.96
C TYR A 4494 0.41 -53.09 60.06
N PHE A 4495 -0.11 -52.64 61.21
CA PHE A 4495 -1.56 -52.52 61.36
C PHE A 4495 -2.14 -51.54 60.34
N ALA A 4496 -1.47 -50.41 60.14
CA ALA A 4496 -1.95 -49.43 59.16
C ALA A 4496 -1.97 -50.02 57.77
N ARG A 4497 -0.94 -50.80 57.42
CA ARG A 4497 -0.87 -51.40 56.10
C ARG A 4497 -1.99 -52.44 55.91
N ASN A 4498 -2.28 -53.22 56.96
CA ASN A 4498 -3.22 -54.32 56.85
C ASN A 4498 -4.61 -53.96 57.35
N PHE A 4499 -4.91 -52.67 57.51
CA PHE A 4499 -6.23 -52.25 57.98
C PHE A 4499 -7.35 -52.76 57.08
N TYR A 4500 -7.23 -52.56 55.77
CA TYR A 4500 -8.30 -52.97 54.85
C TYR A 4500 -8.45 -54.49 54.77
N ASN A 4501 -7.33 -55.21 54.67
CA ASN A 4501 -7.39 -56.67 54.57
C ASN A 4501 -8.07 -57.28 55.79
N MET A 4502 -7.72 -56.81 56.99
CA MET A 4502 -8.37 -57.31 58.19
C MET A 4502 -9.82 -56.84 58.26
N ARG A 4503 -10.13 -55.68 57.68
CA ARG A 4503 -11.53 -55.25 57.61
C ARG A 4503 -12.38 -56.21 56.79
N MET A 4504 -11.85 -56.71 55.66
CA MET A 4504 -12.59 -57.68 54.86
C MET A 4504 -12.60 -59.05 55.51
N LEU A 4505 -11.51 -59.40 56.20
CA LEU A 4505 -11.43 -60.72 56.81
C LEU A 4505 -12.33 -60.81 58.03
N ALA A 4506 -12.56 -59.67 58.70
CA ALA A 4506 -13.56 -59.64 59.77
C ALA A 4506 -14.96 -59.95 59.24
N LEU A 4507 -15.30 -59.40 58.08
CA LEU A 4507 -16.55 -59.74 57.40
C LEU A 4507 -16.61 -61.21 57.00
N PHE A 4508 -15.50 -61.77 56.53
CA PHE A 4508 -15.44 -63.22 56.27
C PHE A 4508 -15.73 -64.04 57.53
N VAL A 4509 -15.11 -63.66 58.64
CA VAL A 4509 -15.37 -64.35 59.90
C VAL A 4509 -16.82 -64.18 60.33
N ALA A 4510 -17.39 -63.00 60.07
CA ALA A 4510 -18.79 -62.78 60.41
C ALA A 4510 -19.71 -63.69 59.60
N PHE A 4511 -19.46 -63.82 58.30
CA PHE A 4511 -20.20 -64.75 57.47
C PHE A 4511 -20.01 -66.20 57.88
N ALA A 4512 -18.83 -66.57 58.37
CA ALA A 4512 -18.60 -67.92 58.90
C ALA A 4512 -19.38 -68.17 60.18
N ILE A 4513 -19.37 -67.23 61.12
CA ILE A 4513 -20.14 -67.37 62.34
C ILE A 4513 -21.64 -67.40 62.08
N ASN A 4514 -22.12 -66.57 61.16
CA ASN A 4514 -23.54 -66.61 60.83
C ASN A 4514 -23.92 -67.91 60.14
N PHE A 4515 -23.04 -68.43 59.28
CA PHE A 4515 -23.30 -69.72 58.64
C PHE A 4515 -23.34 -70.84 59.68
N ILE A 4516 -22.46 -70.80 60.68
CA ILE A 4516 -22.48 -71.85 61.70
C ILE A 4516 -23.64 -71.64 62.65
N LEU A 4517 -24.13 -70.41 62.78
CA LEU A 4517 -25.33 -70.12 63.55
C LEU A 4517 -26.61 -70.50 62.80
N LEU A 4518 -26.53 -70.70 61.49
CA LEU A 4518 -27.66 -71.21 60.72
C LEU A 4518 -28.16 -72.56 61.21
N PHE A 4519 -27.34 -73.31 61.94
CA PHE A 4519 -27.74 -74.59 62.51
C PHE A 4519 -28.12 -74.47 63.99
N TYR A 4520 -28.38 -73.27 64.47
CA TYR A 4520 -28.70 -73.05 65.88
C TYR A 4520 -30.11 -73.58 66.16
N LYS A 4521 -30.29 -74.12 67.36
CA LYS A 4521 -31.55 -74.78 67.70
C LYS A 4521 -31.91 -74.51 69.17
N VAL A 4522 -33.21 -74.40 69.41
CA VAL A 4522 -33.76 -74.23 70.76
C VAL A 4522 -33.99 -75.61 71.35
N SER A 4523 -33.40 -75.88 72.50
CA SER A 4523 -33.59 -77.13 73.22
C SER A 4523 -34.54 -76.91 74.39
N THR A 4524 -35.38 -77.93 74.63
CA THR A 4524 -36.36 -77.86 75.71
C THR A 4524 -36.00 -78.82 76.83
N ILE A 4555 -40.88 -72.41 82.64
CA ILE A 4555 -40.32 -73.28 81.62
C ILE A 4555 -38.81 -73.08 81.55
N ALA A 4556 -38.10 -74.12 81.10
CA ALA A 4556 -36.65 -74.07 80.93
C ALA A 4556 -36.33 -73.91 79.45
N VAL A 4557 -35.62 -72.83 79.12
CA VAL A 4557 -35.27 -72.51 77.73
C VAL A 4557 -33.77 -72.72 77.57
N HIS A 4558 -33.39 -73.54 76.60
CA HIS A 4558 -32.00 -73.87 76.32
C HIS A 4558 -31.64 -73.42 74.91
N TYR A 4559 -30.35 -73.46 74.61
CA TYR A 4559 -29.83 -73.09 73.29
C TYR A 4559 -28.57 -73.91 73.04
N VAL A 4560 -28.66 -74.90 72.16
CA VAL A 4560 -27.55 -75.79 71.83
C VAL A 4560 -27.53 -76.02 70.32
N LEU A 4561 -26.33 -75.99 69.74
CA LEU A 4561 -26.17 -76.27 68.32
C LEU A 4561 -26.22 -77.76 68.05
N GLU A 4562 -26.84 -78.13 66.94
CA GLU A 4562 -26.72 -79.51 66.45
C GLU A 4562 -25.40 -79.67 65.71
N GLU A 4563 -24.51 -80.48 66.28
CA GLU A 4563 -23.15 -80.66 65.76
C GLU A 4563 -23.04 -82.05 65.15
N SER A 4564 -23.14 -82.10 63.82
CA SER A 4564 -22.95 -83.36 63.12
C SER A 4564 -21.52 -83.84 63.24
N SER A 4565 -20.56 -82.94 63.07
CA SER A 4565 -19.15 -83.31 63.23
C SER A 4565 -18.75 -83.44 64.69
N GLY A 4566 -19.51 -82.82 65.60
CA GLY A 4566 -19.19 -82.83 67.01
C GLY A 4566 -18.20 -81.78 67.45
N TYR A 4567 -17.72 -80.93 66.55
CA TYR A 4567 -16.73 -79.90 66.89
C TYR A 4567 -17.21 -78.51 66.53
N MET A 4568 -18.50 -78.33 66.26
CA MET A 4568 -19.00 -77.01 65.88
C MET A 4568 -18.88 -76.01 67.02
N GLU A 4569 -19.14 -76.44 68.26
CA GLU A 4569 -19.08 -75.51 69.39
C GLU A 4569 -17.68 -74.92 69.59
N PRO A 4570 -16.62 -75.73 69.67
CA PRO A 4570 -15.27 -75.12 69.70
C PRO A 4570 -14.98 -74.30 68.47
N THR A 4571 -15.53 -74.71 67.32
CA THR A 4571 -15.29 -73.98 66.08
C THR A 4571 -15.79 -72.56 66.17
N LEU A 4572 -17.05 -72.35 66.56
CA LEU A 4572 -17.49 -70.97 66.61
C LEU A 4572 -16.99 -70.24 67.85
N ARG A 4573 -16.60 -70.96 68.91
CA ARG A 4573 -15.92 -70.26 70.00
C ARG A 4573 -14.59 -69.65 69.54
N ILE A 4574 -13.80 -70.44 68.81
CA ILE A 4574 -12.56 -69.91 68.23
C ILE A 4574 -12.86 -68.80 67.24
N LEU A 4575 -13.92 -68.97 66.45
CA LEU A 4575 -14.29 -67.94 65.48
C LEU A 4575 -14.67 -66.63 66.17
N ALA A 4576 -15.41 -66.71 67.27
CA ALA A 4576 -15.80 -65.51 68.00
C ALA A 4576 -14.59 -64.83 68.63
N ILE A 4577 -13.69 -65.62 69.23
CA ILE A 4577 -12.48 -65.02 69.79
C ILE A 4577 -11.64 -64.36 68.70
N LEU A 4578 -11.50 -65.02 67.55
CA LEU A 4578 -10.75 -64.44 66.44
C LEU A 4578 -11.41 -63.17 65.93
N HIS A 4579 -12.74 -63.16 65.84
CA HIS A 4579 -13.45 -61.96 65.39
C HIS A 4579 -13.24 -60.81 66.35
N THR A 4580 -13.30 -61.08 67.66
CA THR A 4580 -13.06 -60.04 68.65
C THR A 4580 -11.63 -59.50 68.60
N VAL A 4581 -10.63 -60.36 68.45
CA VAL A 4581 -9.25 -59.91 68.29
C VAL A 4581 -9.06 -59.10 67.02
N ILE A 4582 -9.70 -59.52 65.93
CA ILE A 4582 -9.62 -58.79 64.66
C ILE A 4582 -10.27 -57.43 64.79
N SER A 4583 -11.35 -57.33 65.59
CA SER A 4583 -11.97 -56.04 65.85
C SER A 4583 -10.98 -55.11 66.55
N PHE A 4584 -10.25 -55.61 67.53
CA PHE A 4584 -9.25 -54.80 68.22
C PHE A 4584 -8.14 -54.36 67.26
N PHE A 4585 -7.69 -55.27 66.40
CA PHE A 4585 -6.69 -54.91 65.40
C PHE A 4585 -7.20 -53.89 64.40
N CYS A 4586 -8.47 -53.97 64.00
CA CYS A 4586 -9.05 -52.95 63.13
C CYS A 4586 -9.17 -51.60 63.82
N ILE A 4587 -9.56 -51.59 65.11
CA ILE A 4587 -9.52 -50.36 65.90
C ILE A 4587 -8.13 -49.75 65.93
N ILE A 4588 -7.10 -50.55 66.16
CA ILE A 4588 -5.73 -50.04 66.13
C ILE A 4588 -5.37 -49.50 64.75
N GLY A 4589 -5.69 -50.25 63.69
CA GLY A 4589 -5.33 -49.84 62.35
C GLY A 4589 -6.00 -48.56 61.91
N TYR A 4590 -7.26 -48.36 62.31
CA TYR A 4590 -7.93 -47.10 62.03
C TYR A 4590 -7.17 -45.93 62.64
N TYR A 4591 -6.83 -46.02 63.93
CA TYR A 4591 -6.07 -44.98 64.59
C TYR A 4591 -4.69 -44.79 63.97
N CYS A 4592 -4.11 -45.85 63.41
CA CYS A 4592 -2.84 -45.71 62.68
C CYS A 4592 -3.02 -44.91 61.40
N LEU A 4593 -4.03 -45.26 60.59
CA LEU A 4593 -4.06 -44.80 59.21
C LEU A 4593 -5.01 -43.63 58.98
N LYS A 4594 -6.28 -43.77 59.37
CA LYS A 4594 -7.28 -42.78 58.99
C LYS A 4594 -7.30 -41.59 59.94
N VAL A 4595 -6.98 -41.82 61.22
CA VAL A 4595 -7.00 -40.73 62.19
C VAL A 4595 -6.05 -39.59 61.81
N PRO A 4596 -4.80 -39.84 61.40
CA PRO A 4596 -3.94 -38.72 61.00
C PRO A 4596 -4.53 -37.86 59.88
N LEU A 4597 -5.22 -38.48 58.91
CA LEU A 4597 -5.81 -37.69 57.83
C LEU A 4597 -6.91 -36.78 58.34
N VAL A 4598 -7.79 -37.30 59.20
CA VAL A 4598 -8.87 -36.48 59.75
C VAL A 4598 -8.31 -35.36 60.61
N ILE A 4599 -7.32 -35.67 61.43
CA ILE A 4599 -6.68 -34.63 62.24
C ILE A 4599 -6.05 -33.57 61.36
N PHE A 4600 -5.36 -33.97 60.29
CA PHE A 4600 -4.77 -33.00 59.37
C PHE A 4600 -5.83 -32.12 58.73
N LYS A 4601 -6.94 -32.73 58.29
CA LYS A 4601 -8.02 -31.96 57.67
C LYS A 4601 -8.59 -30.92 58.63
N ARG A 4602 -8.96 -31.34 59.84
CA ARG A 4602 -9.56 -30.40 60.77
C ARG A 4602 -8.56 -29.34 61.20
N GLU A 4603 -7.30 -29.75 61.43
CA GLU A 4603 -6.28 -28.80 61.86
C GLU A 4603 -5.99 -27.75 60.81
N LYS A 4604 -5.83 -28.14 59.54
CA LYS A 4604 -5.66 -27.16 58.48
C LYS A 4604 -6.88 -26.28 58.30
N GLU A 4605 -8.09 -26.83 58.44
CA GLU A 4605 -9.28 -26.00 58.32
C GLU A 4605 -9.33 -24.94 59.41
N VAL A 4606 -9.02 -25.33 60.65
CA VAL A 4606 -8.97 -24.35 61.74
C VAL A 4606 -7.88 -23.31 61.49
N ALA A 4607 -6.73 -23.75 60.98
CA ALA A 4607 -5.64 -22.81 60.71
C ALA A 4607 -6.06 -21.78 59.66
N ARG A 4608 -6.70 -22.23 58.59
CA ARG A 4608 -7.15 -21.31 57.55
C ARG A 4608 -8.22 -20.36 58.07
N LYS A 4609 -9.18 -20.88 58.85
CA LYS A 4609 -10.20 -20.00 59.42
C LYS A 4609 -9.59 -18.98 60.35
N LEU A 4610 -8.52 -19.35 61.05
CA LEU A 4610 -7.86 -18.42 61.96
C LEU A 4610 -7.12 -17.33 61.20
N GLU A 4611 -6.35 -17.71 60.18
CA GLU A 4611 -5.51 -16.73 59.51
C GLU A 4611 -6.32 -15.82 58.59
N PHE A 4612 -7.33 -16.38 57.91
CA PHE A 4612 -8.03 -15.58 56.89
C PHE A 4612 -9.36 -15.04 57.39
N ASP A 4613 -9.99 -15.72 58.35
CA ASP A 4613 -11.30 -15.29 58.85
C ASP A 4613 -11.28 -14.87 60.31
N GLY A 4614 -10.24 -15.23 61.06
CA GLY A 4614 -10.11 -14.79 62.43
C GLY A 4614 -11.26 -15.18 63.33
N LEU A 4615 -11.65 -16.46 63.28
CA LEU A 4615 -12.83 -16.95 63.98
C LEU A 4615 -12.70 -16.92 65.49
N TYR A 4616 -11.57 -16.45 66.02
CA TYR A 4616 -11.39 -16.31 67.47
C TYR A 4616 -10.97 -14.90 67.87
N ILE A 4617 -10.88 -13.98 66.91
CA ILE A 4617 -10.50 -12.60 67.21
C ILE A 4617 -11.54 -11.61 66.67
N THR A 4618 -11.86 -11.71 65.38
CA THR A 4618 -12.85 -10.80 64.81
C THR A 4618 -14.23 -11.44 64.82
N GLU A 4619 -14.28 -12.74 65.05
CA GLU A 4619 -15.51 -13.53 65.06
C GLU A 4619 -15.42 -14.52 66.20
N GLN A 4620 -16.55 -15.01 66.65
CA GLN A 4620 -16.63 -16.05 67.67
C GLN A 4620 -17.70 -17.04 67.29
N PRO A 4621 -17.49 -18.33 67.60
CA PRO A 4621 -18.46 -19.35 67.18
C PRO A 4621 -19.85 -19.07 67.72
N SER A 4622 -20.85 -19.34 66.88
CA SER A 4622 -22.23 -19.04 67.22
C SER A 4622 -22.78 -19.91 68.32
N GLU A 4623 -21.94 -20.73 68.96
CA GLU A 4623 -22.22 -21.63 70.07
C GLU A 4623 -23.10 -22.80 69.65
N ASP A 4624 -23.56 -22.87 68.40
CA ASP A 4624 -24.22 -24.06 67.89
C ASP A 4624 -23.29 -24.96 67.08
N ASP A 4625 -22.02 -24.58 66.95
CA ASP A 4625 -21.03 -25.36 66.21
C ASP A 4625 -20.08 -26.02 67.21
N ILE A 4626 -20.38 -27.26 67.58
CA ILE A 4626 -19.53 -28.00 68.50
C ILE A 4626 -18.12 -28.17 67.96
N LYS A 4627 -17.96 -28.23 66.64
CA LYS A 4627 -16.63 -28.32 66.04
C LYS A 4627 -15.77 -27.11 66.41
N GLY A 4628 -16.31 -25.91 66.20
CA GLY A 4628 -15.58 -24.71 66.57
C GLY A 4628 -15.39 -24.56 68.07
N GLN A 4629 -16.43 -24.90 68.84
CA GLN A 4629 -16.32 -24.80 70.30
C GLN A 4629 -15.22 -25.73 70.82
N TRP A 4630 -15.07 -26.90 70.21
CA TRP A 4630 -14.03 -27.83 70.63
C TRP A 4630 -12.66 -27.39 70.11
N ASP A 4631 -12.60 -26.88 68.88
CA ASP A 4631 -11.34 -26.44 68.29
C ASP A 4631 -10.81 -25.15 68.91
N ARG A 4632 -11.63 -24.45 69.70
CA ARG A 4632 -11.11 -23.32 70.47
C ARG A 4632 -9.97 -23.74 71.39
N LEU A 4633 -9.95 -25.00 71.80
CA LEU A 4633 -8.92 -25.46 72.73
C LEU A 4633 -7.56 -25.62 72.06
N VAL A 4634 -7.55 -26.02 70.79
CA VAL A 4634 -6.31 -26.46 70.16
C VAL A 4634 -5.39 -25.28 69.86
N ILE A 4635 -5.95 -24.07 69.76
CA ILE A 4635 -5.12 -22.91 69.39
C ILE A 4635 -4.14 -22.59 70.51
N ASN A 4636 -4.54 -22.82 71.76
CA ASN A 4636 -3.65 -22.53 72.89
C ASN A 4636 -2.50 -23.52 72.96
N THR A 4637 -2.66 -24.71 72.38
CA THR A 4637 -1.64 -25.74 72.50
C THR A 4637 -0.38 -25.37 71.73
N GLN A 4638 0.75 -25.90 72.19
CA GLN A 4638 2.03 -25.69 71.53
C GLN A 4638 2.35 -26.76 70.50
N SER A 4639 1.46 -27.74 70.32
CA SER A 4639 1.66 -28.80 69.33
C SER A 4639 0.80 -28.61 68.10
N PHE A 4640 0.41 -27.38 67.79
CA PHE A 4640 -0.44 -27.06 66.65
C PHE A 4640 0.49 -27.09 65.42
N PRO A 4641 0.01 -26.76 64.20
CA PRO A 4641 0.40 -27.54 63.01
C PRO A 4641 1.18 -28.83 63.28
N ASN A 4642 0.55 -29.77 64.01
CA ASN A 4642 1.18 -31.08 64.18
C ASN A 4642 1.20 -31.86 62.88
N ASN A 4643 0.09 -31.87 62.15
CA ASN A 4643 -0.01 -32.55 60.87
C ASN A 4643 0.05 -31.60 59.69
N TYR A 4644 -0.57 -30.43 59.81
CA TYR A 4644 -0.49 -29.41 58.78
C TYR A 4644 0.95 -28.96 58.59
N TRP A 4645 1.40 -28.89 57.34
CA TRP A 4645 2.80 -28.59 57.07
C TRP A 4645 3.20 -27.21 57.53
N ASP A 4646 2.33 -26.22 57.31
CA ASP A 4646 2.67 -24.82 57.59
C ASP A 4646 2.70 -24.59 59.09
N LYS A 4647 3.89 -24.71 59.68
CA LYS A 4647 4.10 -24.38 61.09
C LYS A 4647 4.15 -22.88 61.34
N PHE A 4648 3.92 -22.08 60.31
CA PHE A 4648 4.07 -20.63 60.37
C PHE A 4648 2.75 -19.90 60.60
N VAL A 4649 1.66 -20.62 60.89
CA VAL A 4649 0.35 -19.98 61.01
C VAL A 4649 0.30 -19.06 62.23
N LYS A 4650 0.95 -19.46 63.33
CA LYS A 4650 0.98 -18.62 64.52
C LYS A 4650 1.72 -17.30 64.30
N ARG A 4651 2.63 -17.25 63.34
CA ARG A 4651 3.30 -16.00 62.97
C ARG A 4651 2.54 -15.24 61.89
N LYS A 4652 1.87 -15.96 60.98
CA LYS A 4652 1.04 -15.29 59.98
C LYS A 4652 -0.10 -14.53 60.65
N VAL A 4653 -0.77 -15.16 61.63
CA VAL A 4653 -1.85 -14.50 62.35
C VAL A 4653 -1.32 -13.30 63.12
N MET A 4654 -0.16 -13.47 63.76
CA MET A 4654 0.45 -12.36 64.49
C MET A 4654 0.75 -11.17 63.59
N ASP A 4655 1.36 -11.41 62.43
CA ASP A 4655 1.65 -10.32 61.50
C ASP A 4655 0.37 -9.69 60.96
N LYS A 4656 -0.65 -10.50 60.69
CA LYS A 4656 -1.85 -9.98 60.06
C LYS A 4656 -2.68 -9.15 61.03
N TYR A 4657 -2.85 -9.62 62.27
CA TYR A 4657 -3.79 -9.00 63.21
C TYR A 4657 -3.12 -8.52 64.49
N GLY A 4658 -1.81 -8.28 64.47
CA GLY A 4658 -1.12 -7.92 65.71
C GLY A 4658 -1.50 -6.55 66.25
N GLU A 4659 -1.70 -5.58 65.37
CA GLU A 4659 -1.88 -4.20 65.80
C GLU A 4659 -3.31 -3.90 66.24
N PHE A 4660 -4.30 -4.50 65.59
CA PHE A 4660 -5.69 -4.09 65.83
C PHE A 4660 -6.22 -4.68 67.13
N TYR A 4661 -5.69 -5.83 67.55
CA TYR A 4661 -6.08 -6.46 68.79
C TYR A 4661 -4.96 -6.48 69.84
N GLY A 4662 -3.72 -6.21 69.46
CA GLY A 4662 -2.65 -6.12 70.42
C GLY A 4662 -1.79 -7.36 70.53
N ARG A 4663 -0.48 -7.20 70.26
CA ARG A 4663 0.48 -8.30 70.39
C ARG A 4663 0.24 -9.14 71.62
N ASP A 4664 0.00 -8.52 72.77
CA ASP A 4664 -0.25 -9.28 74.00
C ASP A 4664 -1.47 -10.17 73.87
N ARG A 4665 -2.57 -9.64 73.31
CA ARG A 4665 -3.79 -10.43 73.25
C ARG A 4665 -3.66 -11.58 72.26
N ILE A 4666 -3.05 -11.32 71.10
CA ILE A 4666 -2.86 -12.43 70.16
C ILE A 4666 -1.89 -13.47 70.72
N SER A 4667 -0.83 -13.03 71.41
CA SER A 4667 0.09 -13.96 72.03
C SER A 4667 -0.57 -14.81 73.12
N GLU A 4668 -1.45 -14.22 73.93
CA GLU A 4668 -2.20 -14.98 74.92
C GLU A 4668 -3.19 -15.94 74.29
N LEU A 4669 -3.85 -15.53 73.20
CA LEU A 4669 -4.81 -16.41 72.56
C LEU A 4669 -4.12 -17.59 71.88
N LEU A 4670 -2.95 -17.36 71.28
CA LEU A 4670 -2.18 -18.41 70.65
C LEU A 4670 -1.27 -19.14 71.63
N GLY A 4671 -1.17 -18.65 72.86
CA GLY A 4671 -0.36 -19.34 73.86
C GLY A 4671 1.11 -19.43 73.52
N MET A 4672 1.68 -18.34 73.02
CA MET A 4672 3.09 -18.29 72.66
C MET A 4672 3.85 -17.42 73.64
N ASP A 4673 5.10 -17.78 73.92
CA ASP A 4673 5.92 -17.09 74.90
C ASP A 4673 6.77 -16.02 74.21
N LYS A 4674 6.12 -14.89 73.92
CA LYS A 4674 6.84 -13.75 73.34
C LYS A 4674 7.86 -13.19 74.32
N ALA A 4675 7.59 -13.29 75.63
CA ALA A 4675 8.57 -12.88 76.61
C ALA A 4675 9.81 -13.77 76.58
N ALA A 4676 9.62 -15.08 76.43
CA ALA A 4676 10.75 -15.99 76.30
C ALA A 4676 11.44 -15.89 74.95
N LEU A 4677 10.76 -15.37 73.93
CA LEU A 4677 11.42 -15.16 72.64
C LEU A 4677 12.56 -14.15 72.77
N ASP A 4678 12.35 -13.07 73.53
CA ASP A 4678 13.42 -12.11 73.78
C ASP A 4678 14.58 -12.76 74.53
N PHE A 4679 14.28 -13.51 75.59
CA PHE A 4679 15.33 -14.24 76.30
C PHE A 4679 16.00 -15.28 75.43
N SER A 4680 15.24 -15.94 74.55
CA SER A 4680 15.85 -16.90 73.65
C SER A 4680 16.84 -16.22 72.70
N ASP A 4681 16.43 -15.11 72.09
CA ASP A 4681 17.34 -14.37 71.22
C ASP A 4681 18.53 -13.83 72.00
N ALA A 4682 18.34 -13.54 73.29
CA ALA A 4682 19.44 -13.14 74.16
C ALA A 4682 20.21 -14.37 74.63
N ARG A 4683 21.07 -14.20 75.62
CA ARG A 4683 21.89 -15.28 76.16
C ARG A 4683 21.00 -16.18 77.02
N GLU A 4684 20.84 -17.43 76.60
CA GLU A 4684 20.07 -18.42 77.33
C GLU A 4684 21.01 -19.43 77.95
N LYS A 4685 20.83 -19.70 79.24
CA LYS A 4685 21.75 -20.57 79.97
C LYS A 4685 21.59 -22.02 79.52
N LYS A 4686 22.67 -22.77 79.63
CA LYS A 4686 22.66 -24.18 79.26
C LYS A 4686 22.01 -25.01 80.36
N LYS A 4687 21.19 -25.98 79.96
CA LYS A 4687 20.49 -26.85 80.90
C LYS A 4687 20.70 -28.31 80.48
N PRO A 4688 20.81 -29.23 81.42
CA PRO A 4688 20.85 -30.65 81.05
C PRO A 4688 19.50 -31.13 80.57
N LYS A 4689 19.50 -31.95 79.52
CA LYS A 4689 18.26 -32.44 78.93
C LYS A 4689 18.52 -33.79 78.26
N LYS A 4690 17.69 -34.78 78.60
CA LYS A 4690 17.75 -36.09 77.97
C LYS A 4690 16.34 -36.67 77.91
N ASP A 4691 16.06 -37.39 76.84
CA ASP A 4691 14.75 -38.01 76.67
C ASP A 4691 14.62 -39.33 77.42
N SER A 4692 15.71 -39.81 78.03
CA SER A 4692 15.65 -41.05 78.78
C SER A 4692 14.76 -40.90 80.01
N SER A 4693 14.64 -39.68 80.53
CA SER A 4693 13.86 -39.45 81.74
C SER A 4693 12.36 -39.59 81.47
N LEU A 4694 11.69 -40.37 82.31
CA LEU A 4694 10.23 -40.51 82.19
C LEU A 4694 9.53 -39.17 82.41
N SER A 4695 10.01 -38.38 83.38
CA SER A 4695 9.46 -37.05 83.58
C SER A 4695 9.67 -36.18 82.34
N ALA A 4696 10.85 -36.27 81.73
CA ALA A 4696 11.14 -35.47 80.55
C ALA A 4696 10.22 -35.84 79.39
N VAL A 4697 10.02 -37.14 79.16
CA VAL A 4697 9.15 -37.55 78.06
C VAL A 4697 7.70 -37.19 78.38
N LEU A 4698 7.31 -37.24 79.66
CA LEU A 4698 5.97 -36.81 80.03
C LEU A 4698 5.76 -35.32 79.75
N ASN A 4699 6.76 -34.50 80.07
CA ASN A 4699 6.66 -33.08 79.75
C ASN A 4699 6.63 -32.85 78.24
N SER A 4700 7.38 -33.66 77.49
CA SER A 4700 7.34 -33.55 76.03
C SER A 4700 5.95 -33.85 75.49
N ILE A 4701 5.29 -34.87 76.06
CA ILE A 4701 3.91 -35.16 75.68
C ILE A 4701 3.02 -33.99 76.09
N ASP A 4702 2.22 -33.50 75.15
CA ASP A 4702 1.31 -32.38 75.40
C ASP A 4702 -0.05 -32.95 75.78
N VAL A 4703 -0.46 -32.73 77.03
CA VAL A 4703 -1.68 -33.34 77.53
C VAL A 4703 -2.91 -32.73 76.87
N LYS A 4704 -2.89 -31.41 76.66
CA LYS A 4704 -4.07 -30.74 76.13
C LYS A 4704 -4.26 -31.02 74.65
N TYR A 4705 -3.17 -31.10 73.89
CA TYR A 4705 -3.29 -31.46 72.48
C TYR A 4705 -3.79 -32.89 72.32
N GLN A 4706 -3.31 -33.81 73.16
CA GLN A 4706 -3.83 -35.17 73.13
C GLN A 4706 -5.30 -35.21 73.54
N MET A 4707 -5.70 -34.37 74.49
CA MET A 4707 -7.10 -34.24 74.85
C MET A 4707 -7.94 -33.82 73.65
N TRP A 4708 -7.48 -32.80 72.93
CA TRP A 4708 -8.18 -32.34 71.73
C TRP A 4708 -8.25 -33.43 70.66
N LYS A 4709 -7.14 -34.14 70.46
CA LYS A 4709 -7.09 -35.20 69.46
C LYS A 4709 -8.06 -36.33 69.81
N LEU A 4710 -8.11 -36.71 71.10
CA LEU A 4710 -9.03 -37.74 71.54
C LEU A 4710 -10.48 -37.29 71.33
N GLY A 4711 -10.78 -36.02 71.62
CA GLY A 4711 -12.11 -35.50 71.36
C GLY A 4711 -12.48 -35.59 69.90
N VAL A 4712 -11.56 -35.20 69.02
CA VAL A 4712 -11.82 -35.24 67.58
C VAL A 4712 -12.05 -36.68 67.13
N VAL A 4713 -11.21 -37.61 67.60
CA VAL A 4713 -11.33 -39.00 67.20
C VAL A 4713 -12.67 -39.57 67.67
N PHE A 4714 -13.06 -39.24 68.90
CA PHE A 4714 -14.35 -39.71 69.41
C PHE A 4714 -15.51 -39.11 68.60
N THR A 4715 -15.35 -37.87 68.15
CA THR A 4715 -16.39 -37.26 67.33
C THR A 4715 -16.45 -37.89 65.94
N ASP A 4716 -15.33 -38.43 65.46
CA ASP A 4716 -15.27 -39.01 64.11
C ASP A 4716 -16.31 -40.13 63.95
N ASN A 4717 -16.99 -40.12 62.80
CA ASN A 4717 -18.09 -41.05 62.58
C ASN A 4717 -17.60 -42.48 62.38
N SER A 4718 -16.57 -42.66 61.56
CA SER A 4718 -16.07 -44.00 61.27
C SER A 4718 -15.51 -44.66 62.52
N PHE A 4719 -14.84 -43.87 63.37
CA PHE A 4719 -14.37 -44.41 64.65
C PHE A 4719 -15.55 -44.86 65.50
N LEU A 4720 -16.65 -44.11 65.48
CA LEU A 4720 -17.85 -44.53 66.21
C LEU A 4720 -18.41 -45.83 65.65
N TYR A 4721 -18.40 -45.98 64.32
CA TYR A 4721 -18.87 -47.22 63.72
C TYR A 4721 -17.99 -48.40 64.14
N LEU A 4722 -16.67 -48.21 64.14
CA LEU A 4722 -15.78 -49.28 64.56
C LEU A 4722 -15.94 -49.61 66.04
N ALA A 4723 -16.17 -48.60 66.88
CA ALA A 4723 -16.44 -48.85 68.29
C ALA A 4723 -17.74 -49.61 68.47
N TRP A 4724 -18.75 -49.29 67.66
CA TRP A 4724 -20.00 -50.04 67.70
C TRP A 4724 -19.77 -51.50 67.27
N TYR A 4725 -18.92 -51.71 66.28
CA TYR A 4725 -18.54 -53.07 65.89
C TYR A 4725 -17.90 -53.82 67.06
N MET A 4726 -16.97 -53.17 67.76
CA MET A 4726 -16.39 -53.72 68.98
C MET A 4726 -17.44 -54.09 70.01
N THR A 4727 -18.35 -53.15 70.29
CA THR A 4727 -19.37 -53.40 71.32
C THR A 4727 -20.27 -54.55 70.93
N MET A 4728 -20.64 -54.64 69.65
CA MET A 4728 -21.49 -55.74 69.20
C MET A 4728 -20.77 -57.08 69.29
N SER A 4729 -19.48 -57.10 68.97
CA SER A 4729 -18.73 -58.35 69.12
C SER A 4729 -18.63 -58.76 70.60
N VAL A 4730 -18.37 -57.80 71.47
CA VAL A 4730 -18.27 -58.09 72.90
C VAL A 4730 -19.59 -58.63 73.44
N LEU A 4731 -20.70 -58.01 73.04
CA LEU A 4731 -22.01 -58.48 73.46
C LEU A 4731 -22.35 -59.83 72.82
N GLY A 4732 -21.85 -60.08 71.60
CA GLY A 4732 -22.02 -61.36 70.95
C GLY A 4732 -21.32 -62.49 71.67
N HIS A 4733 -20.20 -62.18 72.35
CA HIS A 4733 -19.60 -63.19 73.22
C HIS A 4733 -20.58 -63.64 74.30
N TYR A 4734 -21.31 -62.72 74.91
CA TYR A 4734 -22.29 -63.09 75.93
C TYR A 4734 -23.48 -63.81 75.29
N ASN A 4735 -24.03 -63.24 74.22
CA ASN A 4735 -25.17 -63.81 73.51
C ASN A 4735 -24.78 -63.97 72.05
N ASN A 4736 -24.66 -65.21 71.59
CA ASN A 4736 -24.07 -65.48 70.28
C ASN A 4736 -24.85 -64.87 69.13
N PHE A 4737 -26.12 -64.53 69.34
CA PHE A 4737 -26.93 -63.99 68.25
C PHE A 4737 -26.71 -62.51 68.00
N PHE A 4738 -25.94 -61.83 68.85
CA PHE A 4738 -25.58 -60.44 68.55
C PHE A 4738 -24.61 -60.34 67.38
N PHE A 4739 -24.02 -61.45 66.96
CA PHE A 4739 -23.11 -61.46 65.82
C PHE A 4739 -23.81 -61.18 64.50
N ALA A 4740 -25.14 -61.27 64.46
CA ALA A 4740 -25.87 -61.05 63.21
C ALA A 4740 -25.76 -59.60 62.76
N ALA A 4741 -25.64 -58.67 63.71
CA ALA A 4741 -25.55 -57.26 63.35
C ALA A 4741 -24.29 -56.95 62.56
N HIS A 4742 -23.28 -57.83 62.63
CA HIS A 4742 -22.07 -57.63 61.85
C HIS A 4742 -22.30 -57.81 60.37
N LEU A 4743 -23.42 -58.42 59.97
CA LEU A 4743 -23.77 -58.51 58.56
C LEU A 4743 -24.22 -57.17 57.98
N LEU A 4744 -24.52 -56.19 58.81
CA LEU A 4744 -24.85 -54.85 58.34
C LEU A 4744 -23.64 -54.10 57.82
N ASP A 4745 -22.48 -54.74 57.81
CA ASP A 4745 -21.24 -54.14 57.31
C ASP A 4745 -21.09 -54.29 55.81
N ILE A 4746 -21.96 -55.07 55.16
CA ILE A 4746 -21.86 -55.25 53.71
C ILE A 4746 -22.11 -53.93 52.99
N ALA A 4747 -22.96 -53.07 53.58
CA ALA A 4747 -23.28 -51.79 52.95
C ALA A 4747 -22.02 -50.97 52.70
N MET A 4748 -21.04 -51.04 53.60
CA MET A 4748 -19.79 -50.31 53.45
C MET A 4748 -18.70 -51.16 52.83
N GLY A 4749 -18.74 -52.48 53.03
CA GLY A 4749 -17.74 -53.34 52.43
C GLY A 4749 -17.85 -53.40 50.92
N PHE A 4750 -19.08 -53.51 50.41
CA PHE A 4750 -19.31 -53.65 48.98
C PHE A 4750 -19.84 -52.33 48.43
N LYS A 4751 -19.08 -51.74 47.49
CA LYS A 4751 -19.54 -50.51 46.84
C LYS A 4751 -20.65 -50.79 45.84
N THR A 4752 -20.65 -51.99 45.25
CA THR A 4752 -21.73 -52.36 44.34
C THR A 4752 -23.07 -52.39 45.07
N LEU A 4753 -23.10 -52.95 46.29
CA LEU A 4753 -24.29 -52.83 47.12
C LEU A 4753 -24.51 -51.39 47.56
N ARG A 4754 -23.43 -50.61 47.66
CA ARG A 4754 -23.58 -49.21 48.05
C ARG A 4754 -24.32 -48.40 47.00
N THR A 4755 -24.16 -48.74 45.72
CA THR A 4755 -24.95 -48.07 44.69
C THR A 4755 -26.45 -48.36 44.86
N ILE A 4756 -26.79 -49.64 45.11
CA ILE A 4756 -28.19 -50.01 45.29
C ILE A 4756 -28.76 -49.31 46.51
N LEU A 4757 -27.98 -49.22 47.59
CA LEU A 4757 -28.47 -48.55 48.79
C LEU A 4757 -28.55 -47.04 48.60
N SER A 4758 -27.60 -46.45 47.88
CA SER A 4758 -27.65 -45.02 47.59
C SER A 4758 -28.84 -44.70 46.70
N SER A 4759 -29.34 -45.68 45.95
CA SER A 4759 -30.57 -45.47 45.19
C SER A 4759 -31.72 -45.10 46.11
N VAL A 4760 -31.89 -45.81 47.22
CA VAL A 4760 -33.02 -45.55 48.10
C VAL A 4760 -32.71 -44.42 49.08
N THR A 4761 -31.43 -44.25 49.43
CA THR A 4761 -31.07 -43.18 50.37
C THR A 4761 -30.96 -41.84 49.67
N HIS A 4762 -30.88 -41.83 48.33
CA HIS A 4762 -30.85 -40.57 47.61
C HIS A 4762 -32.16 -39.80 47.80
N ASN A 4763 -33.28 -40.51 47.76
CA ASN A 4763 -34.60 -39.93 48.02
C ASN A 4763 -35.16 -40.38 49.36
N GLY A 4764 -34.30 -40.52 50.36
CA GLY A 4764 -34.75 -40.98 51.66
C GLY A 4764 -35.74 -40.02 52.32
N LYS A 4765 -35.48 -38.72 52.21
CA LYS A 4765 -36.41 -37.73 52.74
C LYS A 4765 -37.76 -37.84 52.05
N GLN A 4766 -37.75 -37.98 50.72
CA GLN A 4766 -39.00 -38.10 49.98
C GLN A 4766 -39.76 -39.36 50.38
N LEU A 4767 -39.05 -40.47 50.56
CA LEU A 4767 -39.70 -41.71 50.98
C LEU A 4767 -40.29 -41.59 52.38
N VAL A 4768 -39.56 -40.97 53.31
CA VAL A 4768 -40.07 -40.79 54.66
C VAL A 4768 -41.31 -39.91 54.66
N LEU A 4769 -41.29 -38.82 53.87
CA LEU A 4769 -42.46 -37.96 53.77
C LEU A 4769 -43.63 -38.68 53.12
N THR A 4770 -43.36 -39.55 52.15
CA THR A 4770 -44.42 -40.34 51.52
C THR A 4770 -45.05 -41.29 52.53
N VAL A 4771 -44.22 -41.93 53.37
CA VAL A 4771 -44.76 -42.79 54.43
C VAL A 4771 -45.58 -41.98 55.42
N GLY A 4772 -45.14 -40.79 55.79
CA GLY A 4772 -45.93 -39.95 56.67
C GLY A 4772 -47.27 -39.55 56.07
N LEU A 4773 -47.27 -39.20 54.78
CA LEU A 4773 -48.51 -38.89 54.09
C LEU A 4773 -49.44 -40.09 54.03
N LEU A 4774 -48.88 -41.28 53.80
CA LEU A 4774 -49.68 -42.49 53.83
C LEU A 4774 -50.29 -42.75 55.21
N ALA A 4775 -49.52 -42.50 56.27
CA ALA A 4775 -50.04 -42.63 57.62
C ALA A 4775 -51.10 -41.59 57.97
N VAL A 4776 -51.04 -40.41 57.36
CA VAL A 4776 -52.05 -39.38 57.59
C VAL A 4776 -53.33 -39.67 56.82
N VAL A 4777 -53.21 -40.10 55.56
CA VAL A 4777 -54.39 -40.41 54.76
C VAL A 4777 -55.16 -41.58 55.37
N VAL A 4778 -54.45 -42.62 55.79
CA VAL A 4778 -55.10 -43.76 56.41
C VAL A 4778 -55.72 -43.35 57.74
N TYR A 4779 -55.13 -42.38 58.45
CA TYR A 4779 -55.76 -41.86 59.66
C TYR A 4779 -57.07 -41.14 59.34
N LEU A 4780 -57.10 -40.38 58.24
CA LEU A 4780 -58.35 -39.74 57.83
C LEU A 4780 -59.41 -40.78 57.48
N TYR A 4781 -59.00 -41.83 56.76
CA TYR A 4781 -59.93 -42.92 56.47
C TYR A 4781 -60.41 -43.61 57.75
N THR A 4782 -59.52 -43.78 58.73
CA THR A 4782 -59.91 -44.38 59.99
C THR A 4782 -60.92 -43.51 60.72
N VAL A 4783 -60.72 -42.19 60.66
CA VAL A 4783 -61.68 -41.26 61.26
C VAL A 4783 -63.04 -41.39 60.59
N VAL A 4784 -63.05 -41.48 59.25
CA VAL A 4784 -64.30 -41.63 58.52
C VAL A 4784 -65.01 -42.93 58.93
N ALA A 4785 -64.25 -44.02 59.03
CA ALA A 4785 -64.83 -45.30 59.44
C ALA A 4785 -65.35 -45.23 60.87
N PHE A 4786 -64.59 -44.62 61.78
CA PHE A 4786 -65.01 -44.45 63.15
C PHE A 4786 -66.30 -43.63 63.26
N ASN A 4787 -66.48 -42.66 62.38
CA ASN A 4787 -67.70 -41.86 62.37
C ASN A 4787 -68.89 -42.61 61.78
N PHE A 4788 -68.69 -43.33 60.67
CA PHE A 4788 -69.80 -43.97 59.97
C PHE A 4788 -69.74 -45.49 60.02
N PHE A 4789 -68.64 -46.10 59.55
CA PHE A 4789 -68.60 -47.55 59.38
C PHE A 4789 -67.93 -48.19 60.60
N ARG A 4790 -68.76 -48.44 61.62
CA ARG A 4790 -68.30 -49.11 62.83
C ARG A 4790 -68.69 -50.58 62.88
N LYS A 4791 -69.97 -50.90 62.66
CA LYS A 4791 -70.41 -52.29 62.71
C LYS A 4791 -69.80 -53.10 61.57
N PHE A 4792 -69.34 -52.44 60.51
CA PHE A 4792 -68.71 -53.15 59.41
C PHE A 4792 -67.36 -53.73 59.81
N TYR A 4793 -66.72 -53.18 60.85
CA TYR A 4793 -65.39 -53.63 61.23
C TYR A 4793 -65.45 -54.77 62.25
N ASN A 4794 -66.60 -55.42 62.35
CA ASN A 4794 -66.71 -56.59 63.22
C ASN A 4794 -65.87 -57.73 62.64
N LYS A 4795 -64.94 -58.24 63.45
CA LYS A 4795 -63.99 -59.25 63.01
C LYS A 4795 -64.25 -60.57 63.72
N SER A 4796 -65.37 -60.66 64.43
CA SER A 4796 -65.71 -61.86 65.20
C SER A 4796 -65.94 -63.06 64.28
N GLU A 4797 -65.06 -64.07 64.40
CA GLU A 4797 -65.27 -65.30 63.65
C GLU A 4797 -66.54 -66.00 64.09
N ASP A 4798 -66.81 -66.01 65.40
CA ASP A 4798 -68.01 -66.58 65.97
C ASP A 4798 -68.91 -65.44 66.44
N GLY A 4799 -70.19 -65.52 66.09
CA GLY A 4799 -71.14 -64.47 66.45
C GLY A 4799 -71.38 -64.36 67.94
N ASP A 4800 -71.07 -65.42 68.69
CA ASP A 4800 -71.29 -65.40 70.13
C ASP A 4800 -70.42 -64.37 70.82
N THR A 4801 -69.16 -64.26 70.41
CA THR A 4801 -68.22 -63.35 71.06
C THR A 4801 -67.98 -62.14 70.17
N PRO A 4802 -68.52 -60.96 70.51
CA PRO A 4802 -68.26 -59.78 69.68
C PRO A 4802 -66.85 -59.25 69.90
N ASP A 4803 -66.09 -59.15 68.82
CA ASP A 4803 -64.75 -58.56 68.84
C ASP A 4803 -64.73 -57.42 67.85
N MET A 4804 -64.75 -56.19 68.36
CA MET A 4804 -64.84 -54.98 67.54
C MET A 4804 -63.46 -54.33 67.48
N LYS A 4805 -62.98 -54.09 66.27
CA LYS A 4805 -61.65 -53.53 66.06
C LYS A 4805 -61.64 -52.02 65.93
N CYS A 4806 -62.81 -51.37 65.92
CA CYS A 4806 -62.87 -49.92 65.71
C CYS A 4806 -63.73 -49.21 66.76
N ASP A 4807 -63.87 -49.79 67.96
CA ASP A 4807 -64.54 -49.05 69.04
C ASP A 4807 -63.68 -47.91 69.55
N ASP A 4808 -62.36 -48.08 69.52
CA ASP A 4808 -61.42 -47.09 70.00
C ASP A 4808 -60.62 -46.52 68.85
N MET A 4809 -60.30 -45.22 68.93
CA MET A 4809 -59.62 -44.54 67.84
C MET A 4809 -58.25 -45.16 67.57
N LEU A 4810 -57.48 -45.38 68.62
CA LEU A 4810 -56.13 -45.93 68.48
C LEU A 4810 -56.16 -47.35 67.93
N THR A 4811 -57.06 -48.18 68.46
CA THR A 4811 -57.16 -49.56 67.98
C THR A 4811 -57.60 -49.59 66.53
N CYS A 4812 -58.54 -48.73 66.16
CA CYS A 4812 -59.01 -48.69 64.78
C CYS A 4812 -57.90 -48.25 63.83
N TYR A 4813 -57.11 -47.24 64.23
CA TYR A 4813 -56.00 -46.80 63.39
C TYR A 4813 -54.92 -47.86 63.26
N MET A 4814 -54.58 -48.54 64.37
CA MET A 4814 -53.59 -49.61 64.31
C MET A 4814 -54.06 -50.75 63.43
N PHE A 4815 -55.35 -51.10 63.52
CA PHE A 4815 -55.92 -52.11 62.63
C PHE A 4815 -55.83 -51.67 61.18
N HIS A 4816 -56.23 -50.43 60.88
CA HIS A 4816 -56.12 -49.93 59.51
C HIS A 4816 -54.71 -50.08 58.99
N MET A 4817 -53.72 -49.58 59.72
CA MET A 4817 -52.34 -49.78 59.29
C MET A 4817 -52.04 -51.26 59.05
N TYR A 4818 -52.02 -52.04 60.13
CA TYR A 4818 -51.44 -53.37 60.11
C TYR A 4818 -52.12 -54.28 59.10
N VAL A 4819 -53.42 -54.10 58.90
CA VAL A 4819 -54.19 -54.98 58.03
C VAL A 4819 -54.37 -54.37 56.64
N GLY A 4820 -54.96 -53.17 56.55
CA GLY A 4820 -55.27 -52.61 55.25
C GLY A 4820 -54.04 -52.26 54.44
N VAL A 4821 -53.03 -51.64 55.08
CA VAL A 4821 -51.86 -51.23 54.31
C VAL A 4821 -51.09 -52.41 53.74
N ARG A 4822 -51.05 -53.52 54.47
CA ARG A 4822 -50.38 -54.72 54.00
C ARG A 4822 -51.23 -55.55 53.05
N ALA A 4823 -52.55 -55.46 53.16
CA ALA A 4823 -53.44 -56.25 52.31
C ALA A 4823 -53.38 -55.75 50.86
N GLY A 4824 -53.31 -56.70 49.93
CA GLY A 4824 -53.26 -56.32 48.53
C GLY A 4824 -54.55 -55.69 48.03
N GLY A 4825 -55.69 -56.27 48.40
CA GLY A 4825 -56.96 -55.72 47.94
C GLY A 4825 -57.35 -54.44 48.64
N GLY A 4826 -57.01 -54.31 49.91
CA GLY A 4826 -57.34 -53.16 50.71
C GLY A 4826 -58.07 -53.55 51.98
N ILE A 4827 -58.66 -52.54 52.62
CA ILE A 4827 -59.41 -52.76 53.85
C ILE A 4827 -60.73 -53.46 53.59
N GLY A 4828 -61.27 -53.35 52.36
CA GLY A 4828 -62.52 -54.00 52.02
C GLY A 4828 -62.43 -55.50 51.95
N ASP A 4829 -61.34 -56.04 51.43
CA ASP A 4829 -61.14 -57.48 51.40
C ASP A 4829 -60.93 -58.07 52.79
N GLU A 4830 -60.74 -57.22 53.79
CA GLU A 4830 -60.52 -57.65 55.16
C GLU A 4830 -61.79 -57.53 56.01
N ILE A 4831 -62.40 -56.35 56.03
CA ILE A 4831 -63.59 -56.13 56.86
C ILE A 4831 -64.84 -56.62 56.12
N GLU A 4832 -65.96 -56.66 56.85
CA GLU A 4832 -67.17 -57.37 56.44
C GLU A 4832 -67.77 -56.77 55.16
N ASP A 4833 -68.60 -57.59 54.48
CA ASP A 4833 -69.30 -57.30 53.23
C ASP A 4833 -70.47 -56.34 53.48
N PRO A 4834 -70.74 -55.42 52.55
CA PRO A 4834 -71.75 -54.39 52.79
C PRO A 4834 -73.15 -54.69 52.25
N ALA A 4835 -73.35 -55.86 51.65
CA ALA A 4835 -74.57 -56.14 50.92
C ALA A 4835 -75.81 -56.01 51.80
N GLY A 4836 -76.86 -55.42 51.24
CA GLY A 4836 -78.11 -55.23 51.95
C GLY A 4836 -78.03 -54.31 53.15
N ASP A 4837 -77.37 -53.16 52.97
CA ASP A 4837 -77.23 -52.19 54.06
C ASP A 4837 -77.48 -50.79 53.52
N GLU A 4838 -77.82 -49.88 54.44
CA GLU A 4838 -78.13 -48.50 54.05
C GLU A 4838 -76.92 -47.80 53.47
N TYR A 4839 -75.74 -48.04 54.06
CA TYR A 4839 -74.51 -47.37 53.64
C TYR A 4839 -73.75 -48.17 52.60
N GLU A 4840 -74.44 -48.92 51.75
CA GLU A 4840 -73.79 -49.78 50.77
C GLU A 4840 -72.93 -48.99 49.79
N ILE A 4841 -73.51 -47.97 49.17
CA ILE A 4841 -72.80 -47.22 48.14
C ILE A 4841 -71.66 -46.42 48.75
N TYR A 4842 -71.88 -45.84 49.93
CA TYR A 4842 -70.82 -45.09 50.60
C TYR A 4842 -69.67 -46.00 50.98
N ARG A 4843 -69.99 -47.20 51.46
CA ARG A 4843 -68.96 -48.20 51.78
C ARG A 4843 -68.18 -48.60 50.54
N ILE A 4844 -68.87 -48.81 49.41
CA ILE A 4844 -68.19 -49.18 48.18
C ILE A 4844 -67.25 -48.08 47.72
N ILE A 4845 -67.71 -46.83 47.76
CA ILE A 4845 -66.86 -45.70 47.38
C ILE A 4845 -65.67 -45.60 48.32
N PHE A 4846 -65.90 -45.83 49.62
CA PHE A 4846 -64.81 -45.83 50.60
C PHE A 4846 -63.75 -46.86 50.22
N ASP A 4847 -64.17 -48.09 49.93
CA ASP A 4847 -63.22 -49.14 49.58
C ASP A 4847 -62.46 -48.82 48.30
N ILE A 4848 -63.18 -48.33 47.28
CA ILE A 4848 -62.54 -48.04 45.99
C ILE A 4848 -61.52 -46.91 46.15
N THR A 4849 -61.89 -45.85 46.88
CA THR A 4849 -60.95 -44.76 47.10
C THR A 4849 -59.75 -45.21 47.91
N PHE A 4850 -59.97 -46.04 48.93
CA PHE A 4850 -58.85 -46.56 49.72
C PHE A 4850 -57.91 -47.36 48.84
N PHE A 4851 -58.45 -48.25 48.01
CA PHE A 4851 -57.61 -49.07 47.15
C PHE A 4851 -56.83 -48.22 46.15
N PHE A 4852 -57.50 -47.24 45.54
CA PHE A 4852 -56.82 -46.44 44.53
C PHE A 4852 -55.75 -45.55 45.14
N PHE A 4853 -56.04 -44.91 46.27
CA PHE A 4853 -55.09 -43.96 46.85
C PHE A 4853 -53.98 -44.68 47.62
N VAL A 4854 -54.36 -45.42 48.66
CA VAL A 4854 -53.37 -45.99 49.57
C VAL A 4854 -52.62 -47.14 48.90
N ILE A 4855 -53.36 -48.13 48.41
CA ILE A 4855 -52.73 -49.35 47.90
C ILE A 4855 -51.99 -49.09 46.59
N VAL A 4856 -52.58 -48.32 45.69
CA VAL A 4856 -52.04 -48.19 44.33
C VAL A 4856 -51.13 -46.97 44.22
N ILE A 4857 -51.69 -45.77 44.44
CA ILE A 4857 -50.97 -44.54 44.11
C ILE A 4857 -49.75 -44.37 45.02
N LEU A 4858 -49.93 -44.52 46.32
CA LEU A 4858 -48.83 -44.27 47.25
C LEU A 4858 -47.67 -45.24 47.04
N LEU A 4859 -47.98 -46.53 46.86
CA LEU A 4859 -46.94 -47.49 46.52
C LEU A 4859 -46.31 -47.17 45.17
N ALA A 4860 -47.13 -46.74 44.21
CA ALA A 4860 -46.60 -46.28 42.93
C ALA A 4860 -45.69 -45.07 43.13
N ILE A 4861 -46.07 -44.17 44.04
CA ILE A 4861 -45.23 -43.01 44.33
C ILE A 4861 -43.88 -43.44 44.88
N ILE A 4862 -43.87 -44.39 45.82
CA ILE A 4862 -42.62 -44.85 46.41
C ILE A 4862 -41.73 -45.50 45.35
N GLN A 4863 -42.32 -46.40 44.55
CA GLN A 4863 -41.53 -47.09 43.53
C GLN A 4863 -41.01 -46.12 42.48
N GLY A 4864 -41.84 -45.12 42.12
CA GLY A 4864 -41.40 -44.13 41.17
C GLY A 4864 -40.29 -43.26 41.70
N LEU A 4865 -40.33 -42.94 43.00
CA LEU A 4865 -39.24 -42.22 43.62
C LEU A 4865 -37.94 -43.01 43.54
N ILE A 4866 -38.02 -44.32 43.81
CA ILE A 4866 -36.84 -45.16 43.75
C ILE A 4866 -36.29 -45.22 42.33
N ILE A 4867 -37.18 -45.39 41.34
CA ILE A 4867 -36.74 -45.48 39.94
C ILE A 4867 -36.15 -44.16 39.48
N ASP A 4868 -36.77 -43.05 39.88
CA ASP A 4868 -36.24 -41.73 39.54
C ASP A 4868 -34.88 -41.51 40.18
N ALA A 4869 -34.66 -42.09 41.36
CA ALA A 4869 -33.34 -42.02 41.97
C ALA A 4869 -32.31 -42.78 41.15
N PHE A 4870 -32.65 -43.99 40.70
CA PHE A 4870 -31.75 -44.68 39.76
C PHE A 4870 -31.44 -43.81 38.55
N GLY A 4871 -32.48 -43.23 37.95
CA GLY A 4871 -32.28 -42.44 36.74
C GLY A 4871 -31.41 -41.22 37.00
N GLU A 4872 -31.63 -40.54 38.12
CA GLU A 4872 -30.86 -39.35 38.45
C GLU A 4872 -29.39 -39.69 38.70
N LEU A 4873 -29.13 -40.81 39.39
CA LEU A 4873 -27.75 -41.23 39.59
C LEU A 4873 -27.07 -41.54 38.27
N ARG A 4874 -27.76 -42.26 37.38
CA ARG A 4874 -27.18 -42.57 36.07
C ARG A 4874 -26.92 -41.30 35.26
N ASP A 4875 -27.86 -40.35 35.29
CA ASP A 4875 -27.65 -39.10 34.56
C ASP A 4875 -26.50 -38.30 35.14
N GLN A 4876 -26.34 -38.32 36.47
CA GLN A 4876 -25.20 -37.63 37.08
C GLN A 4876 -23.88 -38.26 36.63
N GLN A 4877 -23.81 -39.59 36.60
CA GLN A 4877 -22.60 -40.25 36.13
C GLN A 4877 -22.30 -39.91 34.68
N GLU A 4878 -23.33 -39.93 33.83
CA GLU A 4878 -23.13 -39.58 32.42
C GLU A 4878 -22.70 -38.12 32.26
N GLN A 4879 -23.28 -37.23 33.06
CA GLN A 4879 -22.89 -35.82 33.05
C GLN A 4879 -21.41 -35.67 33.38
N VAL A 4880 -20.96 -36.33 34.45
CA VAL A 4880 -19.55 -36.25 34.82
C VAL A 4880 -18.69 -36.80 33.69
N LYS A 4881 -19.09 -37.94 33.11
CA LYS A 4881 -18.31 -38.57 32.05
C LYS A 4881 -18.12 -37.64 30.86
N GLU A 4882 -19.22 -37.09 30.33
CA GLU A 4882 -19.10 -36.32 29.10
C GLU A 4882 -18.53 -34.93 29.39
N ASP A 4883 -18.71 -34.44 30.61
CA ASP A 4883 -18.04 -33.20 31.01
C ASP A 4883 -16.53 -33.36 30.98
N MET A 4884 -16.03 -34.46 31.57
CA MET A 4884 -14.60 -34.74 31.52
C MET A 4884 -14.13 -34.93 30.08
N GLU A 4885 -14.89 -35.65 29.27
CA GLU A 4885 -14.47 -35.95 27.91
C GLU A 4885 -14.64 -34.79 26.94
N THR A 4886 -15.35 -33.72 27.32
CA THR A 4886 -15.52 -32.57 26.43
C THR A 4886 -14.85 -31.30 26.92
N LYS A 4887 -14.52 -31.19 28.20
CA LYS A 4887 -13.87 -29.98 28.70
C LYS A 4887 -12.64 -30.34 29.50
N CYS A 4888 -11.56 -29.58 29.31
CA CYS A 4888 -10.38 -29.74 30.14
C CYS A 4888 -10.69 -29.27 31.55
N PHE A 4889 -10.18 -30.01 32.54
CA PHE A 4889 -10.56 -29.75 33.93
C PHE A 4889 -10.07 -28.38 34.40
N ILE A 4890 -8.85 -28.01 34.03
CA ILE A 4890 -8.28 -26.76 34.51
C ILE A 4890 -8.52 -25.63 33.51
N CYS A 4891 -8.26 -25.90 32.23
CA CYS A 4891 -8.41 -24.87 31.21
C CYS A 4891 -9.86 -24.42 31.08
N GLY A 4892 -10.79 -25.37 31.07
CA GLY A 4892 -12.17 -25.05 30.75
C GLY A 4892 -12.44 -24.83 29.29
N ILE A 4893 -11.47 -25.12 28.42
CA ILE A 4893 -11.59 -24.92 26.99
C ILE A 4893 -12.25 -26.13 26.36
N GLY A 4894 -13.00 -25.91 25.28
CA GLY A 4894 -13.66 -26.99 24.60
C GLY A 4894 -12.66 -27.96 23.95
N ASN A 4895 -13.14 -29.19 23.75
CA ASN A 4895 -12.26 -30.23 23.23
C ASN A 4895 -11.98 -30.05 21.75
N ASP A 4896 -12.91 -29.44 21.01
CA ASP A 4896 -12.77 -29.33 19.56
C ASP A 4896 -11.59 -28.47 19.17
N TYR A 4897 -11.34 -27.38 19.91
CA TYR A 4897 -10.24 -26.49 19.57
C TYR A 4897 -8.91 -27.21 19.64
N PHE A 4898 -8.70 -28.01 20.69
CA PHE A 4898 -7.50 -28.84 20.75
C PHE A 4898 -7.54 -29.93 19.68
N ASP A 4899 -8.72 -30.50 19.42
CA ASP A 4899 -8.84 -31.61 18.47
C ASP A 4899 -8.65 -31.18 17.03
N THR A 4900 -8.57 -29.88 16.75
CA THR A 4900 -8.18 -29.44 15.41
C THR A 4900 -6.85 -30.04 14.98
N VAL A 4901 -5.94 -30.25 15.92
CA VAL A 4901 -4.73 -31.06 15.70
C VAL A 4901 -5.06 -32.47 16.18
N PRO A 4902 -4.69 -33.51 15.45
CA PRO A 4902 -5.06 -34.87 15.86
C PRO A 4902 -4.58 -35.19 17.26
N HIS A 4903 -5.48 -35.80 18.05
CA HIS A 4903 -5.21 -36.17 19.44
C HIS A 4903 -4.85 -34.94 20.29
N GLY A 4904 -5.30 -33.77 19.86
CA GLY A 4904 -4.95 -32.55 20.56
C GLY A 4904 -5.55 -32.48 21.95
N PHE A 4905 -6.81 -32.89 22.09
CA PHE A 4905 -7.46 -32.84 23.40
C PHE A 4905 -6.79 -33.78 24.40
N GLU A 4906 -6.49 -35.02 23.97
CA GLU A 4906 -5.84 -35.94 24.89
C GLU A 4906 -4.43 -35.47 25.22
N THR A 4907 -3.73 -34.90 24.24
CA THR A 4907 -2.39 -34.37 24.52
C THR A 4907 -2.46 -33.24 25.54
N HIS A 4908 -3.42 -32.33 25.37
CA HIS A 4908 -3.57 -31.21 26.31
C HIS A 4908 -3.94 -31.71 27.70
N THR A 4909 -4.84 -32.69 27.78
CA THR A 4909 -5.33 -33.15 29.07
C THR A 4909 -4.38 -34.10 29.79
N LEU A 4910 -3.45 -34.73 29.07
CA LEU A 4910 -2.56 -35.71 29.69
C LEU A 4910 -1.11 -35.26 29.76
N GLN A 4911 -0.72 -34.23 29.02
CA GLN A 4911 0.66 -33.78 29.04
C GLN A 4911 0.77 -32.33 29.51
N GLU A 4912 -0.07 -31.45 28.97
CA GLU A 4912 0.04 -30.03 29.27
C GLU A 4912 -0.62 -29.68 30.59
N HIS A 4913 -1.88 -30.06 30.76
CA HIS A 4913 -2.69 -29.64 31.90
C HIS A 4913 -3.20 -30.83 32.71
N ASN A 4914 -2.31 -31.76 33.04
CA ASN A 4914 -2.71 -32.91 33.84
C ASN A 4914 -2.86 -32.51 35.31
N LEU A 4915 -4.03 -32.82 35.89
CA LEU A 4915 -4.25 -32.53 37.29
C LEU A 4915 -3.29 -33.29 38.18
N ALA A 4916 -2.88 -34.50 37.75
CA ALA A 4916 -1.83 -35.22 38.46
C ALA A 4916 -0.53 -34.44 38.44
N ASN A 4917 -0.20 -33.82 37.30
CA ASN A 4917 1.00 -32.99 37.22
C ASN A 4917 0.91 -31.79 38.14
N TYR A 4918 -0.27 -31.14 38.20
CA TYR A 4918 -0.44 -30.02 39.11
C TYR A 4918 -0.28 -30.46 40.57
N LEU A 4919 -0.85 -31.60 40.94
CA LEU A 4919 -0.71 -32.12 42.30
C LEU A 4919 0.76 -32.45 42.61
N PHE A 4920 1.46 -33.06 41.66
CA PHE A 4920 2.87 -33.34 41.87
C PHE A 4920 3.69 -32.06 41.99
N PHE A 4921 3.32 -31.02 41.26
CA PHE A 4921 3.98 -29.73 41.44
C PHE A 4921 3.74 -29.16 42.83
N LEU A 4922 2.51 -29.28 43.34
CA LEU A 4922 2.25 -28.84 44.71
C LEU A 4922 3.11 -29.61 45.71
N MET A 4923 3.21 -30.94 45.53
CA MET A 4923 4.07 -31.74 46.39
C MET A 4923 5.53 -31.30 46.27
N TYR A 4924 5.98 -31.01 45.04
CA TYR A 4924 7.36 -30.60 44.85
C TYR A 4924 7.65 -29.28 45.54
N LEU A 4925 6.71 -28.33 45.46
CA LEU A 4925 6.88 -27.06 46.16
C LEU A 4925 6.91 -27.27 47.68
N ILE A 4926 6.02 -28.12 48.20
CA ILE A 4926 5.99 -28.34 49.64
C ILE A 4926 7.28 -29.00 50.12
N ASN A 4927 7.74 -30.03 49.40
CA ASN A 4927 8.93 -30.76 49.82
C ASN A 4927 10.20 -29.92 49.67
N LYS A 4928 10.29 -29.14 48.60
CA LYS A 4928 11.48 -28.33 48.36
C LYS A 4928 11.64 -27.25 49.42
N ASP A 4929 12.90 -26.98 49.76
CA ASP A 4929 13.21 -25.92 50.70
C ASP A 4929 12.88 -24.56 50.07
N GLU A 4930 12.44 -23.63 50.92
CA GLU A 4930 12.05 -22.31 50.44
C GLU A 4930 13.22 -21.50 49.91
N THR A 4931 14.44 -21.77 50.36
CA THR A 4931 15.60 -20.99 49.94
C THR A 4931 15.93 -21.24 48.48
N GLU A 4932 15.87 -22.49 48.03
CA GLU A 4932 16.22 -22.84 46.66
C GLU A 4932 15.06 -22.71 45.68
N HIS A 4933 13.99 -22.00 46.07
CA HIS A 4933 12.89 -21.76 45.13
C HIS A 4933 13.37 -20.89 43.98
N THR A 4934 12.96 -21.26 42.76
CA THR A 4934 13.28 -20.49 41.58
C THR A 4934 12.33 -19.29 41.50
N GLY A 4935 12.39 -18.53 40.41
CA GLY A 4935 11.47 -17.41 40.27
C GLY A 4935 10.02 -17.86 40.17
N GLN A 4936 9.75 -18.81 39.26
CA GLN A 4936 8.39 -19.33 39.12
C GLN A 4936 7.95 -20.06 40.39
N GLU A 4937 8.85 -20.82 41.00
CA GLU A 4937 8.51 -21.56 42.20
C GLU A 4937 8.15 -20.61 43.34
N SER A 4938 8.94 -19.54 43.51
CA SER A 4938 8.64 -18.55 44.54
C SER A 4938 7.33 -17.82 44.25
N TYR A 4939 7.08 -17.46 42.99
CA TYR A 4939 5.85 -16.78 42.61
C TYR A 4939 4.62 -17.63 42.92
N VAL A 4940 4.61 -18.88 42.46
CA VAL A 4940 3.53 -19.80 42.77
C VAL A 4940 3.43 -20.11 44.26
N TRP A 4941 4.55 -20.21 44.98
CA TRP A 4941 4.52 -20.47 46.42
C TRP A 4941 3.89 -19.31 47.17
N LYS A 4942 4.22 -18.07 46.80
CA LYS A 4942 3.61 -16.92 47.45
C LYS A 4942 2.09 -16.90 47.21
N MET A 4943 1.66 -17.14 45.97
CA MET A 4943 0.21 -17.17 45.76
C MET A 4943 -0.45 -18.37 46.44
N TYR A 4944 0.25 -19.51 46.58
CA TYR A 4944 -0.34 -20.64 47.29
C TYR A 4944 -0.48 -20.33 48.78
N GLN A 4945 0.52 -19.66 49.36
CA GLN A 4945 0.48 -19.31 50.77
C GLN A 4945 -0.51 -18.19 51.07
N GLU A 4946 -0.79 -17.30 50.12
CA GLU A 4946 -1.84 -16.30 50.28
C GLU A 4946 -3.19 -16.82 49.77
N ARG A 4947 -3.22 -18.03 49.24
CA ARG A 4947 -4.45 -18.66 48.74
C ARG A 4947 -5.09 -17.80 47.65
N CYS A 4948 -4.28 -17.48 46.65
CA CYS A 4948 -4.73 -16.81 45.43
C CYS A 4948 -4.48 -17.74 44.26
N TRP A 4949 -5.57 -18.25 43.66
CA TRP A 4949 -5.48 -19.25 42.61
C TRP A 4949 -5.48 -18.63 41.21
N GLU A 4950 -4.97 -17.40 41.08
CA GLU A 4950 -4.93 -16.76 39.77
C GLU A 4950 -3.87 -17.39 38.87
N PHE A 4951 -2.85 -18.02 39.47
CA PHE A 4951 -1.78 -18.61 38.66
C PHE A 4951 -2.28 -19.79 37.85
N PHE A 4952 -3.43 -20.34 38.22
CA PHE A 4952 -3.98 -21.45 37.46
C PHE A 4952 -4.52 -20.96 36.12
N PRO A 4953 -4.22 -21.64 35.01
CA PRO A 4953 -4.70 -21.17 33.71
C PRO A 4953 -6.22 -21.30 33.62
N ALA A 4954 -6.86 -20.21 33.20
CA ALA A 4954 -8.32 -20.15 33.09
C ALA A 4954 -8.69 -19.58 31.74
N GLY A 4955 -9.18 -20.43 30.84
CA GLY A 4955 -9.68 -19.98 29.55
C GLY A 4955 -8.62 -19.82 28.49
N ASP A 4956 -7.35 -19.84 28.90
CA ASP A 4956 -6.23 -19.65 28.00
C ASP A 4956 -5.18 -20.72 28.26
N CYS A 4957 -4.39 -21.02 27.23
CA CYS A 4957 -3.36 -22.04 27.32
C CYS A 4957 -2.16 -21.63 26.47
N PHE A 4958 -1.13 -22.48 26.52
CA PHE A 4958 0.08 -22.23 25.74
C PHE A 4958 -0.23 -22.18 24.25
N ARG A 4959 -1.06 -23.10 23.77
CA ARG A 4959 -1.40 -23.13 22.35
C ARG A 4959 -2.16 -21.88 21.93
N LYS A 4960 -3.11 -21.43 22.76
CA LYS A 4960 -3.83 -20.20 22.44
C LYS A 4960 -2.89 -19.00 22.43
N GLN A 4961 -1.99 -18.91 23.42
CA GLN A 4961 -1.13 -17.74 23.50
C GLN A 4961 -0.11 -17.71 22.37
N TYR A 4962 0.44 -18.87 22.00
CA TYR A 4962 1.46 -18.91 20.95
C TYR A 4962 0.95 -19.66 19.73
N GLU A 4963 -0.31 -19.41 19.36
CA GLU A 4963 -0.92 -20.14 18.24
C GLU A 4963 -0.15 -19.95 16.95
N ASP A 4964 -0.06 -18.71 16.46
CA ASP A 4964 0.50 -18.50 15.12
C ASP A 4964 2.01 -18.69 15.11
N GLN A 4965 2.68 -18.55 16.26
CA GLN A 4965 4.10 -18.89 16.29
C GLN A 4965 4.30 -20.41 16.25
N LEU A 4966 3.53 -21.15 17.04
CA LEU A 4966 3.63 -22.61 17.00
C LEU A 4966 3.11 -23.16 15.68
N ASN A 4967 2.00 -22.61 15.18
CA ASN A 4967 1.40 -23.08 13.94
C ASN A 4967 1.76 -22.16 12.78
N GLU B 10 25.27 -7.70 10.25
CA GLU B 10 25.83 -8.29 11.47
C GLU B 10 27.24 -8.81 11.18
N ILE B 11 28.08 -8.86 12.21
CA ILE B 11 29.49 -9.21 12.02
C ILE B 11 29.64 -10.70 11.75
N GLN B 12 30.39 -11.02 10.71
CA GLN B 12 30.76 -12.41 10.45
C GLN B 12 32.11 -12.73 11.07
N PHE B 13 32.42 -14.02 11.15
CA PHE B 13 33.67 -14.51 11.71
C PHE B 13 34.33 -15.47 10.72
N LEU B 14 35.64 -15.35 10.57
CA LEU B 14 36.38 -16.24 9.67
C LEU B 14 36.38 -17.66 10.24
N ARG B 15 36.13 -18.63 9.37
CA ARG B 15 36.14 -20.04 9.73
C ARG B 15 37.17 -20.79 8.90
N THR B 16 37.33 -22.07 9.22
CA THR B 16 38.25 -22.90 8.46
C THR B 16 37.70 -23.18 7.07
N ASP B 17 38.60 -23.54 6.16
CA ASP B 17 38.29 -23.80 4.75
C ASP B 17 37.72 -22.57 4.04
N ASP B 18 37.81 -21.40 4.66
CA ASP B 18 37.43 -20.15 4.02
C ASP B 18 38.63 -19.55 3.30
N GLU B 19 38.37 -18.97 2.14
CA GLU B 19 39.41 -18.41 1.29
C GLU B 19 39.53 -16.92 1.58
N VAL B 20 40.76 -16.46 1.85
CA VAL B 20 41.01 -15.10 2.28
C VAL B 20 42.19 -14.52 1.52
N VAL B 21 42.31 -13.20 1.59
CA VAL B 21 43.42 -12.46 1.01
C VAL B 21 43.97 -11.52 2.08
N LEU B 22 45.29 -11.58 2.30
CA LEU B 22 45.95 -10.75 3.30
C LEU B 22 46.38 -9.44 2.64
N GLN B 23 45.95 -8.32 3.22
CA GLN B 23 46.27 -7.00 2.70
C GLN B 23 47.15 -6.22 3.68
N CYS B 24 48.04 -5.41 3.12
CA CYS B 24 48.89 -4.52 3.91
C CYS B 24 48.83 -3.12 3.30
N THR B 25 49.01 -2.12 4.17
CA THR B 25 48.90 -0.72 3.79
C THR B 25 50.28 -0.08 3.78
N ALA B 26 50.63 0.56 2.66
CA ALA B 26 51.94 1.19 2.50
C ALA B 26 51.75 2.61 2.00
N THR B 27 52.32 3.58 2.73
CA THR B 27 52.25 4.99 2.35
C THR B 27 53.56 5.42 1.67
N ILE B 28 53.79 4.82 0.50
CA ILE B 28 54.98 5.12 -0.28
C ILE B 28 54.81 6.47 -0.96
N HIS B 29 55.88 7.27 -0.97
CA HIS B 29 55.90 8.62 -1.54
C HIS B 29 54.67 9.45 -1.15
N LYS B 30 54.32 9.41 0.14
CA LYS B 30 53.27 10.26 0.71
C LYS B 30 51.90 9.98 0.09
N GLU B 31 51.71 8.79 -0.47
CA GLU B 31 50.43 8.37 -1.02
C GLU B 31 50.16 6.94 -0.56
N GLN B 32 48.94 6.69 -0.10
CA GLN B 32 48.62 5.38 0.47
C GLN B 32 48.34 4.36 -0.63
N GLN B 33 48.96 3.20 -0.52
CA GLN B 33 48.73 2.08 -1.42
C GLN B 33 48.16 0.91 -0.65
N LYS B 34 47.35 0.10 -1.33
CA LYS B 34 46.79 -1.12 -0.76
C LYS B 34 47.40 -2.31 -1.49
N LEU B 35 48.17 -3.12 -0.77
CA LEU B 35 48.90 -4.23 -1.34
C LEU B 35 48.35 -5.55 -0.81
N CYS B 36 48.67 -6.62 -1.52
CA CYS B 36 48.24 -7.96 -1.14
C CYS B 36 49.42 -8.93 -1.21
N LEU B 37 49.38 -9.94 -0.36
CA LEU B 37 50.41 -10.98 -0.35
C LEU B 37 50.17 -11.93 -1.52
N ALA B 38 51.17 -12.06 -2.39
CA ALA B 38 51.06 -12.88 -3.58
C ALA B 38 52.23 -13.85 -3.64
N ALA B 39 52.00 -14.98 -4.32
CA ALA B 39 53.03 -15.97 -4.52
C ALA B 39 52.69 -16.79 -5.77
N GLU B 40 53.74 -17.21 -6.48
CA GLU B 40 53.60 -17.97 -7.72
C GLU B 40 54.14 -19.37 -7.47
N GLY B 41 53.33 -20.39 -7.80
CA GLY B 41 53.70 -21.77 -7.56
C GLY B 41 54.98 -22.20 -8.24
N PHE B 42 54.96 -22.29 -9.57
CA PHE B 42 56.16 -22.64 -10.31
C PHE B 42 57.05 -21.41 -10.46
N GLY B 43 58.35 -21.65 -10.54
CA GLY B 43 59.29 -20.53 -10.63
C GLY B 43 59.64 -20.02 -9.25
N ASN B 44 59.65 -18.69 -9.10
CA ASN B 44 60.04 -18.09 -7.84
C ASN B 44 59.07 -18.47 -6.71
N ARG B 45 59.58 -19.21 -5.73
CA ARG B 45 58.80 -19.55 -4.55
C ARG B 45 58.66 -18.38 -3.59
N LEU B 46 59.50 -17.34 -3.74
CA LEU B 46 59.46 -16.20 -2.83
C LEU B 46 58.20 -15.39 -3.05
N CYS B 47 57.55 -15.01 -1.95
CA CYS B 47 56.33 -14.23 -2.03
C CYS B 47 56.65 -12.77 -2.38
N PHE B 48 55.77 -12.17 -3.17
CA PHE B 48 55.88 -10.77 -3.53
C PHE B 48 54.52 -10.10 -3.31
N LEU B 49 54.53 -8.77 -3.31
CA LEU B 49 53.34 -7.99 -3.02
C LEU B 49 52.75 -7.43 -4.31
N GLU B 50 51.43 -7.60 -4.45
CA GLU B 50 50.69 -7.13 -5.62
C GLU B 50 49.80 -5.97 -5.20
N SER B 51 49.94 -4.83 -5.89
CA SER B 51 49.16 -3.66 -5.55
C SER B 51 47.71 -3.82 -6.01
N THR B 52 46.77 -3.40 -5.16
CA THR B 52 45.35 -3.44 -5.48
C THR B 52 44.68 -2.10 -5.25
N SER B 53 45.46 -1.03 -5.10
CA SER B 53 44.90 0.30 -4.89
C SER B 53 44.33 0.88 -6.19
N ASN B 54 45.15 0.90 -7.24
CA ASN B 54 44.72 1.38 -8.56
C ASN B 54 44.13 0.28 -9.42
N SER B 55 43.07 -0.38 -8.95
CA SER B 55 42.43 -1.43 -9.73
C SER B 55 41.78 -0.87 -10.98
N LYS B 56 41.55 0.45 -11.02
CA LYS B 56 40.89 1.07 -12.16
C LYS B 56 41.77 1.02 -13.41
N ASN B 57 43.04 1.41 -13.29
CA ASN B 57 43.90 1.46 -14.46
C ASN B 57 44.65 0.15 -14.67
N VAL B 58 44.96 -0.57 -13.59
CA VAL B 58 45.67 -1.84 -13.67
C VAL B 58 44.91 -2.87 -12.86
N PRO B 59 44.42 -3.94 -13.47
CA PRO B 59 43.66 -4.96 -12.72
C PRO B 59 44.56 -5.67 -11.73
N PRO B 60 44.01 -6.13 -10.60
CA PRO B 60 44.81 -6.92 -9.66
C PRO B 60 44.73 -8.40 -9.98
N ASP B 61 45.83 -9.10 -9.71
CA ASP B 61 45.91 -10.55 -9.94
C ASP B 61 45.68 -11.29 -8.61
N LEU B 62 44.40 -11.33 -8.23
CA LEU B 62 44.04 -11.94 -6.95
C LEU B 62 44.13 -13.47 -6.99
N SER B 63 44.23 -14.06 -8.18
CA SER B 63 44.27 -15.52 -8.28
C SER B 63 45.49 -16.09 -7.56
N ILE B 64 46.61 -15.38 -7.60
CA ILE B 64 47.82 -15.81 -6.90
C ILE B 64 47.95 -15.06 -5.58
N CYS B 65 46.89 -14.35 -5.20
CA CYS B 65 46.86 -13.64 -3.92
C CYS B 65 45.91 -14.31 -2.93
N THR B 66 45.05 -15.20 -3.39
CA THR B 66 44.06 -15.86 -2.54
C THR B 66 44.72 -16.97 -1.72
N PHE B 67 44.35 -17.07 -0.45
CA PHE B 67 44.79 -18.12 0.44
C PHE B 67 43.57 -18.71 1.16
N VAL B 68 43.65 -20.00 1.51
CA VAL B 68 42.57 -20.70 2.18
C VAL B 68 43.06 -21.15 3.55
N LEU B 69 42.19 -21.00 4.56
CA LEU B 69 42.54 -21.34 5.94
C LEU B 69 42.10 -22.77 6.27
N GLU B 70 43.02 -23.72 6.14
CA GLU B 70 42.69 -25.12 6.41
C GLU B 70 42.33 -25.37 7.86
N GLN B 71 43.27 -25.16 8.78
CA GLN B 71 43.11 -25.56 10.17
C GLN B 71 43.49 -24.43 11.10
N SER B 72 42.71 -24.26 12.16
CA SER B 72 43.03 -23.36 13.25
C SER B 72 43.11 -24.16 14.54
N LEU B 73 44.28 -24.18 15.16
CA LEU B 73 44.53 -25.01 16.33
C LEU B 73 45.31 -24.22 17.38
N SER B 74 45.16 -24.66 18.63
CA SER B 74 45.87 -24.02 19.73
C SER B 74 47.36 -24.34 19.64
N VAL B 75 48.17 -23.53 20.33
CA VAL B 75 49.62 -23.70 20.27
C VAL B 75 50.04 -25.03 20.86
N ARG B 76 49.38 -25.45 21.95
CA ARG B 76 49.76 -26.71 22.57
C ARG B 76 49.31 -27.89 21.72
N ALA B 77 48.16 -27.78 21.07
CA ALA B 77 47.74 -28.82 20.12
C ALA B 77 48.74 -28.91 18.96
N LEU B 78 49.23 -27.77 18.50
CA LEU B 78 50.30 -27.76 17.51
C LEU B 78 51.56 -28.45 18.02
N GLN B 79 51.95 -28.21 19.26
CA GLN B 79 53.09 -28.91 19.84
C GLN B 79 52.86 -30.42 19.89
N GLU B 80 51.67 -30.84 20.31
CA GLU B 80 51.38 -32.27 20.42
C GLU B 80 51.40 -32.95 19.05
N MET B 81 50.77 -32.34 18.05
CA MET B 81 50.71 -32.98 16.73
C MET B 81 52.07 -32.97 16.05
N LEU B 82 52.92 -32.01 16.41
CA LEU B 82 54.29 -32.02 15.91
C LEU B 82 55.12 -33.09 16.59
N ALA B 83 54.91 -33.29 17.89
CA ALA B 83 55.59 -34.35 18.61
C ALA B 83 55.20 -35.73 18.09
N ASN B 84 53.91 -35.94 17.83
CA ASN B 84 53.45 -37.21 17.29
C ASN B 84 52.20 -37.05 16.43
N HIS B 110 34.29 -27.41 10.50
CA HIS B 110 34.41 -25.97 10.55
C HIS B 110 34.42 -25.43 11.97
N ARG B 111 35.52 -24.79 12.36
CA ARG B 111 35.62 -24.08 13.63
C ARG B 111 36.07 -22.66 13.34
N THR B 112 35.45 -21.69 14.02
CA THR B 112 35.77 -20.29 13.79
C THR B 112 37.15 -19.96 14.33
N LEU B 113 37.83 -19.00 13.68
CA LEU B 113 39.15 -18.60 14.12
C LEU B 113 39.04 -17.75 15.38
N LEU B 114 39.85 -18.09 16.38
CA LEU B 114 39.93 -17.32 17.63
C LEU B 114 41.34 -16.78 17.79
N TYR B 115 41.45 -15.60 18.39
CA TYR B 115 42.76 -14.99 18.62
C TYR B 115 43.63 -15.88 19.51
N GLY B 116 44.88 -16.05 19.10
CA GLY B 116 45.82 -16.87 19.83
C GLY B 116 46.08 -18.25 19.25
N HIS B 117 45.23 -18.71 18.32
CA HIS B 117 45.44 -20.00 17.68
C HIS B 117 46.56 -19.91 16.65
N ALA B 118 46.99 -21.07 16.17
CA ALA B 118 47.94 -21.18 15.07
C ALA B 118 47.19 -21.68 13.84
N ILE B 119 47.26 -20.93 12.75
CA ILE B 119 46.48 -21.20 11.56
C ILE B 119 47.42 -21.62 10.43
N LEU B 120 46.91 -22.45 9.53
CA LEU B 120 47.66 -22.95 8.38
C LEU B 120 47.05 -22.38 7.11
N LEU B 121 47.87 -21.73 6.29
CA LEU B 121 47.41 -21.14 5.04
C LEU B 121 47.93 -21.94 3.86
N ARG B 122 47.01 -22.32 2.97
CA ARG B 122 47.35 -22.97 1.71
C ARG B 122 47.12 -21.98 0.57
N HIS B 123 48.14 -21.81 -0.27
CA HIS B 123 48.00 -20.94 -1.44
C HIS B 123 47.03 -21.60 -2.41
N SER B 124 46.00 -20.85 -2.81
CA SER B 124 44.90 -21.43 -3.57
C SER B 124 45.37 -21.98 -4.91
N TYR B 125 46.22 -21.24 -5.62
CA TYR B 125 46.67 -21.67 -6.94
C TYR B 125 47.64 -22.84 -6.83
N SER B 126 48.78 -22.62 -6.15
CA SER B 126 49.83 -23.62 -6.10
C SER B 126 49.42 -24.84 -5.28
N GLY B 127 48.68 -24.62 -4.19
CA GLY B 127 48.40 -25.68 -3.24
C GLY B 127 49.45 -25.84 -2.16
N MET B 128 50.54 -25.07 -2.22
CA MET B 128 51.57 -25.10 -1.19
C MET B 128 51.17 -24.23 -0.01
N TYR B 129 51.99 -24.27 1.04
CA TYR B 129 51.68 -23.60 2.29
C TYR B 129 52.66 -22.46 2.57
N LEU B 130 52.12 -21.37 3.09
CA LEU B 130 52.94 -20.23 3.48
C LEU B 130 53.82 -20.61 4.67
N CYS B 131 55.07 -20.16 4.65
CA CYS B 131 56.01 -20.52 5.70
C CYS B 131 57.18 -19.54 5.68
N CYS B 132 58.01 -19.63 6.71
CA CYS B 132 59.30 -18.96 6.73
C CYS B 132 60.34 -19.86 6.08
N LEU B 133 61.05 -19.35 5.08
CA LEU B 133 61.99 -20.15 4.31
C LEU B 133 63.33 -20.34 5.01
N SER B 134 63.56 -19.67 6.14
CA SER B 134 64.77 -19.80 6.93
C SER B 134 66.01 -19.30 6.18
N THR B 135 65.80 -18.78 4.97
CA THR B 135 66.86 -18.17 4.17
C THR B 135 66.46 -16.73 3.87
N SER B 136 67.45 -15.84 3.84
CA SER B 136 67.20 -14.42 3.70
C SER B 136 67.96 -13.85 2.50
N ARG B 137 67.36 -12.87 1.84
CA ARG B 137 68.03 -12.12 0.78
C ARG B 137 69.15 -11.24 1.31
N SER B 138 69.21 -11.04 2.64
CA SER B 138 70.25 -10.24 3.28
C SER B 138 70.28 -8.81 2.73
N SER B 139 69.10 -8.19 2.68
CA SER B 139 69.00 -6.80 2.24
C SER B 139 69.34 -5.85 3.38
N THR B 140 70.54 -6.00 3.95
CA THR B 140 70.99 -5.23 5.11
C THR B 140 70.02 -5.36 6.27
N ASP B 141 69.32 -6.50 6.33
CA ASP B 141 68.35 -6.82 7.36
C ASP B 141 68.59 -8.27 7.78
N LYS B 142 69.86 -8.56 8.10
CA LYS B 142 70.30 -9.93 8.36
C LYS B 142 69.39 -10.66 9.35
N LEU B 143 68.73 -9.94 10.25
CA LEU B 143 67.82 -10.57 11.19
C LEU B 143 66.57 -11.10 10.48
N ALA B 144 66.11 -10.44 9.43
CA ALA B 144 64.88 -10.83 8.76
C ALA B 144 65.06 -12.13 8.00
N PHE B 145 63.95 -12.87 7.87
CA PHE B 145 63.90 -14.09 7.09
C PHE B 145 62.88 -13.93 5.97
N ASP B 146 63.25 -14.37 4.76
CA ASP B 146 62.35 -14.29 3.63
C ASP B 146 61.17 -15.26 3.81
N VAL B 147 60.05 -14.92 3.20
CA VAL B 147 58.81 -15.68 3.33
C VAL B 147 58.43 -16.22 1.95
N GLY B 148 58.19 -17.53 1.89
CA GLY B 148 57.79 -18.16 0.64
C GLY B 148 56.76 -19.25 0.83
N LEU B 149 56.78 -20.25 -0.06
CA LEU B 149 55.85 -21.37 0.01
C LEU B 149 56.63 -22.68 0.16
N GLN B 150 56.02 -23.65 0.83
CA GLN B 150 56.61 -24.95 1.07
C GLN B 150 55.66 -26.05 0.62
N GLU B 151 56.20 -27.09 -0.02
CA GLU B 151 55.37 -28.18 -0.51
C GLU B 151 54.75 -28.96 0.63
N ASP B 152 55.53 -29.28 1.66
CA ASP B 152 55.10 -30.14 2.75
C ASP B 152 54.64 -29.29 3.93
N THR B 153 53.55 -29.72 4.57
CA THR B 153 53.04 -29.01 5.73
C THR B 153 53.73 -29.42 7.02
N THR B 154 54.57 -30.46 6.97
CA THR B 154 55.26 -30.92 8.17
C THR B 154 56.22 -29.85 8.69
N GLY B 155 56.33 -29.77 10.01
CA GLY B 155 57.16 -28.78 10.66
C GLY B 155 56.36 -27.59 11.14
N GLU B 156 57.01 -26.76 11.95
CA GLU B 156 56.41 -25.58 12.52
C GLU B 156 56.63 -24.32 11.68
N ALA B 157 57.31 -24.45 10.54
CA ALA B 157 57.54 -23.30 9.67
C ALA B 157 56.27 -22.86 8.97
N CYS B 158 55.43 -23.82 8.56
CA CYS B 158 54.22 -23.48 7.82
C CYS B 158 53.20 -22.76 8.70
N TRP B 159 53.26 -22.99 10.00
CA TRP B 159 52.22 -22.49 10.89
C TRP B 159 52.46 -21.04 11.28
N TRP B 160 51.37 -20.29 11.40
CA TRP B 160 51.41 -18.89 11.82
C TRP B 160 50.34 -18.67 12.88
N THR B 161 50.64 -17.77 13.81
CA THR B 161 49.74 -17.45 14.91
C THR B 161 49.19 -16.04 14.73
N ILE B 162 47.88 -15.90 14.95
CA ILE B 162 47.19 -14.62 14.81
C ILE B 162 47.05 -14.02 16.21
N HIS B 163 47.29 -12.70 16.31
CA HIS B 163 47.23 -11.99 17.56
C HIS B 163 46.40 -10.71 17.41
N PRO B 164 45.82 -10.21 18.49
CA PRO B 164 45.02 -8.98 18.40
C PRO B 164 45.85 -7.80 17.91
N ALA B 165 45.26 -7.01 17.03
CA ALA B 165 45.95 -5.85 16.48
C ALA B 165 45.94 -4.68 17.47
N SER B 166 44.82 -4.46 18.15
CA SER B 166 44.66 -3.32 19.03
C SER B 166 44.14 -3.78 20.40
N LYS B 167 43.86 -2.81 21.27
CA LYS B 167 43.39 -3.12 22.62
C LYS B 167 41.92 -3.55 22.63
N GLN B 168 41.15 -3.18 21.61
CA GLN B 168 39.76 -3.60 21.52
C GLN B 168 39.66 -5.11 21.42
N ARG B 169 40.57 -5.73 20.66
CA ARG B 169 40.58 -7.17 20.53
C ARG B 169 41.30 -7.80 21.72
N SER B 170 41.08 -9.10 21.91
CA SER B 170 41.63 -9.81 23.05
C SER B 170 41.88 -11.27 22.68
N GLU B 171 42.72 -11.93 23.47
CA GLU B 171 43.03 -13.33 23.25
C GLU B 171 41.79 -14.20 23.45
N GLY B 172 41.59 -15.16 22.55
CA GLY B 172 40.58 -16.18 22.70
C GLY B 172 39.25 -15.87 22.03
N GLU B 173 38.99 -14.60 21.72
CA GLU B 173 37.70 -14.27 21.13
C GLU B 173 37.72 -14.51 19.63
N LYS B 174 36.52 -14.51 19.04
CA LYS B 174 36.37 -14.80 17.63
C LYS B 174 37.02 -13.71 16.77
N VAL B 175 37.68 -14.14 15.70
CA VAL B 175 38.34 -13.22 14.78
C VAL B 175 37.29 -12.72 13.80
N ARG B 176 36.94 -11.44 13.90
CA ARG B 176 35.91 -10.86 13.05
C ARG B 176 36.41 -10.72 11.62
N VAL B 177 35.46 -10.72 10.68
CA VAL B 177 35.81 -10.48 9.27
C VAL B 177 36.08 -8.99 9.07
N GLY B 178 36.95 -8.69 8.11
CA GLY B 178 37.36 -7.32 7.90
C GLY B 178 38.10 -6.72 9.06
N ASP B 179 38.81 -7.55 9.83
CA ASP B 179 39.52 -7.10 11.02
C ASP B 179 41.02 -7.15 10.77
N ASP B 180 41.71 -6.09 11.18
CA ASP B 180 43.16 -6.03 11.05
C ASP B 180 43.80 -7.06 11.98
N LEU B 181 44.82 -7.74 11.48
CA LEU B 181 45.47 -8.82 12.20
C LEU B 181 46.98 -8.69 12.13
N ILE B 182 47.67 -9.27 13.11
CA ILE B 182 49.12 -9.38 13.12
C ILE B 182 49.47 -10.85 13.20
N LEU B 183 50.37 -11.30 12.32
CA LEU B 183 50.76 -12.71 12.27
C LEU B 183 52.16 -12.91 12.82
N VAL B 184 52.32 -13.97 13.60
CA VAL B 184 53.58 -14.28 14.27
C VAL B 184 54.02 -15.67 13.82
N SER B 185 55.26 -15.78 13.38
CA SER B 185 55.79 -17.06 12.94
C SER B 185 56.10 -17.95 14.14
N VAL B 186 55.63 -19.19 14.11
CA VAL B 186 55.91 -20.12 15.19
C VAL B 186 57.38 -20.53 15.20
N SER B 187 57.91 -20.84 14.01
CA SER B 187 59.27 -21.37 13.93
C SER B 187 60.32 -20.30 14.23
N SER B 188 60.17 -19.12 13.63
CA SER B 188 61.21 -18.09 13.69
C SER B 188 60.89 -16.95 14.63
N GLU B 189 59.67 -16.88 15.17
CA GLU B 189 59.24 -15.79 16.04
C GLU B 189 59.49 -14.43 15.39
N ARG B 190 59.23 -14.36 14.09
CA ARG B 190 59.40 -13.13 13.32
C ARG B 190 58.08 -12.76 12.66
N TYR B 191 57.68 -11.51 12.81
CA TYR B 191 56.40 -11.05 12.30
C TYR B 191 56.46 -10.89 10.78
N LEU B 192 55.31 -11.01 10.13
CA LEU B 192 55.22 -10.63 8.73
C LEU B 192 55.44 -9.13 8.60
N HIS B 193 56.47 -8.76 7.85
CA HIS B 193 56.94 -7.38 7.83
C HIS B 193 57.01 -6.87 6.40
N LEU B 194 56.65 -5.61 6.23
CA LEU B 194 56.74 -4.91 4.95
C LEU B 194 57.92 -3.96 5.02
N SER B 195 58.90 -4.16 4.14
CA SER B 195 60.13 -3.38 4.16
C SER B 195 59.92 -2.08 3.40
N TYR B 196 60.07 -0.95 4.09
CA TYR B 196 59.89 0.36 3.48
C TYR B 196 61.19 0.95 2.94
N GLY B 197 62.31 0.71 3.61
CA GLY B 197 63.55 1.39 3.25
C GLY B 197 64.04 1.04 1.85
N ASN B 198 63.94 -0.23 1.48
CA ASN B 198 64.38 -0.66 0.16
C ASN B 198 63.48 -0.08 -0.94
N GLY B 199 64.04 0.08 -2.13
CA GLY B 199 63.29 0.68 -3.22
C GLY B 199 62.08 -0.14 -3.62
N SER B 200 62.24 -1.45 -3.74
CA SER B 200 61.14 -2.35 -4.07
C SER B 200 60.63 -3.01 -2.80
N LEU B 201 59.35 -2.79 -2.50
CA LEU B 201 58.76 -3.32 -1.28
C LEU B 201 58.81 -4.85 -1.27
N HIS B 202 59.28 -5.41 -0.17
CA HIS B 202 59.39 -6.85 -0.01
C HIS B 202 58.70 -7.28 1.28
N VAL B 203 58.13 -8.48 1.24
CA VAL B 203 57.51 -9.09 2.41
C VAL B 203 58.47 -10.14 2.96
N ASP B 204 58.70 -10.09 4.28
CA ASP B 204 59.65 -10.98 4.94
C ASP B 204 59.25 -11.14 6.39
N ALA B 205 59.94 -12.06 7.07
CA ALA B 205 59.71 -12.31 8.49
C ALA B 205 60.74 -11.55 9.31
N ALA B 206 60.31 -10.47 9.96
CA ALA B 206 61.19 -9.63 10.74
C ALA B 206 60.56 -9.38 12.12
N PHE B 207 61.38 -8.90 13.04
CA PHE B 207 60.91 -8.68 14.41
C PHE B 207 59.94 -7.50 14.49
N GLN B 208 60.05 -6.55 13.58
CA GLN B 208 59.09 -5.46 13.53
C GLN B 208 57.74 -5.96 13.01
N GLN B 209 56.68 -5.21 13.32
CA GLN B 209 55.33 -5.62 13.03
C GLN B 209 54.76 -4.81 11.87
N THR B 210 54.13 -5.50 10.94
CA THR B 210 53.32 -4.89 9.89
C THR B 210 51.90 -5.44 10.02
N LEU B 211 50.92 -4.54 10.07
CA LEU B 211 49.56 -4.94 10.38
C LEU B 211 48.85 -5.37 9.11
N TRP B 212 48.28 -6.58 9.11
CA TRP B 212 47.66 -7.18 7.94
C TRP B 212 46.15 -7.25 8.12
N SER B 213 45.41 -6.68 7.18
CA SER B 213 43.97 -6.88 7.15
C SER B 213 43.63 -8.11 6.32
N VAL B 214 42.50 -8.74 6.66
CA VAL B 214 42.06 -9.96 6.01
C VAL B 214 40.71 -9.71 5.36
N ALA B 215 40.61 -10.06 4.08
CA ALA B 215 39.39 -9.85 3.31
C ALA B 215 38.81 -11.20 2.90
N PRO B 216 37.52 -11.43 3.10
CA PRO B 216 36.92 -12.72 2.68
C PRO B 216 36.71 -12.79 1.18
N ILE B 217 37.75 -13.20 0.45
CA ILE B 217 37.66 -13.24 -1.02
C ILE B 217 36.56 -14.19 -1.48
N SER B 218 36.38 -15.30 -0.78
CA SER B 218 35.34 -16.28 -1.12
C SER B 218 35.22 -17.29 0.01
N SER B 219 34.11 -18.02 0.00
CA SER B 219 33.86 -19.10 0.93
C SER B 219 33.06 -20.18 0.22
N GLY B 220 33.70 -21.32 -0.06
CA GLY B 220 33.06 -22.35 -0.86
C GLY B 220 32.13 -23.24 -0.04
N SER B 221 32.06 -23.00 1.27
CA SER B 221 31.22 -23.84 2.12
C SER B 221 29.75 -23.70 1.75
N GLU B 222 29.28 -22.48 1.52
CA GLU B 222 27.88 -22.23 1.18
C GLU B 222 27.69 -21.90 -0.29
N ALA B 223 28.70 -22.10 -1.13
CA ALA B 223 28.62 -21.83 -2.55
C ALA B 223 27.89 -22.98 -3.25
N ALA B 224 26.77 -22.68 -3.88
CA ALA B 224 26.00 -23.70 -4.59
C ALA B 224 26.73 -24.15 -5.83
N GLN B 225 26.82 -25.48 -6.02
CA GLN B 225 27.51 -26.02 -7.17
C GLN B 225 26.70 -25.78 -8.44
N GLY B 226 27.41 -25.59 -9.55
CA GLY B 226 26.80 -25.38 -10.85
C GLY B 226 26.47 -23.95 -11.19
N TYR B 227 26.65 -23.03 -10.26
CA TYR B 227 26.36 -21.61 -10.47
C TYR B 227 27.65 -20.84 -10.60
N LEU B 228 27.71 -19.92 -11.56
CA LEU B 228 28.91 -19.15 -11.81
C LEU B 228 29.24 -18.25 -10.62
N ILE B 229 30.50 -18.31 -10.18
CA ILE B 229 31.02 -17.44 -9.13
C ILE B 229 32.24 -16.72 -9.66
N GLY B 230 32.59 -15.62 -9.00
CA GLY B 230 33.74 -14.85 -9.44
C GLY B 230 35.04 -15.63 -9.32
N GLY B 231 35.94 -15.39 -10.26
CA GLY B 231 37.22 -16.05 -10.29
C GLY B 231 37.25 -17.36 -11.04
N ASP B 232 36.12 -17.82 -11.56
CA ASP B 232 36.09 -19.08 -12.28
C ASP B 232 36.80 -18.96 -13.62
N VAL B 233 37.24 -20.10 -14.15
CA VAL B 233 37.78 -20.21 -15.49
C VAL B 233 36.75 -20.92 -16.34
N LEU B 234 36.23 -20.24 -17.37
CA LEU B 234 35.09 -20.73 -18.13
C LEU B 234 35.34 -20.55 -19.62
N ARG B 235 34.56 -21.27 -20.42
CA ARG B 235 34.56 -21.16 -21.87
C ARG B 235 33.27 -20.47 -22.31
N LEU B 236 33.39 -19.48 -23.18
CA LEU B 236 32.23 -18.80 -23.72
C LEU B 236 31.75 -19.54 -24.97
N LEU B 237 30.64 -20.26 -24.85
CA LEU B 237 30.08 -21.04 -25.93
C LEU B 237 28.98 -20.26 -26.63
N HIS B 238 29.07 -20.20 -27.96
CA HIS B 238 28.09 -19.48 -28.76
C HIS B 238 26.80 -20.30 -28.79
N GLY B 239 25.69 -19.67 -29.22
CA GLY B 239 24.39 -20.30 -29.16
C GLY B 239 24.27 -21.65 -29.84
N HIS B 240 25.14 -21.94 -30.80
CA HIS B 240 25.16 -23.26 -31.43
C HIS B 240 25.91 -24.30 -30.59
N MET B 241 26.26 -23.96 -29.35
CA MET B 241 26.94 -24.86 -28.40
C MET B 241 27.97 -25.76 -29.07
N ASP B 242 28.73 -25.18 -30.01
CA ASP B 242 29.74 -25.91 -30.75
C ASP B 242 31.05 -25.16 -30.90
N GLU B 243 31.06 -23.84 -30.73
CA GLU B 243 32.24 -23.02 -30.99
C GLU B 243 32.53 -22.16 -29.76
N CYS B 244 33.81 -21.93 -29.51
CA CYS B 244 34.26 -21.15 -28.37
C CYS B 244 34.76 -19.78 -28.83
N LEU B 245 34.85 -18.86 -27.87
CA LEU B 245 35.45 -17.56 -28.13
C LEU B 245 36.96 -17.68 -27.94
N THR B 246 37.70 -17.77 -29.04
CA THR B 246 39.11 -18.13 -29.01
C THR B 246 39.94 -17.11 -29.78
N VAL B 247 41.24 -17.11 -29.49
CA VAL B 247 42.19 -16.25 -30.19
C VAL B 247 42.87 -17.08 -31.28
N PRO B 248 43.63 -16.47 -32.20
CA PRO B 248 44.39 -17.27 -33.16
C PRO B 248 45.36 -18.23 -32.49
N SER B 249 45.65 -19.35 -33.15
CA SER B 249 46.45 -20.40 -32.54
C SER B 249 47.88 -19.94 -32.31
N GLY B 250 48.68 -20.83 -31.70
CA GLY B 250 50.04 -20.54 -31.31
C GLY B 250 51.04 -20.45 -32.43
N GLU B 251 50.68 -20.88 -33.65
CA GLU B 251 51.62 -20.75 -34.76
C GLU B 251 51.81 -19.30 -35.16
N HIS B 252 50.77 -18.48 -35.02
CA HIS B 252 50.91 -17.05 -35.25
C HIS B 252 51.66 -16.39 -34.11
N GLY B 253 52.51 -15.43 -34.44
CA GLY B 253 53.31 -14.76 -33.44
C GLY B 253 52.49 -13.83 -32.56
N GLU B 254 53.15 -13.30 -31.54
CA GLU B 254 52.53 -12.35 -30.62
C GLU B 254 52.11 -11.10 -31.39
N GLU B 255 51.03 -10.46 -30.93
CA GLU B 255 50.27 -9.33 -31.50
C GLU B 255 49.54 -9.70 -32.79
N GLN B 256 49.73 -10.93 -33.28
CA GLN B 256 48.73 -11.55 -34.16
C GLN B 256 47.72 -12.40 -33.40
N ARG B 257 47.97 -12.66 -32.11
CA ARG B 257 47.02 -13.38 -31.26
C ARG B 257 46.05 -12.44 -30.56
N ARG B 258 46.18 -11.14 -30.76
CA ARG B 258 45.36 -10.16 -30.04
C ARG B 258 43.93 -10.11 -30.54
N THR B 259 43.66 -10.57 -31.76
CA THR B 259 42.31 -10.56 -32.29
C THR B 259 41.45 -11.61 -31.58
N VAL B 260 40.14 -11.35 -31.58
CA VAL B 260 39.17 -12.22 -30.92
C VAL B 260 38.16 -12.69 -31.96
N HIS B 261 37.93 -14.01 -32.00
CA HIS B 261 37.04 -14.61 -32.98
C HIS B 261 36.53 -15.94 -32.45
N TYR B 262 35.78 -16.65 -33.29
CA TYR B 262 35.12 -17.88 -32.88
C TYR B 262 35.73 -19.08 -33.61
N GLU B 263 36.02 -20.14 -32.86
CA GLU B 263 36.47 -21.40 -33.41
C GLU B 263 35.70 -22.55 -32.76
N GLY B 264 35.43 -23.58 -33.56
CA GLY B 264 34.73 -24.74 -33.07
C GLY B 264 35.47 -26.03 -33.42
N GLY B 265 35.23 -27.04 -32.59
CA GLY B 265 35.84 -28.34 -32.81
C GLY B 265 36.87 -28.72 -31.77
N ALA B 266 38.11 -28.91 -32.20
CA ALA B 266 39.16 -29.38 -31.29
C ALA B 266 39.57 -28.31 -30.29
N VAL B 267 39.36 -27.03 -30.61
CA VAL B 267 39.74 -25.94 -29.73
C VAL B 267 38.95 -25.93 -28.44
N SER B 268 37.79 -26.59 -28.41
CA SER B 268 36.94 -26.57 -27.21
C SER B 268 37.62 -27.30 -26.04
N VAL B 269 38.63 -28.12 -26.34
CA VAL B 269 39.32 -28.88 -25.30
C VAL B 269 40.77 -28.43 -25.27
N HIS B 270 41.01 -27.16 -25.57
CA HIS B 270 42.35 -26.58 -25.59
C HIS B 270 42.46 -25.47 -24.57
N ALA B 271 43.68 -24.98 -24.38
CA ALA B 271 43.98 -23.93 -23.41
C ALA B 271 43.84 -22.53 -23.99
N ARG B 272 43.58 -22.40 -25.29
CA ARG B 272 43.37 -21.11 -25.92
C ARG B 272 41.91 -20.68 -25.92
N SER B 273 41.03 -21.45 -25.29
CA SER B 273 39.61 -21.11 -25.18
C SER B 273 39.21 -20.84 -23.74
N LEU B 274 40.17 -20.57 -22.86
CA LEU B 274 39.91 -20.42 -21.44
C LEU B 274 39.95 -18.95 -21.05
N TRP B 275 38.94 -18.50 -20.32
CA TRP B 275 38.84 -17.13 -19.85
C TRP B 275 38.52 -17.13 -18.36
N ARG B 276 39.03 -16.14 -17.65
CA ARG B 276 38.76 -15.96 -16.23
C ARG B 276 37.88 -14.73 -16.03
N LEU B 277 36.82 -14.88 -15.24
CA LEU B 277 35.93 -13.78 -14.91
C LEU B 277 36.43 -13.14 -13.63
N GLU B 278 36.92 -11.90 -13.74
CA GLU B 278 37.45 -11.16 -12.60
C GLU B 278 36.53 -9.98 -12.30
N THR B 279 35.97 -9.97 -11.09
CA THR B 279 35.13 -8.86 -10.68
C THR B 279 35.97 -7.62 -10.36
N LEU B 280 35.34 -6.45 -10.47
CA LEU B 280 36.03 -5.19 -10.20
C LEU B 280 36.22 -4.92 -8.72
N ARG B 281 35.65 -5.75 -7.85
CA ARG B 281 35.77 -5.59 -6.42
C ARG B 281 36.83 -6.54 -5.88
N VAL B 282 37.59 -6.06 -4.89
CA VAL B 282 38.63 -6.88 -4.28
C VAL B 282 38.03 -7.80 -3.23
N ALA B 283 37.29 -7.24 -2.28
CA ALA B 283 36.64 -8.06 -1.26
C ALA B 283 35.43 -8.78 -1.82
N TRP B 284 35.25 -10.03 -1.39
CA TRP B 284 34.13 -10.86 -1.77
C TRP B 284 34.04 -11.03 -3.29
N SER B 285 35.20 -11.18 -3.92
CA SER B 285 35.28 -11.34 -5.37
C SER B 285 34.95 -12.75 -5.83
N GLY B 286 34.82 -13.70 -4.92
CA GLY B 286 34.41 -15.05 -5.23
C GLY B 286 32.92 -15.30 -5.13
N SER B 287 32.11 -14.24 -4.98
CA SER B 287 30.68 -14.39 -4.82
C SER B 287 30.03 -14.81 -6.15
N HIS B 288 28.78 -15.25 -6.05
CA HIS B 288 28.01 -15.59 -7.24
C HIS B 288 27.82 -14.36 -8.11
N ILE B 289 28.01 -14.53 -9.42
CA ILE B 289 27.90 -13.40 -10.34
C ILE B 289 26.43 -13.14 -10.64
N ARG B 290 26.00 -11.90 -10.40
CA ARG B 290 24.63 -11.47 -10.65
C ARG B 290 24.53 -10.82 -12.02
N TRP B 291 23.31 -10.82 -12.58
CA TRP B 291 23.08 -10.19 -13.87
C TRP B 291 23.35 -8.70 -13.79
N GLY B 292 24.33 -8.24 -14.55
CA GLY B 292 24.72 -6.84 -14.58
C GLY B 292 25.94 -6.50 -13.77
N GLN B 293 26.52 -7.48 -13.06
CA GLN B 293 27.73 -7.22 -12.30
C GLN B 293 28.89 -6.97 -13.26
N PRO B 294 29.59 -5.83 -13.15
CA PRO B 294 30.74 -5.59 -14.03
C PRO B 294 31.89 -6.53 -13.71
N PHE B 295 32.51 -7.06 -14.75
CA PHE B 295 33.64 -7.97 -14.59
C PHE B 295 34.57 -7.85 -15.80
N ARG B 296 35.81 -8.27 -15.60
CA ARG B 296 36.82 -8.28 -16.64
C ARG B 296 37.09 -9.72 -17.06
N LEU B 297 37.16 -9.95 -18.36
CA LEU B 297 37.47 -11.27 -18.90
C LEU B 297 38.94 -11.31 -19.31
N ARG B 298 39.71 -12.16 -18.65
CA ARG B 298 41.14 -12.29 -18.90
C ARG B 298 41.41 -13.63 -19.57
N HIS B 299 42.23 -13.62 -20.62
CA HIS B 299 42.62 -14.83 -21.31
C HIS B 299 43.73 -15.51 -20.52
N VAL B 300 43.52 -16.77 -20.16
CA VAL B 300 44.40 -17.44 -19.21
C VAL B 300 45.78 -17.68 -19.82
N THR B 301 45.83 -18.21 -21.05
CA THR B 301 47.09 -18.64 -21.62
C THR B 301 47.95 -17.46 -22.05
N THR B 302 47.33 -16.36 -22.47
CA THR B 302 48.06 -15.18 -22.90
C THR B 302 48.24 -14.15 -21.80
N GLY B 303 47.37 -14.15 -20.79
CA GLY B 303 47.44 -13.15 -19.74
C GLY B 303 46.89 -11.80 -20.12
N LYS B 304 46.28 -11.67 -21.29
CA LYS B 304 45.73 -10.41 -21.77
C LYS B 304 44.27 -10.27 -21.33
N TYR B 305 43.79 -9.03 -21.37
CA TYR B 305 42.43 -8.70 -20.97
C TYR B 305 41.61 -8.31 -22.18
N LEU B 306 40.39 -8.83 -22.25
CA LEU B 306 39.46 -8.44 -23.32
C LEU B 306 39.12 -6.96 -23.18
N SER B 307 39.14 -6.26 -24.31
CA SER B 307 38.95 -4.81 -24.29
C SER B 307 38.20 -4.38 -25.55
N LEU B 308 37.60 -3.21 -25.47
CA LEU B 308 36.88 -2.60 -26.57
C LEU B 308 37.67 -1.38 -27.03
N MET B 309 38.21 -1.47 -28.24
CA MET B 309 38.93 -0.34 -28.81
C MET B 309 37.96 0.74 -29.27
N GLU B 310 38.50 1.93 -29.52
CA GLU B 310 37.67 3.07 -29.93
C GLU B 310 36.99 2.83 -31.28
N ASP B 311 37.58 1.98 -32.12
CA ASP B 311 36.99 1.66 -33.42
C ASP B 311 35.91 0.59 -33.34
N LYS B 312 35.44 0.27 -32.13
CA LYS B 312 34.39 -0.71 -31.84
C LYS B 312 34.80 -2.13 -32.19
N ASN B 313 36.09 -2.41 -32.33
CA ASN B 313 36.56 -3.75 -32.66
C ASN B 313 37.17 -4.40 -31.43
N LEU B 314 36.78 -5.65 -31.18
CA LEU B 314 37.33 -6.40 -30.05
C LEU B 314 38.80 -6.68 -30.26
N LEU B 315 39.59 -6.54 -29.19
CA LEU B 315 41.03 -6.72 -29.24
C LEU B 315 41.55 -7.04 -27.85
N LEU B 316 42.34 -8.10 -27.73
CA LEU B 316 43.05 -8.34 -26.48
C LEU B 316 44.05 -7.22 -26.24
N MET B 317 44.17 -6.80 -24.99
CA MET B 317 45.00 -5.67 -24.63
C MET B 317 45.58 -5.88 -23.24
N ASP B 318 46.73 -5.27 -23.00
CA ASP B 318 47.62 -5.67 -21.92
C ASP B 318 47.10 -5.26 -20.55
N LYS B 319 47.67 -5.92 -19.52
CA LYS B 319 47.30 -5.64 -18.14
C LYS B 319 47.61 -4.21 -17.75
N GLU B 320 48.73 -3.68 -18.24
CA GLU B 320 49.15 -2.33 -17.87
C GLU B 320 48.15 -1.27 -18.30
N LYS B 321 47.61 -1.39 -19.51
CA LYS B 321 46.63 -0.45 -20.02
C LYS B 321 45.20 -0.92 -19.85
N ALA B 322 45.00 -2.05 -19.17
CA ALA B 322 43.66 -2.63 -19.00
C ALA B 322 42.88 -1.77 -18.00
N ASP B 323 42.26 -0.72 -18.54
CA ASP B 323 41.42 0.15 -17.73
C ASP B 323 40.03 -0.46 -17.56
N VAL B 324 39.29 0.05 -16.57
CA VAL B 324 37.93 -0.42 -16.33
C VAL B 324 37.05 -0.10 -17.52
N LYS B 325 37.19 1.11 -18.08
CA LYS B 325 36.30 1.54 -19.16
C LYS B 325 36.39 0.58 -20.36
N SER B 326 37.61 0.20 -20.74
CA SER B 326 37.77 -0.65 -21.92
C SER B 326 37.42 -2.10 -21.62
N THR B 327 37.72 -2.57 -20.40
CA THR B 327 37.69 -4.00 -20.10
C THR B 327 36.44 -4.44 -19.34
N ALA B 328 35.43 -3.59 -19.20
CA ALA B 328 34.25 -3.91 -18.40
C ALA B 328 33.18 -4.53 -19.30
N PHE B 329 32.68 -5.69 -18.88
CA PHE B 329 31.56 -6.35 -19.53
C PHE B 329 30.61 -6.91 -18.47
N THR B 330 29.34 -7.07 -18.85
CA THR B 330 28.32 -7.58 -17.95
C THR B 330 27.51 -8.66 -18.65
N PHE B 331 26.90 -9.52 -17.83
CA PHE B 331 26.01 -10.57 -18.31
C PHE B 331 24.57 -10.09 -18.18
N ARG B 332 23.81 -10.19 -19.27
CA ARG B 332 22.42 -9.78 -19.30
C ARG B 332 21.54 -10.98 -19.67
N SER B 333 20.47 -11.18 -18.91
CA SER B 333 19.59 -12.32 -19.15
C SER B 333 18.87 -12.18 -20.49
N SER B 334 18.46 -10.97 -20.84
CA SER B 334 17.71 -10.74 -22.07
C SER B 334 18.29 -9.54 -22.80
N LYS B 335 18.04 -9.50 -24.11
CA LYS B 335 18.46 -8.40 -24.97
C LYS B 335 17.72 -7.10 -24.66
N GLU B 336 16.65 -7.16 -23.86
CA GLU B 336 15.83 -5.99 -23.59
C GLU B 336 16.67 -4.86 -23.00
N LYS B 337 16.39 -3.64 -23.44
CA LYS B 337 17.29 -2.50 -23.28
C LYS B 337 17.27 -1.88 -21.88
N LEU B 338 16.29 -2.23 -21.04
CA LEU B 338 16.19 -1.61 -19.72
C LEU B 338 17.35 -2.12 -18.87
N ASP B 339 18.42 -1.34 -18.85
CA ASP B 339 19.59 -1.68 -18.07
C ASP B 339 19.31 -1.55 -16.59
N VAL B 340 19.97 -2.39 -15.79
CA VAL B 340 19.76 -2.39 -14.35
C VAL B 340 20.21 -1.09 -13.73
N GLY B 341 21.17 -0.41 -14.34
CA GLY B 341 21.65 0.84 -13.79
C GLY B 341 22.70 0.59 -12.72
N VAL B 342 22.41 1.04 -11.50
CA VAL B 342 23.31 0.85 -10.36
C VAL B 342 22.56 0.08 -9.28
N ARG B 343 23.25 -0.90 -8.68
CA ARG B 343 22.71 -1.70 -7.59
C ARG B 343 23.72 -1.73 -6.46
N LYS B 344 23.21 -1.84 -5.23
CA LYS B 344 24.10 -1.93 -4.07
C LYS B 344 24.81 -3.28 -4.05
N GLU B 345 26.08 -3.27 -3.68
CA GLU B 345 26.83 -4.51 -3.57
C GLU B 345 26.51 -5.21 -2.25
N VAL B 346 26.53 -6.53 -2.27
CA VAL B 346 26.22 -7.33 -1.09
C VAL B 346 27.49 -8.02 -0.60
N ASP B 347 27.70 -8.00 0.71
CA ASP B 347 28.88 -8.60 1.32
C ASP B 347 28.61 -10.08 1.57
N GLY B 348 29.14 -10.93 0.70
CA GLY B 348 28.97 -12.36 0.83
C GLY B 348 28.73 -12.99 -0.52
N MET B 349 28.42 -14.30 -0.49
CA MET B 349 28.12 -15.03 -1.71
C MET B 349 26.90 -14.45 -2.41
N GLY B 350 25.86 -14.11 -1.65
CA GLY B 350 24.65 -13.60 -2.23
C GLY B 350 23.79 -14.69 -2.84
N THR B 351 22.93 -14.28 -3.76
CA THR B 351 22.00 -15.18 -4.44
C THR B 351 22.61 -15.64 -5.76
N SER B 352 22.59 -16.95 -5.99
CA SER B 352 23.12 -17.49 -7.24
C SER B 352 22.11 -17.29 -8.37
N GLU B 353 22.52 -16.56 -9.39
CA GLU B 353 21.64 -16.25 -10.51
C GLU B 353 22.10 -16.95 -11.79
N ILE B 354 23.36 -16.75 -12.16
CA ILE B 354 23.88 -17.36 -13.37
C ILE B 354 24.28 -18.82 -13.09
N LYS B 355 23.79 -19.73 -13.93
CA LYS B 355 24.04 -21.16 -13.78
C LYS B 355 24.74 -21.69 -15.01
N TYR B 356 25.61 -22.67 -14.80
CA TYR B 356 26.44 -23.20 -15.88
C TYR B 356 25.63 -24.08 -16.82
N GLY B 357 25.78 -23.84 -18.12
CA GLY B 357 25.29 -24.74 -19.15
C GLY B 357 23.84 -24.59 -19.52
N ASP B 358 23.04 -23.87 -18.72
CA ASP B 358 21.63 -23.71 -19.04
C ASP B 358 21.27 -22.24 -19.24
N SER B 359 21.77 -21.37 -18.36
CA SER B 359 21.47 -19.95 -18.46
C SER B 359 22.10 -19.35 -19.72
N VAL B 360 21.30 -18.58 -20.45
CA VAL B 360 21.75 -17.92 -21.68
C VAL B 360 22.19 -16.51 -21.31
N CYS B 361 23.46 -16.20 -21.60
CA CYS B 361 24.06 -14.93 -21.24
C CYS B 361 24.39 -14.14 -22.50
N TYR B 362 24.10 -12.84 -22.47
CA TYR B 362 24.45 -11.92 -23.54
C TYR B 362 25.47 -10.92 -23.00
N ILE B 363 26.67 -10.94 -23.58
CA ILE B 363 27.73 -10.05 -23.14
C ILE B 363 27.54 -8.69 -23.78
N GLN B 364 27.52 -7.64 -22.95
CA GLN B 364 27.51 -6.27 -23.45
C GLN B 364 28.58 -5.47 -22.73
N HIS B 365 29.25 -4.58 -23.46
CA HIS B 365 30.19 -3.67 -22.83
C HIS B 365 29.44 -2.65 -21.98
N VAL B 366 30.06 -2.27 -20.86
CA VAL B 366 29.37 -1.42 -19.89
C VAL B 366 29.26 0.01 -20.40
N ASP B 367 30.40 0.65 -20.66
CA ASP B 367 30.39 2.07 -21.01
C ASP B 367 29.75 2.30 -22.37
N THR B 368 30.16 1.52 -23.38
CA THR B 368 29.65 1.74 -24.73
C THR B 368 28.20 1.29 -24.86
N GLY B 369 27.83 0.19 -24.22
CA GLY B 369 26.48 -0.33 -24.28
C GLY B 369 26.19 -1.24 -25.44
N LEU B 370 27.17 -1.46 -26.32
CA LEU B 370 27.00 -2.36 -27.45
C LEU B 370 26.84 -3.79 -26.97
N TRP B 371 26.41 -4.69 -27.87
CA TRP B 371 26.28 -6.10 -27.54
C TRP B 371 27.28 -6.94 -28.32
N LEU B 372 27.77 -7.99 -27.66
CA LEU B 372 28.68 -8.94 -28.30
C LEU B 372 27.92 -9.77 -29.32
N THR B 373 28.52 -9.96 -30.50
CA THR B 373 27.89 -10.72 -31.56
C THR B 373 28.95 -11.20 -32.54
N TYR B 374 28.56 -12.13 -33.41
CA TYR B 374 29.42 -12.62 -34.48
C TYR B 374 29.26 -11.70 -35.69
N GLN B 375 30.39 -11.32 -36.30
CA GLN B 375 30.33 -10.43 -37.45
C GLN B 375 29.76 -11.15 -38.67
N SER B 376 29.98 -12.47 -38.75
CA SER B 376 29.58 -13.31 -39.87
C SER B 376 30.32 -12.95 -41.15
N VAL B 377 31.66 -12.83 -41.10
CA VAL B 377 32.43 -12.56 -42.30
C VAL B 377 32.26 -13.70 -43.30
N ASP B 378 32.42 -13.37 -44.58
CA ASP B 378 32.31 -14.35 -45.64
C ASP B 378 33.67 -14.63 -46.27
N SER B 386 38.51 -24.33 -39.08
CA SER B 386 38.93 -23.06 -39.67
C SER B 386 37.72 -22.22 -40.09
N ILE B 387 36.66 -22.29 -39.28
CA ILE B 387 35.45 -21.52 -39.57
C ILE B 387 35.73 -20.03 -39.48
N GLN B 388 36.48 -19.61 -38.45
CA GLN B 388 36.91 -18.23 -38.27
C GLN B 388 35.73 -17.25 -38.34
N ARG B 389 34.71 -17.53 -37.54
CA ARG B 389 33.59 -16.61 -37.41
C ARG B 389 34.03 -15.41 -36.56
N LYS B 390 34.17 -14.25 -37.20
CA LYS B 390 34.66 -13.08 -36.49
C LYS B 390 33.66 -12.61 -35.44
N ALA B 391 34.19 -12.23 -34.28
CA ALA B 391 33.38 -11.68 -33.20
C ALA B 391 33.51 -10.16 -33.23
N ILE B 392 32.37 -9.48 -33.33
CA ILE B 392 32.35 -8.03 -33.52
C ILE B 392 31.41 -7.43 -32.48
N MET B 393 31.50 -6.12 -32.30
CA MET B 393 30.83 -5.45 -31.20
C MET B 393 29.81 -4.50 -31.82
N HIS B 394 28.52 -4.70 -31.52
CA HIS B 394 27.45 -4.06 -32.28
C HIS B 394 26.42 -3.40 -31.37
N HIS B 395 25.84 -2.31 -31.88
CA HIS B 395 24.74 -1.62 -31.20
C HIS B 395 23.54 -2.54 -31.02
N GLU B 396 23.16 -3.27 -32.07
CA GLU B 396 21.98 -4.10 -32.01
C GLU B 396 22.34 -5.57 -32.14
N GLY B 397 23.10 -5.91 -33.18
CA GLY B 397 23.52 -7.28 -33.38
C GLY B 397 22.40 -8.17 -33.87
N HIS B 398 22.68 -9.46 -33.86
CA HIS B 398 21.73 -10.48 -34.32
C HIS B 398 20.98 -11.07 -33.13
N MET B 399 19.95 -11.86 -33.45
CA MET B 399 19.11 -12.45 -32.41
C MET B 399 19.80 -13.61 -31.71
N ASP B 400 20.57 -14.41 -32.46
CA ASP B 400 21.25 -15.58 -31.90
C ASP B 400 22.64 -15.19 -31.36
N ASP B 401 22.63 -14.24 -30.42
CA ASP B 401 23.84 -13.84 -29.72
C ASP B 401 23.99 -14.51 -28.36
N GLY B 402 23.09 -15.44 -28.03
CA GLY B 402 23.15 -16.14 -26.76
C GLY B 402 24.45 -16.88 -26.55
N ILE B 403 25.04 -16.73 -25.36
CA ILE B 403 26.33 -17.34 -25.04
C ILE B 403 26.13 -18.26 -23.84
N SER B 404 26.47 -19.53 -24.02
CA SER B 404 26.43 -20.48 -22.92
C SER B 404 27.78 -20.50 -22.19
N LEU B 405 27.76 -20.99 -20.95
CA LEU B 405 28.94 -21.03 -20.11
C LEU B 405 29.21 -22.46 -19.67
N SER B 406 30.48 -22.87 -19.82
CA SER B 406 30.92 -24.20 -19.40
C SER B 406 32.12 -24.06 -18.47
N ARG B 407 32.02 -24.66 -17.30
CA ARG B 407 33.10 -24.59 -16.32
C ARG B 407 34.26 -25.49 -16.74
N SER B 408 35.47 -25.00 -16.48
CA SER B 408 36.70 -25.72 -16.80
C SER B 408 37.28 -26.33 -15.53
N GLN B 409 37.93 -27.48 -15.69
CA GLN B 409 38.46 -28.19 -14.53
C GLN B 409 39.66 -27.46 -13.93
N HIS B 410 39.86 -27.69 -12.63
CA HIS B 410 40.98 -27.07 -11.92
C HIS B 410 42.32 -27.52 -12.50
N GLU B 411 42.43 -28.79 -12.86
CA GLU B 411 43.67 -29.28 -13.46
C GLU B 411 43.99 -28.53 -14.75
N GLU B 412 42.98 -28.34 -15.61
CA GLU B 412 43.19 -27.61 -16.85
C GLU B 412 43.51 -26.14 -16.60
N SER B 413 42.84 -25.49 -15.65
CA SER B 413 43.16 -24.11 -15.32
C SER B 413 44.60 -23.95 -14.82
N ARG B 414 45.03 -24.83 -13.92
CA ARG B 414 46.41 -24.81 -13.44
C ARG B 414 47.39 -25.07 -14.57
N THR B 415 47.08 -26.01 -15.46
CA THR B 415 47.94 -26.26 -16.61
C THR B 415 48.07 -25.04 -17.50
N ALA B 416 46.96 -24.35 -17.76
CA ALA B 416 47.01 -23.15 -18.59
C ALA B 416 47.84 -22.05 -17.95
N ARG B 417 47.67 -21.83 -16.63
CA ARG B 417 48.48 -20.83 -15.95
C ARG B 417 49.97 -21.20 -15.98
N VAL B 418 50.27 -22.49 -15.79
CA VAL B 418 51.65 -22.95 -15.88
C VAL B 418 52.21 -22.70 -17.27
N ILE B 419 51.40 -22.95 -18.30
CA ILE B 419 51.83 -22.69 -19.67
C ILE B 419 52.15 -21.22 -19.86
N ARG B 420 51.30 -20.33 -19.37
CA ARG B 420 51.56 -18.90 -19.51
C ARG B 420 52.86 -18.49 -18.82
N SER B 421 53.06 -18.97 -17.58
CA SER B 421 54.27 -18.63 -16.84
C SER B 421 55.52 -19.16 -17.54
N THR B 422 55.44 -20.39 -18.04
CA THR B 422 56.58 -20.99 -18.75
C THR B 422 56.87 -20.22 -20.03
N VAL B 423 55.82 -19.80 -20.74
CA VAL B 423 56.02 -18.98 -21.94
C VAL B 423 56.78 -17.71 -21.60
N PHE B 424 56.35 -17.01 -20.54
CA PHE B 424 57.01 -15.77 -20.16
C PHE B 424 58.48 -16.01 -19.81
N LEU B 425 58.74 -17.02 -18.96
CA LEU B 425 60.11 -17.25 -18.49
C LEU B 425 61.02 -17.69 -19.63
N PHE B 426 60.55 -18.61 -20.48
CA PHE B 426 61.37 -19.10 -21.57
C PHE B 426 61.54 -18.07 -22.68
N ASN B 427 60.60 -17.14 -22.86
CA ASN B 427 60.85 -16.02 -23.77
C ASN B 427 61.89 -15.07 -23.21
N ARG B 428 61.87 -14.82 -21.90
CA ARG B 428 62.93 -14.02 -21.29
C ARG B 428 64.29 -14.69 -21.50
N PHE B 429 64.35 -16.00 -21.29
CA PHE B 429 65.60 -16.74 -21.47
C PHE B 429 66.10 -16.63 -22.91
N ILE B 430 65.20 -16.82 -23.87
CA ILE B 430 65.59 -16.78 -25.28
C ILE B 430 66.04 -15.37 -25.67
N ARG B 431 65.36 -14.34 -25.17
CA ARG B 431 65.76 -12.97 -25.48
C ARG B 431 67.13 -12.66 -24.87
N GLY B 432 67.39 -13.14 -23.66
CA GLY B 432 68.70 -12.94 -23.08
C GLY B 432 69.80 -13.63 -23.87
N LEU B 433 69.53 -14.86 -24.31
CA LEU B 433 70.51 -15.57 -25.14
C LEU B 433 70.72 -14.85 -26.48
N ASP B 434 69.65 -14.31 -27.05
CA ASP B 434 69.77 -13.55 -28.31
C ASP B 434 70.63 -12.31 -28.11
N ALA B 435 70.43 -11.59 -27.00
CA ALA B 435 71.26 -10.42 -26.72
C ALA B 435 72.72 -10.82 -26.54
N LEU B 436 72.97 -11.92 -25.82
CA LEU B 436 74.35 -12.39 -25.65
C LEU B 436 74.98 -12.75 -26.98
N SER B 437 74.21 -13.37 -27.88
CA SER B 437 74.72 -13.67 -29.21
C SER B 437 75.00 -12.39 -29.99
N LYS B 438 74.11 -11.40 -29.87
CA LYS B 438 74.32 -10.11 -30.52
C LYS B 438 75.38 -9.26 -29.84
N LYS B 439 76.01 -9.79 -28.78
CA LYS B 439 77.19 -9.22 -28.14
C LYS B 439 76.87 -8.01 -27.28
N ALA B 440 75.64 -7.90 -26.77
CA ALA B 440 75.34 -6.88 -25.79
C ALA B 440 76.10 -7.18 -24.50
N LYS B 441 76.38 -6.13 -23.72
CA LYS B 441 77.16 -6.28 -22.51
C LYS B 441 76.44 -7.20 -21.54
N ALA B 442 77.21 -8.08 -20.88
CA ALA B 442 76.63 -9.11 -20.04
C ALA B 442 75.86 -8.52 -18.86
N SER B 443 76.37 -7.42 -18.27
CA SER B 443 75.69 -6.82 -17.13
C SER B 443 74.31 -6.30 -17.51
N THR B 444 74.18 -5.67 -18.68
CA THR B 444 72.90 -5.14 -19.11
C THR B 444 71.89 -6.26 -19.34
N VAL B 445 72.32 -7.36 -19.94
CA VAL B 445 71.41 -8.46 -20.26
C VAL B 445 71.08 -9.23 -18.99
N ASP B 446 69.80 -9.54 -18.82
CA ASP B 446 69.31 -10.32 -17.68
C ASP B 446 69.09 -11.76 -18.12
N LEU B 447 69.70 -12.70 -17.41
CA LEU B 447 69.63 -14.11 -17.75
C LEU B 447 69.09 -14.89 -16.56
N PRO B 448 67.83 -15.35 -16.61
CA PRO B 448 67.21 -15.97 -15.42
C PRO B 448 67.76 -17.34 -15.08
N ILE B 449 69.03 -17.39 -14.67
CA ILE B 449 69.71 -18.67 -14.46
C ILE B 449 69.01 -19.54 -13.41
N GLU B 450 68.74 -18.97 -12.24
CA GLU B 450 68.17 -19.76 -11.15
C GLU B 450 66.70 -20.09 -11.43
N SER B 451 65.94 -19.09 -11.89
CA SER B 451 64.51 -19.27 -12.09
C SER B 451 64.23 -20.29 -13.19
N VAL B 452 64.99 -20.25 -14.28
CA VAL B 452 64.77 -21.22 -15.35
C VAL B 452 65.03 -22.64 -14.86
N SER B 453 66.12 -22.85 -14.10
CA SER B 453 66.41 -24.17 -13.57
C SER B 453 65.32 -24.65 -12.61
N LEU B 454 64.88 -23.77 -11.71
CA LEU B 454 63.86 -24.15 -10.75
C LEU B 454 62.54 -24.49 -11.43
N SER B 455 62.15 -23.68 -12.42
CA SER B 455 60.96 -23.97 -13.20
C SER B 455 61.11 -25.25 -14.01
N LEU B 456 62.31 -25.56 -14.50
CA LEU B 456 62.56 -26.82 -15.17
C LEU B 456 62.37 -28.03 -14.25
N GLN B 457 62.90 -27.98 -13.03
CA GLN B 457 62.61 -29.06 -12.09
C GLN B 457 61.13 -29.14 -11.73
N ASP B 458 60.46 -28.01 -11.57
CA ASP B 458 59.02 -28.03 -11.31
C ASP B 458 58.26 -28.67 -12.46
N LEU B 459 58.65 -28.37 -13.70
CA LEU B 459 57.99 -28.98 -14.85
C LEU B 459 58.28 -30.47 -14.94
N ILE B 460 59.50 -30.89 -14.59
CA ILE B 460 59.80 -32.32 -14.51
C ILE B 460 58.91 -33.00 -13.50
N GLY B 461 58.73 -32.39 -12.32
CA GLY B 461 57.81 -32.94 -11.33
C GLY B 461 56.38 -32.97 -11.83
N TYR B 462 55.98 -31.94 -12.59
CA TYR B 462 54.63 -31.88 -13.13
C TYR B 462 54.37 -33.03 -14.11
N PHE B 463 55.34 -33.30 -14.99
CA PHE B 463 55.20 -34.35 -16.00
C PHE B 463 55.86 -35.66 -15.58
N HIS B 464 56.12 -35.83 -14.29
CA HIS B 464 56.66 -37.08 -13.79
C HIS B 464 55.67 -38.22 -14.02
N PRO B 465 56.11 -39.34 -14.58
CA PRO B 465 55.21 -40.48 -14.78
C PRO B 465 54.81 -41.10 -13.46
N PRO B 466 53.62 -41.70 -13.39
CA PRO B 466 53.18 -42.32 -12.12
C PRO B 466 54.08 -43.49 -11.73
N ASP B 467 54.22 -43.69 -10.43
CA ASP B 467 55.00 -44.80 -9.93
C ASP B 467 54.19 -46.10 -10.00
N GLU B 468 54.91 -47.21 -10.07
CA GLU B 468 54.27 -48.50 -10.32
C GLU B 468 53.55 -49.07 -9.10
N HIS B 469 54.02 -48.77 -7.88
CA HIS B 469 53.42 -49.41 -6.71
C HIS B 469 52.05 -48.82 -6.39
N LEU B 470 51.67 -47.73 -7.04
CA LEU B 470 50.39 -47.08 -6.75
C LEU B 470 49.23 -47.97 -7.18
N GLU B 471 48.08 -47.75 -6.55
CA GLU B 471 46.88 -48.52 -6.87
C GLU B 471 46.44 -48.25 -8.31
N HIS B 472 45.77 -49.23 -8.90
CA HIS B 472 45.47 -49.20 -10.33
C HIS B 472 44.60 -48.01 -10.72
N GLU B 473 43.52 -47.73 -10.00
CA GLU B 473 42.63 -46.64 -10.37
C GLU B 473 43.32 -45.29 -10.28
N ASP B 474 44.07 -45.07 -9.18
CA ASP B 474 44.80 -43.83 -9.03
C ASP B 474 45.86 -43.69 -10.13
N LYS B 475 46.52 -44.80 -10.48
CA LYS B 475 47.49 -44.77 -11.56
C LYS B 475 46.83 -44.38 -12.88
N GLN B 476 45.65 -44.93 -13.17
CA GLN B 476 44.94 -44.57 -14.39
C GLN B 476 44.56 -43.10 -14.39
N ASN B 477 44.14 -42.57 -13.23
CA ASN B 477 43.81 -41.15 -13.14
C ASN B 477 45.05 -40.30 -13.41
N ARG B 478 46.19 -40.68 -12.85
CA ARG B 478 47.43 -39.94 -13.10
C ARG B 478 47.84 -40.01 -14.57
N LEU B 479 47.67 -41.17 -15.21
CA LEU B 479 47.95 -41.25 -16.64
C LEU B 479 47.03 -40.33 -17.44
N ARG B 480 45.74 -40.29 -17.09
CA ARG B 480 44.83 -39.39 -17.78
C ARG B 480 45.26 -37.94 -17.62
N ALA B 481 45.61 -37.55 -16.40
CA ALA B 481 46.05 -36.18 -16.14
C ALA B 481 47.34 -35.85 -16.90
N LEU B 482 48.30 -36.77 -16.93
CA LEU B 482 49.55 -36.53 -17.63
C LEU B 482 49.31 -36.41 -19.14
N LYS B 483 48.45 -37.26 -19.70
CA LYS B 483 48.12 -37.15 -21.11
C LYS B 483 47.45 -35.82 -21.42
N ASN B 484 46.53 -35.39 -20.56
CA ASN B 484 45.87 -34.09 -20.78
C ASN B 484 46.89 -32.96 -20.72
N ARG B 485 47.80 -33.01 -19.76
CA ARG B 485 48.83 -31.97 -19.63
C ARG B 485 49.72 -31.93 -20.87
N GLN B 486 50.15 -33.10 -21.35
CA GLN B 486 50.98 -33.15 -22.55
C GLN B 486 50.24 -32.62 -23.76
N ASN B 487 48.96 -32.99 -23.91
CA ASN B 487 48.18 -32.50 -25.03
C ASN B 487 48.02 -30.99 -24.98
N LEU B 488 47.75 -30.44 -23.81
CA LEU B 488 47.62 -28.99 -23.68
C LEU B 488 48.93 -28.29 -24.00
N PHE B 489 50.05 -28.83 -23.49
CA PHE B 489 51.36 -28.23 -23.76
C PHE B 489 51.67 -28.25 -25.25
N GLN B 490 51.40 -29.38 -25.92
CA GLN B 490 51.67 -29.47 -27.35
C GLN B 490 50.75 -28.57 -28.16
N GLU B 491 49.48 -28.44 -27.78
CA GLU B 491 48.57 -27.52 -28.44
C GLU B 491 48.97 -26.07 -28.27
N GLU B 492 49.49 -25.68 -27.11
CA GLU B 492 50.07 -24.36 -26.93
C GLU B 492 51.46 -24.25 -27.54
N GLY B 493 52.02 -25.36 -28.03
CA GLY B 493 53.28 -25.32 -28.72
C GLY B 493 54.50 -25.22 -27.83
N MET B 494 54.48 -25.91 -26.70
CA MET B 494 55.60 -25.84 -25.76
C MET B 494 56.82 -26.59 -26.24
N ILE B 495 56.67 -27.49 -27.20
CA ILE B 495 57.80 -28.22 -27.75
C ILE B 495 58.78 -27.29 -28.47
N ASN B 496 58.28 -26.39 -29.31
CA ASN B 496 59.16 -25.54 -30.11
C ASN B 496 59.96 -24.58 -29.24
N LEU B 497 59.37 -24.09 -28.15
CA LEU B 497 60.10 -23.21 -27.24
C LEU B 497 61.29 -23.94 -26.61
N VAL B 498 61.06 -25.17 -26.17
CA VAL B 498 62.14 -25.98 -25.59
C VAL B 498 63.20 -26.26 -26.64
N LEU B 499 62.77 -26.55 -27.88
CA LEU B 499 63.72 -26.77 -28.97
C LEU B 499 64.58 -25.54 -29.22
N GLU B 500 63.96 -24.36 -29.21
CA GLU B 500 64.72 -23.13 -29.41
C GLU B 500 65.71 -22.90 -28.28
N CYS B 501 65.30 -23.17 -27.03
CA CYS B 501 66.23 -23.04 -25.91
C CYS B 501 67.40 -24.01 -26.04
N ILE B 502 67.11 -25.24 -26.46
CA ILE B 502 68.17 -26.23 -26.64
C ILE B 502 69.15 -25.78 -27.72
N ASP B 503 68.62 -25.27 -28.84
CA ASP B 503 69.49 -24.79 -29.91
C ASP B 503 70.34 -23.61 -29.47
N ARG B 504 69.74 -22.66 -28.74
CA ARG B 504 70.48 -21.47 -28.34
C ARG B 504 71.41 -21.75 -27.17
N LEU B 505 71.26 -22.90 -26.52
CA LEU B 505 72.29 -23.34 -25.58
C LEU B 505 73.37 -24.16 -26.27
N HIS B 506 73.05 -24.83 -27.38
CA HIS B 506 74.04 -25.56 -28.15
C HIS B 506 74.88 -24.68 -29.06
N VAL B 507 74.45 -23.44 -29.31
CA VAL B 507 75.32 -22.53 -30.06
C VAL B 507 76.64 -22.32 -29.33
N TYR B 508 76.64 -22.45 -28.00
CA TYR B 508 77.88 -22.45 -27.23
C TYR B 508 78.39 -23.89 -27.13
N SER B 509 79.62 -24.13 -27.58
CA SER B 509 80.13 -25.48 -27.67
C SER B 509 80.35 -26.10 -26.30
N SER B 510 80.94 -25.35 -25.37
CA SER B 510 81.37 -25.90 -24.10
C SER B 510 80.93 -25.01 -22.95
N ALA B 511 80.97 -25.57 -21.74
CA ALA B 511 80.64 -24.82 -20.54
C ALA B 511 81.62 -23.68 -20.33
N ALA B 512 82.91 -23.90 -20.63
CA ALA B 512 83.89 -22.83 -20.54
C ALA B 512 83.57 -21.71 -21.53
N HIS B 513 83.16 -22.08 -22.75
CA HIS B 513 82.79 -21.08 -23.74
C HIS B 513 81.58 -20.27 -23.27
N PHE B 514 80.58 -20.94 -22.70
CA PHE B 514 79.42 -20.22 -22.20
C PHE B 514 79.76 -19.35 -21.01
N ALA B 515 80.75 -19.77 -20.21
CA ALA B 515 81.20 -18.96 -19.09
C ALA B 515 82.01 -17.76 -19.56
N ASP B 516 82.64 -17.87 -20.73
CA ASP B 516 83.31 -16.72 -21.32
C ASP B 516 82.31 -15.72 -21.89
N VAL B 517 81.28 -16.22 -22.57
CA VAL B 517 80.27 -15.33 -23.13
C VAL B 517 79.41 -14.71 -22.02
N ALA B 518 78.67 -15.55 -21.29
CA ALA B 518 77.85 -15.11 -20.18
C ALA B 518 78.65 -15.15 -18.88
N GLY B 519 77.95 -15.06 -17.74
CA GLY B 519 78.61 -15.06 -16.45
C GLY B 519 79.08 -16.44 -16.06
N ARG B 520 79.91 -16.47 -15.01
CA ARG B 520 80.46 -17.73 -14.53
C ARG B 520 79.37 -18.65 -13.97
N GLU B 521 78.40 -18.06 -13.27
CA GLU B 521 77.28 -18.85 -12.75
C GLU B 521 76.49 -19.48 -13.89
N ALA B 522 76.30 -18.73 -14.98
CA ALA B 522 75.70 -19.30 -16.18
C ALA B 522 76.59 -20.42 -16.73
N GLY B 523 77.91 -20.26 -16.60
CA GLY B 523 78.81 -21.31 -17.02
C GLY B 523 78.60 -22.61 -16.26
N GLU B 524 78.46 -22.53 -14.94
CA GLU B 524 78.20 -23.74 -14.17
C GLU B 524 76.81 -24.30 -14.44
N SER B 525 75.82 -23.43 -14.64
CA SER B 525 74.44 -23.88 -14.84
C SER B 525 74.17 -24.34 -16.27
N TRP B 526 75.12 -24.14 -17.20
CA TRP B 526 74.92 -24.53 -18.59
C TRP B 526 74.66 -26.01 -18.76
N LYS B 527 75.41 -26.87 -18.07
CA LYS B 527 75.18 -28.31 -18.14
C LYS B 527 73.82 -28.69 -17.57
N SER B 528 73.49 -28.16 -16.39
CA SER B 528 72.25 -28.53 -15.72
C SER B 528 71.03 -28.11 -16.52
N ILE B 529 71.02 -26.87 -17.02
CA ILE B 529 69.87 -26.39 -17.78
C ILE B 529 69.71 -27.17 -19.07
N LEU B 530 70.82 -27.44 -19.75
CA LEU B 530 70.78 -28.21 -21.00
C LEU B 530 70.27 -29.62 -20.78
N ASN B 531 70.70 -30.29 -19.71
CA ASN B 531 70.19 -31.62 -19.43
C ASN B 531 68.71 -31.59 -19.03
N SER B 532 68.32 -30.59 -18.24
CA SER B 532 66.94 -30.49 -17.78
C SER B 532 65.99 -30.23 -18.95
N LEU B 533 66.43 -29.43 -19.93
CA LEU B 533 65.58 -29.19 -21.09
C LEU B 533 65.35 -30.48 -21.88
N TYR B 534 66.39 -31.30 -22.06
CA TYR B 534 66.21 -32.56 -22.78
C TYR B 534 65.32 -33.52 -21.98
N GLU B 535 65.49 -33.55 -20.66
CA GLU B 535 64.61 -34.38 -19.84
C GLU B 535 63.16 -33.91 -19.94
N LEU B 536 62.95 -32.60 -19.97
CA LEU B 536 61.60 -32.06 -20.14
C LEU B 536 61.02 -32.44 -21.49
N LEU B 537 61.81 -32.37 -22.55
CA LEU B 537 61.33 -32.78 -23.86
C LEU B 537 60.94 -34.26 -23.86
N ALA B 538 61.77 -35.10 -23.24
CA ALA B 538 61.46 -36.52 -23.15
C ALA B 538 60.18 -36.76 -22.37
N ALA B 539 59.98 -36.03 -21.27
CA ALA B 539 58.75 -36.14 -20.51
C ALA B 539 57.53 -35.67 -21.27
N LEU B 540 57.67 -34.61 -22.06
CA LEU B 540 56.56 -34.11 -22.88
C LEU B 540 56.18 -35.06 -24.01
N ILE B 541 57.16 -35.77 -24.57
CA ILE B 541 56.89 -36.66 -25.70
C ILE B 541 56.56 -38.08 -25.25
N ARG B 542 56.90 -38.47 -24.03
CA ARG B 542 56.75 -39.86 -23.62
C ARG B 542 55.29 -40.26 -23.54
N GLY B 543 54.95 -41.35 -24.23
CA GLY B 543 53.61 -41.91 -24.17
C GLY B 543 52.56 -41.18 -24.99
N ASN B 544 52.91 -40.08 -25.65
CA ASN B 544 51.96 -39.29 -26.43
C ASN B 544 52.25 -39.52 -27.90
N ARG B 545 51.40 -40.33 -28.54
CA ARG B 545 51.58 -40.64 -29.95
C ARG B 545 51.46 -39.40 -30.84
N LYS B 546 50.51 -38.51 -30.55
CA LYS B 546 50.36 -37.30 -31.34
C LYS B 546 51.59 -36.41 -31.23
N ASN B 547 52.10 -36.23 -30.01
CA ASN B 547 53.30 -35.41 -29.82
C ASN B 547 54.50 -36.02 -30.52
N CYS B 548 54.67 -37.34 -30.41
CA CYS B 548 55.78 -38.00 -31.09
C CYS B 548 55.63 -37.91 -32.61
N ALA B 549 54.40 -37.93 -33.11
CA ALA B 549 54.17 -37.74 -34.55
C ALA B 549 54.53 -36.33 -35.00
N GLN B 550 54.15 -35.30 -34.24
CA GLN B 550 54.57 -33.94 -34.57
C GLN B 550 56.06 -33.71 -34.38
N PHE B 551 56.74 -34.55 -33.59
CA PHE B 551 58.18 -34.45 -33.42
C PHE B 551 58.95 -35.13 -34.56
N SER B 552 58.26 -35.77 -35.49
CA SER B 552 58.93 -36.50 -36.57
C SER B 552 59.74 -35.54 -37.45
N GLY B 553 59.19 -34.37 -37.75
CA GLY B 553 59.92 -33.41 -38.57
C GLY B 553 61.19 -32.92 -37.89
N SER B 554 61.14 -32.69 -36.58
CA SER B 554 62.28 -32.20 -35.83
C SER B 554 63.26 -33.31 -35.43
N LEU B 555 62.89 -34.58 -35.65
CA LEU B 555 63.83 -35.67 -35.37
C LEU B 555 65.16 -35.48 -36.09
N ASP B 556 65.11 -35.13 -37.38
CA ASP B 556 66.35 -34.98 -38.15
C ASP B 556 67.24 -33.88 -37.57
N TRP B 557 66.64 -32.81 -37.04
CA TRP B 557 67.40 -31.79 -36.36
C TRP B 557 68.09 -32.34 -35.12
N LEU B 558 67.39 -33.22 -34.39
CA LEU B 558 67.92 -33.76 -33.14
C LEU B 558 69.12 -34.66 -33.38
N ILE B 559 69.02 -35.57 -34.35
CA ILE B 559 70.08 -36.54 -34.61
C ILE B 559 71.38 -35.88 -35.05
N SER B 560 71.32 -34.71 -35.67
CA SER B 560 72.51 -34.02 -36.15
C SER B 560 73.45 -33.61 -35.02
N ARG B 561 72.99 -33.59 -33.78
CA ARG B 561 73.83 -33.25 -32.63
C ARG B 561 74.03 -34.44 -31.68
N LEU B 562 73.75 -35.65 -32.16
CA LEU B 562 73.96 -36.84 -31.33
C LEU B 562 75.42 -37.04 -30.97
N GLU B 563 76.33 -36.57 -31.83
CA GLU B 563 77.76 -36.78 -31.58
C GLU B 563 78.25 -35.93 -30.42
N ARG B 564 77.54 -34.87 -30.09
CA ARG B 564 77.97 -33.99 -29.01
C ARG B 564 77.82 -34.70 -27.67
N LEU B 565 78.90 -34.70 -26.88
CA LEU B 565 78.94 -35.43 -25.62
C LEU B 565 78.09 -34.80 -24.53
N GLU B 566 77.88 -33.48 -24.57
CA GLU B 566 77.16 -32.79 -23.50
C GLU B 566 75.67 -33.12 -23.49
N ALA B 567 75.13 -33.70 -24.55
CA ALA B 567 73.70 -33.98 -24.64
C ALA B 567 73.40 -35.35 -25.27
N SER B 568 74.39 -36.23 -25.35
CA SER B 568 74.19 -37.50 -26.04
C SER B 568 73.11 -38.34 -25.36
N SER B 569 73.16 -38.43 -24.03
CA SER B 569 72.19 -39.26 -23.31
C SER B 569 70.78 -38.74 -23.49
N GLY B 570 70.58 -37.42 -23.34
CA GLY B 570 69.25 -36.87 -23.51
C GLY B 570 68.73 -37.01 -24.92
N ILE B 571 69.59 -36.75 -25.92
CA ILE B 571 69.19 -36.91 -27.31
C ILE B 571 68.80 -38.35 -27.60
N LEU B 572 69.58 -39.31 -27.09
CA LEU B 572 69.28 -40.71 -27.32
C LEU B 572 67.99 -41.13 -26.63
N GLU B 573 67.74 -40.63 -25.41
CA GLU B 573 66.49 -40.94 -24.73
C GLU B 573 65.28 -40.40 -25.49
N VAL B 574 65.39 -39.16 -25.98
CA VAL B 574 64.30 -38.56 -26.76
C VAL B 574 64.06 -39.37 -28.04
N LEU B 575 65.15 -39.74 -28.71
CA LEU B 575 65.03 -40.54 -29.93
C LEU B 575 64.39 -41.88 -29.65
N HIS B 576 64.79 -42.55 -28.57
CA HIS B 576 64.17 -43.82 -28.19
C HIS B 576 62.68 -43.68 -27.91
N CYS B 577 62.29 -42.65 -27.16
CA CYS B 577 60.87 -42.44 -26.89
C CYS B 577 60.08 -42.22 -28.17
N VAL B 578 60.59 -41.37 -29.06
CA VAL B 578 59.88 -41.09 -30.32
C VAL B 578 59.78 -42.36 -31.15
N LEU B 579 60.88 -43.12 -31.24
CA LEU B 579 60.86 -44.33 -32.07
C LEU B 579 59.90 -45.37 -31.53
N VAL B 580 59.85 -45.55 -30.21
CA VAL B 580 58.99 -46.58 -29.66
C VAL B 580 57.52 -46.14 -29.70
N GLU B 581 57.28 -44.83 -29.70
CA GLU B 581 55.90 -44.37 -29.65
C GLU B 581 55.29 -44.18 -31.04
N SER B 582 55.96 -43.43 -31.92
CA SER B 582 55.38 -43.02 -33.19
C SER B 582 55.88 -43.89 -34.32
N PRO B 583 55.00 -44.62 -35.01
CA PRO B 583 55.42 -45.33 -36.23
C PRO B 583 55.93 -44.39 -37.31
N GLU B 584 55.42 -43.16 -37.38
CA GLU B 584 55.84 -42.24 -38.43
C GLU B 584 57.31 -41.88 -38.31
N ALA B 585 57.87 -42.03 -37.11
CA ALA B 585 59.30 -41.75 -36.91
C ALA B 585 60.17 -42.68 -37.74
N LEU B 586 59.75 -43.94 -37.86
CA LEU B 586 60.55 -44.93 -38.57
C LEU B 586 60.74 -44.55 -40.04
N ASN B 587 59.69 -44.02 -40.67
CA ASN B 587 59.82 -43.56 -42.05
C ASN B 587 60.75 -42.35 -42.16
N ILE B 588 60.75 -41.48 -41.15
CA ILE B 588 61.64 -40.32 -41.16
C ILE B 588 63.09 -40.75 -41.04
N ILE B 589 63.34 -41.78 -40.23
CA ILE B 589 64.71 -42.27 -40.05
C ILE B 589 65.25 -42.75 -41.39
N LYS B 590 66.47 -42.33 -41.71
CA LYS B 590 67.09 -42.63 -43.00
C LYS B 590 68.44 -43.31 -42.80
N GLU B 591 69.12 -43.54 -43.94
CA GLU B 591 70.38 -44.29 -43.91
C GLU B 591 71.47 -43.50 -43.19
N GLY B 592 71.53 -42.18 -43.41
CA GLY B 592 72.49 -41.36 -42.68
C GLY B 592 72.28 -41.36 -41.18
N HIS B 593 71.04 -41.23 -40.72
CA HIS B 593 70.74 -41.31 -39.30
C HIS B 593 71.06 -42.68 -38.71
N ILE B 594 70.72 -43.77 -39.42
CA ILE B 594 71.02 -45.11 -38.94
C ILE B 594 72.51 -45.40 -38.93
N LYS B 595 73.29 -44.73 -39.79
CA LYS B 595 74.75 -44.79 -39.66
C LYS B 595 75.28 -43.95 -38.51
N SER B 596 74.69 -42.78 -38.26
CA SER B 596 75.15 -41.94 -37.16
C SER B 596 74.88 -42.61 -35.81
N ILE B 597 73.78 -43.35 -35.71
CA ILE B 597 73.50 -44.07 -34.46
C ILE B 597 74.59 -45.11 -34.18
N ILE B 598 75.02 -45.83 -35.22
CA ILE B 598 76.10 -46.80 -35.05
C ILE B 598 77.43 -46.10 -34.78
N SER B 599 77.66 -44.95 -35.42
CA SER B 599 78.87 -44.18 -35.14
C SER B 599 78.90 -43.71 -33.68
N LEU B 600 77.74 -43.48 -33.09
CA LEU B 600 77.68 -43.20 -31.65
C LEU B 600 78.28 -44.34 -30.84
N LEU B 601 77.86 -45.57 -31.13
CA LEU B 601 78.42 -46.73 -30.45
C LEU B 601 79.92 -46.84 -30.70
N ASP B 602 80.34 -46.57 -31.94
CA ASP B 602 81.75 -46.71 -32.30
C ASP B 602 82.62 -45.71 -31.53
N LYS B 603 82.22 -44.44 -31.51
CA LYS B 603 83.07 -43.40 -30.96
C LYS B 603 82.96 -43.34 -29.43
N HIS B 604 81.75 -43.42 -28.89
CA HIS B 604 81.58 -43.29 -27.44
C HIS B 604 81.89 -44.58 -26.70
N GLY B 605 81.45 -45.72 -27.22
CA GLY B 605 81.73 -46.99 -26.58
C GLY B 605 80.52 -47.86 -26.41
N ARG B 606 80.69 -49.00 -25.73
CA ARG B 606 79.60 -49.95 -25.55
C ARG B 606 78.54 -49.37 -24.64
N ASN B 607 77.33 -49.17 -25.18
CA ASN B 607 76.22 -48.57 -24.46
C ASN B 607 74.95 -49.31 -24.85
N HIS B 608 74.29 -49.93 -23.87
CA HIS B 608 73.19 -50.84 -24.16
C HIS B 608 71.94 -50.11 -24.66
N LYS B 609 71.73 -48.85 -24.27
CA LYS B 609 70.56 -48.14 -24.74
C LYS B 609 70.66 -47.75 -26.21
N VAL B 610 71.87 -47.61 -26.76
CA VAL B 610 72.00 -47.48 -28.21
C VAL B 610 71.52 -48.75 -28.90
N LEU B 611 71.88 -49.91 -28.36
CA LEU B 611 71.39 -51.17 -28.91
C LEU B 611 69.88 -51.27 -28.77
N ASP B 612 69.33 -50.77 -27.67
CA ASP B 612 67.87 -50.75 -27.51
C ASP B 612 67.21 -49.87 -28.56
N VAL B 613 67.80 -48.71 -28.85
CA VAL B 613 67.27 -47.84 -29.90
C VAL B 613 67.33 -48.54 -31.24
N LEU B 614 68.44 -49.21 -31.53
CA LEU B 614 68.57 -49.98 -32.76
C LEU B 614 67.55 -51.11 -32.85
N CYS B 615 67.24 -51.77 -31.73
CA CYS B 615 66.19 -52.78 -31.70
C CYS B 615 64.84 -52.18 -32.01
N SER B 616 64.53 -51.03 -31.40
CA SER B 616 63.25 -50.37 -31.67
C SER B 616 63.15 -49.94 -33.12
N LEU B 617 64.29 -49.64 -33.74
CA LEU B 617 64.30 -49.28 -35.15
C LEU B 617 63.85 -50.45 -36.03
N CYS B 618 64.23 -51.68 -35.65
CA CYS B 618 63.92 -52.83 -36.49
C CYS B 618 62.43 -53.10 -36.54
N VAL B 619 61.77 -53.17 -35.38
CA VAL B 619 60.36 -53.53 -35.30
C VAL B 619 59.66 -52.53 -34.38
N CYS B 620 58.55 -51.97 -34.85
CA CYS B 620 57.75 -51.04 -34.07
C CYS B 620 56.28 -51.47 -34.14
N HIS B 621 55.65 -51.61 -32.97
CA HIS B 621 54.24 -51.99 -32.87
C HIS B 621 53.95 -53.30 -33.60
N GLY B 622 54.90 -54.24 -33.53
CA GLY B 622 54.72 -55.52 -34.20
C GLY B 622 54.94 -55.50 -35.69
N VAL B 623 55.41 -54.39 -36.26
CA VAL B 623 55.64 -54.25 -37.69
C VAL B 623 57.14 -54.12 -37.91
N ALA B 624 57.68 -54.95 -38.80
CA ALA B 624 59.11 -55.00 -39.05
C ALA B 624 59.45 -54.14 -40.27
N VAL B 625 60.53 -53.38 -40.15
CA VAL B 625 61.01 -52.54 -41.25
C VAL B 625 62.19 -53.26 -41.90
N ARG B 626 61.97 -53.75 -43.13
CA ARG B 626 63.01 -54.49 -43.83
C ARG B 626 64.22 -53.61 -44.12
N SER B 627 64.01 -52.36 -44.51
CA SER B 627 65.11 -51.47 -44.80
C SER B 627 65.97 -51.21 -43.56
N ASN B 628 65.34 -50.92 -42.42
CA ASN B 628 66.10 -50.70 -41.20
C ASN B 628 66.83 -51.96 -40.76
N GLN B 629 66.15 -53.11 -40.85
CA GLN B 629 66.79 -54.37 -40.48
C GLN B 629 68.00 -54.68 -41.36
N HIS B 630 67.89 -54.43 -42.67
CA HIS B 630 69.01 -54.62 -43.58
C HIS B 630 70.15 -53.64 -43.34
N LEU B 631 69.85 -52.36 -43.12
CA LEU B 631 70.87 -51.36 -42.88
C LEU B 631 71.63 -51.60 -41.59
N ILE B 632 70.92 -51.92 -40.50
CA ILE B 632 71.61 -52.19 -39.23
C ILE B 632 72.56 -53.37 -39.40
N CYS B 633 72.08 -54.45 -40.02
CA CYS B 633 72.92 -55.61 -40.30
C CYS B 633 74.16 -55.21 -41.10
N ASP B 634 73.97 -54.70 -42.32
CA ASP B 634 75.06 -54.42 -43.23
C ASP B 634 75.99 -53.31 -42.75
N ASN B 635 75.59 -52.52 -41.76
CA ASN B 635 76.47 -51.47 -41.24
C ASN B 635 77.10 -51.81 -39.91
N LEU B 636 76.58 -52.80 -39.19
CA LEU B 636 77.16 -53.15 -37.89
C LEU B 636 77.84 -54.52 -37.89
N LEU B 637 77.16 -55.57 -38.37
CA LEU B 637 77.65 -56.93 -38.22
C LEU B 637 78.98 -57.20 -38.94
N PRO B 638 79.14 -56.87 -40.23
CA PRO B 638 80.36 -57.29 -40.93
C PRO B 638 81.64 -56.70 -40.36
N GLY B 639 81.55 -55.56 -39.68
CA GLY B 639 82.76 -54.95 -39.13
C GLY B 639 83.42 -55.81 -38.07
N ARG B 640 82.61 -56.39 -37.18
CA ARG B 640 83.11 -57.23 -36.08
C ARG B 640 84.16 -56.48 -35.25
N ASP B 641 83.88 -55.20 -34.99
CA ASP B 641 84.76 -54.37 -34.17
C ASP B 641 84.06 -53.75 -32.98
N LEU B 642 82.73 -53.78 -32.91
CA LEU B 642 81.98 -53.21 -31.79
C LEU B 642 81.32 -54.28 -30.94
N LEU B 643 80.52 -55.14 -31.54
CA LEU B 643 79.84 -56.19 -30.78
C LEU B 643 80.83 -57.28 -30.37
N LEU B 644 80.55 -57.89 -29.22
CA LEU B 644 81.44 -58.91 -28.66
C LEU B 644 81.27 -60.21 -29.42
N GLN B 645 82.32 -60.64 -30.11
CA GLN B 645 82.28 -61.87 -30.88
C GLN B 645 82.32 -63.09 -29.95
N THR B 646 81.75 -64.19 -30.45
CA THR B 646 81.65 -65.41 -29.67
C THR B 646 81.99 -66.60 -30.55
N ARG B 647 82.56 -67.64 -29.94
CA ARG B 647 83.00 -68.81 -30.66
C ARG B 647 83.29 -69.93 -29.67
N LEU B 648 83.20 -71.16 -30.15
CA LEU B 648 83.56 -72.35 -29.37
C LEU B 648 85.04 -72.66 -29.61
N VAL B 649 85.78 -72.85 -28.52
CA VAL B 649 87.19 -73.19 -28.57
C VAL B 649 87.42 -74.46 -27.77
N ASN B 650 88.13 -75.41 -28.36
CA ASN B 650 88.45 -76.65 -27.65
C ASN B 650 89.39 -76.39 -26.49
N HIS B 651 89.17 -77.09 -25.38
CA HIS B 651 90.09 -77.01 -24.26
C HIS B 651 91.43 -77.63 -24.63
N VAL B 652 92.51 -76.95 -24.23
CA VAL B 652 93.87 -77.40 -24.52
C VAL B 652 94.63 -77.51 -23.22
N SER B 653 95.17 -78.69 -22.94
CA SER B 653 95.98 -78.94 -21.76
C SER B 653 97.42 -79.18 -22.17
N SER B 654 98.31 -79.16 -21.18
CA SER B 654 99.75 -79.30 -21.43
C SER B 654 100.36 -80.22 -20.39
N MET B 655 101.16 -81.19 -20.87
CA MET B 655 101.91 -82.09 -20.01
C MET B 655 103.38 -81.71 -20.05
N ARG B 656 104.04 -81.74 -18.90
CA ARG B 656 105.46 -81.45 -18.85
C ARG B 656 106.19 -82.46 -17.99
N PRO B 657 107.45 -82.76 -18.30
CA PRO B 657 108.27 -83.58 -17.41
C PRO B 657 108.69 -82.80 -16.17
N ASN B 658 109.34 -83.53 -15.24
CA ASN B 658 109.78 -82.92 -14.01
C ASN B 658 111.01 -82.04 -14.20
N ILE B 659 111.74 -82.22 -15.31
CA ILE B 659 113.01 -81.53 -15.48
C ILE B 659 112.78 -80.03 -15.68
N PHE B 660 113.55 -79.23 -14.95
CA PHE B 660 113.58 -77.77 -15.08
C PHE B 660 115.00 -77.39 -15.45
N LEU B 661 115.29 -77.42 -16.76
CA LEU B 661 116.62 -77.12 -17.26
C LEU B 661 116.75 -75.62 -17.53
N GLY B 662 117.87 -75.05 -17.10
CA GLY B 662 118.13 -73.62 -17.28
C GLY B 662 119.62 -73.35 -17.43
N VAL B 663 119.93 -72.10 -17.74
CA VAL B 663 121.30 -71.66 -17.98
C VAL B 663 121.56 -70.40 -17.17
N SER B 664 122.71 -70.36 -16.51
CA SER B 664 123.16 -69.18 -15.77
C SER B 664 124.67 -69.29 -15.57
N GLU B 665 125.28 -68.17 -15.25
CA GLU B 665 126.73 -68.14 -15.05
C GLU B 665 127.12 -68.89 -13.78
N GLY B 666 128.24 -69.60 -13.85
CA GLY B 666 128.71 -70.38 -12.72
C GLY B 666 127.75 -71.47 -12.30
N SER B 667 127.08 -72.09 -13.25
CA SER B 667 126.08 -73.13 -12.97
C SER B 667 126.40 -74.35 -13.81
N ALA B 668 126.39 -75.52 -13.17
CA ALA B 668 126.78 -76.76 -13.83
C ALA B 668 125.60 -77.47 -14.47
N GLN B 669 125.09 -76.94 -15.58
CA GLN B 669 124.09 -77.63 -16.40
C GLN B 669 124.53 -77.55 -17.85
N TYR B 670 124.30 -78.63 -18.59
CA TYR B 670 124.70 -78.69 -19.99
C TYR B 670 123.80 -77.79 -20.82
N LYS B 671 124.38 -77.10 -21.79
CA LYS B 671 123.67 -76.10 -22.58
C LYS B 671 122.99 -76.68 -23.82
N LYS B 672 123.17 -77.96 -24.09
CA LYS B 672 122.59 -78.61 -25.27
C LYS B 672 121.74 -79.80 -24.82
N TRP B 673 120.51 -79.86 -25.33
CA TRP B 673 119.53 -80.83 -24.85
C TRP B 673 118.68 -81.33 -26.01
N TYR B 674 118.11 -82.52 -25.82
CA TYR B 674 117.42 -83.21 -26.90
C TYR B 674 116.36 -84.14 -26.32
N TYR B 675 115.16 -84.06 -26.88
CA TYR B 675 114.08 -84.98 -26.53
C TYR B 675 113.22 -85.21 -27.76
N GLU B 676 112.48 -86.32 -27.75
CA GLU B 676 111.83 -86.80 -28.95
C GLU B 676 110.42 -87.26 -28.61
N LEU B 677 109.47 -86.92 -29.48
CA LEU B 677 108.06 -87.20 -29.27
C LEU B 677 107.57 -88.22 -30.28
N MET B 678 106.71 -89.14 -29.82
CA MET B 678 106.14 -90.18 -30.66
C MET B 678 104.62 -89.99 -30.64
N VAL B 679 104.02 -89.80 -31.81
CA VAL B 679 102.57 -89.62 -31.94
C VAL B 679 101.97 -90.98 -32.28
N ASP B 680 101.35 -91.63 -31.28
CA ASP B 680 100.77 -92.95 -31.51
C ASP B 680 99.51 -92.87 -32.34
N HIS B 681 98.63 -91.91 -32.03
CA HIS B 681 97.37 -91.75 -32.74
C HIS B 681 96.83 -90.35 -32.51
N THR B 682 96.23 -89.78 -33.55
CA THR B 682 95.65 -88.44 -33.47
C THR B 682 94.49 -88.35 -34.45
N GLU B 683 93.27 -88.30 -33.93
CA GLU B 683 92.10 -88.08 -34.78
C GLU B 683 92.13 -86.65 -35.31
N PRO B 684 91.98 -86.44 -36.62
CA PRO B 684 92.08 -85.07 -37.15
C PRO B 684 90.94 -84.17 -36.70
N PHE B 685 89.69 -84.64 -36.78
CA PHE B 685 88.51 -83.85 -36.42
C PHE B 685 87.65 -84.66 -35.47
N VAL B 686 87.95 -84.59 -34.18
CA VAL B 686 87.05 -85.15 -33.18
C VAL B 686 85.80 -84.29 -33.06
N THR B 687 85.95 -82.97 -33.22
CA THR B 687 84.87 -82.01 -33.23
C THR B 687 84.91 -81.23 -34.55
N ALA B 688 84.07 -80.20 -34.64
CA ALA B 688 84.09 -79.33 -35.82
C ALA B 688 85.42 -78.62 -35.96
N GLU B 689 85.97 -78.13 -34.85
CA GLU B 689 87.27 -77.48 -34.86
C GLU B 689 88.39 -78.51 -34.91
N ALA B 690 89.44 -78.19 -35.65
CA ALA B 690 90.58 -79.10 -35.78
C ALA B 690 91.28 -79.27 -34.44
N THR B 691 91.77 -80.48 -34.20
CA THR B 691 92.46 -80.80 -32.96
C THR B 691 93.77 -80.02 -32.85
N HIS B 692 94.12 -79.67 -31.63
CA HIS B 692 95.32 -78.88 -31.33
C HIS B 692 96.39 -79.83 -30.81
N LEU B 693 97.53 -79.87 -31.49
CA LEU B 693 98.68 -80.67 -31.07
C LEU B 693 99.95 -79.89 -31.39
N ARG B 694 100.54 -79.27 -30.37
CA ARG B 694 101.78 -78.52 -30.51
C ARG B 694 102.79 -79.05 -29.50
N VAL B 695 104.04 -79.17 -29.93
CA VAL B 695 105.11 -79.67 -29.09
C VAL B 695 106.31 -78.73 -29.18
N GLY B 696 107.03 -78.61 -28.09
CA GLY B 696 108.18 -77.74 -28.02
C GLY B 696 108.57 -77.48 -26.58
N TRP B 697 109.25 -76.36 -26.37
CA TRP B 697 109.73 -75.95 -25.06
C TRP B 697 108.94 -74.74 -24.54
N ALA B 698 108.91 -74.62 -23.21
CA ALA B 698 108.30 -73.48 -22.56
C ALA B 698 109.21 -73.02 -21.43
N SER B 699 109.10 -71.75 -21.09
CA SER B 699 109.92 -71.13 -20.05
C SER B 699 109.06 -70.75 -18.85
N THR B 700 109.73 -70.50 -17.74
CA THR B 700 109.10 -70.07 -16.50
C THR B 700 109.58 -68.66 -16.14
N GLU B 701 108.64 -67.80 -15.78
CA GLU B 701 108.99 -66.45 -15.36
C GLU B 701 109.79 -66.51 -14.06
N GLY B 702 111.02 -66.03 -14.10
CA GLY B 702 111.89 -66.19 -12.95
C GLY B 702 112.28 -67.63 -12.75
N TYR B 703 112.58 -67.98 -11.49
CA TYR B 703 112.93 -69.34 -11.13
C TYR B 703 111.76 -70.09 -10.49
N SER B 704 110.57 -69.52 -10.50
CA SER B 704 109.39 -70.19 -9.98
C SER B 704 109.02 -71.35 -10.89
N PRO B 705 108.41 -72.41 -10.35
CA PRO B 705 108.02 -73.57 -11.18
C PRO B 705 106.76 -73.36 -12.01
N TYR B 706 106.11 -72.19 -11.92
CA TYR B 706 104.92 -71.93 -12.71
C TYR B 706 105.31 -71.50 -14.12
N PRO B 707 104.68 -72.06 -15.15
CA PRO B 707 104.86 -71.51 -16.50
C PRO B 707 104.40 -70.06 -16.54
N GLY B 708 105.14 -69.24 -17.28
CA GLY B 708 104.88 -67.81 -17.28
C GLY B 708 104.17 -67.30 -18.50
N GLY B 709 103.39 -66.22 -18.33
CA GLY B 709 102.78 -65.52 -19.43
C GLY B 709 101.56 -66.19 -20.03
N GLY B 710 101.12 -67.32 -19.50
CA GLY B 710 100.00 -68.04 -20.06
C GLY B 710 98.95 -68.35 -19.02
N GLU B 711 97.70 -68.38 -19.47
CA GLU B 711 96.59 -68.70 -18.60
C GLU B 711 96.61 -70.18 -18.24
N GLU B 712 96.21 -70.49 -17.00
CA GLU B 712 96.25 -71.87 -16.53
C GLU B 712 95.27 -72.75 -17.31
N TRP B 713 94.10 -72.22 -17.64
CA TRP B 713 93.10 -72.94 -18.42
C TRP B 713 92.56 -72.06 -19.53
N GLY B 714 92.04 -72.71 -20.57
CA GLY B 714 91.50 -72.06 -21.74
C GLY B 714 91.94 -72.78 -22.99
N GLY B 715 91.91 -72.06 -24.12
CA GLY B 715 92.30 -72.62 -25.38
C GLY B 715 93.73 -72.30 -25.77
N ASN B 716 94.53 -71.90 -24.78
CA ASN B 716 95.91 -71.50 -25.02
C ASN B 716 96.84 -72.68 -24.77
N GLY B 717 97.79 -72.87 -25.69
CA GLY B 717 98.76 -73.94 -25.55
C GLY B 717 100.18 -73.47 -25.77
N VAL B 718 101.06 -74.39 -26.16
CA VAL B 718 102.45 -74.03 -26.42
C VAL B 718 102.51 -73.17 -27.68
N GLY B 719 103.24 -72.05 -27.60
CA GLY B 719 103.36 -71.12 -28.70
C GLY B 719 102.31 -70.02 -28.73
N ASP B 720 101.34 -70.04 -27.82
CA ASP B 720 100.35 -68.98 -27.77
C ASP B 720 100.81 -67.79 -26.93
N ASP B 721 101.49 -68.05 -25.81
CA ASP B 721 102.13 -66.98 -25.06
C ASP B 721 103.56 -66.80 -25.55
N LEU B 722 104.20 -65.73 -25.09
CA LEU B 722 105.55 -65.40 -25.53
C LEU B 722 106.62 -66.11 -24.70
N PHE B 723 106.21 -67.03 -23.82
CA PHE B 723 107.14 -67.80 -23.01
C PHE B 723 107.24 -69.25 -23.50
N SER B 724 106.55 -69.60 -24.58
CA SER B 724 106.53 -70.96 -25.08
C SER B 724 106.91 -70.96 -26.55
N TYR B 725 107.45 -72.08 -27.01
CA TYR B 725 107.94 -72.22 -28.38
C TYR B 725 107.53 -73.60 -28.89
N GLY B 726 106.64 -73.64 -29.89
CA GLY B 726 106.04 -74.88 -30.30
C GLY B 726 106.13 -75.09 -31.80
N PHE B 727 105.73 -76.30 -32.21
CA PHE B 727 105.75 -76.73 -33.61
C PHE B 727 104.61 -77.73 -33.81
N ASP B 728 103.64 -77.37 -34.64
CA ASP B 728 102.45 -78.19 -34.84
C ASP B 728 102.51 -79.04 -36.09
N GLY B 729 103.62 -79.01 -36.83
CA GLY B 729 103.76 -79.76 -38.06
C GLY B 729 103.89 -78.90 -39.30
N LEU B 730 103.13 -77.81 -39.37
CA LEU B 730 103.18 -76.88 -40.49
C LEU B 730 103.63 -75.48 -40.13
N HIS B 731 103.52 -75.09 -38.86
CA HIS B 731 103.80 -73.72 -38.46
C HIS B 731 104.70 -73.71 -37.23
N LEU B 732 105.41 -72.59 -37.07
CA LEU B 732 106.19 -72.33 -35.86
C LEU B 732 105.41 -71.34 -35.01
N TRP B 733 105.11 -71.73 -33.76
CA TRP B 733 104.21 -70.98 -32.91
C TRP B 733 104.98 -70.29 -31.80
N SER B 734 104.75 -68.98 -31.65
CA SER B 734 105.33 -68.22 -30.56
C SER B 734 104.51 -66.94 -30.40
N GLY B 735 103.85 -66.79 -29.25
CA GLY B 735 103.05 -65.62 -29.01
C GLY B 735 101.83 -65.46 -29.89
N CYS B 736 101.07 -66.53 -30.11
CA CYS B 736 99.87 -66.55 -30.94
C CYS B 736 100.15 -66.18 -32.39
N ILE B 737 101.40 -66.22 -32.84
CA ILE B 737 101.77 -65.92 -34.21
C ILE B 737 102.38 -67.17 -34.82
N ALA B 738 101.83 -67.60 -35.95
CA ALA B 738 102.28 -68.79 -36.65
C ALA B 738 102.85 -68.42 -38.01
N ARG B 739 104.06 -68.90 -38.29
CA ARG B 739 104.69 -68.74 -39.59
C ARG B 739 104.90 -70.10 -40.22
N THR B 740 104.49 -70.23 -41.48
CA THR B 740 104.59 -71.51 -42.18
C THR B 740 106.06 -71.86 -42.37
N VAL B 741 106.46 -73.04 -41.91
CA VAL B 741 107.84 -73.49 -41.94
C VAL B 741 107.96 -74.59 -43.00
N SER B 742 109.01 -74.50 -43.82
CA SER B 742 109.22 -75.46 -44.89
C SER B 742 109.87 -76.73 -44.35
N SER B 743 109.27 -77.87 -44.65
CA SER B 743 109.76 -79.17 -44.21
C SER B 743 109.51 -80.19 -45.30
N PRO B 744 110.32 -81.24 -45.39
CA PRO B 744 110.01 -82.32 -46.33
C PRO B 744 108.67 -82.97 -46.00
N ASN B 745 107.82 -83.09 -47.03
CA ASN B 745 106.49 -83.66 -46.89
C ASN B 745 105.68 -82.93 -45.82
N GLN B 746 105.39 -81.65 -46.09
CA GLN B 746 104.64 -80.82 -45.15
C GLN B 746 103.28 -81.43 -44.85
N HIS B 747 102.94 -81.50 -43.57
CA HIS B 747 101.64 -81.98 -43.13
C HIS B 747 101.49 -81.68 -41.64
N LEU B 748 100.23 -81.62 -41.20
CA LEU B 748 99.96 -81.56 -39.77
C LEU B 748 100.34 -82.87 -39.10
N LEU B 749 100.71 -82.79 -37.83
CA LEU B 749 101.14 -83.97 -37.09
C LEU B 749 100.02 -85.01 -37.06
N ARG B 750 100.31 -86.21 -37.56
CA ARG B 750 99.34 -87.28 -37.65
C ARG B 750 99.88 -88.53 -36.96
N THR B 751 99.17 -89.64 -37.15
CA THR B 751 99.59 -90.92 -36.59
C THR B 751 100.96 -91.33 -37.10
N ASP B 752 101.78 -91.85 -36.18
CA ASP B 752 103.10 -92.38 -36.50
C ASP B 752 104.03 -91.31 -37.08
N ASP B 753 103.97 -90.11 -36.49
CA ASP B 753 104.92 -89.04 -36.78
C ASP B 753 105.82 -88.84 -35.56
N VAL B 754 107.12 -88.71 -35.83
CA VAL B 754 108.11 -88.59 -34.77
C VAL B 754 108.68 -87.17 -34.80
N ILE B 755 108.56 -86.47 -33.70
CA ILE B 755 109.06 -85.10 -33.56
C ILE B 755 110.15 -85.09 -32.50
N SER B 756 111.32 -84.60 -32.86
CA SER B 756 112.44 -84.49 -31.93
C SER B 756 112.89 -83.03 -31.85
N CYS B 757 113.02 -82.52 -30.63
CA CYS B 757 113.32 -81.12 -30.38
C CYS B 757 114.72 -80.96 -29.82
N CYS B 758 115.39 -79.88 -30.20
CA CYS B 758 116.73 -79.56 -29.74
C CYS B 758 116.72 -78.15 -29.17
N LEU B 759 117.33 -77.99 -27.99
CA LEU B 759 117.42 -76.69 -27.33
C LEU B 759 118.88 -76.41 -26.99
N ASP B 760 119.38 -75.27 -27.44
CA ASP B 760 120.73 -74.82 -27.13
C ASP B 760 120.63 -73.55 -26.29
N LEU B 761 121.04 -73.65 -25.02
CA LEU B 761 121.01 -72.50 -24.12
C LEU B 761 122.29 -71.69 -24.13
N SER B 762 123.39 -72.22 -24.68
CA SER B 762 124.60 -71.43 -24.82
C SER B 762 124.37 -70.24 -25.76
N ALA B 763 123.82 -70.50 -26.93
CA ALA B 763 123.32 -69.46 -27.82
C ALA B 763 121.85 -69.79 -28.09
N PRO B 764 120.92 -68.89 -27.77
CA PRO B 764 119.49 -69.25 -27.83
C PRO B 764 119.08 -69.89 -29.15
N SER B 765 118.72 -71.16 -29.07
CA SER B 765 118.50 -71.98 -30.26
C SER B 765 117.51 -73.09 -29.94
N ILE B 766 116.39 -73.11 -30.64
CA ILE B 766 115.41 -74.20 -30.55
C ILE B 766 115.22 -74.75 -31.95
N SER B 767 115.53 -76.03 -32.13
CA SER B 767 115.47 -76.68 -33.43
C SER B 767 114.55 -77.89 -33.37
N PHE B 768 113.83 -78.12 -34.47
CA PHE B 768 112.90 -79.21 -34.59
C PHE B 768 113.36 -80.16 -35.70
N ARG B 769 113.01 -81.44 -35.53
CA ARG B 769 113.44 -82.50 -36.43
C ARG B 769 112.29 -83.49 -36.58
N ILE B 770 111.66 -83.50 -37.76
CA ILE B 770 110.47 -84.30 -37.99
C ILE B 770 110.86 -85.57 -38.76
N ASN B 771 110.49 -86.72 -38.20
CA ASN B 771 110.67 -88.02 -38.84
C ASN B 771 112.10 -88.23 -39.34
N GLY B 772 113.08 -87.61 -38.67
CA GLY B 772 114.46 -87.68 -39.10
C GLY B 772 114.86 -86.66 -40.14
N GLN B 773 113.91 -85.85 -40.65
CA GLN B 773 114.25 -84.80 -41.61
C GLN B 773 114.34 -83.45 -40.91
N PRO B 774 115.24 -82.58 -41.34
CA PRO B 774 115.42 -81.30 -40.65
C PRO B 774 114.34 -80.28 -41.00
N VAL B 775 113.73 -79.70 -39.96
CA VAL B 775 112.74 -78.65 -40.16
C VAL B 775 113.47 -77.32 -40.36
N GLN B 776 113.17 -76.65 -41.47
CA GLN B 776 113.82 -75.38 -41.80
C GLN B 776 113.18 -74.25 -40.98
N GLY B 777 113.25 -74.41 -39.66
CA GLY B 777 112.72 -73.42 -38.74
C GLY B 777 113.70 -73.19 -37.63
N MET B 778 113.61 -72.03 -36.99
CA MET B 778 114.65 -71.61 -36.07
C MET B 778 114.11 -70.58 -35.08
N PHE B 779 114.43 -70.78 -33.81
CA PHE B 779 114.15 -69.82 -32.75
C PHE B 779 115.48 -69.30 -32.23
N GLU B 780 115.66 -67.97 -32.26
CA GLU B 780 116.92 -67.35 -31.91
C GLU B 780 116.71 -66.22 -30.91
N ASN B 781 117.73 -66.00 -30.09
CA ASN B 781 117.85 -64.80 -29.25
C ASN B 781 116.63 -64.59 -28.36
N PHE B 782 116.14 -65.67 -27.77
CA PHE B 782 115.06 -65.55 -26.79
C PHE B 782 115.64 -65.43 -25.39
N ASN B 783 114.79 -65.02 -24.45
CA ASN B 783 115.22 -64.80 -23.08
C ASN B 783 115.59 -66.13 -22.42
N ILE B 784 116.75 -66.16 -21.78
CA ILE B 784 117.26 -67.36 -21.12
C ILE B 784 117.36 -67.19 -19.62
N ASP B 785 116.73 -66.15 -19.07
CA ASP B 785 116.79 -65.92 -17.62
C ASP B 785 116.07 -67.00 -16.85
N GLY B 786 114.92 -67.46 -17.35
CA GLY B 786 114.10 -68.43 -16.66
C GLY B 786 114.48 -69.87 -16.98
N LEU B 787 113.78 -70.79 -16.31
CA LEU B 787 114.01 -72.21 -16.49
C LEU B 787 113.11 -72.74 -17.60
N PHE B 788 113.68 -73.58 -18.46
CA PHE B 788 112.95 -74.20 -19.56
C PHE B 788 112.49 -75.59 -19.16
N PHE B 789 111.63 -76.18 -20.01
CA PHE B 789 111.16 -77.55 -19.82
C PHE B 789 110.42 -77.98 -21.07
N PRO B 790 110.51 -79.26 -21.44
CA PRO B 790 109.68 -79.76 -22.55
C PRO B 790 108.21 -79.71 -22.20
N VAL B 791 107.38 -79.56 -23.23
CA VAL B 791 105.94 -79.44 -23.03
C VAL B 791 105.24 -79.75 -24.36
N VAL B 792 104.08 -80.39 -24.26
CA VAL B 792 103.22 -80.63 -25.41
C VAL B 792 101.82 -80.14 -25.04
N SER B 793 101.19 -79.41 -25.97
CA SER B 793 99.83 -78.93 -25.79
C SER B 793 98.92 -79.76 -26.69
N PHE B 794 97.92 -80.41 -26.09
CA PHE B 794 97.06 -81.31 -26.83
C PHE B 794 95.60 -80.96 -26.57
N SER B 795 94.73 -81.52 -27.43
CA SER B 795 93.29 -81.34 -27.32
C SER B 795 92.70 -82.74 -27.28
N ALA B 796 91.39 -82.88 -27.48
CA ALA B 796 90.74 -84.19 -27.54
C ALA B 796 91.31 -85.01 -28.69
N GLY B 797 91.28 -86.32 -28.52
CA GLY B 797 91.79 -87.23 -29.54
C GLY B 797 93.27 -87.17 -29.79
N ILE B 798 94.07 -87.07 -28.72
CA ILE B 798 95.52 -87.08 -28.82
C ILE B 798 96.06 -88.22 -27.97
N LYS B 799 96.92 -89.04 -28.55
CA LYS B 799 97.59 -90.14 -27.85
C LYS B 799 99.05 -90.14 -28.29
N VAL B 800 99.91 -89.54 -27.49
CA VAL B 800 101.31 -89.37 -27.81
C VAL B 800 102.15 -89.91 -26.65
N ARG B 801 103.44 -90.14 -26.93
CA ARG B 801 104.37 -90.68 -25.96
C ARG B 801 105.66 -89.87 -25.94
N PHE B 802 106.19 -89.65 -24.74
CA PHE B 802 107.46 -88.97 -24.53
C PHE B 802 108.59 -90.00 -24.60
N LEU B 803 109.44 -89.87 -25.61
CA LEU B 803 110.69 -90.63 -25.66
C LEU B 803 111.79 -89.74 -25.11
N LEU B 804 112.04 -89.84 -23.81
CA LEU B 804 112.98 -88.96 -23.12
C LEU B 804 114.40 -89.52 -23.11
N GLY B 805 114.61 -90.76 -23.52
CA GLY B 805 115.93 -91.34 -23.59
C GLY B 805 116.31 -92.07 -22.32
N GLY B 806 117.31 -92.94 -22.45
CA GLY B 806 117.83 -93.66 -21.31
C GLY B 806 116.85 -94.67 -20.74
N ARG B 807 116.68 -94.63 -19.42
CA ARG B 807 115.78 -95.57 -18.76
C ARG B 807 114.34 -95.37 -19.20
N HIS B 808 113.91 -94.12 -19.30
CA HIS B 808 112.49 -93.83 -19.56
C HIS B 808 112.11 -94.17 -21.00
N GLY B 809 112.96 -93.80 -21.96
CA GLY B 809 112.66 -94.03 -23.35
C GLY B 809 113.90 -94.34 -24.15
N GLU B 810 113.70 -94.64 -25.43
CA GLU B 810 114.78 -94.82 -26.39
C GLU B 810 114.48 -93.97 -27.62
N PHE B 811 115.48 -93.20 -28.06
CA PHE B 811 115.29 -92.31 -29.19
C PHE B 811 115.20 -93.09 -30.49
N LYS B 812 114.19 -92.75 -31.31
CA LYS B 812 114.09 -93.34 -32.63
C LYS B 812 115.26 -92.93 -33.52
N PHE B 813 115.69 -91.67 -33.42
CA PHE B 813 116.81 -91.15 -34.18
C PHE B 813 117.92 -90.73 -33.24
N LEU B 814 119.16 -90.83 -33.74
CA LEU B 814 120.33 -90.48 -32.95
C LEU B 814 120.32 -88.99 -32.61
N PRO B 815 120.60 -88.63 -31.37
CA PRO B 815 120.69 -87.22 -31.00
C PRO B 815 121.78 -86.52 -31.80
N PRO B 816 121.62 -85.24 -32.09
CA PRO B 816 122.69 -84.48 -32.75
C PRO B 816 123.93 -84.46 -31.89
N PRO B 817 125.12 -84.37 -32.50
CA PRO B 817 126.36 -84.46 -31.73
C PRO B 817 126.42 -83.43 -30.61
N GLY B 818 126.84 -83.87 -29.43
CA GLY B 818 126.92 -83.00 -28.28
C GLY B 818 125.60 -82.56 -27.69
N TYR B 819 124.53 -83.32 -27.92
CA TYR B 819 123.21 -82.97 -27.40
C TYR B 819 122.79 -84.04 -26.40
N ALA B 820 122.84 -83.69 -25.12
CA ALA B 820 122.49 -84.63 -24.06
C ALA B 820 121.00 -84.92 -24.07
N PRO B 821 120.61 -86.16 -23.76
CA PRO B 821 119.19 -86.48 -23.62
C PRO B 821 118.61 -85.80 -22.39
N CYS B 822 117.30 -85.53 -22.43
CA CYS B 822 116.67 -84.72 -21.38
C CYS B 822 116.53 -85.47 -20.07
N TYR B 823 116.60 -86.81 -20.10
CA TYR B 823 116.42 -87.56 -18.86
C TYR B 823 117.61 -87.38 -17.91
N GLU B 824 118.73 -86.88 -18.42
CA GLU B 824 119.94 -86.70 -17.63
C GLU B 824 119.88 -85.48 -16.72
N ALA B 825 118.86 -84.64 -16.86
CA ALA B 825 118.71 -83.46 -16.03
C ALA B 825 117.94 -83.72 -14.74
N VAL B 826 117.41 -84.93 -14.55
CA VAL B 826 116.66 -85.24 -13.34
C VAL B 826 117.60 -85.24 -12.14
N LEU B 827 117.16 -84.62 -11.05
CA LEU B 827 117.94 -84.63 -9.82
C LEU B 827 118.02 -86.06 -9.28
N PRO B 828 119.11 -86.41 -8.58
CA PRO B 828 119.31 -87.79 -8.14
C PRO B 828 118.16 -88.38 -7.33
N LYS B 829 117.82 -87.74 -6.21
CA LYS B 829 116.77 -88.27 -5.35
C LYS B 829 115.38 -88.05 -5.93
N GLU B 830 115.22 -87.18 -6.91
CA GLU B 830 113.93 -86.96 -7.54
C GLU B 830 113.71 -87.95 -8.68
N LYS B 831 112.45 -88.33 -8.86
CA LYS B 831 112.05 -89.32 -9.85
C LYS B 831 111.36 -88.62 -11.00
N LEU B 832 111.79 -88.92 -12.23
CA LEU B 832 111.21 -88.27 -13.40
C LEU B 832 109.79 -88.78 -13.65
N LYS B 833 108.82 -87.87 -13.62
CA LYS B 833 107.43 -88.20 -13.88
C LYS B 833 106.85 -87.13 -14.80
N VAL B 834 105.82 -87.49 -15.55
CA VAL B 834 105.13 -86.53 -16.42
C VAL B 834 103.83 -86.11 -15.73
N GLU B 835 103.68 -84.81 -15.50
CA GLU B 835 102.54 -84.27 -14.79
C GLU B 835 101.84 -83.22 -15.65
N HIS B 836 100.77 -82.66 -15.10
CA HIS B 836 100.12 -81.51 -15.71
C HIS B 836 101.02 -80.29 -15.61
N SER B 837 101.05 -79.48 -16.67
CA SER B 837 101.80 -78.22 -16.61
C SER B 837 101.21 -77.28 -15.56
N ARG B 838 99.89 -77.29 -15.42
CA ARG B 838 99.21 -76.47 -14.42
C ARG B 838 98.90 -77.31 -13.17
N GLU B 839 98.64 -76.60 -12.08
CA GLU B 839 98.54 -77.28 -10.78
C GLU B 839 97.16 -77.86 -10.54
N TYR B 840 96.13 -77.33 -11.20
CA TYR B 840 94.77 -77.84 -11.04
C TYR B 840 94.40 -78.76 -12.19
N LYS B 841 93.79 -79.89 -11.86
CA LYS B 841 93.39 -80.91 -12.82
C LYS B 841 91.98 -81.38 -12.50
N GLN B 842 91.51 -82.38 -13.24
CA GLN B 842 90.17 -82.92 -13.04
C GLN B 842 90.15 -83.91 -11.88
N GLU B 843 89.26 -83.66 -10.93
CA GLU B 843 89.09 -84.50 -9.75
C GLU B 843 87.85 -83.99 -9.00
N ARG B 844 87.50 -84.70 -7.93
CA ARG B 844 86.35 -84.31 -7.13
C ARG B 844 86.58 -82.96 -6.47
N THR B 845 85.50 -82.19 -6.33
CA THR B 845 85.62 -80.84 -5.79
C THR B 845 86.07 -80.85 -4.33
N TYR B 846 85.59 -81.82 -3.54
CA TYR B 846 85.99 -81.88 -2.15
C TYR B 846 87.38 -82.49 -1.99
N THR B 847 87.78 -83.37 -2.91
CA THR B 847 89.14 -83.89 -2.90
C THR B 847 90.13 -82.96 -3.59
N ARG B 848 89.64 -81.90 -4.22
CA ARG B 848 90.52 -80.98 -4.95
C ARG B 848 91.52 -80.34 -4.00
N ASP B 849 92.80 -80.48 -4.32
CA ASP B 849 93.88 -79.88 -3.54
C ASP B 849 94.10 -78.45 -4.04
N LEU B 850 93.82 -77.48 -3.17
CA LEU B 850 94.01 -76.08 -3.52
C LEU B 850 95.43 -75.67 -3.16
N LEU B 851 96.18 -75.21 -4.15
CA LEU B 851 97.59 -74.85 -3.97
C LEU B 851 97.73 -73.34 -3.95
N GLY B 852 98.41 -72.82 -2.94
CA GLY B 852 98.75 -71.42 -2.89
C GLY B 852 100.03 -71.17 -3.68
N PRO B 853 100.59 -69.96 -3.54
CA PRO B 853 101.87 -69.67 -4.21
C PRO B 853 102.95 -70.61 -3.73
N THR B 854 103.81 -71.02 -4.65
CA THR B 854 104.91 -71.92 -4.34
C THR B 854 106.23 -71.14 -4.28
N VAL B 855 107.16 -71.65 -3.48
CA VAL B 855 108.48 -71.04 -3.38
C VAL B 855 109.23 -71.18 -4.70
N SER B 856 109.96 -70.13 -5.05
CA SER B 856 110.74 -70.14 -6.27
C SER B 856 111.83 -71.20 -6.18
N LEU B 857 112.00 -71.97 -7.26
CA LEU B 857 112.97 -73.06 -7.26
C LEU B 857 114.36 -72.56 -7.66
N THR B 858 114.88 -71.58 -6.93
CA THR B 858 116.24 -71.13 -7.17
C THR B 858 117.26 -72.21 -6.78
N GLN B 859 116.89 -73.09 -5.86
CA GLN B 859 117.80 -74.15 -5.45
C GLN B 859 117.98 -75.20 -6.55
N ALA B 860 117.09 -75.21 -7.55
CA ALA B 860 117.26 -76.12 -8.67
C ALA B 860 118.55 -75.81 -9.43
N ALA B 861 118.83 -74.53 -9.65
CA ALA B 861 120.11 -74.14 -10.23
C ALA B 861 121.18 -74.13 -9.15
N PHE B 862 122.30 -74.78 -9.43
CA PHE B 862 123.40 -74.93 -8.48
C PHE B 862 124.55 -74.02 -8.90
N THR B 863 124.94 -73.11 -8.00
CA THR B 863 126.05 -72.21 -8.25
C THR B 863 126.94 -72.18 -7.01
N PRO B 864 128.23 -72.49 -7.14
CA PRO B 864 129.11 -72.47 -5.97
C PRO B 864 129.32 -71.05 -5.46
N ILE B 865 129.15 -70.87 -4.15
CA ILE B 865 129.32 -69.56 -3.54
C ILE B 865 130.32 -69.70 -2.39
N PRO B 866 131.62 -69.78 -2.68
CA PRO B 866 132.61 -69.76 -1.60
C PRO B 866 132.89 -68.34 -1.13
N VAL B 867 133.08 -68.18 0.18
CA VAL B 867 133.41 -66.88 0.73
C VAL B 867 134.87 -66.56 0.45
N ASP B 868 135.12 -65.35 -0.05
CA ASP B 868 136.49 -64.94 -0.32
C ASP B 868 137.24 -64.71 0.98
N THR B 869 138.46 -65.24 1.05
CA THR B 869 139.26 -65.16 2.26
C THR B 869 140.53 -64.33 2.10
N SER B 870 140.81 -63.82 0.90
CA SER B 870 142.04 -63.07 0.68
C SER B 870 142.09 -61.80 1.52
N GLN B 871 140.93 -61.21 1.82
CA GLN B 871 140.90 -60.00 2.62
C GLN B 871 141.28 -60.29 4.08
N ILE B 872 141.01 -61.51 4.55
CA ILE B 872 141.41 -61.88 5.90
C ILE B 872 142.93 -62.04 5.95
N VAL B 873 143.55 -61.38 6.91
CA VAL B 873 144.99 -61.45 7.13
C VAL B 873 145.25 -62.20 8.43
N LEU B 874 146.22 -63.10 8.41
CA LEU B 874 146.51 -63.89 9.60
C LEU B 874 147.26 -63.04 10.62
N PRO B 875 146.87 -63.07 11.89
CA PRO B 875 147.72 -62.54 12.96
C PRO B 875 149.03 -63.30 13.03
N PRO B 876 150.12 -62.65 13.44
CA PRO B 876 151.45 -63.32 13.41
C PRO B 876 151.54 -64.60 14.23
N HIS B 877 150.83 -64.67 15.36
CA HIS B 877 150.83 -65.88 16.17
C HIS B 877 150.11 -67.02 15.48
N LEU B 878 148.90 -66.73 14.98
CA LEU B 878 148.21 -67.73 14.18
C LEU B 878 149.03 -68.04 12.94
N GLU B 879 149.97 -67.16 12.58
CA GLU B 879 150.81 -67.44 11.43
C GLU B 879 151.95 -68.42 11.74
N ARG B 880 152.66 -68.29 12.89
CA ARG B 880 153.56 -69.42 13.23
C ARG B 880 152.75 -70.69 13.18
N ILE B 881 151.60 -70.67 13.85
CA ILE B 881 150.79 -71.87 13.93
C ILE B 881 150.37 -72.30 12.53
N ARG B 882 150.28 -71.36 11.59
CA ARG B 882 149.94 -71.72 10.23
C ARG B 882 151.02 -72.56 9.59
N GLU B 883 152.28 -72.12 9.63
CA GLU B 883 153.29 -72.97 8.98
C GLU B 883 153.48 -74.28 9.74
N LYS B 884 153.47 -74.21 11.07
CA LYS B 884 153.66 -75.43 11.86
C LYS B 884 152.54 -76.44 11.61
N LEU B 885 151.29 -75.95 11.55
CA LEU B 885 150.19 -76.84 11.24
C LEU B 885 150.20 -77.23 9.77
N ALA B 886 150.90 -76.49 8.90
CA ALA B 886 151.07 -76.99 7.54
C ALA B 886 151.95 -78.22 7.51
N GLU B 887 153.04 -78.21 8.28
CA GLU B 887 153.79 -79.46 8.45
C GLU B 887 152.92 -80.54 9.07
N ASN B 888 152.16 -80.19 10.10
CA ASN B 888 151.20 -81.13 10.67
C ASN B 888 150.21 -81.65 9.64
N ILE B 889 149.83 -80.83 8.67
CA ILE B 889 148.88 -81.24 7.63
C ILE B 889 149.51 -82.25 6.67
N HIS B 890 150.76 -82.06 6.26
CA HIS B 890 151.27 -83.09 5.36
C HIS B 890 151.47 -84.39 6.13
N GLU B 891 151.81 -84.28 7.41
CA GLU B 891 151.83 -85.46 8.28
C GLU B 891 150.46 -86.15 8.32
N LEU B 892 149.39 -85.41 8.57
CA LEU B 892 148.05 -86.00 8.57
C LEU B 892 147.67 -86.58 7.23
N TRP B 893 148.08 -85.95 6.13
CA TRP B 893 147.72 -86.48 4.82
C TRP B 893 148.39 -87.82 4.57
N VAL B 894 149.70 -87.92 4.84
CA VAL B 894 150.37 -89.19 4.63
C VAL B 894 149.87 -90.23 5.61
N MET B 895 149.43 -89.80 6.79
CA MET B 895 148.87 -90.76 7.73
C MET B 895 147.49 -91.26 7.29
N ASN B 896 146.68 -90.39 6.68
CA ASN B 896 145.46 -90.88 6.05
C ASN B 896 145.77 -91.85 4.92
N LYS B 897 146.82 -91.56 4.15
CA LYS B 897 147.24 -92.47 3.08
C LYS B 897 147.61 -93.84 3.62
N ILE B 898 148.31 -93.88 4.76
CA ILE B 898 148.68 -95.16 5.38
C ILE B 898 147.52 -95.82 6.11
N GLU B 899 146.54 -95.04 6.57
CA GLU B 899 145.33 -95.63 7.16
C GLU B 899 144.45 -96.26 6.10
N LEU B 900 144.49 -95.75 4.87
CA LEU B 900 143.76 -96.38 3.79
C LEU B 900 144.29 -97.77 3.45
N GLY B 901 145.44 -98.17 3.99
CA GLY B 901 146.04 -99.43 3.61
C GLY B 901 146.52 -99.48 2.19
N TRP B 902 147.17 -98.41 1.72
CA TRP B 902 147.54 -98.29 0.32
C TRP B 902 149.00 -98.72 0.17
N GLN B 903 149.46 -98.94 -1.05
CA GLN B 903 150.81 -99.44 -1.29
C GLN B 903 151.66 -98.37 -1.97
N TYR B 904 152.96 -98.46 -1.73
CA TYR B 904 153.92 -97.51 -2.29
C TYR B 904 154.73 -98.17 -3.39
N GLY B 905 154.88 -97.48 -4.51
CA GLY B 905 155.60 -98.00 -5.66
C GLY B 905 156.32 -96.93 -6.44
N PRO B 906 156.99 -97.33 -7.52
CA PRO B 906 157.80 -96.37 -8.29
C PRO B 906 156.99 -95.43 -9.16
N VAL B 907 155.84 -95.89 -9.67
CA VAL B 907 155.04 -95.11 -10.60
C VAL B 907 153.79 -94.61 -9.87
N ARG B 908 153.23 -93.50 -10.37
CA ARG B 908 152.09 -92.84 -9.73
C ARG B 908 150.78 -93.24 -10.41
N ASP B 909 150.45 -94.52 -10.29
CA ASP B 909 149.27 -95.09 -10.93
C ASP B 909 148.33 -95.69 -9.88
N ASP B 910 147.07 -95.25 -9.91
CA ASP B 910 146.07 -95.80 -8.99
C ASP B 910 145.59 -97.17 -9.44
N ASN B 911 145.49 -97.40 -10.75
CA ASN B 911 144.98 -98.66 -11.26
C ASN B 911 145.90 -99.82 -10.89
N LYS B 912 147.21 -99.63 -10.98
CA LYS B 912 148.14 -100.70 -10.62
C LYS B 912 148.44 -100.68 -9.13
N ARG B 913 147.86 -99.70 -8.42
CA ARG B 913 147.79 -99.65 -6.95
C ARG B 913 149.11 -99.29 -6.28
N GLN B 914 149.95 -98.48 -6.94
CA GLN B 914 151.20 -98.02 -6.37
C GLN B 914 151.29 -96.50 -6.49
N HIS B 915 151.74 -95.84 -5.41
CA HIS B 915 152.04 -94.42 -5.41
C HIS B 915 153.21 -94.16 -4.46
N PRO B 916 154.23 -93.41 -4.89
CA PRO B 916 155.34 -93.07 -3.98
C PRO B 916 155.03 -91.89 -3.06
N CYS B 917 153.75 -91.53 -2.89
CA CYS B 917 153.37 -90.36 -2.10
C CYS B 917 152.97 -90.72 -0.68
N LEU B 918 153.60 -91.74 -0.09
CA LEU B 918 153.15 -92.29 1.18
C LEU B 918 154.10 -91.98 2.34
N VAL B 919 155.36 -91.66 2.08
CA VAL B 919 156.35 -91.67 3.15
C VAL B 919 156.52 -90.27 3.75
N GLU B 920 156.97 -89.31 2.95
CA GLU B 920 157.13 -87.97 3.50
C GLU B 920 156.73 -86.90 2.49
N PHE B 921 156.94 -85.63 2.88
CA PHE B 921 156.58 -84.53 2.00
C PHE B 921 157.61 -84.34 0.89
N SER B 922 158.89 -84.60 1.18
CA SER B 922 159.93 -84.42 0.18
C SER B 922 159.85 -85.52 -0.88
N LYS B 923 159.39 -86.71 -0.50
CA LYS B 923 159.15 -87.76 -1.50
C LYS B 923 158.05 -87.34 -2.46
N LEU B 924 157.13 -86.49 -2.00
CA LEU B 924 156.14 -85.90 -2.88
C LEU B 924 156.80 -84.90 -3.84
N PRO B 925 156.15 -84.58 -4.96
CA PRO B 925 156.54 -83.39 -5.72
C PRO B 925 156.44 -82.16 -4.84
N GLU B 926 157.43 -81.27 -4.96
CA GLU B 926 157.46 -80.09 -4.10
C GLU B 926 156.29 -79.16 -4.42
N GLN B 927 155.90 -79.09 -5.69
CA GLN B 927 154.72 -78.29 -6.05
C GLN B 927 153.44 -78.87 -5.46
N GLU B 928 153.32 -80.21 -5.42
CA GLU B 928 152.16 -80.82 -4.79
C GLU B 928 152.14 -80.55 -3.29
N ARG B 929 153.30 -80.63 -2.64
CA ARG B 929 153.37 -80.34 -1.21
C ARG B 929 153.02 -78.87 -0.95
N ASN B 930 153.49 -77.97 -1.83
CA ASN B 930 153.16 -76.56 -1.69
C ASN B 930 151.67 -76.30 -1.87
N TYR B 931 151.03 -77.00 -2.81
CA TYR B 931 149.59 -76.85 -2.98
C TYR B 931 148.84 -77.41 -1.77
N ASN B 932 149.35 -78.49 -1.18
CA ASN B 932 148.78 -79.02 0.06
C ASN B 932 148.86 -77.98 1.16
N LEU B 933 150.02 -77.34 1.30
CA LEU B 933 150.20 -76.28 2.28
C LEU B 933 149.24 -75.13 2.03
N GLN B 934 149.08 -74.74 0.76
CA GLN B 934 148.24 -73.58 0.48
C GLN B 934 146.77 -73.90 0.67
N MET B 935 146.35 -75.15 0.46
CA MET B 935 144.94 -75.46 0.69
C MET B 935 144.67 -75.60 2.18
N SER B 936 145.67 -76.03 2.96
CA SER B 936 145.52 -75.96 4.42
C SER B 936 145.42 -74.51 4.88
N LEU B 937 146.24 -73.64 4.28
CA LEU B 937 146.16 -72.21 4.55
C LEU B 937 144.78 -71.65 4.20
N GLU B 938 144.23 -72.07 3.07
CA GLU B 938 142.90 -71.62 2.67
C GLU B 938 141.82 -72.18 3.58
N THR B 939 142.00 -73.41 4.05
CA THR B 939 141.05 -74.01 4.99
C THR B 939 141.03 -73.24 6.31
N LEU B 940 142.20 -72.85 6.81
CA LEU B 940 142.22 -72.08 8.05
C LEU B 940 141.77 -70.65 7.83
N LYS B 941 141.97 -70.10 6.63
CA LYS B 941 141.39 -68.80 6.31
C LYS B 941 139.87 -68.88 6.22
N THR B 942 139.33 -70.01 5.77
CA THR B 942 137.89 -70.24 5.85
C THR B 942 137.42 -70.32 7.30
N LEU B 943 138.18 -71.03 8.14
CA LEU B 943 137.90 -71.03 9.57
C LEU B 943 137.83 -69.62 10.14
N LEU B 944 138.75 -68.74 9.73
CA LEU B 944 138.70 -67.35 10.14
C LEU B 944 137.50 -66.61 9.56
N ALA B 945 137.19 -66.88 8.29
CA ALA B 945 136.12 -66.17 7.61
C ALA B 945 134.77 -66.45 8.26
N LEU B 946 134.55 -67.69 8.72
CA LEU B 946 133.33 -67.97 9.47
C LEU B 946 133.35 -67.31 10.84
N GLY B 947 134.50 -66.78 11.26
CA GLY B 947 134.56 -65.89 12.41
C GLY B 947 134.95 -66.53 13.72
N CYS B 948 135.72 -67.61 13.69
CA CYS B 948 136.12 -68.25 14.95
C CYS B 948 137.04 -67.33 15.74
N HIS B 949 136.72 -67.14 17.02
CA HIS B 949 137.57 -66.35 17.90
C HIS B 949 138.86 -67.13 18.17
N VAL B 950 140.00 -66.47 17.94
CA VAL B 950 141.30 -67.12 18.11
C VAL B 950 141.50 -67.47 19.58
N GLY B 951 141.83 -68.73 19.84
CA GLY B 951 142.03 -69.20 21.19
C GLY B 951 143.19 -70.17 21.27
N ILE B 952 143.88 -70.13 22.40
CA ILE B 952 145.04 -70.97 22.64
C ILE B 952 144.97 -71.50 24.08
N SER B 953 145.32 -72.78 24.25
CA SER B 953 145.25 -73.38 25.58
C SER B 953 146.39 -72.89 26.47
N ASP B 954 147.62 -73.17 26.07
CA ASP B 954 148.79 -72.76 26.84
C ASP B 954 150.02 -72.85 25.95
N GLU B 955 151.11 -72.22 26.42
CA GLU B 955 152.34 -72.19 25.63
C GLU B 955 153.06 -73.53 25.64
N HIS B 956 152.92 -74.31 26.71
CA HIS B 956 153.54 -75.63 26.74
C HIS B 956 152.91 -76.56 25.71
N ALA B 957 151.59 -76.51 25.56
CA ALA B 957 150.91 -77.33 24.57
C ALA B 957 151.30 -76.98 23.14
N GLU B 958 151.89 -75.80 22.93
CA GLU B 958 152.44 -75.42 21.64
C GLU B 958 153.91 -75.78 21.49
N ASP B 959 154.73 -75.53 22.52
CA ASP B 959 156.16 -75.84 22.43
C ASP B 959 156.40 -77.34 22.35
N LYS B 960 155.68 -78.12 23.15
CA LYS B 960 155.86 -79.57 23.20
C LYS B 960 154.51 -80.24 22.98
N VAL B 961 154.35 -80.85 21.82
CA VAL B 961 153.17 -81.66 21.52
C VAL B 961 153.54 -83.12 21.71
N LYS B 962 152.57 -83.91 22.19
CA LYS B 962 152.83 -85.31 22.45
C LYS B 962 152.84 -86.10 21.14
N LYS B 963 153.46 -87.29 21.19
CA LYS B 963 153.62 -88.17 20.03
C LYS B 963 153.08 -89.54 20.41
N MET B 964 151.84 -89.83 20.01
CA MET B 964 151.31 -91.18 20.25
C MET B 964 152.02 -92.17 19.36
N LYS B 965 152.22 -93.38 19.85
CA LYS B 965 152.84 -94.44 19.07
C LYS B 965 151.78 -95.47 18.71
N LEU B 966 151.68 -95.78 17.43
CA LEU B 966 150.83 -96.87 16.94
C LEU B 966 151.69 -98.10 16.75
N PRO B 967 151.11 -99.30 16.63
CA PRO B 967 151.93 -100.50 16.44
C PRO B 967 152.77 -100.41 15.17
N LYS B 968 153.72 -101.33 15.05
CA LYS B 968 154.64 -101.32 13.92
C LYS B 968 153.92 -101.51 12.60
N ASN B 969 152.78 -102.22 12.63
CA ASN B 969 152.01 -102.42 11.40
C ASN B 969 151.48 -101.10 10.85
N TYR B 970 151.01 -100.22 11.73
CA TYR B 970 150.50 -98.91 11.33
C TYR B 970 151.54 -97.81 11.48
N GLN B 971 152.78 -98.16 11.78
CA GLN B 971 153.88 -97.21 11.88
C GLN B 971 154.28 -96.75 10.49
N LEU B 972 154.39 -95.43 10.32
CA LEU B 972 154.79 -94.88 9.04
C LEU B 972 156.25 -95.23 8.75
N THR B 973 156.56 -95.42 7.47
CA THR B 973 157.94 -95.72 7.08
C THR B 973 158.87 -94.56 7.40
N SER B 974 158.36 -93.33 7.34
CA SER B 974 159.16 -92.17 7.72
C SER B 974 159.31 -92.09 9.24
N GLY B 975 160.12 -91.14 9.69
CA GLY B 975 160.40 -90.99 11.10
C GLY B 975 159.35 -90.23 11.88
N TYR B 976 158.29 -89.78 11.23
CA TYR B 976 157.25 -89.01 11.90
C TYR B 976 156.45 -89.90 12.85
N LYS B 977 155.81 -89.26 13.82
CA LYS B 977 154.94 -89.96 14.75
C LYS B 977 153.75 -90.56 14.00
N PRO B 978 153.32 -91.78 14.34
CA PRO B 978 152.21 -92.39 13.59
C PRO B 978 150.93 -91.57 13.60
N ALA B 979 150.75 -90.71 14.60
CA ALA B 979 149.63 -89.79 14.66
C ALA B 979 149.97 -88.71 15.69
N PRO B 980 149.35 -87.54 15.61
CA PRO B 980 149.65 -86.51 16.63
C PRO B 980 149.28 -86.94 18.05
N MET B 981 148.03 -87.31 18.29
CA MET B 981 147.60 -87.83 19.59
C MET B 981 146.21 -88.44 19.46
N ASP B 982 145.98 -89.52 20.19
CA ASP B 982 144.82 -90.38 19.94
C ASP B 982 143.50 -89.65 20.19
N LEU B 983 142.49 -90.03 19.41
CA LEU B 983 141.21 -89.32 19.37
C LEU B 983 140.41 -89.50 20.67
N SER B 984 140.82 -90.41 21.54
CA SER B 984 140.03 -90.69 22.73
C SER B 984 139.99 -89.50 23.69
N PHE B 985 141.16 -88.92 23.98
CA PHE B 985 141.22 -87.84 24.96
C PHE B 985 140.63 -86.54 24.45
N ILE B 986 140.46 -86.40 23.13
CA ILE B 986 139.93 -85.17 22.53
C ILE B 986 138.52 -85.45 22.02
N LYS B 987 137.53 -84.80 22.64
CA LYS B 987 136.16 -84.81 22.16
C LYS B 987 135.85 -83.41 21.62
N LEU B 988 135.40 -83.34 20.37
CA LEU B 988 135.20 -82.06 19.72
C LEU B 988 133.75 -81.61 19.86
N THR B 989 133.57 -80.35 20.25
CA THR B 989 132.24 -79.86 20.60
C THR B 989 131.40 -79.66 19.33
N PRO B 990 130.07 -79.76 19.44
CA PRO B 990 129.21 -79.55 18.26
C PRO B 990 129.36 -78.16 17.65
N SER B 991 129.76 -77.17 18.45
CA SER B 991 129.99 -75.83 17.92
C SER B 991 131.03 -75.85 16.80
N GLN B 992 132.11 -76.60 16.98
CA GLN B 992 133.07 -76.78 15.90
C GLN B 992 132.73 -77.95 14.98
N GLU B 993 131.84 -78.85 15.40
CA GLU B 993 131.39 -79.89 14.48
C GLU B 993 130.61 -79.29 13.31
N ALA B 994 129.72 -78.33 13.59
CA ALA B 994 129.05 -77.61 12.51
C ALA B 994 130.04 -76.72 11.74
N MET B 995 131.04 -76.21 12.43
CA MET B 995 132.13 -75.45 11.80
C MET B 995 132.81 -76.28 10.72
N VAL B 996 133.12 -77.55 11.02
CA VAL B 996 133.74 -78.44 10.04
C VAL B 996 132.79 -78.73 8.89
N ASP B 997 131.48 -78.85 9.19
CA ASP B 997 130.50 -79.04 8.12
C ASP B 997 130.54 -77.86 7.15
N LYS B 998 130.56 -76.64 7.68
CA LYS B 998 130.64 -75.46 6.83
C LYS B 998 131.93 -75.46 6.02
N LEU B 999 133.04 -75.89 6.63
CA LEU B 999 134.27 -76.10 5.87
C LEU B 999 134.04 -77.07 4.72
N ALA B 1000 133.28 -78.13 4.96
CA ALA B 1000 133.02 -79.11 3.91
C ALA B 1000 132.24 -78.48 2.76
N GLU B 1001 131.19 -77.71 3.07
CA GLU B 1001 130.47 -77.05 1.99
C GLU B 1001 131.36 -76.07 1.22
N ASN B 1002 132.20 -75.31 1.92
CA ASN B 1002 133.02 -74.33 1.21
C ASN B 1002 134.08 -75.01 0.36
N ALA B 1003 134.67 -76.11 0.85
CA ALA B 1003 135.63 -76.86 0.04
C ALA B 1003 134.97 -77.47 -1.18
N HIS B 1004 133.75 -78.01 -1.00
CA HIS B 1004 133.02 -78.53 -2.15
C HIS B 1004 132.72 -77.44 -3.17
N ASN B 1005 132.36 -76.24 -2.70
CA ASN B 1005 132.12 -75.12 -3.61
C ASN B 1005 133.40 -74.70 -4.33
N VAL B 1006 134.54 -74.72 -3.64
CA VAL B 1006 135.80 -74.38 -4.29
C VAL B 1006 136.12 -75.39 -5.38
N TRP B 1007 135.95 -76.68 -5.09
CA TRP B 1007 136.18 -77.70 -6.10
C TRP B 1007 135.21 -77.55 -7.27
N ALA B 1008 133.96 -77.18 -6.97
CA ALA B 1008 132.96 -77.00 -8.01
C ALA B 1008 133.27 -75.81 -8.91
N ARG B 1009 133.74 -74.69 -8.35
CA ARG B 1009 134.14 -73.57 -9.20
C ARG B 1009 135.40 -73.93 -9.98
N ASP B 1010 136.28 -74.75 -9.42
CA ASP B 1010 137.42 -75.23 -10.20
C ASP B 1010 136.96 -76.04 -11.40
N ARG B 1011 135.97 -76.92 -11.19
CA ARG B 1011 135.42 -77.68 -12.31
C ARG B 1011 134.73 -76.77 -13.32
N ILE B 1012 134.04 -75.73 -12.84
CA ILE B 1012 133.40 -74.78 -13.73
C ILE B 1012 134.43 -74.05 -14.59
N ARG B 1013 135.53 -73.61 -13.97
CA ARG B 1013 136.61 -72.98 -14.73
C ARG B 1013 137.18 -73.94 -15.76
N GLN B 1014 137.34 -75.21 -15.38
CA GLN B 1014 137.75 -76.22 -16.34
C GLN B 1014 136.72 -76.44 -17.44
N GLY B 1015 135.46 -76.09 -17.18
CA GLY B 1015 134.39 -76.30 -18.13
C GLY B 1015 133.51 -77.50 -17.85
N TRP B 1016 133.68 -78.15 -16.69
CA TRP B 1016 132.91 -79.35 -16.39
C TRP B 1016 131.46 -78.99 -16.05
N THR B 1017 130.56 -79.94 -16.32
CA THR B 1017 129.14 -79.76 -16.06
C THR B 1017 128.59 -81.03 -15.42
N TYR B 1018 127.48 -80.89 -14.71
CA TYR B 1018 126.85 -82.01 -14.03
C TYR B 1018 126.37 -83.06 -15.02
N GLY B 1019 126.63 -84.31 -14.70
CA GLY B 1019 126.17 -85.43 -15.50
C GLY B 1019 125.89 -86.65 -14.66
N ILE B 1020 124.70 -87.25 -14.82
CA ILE B 1020 124.32 -88.39 -13.99
C ILE B 1020 125.27 -89.56 -14.21
N GLN B 1021 125.90 -89.63 -15.37
CA GLN B 1021 126.90 -90.63 -15.68
C GLN B 1021 128.25 -89.95 -15.86
N GLN B 1022 129.27 -90.49 -15.19
CA GLN B 1022 130.60 -89.91 -15.29
C GLN B 1022 131.17 -90.10 -16.70
N ASP B 1023 131.65 -89.02 -17.30
CA ASP B 1023 132.24 -89.05 -18.64
C ASP B 1023 133.30 -87.97 -18.71
N VAL B 1024 134.57 -88.38 -18.83
CA VAL B 1024 135.67 -87.43 -18.81
C VAL B 1024 135.71 -86.59 -20.09
N LYS B 1025 135.39 -87.21 -21.23
CA LYS B 1025 135.53 -86.50 -22.50
C LYS B 1025 134.50 -85.38 -22.63
N ASN B 1026 133.30 -85.59 -22.08
CA ASN B 1026 132.25 -84.57 -22.09
C ASN B 1026 132.25 -83.74 -20.81
N ARG B 1027 133.25 -83.94 -19.94
CA ARG B 1027 133.37 -83.20 -18.69
C ARG B 1027 132.13 -83.39 -17.82
N ARG B 1028 131.71 -84.64 -17.69
CA ARG B 1028 130.54 -85.01 -16.89
C ARG B 1028 130.99 -85.42 -15.49
N ASN B 1029 130.32 -84.88 -14.47
CA ASN B 1029 130.60 -85.22 -13.09
C ASN B 1029 129.31 -85.10 -12.28
N PRO B 1030 128.80 -86.20 -11.74
CA PRO B 1030 127.60 -86.13 -10.89
C PRO B 1030 127.84 -85.44 -9.56
N ARG B 1031 129.11 -85.20 -9.19
CA ARG B 1031 129.40 -84.61 -7.89
C ARG B 1031 129.10 -83.11 -7.86
N LEU B 1032 128.91 -82.50 -9.03
CA LEU B 1032 128.64 -81.06 -9.11
C LEU B 1032 127.20 -80.80 -8.66
N VAL B 1033 126.97 -80.96 -7.36
CA VAL B 1033 125.64 -80.77 -6.76
C VAL B 1033 125.86 -80.09 -5.40
N PRO B 1034 124.82 -79.50 -4.80
CA PRO B 1034 124.96 -78.99 -3.44
C PRO B 1034 125.30 -80.11 -2.46
N TYR B 1035 125.95 -79.73 -1.36
CA TYR B 1035 126.45 -80.71 -0.40
C TYR B 1035 125.32 -81.57 0.17
N THR B 1036 124.14 -80.97 0.35
CA THR B 1036 122.99 -81.75 0.80
C THR B 1036 122.60 -82.79 -0.23
N LEU B 1037 122.65 -82.43 -1.52
CA LEU B 1037 122.33 -83.37 -2.57
C LEU B 1037 123.51 -84.26 -2.93
N LEU B 1038 124.64 -84.08 -2.26
CA LEU B 1038 125.84 -84.82 -2.62
C LEU B 1038 125.67 -86.30 -2.27
N ASP B 1039 126.51 -87.14 -2.88
CA ASP B 1039 126.52 -88.56 -2.55
C ASP B 1039 126.98 -88.78 -1.11
N ASP B 1040 126.31 -89.71 -0.43
CA ASP B 1040 126.56 -89.93 0.98
C ASP B 1040 127.99 -90.43 1.22
N ARG B 1041 128.47 -91.34 0.36
CA ARG B 1041 129.80 -91.91 0.57
C ARG B 1041 130.88 -90.84 0.44
N THR B 1042 130.85 -90.07 -0.64
CA THR B 1042 131.86 -89.03 -0.84
C THR B 1042 131.76 -87.94 0.24
N LYS B 1043 130.53 -87.55 0.59
CA LYS B 1043 130.39 -86.52 1.61
C LYS B 1043 130.88 -87.00 2.95
N LYS B 1044 130.62 -88.26 3.32
CA LYS B 1044 131.13 -88.76 4.59
C LYS B 1044 132.64 -88.93 4.55
N SER B 1045 133.19 -89.29 3.38
CA SER B 1045 134.64 -89.42 3.26
C SER B 1045 135.34 -88.09 3.52
N ASN B 1046 135.04 -87.07 2.69
CA ASN B 1046 135.72 -85.79 2.90
C ASN B 1046 135.27 -85.14 4.21
N LYS B 1047 134.09 -85.52 4.71
CA LYS B 1047 133.61 -84.99 5.97
C LYS B 1047 134.44 -85.50 7.13
N ASP B 1048 134.74 -86.80 7.16
CA ASP B 1048 135.59 -87.34 8.21
C ASP B 1048 137.01 -86.87 8.03
N SER B 1049 137.44 -86.63 6.79
CA SER B 1049 138.75 -86.04 6.57
C SER B 1049 138.86 -84.67 7.24
N LEU B 1050 137.84 -83.83 7.06
CA LEU B 1050 137.87 -82.49 7.64
C LEU B 1050 137.64 -82.52 9.15
N ARG B 1051 136.79 -83.44 9.62
CA ARG B 1051 136.72 -83.71 11.06
C ARG B 1051 138.10 -83.99 11.64
N GLU B 1052 138.84 -84.92 11.03
CA GLU B 1052 140.15 -85.28 11.54
C GLU B 1052 141.10 -84.10 11.49
N ALA B 1053 141.09 -83.35 10.37
CA ALA B 1053 141.97 -82.20 10.26
C ALA B 1053 141.70 -81.16 11.35
N VAL B 1054 140.44 -80.75 11.54
CA VAL B 1054 140.14 -79.72 12.53
C VAL B 1054 140.35 -80.24 13.94
N ARG B 1055 140.04 -81.53 14.18
CA ARG B 1055 140.24 -82.09 15.51
C ARG B 1055 141.72 -82.13 15.85
N THR B 1056 142.58 -82.42 14.87
CA THR B 1056 144.01 -82.30 15.07
C THR B 1056 144.42 -80.84 15.29
N LEU B 1057 143.76 -79.92 14.58
CA LEU B 1057 144.06 -78.50 14.76
C LEU B 1057 143.81 -78.07 16.20
N LEU B 1058 142.69 -78.51 16.78
CA LEU B 1058 142.38 -78.17 18.16
C LEU B 1058 143.23 -78.95 19.15
N GLY B 1059 143.58 -80.19 18.84
CA GLY B 1059 144.45 -80.95 19.72
C GLY B 1059 145.88 -80.43 19.70
N TYR B 1060 146.21 -79.64 18.67
CA TYR B 1060 147.52 -78.99 18.61
C TYR B 1060 147.72 -77.97 19.73
N GLY B 1061 146.63 -77.58 20.41
CA GLY B 1061 146.68 -76.65 21.52
C GLY B 1061 146.01 -75.32 21.23
N TYR B 1062 145.85 -74.97 19.95
CA TYR B 1062 145.19 -73.73 19.57
C TYR B 1062 143.69 -73.92 19.58
N ASN B 1063 143.09 -73.97 20.77
CA ASN B 1063 141.65 -74.21 20.92
C ASN B 1063 140.92 -72.93 20.55
N LEU B 1064 140.76 -72.71 19.24
CA LEU B 1064 140.03 -71.55 18.76
C LEU B 1064 138.56 -71.61 19.19
N GLU B 1065 138.05 -70.48 19.65
CA GLU B 1065 136.67 -70.40 20.09
C GLU B 1065 135.73 -70.38 18.88
N ALA B 1066 134.52 -70.89 19.11
CA ALA B 1066 133.51 -70.90 18.06
C ALA B 1066 133.01 -69.50 17.78
N PRO B 1067 132.61 -69.22 16.54
CA PRO B 1067 132.03 -67.90 16.22
C PRO B 1067 130.66 -67.70 16.84
N ASP B 1068 130.06 -66.54 16.60
CA ASP B 1068 128.72 -66.25 17.11
C ASP B 1068 127.71 -67.21 16.50
N GLN B 1069 127.09 -68.05 17.34
CA GLN B 1069 126.10 -68.99 16.87
C GLN B 1069 124.90 -68.26 16.28
N ASP B 1070 124.46 -68.69 15.09
CA ASP B 1070 123.38 -68.05 14.38
C ASP B 1070 122.05 -68.60 14.85
N HIS B 1071 121.26 -67.76 15.52
CA HIS B 1071 119.93 -68.12 15.99
C HIS B 1071 118.82 -67.41 15.22
N ALA B 1072 119.17 -66.75 14.11
CA ALA B 1072 118.18 -66.00 13.36
C ALA B 1072 117.29 -66.94 12.53
N ALA B 1073 116.13 -66.42 12.14
CA ALA B 1073 115.18 -67.16 11.33
C ALA B 1073 114.72 -66.28 10.17
N ARG B 1074 114.71 -66.84 8.97
CA ARG B 1074 114.31 -66.10 7.78
C ARG B 1074 112.79 -65.91 7.69
N ALA B 1075 112.02 -66.79 8.32
CA ALA B 1075 110.56 -66.75 8.31
C ALA B 1075 109.98 -66.97 6.92
N GLU B 1076 110.81 -67.49 6.00
CA GLU B 1076 110.39 -67.88 4.65
C GLU B 1076 109.67 -66.75 3.94
N VAL B 1077 110.40 -65.66 3.64
CA VAL B 1077 109.82 -64.54 2.91
C VAL B 1077 109.71 -64.83 1.42
N CYS B 1078 110.47 -65.78 0.90
CA CYS B 1078 110.47 -66.11 -0.51
C CYS B 1078 109.10 -66.59 -0.99
N SER B 1079 108.72 -66.23 -2.21
CA SER B 1079 107.45 -66.62 -2.78
C SER B 1079 107.54 -66.58 -4.29
N GLY B 1080 106.61 -67.25 -4.95
CA GLY B 1080 106.53 -67.21 -6.39
C GLY B 1080 106.22 -65.82 -6.90
N THR B 1081 107.08 -65.31 -7.79
CA THR B 1081 106.99 -63.94 -8.29
C THR B 1081 106.94 -62.95 -7.12
N GLY B 1082 105.76 -62.39 -6.87
CA GLY B 1082 105.59 -61.46 -5.77
C GLY B 1082 104.29 -61.67 -5.01
N GLU B 1083 103.55 -62.71 -5.38
CA GLU B 1083 102.27 -63.00 -4.74
C GLU B 1083 102.49 -63.78 -3.45
N ARG B 1084 102.00 -63.23 -2.34
CA ARG B 1084 102.15 -63.88 -1.04
C ARG B 1084 101.03 -64.85 -0.72
N PHE B 1085 99.85 -64.70 -1.34
CA PHE B 1085 98.72 -65.56 -1.04
C PHE B 1085 97.77 -65.55 -2.23
N ARG B 1086 97.08 -66.66 -2.43
CA ARG B 1086 96.03 -66.78 -3.44
C ARG B 1086 94.69 -66.98 -2.75
N ILE B 1087 93.71 -66.15 -3.10
CA ILE B 1087 92.40 -66.15 -2.47
C ILE B 1087 91.47 -67.03 -3.29
N PHE B 1088 90.81 -67.98 -2.62
CA PHE B 1088 89.85 -68.88 -3.26
C PHE B 1088 88.50 -68.65 -2.61
N ARG B 1089 87.47 -68.48 -3.44
CA ARG B 1089 86.12 -68.15 -2.97
C ARG B 1089 85.09 -68.75 -3.92
N ALA B 1090 83.87 -68.88 -3.40
CA ALA B 1090 82.75 -69.34 -4.20
C ALA B 1090 82.22 -68.20 -5.07
N GLU B 1091 81.31 -68.55 -5.99
CA GLU B 1091 80.75 -67.56 -6.90
C GLU B 1091 79.89 -66.56 -6.13
N LYS B 1092 79.81 -65.34 -6.65
CA LYS B 1092 79.03 -64.29 -6.00
C LYS B 1092 77.55 -64.62 -5.99
N THR B 1093 77.05 -65.28 -7.05
CA THR B 1093 75.63 -65.58 -7.14
C THR B 1093 75.18 -66.53 -6.03
N TYR B 1094 76.10 -67.29 -5.46
CA TYR B 1094 75.79 -68.22 -4.37
C TYR B 1094 75.77 -67.55 -3.01
N ALA B 1095 75.71 -66.22 -2.96
CA ALA B 1095 75.69 -65.52 -1.69
C ALA B 1095 74.42 -65.82 -0.92
N VAL B 1096 74.54 -65.91 0.40
CA VAL B 1096 73.42 -66.21 1.27
C VAL B 1096 73.02 -64.95 2.03
N LYS B 1097 71.75 -64.60 1.96
CA LYS B 1097 71.20 -63.46 2.67
C LYS B 1097 70.62 -63.82 4.02
N ALA B 1098 69.91 -64.93 4.12
CA ALA B 1098 69.40 -65.44 5.38
C ALA B 1098 69.77 -66.91 5.48
N GLY B 1099 69.31 -67.57 6.54
CA GLY B 1099 69.61 -68.96 6.76
C GLY B 1099 70.68 -69.18 7.79
N ARG B 1100 71.22 -70.39 7.77
CA ARG B 1100 72.20 -70.84 8.76
C ARG B 1100 72.99 -71.99 8.16
N TRP B 1101 74.25 -71.72 7.78
CA TRP B 1101 74.98 -72.57 6.86
C TRP B 1101 76.28 -73.06 7.46
N TYR B 1102 76.80 -74.15 6.90
CA TYR B 1102 77.99 -74.83 7.40
C TYR B 1102 78.82 -75.34 6.24
N PHE B 1103 80.15 -75.22 6.35
CA PHE B 1103 81.09 -75.84 5.43
C PHE B 1103 82.40 -76.10 6.15
N GLU B 1104 83.20 -77.01 5.61
CA GLU B 1104 84.44 -77.46 6.23
C GLU B 1104 85.64 -77.09 5.38
N PHE B 1105 86.77 -76.84 6.04
CA PHE B 1105 88.05 -76.58 5.39
C PHE B 1105 89.08 -77.53 5.96
N GLU B 1106 89.67 -78.35 5.09
CA GLU B 1106 90.64 -79.36 5.49
C GLU B 1106 92.04 -78.80 5.23
N THR B 1107 92.85 -78.72 6.28
CA THR B 1107 94.20 -78.18 6.16
C THR B 1107 95.18 -79.30 5.83
N VAL B 1108 95.54 -79.41 4.55
CA VAL B 1108 96.49 -80.43 4.14
C VAL B 1108 97.87 -80.18 4.75
N THR B 1109 98.35 -78.93 4.67
CA THR B 1109 99.65 -78.55 5.21
C THR B 1109 99.49 -77.37 6.15
N ALA B 1110 100.02 -77.50 7.35
CA ALA B 1110 99.91 -76.44 8.35
C ALA B 1110 100.76 -75.25 7.95
N GLY B 1111 100.20 -74.06 8.16
CA GLY B 1111 100.90 -72.84 7.81
C GLY B 1111 99.94 -71.67 7.77
N ASP B 1112 100.40 -70.60 7.11
CA ASP B 1112 99.66 -69.33 7.06
C ASP B 1112 98.49 -69.48 6.10
N MET B 1113 97.35 -69.91 6.65
CA MET B 1113 96.11 -70.00 5.91
C MET B 1113 95.01 -69.29 6.69
N ARG B 1114 94.04 -68.73 5.96
CA ARG B 1114 92.89 -68.06 6.54
C ARG B 1114 91.62 -68.59 5.87
N VAL B 1115 90.63 -68.93 6.68
CA VAL B 1115 89.36 -69.45 6.19
C VAL B 1115 88.25 -68.70 6.91
N GLY B 1116 87.20 -68.33 6.19
CA GLY B 1116 86.09 -67.61 6.77
C GLY B 1116 85.04 -67.27 5.74
N TRP B 1117 84.26 -66.25 6.06
CA TRP B 1117 83.19 -65.79 5.17
C TRP B 1117 83.51 -64.39 4.67
N SER B 1118 83.27 -64.16 3.39
CA SER B 1118 83.58 -62.89 2.74
C SER B 1118 82.36 -62.38 1.98
N ARG B 1119 82.33 -61.07 1.78
CA ARG B 1119 81.32 -60.39 0.99
C ARG B 1119 81.68 -60.43 -0.48
N PRO B 1120 80.70 -60.26 -1.38
CA PRO B 1120 81.00 -60.27 -2.82
C PRO B 1120 81.99 -59.19 -3.24
N GLY B 1121 82.11 -58.14 -2.45
CA GLY B 1121 82.99 -57.03 -2.74
C GLY B 1121 84.43 -57.22 -2.29
N CYS B 1122 84.80 -58.40 -1.81
CA CYS B 1122 86.16 -58.62 -1.34
C CYS B 1122 87.15 -58.57 -2.50
N GLN B 1123 88.23 -57.81 -2.31
CA GLN B 1123 89.25 -57.71 -3.34
C GLN B 1123 90.18 -58.92 -3.28
N PRO B 1124 90.64 -59.42 -4.43
CA PRO B 1124 91.50 -60.60 -4.45
C PRO B 1124 92.97 -60.35 -4.15
N ASP B 1125 93.39 -59.10 -3.96
CA ASP B 1125 94.78 -58.79 -3.69
C ASP B 1125 95.06 -58.47 -2.22
N GLN B 1126 94.09 -57.92 -1.51
CA GLN B 1126 94.29 -57.58 -0.10
C GLN B 1126 94.23 -58.83 0.77
N GLU B 1127 94.78 -58.71 1.97
CA GLU B 1127 94.76 -59.81 2.92
C GLU B 1127 93.33 -60.11 3.35
N LEU B 1128 93.05 -61.40 3.54
CA LEU B 1128 91.71 -61.85 3.91
C LEU B 1128 91.44 -61.49 5.37
N GLY B 1129 90.52 -60.55 5.59
CA GLY B 1129 90.16 -60.09 6.91
C GLY B 1129 90.82 -58.77 7.30
N SER B 1130 91.72 -58.26 6.46
CA SER B 1130 92.37 -56.99 6.77
C SER B 1130 91.36 -55.85 6.78
N ASP B 1131 90.40 -55.86 5.87
CA ASP B 1131 89.36 -54.86 5.78
C ASP B 1131 88.01 -55.46 6.18
N GLU B 1132 86.94 -54.68 6.04
CA GLU B 1132 85.61 -55.11 6.46
C GLU B 1132 84.95 -56.08 5.48
N ARG B 1133 85.56 -56.31 4.31
CA ARG B 1133 84.88 -57.09 3.28
C ARG B 1133 84.79 -58.57 3.67
N ALA B 1134 85.67 -59.03 4.56
CA ALA B 1134 85.73 -60.45 4.87
C ALA B 1134 85.84 -60.65 6.38
N PHE B 1135 85.35 -61.80 6.83
CA PHE B 1135 85.49 -62.26 8.21
C PHE B 1135 86.14 -63.64 8.15
N ALA B 1136 87.40 -63.71 8.60
CA ALA B 1136 88.20 -64.91 8.43
C ALA B 1136 88.85 -65.32 9.75
N PHE B 1137 89.20 -66.60 9.82
CA PHE B 1137 89.89 -67.17 10.97
C PHE B 1137 91.29 -67.59 10.55
N ASP B 1138 92.30 -67.08 11.25
CA ASP B 1138 93.68 -67.47 11.01
C ASP B 1138 94.15 -68.37 12.15
N GLY B 1139 94.49 -69.61 11.81
CA GLY B 1139 94.91 -70.58 12.81
C GLY B 1139 96.41 -70.60 13.05
N PHE B 1140 97.18 -70.21 12.04
CA PHE B 1140 98.64 -70.21 12.20
C PHE B 1140 99.07 -69.27 13.32
N LYS B 1141 98.44 -68.09 13.38
CA LYS B 1141 98.62 -67.19 14.50
C LYS B 1141 97.55 -67.35 15.58
N ALA B 1142 96.56 -68.23 15.36
CA ALA B 1142 95.44 -68.41 16.28
C ALA B 1142 94.77 -67.07 16.60
N GLN B 1143 94.34 -66.37 15.55
CA GLN B 1143 93.93 -64.98 15.67
C GLN B 1143 92.85 -64.69 14.63
N ARG B 1144 91.76 -64.08 15.07
CA ARG B 1144 90.68 -63.68 14.16
C ARG B 1144 91.14 -62.50 13.32
N TRP B 1145 90.33 -62.17 12.30
CA TRP B 1145 90.68 -61.09 11.37
C TRP B 1145 89.42 -60.43 10.84
N HIS B 1146 89.16 -59.20 11.30
CA HIS B 1146 88.15 -58.33 10.68
C HIS B 1146 88.50 -56.90 11.06
N GLN B 1147 88.97 -56.13 10.08
CA GLN B 1147 89.41 -54.74 10.29
C GLN B 1147 90.52 -54.70 11.36
N GLY B 1148 91.27 -55.77 11.46
CA GLY B 1148 92.27 -55.95 12.50
C GLY B 1148 92.26 -57.38 12.98
N ASN B 1149 93.12 -57.68 13.94
CA ASN B 1149 93.30 -59.04 14.43
C ASN B 1149 93.19 -59.08 15.94
N GLU B 1150 92.46 -60.09 16.45
CA GLU B 1150 92.33 -60.34 17.87
C GLU B 1150 92.50 -61.85 18.10
N HIS B 1151 93.15 -62.19 19.21
CA HIS B 1151 93.46 -63.58 19.53
C HIS B 1151 92.19 -64.40 19.71
N TYR B 1152 92.16 -65.58 19.09
CA TYR B 1152 90.97 -66.43 19.10
C TYR B 1152 91.36 -67.84 18.69
N GLY B 1153 90.89 -68.82 19.45
CA GLY B 1153 91.12 -70.21 19.11
C GLY B 1153 92.56 -70.67 19.33
N ARG B 1154 92.84 -71.85 18.81
CA ARG B 1154 94.15 -72.47 18.88
C ARG B 1154 94.80 -72.49 17.50
N SER B 1155 95.95 -73.14 17.41
CA SER B 1155 96.62 -73.38 16.14
C SER B 1155 96.39 -74.83 15.69
N TRP B 1156 96.20 -75.00 14.40
CA TRP B 1156 95.96 -76.32 13.82
C TRP B 1156 97.27 -76.97 13.42
N GLN B 1157 97.22 -78.29 13.26
CA GLN B 1157 98.31 -79.08 12.70
C GLN B 1157 97.92 -79.53 11.29
N ALA B 1158 98.86 -80.20 10.63
CA ALA B 1158 98.58 -80.74 9.31
C ALA B 1158 97.55 -81.85 9.41
N GLY B 1159 96.49 -81.75 8.59
CA GLY B 1159 95.41 -82.69 8.59
C GLY B 1159 94.19 -82.26 9.39
N ASP B 1160 94.35 -81.26 10.26
CA ASP B 1160 93.22 -80.78 11.06
C ASP B 1160 92.19 -80.13 10.14
N VAL B 1161 90.92 -80.37 10.46
CA VAL B 1161 89.80 -79.86 9.68
C VAL B 1161 89.09 -78.79 10.52
N VAL B 1162 88.94 -77.60 9.94
CA VAL B 1162 88.25 -76.50 10.59
C VAL B 1162 86.91 -76.28 9.92
N GLY B 1163 85.86 -76.24 10.72
CA GLY B 1163 84.53 -75.97 10.20
C GLY B 1163 84.07 -74.55 10.47
N CYS B 1164 83.41 -73.96 9.49
CA CYS B 1164 82.95 -72.57 9.57
C CYS B 1164 81.43 -72.57 9.64
N MET B 1165 80.88 -71.93 10.66
CA MET B 1165 79.45 -71.86 10.89
C MET B 1165 79.00 -70.40 10.85
N VAL B 1166 77.98 -70.11 10.06
CA VAL B 1166 77.44 -68.75 9.96
C VAL B 1166 75.94 -68.81 10.23
N ASP B 1167 75.47 -67.89 11.07
CA ASP B 1167 74.05 -67.74 11.37
C ASP B 1167 73.65 -66.33 10.95
N MET B 1168 72.77 -66.25 9.96
CA MET B 1168 72.36 -64.96 9.40
C MET B 1168 71.13 -64.39 10.10
N ASN B 1169 70.55 -65.11 11.07
CA ASN B 1169 69.40 -64.61 11.81
C ASN B 1169 69.81 -63.73 12.97
N GLU B 1170 70.65 -64.25 13.87
CA GLU B 1170 71.19 -63.49 14.98
C GLU B 1170 72.54 -62.86 14.66
N HIS B 1171 72.98 -62.95 13.39
CA HIS B 1171 74.23 -62.34 12.95
C HIS B 1171 75.42 -62.85 13.75
N THR B 1172 75.52 -64.17 13.88
CA THR B 1172 76.59 -64.81 14.62
C THR B 1172 77.35 -65.77 13.71
N MET B 1173 78.66 -65.84 13.92
CA MET B 1173 79.53 -66.76 13.20
C MET B 1173 80.35 -67.53 14.20
N MET B 1174 80.63 -68.80 13.90
CA MET B 1174 81.33 -69.69 14.81
C MET B 1174 82.21 -70.63 14.04
N PHE B 1175 83.38 -70.92 14.60
CA PHE B 1175 84.36 -71.80 14.00
C PHE B 1175 84.64 -72.97 14.92
N THR B 1176 84.88 -74.14 14.32
CA THR B 1176 85.21 -75.36 15.06
C THR B 1176 86.44 -76.00 14.45
N LEU B 1177 87.40 -76.39 15.30
CA LEU B 1177 88.62 -77.04 14.85
C LEU B 1177 88.63 -78.49 15.30
N ASN B 1178 88.61 -79.41 14.34
CA ASN B 1178 88.63 -80.85 14.60
C ASN B 1178 87.45 -81.28 15.49
N GLY B 1179 86.37 -80.50 15.49
CA GLY B 1179 85.18 -80.87 16.23
C GLY B 1179 84.87 -79.98 17.41
N GLU B 1180 85.89 -79.59 18.17
CA GLU B 1180 85.67 -78.73 19.32
C GLU B 1180 85.42 -77.30 18.87
N ILE B 1181 84.55 -76.60 19.60
CA ILE B 1181 84.21 -75.22 19.26
C ILE B 1181 85.29 -74.29 19.78
N LEU B 1182 85.88 -73.51 18.88
CA LEU B 1182 86.84 -72.50 19.30
C LEU B 1182 86.12 -71.35 20.01
N LEU B 1183 86.76 -70.82 21.06
CA LEU B 1183 86.17 -69.79 21.89
C LEU B 1183 87.10 -68.57 21.96
N ASP B 1184 86.53 -67.44 22.36
CA ASP B 1184 87.22 -66.17 22.35
C ASP B 1184 88.21 -66.10 23.52
N ASP B 1185 88.75 -64.91 23.77
CA ASP B 1185 89.54 -64.70 24.98
C ASP B 1185 88.70 -64.97 26.22
N SER B 1186 87.44 -64.53 26.20
CA SER B 1186 86.49 -64.88 27.24
C SER B 1186 85.83 -66.21 26.91
N GLY B 1187 84.77 -66.52 27.66
CA GLY B 1187 84.03 -67.76 27.44
C GLY B 1187 83.08 -67.73 26.25
N SER B 1188 82.93 -66.58 25.60
CA SER B 1188 82.02 -66.46 24.47
C SER B 1188 82.47 -67.34 23.32
N GLU B 1189 81.51 -68.05 22.72
CA GLU B 1189 81.79 -68.97 21.64
C GLU B 1189 81.61 -68.36 20.25
N LEU B 1190 81.12 -67.13 20.17
CA LEU B 1190 80.82 -66.49 18.89
C LEU B 1190 82.08 -65.79 18.39
N ALA B 1191 82.52 -66.13 17.17
CA ALA B 1191 83.72 -65.54 16.62
C ALA B 1191 83.56 -64.03 16.43
N PHE B 1192 82.41 -63.60 15.91
CA PHE B 1192 82.11 -62.18 15.73
C PHE B 1192 80.74 -61.92 16.33
N LYS B 1193 80.66 -60.94 17.23
CA LYS B 1193 79.45 -60.73 18.02
C LYS B 1193 78.27 -60.32 17.13
N ASP B 1194 78.44 -59.31 16.30
CA ASP B 1194 77.32 -58.75 15.54
C ASP B 1194 77.83 -58.07 14.28
N PHE B 1195 77.13 -58.30 13.18
CA PHE B 1195 77.42 -57.63 11.92
C PHE B 1195 76.11 -57.27 11.22
N ASP B 1196 76.20 -56.86 9.96
CA ASP B 1196 75.02 -56.59 9.14
C ASP B 1196 75.01 -57.54 7.94
N VAL B 1197 73.80 -57.85 7.46
CA VAL B 1197 73.67 -58.76 6.33
C VAL B 1197 74.36 -58.18 5.10
N GLY B 1198 74.13 -56.89 4.84
CA GLY B 1198 74.77 -56.25 3.70
C GLY B 1198 74.33 -56.87 2.39
N ASP B 1199 75.30 -57.31 1.60
CA ASP B 1199 75.03 -57.94 0.31
C ASP B 1199 75.15 -59.46 0.34
N GLY B 1200 75.36 -60.06 1.50
CA GLY B 1200 75.45 -61.50 1.64
C GLY B 1200 76.88 -61.94 1.94
N PHE B 1201 77.01 -63.25 2.15
CA PHE B 1201 78.28 -63.87 2.48
C PHE B 1201 78.52 -65.08 1.58
N ILE B 1202 79.79 -65.32 1.27
CA ILE B 1202 80.21 -66.49 0.50
C ILE B 1202 81.42 -67.12 1.17
N PRO B 1203 81.61 -68.43 1.07
CA PRO B 1203 82.81 -69.04 1.64
C PRO B 1203 84.07 -68.56 0.93
N VAL B 1204 85.17 -68.48 1.69
CA VAL B 1204 86.43 -67.98 1.17
C VAL B 1204 87.57 -68.60 1.98
N CYS B 1205 88.72 -68.76 1.32
CA CYS B 1205 89.92 -69.21 2.02
C CYS B 1205 91.16 -68.52 1.46
N SER B 1206 92.09 -68.18 2.33
CA SER B 1206 93.37 -67.60 1.94
C SER B 1206 94.46 -68.65 2.17
N LEU B 1207 95.28 -68.87 1.15
CA LEU B 1207 96.34 -69.87 1.19
C LEU B 1207 97.69 -69.18 1.04
N GLY B 1208 98.59 -69.44 1.98
CA GLY B 1208 99.90 -68.80 1.98
C GLY B 1208 100.88 -69.51 1.06
N VAL B 1209 102.15 -69.14 1.21
CA VAL B 1209 103.21 -69.73 0.39
C VAL B 1209 103.40 -71.18 0.79
N ALA B 1210 103.44 -72.06 -0.21
CA ALA B 1210 103.59 -73.50 -0.02
C ALA B 1210 102.53 -74.05 0.93
N GLN B 1211 101.30 -73.58 0.76
CA GLN B 1211 100.17 -73.99 1.58
C GLN B 1211 99.15 -74.72 0.72
N VAL B 1212 98.68 -75.87 1.20
CA VAL B 1212 97.71 -76.70 0.50
C VAL B 1212 96.50 -76.89 1.41
N GLY B 1213 95.31 -76.66 0.85
CA GLY B 1213 94.08 -76.81 1.60
C GLY B 1213 92.98 -77.42 0.74
N ARG B 1214 91.91 -77.83 1.41
CA ARG B 1214 90.75 -78.40 0.73
C ARG B 1214 89.48 -77.86 1.36
N MET B 1215 88.56 -77.38 0.52
CA MET B 1215 87.25 -76.91 0.96
C MET B 1215 86.21 -77.93 0.54
N ASN B 1216 85.38 -78.34 1.49
CA ASN B 1216 84.28 -79.25 1.23
C ASN B 1216 82.97 -78.52 1.48
N PHE B 1217 82.27 -78.15 0.41
CA PHE B 1217 81.01 -77.44 0.52
C PHE B 1217 79.86 -78.33 0.96
N GLY B 1218 80.13 -79.62 1.21
CA GLY B 1218 79.11 -80.53 1.70
C GLY B 1218 77.99 -80.83 0.72
N LYS B 1219 78.33 -81.06 -0.55
CA LYS B 1219 77.34 -81.59 -1.47
C LYS B 1219 76.84 -82.96 -1.01
N ASP B 1220 77.76 -83.84 -0.61
CA ASP B 1220 77.42 -85.09 0.03
C ASP B 1220 77.62 -84.93 1.54
N VAL B 1221 76.57 -85.15 2.31
CA VAL B 1221 76.60 -84.92 3.75
C VAL B 1221 77.61 -85.87 4.39
N SER B 1222 77.78 -87.05 3.79
CA SER B 1222 78.73 -88.02 4.29
C SER B 1222 80.18 -87.55 4.18
N THR B 1223 80.49 -86.68 3.22
CA THR B 1223 81.84 -86.16 3.09
C THR B 1223 82.22 -85.29 4.28
N LEU B 1224 81.26 -84.52 4.80
CA LEU B 1224 81.49 -83.70 5.99
C LEU B 1224 81.84 -84.60 7.17
N LYS B 1225 83.01 -84.38 7.78
CA LYS B 1225 83.51 -85.32 8.76
C LYS B 1225 83.08 -84.96 10.18
N TYR B 1226 83.04 -83.67 10.50
CA TYR B 1226 82.70 -83.22 11.84
C TYR B 1226 81.31 -82.59 11.92
N PHE B 1227 80.56 -82.63 10.81
CA PHE B 1227 79.21 -82.07 10.78
C PHE B 1227 78.29 -82.79 11.75
N THR B 1228 78.41 -84.12 11.83
CA THR B 1228 77.53 -84.90 12.71
C THR B 1228 77.72 -84.52 14.17
N ILE B 1229 78.98 -84.35 14.60
CA ILE B 1229 79.23 -84.04 16.00
C ILE B 1229 78.96 -82.57 16.29
N CYS B 1230 79.15 -81.70 15.29
CA CYS B 1230 78.86 -80.28 15.47
C CYS B 1230 78.28 -79.71 14.19
N GLY B 1231 77.10 -79.12 14.28
CA GLY B 1231 76.47 -78.47 13.14
C GLY B 1231 75.13 -79.06 12.77
N LEU B 1232 75.00 -80.38 12.84
CA LEU B 1232 73.76 -81.04 12.47
C LEU B 1232 72.69 -80.84 13.53
N GLN B 1233 73.01 -81.15 14.78
CA GLN B 1233 72.04 -80.96 15.87
C GLN B 1233 71.81 -79.48 16.14
N GLU B 1234 72.83 -78.66 15.92
CA GLU B 1234 72.69 -77.22 16.14
C GLU B 1234 71.71 -76.59 15.16
N GLY B 1235 71.46 -77.25 14.04
CA GLY B 1235 70.58 -76.71 13.01
C GLY B 1235 71.27 -76.12 11.81
N TYR B 1236 72.61 -76.10 11.79
CA TYR B 1236 73.32 -75.61 10.62
C TYR B 1236 73.14 -76.57 9.45
N GLU B 1237 73.08 -76.00 8.25
CA GLU B 1237 72.91 -76.79 7.04
C GLU B 1237 74.17 -76.72 6.19
N PRO B 1238 74.49 -77.79 5.46
CA PRO B 1238 75.61 -77.72 4.51
C PRO B 1238 75.37 -76.67 3.46
N PHE B 1239 76.46 -76.04 3.00
CA PHE B 1239 76.33 -75.01 1.98
C PHE B 1239 75.73 -75.57 0.69
N ALA B 1240 76.21 -76.74 0.26
CA ALA B 1240 75.64 -77.44 -0.89
C ALA B 1240 74.66 -78.52 -0.43
N VAL B 1241 73.67 -78.10 0.36
CA VAL B 1241 72.71 -79.04 0.92
C VAL B 1241 71.79 -79.58 -0.16
N ASN B 1242 71.37 -78.72 -1.09
CA ASN B 1242 70.39 -79.11 -2.09
C ASN B 1242 70.75 -78.57 -3.48
N THR B 1243 72.01 -78.69 -3.88
CA THR B 1243 72.47 -78.26 -5.19
C THR B 1243 72.69 -79.48 -6.07
N ASN B 1244 72.04 -79.50 -7.23
CA ASN B 1244 72.20 -80.62 -8.15
C ASN B 1244 73.58 -80.62 -8.79
N ARG B 1245 74.13 -79.45 -9.07
CA ARG B 1245 75.45 -79.31 -9.67
C ARG B 1245 76.40 -78.61 -8.70
N ASP B 1246 77.69 -78.85 -8.91
CA ASP B 1246 78.70 -78.35 -7.99
C ASP B 1246 78.85 -76.84 -8.07
N ILE B 1247 79.38 -76.25 -7.00
CA ILE B 1247 79.62 -74.82 -6.95
C ILE B 1247 80.80 -74.46 -7.84
N THR B 1248 80.62 -73.40 -8.63
CA THR B 1248 81.70 -72.83 -9.42
C THR B 1248 82.55 -71.97 -8.51
N MET B 1249 83.81 -72.36 -8.34
CA MET B 1249 84.71 -71.71 -7.41
C MET B 1249 85.62 -70.74 -8.16
N TRP B 1250 85.85 -69.57 -7.57
CA TRP B 1250 86.63 -68.51 -8.18
C TRP B 1250 87.91 -68.28 -7.38
N LEU B 1251 89.03 -68.14 -8.09
CA LEU B 1251 90.32 -67.89 -7.48
C LEU B 1251 90.88 -66.55 -7.97
N SER B 1252 91.93 -66.10 -7.29
CA SER B 1252 92.58 -64.85 -7.67
C SER B 1252 93.42 -65.05 -8.92
N LYS B 1253 93.27 -64.14 -9.88
CA LYS B 1253 94.01 -64.23 -11.12
C LYS B 1253 95.49 -63.97 -10.89
N ARG B 1254 96.34 -64.73 -11.58
CA ARG B 1254 97.78 -64.58 -11.46
C ARG B 1254 98.34 -63.54 -12.42
N LEU B 1255 97.95 -63.61 -13.69
CA LEU B 1255 98.46 -62.68 -14.69
C LEU B 1255 97.78 -61.33 -14.54
N PRO B 1256 98.53 -60.25 -14.32
CA PRO B 1256 97.92 -58.92 -14.27
C PRO B 1256 97.32 -58.54 -15.62
N GLN B 1257 96.23 -57.78 -15.56
CA GLN B 1257 95.52 -57.34 -16.76
C GLN B 1257 95.35 -55.83 -16.72
N PHE B 1258 94.98 -55.27 -17.87
CA PHE B 1258 94.81 -53.84 -18.03
C PHE B 1258 93.32 -53.51 -17.90
N LEU B 1259 92.99 -52.65 -16.94
CA LEU B 1259 91.63 -52.18 -16.74
C LEU B 1259 91.63 -50.67 -16.52
N GLN B 1260 90.50 -50.05 -16.82
CA GLN B 1260 90.39 -48.60 -16.75
C GLN B 1260 90.64 -48.11 -15.33
N VAL B 1261 91.38 -47.01 -15.22
CA VAL B 1261 91.75 -46.45 -13.92
C VAL B 1261 90.48 -46.00 -13.20
N PRO B 1262 90.21 -46.50 -12.00
CA PRO B 1262 89.01 -46.09 -11.27
C PRO B 1262 89.09 -44.63 -10.85
N SER B 1263 87.91 -44.00 -10.78
CA SER B 1263 87.84 -42.61 -10.35
C SER B 1263 88.23 -42.46 -8.88
N ASN B 1264 88.03 -43.49 -8.07
CA ASN B 1264 88.32 -43.46 -6.65
C ASN B 1264 89.67 -44.08 -6.30
N HIS B 1265 90.55 -44.28 -7.29
CA HIS B 1265 91.86 -44.85 -7.02
C HIS B 1265 92.62 -43.96 -6.04
N GLU B 1266 93.26 -44.59 -5.04
CA GLU B 1266 93.90 -43.82 -3.98
C GLU B 1266 95.19 -43.17 -4.45
N HIS B 1267 95.80 -43.66 -5.52
CA HIS B 1267 97.04 -43.09 -6.03
C HIS B 1267 96.88 -42.42 -7.39
N ILE B 1268 96.38 -43.14 -8.38
CA ILE B 1268 96.34 -42.64 -9.75
C ILE B 1268 95.10 -41.79 -9.96
N GLU B 1269 95.27 -40.69 -10.68
CA GLU B 1269 94.17 -39.83 -11.10
C GLU B 1269 94.40 -39.44 -12.55
N VAL B 1270 93.36 -39.56 -13.37
CA VAL B 1270 93.43 -39.23 -14.79
C VAL B 1270 92.40 -38.15 -15.09
N THR B 1271 92.84 -37.07 -15.73
CA THR B 1271 91.96 -35.99 -16.12
C THR B 1271 92.02 -35.84 -17.64
N ARG B 1272 90.87 -35.54 -18.24
CA ARG B 1272 90.75 -35.39 -19.68
C ARG B 1272 90.75 -33.91 -20.02
N ILE B 1273 91.73 -33.47 -20.80
CA ILE B 1273 91.85 -32.08 -21.22
C ILE B 1273 91.35 -31.99 -22.65
N ASP B 1274 90.25 -31.27 -22.84
CA ASP B 1274 89.72 -31.06 -24.19
C ASP B 1274 90.66 -30.19 -25.00
N GLY B 1275 90.81 -30.54 -26.27
CA GLY B 1275 91.74 -29.83 -27.13
C GLY B 1275 91.12 -28.59 -27.75
N THR B 1276 91.79 -27.45 -27.61
CA THR B 1276 91.34 -26.22 -28.22
C THR B 1276 91.78 -26.16 -29.68
N ILE B 1277 91.61 -24.98 -30.29
CA ILE B 1277 92.05 -24.81 -31.67
C ILE B 1277 93.56 -24.84 -31.77
N ASP B 1278 94.25 -24.33 -30.74
CA ASP B 1278 95.70 -24.26 -30.73
C ASP B 1278 96.35 -25.35 -29.88
N SER B 1279 95.57 -26.14 -29.15
CA SER B 1279 96.09 -27.17 -28.27
C SER B 1279 95.44 -28.51 -28.60
N SER B 1280 96.26 -29.55 -28.67
CA SER B 1280 95.76 -30.89 -28.93
C SER B 1280 95.03 -31.44 -27.69
N PRO B 1281 94.07 -32.35 -27.89
CA PRO B 1281 93.47 -33.02 -26.73
C PRO B 1281 94.50 -33.79 -25.94
N CYS B 1282 94.34 -33.80 -24.62
CA CYS B 1282 95.34 -34.36 -23.72
C CYS B 1282 94.68 -35.26 -22.69
N LEU B 1283 95.38 -36.33 -22.34
CA LEU B 1283 95.03 -37.19 -21.21
C LEU B 1283 96.20 -37.17 -20.23
N LYS B 1284 95.94 -36.64 -19.04
CA LYS B 1284 97.00 -36.33 -18.08
C LYS B 1284 96.90 -37.26 -16.88
N VAL B 1285 98.02 -37.87 -16.51
CA VAL B 1285 98.09 -38.81 -15.39
C VAL B 1285 98.87 -38.14 -14.27
N THR B 1286 98.29 -38.14 -13.07
CA THR B 1286 98.90 -37.52 -11.91
C THR B 1286 98.85 -38.46 -10.72
N GLN B 1287 99.76 -38.25 -9.77
CA GLN B 1287 99.83 -39.04 -8.55
C GLN B 1287 99.17 -38.27 -7.42
N LYS B 1288 98.08 -38.82 -6.88
CA LYS B 1288 97.31 -38.12 -5.84
C LYS B 1288 98.12 -37.89 -4.57
N SER B 1289 98.76 -38.94 -4.06
CA SER B 1289 99.33 -38.93 -2.72
C SER B 1289 100.85 -38.84 -2.72
N PHE B 1290 101.45 -38.25 -3.75
CA PHE B 1290 102.89 -38.06 -3.74
C PHE B 1290 103.26 -36.88 -2.83
N GLY B 1291 104.39 -37.02 -2.15
CA GLY B 1291 104.75 -36.10 -1.10
C GLY B 1291 104.00 -36.32 0.19
N SER B 1292 103.16 -37.35 0.26
CA SER B 1292 102.39 -37.71 1.44
C SER B 1292 102.65 -39.15 1.82
N GLN B 1293 101.91 -39.63 2.81
CA GLN B 1293 102.06 -41.00 3.26
C GLN B 1293 101.51 -41.98 2.22
N ASN B 1294 101.84 -43.26 2.42
CA ASN B 1294 101.45 -44.44 1.64
C ASN B 1294 101.61 -44.23 0.13
N SER B 1295 102.53 -43.39 -0.32
CA SER B 1295 102.77 -43.25 -1.74
C SER B 1295 103.40 -44.52 -2.31
N ASN B 1296 103.12 -44.78 -3.58
CA ASN B 1296 103.59 -45.98 -4.26
C ASN B 1296 104.71 -45.60 -5.23
N THR B 1297 105.91 -46.12 -4.98
CA THR B 1297 107.07 -45.85 -5.81
C THR B 1297 107.30 -46.89 -6.89
N ASP B 1298 106.51 -47.96 -6.92
CA ASP B 1298 106.67 -48.99 -7.95
C ASP B 1298 106.30 -48.42 -9.31
N ILE B 1299 106.95 -48.94 -10.35
CA ILE B 1299 106.70 -48.47 -11.71
C ILE B 1299 105.26 -48.80 -12.07
N MET B 1300 104.51 -47.78 -12.46
CA MET B 1300 103.11 -47.97 -12.80
C MET B 1300 102.97 -48.04 -14.31
N PHE B 1301 102.30 -49.08 -14.79
CA PHE B 1301 102.15 -49.35 -16.21
C PHE B 1301 100.82 -48.79 -16.70
N TYR B 1302 100.86 -47.96 -17.73
CA TYR B 1302 99.67 -47.34 -18.29
C TYR B 1302 99.54 -47.68 -19.77
N ARG B 1303 98.29 -47.72 -20.24
CA ARG B 1303 98.01 -48.09 -21.62
C ARG B 1303 96.76 -47.37 -22.09
N LEU B 1304 96.75 -47.02 -23.38
CA LEU B 1304 95.52 -46.53 -24.00
C LEU B 1304 94.63 -47.70 -24.42
N SER B 1305 93.32 -47.48 -24.37
CA SER B 1305 92.38 -48.58 -24.56
C SER B 1305 92.43 -49.12 -25.99
N MET B 1306 92.53 -48.24 -26.99
CA MET B 1306 92.39 -48.86 -28.30
C MET B 1306 93.73 -48.95 -29.03
N PRO B 1307 93.93 -50.02 -29.80
CA PRO B 1307 95.22 -50.22 -30.48
C PRO B 1307 95.24 -49.70 -31.90
N ILE B 1308 96.46 -49.63 -32.47
CA ILE B 1308 96.65 -49.34 -33.89
C ILE B 1308 96.96 -50.66 -34.58
N GLU B 1309 96.18 -50.99 -35.61
CA GLU B 1309 96.31 -52.25 -36.33
C GLU B 1309 97.11 -52.03 -37.59
N CYS B 1310 98.16 -52.82 -37.78
CA CYS B 1310 98.96 -52.75 -39.00
C CYS B 1310 98.21 -53.41 -40.16
N ALA B 1311 98.70 -53.14 -41.36
CA ALA B 1311 98.09 -53.70 -42.56
C ALA B 1311 98.26 -55.21 -42.61
N GLU B 1312 97.31 -55.87 -43.26
CA GLU B 1312 97.38 -57.33 -43.38
C GLU B 1312 98.61 -57.77 -44.17
N VAL B 1313 98.92 -57.06 -45.25
CA VAL B 1313 100.09 -57.34 -46.07
C VAL B 1313 100.93 -56.07 -46.15
N PHE B 1314 102.23 -56.20 -45.87
CA PHE B 1314 103.13 -55.06 -45.97
C PHE B 1314 103.52 -54.78 -47.41
N SER B 1315 103.70 -53.50 -47.72
CA SER B 1315 104.19 -53.10 -49.03
C SER B 1315 105.65 -53.49 -49.19
N LYS B 1316 106.01 -53.87 -50.41
CA LYS B 1316 107.38 -54.29 -50.70
C LYS B 1316 108.04 -53.36 -51.71
N ARG B 1414 99.45 -25.84 -45.73
CA ARG B 1414 100.68 -26.29 -45.08
C ARG B 1414 101.00 -27.73 -45.48
N ASP B 1415 100.40 -28.68 -44.77
CA ASP B 1415 100.57 -30.09 -45.10
C ASP B 1415 99.75 -30.42 -46.34
N ASP B 1416 100.28 -31.29 -47.19
CA ASP B 1416 99.55 -31.73 -48.36
C ASP B 1416 98.32 -32.53 -47.94
N TYR B 1417 97.14 -32.02 -48.31
CA TYR B 1417 95.92 -32.73 -48.00
C TYR B 1417 95.79 -34.05 -48.73
N ASP B 1418 96.40 -34.18 -49.93
CA ASP B 1418 96.39 -35.46 -50.64
C ASP B 1418 97.30 -36.48 -49.97
N PHE B 1419 98.47 -36.03 -49.52
CA PHE B 1419 99.37 -36.91 -48.77
C PHE B 1419 98.73 -37.37 -47.47
N LEU B 1420 98.07 -36.45 -46.75
CA LEU B 1420 97.34 -36.78 -45.53
C LEU B 1420 96.12 -37.65 -45.80
N MET B 1421 95.64 -37.73 -47.04
CA MET B 1421 94.56 -38.68 -47.31
C MET B 1421 95.09 -40.05 -47.67
N GLN B 1422 96.21 -40.11 -48.41
CA GLN B 1422 96.77 -41.37 -48.85
C GLN B 1422 97.74 -42.01 -47.85
N THR B 1423 98.10 -41.31 -46.78
CA THR B 1423 99.08 -41.82 -45.83
C THR B 1423 98.44 -42.78 -44.83
N SER B 1424 99.30 -43.52 -44.14
CA SER B 1424 98.88 -44.44 -43.09
C SER B 1424 99.70 -44.31 -41.81
N THR B 1425 100.56 -43.30 -41.70
CA THR B 1425 101.39 -43.13 -40.51
C THR B 1425 100.63 -42.35 -39.45
N TYR B 1426 100.59 -42.88 -38.23
CA TYR B 1426 99.87 -42.26 -37.13
C TYR B 1426 100.84 -41.88 -36.01
N TYR B 1427 100.50 -40.79 -35.33
CA TYR B 1427 101.41 -40.15 -34.38
C TYR B 1427 100.71 -39.78 -33.10
N TYR B 1428 101.34 -40.12 -31.97
CA TYR B 1428 100.98 -39.57 -30.67
C TYR B 1428 102.27 -39.25 -29.94
N SER B 1429 102.18 -38.37 -28.95
CA SER B 1429 103.34 -37.98 -28.17
C SER B 1429 102.97 -37.87 -26.70
N VAL B 1430 104.00 -37.76 -25.86
CA VAL B 1430 103.85 -37.66 -24.42
C VAL B 1430 104.66 -36.47 -23.94
N ARG B 1431 104.14 -35.74 -22.95
CA ARG B 1431 104.83 -34.62 -22.34
C ARG B 1431 105.33 -35.04 -20.96
N ILE B 1432 106.64 -35.25 -20.83
CA ILE B 1432 107.22 -35.51 -19.53
C ILE B 1432 107.28 -34.21 -18.75
N PHE B 1433 106.50 -34.14 -17.68
CA PHE B 1433 106.32 -32.89 -16.95
C PHE B 1433 107.63 -32.43 -16.32
N PRO B 1434 107.97 -31.14 -16.43
CA PRO B 1434 109.19 -30.65 -15.78
C PRO B 1434 109.15 -30.94 -14.28
N GLY B 1435 110.26 -31.43 -13.77
CA GLY B 1435 110.33 -31.93 -12.42
C GLY B 1435 110.13 -33.41 -12.26
N GLN B 1436 109.88 -34.14 -13.35
CA GLN B 1436 109.76 -35.59 -13.35
C GLN B 1436 110.97 -36.17 -14.06
N GLU B 1437 111.64 -37.11 -13.41
CA GLU B 1437 112.88 -37.66 -13.94
C GLU B 1437 112.60 -38.49 -15.19
N PRO B 1438 113.19 -38.15 -16.34
CA PRO B 1438 112.94 -38.94 -17.56
C PRO B 1438 113.52 -40.34 -17.51
N ALA B 1439 114.49 -40.60 -16.62
CA ALA B 1439 115.11 -41.93 -16.57
C ALA B 1439 114.15 -42.97 -16.00
N ASN B 1440 113.09 -42.54 -15.33
CA ASN B 1440 112.12 -43.44 -14.73
C ASN B 1440 110.87 -43.63 -15.59
N VAL B 1441 110.88 -43.09 -16.82
CA VAL B 1441 109.72 -43.12 -17.69
C VAL B 1441 110.13 -43.77 -19.01
N TRP B 1442 109.29 -44.68 -19.50
CA TRP B 1442 109.47 -45.31 -20.81
C TRP B 1442 108.25 -45.02 -21.67
N VAL B 1443 108.48 -44.81 -22.97
CA VAL B 1443 107.42 -44.50 -23.92
C VAL B 1443 107.55 -45.40 -25.14
N GLY B 1444 106.42 -45.82 -25.67
CA GLY B 1444 106.39 -46.63 -26.87
C GLY B 1444 105.06 -47.34 -27.01
N TRP B 1445 105.11 -48.48 -27.70
CA TRP B 1445 103.93 -49.30 -27.97
C TRP B 1445 104.10 -50.66 -27.33
N ILE B 1446 102.99 -51.26 -26.89
CA ILE B 1446 102.97 -52.61 -26.34
C ILE B 1446 101.85 -53.38 -27.02
N THR B 1447 101.98 -54.70 -27.03
CA THR B 1447 100.94 -55.56 -27.56
C THR B 1447 99.98 -56.01 -26.45
N SER B 1448 99.00 -56.83 -26.82
CA SER B 1448 98.03 -57.31 -25.86
C SER B 1448 98.62 -58.35 -24.92
N ASP B 1449 99.72 -58.99 -25.33
CA ASP B 1449 100.30 -60.08 -24.57
C ASP B 1449 101.14 -59.59 -23.39
N PHE B 1450 101.32 -58.28 -23.26
CA PHE B 1450 102.18 -57.72 -22.23
C PHE B 1450 101.46 -57.83 -20.88
N HIS B 1451 101.84 -58.84 -20.11
CA HIS B 1451 101.33 -59.06 -18.76
C HIS B 1451 102.45 -59.12 -17.72
N GLN B 1452 103.63 -58.62 -18.05
CA GLN B 1452 104.80 -58.71 -17.18
C GLN B 1452 104.79 -57.52 -16.22
N TYR B 1453 104.39 -57.78 -14.99
CA TYR B 1453 104.39 -56.77 -13.93
C TYR B 1453 105.62 -57.00 -13.05
N ASP B 1454 106.63 -56.15 -13.21
CA ASP B 1454 107.84 -56.19 -12.41
C ASP B 1454 108.03 -54.86 -11.72
N THR B 1455 108.43 -54.92 -10.45
CA THR B 1455 108.69 -53.69 -9.68
C THR B 1455 109.82 -52.90 -10.32
N GLY B 1456 110.87 -53.60 -10.77
CA GLY B 1456 111.94 -52.97 -11.49
C GLY B 1456 111.91 -53.33 -12.96
N PHE B 1457 111.61 -52.36 -13.82
CA PHE B 1457 111.46 -52.59 -15.25
C PHE B 1457 112.64 -51.98 -16.00
N ASP B 1458 113.24 -52.78 -16.88
CA ASP B 1458 114.31 -52.32 -17.76
C ASP B 1458 114.02 -52.81 -19.17
N LEU B 1459 114.48 -52.06 -20.16
CA LEU B 1459 114.24 -52.42 -21.55
C LEU B 1459 115.01 -53.67 -21.97
N ASP B 1460 115.96 -54.12 -21.15
CA ASP B 1460 116.76 -55.29 -21.52
C ASP B 1460 115.98 -56.58 -21.36
N ARG B 1461 115.11 -56.66 -20.34
CA ARG B 1461 114.39 -57.89 -20.02
C ARG B 1461 112.99 -57.94 -20.64
N VAL B 1462 112.78 -57.25 -21.76
CA VAL B 1462 111.52 -57.37 -22.48
C VAL B 1462 111.52 -58.68 -23.24
N ARG B 1463 110.46 -59.46 -23.07
CA ARG B 1463 110.39 -60.77 -23.70
C ARG B 1463 110.40 -60.64 -25.22
N THR B 1464 111.24 -61.45 -25.86
CA THR B 1464 111.38 -61.37 -27.31
C THR B 1464 111.83 -62.72 -27.85
N VAL B 1465 111.56 -62.93 -29.14
CA VAL B 1465 111.97 -64.13 -29.86
C VAL B 1465 112.27 -63.74 -31.31
N THR B 1466 113.17 -64.48 -31.94
CA THR B 1466 113.59 -64.20 -33.31
C THR B 1466 113.45 -65.48 -34.13
N VAL B 1467 112.36 -65.57 -34.89
CA VAL B 1467 112.15 -66.70 -35.79
C VAL B 1467 112.80 -66.39 -37.13
N THR B 1468 113.73 -67.24 -37.55
CA THR B 1468 114.47 -67.05 -38.80
C THR B 1468 114.19 -68.26 -39.70
N LEU B 1469 113.20 -68.11 -40.58
CA LEU B 1469 112.88 -69.16 -41.53
C LEU B 1469 113.94 -69.21 -42.62
N GLY B 1470 114.43 -70.42 -42.92
CA GLY B 1470 115.47 -70.60 -43.90
C GLY B 1470 115.08 -71.64 -44.94
N ASP B 1471 115.92 -71.73 -45.97
CA ASP B 1471 115.71 -72.70 -47.03
C ASP B 1471 116.43 -74.01 -46.72
N GLU B 1472 116.29 -74.97 -47.63
CA GLU B 1472 117.00 -76.24 -47.49
C GLU B 1472 118.50 -76.05 -47.64
N LYS B 1473 118.93 -75.02 -48.35
CA LYS B 1473 120.36 -74.76 -48.51
C LYS B 1473 120.95 -74.20 -47.23
N GLY B 1474 120.12 -73.66 -46.33
CA GLY B 1474 120.58 -73.08 -45.09
C GLY B 1474 120.60 -71.56 -45.05
N LYS B 1475 120.41 -70.90 -46.19
CA LYS B 1475 120.38 -69.45 -46.20
C LYS B 1475 119.14 -68.93 -45.48
N VAL B 1476 119.31 -67.83 -44.75
CA VAL B 1476 118.24 -67.24 -43.96
C VAL B 1476 117.35 -66.45 -44.91
N HIS B 1477 116.15 -66.98 -45.21
CA HIS B 1477 115.21 -66.26 -46.04
C HIS B 1477 114.77 -64.96 -45.38
N GLU B 1478 114.47 -65.01 -44.08
CA GLU B 1478 113.97 -63.84 -43.37
C GLU B 1478 114.17 -64.03 -41.87
N SER B 1479 114.46 -62.93 -41.19
CA SER B 1479 114.60 -62.91 -39.74
C SER B 1479 113.53 -62.00 -39.17
N ILE B 1480 112.68 -62.54 -38.30
CA ILE B 1480 111.54 -61.81 -37.74
C ILE B 1480 111.74 -61.73 -36.24
N LYS B 1481 111.89 -60.51 -35.73
CA LYS B 1481 111.95 -60.29 -34.29
C LYS B 1481 110.55 -60.00 -33.77
N ARG B 1482 110.15 -60.73 -32.72
CA ARG B 1482 108.83 -60.61 -32.14
C ARG B 1482 108.96 -60.27 -30.66
N SER B 1483 108.23 -59.25 -30.22
CA SER B 1483 108.25 -58.84 -28.83
C SER B 1483 106.91 -58.24 -28.48
N ASN B 1484 106.55 -58.31 -27.19
CA ASN B 1484 105.31 -57.72 -26.73
C ASN B 1484 105.47 -56.22 -26.48
N CYS B 1485 106.69 -55.77 -26.20
CA CYS B 1485 106.96 -54.39 -25.83
C CYS B 1485 107.93 -53.76 -26.82
N TYR B 1486 107.53 -52.61 -27.36
CA TYR B 1486 108.39 -51.79 -28.22
C TYR B 1486 108.38 -50.38 -27.64
N MET B 1487 109.30 -50.10 -26.73
CA MET B 1487 109.31 -48.83 -26.01
C MET B 1487 110.75 -48.33 -25.88
N VAL B 1488 110.87 -47.03 -25.58
CA VAL B 1488 112.16 -46.39 -25.41
C VAL B 1488 112.16 -45.61 -24.10
N CYS B 1489 113.36 -45.33 -23.61
CA CYS B 1489 113.54 -44.63 -22.35
C CYS B 1489 113.78 -43.15 -22.60
N ALA B 1490 113.09 -42.32 -21.81
CA ALA B 1490 113.23 -40.87 -21.96
C ALA B 1490 114.56 -40.36 -21.42
N GLY B 1491 115.11 -41.04 -20.40
CA GLY B 1491 116.37 -40.59 -19.82
C GLY B 1491 117.51 -40.64 -20.80
N GLU B 1492 117.65 -41.75 -21.53
CA GLU B 1492 118.70 -41.85 -22.54
C GLU B 1492 118.45 -40.94 -23.74
N SER B 1493 117.19 -40.63 -24.05
CA SER B 1493 116.87 -39.71 -25.13
C SER B 1493 117.16 -38.26 -24.78
N MET B 1494 117.03 -37.90 -23.51
CA MET B 1494 117.25 -36.51 -23.08
C MET B 1494 118.74 -36.22 -23.08
N SER B 1495 119.27 -35.92 -24.27
CA SER B 1495 120.69 -35.59 -24.38
C SER B 1495 121.02 -34.21 -23.82
N PRO B 1496 120.21 -33.16 -24.03
CA PRO B 1496 120.54 -31.88 -23.38
C PRO B 1496 120.56 -31.95 -21.87
N GLY B 1497 119.72 -32.78 -21.27
CA GLY B 1497 119.67 -32.88 -19.83
C GLY B 1497 118.71 -31.90 -19.19
N GLN B 1498 118.48 -32.13 -17.89
CA GLN B 1498 117.59 -31.35 -17.02
C GLN B 1498 116.22 -31.12 -17.66
N GLY B 1499 115.48 -30.15 -17.13
CA GLY B 1499 114.13 -29.88 -17.62
C GLY B 1499 113.95 -28.47 -18.13
N ARG B 1500 113.06 -28.30 -19.11
CA ARG B 1500 112.73 -27.00 -19.68
C ARG B 1500 111.29 -26.65 -19.32
N ASN B 1501 111.09 -25.45 -18.76
CA ASN B 1501 109.74 -25.04 -18.38
C ASN B 1501 108.87 -24.77 -19.60
N ASN B 1502 109.46 -24.21 -20.67
CA ASN B 1502 108.68 -23.88 -21.86
C ASN B 1502 108.09 -25.13 -22.49
N ASN B 1503 108.86 -26.22 -22.52
CA ASN B 1503 108.30 -27.51 -22.92
C ASN B 1503 109.12 -28.62 -22.27
N GLY B 1504 108.43 -29.59 -21.66
CA GLY B 1504 109.11 -30.73 -21.11
C GLY B 1504 109.57 -31.69 -22.20
N LEU B 1505 110.26 -32.74 -21.77
CA LEU B 1505 110.69 -33.77 -22.71
C LEU B 1505 109.50 -34.36 -23.45
N GLU B 1506 109.45 -34.12 -24.75
CA GLU B 1506 108.30 -34.46 -25.58
C GLU B 1506 108.68 -35.61 -26.50
N ILE B 1507 108.47 -36.84 -26.02
CA ILE B 1507 108.71 -38.01 -26.84
C ILE B 1507 107.53 -38.26 -27.77
N GLY B 1508 107.81 -38.36 -29.07
CA GLY B 1508 106.76 -38.60 -30.03
C GLY B 1508 106.94 -39.93 -30.74
N CYS B 1509 105.83 -40.66 -30.91
CA CYS B 1509 105.84 -41.98 -31.52
C CYS B 1509 105.06 -41.94 -32.83
N VAL B 1510 105.68 -42.44 -33.90
CA VAL B 1510 105.02 -42.57 -35.20
C VAL B 1510 105.04 -44.04 -35.60
N VAL B 1511 103.89 -44.53 -36.05
CA VAL B 1511 103.74 -45.91 -36.50
C VAL B 1511 103.27 -45.89 -37.95
N ASP B 1512 103.95 -46.65 -38.79
CA ASP B 1512 103.57 -46.80 -40.20
C ASP B 1512 102.85 -48.12 -40.34
N ALA B 1513 101.52 -48.08 -40.37
CA ALA B 1513 100.71 -49.28 -40.45
C ALA B 1513 100.90 -50.04 -41.75
N ALA B 1514 101.41 -49.39 -42.80
CA ALA B 1514 101.66 -50.06 -44.07
C ALA B 1514 103.00 -50.77 -44.11
N SER B 1515 103.97 -50.31 -43.31
CA SER B 1515 105.30 -50.92 -43.27
C SER B 1515 105.67 -51.51 -41.92
N GLY B 1516 104.95 -51.19 -40.86
CA GLY B 1516 105.28 -51.72 -39.55
C GLY B 1516 106.52 -51.15 -38.93
N LEU B 1517 106.93 -49.94 -39.32
CA LEU B 1517 108.14 -49.32 -38.82
C LEU B 1517 107.79 -48.42 -37.64
N LEU B 1518 108.41 -48.68 -36.49
CA LEU B 1518 108.16 -47.91 -35.28
C LEU B 1518 109.41 -47.07 -34.98
N THR B 1519 109.35 -45.79 -35.34
CA THR B 1519 110.41 -44.84 -35.05
C THR B 1519 109.91 -43.78 -34.08
N PHE B 1520 110.84 -43.21 -33.32
CA PHE B 1520 110.51 -42.28 -32.24
C PHE B 1520 111.14 -40.92 -32.51
N ILE B 1521 110.33 -39.87 -32.43
CA ILE B 1521 110.78 -38.50 -32.62
C ILE B 1521 110.78 -37.82 -31.25
N ALA B 1522 111.85 -37.11 -30.94
CA ALA B 1522 112.00 -36.45 -29.65
C ALA B 1522 112.65 -35.09 -29.85
N ASN B 1523 111.94 -34.02 -29.46
CA ASN B 1523 112.44 -32.65 -29.55
C ASN B 1523 112.87 -32.28 -30.97
N GLY B 1524 112.18 -32.84 -31.96
CA GLY B 1524 112.47 -32.54 -33.35
C GLY B 1524 113.60 -33.33 -33.97
N LYS B 1525 114.25 -34.21 -33.23
CA LYS B 1525 115.33 -35.04 -33.75
C LYS B 1525 114.95 -36.51 -33.60
N GLU B 1526 115.20 -37.29 -34.66
CA GLU B 1526 114.82 -38.69 -34.66
C GLU B 1526 115.81 -39.52 -33.84
N LEU B 1527 115.28 -40.32 -32.92
CA LEU B 1527 116.12 -41.20 -32.13
C LEU B 1527 116.61 -42.37 -32.96
N SER B 1528 117.76 -42.93 -32.56
CA SER B 1528 118.36 -44.02 -33.31
C SER B 1528 117.54 -45.30 -33.21
N THR B 1529 116.93 -45.55 -32.06
CA THR B 1529 116.17 -46.78 -31.86
C THR B 1529 114.97 -46.84 -32.79
N TYR B 1530 114.75 -48.00 -33.40
CA TYR B 1530 113.62 -48.23 -34.30
C TYR B 1530 113.21 -49.68 -34.23
N TYR B 1531 111.90 -49.93 -34.27
CA TYR B 1531 111.34 -51.26 -34.18
C TYR B 1531 110.55 -51.56 -35.44
N GLN B 1532 110.74 -52.75 -36.00
CA GLN B 1532 109.96 -53.23 -37.13
C GLN B 1532 109.06 -54.36 -36.66
N VAL B 1533 107.75 -54.19 -36.83
CA VAL B 1533 106.78 -55.17 -36.32
C VAL B 1533 106.23 -55.98 -37.47
N GLU B 1534 105.54 -57.07 -37.15
CA GLU B 1534 104.91 -58.05 -38.01
C GLU B 1534 103.61 -57.50 -38.58
N PRO B 1535 103.17 -58.01 -39.75
CA PRO B 1535 101.88 -57.59 -40.29
C PRO B 1535 100.73 -57.98 -39.36
N SER B 1536 99.69 -57.15 -39.36
CA SER B 1536 98.44 -57.30 -38.60
C SER B 1536 98.68 -57.18 -37.10
N THR B 1537 99.83 -56.72 -36.66
CA THR B 1537 100.09 -56.57 -35.24
C THR B 1537 99.27 -55.40 -34.68
N LYS B 1538 98.63 -55.63 -33.54
CA LYS B 1538 97.86 -54.60 -32.85
C LYS B 1538 98.74 -53.97 -31.78
N LEU B 1539 99.08 -52.70 -31.97
CA LEU B 1539 99.98 -51.98 -31.06
C LEU B 1539 99.19 -51.02 -30.20
N PHE B 1540 99.33 -51.16 -28.88
CA PHE B 1540 98.66 -50.28 -27.94
C PHE B 1540 99.61 -49.19 -27.48
N PRO B 1541 99.27 -47.91 -27.65
CA PRO B 1541 100.09 -46.85 -27.02
C PRO B 1541 100.21 -47.06 -25.53
N ALA B 1542 101.42 -46.91 -24.99
CA ALA B 1542 101.64 -47.19 -23.57
C ALA B 1542 102.83 -46.37 -23.08
N VAL B 1543 102.73 -45.92 -21.83
CA VAL B 1543 103.80 -45.21 -21.15
C VAL B 1543 103.98 -45.82 -19.77
N PHE B 1544 105.20 -46.29 -19.49
CA PHE B 1544 105.55 -46.81 -18.17
C PHE B 1544 106.40 -45.78 -17.44
N ALA B 1545 105.97 -45.42 -16.24
CA ALA B 1545 106.63 -44.34 -15.51
C ALA B 1545 106.61 -44.65 -14.02
N GLN B 1546 107.68 -44.26 -13.33
CA GLN B 1546 107.74 -44.28 -11.88
C GLN B 1546 107.55 -42.86 -11.37
N ALA B 1547 106.53 -42.66 -10.55
CA ALA B 1547 106.14 -41.32 -10.13
C ALA B 1547 107.18 -40.71 -9.21
N THR B 1548 107.85 -39.66 -9.70
CA THR B 1548 108.75 -38.86 -8.88
C THR B 1548 108.23 -37.44 -8.67
N SER B 1549 106.99 -37.18 -9.04
CA SER B 1549 106.40 -35.86 -8.97
C SER B 1549 104.88 -35.99 -8.97
N PRO B 1550 104.16 -35.01 -8.43
CA PRO B 1550 102.69 -35.07 -8.54
C PRO B 1550 102.20 -35.10 -9.97
N ASN B 1551 102.86 -34.39 -10.87
CA ASN B 1551 102.57 -34.44 -12.30
C ASN B 1551 103.66 -35.26 -12.99
N VAL B 1552 103.26 -36.37 -13.62
CA VAL B 1552 104.23 -37.30 -14.17
C VAL B 1552 104.31 -37.15 -15.69
N PHE B 1553 103.20 -37.38 -16.38
CA PHE B 1553 103.16 -37.30 -17.83
C PHE B 1553 101.72 -37.11 -18.29
N GLN B 1554 101.58 -36.74 -19.56
CA GLN B 1554 100.27 -36.57 -20.17
C GLN B 1554 100.32 -37.05 -21.61
N PHE B 1555 99.20 -37.56 -22.10
CA PHE B 1555 99.10 -38.13 -23.45
C PHE B 1555 98.73 -37.04 -24.44
N GLU B 1556 99.69 -36.62 -25.25
CA GLU B 1556 99.45 -35.66 -26.32
C GLU B 1556 99.01 -36.41 -27.58
N LEU B 1557 97.87 -36.00 -28.14
CA LEU B 1557 97.29 -36.68 -29.30
C LEU B 1557 97.32 -35.78 -30.54
N GLY B 1558 98.37 -34.98 -30.69
CA GLY B 1558 98.51 -34.08 -31.81
C GLY B 1558 99.06 -34.77 -33.04
N ARG B 1559 99.35 -33.95 -34.06
CA ARG B 1559 99.90 -34.44 -35.31
C ARG B 1559 101.11 -33.61 -35.70
N ILE B 1560 102.20 -34.31 -36.05
CA ILE B 1560 103.39 -33.68 -36.61
C ILE B 1560 103.24 -33.59 -38.11
N LYS B 1561 104.14 -32.84 -38.76
CA LYS B 1561 104.07 -32.62 -40.20
C LYS B 1561 103.96 -33.92 -40.98
N ASN B 1562 102.99 -33.98 -41.90
CA ASN B 1562 102.81 -35.07 -42.85
C ASN B 1562 102.53 -36.41 -42.18
N VAL B 1563 102.04 -36.41 -40.94
CA VAL B 1563 101.72 -37.66 -40.24
C VAL B 1563 100.26 -37.58 -39.79
N MET B 1564 99.49 -38.61 -40.12
CA MET B 1564 98.07 -38.63 -39.83
C MET B 1564 97.89 -38.76 -38.31
N PRO B 1565 96.96 -38.01 -37.72
CA PRO B 1565 96.75 -38.11 -36.27
C PRO B 1565 96.22 -39.47 -35.86
N LEU B 1566 96.44 -39.79 -34.58
CA LEU B 1566 96.17 -41.10 -34.01
C LEU B 1566 94.71 -41.50 -34.05
N SER B 1567 93.79 -40.56 -33.86
CA SER B 1567 92.37 -40.88 -33.88
C SER B 1567 91.91 -41.47 -35.20
N ALA B 1568 92.57 -41.13 -36.31
CA ALA B 1568 92.23 -41.74 -37.59
C ALA B 1568 92.51 -43.23 -37.62
N GLY B 1569 93.67 -43.65 -37.11
CA GLY B 1569 93.99 -45.05 -37.06
C GLY B 1569 93.20 -45.78 -35.99
N LEU B 1570 92.81 -45.05 -34.95
CA LEU B 1570 92.04 -45.66 -33.88
C LEU B 1570 90.61 -45.94 -34.32
N PHE B 1571 89.89 -44.91 -34.75
CA PHE B 1571 88.47 -45.00 -35.08
C PHE B 1571 88.30 -45.04 -36.60
N LYS B 1572 87.57 -46.03 -37.08
CA LYS B 1572 87.32 -46.15 -38.52
C LYS B 1572 86.44 -45.02 -39.01
N SER B 1573 85.55 -44.50 -38.16
CA SER B 1573 84.68 -43.41 -38.55
C SER B 1573 85.48 -42.15 -38.87
N GLU B 1574 86.56 -41.90 -38.15
CA GLU B 1574 87.43 -40.75 -38.36
C GLU B 1574 88.68 -41.09 -39.14
N HIS B 1575 88.60 -42.11 -40.01
CA HIS B 1575 89.78 -42.54 -40.77
C HIS B 1575 90.29 -41.44 -41.68
N LYS B 1576 89.45 -40.47 -42.03
CA LYS B 1576 89.82 -39.42 -42.98
C LYS B 1576 89.69 -38.03 -42.38
N ASN B 1577 89.77 -37.89 -41.06
CA ASN B 1577 89.61 -36.61 -40.40
C ASN B 1577 90.95 -36.12 -39.88
N PRO B 1578 91.58 -35.11 -40.51
CA PRO B 1578 92.89 -34.65 -40.03
C PRO B 1578 92.83 -34.00 -38.65
N VAL B 1579 91.66 -33.59 -38.19
CA VAL B 1579 91.56 -32.95 -36.87
C VAL B 1579 91.77 -34.00 -35.78
N PRO B 1580 92.71 -33.81 -34.87
CA PRO B 1580 92.86 -34.78 -33.76
C PRO B 1580 91.62 -34.85 -32.91
N GLN B 1581 91.32 -36.06 -32.41
CA GLN B 1581 90.13 -36.29 -31.62
C GLN B 1581 90.46 -37.20 -30.46
N CYS B 1582 89.72 -37.04 -29.36
CA CYS B 1582 89.83 -37.89 -28.18
C CYS B 1582 88.43 -38.32 -27.76
N PRO B 1583 87.84 -39.28 -28.46
CA PRO B 1583 86.49 -39.74 -28.12
C PRO B 1583 86.47 -40.42 -26.76
N PRO B 1584 85.31 -40.44 -26.09
CA PRO B 1584 85.26 -41.00 -24.73
C PRO B 1584 85.64 -42.47 -24.64
N ARG B 1585 85.56 -43.21 -25.76
CA ARG B 1585 85.93 -44.63 -25.72
C ARG B 1585 87.40 -44.80 -25.34
N LEU B 1586 88.27 -43.96 -25.89
CA LEU B 1586 89.68 -44.02 -25.54
C LEU B 1586 89.88 -43.51 -24.11
N HIS B 1587 90.56 -44.31 -23.30
CA HIS B 1587 90.80 -43.95 -21.90
C HIS B 1587 92.05 -44.66 -21.42
N VAL B 1588 92.70 -44.07 -20.41
CA VAL B 1588 93.93 -44.64 -19.88
C VAL B 1588 93.61 -45.84 -19.01
N GLN B 1589 94.34 -46.93 -19.22
CA GLN B 1589 94.20 -48.14 -18.43
C GLN B 1589 95.52 -48.47 -17.76
N PHE B 1590 95.44 -48.97 -16.52
CA PHE B 1590 96.62 -49.30 -15.75
C PHE B 1590 96.63 -50.78 -15.42
N LEU B 1591 97.84 -51.34 -15.39
CA LEU B 1591 98.00 -52.76 -15.10
C LEU B 1591 97.83 -53.01 -13.61
N SER B 1592 96.95 -53.96 -13.27
CA SER B 1592 96.62 -54.23 -11.88
C SER B 1592 96.40 -55.72 -11.67
N HIS B 1593 96.49 -56.15 -10.41
CA HIS B 1593 96.28 -57.53 -10.03
C HIS B 1593 94.89 -57.78 -9.46
N VAL B 1594 94.04 -56.76 -9.41
CA VAL B 1594 92.75 -56.88 -8.75
C VAL B 1594 91.68 -57.39 -9.71
N LEU B 1595 91.68 -58.72 -9.93
CA LEU B 1595 90.70 -59.38 -10.78
C LEU B 1595 90.58 -60.83 -10.35
N TRP B 1596 89.38 -61.38 -10.44
CA TRP B 1596 89.15 -62.78 -10.12
C TRP B 1596 89.23 -63.64 -11.38
N SER B 1597 89.15 -64.95 -11.19
CA SER B 1597 89.20 -65.89 -12.30
C SER B 1597 88.29 -67.08 -11.98
N ARG B 1598 87.67 -67.61 -13.02
CA ARG B 1598 86.68 -68.68 -12.88
C ARG B 1598 87.33 -70.03 -13.15
N MET B 1599 87.39 -70.88 -12.13
CA MET B 1599 87.88 -72.23 -12.31
C MET B 1599 86.87 -73.03 -13.14
N PRO B 1600 87.30 -73.72 -14.19
CA PRO B 1600 86.36 -74.50 -15.00
C PRO B 1600 85.66 -75.57 -14.17
N ASN B 1601 84.37 -75.78 -14.44
CA ASN B 1601 83.62 -76.82 -13.76
C ASN B 1601 84.16 -78.21 -14.10
N GLN B 1602 84.51 -78.41 -15.37
CA GLN B 1602 85.04 -79.69 -15.84
C GLN B 1602 86.36 -79.46 -16.57
N PHE B 1603 87.34 -80.31 -16.29
CA PHE B 1603 88.64 -80.26 -16.93
C PHE B 1603 88.78 -81.42 -17.89
N LEU B 1604 89.74 -81.29 -18.82
CA LEU B 1604 90.03 -82.37 -19.74
C LEU B 1604 90.54 -83.60 -19.00
N LYS B 1605 89.98 -84.76 -19.33
CA LYS B 1605 90.38 -86.01 -18.71
C LYS B 1605 91.55 -86.62 -19.48
N VAL B 1606 92.73 -86.63 -18.86
CA VAL B 1606 93.93 -87.18 -19.47
C VAL B 1606 94.63 -88.05 -18.43
N ASP B 1607 95.06 -89.23 -18.85
CA ASP B 1607 95.81 -90.15 -18.00
C ASP B 1607 97.22 -90.33 -18.51
N VAL B 1608 98.19 -90.32 -17.60
CA VAL B 1608 99.60 -90.42 -17.94
C VAL B 1608 100.18 -91.64 -17.23
N SER B 1609 100.92 -92.44 -17.96
CA SER B 1609 101.56 -93.63 -17.41
C SER B 1609 102.67 -94.08 -18.35
N ARG B 1610 103.79 -94.53 -17.77
CA ARG B 1610 104.90 -95.04 -18.56
C ARG B 1610 104.62 -96.50 -18.89
N ILE B 1611 104.31 -96.77 -20.16
CA ILE B 1611 103.94 -98.13 -20.57
C ILE B 1611 105.10 -99.08 -20.34
N SER B 1612 106.30 -98.69 -20.77
CA SER B 1612 107.49 -99.51 -20.59
C SER B 1612 108.71 -98.63 -20.74
N GLU B 1613 109.89 -99.23 -20.49
CA GLU B 1613 111.13 -98.52 -20.69
C GLU B 1613 111.33 -98.17 -22.16
N ARG B 1614 110.96 -99.09 -23.06
CA ARG B 1614 111.07 -98.81 -24.49
C ARG B 1614 110.05 -97.77 -24.94
N GLN B 1615 108.80 -97.91 -24.51
CA GLN B 1615 107.73 -97.07 -25.02
C GLN B 1615 107.66 -95.69 -24.37
N GLY B 1616 108.32 -95.49 -23.23
CA GLY B 1616 108.31 -94.19 -22.60
C GLY B 1616 106.99 -93.87 -21.92
N TRP B 1617 106.86 -92.60 -21.56
CA TRP B 1617 105.65 -92.10 -20.92
C TRP B 1617 104.58 -91.79 -21.96
N LEU B 1618 103.35 -92.17 -21.65
CA LEU B 1618 102.23 -92.05 -22.58
C LEU B 1618 101.22 -91.03 -22.06
N VAL B 1619 100.74 -90.19 -22.97
CA VAL B 1619 99.72 -89.19 -22.68
C VAL B 1619 98.52 -89.50 -23.57
N GLN B 1620 97.33 -89.60 -22.97
CA GLN B 1620 96.14 -90.08 -23.67
C GLN B 1620 94.94 -89.24 -23.26
N CYS B 1621 94.33 -88.56 -24.23
CA CYS B 1621 93.09 -87.81 -24.03
C CYS B 1621 92.17 -88.13 -25.20
N LEU B 1622 91.00 -88.72 -24.90
CA LEU B 1622 90.10 -89.19 -25.93
C LEU B 1622 88.70 -88.57 -25.87
N ASP B 1623 88.37 -87.84 -24.81
CA ASP B 1623 87.03 -87.30 -24.68
C ASP B 1623 87.02 -85.82 -25.04
N PRO B 1624 86.05 -85.36 -25.82
CA PRO B 1624 86.02 -83.95 -26.22
C PRO B 1624 85.39 -83.06 -25.16
N LEU B 1625 85.96 -81.85 -25.03
CA LEU B 1625 85.46 -80.84 -24.11
C LEU B 1625 85.63 -79.48 -24.76
N GLN B 1626 84.57 -78.68 -24.74
CA GLN B 1626 84.57 -77.37 -25.39
C GLN B 1626 84.05 -76.31 -24.45
N PHE B 1627 84.48 -75.07 -24.69
CA PHE B 1627 83.96 -73.90 -24.00
C PHE B 1627 83.78 -72.78 -25.01
N MET B 1628 82.85 -71.88 -24.71
CA MET B 1628 82.57 -70.74 -25.58
C MET B 1628 83.35 -69.54 -25.10
N SER B 1629 84.09 -68.90 -26.00
CA SER B 1629 84.95 -67.77 -25.68
C SER B 1629 84.32 -66.49 -26.19
N LEU B 1630 84.27 -65.47 -25.35
CA LEU B 1630 83.78 -64.15 -25.73
C LEU B 1630 85.00 -63.26 -26.00
N HIS B 1631 85.15 -62.84 -27.25
CA HIS B 1631 86.32 -62.10 -27.68
C HIS B 1631 85.99 -60.60 -27.70
N ILE B 1632 86.65 -59.85 -26.84
CA ILE B 1632 86.54 -58.39 -26.85
C ILE B 1632 87.36 -57.87 -28.02
N PRO B 1633 86.74 -57.18 -28.98
CA PRO B 1633 87.49 -56.79 -30.19
C PRO B 1633 88.56 -55.74 -29.93
N GLU B 1634 88.23 -54.68 -29.19
CA GLU B 1634 89.17 -53.57 -29.04
C GLU B 1634 90.38 -53.97 -28.21
N GLU B 1635 90.18 -54.81 -27.20
CA GLU B 1635 91.27 -55.17 -26.29
C GLU B 1635 92.07 -56.37 -26.76
N ASN B 1636 91.68 -57.00 -27.87
CA ASN B 1636 92.35 -58.20 -28.37
C ASN B 1636 92.41 -59.29 -27.30
N ARG B 1637 91.34 -59.40 -26.53
CA ARG B 1637 91.25 -60.34 -25.41
C ARG B 1637 90.15 -61.36 -25.69
N SER B 1638 90.06 -62.36 -24.82
CA SER B 1638 89.04 -63.39 -24.91
C SER B 1638 88.83 -64.01 -23.54
N VAL B 1639 87.56 -64.13 -23.15
CA VAL B 1639 87.19 -64.73 -21.87
C VAL B 1639 86.08 -65.73 -22.12
N ASP B 1640 85.94 -66.66 -21.18
CA ASP B 1640 84.85 -67.63 -21.24
C ASP B 1640 83.53 -66.91 -20.99
N ILE B 1641 82.50 -67.30 -21.75
CA ILE B 1641 81.20 -66.65 -21.61
C ILE B 1641 80.57 -66.93 -20.27
N LEU B 1642 80.91 -68.06 -19.64
CA LEU B 1642 80.40 -68.37 -18.30
C LEU B 1642 81.03 -67.52 -17.22
N GLU B 1643 82.11 -66.79 -17.53
CA GLU B 1643 82.73 -65.86 -16.60
C GLU B 1643 81.93 -64.56 -16.46
N LEU B 1644 81.03 -64.28 -17.40
CA LEU B 1644 80.22 -63.07 -17.38
C LEU B 1644 79.21 -63.05 -16.24
N THR B 1645 79.19 -64.07 -15.38
CA THR B 1645 78.36 -64.06 -14.19
C THR B 1645 78.81 -63.02 -13.17
N GLU B 1646 80.00 -62.45 -13.34
CA GLU B 1646 80.52 -61.43 -12.43
C GLU B 1646 80.77 -60.09 -13.09
N GLN B 1647 80.83 -60.02 -14.42
CA GLN B 1647 80.93 -58.76 -15.14
C GLN B 1647 79.53 -58.38 -15.60
N GLU B 1648 78.88 -57.49 -14.83
CA GLU B 1648 77.50 -57.12 -15.12
C GLU B 1648 77.39 -56.32 -16.41
N GLU B 1649 78.33 -55.40 -16.65
CA GLU B 1649 78.26 -54.55 -17.83
C GLU B 1649 78.35 -55.37 -19.11
N LEU B 1650 79.34 -56.27 -19.20
CA LEU B 1650 79.49 -57.09 -20.39
C LEU B 1650 78.30 -58.03 -20.55
N LEU B 1651 77.78 -58.57 -19.46
CA LEU B 1651 76.61 -59.44 -19.53
C LEU B 1651 75.41 -58.70 -20.10
N LYS B 1652 75.15 -57.49 -19.60
CA LYS B 1652 74.03 -56.70 -20.10
C LYS B 1652 74.23 -56.33 -21.57
N PHE B 1653 75.45 -55.93 -21.94
CA PHE B 1653 75.69 -55.53 -23.32
C PHE B 1653 75.53 -56.71 -24.26
N HIS B 1654 76.00 -57.90 -23.87
CA HIS B 1654 75.82 -59.07 -24.71
C HIS B 1654 74.37 -59.55 -24.76
N TYR B 1655 73.62 -59.44 -23.67
CA TYR B 1655 72.19 -59.75 -23.73
C TYR B 1655 71.47 -58.83 -24.69
N HIS B 1656 71.76 -57.54 -24.65
CA HIS B 1656 71.14 -56.62 -25.60
C HIS B 1656 71.65 -56.81 -27.03
N THR B 1657 72.90 -57.26 -27.20
CA THR B 1657 73.37 -57.64 -28.52
C THR B 1657 72.59 -58.83 -29.06
N LEU B 1658 72.31 -59.82 -28.20
CA LEU B 1658 71.47 -60.95 -28.61
C LEU B 1658 70.06 -60.49 -28.95
N ARG B 1659 69.53 -59.53 -28.19
CA ARG B 1659 68.22 -58.98 -28.51
C ARG B 1659 68.22 -58.29 -29.87
N LEU B 1660 69.29 -57.55 -30.17
CA LEU B 1660 69.39 -56.91 -31.49
C LEU B 1660 69.52 -57.96 -32.60
N TYR B 1661 70.27 -59.03 -32.33
CA TYR B 1661 70.38 -60.12 -33.29
C TYR B 1661 69.02 -60.75 -33.58
N SER B 1662 68.21 -60.94 -32.53
CA SER B 1662 66.85 -61.42 -32.73
C SER B 1662 65.99 -60.43 -33.51
N ALA B 1663 66.09 -59.14 -33.18
CA ALA B 1663 65.27 -58.12 -33.81
C ALA B 1663 65.58 -57.93 -35.29
N VAL B 1664 66.85 -57.97 -35.69
CA VAL B 1664 67.18 -57.73 -37.09
C VAL B 1664 66.65 -58.84 -37.98
N CYS B 1665 66.59 -60.08 -37.47
CA CYS B 1665 66.06 -61.21 -38.22
C CYS B 1665 64.61 -61.51 -37.87
N ALA B 1666 63.99 -60.69 -37.02
CA ALA B 1666 62.61 -60.90 -36.61
C ALA B 1666 61.66 -60.76 -37.80
N LEU B 1667 60.50 -61.41 -37.66
CA LEU B 1667 59.45 -61.38 -38.69
C LEU B 1667 59.95 -61.90 -40.02
N GLY B 1668 60.75 -62.97 -39.97
CA GLY B 1668 61.16 -63.67 -41.17
C GLY B 1668 62.06 -62.91 -42.11
N ASN B 1669 63.06 -62.21 -41.59
CA ASN B 1669 64.10 -61.60 -42.43
C ASN B 1669 65.14 -62.67 -42.73
N HIS B 1670 64.88 -63.44 -43.78
CA HIS B 1670 65.65 -64.64 -44.04
C HIS B 1670 67.08 -64.31 -44.46
N ARG B 1671 67.28 -63.25 -45.24
CA ARG B 1671 68.62 -62.84 -45.61
C ARG B 1671 69.44 -62.44 -44.39
N VAL B 1672 68.83 -61.69 -43.48
CA VAL B 1672 69.52 -61.29 -42.25
C VAL B 1672 69.81 -62.51 -41.38
N ALA B 1673 68.89 -63.47 -41.36
CA ALA B 1673 69.15 -64.71 -40.61
C ALA B 1673 70.32 -65.48 -41.20
N HIS B 1674 70.38 -65.56 -42.53
CA HIS B 1674 71.51 -66.23 -43.18
C HIS B 1674 72.83 -65.51 -42.87
N ALA B 1675 72.80 -64.18 -42.86
CA ALA B 1675 73.99 -63.42 -42.48
C ALA B 1675 74.39 -63.70 -41.04
N LEU B 1676 73.41 -63.76 -40.13
CA LEU B 1676 73.67 -64.01 -38.72
C LEU B 1676 74.15 -65.43 -38.45
N CYS B 1677 73.84 -66.38 -39.35
CA CYS B 1677 74.35 -67.74 -39.17
C CYS B 1677 75.88 -67.77 -39.13
N SER B 1678 76.54 -66.81 -39.77
CA SER B 1678 78.00 -66.75 -39.71
C SER B 1678 78.46 -66.30 -38.32
N HIS B 1679 77.83 -65.26 -37.76
CA HIS B 1679 78.23 -64.77 -36.46
C HIS B 1679 77.93 -65.79 -35.37
N VAL B 1680 76.73 -66.37 -35.39
CA VAL B 1680 76.33 -67.40 -34.43
C VAL B 1680 75.98 -68.65 -35.23
N ASP B 1681 76.69 -69.74 -34.97
CA ASP B 1681 76.59 -70.96 -35.75
C ASP B 1681 75.90 -72.07 -34.96
N GLU B 1682 75.71 -73.20 -35.63
CA GLU B 1682 75.05 -74.36 -35.04
C GLU B 1682 75.76 -74.89 -33.79
N PRO B 1683 77.08 -75.15 -33.80
CA PRO B 1683 77.70 -75.63 -32.56
C PRO B 1683 77.58 -74.66 -31.41
N GLN B 1684 77.76 -73.37 -31.66
CA GLN B 1684 77.61 -72.36 -30.62
C GLN B 1684 76.21 -72.36 -30.05
N LEU B 1685 75.20 -72.36 -30.93
CA LEU B 1685 73.82 -72.40 -30.47
C LEU B 1685 73.56 -73.65 -29.64
N LEU B 1686 73.89 -74.83 -30.15
CA LEU B 1686 73.62 -76.08 -29.46
C LEU B 1686 74.37 -76.21 -28.14
N TYR B 1687 75.57 -75.65 -28.02
CA TYR B 1687 76.27 -75.63 -26.73
C TYR B 1687 75.61 -74.67 -25.74
N ALA B 1688 75.20 -73.49 -26.22
CA ALA B 1688 74.45 -72.58 -25.35
C ALA B 1688 73.12 -73.19 -24.95
N ILE B 1689 72.61 -74.12 -25.76
CA ILE B 1689 71.34 -74.76 -25.41
C ILE B 1689 71.51 -75.59 -24.14
N GLU B 1690 72.63 -76.31 -24.03
CA GLU B 1690 72.77 -77.36 -23.03
C GLU B 1690 73.64 -76.98 -21.84
N ASN B 1691 74.54 -76.01 -21.96
CA ASN B 1691 75.37 -75.65 -20.82
C ASN B 1691 74.51 -75.22 -19.64
N LYS B 1692 74.77 -75.83 -18.47
CA LYS B 1692 73.98 -75.56 -17.27
C LYS B 1692 74.51 -74.37 -16.47
N TYR B 1693 75.70 -73.88 -16.77
CA TYR B 1693 76.29 -72.77 -16.03
C TYR B 1693 76.14 -71.45 -16.76
N MET B 1694 75.39 -71.42 -17.86
CA MET B 1694 75.15 -70.19 -18.60
C MET B 1694 74.30 -69.25 -17.74
N PRO B 1695 74.59 -67.94 -17.77
CA PRO B 1695 73.70 -66.98 -17.11
C PRO B 1695 72.31 -67.04 -17.70
N GLY B 1696 71.31 -66.77 -16.85
CA GLY B 1696 69.93 -66.92 -17.26
C GLY B 1696 69.55 -65.99 -18.40
N LEU B 1697 70.02 -64.74 -18.35
CA LEU B 1697 69.72 -63.79 -19.41
C LEU B 1697 70.28 -64.26 -20.74
N LEU B 1698 71.53 -64.73 -20.74
CA LEU B 1698 72.13 -65.23 -21.97
C LEU B 1698 71.44 -66.49 -22.46
N ARG B 1699 71.01 -67.35 -21.54
CA ARG B 1699 70.28 -68.55 -21.91
C ARG B 1699 68.97 -68.20 -22.61
N ALA B 1700 68.22 -67.25 -22.05
CA ALA B 1700 66.98 -66.80 -22.68
C ALA B 1700 67.26 -66.16 -24.03
N GLY B 1701 68.29 -65.32 -24.12
CA GLY B 1701 68.65 -64.69 -25.37
C GLY B 1701 69.03 -65.68 -26.45
N TYR B 1702 69.75 -66.73 -26.08
CA TYR B 1702 70.15 -67.74 -27.06
C TYR B 1702 68.98 -68.63 -27.48
N TYR B 1703 68.10 -68.99 -26.55
CA TYR B 1703 66.91 -69.72 -26.98
C TYR B 1703 66.00 -68.88 -27.86
N ASP B 1704 65.95 -67.56 -27.65
CA ASP B 1704 65.26 -66.67 -28.57
C ASP B 1704 65.93 -66.56 -29.92
N LEU B 1705 67.26 -66.48 -29.93
CA LEU B 1705 68.01 -66.34 -31.18
C LEU B 1705 67.86 -67.58 -32.05
N LEU B 1706 67.92 -68.77 -31.43
CA LEU B 1706 67.72 -70.00 -32.20
C LEU B 1706 66.36 -70.00 -32.88
N ILE B 1707 65.31 -69.67 -32.14
CA ILE B 1707 63.97 -69.67 -32.70
C ILE B 1707 63.87 -68.65 -33.83
N ASP B 1708 64.37 -67.44 -33.61
CA ASP B 1708 64.24 -66.40 -34.62
C ASP B 1708 65.03 -66.73 -35.88
N ILE B 1709 66.24 -67.27 -35.75
CA ILE B 1709 67.06 -67.54 -36.91
C ILE B 1709 66.54 -68.73 -37.70
N HIS B 1710 66.25 -69.83 -37.02
CA HIS B 1710 66.01 -71.09 -37.73
C HIS B 1710 64.55 -71.51 -37.80
N LEU B 1711 63.80 -71.43 -36.70
CA LEU B 1711 62.52 -72.11 -36.58
C LEU B 1711 61.42 -71.14 -36.08
N SER B 1712 61.34 -69.99 -36.74
CA SER B 1712 60.26 -69.04 -36.44
C SER B 1712 59.29 -68.86 -37.60
N SER B 1713 59.78 -68.80 -38.84
CA SER B 1713 58.91 -68.48 -39.97
C SER B 1713 57.87 -69.58 -40.20
N TYR B 1714 58.30 -70.84 -40.20
CA TYR B 1714 57.35 -71.93 -40.39
C TYR B 1714 56.37 -72.01 -39.23
N ALA B 1715 56.84 -71.79 -38.01
CA ALA B 1715 55.95 -71.78 -36.86
C ALA B 1715 54.88 -70.71 -37.00
N THR B 1716 55.26 -69.51 -37.43
CA THR B 1716 54.31 -68.44 -37.69
C THR B 1716 53.32 -68.79 -38.79
N ALA B 1717 53.80 -69.39 -39.89
CA ALA B 1717 52.91 -69.76 -40.98
C ALA B 1717 51.88 -70.79 -40.54
N ARG B 1718 52.34 -71.85 -39.85
CA ARG B 1718 51.41 -72.87 -39.40
C ARG B 1718 50.47 -72.34 -38.33
N LEU B 1719 50.93 -71.43 -37.47
CA LEU B 1719 50.04 -70.83 -36.49
C LEU B 1719 48.98 -69.97 -37.15
N MET B 1720 49.33 -69.25 -38.23
CA MET B 1720 48.33 -68.48 -38.96
C MET B 1720 47.33 -69.39 -39.67
N MET B 1721 47.77 -70.53 -40.17
CA MET B 1721 46.86 -71.41 -40.90
C MET B 1721 46.22 -72.46 -39.99
N ASN B 1722 46.50 -72.40 -38.69
CA ASN B 1722 45.95 -73.34 -37.72
C ASN B 1722 44.43 -73.35 -37.64
N ASN B 1723 43.76 -72.22 -37.91
CA ASN B 1723 42.32 -72.12 -37.73
C ASN B 1723 41.54 -72.43 -39.00
N GLU B 1724 42.21 -72.90 -40.05
CA GLU B 1724 41.56 -73.23 -41.31
C GLU B 1724 41.76 -74.70 -41.63
N TYR B 1725 40.69 -75.36 -42.11
CA TYR B 1725 40.68 -76.81 -42.31
C TYR B 1725 40.27 -77.12 -43.76
N ILE B 1726 41.26 -77.44 -44.59
CA ILE B 1726 41.00 -77.98 -45.92
C ILE B 1726 41.33 -79.47 -45.86
N VAL B 1727 40.29 -80.29 -45.95
CA VAL B 1727 40.44 -81.74 -45.78
C VAL B 1727 40.23 -82.39 -47.15
N PRO B 1728 41.28 -82.94 -47.77
CA PRO B 1728 41.09 -83.62 -49.05
C PRO B 1728 40.27 -84.88 -48.91
N MET B 1729 39.62 -85.27 -50.00
CA MET B 1729 38.79 -86.50 -50.03
C MET B 1729 39.66 -87.69 -50.48
N THR B 1730 40.45 -88.17 -49.53
CA THR B 1730 41.31 -89.32 -49.77
C THR B 1730 40.82 -90.53 -48.97
N GLU B 1731 41.36 -91.71 -49.30
CA GLU B 1731 41.04 -92.90 -48.53
C GLU B 1731 41.54 -92.78 -47.11
N GLU B 1732 42.71 -92.16 -46.91
CA GLU B 1732 43.18 -91.89 -45.56
C GLU B 1732 42.21 -91.00 -44.81
N THR B 1733 41.65 -89.99 -45.48
CA THR B 1733 40.63 -89.15 -44.86
C THR B 1733 39.40 -89.96 -44.48
N LYS B 1734 38.93 -90.83 -45.38
CA LYS B 1734 37.76 -91.65 -45.07
C LYS B 1734 38.03 -92.60 -43.91
N SER B 1735 39.29 -93.02 -43.73
CA SER B 1735 39.62 -93.94 -42.65
C SER B 1735 39.58 -93.27 -41.29
N ILE B 1736 39.57 -91.94 -41.24
CA ILE B 1736 39.58 -91.23 -39.96
C ILE B 1736 38.28 -91.46 -39.22
N THR B 1737 38.37 -91.68 -37.91
CA THR B 1737 37.22 -91.90 -37.06
C THR B 1737 37.35 -91.08 -35.78
N LEU B 1738 36.21 -90.80 -35.14
CA LEU B 1738 36.22 -90.05 -33.88
C LEU B 1738 36.97 -90.81 -32.79
N PHE B 1739 36.73 -92.12 -32.66
CA PHE B 1739 37.30 -92.92 -31.60
C PHE B 1739 38.13 -94.05 -32.18
N PRO B 1740 39.36 -94.24 -31.71
CA PRO B 1740 40.24 -95.25 -32.35
C PRO B 1740 39.71 -96.67 -32.30
N ASP B 1741 39.01 -97.05 -31.23
CA ASP B 1741 38.57 -98.42 -31.02
C ASP B 1741 37.12 -98.45 -30.53
N GLU B 1742 36.64 -99.66 -30.25
CA GLU B 1742 35.22 -99.85 -29.99
C GLU B 1742 34.78 -99.14 -28.71
N ASN B 1743 35.59 -99.19 -27.65
CA ASN B 1743 35.25 -98.46 -26.43
C ASN B 1743 35.48 -96.98 -26.62
N LYS B 1744 34.61 -96.16 -26.02
CA LYS B 1744 34.60 -94.72 -26.27
C LYS B 1744 35.52 -94.03 -25.27
N LYS B 1745 36.82 -94.14 -25.52
CA LYS B 1745 37.84 -93.46 -24.73
C LYS B 1745 38.68 -92.60 -25.67
N HIS B 1746 38.97 -91.38 -25.24
CA HIS B 1746 39.76 -90.47 -26.06
C HIS B 1746 41.20 -90.95 -26.16
N GLY B 1747 41.76 -90.87 -27.37
CA GLY B 1747 43.16 -91.12 -27.57
C GLY B 1747 44.00 -89.92 -27.14
N LEU B 1748 45.31 -90.12 -27.18
CA LEU B 1748 46.21 -89.03 -26.82
C LEU B 1748 46.12 -87.92 -27.86
N PRO B 1749 45.96 -86.66 -27.45
CA PRO B 1749 45.89 -85.57 -28.43
C PRO B 1749 47.18 -85.49 -29.25
N GLY B 1750 47.03 -85.13 -30.50
CA GLY B 1750 48.15 -85.03 -31.42
C GLY B 1750 48.45 -86.25 -32.26
N ILE B 1751 48.63 -87.41 -31.62
CA ILE B 1751 48.93 -88.62 -32.36
C ILE B 1751 47.70 -89.06 -33.15
N GLY B 1752 47.93 -89.76 -34.25
CA GLY B 1752 46.86 -90.21 -35.10
C GLY B 1752 47.18 -89.89 -36.55
N LEU B 1753 46.19 -90.12 -37.41
CA LEU B 1753 46.31 -89.86 -38.83
C LEU B 1753 45.50 -88.60 -39.17
N SER B 1754 46.22 -87.51 -39.45
CA SER B 1754 45.61 -86.24 -39.82
C SER B 1754 45.91 -85.95 -41.28
N THR B 1755 44.85 -85.69 -42.06
CA THR B 1755 44.98 -85.46 -43.49
C THR B 1755 44.74 -84.03 -43.90
N SER B 1756 44.54 -83.12 -42.94
CA SER B 1756 44.31 -81.72 -43.27
C SER B 1756 45.55 -81.11 -43.92
N LEU B 1757 45.34 -80.30 -44.95
CA LEU B 1757 46.46 -79.65 -45.63
C LEU B 1757 47.11 -78.63 -44.71
N ARG B 1758 48.43 -78.70 -44.62
CA ARG B 1758 49.21 -77.88 -43.72
C ARG B 1758 50.37 -77.28 -44.49
N PRO B 1759 50.95 -76.18 -44.01
CA PRO B 1759 52.09 -75.57 -44.70
C PRO B 1759 53.26 -76.55 -44.81
N ARG B 1760 53.99 -76.42 -45.91
CA ARG B 1760 55.05 -77.35 -46.28
C ARG B 1760 56.38 -76.85 -45.76
N MET B 1761 57.19 -77.78 -45.22
CA MET B 1761 58.52 -77.46 -44.71
C MET B 1761 59.51 -77.45 -45.87
N GLN B 1762 60.22 -76.34 -46.04
CA GLN B 1762 61.33 -76.25 -46.96
C GLN B 1762 62.35 -75.27 -46.39
N PHE B 1763 63.56 -75.76 -46.12
CA PHE B 1763 64.59 -74.97 -45.46
C PHE B 1763 65.74 -74.73 -46.43
N SER B 1764 66.18 -73.49 -46.53
CA SER B 1764 67.32 -73.16 -47.37
C SER B 1764 68.62 -73.60 -46.71
N SER B 1765 69.64 -73.82 -47.54
CA SER B 1765 70.94 -74.20 -47.02
C SER B 1765 71.56 -73.05 -46.24
N PRO B 1766 72.32 -73.35 -45.18
CA PRO B 1766 72.96 -72.29 -44.39
C PRO B 1766 74.03 -71.52 -45.15
N SER B 1767 74.39 -71.94 -46.36
CA SER B 1767 75.40 -71.25 -47.14
C SER B 1767 74.87 -69.92 -47.66
N PHE B 1768 75.24 -68.83 -47.00
CA PHE B 1768 74.83 -67.50 -47.41
C PHE B 1768 75.81 -66.84 -48.37
N VAL B 1769 76.87 -67.56 -48.77
CA VAL B 1769 77.86 -67.00 -49.68
C VAL B 1769 77.23 -66.66 -51.03
N SER B 1770 76.39 -67.56 -51.54
CA SER B 1770 75.66 -67.28 -52.77
C SER B 1770 74.72 -66.09 -52.57
N ILE B 1771 74.75 -65.16 -53.53
CA ILE B 1771 73.95 -63.94 -53.42
C ILE B 1771 72.55 -64.11 -53.98
N SER B 1772 72.14 -65.33 -54.31
CA SER B 1772 70.84 -65.54 -54.93
C SER B 1772 69.71 -65.28 -53.93
N ASN B 1773 68.75 -64.46 -54.33
CA ASN B 1773 67.56 -64.26 -53.51
C ASN B 1773 66.74 -65.54 -53.37
N GLU B 1774 66.80 -66.44 -54.36
CA GLU B 1774 66.09 -67.71 -54.24
C GLU B 1774 66.61 -68.54 -53.08
N CYS B 1775 67.94 -68.61 -52.91
CA CYS B 1775 68.48 -69.33 -51.76
C CYS B 1775 68.41 -68.50 -50.48
N TYR B 1776 68.38 -67.17 -50.58
CA TYR B 1776 68.13 -66.36 -49.39
C TYR B 1776 66.72 -66.56 -48.86
N GLN B 1777 65.77 -66.93 -49.73
CA GLN B 1777 64.44 -67.28 -49.27
C GLN B 1777 64.49 -68.46 -48.30
N TYR B 1778 63.39 -68.67 -47.59
CA TYR B 1778 63.23 -69.79 -46.65
C TYR B 1778 64.12 -69.59 -45.43
N SER B 1779 64.11 -70.56 -44.51
CA SER B 1779 64.85 -70.44 -43.26
C SER B 1779 66.12 -71.27 -43.34
N PRO B 1780 67.19 -70.85 -42.67
CA PRO B 1780 68.42 -71.64 -42.66
C PRO B 1780 68.21 -73.03 -42.09
N GLU B 1781 68.91 -74.00 -42.66
CA GLU B 1781 68.79 -75.38 -42.22
C GLU B 1781 69.39 -75.56 -40.83
N PHE B 1782 68.84 -76.53 -40.09
CA PHE B 1782 69.28 -76.84 -38.74
C PHE B 1782 69.05 -78.32 -38.48
N PRO B 1783 69.88 -78.97 -37.67
CA PRO B 1783 69.63 -80.38 -37.32
C PRO B 1783 68.42 -80.52 -36.41
N LEU B 1784 67.25 -80.49 -37.01
CA LEU B 1784 65.98 -80.41 -36.31
C LEU B 1784 65.59 -81.72 -35.62
N ASP B 1785 66.32 -82.81 -35.88
CA ASP B 1785 66.15 -84.05 -35.13
C ASP B 1785 67.04 -84.11 -33.90
N ILE B 1786 68.29 -83.68 -34.02
CA ILE B 1786 69.14 -83.52 -32.85
C ILE B 1786 68.51 -82.52 -31.88
N LEU B 1787 67.95 -81.44 -32.43
CA LEU B 1787 67.27 -80.44 -31.59
C LEU B 1787 66.10 -81.04 -30.85
N LYS B 1788 65.25 -81.82 -31.54
CA LYS B 1788 64.09 -82.39 -30.88
C LYS B 1788 64.47 -83.45 -29.85
N SER B 1789 65.51 -84.24 -30.09
CA SER B 1789 65.97 -85.18 -29.07
C SER B 1789 66.54 -84.47 -27.86
N LYS B 1790 67.37 -83.44 -28.08
CA LYS B 1790 67.96 -82.71 -26.98
C LYS B 1790 66.91 -81.98 -26.15
N THR B 1791 65.89 -81.42 -26.79
CA THR B 1791 64.83 -80.74 -26.05
C THR B 1791 64.07 -81.71 -25.14
N ILE B 1792 63.76 -82.90 -25.66
CA ILE B 1792 63.05 -83.90 -24.84
C ILE B 1792 63.91 -84.34 -23.66
N GLN B 1793 65.19 -84.64 -23.92
CA GLN B 1793 66.08 -85.02 -22.83
C GLN B 1793 66.17 -83.89 -21.80
N MET B 1794 66.20 -82.65 -22.28
CA MET B 1794 66.34 -81.48 -21.42
C MET B 1794 65.14 -81.34 -20.51
N LEU B 1795 63.93 -81.42 -21.07
CA LEU B 1795 62.74 -81.26 -20.27
C LEU B 1795 62.58 -82.43 -19.32
N THR B 1796 62.98 -83.64 -19.74
CA THR B 1796 62.96 -84.78 -18.84
C THR B 1796 63.85 -84.54 -17.63
N GLU B 1797 65.07 -84.05 -17.86
CA GLU B 1797 65.95 -83.74 -16.73
C GLU B 1797 65.41 -82.63 -15.85
N ALA B 1798 64.82 -81.60 -16.47
CA ALA B 1798 64.34 -80.45 -15.73
C ALA B 1798 63.15 -80.80 -14.84
N VAL B 1799 62.27 -81.69 -15.32
CA VAL B 1799 61.14 -82.10 -14.50
C VAL B 1799 61.63 -82.78 -13.21
N LYS B 1800 62.63 -83.65 -13.32
CA LYS B 1800 63.15 -84.32 -12.13
C LYS B 1800 63.92 -83.36 -11.23
N GLU B 1801 64.71 -82.45 -11.83
CA GLU B 1801 65.53 -81.56 -11.03
C GLU B 1801 64.69 -80.53 -10.27
N GLY B 1802 63.74 -79.90 -10.96
CA GLY B 1802 62.95 -78.85 -10.32
C GLY B 1802 61.95 -79.40 -9.32
N SER B 1803 61.58 -80.68 -9.46
CA SER B 1803 60.64 -81.29 -8.53
C SER B 1803 61.20 -81.33 -7.12
N LEU B 1804 62.50 -81.63 -6.99
CA LEU B 1804 63.13 -81.63 -5.68
C LEU B 1804 63.31 -80.23 -5.13
N HIS B 1805 63.05 -79.21 -5.95
CA HIS B 1805 63.17 -77.81 -5.56
C HIS B 1805 64.59 -77.48 -5.11
N ALA B 1806 65.56 -77.71 -5.98
CA ALA B 1806 66.94 -77.39 -5.69
C ALA B 1806 67.15 -75.88 -5.65
N ARG B 1807 68.17 -75.46 -4.92
CA ARG B 1807 68.50 -74.04 -4.77
C ARG B 1807 69.35 -73.54 -5.94
N ASP B 1808 69.72 -74.40 -6.87
CA ASP B 1808 70.58 -74.04 -8.00
C ASP B 1808 69.91 -74.42 -9.31
N PRO B 1809 68.90 -73.66 -9.73
CA PRO B 1809 68.29 -73.91 -11.04
C PRO B 1809 69.23 -73.48 -12.15
N VAL B 1810 69.02 -74.07 -13.33
CA VAL B 1810 69.81 -73.67 -14.50
C VAL B 1810 69.46 -72.25 -14.87
N GLY B 1811 70.47 -71.38 -14.95
CA GLY B 1811 70.27 -69.97 -15.17
C GLY B 1811 70.07 -69.15 -13.91
N GLY B 1812 70.00 -69.80 -12.74
CA GLY B 1812 69.85 -69.11 -11.48
C GLY B 1812 68.45 -69.07 -10.92
N THR B 1813 67.42 -69.15 -11.76
CA THR B 1813 66.04 -69.10 -11.31
C THR B 1813 65.21 -70.14 -12.04
N THR B 1814 64.11 -70.54 -11.41
CA THR B 1814 63.17 -71.46 -12.05
C THR B 1814 62.59 -70.86 -13.33
N GLU B 1815 62.34 -69.55 -13.34
CA GLU B 1815 61.86 -68.90 -14.56
C GLU B 1815 62.86 -69.04 -15.69
N PHE B 1816 64.13 -68.73 -15.43
CA PHE B 1816 65.15 -68.87 -16.46
C PHE B 1816 65.33 -70.32 -16.88
N LEU B 1817 65.10 -71.26 -15.95
CA LEU B 1817 65.23 -72.67 -16.29
C LEU B 1817 64.11 -73.14 -17.20
N PHE B 1818 62.88 -72.71 -16.94
CA PHE B 1818 61.71 -73.30 -17.59
C PHE B 1818 61.15 -72.47 -18.74
N VAL B 1819 60.99 -71.15 -18.57
CA VAL B 1819 60.29 -70.36 -19.58
C VAL B 1819 60.92 -70.48 -20.96
N PRO B 1820 62.24 -70.33 -21.14
CA PRO B 1820 62.80 -70.43 -22.50
C PRO B 1820 62.81 -71.86 -23.02
N LEU B 1821 63.06 -72.83 -22.13
CA LEU B 1821 63.07 -74.23 -22.55
C LEU B 1821 61.70 -74.69 -23.01
N ILE B 1822 60.65 -74.36 -22.25
CA ILE B 1822 59.29 -74.76 -22.60
C ILE B 1822 58.88 -74.05 -23.88
N LYS B 1823 59.29 -72.79 -24.03
CA LYS B 1823 59.04 -72.03 -25.24
C LYS B 1823 59.70 -72.64 -26.47
N LEU B 1824 60.93 -73.12 -26.37
CA LEU B 1824 61.51 -73.89 -27.46
C LEU B 1824 60.73 -75.17 -27.72
N PHE B 1825 60.33 -75.86 -26.65
CA PHE B 1825 59.46 -77.03 -26.80
C PHE B 1825 58.13 -76.63 -27.44
N TYR B 1826 57.54 -75.52 -27.01
CA TYR B 1826 56.27 -75.09 -27.58
C TYR B 1826 56.40 -74.77 -29.06
N THR B 1827 57.49 -74.10 -29.45
CA THR B 1827 57.73 -73.82 -30.86
C THR B 1827 57.91 -75.11 -31.67
N LEU B 1828 58.67 -76.07 -31.15
CA LEU B 1828 58.84 -77.34 -31.84
C LEU B 1828 57.50 -78.06 -32.00
N LEU B 1829 56.69 -78.07 -30.95
CA LEU B 1829 55.40 -78.77 -30.99
C LEU B 1829 54.44 -78.08 -31.95
N ILE B 1830 54.44 -76.74 -31.96
CA ILE B 1830 53.63 -75.99 -32.92
C ILE B 1830 54.06 -76.35 -34.33
N MET B 1831 55.38 -76.39 -34.55
CA MET B 1831 55.90 -76.73 -35.87
C MET B 1831 55.57 -78.18 -36.24
N GLY B 1832 55.32 -79.02 -35.24
CA GLY B 1832 54.81 -80.35 -35.49
C GLY B 1832 55.83 -81.41 -35.82
N ILE B 1833 57.11 -81.17 -35.54
CA ILE B 1833 58.14 -82.17 -35.80
C ILE B 1833 57.95 -83.37 -34.89
N PHE B 1834 57.56 -83.12 -33.64
CA PHE B 1834 57.29 -84.20 -32.71
C PHE B 1834 56.16 -85.08 -33.23
N HIS B 1835 56.38 -86.39 -33.19
CA HIS B 1835 55.41 -87.33 -33.74
C HIS B 1835 55.50 -88.65 -32.99
N ASN B 1836 54.33 -89.25 -32.74
CA ASN B 1836 54.21 -90.61 -32.22
C ASN B 1836 54.85 -90.74 -30.83
N GLU B 1837 55.89 -91.58 -30.73
CA GLU B 1837 56.45 -91.91 -29.42
C GLU B 1837 57.07 -90.70 -28.73
N ASP B 1838 57.65 -89.77 -29.49
CA ASP B 1838 58.20 -88.57 -28.89
C ASP B 1838 57.10 -87.75 -28.23
N LEU B 1839 55.97 -87.59 -28.94
CA LEU B 1839 54.83 -86.89 -28.35
C LEU B 1839 54.27 -87.63 -27.15
N LYS B 1840 54.25 -88.96 -27.21
CA LYS B 1840 53.78 -89.74 -26.08
C LYS B 1840 54.65 -89.51 -24.84
N HIS B 1841 55.97 -89.55 -25.01
CA HIS B 1841 56.88 -89.31 -23.89
C HIS B 1841 56.74 -87.88 -23.36
N ILE B 1842 56.62 -86.89 -24.26
CA ILE B 1842 56.50 -85.52 -23.79
C ILE B 1842 55.16 -85.29 -23.10
N LEU B 1843 54.10 -85.98 -23.52
CA LEU B 1843 52.83 -85.93 -22.81
C LEU B 1843 52.89 -86.60 -21.45
N GLN B 1844 53.65 -87.70 -21.34
CA GLN B 1844 53.92 -88.29 -20.04
C GLN B 1844 54.64 -87.30 -19.13
N LEU B 1845 55.60 -86.56 -19.68
CA LEU B 1845 56.29 -85.53 -18.92
C LEU B 1845 55.32 -84.44 -18.47
N ILE B 1846 54.44 -84.00 -19.37
CA ILE B 1846 53.49 -82.94 -19.03
C ILE B 1846 52.56 -83.40 -17.91
N GLU B 1847 51.97 -84.59 -18.07
CA GLU B 1847 51.12 -85.15 -17.04
C GLU B 1847 51.10 -86.68 -17.17
N PRO B 1848 51.65 -87.41 -16.20
CA PRO B 1848 51.71 -88.87 -16.34
C PRO B 1848 50.35 -89.54 -16.18
N SER B 1849 49.55 -89.11 -15.21
CA SER B 1849 48.32 -89.83 -14.88
C SER B 1849 47.30 -89.74 -16.01
N VAL B 1850 47.04 -88.53 -16.50
CA VAL B 1850 45.97 -88.34 -17.48
C VAL B 1850 46.31 -89.04 -18.79
N PHE B 1851 47.55 -88.88 -19.26
CA PHE B 1851 47.96 -89.42 -20.54
C PHE B 1851 48.55 -90.82 -20.46
N LYS B 1852 48.49 -91.46 -19.29
CA LYS B 1852 49.02 -92.80 -19.14
C LYS B 1852 48.30 -93.77 -20.07
N GLU B 1853 49.07 -94.59 -20.79
CA GLU B 1853 48.49 -95.55 -21.70
C GLU B 1853 47.87 -96.71 -20.92
N ALA B 1854 46.66 -97.09 -21.31
CA ALA B 1854 45.95 -98.18 -20.65
C ALA B 1854 44.99 -98.86 -21.62
N PRO B 1889 55.44 -92.19 -7.21
CA PRO B 1889 55.08 -90.80 -6.91
C PRO B 1889 55.70 -89.80 -7.89
N LYS B 1890 55.23 -89.81 -9.13
CA LYS B 1890 55.72 -88.91 -10.17
C LYS B 1890 54.64 -87.91 -10.53
N GLU B 1891 54.99 -86.62 -10.48
CA GLU B 1891 54.07 -85.53 -10.77
C GLU B 1891 54.56 -84.77 -12.00
N GLY B 1892 53.64 -84.44 -12.89
CA GLY B 1892 53.97 -83.73 -14.11
C GLY B 1892 54.17 -82.25 -13.90
N LEU B 1893 54.36 -81.54 -15.01
CA LEU B 1893 54.59 -80.10 -14.96
C LEU B 1893 53.36 -79.35 -14.47
N LEU B 1894 52.17 -79.91 -14.68
CA LEU B 1894 50.93 -79.19 -14.36
C LEU B 1894 50.79 -78.96 -12.86
N GLN B 1895 51.30 -79.87 -12.03
CA GLN B 1895 51.29 -79.71 -10.59
C GLN B 1895 52.74 -79.72 -10.09
N MET B 1896 53.40 -78.56 -10.19
CA MET B 1896 54.80 -78.43 -9.81
C MET B 1896 55.06 -77.10 -9.09
N LYS B 1897 54.00 -76.35 -8.77
CA LYS B 1897 54.12 -75.01 -8.19
C LYS B 1897 55.03 -74.13 -9.06
N LEU B 1898 54.56 -73.94 -10.29
CA LEU B 1898 55.26 -73.23 -11.35
C LEU B 1898 55.06 -71.72 -11.23
N PRO B 1899 56.05 -70.94 -11.67
CA PRO B 1899 55.89 -69.49 -11.71
C PRO B 1899 54.88 -69.07 -12.78
N GLU B 1900 54.48 -67.80 -12.69
CA GLU B 1900 53.47 -67.27 -13.61
C GLU B 1900 53.92 -67.29 -15.07
N PRO B 1901 55.13 -66.87 -15.44
CA PRO B 1901 55.53 -66.99 -16.86
C PRO B 1901 55.55 -68.43 -17.35
N VAL B 1902 55.92 -69.38 -16.50
CA VAL B 1902 55.88 -70.79 -16.90
C VAL B 1902 54.44 -71.25 -17.07
N LYS B 1903 53.55 -70.79 -16.20
CA LYS B 1903 52.13 -71.12 -16.31
C LYS B 1903 51.52 -70.59 -17.60
N LEU B 1904 51.94 -69.40 -18.04
CA LEU B 1904 51.44 -68.89 -19.32
C LEU B 1904 51.83 -69.79 -20.49
N GLN B 1905 53.09 -70.23 -20.54
CA GLN B 1905 53.51 -71.15 -21.59
C GLN B 1905 52.81 -72.49 -21.51
N MET B 1906 52.58 -73.00 -20.29
CA MET B 1906 51.82 -74.24 -20.14
C MET B 1906 50.39 -74.06 -20.64
N CYS B 1907 49.77 -72.91 -20.38
CA CYS B 1907 48.45 -72.64 -20.92
C CYS B 1907 48.46 -72.61 -22.45
N LEU B 1908 49.52 -72.04 -23.03
CA LEU B 1908 49.65 -72.05 -24.49
C LEU B 1908 49.73 -73.48 -25.02
N LEU B 1909 50.52 -74.33 -24.35
CA LEU B 1909 50.64 -75.73 -24.77
C LEU B 1909 49.29 -76.45 -24.67
N LEU B 1910 48.57 -76.22 -23.57
CA LEU B 1910 47.26 -76.82 -23.39
C LEU B 1910 46.27 -76.36 -24.45
N GLN B 1911 46.28 -75.07 -24.80
CA GLN B 1911 45.46 -74.57 -25.89
C GLN B 1911 45.82 -75.20 -27.23
N TYR B 1912 47.11 -75.42 -27.50
CA TYR B 1912 47.49 -76.11 -28.72
C TYR B 1912 46.95 -77.54 -28.74
N LEU B 1913 47.01 -78.24 -27.59
CA LEU B 1913 46.45 -79.59 -27.53
C LEU B 1913 44.95 -79.57 -27.79
N CYS B 1914 44.25 -78.58 -27.23
CA CYS B 1914 42.82 -78.43 -27.51
C CYS B 1914 42.57 -78.19 -28.99
N ASP B 1915 43.40 -77.37 -29.62
CA ASP B 1915 43.26 -77.11 -31.05
C ASP B 1915 43.47 -78.39 -31.86
N CYS B 1916 44.43 -79.22 -31.45
CA CYS B 1916 44.63 -80.50 -32.12
C CYS B 1916 43.40 -81.39 -31.99
N GLN B 1917 42.79 -81.41 -30.80
CA GLN B 1917 41.56 -82.18 -30.63
C GLN B 1917 40.43 -81.66 -31.52
N VAL B 1918 40.29 -80.34 -31.62
CA VAL B 1918 39.27 -79.77 -32.50
C VAL B 1918 39.54 -80.13 -33.96
N ARG B 1919 40.79 -80.09 -34.40
CA ARG B 1919 41.12 -80.51 -35.76
C ARG B 1919 40.77 -81.98 -36.00
N HIS B 1920 41.06 -82.85 -35.03
CA HIS B 1920 40.68 -84.26 -35.16
C HIS B 1920 39.17 -84.40 -35.28
N ARG B 1921 38.42 -83.63 -34.48
CA ARG B 1921 36.96 -83.69 -34.56
C ARG B 1921 36.47 -83.26 -35.94
N ILE B 1922 37.03 -82.16 -36.48
CA ILE B 1922 36.61 -81.69 -37.79
C ILE B 1922 36.93 -82.71 -38.87
N GLU B 1923 38.11 -83.32 -38.81
CA GLU B 1923 38.48 -84.35 -39.77
C GLU B 1923 37.56 -85.57 -39.70
N ALA B 1924 37.18 -85.99 -38.49
CA ALA B 1924 36.24 -87.11 -38.37
C ALA B 1924 34.87 -86.75 -38.93
N ILE B 1925 34.42 -85.51 -38.69
CA ILE B 1925 33.14 -85.09 -39.27
C ILE B 1925 33.20 -85.12 -40.79
N VAL B 1926 34.29 -84.62 -41.38
CA VAL B 1926 34.48 -84.69 -42.83
C VAL B 1926 34.50 -86.13 -43.33
N ALA B 1927 35.16 -87.04 -42.60
CA ALA B 1927 35.17 -88.45 -42.97
C ALA B 1927 33.78 -89.07 -42.96
N PHE B 1928 32.97 -88.75 -41.94
CA PHE B 1928 31.60 -89.26 -41.91
C PHE B 1928 30.77 -88.70 -43.05
N SER B 1929 30.99 -87.43 -43.39
CA SER B 1929 30.27 -86.81 -44.50
C SER B 1929 30.42 -87.61 -45.80
N ASP B 1930 31.58 -88.21 -46.03
CA ASP B 1930 31.81 -88.93 -47.28
C ASP B 1930 30.75 -89.98 -47.55
N ASP B 1931 30.43 -90.82 -46.56
CA ASP B 1931 29.45 -91.85 -46.80
C ASP B 1931 28.02 -91.36 -46.55
N PHE B 1932 27.86 -90.45 -45.58
CA PHE B 1932 26.50 -89.99 -45.28
C PHE B 1932 25.90 -89.25 -46.46
N VAL B 1933 26.68 -88.34 -47.08
CA VAL B 1933 26.20 -87.60 -48.23
C VAL B 1933 26.00 -88.51 -49.43
N ALA B 1934 26.84 -89.53 -49.61
CA ALA B 1934 26.65 -90.47 -50.71
C ALA B 1934 25.33 -91.21 -50.57
N LYS B 1935 25.03 -91.75 -49.38
CA LYS B 1935 23.75 -92.43 -49.19
C LYS B 1935 22.58 -91.46 -49.29
N LEU B 1936 22.75 -90.23 -48.81
CA LEU B 1936 21.70 -89.23 -48.97
C LEU B 1936 21.41 -88.96 -50.44
N GLN B 1937 22.44 -88.80 -51.25
CA GLN B 1937 22.25 -88.58 -52.68
C GLN B 1937 21.59 -89.78 -53.34
N ASP B 1938 22.00 -91.00 -52.98
CA ASP B 1938 21.38 -92.18 -53.55
C ASP B 1938 19.90 -92.28 -53.24
N ASN B 1939 19.51 -92.08 -51.98
CA ASN B 1939 18.09 -92.18 -51.65
C ASN B 1939 17.31 -91.00 -52.22
N GLN B 1940 17.92 -89.83 -52.30
CA GLN B 1940 17.29 -88.64 -52.86
C GLN B 1940 17.08 -88.77 -54.37
N ARG B 1941 17.94 -89.50 -55.07
CA ARG B 1941 17.72 -89.81 -56.48
C ARG B 1941 16.74 -90.95 -56.70
N PHE B 1942 16.73 -91.96 -55.82
CA PHE B 1942 15.70 -92.99 -55.91
C PHE B 1942 14.32 -92.39 -55.70
N ARG B 1943 14.19 -91.46 -54.76
CA ARG B 1943 12.92 -90.77 -54.54
C ARG B 1943 12.52 -89.97 -55.78
N TYR B 1944 13.48 -89.32 -56.43
CA TYR B 1944 13.19 -88.57 -57.65
C TYR B 1944 12.72 -89.49 -58.76
N ASN B 1945 13.36 -90.65 -58.91
CA ASN B 1945 12.92 -91.62 -59.91
C ASN B 1945 11.51 -92.12 -59.64
N GLU B 1946 11.21 -92.42 -58.39
CA GLU B 1946 9.85 -92.82 -58.03
C GLU B 1946 8.85 -91.70 -58.32
N VAL B 1947 9.21 -90.47 -57.98
CA VAL B 1947 8.32 -89.33 -58.22
C VAL B 1947 8.06 -89.15 -59.70
N MET B 1948 9.09 -89.27 -60.52
CA MET B 1948 8.94 -89.00 -61.94
C MET B 1948 8.20 -90.14 -62.63
N GLN B 1949 8.29 -91.37 -62.10
CA GLN B 1949 7.52 -92.47 -62.67
C GLN B 1949 6.07 -92.43 -62.22
N ALA B 1950 5.80 -91.86 -61.06
CA ALA B 1950 4.43 -91.70 -60.60
C ALA B 1950 3.81 -90.39 -61.06
N LEU B 1951 4.59 -89.53 -61.71
CA LEU B 1951 4.09 -88.23 -62.19
C LEU B 1951 2.85 -88.36 -63.06
N ASN B 1952 2.77 -89.39 -63.89
CA ASN B 1952 1.61 -89.54 -64.78
C ASN B 1952 0.34 -89.83 -63.99
N MET B 1953 0.47 -90.44 -62.81
CA MET B 1953 -0.71 -90.83 -62.03
C MET B 1953 -1.48 -89.61 -61.56
N SER B 1954 -0.77 -88.59 -61.08
CA SER B 1954 -1.42 -87.39 -60.54
C SER B 1954 -0.54 -86.18 -60.83
N ALA B 1955 -1.08 -85.24 -61.61
CA ALA B 1955 -0.32 -84.02 -61.92
C ALA B 1955 -0.33 -83.06 -60.75
N ALA B 1956 -1.41 -83.04 -59.97
CA ALA B 1956 -1.49 -82.12 -58.83
C ALA B 1956 -0.44 -82.47 -57.77
N LEU B 1957 -0.28 -83.76 -57.48
CA LEU B 1957 0.70 -84.17 -56.48
C LEU B 1957 2.13 -83.96 -56.99
N THR B 1958 2.29 -83.86 -58.31
CA THR B 1958 3.63 -83.73 -58.90
C THR B 1958 4.32 -82.46 -58.41
N ALA B 1959 3.59 -81.35 -58.35
CA ALA B 1959 4.20 -80.08 -57.95
C ALA B 1959 4.73 -80.14 -56.53
N ARG B 1960 3.93 -80.68 -55.59
CA ARG B 1960 4.37 -80.72 -54.20
C ARG B 1960 5.44 -81.79 -54.00
N LYS B 1961 5.46 -82.82 -54.84
CA LYS B 1961 6.55 -83.79 -54.77
C LYS B 1961 7.86 -83.19 -55.29
N THR B 1962 7.79 -82.39 -56.35
CA THR B 1962 8.99 -81.84 -56.97
C THR B 1962 9.44 -80.52 -56.37
N LYS B 1963 8.65 -79.95 -55.45
CA LYS B 1963 9.09 -78.73 -54.77
C LYS B 1963 10.45 -78.91 -54.10
N GLU B 1964 10.66 -80.06 -53.46
CA GLU B 1964 11.97 -80.36 -52.88
C GLU B 1964 13.04 -80.42 -53.96
N PHE B 1965 12.72 -81.04 -55.10
CA PHE B 1965 13.70 -81.21 -56.16
C PHE B 1965 14.00 -79.91 -56.90
N ARG B 1966 13.13 -78.91 -56.79
CA ARG B 1966 13.39 -77.60 -57.37
C ARG B 1966 13.77 -76.54 -56.34
N SER B 1967 13.83 -76.91 -55.07
CA SER B 1967 14.38 -76.02 -54.06
C SER B 1967 15.91 -75.97 -54.19
N PRO B 1968 16.53 -74.84 -53.86
CA PRO B 1968 17.99 -74.70 -54.02
C PRO B 1968 18.74 -75.75 -53.21
N PRO B 1969 19.92 -76.17 -53.67
CA PRO B 1969 20.63 -77.26 -52.97
C PRO B 1969 20.88 -77.00 -51.51
N GLN B 1970 21.16 -75.75 -51.12
CA GLN B 1970 21.28 -75.42 -49.71
C GLN B 1970 19.96 -75.70 -48.97
N GLU B 1971 18.84 -75.32 -49.59
CA GLU B 1971 17.53 -75.60 -49.00
C GLU B 1971 17.27 -77.10 -48.93
N GLN B 1972 17.72 -77.85 -49.92
CA GLN B 1972 17.56 -79.30 -49.94
C GLN B 1972 18.31 -79.93 -48.78
N ILE B 1973 19.55 -79.48 -48.55
CA ILE B 1973 20.31 -79.94 -47.40
C ILE B 1973 19.59 -79.58 -46.10
N ASN B 1974 19.14 -78.33 -46.00
CA ASN B 1974 18.48 -77.88 -44.78
C ASN B 1974 17.20 -78.66 -44.49
N MET B 1975 16.44 -79.02 -45.52
CA MET B 1975 15.18 -79.74 -45.30
C MET B 1975 15.41 -81.23 -45.08
N LEU B 1976 16.37 -81.83 -45.78
CA LEU B 1976 16.71 -83.23 -45.53
C LEU B 1976 17.40 -83.42 -44.19
N LEU B 1977 17.90 -82.35 -43.57
CA LEU B 1977 18.57 -82.46 -42.28
C LEU B 1977 17.68 -82.00 -41.11
N ASN B 1978 16.36 -82.12 -41.24
CA ASN B 1978 15.45 -81.78 -40.16
C ASN B 1978 14.92 -82.99 -39.39
N PHE B 1979 15.53 -84.17 -39.57
CA PHE B 1979 15.05 -85.32 -38.81
C PHE B 1979 15.44 -85.25 -37.35
N LYS B 1980 16.17 -84.21 -36.95
CA LYS B 1980 16.31 -83.90 -35.53
C LYS B 1980 14.94 -83.53 -34.97
N ASP B 1981 14.77 -83.76 -33.65
CA ASP B 1981 13.47 -83.61 -32.99
C ASP B 1981 12.49 -84.62 -33.58
N ASP B 1982 11.20 -84.30 -33.54
CA ASP B 1982 10.17 -85.25 -33.95
C ASP B 1982 9.22 -84.73 -35.02
N LYS B 1983 9.50 -83.57 -35.62
CA LYS B 1983 8.65 -83.05 -36.68
C LYS B 1983 8.72 -83.93 -37.93
N SER B 1984 9.91 -84.43 -38.25
CA SER B 1984 10.10 -85.46 -39.29
C SER B 1984 9.49 -85.05 -40.63
N GLU B 1985 9.63 -83.76 -40.99
CA GLU B 1985 9.09 -83.30 -42.27
C GLU B 1985 9.96 -83.77 -43.44
N CYS B 1986 11.19 -84.17 -43.18
CA CYS B 1986 12.08 -84.56 -44.26
C CYS B 1986 11.67 -85.92 -44.82
N PRO B 1987 11.85 -86.14 -46.12
CA PRO B 1987 11.67 -87.49 -46.69
C PRO B 1987 12.93 -88.33 -46.58
N CYS B 1988 13.44 -88.47 -45.36
CA CYS B 1988 14.69 -89.14 -45.10
C CYS B 1988 14.45 -90.57 -44.65
N PRO B 1989 15.14 -91.55 -45.23
CA PRO B 1989 14.97 -92.94 -44.78
C PRO B 1989 15.42 -93.12 -43.34
N GLU B 1990 14.82 -94.12 -42.68
CA GLU B 1990 15.05 -94.33 -41.26
C GLU B 1990 16.50 -94.69 -40.98
N GLU B 1991 17.11 -95.52 -41.83
CA GLU B 1991 18.52 -95.88 -41.62
C GLU B 1991 19.43 -94.66 -41.78
N ILE B 1992 19.13 -93.80 -42.76
CA ILE B 1992 19.91 -92.58 -42.95
C ILE B 1992 19.76 -91.67 -41.73
N ARG B 1993 18.54 -91.62 -41.16
CA ARG B 1993 18.34 -90.87 -39.93
C ARG B 1993 19.18 -91.45 -38.79
N ASP B 1994 19.19 -92.77 -38.66
CA ASP B 1994 19.90 -93.42 -37.56
C ASP B 1994 21.39 -93.21 -37.65
N GLN B 1995 21.94 -93.22 -38.88
CA GLN B 1995 23.38 -93.01 -39.03
C GLN B 1995 23.82 -91.69 -38.40
N LEU B 1996 23.14 -90.59 -38.76
CA LEU B 1996 23.53 -89.30 -38.21
C LEU B 1996 23.12 -89.17 -36.75
N LEU B 1997 22.01 -89.79 -36.35
CA LEU B 1997 21.61 -89.76 -34.94
C LEU B 1997 22.63 -90.46 -34.05
N ASP B 1998 23.36 -91.44 -34.58
CA ASP B 1998 24.43 -92.10 -33.84
C ASP B 1998 25.73 -91.31 -33.92
N PHE B 1999 26.06 -90.77 -35.10
CA PHE B 1999 27.30 -90.02 -35.26
C PHE B 1999 27.29 -88.75 -34.43
N HIS B 2000 26.16 -88.06 -34.38
CA HIS B 2000 26.04 -86.85 -33.56
C HIS B 2000 26.19 -87.16 -32.08
N GLU B 2001 25.60 -88.25 -31.59
CA GLU B 2001 25.80 -88.67 -30.21
C GLU B 2001 27.26 -89.01 -29.93
N ASP B 2002 27.93 -89.70 -30.86
CA ASP B 2002 29.35 -90.00 -30.68
C ASP B 2002 30.18 -88.73 -30.64
N LEU B 2003 29.87 -87.77 -31.51
CA LEU B 2003 30.58 -86.49 -31.53
C LEU B 2003 30.36 -85.70 -30.24
N MET B 2004 29.13 -85.68 -29.73
CA MET B 2004 28.87 -85.03 -28.45
C MET B 2004 29.59 -85.71 -27.31
N THR B 2005 29.67 -87.05 -27.33
CA THR B 2005 30.43 -87.76 -26.31
C THR B 2005 31.91 -87.41 -26.40
N HIS B 2006 32.44 -87.31 -27.61
CA HIS B 2006 33.84 -86.90 -27.78
C HIS B 2006 34.07 -85.49 -27.25
N CYS B 2007 33.13 -84.58 -27.53
CA CYS B 2007 33.23 -83.21 -27.03
C CYS B 2007 32.96 -83.11 -25.53
N GLY B 2008 32.41 -84.16 -24.92
CA GLY B 2008 32.09 -84.12 -23.51
C GLY B 2008 30.80 -83.45 -23.16
N ILE B 2009 29.97 -83.11 -24.15
CA ILE B 2009 28.72 -82.41 -23.88
C ILE B 2009 27.77 -83.28 -23.06
N GLU B 2010 27.63 -84.54 -23.45
CA GLU B 2010 26.72 -85.46 -22.76
C GLU B 2010 27.49 -86.41 -21.85
N LYS B 2053 38.40 -91.94 -10.17
CA LYS B 2053 37.80 -90.62 -10.04
C LYS B 2053 38.68 -89.56 -10.71
N LYS B 2054 39.79 -90.01 -11.30
CA LYS B 2054 40.71 -89.11 -11.98
C LYS B 2054 40.04 -88.52 -13.23
N SER B 2055 40.60 -87.42 -13.72
CA SER B 2055 40.00 -86.72 -14.86
C SER B 2055 39.95 -87.62 -16.10
N SER B 2056 41.08 -88.25 -16.44
CA SER B 2056 41.22 -89.19 -17.55
C SER B 2056 41.04 -88.54 -18.91
N THR B 2057 40.72 -87.25 -18.97
CA THR B 2057 40.52 -86.53 -20.22
C THR B 2057 41.21 -85.17 -20.13
N LEU B 2058 41.63 -84.66 -21.28
CA LEU B 2058 42.28 -83.35 -21.32
C LEU B 2058 41.34 -82.26 -20.87
N GLN B 2059 40.06 -82.33 -21.27
CA GLN B 2059 39.09 -81.31 -20.88
C GLN B 2059 38.94 -81.24 -19.36
N GLN B 2060 38.72 -82.37 -18.71
CA GLN B 2060 38.57 -82.37 -17.26
C GLN B 2060 39.88 -82.00 -16.57
N LEU B 2061 41.02 -82.44 -17.12
CA LEU B 2061 42.31 -82.06 -16.55
C LEU B 2061 42.49 -80.56 -16.56
N ILE B 2062 42.19 -79.90 -17.69
CA ILE B 2062 42.32 -78.45 -17.75
C ILE B 2062 41.33 -77.77 -16.85
N SER B 2063 40.08 -78.24 -16.83
CA SER B 2063 39.07 -77.65 -15.97
C SER B 2063 39.43 -77.73 -14.50
N GLU B 2064 40.10 -78.80 -14.08
CA GLU B 2064 40.62 -78.88 -12.72
C GLU B 2064 41.83 -77.99 -12.50
N THR B 2065 42.77 -77.99 -13.45
CA THR B 2065 44.05 -77.31 -13.24
C THR B 2065 43.88 -75.79 -13.19
N MET B 2066 43.06 -75.23 -14.09
CA MET B 2066 42.88 -73.78 -14.12
C MET B 2066 42.27 -73.29 -12.81
N VAL B 2067 41.20 -73.95 -12.36
CA VAL B 2067 40.53 -73.57 -11.12
C VAL B 2067 41.46 -73.79 -9.93
N ARG B 2068 42.26 -74.86 -9.97
CA ARG B 2068 43.19 -75.11 -8.87
C ARG B 2068 44.23 -74.00 -8.78
N TRP B 2069 44.77 -73.57 -9.92
CA TRP B 2069 45.72 -72.45 -9.90
C TRP B 2069 45.08 -71.19 -9.36
N ALA B 2070 43.88 -70.87 -9.85
CA ALA B 2070 43.21 -69.64 -9.43
C ALA B 2070 42.91 -69.65 -7.93
N GLN B 2071 42.47 -70.80 -7.40
CA GLN B 2071 42.22 -70.91 -5.97
C GLN B 2071 43.52 -70.87 -5.18
N GLU B 2072 44.59 -71.45 -5.71
CA GLU B 2072 45.85 -71.53 -4.99
C GLU B 2072 46.47 -70.15 -4.82
N SER B 2073 46.53 -69.37 -5.89
CA SER B 2073 47.22 -68.09 -5.82
C SER B 2073 46.41 -67.01 -6.51
N VAL B 2074 46.60 -65.78 -6.04
CA VAL B 2074 46.04 -64.60 -6.69
C VAL B 2074 46.99 -64.22 -7.83
N ILE B 2075 46.60 -64.51 -9.06
CA ILE B 2075 47.49 -64.30 -10.19
C ILE B 2075 47.63 -62.80 -10.46
N GLU B 2076 48.86 -62.29 -10.37
CA GLU B 2076 49.14 -60.88 -10.54
C GLU B 2076 49.09 -60.46 -12.01
N ASP B 2077 49.57 -61.31 -12.90
CA ASP B 2077 49.66 -60.95 -14.31
C ASP B 2077 48.28 -61.05 -14.96
N PRO B 2078 47.75 -59.96 -15.52
CA PRO B 2078 46.43 -60.03 -16.17
C PRO B 2078 46.37 -60.99 -17.34
N GLU B 2079 47.45 -61.13 -18.12
CA GLU B 2079 47.44 -62.02 -19.27
C GLU B 2079 47.30 -63.48 -18.86
N LEU B 2080 47.92 -63.89 -17.75
CA LEU B 2080 47.75 -65.26 -17.28
C LEU B 2080 46.30 -65.54 -16.91
N VAL B 2081 45.67 -64.59 -16.21
CA VAL B 2081 44.26 -64.74 -15.86
C VAL B 2081 43.41 -64.84 -17.13
N ARG B 2082 43.67 -63.97 -18.10
CA ARG B 2082 42.92 -64.00 -19.34
C ARG B 2082 43.07 -65.34 -20.05
N ALA B 2083 44.30 -65.83 -20.18
CA ALA B 2083 44.53 -67.10 -20.85
C ALA B 2083 43.88 -68.26 -20.11
N MET B 2084 43.98 -68.27 -18.78
CA MET B 2084 43.37 -69.35 -18.00
C MET B 2084 41.87 -69.38 -18.18
N PHE B 2085 41.22 -68.22 -18.13
CA PHE B 2085 39.77 -68.21 -18.25
C PHE B 2085 39.32 -68.48 -19.67
N VAL B 2086 40.09 -68.03 -20.67
CA VAL B 2086 39.79 -68.39 -22.06
C VAL B 2086 39.85 -69.90 -22.24
N LEU B 2087 40.90 -70.53 -21.69
CA LEU B 2087 41.03 -71.97 -21.83
C LEU B 2087 39.91 -72.71 -21.10
N LEU B 2088 39.55 -72.24 -19.91
CA LEU B 2088 38.45 -72.87 -19.17
C LEU B 2088 37.13 -72.74 -19.93
N HIS B 2089 36.87 -71.57 -20.52
CA HIS B 2089 35.67 -71.40 -21.33
C HIS B 2089 35.71 -72.30 -22.55
N ARG B 2090 36.89 -72.49 -23.15
CA ARG B 2090 37.00 -73.40 -24.28
C ARG B 2090 36.65 -74.83 -23.87
N GLN B 2091 37.13 -75.27 -22.70
CA GLN B 2091 36.76 -76.60 -22.23
C GLN B 2091 35.27 -76.72 -21.94
N TYR B 2092 34.66 -75.70 -21.36
CA TYR B 2092 33.25 -75.76 -20.98
C TYR B 2092 32.30 -75.42 -22.12
N ASP B 2093 32.82 -75.00 -23.27
CA ASP B 2093 31.99 -74.62 -24.40
C ASP B 2093 32.50 -75.31 -25.66
N GLY B 2094 32.69 -76.63 -25.59
CA GLY B 2094 33.26 -77.37 -26.71
C GLY B 2094 32.47 -77.24 -27.99
N ILE B 2095 31.16 -77.04 -27.89
CA ILE B 2095 30.35 -76.85 -29.09
C ILE B 2095 30.73 -75.54 -29.78
N GLY B 2096 31.24 -74.58 -29.03
CA GLY B 2096 31.71 -73.35 -29.64
C GLY B 2096 32.87 -73.55 -30.59
N GLY B 2097 33.80 -74.46 -30.26
CA GLY B 2097 34.85 -74.80 -31.19
C GLY B 2097 34.29 -75.31 -32.51
N LEU B 2098 33.26 -76.14 -32.46
CA LEU B 2098 32.64 -76.63 -33.69
C LEU B 2098 31.96 -75.50 -34.45
N VAL B 2099 31.17 -74.66 -33.76
CA VAL B 2099 30.46 -73.59 -34.45
C VAL B 2099 31.39 -72.53 -35.00
N ARG B 2100 32.64 -72.47 -34.53
CA ARG B 2100 33.61 -71.55 -35.10
C ARG B 2100 34.55 -72.20 -36.11
N ALA B 2101 34.67 -73.53 -36.09
CA ALA B 2101 35.58 -74.20 -37.02
C ALA B 2101 34.87 -74.66 -38.28
N LEU B 2102 33.67 -75.21 -38.14
CA LEU B 2102 32.93 -75.70 -39.30
C LEU B 2102 32.67 -74.63 -40.37
N PRO B 2103 32.28 -73.39 -40.03
CA PRO B 2103 32.18 -72.36 -41.09
C PRO B 2103 33.49 -72.06 -41.78
N LYS B 2104 34.63 -72.37 -41.16
CA LYS B 2104 35.93 -72.27 -41.81
C LYS B 2104 36.46 -73.63 -42.27
N THR B 2105 35.58 -74.61 -42.43
CA THR B 2105 35.95 -75.94 -42.91
C THR B 2105 35.54 -76.08 -44.37
N TYR B 2106 36.50 -76.44 -45.21
CA TYR B 2106 36.25 -76.67 -46.62
C TYR B 2106 36.77 -78.04 -47.02
N THR B 2107 36.19 -78.59 -48.08
CA THR B 2107 36.51 -79.91 -48.57
C THR B 2107 36.79 -79.85 -50.06
N ILE B 2108 37.87 -80.49 -50.48
CA ILE B 2108 38.30 -80.49 -51.88
C ILE B 2108 38.50 -81.91 -52.35
N ASN B 2109 38.47 -82.09 -53.68
CA ASN B 2109 38.74 -83.38 -54.26
C ASN B 2109 40.25 -83.67 -54.25
N GLY B 2110 40.59 -84.95 -54.45
CA GLY B 2110 41.99 -85.34 -54.44
C GLY B 2110 42.80 -84.76 -55.57
N VAL B 2111 42.17 -84.52 -56.72
CA VAL B 2111 42.89 -84.01 -57.88
C VAL B 2111 43.35 -82.58 -57.66
N SER B 2112 42.62 -81.81 -56.85
CA SER B 2112 42.90 -80.39 -56.66
C SER B 2112 43.87 -80.12 -55.52
N VAL B 2113 44.47 -81.16 -54.95
CA VAL B 2113 45.32 -80.98 -53.77
C VAL B 2113 46.53 -80.11 -54.09
N GLU B 2114 47.19 -80.36 -55.23
CA GLU B 2114 48.38 -79.60 -55.57
C GLU B 2114 48.06 -78.13 -55.81
N ASP B 2115 46.98 -77.85 -56.55
CA ASP B 2115 46.60 -76.46 -56.79
C ASP B 2115 46.21 -75.77 -55.49
N THR B 2116 45.50 -76.49 -54.62
CA THR B 2116 45.12 -75.92 -53.32
C THR B 2116 46.33 -75.61 -52.46
N ILE B 2117 47.32 -76.51 -52.43
CA ILE B 2117 48.50 -76.26 -51.60
C ILE B 2117 49.33 -75.11 -52.17
N ASN B 2118 49.43 -75.01 -53.50
CA ASN B 2118 50.13 -73.86 -54.08
C ASN B 2118 49.41 -72.55 -53.76
N LEU B 2119 48.08 -72.54 -53.87
CA LEU B 2119 47.33 -71.34 -53.54
C LEU B 2119 47.47 -70.99 -52.06
N LEU B 2120 47.46 -72.00 -51.18
CA LEU B 2120 47.68 -71.76 -49.76
C LEU B 2120 49.06 -71.21 -49.46
N ALA B 2121 50.10 -71.70 -50.14
CA ALA B 2121 51.43 -71.11 -49.96
C ALA B 2121 51.48 -69.66 -50.41
N SER B 2122 50.87 -69.36 -51.56
CA SER B 2122 50.83 -67.97 -52.02
C SER B 2122 50.08 -67.08 -51.03
N LEU B 2123 48.94 -67.58 -50.52
CA LEU B 2123 48.19 -66.83 -49.52
C LEU B 2123 48.99 -66.67 -48.24
N GLY B 2124 49.76 -67.67 -47.85
CA GLY B 2124 50.58 -67.59 -46.66
C GLY B 2124 51.60 -66.48 -46.81
N GLN B 2125 52.21 -66.40 -47.99
CA GLN B 2125 53.14 -65.29 -48.26
C GLN B 2125 52.45 -63.94 -48.16
N ILE B 2126 51.30 -63.81 -48.83
CA ILE B 2126 50.59 -62.52 -48.85
C ILE B 2126 50.19 -62.10 -47.45
N ARG B 2127 49.65 -63.04 -46.67
CA ARG B 2127 49.20 -62.77 -45.31
C ARG B 2127 50.36 -62.51 -44.35
N SER B 2128 51.48 -63.22 -44.47
CA SER B 2128 52.64 -63.01 -43.62
C SER B 2128 53.35 -61.69 -43.92
N LEU B 2129 53.26 -61.19 -45.15
CA LEU B 2129 53.86 -59.90 -45.43
C LEU B 2129 52.97 -58.72 -45.00
N LEU B 2130 51.87 -58.99 -44.30
CA LEU B 2130 51.10 -57.92 -43.67
C LEU B 2130 51.88 -57.29 -42.52
N SER B 2131 52.68 -58.07 -41.82
CA SER B 2131 53.34 -57.64 -40.60
C SER B 2131 54.63 -56.86 -40.85
N VAL B 2132 54.97 -56.58 -42.10
CA VAL B 2132 56.16 -55.81 -42.43
C VAL B 2132 55.76 -54.49 -43.05
N ARG B 2133 56.60 -53.48 -42.86
CA ARG B 2133 56.35 -52.17 -43.45
C ARG B 2133 56.51 -52.25 -44.96
N MET B 2134 55.69 -51.47 -45.66
CA MET B 2134 55.59 -51.60 -47.12
C MET B 2134 56.87 -51.10 -47.80
N GLY B 2135 57.26 -51.79 -48.87
CA GLY B 2135 58.47 -51.45 -49.61
C GLY B 2135 58.38 -51.89 -51.05
N LYS B 2136 59.48 -51.67 -51.78
CA LYS B 2136 59.51 -52.01 -53.20
C LYS B 2136 59.54 -53.52 -53.43
N GLU B 2137 60.43 -54.22 -52.71
CA GLU B 2137 60.49 -55.67 -52.85
C GLU B 2137 59.21 -56.32 -52.37
N GLU B 2138 58.59 -55.77 -51.32
CA GLU B 2138 57.28 -56.21 -50.89
C GLU B 2138 56.21 -55.92 -51.93
N GLU B 2139 56.34 -54.82 -52.68
CA GLU B 2139 55.41 -54.55 -53.78
C GLU B 2139 55.53 -55.61 -54.86
N LYS B 2140 56.76 -55.97 -55.23
CA LYS B 2140 56.94 -57.07 -56.17
C LYS B 2140 56.38 -58.39 -55.65
N LEU B 2141 56.59 -58.68 -54.36
CA LEU B 2141 56.03 -59.91 -53.78
C LEU B 2141 54.51 -59.91 -53.82
N MET B 2142 53.88 -58.78 -53.47
CA MET B 2142 52.43 -58.68 -53.55
C MET B 2142 51.92 -58.90 -54.96
N ILE B 2143 52.53 -58.22 -55.94
CA ILE B 2143 52.06 -58.36 -57.33
C ILE B 2143 52.23 -59.80 -57.80
N ARG B 2144 53.38 -60.41 -57.53
CA ARG B 2144 53.64 -61.76 -58.00
C ARG B 2144 52.70 -62.76 -57.33
N GLY B 2145 52.47 -62.61 -56.02
CA GLY B 2145 51.57 -63.51 -55.32
C GLY B 2145 50.13 -63.38 -55.80
N LEU B 2146 49.68 -62.13 -56.02
CA LEU B 2146 48.35 -61.93 -56.55
C LEU B 2146 48.21 -62.53 -57.94
N GLY B 2147 49.25 -62.41 -58.77
CA GLY B 2147 49.25 -63.05 -60.08
C GLY B 2147 49.13 -64.56 -59.99
N ASP B 2148 49.91 -65.18 -59.09
CA ASP B 2148 49.81 -66.63 -58.92
C ASP B 2148 48.41 -67.03 -58.47
N ILE B 2149 47.86 -66.29 -57.51
CA ILE B 2149 46.51 -66.61 -57.01
C ILE B 2149 45.48 -66.51 -58.13
N MET B 2150 45.59 -65.46 -58.95
CA MET B 2150 44.69 -65.36 -60.09
C MET B 2150 44.87 -66.53 -61.05
N ASN B 2151 46.11 -66.96 -61.27
CA ASN B 2151 46.35 -68.03 -62.24
C ASN B 2151 45.86 -69.38 -61.72
N ASN B 2152 45.80 -69.56 -60.40
CA ASN B 2152 45.31 -70.82 -59.86
C ASN B 2152 43.87 -71.06 -60.26
N LYS B 2153 43.58 -72.29 -60.70
CA LYS B 2153 42.21 -72.64 -61.09
C LYS B 2153 41.29 -72.76 -59.88
N VAL B 2154 41.86 -73.00 -58.69
CA VAL B 2154 41.05 -73.12 -57.49
C VAL B 2154 40.37 -71.78 -57.18
N PHE B 2155 41.06 -70.67 -57.47
CA PHE B 2155 40.48 -69.35 -57.23
C PHE B 2155 39.16 -69.18 -57.97
N TYR B 2156 39.04 -69.78 -59.16
CA TYR B 2156 37.79 -69.72 -59.89
C TYR B 2156 36.81 -70.80 -59.43
N GLN B 2157 37.30 -72.03 -59.29
CA GLN B 2157 36.40 -73.16 -59.07
C GLN B 2157 35.77 -73.13 -57.68
N HIS B 2158 36.46 -72.52 -56.71
CA HIS B 2158 35.95 -72.54 -55.33
C HIS B 2158 35.89 -71.15 -54.75
N PRO B 2159 34.89 -70.34 -55.10
CA PRO B 2159 34.79 -69.01 -54.48
C PRO B 2159 34.46 -69.07 -53.00
N ASN B 2160 33.74 -70.09 -52.55
CA ASN B 2160 33.42 -70.22 -51.14
C ASN B 2160 34.67 -70.42 -50.29
N LEU B 2161 35.61 -71.24 -50.76
CA LEU B 2161 36.89 -71.38 -50.07
C LEU B 2161 37.63 -70.06 -50.01
N MET B 2162 37.60 -69.31 -51.12
CA MET B 2162 38.30 -68.03 -51.16
C MET B 2162 37.71 -67.05 -50.16
N ARG B 2163 36.38 -67.03 -50.05
CA ARG B 2163 35.71 -66.17 -49.08
C ARG B 2163 35.95 -66.62 -47.64
N ALA B 2164 35.99 -67.93 -47.39
CA ALA B 2164 36.19 -68.43 -46.04
C ALA B 2164 37.63 -68.24 -45.58
N LEU B 2165 38.57 -68.17 -46.53
CA LEU B 2165 39.97 -67.96 -46.17
C LEU B 2165 40.23 -66.51 -45.75
N GLY B 2166 39.23 -65.64 -45.92
CA GLY B 2166 39.38 -64.24 -45.57
C GLY B 2166 40.38 -63.53 -46.45
N MET B 2167 40.42 -63.91 -47.73
CA MET B 2167 41.44 -63.39 -48.63
C MET B 2167 41.17 -61.94 -49.02
N HIS B 2168 39.90 -61.64 -49.32
CA HIS B 2168 39.55 -60.27 -49.68
C HIS B 2168 39.83 -59.31 -48.53
N GLU B 2169 39.62 -59.77 -47.29
CA GLU B 2169 40.00 -58.96 -46.13
C GLU B 2169 41.50 -58.71 -46.07
N THR B 2170 42.32 -59.71 -46.42
CA THR B 2170 43.77 -59.51 -46.39
C THR B 2170 44.19 -58.48 -47.44
N VAL B 2171 43.67 -58.61 -48.66
CA VAL B 2171 43.98 -57.64 -49.70
C VAL B 2171 43.51 -56.25 -49.29
N MET B 2172 42.31 -56.19 -48.69
CA MET B 2172 41.79 -54.91 -48.20
C MET B 2172 42.68 -54.30 -47.14
N GLU B 2173 43.19 -55.10 -46.20
CA GLU B 2173 44.07 -54.58 -45.17
C GLU B 2173 45.38 -54.07 -45.74
N VAL B 2174 45.94 -54.77 -46.74
CA VAL B 2174 47.14 -54.27 -47.41
C VAL B 2174 46.85 -52.89 -48.03
N MET B 2175 45.73 -52.80 -48.74
CA MET B 2175 45.38 -51.53 -49.38
C MET B 2175 45.11 -50.43 -48.35
N VAL B 2176 44.47 -50.78 -47.23
CA VAL B 2176 44.22 -49.82 -46.17
C VAL B 2176 45.53 -49.28 -45.62
N ASN B 2177 46.48 -50.17 -45.32
CA ASN B 2177 47.76 -49.73 -44.79
C ASN B 2177 48.46 -48.78 -45.75
N VAL B 2178 48.51 -49.16 -47.03
CA VAL B 2178 49.25 -48.33 -47.99
C VAL B 2178 48.55 -47.01 -48.24
N LEU B 2179 47.22 -47.02 -48.38
CA LEU B 2179 46.49 -45.78 -48.59
C LEU B 2179 46.60 -44.84 -47.40
N GLY B 2180 46.54 -45.38 -46.19
CA GLY B 2180 46.74 -44.55 -45.01
C GLY B 2180 48.14 -43.99 -44.91
N GLY B 2181 49.15 -44.77 -45.32
CA GLY B 2181 50.51 -44.27 -45.31
C GLY B 2181 50.74 -43.27 -46.43
N GLY B 2182 50.96 -42.02 -46.04
CA GLY B 2182 51.24 -40.96 -47.00
C GLY B 2182 50.10 -40.65 -47.94
N GLU B 2183 48.89 -40.53 -47.41
CA GLU B 2183 47.73 -40.24 -48.24
C GLU B 2183 47.81 -38.86 -48.87
N SER B 2184 48.36 -37.89 -48.14
CA SER B 2184 48.43 -36.52 -48.65
C SER B 2184 49.35 -36.43 -49.86
N LYS B 2185 50.52 -37.08 -49.80
CA LYS B 2185 51.47 -37.07 -50.91
C LYS B 2185 51.11 -38.19 -51.89
N GLU B 2186 50.02 -37.94 -52.64
CA GLU B 2186 49.40 -38.90 -53.55
C GLU B 2186 49.38 -40.30 -52.95
N ILE B 2187 49.69 -41.33 -53.72
CA ILE B 2187 49.69 -42.69 -53.17
C ILE B 2187 51.03 -43.37 -53.40
N THR B 2188 51.72 -43.68 -52.30
CA THR B 2188 52.97 -44.43 -52.41
C THR B 2188 52.70 -45.83 -52.95
N PHE B 2189 53.59 -46.29 -53.83
CA PHE B 2189 53.48 -47.60 -54.48
C PHE B 2189 52.13 -47.73 -55.18
N PRO B 2190 51.84 -46.87 -56.18
CA PRO B 2190 50.52 -46.93 -56.81
C PRO B 2190 50.27 -48.22 -57.58
N LYS B 2191 51.31 -48.88 -58.07
CA LYS B 2191 51.15 -50.11 -58.84
C LYS B 2191 50.51 -51.22 -58.01
N MET B 2192 50.95 -51.42 -56.77
CA MET B 2192 50.37 -52.49 -55.96
C MET B 2192 48.95 -52.14 -55.53
N VAL B 2193 48.67 -50.85 -55.30
CA VAL B 2193 47.29 -50.44 -55.01
C VAL B 2193 46.38 -50.75 -56.19
N ALA B 2194 46.84 -50.43 -57.40
CA ALA B 2194 46.07 -50.76 -58.59
C ALA B 2194 45.89 -52.26 -58.74
N ASN B 2195 46.94 -53.03 -58.45
CA ASN B 2195 46.85 -54.50 -58.54
C ASN B 2195 45.83 -55.04 -57.55
N CYS B 2196 45.82 -54.52 -56.32
CA CYS B 2196 44.87 -54.97 -55.31
C CYS B 2196 43.45 -54.60 -55.70
N CYS B 2197 43.26 -53.39 -56.25
CA CYS B 2197 41.93 -52.99 -56.71
C CYS B 2197 41.45 -53.89 -57.85
N ARG B 2198 42.36 -54.21 -58.78
CA ARG B 2198 42.02 -55.12 -59.87
C ARG B 2198 41.65 -56.50 -59.33
N PHE B 2199 42.41 -56.99 -58.36
CA PHE B 2199 42.14 -58.29 -57.77
C PHE B 2199 40.78 -58.31 -57.08
N LEU B 2200 40.45 -57.23 -56.36
CA LEU B 2200 39.16 -57.15 -55.70
C LEU B 2200 38.01 -57.08 -56.70
N CYS B 2201 38.20 -56.31 -57.79
CA CYS B 2201 37.17 -56.25 -58.83
C CYS B 2201 36.95 -57.63 -59.46
N TYR B 2202 38.02 -58.34 -59.77
CA TYR B 2202 37.91 -59.68 -60.33
C TYR B 2202 37.32 -60.67 -59.33
N PHE B 2203 37.64 -60.53 -58.04
CA PHE B 2203 37.03 -61.36 -57.00
C PHE B 2203 35.53 -61.12 -56.93
N CYS B 2204 35.10 -59.87 -57.05
CA CYS B 2204 33.67 -59.58 -57.13
C CYS B 2204 33.05 -60.22 -58.36
N ARG B 2205 33.75 -60.14 -59.51
CA ARG B 2205 33.21 -60.66 -60.75
C ARG B 2205 33.14 -62.19 -60.76
N ILE B 2206 33.97 -62.88 -59.98
CA ILE B 2206 34.00 -64.34 -59.99
C ILE B 2206 32.63 -64.90 -59.61
N SER B 2207 32.06 -64.44 -58.50
CA SER B 2207 30.80 -65.00 -58.02
C SER B 2207 29.99 -63.91 -57.35
N ARG B 2208 28.67 -64.15 -57.27
CA ARG B 2208 27.77 -63.13 -56.75
C ARG B 2208 27.87 -62.98 -55.23
N GLN B 2209 28.07 -64.10 -54.52
CA GLN B 2209 28.26 -64.01 -53.07
C GLN B 2209 29.52 -63.25 -52.68
N ASN B 2210 30.60 -63.43 -53.44
CA ASN B 2210 31.80 -62.63 -53.22
C ASN B 2210 31.52 -61.15 -53.42
N GLN B 2211 30.62 -60.82 -54.35
CA GLN B 2211 30.24 -59.43 -54.56
C GLN B 2211 29.59 -58.84 -53.32
N LYS B 2212 28.69 -59.59 -52.67
CA LYS B 2212 28.09 -59.13 -51.42
C LYS B 2212 29.13 -59.05 -50.31
N ALA B 2213 30.04 -60.03 -50.26
CA ALA B 2213 31.09 -60.00 -49.24
C ALA B 2213 31.95 -58.75 -49.36
N MET B 2214 32.26 -58.34 -50.59
CA MET B 2214 32.99 -57.10 -50.79
C MET B 2214 32.12 -55.88 -50.54
N PHE B 2215 30.82 -55.97 -50.86
CA PHE B 2215 29.89 -54.88 -50.59
C PHE B 2215 29.78 -54.57 -49.10
N ASP B 2216 29.98 -55.57 -48.25
CA ASP B 2216 29.88 -55.33 -46.80
C ASP B 2216 30.85 -54.27 -46.31
N HIS B 2217 31.93 -53.99 -47.05
CA HIS B 2217 32.89 -52.95 -46.70
C HIS B 2217 32.89 -51.81 -47.71
N LEU B 2218 31.75 -51.54 -48.34
CA LEU B 2218 31.69 -50.50 -49.36
C LEU B 2218 31.89 -49.11 -48.76
N SER B 2219 31.65 -48.96 -47.46
CA SER B 2219 31.75 -47.65 -46.83
C SER B 2219 33.16 -47.10 -46.90
N TYR B 2220 34.16 -47.95 -46.64
CA TYR B 2220 35.56 -47.52 -46.61
C TYR B 2220 35.99 -46.99 -47.98
N LEU B 2221 35.62 -47.71 -49.04
CA LEU B 2221 36.03 -47.33 -50.38
C LEU B 2221 35.49 -45.96 -50.77
N LEU B 2222 34.38 -45.55 -50.13
CA LEU B 2222 33.81 -44.25 -50.46
C LEU B 2222 34.67 -43.10 -49.94
N GLU B 2223 35.10 -43.16 -48.67
CA GLU B 2223 35.98 -42.09 -48.19
C GLU B 2223 37.37 -42.21 -48.80
N ASN B 2224 37.72 -43.39 -49.32
CA ASN B 2224 38.96 -43.53 -50.08
C ASN B 2224 38.70 -43.69 -51.58
N SER B 2225 37.69 -42.98 -52.10
CA SER B 2225 37.46 -42.98 -53.54
C SER B 2225 38.50 -42.15 -54.28
N SER B 2226 38.86 -40.99 -53.73
CA SER B 2226 39.79 -40.08 -54.38
C SER B 2226 41.23 -40.54 -54.13
N VAL B 2227 41.62 -41.58 -54.88
CA VAL B 2227 42.95 -42.16 -54.77
C VAL B 2227 43.75 -41.87 -56.04
N GLY B 2228 43.27 -42.37 -57.17
CA GLY B 2228 43.96 -42.18 -58.43
C GLY B 2228 43.03 -41.87 -59.58
N LEU B 2229 41.92 -41.20 -59.28
CA LEU B 2229 40.94 -40.89 -60.31
C LEU B 2229 41.52 -39.96 -61.36
N ALA B 2230 42.31 -38.96 -60.93
CA ALA B 2230 42.92 -38.03 -61.88
C ALA B 2230 43.90 -38.73 -62.81
N SER B 2231 44.71 -39.62 -62.27
CA SER B 2231 45.75 -40.27 -63.07
C SER B 2231 45.11 -41.29 -64.02
N PRO B 2232 45.33 -41.18 -65.32
CA PRO B 2232 44.83 -42.21 -66.25
C PRO B 2232 45.66 -43.47 -66.20
N ALA B 2233 45.27 -44.48 -66.97
CA ALA B 2233 45.84 -45.82 -67.02
C ALA B 2233 45.59 -46.59 -65.73
N MET B 2234 44.98 -45.96 -64.72
CA MET B 2234 44.54 -46.64 -63.51
C MET B 2234 43.04 -46.87 -63.50
N ARG B 2235 42.34 -46.56 -64.61
CA ARG B 2235 40.90 -46.76 -64.68
C ARG B 2235 40.58 -48.25 -64.55
N GLY B 2236 39.57 -48.55 -63.75
CA GLY B 2236 39.26 -49.92 -63.41
C GLY B 2236 40.10 -50.50 -62.30
N SER B 2237 41.05 -49.74 -61.76
CA SER B 2237 41.91 -50.19 -60.67
C SER B 2237 41.98 -49.19 -59.53
N THR B 2238 40.88 -48.52 -59.22
CA THR B 2238 40.77 -47.60 -58.10
C THR B 2238 39.72 -48.09 -57.11
N PRO B 2239 39.79 -47.66 -55.85
CA PRO B 2239 38.74 -48.07 -54.89
C PRO B 2239 37.33 -47.69 -55.32
N LEU B 2240 37.18 -46.58 -56.05
CA LEU B 2240 35.88 -46.25 -56.61
C LEU B 2240 35.44 -47.31 -57.62
N ASP B 2241 36.36 -47.81 -58.44
CA ASP B 2241 36.03 -48.90 -59.35
C ASP B 2241 35.67 -50.18 -58.59
N VAL B 2242 36.35 -50.44 -57.47
CA VAL B 2242 36.02 -51.61 -56.66
C VAL B 2242 34.62 -51.49 -56.09
N ALA B 2243 34.26 -50.30 -55.60
CA ALA B 2243 32.91 -50.08 -55.12
C ALA B 2243 31.88 -50.23 -56.24
N ALA B 2244 32.20 -49.72 -57.42
CA ALA B 2244 31.31 -49.86 -58.57
C ALA B 2244 31.10 -51.32 -58.93
N ALA B 2245 32.17 -52.11 -58.92
CA ALA B 2245 32.06 -53.55 -59.17
C ALA B 2245 31.28 -54.27 -58.08
N SER B 2246 31.41 -53.83 -56.83
CA SER B 2246 30.65 -54.46 -55.74
C SER B 2246 29.17 -54.13 -55.82
N VAL B 2247 28.84 -52.95 -56.36
CA VAL B 2247 27.44 -52.54 -56.49
C VAL B 2247 26.92 -52.80 -57.91
N MET B 2248 27.72 -53.44 -58.77
CA MET B 2248 27.40 -53.56 -60.19
C MET B 2248 26.45 -54.73 -60.41
N ASP B 2249 25.34 -54.46 -61.08
CA ASP B 2249 24.38 -55.44 -61.60
C ASP B 2249 23.83 -56.38 -60.54
N ASN B 2250 23.90 -56.02 -59.26
CA ASN B 2250 23.31 -56.81 -58.19
C ASN B 2250 22.13 -56.02 -57.63
N ASN B 2251 20.92 -56.51 -57.86
CA ASN B 2251 19.72 -55.78 -57.46
C ASN B 2251 19.56 -55.74 -55.95
N GLU B 2252 19.84 -56.85 -55.26
CA GLU B 2252 19.83 -56.85 -53.80
C GLU B 2252 20.79 -55.81 -53.24
N LEU B 2253 22.01 -55.76 -53.77
CA LEU B 2253 22.97 -54.77 -53.31
C LEU B 2253 22.58 -53.35 -53.66
N ALA B 2254 22.03 -53.13 -54.86
CA ALA B 2254 21.60 -51.78 -55.24
C ALA B 2254 20.47 -51.30 -54.34
N LEU B 2255 19.53 -52.18 -54.00
CA LEU B 2255 18.44 -51.83 -53.11
C LEU B 2255 18.92 -51.61 -51.68
N ALA B 2256 19.88 -52.42 -51.21
CA ALA B 2256 20.38 -52.25 -49.85
C ALA B 2256 21.36 -51.08 -49.73
N LEU B 2257 21.81 -50.53 -50.85
CA LEU B 2257 22.66 -49.34 -50.81
C LEU B 2257 21.94 -48.22 -50.06
N ARG B 2258 22.65 -47.60 -49.12
CA ARG B 2258 22.05 -46.59 -48.26
C ARG B 2258 22.17 -45.21 -48.89
N GLU B 2259 21.49 -44.25 -48.26
CA GLU B 2259 21.46 -42.87 -48.72
C GLU B 2259 22.74 -42.10 -48.36
N PRO B 2260 23.30 -42.25 -47.15
CA PRO B 2260 24.58 -41.58 -46.86
C PRO B 2260 25.70 -42.01 -47.79
N ASP B 2261 25.70 -43.27 -48.22
CA ASP B 2261 26.71 -43.73 -49.16
C ASP B 2261 26.64 -42.98 -50.48
N LEU B 2262 25.43 -42.75 -50.98
CA LEU B 2262 25.26 -41.91 -52.17
C LEU B 2262 25.60 -40.46 -51.88
N GLU B 2263 25.30 -39.99 -50.66
CA GLU B 2263 25.54 -38.60 -50.30
C GLU B 2263 27.03 -38.28 -50.30
N LYS B 2264 27.86 -39.22 -49.84
CA LYS B 2264 29.31 -38.99 -49.85
C LYS B 2264 29.82 -38.80 -51.27
N VAL B 2265 29.36 -39.63 -52.20
CA VAL B 2265 29.78 -39.52 -53.60
C VAL B 2265 29.26 -38.23 -54.22
N VAL B 2266 28.03 -37.84 -53.86
CA VAL B 2266 27.47 -36.58 -54.35
C VAL B 2266 28.30 -35.40 -53.84
N ARG B 2267 28.72 -35.45 -52.58
CA ARG B 2267 29.56 -34.40 -52.02
C ARG B 2267 30.92 -34.34 -52.73
N TYR B 2268 31.49 -35.51 -53.03
CA TYR B 2268 32.75 -35.52 -53.78
C TYR B 2268 32.57 -34.92 -55.16
N LEU B 2269 31.47 -35.24 -55.84
CA LEU B 2269 31.18 -34.64 -57.14
C LEU B 2269 31.00 -33.13 -57.04
N ALA B 2270 30.33 -32.65 -56.00
CA ALA B 2270 30.20 -31.22 -55.78
C ALA B 2270 31.55 -30.56 -55.56
N GLY B 2271 32.42 -31.21 -54.77
CA GLY B 2271 33.76 -30.68 -54.57
C GLY B 2271 34.55 -30.62 -55.86
N CYS B 2272 34.44 -31.65 -56.70
CA CYS B 2272 35.08 -31.65 -58.00
C CYS B 2272 34.51 -30.57 -58.93
N GLY B 2273 33.23 -30.27 -58.82
CA GLY B 2273 32.64 -29.23 -59.64
C GLY B 2273 32.98 -27.82 -59.18
N LEU B 2274 33.24 -27.67 -57.87
CA LEU B 2274 33.54 -26.34 -57.35
C LEU B 2274 35.03 -26.02 -57.42
N GLN B 2275 35.88 -27.03 -57.22
CA GLN B 2275 37.31 -26.81 -57.02
C GLN B 2275 38.10 -27.24 -58.24
N SER B 2276 39.24 -26.56 -58.46
CA SER B 2276 40.15 -26.89 -59.54
C SER B 2276 40.93 -28.17 -59.20
N CYS B 2277 41.57 -28.76 -60.21
CA CYS B 2277 42.31 -30.00 -60.05
C CYS B 2277 43.76 -29.65 -59.75
N GLN B 2278 44.14 -29.80 -58.47
CA GLN B 2278 45.45 -29.32 -58.01
C GLN B 2278 46.59 -30.08 -58.67
N MET B 2279 46.44 -31.39 -58.86
CA MET B 2279 47.53 -32.18 -59.42
C MET B 2279 47.79 -31.78 -60.87
N LEU B 2280 46.73 -31.64 -61.67
CA LEU B 2280 46.91 -31.26 -63.06
C LEU B 2280 47.42 -29.83 -63.19
N VAL B 2281 46.89 -28.90 -62.39
CA VAL B 2281 47.40 -27.52 -62.50
C VAL B 2281 48.85 -27.45 -62.01
N SER B 2282 49.26 -28.35 -61.11
CA SER B 2282 50.66 -28.40 -60.70
C SER B 2282 51.53 -28.95 -61.83
N LYS B 2283 51.06 -30.00 -62.51
CA LYS B 2283 51.78 -30.51 -63.67
C LYS B 2283 51.76 -29.55 -64.85
N GLY B 2284 50.91 -28.53 -64.83
CA GLY B 2284 50.94 -27.50 -65.84
C GLY B 2284 49.70 -27.39 -66.70
N TYR B 2285 48.66 -28.15 -66.41
CA TYR B 2285 47.45 -28.07 -67.21
C TYR B 2285 46.76 -26.73 -66.97
N PRO B 2286 46.06 -26.19 -67.97
CA PRO B 2286 45.35 -24.93 -67.79
C PRO B 2286 44.29 -25.04 -66.69
N ASP B 2287 44.16 -23.96 -65.93
CA ASP B 2287 43.32 -23.95 -64.73
C ASP B 2287 41.88 -23.62 -65.10
N ILE B 2288 40.96 -24.53 -64.76
CA ILE B 2288 39.54 -24.27 -64.85
C ILE B 2288 38.95 -24.48 -63.46
N GLY B 2289 37.68 -24.11 -63.28
CA GLY B 2289 37.08 -24.10 -61.95
C GLY B 2289 36.53 -25.43 -61.48
N TRP B 2290 36.61 -26.46 -62.30
CA TRP B 2290 35.98 -27.74 -62.01
C TRP B 2290 36.84 -28.90 -62.48
N ASN B 2291 36.48 -30.10 -62.03
CA ASN B 2291 37.30 -31.30 -62.20
C ASN B 2291 36.59 -32.31 -63.08
N PRO B 2292 36.71 -32.22 -64.42
CA PRO B 2292 36.03 -33.20 -65.28
C PRO B 2292 36.49 -34.63 -65.08
N VAL B 2293 37.79 -34.84 -64.83
CA VAL B 2293 38.34 -36.20 -64.82
C VAL B 2293 37.85 -36.96 -63.59
N GLU B 2294 37.77 -36.29 -62.43
CA GLU B 2294 37.19 -36.94 -61.26
C GLU B 2294 35.68 -37.00 -61.36
N GLY B 2295 35.05 -35.95 -61.91
CA GLY B 2295 33.61 -35.93 -62.01
C GLY B 2295 33.06 -37.05 -62.88
N GLU B 2296 33.78 -37.39 -63.95
CA GLU B 2296 33.34 -38.49 -64.80
C GLU B 2296 33.32 -39.83 -64.06
N ARG B 2297 34.35 -40.11 -63.26
CA ARG B 2297 34.38 -41.33 -62.47
C ARG B 2297 33.27 -41.34 -61.41
N TYR B 2298 33.09 -40.21 -60.72
CA TYR B 2298 32.03 -40.14 -59.72
C TYR B 2298 30.65 -40.24 -60.34
N LEU B 2299 30.50 -39.82 -61.60
CA LEU B 2299 29.22 -39.99 -62.30
C LEU B 2299 29.04 -41.43 -62.76
N ASP B 2300 30.14 -42.11 -63.13
CA ASP B 2300 30.05 -43.52 -63.48
C ASP B 2300 29.59 -44.35 -62.29
N PHE B 2301 30.13 -44.05 -61.11
CA PHE B 2301 29.70 -44.81 -59.92
C PHE B 2301 28.21 -44.60 -59.65
N LEU B 2302 27.73 -43.36 -59.78
CA LEU B 2302 26.31 -43.10 -59.61
C LEU B 2302 25.47 -43.80 -60.67
N ARG B 2303 25.97 -43.86 -61.91
CA ARG B 2303 25.29 -44.64 -62.94
C ARG B 2303 25.13 -46.08 -62.53
N PHE B 2304 26.22 -46.72 -62.09
CA PHE B 2304 26.14 -48.10 -61.65
C PHE B 2304 25.26 -48.27 -60.42
N ALA B 2305 25.16 -47.24 -59.57
CA ALA B 2305 24.30 -47.34 -58.39
C ALA B 2305 22.82 -47.23 -58.75
N VAL B 2306 22.47 -46.38 -59.71
CA VAL B 2306 21.06 -46.13 -59.98
C VAL B 2306 20.50 -47.10 -61.02
N PHE B 2307 21.32 -47.54 -61.97
CA PHE B 2307 20.86 -48.33 -63.10
C PHE B 2307 21.35 -49.76 -62.94
N CYS B 2308 20.43 -50.73 -63.06
CA CYS B 2308 20.76 -52.13 -62.84
C CYS B 2308 19.89 -53.00 -63.73
N ASN B 2309 20.54 -53.81 -64.57
CA ASN B 2309 19.89 -54.87 -65.35
C ASN B 2309 18.78 -54.32 -66.25
N GLY B 2310 19.08 -53.27 -67.01
CA GLY B 2310 18.13 -52.73 -67.96
C GLY B 2310 17.11 -51.81 -67.34
N GLU B 2311 16.66 -52.13 -66.15
CA GLU B 2311 15.72 -51.28 -65.43
C GLU B 2311 16.47 -50.24 -64.59
N SER B 2312 15.73 -49.25 -64.12
CA SER B 2312 16.27 -48.21 -63.27
C SER B 2312 15.72 -48.37 -61.85
N VAL B 2313 16.62 -48.47 -60.87
CA VAL B 2313 16.21 -48.58 -59.48
C VAL B 2313 15.64 -47.22 -59.07
N GLU B 2314 14.31 -47.15 -58.92
CA GLU B 2314 13.66 -45.87 -58.67
C GLU B 2314 14.07 -45.28 -57.33
N GLU B 2315 14.21 -46.13 -56.30
CA GLU B 2315 14.56 -45.63 -54.97
C GLU B 2315 15.90 -44.93 -54.97
N ASN B 2316 16.90 -45.51 -55.65
CA ASN B 2316 18.20 -44.86 -55.73
C ASN B 2316 18.18 -43.67 -56.69
N ALA B 2317 17.45 -43.79 -57.80
CA ALA B 2317 17.42 -42.72 -58.79
C ALA B 2317 16.81 -41.45 -58.22
N ASN B 2318 15.71 -41.56 -57.49
CA ASN B 2318 15.08 -40.39 -56.89
C ASN B 2318 15.97 -39.73 -55.85
N VAL B 2319 16.68 -40.51 -55.03
CA VAL B 2319 17.60 -39.94 -54.06
C VAL B 2319 18.75 -39.22 -54.77
N VAL B 2320 19.30 -39.85 -55.80
CA VAL B 2320 20.45 -39.27 -56.50
C VAL B 2320 20.06 -37.97 -57.21
N VAL B 2321 18.91 -37.96 -57.89
CA VAL B 2321 18.51 -36.75 -58.60
C VAL B 2321 18.17 -35.64 -57.61
N ARG B 2322 17.56 -35.98 -56.46
CA ARG B 2322 17.30 -34.98 -55.44
C ARG B 2322 18.58 -34.38 -54.88
N LEU B 2323 19.58 -35.22 -54.59
CA LEU B 2323 20.86 -34.68 -54.13
C LEU B 2323 21.51 -33.82 -55.20
N LEU B 2324 21.43 -34.25 -56.46
CA LEU B 2324 22.02 -33.50 -57.56
C LEU B 2324 21.36 -32.14 -57.75
N ILE B 2325 20.05 -32.04 -57.55
CA ILE B 2325 19.40 -30.74 -57.69
C ILE B 2325 19.56 -29.89 -56.43
N ARG B 2326 19.72 -30.51 -55.25
CA ARG B 2326 20.02 -29.72 -54.06
C ARG B 2326 21.41 -29.13 -54.13
N ARG B 2327 22.35 -29.84 -54.76
CA ARG B 2327 23.69 -29.30 -55.02
C ARG B 2327 23.84 -29.05 -56.52
N PRO B 2328 23.40 -27.89 -57.02
CA PRO B 2328 23.48 -27.65 -58.47
C PRO B 2328 24.89 -27.53 -59.01
N GLU B 2329 25.90 -27.36 -58.15
CA GLU B 2329 27.27 -27.25 -58.61
C GLU B 2329 27.78 -28.55 -59.21
N CYS B 2330 27.09 -29.66 -58.94
CA CYS B 2330 27.48 -30.96 -59.48
C CYS B 2330 27.26 -31.07 -60.98
N PHE B 2331 26.53 -30.15 -61.59
CA PHE B 2331 26.15 -30.23 -62.99
C PHE B 2331 27.20 -29.64 -63.94
N GLY B 2332 28.28 -29.08 -63.40
CA GLY B 2332 29.27 -28.42 -64.22
C GLY B 2332 28.91 -26.96 -64.45
N PRO B 2333 29.89 -26.16 -64.89
CA PRO B 2333 29.61 -24.73 -65.09
C PRO B 2333 28.54 -24.46 -66.14
N ALA B 2334 28.45 -25.28 -67.19
CA ALA B 2334 27.52 -25.01 -68.27
C ALA B 2334 26.07 -25.13 -67.80
N LEU B 2335 25.75 -26.17 -67.05
CA LEU B 2335 24.39 -26.42 -66.59
C LEU B 2335 24.19 -26.00 -65.14
N ARG B 2336 25.18 -25.34 -64.53
CA ARG B 2336 25.04 -24.93 -63.13
C ARG B 2336 23.99 -23.83 -62.96
N GLY B 2337 23.93 -22.87 -63.88
CA GLY B 2337 22.85 -21.90 -63.91
C GLY B 2337 23.22 -20.48 -63.53
N GLU B 2338 24.49 -20.17 -63.29
CA GLU B 2338 24.88 -18.78 -63.04
C GLU B 2338 25.29 -18.11 -64.34
N GLY B 2339 24.44 -18.17 -65.35
CA GLY B 2339 24.80 -17.68 -66.66
C GLY B 2339 25.56 -18.68 -67.51
N GLY B 2340 25.34 -19.97 -67.27
CA GLY B 2340 26.04 -20.98 -68.06
C GLY B 2340 25.66 -20.90 -69.53
N ASN B 2341 26.65 -21.18 -70.38
CA ASN B 2341 26.47 -21.06 -71.82
C ASN B 2341 25.52 -22.11 -72.40
N GLY B 2342 25.28 -23.20 -71.68
CA GLY B 2342 24.41 -24.25 -72.17
C GLY B 2342 25.19 -25.49 -72.59
N LEU B 2343 24.46 -26.60 -72.73
CA LEU B 2343 25.08 -27.87 -73.09
C LEU B 2343 25.69 -27.82 -74.49
N LEU B 2344 24.95 -27.26 -75.45
CA LEU B 2344 25.45 -27.19 -76.82
C LEU B 2344 26.67 -26.28 -76.91
N ALA B 2345 26.63 -25.13 -76.25
CA ALA B 2345 27.78 -24.23 -76.26
C ALA B 2345 28.98 -24.85 -75.57
N ALA B 2346 28.74 -25.57 -74.48
CA ALA B 2346 29.83 -26.26 -73.79
C ALA B 2346 30.47 -27.32 -74.68
N MET B 2347 29.64 -28.10 -75.38
CA MET B 2347 30.18 -29.07 -76.33
C MET B 2347 30.96 -28.42 -77.46
N GLU B 2348 30.47 -27.32 -78.04
CA GLU B 2348 31.22 -26.64 -79.09
C GLU B 2348 32.55 -26.11 -78.57
N GLU B 2349 32.55 -25.50 -77.39
CA GLU B 2349 33.78 -24.97 -76.80
C GLU B 2349 34.76 -26.09 -76.50
N ALA B 2350 34.26 -27.25 -76.05
CA ALA B 2350 35.14 -28.38 -75.76
C ALA B 2350 35.82 -28.90 -77.01
N ILE B 2351 35.09 -29.01 -78.12
CA ILE B 2351 35.72 -29.41 -79.37
C ILE B 2351 36.74 -28.36 -79.83
N LYS B 2352 36.40 -27.08 -79.69
CA LYS B 2352 37.36 -26.04 -80.04
C LYS B 2352 38.64 -26.19 -79.23
N ILE B 2353 38.51 -26.46 -77.94
CA ILE B 2353 39.67 -26.77 -77.11
C ILE B 2353 40.40 -27.99 -77.65
N ALA B 2354 39.65 -28.98 -78.11
CA ALA B 2354 40.27 -30.22 -78.60
C ALA B 2354 41.17 -29.96 -79.79
N GLU B 2355 40.71 -29.17 -80.76
CA GLU B 2355 41.63 -28.81 -81.85
C GLU B 2355 42.70 -27.83 -81.40
N ASP B 2356 42.42 -27.03 -80.37
CA ASP B 2356 43.45 -26.10 -79.90
C ASP B 2356 44.54 -26.85 -79.15
N PRO B 2357 45.81 -26.73 -79.56
CA PRO B 2357 46.86 -27.48 -78.85
C PRO B 2357 47.18 -26.92 -77.47
N SER B 2358 47.12 -25.60 -77.30
CA SER B 2358 47.56 -24.99 -76.05
C SER B 2358 46.62 -25.34 -74.89
N ARG B 2359 45.32 -25.19 -75.09
CA ARG B 2359 44.38 -25.41 -74.00
C ARG B 2359 44.18 -26.90 -73.72
N ASP B 2360 44.36 -27.74 -74.74
CA ASP B 2360 44.15 -29.17 -74.56
C ASP B 2360 45.24 -29.81 -73.71
N GLY B 2361 46.49 -29.40 -73.91
CA GLY B 2361 47.61 -30.00 -73.21
C GLY B 2361 48.22 -29.07 -72.18
N PRO B 2362 49.01 -29.64 -71.26
CA PRO B 2362 49.67 -28.81 -70.25
C PRO B 2362 50.57 -27.73 -70.84
N SER B 2363 51.30 -28.05 -71.91
CA SER B 2363 52.19 -27.12 -72.61
C SER B 2363 53.14 -26.42 -71.64
N PRO B 2364 54.16 -27.13 -71.11
CA PRO B 2364 55.13 -26.56 -70.17
C PRO B 2364 55.79 -25.28 -70.66
N GLU B 2377 51.54 -42.19 -73.11
CA GLU B 2377 51.12 -41.61 -74.38
C GLU B 2377 49.90 -40.73 -74.19
N GLU B 2378 48.88 -41.26 -73.52
CA GLU B 2378 47.67 -40.50 -73.22
C GLU B 2378 47.61 -40.10 -71.74
N ASP B 2379 48.11 -40.96 -70.86
CA ASP B 2379 48.13 -40.62 -69.43
C ASP B 2379 49.02 -39.41 -69.17
N ASP B 2380 50.04 -39.21 -70.00
CA ASP B 2380 50.92 -38.05 -69.84
C ASP B 2380 50.17 -36.75 -70.14
N THR B 2381 49.30 -36.76 -71.15
CA THR B 2381 48.59 -35.56 -71.59
C THR B 2381 47.09 -35.85 -71.55
N ILE B 2382 46.45 -35.49 -70.44
CA ILE B 2382 45.00 -35.60 -70.36
C ILE B 2382 44.38 -34.49 -71.19
N HIS B 2383 43.52 -34.88 -72.13
CA HIS B 2383 42.89 -33.92 -73.03
C HIS B 2383 41.71 -33.27 -72.31
N MET B 2384 41.82 -31.97 -72.07
CA MET B 2384 40.78 -31.24 -71.33
C MET B 2384 39.44 -31.27 -72.08
N GLY B 2385 39.47 -31.12 -73.41
CA GLY B 2385 38.23 -31.16 -74.16
C GLY B 2385 37.52 -32.48 -74.01
N ASN B 2386 38.26 -33.58 -74.14
CA ASN B 2386 37.67 -34.89 -73.94
C ASN B 2386 37.16 -35.07 -72.52
N ALA B 2387 37.91 -34.57 -71.53
CA ALA B 2387 37.46 -34.64 -70.15
C ALA B 2387 36.12 -33.92 -69.98
N ILE B 2388 35.98 -32.73 -70.57
CA ILE B 2388 34.74 -31.96 -70.44
C ILE B 2388 33.58 -32.69 -71.12
N MET B 2389 33.80 -33.17 -72.34
CA MET B 2389 32.73 -33.86 -73.08
C MET B 2389 32.32 -35.15 -72.36
N THR B 2390 33.30 -35.92 -71.85
CA THR B 2390 32.97 -37.14 -71.14
C THR B 2390 32.23 -36.85 -69.83
N PHE B 2391 32.63 -35.79 -69.13
CA PHE B 2391 31.91 -35.38 -67.93
C PHE B 2391 30.46 -35.06 -68.24
N TYR B 2392 30.22 -34.24 -69.27
CA TYR B 2392 28.85 -33.85 -69.58
C TYR B 2392 28.04 -35.03 -70.10
N SER B 2393 28.65 -35.89 -70.92
CA SER B 2393 27.95 -37.08 -71.40
C SER B 2393 27.65 -38.07 -70.29
N ALA B 2394 28.51 -38.16 -69.26
CA ALA B 2394 28.25 -39.01 -68.12
C ALA B 2394 27.15 -38.44 -67.24
N LEU B 2395 27.13 -37.13 -67.04
CA LEU B 2395 26.03 -36.50 -66.30
C LEU B 2395 24.70 -36.72 -67.02
N ILE B 2396 24.69 -36.49 -68.33
CA ILE B 2396 23.47 -36.69 -69.12
C ILE B 2396 23.05 -38.15 -69.08
N ASP B 2397 24.01 -39.06 -69.23
CA ASP B 2397 23.70 -40.50 -69.17
C ASP B 2397 23.12 -40.88 -67.82
N LEU B 2398 23.72 -40.40 -66.73
CA LEU B 2398 23.23 -40.72 -65.40
C LEU B 2398 21.81 -40.20 -65.19
N LEU B 2399 21.53 -38.98 -65.62
CA LEU B 2399 20.19 -38.43 -65.46
C LEU B 2399 19.17 -39.20 -66.30
N GLY B 2400 19.56 -39.56 -67.53
CA GLY B 2400 18.66 -40.33 -68.37
C GLY B 2400 18.36 -41.71 -67.79
N ARG B 2401 19.36 -42.34 -67.18
CA ARG B 2401 19.12 -43.61 -66.51
C ARG B 2401 18.28 -43.41 -65.26
N CYS B 2402 18.43 -42.26 -64.59
CA CYS B 2402 17.62 -41.96 -63.43
C CYS B 2402 16.18 -41.60 -63.81
N ALA B 2403 15.93 -41.36 -65.09
CA ALA B 2403 14.56 -41.08 -65.52
C ALA B 2403 13.64 -42.26 -65.21
N PRO B 2404 12.41 -42.01 -64.78
CA PRO B 2404 11.51 -43.11 -64.43
C PRO B 2404 11.12 -43.95 -65.63
N GLU B 2405 10.75 -45.20 -65.34
CA GLU B 2405 10.32 -46.12 -66.39
C GLU B 2405 8.97 -45.67 -66.97
N MET B 2406 8.73 -46.07 -68.22
CA MET B 2406 7.51 -45.66 -68.90
C MET B 2406 6.27 -46.31 -68.30
N HIS B 2407 6.41 -47.49 -67.71
CA HIS B 2407 5.26 -48.14 -67.08
C HIS B 2407 4.77 -47.33 -65.88
N LEU B 2408 5.69 -46.76 -65.11
CA LEU B 2408 5.30 -45.88 -64.00
C LEU B 2408 4.62 -44.62 -64.51
N ILE B 2409 5.11 -44.06 -65.63
CA ILE B 2409 4.47 -42.88 -66.21
C ILE B 2409 3.05 -43.21 -66.66
N HIS B 2410 2.86 -44.38 -67.29
CA HIS B 2410 1.53 -44.80 -67.68
C HIS B 2410 0.63 -44.99 -66.47
N ALA B 2411 1.17 -45.58 -65.39
CA ALA B 2411 0.42 -45.69 -64.15
C ALA B 2411 0.11 -44.32 -63.55
N GLY B 2412 0.88 -43.30 -63.90
CA GLY B 2412 0.63 -41.95 -63.42
C GLY B 2412 1.17 -41.65 -62.04
N LYS B 2413 2.24 -42.30 -61.61
CA LYS B 2413 2.77 -42.07 -60.28
C LYS B 2413 3.36 -40.66 -60.17
N GLY B 2414 2.88 -39.91 -59.18
CA GLY B 2414 3.20 -38.50 -59.10
C GLY B 2414 4.67 -38.23 -58.89
N GLU B 2415 5.33 -39.05 -58.08
CA GLU B 2415 6.76 -38.85 -57.84
C GLU B 2415 7.56 -39.07 -59.12
N ALA B 2416 7.21 -40.09 -59.89
CA ALA B 2416 7.88 -40.32 -61.17
C ALA B 2416 7.63 -39.17 -62.13
N ILE B 2417 6.39 -38.68 -62.19
CA ILE B 2417 6.09 -37.53 -63.05
C ILE B 2417 6.94 -36.33 -62.63
N ARG B 2418 7.05 -36.10 -61.31
CA ARG B 2418 7.82 -34.97 -60.82
C ARG B 2418 9.29 -35.09 -61.21
N ILE B 2419 9.87 -36.28 -61.04
CA ILE B 2419 11.28 -36.47 -61.37
C ILE B 2419 11.51 -36.28 -62.87
N ARG B 2420 10.62 -36.83 -63.69
CA ARG B 2420 10.77 -36.69 -65.13
C ARG B 2420 10.66 -35.23 -65.56
N SER B 2421 9.71 -34.48 -64.99
CA SER B 2421 9.60 -33.06 -65.29
C SER B 2421 10.82 -32.28 -64.80
N ILE B 2422 11.37 -32.65 -63.66
CA ILE B 2422 12.59 -31.99 -63.17
C ILE B 2422 13.73 -32.22 -64.15
N LEU B 2423 13.88 -33.45 -64.66
CA LEU B 2423 14.93 -33.71 -65.63
C LEU B 2423 14.70 -32.93 -66.92
N ARG B 2424 13.44 -32.84 -67.35
CA ARG B 2424 13.13 -32.02 -68.53
C ARG B 2424 13.53 -30.58 -68.33
N SER B 2425 13.25 -30.02 -67.15
CA SER B 2425 13.64 -28.66 -66.85
C SER B 2425 15.16 -28.51 -66.79
N LEU B 2426 15.84 -29.50 -66.22
CA LEU B 2426 17.30 -29.45 -66.11
C LEU B 2426 17.96 -29.42 -67.48
N ILE B 2427 17.53 -30.28 -68.39
CA ILE B 2427 18.16 -30.40 -69.70
C ILE B 2427 17.17 -30.01 -70.78
N PRO B 2428 17.39 -28.90 -71.50
CA PRO B 2428 16.51 -28.57 -72.63
C PRO B 2428 16.67 -29.55 -73.77
N LEU B 2429 15.58 -29.75 -74.51
CA LEU B 2429 15.60 -30.65 -75.66
C LEU B 2429 16.44 -30.09 -76.80
N GLY B 2430 16.41 -28.77 -76.99
CA GLY B 2430 17.15 -28.16 -78.07
C GLY B 2430 18.65 -28.36 -77.96
N ASP B 2431 19.19 -28.33 -76.75
CA ASP B 2431 20.62 -28.59 -76.56
C ASP B 2431 20.97 -30.01 -76.99
N LEU B 2432 20.12 -30.98 -76.61
CA LEU B 2432 20.33 -32.36 -77.03
C LEU B 2432 20.31 -32.48 -78.54
N VAL B 2433 19.35 -31.79 -79.17
CA VAL B 2433 19.23 -31.82 -80.62
C VAL B 2433 20.48 -31.25 -81.27
N GLY B 2434 20.98 -30.14 -80.73
CA GLY B 2434 22.18 -29.53 -81.28
C GLY B 2434 23.40 -30.43 -81.16
N VAL B 2435 23.58 -31.05 -79.98
CA VAL B 2435 24.72 -31.93 -79.80
C VAL B 2435 24.65 -33.13 -80.74
N ILE B 2436 23.43 -33.65 -80.95
CA ILE B 2436 23.28 -34.72 -81.94
C ILE B 2436 23.59 -34.20 -83.34
N SER B 2437 23.25 -32.94 -83.62
CA SER B 2437 23.49 -32.38 -84.94
C SER B 2437 24.97 -32.17 -85.20
N ILE B 2438 25.77 -31.97 -84.14
CA ILE B 2438 27.21 -31.82 -84.33
C ILE B 2438 27.78 -33.05 -85.01
N ALA B 2439 28.69 -32.84 -85.96
CA ALA B 2439 29.29 -33.91 -86.75
C ALA B 2439 30.69 -34.23 -86.26
N PHE B 2440 31.16 -35.43 -86.61
CA PHE B 2440 32.49 -35.89 -86.25
C PHE B 2440 33.52 -35.37 -87.24
N GLN B 2441 34.73 -35.94 -87.17
CA GLN B 2441 35.79 -35.71 -88.14
C GLN B 2441 36.17 -37.04 -88.76
N MET B 2442 35.94 -37.19 -90.05
CA MET B 2442 36.15 -38.48 -90.70
C MET B 2442 37.63 -38.70 -91.00
N PRO B 2443 38.13 -39.92 -90.84
CA PRO B 2443 39.50 -40.23 -91.24
C PRO B 2443 39.66 -40.16 -92.75
N THR B 2444 40.90 -39.89 -93.18
CA THR B 2444 41.23 -39.76 -94.59
C THR B 2444 42.59 -40.35 -94.87
N ILE B 2445 42.81 -40.76 -96.12
CA ILE B 2445 44.14 -41.17 -96.54
C ILE B 2445 44.91 -39.97 -97.08
N ALA B 2446 46.23 -40.09 -97.08
CA ALA B 2446 47.09 -38.96 -97.42
C ALA B 2446 47.50 -39.01 -98.89
N LYS B 2447 48.43 -38.12 -99.26
CA LYS B 2447 48.97 -38.10 -100.61
C LYS B 2447 49.63 -39.42 -100.98
N ASP B 2448 50.39 -40.01 -100.06
CA ASP B 2448 50.97 -41.32 -100.31
C ASP B 2448 49.90 -42.41 -100.36
N GLY B 2449 48.71 -42.11 -99.82
CA GLY B 2449 47.64 -43.08 -99.73
C GLY B 2449 47.53 -43.75 -98.37
N ASN B 2450 48.50 -43.54 -97.48
CA ASN B 2450 48.46 -44.11 -96.14
C ASN B 2450 47.28 -43.54 -95.36
N VAL B 2451 46.62 -44.38 -94.57
CA VAL B 2451 45.46 -43.92 -93.81
C VAL B 2451 45.92 -43.00 -92.69
N VAL B 2452 45.45 -41.75 -92.74
CA VAL B 2452 45.69 -40.77 -91.67
C VAL B 2452 44.45 -40.74 -90.79
N GLU B 2453 44.58 -41.25 -89.57
CA GLU B 2453 43.45 -41.48 -88.70
C GLU B 2453 43.58 -40.66 -87.42
N PRO B 2454 42.72 -39.65 -87.20
CA PRO B 2454 42.79 -38.88 -85.95
C PRO B 2454 42.54 -39.76 -84.74
N ASP B 2455 43.32 -39.53 -83.69
CA ASP B 2455 43.28 -40.39 -82.51
C ASP B 2455 41.93 -40.29 -81.80
N MET B 2456 41.40 -41.44 -81.36
CA MET B 2456 40.16 -41.47 -80.60
C MET B 2456 40.30 -40.85 -79.21
N SER B 2457 41.50 -40.83 -78.65
CA SER B 2457 41.69 -40.17 -77.37
C SER B 2457 41.54 -38.66 -77.47
N ALA B 2458 41.52 -38.12 -78.70
CA ALA B 2458 41.34 -36.70 -78.94
C ALA B 2458 40.27 -36.49 -80.00
N GLY B 2459 39.07 -36.09 -79.57
CA GLY B 2459 37.98 -35.79 -80.46
C GLY B 2459 36.64 -36.18 -79.88
N PHE B 2460 35.59 -35.89 -80.64
CA PHE B 2460 34.22 -36.10 -80.21
C PHE B 2460 33.86 -37.57 -80.42
N CYS B 2461 33.52 -38.25 -79.32
CA CYS B 2461 33.30 -39.69 -79.37
C CYS B 2461 31.84 -40.03 -79.67
N PRO B 2462 31.59 -41.14 -80.36
CA PRO B 2462 30.20 -41.58 -80.57
C PRO B 2462 29.46 -41.90 -79.29
N ASP B 2463 30.17 -42.25 -78.22
CA ASP B 2463 29.53 -42.50 -76.93
C ASP B 2463 28.87 -41.24 -76.40
N HIS B 2464 29.41 -40.07 -76.77
CA HIS B 2464 28.80 -38.81 -76.38
C HIS B 2464 27.41 -38.67 -76.97
N LYS B 2465 27.25 -39.06 -78.24
CA LYS B 2465 25.92 -39.06 -78.85
C LYS B 2465 25.07 -40.19 -78.32
N ALA B 2466 25.69 -41.31 -77.95
CA ALA B 2466 24.95 -42.42 -77.36
C ALA B 2466 24.29 -42.04 -76.05
N ALA B 2467 24.97 -41.28 -75.20
CA ALA B 2467 24.36 -40.74 -73.99
C ALA B 2467 23.22 -39.79 -74.31
N MET B 2468 23.38 -38.95 -75.34
CA MET B 2468 22.34 -38.02 -75.72
C MET B 2468 21.09 -38.75 -76.17
N VAL B 2469 21.25 -39.79 -76.99
CA VAL B 2469 20.10 -40.57 -77.46
C VAL B 2469 19.40 -41.25 -76.29
N LEU B 2470 20.16 -41.81 -75.35
CA LEU B 2470 19.56 -42.45 -74.19
C LEU B 2470 18.76 -41.46 -73.35
N PHE B 2471 19.32 -40.27 -73.10
CA PHE B 2471 18.58 -39.25 -72.38
C PHE B 2471 17.31 -38.86 -73.13
N LEU B 2472 17.42 -38.75 -74.45
CA LEU B 2472 16.25 -38.37 -75.25
C LEU B 2472 15.14 -39.41 -75.12
N ASP B 2473 15.50 -40.69 -75.22
CA ASP B 2473 14.45 -41.72 -75.26
C ASP B 2473 13.90 -41.99 -73.87
N ARG B 2474 14.67 -41.76 -72.82
CA ARG B 2474 14.16 -42.06 -71.48
C ARG B 2474 13.55 -40.85 -70.78
N VAL B 2475 13.95 -39.64 -71.11
CA VAL B 2475 13.48 -38.46 -70.37
C VAL B 2475 12.41 -37.73 -71.15
N TYR B 2476 12.76 -37.20 -72.32
CA TYR B 2476 11.82 -36.37 -73.07
C TYR B 2476 10.76 -37.23 -73.76
N GLY B 2477 11.16 -38.39 -74.24
CA GLY B 2477 10.21 -39.22 -74.97
C GLY B 2477 10.07 -38.77 -76.41
N ILE B 2478 10.02 -39.75 -77.30
CA ILE B 2478 9.91 -39.53 -78.74
C ILE B 2478 8.55 -40.05 -79.18
N GLU B 2479 7.60 -39.14 -79.37
CA GLU B 2479 6.23 -39.50 -79.72
C GLU B 2479 5.64 -38.59 -80.79
N VAL B 2480 6.42 -37.65 -81.33
CA VAL B 2480 5.93 -36.68 -82.29
C VAL B 2480 6.60 -36.95 -83.63
N GLN B 2481 5.77 -37.07 -84.68
CA GLN B 2481 6.26 -37.51 -85.99
C GLN B 2481 7.15 -36.45 -86.66
N ASP B 2482 6.72 -35.19 -86.66
CA ASP B 2482 7.52 -34.14 -87.29
C ASP B 2482 8.81 -33.91 -86.51
N PHE B 2483 8.76 -34.00 -85.18
CA PHE B 2483 9.98 -33.94 -84.38
C PHE B 2483 10.92 -35.09 -84.72
N LEU B 2484 10.37 -36.30 -84.87
CA LEU B 2484 11.20 -37.45 -85.22
C LEU B 2484 11.91 -37.23 -86.54
N LEU B 2485 11.17 -36.78 -87.57
CA LEU B 2485 11.78 -36.56 -88.87
C LEU B 2485 12.76 -35.39 -88.85
N HIS B 2486 12.46 -34.33 -88.11
CA HIS B 2486 13.39 -33.21 -87.99
C HIS B 2486 14.71 -33.63 -87.37
N LEU B 2487 14.65 -34.40 -86.27
CA LEU B 2487 15.87 -34.92 -85.66
C LEU B 2487 16.60 -35.85 -86.61
N LEU B 2488 15.85 -36.72 -87.30
CA LEU B 2488 16.44 -37.62 -88.28
C LEU B 2488 17.23 -36.86 -89.32
N GLU B 2489 16.69 -35.74 -89.81
CA GLU B 2489 17.39 -34.94 -90.81
C GLU B 2489 18.59 -34.22 -90.22
N VAL B 2490 18.44 -33.62 -89.04
CA VAL B 2490 19.49 -32.74 -88.54
C VAL B 2490 20.68 -33.53 -88.01
N GLY B 2491 20.44 -34.57 -87.20
CA GLY B 2491 21.55 -35.21 -86.52
C GLY B 2491 21.77 -36.68 -86.81
N PHE B 2492 20.71 -37.41 -87.12
CA PHE B 2492 20.84 -38.86 -87.26
C PHE B 2492 21.34 -39.25 -88.64
N LEU B 2493 20.69 -38.75 -89.68
CA LEU B 2493 21.00 -39.12 -91.06
C LEU B 2493 22.41 -38.73 -91.49
N PRO B 2494 22.91 -37.51 -91.18
CA PRO B 2494 24.29 -37.17 -91.55
C PRO B 2494 25.32 -38.15 -91.00
N ASP B 2495 25.14 -38.58 -89.74
CA ASP B 2495 26.08 -39.52 -89.15
C ASP B 2495 26.02 -40.87 -89.85
N LEU B 2496 24.82 -41.32 -90.19
CA LEU B 2496 24.68 -42.60 -90.88
C LEU B 2496 25.27 -42.53 -92.28
N ARG B 2497 25.11 -41.40 -92.95
CA ARG B 2497 25.72 -41.23 -94.28
C ARG B 2497 27.24 -41.18 -94.18
N ALA B 2498 27.77 -40.56 -93.12
CA ALA B 2498 29.22 -40.59 -92.90
C ALA B 2498 29.71 -42.02 -92.67
N ALA B 2499 28.95 -42.79 -91.89
CA ALA B 2499 29.30 -44.19 -91.69
C ALA B 2499 29.28 -44.96 -93.01
N ALA B 2500 28.28 -44.70 -93.85
CA ALA B 2500 28.20 -45.30 -95.17
C ALA B 2500 29.37 -44.93 -96.08
N SER B 2501 29.78 -43.67 -96.08
CA SER B 2501 30.92 -43.22 -96.86
C SER B 2501 32.24 -43.75 -96.33
N LEU B 2502 32.31 -44.07 -95.03
CA LEU B 2502 33.49 -44.68 -94.43
C LEU B 2502 33.37 -46.20 -94.36
N ASP B 2503 32.67 -46.81 -95.31
CA ASP B 2503 32.54 -48.26 -95.37
C ASP B 2503 33.56 -48.92 -96.28
N THR B 2504 34.52 -48.16 -96.82
CA THR B 2504 35.55 -48.75 -97.66
C THR B 2504 36.41 -49.70 -96.83
N ALA B 2505 36.93 -50.74 -97.50
CA ALA B 2505 37.60 -51.82 -96.79
C ALA B 2505 38.80 -51.32 -95.99
N ALA B 2506 39.61 -50.45 -96.59
CA ALA B 2506 40.78 -49.92 -95.89
C ALA B 2506 40.36 -49.09 -94.69
N LEU B 2507 39.36 -48.22 -94.88
CA LEU B 2507 38.91 -47.35 -93.80
C LEU B 2507 37.94 -48.05 -92.85
N SER B 2508 37.46 -49.24 -93.21
CA SER B 2508 36.55 -49.97 -92.31
C SER B 2508 37.28 -50.42 -91.05
N ALA B 2509 38.54 -50.82 -91.17
CA ALA B 2509 39.30 -51.31 -90.03
C ALA B 2509 39.62 -50.21 -89.02
N THR B 2510 39.44 -48.94 -89.39
CA THR B 2510 39.69 -47.83 -88.48
C THR B 2510 38.73 -47.85 -87.30
N ASP B 2511 39.24 -47.50 -86.13
CA ASP B 2511 38.43 -47.53 -84.91
C ASP B 2511 37.35 -46.46 -84.91
N MET B 2512 37.50 -45.42 -85.75
CA MET B 2512 36.38 -44.54 -86.05
C MET B 2512 35.18 -45.31 -86.59
N ALA B 2513 35.41 -46.18 -87.59
CA ALA B 2513 34.30 -46.91 -88.18
C ALA B 2513 33.67 -47.86 -87.17
N LEU B 2514 34.50 -48.52 -86.36
CA LEU B 2514 33.97 -49.41 -85.33
C LEU B 2514 33.15 -48.65 -84.31
N ALA B 2515 33.63 -47.48 -83.87
CA ALA B 2515 32.87 -46.68 -82.91
C ALA B 2515 31.55 -46.21 -83.50
N LEU B 2516 31.57 -45.78 -84.77
CA LEU B 2516 30.32 -45.35 -85.42
C LEU B 2516 29.33 -46.50 -85.52
N ASN B 2517 29.79 -47.68 -85.94
CA ASN B 2517 28.88 -48.83 -86.03
C ASN B 2517 28.32 -49.19 -84.67
N ARG B 2518 29.18 -49.18 -83.64
CA ARG B 2518 28.72 -49.45 -82.28
C ARG B 2518 27.64 -48.48 -81.84
N TYR B 2519 27.89 -47.17 -82.01
CA TYR B 2519 26.91 -46.17 -81.62
C TYR B 2519 25.60 -46.33 -82.37
N LEU B 2520 25.67 -46.49 -83.69
CA LEU B 2520 24.44 -46.65 -84.46
C LEU B 2520 23.64 -47.85 -83.99
N CYS B 2521 24.28 -49.03 -83.98
CA CYS B 2521 23.58 -50.27 -83.65
C CYS B 2521 23.15 -50.34 -82.20
N THR B 2522 23.73 -49.52 -81.32
CA THR B 2522 23.31 -49.54 -79.93
C THR B 2522 22.21 -48.53 -79.62
N ALA B 2523 22.22 -47.38 -80.30
CA ALA B 2523 21.29 -46.31 -79.96
C ALA B 2523 20.33 -45.95 -81.08
N VAL B 2524 20.84 -45.70 -82.29
CA VAL B 2524 20.04 -45.07 -83.33
C VAL B 2524 19.04 -46.07 -83.90
N LEU B 2525 19.54 -47.22 -84.35
CA LEU B 2525 18.66 -48.24 -84.91
C LEU B 2525 17.64 -48.76 -83.90
N PRO B 2526 18.00 -49.06 -82.64
CA PRO B 2526 16.94 -49.38 -81.67
C PRO B 2526 15.93 -48.28 -81.47
N LEU B 2527 16.36 -47.01 -81.50
CA LEU B 2527 15.42 -45.90 -81.36
C LEU B 2527 14.48 -45.83 -82.56
N LEU B 2528 15.01 -45.99 -83.77
CA LEU B 2528 14.19 -46.00 -84.97
C LEU B 2528 13.28 -47.22 -85.03
N THR B 2529 13.66 -48.34 -84.42
CA THR B 2529 12.79 -49.49 -84.30
C THR B 2529 11.65 -49.26 -83.31
N ARG B 2530 11.94 -48.62 -82.18
CA ARG B 2530 10.90 -48.20 -81.25
C ARG B 2530 10.00 -47.12 -81.82
N CYS B 2531 10.49 -46.35 -82.80
CA CYS B 2531 9.72 -45.30 -83.46
C CYS B 2531 9.04 -45.80 -84.73
N ALA B 2532 8.89 -47.12 -84.85
CA ALA B 2532 8.36 -47.69 -86.10
C ALA B 2532 6.95 -47.21 -86.43
N PRO B 2533 5.98 -47.17 -85.49
CA PRO B 2533 4.64 -46.68 -85.86
C PRO B 2533 4.62 -45.26 -86.40
N LEU B 2534 5.53 -44.40 -85.95
CA LEU B 2534 5.51 -43.00 -86.38
C LEU B 2534 5.89 -42.84 -87.84
N PHE B 2535 6.48 -43.87 -88.44
CA PHE B 2535 6.95 -43.77 -89.82
C PHE B 2535 5.82 -43.94 -90.84
N ALA B 2536 4.57 -43.87 -90.39
CA ALA B 2536 3.44 -44.04 -91.30
C ALA B 2536 3.30 -42.84 -92.23
N GLY B 2537 3.09 -41.65 -91.66
CA GLY B 2537 2.90 -40.45 -92.45
C GLY B 2537 4.20 -39.78 -92.87
N THR B 2538 4.90 -40.39 -93.83
CA THR B 2538 6.16 -39.86 -94.32
C THR B 2538 6.12 -39.53 -95.81
N GLU B 2539 4.93 -39.27 -96.36
CA GLU B 2539 4.82 -38.97 -97.79
C GLU B 2539 5.51 -37.65 -98.12
N HIS B 2540 5.40 -36.66 -97.22
CA HIS B 2540 5.95 -35.34 -97.50
C HIS B 2540 7.45 -35.30 -97.30
N HIS B 2541 8.03 -36.34 -96.70
CA HIS B 2541 9.47 -36.51 -96.60
C HIS B 2541 9.91 -37.81 -97.28
N ALA B 2542 9.41 -38.03 -98.50
CA ALA B 2542 9.76 -39.22 -99.25
C ALA B 2542 11.25 -39.28 -99.53
N SER B 2543 11.85 -38.14 -99.90
CA SER B 2543 13.28 -38.11 -100.14
C SER B 2543 14.07 -38.49 -98.90
N LEU B 2544 13.66 -37.96 -97.74
CA LEU B 2544 14.34 -38.27 -96.48
C LEU B 2544 14.23 -39.75 -96.14
N ILE B 2545 13.03 -40.33 -96.28
CA ILE B 2545 12.88 -41.74 -95.91
C ILE B 2545 13.61 -42.64 -96.90
N ASP B 2546 13.63 -42.27 -98.19
CA ASP B 2546 14.41 -43.03 -99.16
C ASP B 2546 15.90 -42.95 -98.86
N SER B 2547 16.39 -41.78 -98.47
CA SER B 2547 17.79 -41.64 -98.07
C SER B 2547 18.11 -42.51 -96.85
N LEU B 2548 17.20 -42.55 -95.87
CA LEU B 2548 17.41 -43.43 -94.72
C LEU B 2548 17.48 -44.89 -95.16
N LEU B 2549 16.56 -45.31 -96.03
CA LEU B 2549 16.58 -46.71 -96.50
C LEU B 2549 17.87 -47.03 -97.22
N HIS B 2550 18.33 -46.13 -98.10
CA HIS B 2550 19.56 -46.36 -98.84
C HIS B 2550 20.76 -46.44 -97.90
N THR B 2551 20.85 -45.53 -96.93
CA THR B 2551 21.96 -45.57 -95.99
C THR B 2551 21.96 -46.85 -95.15
N VAL B 2552 20.77 -47.26 -94.67
CA VAL B 2552 20.69 -48.48 -93.88
C VAL B 2552 21.10 -49.69 -94.72
N TYR B 2553 20.66 -49.73 -95.98
CA TYR B 2553 21.03 -50.83 -96.85
C TYR B 2553 22.54 -50.85 -97.11
N ARG B 2554 23.14 -49.68 -97.30
CA ARG B 2554 24.58 -49.64 -97.56
C ARG B 2554 25.37 -50.07 -96.33
N LEU B 2555 24.93 -49.67 -95.14
CA LEU B 2555 25.57 -50.16 -93.92
C LEU B 2555 25.40 -51.67 -93.77
N SER B 2556 24.23 -52.19 -94.13
CA SER B 2556 24.04 -53.64 -94.13
C SER B 2556 25.01 -54.34 -95.07
N LYS B 2557 25.24 -53.77 -96.24
CA LYS B 2557 26.26 -54.28 -97.16
C LYS B 2557 27.65 -53.87 -96.71
N GLY B 2558 28.07 -54.44 -95.57
CA GLY B 2558 29.36 -54.12 -94.99
C GLY B 2558 30.15 -55.34 -94.55
N CYS B 2559 31.43 -55.15 -94.22
CA CYS B 2559 32.30 -56.25 -93.83
C CYS B 2559 32.63 -56.22 -92.33
N SER B 2560 33.06 -55.06 -91.83
CA SER B 2560 33.41 -54.95 -90.41
C SER B 2560 32.20 -55.11 -89.51
N LEU B 2561 31.00 -55.01 -90.07
CA LEU B 2561 29.76 -55.15 -89.31
C LEU B 2561 29.69 -56.52 -88.64
N THR B 2562 29.60 -56.53 -87.31
CA THR B 2562 29.58 -57.77 -86.56
C THR B 2562 28.23 -58.48 -86.70
N LYS B 2563 28.13 -59.64 -86.08
CA LYS B 2563 26.91 -60.45 -86.20
C LYS B 2563 25.73 -59.78 -85.49
N ALA B 2564 25.95 -59.31 -84.25
CA ALA B 2564 24.89 -58.60 -83.54
C ALA B 2564 24.54 -57.30 -84.24
N GLN B 2565 25.54 -56.64 -84.84
CA GLN B 2565 25.27 -55.43 -85.60
C GLN B 2565 24.43 -55.72 -86.83
N ARG B 2566 24.71 -56.83 -87.52
CA ARG B 2566 23.86 -57.26 -88.63
C ARG B 2566 22.44 -57.53 -88.14
N ASP B 2567 22.30 -58.17 -86.98
CA ASP B 2567 20.99 -58.44 -86.43
C ASP B 2567 20.23 -57.15 -86.17
N SER B 2568 20.91 -56.16 -85.59
CA SER B 2568 20.26 -54.87 -85.33
C SER B 2568 19.85 -54.18 -86.63
N ILE B 2569 20.73 -54.20 -87.62
CA ILE B 2569 20.40 -53.64 -88.93
C ILE B 2569 19.17 -54.32 -89.51
N GLU B 2570 19.14 -55.65 -89.46
CA GLU B 2570 18.04 -56.41 -90.04
C GLU B 2570 16.73 -56.07 -89.35
N VAL B 2571 16.72 -56.07 -88.01
CA VAL B 2571 15.51 -55.79 -87.27
C VAL B 2571 15.02 -54.37 -87.56
N CYS B 2572 15.93 -53.39 -87.53
CA CYS B 2572 15.53 -52.01 -87.75
C CYS B 2572 14.95 -51.81 -89.15
N LEU B 2573 15.65 -52.31 -90.17
CA LEU B 2573 15.17 -52.11 -91.54
C LEU B 2573 13.88 -52.86 -91.79
N LEU B 2574 13.75 -54.09 -91.29
CA LEU B 2574 12.53 -54.85 -91.49
C LEU B 2574 11.36 -54.21 -90.77
N SER B 2575 11.60 -53.60 -89.61
CA SER B 2575 10.55 -52.87 -88.90
C SER B 2575 10.12 -51.63 -89.67
N ILE B 2576 11.09 -50.84 -90.14
CA ILE B 2576 10.76 -49.59 -90.83
C ILE B 2576 10.00 -49.87 -92.12
N CYS B 2577 10.50 -50.82 -92.92
CA CYS B 2577 9.83 -51.12 -94.19
C CYS B 2577 8.45 -51.72 -93.98
N GLY B 2578 8.18 -52.23 -92.77
CA GLY B 2578 6.86 -52.76 -92.49
CA GLY B 2578 6.86 -52.76 -92.49
C GLY B 2578 5.78 -51.71 -92.54
N GLN B 2579 5.88 -50.68 -91.71
CA GLN B 2579 4.88 -49.62 -91.72
C GLN B 2579 5.16 -48.61 -92.82
N LEU B 2580 6.29 -48.75 -93.52
CA LEU B 2580 6.60 -47.85 -94.62
C LEU B 2580 5.61 -48.04 -95.76
N ARG B 2581 5.12 -46.92 -96.29
CA ARG B 2581 4.13 -46.97 -97.36
C ARG B 2581 4.77 -47.48 -98.65
N PRO B 2582 4.09 -48.35 -99.40
CA PRO B 2582 4.73 -48.98 -100.56
C PRO B 2582 5.18 -48.01 -101.64
N SER B 2583 4.65 -46.79 -101.66
CA SER B 2583 4.97 -45.85 -102.73
C SER B 2583 6.45 -45.47 -102.72
N MET B 2584 7.01 -45.19 -101.54
CA MET B 2584 8.37 -44.65 -101.48
C MET B 2584 9.43 -45.72 -101.75
N MET B 2585 9.22 -46.94 -101.30
CA MET B 2585 10.30 -47.92 -101.30
C MET B 2585 10.63 -48.48 -102.68
N GLN B 2586 10.10 -47.90 -103.76
CA GLN B 2586 10.41 -48.45 -105.08
C GLN B 2586 11.84 -48.13 -105.48
N HIS B 2587 12.44 -47.09 -104.89
CA HIS B 2587 13.89 -46.89 -105.03
C HIS B 2587 14.68 -48.04 -104.45
N LEU B 2588 14.35 -48.45 -103.22
CA LEU B 2588 15.00 -49.59 -102.61
C LEU B 2588 14.76 -50.85 -103.42
N LEU B 2589 13.54 -51.02 -103.95
CA LEU B 2589 13.24 -52.18 -104.78
C LEU B 2589 14.08 -52.20 -106.05
N ARG B 2590 14.19 -51.05 -106.74
CA ARG B 2590 14.93 -51.02 -107.98
C ARG B 2590 16.42 -51.19 -107.78
N ARG B 2591 16.96 -50.75 -106.64
CA ARG B 2591 18.35 -51.08 -106.35
C ARG B 2591 18.53 -52.52 -105.87
N LEU B 2592 17.52 -53.11 -105.23
CA LEU B 2592 17.60 -54.49 -104.78
C LEU B 2592 17.58 -55.48 -105.94
N VAL B 2593 16.72 -55.25 -106.94
CA VAL B 2593 16.56 -56.22 -108.02
C VAL B 2593 17.84 -56.50 -108.80
N PHE B 2594 18.89 -55.70 -108.60
CA PHE B 2594 20.16 -55.94 -109.30
C PHE B 2594 21.17 -56.72 -108.46
N ASP B 2595 21.14 -56.60 -107.15
CA ASP B 2595 22.16 -57.24 -106.31
C ASP B 2595 21.63 -58.39 -105.48
N VAL B 2596 20.31 -58.50 -105.30
CA VAL B 2596 19.76 -59.67 -104.59
C VAL B 2596 19.86 -60.96 -105.41
N PRO B 2597 19.85 -60.94 -106.79
CA PRO B 2597 19.96 -62.21 -107.52
C PRO B 2597 21.27 -62.96 -107.25
N LEU B 2598 22.28 -62.26 -106.73
CA LEU B 2598 23.54 -62.92 -106.42
C LEU B 2598 23.35 -64.06 -105.42
N LEU B 2599 22.32 -63.98 -104.57
CA LEU B 2599 21.99 -65.02 -103.60
C LEU B 2599 23.17 -65.31 -102.67
N ASN B 2600 23.95 -64.28 -102.37
CA ASN B 2600 25.01 -64.39 -101.38
C ASN B 2600 24.40 -64.31 -99.98
N GLU B 2601 25.25 -64.48 -98.97
CA GLU B 2601 24.79 -64.39 -97.59
C GLU B 2601 24.30 -62.99 -97.24
N HIS B 2602 24.75 -61.98 -97.99
CA HIS B 2602 24.30 -60.62 -97.75
C HIS B 2602 22.92 -60.37 -98.35
N ALA B 2603 22.41 -61.30 -99.16
CA ALA B 2603 21.09 -61.14 -99.77
C ALA B 2603 19.96 -61.64 -98.89
N LYS B 2604 20.26 -62.21 -97.72
CA LYS B 2604 19.23 -62.85 -96.92
C LYS B 2604 18.24 -61.84 -96.35
N MET B 2605 18.73 -60.73 -95.81
CA MET B 2605 17.80 -59.72 -95.29
C MET B 2605 17.08 -58.95 -96.39
N PRO B 2606 17.66 -58.71 -97.58
CA PRO B 2606 16.80 -58.30 -98.70
C PRO B 2606 15.72 -59.30 -99.00
N LEU B 2607 16.02 -60.60 -98.86
CA LEU B 2607 15.02 -61.63 -99.10
C LEU B 2607 13.86 -61.52 -98.12
N LYS B 2608 14.17 -61.38 -96.82
CA LYS B 2608 13.10 -61.16 -95.84
C LYS B 2608 12.34 -59.87 -96.12
N LEU B 2609 13.06 -58.79 -96.46
CA LEU B 2609 12.41 -57.52 -96.70
C LEU B 2609 11.40 -57.62 -97.84
N LEU B 2610 11.82 -58.20 -98.96
CA LEU B 2610 10.91 -58.39 -100.09
C LEU B 2610 9.76 -59.30 -99.73
N THR B 2611 10.02 -60.40 -99.00
CA THR B 2611 8.95 -61.29 -98.60
C THR B 2611 7.86 -60.56 -97.82
N ASN B 2612 8.26 -59.86 -96.75
CA ASN B 2612 7.27 -59.22 -95.89
C ASN B 2612 6.59 -58.06 -96.61
N HIS B 2613 7.34 -57.30 -97.42
CA HIS B 2613 6.73 -56.19 -98.14
C HIS B 2613 5.67 -56.67 -99.12
N TYR B 2614 5.97 -57.74 -99.88
CA TYR B 2614 5.00 -58.23 -100.85
C TYR B 2614 3.81 -58.89 -100.16
N GLU B 2615 4.06 -59.58 -99.03
CA GLU B 2615 2.94 -60.15 -98.28
C GLU B 2615 2.01 -59.05 -97.77
N ARG B 2616 2.58 -57.95 -97.27
CA ARG B 2616 1.74 -56.87 -96.76
C ARG B 2616 1.02 -56.12 -97.89
N CYS B 2617 1.69 -55.91 -99.02
CA CYS B 2617 1.16 -55.13 -100.12
C CYS B 2617 0.68 -56.03 -101.25
N TRP B 2618 0.21 -57.23 -100.89
CA TRP B 2618 -0.34 -58.16 -101.87
C TRP B 2618 -1.45 -57.53 -102.72
N LYS B 2619 -2.45 -56.93 -102.07
CA LYS B 2619 -3.61 -56.48 -102.80
C LYS B 2619 -3.33 -55.17 -103.54
N TYR B 2620 -2.26 -54.47 -103.16
CA TYR B 2620 -1.83 -53.28 -103.88
C TYR B 2620 -1.45 -53.62 -105.31
N TYR B 2621 -0.71 -54.71 -105.50
CA TYR B 2621 -0.21 -55.04 -106.82
C TYR B 2621 -1.23 -55.85 -107.62
N CYS B 2622 -1.76 -56.93 -107.03
CA CYS B 2622 -2.64 -57.83 -107.78
C CYS B 2622 -3.93 -57.14 -108.19
N LEU B 2623 -4.62 -56.51 -107.23
CA LEU B 2623 -5.87 -55.85 -107.55
C LEU B 2623 -5.60 -54.52 -108.24
N PRO B 2624 -6.24 -54.26 -109.38
CA PRO B 2624 -6.04 -52.95 -110.05
C PRO B 2624 -6.44 -51.78 -109.18
N GLY B 2625 -7.50 -51.92 -108.38
CA GLY B 2625 -7.91 -50.81 -107.52
C GLY B 2625 -6.95 -50.57 -106.38
N GLY B 2626 -6.57 -51.62 -105.65
CA GLY B 2626 -5.69 -51.50 -104.52
C GLY B 2626 -6.32 -50.71 -103.38
N TRP B 2627 -5.48 -50.32 -102.43
CA TRP B 2627 -5.92 -49.46 -101.35
C TRP B 2627 -6.14 -48.04 -101.87
N GLY B 2628 -7.28 -47.45 -101.51
CA GLY B 2628 -7.60 -46.12 -102.00
C GLY B 2628 -6.61 -45.07 -101.54
N ASN B 2629 -6.24 -45.13 -100.26
CA ASN B 2629 -5.23 -44.21 -99.74
C ASN B 2629 -3.87 -44.45 -100.40
N PHE B 2630 -3.49 -45.72 -100.57
CA PHE B 2630 -2.21 -46.02 -101.21
C PHE B 2630 -2.27 -45.79 -102.72
N GLY B 2631 -3.36 -46.18 -103.35
CA GLY B 2631 -3.50 -46.01 -104.79
C GLY B 2631 -3.36 -47.31 -105.55
N ALA B 2632 -2.46 -47.34 -106.53
CA ALA B 2632 -2.24 -48.52 -107.33
C ALA B 2632 -0.81 -48.47 -107.87
N ALA B 2633 -0.39 -49.59 -108.46
CA ALA B 2633 0.96 -49.67 -109.01
C ALA B 2633 1.12 -48.72 -110.19
N SER B 2634 2.33 -48.17 -110.30
CA SER B 2634 2.69 -47.27 -111.40
C SER B 2634 3.14 -48.03 -112.64
N GLU B 2635 3.19 -49.37 -112.55
CA GLU B 2635 3.63 -50.31 -113.59
C GLU B 2635 5.15 -50.31 -113.73
N GLU B 2636 5.83 -49.30 -113.19
CA GLU B 2636 7.28 -49.41 -113.04
C GLU B 2636 7.62 -50.35 -111.90
N GLU B 2637 6.89 -50.25 -110.80
CA GLU B 2637 7.03 -51.23 -109.71
C GLU B 2637 6.66 -52.62 -110.20
N LEU B 2638 5.65 -52.71 -111.08
CA LEU B 2638 5.26 -54.00 -111.62
C LEU B 2638 6.36 -54.61 -112.50
N HIS B 2639 6.98 -53.79 -113.35
CA HIS B 2639 8.09 -54.28 -114.17
C HIS B 2639 9.28 -54.67 -113.31
N LEU B 2640 9.58 -53.89 -112.27
CA LEU B 2640 10.68 -54.24 -111.37
C LEU B 2640 10.39 -55.53 -110.62
N SER B 2641 9.14 -55.75 -110.22
CA SER B 2641 8.76 -57.02 -109.59
C SER B 2641 8.87 -58.18 -110.56
N ARG B 2642 8.50 -57.97 -111.82
CA ARG B 2642 8.73 -58.98 -112.86
C ARG B 2642 10.20 -59.34 -112.96
N LYS B 2643 11.07 -58.33 -113.02
CA LYS B 2643 12.50 -58.56 -113.11
C LYS B 2643 13.01 -59.30 -111.88
N LEU B 2644 12.53 -58.91 -110.70
CA LEU B 2644 12.91 -59.58 -109.46
C LEU B 2644 12.50 -61.05 -109.48
N PHE B 2645 11.26 -61.32 -109.89
CA PHE B 2645 10.76 -62.69 -109.97
C PHE B 2645 11.63 -63.53 -110.90
N TRP B 2646 11.87 -63.03 -112.12
CA TRP B 2646 12.64 -63.81 -113.08
C TRP B 2646 14.08 -64.01 -112.64
N GLY B 2647 14.70 -62.96 -112.09
CA GLY B 2647 16.07 -63.07 -111.63
C GLY B 2647 16.22 -64.07 -110.50
N ILE B 2648 15.33 -64.01 -109.51
CA ILE B 2648 15.37 -64.97 -108.41
C ILE B 2648 15.11 -66.38 -108.93
N PHE B 2649 14.14 -66.53 -109.83
CA PHE B 2649 13.82 -67.85 -110.35
C PHE B 2649 15.00 -68.48 -111.08
N ASP B 2650 15.71 -67.69 -111.89
CA ASP B 2650 16.86 -68.22 -112.61
C ASP B 2650 18.05 -68.47 -111.68
N ALA B 2651 18.34 -67.51 -110.80
CA ALA B 2651 19.50 -67.63 -109.93
C ALA B 2651 19.32 -68.76 -108.93
N LEU B 2652 18.08 -69.07 -108.55
CA LEU B 2652 17.84 -70.17 -107.63
C LEU B 2652 18.05 -71.52 -108.32
N SER B 2653 17.76 -71.60 -109.62
CA SER B 2653 18.07 -72.79 -110.39
C SER B 2653 19.58 -72.96 -110.57
N GLN B 2654 20.29 -71.86 -110.83
CA GLN B 2654 21.74 -71.96 -110.99
C GLN B 2654 22.46 -72.03 -109.65
N LYS B 2655 21.75 -71.82 -108.55
CA LYS B 2655 22.37 -71.74 -107.23
C LYS B 2655 22.64 -73.13 -106.67
N LYS B 2656 23.78 -73.28 -106.00
CA LYS B 2656 24.13 -74.55 -105.37
C LYS B 2656 23.22 -74.82 -104.18
N TYR B 2657 23.05 -76.11 -103.88
CA TYR B 2657 22.15 -76.55 -102.82
C TYR B 2657 22.55 -76.02 -101.45
N GLU B 2658 21.64 -75.26 -100.83
CA GLU B 2658 21.70 -74.92 -99.40
C GLU B 2658 20.24 -74.92 -98.93
N GLN B 2659 19.87 -75.96 -98.20
CA GLN B 2659 18.49 -76.23 -97.86
C GLN B 2659 17.85 -75.10 -97.08
N GLU B 2660 18.63 -74.42 -96.22
CA GLU B 2660 18.10 -73.25 -95.52
C GLU B 2660 17.82 -72.12 -96.51
N LEU B 2661 18.68 -71.96 -97.52
CA LEU B 2661 18.46 -70.94 -98.53
C LEU B 2661 17.17 -71.23 -99.31
N PHE B 2662 16.93 -72.49 -99.66
CA PHE B 2662 15.64 -72.78 -100.31
C PHE B 2662 14.46 -72.71 -99.35
N LYS B 2663 14.65 -72.91 -98.05
CA LYS B 2663 13.57 -72.59 -97.12
C LYS B 2663 13.22 -71.12 -97.18
N LEU B 2664 14.22 -70.25 -97.13
CA LEU B 2664 13.95 -68.83 -96.93
C LEU B 2664 13.56 -68.14 -98.23
N ALA B 2665 14.04 -68.64 -99.37
CA ALA B 2665 13.69 -68.04 -100.65
C ALA B 2665 12.30 -68.46 -101.13
N LEU B 2666 11.75 -69.53 -100.59
CA LEU B 2666 10.41 -69.98 -101.00
C LEU B 2666 9.33 -68.94 -100.73
N PRO B 2667 9.17 -68.40 -99.50
CA PRO B 2667 8.08 -67.45 -99.27
C PRO B 2667 8.24 -66.17 -100.10
N CYS B 2668 9.47 -65.73 -100.33
CA CYS B 2668 9.68 -64.53 -101.14
C CYS B 2668 9.23 -64.73 -102.58
N LEU B 2669 9.67 -65.82 -103.19
CA LEU B 2669 9.28 -66.11 -104.57
C LEU B 2669 7.78 -66.28 -104.67
N SER B 2670 7.18 -67.00 -103.71
CA SER B 2670 5.74 -67.20 -103.73
C SER B 2670 4.99 -65.88 -103.57
N ALA B 2671 5.45 -65.00 -102.68
CA ALA B 2671 4.80 -63.71 -102.49
C ALA B 2671 4.91 -62.84 -103.73
N VAL B 2672 6.07 -62.83 -104.39
CA VAL B 2672 6.22 -62.05 -105.62
C VAL B 2672 5.28 -62.58 -106.69
N ALA B 2673 5.23 -63.90 -106.85
CA ALA B 2673 4.36 -64.50 -107.86
C ALA B 2673 2.89 -64.16 -107.58
N GLY B 2674 2.48 -64.26 -106.32
CA GLY B 2674 1.10 -63.95 -105.98
C GLY B 2674 0.77 -62.47 -106.16
N ALA B 2675 1.71 -61.60 -105.80
CA ALA B 2675 1.47 -60.16 -105.94
C ALA B 2675 1.35 -59.76 -107.40
N LEU B 2676 2.17 -60.35 -108.27
CA LEU B 2676 2.09 -60.01 -109.68
C LEU B 2676 0.77 -60.50 -110.27
N PRO B 2677 -0.02 -59.62 -110.88
CA PRO B 2677 -1.33 -60.04 -111.43
C PRO B 2677 -1.15 -60.96 -112.62
N PRO B 2678 -1.87 -62.09 -112.65
CA PRO B 2678 -1.65 -63.08 -113.71
C PRO B 2678 -1.81 -62.53 -115.12
N ASP B 2679 -2.65 -61.52 -115.30
CA ASP B 2679 -2.85 -60.91 -116.61
C ASP B 2679 -1.83 -59.81 -116.91
N TYR B 2680 -0.66 -59.86 -116.27
CA TYR B 2680 0.28 -58.74 -116.31
C TYR B 2680 0.73 -58.43 -117.74
N MET B 2681 0.83 -57.13 -118.03
CA MET B 2681 1.40 -56.61 -119.25
C MET B 2681 2.87 -56.23 -119.04
N GLU B 2682 3.77 -57.03 -119.60
CA GLU B 2682 5.15 -56.56 -119.70
C GLU B 2682 5.23 -55.65 -120.93
N SER B 2683 5.66 -54.41 -120.71
CA SER B 2683 5.71 -53.45 -121.80
C SER B 2683 6.84 -53.83 -122.76
N ASN B 2684 6.48 -54.11 -124.01
CA ASN B 2684 7.51 -54.35 -125.01
C ASN B 2684 8.39 -53.11 -125.20
N TYR B 2685 7.79 -51.94 -125.09
CA TYR B 2685 8.55 -50.69 -125.04
C TYR B 2685 8.97 -50.43 -123.60
N VAL B 2686 10.04 -51.10 -123.15
CA VAL B 2686 10.60 -50.80 -121.84
C VAL B 2686 11.34 -49.48 -121.90
N SER B 2687 11.66 -48.95 -120.73
CA SER B 2687 12.53 -47.78 -120.67
C SER B 2687 13.98 -48.21 -120.93
N MET B 2688 14.64 -47.50 -121.82
CA MET B 2688 16.04 -47.74 -122.15
C MET B 2688 16.92 -46.75 -121.39
N MET B 2689 18.23 -46.89 -121.59
CA MET B 2689 19.24 -46.02 -120.99
C MET B 2689 19.00 -45.82 -119.49
N GLU B 2690 18.97 -46.94 -118.75
CA GLU B 2690 18.64 -46.89 -117.34
C GLU B 2690 19.76 -46.24 -116.53
N LYS B 2691 19.61 -46.24 -115.20
CA LYS B 2691 20.64 -45.71 -114.32
C LYS B 2691 21.91 -46.55 -114.45
N GLN B 2692 22.92 -46.00 -115.12
CA GLN B 2692 24.18 -46.72 -115.29
C GLN B 2692 24.87 -46.96 -113.95
N SER B 2693 24.61 -46.12 -112.95
CA SER B 2693 25.19 -46.32 -111.63
C SER B 2693 24.63 -47.58 -110.98
N SER B 2694 23.37 -47.91 -111.28
CA SER B 2694 22.75 -49.09 -110.68
C SER B 2694 23.47 -50.38 -111.09
N MET B 2695 23.81 -50.51 -112.37
CA MET B 2695 24.53 -51.70 -112.82
C MET B 2695 25.97 -51.70 -112.33
N ASP B 2696 26.53 -50.53 -112.09
CA ASP B 2696 27.88 -50.44 -111.54
C ASP B 2696 27.91 -51.02 -110.13
N SER B 2697 28.67 -52.10 -109.96
CA SER B 2697 28.70 -52.83 -108.69
C SER B 2697 29.69 -52.25 -107.68
N GLU B 2698 30.51 -51.28 -108.08
CA GLU B 2698 31.49 -50.67 -107.18
C GLU B 2698 30.80 -49.60 -106.34
N GLY B 2699 30.02 -50.06 -105.37
CA GLY B 2699 29.34 -49.18 -104.44
C GLY B 2699 28.12 -48.48 -104.99
N ASN B 2700 27.74 -48.74 -106.26
CA ASN B 2700 26.61 -48.13 -106.93
C ASN B 2700 26.69 -46.61 -106.99
N PHE B 2701 27.87 -46.03 -106.81
CA PHE B 2701 28.04 -44.58 -106.88
C PHE B 2701 28.87 -44.15 -108.09
N ASN B 2702 28.98 -45.01 -109.09
CA ASN B 2702 29.77 -44.69 -110.29
C ASN B 2702 28.88 -44.05 -111.34
N PRO B 2703 29.03 -42.75 -111.59
CA PRO B 2703 28.21 -42.10 -112.61
C PRO B 2703 28.85 -42.17 -113.99
N GLN B 2704 28.04 -41.82 -115.00
CA GLN B 2704 28.51 -41.73 -116.37
C GLN B 2704 27.70 -40.64 -117.08
N PRO B 2705 28.27 -39.46 -117.31
CA PRO B 2705 27.56 -38.43 -118.07
C PRO B 2705 27.31 -38.87 -119.50
N VAL B 2706 26.20 -38.38 -120.05
CA VAL B 2706 25.83 -38.72 -121.41
C VAL B 2706 26.78 -38.04 -122.40
N ASP B 2707 26.98 -38.70 -123.54
CA ASP B 2707 27.87 -38.16 -124.56
C ASP B 2707 27.27 -36.91 -125.19
N THR B 2708 28.11 -35.91 -125.42
CA THR B 2708 27.67 -34.62 -125.94
C THR B 2708 28.28 -34.23 -127.27
N SER B 2709 29.43 -34.78 -127.66
CA SER B 2709 30.06 -34.38 -128.91
C SER B 2709 29.32 -34.92 -130.12
N ASN B 2710 28.51 -35.97 -129.93
CA ASN B 2710 27.83 -36.59 -131.05
C ASN B 2710 26.75 -35.69 -131.65
N ILE B 2711 26.32 -34.67 -130.91
CA ILE B 2711 25.17 -33.88 -131.30
C ILE B 2711 25.59 -32.44 -131.54
N THR B 2712 24.77 -31.71 -132.29
CA THR B 2712 25.04 -30.33 -132.66
C THR B 2712 23.85 -29.45 -132.29
N ILE B 2713 24.12 -28.16 -132.13
CA ILE B 2713 23.11 -27.21 -131.68
C ILE B 2713 22.25 -26.77 -132.87
N PRO B 2714 20.94 -26.64 -132.69
CA PRO B 2714 20.12 -26.02 -133.74
C PRO B 2714 20.01 -24.51 -133.57
N GLU B 2715 19.80 -23.78 -134.66
CA GLU B 2715 19.58 -22.35 -134.57
C GLU B 2715 18.28 -22.01 -133.85
N LYS B 2716 17.30 -22.91 -133.88
CA LYS B 2716 16.08 -22.70 -133.10
C LYS B 2716 16.38 -22.74 -131.60
N LEU B 2717 17.28 -23.62 -131.17
CA LEU B 2717 17.69 -23.63 -129.77
C LEU B 2717 18.62 -22.46 -129.45
N GLU B 2718 19.39 -22.00 -130.44
CA GLU B 2718 20.16 -20.78 -130.26
C GLU B 2718 19.24 -19.60 -129.98
N TYR B 2719 18.13 -19.51 -130.71
CA TYR B 2719 17.14 -18.48 -130.43
C TYR B 2719 16.63 -18.57 -129.00
N PHE B 2720 16.41 -19.80 -128.52
CA PHE B 2720 15.99 -19.96 -127.13
C PHE B 2720 17.03 -19.49 -126.13
N ILE B 2721 18.31 -19.85 -126.33
CA ILE B 2721 19.33 -19.39 -125.40
C ILE B 2721 19.45 -17.87 -125.47
N ASN B 2722 19.10 -17.29 -126.61
CA ASN B 2722 18.89 -15.84 -126.66
C ASN B 2722 17.67 -15.47 -125.82
N LYS B 2723 17.84 -14.41 -125.02
CA LYS B 2723 16.91 -13.88 -124.03
C LYS B 2723 16.83 -14.77 -122.80
N TYR B 2724 17.32 -16.01 -122.89
CA TYR B 2724 17.42 -16.83 -121.68
C TYR B 2724 18.69 -16.51 -120.93
N ALA B 2725 19.82 -16.47 -121.63
CA ALA B 2725 21.04 -15.95 -121.03
C ALA B 2725 20.83 -14.54 -120.53
N GLU B 2726 20.02 -13.76 -121.25
CA GLU B 2726 19.69 -12.40 -120.82
C GLU B 2726 18.92 -12.39 -119.51
N HIS B 2727 17.90 -13.25 -119.38
CA HIS B 2727 17.14 -13.28 -118.14
C HIS B 2727 17.99 -13.81 -116.97
N SER B 2728 18.87 -14.76 -117.26
CA SER B 2728 19.80 -15.24 -116.23
C SER B 2728 20.74 -14.14 -115.77
N HIS B 2729 21.31 -13.39 -116.72
CA HIS B 2729 22.12 -12.23 -116.37
C HIS B 2729 21.30 -11.23 -115.58
N ASP B 2730 20.01 -11.09 -115.89
CA ASP B 2730 19.17 -10.13 -115.19
C ASP B 2730 18.99 -10.53 -113.73
N LYS B 2731 18.64 -11.80 -113.47
CA LYS B 2731 18.46 -12.23 -112.09
C LYS B 2731 19.77 -12.19 -111.32
N TRP B 2732 20.89 -12.54 -111.97
CA TRP B 2732 22.18 -12.43 -111.30
C TRP B 2732 22.55 -10.97 -111.07
N SER B 2733 22.00 -10.06 -111.89
CA SER B 2733 22.21 -8.64 -111.67
C SER B 2733 21.46 -8.15 -110.44
N MET B 2734 20.22 -8.62 -110.25
CA MET B 2734 19.55 -8.34 -108.97
C MET B 2734 20.28 -8.96 -107.79
N ASP B 2735 20.89 -10.13 -107.99
CA ASP B 2735 21.72 -10.69 -106.93
C ASP B 2735 22.90 -9.77 -106.61
N LYS B 2736 23.54 -9.21 -107.64
CA LYS B 2736 24.67 -8.31 -107.43
C LYS B 2736 24.23 -7.02 -106.72
N LEU B 2737 23.09 -6.46 -107.12
CA LEU B 2737 22.63 -5.24 -106.45
C LEU B 2737 22.17 -5.54 -105.02
N ALA B 2738 21.67 -6.76 -104.78
CA ALA B 2738 21.30 -7.15 -103.43
C ALA B 2738 22.50 -7.31 -102.51
N ASN B 2739 23.58 -7.92 -102.99
CA ASN B 2739 24.78 -8.08 -102.17
C ASN B 2739 25.75 -6.90 -102.33
N GLY B 2740 25.33 -5.84 -103.01
CA GLY B 2740 25.99 -4.55 -102.83
C GLY B 2740 26.65 -3.92 -104.03
N TRP B 2741 26.54 -4.52 -105.21
CA TRP B 2741 27.28 -4.02 -106.36
C TRP B 2741 26.55 -2.85 -107.02
N ILE B 2742 27.29 -1.78 -107.31
CA ILE B 2742 26.78 -0.61 -108.00
C ILE B 2742 27.46 -0.53 -109.37
N TYR B 2743 26.68 -0.14 -110.39
CA TYR B 2743 27.19 -0.06 -111.77
C TYR B 2743 28.32 0.96 -111.84
N GLY B 2744 29.51 0.48 -112.17
CA GLY B 2744 30.66 1.34 -112.36
C GLY B 2744 31.69 0.72 -113.30
N GLU B 2745 32.11 1.48 -114.31
CA GLU B 2745 33.03 0.96 -115.32
C GLU B 2745 34.36 0.53 -114.72
N ILE B 2746 34.77 1.18 -113.64
CA ILE B 2746 35.99 0.78 -112.94
C ILE B 2746 35.80 -0.60 -112.33
N TYR B 2747 36.84 -1.44 -112.43
CA TYR B 2747 36.79 -2.81 -111.90
C TYR B 2747 37.12 -2.81 -110.41
N SER B 2748 36.40 -1.98 -109.66
CA SER B 2748 36.61 -1.83 -108.22
C SER B 2748 35.83 -2.93 -107.50
N ASP B 2749 36.30 -4.16 -107.67
CA ASP B 2749 35.63 -5.31 -107.07
C ASP B 2749 35.82 -5.37 -105.56
N SER B 2750 36.77 -4.61 -105.01
CA SER B 2750 36.91 -4.56 -103.55
C SER B 2750 35.81 -3.71 -102.92
N SER B 2751 35.47 -2.58 -103.55
CA SER B 2751 34.55 -1.62 -102.98
C SER B 2751 33.12 -1.74 -103.51
N LYS B 2752 32.75 -2.93 -104.00
CA LYS B 2752 31.40 -3.20 -104.49
C LYS B 2752 31.03 -2.25 -105.63
N VAL B 2753 31.89 -2.25 -106.66
CA VAL B 2753 31.65 -1.52 -107.90
C VAL B 2753 31.93 -2.46 -109.05
N GLN B 2754 30.96 -2.59 -109.98
CA GLN B 2754 31.09 -3.51 -111.10
C GLN B 2754 30.28 -2.99 -112.27
N PRO B 2755 30.81 -3.09 -113.49
CA PRO B 2755 30.06 -2.64 -114.68
C PRO B 2755 29.08 -3.67 -115.23
N LEU B 2756 28.84 -4.77 -114.51
CA LEU B 2756 28.07 -5.88 -115.06
C LEU B 2756 26.56 -5.59 -114.98
N MET B 2757 26.16 -4.58 -114.21
CA MET B 2757 24.78 -4.13 -114.20
C MET B 2757 24.49 -3.28 -115.42
N LYS B 2758 24.56 -3.88 -116.59
CA LYS B 2758 24.37 -3.21 -117.87
C LYS B 2758 23.92 -4.26 -118.87
N PRO B 2759 22.94 -3.94 -119.72
CA PRO B 2759 22.21 -4.99 -120.45
C PRO B 2759 23.12 -5.95 -121.21
N TYR B 2760 22.68 -7.21 -121.28
CA TYR B 2760 23.55 -8.29 -121.75
C TYR B 2760 24.00 -8.09 -123.19
N LYS B 2761 23.11 -7.63 -124.07
CA LYS B 2761 23.50 -7.38 -125.45
C LYS B 2761 24.55 -6.27 -125.55
N LEU B 2762 24.45 -5.23 -124.72
CA LEU B 2762 25.45 -4.18 -124.75
C LEU B 2762 26.72 -4.60 -124.05
N LEU B 2763 26.70 -5.69 -123.29
CA LEU B 2763 27.92 -6.23 -122.69
C LEU B 2763 28.85 -6.80 -123.75
N SER B 2764 30.11 -6.98 -123.37
CA SER B 2764 31.12 -7.50 -124.27
C SER B 2764 30.88 -8.97 -124.57
N GLU B 2765 31.20 -9.37 -125.81
CA GLU B 2765 30.96 -10.75 -126.22
C GLU B 2765 31.85 -11.73 -125.48
N LYS B 2766 33.04 -11.30 -125.04
CA LYS B 2766 33.87 -12.14 -124.19
C LYS B 2766 33.15 -12.49 -122.90
N GLU B 2767 32.50 -11.51 -122.27
CA GLU B 2767 31.70 -11.79 -121.10
C GLU B 2767 30.48 -12.63 -121.47
N LYS B 2768 29.90 -12.38 -122.64
CA LYS B 2768 28.77 -13.17 -123.11
C LYS B 2768 29.18 -14.63 -123.30
N GLU B 2769 30.36 -14.87 -123.84
CA GLU B 2769 30.89 -16.22 -123.93
C GLU B 2769 31.21 -16.73 -122.53
N ILE B 2770 31.43 -18.05 -122.44
CA ILE B 2770 31.69 -18.85 -121.24
C ILE B 2770 30.60 -18.66 -120.19
N TYR B 2771 29.87 -17.55 -120.25
CA TYR B 2771 28.65 -17.41 -119.48
C TYR B 2771 27.49 -18.22 -120.05
N ARG B 2772 27.35 -18.28 -121.37
CA ARG B 2772 26.39 -19.15 -122.02
C ARG B 2772 26.86 -20.59 -122.09
N TRP B 2773 28.14 -20.84 -121.81
CA TRP B 2773 28.71 -22.19 -121.88
C TRP B 2773 27.97 -23.21 -121.00
N PRO B 2774 27.65 -22.93 -119.72
CA PRO B 2774 26.84 -23.89 -118.96
C PRO B 2774 25.51 -24.18 -119.62
N ILE B 2775 24.90 -23.18 -120.25
CA ILE B 2775 23.68 -23.42 -121.01
C ILE B 2775 23.95 -24.36 -122.17
N LYS B 2776 25.12 -24.22 -122.81
CA LYS B 2776 25.48 -25.15 -123.89
C LYS B 2776 25.56 -26.58 -123.40
N GLU B 2777 26.24 -26.80 -122.27
CA GLU B 2777 26.32 -28.17 -121.74
C GLU B 2777 24.95 -28.67 -121.32
N SER B 2778 24.11 -27.79 -120.77
CA SER B 2778 22.77 -28.19 -120.37
C SER B 2778 21.95 -28.64 -121.58
N LEU B 2779 22.06 -27.92 -122.70
CA LEU B 2779 21.27 -28.28 -123.88
C LEU B 2779 21.83 -29.51 -124.57
N LYS B 2780 23.16 -29.67 -124.55
CA LYS B 2780 23.73 -30.97 -124.95
C LYS B 2780 23.15 -32.11 -124.11
N THR B 2781 23.05 -31.92 -122.80
CA THR B 2781 22.51 -32.96 -121.94
C THR B 2781 21.04 -33.25 -122.26
N MET B 2782 20.23 -32.21 -122.45
CA MET B 2782 18.81 -32.46 -122.71
C MET B 2782 18.60 -33.14 -124.06
N LEU B 2783 19.36 -32.73 -125.09
CA LEU B 2783 19.15 -33.34 -126.40
C LEU B 2783 19.75 -34.75 -126.45
N ALA B 2784 20.80 -35.01 -125.67
CA ALA B 2784 21.40 -36.34 -125.66
C ALA B 2784 20.39 -37.40 -125.20
N TRP B 2785 19.41 -36.99 -124.41
CA TRP B 2785 18.30 -37.88 -124.09
C TRP B 2785 17.45 -38.22 -125.32
N GLY B 2786 17.59 -37.47 -126.40
CA GLY B 2786 16.83 -37.71 -127.60
C GLY B 2786 15.42 -37.16 -127.59
N TRP B 2787 15.07 -36.35 -126.60
CA TRP B 2787 13.70 -35.89 -126.44
C TRP B 2787 13.33 -34.94 -127.57
N ARG B 2788 12.08 -35.04 -128.05
CA ARG B 2788 11.60 -34.22 -129.15
C ARG B 2788 11.12 -32.87 -128.61
N ILE B 2789 11.31 -31.82 -129.39
CA ILE B 2789 10.90 -30.46 -129.01
C ILE B 2789 10.05 -29.89 -130.14
N GLU B 2790 8.90 -29.33 -129.76
CA GLU B 2790 7.95 -28.76 -130.72
C GLU B 2790 7.68 -27.30 -130.35
N ARG B 2791 7.70 -26.42 -131.35
CA ARG B 2791 7.45 -25.01 -131.10
C ARG B 2791 5.96 -24.70 -131.29
N THR B 2792 5.41 -23.92 -130.37
CA THR B 2792 4.02 -23.53 -130.47
C THR B 2792 3.85 -22.30 -131.37
N ARG B 2793 2.61 -22.04 -131.76
CA ARG B 2793 2.29 -20.87 -132.58
C ARG B 2793 2.62 -19.58 -131.84
N GLU B 2794 2.34 -19.54 -130.52
CA GLU B 2794 2.68 -18.36 -129.74
C GLU B 2794 4.18 -18.12 -129.71
N GLY B 2795 4.96 -19.19 -129.48
CA GLY B 2795 6.41 -19.07 -129.46
C GLY B 2795 7.04 -18.72 -130.79
N ASP B 2796 6.35 -18.99 -131.89
CA ASP B 2796 6.81 -18.59 -133.21
C ASP B 2796 6.38 -17.17 -133.57
N SER B 2797 5.19 -16.74 -133.13
CA SER B 2797 4.81 -15.34 -133.28
C SER B 2797 5.73 -14.44 -132.48
N MET B 2798 6.16 -14.90 -131.30
CA MET B 2798 7.14 -14.14 -130.53
C MET B 2798 8.47 -14.04 -131.25
N ALA B 2799 8.89 -15.12 -131.92
CA ALA B 2799 10.10 -15.06 -132.73
C ALA B 2799 9.96 -14.08 -133.88
N LEU B 2800 8.76 -14.06 -134.50
CA LEU B 2800 8.52 -13.09 -135.57
C LEU B 2800 8.58 -11.66 -135.04
N TYR B 2801 8.01 -11.40 -133.87
CA TYR B 2801 8.02 -10.06 -133.32
C TYR B 2801 9.41 -9.65 -132.82
N ASN B 2802 10.24 -10.63 -132.47
CA ASN B 2802 11.54 -10.39 -131.86
C ASN B 2802 11.41 -9.59 -130.57
N GLY B 2820 18.63 2.64 -118.31
CA GLY B 2820 17.63 2.97 -119.30
C GLY B 2820 16.28 2.33 -119.04
N TYR B 2821 16.30 1.08 -118.61
CA TYR B 2821 15.08 0.35 -118.31
C TYR B 2821 15.24 -0.34 -116.96
N SER B 2822 14.13 -0.44 -116.22
CA SER B 2822 14.10 -1.17 -114.97
C SER B 2822 14.14 -2.66 -115.27
N PRO B 2823 15.01 -3.43 -114.62
CA PRO B 2823 15.10 -4.85 -114.92
C PRO B 2823 13.83 -5.63 -114.60
N ARG B 2824 13.30 -6.34 -115.60
CA ARG B 2824 12.15 -7.23 -115.39
C ARG B 2824 12.64 -8.67 -115.33
N ALA B 2825 12.47 -9.29 -114.16
CA ALA B 2825 12.57 -10.73 -114.02
C ALA B 2825 11.25 -11.26 -113.49
N ILE B 2826 10.77 -12.33 -114.12
CA ILE B 2826 9.49 -12.95 -113.78
C ILE B 2826 9.77 -14.20 -112.96
N ASP B 2827 9.11 -14.29 -111.79
CA ASP B 2827 9.14 -15.53 -111.04
C ASP B 2827 8.29 -16.55 -111.76
N MET B 2828 8.74 -17.79 -111.73
CA MET B 2828 8.15 -18.85 -112.51
C MET B 2828 7.95 -20.13 -111.68
N SER B 2829 8.17 -20.03 -110.36
CA SER B 2829 7.65 -21.01 -109.41
C SER B 2829 6.12 -20.98 -109.36
N ASN B 2830 5.53 -19.87 -109.82
CA ASN B 2830 4.08 -19.80 -109.92
C ASN B 2830 3.54 -20.84 -110.90
N VAL B 2831 4.20 -21.00 -112.04
CA VAL B 2831 3.82 -22.04 -112.99
C VAL B 2831 4.12 -23.41 -112.38
N THR B 2832 3.40 -24.43 -112.83
CA THR B 2832 3.58 -25.79 -112.33
C THR B 2832 3.68 -26.76 -113.51
N LEU B 2833 4.61 -27.71 -113.40
CA LEU B 2833 4.76 -28.74 -114.40
C LEU B 2833 3.81 -29.91 -114.13
N SER B 2834 3.77 -30.85 -115.07
CA SER B 2834 2.99 -32.06 -114.92
C SER B 2834 3.85 -33.18 -114.33
N ARG B 2835 3.21 -34.34 -114.10
CA ARG B 2835 3.94 -35.52 -113.63
C ARG B 2835 5.08 -35.88 -114.59
N ASP B 2836 4.80 -35.86 -115.89
CA ASP B 2836 5.79 -36.30 -116.87
C ASP B 2836 7.01 -35.38 -116.88
N LEU B 2837 6.78 -34.08 -117.01
CA LEU B 2837 7.88 -33.13 -116.96
C LEU B 2837 8.59 -33.15 -115.62
N HIS B 2838 7.85 -33.43 -114.53
CA HIS B 2838 8.46 -33.61 -113.21
CA HIS B 2838 8.46 -33.61 -113.21
C HIS B 2838 9.49 -34.73 -113.24
N ALA B 2839 9.09 -35.90 -113.72
CA ALA B 2839 9.99 -37.05 -113.76
C ALA B 2839 11.17 -36.79 -114.68
N MET B 2840 10.92 -36.17 -115.83
CA MET B 2840 12.00 -35.84 -116.75
C MET B 2840 13.00 -34.91 -116.09
N ALA B 2841 12.51 -33.87 -115.42
CA ALA B 2841 13.38 -32.93 -114.72
C ALA B 2841 14.15 -33.61 -113.61
N GLU B 2842 13.50 -34.53 -112.89
CA GLU B 2842 14.18 -35.24 -111.81
C GLU B 2842 15.33 -36.10 -112.33
N MET B 2843 15.14 -36.79 -113.45
CA MET B 2843 16.20 -37.67 -113.93
C MET B 2843 17.32 -36.86 -114.61
N MET B 2844 16.97 -35.75 -115.26
CA MET B 2844 18.03 -34.90 -115.83
C MET B 2844 18.80 -34.17 -114.73
N ALA B 2845 18.13 -33.85 -113.61
CA ALA B 2845 18.83 -33.37 -112.43
C ALA B 2845 19.73 -34.46 -111.83
N GLU B 2846 19.26 -35.71 -111.85
CA GLU B 2846 20.14 -36.83 -111.54
C GLU B 2846 21.41 -36.78 -112.37
N ASN B 2847 21.26 -36.54 -113.68
CA ASN B 2847 22.43 -36.50 -114.56
C ASN B 2847 23.36 -35.33 -114.21
N TYR B 2848 22.79 -34.16 -113.91
CA TYR B 2848 23.66 -33.04 -113.52
C TYR B 2848 24.38 -33.31 -112.20
N HIS B 2849 23.69 -33.93 -111.24
CA HIS B 2849 24.40 -34.30 -110.01
C HIS B 2849 25.49 -35.31 -110.31
N ASN B 2850 25.25 -36.22 -111.25
CA ASN B 2850 26.28 -37.17 -111.64
C ASN B 2850 27.48 -36.46 -112.27
N ILE B 2851 27.22 -35.43 -113.07
CA ILE B 2851 28.31 -34.65 -113.67
C ILE B 2851 29.12 -33.96 -112.58
N TRP B 2852 28.43 -33.33 -111.62
CA TRP B 2852 29.10 -32.68 -110.51
C TRP B 2852 29.89 -33.68 -109.67
N ALA B 2853 29.35 -34.88 -109.49
CA ALA B 2853 30.05 -35.92 -108.75
C ALA B 2853 31.29 -36.38 -109.51
N LYS B 2854 31.21 -36.46 -110.84
CA LYS B 2854 32.40 -36.77 -111.63
C LYS B 2854 33.47 -35.70 -111.44
N LYS B 2855 33.09 -34.42 -111.52
CA LYS B 2855 34.08 -33.38 -111.25
C LYS B 2855 34.71 -33.55 -109.87
N LYS B 2856 33.87 -33.64 -108.83
CA LYS B 2856 34.39 -33.82 -107.47
C LYS B 2856 35.28 -35.03 -107.39
N LYS B 2857 35.00 -36.06 -108.20
CA LYS B 2857 35.85 -37.24 -108.23
C LYS B 2857 37.22 -36.92 -108.84
N MET B 2858 37.25 -36.12 -109.91
CA MET B 2858 38.55 -35.72 -110.44
C MET B 2858 39.36 -34.90 -109.43
N GLU B 2859 38.75 -33.93 -108.74
CA GLU B 2859 39.53 -33.29 -107.68
C GLU B 2859 39.88 -34.26 -106.56
N LEU B 2860 39.06 -35.31 -106.36
CA LEU B 2860 39.37 -36.30 -105.35
C LEU B 2860 40.65 -37.07 -105.70
N GLU B 2861 40.76 -37.53 -106.95
CA GLU B 2861 41.99 -38.20 -107.34
C GLU B 2861 43.16 -37.24 -107.43
N SER B 2862 42.91 -35.97 -107.73
CA SER B 2862 44.00 -34.99 -107.70
C SER B 2862 44.56 -34.82 -106.30
N LYS B 2863 43.67 -34.75 -105.30
CA LYS B 2863 44.12 -34.71 -103.91
C LYS B 2863 44.79 -36.03 -103.52
N GLY B 2864 44.31 -37.14 -104.06
CA GLY B 2864 44.83 -38.44 -103.73
C GLY B 2864 44.19 -39.10 -102.53
N GLY B 2865 43.23 -38.44 -101.88
CA GLY B 2865 42.59 -39.03 -100.72
C GLY B 2865 41.33 -38.26 -100.34
N GLY B 2866 40.67 -38.77 -99.31
CA GLY B 2866 39.47 -38.14 -98.79
C GLY B 2866 38.21 -38.51 -99.55
N ASN B 2867 37.10 -37.93 -99.11
CA ASN B 2867 35.81 -38.17 -99.73
C ASN B 2867 34.90 -36.98 -99.40
N HIS B 2868 33.80 -36.89 -100.15
CA HIS B 2868 32.87 -35.80 -99.95
C HIS B 2868 31.52 -36.34 -99.48
N PRO B 2869 30.89 -35.71 -98.49
CA PRO B 2869 29.61 -36.25 -97.98
C PRO B 2869 28.53 -36.37 -99.03
N LEU B 2870 28.50 -35.44 -100.00
CA LEU B 2870 27.48 -35.47 -101.04
C LEU B 2870 27.88 -36.29 -102.24
N LEU B 2871 29.04 -36.97 -102.21
CA LEU B 2871 29.43 -37.87 -103.29
C LEU B 2871 28.45 -39.02 -103.48
N VAL B 2872 27.66 -39.33 -102.46
CA VAL B 2872 26.64 -40.39 -102.54
C VAL B 2872 25.63 -40.02 -103.62
N PRO B 2873 24.98 -41.00 -104.26
CA PRO B 2873 24.09 -40.68 -105.38
C PRO B 2873 22.99 -39.67 -105.09
N TYR B 2874 22.43 -39.10 -106.16
CA TYR B 2874 21.47 -38.02 -106.02
C TYR B 2874 20.23 -38.47 -105.27
N ASP B 2875 19.74 -39.67 -105.58
CA ASP B 2875 18.59 -40.20 -104.85
C ASP B 2875 18.91 -40.40 -103.37
N THR B 2876 20.14 -40.85 -103.07
CA THR B 2876 20.54 -41.01 -101.68
C THR B 2876 20.65 -39.67 -100.96
N LEU B 2877 20.84 -38.58 -101.71
CA LEU B 2877 20.82 -37.25 -101.10
C LEU B 2877 19.41 -36.91 -100.61
N THR B 2878 19.31 -35.77 -99.92
CA THR B 2878 18.02 -35.26 -99.46
C THR B 2878 17.69 -33.94 -100.15
N ALA B 2879 16.42 -33.55 -100.04
CA ALA B 2879 15.90 -32.45 -100.86
C ALA B 2879 16.63 -31.14 -100.61
N LYS B 2880 17.13 -30.93 -99.38
CA LYS B 2880 17.75 -29.65 -99.05
C LYS B 2880 18.99 -29.39 -99.90
N GLU B 2881 19.91 -30.36 -99.98
CA GLU B 2881 21.08 -30.17 -100.83
C GLU B 2881 20.73 -30.37 -102.29
N LYS B 2882 19.66 -31.12 -102.58
CA LYS B 2882 19.17 -31.24 -103.94
C LYS B 2882 18.60 -29.94 -104.48
N ALA B 2883 18.28 -29.00 -103.58
CA ALA B 2883 17.37 -27.90 -103.92
C ALA B 2883 17.90 -27.06 -105.07
N LYS B 2884 19.20 -26.74 -105.07
CA LYS B 2884 19.73 -25.88 -106.13
C LYS B 2884 19.65 -26.58 -107.49
N ASP B 2885 20.00 -27.87 -107.54
CA ASP B 2885 19.94 -28.59 -108.80
C ASP B 2885 18.50 -28.72 -109.29
N ARG B 2886 17.57 -29.05 -108.38
CA ARG B 2886 16.17 -29.09 -108.80
C ARG B 2886 15.72 -27.74 -109.34
N GLU B 2887 15.89 -26.67 -108.55
CA GLU B 2887 15.34 -25.39 -108.96
C GLU B 2887 15.93 -24.95 -110.29
N LYS B 2888 17.21 -25.25 -110.53
CA LYS B 2888 17.78 -24.99 -111.85
C LYS B 2888 17.07 -25.81 -112.92
N ALA B 2889 16.80 -27.09 -112.62
CA ALA B 2889 16.11 -27.94 -113.59
C ALA B 2889 14.75 -27.37 -113.97
N GLN B 2890 13.90 -27.08 -112.98
CA GLN B 2890 12.57 -26.64 -113.35
C GLN B 2890 12.60 -25.23 -113.93
N ASP B 2891 13.54 -24.37 -113.51
CA ASP B 2891 13.53 -23.06 -114.13
C ASP B 2891 13.91 -23.14 -115.61
N ILE B 2892 14.91 -23.95 -115.95
CA ILE B 2892 15.24 -24.03 -117.38
C ILE B 2892 14.10 -24.66 -118.16
N LEU B 2893 13.48 -25.74 -117.65
CA LEU B 2893 12.45 -26.39 -118.44
C LEU B 2893 11.16 -25.56 -118.49
N LYS B 2894 10.84 -24.84 -117.40
CA LYS B 2894 9.72 -23.90 -117.40
C LYS B 2894 9.98 -22.75 -118.36
N PHE B 2895 11.24 -22.31 -118.46
CA PHE B 2895 11.55 -21.25 -119.40
C PHE B 2895 11.38 -21.75 -120.83
N LEU B 2896 11.73 -23.01 -121.07
CA LEU B 2896 11.44 -23.62 -122.37
C LEU B 2896 9.94 -23.64 -122.66
N GLN B 2897 9.14 -24.03 -121.67
CA GLN B 2897 7.68 -24.04 -121.85
C GLN B 2897 7.15 -22.65 -122.17
N ILE B 2898 7.59 -21.63 -121.44
CA ILE B 2898 7.03 -20.28 -121.64
C ILE B 2898 7.52 -19.70 -122.96
N ASN B 2899 8.75 -20.03 -123.37
CA ASN B 2899 9.21 -19.63 -124.69
C ASN B 2899 8.42 -20.34 -125.78
N GLY B 2900 7.81 -21.47 -125.44
CA GLY B 2900 6.87 -22.15 -126.33
C GLY B 2900 7.37 -23.47 -126.86
N TYR B 2901 8.67 -23.73 -126.78
CA TYR B 2901 9.20 -25.03 -127.13
C TYR B 2901 8.59 -26.09 -126.23
N ALA B 2902 8.07 -27.16 -126.83
CA ALA B 2902 7.35 -28.20 -126.11
C ALA B 2902 8.19 -29.47 -126.15
N VAL B 2903 8.81 -29.81 -125.02
CA VAL B 2903 9.59 -31.03 -124.92
C VAL B 2903 8.70 -32.20 -124.51
N SER B 2904 8.95 -33.35 -125.11
CA SER B 2904 8.18 -34.55 -124.82
C SER B 2904 9.13 -35.74 -124.79
N ARG B 2905 8.56 -36.94 -124.77
CA ARG B 2905 9.39 -38.15 -124.81
C ARG B 2905 10.09 -38.27 -126.16
N GLY B 2906 11.31 -38.83 -126.12
CA GLY B 2906 12.08 -38.95 -127.35
C GLY B 2906 11.40 -39.79 -128.41
N PHE B 2907 10.77 -40.89 -128.00
CA PHE B 2907 10.14 -41.82 -128.93
C PHE B 2907 8.86 -42.37 -128.32
N LYS B 2908 7.74 -42.16 -129.01
CA LYS B 2908 6.47 -42.68 -128.55
C LYS B 2908 6.39 -44.19 -128.79
N ASP B 2909 5.36 -44.81 -128.24
CA ASP B 2909 5.20 -46.25 -128.30
C ASP B 2909 5.19 -46.74 -129.75
N LEU B 2910 5.97 -47.78 -130.02
CA LEU B 2910 6.08 -48.31 -131.38
C LEU B 2910 5.11 -49.46 -131.60
N GLU B 2911 4.92 -50.30 -130.58
CA GLU B 2911 4.08 -51.49 -130.72
C GLU B 2911 3.51 -51.86 -129.37
N LEU B 2912 2.63 -52.87 -129.33
CA LEU B 2912 2.01 -53.30 -128.09
C LEU B 2912 1.87 -54.82 -128.12
N ASP B 2913 2.21 -55.45 -127.00
CA ASP B 2913 2.33 -56.90 -126.91
C ASP B 2913 1.08 -57.60 -126.38
N THR B 2914 -0.03 -56.86 -126.22
CA THR B 2914 -1.27 -57.48 -125.78
C THR B 2914 -1.77 -58.62 -126.67
N PRO B 2915 -1.70 -58.55 -128.01
CA PRO B 2915 -2.22 -59.68 -128.79
C PRO B 2915 -1.51 -60.99 -128.52
N SER B 2916 -0.23 -60.95 -128.16
CA SER B 2916 0.52 -62.16 -127.85
C SER B 2916 -0.09 -62.86 -126.66
N ILE B 2917 -0.08 -64.20 -126.68
CA ILE B 2917 -0.58 -64.97 -125.55
C ILE B 2917 0.50 -65.20 -124.49
N GLU B 2918 1.77 -64.99 -124.84
CA GLU B 2918 2.84 -64.95 -123.84
C GLU B 2918 2.91 -63.60 -123.15
N LYS B 2919 2.01 -62.67 -123.48
CA LYS B 2919 1.91 -61.41 -122.77
C LYS B 2919 1.78 -61.64 -121.26
N ARG B 2920 0.96 -62.60 -120.87
CA ARG B 2920 0.78 -62.90 -119.46
C ARG B 2920 2.02 -63.55 -118.87
N PHE B 2921 2.55 -62.94 -117.81
CA PHE B 2921 3.72 -63.54 -117.16
C PHE B 2921 3.34 -64.89 -116.60
N ALA B 2922 2.07 -65.11 -116.28
CA ALA B 2922 1.60 -66.42 -115.89
C ALA B 2922 1.79 -67.42 -117.04
N TYR B 2923 1.45 -67.02 -118.26
CA TYR B 2923 1.66 -67.89 -119.41
C TYR B 2923 3.14 -68.19 -119.62
N SER B 2924 3.99 -67.17 -119.54
CA SER B 2924 5.41 -67.40 -119.73
C SER B 2924 6.00 -68.26 -118.62
N PHE B 2925 5.61 -68.00 -117.37
CA PHE B 2925 6.10 -68.77 -116.24
C PHE B 2925 5.64 -70.21 -116.31
N LEU B 2926 4.40 -70.43 -116.75
CA LEU B 2926 3.91 -71.80 -116.93
C LEU B 2926 4.61 -72.49 -118.08
N GLN B 2927 5.00 -71.74 -119.11
CA GLN B 2927 5.80 -72.32 -120.19
C GLN B 2927 7.13 -72.83 -119.66
N GLN B 2928 7.86 -71.96 -118.95
CA GLN B 2928 9.11 -72.39 -118.34
C GLN B 2928 8.89 -73.53 -117.35
N LEU B 2929 7.77 -73.49 -116.63
CA LEU B 2929 7.46 -74.52 -115.65
C LEU B 2929 7.28 -75.87 -116.33
N ILE B 2930 6.48 -75.92 -117.39
CA ILE B 2930 6.29 -77.15 -118.14
C ILE B 2930 7.61 -77.63 -118.72
N ARG B 2931 8.47 -76.69 -119.14
CA ARG B 2931 9.81 -77.09 -119.56
C ARG B 2931 10.53 -77.83 -118.44
N TYR B 2932 10.77 -77.16 -117.31
CA TYR B 2932 11.51 -77.76 -116.22
C TYR B 2932 10.89 -79.09 -115.78
N VAL B 2933 9.55 -79.21 -115.88
CA VAL B 2933 8.94 -80.49 -115.51
C VAL B 2933 9.15 -81.54 -116.59
N ASP B 2934 9.35 -81.12 -117.84
CA ASP B 2934 9.74 -82.10 -118.87
C ASP B 2934 11.16 -82.59 -118.66
N GLU B 2935 12.09 -81.68 -118.35
CA GLU B 2935 13.41 -82.10 -117.91
C GLU B 2935 13.32 -83.00 -116.68
N ALA B 2936 12.40 -82.71 -115.76
CA ALA B 2936 12.22 -83.57 -114.60
C ALA B 2936 11.71 -84.95 -115.00
N HIS B 2937 10.83 -85.00 -115.99
CA HIS B 2937 10.32 -86.29 -116.47
C HIS B 2937 11.43 -87.13 -117.07
N GLN B 2938 12.29 -86.51 -117.88
CA GLN B 2938 13.37 -87.31 -118.48
C GLN B 2938 14.42 -87.65 -117.42
N TYR B 2939 14.59 -86.77 -116.43
CA TYR B 2939 15.37 -87.11 -115.24
C TYR B 2939 14.84 -88.35 -114.55
N ILE B 2940 13.52 -88.40 -114.31
CA ILE B 2940 12.94 -89.51 -113.55
C ILE B 2940 12.97 -90.78 -114.38
N LEU B 2941 12.90 -90.67 -115.71
CA LEU B 2941 13.17 -91.82 -116.55
C LEU B 2941 14.61 -92.30 -116.35
N GLU B 2942 15.55 -91.37 -116.25
CA GLU B 2942 16.94 -91.74 -116.04
C GLU B 2942 17.15 -92.41 -114.68
N PHE B 2943 16.54 -91.86 -113.62
CA PHE B 2943 16.66 -92.50 -112.32
C PHE B 2943 15.89 -93.81 -112.22
N ASP B 2944 14.83 -94.00 -113.01
CA ASP B 2944 14.20 -95.31 -113.07
C ASP B 2944 15.10 -96.33 -113.77
N GLY B 2945 15.80 -95.90 -114.83
CA GLY B 2945 16.78 -96.78 -115.45
C GLY B 2945 17.93 -97.11 -114.52
N GLY B 2946 18.36 -96.13 -113.71
CA GLY B 2946 19.49 -96.37 -112.81
C GLY B 2946 19.09 -97.03 -111.51
N SER B 2947 17.81 -97.03 -111.19
CA SER B 2947 17.33 -97.70 -109.97
C SER B 2947 17.29 -99.20 -110.17
N ARG B 2948 16.93 -99.65 -111.37
CA ARG B 2948 17.12 -101.05 -111.73
C ARG B 2948 18.61 -101.39 -111.75
N GLY B 2949 19.45 -100.43 -112.12
CA GLY B 2949 20.88 -100.60 -112.01
C GLY B 2949 21.34 -100.54 -110.56
N LYS B 2950 22.57 -101.00 -110.33
CA LYS B 2950 23.09 -101.06 -108.96
C LYS B 2950 23.27 -99.67 -108.37
N GLY B 2951 23.79 -98.73 -109.16
CA GLY B 2951 24.11 -97.41 -108.61
C GLY B 2951 22.87 -96.58 -108.38
N GLU B 2952 22.59 -96.28 -107.11
CA GLU B 2952 21.50 -95.39 -106.75
C GLU B 2952 21.92 -93.93 -106.67
N HIS B 2953 23.20 -93.64 -106.87
CA HIS B 2953 23.66 -92.25 -106.91
C HIS B 2953 23.12 -91.55 -108.15
N PHE B 2954 22.60 -90.34 -107.95
CA PHE B 2954 22.01 -89.57 -109.03
C PHE B 2954 22.83 -88.31 -109.28
N PRO B 2955 23.32 -88.10 -110.50
CA PRO B 2955 24.03 -86.85 -110.80
C PRO B 2955 23.14 -85.62 -110.70
N TYR B 2956 21.82 -85.78 -110.74
CA TYR B 2956 20.87 -84.68 -110.76
C TYR B 2956 20.15 -84.53 -109.42
N GLU B 2957 20.85 -84.79 -108.32
CA GLU B 2957 20.24 -84.64 -107.01
C GLU B 2957 19.96 -83.17 -106.71
N GLN B 2958 20.83 -82.27 -107.17
CA GLN B 2958 20.59 -80.85 -107.00
C GLN B 2958 19.34 -80.42 -107.75
N GLU B 2959 19.13 -80.95 -108.97
CA GLU B 2959 17.91 -80.69 -109.71
C GLU B 2959 16.68 -81.28 -109.03
N ILE B 2960 16.81 -82.47 -108.43
CA ILE B 2960 15.68 -83.05 -107.69
C ILE B 2960 15.29 -82.15 -106.54
N LYS B 2961 16.28 -81.69 -105.76
CA LYS B 2961 15.99 -80.80 -104.64
C LYS B 2961 15.40 -79.48 -105.10
N PHE B 2962 15.96 -78.91 -106.17
CA PHE B 2962 15.39 -77.68 -106.72
C PHE B 2962 13.93 -77.86 -107.09
N PHE B 2963 13.63 -78.91 -107.87
CA PHE B 2963 12.25 -79.17 -108.24
C PHE B 2963 11.36 -79.28 -107.02
N ALA B 2964 11.67 -80.20 -106.11
CA ALA B 2964 10.81 -80.49 -104.98
C ALA B 2964 10.63 -79.28 -104.06
N LYS B 2965 11.67 -78.46 -103.87
CA LYS B 2965 11.56 -77.39 -102.88
C LYS B 2965 11.12 -76.06 -103.49
N VAL B 2966 11.15 -75.92 -104.81
CA VAL B 2966 10.78 -74.67 -105.47
C VAL B 2966 9.55 -74.85 -106.36
N VAL B 2967 9.63 -75.72 -107.37
CA VAL B 2967 8.54 -75.84 -108.33
C VAL B 2967 7.30 -76.39 -107.64
N LEU B 2968 7.49 -77.39 -106.78
CA LEU B 2968 6.35 -78.02 -106.11
C LEU B 2968 5.59 -77.06 -105.20
N PRO B 2969 6.24 -76.30 -104.31
CA PRO B 2969 5.46 -75.40 -103.44
C PRO B 2969 5.00 -74.12 -104.14
N LEU B 2970 5.77 -73.63 -105.12
CA LEU B 2970 5.38 -72.40 -105.80
C LEU B 2970 4.08 -72.59 -106.57
N ILE B 2971 3.92 -73.75 -107.22
CA ILE B 2971 2.66 -74.04 -107.89
C ILE B 2971 1.51 -73.99 -106.90
N ASP B 2972 1.68 -74.61 -105.73
CA ASP B 2972 0.63 -74.66 -104.73
C ASP B 2972 0.24 -73.27 -104.24
N GLN B 2973 1.24 -72.45 -103.91
CA GLN B 2973 0.95 -71.12 -103.38
C GLN B 2973 0.30 -70.24 -104.44
N TYR B 2974 0.85 -70.28 -105.66
CA TYR B 2974 0.27 -69.52 -106.76
C TYR B 2974 -1.17 -69.91 -107.01
N PHE B 2975 -1.46 -71.22 -106.99
CA PHE B 2975 -2.80 -71.66 -107.35
C PHE B 2975 -3.79 -71.38 -106.23
N LYS B 2976 -3.38 -71.56 -104.96
CA LYS B 2976 -4.26 -71.20 -103.86
C LYS B 2976 -4.44 -69.70 -103.69
N ASN B 2977 -3.53 -68.89 -104.25
CA ASN B 2977 -3.70 -67.44 -104.18
C ASN B 2977 -4.54 -66.91 -105.33
N HIS B 2978 -4.38 -67.47 -106.54
CA HIS B 2978 -5.07 -66.99 -107.73
C HIS B 2978 -5.96 -68.12 -108.26
N ARG B 2979 -6.65 -68.80 -107.33
CA ARG B 2979 -7.58 -69.86 -107.70
C ARG B 2979 -8.70 -69.34 -108.57
N LEU B 2980 -9.22 -68.14 -108.27
CA LEU B 2980 -10.32 -67.59 -109.04
C LEU B 2980 -9.90 -67.31 -110.48
N TYR B 2981 -8.62 -67.00 -110.70
CA TYR B 2981 -8.13 -66.71 -112.04
C TYR B 2981 -8.31 -67.91 -112.96
N PHE B 2982 -7.94 -69.11 -112.49
CA PHE B 2982 -8.09 -70.30 -113.31
C PHE B 2982 -9.56 -70.72 -113.44
N LEU B 2983 -10.36 -70.44 -112.42
CA LEU B 2983 -11.78 -70.80 -112.46
C LEU B 2983 -12.61 -69.84 -113.29
N SER B 2984 -11.99 -68.92 -114.03
CA SER B 2984 -12.74 -68.06 -114.93
C SER B 2984 -13.41 -68.89 -116.01
N ALA B 2985 -14.74 -68.98 -115.94
CA ALA B 2985 -15.52 -69.86 -116.81
C ALA B 2985 -16.52 -69.05 -117.63
N ALA B 2986 -16.06 -67.94 -118.22
CA ALA B 2986 -16.85 -67.10 -119.10
C ALA B 2986 -18.02 -66.42 -118.37
N SER B 2987 -18.11 -66.63 -117.06
CA SER B 2987 -19.09 -65.94 -116.23
C SER B 2987 -18.58 -64.61 -115.71
N ARG B 2988 -17.36 -64.23 -116.08
CA ARG B 2988 -16.72 -63.01 -115.62
C ARG B 2988 -16.70 -62.90 -114.09
N PRO B 2989 -15.99 -63.80 -113.40
CA PRO B 2989 -15.79 -63.62 -111.95
C PRO B 2989 -14.76 -62.53 -111.69
N LEU B 2990 -14.99 -61.70 -110.67
CA LEU B 2990 -14.13 -60.55 -110.40
C LEU B 2990 -14.11 -59.67 -111.65
N CYS B 2991 -15.27 -59.09 -111.98
CA CYS B 2991 -15.50 -58.47 -113.29
C CYS B 2991 -14.43 -57.46 -113.69
N SER B 2992 -13.59 -57.00 -112.75
CA SER B 2992 -12.52 -56.09 -113.11
C SER B 2992 -11.55 -56.74 -114.09
N GLY B 2993 -11.27 -58.02 -113.89
CA GLY B 2993 -10.38 -58.76 -114.77
C GLY B 2993 -10.01 -60.08 -114.16
N GLY B 2994 -9.20 -60.83 -114.90
CA GLY B 2994 -8.72 -62.11 -114.41
C GLY B 2994 -9.17 -63.30 -115.23
N HIS B 2995 -9.38 -63.12 -116.53
CA HIS B 2995 -9.78 -64.22 -117.39
C HIS B 2995 -8.57 -65.00 -117.85
N ALA B 2996 -8.44 -66.23 -117.36
CA ALA B 2996 -7.39 -67.11 -117.85
C ALA B 2996 -7.69 -67.54 -119.28
N SER B 2997 -6.67 -67.50 -120.12
CA SER B 2997 -6.85 -67.83 -121.52
C SER B 2997 -7.03 -69.34 -121.70
N ASN B 2998 -7.60 -69.72 -122.85
CA ASN B 2998 -7.78 -71.13 -123.15
C ASN B 2998 -6.44 -71.84 -123.25
N LYS B 2999 -5.43 -71.19 -123.82
CA LYS B 2999 -4.10 -71.75 -123.84
C LYS B 2999 -3.54 -71.91 -122.43
N GLU B 3000 -3.73 -70.91 -121.58
CA GLU B 3000 -3.33 -71.03 -120.17
C GLU B 3000 -3.94 -72.26 -119.53
N LYS B 3001 -5.26 -72.42 -119.68
CA LYS B 3001 -5.95 -73.55 -119.06
C LYS B 3001 -5.50 -74.89 -119.64
N GLU B 3002 -5.31 -74.98 -120.96
CA GLU B 3002 -4.91 -76.24 -121.56
C GLU B 3002 -3.50 -76.63 -121.14
N MET B 3003 -2.60 -75.67 -121.02
CA MET B 3003 -1.24 -76.02 -120.62
C MET B 3003 -1.17 -76.30 -119.12
N VAL B 3004 -2.07 -75.66 -118.34
CA VAL B 3004 -2.23 -76.05 -116.94
C VAL B 3004 -2.69 -77.50 -116.84
N THR B 3005 -3.62 -77.90 -117.71
CA THR B 3005 -4.06 -79.30 -117.74
C THR B 3005 -2.95 -80.26 -118.18
N SER B 3006 -2.11 -79.85 -119.13
CA SER B 3006 -0.99 -80.70 -119.50
C SER B 3006 0.00 -80.86 -118.34
N LEU B 3007 0.26 -79.76 -117.62
CA LEU B 3007 1.09 -79.86 -116.42
C LEU B 3007 0.42 -80.75 -115.37
N PHE B 3008 -0.90 -80.63 -115.26
CA PHE B 3008 -1.71 -81.49 -114.40
C PHE B 3008 -1.42 -82.96 -114.68
N CYS B 3009 -1.54 -83.34 -115.95
CA CYS B 3009 -1.37 -84.73 -116.35
C CYS B 3009 0.07 -85.20 -116.17
N LYS B 3010 1.04 -84.35 -116.52
CA LYS B 3010 2.43 -84.78 -116.43
C LYS B 3010 2.89 -84.88 -114.98
N LEU B 3011 2.37 -84.03 -114.10
CA LEU B 3011 2.62 -84.19 -112.68
C LEU B 3011 2.02 -85.49 -112.16
N GLY B 3012 0.83 -85.84 -112.64
CA GLY B 3012 0.27 -87.16 -112.31
C GLY B 3012 1.19 -88.29 -112.76
N VAL B 3013 1.70 -88.20 -113.99
CA VAL B 3013 2.60 -89.24 -114.50
C VAL B 3013 3.85 -89.33 -113.64
N LEU B 3014 4.41 -88.19 -113.25
CA LEU B 3014 5.60 -88.20 -112.39
C LEU B 3014 5.31 -88.85 -111.04
N VAL B 3015 4.22 -88.42 -110.38
CA VAL B 3015 3.92 -88.95 -109.06
C VAL B 3015 3.54 -90.43 -109.10
N ARG B 3016 3.16 -90.95 -110.26
CA ARG B 3016 2.82 -92.38 -110.36
C ARG B 3016 3.99 -93.23 -109.90
N HIS B 3017 3.82 -93.91 -108.76
CA HIS B 3017 4.75 -94.93 -108.27
C HIS B 3017 6.16 -94.39 -108.07
N ARG B 3018 6.25 -93.27 -107.32
CA ARG B 3018 7.56 -92.73 -106.98
C ARG B 3018 7.59 -92.19 -105.55
N ILE B 3019 6.68 -92.63 -104.69
CA ILE B 3019 6.62 -92.12 -103.32
C ILE B 3019 7.88 -92.48 -102.55
N SER B 3020 8.44 -93.67 -102.83
CA SER B 3020 9.68 -94.06 -102.17
C SER B 3020 10.83 -93.14 -102.59
N LEU B 3021 10.89 -92.79 -103.87
CA LEU B 3021 11.94 -91.87 -104.32
C LEU B 3021 11.76 -90.49 -103.71
N PHE B 3022 10.51 -90.03 -103.58
CA PHE B 3022 10.25 -88.79 -102.86
C PHE B 3022 10.65 -88.96 -101.40
N GLY B 3023 11.55 -88.09 -100.92
CA GLY B 3023 12.05 -88.18 -99.57
C GLY B 3023 11.05 -87.69 -98.55
N ASN B 3024 9.97 -88.45 -98.36
CA ASN B 3024 8.83 -88.14 -97.50
C ASN B 3024 8.07 -86.90 -97.97
N ASP B 3025 8.45 -86.31 -99.10
CA ASP B 3025 7.73 -85.21 -99.71
C ASP B 3025 6.60 -85.67 -100.62
N ALA B 3026 6.43 -87.00 -100.77
CA ALA B 3026 5.31 -87.51 -101.55
C ALA B 3026 3.98 -86.96 -101.10
N THR B 3027 3.81 -86.74 -99.79
CA THR B 3027 2.61 -86.07 -99.30
C THR B 3027 2.52 -84.65 -99.83
N SER B 3028 3.67 -83.98 -99.98
CA SER B 3028 3.66 -82.64 -100.56
C SER B 3028 3.21 -82.67 -102.02
N ILE B 3029 3.66 -83.66 -102.80
CA ILE B 3029 3.16 -83.79 -104.17
C ILE B 3029 1.66 -84.12 -104.16
N VAL B 3030 1.21 -84.91 -103.19
CA VAL B 3030 -0.21 -85.23 -103.10
C VAL B 3030 -1.03 -83.96 -102.87
N ASN B 3031 -0.59 -83.11 -101.95
CA ASN B 3031 -1.27 -81.84 -101.72
C ASN B 3031 -1.18 -80.94 -102.95
N CYS B 3032 -0.04 -80.99 -103.64
CA CYS B 3032 0.14 -80.20 -104.86
C CYS B 3032 -0.90 -80.56 -105.91
N LEU B 3033 -1.10 -81.86 -106.12
CA LEU B 3033 -2.04 -82.25 -107.16
C LEU B 3033 -3.47 -82.12 -106.66
N HIS B 3034 -3.68 -82.13 -105.34
CA HIS B 3034 -4.96 -81.70 -104.78
C HIS B 3034 -5.29 -80.28 -105.21
N ILE B 3035 -4.36 -79.35 -105.00
CA ILE B 3035 -4.65 -77.95 -105.35
C ILE B 3035 -4.74 -77.79 -106.87
N LEU B 3036 -3.97 -78.61 -107.61
CA LEU B 3036 -4.11 -78.62 -109.07
C LEU B 3036 -5.53 -78.99 -109.48
N GLY B 3037 -6.07 -80.06 -108.90
CA GLY B 3037 -7.42 -80.47 -109.21
C GLY B 3037 -8.46 -79.46 -108.75
N GLN B 3038 -8.22 -78.80 -107.62
CA GLN B 3038 -9.16 -77.77 -107.16
C GLN B 3038 -9.16 -76.56 -108.10
N THR B 3039 -8.01 -76.25 -108.68
CA THR B 3039 -7.91 -75.14 -109.63
C THR B 3039 -8.13 -75.57 -111.07
N LEU B 3040 -8.46 -76.84 -111.31
CA LEU B 3040 -8.64 -77.34 -112.66
C LEU B 3040 -9.75 -76.61 -113.40
N ASP B 3041 -9.52 -76.37 -114.70
CA ASP B 3041 -10.53 -75.90 -115.64
C ASP B 3041 -10.34 -76.72 -116.93
N ALA B 3042 -11.01 -77.86 -117.00
CA ALA B 3042 -10.74 -78.80 -118.10
C ALA B 3042 -11.86 -78.79 -119.14
N ARG B 3043 -13.04 -78.31 -118.76
CA ARG B 3043 -14.18 -78.36 -119.69
C ARG B 3043 -13.95 -77.48 -120.90
N THR B 3044 -13.45 -76.26 -120.68
CA THR B 3044 -13.21 -75.35 -121.79
C THR B 3044 -12.13 -75.91 -122.72
N VAL B 3045 -11.09 -76.52 -122.16
CA VAL B 3045 -9.98 -76.98 -123.00
C VAL B 3045 -10.37 -78.27 -123.73
N MET B 3046 -11.29 -79.06 -123.16
CA MET B 3046 -11.74 -80.23 -123.89
C MET B 3046 -12.72 -79.85 -125.00
N LYS B 3047 -13.59 -78.87 -124.75
CA LYS B 3047 -14.51 -78.46 -125.80
C LYS B 3047 -13.77 -77.73 -126.92
N THR B 3048 -12.74 -76.96 -126.57
CA THR B 3048 -11.86 -76.33 -127.56
C THR B 3048 -10.43 -76.45 -127.07
N GLY B 3049 -9.64 -77.33 -127.69
CA GLY B 3049 -8.27 -77.53 -127.27
C GLY B 3049 -7.50 -78.41 -128.23
N LEU B 3050 -6.19 -78.45 -128.01
CA LEU B 3050 -5.30 -79.19 -128.89
C LEU B 3050 -5.36 -80.69 -128.58
N GLU B 3051 -5.19 -81.50 -129.63
CA GLU B 3051 -5.39 -82.94 -129.49
C GLU B 3051 -4.40 -83.57 -128.53
N SER B 3052 -3.19 -83.02 -128.42
CA SER B 3052 -2.25 -83.53 -127.44
C SER B 3052 -2.76 -83.31 -126.03
N VAL B 3053 -3.35 -82.14 -125.78
CA VAL B 3053 -3.96 -81.86 -124.47
C VAL B 3053 -5.13 -82.80 -124.23
N LYS B 3054 -5.93 -83.06 -125.27
CA LYS B 3054 -7.02 -84.03 -125.16
C LYS B 3054 -6.48 -85.39 -124.71
N SER B 3055 -5.47 -85.90 -125.42
CA SER B 3055 -4.92 -87.21 -125.10
C SER B 3055 -4.32 -87.23 -123.71
N ALA B 3056 -3.65 -86.16 -123.30
CA ALA B 3056 -3.09 -86.09 -121.96
C ALA B 3056 -4.19 -86.15 -120.90
N LEU B 3057 -5.28 -85.41 -121.10
CA LEU B 3057 -6.33 -85.40 -120.09
C LEU B 3057 -7.08 -86.73 -120.04
N ARG B 3058 -7.24 -87.40 -121.17
CA ARG B 3058 -7.77 -88.77 -121.13
C ARG B 3058 -6.82 -89.69 -120.37
N ALA B 3059 -5.53 -89.66 -120.72
CA ALA B 3059 -4.58 -90.61 -120.13
C ALA B 3059 -4.40 -90.39 -118.65
N PHE B 3060 -4.58 -89.14 -118.18
CA PHE B 3060 -4.45 -88.85 -116.76
C PHE B 3060 -5.39 -89.70 -115.92
N LEU B 3061 -6.63 -89.90 -116.35
CA LEU B 3061 -7.54 -90.79 -115.65
C LEU B 3061 -7.46 -92.23 -116.14
N ASP B 3062 -7.05 -92.46 -117.39
CA ASP B 3062 -6.87 -93.82 -117.88
C ASP B 3062 -5.82 -94.58 -117.09
N ASN B 3063 -4.65 -93.97 -116.88
CA ASN B 3063 -3.57 -94.64 -116.14
C ASN B 3063 -4.02 -94.98 -114.72
N ALA B 3064 -4.68 -94.03 -114.05
CA ALA B 3064 -5.26 -94.33 -112.75
C ALA B 3064 -6.25 -95.49 -112.85
N ALA B 3065 -6.98 -95.57 -113.97
CA ALA B 3065 -7.95 -96.65 -114.14
C ALA B 3065 -7.26 -98.01 -114.17
N GLU B 3066 -6.23 -98.20 -115.01
CA GLU B 3066 -5.65 -99.55 -115.00
C GLU B 3066 -4.85 -99.79 -113.73
N ASP B 3067 -4.26 -98.75 -113.14
CA ASP B 3067 -3.56 -98.93 -111.88
C ASP B 3067 -4.49 -99.48 -110.81
N LEU B 3068 -5.64 -98.82 -110.62
CA LEU B 3068 -6.60 -99.32 -109.65
C LEU B 3068 -7.10 -100.69 -110.03
N GLU B 3069 -7.41 -100.92 -111.32
CA GLU B 3069 -7.93 -102.23 -111.70
C GLU B 3069 -6.98 -103.34 -111.30
N LYS B 3070 -5.72 -103.26 -111.76
CA LYS B 3070 -4.76 -104.30 -111.39
C LYS B 3070 -4.53 -104.33 -109.89
N THR B 3071 -4.76 -103.22 -109.20
CA THR B 3071 -4.71 -103.23 -107.73
C THR B 3071 -5.75 -104.18 -107.16
N MET B 3072 -7.00 -104.09 -107.64
CA MET B 3072 -8.02 -105.03 -107.17
C MET B 3072 -7.69 -106.47 -107.55
N GLU B 3073 -7.25 -106.73 -108.78
CA GLU B 3073 -6.89 -108.13 -109.01
C GLU B 3073 -5.79 -108.59 -108.05
N ASN B 3074 -4.82 -107.72 -107.73
CA ASN B 3074 -3.70 -108.21 -106.93
C ASN B 3074 -4.07 -108.41 -105.46
N LEU B 3075 -4.94 -107.55 -104.89
CA LEU B 3075 -5.31 -107.81 -103.50
C LEU B 3075 -6.00 -109.16 -103.33
N LYS B 3076 -6.93 -109.50 -104.24
CA LYS B 3076 -7.67 -110.75 -104.08
C LYS B 3076 -6.90 -111.97 -104.56
N GLN B 3077 -6.03 -111.83 -105.56
CA GLN B 3077 -5.19 -112.97 -105.95
C GLN B 3077 -4.12 -113.24 -104.89
N GLY B 3078 -3.43 -112.19 -104.43
CA GLY B 3078 -2.42 -112.34 -103.41
C GLY B 3078 -2.96 -112.09 -102.02
N GLN B 3079 -3.90 -112.92 -101.58
CA GLN B 3079 -4.44 -112.80 -100.23
C GLN B 3079 -3.35 -113.01 -99.19
N PHE B 3080 -2.38 -113.86 -99.50
CA PHE B 3080 -1.23 -114.06 -98.62
C PHE B 3080 -0.40 -112.79 -98.54
N THR B 3081 0.17 -112.53 -97.36
CA THR B 3081 1.00 -111.35 -97.13
C THR B 3081 2.20 -111.32 -98.08
N LYS B 3088 7.76 -105.02 -100.80
CA LYS B 3088 7.91 -105.55 -102.15
C LYS B 3088 7.30 -104.53 -103.12
N GLY B 3089 7.54 -104.72 -104.42
CA GLY B 3089 7.05 -103.78 -105.40
C GLY B 3089 5.54 -103.62 -105.39
N VAL B 3090 4.80 -104.74 -105.28
CA VAL B 3090 3.35 -104.65 -105.27
C VAL B 3090 2.86 -103.97 -103.99
N THR B 3091 3.53 -104.23 -102.87
CA THR B 3091 3.16 -103.56 -101.62
C THR B 3091 3.40 -102.05 -101.73
N GLN B 3092 4.51 -101.65 -102.34
CA GLN B 3092 4.77 -100.23 -102.55
C GLN B 3092 3.74 -99.62 -103.50
N ILE B 3093 3.31 -100.37 -104.50
CA ILE B 3093 2.30 -99.87 -105.43
C ILE B 3093 0.97 -99.68 -104.72
N ILE B 3094 0.60 -100.62 -103.86
CA ILE B 3094 -0.63 -100.49 -103.08
C ILE B 3094 -0.52 -99.31 -102.11
N ASN B 3095 0.67 -99.11 -101.54
CA ASN B 3095 0.88 -97.96 -100.65
C ASN B 3095 0.68 -96.65 -101.41
N TYR B 3096 1.28 -96.56 -102.61
CA TYR B 3096 1.03 -95.40 -103.46
C TYR B 3096 -0.46 -95.23 -103.75
N THR B 3097 -1.12 -96.32 -104.14
CA THR B 3097 -2.55 -96.26 -104.42
C THR B 3097 -3.31 -95.66 -103.26
N THR B 3098 -3.24 -96.29 -102.08
CA THR B 3098 -4.01 -95.83 -100.94
C THR B 3098 -3.63 -94.40 -100.53
N VAL B 3099 -2.34 -94.09 -100.50
CA VAL B 3099 -1.88 -92.81 -99.97
C VAL B 3099 -2.27 -91.66 -100.91
N ALA B 3100 -2.07 -91.84 -102.22
CA ALA B 3100 -2.28 -90.76 -103.17
C ALA B 3100 -3.41 -91.02 -104.14
N LEU B 3101 -3.44 -92.17 -104.80
CA LEU B 3101 -4.27 -92.33 -105.97
C LEU B 3101 -5.74 -92.12 -105.68
N LEU B 3102 -6.25 -92.70 -104.60
CA LEU B 3102 -7.64 -92.44 -104.23
C LEU B 3102 -7.89 -90.99 -103.87
N PRO B 3103 -7.12 -90.36 -102.97
CA PRO B 3103 -7.37 -88.93 -102.66
C PRO B 3103 -7.31 -87.98 -103.84
N MET B 3104 -6.41 -88.20 -104.81
CA MET B 3104 -6.31 -87.29 -105.95
C MET B 3104 -7.59 -87.36 -106.79
N LEU B 3105 -8.04 -88.59 -107.07
CA LEU B 3105 -9.30 -88.77 -107.77
C LEU B 3105 -10.46 -88.19 -106.99
N SER B 3106 -10.46 -88.34 -105.66
CA SER B 3106 -11.53 -87.78 -104.85
C SER B 3106 -11.56 -86.27 -104.95
N SER B 3107 -10.39 -85.63 -104.92
CA SER B 3107 -10.31 -84.18 -105.07
C SER B 3107 -10.83 -83.74 -106.44
N LEU B 3108 -10.46 -84.47 -107.49
CA LEU B 3108 -10.97 -84.17 -108.83
C LEU B 3108 -12.49 -84.31 -108.88
N PHE B 3109 -13.03 -85.36 -108.24
CA PHE B 3109 -14.46 -85.58 -108.26
C PHE B 3109 -15.20 -84.48 -107.48
N GLU B 3110 -14.62 -84.04 -106.36
CA GLU B 3110 -15.21 -82.93 -105.61
C GLU B 3110 -15.20 -81.65 -106.43
N HIS B 3111 -14.09 -81.39 -107.14
CA HIS B 3111 -14.04 -80.25 -108.06
C HIS B 3111 -15.16 -80.31 -109.09
N ILE B 3112 -15.30 -81.46 -109.76
CA ILE B 3112 -16.35 -81.64 -110.75
C ILE B 3112 -17.72 -81.41 -110.12
N GLY B 3113 -17.93 -81.94 -108.92
CA GLY B 3113 -19.20 -81.81 -108.25
C GLY B 3113 -19.59 -80.39 -107.91
N GLN B 3114 -18.67 -79.60 -107.33
CA GLN B 3114 -19.07 -78.26 -106.91
C GLN B 3114 -18.95 -77.26 -108.05
N HIS B 3115 -18.38 -77.68 -109.20
CA HIS B 3115 -18.68 -76.93 -110.42
C HIS B 3115 -19.98 -77.38 -111.07
N GLN B 3116 -20.49 -78.56 -110.71
CA GLN B 3116 -21.72 -79.11 -111.30
C GLN B 3116 -21.60 -79.26 -112.81
N PHE B 3117 -20.39 -79.11 -113.34
CA PHE B 3117 -20.20 -79.02 -114.79
C PHE B 3117 -19.02 -79.90 -115.17
N GLY B 3118 -19.21 -80.67 -116.24
CA GLY B 3118 -18.41 -81.84 -116.53
C GLY B 3118 -19.18 -82.98 -117.16
N GLU B 3119 -20.50 -82.80 -117.30
CA GLU B 3119 -21.32 -83.61 -118.19
C GLU B 3119 -20.80 -83.61 -119.61
N ASP B 3120 -19.90 -82.68 -119.94
CA ASP B 3120 -19.14 -82.72 -121.18
C ASP B 3120 -17.84 -83.49 -121.01
N LEU B 3121 -17.17 -83.36 -119.85
CA LEU B 3121 -16.00 -84.17 -119.56
C LEU B 3121 -16.28 -85.66 -119.76
N ILE B 3122 -17.47 -86.10 -119.36
CA ILE B 3122 -17.79 -87.51 -119.55
C ILE B 3122 -18.01 -87.76 -121.04
N LEU B 3123 -17.24 -88.67 -121.61
CA LEU B 3123 -17.19 -88.89 -123.05
C LEU B 3123 -16.98 -90.36 -123.40
N GLU B 3124 -16.61 -90.60 -124.66
CA GLU B 3124 -16.40 -91.95 -125.16
C GLU B 3124 -15.18 -92.59 -124.50
N ASP B 3125 -15.39 -93.82 -124.02
CA ASP B 3125 -14.42 -94.64 -123.29
C ASP B 3125 -14.21 -94.01 -121.92
N VAL B 3126 -14.68 -92.77 -121.74
CA VAL B 3126 -14.67 -92.16 -120.42
C VAL B 3126 -15.74 -92.80 -119.55
N GLN B 3127 -16.89 -93.12 -120.15
CA GLN B 3127 -17.88 -93.92 -119.43
C GLN B 3127 -17.38 -95.32 -119.16
N VAL B 3128 -16.61 -95.90 -120.09
CA VAL B 3128 -16.04 -97.22 -119.84
C VAL B 3128 -15.14 -97.17 -118.60
N SER B 3129 -14.22 -96.21 -118.56
CA SER B 3129 -13.36 -96.04 -117.39
C SER B 3129 -14.18 -95.69 -116.15
N CYS B 3130 -15.29 -94.98 -116.32
CA CYS B 3130 -16.09 -94.56 -115.18
C CYS B 3130 -16.83 -95.73 -114.56
N TYR B 3131 -17.42 -96.60 -115.38
CA TYR B 3131 -18.01 -97.83 -114.87
C TYR B 3131 -16.97 -98.76 -114.26
N ARG B 3132 -15.78 -98.85 -114.87
CA ARG B 3132 -14.70 -99.59 -114.22
C ARG B 3132 -14.39 -99.03 -112.84
N ILE B 3133 -14.25 -97.70 -112.74
CA ILE B 3133 -13.95 -97.05 -111.47
C ILE B 3133 -15.08 -97.28 -110.46
N LEU B 3134 -16.33 -97.18 -110.92
CA LEU B 3134 -17.47 -97.36 -110.03
C LEU B 3134 -17.51 -98.77 -109.47
N THR B 3135 -17.58 -99.78 -110.35
CA THR B 3135 -17.59 -101.17 -109.89
C THR B 3135 -16.39 -101.47 -109.02
N SER B 3136 -15.25 -100.88 -109.33
CA SER B 3136 -14.01 -101.18 -108.62
C SER B 3136 -14.01 -100.64 -107.20
N LEU B 3137 -14.17 -99.31 -107.06
CA LEU B 3137 -14.19 -98.71 -105.75
C LEU B 3137 -15.44 -99.09 -104.96
N TYR B 3138 -16.42 -99.71 -105.63
CA TYR B 3138 -17.55 -100.28 -104.91
C TYR B 3138 -17.25 -101.66 -104.37
N ALA B 3139 -16.56 -102.50 -105.16
CA ALA B 3139 -16.14 -103.80 -104.69
C ALA B 3139 -15.11 -103.70 -103.57
N LEU B 3140 -14.26 -102.67 -103.62
CA LEU B 3140 -13.32 -102.43 -102.53
C LEU B 3140 -14.04 -102.20 -101.22
N GLY B 3141 -15.09 -101.38 -101.23
CA GLY B 3141 -15.87 -101.18 -100.02
C GLY B 3141 -16.78 -102.32 -99.66
N THR B 3142 -17.20 -103.13 -100.64
CA THR B 3142 -18.03 -104.30 -100.39
C THR B 3142 -17.28 -105.46 -99.77
N SER B 3143 -16.06 -105.74 -100.22
CA SER B 3143 -15.28 -106.81 -99.63
C SER B 3143 -14.70 -106.37 -98.29
N LYS B 3144 -14.46 -107.33 -97.41
CA LYS B 3144 -13.85 -107.08 -96.10
C LYS B 3144 -12.50 -107.79 -96.09
N SER B 3145 -11.47 -107.07 -95.65
CA SER B 3145 -10.11 -107.59 -95.61
C SER B 3145 -9.28 -106.78 -94.63
N ILE B 3146 -8.27 -107.43 -94.04
CA ILE B 3146 -7.43 -106.78 -93.04
C ILE B 3146 -6.69 -105.60 -93.66
N TYR B 3147 -6.36 -105.70 -94.95
CA TYR B 3147 -5.69 -104.61 -95.63
C TYR B 3147 -6.63 -103.43 -95.84
N VAL B 3148 -7.84 -103.70 -96.32
CA VAL B 3148 -8.78 -102.63 -96.67
C VAL B 3148 -9.41 -101.98 -95.45
N GLU B 3149 -9.39 -102.65 -94.30
CA GLU B 3149 -9.99 -102.07 -93.09
C GLU B 3149 -9.38 -100.71 -92.74
N ARG B 3150 -8.06 -100.59 -92.89
CA ARG B 3150 -7.40 -99.33 -92.52
C ARG B 3150 -7.82 -98.20 -93.45
N GLN B 3151 -7.95 -98.46 -94.74
CA GLN B 3151 -8.28 -97.43 -95.72
C GLN B 3151 -9.75 -97.42 -96.11
N ARG B 3152 -10.63 -98.02 -95.30
CA ARG B 3152 -12.06 -97.96 -95.58
C ARG B 3152 -12.57 -96.53 -95.73
N SER B 3153 -12.19 -95.64 -94.81
CA SER B 3153 -12.72 -94.28 -94.84
C SER B 3153 -12.32 -93.54 -96.11
N ALA B 3154 -11.06 -93.68 -96.53
CA ALA B 3154 -10.59 -92.98 -97.72
C ALA B 3154 -11.36 -93.39 -98.96
N LEU B 3155 -11.55 -94.70 -99.17
CA LEU B 3155 -12.27 -95.16 -100.36
C LEU B 3155 -13.74 -94.75 -100.29
N GLY B 3156 -14.31 -94.72 -99.08
CA GLY B 3156 -15.67 -94.24 -98.94
C GLY B 3156 -15.81 -92.79 -99.37
N GLU B 3157 -14.90 -91.92 -98.90
CA GLU B 3157 -14.88 -90.54 -99.34
C GLU B 3157 -14.71 -90.45 -100.86
N CYS B 3158 -13.78 -91.23 -101.41
CA CYS B 3158 -13.47 -91.16 -102.83
C CYS B 3158 -14.66 -91.55 -103.69
N LEU B 3159 -15.34 -92.64 -103.33
CA LEU B 3159 -16.45 -93.12 -104.15
C LEU B 3159 -17.69 -92.26 -103.92
N ALA B 3160 -17.80 -91.64 -102.74
CA ALA B 3160 -18.86 -90.66 -102.50
C ALA B 3160 -18.68 -89.46 -103.41
N ALA B 3161 -17.44 -88.97 -103.54
CA ALA B 3161 -17.16 -87.89 -104.48
C ALA B 3161 -17.41 -88.33 -105.92
N PHE B 3162 -17.04 -89.57 -106.25
CA PHE B 3162 -17.26 -90.09 -107.60
C PHE B 3162 -18.73 -90.15 -107.96
N ALA B 3163 -19.59 -90.56 -107.02
CA ALA B 3163 -21.01 -90.64 -107.31
C ALA B 3163 -21.58 -89.27 -107.64
N GLY B 3164 -21.17 -88.24 -106.91
CA GLY B 3164 -21.60 -86.89 -107.24
C GLY B 3164 -21.05 -86.39 -108.56
N ALA B 3165 -19.76 -86.67 -108.82
CA ALA B 3165 -19.13 -86.17 -110.04
C ALA B 3165 -19.72 -86.82 -111.29
N PHE B 3166 -20.00 -88.11 -111.22
CA PHE B 3166 -20.48 -88.84 -112.38
C PHE B 3166 -21.91 -88.42 -112.70
N PRO B 3167 -22.18 -87.88 -113.89
CA PRO B 3167 -23.47 -87.23 -114.15
C PRO B 3167 -24.53 -88.10 -114.79
N VAL B 3168 -24.24 -89.36 -115.09
CA VAL B 3168 -25.22 -90.28 -115.65
C VAL B 3168 -25.72 -91.16 -114.51
N ALA B 3169 -27.01 -91.51 -114.55
CA ALA B 3169 -27.56 -92.35 -113.50
C ALA B 3169 -26.81 -93.67 -113.44
N PHE B 3170 -25.98 -93.81 -112.40
CA PHE B 3170 -25.19 -95.02 -112.21
C PHE B 3170 -25.92 -96.09 -111.42
N LEU B 3171 -26.98 -95.71 -110.70
CA LEU B 3171 -27.76 -96.62 -109.87
C LEU B 3171 -29.17 -96.81 -110.41
N GLU B 3172 -29.66 -95.87 -111.21
CA GLU B 3172 -30.97 -95.95 -111.87
C GLU B 3172 -30.86 -96.57 -113.26
N THR B 3173 -30.73 -97.89 -113.32
CA THR B 3173 -30.57 -98.53 -114.63
C THR B 3173 -31.89 -99.09 -115.15
N HIS B 3174 -32.95 -99.07 -114.33
CA HIS B 3174 -34.21 -99.70 -114.74
C HIS B 3174 -34.98 -98.83 -115.73
N LEU B 3175 -34.95 -97.50 -115.55
CA LEU B 3175 -35.60 -96.59 -116.48
C LEU B 3175 -34.62 -95.60 -117.10
N ASP B 3176 -33.34 -95.99 -117.20
CA ASP B 3176 -32.36 -95.13 -117.85
C ASP B 3176 -32.54 -95.07 -119.36
N LYS B 3177 -33.38 -95.93 -119.94
CA LYS B 3177 -33.66 -95.86 -121.37
C LYS B 3177 -34.34 -94.55 -121.73
N HIS B 3178 -35.08 -93.96 -120.78
CA HIS B 3178 -35.76 -92.70 -121.04
C HIS B 3178 -34.78 -91.55 -121.23
N ASN B 3179 -33.58 -91.67 -120.63
CA ASN B 3179 -32.57 -90.63 -120.79
C ASN B 3179 -32.08 -90.56 -122.22
N ILE B 3180 -31.85 -89.34 -122.70
CA ILE B 3180 -31.27 -89.11 -124.02
C ILE B 3180 -29.88 -88.50 -123.91
N TYR B 3181 -29.61 -87.75 -122.84
CA TYR B 3181 -28.29 -87.15 -122.69
C TYR B 3181 -27.25 -88.17 -122.27
N SER B 3182 -27.68 -89.31 -121.73
CA SER B 3182 -26.76 -90.37 -121.35
C SER B 3182 -25.86 -90.70 -122.53
N ILE B 3183 -24.55 -90.45 -122.39
CA ILE B 3183 -23.61 -90.73 -123.47
C ILE B 3183 -23.62 -92.20 -123.85
N TYR B 3184 -23.95 -93.08 -122.90
CA TYR B 3184 -24.23 -94.47 -123.24
C TYR B 3184 -25.46 -94.59 -124.13
N ASN B 3185 -26.32 -93.59 -124.14
CA ASN B 3185 -27.38 -93.58 -125.16
C ASN B 3185 -26.90 -92.93 -126.45
N THR B 3186 -26.00 -91.94 -126.35
CA THR B 3186 -25.63 -91.15 -127.52
C THR B 3186 -24.66 -91.87 -128.45
N LYS B 3187 -23.82 -92.77 -127.90
CA LYS B 3187 -22.78 -93.40 -128.71
C LYS B 3187 -23.34 -94.19 -129.88
N SER B 3188 -24.56 -94.72 -129.73
CA SER B 3188 -25.23 -95.60 -130.69
C SER B 3188 -24.69 -97.02 -130.74
N SER B 3189 -25.53 -97.93 -131.24
CA SER B 3189 -25.23 -99.36 -131.23
C SER B 3189 -24.02 -99.69 -132.10
N ARG B 3190 -23.77 -98.89 -133.13
CA ARG B 3190 -22.58 -99.11 -133.94
C ARG B 3190 -21.32 -98.96 -133.09
N GLU B 3191 -21.29 -97.90 -132.27
CA GLU B 3191 -20.14 -97.68 -131.40
C GLU B 3191 -20.08 -98.72 -130.29
N ARG B 3192 -21.23 -99.20 -129.81
CA ARG B 3192 -21.23 -100.35 -128.90
C ARG B 3192 -20.64 -101.62 -129.50
N ALA B 3193 -20.92 -101.94 -130.75
CA ALA B 3193 -20.29 -103.08 -131.39
C ALA B 3193 -18.83 -102.85 -131.73
N ALA B 3194 -18.45 -101.60 -132.05
CA ALA B 3194 -17.05 -101.30 -132.36
C ALA B 3194 -16.18 -101.35 -131.11
N LEU B 3195 -16.65 -100.80 -130.00
CA LEU B 3195 -15.85 -100.73 -128.78
C LEU B 3195 -16.18 -101.90 -127.87
N SER B 3196 -15.24 -102.20 -126.96
CA SER B 3196 -15.41 -103.31 -126.01
C SER B 3196 -16.52 -102.96 -125.02
N LEU B 3197 -17.75 -103.11 -125.49
CA LEU B 3197 -18.90 -102.75 -124.68
C LEU B 3197 -19.92 -103.89 -124.72
N PRO B 3198 -20.45 -104.30 -123.56
CA PRO B 3198 -21.27 -105.52 -123.51
C PRO B 3198 -22.66 -105.40 -124.14
N THR B 3199 -23.03 -104.24 -124.68
CA THR B 3199 -24.27 -103.98 -125.39
C THR B 3199 -25.52 -104.11 -124.52
N ASN B 3200 -25.39 -104.36 -123.22
CA ASN B 3200 -26.53 -104.41 -122.31
C ASN B 3200 -26.14 -103.84 -120.96
N VAL B 3201 -26.89 -102.84 -120.50
CA VAL B 3201 -26.57 -102.11 -119.27
C VAL B 3201 -26.51 -103.06 -118.08
N GLU B 3202 -27.34 -104.11 -118.09
CA GLU B 3202 -27.37 -105.03 -116.97
C GLU B 3202 -26.10 -105.86 -116.87
N ASP B 3203 -25.54 -106.28 -118.01
CA ASP B 3203 -24.26 -106.98 -117.96
C ASP B 3203 -23.10 -106.02 -117.76
N VAL B 3204 -23.26 -104.75 -118.13
CA VAL B 3204 -22.17 -103.78 -117.96
C VAL B 3204 -21.85 -103.61 -116.48
N CYS B 3205 -22.87 -103.47 -115.64
CA CYS B 3205 -22.69 -103.36 -114.19
C CYS B 3205 -23.69 -104.26 -113.49
N PRO B 3206 -23.42 -105.56 -113.45
CA PRO B 3206 -24.34 -106.48 -112.75
C PRO B 3206 -24.07 -106.55 -111.25
N ASN B 3207 -22.85 -106.22 -110.81
CA ASN B 3207 -22.50 -106.37 -109.40
C ASN B 3207 -23.32 -105.43 -108.52
N ILE B 3208 -23.52 -104.19 -108.96
CA ILE B 3208 -24.27 -103.20 -108.17
C ILE B 3208 -25.76 -103.52 -108.22
N PRO B 3209 -26.43 -103.64 -107.08
CA PRO B 3209 -27.87 -103.91 -107.08
C PRO B 3209 -28.71 -102.68 -107.42
N SER B 3210 -30.01 -102.92 -107.56
CA SER B 3210 -30.94 -101.85 -107.94
C SER B 3210 -31.18 -100.90 -106.76
N LEU B 3211 -31.60 -99.68 -107.09
CA LEU B 3211 -31.71 -98.63 -106.07
C LEU B 3211 -32.80 -98.94 -105.05
N GLU B 3212 -33.97 -99.36 -105.52
CA GLU B 3212 -35.06 -99.65 -104.59
C GLU B 3212 -34.74 -100.86 -103.72
N LYS B 3213 -34.09 -101.86 -104.30
CA LYS B 3213 -33.69 -103.01 -103.49
C LYS B 3213 -32.69 -102.58 -102.43
N LEU B 3214 -31.62 -101.88 -102.83
CA LEU B 3214 -30.62 -101.43 -101.87
C LEU B 3214 -31.25 -100.61 -100.75
N MET B 3215 -32.16 -99.69 -101.10
CA MET B 3215 -32.76 -98.88 -100.04
C MET B 3215 -33.68 -99.72 -99.16
N GLU B 3216 -34.26 -100.81 -99.68
CA GLU B 3216 -35.07 -101.62 -98.77
C GLU B 3216 -34.21 -102.49 -97.85
N GLU B 3217 -33.04 -102.99 -98.29
CA GLU B 3217 -32.16 -103.60 -97.29
C GLU B 3217 -31.67 -102.55 -96.30
N ILE B 3218 -31.46 -101.31 -96.74
CA ILE B 3218 -31.09 -100.26 -95.80
C ILE B 3218 -32.20 -100.08 -94.76
N VAL B 3219 -33.46 -100.06 -95.21
CA VAL B 3219 -34.58 -99.90 -94.29
C VAL B 3219 -34.60 -101.05 -93.29
N GLU B 3220 -34.45 -102.29 -93.78
CA GLU B 3220 -34.59 -103.43 -92.88
C GLU B 3220 -33.41 -103.54 -91.92
N LEU B 3221 -32.20 -103.17 -92.35
CA LEU B 3221 -31.07 -103.18 -91.42
C LEU B 3221 -31.19 -102.06 -90.40
N ALA B 3222 -31.75 -100.92 -90.79
CA ALA B 3222 -32.05 -99.89 -89.81
C ALA B 3222 -33.06 -100.38 -88.78
N GLU B 3223 -34.09 -101.09 -89.25
CA GLU B 3223 -35.09 -101.63 -88.33
C GLU B 3223 -34.46 -102.65 -87.38
N SER B 3224 -33.57 -103.50 -87.90
CA SER B 3224 -32.90 -104.48 -87.05
C SER B 3224 -31.96 -103.82 -86.05
N GLY B 3225 -31.33 -102.72 -86.46
CA GLY B 3225 -30.42 -102.01 -85.57
C GLY B 3225 -29.17 -102.77 -85.22
N ILE B 3226 -28.54 -103.41 -86.21
CA ILE B 3226 -27.29 -104.12 -85.95
C ILE B 3226 -26.18 -103.13 -85.67
N ARG B 3227 -25.20 -103.57 -84.88
CA ARG B 3227 -24.11 -102.70 -84.48
C ARG B 3227 -23.17 -102.42 -85.66
N TYR B 3228 -22.46 -101.29 -85.57
CA TYR B 3228 -21.59 -100.88 -86.66
C TYR B 3228 -20.36 -101.79 -86.76
N THR B 3229 -19.80 -102.21 -85.62
CA THR B 3229 -18.67 -103.13 -85.67
C THR B 3229 -19.07 -104.51 -86.17
N GLN B 3230 -20.37 -104.85 -86.07
CA GLN B 3230 -20.82 -106.14 -86.57
C GLN B 3230 -20.62 -106.25 -88.07
N MET B 3231 -21.06 -105.24 -88.82
CA MET B 3231 -20.89 -105.18 -90.26
C MET B 3231 -20.92 -103.72 -90.67
N PRO B 3232 -19.75 -103.09 -90.89
CA PRO B 3232 -19.71 -101.64 -91.08
C PRO B 3232 -19.82 -101.20 -92.54
N HIS B 3233 -19.97 -102.17 -93.46
CA HIS B 3233 -19.98 -101.89 -94.89
C HIS B 3233 -20.96 -100.78 -95.25
N VAL B 3234 -22.25 -101.00 -94.96
CA VAL B 3234 -23.28 -100.08 -95.41
C VAL B 3234 -23.15 -98.73 -94.70
N MET B 3235 -23.06 -98.76 -93.37
CA MET B 3235 -22.97 -97.50 -92.62
C MET B 3235 -21.74 -96.69 -93.00
N GLU B 3236 -20.71 -97.34 -93.56
CA GLU B 3236 -19.50 -96.58 -93.86
C GLU B 3236 -19.47 -96.08 -95.30
N VAL B 3237 -19.99 -96.86 -96.25
CA VAL B 3237 -19.87 -96.43 -97.65
C VAL B 3237 -21.23 -96.19 -98.30
N ILE B 3238 -22.21 -97.06 -98.03
CA ILE B 3238 -23.44 -97.06 -98.83
C ILE B 3238 -24.29 -95.83 -98.52
N LEU B 3239 -24.36 -95.43 -97.24
CA LEU B 3239 -25.10 -94.23 -96.90
C LEU B 3239 -24.53 -93.00 -97.60
N PRO B 3240 -23.21 -92.76 -97.60
CA PRO B 3240 -22.69 -91.68 -98.45
C PRO B 3240 -22.98 -91.89 -99.92
N MET B 3241 -23.05 -93.14 -100.40
CA MET B 3241 -23.39 -93.39 -101.79
C MET B 3241 -24.74 -92.78 -102.13
N LEU B 3242 -25.76 -93.13 -101.33
CA LEU B 3242 -27.08 -92.54 -101.52
C LEU B 3242 -27.02 -91.03 -101.37
N CYS B 3243 -26.43 -90.53 -100.27
CA CYS B 3243 -26.44 -89.09 -100.01
C CYS B 3243 -25.91 -88.31 -101.22
N SER B 3244 -24.77 -88.75 -101.78
CA SER B 3244 -24.25 -88.12 -102.99
C SER B 3244 -25.18 -88.30 -104.19
N TYR B 3245 -25.76 -89.50 -104.35
CA TYR B 3245 -26.67 -89.76 -105.45
C TYR B 3245 -27.89 -88.82 -105.45
N MET B 3246 -28.67 -88.81 -104.36
CA MET B 3246 -29.81 -87.90 -104.24
C MET B 3246 -29.38 -86.45 -104.29
N SER B 3247 -28.29 -86.08 -103.62
CA SER B 3247 -27.88 -84.69 -103.66
C SER B 3247 -27.59 -84.22 -105.08
N ARG B 3248 -27.01 -85.10 -105.90
CA ARG B 3248 -26.71 -84.72 -107.28
C ARG B 3248 -27.93 -84.75 -108.18
N TRP B 3249 -28.83 -85.72 -108.01
CA TRP B 3249 -29.93 -85.87 -108.96
C TRP B 3249 -31.25 -85.30 -108.47
N TRP B 3250 -31.26 -84.57 -107.35
CA TRP B 3250 -32.51 -84.01 -106.85
C TRP B 3250 -33.10 -82.99 -107.80
N GLU B 3251 -32.29 -82.06 -108.28
CA GLU B 3251 -32.78 -81.10 -109.26
C GLU B 3251 -33.13 -81.77 -110.58
N HIS B 3252 -32.53 -82.92 -110.87
CA HIS B 3252 -32.84 -83.66 -112.10
C HIS B 3252 -34.10 -84.50 -111.98
N GLY B 3253 -34.58 -84.75 -110.76
CA GLY B 3253 -35.77 -85.55 -110.57
C GLY B 3253 -37.03 -84.94 -111.17
N PRO B 3254 -38.00 -85.79 -111.53
CA PRO B 3254 -39.22 -85.28 -112.15
C PRO B 3254 -40.05 -84.40 -111.24
N GLU B 3255 -39.86 -84.50 -109.92
CA GLU B 3255 -40.56 -83.63 -109.00
C GLU B 3255 -40.16 -82.17 -109.17
N ASN B 3256 -38.89 -81.90 -109.47
CA ASN B 3256 -38.46 -80.54 -109.77
C ASN B 3256 -38.77 -80.16 -111.21
N ASN B 3257 -38.87 -81.15 -112.10
CA ASN B 3257 -39.15 -80.93 -113.52
C ASN B 3257 -40.33 -81.80 -113.95
N PRO B 3258 -41.55 -81.40 -113.61
CA PRO B 3258 -42.73 -82.14 -114.11
C PRO B 3258 -42.83 -82.13 -115.62
N GLU B 3259 -42.09 -81.25 -116.28
CA GLU B 3259 -42.01 -81.22 -117.73
C GLU B 3259 -41.28 -82.45 -118.24
N ARG B 3260 -41.08 -82.48 -119.57
CA ARG B 3260 -40.45 -83.60 -120.29
C ARG B 3260 -40.87 -84.97 -119.74
N ALA B 3261 -42.17 -85.15 -119.52
CA ALA B 3261 -42.70 -86.40 -119.01
C ALA B 3261 -42.29 -87.56 -119.92
N GLU B 3262 -42.02 -88.71 -119.28
CA GLU B 3262 -41.51 -89.94 -119.86
C GLU B 3262 -40.21 -89.71 -120.63
N MET B 3263 -39.61 -88.54 -120.48
CA MET B 3263 -38.20 -88.33 -120.80
C MET B 3263 -37.34 -88.15 -119.55
N CYS B 3264 -37.86 -88.47 -118.38
CA CYS B 3264 -37.15 -88.31 -117.11
C CYS B 3264 -36.40 -89.60 -116.81
N CYS B 3265 -35.10 -89.49 -116.53
CA CYS B 3265 -34.30 -90.67 -116.27
C CYS B 3265 -34.43 -91.12 -114.83
N THR B 3266 -33.99 -90.29 -113.88
CA THR B 3266 -33.91 -90.66 -112.47
C THR B 3266 -35.19 -90.24 -111.75
N ALA B 3267 -35.74 -91.17 -110.97
CA ALA B 3267 -36.95 -90.93 -110.19
C ALA B 3267 -36.60 -90.82 -108.72
N LEU B 3268 -36.94 -89.70 -108.12
CA LEU B 3268 -36.64 -89.39 -106.73
C LEU B 3268 -37.65 -88.38 -106.22
N ASN B 3269 -37.87 -88.35 -104.90
CA ASN B 3269 -38.84 -87.41 -104.37
C ASN B 3269 -38.50 -87.09 -102.91
N SER B 3270 -39.09 -85.99 -102.42
CA SER B 3270 -38.88 -85.53 -101.05
C SER B 3270 -39.18 -86.62 -100.03
N GLU B 3271 -40.23 -87.41 -100.24
CA GLU B 3271 -40.49 -88.50 -99.30
C GLU B 3271 -39.42 -89.57 -99.38
N HIS B 3272 -38.83 -89.79 -100.55
CA HIS B 3272 -37.72 -90.72 -100.66
C HIS B 3272 -36.55 -90.25 -99.79
N MET B 3273 -36.16 -88.97 -99.92
CA MET B 3273 -35.09 -88.50 -99.06
C MET B 3273 -35.49 -88.52 -97.60
N ASN B 3274 -36.74 -88.20 -97.28
CA ASN B 3274 -37.17 -88.15 -95.89
C ASN B 3274 -37.08 -89.54 -95.26
N THR B 3275 -37.54 -90.57 -95.99
CA THR B 3275 -37.43 -91.93 -95.48
C THR B 3275 -35.98 -92.34 -95.32
N LEU B 3276 -35.11 -91.98 -96.26
CA LEU B 3276 -33.72 -92.42 -96.16
C LEU B 3276 -32.97 -91.71 -95.04
N LEU B 3277 -33.23 -90.41 -94.86
CA LEU B 3277 -32.61 -89.70 -93.74
C LEU B 3277 -33.19 -90.15 -92.40
N GLY B 3278 -34.46 -90.57 -92.39
CA GLY B 3278 -35.02 -91.21 -91.21
C GLY B 3278 -34.30 -92.50 -90.91
N ASN B 3279 -33.97 -93.25 -91.96
CA ASN B 3279 -33.17 -94.46 -91.79
C ASN B 3279 -31.80 -94.13 -91.20
N ILE B 3280 -31.16 -93.07 -91.71
CA ILE B 3280 -29.85 -92.66 -91.22
C ILE B 3280 -29.92 -92.28 -89.73
N LEU B 3281 -30.92 -91.48 -89.36
CA LEU B 3281 -31.05 -91.05 -87.98
C LEU B 3281 -31.45 -92.20 -87.05
N LYS B 3282 -32.26 -93.14 -87.52
CA LYS B 3282 -32.58 -94.30 -86.68
C LYS B 3282 -31.37 -95.21 -86.54
N ILE B 3283 -30.52 -95.30 -87.57
CA ILE B 3283 -29.29 -96.06 -87.47
C ILE B 3283 -28.35 -95.42 -86.44
N ILE B 3284 -28.19 -94.10 -86.50
CA ILE B 3284 -27.30 -93.46 -85.53
C ILE B 3284 -27.90 -93.55 -84.13
N TYR B 3285 -29.23 -93.54 -84.02
CA TYR B 3285 -29.88 -93.82 -82.74
C TYR B 3285 -29.51 -95.21 -82.23
N ASN B 3286 -29.57 -96.22 -83.09
CA ASN B 3286 -29.18 -97.57 -82.70
C ASN B 3286 -27.72 -97.64 -82.28
N ASN B 3287 -26.86 -96.84 -82.90
CA ASN B 3287 -25.42 -96.92 -82.67
C ASN B 3287 -24.89 -95.73 -81.85
N LEU B 3288 -25.75 -95.07 -81.08
CA LEU B 3288 -25.29 -93.99 -80.22
C LEU B 3288 -24.32 -94.49 -79.16
N GLY B 3289 -24.80 -95.33 -78.25
CA GLY B 3289 -23.97 -95.82 -77.16
C GLY B 3289 -23.11 -97.00 -77.58
N ILE B 3290 -23.30 -97.44 -78.82
CA ILE B 3290 -22.54 -98.55 -79.39
C ILE B 3290 -21.38 -97.97 -80.17
N ASP B 3291 -20.16 -98.33 -79.77
CA ASP B 3291 -18.86 -98.34 -80.45
C ASP B 3291 -18.43 -96.96 -80.92
N GLU B 3292 -19.33 -95.98 -80.81
CA GLU B 3292 -19.09 -94.59 -81.20
C GLU B 3292 -18.29 -94.47 -82.48
N GLY B 3293 -17.17 -93.75 -82.44
CA GLY B 3293 -16.35 -93.54 -83.61
C GLY B 3293 -16.56 -92.16 -84.22
N ALA B 3294 -16.06 -92.02 -85.44
CA ALA B 3294 -16.23 -90.78 -86.20
C ALA B 3294 -16.96 -91.00 -87.52
N TRP B 3295 -17.41 -92.23 -87.80
CA TRP B 3295 -18.14 -92.48 -89.04
C TRP B 3295 -19.44 -91.70 -89.08
N MET B 3296 -20.17 -91.64 -87.95
CA MET B 3296 -21.34 -90.77 -87.90
C MET B 3296 -20.95 -89.31 -88.06
N LYS B 3297 -19.80 -88.90 -87.51
CA LYS B 3297 -19.34 -87.53 -87.66
C LYS B 3297 -19.15 -87.15 -89.12
N ARG B 3298 -18.54 -88.03 -89.91
CA ARG B 3298 -18.31 -87.70 -91.31
C ARG B 3298 -19.58 -87.87 -92.16
N LEU B 3299 -20.43 -88.85 -91.84
CA LEU B 3299 -21.65 -88.99 -92.62
C LEU B 3299 -22.60 -87.83 -92.33
N ALA B 3300 -22.46 -87.19 -91.16
CA ALA B 3300 -23.26 -85.99 -90.89
C ALA B 3300 -22.89 -84.86 -91.84
N VAL B 3301 -21.60 -84.63 -92.08
CA VAL B 3301 -21.22 -83.55 -92.98
C VAL B 3301 -21.51 -83.96 -94.43
N PHE B 3302 -21.51 -85.26 -94.74
CA PHE B 3302 -21.97 -85.69 -96.05
C PHE B 3302 -23.47 -85.51 -96.23
N SER B 3303 -24.24 -85.64 -95.15
CA SER B 3303 -25.69 -85.50 -95.21
C SER B 3303 -26.16 -84.06 -95.03
N GLN B 3304 -25.25 -83.15 -94.68
CA GLN B 3304 -25.57 -81.72 -94.61
C GLN B 3304 -26.31 -81.18 -95.85
N PRO B 3305 -25.87 -81.44 -97.09
CA PRO B 3305 -26.67 -80.98 -98.23
C PRO B 3305 -28.07 -81.53 -98.25
N ILE B 3306 -28.29 -82.76 -97.77
CA ILE B 3306 -29.64 -83.31 -97.71
C ILE B 3306 -30.50 -82.56 -96.71
N ILE B 3307 -29.94 -82.18 -95.55
CA ILE B 3307 -30.76 -81.49 -94.57
C ILE B 3307 -30.99 -80.03 -94.97
N ASN B 3308 -30.09 -79.48 -95.80
CA ASN B 3308 -30.42 -78.21 -96.44
C ASN B 3308 -31.51 -78.35 -97.50
N LYS B 3309 -31.47 -79.45 -98.25
CA LYS B 3309 -32.45 -79.69 -99.30
C LYS B 3309 -33.86 -79.85 -98.73
N VAL B 3310 -33.99 -80.66 -97.68
CA VAL B 3310 -35.30 -80.94 -97.11
C VAL B 3310 -35.85 -79.71 -96.41
N LYS B 3311 -37.15 -79.47 -96.57
CA LYS B 3311 -37.80 -78.31 -95.98
C LYS B 3311 -37.83 -78.42 -94.45
N PRO B 3312 -37.45 -77.35 -93.75
CA PRO B 3312 -37.61 -77.35 -92.28
C PRO B 3312 -39.05 -77.54 -91.83
N GLN B 3313 -40.00 -76.98 -92.58
CA GLN B 3313 -41.42 -77.22 -92.33
C GLN B 3313 -41.76 -78.70 -92.44
N LEU B 3314 -41.15 -79.40 -93.40
CA LEU B 3314 -41.33 -80.84 -93.47
C LEU B 3314 -40.59 -81.55 -92.34
N LEU B 3315 -39.49 -80.97 -91.88
CA LEU B 3315 -38.72 -81.59 -90.81
C LEU B 3315 -39.19 -81.14 -89.43
N LYS B 3316 -40.34 -80.47 -89.36
CA LYS B 3316 -41.15 -80.52 -88.15
C LYS B 3316 -41.61 -81.96 -87.91
N THR B 3317 -41.89 -82.27 -86.64
CA THR B 3317 -42.14 -83.63 -86.16
C THR B 3317 -40.87 -84.46 -86.28
N HIS B 3318 -39.80 -83.83 -86.80
CA HIS B 3318 -38.46 -84.39 -86.80
C HIS B 3318 -37.49 -83.55 -85.99
N PHE B 3319 -37.86 -82.30 -85.69
CA PHE B 3319 -37.09 -81.51 -84.73
C PHE B 3319 -36.84 -82.29 -83.45
N LEU B 3320 -37.89 -82.90 -82.88
CA LEU B 3320 -37.74 -83.63 -81.62
C LEU B 3320 -36.76 -84.79 -81.73
N PRO B 3321 -36.81 -85.64 -82.77
CA PRO B 3321 -35.75 -86.64 -82.94
C PRO B 3321 -34.37 -86.04 -83.14
N LEU B 3322 -34.29 -84.75 -83.48
CA LEU B 3322 -32.97 -84.11 -83.64
C LEU B 3322 -32.36 -83.76 -82.29
N MET B 3323 -33.13 -83.10 -81.42
CA MET B 3323 -32.62 -82.78 -80.08
C MET B 3323 -32.49 -84.03 -79.22
N GLU B 3324 -33.41 -84.99 -79.36
CA GLU B 3324 -33.25 -86.27 -78.72
C GLU B 3324 -32.31 -87.13 -79.58
N LYS B 3325 -31.83 -88.23 -78.99
CA LYS B 3325 -30.62 -88.96 -79.41
C LYS B 3325 -29.39 -88.18 -79.00
N LEU B 3326 -29.59 -86.95 -78.52
CA LEU B 3326 -28.47 -86.15 -78.04
C LEU B 3326 -28.70 -85.72 -76.59
N LYS B 3327 -29.93 -85.32 -76.27
CA LYS B 3327 -30.24 -84.88 -74.92
C LYS B 3327 -30.34 -86.06 -73.95
N LYS B 3328 -30.77 -87.23 -74.44
CA LYS B 3328 -31.06 -88.33 -73.54
C LYS B 3328 -29.77 -88.99 -73.03
N LYS B 3329 -28.74 -89.07 -73.87
CA LYS B 3329 -27.46 -89.64 -73.47
C LYS B 3329 -26.62 -88.66 -72.67
N ALA B 3330 -27.12 -88.19 -71.53
CA ALA B 3330 -26.33 -87.30 -70.69
C ALA B 3330 -25.17 -88.06 -70.02
N ALA B 3331 -25.34 -89.37 -69.85
CA ALA B 3331 -24.26 -90.18 -69.27
C ALA B 3331 -23.04 -90.18 -70.17
N THR B 3332 -23.24 -90.28 -71.49
CA THR B 3332 -22.14 -90.23 -72.44
C THR B 3332 -21.59 -88.81 -72.53
N VAL B 3333 -20.38 -88.71 -73.09
CA VAL B 3333 -19.69 -87.43 -73.24
C VAL B 3333 -19.47 -87.06 -74.69
N VAL B 3334 -19.53 -88.02 -75.62
CA VAL B 3334 -19.32 -87.69 -77.02
C VAL B 3334 -20.51 -86.89 -77.56
N SER B 3335 -20.19 -85.87 -78.37
CA SER B 3335 -21.17 -84.98 -78.94
C SER B 3335 -21.12 -85.06 -80.46
N GLU B 3336 -22.30 -85.08 -81.08
CA GLU B 3336 -22.37 -85.14 -82.53
C GLU B 3336 -23.68 -84.52 -82.99
N GLU B 3337 -23.59 -83.70 -84.04
CA GLU B 3337 -24.73 -83.03 -84.64
C GLU B 3337 -25.48 -82.17 -83.62
N VAL B 3599 8.09 -77.48 -64.16
CA VAL B 3599 8.66 -78.54 -65.00
C VAL B 3599 10.11 -78.23 -65.32
N VAL B 3600 10.36 -77.02 -65.82
CA VAL B 3600 11.71 -76.63 -66.21
C VAL B 3600 12.58 -76.21 -65.04
N ALA B 3601 12.02 -76.10 -63.84
CA ALA B 3601 12.81 -75.68 -62.68
C ALA B 3601 13.86 -76.73 -62.32
N CYS B 3602 13.45 -78.01 -62.31
CA CYS B 3602 14.33 -79.11 -61.96
C CYS B 3602 15.51 -79.24 -62.91
N PHE B 3603 15.40 -78.72 -64.13
CA PHE B 3603 16.50 -78.69 -65.08
C PHE B 3603 17.28 -77.39 -65.02
N ARG B 3604 16.60 -76.26 -64.78
CA ARG B 3604 17.29 -74.99 -64.58
C ARG B 3604 18.23 -75.08 -63.39
N MET B 3605 17.89 -75.89 -62.39
CA MET B 3605 18.71 -76.09 -61.21
C MET B 3605 18.53 -77.53 -60.76
N ALA B 3606 19.64 -78.26 -60.63
CA ALA B 3606 19.61 -79.70 -60.46
C ALA B 3606 19.51 -80.09 -58.99
N PRO B 3607 18.99 -81.28 -58.70
CA PRO B 3607 18.99 -81.77 -57.32
C PRO B 3607 20.38 -82.11 -56.83
N LEU B 3608 20.45 -82.56 -55.57
CA LEU B 3608 21.73 -82.86 -54.94
C LEU B 3608 22.45 -84.03 -55.60
N TYR B 3609 21.73 -85.01 -56.13
CA TYR B 3609 22.38 -86.17 -56.73
C TYR B 3609 23.17 -85.82 -57.99
N ASN B 3610 22.81 -84.74 -58.67
CA ASN B 3610 23.58 -84.30 -59.83
C ASN B 3610 24.84 -83.54 -59.42
N LEU B 3611 24.85 -83.02 -58.20
CA LEU B 3611 25.97 -82.21 -57.74
C LEU B 3611 27.21 -83.07 -57.54
N PRO B 3612 28.41 -82.51 -57.70
CA PRO B 3612 29.64 -83.27 -57.41
C PRO B 3612 29.74 -83.67 -55.94
N ARG B 3613 30.60 -84.64 -55.65
CA ARG B 3613 30.70 -85.15 -54.28
C ARG B 3613 31.19 -84.08 -53.31
N HIS B 3614 32.22 -83.33 -53.70
CA HIS B 3614 32.82 -82.38 -52.77
C HIS B 3614 31.88 -81.19 -52.49
N ARG B 3615 31.17 -80.72 -53.52
CA ARG B 3615 30.21 -79.64 -53.32
C ARG B 3615 29.10 -80.08 -52.37
N ALA B 3616 28.58 -81.28 -52.57
CA ALA B 3616 27.53 -81.80 -51.69
C ALA B 3616 28.05 -82.00 -50.28
N VAL B 3617 29.31 -82.44 -50.15
CA VAL B 3617 29.91 -82.61 -48.83
C VAL B 3617 30.00 -81.29 -48.10
N ASN B 3618 30.46 -80.23 -48.80
CA ASN B 3618 30.56 -78.92 -48.17
C ASN B 3618 29.19 -78.39 -47.78
N LEU B 3619 28.20 -78.55 -48.68
CA LEU B 3619 26.85 -78.10 -48.37
C LEU B 3619 26.28 -78.84 -47.16
N PHE B 3620 26.54 -80.15 -47.08
CA PHE B 3620 26.08 -80.92 -45.93
C PHE B 3620 26.78 -80.49 -44.65
N LEU B 3621 28.08 -80.17 -44.74
CA LEU B 3621 28.78 -79.67 -43.56
C LEU B 3621 28.13 -78.40 -43.04
N GLN B 3622 27.86 -77.46 -43.94
CA GLN B 3622 27.22 -76.21 -43.53
C GLN B 3622 25.82 -76.46 -42.96
N GLY B 3623 25.05 -77.32 -43.63
CA GLY B 3623 23.69 -77.60 -43.16
C GLY B 3623 23.66 -78.29 -41.82
N TYR B 3624 24.52 -79.31 -41.64
CA TYR B 3624 24.64 -79.99 -40.36
C TYR B 3624 25.04 -79.01 -39.27
N GLU B 3625 26.05 -78.18 -39.52
CA GLU B 3625 26.44 -77.17 -38.55
C GLU B 3625 25.24 -76.34 -38.13
N LYS B 3626 24.61 -75.65 -39.09
CA LYS B 3626 23.54 -74.71 -38.76
C LYS B 3626 22.37 -75.41 -38.10
N SER B 3627 22.00 -76.60 -38.57
CA SER B 3627 20.77 -77.23 -38.10
C SER B 3627 20.94 -77.90 -36.74
N TRP B 3628 22.13 -78.46 -36.45
CA TRP B 3628 22.31 -79.31 -35.30
C TRP B 3628 23.16 -78.65 -34.21
N ILE B 3629 24.29 -78.04 -34.57
CA ILE B 3629 25.29 -77.72 -33.55
C ILE B 3629 24.80 -76.60 -32.65
N GLU B 3630 24.17 -75.57 -33.22
CA GLU B 3630 23.60 -74.52 -32.39
C GLU B 3630 22.40 -75.02 -31.60
N THR B 3631 21.53 -75.80 -32.22
CA THR B 3631 20.34 -76.30 -31.54
C THR B 3631 20.69 -77.21 -30.36
N GLU B 3632 21.84 -77.89 -30.42
CA GLU B 3632 22.31 -78.64 -29.28
C GLU B 3632 22.76 -77.69 -28.18
N GLU B 3633 22.05 -77.71 -27.05
CA GLU B 3633 22.28 -76.77 -25.96
C GLU B 3633 22.50 -77.55 -24.67
N HIS B 3634 23.55 -77.17 -23.94
CA HIS B 3634 23.87 -77.75 -22.64
C HIS B 3634 24.01 -76.65 -21.61
N TYR B 3635 23.52 -76.92 -20.40
CA TYR B 3635 23.45 -75.93 -19.33
C TYR B 3635 24.58 -76.20 -18.34
N PHE B 3636 25.56 -75.30 -18.33
CA PHE B 3636 26.73 -75.43 -17.46
C PHE B 3636 26.98 -74.19 -16.62
N GLU B 3637 26.20 -73.12 -16.81
CA GLU B 3637 26.52 -71.83 -16.21
C GLU B 3637 26.44 -71.89 -14.69
N ASP B 3638 25.39 -72.53 -14.17
CA ASP B 3638 25.21 -72.58 -12.71
C ASP B 3638 26.38 -73.31 -12.05
N LYS B 3639 26.72 -74.50 -12.56
CA LYS B 3639 27.83 -75.26 -11.98
C LYS B 3639 29.15 -74.53 -12.15
N LEU B 3640 29.36 -73.88 -13.30
CA LEU B 3640 30.61 -73.16 -13.53
C LEU B 3640 30.78 -72.01 -12.55
N ILE B 3641 29.74 -71.19 -12.39
CA ILE B 3641 29.82 -70.01 -11.55
C ILE B 3641 29.79 -70.41 -10.07
N GLU B 3642 29.33 -71.62 -9.79
CA GLU B 3642 29.42 -72.09 -8.41
C GLU B 3642 30.80 -72.64 -8.07
N ASP B 3643 31.39 -73.44 -8.96
CA ASP B 3643 32.74 -73.92 -8.73
C ASP B 3643 33.74 -72.78 -8.70
N LEU B 3644 33.57 -71.78 -9.57
CA LEU B 3644 34.43 -70.60 -9.53
C LEU B 3644 34.22 -69.81 -8.24
N ALA B 3645 33.01 -69.85 -7.68
CA ALA B 3645 32.75 -69.14 -6.44
C ALA B 3645 33.32 -69.88 -5.24
N LYS B 3646 33.45 -71.20 -5.33
CA LYS B 3646 33.98 -71.97 -4.21
C LYS B 3646 35.43 -71.57 -3.94
N PRO B 3647 35.76 -71.21 -2.70
CA PRO B 3647 37.16 -71.02 -2.32
C PRO B 3647 37.85 -72.37 -2.17
N GLY B 3648 38.93 -72.57 -2.90
CA GLY B 3648 39.59 -73.86 -2.95
C GLY B 3648 40.48 -74.16 -1.76
N ALA B 3649 39.85 -74.38 -0.60
CA ALA B 3649 40.57 -74.76 0.63
C ALA B 3649 41.68 -73.77 0.95
N GLU B 3650 41.38 -72.48 0.90
CA GLU B 3650 42.39 -71.47 1.19
C GLU B 3650 42.89 -71.53 2.62
N PRO B 3651 42.06 -71.59 3.65
CA PRO B 3651 42.58 -71.73 5.03
C PRO B 3651 43.39 -73.02 5.20
N PRO B 3652 42.97 -74.15 4.61
CA PRO B 3652 43.88 -75.31 4.62
C PRO B 3652 45.21 -75.05 3.94
N GLU B 3653 45.22 -74.25 2.87
CA GLU B 3653 46.47 -73.92 2.21
C GLU B 3653 47.34 -73.07 3.11
N GLU B 3654 48.66 -73.27 3.03
CA GLU B 3654 49.62 -72.55 3.86
C GLU B 3654 49.80 -71.12 3.37
N ASP B 3655 48.73 -70.33 3.52
CA ASP B 3655 48.79 -68.92 3.16
C ASP B 3655 49.17 -68.05 4.34
N GLU B 3656 48.62 -68.35 5.53
CA GLU B 3656 48.88 -67.59 6.75
C GLU B 3656 48.66 -66.10 6.54
N GLY B 3657 47.53 -65.74 5.93
CA GLY B 3657 47.23 -64.36 5.64
C GLY B 3657 45.73 -64.15 5.51
N THR B 3658 45.38 -62.97 5.00
CA THR B 3658 43.98 -62.63 4.81
C THR B 3658 43.35 -63.50 3.73
N LYS B 3659 42.02 -63.54 3.72
CA LYS B 3659 41.26 -64.31 2.76
C LYS B 3659 41.62 -63.93 1.33
N ARG B 3660 42.13 -64.90 0.57
CA ARG B 3660 42.47 -64.65 -0.82
C ARG B 3660 41.20 -64.57 -1.67
N VAL B 3661 41.31 -63.83 -2.78
CA VAL B 3661 40.15 -63.59 -3.62
C VAL B 3661 39.82 -64.83 -4.45
N ASP B 3662 38.54 -65.17 -4.53
CA ASP B 3662 38.09 -66.34 -5.26
C ASP B 3662 38.25 -66.11 -6.76
N PRO B 3663 38.32 -67.20 -7.55
CA PRO B 3663 38.53 -67.05 -9.00
C PRO B 3663 37.49 -66.17 -9.69
N LEU B 3664 36.23 -66.27 -9.28
CA LEU B 3664 35.20 -65.41 -9.84
C LEU B 3664 35.48 -63.95 -9.52
N HIS B 3665 35.93 -63.68 -8.28
CA HIS B 3665 36.28 -62.31 -7.92
C HIS B 3665 37.47 -61.80 -8.72
N GLN B 3666 38.47 -62.66 -8.96
CA GLN B 3666 39.60 -62.27 -9.81
C GLN B 3666 39.18 -61.98 -11.24
N LEU B 3667 38.29 -62.79 -11.81
CA LEU B 3667 37.76 -62.52 -13.15
C LEU B 3667 37.00 -61.19 -13.19
N ILE B 3668 36.16 -60.92 -12.19
CA ILE B 3668 35.43 -59.67 -12.16
C ILE B 3668 36.38 -58.49 -12.02
N LEU B 3669 37.42 -58.62 -11.19
CA LEU B 3669 38.44 -57.59 -11.07
C LEU B 3669 39.21 -57.37 -12.36
N LEU B 3670 39.54 -58.44 -13.09
CA LEU B 3670 40.20 -58.29 -14.39
C LEU B 3670 39.32 -57.52 -15.35
N PHE B 3671 38.04 -57.87 -15.45
CA PHE B 3671 37.13 -57.14 -16.32
C PHE B 3671 36.97 -55.68 -15.89
N SER B 3672 36.86 -55.42 -14.58
CA SER B 3672 36.74 -54.05 -14.09
C SER B 3672 37.98 -53.23 -14.40
N ARG B 3673 39.17 -53.80 -14.22
CA ARG B 3673 40.39 -53.09 -14.55
C ARG B 3673 40.50 -52.82 -16.05
N THR B 3674 40.10 -53.79 -16.88
CA THR B 3674 40.10 -53.57 -18.32
C THR B 3674 39.16 -52.43 -18.69
N ALA B 3675 37.98 -52.39 -18.06
CA ALA B 3675 37.05 -51.30 -18.33
C ALA B 3675 37.60 -49.96 -17.86
N LEU B 3676 38.25 -49.94 -16.69
CA LEU B 3676 38.74 -48.68 -16.14
C LEU B 3676 39.94 -48.14 -16.91
N THR B 3677 40.71 -49.03 -17.55
CA THR B 3677 41.87 -48.59 -18.32
C THR B 3677 41.43 -47.64 -19.43
N GLU B 3678 42.13 -46.52 -19.55
CA GLU B 3678 41.76 -45.50 -20.52
C GLU B 3678 42.09 -45.97 -21.94
N LYS B 3679 41.06 -45.98 -22.79
CA LYS B 3679 41.21 -46.33 -24.19
C LYS B 3679 40.34 -45.41 -25.02
N CYS B 3680 40.76 -45.19 -26.27
CA CYS B 3680 39.97 -44.36 -27.17
C CYS B 3680 38.63 -45.01 -27.52
N LYS B 3681 38.60 -46.33 -27.58
CA LYS B 3681 37.39 -47.07 -27.92
C LYS B 3681 37.33 -48.33 -27.07
N LEU B 3682 36.11 -48.73 -26.74
CA LEU B 3682 35.88 -49.97 -25.98
C LEU B 3682 36.00 -51.14 -26.95
N GLU B 3683 37.20 -51.73 -27.00
CA GLU B 3683 37.44 -52.84 -27.91
C GLU B 3683 36.66 -54.07 -27.49
N GLU B 3684 36.17 -54.82 -28.47
CA GLU B 3684 35.41 -56.03 -28.20
C GLU B 3684 36.30 -57.10 -27.61
N ASP B 3685 35.83 -57.74 -26.53
CA ASP B 3685 36.55 -58.81 -25.86
C ASP B 3685 35.68 -60.06 -25.85
N PHE B 3686 36.13 -61.08 -26.60
CA PHE B 3686 35.39 -62.34 -26.67
C PHE B 3686 35.26 -62.97 -25.29
N LEU B 3687 36.30 -62.86 -24.46
CA LEU B 3687 36.22 -63.36 -23.09
C LEU B 3687 35.09 -62.69 -22.33
N TYR B 3688 34.95 -61.37 -22.48
CA TYR B 3688 33.86 -60.67 -21.81
C TYR B 3688 32.51 -61.10 -22.36
N MET B 3689 32.35 -61.13 -23.68
CA MET B 3689 31.05 -61.50 -24.23
C MET B 3689 30.67 -62.94 -23.92
N ALA B 3690 31.64 -63.79 -23.59
CA ALA B 3690 31.31 -65.14 -23.16
C ALA B 3690 30.97 -65.20 -21.68
N TYR B 3691 31.87 -64.69 -20.83
CA TYR B 3691 31.68 -64.87 -19.39
C TYR B 3691 30.56 -64.00 -18.85
N ALA B 3692 30.33 -62.81 -19.40
CA ALA B 3692 29.20 -62.00 -18.97
C ALA B 3692 27.88 -62.73 -19.26
N ASP B 3693 27.79 -63.37 -20.43
CA ASP B 3693 26.62 -64.17 -20.74
C ASP B 3693 26.47 -65.33 -19.78
N ILE B 3694 27.59 -66.00 -19.44
CA ILE B 3694 27.54 -67.10 -18.48
C ILE B 3694 27.02 -66.61 -17.13
N MET B 3695 27.54 -65.47 -16.66
CA MET B 3695 27.12 -64.90 -15.38
C MET B 3695 25.64 -64.52 -15.39
N ALA B 3696 25.17 -63.91 -16.48
CA ALA B 3696 23.77 -63.54 -16.58
C ALA B 3696 22.86 -64.77 -16.59
N LYS B 3697 23.25 -65.82 -17.32
CA LYS B 3697 22.49 -67.06 -17.30
C LYS B 3697 22.45 -67.66 -15.90
N SER B 3698 23.59 -67.63 -15.20
CA SER B 3698 23.63 -68.18 -13.85
C SER B 3698 22.67 -67.45 -12.92
N CYS B 3699 22.51 -66.14 -13.11
CA CYS B 3699 21.59 -65.39 -12.26
C CYS B 3699 20.13 -65.65 -12.62
N HIS B 3700 19.76 -65.46 -13.90
CA HIS B 3700 18.34 -65.48 -14.21
C HIS B 3700 17.81 -66.91 -14.28
N ASP B 3701 18.69 -67.90 -14.45
CA ASP B 3701 18.42 -69.34 -14.32
C ASP B 3701 17.03 -69.74 -14.84
N GLU B 3702 16.61 -69.19 -15.98
CA GLU B 3702 15.32 -69.53 -16.56
C GLU B 3702 15.36 -69.45 -18.08
N GLU B 3710 0.61 -75.83 -12.65
CA GLU B 3710 1.50 -74.75 -13.05
C GLU B 3710 1.54 -73.67 -11.98
N VAL B 3711 0.44 -73.53 -11.24
CA VAL B 3711 0.36 -72.55 -10.18
C VAL B 3711 1.35 -72.90 -9.08
N LYS B 3712 2.02 -71.87 -8.55
CA LYS B 3712 3.03 -72.05 -7.52
C LYS B 3712 2.48 -71.64 -6.16
N SER B 3713 2.84 -72.42 -5.15
CA SER B 3713 2.46 -72.07 -3.78
C SER B 3713 3.32 -70.91 -3.28
N PHE B 3714 2.87 -70.29 -2.19
CA PHE B 3714 3.59 -69.15 -1.64
C PHE B 3714 4.97 -69.56 -1.14
N GLU B 3715 5.08 -70.72 -0.49
CA GLU B 3715 6.38 -71.21 -0.05
C GLU B 3715 7.32 -71.43 -1.23
N GLU B 3716 6.80 -72.03 -2.31
CA GLU B 3716 7.63 -72.21 -3.50
C GLU B 3716 8.09 -70.87 -4.05
N LYS B 3717 7.17 -69.91 -4.18
CA LYS B 3717 7.52 -68.62 -4.76
C LYS B 3717 8.58 -67.91 -3.92
N GLU B 3718 8.43 -67.94 -2.59
CA GLU B 3718 9.49 -67.46 -1.72
C GLU B 3718 10.79 -68.21 -1.96
N MET B 3719 10.72 -69.50 -2.28
CA MET B 3719 11.94 -70.24 -2.60
C MET B 3719 12.63 -69.73 -3.87
N GLU B 3720 11.88 -69.51 -4.95
CA GLU B 3720 12.57 -68.98 -6.13
C GLU B 3720 13.09 -67.57 -5.88
N LYS B 3721 12.39 -66.80 -5.04
CA LYS B 3721 12.91 -65.49 -4.67
C LYS B 3721 14.24 -65.60 -3.93
N GLN B 3722 14.31 -66.52 -2.96
CA GLN B 3722 15.57 -66.72 -2.23
C GLN B 3722 16.67 -67.23 -3.15
N LYS B 3723 16.33 -68.13 -4.07
CA LYS B 3723 17.32 -68.64 -5.02
C LYS B 3723 17.87 -67.52 -5.88
N LEU B 3724 17.00 -66.66 -6.40
CA LEU B 3724 17.44 -65.53 -7.21
C LEU B 3724 18.30 -64.57 -6.40
N LEU B 3725 17.91 -64.31 -5.14
CA LEU B 3725 18.71 -63.43 -4.30
C LEU B 3725 20.09 -64.01 -4.04
N TYR B 3726 20.19 -65.32 -3.77
CA TYR B 3726 21.49 -65.93 -3.54
C TYR B 3726 22.35 -65.90 -4.80
N GLN B 3727 21.75 -66.18 -5.96
CA GLN B 3727 22.51 -66.16 -7.21
C GLN B 3727 22.97 -64.75 -7.57
N GLN B 3728 22.15 -63.73 -7.27
CA GLN B 3728 22.59 -62.36 -7.48
C GLN B 3728 23.64 -61.93 -6.46
N ALA B 3729 23.58 -62.46 -5.24
CA ALA B 3729 24.59 -62.21 -4.23
C ALA B 3729 25.94 -62.76 -4.63
N ARG B 3730 25.98 -63.96 -5.20
CA ARG B 3730 27.24 -64.54 -5.65
C ARG B 3730 27.97 -63.63 -6.63
N LEU B 3731 27.26 -62.77 -7.34
CA LEU B 3731 27.89 -61.89 -8.31
C LEU B 3731 28.10 -60.47 -7.80
N HIS B 3732 27.11 -59.88 -7.12
CA HIS B 3732 27.29 -58.50 -6.67
C HIS B 3732 28.01 -58.41 -5.33
N ASP B 3733 28.39 -59.53 -4.74
CA ASP B 3733 29.32 -59.52 -3.62
C ASP B 3733 30.77 -59.53 -4.07
N ARG B 3734 31.01 -59.52 -5.39
CA ARG B 3734 32.36 -59.61 -5.94
C ARG B 3734 32.66 -58.48 -6.93
N GLY B 3735 31.80 -57.47 -7.01
CA GLY B 3735 32.07 -56.31 -7.85
C GLY B 3735 31.37 -56.26 -9.18
N ALA B 3736 30.41 -57.15 -9.44
CA ALA B 3736 29.70 -57.13 -10.71
C ALA B 3736 28.87 -55.85 -10.87
N ALA B 3737 28.33 -55.33 -9.78
CA ALA B 3737 27.54 -54.10 -9.85
C ALA B 3737 28.39 -52.93 -10.34
N GLU B 3738 29.62 -52.83 -9.85
CA GLU B 3738 30.52 -51.79 -10.34
C GLU B 3738 31.03 -52.11 -11.74
N MET B 3739 31.21 -53.39 -12.06
CA MET B 3739 31.70 -53.79 -13.38
C MET B 3739 30.72 -53.41 -14.49
N VAL B 3740 29.43 -53.68 -14.27
CA VAL B 3740 28.42 -53.36 -15.28
C VAL B 3740 28.22 -51.87 -15.47
N LEU B 3741 28.59 -51.06 -14.48
CA LEU B 3741 28.60 -49.61 -14.65
C LEU B 3741 29.85 -49.13 -15.36
N GLN B 3742 31.00 -49.72 -15.00
CA GLN B 3742 32.26 -49.31 -15.61
C GLN B 3742 32.28 -49.62 -17.10
N THR B 3743 31.76 -50.78 -17.50
CA THR B 3743 31.76 -51.12 -18.92
C THR B 3743 30.86 -50.17 -19.71
N ILE B 3744 29.69 -49.85 -19.17
CA ILE B 3744 28.79 -48.90 -19.83
C ILE B 3744 29.44 -47.53 -19.94
N SER B 3745 30.09 -47.07 -18.86
CA SER B 3745 30.77 -45.78 -18.90
C SER B 3745 31.90 -45.75 -19.92
N ALA B 3746 32.67 -46.83 -20.02
CA ALA B 3746 33.77 -46.88 -20.99
C ALA B 3746 33.25 -47.02 -22.41
N SER B 3747 32.01 -47.50 -22.58
CA SER B 3747 31.43 -47.61 -23.92
C SER B 3747 31.32 -46.26 -24.61
N LYS B 3748 31.14 -45.18 -23.86
CA LYS B 3748 31.05 -43.82 -24.41
C LYS B 3748 29.93 -43.71 -25.44
N GLY B 3749 28.80 -44.35 -25.13
CA GLY B 3749 27.63 -44.24 -25.98
C GLY B 3749 27.77 -44.84 -27.36
N GLU B 3750 28.46 -45.97 -27.48
CA GLU B 3750 28.62 -46.68 -28.75
C GLU B 3750 27.91 -48.01 -28.64
N THR B 3751 26.89 -48.21 -29.48
CA THR B 3751 26.15 -49.47 -29.46
C THR B 3751 27.02 -50.60 -29.99
N GLY B 3752 27.04 -51.71 -29.25
CA GLY B 3752 27.82 -52.86 -29.62
C GLY B 3752 27.56 -54.07 -28.74
N PRO B 3753 28.18 -55.21 -29.08
CA PRO B 3753 28.00 -56.41 -28.25
C PRO B 3753 28.49 -56.23 -26.83
N MET B 3754 29.49 -55.37 -26.61
CA MET B 3754 29.93 -55.06 -25.26
C MET B 3754 28.77 -54.59 -24.39
N VAL B 3755 28.05 -53.56 -24.88
CA VAL B 3755 26.90 -53.05 -24.14
C VAL B 3755 25.77 -54.06 -24.14
N ALA B 3756 25.60 -54.79 -25.24
CA ALA B 3756 24.54 -55.79 -25.33
C ALA B 3756 24.66 -56.87 -24.27
N ALA B 3757 25.88 -57.26 -23.91
CA ALA B 3757 26.10 -58.22 -22.83
C ALA B 3757 26.12 -57.57 -21.45
N THR B 3758 26.69 -56.37 -21.34
CA THR B 3758 26.71 -55.68 -20.05
C THR B 3758 25.31 -55.36 -19.55
N LEU B 3759 24.43 -54.90 -20.44
CA LEU B 3759 23.05 -54.60 -20.06
C LEU B 3759 22.33 -55.86 -19.61
N LYS B 3760 22.54 -56.97 -20.31
CA LYS B 3760 21.93 -58.23 -19.90
C LYS B 3760 22.41 -58.66 -18.52
N LEU B 3761 23.71 -58.53 -18.26
CA LEU B 3761 24.23 -58.87 -16.94
C LEU B 3761 23.64 -57.96 -15.86
N GLY B 3762 23.52 -56.67 -16.15
CA GLY B 3762 22.92 -55.75 -15.19
C GLY B 3762 21.48 -56.10 -14.90
N ILE B 3763 20.71 -56.44 -15.94
CA ILE B 3763 19.33 -56.86 -15.74
C ILE B 3763 19.27 -58.12 -14.91
N ALA B 3764 20.15 -59.08 -15.19
CA ALA B 3764 20.16 -60.34 -14.46
C ALA B 3764 20.43 -60.10 -12.97
N ILE B 3765 21.36 -59.20 -12.66
CA ILE B 3765 21.68 -58.97 -11.25
C ILE B 3765 20.65 -58.05 -10.59
N LEU B 3766 19.90 -57.28 -11.39
CA LEU B 3766 18.88 -56.39 -10.86
C LEU B 3766 17.46 -56.95 -10.90
N ASN B 3767 17.29 -58.19 -11.35
CA ASN B 3767 15.95 -58.78 -11.41
C ASN B 3767 15.30 -58.78 -10.03
N GLY B 3768 14.03 -58.40 -9.99
CA GLY B 3768 13.30 -58.30 -8.74
C GLY B 3768 13.52 -57.00 -7.99
N GLY B 3769 14.21 -56.03 -8.56
CA GLY B 3769 14.47 -54.78 -7.88
C GLY B 3769 15.39 -54.94 -6.68
N ASN B 3770 16.55 -55.56 -6.89
CA ASN B 3770 17.46 -55.84 -5.79
C ASN B 3770 17.94 -54.55 -5.15
N SER B 3771 17.48 -54.30 -3.92
CA SER B 3771 17.81 -53.08 -3.21
C SER B 3771 19.29 -52.98 -2.89
N THR B 3772 19.93 -54.10 -2.50
CA THR B 3772 21.36 -54.06 -2.20
C THR B 3772 22.17 -53.69 -3.43
N VAL B 3773 21.86 -54.29 -4.58
CA VAL B 3773 22.56 -53.95 -5.82
C VAL B 3773 22.28 -52.51 -6.25
N GLN B 3774 21.03 -52.04 -6.13
CA GLN B 3774 20.73 -50.65 -6.45
C GLN B 3774 21.54 -49.70 -5.58
N GLN B 3775 21.62 -49.97 -4.28
CA GLN B 3775 22.39 -49.14 -3.38
C GLN B 3775 23.88 -49.18 -3.74
N LYS B 3776 24.40 -50.36 -4.11
CA LYS B 3776 25.79 -50.45 -4.50
C LYS B 3776 26.09 -49.61 -5.73
N MET B 3777 25.25 -49.70 -6.76
CA MET B 3777 25.47 -48.88 -7.95
C MET B 3777 25.36 -47.39 -7.64
N LEU B 3778 24.34 -46.99 -6.87
CA LEU B 3778 24.20 -45.57 -6.55
C LEU B 3778 25.37 -45.05 -5.74
N ASP B 3779 25.84 -45.81 -4.75
CA ASP B 3779 26.98 -45.38 -3.95
C ASP B 3779 28.24 -45.30 -4.81
N TYR B 3780 28.46 -46.27 -5.69
CA TYR B 3780 29.64 -46.24 -6.56
C TYR B 3780 29.61 -45.01 -7.46
N LEU B 3781 28.46 -44.74 -8.08
CA LEU B 3781 28.35 -43.58 -8.95
C LEU B 3781 28.58 -42.29 -8.18
N LYS B 3782 28.00 -42.19 -6.97
CA LYS B 3782 28.16 -40.99 -6.18
C LYS B 3782 29.61 -40.77 -5.77
N GLU B 3783 30.31 -41.83 -5.36
CA GLU B 3783 31.67 -41.64 -4.84
C GLU B 3783 32.67 -41.45 -5.97
N LYS B 3784 32.43 -42.05 -7.14
CA LYS B 3784 33.32 -41.82 -8.27
C LYS B 3784 33.01 -40.56 -9.05
N LYS B 3785 31.82 -39.98 -8.88
CA LYS B 3785 31.41 -38.79 -9.61
C LYS B 3785 31.58 -38.99 -11.11
N ASP B 3786 31.10 -40.13 -11.59
CA ASP B 3786 31.30 -40.54 -12.99
C ASP B 3786 30.24 -39.91 -13.87
N VAL B 3787 30.66 -38.97 -14.73
CA VAL B 3787 29.77 -38.41 -15.74
C VAL B 3787 29.71 -39.29 -16.98
N GLY B 3788 30.74 -40.10 -17.24
CA GLY B 3788 30.78 -40.92 -18.44
C GLY B 3788 29.65 -41.92 -18.49
N PHE B 3789 29.21 -42.43 -17.33
CA PHE B 3789 28.10 -43.37 -17.30
C PHE B 3789 26.84 -42.75 -17.90
N PHE B 3790 26.47 -41.56 -17.44
CA PHE B 3790 25.26 -40.92 -17.93
C PHE B 3790 25.44 -40.43 -19.36
N GLN B 3791 26.65 -39.98 -19.71
CA GLN B 3791 26.90 -39.58 -21.09
C GLN B 3791 26.74 -40.76 -22.05
N SER B 3792 27.25 -41.92 -21.66
CA SER B 3792 27.13 -43.12 -22.48
C SER B 3792 25.67 -43.59 -22.54
N LEU B 3793 24.95 -43.48 -21.43
CA LEU B 3793 23.52 -43.81 -21.44
C LEU B 3793 22.77 -42.94 -22.44
N ALA B 3794 23.00 -41.62 -22.39
CA ALA B 3794 22.37 -40.73 -23.36
C ALA B 3794 22.75 -41.11 -24.79
N GLY B 3795 24.04 -41.28 -25.07
CA GLY B 3795 24.49 -41.65 -26.40
C GLY B 3795 23.89 -42.93 -26.92
N LEU B 3796 23.78 -43.96 -26.06
CA LEU B 3796 23.08 -45.16 -26.44
C LEU B 3796 21.62 -44.87 -26.77
N MET B 3797 21.00 -43.94 -26.02
CA MET B 3797 19.61 -43.59 -26.32
C MET B 3797 19.48 -42.97 -27.71
N GLN B 3798 20.37 -42.04 -28.07
CA GLN B 3798 20.26 -41.49 -29.43
C GLN B 3798 20.61 -42.55 -30.48
N SER B 3799 21.53 -43.47 -30.17
CA SER B 3799 21.92 -44.47 -31.16
C SER B 3799 20.88 -45.58 -31.30
N CYS B 3800 19.93 -45.67 -30.37
CA CYS B 3800 18.87 -46.68 -30.50
C CYS B 3800 18.05 -46.44 -31.75
N SER B 3801 17.66 -47.52 -32.41
CA SER B 3801 16.99 -47.45 -33.70
C SER B 3801 15.48 -47.55 -33.56
N VAL B 3802 14.78 -47.15 -34.62
CA VAL B 3802 13.32 -47.20 -34.68
C VAL B 3802 12.90 -47.79 -36.02
N LEU B 3803 11.59 -47.82 -36.27
CA LEU B 3803 11.07 -48.30 -37.55
C LEU B 3803 11.53 -47.39 -38.69
N ASP B 3804 11.78 -47.99 -39.85
CA ASP B 3804 12.22 -47.25 -41.04
C ASP B 3804 11.37 -47.67 -42.23
N LEU B 3805 10.48 -46.78 -42.67
CA LEU B 3805 9.62 -47.06 -43.80
C LEU B 3805 10.43 -47.30 -45.06
N ASN B 3806 11.50 -46.54 -45.27
CA ASN B 3806 12.33 -46.71 -46.45
C ASN B 3806 12.94 -48.11 -46.50
N ALA B 3807 13.51 -48.56 -45.39
CA ALA B 3807 14.09 -49.90 -45.34
C ALA B 3807 13.01 -50.96 -45.52
N PHE B 3808 11.85 -50.77 -44.89
CA PHE B 3808 10.77 -51.74 -45.03
C PHE B 3808 10.30 -51.85 -46.48
N GLU B 3809 10.12 -50.72 -47.16
CA GLU B 3809 9.70 -50.72 -48.56
C GLU B 3809 10.76 -51.34 -49.47
N ARG B 3810 12.03 -51.01 -49.24
CA ARG B 3810 13.10 -51.59 -50.04
C ARG B 3810 13.15 -53.10 -49.88
N GLN B 3811 13.06 -53.58 -48.64
CA GLN B 3811 13.05 -55.03 -48.40
C GLN B 3811 11.81 -55.69 -48.99
N ASN B 3812 10.63 -55.06 -48.87
CA ASN B 3812 9.42 -55.61 -49.45
C ASN B 3812 9.53 -55.74 -50.97
N LYS B 3813 10.07 -54.72 -51.64
CA LYS B 3813 10.30 -54.84 -53.08
C LYS B 3813 11.34 -55.91 -53.38
N ALA B 3814 12.33 -56.07 -52.51
CA ALA B 3814 13.32 -57.13 -52.67
C ALA B 3814 12.71 -58.52 -52.64
N GLU B 3815 11.81 -58.80 -51.69
CA GLU B 3815 11.13 -60.09 -51.75
C GLU B 3815 10.09 -60.16 -52.88
N GLY B 3816 9.47 -59.04 -53.22
CA GLY B 3816 8.46 -59.06 -54.28
C GLY B 3816 9.04 -59.43 -55.63
N LEU B 3817 10.24 -58.94 -55.92
CA LEU B 3817 10.88 -59.25 -57.19
C LEU B 3817 11.35 -60.71 -57.23
N GLY B 3818 11.33 -61.40 -56.08
CA GLY B 3818 11.55 -62.83 -56.02
C GLY B 3818 12.93 -63.28 -55.61
N MET B 3819 13.85 -62.35 -55.35
CA MET B 3819 15.23 -62.70 -55.07
C MET B 3819 15.44 -63.13 -53.63
N VAL B 3820 16.38 -64.06 -53.42
CA VAL B 3820 16.60 -64.64 -52.11
C VAL B 3820 17.10 -63.59 -51.14
N THR B 3821 16.52 -63.60 -49.93
CA THR B 3821 16.84 -62.64 -48.88
C THR B 3821 17.46 -63.37 -47.69
N GLU B 3822 18.58 -62.84 -47.19
CA GLU B 3822 19.25 -63.43 -46.05
C GLU B 3822 18.37 -63.40 -44.80
N GLU B 3823 17.66 -62.29 -44.60
CA GLU B 3823 16.82 -62.09 -43.42
C GLU B 3823 15.36 -62.08 -43.86
N GLY B 3824 14.56 -62.96 -43.29
CA GLY B 3824 13.14 -63.00 -43.61
C GLY B 3824 12.36 -61.90 -42.93
N SER B 3825 12.37 -61.88 -41.61
CA SER B 3825 11.72 -60.79 -40.88
C SER B 3825 12.39 -59.46 -41.15
N GLY B 3826 13.72 -59.44 -41.21
CA GLY B 3826 14.45 -58.24 -41.53
C GLY B 3826 15.03 -57.51 -40.33
N GLU B 3827 16.35 -57.61 -40.17
CA GLU B 3827 17.01 -56.85 -39.11
C GLU B 3827 17.20 -55.38 -39.48
N LYS B 3828 17.02 -55.05 -40.76
CA LYS B 3828 17.20 -53.67 -41.20
C LYS B 3828 16.20 -52.75 -40.53
N VAL B 3829 14.93 -53.14 -40.49
CA VAL B 3829 13.93 -52.35 -39.78
C VAL B 3829 14.01 -52.67 -38.29
N LEU B 3830 14.05 -51.62 -37.47
CA LEU B 3830 14.24 -51.79 -36.03
C LEU B 3830 15.50 -52.60 -35.76
N GLN B 3831 16.65 -52.03 -36.09
CA GLN B 3831 17.95 -52.71 -36.10
C GLN B 3831 18.15 -53.66 -34.92
N ASP B 3832 18.06 -53.13 -33.70
CA ASP B 3832 18.23 -53.91 -32.48
C ASP B 3832 17.04 -53.71 -31.56
N ASP B 3833 16.12 -54.67 -31.57
CA ASP B 3833 14.94 -54.63 -30.72
C ASP B 3833 15.21 -55.10 -29.31
N GLU B 3834 16.04 -56.13 -29.14
CA GLU B 3834 16.39 -56.61 -27.81
C GLU B 3834 17.30 -55.62 -27.09
N PHE B 3835 18.15 -54.91 -27.83
CA PHE B 3835 19.07 -53.98 -27.19
C PHE B 3835 18.33 -52.81 -26.53
N THR B 3836 17.36 -52.22 -27.25
CA THR B 3836 16.60 -51.11 -26.68
C THR B 3836 15.76 -51.56 -25.49
N CYS B 3837 15.13 -52.73 -25.61
CA CYS B 3837 14.35 -53.27 -24.51
C CYS B 3837 15.22 -53.53 -23.29
N ASP B 3838 16.41 -54.09 -23.48
CA ASP B 3838 17.32 -54.31 -22.36
C ASP B 3838 17.79 -52.99 -21.76
N LEU B 3839 18.10 -52.00 -22.62
CA LEU B 3839 18.55 -50.71 -22.13
C LEU B 3839 17.50 -50.02 -21.26
N PHE B 3840 16.23 -50.08 -21.66
CA PHE B 3840 15.19 -49.45 -20.85
C PHE B 3840 14.77 -50.31 -19.66
N ARG B 3841 14.84 -51.63 -19.78
CA ARG B 3841 14.56 -52.48 -18.63
C ARG B 3841 15.63 -52.32 -17.55
N PHE B 3842 16.88 -52.08 -17.95
CA PHE B 3842 17.94 -51.80 -16.99
C PHE B 3842 17.60 -50.57 -16.16
N LEU B 3843 17.19 -49.48 -16.82
CA LEU B 3843 16.84 -48.25 -16.14
C LEU B 3843 15.55 -48.35 -15.34
N GLN B 3844 14.60 -49.17 -15.77
CA GLN B 3844 13.41 -49.46 -15.00
C GLN B 3844 13.71 -50.26 -13.74
N LEU B 3845 14.56 -51.28 -13.84
CA LEU B 3845 14.98 -52.04 -12.67
C LEU B 3845 15.80 -51.18 -11.72
N LEU B 3846 16.55 -50.23 -12.26
CA LEU B 3846 17.35 -49.33 -11.42
C LEU B 3846 16.46 -48.50 -10.49
N CYS B 3847 15.25 -48.17 -10.93
CA CYS B 3847 14.32 -47.37 -10.15
C CYS B 3847 13.16 -48.18 -9.58
N GLU B 3848 13.13 -49.49 -9.81
CA GLU B 3848 12.04 -50.30 -9.28
C GLU B 3848 12.07 -50.29 -7.75
N GLY B 3849 10.89 -50.53 -7.17
CA GLY B 3849 10.73 -50.42 -5.74
C GLY B 3849 10.59 -49.02 -5.21
N HIS B 3850 10.26 -48.05 -6.07
CA HIS B 3850 10.14 -46.64 -5.70
C HIS B 3850 11.45 -46.13 -5.08
N ASN B 3851 12.56 -46.40 -5.76
CA ASN B 3851 13.87 -45.96 -5.31
C ASN B 3851 14.00 -44.46 -5.59
N SER B 3852 13.56 -43.65 -4.63
CA SER B 3852 13.51 -42.21 -4.83
C SER B 3852 14.90 -41.61 -5.00
N ASP B 3853 15.89 -42.11 -4.27
CA ASP B 3853 17.23 -41.55 -4.38
C ASP B 3853 17.77 -41.67 -5.79
N PHE B 3854 17.73 -42.87 -6.37
CA PHE B 3854 18.23 -43.05 -7.73
C PHE B 3854 17.30 -42.40 -8.76
N GLN B 3855 16.00 -42.35 -8.47
CA GLN B 3855 15.07 -41.65 -9.35
C GLN B 3855 15.45 -40.18 -9.50
N ASN B 3856 15.76 -39.53 -8.37
CA ASN B 3856 16.16 -38.12 -8.42
C ASN B 3856 17.56 -37.98 -8.99
N TYR B 3857 18.45 -38.94 -8.73
CA TYR B 3857 19.83 -38.83 -9.20
C TYR B 3857 19.90 -38.97 -10.71
N LEU B 3858 18.99 -39.76 -11.30
CA LEU B 3858 18.93 -39.82 -12.77
C LEU B 3858 18.55 -38.48 -13.37
N ARG B 3859 17.57 -37.79 -12.78
CA ARG B 3859 17.16 -36.49 -13.32
C ARG B 3859 18.26 -35.45 -13.13
N THR B 3860 18.80 -35.35 -11.91
CA THR B 3860 19.82 -34.36 -11.59
C THR B 3860 20.95 -35.06 -10.84
N GLN B 3861 22.13 -35.07 -11.43
CA GLN B 3861 23.33 -35.57 -10.75
C GLN B 3861 23.96 -34.40 -10.00
N THR B 3862 23.75 -34.36 -8.68
CA THR B 3862 24.19 -33.22 -7.89
C THR B 3862 25.71 -33.11 -7.84
N GLY B 3863 26.39 -34.22 -7.56
CA GLY B 3863 27.84 -34.18 -7.41
C GLY B 3863 28.56 -33.89 -8.72
N ASN B 3864 28.05 -34.41 -9.82
CA ASN B 3864 28.75 -34.30 -11.10
C ASN B 3864 28.80 -32.86 -11.58
N ASN B 3865 29.91 -32.51 -12.26
CA ASN B 3865 30.06 -31.17 -12.82
C ASN B 3865 29.00 -30.89 -13.87
N THR B 3866 28.73 -31.85 -14.74
CA THR B 3866 27.74 -31.72 -15.80
C THR B 3866 26.64 -32.75 -15.59
N THR B 3867 25.40 -32.34 -15.86
CA THR B 3867 24.22 -33.15 -15.60
C THR B 3867 23.52 -33.51 -16.91
N VAL B 3868 23.13 -34.77 -17.02
CA VAL B 3868 22.41 -35.28 -18.18
C VAL B 3868 21.03 -35.74 -17.70
N ASN B 3869 19.99 -35.29 -18.38
CA ASN B 3869 18.61 -35.59 -17.97
C ASN B 3869 18.16 -36.87 -18.67
N ILE B 3870 18.37 -38.00 -17.98
CA ILE B 3870 17.94 -39.29 -18.48
C ILE B 3870 16.42 -39.31 -18.65
N ILE B 3871 15.71 -38.63 -17.76
CA ILE B 3871 14.24 -38.59 -17.83
C ILE B 3871 13.80 -37.94 -19.13
N ILE B 3872 14.44 -36.83 -19.51
CA ILE B 3872 14.10 -36.15 -20.76
C ILE B 3872 14.53 -36.97 -21.97
N SER B 3873 15.70 -37.61 -21.90
CA SER B 3873 16.16 -38.42 -23.03
C SER B 3873 15.22 -39.59 -23.28
N THR B 3874 14.69 -40.19 -22.21
CA THR B 3874 13.75 -41.30 -22.37
C THR B 3874 12.49 -40.86 -23.11
N VAL B 3875 11.93 -39.71 -22.73
CA VAL B 3875 10.73 -39.24 -23.42
C VAL B 3875 11.06 -38.78 -24.84
N ASP B 3876 12.28 -38.32 -25.09
CA ASP B 3876 12.67 -38.03 -26.48
C ASP B 3876 12.67 -39.30 -27.33
N TYR B 3877 13.21 -40.40 -26.79
CA TYR B 3877 13.16 -41.66 -27.52
C TYR B 3877 11.72 -42.14 -27.68
N LEU B 3878 10.89 -41.94 -26.66
CA LEU B 3878 9.47 -42.28 -26.79
C LEU B 3878 8.80 -41.49 -27.89
N LEU B 3879 9.09 -40.20 -28.01
CA LEU B 3879 8.58 -39.41 -29.12
C LEU B 3879 9.05 -39.92 -30.47
N ARG B 3880 10.34 -40.27 -30.60
CA ARG B 3880 10.84 -40.82 -31.85
C ARG B 3880 10.18 -42.14 -32.23
N VAL B 3881 10.04 -43.07 -31.28
CA VAL B 3881 9.37 -44.33 -31.58
C VAL B 3881 7.88 -44.13 -31.85
N GLN B 3882 7.24 -43.16 -31.18
CA GLN B 3882 5.85 -42.82 -31.49
C GLN B 3882 5.72 -42.35 -32.93
N GLU B 3883 6.63 -41.47 -33.37
CA GLU B 3883 6.61 -41.02 -34.76
C GLU B 3883 6.83 -42.17 -35.73
N SER B 3884 7.76 -43.08 -35.41
CA SER B 3884 7.98 -44.23 -36.29
C SER B 3884 6.74 -45.10 -36.39
N ILE B 3885 6.09 -45.37 -35.25
CA ILE B 3885 4.89 -46.20 -35.25
C ILE B 3885 3.76 -45.51 -36.00
N SER B 3886 3.59 -44.21 -35.81
CA SER B 3886 2.55 -43.48 -36.52
C SER B 3886 2.79 -43.50 -38.02
N ASP B 3887 4.04 -43.33 -38.44
CA ASP B 3887 4.35 -43.39 -39.87
C ASP B 3887 4.10 -44.78 -40.44
N PHE B 3888 4.41 -45.83 -39.68
CA PHE B 3888 4.18 -47.19 -40.15
C PHE B 3888 2.67 -47.46 -40.27
N TYR B 3889 1.89 -46.98 -39.29
CA TYR B 3889 0.44 -47.00 -39.41
C TYR B 3889 -0.03 -46.28 -40.65
N TRP B 3890 0.50 -45.08 -40.90
CA TRP B 3890 0.04 -44.30 -42.04
C TRP B 3890 0.37 -45.01 -43.36
N TYR B 3891 1.51 -45.70 -43.41
CA TYR B 3891 1.82 -46.52 -44.58
C TYR B 3891 0.81 -47.65 -44.74
N TYR B 3892 0.41 -48.28 -43.63
CA TYR B 3892 -0.50 -49.42 -43.69
C TYR B 3892 -1.98 -49.02 -43.63
N SER B 3893 -2.31 -47.73 -43.66
CA SER B 3893 -3.69 -47.32 -43.50
C SER B 3893 -4.55 -47.71 -44.71
N GLY B 3894 -4.07 -47.41 -45.91
CA GLY B 3894 -4.86 -47.69 -47.10
C GLY B 3894 -5.01 -49.19 -47.36
N LYS B 3895 -3.94 -49.94 -47.17
CA LYS B 3895 -3.96 -51.37 -47.46
C LYS B 3895 -4.90 -52.11 -46.51
N ASP B 3896 -5.67 -53.05 -47.06
CA ASP B 3896 -6.73 -53.70 -46.30
C ASP B 3896 -6.17 -54.66 -45.26
N VAL B 3897 -5.19 -55.48 -45.64
CA VAL B 3897 -4.69 -56.56 -44.81
C VAL B 3897 -3.23 -56.29 -44.45
N ILE B 3898 -2.87 -56.59 -43.20
CA ILE B 3898 -1.49 -56.43 -42.76
C ILE B 3898 -0.74 -57.73 -43.02
N ASP B 3899 0.39 -57.64 -43.71
CA ASP B 3899 1.19 -58.81 -44.00
C ASP B 3899 1.97 -59.26 -42.76
N GLU B 3900 2.63 -60.40 -42.89
CA GLU B 3900 3.37 -60.98 -41.75
C GLU B 3900 4.51 -60.07 -41.32
N GLN B 3901 5.24 -59.49 -42.28
CA GLN B 3901 6.33 -58.58 -41.92
C GLN B 3901 5.81 -57.36 -41.20
N GLY B 3902 4.69 -56.80 -41.67
CA GLY B 3902 4.07 -55.69 -40.98
C GLY B 3902 3.63 -56.04 -39.58
N GLN B 3903 3.02 -57.21 -39.40
CA GLN B 3903 2.65 -57.68 -38.07
C GLN B 3903 3.83 -57.82 -37.13
N ARG B 3904 4.93 -58.42 -37.60
CA ARG B 3904 6.15 -58.52 -36.79
C ARG B 3904 6.73 -57.17 -36.42
N ASN B 3905 6.79 -56.25 -37.38
CA ASN B 3905 7.30 -54.91 -37.08
C ASN B 3905 6.42 -54.18 -36.07
N PHE B 3906 5.09 -54.27 -36.23
CA PHE B 3906 4.19 -53.68 -35.26
C PHE B 3906 4.39 -54.29 -33.88
N SER B 3907 4.51 -55.63 -33.81
CA SER B 3907 4.70 -56.28 -32.52
C SER B 3907 5.99 -55.84 -31.84
N LYS B 3908 7.10 -55.80 -32.58
CA LYS B 3908 8.38 -55.36 -32.02
C LYS B 3908 8.35 -53.90 -31.58
N ALA B 3909 7.79 -53.00 -32.40
CA ALA B 3909 7.65 -51.61 -32.02
C ALA B 3909 6.74 -51.41 -30.81
N ILE B 3910 5.64 -52.16 -30.72
CA ILE B 3910 4.75 -52.06 -29.57
C ILE B 3910 5.44 -52.57 -28.31
N GLN B 3911 6.23 -53.64 -28.43
CA GLN B 3911 6.99 -54.11 -27.26
C GLN B 3911 7.99 -53.06 -26.80
N VAL B 3912 8.69 -52.42 -27.73
CA VAL B 3912 9.65 -51.38 -27.36
C VAL B 3912 8.93 -50.21 -26.69
N ALA B 3913 7.80 -49.79 -27.27
CA ALA B 3913 7.03 -48.68 -26.70
C ALA B 3913 6.51 -49.04 -25.30
N LYS B 3914 6.04 -50.27 -25.12
CA LYS B 3914 5.60 -50.73 -23.81
C LYS B 3914 6.71 -50.70 -22.78
N GLN B 3915 7.91 -51.13 -23.16
CA GLN B 3915 9.04 -51.04 -22.24
C GLN B 3915 9.39 -49.59 -21.90
N VAL B 3916 9.33 -48.69 -22.88
CA VAL B 3916 9.60 -47.28 -22.60
C VAL B 3916 8.55 -46.69 -21.67
N PHE B 3917 7.28 -47.02 -21.89
CA PHE B 3917 6.23 -46.54 -20.99
C PHE B 3917 6.41 -47.10 -19.58
N ASN B 3918 6.80 -48.36 -19.46
CA ASN B 3918 7.08 -48.92 -18.14
C ASN B 3918 8.24 -48.20 -17.45
N THR B 3919 9.29 -47.89 -18.20
CA THR B 3919 10.42 -47.17 -17.64
C THR B 3919 10.00 -45.77 -17.17
N LEU B 3920 9.20 -45.07 -17.98
CA LEU B 3920 8.70 -43.77 -17.57
C LEU B 3920 7.81 -43.86 -16.35
N THR B 3921 6.97 -44.88 -16.28
CA THR B 3921 6.09 -45.07 -15.14
C THR B 3921 6.90 -45.31 -13.87
N GLU B 3922 7.96 -46.12 -13.95
CA GLU B 3922 8.81 -46.31 -12.78
C GLU B 3922 9.59 -45.04 -12.44
N TYR B 3923 9.90 -44.22 -13.45
CA TYR B 3923 10.48 -42.92 -13.17
C TYR B 3923 9.55 -42.04 -12.35
N ILE B 3924 8.26 -42.02 -12.69
CA ILE B 3924 7.32 -41.07 -12.11
C ILE B 3924 6.60 -41.56 -10.87
N GLN B 3925 6.53 -42.88 -10.64
CA GLN B 3925 5.85 -43.39 -9.45
C GLN B 3925 6.64 -43.07 -8.19
N GLY B 3926 6.08 -43.40 -7.03
CA GLY B 3926 6.65 -43.01 -5.78
C GLY B 3926 6.67 -41.50 -5.66
N PRO B 3927 5.46 -40.90 -5.67
CA PRO B 3927 5.28 -39.47 -6.00
C PRO B 3927 6.54 -38.63 -6.20
N CYS B 3928 7.36 -39.01 -7.17
CA CYS B 3928 8.59 -38.27 -7.47
C CYS B 3928 8.21 -36.96 -8.16
N THR B 3929 8.10 -35.90 -7.36
CA THR B 3929 7.61 -34.62 -7.86
C THR B 3929 8.54 -34.04 -8.91
N GLY B 3930 9.85 -34.19 -8.73
CA GLY B 3930 10.81 -33.68 -9.70
C GLY B 3930 10.66 -34.31 -11.07
N ASN B 3931 10.59 -35.64 -11.11
CA ASN B 3931 10.40 -36.34 -12.39
C ASN B 3931 9.03 -36.01 -12.99
N GLN B 3932 8.00 -35.92 -12.14
CA GLN B 3932 6.67 -35.58 -12.63
C GLN B 3932 6.66 -34.21 -13.30
N GLN B 3933 7.25 -33.21 -12.63
CA GLN B 3933 7.33 -31.86 -13.19
C GLN B 3933 8.22 -31.78 -14.42
N SER B 3934 9.29 -32.58 -14.49
CA SER B 3934 10.13 -32.60 -15.67
C SER B 3934 9.38 -33.18 -16.87
N LEU B 3935 8.70 -34.31 -16.68
CA LEU B 3935 7.97 -34.91 -17.79
C LEU B 3935 6.72 -34.12 -18.14
N ALA B 3936 6.22 -33.31 -17.21
CA ALA B 3936 5.14 -32.38 -17.54
C ALA B 3936 5.56 -31.32 -18.56
N HIS B 3937 6.76 -30.76 -18.43
CA HIS B 3937 7.27 -29.77 -19.36
C HIS B 3937 8.02 -30.40 -20.52
N SER B 3938 8.26 -31.70 -20.49
CA SER B 3938 8.89 -32.39 -21.59
C SER B 3938 7.89 -32.54 -22.74
N ARG B 3939 8.28 -33.29 -23.78
CA ARG B 3939 7.44 -33.50 -24.96
C ARG B 3939 6.62 -34.78 -24.86
N LEU B 3940 6.23 -35.17 -23.64
CA LEU B 3940 5.42 -36.37 -23.46
C LEU B 3940 4.05 -36.22 -24.09
N TRP B 3941 3.50 -35.00 -24.08
CA TRP B 3941 2.13 -34.79 -24.53
C TRP B 3941 1.96 -35.08 -26.02
N ASP B 3942 2.94 -34.69 -26.83
CA ASP B 3942 2.87 -34.99 -28.27
C ASP B 3942 2.93 -36.49 -28.54
N ALA B 3943 3.79 -37.21 -27.83
CA ALA B 3943 3.83 -38.67 -27.97
C ALA B 3943 2.49 -39.28 -27.56
N VAL B 3944 1.91 -38.81 -26.47
CA VAL B 3944 0.64 -39.35 -26.00
C VAL B 3944 -0.47 -39.08 -27.01
N VAL B 3945 -0.51 -37.86 -27.56
CA VAL B 3945 -1.53 -37.53 -28.55
C VAL B 3945 -1.33 -38.29 -29.86
N GLY B 3946 -0.10 -38.65 -30.21
CA GLY B 3946 0.13 -39.51 -31.35
C GLY B 3946 -0.37 -40.93 -31.11
N PHE B 3947 -0.02 -41.49 -29.94
CA PHE B 3947 -0.50 -42.82 -29.60
C PHE B 3947 -2.03 -42.86 -29.50
N LEU B 3948 -2.66 -41.77 -29.06
CA LEU B 3948 -4.11 -41.76 -28.96
C LEU B 3948 -4.76 -41.88 -30.33
N HIS B 3949 -4.24 -41.15 -31.33
CA HIS B 3949 -4.72 -41.28 -32.69
C HIS B 3949 -4.48 -42.68 -33.25
N VAL B 3950 -3.28 -43.22 -32.97
CA VAL B 3950 -2.95 -44.57 -33.45
C VAL B 3950 -3.93 -45.59 -32.88
N PHE B 3951 -4.22 -45.48 -31.58
CA PHE B 3951 -5.18 -46.36 -30.92
C PHE B 3951 -6.59 -46.17 -31.45
N ALA B 3952 -7.02 -44.93 -31.69
CA ALA B 3952 -8.35 -44.67 -32.22
C ALA B 3952 -8.54 -45.28 -33.60
N HIS B 3953 -7.49 -45.32 -34.42
CA HIS B 3953 -7.69 -45.85 -35.76
C HIS B 3953 -7.41 -47.36 -35.88
N MET B 3954 -6.44 -47.90 -35.13
CA MET B 3954 -6.26 -49.35 -35.09
C MET B 3954 -7.46 -50.06 -34.47
N GLN B 3955 -8.06 -49.48 -33.43
CA GLN B 3955 -9.20 -50.16 -32.81
C GLN B 3955 -10.36 -50.30 -33.79
N MET B 3956 -10.54 -49.33 -34.69
CA MET B 3956 -11.48 -49.50 -35.80
C MET B 3956 -11.00 -50.52 -36.84
N LYS B 3957 -9.73 -50.44 -37.26
CA LYS B 3957 -9.28 -51.24 -38.40
C LYS B 3957 -9.12 -52.72 -38.05
N LEU B 3958 -8.35 -53.01 -37.00
CA LEU B 3958 -8.00 -54.40 -36.69
C LEU B 3958 -9.20 -55.20 -36.21
N SER B 3959 -10.12 -54.57 -35.50
CA SER B 3959 -11.27 -55.29 -34.96
C SER B 3959 -12.14 -55.84 -36.09
N GLN B 3960 -12.23 -55.12 -37.21
CA GLN B 3960 -13.00 -55.61 -38.34
C GLN B 3960 -12.41 -56.90 -38.90
N ASP B 3961 -11.08 -56.97 -39.00
CA ASP B 3961 -10.42 -58.18 -39.47
C ASP B 3961 -10.29 -59.19 -38.34
N SER B 3962 -10.05 -60.45 -38.72
CA SER B 3962 -9.96 -61.54 -37.76
C SER B 3962 -8.58 -62.16 -37.67
N SER B 3963 -7.66 -61.79 -38.57
CA SER B 3963 -6.33 -62.39 -38.59
C SER B 3963 -5.29 -61.57 -37.83
N GLN B 3964 -5.67 -60.42 -37.26
CA GLN B 3964 -4.75 -59.58 -36.49
C GLN B 3964 -5.19 -59.42 -35.04
N ILE B 3965 -5.79 -60.46 -34.45
CA ILE B 3965 -6.27 -60.35 -33.08
C ILE B 3965 -5.09 -60.25 -32.11
N GLU B 3966 -3.99 -60.93 -32.40
CA GLU B 3966 -2.79 -60.81 -31.57
C GLU B 3966 -2.22 -59.41 -31.62
N LEU B 3967 -2.17 -58.78 -32.80
CA LEU B 3967 -1.73 -57.41 -32.90
C LEU B 3967 -2.67 -56.49 -32.14
N LEU B 3968 -3.97 -56.74 -32.25
CA LEU B 3968 -4.95 -55.94 -31.51
C LEU B 3968 -4.72 -56.02 -30.01
N LYS B 3969 -4.52 -57.22 -29.47
CA LYS B 3969 -4.34 -57.34 -28.02
C LYS B 3969 -3.01 -56.76 -27.56
N GLU B 3970 -1.94 -56.92 -28.34
CA GLU B 3970 -0.68 -56.27 -28.00
C GLU B 3970 -0.84 -54.76 -27.94
N LEU B 3971 -1.52 -54.18 -28.94
CA LEU B 3971 -1.71 -52.75 -28.94
C LEU B 3971 -2.63 -52.28 -27.82
N MET B 3972 -3.65 -53.06 -27.48
CA MET B 3972 -4.54 -52.74 -26.37
C MET B 3972 -3.79 -52.74 -25.05
N ASP B 3973 -2.87 -53.69 -24.86
CA ASP B 3973 -1.94 -53.67 -23.73
C ASP B 3973 -1.06 -52.43 -23.71
N LEU B 3974 -0.58 -52.01 -24.88
CA LEU B 3974 0.17 -50.75 -24.95
C LEU B 3974 -0.68 -49.58 -24.47
N GLN B 3975 -1.95 -49.53 -24.86
CA GLN B 3975 -2.83 -48.46 -24.42
C GLN B 3975 -3.02 -48.50 -22.91
N LYS B 3976 -3.20 -49.70 -22.35
CA LYS B 3976 -3.33 -49.82 -20.90
C LYS B 3976 -2.10 -49.31 -20.18
N ASP B 3977 -0.90 -49.65 -20.68
CA ASP B 3977 0.31 -49.15 -20.07
C ASP B 3977 0.42 -47.63 -20.18
N MET B 3978 0.01 -47.05 -21.31
CA MET B 3978 0.02 -45.60 -21.43
C MET B 3978 -0.91 -44.95 -20.42
N VAL B 3979 -2.11 -45.52 -20.23
CA VAL B 3979 -3.04 -44.95 -19.27
C VAL B 3979 -2.51 -45.10 -17.84
N VAL B 3980 -1.84 -46.22 -17.54
CA VAL B 3980 -1.21 -46.36 -16.22
C VAL B 3980 -0.13 -45.30 -16.02
N MET B 3981 0.64 -45.01 -17.08
CA MET B 3981 1.64 -43.95 -17.00
C MET B 3981 0.99 -42.60 -16.73
N LEU B 3982 -0.13 -42.33 -17.40
CA LEU B 3982 -0.84 -41.07 -17.15
C LEU B 3982 -1.36 -41.00 -15.71
N LEU B 3983 -1.87 -42.12 -15.20
CA LEU B 3983 -2.30 -42.16 -13.80
C LEU B 3983 -1.15 -41.91 -12.85
N SER B 3984 0.03 -42.47 -13.14
CA SER B 3984 1.20 -42.20 -12.31
C SER B 3984 1.67 -40.75 -12.42
N MET B 3985 1.47 -40.12 -13.59
CA MET B 3985 1.66 -38.67 -13.68
C MET B 3985 0.71 -37.93 -12.74
N LEU B 3986 -0.57 -38.30 -12.75
CA LEU B 3986 -1.57 -37.65 -11.91
C LEU B 3986 -1.41 -38.01 -10.43
N GLU B 3987 -0.60 -39.01 -10.11
CA GLU B 3987 -0.35 -39.38 -8.73
C GLU B 3987 0.13 -38.19 -7.92
N GLY B 3988 -0.46 -38.00 -6.75
CA GLY B 3988 -0.11 -36.87 -5.90
C GLY B 3988 -0.46 -35.52 -6.49
N ASN B 3989 -1.59 -35.43 -7.19
CA ASN B 3989 -1.99 -34.18 -7.82
C ASN B 3989 -2.59 -33.22 -6.79
N VAL B 3990 -2.55 -31.94 -7.12
CA VAL B 3990 -3.15 -30.89 -6.30
C VAL B 3990 -4.28 -30.26 -7.10
N VAL B 3991 -5.13 -29.52 -6.39
CA VAL B 3991 -6.25 -28.85 -7.04
C VAL B 3991 -5.72 -27.78 -7.99
N ASN B 3992 -6.22 -27.80 -9.23
CA ASN B 3992 -5.77 -26.86 -10.28
C ASN B 3992 -4.27 -26.98 -10.51
N GLY B 3993 -3.77 -28.21 -10.56
CA GLY B 3993 -2.35 -28.42 -10.80
C GLY B 3993 -1.96 -28.19 -12.24
N THR B 3994 -0.70 -27.79 -12.44
CA THR B 3994 -0.20 -27.54 -13.79
C THR B 3994 -0.15 -28.82 -14.60
N ILE B 3995 0.17 -29.95 -13.96
CA ILE B 3995 0.18 -31.23 -14.66
C ILE B 3995 -1.22 -31.57 -15.15
N GLY B 3996 -2.23 -31.36 -14.29
CA GLY B 3996 -3.60 -31.60 -14.71
C GLY B 3996 -4.03 -30.68 -15.83
N LYS B 3997 -3.65 -29.40 -15.74
CA LYS B 3997 -3.99 -28.46 -16.81
C LYS B 3997 -3.40 -28.91 -18.14
N GLN B 3998 -2.12 -29.29 -18.13
CA GLN B 3998 -1.47 -29.76 -19.36
C GLN B 3998 -2.12 -31.03 -19.88
N MET B 3999 -2.52 -31.94 -18.98
CA MET B 3999 -3.16 -33.18 -19.42
C MET B 3999 -4.51 -32.90 -20.06
N VAL B 4000 -5.27 -31.95 -19.52
CA VAL B 4000 -6.55 -31.61 -20.12
C VAL B 4000 -6.35 -30.88 -21.45
N ASP B 4001 -5.28 -30.08 -21.56
CA ASP B 4001 -4.96 -29.50 -22.87
C ASP B 4001 -4.66 -30.61 -23.88
N MET B 4002 -3.93 -31.63 -23.46
CA MET B 4002 -3.67 -32.79 -24.32
C MET B 4002 -4.98 -33.46 -24.71
N LEU B 4003 -5.89 -33.63 -23.75
CA LEU B 4003 -7.16 -34.30 -24.03
C LEU B 4003 -8.00 -33.50 -25.02
N VAL B 4004 -8.08 -32.18 -24.85
CA VAL B 4004 -8.89 -31.37 -25.77
C VAL B 4004 -8.21 -31.31 -27.13
N GLU B 4005 -6.88 -31.43 -27.16
CA GLU B 4005 -6.20 -31.57 -28.45
C GLU B 4005 -6.56 -32.87 -29.13
N SER B 4006 -6.69 -33.96 -28.36
CA SER B 4006 -7.03 -35.27 -28.89
C SER B 4006 -8.50 -35.63 -28.67
N SER B 4007 -9.38 -34.62 -28.68
CA SER B 4007 -10.80 -34.86 -28.41
C SER B 4007 -11.39 -35.94 -29.30
N ASN B 4008 -11.16 -35.83 -30.62
CA ASN B 4008 -11.76 -36.78 -31.55
C ASN B 4008 -11.25 -38.20 -31.32
N ASN B 4009 -9.94 -38.36 -31.11
CA ASN B 4009 -9.37 -39.69 -30.94
C ASN B 4009 -9.89 -40.37 -29.67
N VAL B 4010 -9.88 -39.65 -28.55
CA VAL B 4010 -10.35 -40.24 -27.30
C VAL B 4010 -11.86 -40.46 -27.37
N GLU B 4011 -12.57 -39.60 -28.08
CA GLU B 4011 -14.01 -39.82 -28.27
C GLU B 4011 -14.26 -41.13 -29.02
N MET B 4012 -13.48 -41.36 -30.09
CA MET B 4012 -13.61 -42.62 -30.83
C MET B 4012 -13.25 -43.81 -29.96
N ILE B 4013 -12.21 -43.68 -29.15
CA ILE B 4013 -11.80 -44.77 -28.26
C ILE B 4013 -12.90 -45.07 -27.25
N LEU B 4014 -13.51 -44.02 -26.68
CA LEU B 4014 -14.56 -44.22 -25.69
C LEU B 4014 -15.80 -44.83 -26.31
N LYS B 4015 -16.15 -44.42 -27.53
CA LYS B 4015 -17.25 -45.07 -28.24
C LYS B 4015 -16.96 -46.54 -28.52
N PHE B 4016 -15.74 -46.87 -28.97
CA PHE B 4016 -15.36 -48.26 -29.18
C PHE B 4016 -15.40 -49.06 -27.88
N PHE B 4017 -15.07 -48.44 -26.75
CA PHE B 4017 -15.08 -49.12 -25.46
C PHE B 4017 -16.49 -49.38 -24.95
N ASP B 4018 -17.35 -48.35 -24.91
CA ASP B 4018 -18.71 -48.55 -24.42
C ASP B 4018 -19.60 -49.25 -25.44
N MET B 4019 -19.14 -49.40 -26.69
CA MET B 4019 -19.84 -50.21 -27.66
C MET B 4019 -19.69 -51.70 -27.39
N PHE B 4020 -18.56 -52.12 -26.82
CA PHE B 4020 -18.31 -53.51 -26.47
C PHE B 4020 -18.54 -53.79 -24.99
N LEU B 4021 -18.62 -52.75 -24.16
CA LEU B 4021 -18.97 -52.91 -22.75
C LEU B 4021 -20.41 -53.28 -22.52
N LYS B 4022 -21.29 -53.03 -23.49
CA LYS B 4022 -22.69 -53.43 -23.44
C LYS B 4022 -22.90 -54.85 -23.97
N LEU B 4023 -21.84 -55.48 -24.47
CA LEU B 4023 -21.98 -56.82 -25.03
C LEU B 4023 -22.34 -57.84 -23.96
N LYS B 4024 -21.81 -57.66 -22.74
CA LYS B 4024 -22.20 -58.55 -21.65
C LYS B 4024 -23.69 -58.46 -21.35
N ASP B 4025 -24.24 -57.24 -21.29
CA ASP B 4025 -25.67 -57.08 -21.07
C ASP B 4025 -26.47 -57.68 -22.23
N LEU B 4026 -25.99 -57.48 -23.46
CA LEU B 4026 -26.67 -58.04 -24.62
C LEU B 4026 -26.72 -59.57 -24.55
N THR B 4027 -25.60 -60.18 -24.17
CA THR B 4027 -25.54 -61.63 -24.07
C THR B 4027 -26.41 -62.15 -22.94
N SER B 4028 -26.41 -61.45 -21.80
CA SER B 4028 -27.17 -61.86 -20.63
C SER B 4028 -28.65 -61.52 -20.73
N SER B 4029 -29.06 -60.76 -21.75
CA SER B 4029 -30.47 -60.45 -21.93
C SER B 4029 -31.27 -61.72 -22.22
N ASP B 4030 -32.51 -61.75 -21.74
CA ASP B 4030 -33.37 -62.92 -21.96
C ASP B 4030 -33.72 -63.09 -23.43
N THR B 4031 -33.73 -61.99 -24.20
CA THR B 4031 -33.98 -62.10 -25.63
C THR B 4031 -32.89 -62.92 -26.31
N PHE B 4032 -31.63 -62.73 -25.91
CA PHE B 4032 -30.55 -63.56 -26.40
C PHE B 4032 -30.62 -64.98 -25.85
N LYS B 4033 -31.10 -65.13 -24.61
CA LYS B 4033 -31.20 -66.46 -24.02
C LYS B 4033 -32.21 -67.31 -24.76
N GLU B 4034 -33.34 -66.73 -25.16
CA GLU B 4034 -34.34 -67.50 -25.88
C GLU B 4034 -33.92 -67.74 -27.33
N TYR B 4035 -33.07 -66.86 -27.88
CA TYR B 4035 -32.44 -67.15 -29.16
C TYR B 4035 -31.48 -68.33 -29.05
N ASP B 4036 -30.73 -68.42 -27.95
CA ASP B 4036 -29.74 -69.48 -27.76
C ASP B 4036 -30.00 -70.19 -26.43
N PRO B 4037 -30.93 -71.14 -26.41
CA PRO B 4037 -31.14 -71.96 -25.21
C PRO B 4037 -30.16 -73.13 -25.07
N ASP B 4038 -29.22 -73.27 -26.00
CA ASP B 4038 -28.30 -74.39 -25.97
C ASP B 4038 -27.10 -74.10 -25.08
N GLY B 4039 -26.62 -75.14 -24.40
CA GLY B 4039 -25.42 -74.99 -23.57
C GLY B 4039 -24.18 -74.72 -24.39
N LYS B 4040 -24.10 -75.31 -25.59
CA LYS B 4040 -22.93 -75.13 -26.44
C LYS B 4040 -22.74 -73.67 -26.83
N GLY B 4041 -23.85 -72.95 -27.03
CA GLY B 4041 -23.81 -71.51 -27.16
C GLY B 4041 -23.44 -70.97 -28.53
N VAL B 4042 -23.25 -71.82 -29.53
CA VAL B 4042 -22.90 -71.33 -30.86
C VAL B 4042 -24.17 -70.76 -31.51
N ILE B 4043 -24.32 -69.44 -31.46
CA ILE B 4043 -25.54 -68.80 -31.93
C ILE B 4043 -25.44 -68.48 -33.42
N SER B 4044 -26.58 -68.51 -34.09
CA SER B 4044 -26.65 -68.19 -35.50
C SER B 4044 -26.38 -66.71 -35.75
N LYS B 4045 -25.74 -66.43 -36.90
CA LYS B 4045 -25.45 -65.05 -37.26
C LYS B 4045 -26.72 -64.23 -37.41
N ARG B 4046 -27.75 -64.80 -38.01
CA ARG B 4046 -29.02 -64.09 -38.16
C ARG B 4046 -29.65 -63.81 -36.80
N ASP B 4047 -29.58 -64.78 -35.88
CA ASP B 4047 -30.13 -64.57 -34.54
C ASP B 4047 -29.39 -63.44 -33.81
N PHE B 4048 -28.06 -63.45 -33.89
CA PHE B 4048 -27.28 -62.41 -33.22
C PHE B 4048 -27.56 -61.05 -33.85
N HIS B 4049 -27.65 -61.00 -35.18
CA HIS B 4049 -27.96 -59.76 -35.88
C HIS B 4049 -29.31 -59.19 -35.47
N LYS B 4050 -30.36 -60.03 -35.45
CA LYS B 4050 -31.68 -59.54 -35.07
C LYS B 4050 -31.75 -59.19 -33.59
N ALA B 4051 -31.02 -59.92 -32.74
CA ALA B 4051 -30.95 -59.56 -31.33
C ALA B 4051 -30.33 -58.18 -31.14
N MET B 4052 -29.40 -57.82 -32.03
CA MET B 4052 -28.69 -56.55 -31.85
C MET B 4052 -29.59 -55.34 -32.14
N GLU B 4053 -30.75 -55.53 -32.78
CA GLU B 4053 -31.70 -54.43 -32.81
C GLU B 4053 -32.87 -54.67 -31.87
N SER B 4054 -33.16 -55.94 -31.54
CA SER B 4054 -34.22 -56.20 -30.56
C SER B 4054 -33.82 -55.69 -29.18
N HIS B 4055 -32.52 -55.62 -28.90
CA HIS B 4055 -32.06 -55.11 -27.62
C HIS B 4055 -32.34 -53.62 -27.48
N LYS B 4056 -32.47 -52.91 -28.61
CA LYS B 4056 -32.92 -51.52 -28.67
C LYS B 4056 -31.92 -50.54 -28.06
N HIS B 4057 -30.77 -51.04 -27.59
CA HIS B 4057 -29.73 -50.18 -27.07
C HIS B 4057 -28.53 -50.06 -28.00
N TYR B 4058 -28.54 -50.77 -29.13
CA TYR B 4058 -27.50 -50.67 -30.15
C TYR B 4058 -28.08 -50.01 -31.39
N THR B 4059 -27.43 -48.95 -31.85
CA THR B 4059 -27.87 -48.28 -33.07
C THR B 4059 -27.53 -49.13 -34.29
N GLN B 4060 -27.96 -48.65 -35.46
CA GLN B 4060 -27.71 -49.39 -36.69
C GLN B 4060 -26.22 -49.38 -37.05
N SER B 4061 -25.54 -48.26 -36.80
CA SER B 4061 -24.11 -48.19 -37.05
C SER B 4061 -23.35 -49.17 -36.17
N GLU B 4062 -23.70 -49.23 -34.88
CA GLU B 4062 -23.08 -50.19 -33.98
C GLU B 4062 -23.42 -51.62 -34.40
N THR B 4063 -24.65 -51.83 -34.87
CA THR B 4063 -25.06 -53.13 -35.38
C THR B 4063 -24.18 -53.60 -36.52
N GLU B 4064 -24.00 -52.74 -37.53
CA GLU B 4064 -23.22 -53.13 -38.69
C GLU B 4064 -21.74 -53.26 -38.33
N PHE B 4065 -21.25 -52.43 -37.40
CA PHE B 4065 -19.86 -52.55 -36.98
C PHE B 4065 -19.60 -53.87 -36.26
N LEU B 4066 -20.50 -54.26 -35.36
CA LEU B 4066 -20.35 -55.57 -34.70
C LEU B 4066 -20.52 -56.72 -35.67
N LEU B 4067 -21.40 -56.57 -36.67
CA LEU B 4067 -21.51 -57.62 -37.69
C LEU B 4067 -20.22 -57.76 -38.47
N SER B 4068 -19.60 -56.65 -38.84
CA SER B 4068 -18.32 -56.70 -39.55
C SER B 4068 -17.23 -57.28 -38.66
N CYS B 4069 -17.22 -56.94 -37.38
CA CYS B 4069 -16.24 -57.43 -36.43
C CYS B 4069 -16.51 -58.85 -35.97
N ALA B 4070 -17.52 -59.50 -36.53
CA ALA B 4070 -17.93 -60.84 -36.13
C ALA B 4070 -17.42 -61.83 -37.16
N GLU B 4071 -16.49 -62.70 -36.77
CA GLU B 4071 -16.00 -63.74 -37.65
C GLU B 4071 -16.96 -64.92 -37.64
N THR B 4072 -17.25 -65.46 -38.82
CA THR B 4072 -18.17 -66.58 -38.96
C THR B 4072 -17.51 -67.68 -39.77
N ASP B 4073 -17.84 -68.93 -39.44
CA ASP B 4073 -17.32 -70.07 -40.17
C ASP B 4073 -18.17 -70.34 -41.41
N GLU B 4074 -17.88 -71.47 -42.05
CA GLU B 4074 -18.64 -71.90 -43.23
C GLU B 4074 -20.07 -72.25 -42.84
N ASN B 4075 -20.29 -72.56 -41.56
CA ASN B 4075 -21.61 -72.89 -41.02
C ASN B 4075 -22.50 -71.67 -40.84
N GLU B 4076 -21.96 -70.47 -41.02
CA GLU B 4076 -22.72 -69.22 -40.86
C GLU B 4076 -23.28 -69.11 -39.44
N THR B 4077 -22.37 -69.08 -38.47
CA THR B 4077 -22.73 -69.05 -37.06
C THR B 4077 -21.55 -68.51 -36.25
N LEU B 4078 -21.82 -68.12 -35.02
CA LEU B 4078 -20.81 -67.51 -34.17
C LEU B 4078 -21.04 -67.93 -32.71
N ASP B 4079 -19.95 -67.93 -31.94
CA ASP B 4079 -20.00 -68.24 -30.51
C ASP B 4079 -19.91 -66.93 -29.73
N TYR B 4080 -21.01 -66.57 -29.06
CA TYR B 4080 -21.02 -65.32 -28.30
C TYR B 4080 -20.00 -65.37 -27.17
N GLU B 4081 -19.73 -66.56 -26.65
CA GLU B 4081 -18.74 -66.70 -25.57
C GLU B 4081 -17.36 -66.26 -26.04
N GLU B 4082 -16.90 -66.79 -27.18
CA GLU B 4082 -15.59 -66.38 -27.69
C GLU B 4082 -15.61 -64.93 -28.12
N PHE B 4083 -16.72 -64.47 -28.69
CA PHE B 4083 -16.84 -63.06 -29.07
C PHE B 4083 -16.62 -62.15 -27.86
N VAL B 4084 -17.34 -62.43 -26.77
CA VAL B 4084 -17.30 -61.54 -25.60
C VAL B 4084 -15.95 -61.65 -24.90
N LYS B 4085 -15.39 -62.86 -24.79
CA LYS B 4085 -14.09 -62.98 -24.15
C LYS B 4085 -13.01 -62.32 -25.00
N ARG B 4086 -13.23 -62.22 -26.31
CA ARG B 4086 -12.27 -61.59 -27.19
C ARG B 4086 -12.33 -60.07 -27.09
N PHE B 4087 -13.53 -59.51 -26.94
CA PHE B 4087 -13.67 -58.05 -26.96
C PHE B 4087 -13.82 -57.41 -25.59
N HIS B 4088 -14.74 -57.90 -24.76
CA HIS B 4088 -15.14 -57.22 -23.53
C HIS B 4088 -13.99 -57.04 -22.54
N GLU B 4089 -13.19 -58.09 -22.33
CA GLU B 4089 -12.21 -58.08 -21.26
C GLU B 4089 -11.17 -56.96 -21.42
N PRO B 4090 -10.52 -56.82 -22.59
CA PRO B 4090 -9.65 -55.63 -22.78
C PRO B 4090 -10.40 -54.33 -22.65
N ALA B 4091 -11.65 -54.30 -23.13
CA ALA B 4091 -12.45 -53.08 -23.04
C ALA B 4091 -12.69 -52.69 -21.59
N LYS B 4092 -13.11 -53.63 -20.74
CA LYS B 4092 -13.28 -53.32 -19.32
C LYS B 4092 -11.96 -52.93 -18.67
N ASP B 4093 -10.89 -53.67 -18.98
CA ASP B 4093 -9.61 -53.45 -18.34
C ASP B 4093 -9.09 -52.05 -18.60
N ILE B 4094 -9.23 -51.56 -19.84
CA ILE B 4094 -8.72 -50.23 -20.16
C ILE B 4094 -9.75 -49.16 -19.79
N GLY B 4095 -11.04 -49.49 -19.87
CA GLY B 4095 -12.06 -48.51 -19.55
C GLY B 4095 -12.05 -48.13 -18.08
N PHE B 4096 -11.75 -49.09 -17.20
CA PHE B 4096 -11.62 -48.74 -15.80
C PHE B 4096 -10.51 -47.72 -15.57
N ASN B 4097 -9.36 -47.92 -16.22
CA ASN B 4097 -8.25 -46.98 -16.06
C ASN B 4097 -8.61 -45.62 -16.64
N VAL B 4098 -9.29 -45.60 -17.79
CA VAL B 4098 -9.70 -44.32 -18.39
C VAL B 4098 -10.67 -43.60 -17.47
N ALA B 4099 -11.63 -44.33 -16.89
CA ALA B 4099 -12.57 -43.75 -15.94
C ALA B 4099 -11.88 -43.22 -14.69
N VAL B 4100 -10.89 -43.95 -14.17
CA VAL B 4100 -10.13 -43.44 -13.02
C VAL B 4100 -9.41 -42.15 -13.38
N LEU B 4101 -8.76 -42.12 -14.55
CA LEU B 4101 -8.06 -40.92 -14.99
C LEU B 4101 -9.00 -39.73 -15.10
N LEU B 4102 -10.13 -39.92 -15.77
CA LEU B 4102 -11.11 -38.85 -15.93
C LEU B 4102 -11.74 -38.39 -14.63
N THR B 4103 -12.07 -39.32 -13.73
CA THR B 4103 -12.63 -38.95 -12.43
C THR B 4103 -11.61 -38.16 -11.61
N ASN B 4104 -10.35 -38.59 -11.63
CA ASN B 4104 -9.31 -37.87 -10.90
C ASN B 4104 -9.15 -36.46 -11.45
N LEU B 4105 -9.12 -36.32 -12.77
CA LEU B 4105 -9.00 -34.99 -13.37
C LEU B 4105 -10.19 -34.11 -13.00
N SER B 4106 -11.41 -34.66 -13.09
CA SER B 4106 -12.60 -33.88 -12.80
C SER B 4106 -12.64 -33.45 -11.35
N GLU B 4107 -12.25 -34.34 -10.43
CA GLU B 4107 -12.28 -33.98 -9.01
C GLU B 4107 -11.20 -32.97 -8.66
N HIS B 4108 -10.02 -33.11 -9.25
CA HIS B 4108 -8.93 -32.20 -8.91
C HIS B 4108 -9.14 -30.81 -9.52
N MET B 4109 -9.79 -30.75 -10.69
CA MET B 4109 -10.15 -29.46 -11.28
C MET B 4109 -11.66 -29.37 -11.44
N PRO B 4110 -12.37 -28.67 -10.57
CA PRO B 4110 -13.83 -28.74 -10.58
C PRO B 4110 -14.50 -27.79 -11.58
N ASN B 4111 -13.77 -26.80 -12.07
CA ASN B 4111 -14.39 -25.74 -12.87
C ASN B 4111 -13.61 -25.47 -14.15
N ASP B 4112 -13.28 -26.52 -14.90
CA ASP B 4112 -12.65 -26.38 -16.20
C ASP B 4112 -13.68 -26.73 -17.28
N THR B 4113 -14.15 -25.72 -18.00
CA THR B 4113 -15.28 -25.91 -18.93
C THR B 4113 -14.97 -26.98 -19.96
N ARG B 4114 -13.77 -26.96 -20.52
CA ARG B 4114 -13.36 -28.02 -21.44
C ARG B 4114 -13.42 -29.38 -20.75
N LEU B 4115 -13.05 -29.43 -19.47
CA LEU B 4115 -13.12 -30.70 -18.75
C LEU B 4115 -14.54 -31.20 -18.62
N GLN B 4116 -15.50 -30.34 -18.26
CA GLN B 4116 -16.88 -30.82 -18.19
C GLN B 4116 -17.40 -31.22 -19.56
N THR B 4117 -17.06 -30.48 -20.61
CA THR B 4117 -17.50 -30.89 -21.95
C THR B 4117 -16.97 -32.27 -22.31
N PHE B 4118 -15.67 -32.49 -22.11
CA PHE B 4118 -15.10 -33.81 -22.40
C PHE B 4118 -15.73 -34.88 -21.51
N LEU B 4119 -16.14 -34.49 -20.30
CA LEU B 4119 -16.87 -35.41 -19.43
C LEU B 4119 -18.22 -35.81 -20.01
N GLU B 4120 -18.99 -34.86 -20.55
CA GLU B 4120 -20.25 -35.27 -21.18
C GLU B 4120 -20.00 -36.12 -22.42
N LEU B 4121 -18.91 -35.88 -23.14
CA LEU B 4121 -18.51 -36.85 -24.16
C LEU B 4121 -18.19 -38.21 -23.57
N ALA B 4122 -17.70 -38.25 -22.32
CA ALA B 4122 -17.32 -39.50 -21.66
C ALA B 4122 -18.33 -39.95 -20.60
N GLU B 4123 -19.64 -39.74 -20.83
CA GLU B 4123 -20.63 -40.08 -19.82
C GLU B 4123 -20.80 -41.58 -19.65
N SER B 4124 -20.94 -42.31 -20.77
CA SER B 4124 -21.39 -43.70 -20.69
C SER B 4124 -20.41 -44.58 -19.93
N VAL B 4125 -19.12 -44.44 -20.22
CA VAL B 4125 -18.11 -45.28 -19.56
C VAL B 4125 -18.05 -44.95 -18.06
N LEU B 4126 -18.16 -43.66 -17.72
CA LEU B 4126 -18.14 -43.26 -16.32
C LEU B 4126 -19.35 -43.81 -15.58
N ASN B 4127 -20.53 -43.76 -16.20
CA ASN B 4127 -21.72 -44.33 -15.59
C ASN B 4127 -21.61 -45.84 -15.42
N TYR B 4128 -21.02 -46.53 -16.40
CA TYR B 4128 -20.85 -47.98 -16.27
C TYR B 4128 -19.87 -48.34 -15.16
N PHE B 4129 -18.78 -47.59 -15.03
CA PHE B 4129 -17.72 -47.92 -14.09
C PHE B 4129 -17.89 -47.25 -12.72
N GLN B 4130 -18.95 -46.47 -12.54
CA GLN B 4130 -19.17 -45.83 -11.24
C GLN B 4130 -19.34 -46.85 -10.11
N PRO B 4131 -20.16 -47.90 -10.22
CA PRO B 4131 -20.26 -48.85 -9.10
C PRO B 4131 -18.95 -49.54 -8.76
N PHE B 4132 -18.10 -49.78 -9.76
CA PHE B 4132 -16.82 -50.45 -9.53
C PHE B 4132 -15.69 -49.48 -9.21
N LEU B 4133 -15.98 -48.19 -9.10
CA LEU B 4133 -14.98 -47.18 -8.78
C LEU B 4133 -15.16 -46.70 -7.35
N GLY B 4134 -14.08 -46.73 -6.57
CA GLY B 4134 -14.11 -46.26 -5.21
C GLY B 4134 -13.06 -45.20 -4.98
N ARG B 4135 -13.35 -44.30 -4.03
CA ARG B 4135 -12.46 -43.20 -3.72
C ARG B 4135 -12.34 -43.05 -2.21
N ILE B 4136 -11.11 -42.87 -1.72
CA ILE B 4136 -10.85 -42.59 -0.32
C ILE B 4136 -9.86 -41.45 -0.23
N GLU B 4137 -9.74 -40.90 0.97
CA GLU B 4137 -8.79 -39.82 1.26
C GLU B 4137 -7.81 -40.32 2.31
N ILE B 4138 -6.51 -40.22 2.02
CA ILE B 4138 -5.47 -40.70 2.92
C ILE B 4138 -4.61 -39.52 3.33
N MET B 4139 -3.83 -39.72 4.39
CA MET B 4139 -2.91 -38.71 4.89
C MET B 4139 -1.58 -38.94 4.18
N GLY B 4140 -1.35 -38.23 3.08
CA GLY B 4140 -0.24 -38.52 2.20
C GLY B 4140 1.13 -38.22 2.75
N SER B 4141 2.18 -38.74 2.08
CA SER B 4141 3.55 -38.54 2.52
C SER B 4141 4.00 -37.10 2.41
N ALA B 4142 3.41 -36.32 1.49
CA ALA B 4142 3.76 -34.92 1.35
C ALA B 4142 3.10 -34.03 2.40
N LYS B 4143 2.61 -34.61 3.50
CA LYS B 4143 1.87 -33.89 4.52
C LYS B 4143 0.66 -33.21 3.91
N ARG B 4144 -0.01 -33.89 2.98
CA ARG B 4144 -1.22 -33.40 2.35
C ARG B 4144 -2.22 -34.55 2.22
N ILE B 4145 -3.50 -34.19 2.18
CA ILE B 4145 -4.56 -35.17 1.98
C ILE B 4145 -4.70 -35.46 0.49
N GLU B 4146 -4.61 -36.73 0.12
CA GLU B 4146 -4.66 -37.14 -1.28
C GLU B 4146 -5.72 -38.21 -1.45
N ARG B 4147 -6.30 -38.26 -2.65
CA ARG B 4147 -7.37 -39.20 -2.96
C ARG B 4147 -6.80 -40.41 -3.69
N VAL B 4148 -7.28 -41.58 -3.32
CA VAL B 4148 -6.85 -42.85 -3.90
C VAL B 4148 -8.04 -43.49 -4.62
N TYR B 4149 -7.84 -43.84 -5.88
CA TYR B 4149 -8.87 -44.45 -6.70
C TYR B 4149 -8.46 -45.88 -7.02
N PHE B 4150 -9.38 -46.82 -6.76
CA PHE B 4150 -9.10 -48.25 -6.87
C PHE B 4150 -10.33 -48.98 -7.39
N GLU B 4151 -10.20 -50.30 -7.51
CA GLU B 4151 -11.21 -51.12 -8.17
C GLU B 4151 -12.09 -51.78 -7.12
N ILE B 4152 -13.40 -51.56 -7.24
CA ILE B 4152 -14.38 -52.27 -6.43
C ILE B 4152 -14.84 -53.51 -7.19
N SER B 4153 -14.65 -54.67 -6.59
CA SER B 4153 -15.06 -55.90 -7.26
C SER B 4153 -16.53 -56.22 -6.95
N GLU B 4154 -17.20 -56.78 -7.96
CA GLU B 4154 -18.62 -57.10 -7.83
C GLU B 4154 -18.87 -58.10 -6.71
N SER B 4155 -18.01 -59.10 -6.59
CA SER B 4155 -18.15 -60.08 -5.52
C SER B 4155 -18.02 -59.41 -4.15
N SER B 4156 -17.02 -58.54 -3.98
CA SER B 4156 -16.86 -57.85 -2.71
C SER B 4156 -18.05 -56.97 -2.38
N ARG B 4157 -18.57 -56.23 -3.37
CA ARG B 4157 -19.73 -55.39 -3.11
C ARG B 4157 -20.96 -56.21 -2.73
N THR B 4158 -21.20 -57.34 -3.42
CA THR B 4158 -22.35 -58.17 -3.07
C THR B 4158 -22.20 -58.76 -1.67
N GLN B 4159 -21.02 -59.29 -1.34
CA GLN B 4159 -20.80 -59.84 -0.01
C GLN B 4159 -20.95 -58.76 1.06
N TRP B 4160 -20.54 -57.53 0.75
CA TRP B 4160 -20.70 -56.43 1.70
C TRP B 4160 -22.17 -56.08 1.88
N GLU B 4161 -22.94 -56.11 0.80
CA GLU B 4161 -24.38 -55.80 0.85
C GLU B 4161 -25.22 -56.94 1.40
N LYS B 4162 -24.64 -58.13 1.60
CA LYS B 4162 -25.37 -59.20 2.24
C LYS B 4162 -25.77 -58.80 3.67
N PRO B 4163 -26.96 -59.21 4.13
CA PRO B 4163 -27.47 -58.68 5.41
C PRO B 4163 -26.62 -59.02 6.63
N GLN B 4164 -26.00 -60.20 6.67
CA GLN B 4164 -25.23 -60.58 7.84
C GLN B 4164 -24.05 -59.64 8.06
N VAL B 4165 -23.37 -59.27 6.97
CA VAL B 4165 -22.30 -58.28 7.06
C VAL B 4165 -22.83 -56.94 7.52
N LYS B 4166 -24.05 -56.56 7.11
CA LYS B 4166 -24.64 -55.32 7.58
C LYS B 4166 -24.90 -55.36 9.09
N GLU B 4167 -25.40 -56.49 9.60
CA GLU B 4167 -25.57 -56.63 11.05
C GLU B 4167 -24.23 -56.55 11.77
N SER B 4168 -23.20 -57.18 11.21
CA SER B 4168 -21.87 -57.10 11.79
C SER B 4168 -21.37 -55.67 11.83
N LYS B 4169 -21.62 -54.91 10.76
CA LYS B 4169 -21.24 -53.50 10.73
C LYS B 4169 -21.97 -52.71 11.82
N ARG B 4170 -23.28 -52.95 11.97
CA ARG B 4170 -24.03 -52.23 13.00
C ARG B 4170 -23.51 -52.56 14.39
N GLN B 4171 -23.22 -53.84 14.65
CA GLN B 4171 -22.69 -54.23 15.95
C GLN B 4171 -21.33 -53.59 16.21
N PHE B 4172 -20.45 -53.60 15.20
CA PHE B 4172 -19.14 -52.97 15.35
C PHE B 4172 -19.25 -51.48 15.61
N ILE B 4173 -20.12 -50.78 14.88
CA ILE B 4173 -20.32 -49.36 15.12
C ILE B 4173 -20.83 -49.10 16.53
N PHE B 4174 -21.82 -49.87 16.99
CA PHE B 4174 -22.34 -49.71 18.34
C PHE B 4174 -21.25 -49.92 19.37
N ASP B 4175 -20.43 -50.96 19.20
CA ASP B 4175 -19.36 -51.24 20.15
C ASP B 4175 -18.32 -50.13 20.17
N VAL B 4176 -17.84 -49.70 18.99
CA VAL B 4176 -16.78 -48.72 18.94
C VAL B 4176 -17.27 -47.36 19.42
N VAL B 4177 -18.58 -47.12 19.33
CA VAL B 4177 -19.11 -45.85 19.83
C VAL B 4177 -19.29 -45.89 21.34
N ASN B 4178 -19.83 -46.99 21.87
CA ASN B 4178 -20.16 -47.03 23.28
C ASN B 4178 -18.96 -47.33 24.17
N GLU B 4179 -18.16 -48.35 23.84
CA GLU B 4179 -17.01 -48.72 24.66
C GLU B 4179 -15.71 -48.59 23.86
N GLY B 4180 -15.65 -47.57 23.02
CA GLY B 4180 -14.46 -47.32 22.22
C GLY B 4180 -13.82 -46.00 22.57
N GLY B 4181 -12.51 -45.93 22.40
CA GLY B 4181 -11.73 -44.73 22.65
C GLY B 4181 -10.98 -44.30 21.40
N GLU B 4182 -10.65 -43.01 21.32
CA GLU B 4182 -9.98 -42.49 20.13
C GLU B 4182 -8.57 -43.06 19.98
N LYS B 4183 -7.97 -43.55 21.07
CA LYS B 4183 -6.66 -44.17 20.98
C LYS B 4183 -6.67 -45.39 20.08
N GLU B 4184 -7.63 -46.29 20.28
CA GLU B 4184 -7.69 -47.52 19.50
C GLU B 4184 -8.97 -47.64 18.67
N LYS B 4185 -9.68 -46.53 18.44
CA LYS B 4185 -10.85 -46.56 17.58
C LYS B 4185 -10.49 -47.06 16.18
N MET B 4186 -9.47 -46.47 15.59
CA MET B 4186 -9.11 -46.81 14.23
C MET B 4186 -8.40 -48.17 14.13
N GLU B 4187 -7.66 -48.56 15.17
CA GLU B 4187 -7.18 -49.92 15.31
C GLU B 4187 -8.33 -50.94 15.32
N LEU B 4188 -9.38 -50.67 16.09
CA LEU B 4188 -10.55 -51.54 16.08
C LEU B 4188 -11.22 -51.54 14.71
N PHE B 4189 -11.25 -50.39 14.05
CA PHE B 4189 -11.80 -50.33 12.69
C PHE B 4189 -11.01 -51.21 11.74
N VAL B 4190 -9.68 -51.17 11.84
CA VAL B 4190 -8.85 -52.02 10.97
C VAL B 4190 -9.05 -53.50 11.31
N ASN B 4191 -9.15 -53.85 12.59
CA ASN B 4191 -9.42 -55.24 12.96
C ASN B 4191 -10.76 -55.72 12.42
N PHE B 4192 -11.80 -54.90 12.55
CA PHE B 4192 -13.11 -55.24 12.00
C PHE B 4192 -13.05 -55.38 10.48
N CYS B 4193 -12.30 -54.48 9.82
CA CYS B 4193 -12.16 -54.57 8.37
C CYS B 4193 -11.49 -55.86 7.95
N GLU B 4194 -10.42 -56.25 8.66
CA GLU B 4194 -9.75 -57.51 8.34
C GLU B 4194 -10.64 -58.72 8.56
N ASP B 4195 -11.36 -58.76 9.70
CA ASP B 4195 -12.25 -59.88 9.95
C ASP B 4195 -13.36 -59.95 8.91
N THR B 4196 -13.94 -58.80 8.56
CA THR B 4196 -14.99 -58.75 7.56
C THR B 4196 -14.48 -59.14 6.18
N ILE B 4197 -13.27 -58.74 5.81
CA ILE B 4197 -12.68 -59.18 4.55
C ILE B 4197 -12.50 -60.69 4.54
N PHE B 4198 -12.01 -61.26 5.65
CA PHE B 4198 -11.83 -62.71 5.69
C PHE B 4198 -13.17 -63.43 5.53
N GLU B 4199 -14.20 -62.98 6.23
CA GLU B 4199 -15.49 -63.65 6.13
C GLU B 4199 -16.17 -63.45 4.78
N MET B 4200 -16.03 -62.29 4.14
CA MET B 4200 -16.54 -62.15 2.78
C MET B 4200 -15.77 -63.01 1.77
N GLN B 4201 -14.44 -63.12 1.90
CA GLN B 4201 -13.68 -64.02 1.06
C GLN B 4201 -14.07 -65.48 1.25
N LEU B 4202 -14.39 -65.87 2.49
CA LEU B 4202 -14.89 -67.22 2.71
C LEU B 4202 -16.28 -67.43 2.14
N ALA B 4203 -17.18 -66.46 2.31
CA ALA B 4203 -18.54 -66.59 1.79
C ALA B 4203 -18.57 -66.65 0.27
N ALA B 4204 -17.82 -65.79 -0.40
CA ALA B 4204 -17.78 -65.83 -1.86
C ALA B 4204 -17.17 -67.14 -2.35
N GLN B 4205 -16.16 -67.63 -1.65
CA GLN B 4205 -15.53 -68.89 -2.04
C GLN B 4205 -16.51 -70.06 -1.90
N ILE B 4206 -17.25 -70.11 -0.79
CA ILE B 4206 -18.16 -71.23 -0.59
C ILE B 4206 -19.37 -71.13 -1.50
N SER B 4207 -19.77 -69.90 -1.85
CA SER B 4207 -20.92 -69.74 -2.74
C SER B 4207 -20.56 -70.12 -4.16
N GLU B 4208 -21.31 -71.06 -4.72
CA GLU B 4208 -21.10 -71.56 -6.07
C GLU B 4208 -22.40 -71.48 -6.86
N SER B 4209 -22.29 -71.19 -8.15
CA SER B 4209 -23.45 -71.08 -9.01
C SER B 4209 -23.26 -71.90 -10.29
N SER B 4237 -50.12 -66.46 -1.78
CA SER B 4237 -50.78 -65.15 -1.72
C SER B 4237 -51.47 -64.82 -3.04
N ILE B 4238 -50.99 -65.45 -4.13
CA ILE B 4238 -51.57 -65.19 -5.44
C ILE B 4238 -53.01 -65.69 -5.49
N LEU B 4239 -53.31 -66.77 -4.78
CA LEU B 4239 -54.70 -67.25 -4.70
C LEU B 4239 -55.59 -66.22 -4.03
N THR B 4240 -55.11 -65.62 -2.93
CA THR B 4240 -55.87 -64.58 -2.26
C THR B 4240 -56.05 -63.36 -3.14
N VAL B 4241 -55.01 -62.96 -3.88
CA VAL B 4241 -55.13 -61.83 -4.79
C VAL B 4241 -56.16 -62.13 -5.87
N ARG B 4242 -56.12 -63.34 -6.44
CA ARG B 4242 -57.09 -63.73 -7.46
C ARG B 4242 -58.51 -63.69 -6.92
N SER B 4243 -58.72 -64.23 -5.71
CA SER B 4243 -60.05 -64.21 -5.11
C SER B 4243 -60.53 -62.80 -4.82
N ALA B 4244 -59.71 -61.96 -4.21
CA ALA B 4244 -60.08 -60.59 -3.86
C ALA B 4244 -60.24 -59.69 -5.08
N LEU B 4245 -59.63 -60.04 -6.21
CA LEU B 4245 -59.82 -59.29 -7.44
C LEU B 4245 -61.04 -59.76 -8.21
N PHE B 4246 -61.29 -61.07 -8.24
CA PHE B 4246 -62.51 -61.58 -8.85
C PHE B 4246 -63.75 -61.08 -8.11
N ALA B 4247 -63.69 -61.04 -6.78
CA ALA B 4247 -64.83 -60.52 -6.02
C ALA B 4247 -65.04 -59.04 -6.30
N LEU B 4248 -63.98 -58.25 -6.27
CA LEU B 4248 -64.08 -56.81 -6.54
C LEU B 4248 -64.52 -56.51 -7.96
N ARG B 4249 -64.29 -57.41 -8.91
CA ARG B 4249 -64.86 -57.25 -10.23
C ARG B 4249 -66.33 -57.63 -10.24
N TYR B 4250 -66.64 -58.87 -9.84
CA TYR B 4250 -67.99 -59.41 -9.99
C TYR B 4250 -69.04 -58.63 -9.21
N ASN B 4251 -68.72 -58.25 -7.96
CA ASN B 4251 -69.70 -57.52 -7.17
C ASN B 4251 -70.04 -56.17 -7.81
N ILE B 4252 -69.05 -55.48 -8.35
CA ILE B 4252 -69.31 -54.20 -9.01
C ILE B 4252 -70.06 -54.42 -10.32
N LEU B 4253 -69.77 -55.53 -11.02
CA LEU B 4253 -70.57 -55.85 -12.21
C LEU B 4253 -72.03 -56.06 -11.85
N THR B 4254 -72.31 -56.78 -10.76
CA THR B 4254 -73.71 -56.93 -10.33
C THR B 4254 -74.30 -55.59 -9.89
N LEU B 4255 -73.48 -54.73 -9.28
CA LEU B 4255 -73.96 -53.41 -8.89
C LEU B 4255 -74.39 -52.59 -10.09
N MET B 4256 -73.62 -52.63 -11.17
CA MET B 4256 -73.90 -51.87 -12.38
C MET B 4256 -74.80 -52.63 -13.35
N ARG B 4257 -75.18 -53.87 -12.99
CA ARG B 4257 -75.95 -54.71 -13.90
C ARG B 4257 -77.34 -54.14 -14.15
N MET B 4258 -77.94 -53.51 -13.12
CA MET B 4258 -79.28 -52.95 -13.30
C MET B 4258 -79.24 -51.73 -14.22
N LEU B 4259 -78.20 -50.89 -14.11
CA LEU B 4259 -78.02 -49.83 -15.10
C LEU B 4259 -77.78 -50.41 -16.49
N SER B 4260 -77.03 -51.53 -16.57
CA SER B 4260 -76.79 -52.15 -17.86
C SER B 4260 -78.09 -52.62 -18.50
N LEU B 4261 -78.98 -53.21 -17.71
CA LEU B 4261 -80.30 -53.64 -18.17
C LEU B 4261 -81.25 -52.47 -18.38
N LYS B 4262 -80.93 -51.30 -17.83
CA LYS B 4262 -81.82 -50.13 -17.84
C LYS B 4262 -83.09 -50.45 -17.05
N SER B 4263 -82.88 -50.80 -15.78
CA SER B 4263 -83.97 -51.09 -14.86
C SER B 4263 -84.45 -49.85 -14.12
N LEU B 4264 -83.91 -48.67 -14.42
CA LEU B 4264 -84.31 -47.43 -13.81
C LEU B 4264 -85.58 -46.86 -14.43
N LYS B 4265 -86.08 -47.49 -15.50
CA LYS B 4265 -87.33 -47.04 -16.11
C LYS B 4265 -88.51 -47.21 -15.16
N LYS B 4266 -88.42 -48.14 -14.21
CA LYS B 4266 -89.46 -48.25 -13.20
C LYS B 4266 -89.50 -47.05 -12.28
N GLN B 4267 -88.33 -46.56 -11.85
CA GLN B 4267 -88.28 -45.35 -11.04
C GLN B 4267 -88.47 -44.10 -11.88
N MET B 4268 -88.40 -44.21 -13.20
CA MET B 4268 -88.59 -43.05 -14.07
C MET B 4268 -89.95 -42.37 -13.87
N LYS B 4269 -91.04 -43.15 -13.81
CA LYS B 4269 -92.36 -42.56 -13.70
C LYS B 4269 -92.53 -41.82 -12.38
N LYS B 4270 -91.94 -42.34 -11.30
CA LYS B 4270 -91.95 -41.64 -10.02
C LYS B 4270 -91.01 -40.44 -10.02
N VAL B 4271 -89.90 -40.49 -10.75
CA VAL B 4271 -88.98 -39.37 -10.88
C VAL B 4271 -89.67 -38.24 -11.62
N LYS B 4272 -90.63 -38.59 -12.49
CA LYS B 4272 -91.39 -37.56 -13.21
C LYS B 4272 -92.05 -36.57 -12.25
N LYS B 4273 -92.35 -37.01 -11.03
CA LYS B 4273 -92.84 -36.11 -9.98
C LYS B 4273 -91.66 -35.49 -9.24
N MET B 4274 -91.12 -34.42 -9.84
CA MET B 4274 -89.99 -33.72 -9.25
C MET B 4274 -90.40 -33.03 -7.95
N THR B 4275 -89.89 -33.54 -6.83
CA THR B 4275 -90.06 -32.88 -5.54
C THR B 4275 -88.96 -33.35 -4.60
N VAL B 4276 -88.72 -32.54 -3.57
CA VAL B 4276 -87.57 -32.74 -2.69
C VAL B 4276 -87.69 -34.08 -1.95
N LYS B 4277 -88.87 -34.38 -1.42
CA LYS B 4277 -89.04 -35.61 -0.66
C LYS B 4277 -88.88 -36.84 -1.54
N ASP B 4278 -89.45 -36.80 -2.75
CA ASP B 4278 -89.29 -37.93 -3.66
C ASP B 4278 -87.84 -38.14 -4.03
N MET B 4279 -87.11 -37.05 -4.30
CA MET B 4279 -85.70 -37.17 -4.66
C MET B 4279 -84.86 -37.68 -3.49
N VAL B 4280 -85.16 -37.22 -2.26
CA VAL B 4280 -84.38 -37.66 -1.11
C VAL B 4280 -84.60 -39.14 -0.85
N THR B 4281 -85.86 -39.60 -0.94
CA THR B 4281 -86.13 -41.03 -0.80
C THR B 4281 -85.50 -41.81 -1.94
N ALA B 4282 -85.46 -41.24 -3.15
CA ALA B 4282 -84.87 -41.93 -4.28
C ALA B 4282 -83.38 -42.17 -4.09
N PHE B 4283 -82.63 -41.14 -3.70
CA PHE B 4283 -81.19 -41.36 -3.58
C PHE B 4283 -80.87 -42.11 -2.29
N PHE B 4284 -81.75 -42.04 -1.29
CA PHE B 4284 -81.63 -42.92 -0.13
C PHE B 4284 -81.78 -44.38 -0.53
N SER B 4285 -82.74 -44.66 -1.42
CA SER B 4285 -82.90 -46.02 -1.94
C SER B 4285 -81.69 -46.45 -2.75
N SER B 4286 -81.12 -45.52 -3.53
CA SER B 4286 -79.92 -45.84 -4.29
C SER B 4286 -78.75 -46.18 -3.36
N TYR B 4287 -78.55 -45.39 -2.31
CA TYR B 4287 -77.47 -45.67 -1.37
C TYR B 4287 -77.77 -46.93 -0.57
N TRP B 4288 -79.04 -47.23 -0.33
CA TRP B 4288 -79.42 -48.49 0.31
C TRP B 4288 -79.05 -49.68 -0.58
N SER B 4289 -79.27 -49.53 -1.89
CA SER B 4289 -78.83 -50.56 -2.83
C SER B 4289 -77.32 -50.72 -2.81
N ILE B 4290 -76.59 -49.60 -2.76
CA ILE B 4290 -75.14 -49.67 -2.67
C ILE B 4290 -74.70 -50.39 -1.40
N PHE B 4291 -75.37 -50.09 -0.29
CA PHE B 4291 -75.01 -50.70 0.99
C PHE B 4291 -75.35 -52.18 1.04
N MET B 4292 -76.46 -52.59 0.42
CA MET B 4292 -76.79 -54.01 0.39
C MET B 4292 -75.83 -54.76 -0.53
N THR B 4293 -75.38 -54.10 -1.61
CA THR B 4293 -74.33 -54.70 -2.43
C THR B 4293 -73.04 -54.85 -1.63
N LEU B 4294 -72.71 -53.86 -0.81
CA LEU B 4294 -71.54 -53.97 0.07
C LEU B 4294 -71.72 -55.12 1.07
N LEU B 4295 -72.93 -55.30 1.58
CA LEU B 4295 -73.21 -56.40 2.49
C LEU B 4295 -73.03 -57.75 1.80
N HIS B 4296 -73.50 -57.86 0.56
CA HIS B 4296 -73.23 -59.07 -0.22
C HIS B 4296 -71.74 -59.28 -0.42
N PHE B 4297 -71.00 -58.20 -0.68
CA PHE B 4297 -69.55 -58.32 -0.85
C PHE B 4297 -68.88 -58.84 0.41
N VAL B 4298 -69.22 -58.28 1.58
CA VAL B 4298 -68.56 -58.70 2.81
C VAL B 4298 -68.98 -60.12 3.19
N ALA B 4299 -70.25 -60.47 2.93
CA ALA B 4299 -70.69 -61.83 3.17
C ALA B 4299 -69.99 -62.82 2.27
N SER B 4300 -69.76 -62.45 1.00
CA SER B 4300 -69.02 -63.33 0.09
C SER B 4300 -67.57 -63.45 0.51
N VAL B 4301 -67.00 -62.37 1.05
CA VAL B 4301 -65.63 -62.43 1.56
C VAL B 4301 -65.54 -63.42 2.72
N PHE B 4302 -66.50 -63.34 3.65
CA PHE B 4302 -66.52 -64.28 4.76
C PHE B 4302 -66.74 -65.71 4.27
N ARG B 4303 -67.61 -65.89 3.27
CA ARG B 4303 -67.85 -67.23 2.72
C ARG B 4303 -66.58 -67.79 2.09
N GLY B 4304 -65.85 -66.96 1.33
CA GLY B 4304 -64.60 -67.41 0.74
C GLY B 4304 -63.54 -67.72 1.79
N PHE B 4305 -63.50 -66.92 2.85
CA PHE B 4305 -62.57 -67.21 3.94
C PHE B 4305 -62.89 -68.54 4.61
N PHE B 4306 -64.18 -68.82 4.84
CA PHE B 4306 -64.58 -70.10 5.40
C PHE B 4306 -64.26 -71.25 4.44
N ARG B 4307 -64.43 -71.01 3.13
CA ARG B 4307 -64.10 -72.04 2.15
C ARG B 4307 -62.60 -72.35 2.16
N ILE B 4308 -61.77 -71.32 2.28
CA ILE B 4308 -60.32 -71.53 2.37
C ILE B 4308 -59.98 -72.27 3.65
N ILE B 4309 -60.66 -71.94 4.75
CA ILE B 4309 -60.44 -72.67 6.00
C ILE B 4309 -60.78 -74.14 5.84
N CYS B 4310 -61.93 -74.43 5.23
CA CYS B 4310 -62.37 -75.81 5.04
C CYS B 4310 -62.03 -76.31 3.64
N PHE B 4480 -11.58 -91.76 -8.23
CA PHE B 4480 -10.25 -91.24 -7.95
C PHE B 4480 -10.29 -90.05 -6.99
N TRP B 4481 -9.11 -89.62 -6.54
CA TRP B 4481 -9.02 -88.64 -5.45
C TRP B 4481 -9.58 -87.29 -5.87
N LYS B 4482 -9.25 -86.82 -7.08
CA LYS B 4482 -9.57 -85.45 -7.46
C LYS B 4482 -11.07 -85.22 -7.65
N LYS B 4483 -11.85 -86.29 -7.84
CA LYS B 4483 -13.31 -86.15 -7.98
C LYS B 4483 -13.98 -86.25 -6.62
N ILE B 4484 -13.53 -87.20 -5.80
CA ILE B 4484 -14.16 -87.39 -4.49
C ILE B 4484 -13.87 -86.20 -3.58
N ILE B 4485 -12.65 -85.65 -3.64
CA ILE B 4485 -12.33 -84.48 -2.82
C ILE B 4485 -13.14 -83.28 -3.28
N ALA B 4486 -13.33 -83.15 -4.60
CA ALA B 4486 -14.16 -82.05 -5.11
C ALA B 4486 -15.60 -82.16 -4.64
N TYR B 4487 -16.16 -83.37 -4.67
CA TYR B 4487 -17.54 -83.54 -4.21
C TYR B 4487 -17.64 -83.32 -2.71
N GLN B 4488 -16.62 -83.73 -1.96
CA GLN B 4488 -16.58 -83.46 -0.53
C GLN B 4488 -16.58 -81.95 -0.27
N GLN B 4489 -15.76 -81.21 -1.01
CA GLN B 4489 -15.73 -79.76 -0.86
C GLN B 4489 -17.07 -79.15 -1.20
N LYS B 4490 -17.74 -79.68 -2.23
CA LYS B 4490 -19.08 -79.20 -2.57
C LYS B 4490 -20.06 -79.44 -1.43
N LEU B 4491 -20.02 -80.61 -0.81
CA LEU B 4491 -20.94 -80.92 0.29
C LEU B 4491 -20.67 -80.02 1.49
N LEU B 4492 -19.39 -79.83 1.84
CA LEU B 4492 -19.03 -78.96 2.96
C LEU B 4492 -19.47 -77.52 2.69
N ASN B 4493 -19.30 -77.05 1.45
CA ASN B 4493 -19.75 -75.73 1.08
C ASN B 4493 -21.27 -75.61 1.18
N TYR B 4494 -21.99 -76.66 0.78
CA TYR B 4494 -23.44 -76.66 0.92
C TYR B 4494 -23.86 -76.54 2.37
N PHE B 4495 -23.20 -77.28 3.26
CA PHE B 4495 -23.51 -77.18 4.69
C PHE B 4495 -23.21 -75.78 5.21
N ALA B 4496 -22.07 -75.20 4.79
CA ALA B 4496 -21.73 -73.84 5.21
C ALA B 4496 -22.79 -72.84 4.74
N ARG B 4497 -23.25 -73.00 3.51
CA ARG B 4497 -24.27 -72.09 2.97
C ARG B 4497 -25.58 -72.23 3.72
N ASN B 4498 -25.97 -73.45 4.08
CA ASN B 4498 -27.27 -73.70 4.69
C ASN B 4498 -27.21 -73.80 6.21
N PHE B 4499 -26.12 -73.36 6.82
CA PHE B 4499 -26.00 -73.42 8.28
C PHE B 4499 -27.14 -72.69 8.98
N TYR B 4500 -27.42 -71.44 8.59
CA TYR B 4500 -28.45 -70.66 9.27
C TYR B 4500 -29.85 -71.22 9.02
N ASN B 4501 -30.17 -71.59 7.78
CA ASN B 4501 -31.49 -72.12 7.48
C ASN B 4501 -31.78 -73.38 8.28
N MET B 4502 -30.81 -74.29 8.36
CA MET B 4502 -31.01 -75.49 9.16
C MET B 4502 -31.03 -75.16 10.65
N ARG B 4503 -30.34 -74.10 11.08
CA ARG B 4503 -30.43 -73.66 12.46
C ARG B 4503 -31.84 -73.24 12.83
N MET B 4504 -32.53 -72.52 11.92
CA MET B 4504 -33.92 -72.10 12.18
C MET B 4504 -34.87 -73.29 12.05
N LEU B 4505 -34.58 -74.20 11.12
CA LEU B 4505 -35.48 -75.31 10.89
C LEU B 4505 -35.38 -76.32 12.02
N ALA B 4506 -34.21 -76.41 12.68
CA ALA B 4506 -34.10 -77.20 13.90
C ALA B 4506 -35.01 -76.68 14.99
N LEU B 4507 -35.07 -75.35 15.16
CA LEU B 4507 -36.02 -74.73 16.06
C LEU B 4507 -37.47 -75.01 15.68
N PHE B 4508 -37.79 -74.98 14.39
CA PHE B 4508 -39.12 -75.37 13.93
C PHE B 4508 -39.46 -76.79 14.34
N VAL B 4509 -38.51 -77.72 14.13
CA VAL B 4509 -38.73 -79.11 14.52
C VAL B 4509 -38.89 -79.22 16.03
N ALA B 4510 -38.14 -78.41 16.78
CA ALA B 4510 -38.27 -78.42 18.24
C ALA B 4510 -39.65 -77.98 18.68
N PHE B 4511 -40.16 -76.90 18.08
CA PHE B 4511 -41.53 -76.45 18.35
C PHE B 4511 -42.58 -77.48 17.94
N ALA B 4512 -42.35 -78.23 16.86
CA ALA B 4512 -43.24 -79.31 16.46
C ALA B 4512 -43.25 -80.45 17.47
N ILE B 4513 -42.07 -80.89 17.91
CA ILE B 4513 -41.98 -81.95 18.91
C ILE B 4513 -42.57 -81.52 20.24
N ASN B 4514 -42.35 -80.27 20.66
CA ASN B 4514 -42.96 -79.81 21.90
C ASN B 4514 -44.47 -79.69 21.78
N PHE B 4515 -44.96 -79.28 20.61
CA PHE B 4515 -46.40 -79.23 20.40
C PHE B 4515 -47.01 -80.62 20.43
N ILE B 4516 -46.32 -81.62 19.87
CA ILE B 4516 -46.86 -82.98 19.90
C ILE B 4516 -46.70 -83.59 21.29
N LEU B 4517 -45.73 -83.10 22.07
CA LEU B 4517 -45.58 -83.50 23.47
C LEU B 4517 -46.58 -82.82 24.38
N LEU B 4518 -47.23 -81.75 23.92
CA LEU B 4518 -48.31 -81.13 24.68
C LEU B 4518 -49.47 -82.09 24.95
N PHE B 4519 -49.59 -83.16 24.19
CA PHE B 4519 -50.62 -84.17 24.41
C PHE B 4519 -50.09 -85.39 25.16
N TYR B 4520 -48.93 -85.27 25.82
CA TYR B 4520 -48.33 -86.39 26.53
C TYR B 4520 -49.13 -86.68 27.79
N LYS B 4521 -49.22 -87.96 28.16
CA LYS B 4521 -50.07 -88.38 29.26
C LYS B 4521 -49.41 -89.51 30.03
N VAL B 4522 -49.62 -89.52 31.34
CA VAL B 4522 -49.16 -90.57 32.23
C VAL B 4522 -50.22 -91.66 32.29
N SER B 4523 -49.83 -92.89 31.95
CA SER B 4523 -50.71 -94.04 32.03
C SER B 4523 -50.40 -94.86 33.27
N THR B 4524 -51.44 -95.40 33.88
CA THR B 4524 -51.29 -96.20 35.08
C THR B 4524 -51.61 -97.67 34.81
N ILE B 4555 -45.41 -99.46 42.36
CA ILE B 4555 -46.36 -98.99 41.37
C ILE B 4555 -45.73 -99.04 39.97
N ALA B 4556 -46.58 -99.17 38.95
CA ALA B 4556 -46.14 -99.20 37.57
C ALA B 4556 -46.45 -97.85 36.94
N VAL B 4557 -45.42 -97.19 36.43
CA VAL B 4557 -45.54 -95.87 35.82
C VAL B 4557 -45.30 -96.01 34.33
N HIS B 4558 -46.26 -95.54 33.53
CA HIS B 4558 -46.21 -95.62 32.08
C HIS B 4558 -46.22 -94.22 31.48
N TYR B 4559 -45.96 -94.14 30.18
CA TYR B 4559 -45.97 -92.88 29.45
C TYR B 4559 -46.38 -93.18 28.02
N VAL B 4560 -47.61 -92.79 27.65
CA VAL B 4560 -48.14 -93.03 26.32
C VAL B 4560 -48.89 -91.79 25.86
N LEU B 4561 -48.71 -91.42 24.59
CA LEU B 4561 -49.42 -90.29 24.02
C LEU B 4561 -50.85 -90.69 23.65
N GLU B 4562 -51.79 -89.76 23.85
CA GLU B 4562 -53.12 -89.93 23.30
C GLU B 4562 -53.13 -89.53 21.84
N GLU B 4563 -53.33 -90.50 20.96
CA GLU B 4563 -53.25 -90.31 19.51
C GLU B 4563 -54.66 -90.36 18.92
N SER B 4564 -55.24 -89.18 18.68
CA SER B 4564 -56.54 -89.12 18.02
C SER B 4564 -56.45 -89.63 16.60
N SER B 4565 -55.42 -89.22 15.86
CA SER B 4565 -55.25 -89.72 14.50
C SER B 4565 -54.68 -91.13 14.47
N GLY B 4566 -54.04 -91.56 15.55
CA GLY B 4566 -53.43 -92.87 15.60
C GLY B 4566 -52.04 -92.96 15.03
N TYR B 4567 -51.47 -91.85 14.56
CA TYR B 4567 -50.15 -91.85 13.95
C TYR B 4567 -49.20 -90.86 14.63
N MET B 4568 -49.56 -90.37 15.82
CA MET B 4568 -48.71 -89.39 16.49
C MET B 4568 -47.37 -90.00 16.90
N GLU B 4569 -47.37 -91.25 17.36
CA GLU B 4569 -46.12 -91.87 17.81
C GLU B 4569 -45.09 -91.99 16.69
N PRO B 4570 -45.43 -92.55 15.51
CA PRO B 4570 -44.46 -92.51 14.40
C PRO B 4570 -44.11 -91.08 14.01
N THR B 4571 -45.07 -90.16 14.14
CA THR B 4571 -44.83 -88.77 13.77
C THR B 4571 -43.69 -88.17 14.60
N LEU B 4572 -43.77 -88.26 15.93
CA LEU B 4572 -42.68 -87.65 16.68
C LEU B 4572 -41.44 -88.52 16.69
N ARG B 4573 -41.54 -89.83 16.41
CA ARG B 4573 -40.31 -90.59 16.22
C ARG B 4573 -39.54 -90.09 15.01
N ILE B 4574 -40.24 -89.89 13.88
CA ILE B 4574 -39.61 -89.32 12.70
C ILE B 4574 -39.10 -87.92 13.00
N LEU B 4575 -39.87 -87.13 13.75
CA LEU B 4575 -39.46 -85.77 14.09
C LEU B 4575 -38.17 -85.78 14.92
N ALA B 4576 -38.08 -86.70 15.88
CA ALA B 4576 -36.87 -86.78 16.71
C ALA B 4576 -35.66 -87.21 15.89
N ILE B 4577 -35.84 -88.20 15.01
CA ILE B 4577 -34.73 -88.62 14.16
C ILE B 4577 -34.29 -87.47 13.25
N LEU B 4578 -35.25 -86.75 12.66
CA LEU B 4578 -34.92 -85.61 11.82
C LEU B 4578 -34.20 -84.51 12.61
N HIS B 4579 -34.66 -84.25 13.84
CA HIS B 4579 -34.01 -83.25 14.67
C HIS B 4579 -32.58 -83.63 15.00
N THR B 4580 -32.34 -84.91 15.31
CA THR B 4580 -30.99 -85.38 15.57
C THR B 4580 -30.08 -85.29 14.36
N VAL B 4581 -30.58 -85.66 13.17
CA VAL B 4581 -29.81 -85.51 11.93
C VAL B 4581 -29.50 -84.05 11.63
N ILE B 4582 -30.49 -83.17 11.86
CA ILE B 4582 -30.29 -81.74 11.63
C ILE B 4582 -29.27 -81.19 12.60
N SER B 4583 -29.23 -81.72 13.83
CA SER B 4583 -28.20 -81.30 14.77
C SER B 4583 -26.81 -81.66 14.25
N PHE B 4584 -26.65 -82.86 13.68
CA PHE B 4584 -25.37 -83.25 13.10
C PHE B 4584 -24.99 -82.35 11.94
N PHE B 4585 -25.96 -82.04 11.08
CA PHE B 4585 -25.71 -81.13 9.97
C PHE B 4585 -25.34 -79.73 10.43
N CYS B 4586 -25.97 -79.24 11.51
CA CYS B 4586 -25.59 -77.94 12.07
C CYS B 4586 -24.20 -77.97 12.67
N ILE B 4587 -23.83 -79.05 13.36
CA ILE B 4587 -22.45 -79.24 13.82
C ILE B 4587 -21.46 -79.19 12.67
N ILE B 4588 -21.74 -79.88 11.57
CA ILE B 4588 -20.88 -79.81 10.39
C ILE B 4588 -20.82 -78.40 9.82
N GLY B 4589 -21.96 -77.74 9.70
CA GLY B 4589 -21.99 -76.41 9.09
C GLY B 4589 -21.25 -75.37 9.92
N TYR B 4590 -21.32 -75.49 11.26
CA TYR B 4590 -20.54 -74.60 12.11
C TYR B 4590 -19.05 -74.75 11.82
N TYR B 4591 -18.54 -75.98 11.80
CA TYR B 4591 -17.14 -76.22 11.49
C TYR B 4591 -16.78 -75.77 10.10
N CYS B 4592 -17.72 -75.80 9.15
CA CYS B 4592 -17.47 -75.27 7.83
C CYS B 4592 -17.31 -73.75 7.83
N LEU B 4593 -18.22 -73.05 8.50
CA LEU B 4593 -18.36 -71.61 8.29
C LEU B 4593 -17.71 -70.78 9.40
N LYS B 4594 -18.11 -71.02 10.65
CA LYS B 4594 -17.69 -70.11 11.73
C LYS B 4594 -16.31 -70.45 12.27
N VAL B 4595 -15.94 -71.73 12.23
CA VAL B 4595 -14.62 -72.13 12.75
C VAL B 4595 -13.47 -71.43 12.03
N PRO B 4596 -13.45 -71.33 10.69
CA PRO B 4596 -12.34 -70.61 10.06
C PRO B 4596 -12.21 -69.17 10.52
N LEU B 4597 -13.31 -68.48 10.77
CA LEU B 4597 -13.23 -67.09 11.23
C LEU B 4597 -12.59 -67.00 12.62
N VAL B 4598 -13.00 -67.89 13.54
CA VAL B 4598 -12.43 -67.87 14.89
C VAL B 4598 -10.95 -68.23 14.84
N ILE B 4599 -10.59 -69.24 14.03
CA ILE B 4599 -9.20 -69.60 13.88
C ILE B 4599 -8.38 -68.44 13.33
N PHE B 4600 -8.91 -67.75 12.32
CA PHE B 4600 -8.22 -66.59 11.75
C PHE B 4600 -8.03 -65.50 12.80
N LYS B 4601 -9.08 -65.22 13.58
CA LYS B 4601 -8.97 -64.19 14.61
C LYS B 4601 -7.89 -64.52 15.62
N ARG B 4602 -7.94 -65.73 16.20
CA ARG B 4602 -6.96 -66.08 17.22
C ARG B 4602 -5.56 -66.15 16.63
N GLU B 4603 -5.42 -66.68 15.41
CA GLU B 4603 -4.12 -66.81 14.78
C GLU B 4603 -3.50 -65.45 14.48
N LYS B 4604 -4.26 -64.50 13.92
CA LYS B 4604 -3.74 -63.16 13.71
C LYS B 4604 -3.43 -62.46 15.03
N GLU B 4605 -4.25 -62.66 16.06
CA GLU B 4605 -3.94 -62.04 17.35
C GLU B 4605 -2.63 -62.55 17.92
N VAL B 4606 -2.40 -63.86 17.85
CA VAL B 4606 -1.13 -64.42 18.31
C VAL B 4606 0.02 -63.89 17.47
N ALA B 4607 -0.17 -63.80 16.15
CA ALA B 4607 0.89 -63.29 15.29
C ALA B 4607 1.27 -61.86 15.65
N ARG B 4608 0.27 -61.00 15.88
CA ARG B 4608 0.55 -59.62 16.25
C ARG B 4608 1.22 -59.53 17.61
N LYS B 4609 0.76 -60.32 18.59
CA LYS B 4609 1.40 -60.32 19.89
C LYS B 4609 2.85 -60.80 19.80
N LEU B 4610 3.13 -61.72 18.87
CA LEU B 4610 4.48 -62.22 18.71
C LEU B 4610 5.39 -61.18 18.08
N GLU B 4611 4.92 -60.53 17.01
CA GLU B 4611 5.79 -59.62 16.27
C GLU B 4611 5.98 -58.29 17.02
N PHE B 4612 4.92 -57.79 17.66
CA PHE B 4612 5.01 -56.46 18.24
C PHE B 4612 5.26 -56.49 19.75
N ASP B 4613 4.82 -57.56 20.43
CA ASP B 4613 4.96 -57.64 21.87
C ASP B 4613 5.88 -58.76 22.32
N GLY B 4614 6.17 -59.73 21.46
CA GLY B 4614 7.12 -60.78 21.78
C GLY B 4614 6.73 -61.60 23.00
N LEU B 4615 5.47 -62.05 23.06
CA LEU B 4615 4.93 -62.73 24.24
C LEU B 4615 5.57 -64.09 24.49
N TYR B 4616 6.54 -64.51 23.69
CA TYR B 4616 7.25 -65.76 23.91
C TYR B 4616 8.76 -65.56 23.95
N ILE B 4617 9.24 -64.33 23.83
CA ILE B 4617 10.68 -64.05 23.87
C ILE B 4617 11.00 -63.01 24.93
N THR B 4618 10.33 -61.86 24.89
CA THR B 4618 10.60 -60.82 25.90
C THR B 4618 9.61 -60.92 27.05
N GLU B 4619 8.54 -61.68 26.85
CA GLU B 4619 7.47 -61.85 27.82
C GLU B 4619 7.05 -63.32 27.78
N GLN B 4620 6.44 -63.78 28.86
CA GLN B 4620 5.90 -65.13 28.94
C GLN B 4620 4.54 -65.07 29.62
N PRO B 4621 3.61 -65.93 29.20
CA PRO B 4621 2.25 -65.86 29.77
C PRO B 4621 2.25 -66.02 31.27
N SER B 4622 1.38 -65.26 31.94
CA SER B 4622 1.34 -65.24 33.39
C SER B 4622 0.81 -66.54 33.98
N GLU B 4623 0.60 -67.56 33.16
CA GLU B 4623 0.14 -68.91 33.50
C GLU B 4623 -1.32 -68.93 33.94
N ASP B 4624 -1.98 -67.78 34.04
CA ASP B 4624 -3.43 -67.74 34.26
C ASP B 4624 -4.21 -67.53 32.97
N ASP B 4625 -3.54 -67.43 31.83
CA ASP B 4625 -4.17 -67.23 30.54
C ASP B 4625 -4.06 -68.53 29.74
N ILE B 4626 -5.11 -69.36 29.83
CA ILE B 4626 -5.14 -70.61 29.09
C ILE B 4626 -5.06 -70.39 27.58
N LYS B 4627 -5.55 -69.25 27.08
CA LYS B 4627 -5.43 -68.95 25.66
C LYS B 4627 -3.96 -68.87 25.24
N GLY B 4628 -3.16 -68.10 25.98
CA GLY B 4628 -1.74 -68.00 25.66
C GLY B 4628 -1.00 -69.30 25.90
N GLN B 4629 -1.34 -70.00 26.99
CA GLN B 4629 -0.68 -71.27 27.27
C GLN B 4629 -0.94 -72.28 26.17
N TRP B 4630 -2.15 -72.26 25.60
CA TRP B 4630 -2.46 -73.17 24.50
C TRP B 4630 -1.84 -72.71 23.19
N ASP B 4631 -1.82 -71.40 22.94
CA ASP B 4631 -1.26 -70.85 21.71
C ASP B 4631 0.25 -70.93 21.68
N ARG B 4632 0.90 -71.22 22.80
CA ARG B 4632 2.34 -71.48 22.77
C ARG B 4632 2.67 -72.64 21.84
N LEU B 4633 1.73 -73.55 21.62
CA LEU B 4633 2.00 -74.73 20.80
C LEU B 4633 2.05 -74.37 19.32
N VAL B 4634 1.22 -73.41 18.88
CA VAL B 4634 1.00 -73.21 17.45
C VAL B 4634 2.22 -72.56 16.79
N ILE B 4635 3.06 -71.87 17.57
CA ILE B 4635 4.19 -71.16 16.98
C ILE B 4635 5.20 -72.15 16.40
N ASN B 4636 5.34 -73.31 17.04
CA ASN B 4636 6.29 -74.31 16.57
C ASN B 4636 5.82 -74.97 15.28
N THR B 4637 4.52 -74.93 15.00
CA THR B 4637 3.97 -75.62 13.83
C THR B 4637 4.42 -74.93 12.54
N GLN B 4638 4.49 -75.72 11.47
CA GLN B 4638 4.84 -75.22 10.15
C GLN B 4638 3.62 -74.80 9.34
N SER B 4639 2.41 -74.94 9.89
CA SER B 4639 1.19 -74.54 9.22
C SER B 4639 0.62 -73.24 9.76
N PHE B 4640 1.45 -72.38 10.34
CA PHE B 4640 1.04 -71.11 10.92
C PHE B 4640 0.85 -70.15 9.73
N PRO B 4641 0.54 -68.86 9.94
CA PRO B 4641 -0.47 -68.19 9.08
C PRO B 4641 -1.25 -69.09 8.13
N ASN B 4642 -1.99 -70.06 8.68
CA ASN B 4642 -2.87 -70.87 7.83
C ASN B 4642 -4.03 -70.03 7.29
N ASN B 4643 -4.66 -69.24 8.15
CA ASN B 4643 -5.78 -68.38 7.76
C ASN B 4643 -5.35 -66.91 7.64
N TYR B 4644 -4.48 -66.45 8.53
CA TYR B 4644 -3.96 -65.09 8.42
C TYR B 4644 -3.17 -64.93 7.12
N TRP B 4645 -3.45 -63.84 6.41
CA TRP B 4645 -2.85 -63.66 5.09
C TRP B 4645 -1.33 -63.52 5.16
N ASP B 4646 -0.81 -62.79 6.14
CA ASP B 4646 0.60 -62.48 6.22
C ASP B 4646 1.38 -63.73 6.63
N LYS B 4647 1.87 -64.47 5.64
CA LYS B 4647 2.75 -65.62 5.87
C LYS B 4647 4.16 -65.20 6.24
N PHE B 4648 4.41 -63.90 6.38
CA PHE B 4648 5.75 -63.36 6.59
C PHE B 4648 6.04 -63.07 8.07
N VAL B 4649 5.17 -63.49 8.99
CA VAL B 4649 5.37 -63.15 10.39
C VAL B 4649 6.60 -63.84 10.96
N LYS B 4650 6.88 -65.08 10.55
CA LYS B 4650 8.07 -65.78 11.01
C LYS B 4650 9.36 -65.12 10.58
N ARG B 4651 9.34 -64.36 9.48
CA ARG B 4651 10.50 -63.59 9.06
C ARG B 4651 10.51 -62.20 9.68
N LYS B 4652 9.35 -61.59 9.90
CA LYS B 4652 9.30 -60.30 10.58
C LYS B 4652 9.85 -60.42 12.00
N VAL B 4653 9.45 -61.47 12.72
CA VAL B 4653 9.95 -61.69 14.08
C VAL B 4653 11.45 -61.94 14.06
N MET B 4654 11.91 -62.73 13.09
CA MET B 4654 13.34 -63.00 12.96
C MET B 4654 14.14 -61.72 12.74
N ASP B 4655 13.70 -60.87 11.81
CA ASP B 4655 14.39 -59.62 11.55
C ASP B 4655 14.34 -58.69 12.76
N LYS B 4656 13.20 -58.65 13.47
CA LYS B 4656 13.04 -57.70 14.55
C LYS B 4656 13.87 -58.10 15.77
N TYR B 4657 13.86 -59.38 16.13
CA TYR B 4657 14.45 -59.83 17.39
C TYR B 4657 15.57 -60.86 17.20
N GLY B 4658 16.18 -60.93 16.03
CA GLY B 4658 17.16 -61.97 15.78
C GLY B 4658 18.44 -61.82 16.60
N GLU B 4659 18.91 -60.58 16.78
CA GLU B 4659 20.21 -60.34 17.38
C GLU B 4659 20.19 -60.43 18.91
N PHE B 4660 19.10 -59.97 19.53
CA PHE B 4660 19.11 -59.81 20.99
C PHE B 4660 18.92 -61.16 21.68
N TYR B 4661 18.23 -62.09 21.02
CA TYR B 4661 18.02 -63.44 21.56
C TYR B 4661 18.74 -64.52 20.77
N GLY B 4662 19.23 -64.22 19.57
CA GLY B 4662 20.00 -65.20 18.83
C GLY B 4662 19.24 -65.95 17.75
N ARG B 4663 19.69 -65.81 16.50
CA ARG B 4663 19.10 -66.52 15.37
C ARG B 4663 18.74 -67.95 15.71
N ASP B 4664 19.64 -68.68 16.38
CA ASP B 4664 19.35 -70.07 16.74
C ASP B 4664 18.13 -70.17 17.65
N ARG B 4665 18.04 -69.30 18.67
CA ARG B 4665 16.93 -69.42 19.62
C ARG B 4665 15.61 -69.05 18.97
N ILE B 4666 15.59 -67.97 18.17
CA ILE B 4666 14.33 -67.64 17.49
C ILE B 4666 13.95 -68.72 16.48
N SER B 4667 14.92 -69.29 15.76
CA SER B 4667 14.63 -70.37 14.84
C SER B 4667 14.09 -71.61 15.53
N GLU B 4668 14.63 -71.97 16.70
CA GLU B 4668 14.11 -73.08 17.48
C GLU B 4668 12.71 -72.79 18.02
N LEU B 4669 12.46 -71.56 18.47
CA LEU B 4669 11.14 -71.23 19.00
C LEU B 4669 10.08 -71.23 17.90
N LEU B 4670 10.43 -70.75 16.71
CA LEU B 4670 9.52 -70.74 15.58
C LEU B 4670 9.54 -72.05 14.80
N GLY B 4671 10.46 -72.96 15.13
CA GLY B 4671 10.47 -74.26 14.46
C GLY B 4671 10.74 -74.18 12.98
N MET B 4672 11.69 -73.34 12.57
CA MET B 4672 12.04 -73.20 11.17
C MET B 4672 13.42 -73.80 10.91
N ASP B 4673 13.59 -74.37 9.72
CA ASP B 4673 14.83 -75.06 9.36
C ASP B 4673 15.77 -74.09 8.63
N LYS B 4674 16.45 -73.27 9.43
CA LYS B 4674 17.44 -72.36 8.89
C LYS B 4674 18.63 -73.12 8.30
N ALA B 4675 18.94 -74.30 8.87
CA ALA B 4675 19.98 -75.14 8.29
C ALA B 4675 19.58 -75.65 6.91
N ALA B 4676 18.32 -76.06 6.74
CA ALA B 4676 17.84 -76.49 5.44
C ALA B 4676 17.64 -75.34 4.47
N LEU B 4677 17.50 -74.10 4.97
CA LEU B 4677 17.42 -72.95 4.08
C LEU B 4677 18.70 -72.79 3.28
N ASP B 4678 19.86 -72.98 3.92
CA ASP B 4678 21.12 -72.92 3.19
C ASP B 4678 21.21 -74.03 2.14
N PHE B 4679 20.85 -75.26 2.52
CA PHE B 4679 20.82 -76.35 1.56
C PHE B 4679 19.78 -76.11 0.46
N SER B 4680 18.65 -75.50 0.79
CA SER B 4680 17.66 -75.19 -0.23
C SER B 4680 18.22 -74.19 -1.25
N ASP B 4681 18.84 -73.11 -0.76
CA ASP B 4681 19.45 -72.14 -1.66
C ASP B 4681 20.59 -72.77 -2.46
N ALA B 4682 21.26 -73.76 -1.88
CA ALA B 4682 22.28 -74.52 -2.60
C ALA B 4682 21.62 -75.57 -3.49
N ARG B 4683 22.42 -76.50 -4.00
CA ARG B 4683 21.94 -77.56 -4.89
C ARG B 4683 21.19 -78.58 -4.05
N GLU B 4684 19.88 -78.72 -4.29
CA GLU B 4684 19.05 -79.69 -3.61
C GLU B 4684 18.70 -80.81 -4.58
N LYS B 4685 18.89 -82.06 -4.15
CA LYS B 4685 18.69 -83.20 -5.02
C LYS B 4685 17.21 -83.41 -5.32
N LYS B 4686 16.94 -83.98 -6.49
CA LYS B 4686 15.57 -84.25 -6.90
C LYS B 4686 15.05 -85.51 -6.20
N LYS B 4687 13.79 -85.45 -5.76
CA LYS B 4687 13.16 -86.57 -5.08
C LYS B 4687 11.79 -86.84 -5.71
N PRO B 4688 11.37 -88.10 -5.79
CA PRO B 4688 10.01 -88.39 -6.27
C PRO B 4688 8.99 -87.97 -5.22
N LYS B 4689 7.89 -87.40 -5.69
CA LYS B 4689 6.84 -86.91 -4.79
C LYS B 4689 5.50 -86.92 -5.51
N LYS B 4690 4.50 -87.55 -4.88
CA LYS B 4690 3.14 -87.55 -5.39
C LYS B 4690 2.17 -87.56 -4.22
N ASP B 4691 1.04 -86.87 -4.40
CA ASP B 4691 0.02 -86.81 -3.36
C ASP B 4691 -0.88 -88.03 -3.36
N SER B 4692 -0.73 -88.92 -4.34
CA SER B 4692 -1.55 -90.13 -4.38
C SER B 4692 -1.24 -91.04 -3.20
N SER B 4693 -0.03 -90.97 -2.66
CA SER B 4693 0.36 -91.84 -1.57
C SER B 4693 -0.33 -91.45 -0.27
N LEU B 4694 -0.90 -92.45 0.40
CA LEU B 4694 -1.53 -92.20 1.70
C LEU B 4694 -0.50 -91.74 2.72
N SER B 4695 0.70 -92.32 2.70
CA SER B 4695 1.76 -91.87 3.58
C SER B 4695 2.13 -90.41 3.27
N ALA B 4696 2.19 -90.06 1.99
CA ALA B 4696 2.55 -88.70 1.60
C ALA B 4696 1.50 -87.70 2.09
N VAL B 4697 0.21 -88.02 1.92
CA VAL B 4697 -0.83 -87.10 2.36
C VAL B 4697 -0.86 -87.03 3.89
N LEU B 4698 -0.55 -88.14 4.57
CA LEU B 4698 -0.47 -88.12 6.02
C LEU B 4698 0.66 -87.20 6.49
N ASN B 4699 1.82 -87.26 5.82
CA ASN B 4699 2.91 -86.35 6.16
C ASN B 4699 2.54 -84.91 5.87
N SER B 4700 1.79 -84.68 4.77
CA SER B 4700 1.33 -83.33 4.48
C SER B 4700 0.42 -82.80 5.57
N ILE B 4701 -0.45 -83.65 6.11
CA ILE B 4701 -1.29 -83.24 7.24
C ILE B 4701 -0.40 -82.99 8.44
N ASP B 4702 -0.57 -81.84 9.07
CA ASP B 4702 0.21 -81.45 10.25
C ASP B 4702 -0.59 -81.86 11.49
N VAL B 4703 -0.06 -82.82 12.24
CA VAL B 4703 -0.79 -83.38 13.38
C VAL B 4703 -0.89 -82.35 14.50
N LYS B 4704 0.18 -81.60 14.74
CA LYS B 4704 0.21 -80.68 15.87
C LYS B 4704 -0.66 -79.45 15.61
N TYR B 4705 -0.65 -78.95 14.37
CA TYR B 4705 -1.54 -77.83 14.04
C TYR B 4705 -3.00 -78.23 14.14
N GLN B 4706 -3.34 -79.44 13.68
CA GLN B 4706 -4.71 -79.94 13.85
C GLN B 4706 -5.06 -80.12 15.31
N MET B 4707 -4.10 -80.56 16.13
CA MET B 4707 -4.30 -80.63 17.57
C MET B 4707 -4.63 -79.26 18.15
N TRP B 4708 -3.87 -78.24 17.78
CA TRP B 4708 -4.13 -76.88 18.24
C TRP B 4708 -5.50 -76.39 17.78
N LYS B 4709 -5.84 -76.67 16.52
CA LYS B 4709 -7.13 -76.24 15.98
C LYS B 4709 -8.28 -76.90 16.71
N LEU B 4710 -8.16 -78.20 16.98
CA LEU B 4710 -9.19 -78.91 17.73
C LEU B 4710 -9.33 -78.34 19.14
N GLY B 4711 -8.21 -78.02 19.78
CA GLY B 4711 -8.28 -77.39 21.09
C GLY B 4711 -9.01 -76.06 21.06
N VAL B 4712 -8.70 -75.24 20.06
CA VAL B 4712 -9.36 -73.93 19.92
C VAL B 4712 -10.86 -74.12 19.70
N VAL B 4713 -11.22 -75.05 18.81
CA VAL B 4713 -12.63 -75.29 18.50
C VAL B 4713 -13.37 -75.77 19.74
N PHE B 4714 -12.76 -76.67 20.50
CA PHE B 4714 -13.39 -77.15 21.73
C PHE B 4714 -13.53 -76.02 22.74
N THR B 4715 -12.57 -75.10 22.78
CA THR B 4715 -12.67 -73.96 23.68
C THR B 4715 -13.75 -72.98 23.24
N ASP B 4716 -14.05 -72.93 21.94
CA ASP B 4716 -15.03 -71.99 21.41
C ASP B 4716 -16.39 -72.19 22.07
N ASN B 4717 -17.04 -71.07 22.43
CA ASN B 4717 -18.28 -71.12 23.20
C ASN B 4717 -19.44 -71.61 22.35
N SER B 4718 -19.58 -71.10 21.12
CA SER B 4718 -20.71 -71.49 20.29
C SER B 4718 -20.63 -72.97 19.90
N PHE B 4719 -19.42 -73.48 19.68
CA PHE B 4719 -19.27 -74.91 19.45
C PHE B 4719 -19.71 -75.72 20.66
N LEU B 4720 -19.41 -75.22 21.86
CA LEU B 4720 -19.89 -75.89 23.07
C LEU B 4720 -21.40 -75.88 23.15
N TYR B 4721 -22.03 -74.76 22.78
CA TYR B 4721 -23.49 -74.68 22.77
C TYR B 4721 -24.09 -75.69 21.78
N LEU B 4722 -23.50 -75.78 20.59
CA LEU B 4722 -24.00 -76.74 19.60
C LEU B 4722 -23.78 -78.19 20.05
N ALA B 4723 -22.66 -78.46 20.72
CA ALA B 4723 -22.43 -79.79 21.27
C ALA B 4723 -23.44 -80.11 22.37
N TRP B 4724 -23.80 -79.11 23.18
CA TRP B 4724 -24.84 -79.30 24.19
C TRP B 4724 -26.18 -79.58 23.53
N TYR B 4725 -26.47 -78.89 22.42
CA TYR B 4725 -27.67 -79.19 21.64
C TYR B 4725 -27.69 -80.64 21.17
N MET B 4726 -26.56 -81.10 20.63
CA MET B 4726 -26.41 -82.51 20.25
C MET B 4726 -26.67 -83.45 21.43
N THR B 4727 -26.05 -83.18 22.58
CA THR B 4727 -26.20 -84.06 23.73
C THR B 4727 -27.65 -84.09 24.20
N MET B 4728 -28.32 -82.93 24.21
CA MET B 4728 -29.70 -82.89 24.64
C MET B 4728 -30.61 -83.63 23.67
N SER B 4729 -30.35 -83.54 22.36
CA SER B 4729 -31.14 -84.32 21.41
C SER B 4729 -30.92 -85.81 21.60
N VAL B 4730 -29.66 -86.22 21.81
CA VAL B 4730 -29.36 -87.64 22.00
C VAL B 4730 -30.05 -88.16 23.25
N LEU B 4731 -30.01 -87.39 24.34
CA LEU B 4731 -30.69 -87.80 25.56
C LEU B 4731 -32.20 -87.76 25.40
N GLY B 4732 -32.72 -86.84 24.57
CA GLY B 4732 -34.13 -86.80 24.27
C GLY B 4732 -34.62 -88.02 23.52
N HIS B 4733 -33.75 -88.63 22.73
CA HIS B 4733 -34.11 -89.93 22.14
C HIS B 4733 -34.42 -90.96 23.23
N TYR B 4734 -33.61 -91.01 24.29
CA TYR B 4734 -33.87 -91.94 25.38
C TYR B 4734 -35.11 -91.53 26.17
N ASN B 4735 -35.19 -90.26 26.56
CA ASN B 4735 -36.32 -89.72 27.30
C ASN B 4735 -36.87 -88.53 26.53
N ASN B 4736 -38.10 -88.67 26.01
CA ASN B 4736 -38.63 -87.70 25.06
C ASN B 4736 -38.77 -86.29 25.65
N PHE B 4737 -38.79 -86.16 26.98
CA PHE B 4737 -38.99 -84.86 27.59
C PHE B 4737 -37.72 -84.02 27.66
N PHE B 4738 -36.56 -84.58 27.30
CA PHE B 4738 -35.35 -83.78 27.21
C PHE B 4738 -35.39 -82.81 26.03
N PHE B 4739 -36.34 -83.00 25.11
CA PHE B 4739 -36.47 -82.11 23.97
C PHE B 4739 -36.95 -80.72 24.35
N ALA B 4740 -37.46 -80.54 25.58
CA ALA B 4740 -37.96 -79.24 26.00
C ALA B 4740 -36.83 -78.22 26.11
N ALA B 4741 -35.63 -78.68 26.45
CA ALA B 4741 -34.49 -77.78 26.61
C ALA B 4741 -34.13 -77.11 25.30
N HIS B 4742 -34.55 -77.68 24.16
CA HIS B 4742 -34.27 -77.06 22.88
C HIS B 4742 -35.06 -75.77 22.67
N LEU B 4743 -36.09 -75.53 23.48
CA LEU B 4743 -36.81 -74.27 23.43
C LEU B 4743 -36.00 -73.11 24.01
N LEU B 4744 -34.92 -73.40 24.75
CA LEU B 4744 -34.04 -72.36 25.25
C LEU B 4744 -33.19 -71.73 24.16
N ASP B 4745 -33.38 -72.15 22.91
CA ASP B 4745 -32.65 -71.62 21.77
C ASP B 4745 -33.30 -70.36 21.20
N ILE B 4746 -34.50 -69.99 21.67
CA ILE B 4746 -35.16 -68.80 21.17
C ILE B 4746 -34.36 -67.55 21.54
N ALA B 4747 -33.66 -67.59 22.68
CA ALA B 4747 -32.87 -66.45 23.12
C ALA B 4747 -31.85 -66.03 22.06
N MET B 4748 -31.27 -67.00 21.36
CA MET B 4748 -30.29 -66.72 20.32
C MET B 4748 -30.91 -66.68 18.93
N GLY B 4749 -32.00 -67.43 18.72
CA GLY B 4749 -32.67 -67.39 17.43
C GLY B 4749 -33.31 -66.05 17.14
N PHE B 4750 -33.99 -65.48 18.12
CA PHE B 4750 -34.71 -64.22 17.96
C PHE B 4750 -33.93 -63.10 18.61
N LYS B 4751 -33.52 -62.11 17.81
CA LYS B 4751 -32.84 -60.94 18.35
C LYS B 4751 -33.81 -60.01 19.07
N THR B 4752 -35.08 -60.01 18.66
CA THR B 4752 -36.09 -59.21 19.35
C THR B 4752 -36.26 -59.69 20.79
N LEU B 4753 -36.31 -61.01 20.98
CA LEU B 4753 -36.27 -61.56 22.34
C LEU B 4753 -34.93 -61.29 23.00
N ARG B 4754 -33.86 -61.19 22.20
CA ARG B 4754 -32.54 -60.92 22.76
C ARG B 4754 -32.47 -59.53 23.37
N THR B 4755 -33.19 -58.55 22.82
CA THR B 4755 -33.24 -57.24 23.46
C THR B 4755 -33.91 -57.32 24.84
N ILE B 4756 -35.03 -58.03 24.92
CA ILE B 4756 -35.72 -58.18 26.20
C ILE B 4756 -34.84 -58.89 27.22
N LEU B 4757 -34.12 -59.91 26.77
CA LEU B 4757 -33.24 -60.65 27.69
C LEU B 4757 -32.02 -59.81 28.07
N SER B 4758 -31.47 -59.04 27.13
CA SER B 4758 -30.36 -58.16 27.44
C SER B 4758 -30.77 -57.06 28.41
N SER B 4759 -32.07 -56.76 28.46
CA SER B 4759 -32.55 -55.82 29.47
C SER B 4759 -32.26 -56.32 30.88
N VAL B 4760 -32.52 -57.61 31.14
CA VAL B 4760 -32.33 -58.12 32.49
C VAL B 4760 -30.87 -58.54 32.70
N THR B 4761 -30.19 -58.96 31.63
CA THR B 4761 -28.80 -59.39 31.79
C THR B 4761 -27.85 -58.19 31.82
N HIS B 4762 -28.31 -57.01 31.40
CA HIS B 4762 -27.47 -55.83 31.50
C HIS B 4762 -27.15 -55.49 32.94
N ASN B 4763 -28.13 -55.62 33.83
CA ASN B 4763 -27.95 -55.41 35.26
C ASN B 4763 -28.03 -56.74 36.02
N GLY B 4764 -27.50 -57.81 35.44
CA GLY B 4764 -27.56 -59.11 36.09
C GLY B 4764 -26.80 -59.14 37.39
N LYS B 4765 -25.62 -58.52 37.44
CA LYS B 4765 -24.86 -58.45 38.68
C LYS B 4765 -25.63 -57.69 39.74
N GLN B 4766 -26.25 -56.57 39.37
CA GLN B 4766 -27.03 -55.79 40.31
C GLN B 4766 -28.22 -56.59 40.84
N LEU B 4767 -28.90 -57.32 39.95
CA LEU B 4767 -30.03 -58.14 40.39
C LEU B 4767 -29.58 -59.27 41.32
N VAL B 4768 -28.46 -59.93 41.01
CA VAL B 4768 -27.96 -60.99 41.88
C VAL B 4768 -27.60 -60.44 43.26
N LEU B 4769 -26.93 -59.28 43.28
CA LEU B 4769 -26.59 -58.66 44.55
C LEU B 4769 -27.84 -58.23 45.32
N THR B 4770 -28.86 -57.76 44.61
CA THR B 4770 -30.11 -57.41 45.27
C THR B 4770 -30.77 -58.64 45.90
N VAL B 4771 -30.76 -59.77 45.19
CA VAL B 4771 -31.29 -61.00 45.76
C VAL B 4771 -30.47 -61.44 46.98
N GLY B 4772 -29.16 -61.31 46.92
CA GLY B 4772 -28.34 -61.64 48.09
C GLY B 4772 -28.65 -60.74 49.28
N LEU B 4773 -28.82 -59.45 49.04
CA LEU B 4773 -29.20 -58.52 50.10
C LEU B 4773 -30.56 -58.87 50.68
N LEU B 4774 -31.52 -59.24 49.83
CA LEU B 4774 -32.82 -59.68 50.30
C LEU B 4774 -32.71 -60.93 51.16
N ALA B 4775 -31.86 -61.88 50.77
CA ALA B 4775 -31.63 -63.09 51.56
C ALA B 4775 -30.94 -62.80 52.89
N VAL B 4776 -30.11 -61.76 52.94
CA VAL B 4776 -29.45 -61.38 54.19
C VAL B 4776 -30.39 -60.65 55.14
N VAL B 4777 -31.20 -59.74 54.60
CA VAL B 4777 -32.14 -58.98 55.44
C VAL B 4777 -33.18 -59.93 56.04
N VAL B 4778 -33.69 -60.85 55.23
CA VAL B 4778 -34.67 -61.82 55.74
C VAL B 4778 -34.02 -62.73 56.76
N TYR B 4779 -32.72 -63.03 56.61
CA TYR B 4779 -32.02 -63.80 57.63
C TYR B 4779 -31.93 -63.02 58.94
N LEU B 4780 -31.67 -61.72 58.88
CA LEU B 4780 -31.66 -60.90 60.09
C LEU B 4780 -33.04 -60.91 60.75
N TYR B 4781 -34.10 -60.76 59.95
CA TYR B 4781 -35.45 -60.85 60.48
C TYR B 4781 -35.72 -62.22 61.11
N THR B 4782 -35.24 -63.29 60.47
CA THR B 4782 -35.41 -64.63 61.02
C THR B 4782 -34.69 -64.77 62.35
N VAL B 4783 -33.50 -64.18 62.47
CA VAL B 4783 -32.78 -64.18 63.73
C VAL B 4783 -33.58 -63.45 64.81
N VAL B 4784 -34.14 -62.30 64.46
CA VAL B 4784 -34.95 -61.55 65.41
C VAL B 4784 -36.15 -62.37 65.87
N ALA B 4785 -36.83 -63.02 64.94
CA ALA B 4785 -37.97 -63.87 65.28
C ALA B 4785 -37.55 -65.04 66.15
N PHE B 4786 -36.44 -65.69 65.81
CA PHE B 4786 -35.91 -66.80 66.60
C PHE B 4786 -35.57 -66.36 68.02
N ASN B 4787 -35.10 -65.14 68.19
CA ASN B 4787 -34.80 -64.62 69.53
C ASN B 4787 -36.05 -64.25 70.31
N PHE B 4788 -37.02 -63.61 69.68
CA PHE B 4788 -38.19 -63.10 70.41
C PHE B 4788 -39.48 -63.80 69.99
N PHE B 4789 -39.85 -63.79 68.70
CA PHE B 4789 -41.16 -64.27 68.28
C PHE B 4789 -41.06 -65.73 67.82
N ARG B 4790 -41.16 -66.63 68.79
CA ARG B 4790 -41.14 -68.06 68.51
C ARG B 4790 -42.52 -68.69 68.55
N LYS B 4791 -43.30 -68.46 69.62
CA LYS B 4791 -44.63 -69.04 69.72
C LYS B 4791 -45.56 -68.46 68.67
N PHE B 4792 -45.23 -67.29 68.12
CA PHE B 4792 -46.07 -66.70 67.09
C PHE B 4792 -46.00 -67.48 65.79
N TYR B 4793 -44.93 -68.25 65.58
CA TYR B 4793 -44.75 -68.97 64.32
C TYR B 4793 -45.39 -70.35 64.36
N ASN B 4794 -46.29 -70.58 65.33
CA ASN B 4794 -47.02 -71.83 65.37
C ASN B 4794 -47.96 -71.93 64.18
N LYS B 4795 -47.80 -72.99 63.38
CA LYS B 4795 -48.55 -73.16 62.14
C LYS B 4795 -49.52 -74.33 62.26
N SER B 4796 -49.70 -74.85 63.48
CA SER B 4796 -50.56 -75.99 63.71
C SER B 4796 -52.01 -75.67 63.40
N GLU B 4797 -52.58 -76.32 62.39
CA GLU B 4797 -54.00 -76.15 62.09
C GLU B 4797 -54.85 -76.69 63.24
N ASP B 4798 -54.45 -77.81 63.82
CA ASP B 4798 -55.13 -78.41 64.97
C ASP B 4798 -54.24 -78.23 66.19
N GLY B 4799 -54.83 -77.77 67.28
CA GLY B 4799 -54.09 -77.52 68.51
C GLY B 4799 -53.52 -78.77 69.14
N ASP B 4800 -54.08 -79.93 68.79
CA ASP B 4800 -53.60 -81.18 69.37
C ASP B 4800 -52.16 -81.47 68.97
N THR B 4801 -51.81 -81.23 67.71
CA THR B 4801 -50.48 -81.54 67.21
C THR B 4801 -49.68 -80.27 67.03
N PRO B 4802 -48.70 -79.98 67.90
CA PRO B 4802 -47.89 -78.77 67.72
C PRO B 4802 -46.89 -78.93 66.58
N ASP B 4803 -46.96 -78.01 65.61
CA ASP B 4803 -46.03 -77.96 64.49
C ASP B 4803 -45.38 -76.59 64.49
N MET B 4804 -44.13 -76.52 64.93
CA MET B 4804 -43.41 -75.26 65.08
C MET B 4804 -42.44 -75.11 63.93
N LYS B 4805 -42.53 -73.99 63.22
CA LYS B 4805 -41.69 -73.74 62.06
C LYS B 4805 -40.42 -72.97 62.37
N CYS B 4806 -40.21 -72.53 63.61
CA CYS B 4806 -39.05 -71.72 63.96
C CYS B 4806 -38.31 -72.24 65.19
N ASP B 4807 -38.41 -73.54 65.49
CA ASP B 4807 -37.59 -74.08 66.57
C ASP B 4807 -36.13 -74.16 66.16
N ASP B 4808 -35.87 -74.38 64.87
CA ASP B 4808 -34.52 -74.53 64.34
C ASP B 4808 -34.20 -73.35 63.43
N MET B 4809 -32.95 -72.91 63.46
CA MET B 4809 -32.53 -71.74 62.70
C MET B 4809 -32.75 -71.95 61.20
N LEU B 4810 -32.30 -73.10 60.69
CA LEU B 4810 -32.41 -73.38 59.26
C LEU B 4810 -33.86 -73.49 58.82
N THR B 4811 -34.67 -74.21 59.60
CA THR B 4811 -36.08 -74.36 59.26
C THR B 4811 -36.80 -73.01 59.29
N CYS B 4812 -36.48 -72.18 60.28
CA CYS B 4812 -37.11 -70.87 60.38
C CYS B 4812 -36.72 -69.98 59.20
N TYR B 4813 -35.45 -70.01 58.79
CA TYR B 4813 -35.01 -69.23 57.64
C TYR B 4813 -35.65 -69.71 56.35
N MET B 4814 -35.71 -71.03 56.16
CA MET B 4814 -36.35 -71.57 54.96
C MET B 4814 -37.83 -71.22 54.92
N PHE B 4815 -38.51 -71.28 56.06
CA PHE B 4815 -39.90 -70.84 56.14
C PHE B 4815 -40.04 -69.36 55.79
N HIS B 4816 -39.19 -68.51 56.38
CA HIS B 4816 -39.22 -67.09 56.05
C HIS B 4816 -39.11 -66.87 54.56
N MET B 4817 -38.09 -67.44 53.92
CA MET B 4817 -37.98 -67.34 52.47
C MET B 4817 -39.26 -67.80 51.79
N TYR B 4818 -39.54 -69.10 51.87
CA TYR B 4818 -40.53 -69.73 51.00
C TYR B 4818 -41.91 -69.12 51.17
N VAL B 4819 -42.24 -68.69 52.39
CA VAL B 4819 -43.57 -68.18 52.68
C VAL B 4819 -43.61 -66.66 52.64
N GLY B 4820 -42.79 -65.99 53.45
CA GLY B 4820 -42.88 -64.55 53.54
C GLY B 4820 -42.48 -63.85 52.26
N VAL B 4821 -41.39 -64.29 51.62
CA VAL B 4821 -40.94 -63.58 50.42
C VAL B 4821 -41.94 -63.68 49.29
N ARG B 4822 -42.63 -64.81 49.17
CA ARG B 4822 -43.64 -65.00 48.14
C ARG B 4822 -44.99 -64.39 48.51
N ALA B 4823 -45.29 -64.27 49.80
CA ALA B 4823 -46.56 -63.73 50.23
C ALA B 4823 -46.65 -62.24 49.92
N GLY B 4824 -47.81 -61.82 49.40
CA GLY B 4824 -47.99 -60.41 49.09
C GLY B 4824 -48.02 -59.52 50.32
N GLY B 4825 -48.75 -59.94 51.36
CA GLY B 4825 -48.86 -59.12 52.55
C GLY B 4825 -47.58 -59.15 53.39
N GLY B 4826 -46.91 -60.28 53.42
CA GLY B 4826 -45.70 -60.45 54.21
C GLY B 4826 -45.81 -61.66 55.12
N ILE B 4827 -44.87 -61.71 56.09
CA ILE B 4827 -44.85 -62.81 57.04
C ILE B 4827 -45.98 -62.69 58.05
N GLY B 4828 -46.50 -61.48 58.27
CA GLY B 4828 -47.60 -61.29 59.21
C GLY B 4828 -48.91 -61.88 58.76
N ASP B 4829 -49.22 -61.80 57.47
CA ASP B 4829 -50.43 -62.41 56.94
C ASP B 4829 -50.36 -63.93 56.96
N GLU B 4830 -49.19 -64.49 57.23
CA GLU B 4830 -48.98 -65.93 57.28
C GLU B 4830 -48.96 -66.47 58.70
N ILE B 4831 -48.11 -65.90 59.56
CA ILE B 4831 -48.00 -66.37 60.94
C ILE B 4831 -49.09 -65.77 61.82
N GLU B 4832 -49.21 -66.28 63.04
CA GLU B 4832 -50.37 -66.05 63.90
C GLU B 4832 -50.51 -64.58 64.28
N ASP B 4833 -51.73 -64.21 64.70
CA ASP B 4833 -52.17 -62.88 65.11
C ASP B 4833 -51.61 -62.53 66.49
N PRO B 4834 -51.24 -61.26 66.73
CA PRO B 4834 -50.57 -60.90 67.98
C PRO B 4834 -51.48 -60.36 69.08
N ALA B 4835 -52.79 -60.31 68.85
CA ALA B 4835 -53.69 -59.60 69.74
C ALA B 4835 -53.64 -60.18 71.16
N GLY B 4836 -53.67 -59.27 72.14
CA GLY B 4836 -53.64 -59.66 73.54
C GLY B 4836 -52.36 -60.34 73.98
N ASP B 4837 -51.21 -59.79 73.59
CA ASP B 4837 -49.92 -60.35 73.96
C ASP B 4837 -48.98 -59.23 74.38
N GLU B 4838 -47.96 -59.61 75.15
CA GLU B 4838 -47.00 -58.64 75.66
C GLU B 4838 -46.20 -57.99 74.54
N TYR B 4839 -45.83 -58.77 73.52
CA TYR B 4839 -45.01 -58.27 72.42
C TYR B 4839 -45.86 -57.79 71.25
N GLU B 4840 -47.05 -57.26 71.52
CA GLU B 4840 -47.96 -56.84 70.45
C GLU B 4840 -47.35 -55.75 69.59
N ILE B 4841 -46.88 -54.67 70.21
CA ILE B 4841 -46.39 -53.53 69.45
C ILE B 4841 -45.09 -53.89 68.72
N TYR B 4842 -44.22 -54.66 69.37
CA TYR B 4842 -42.98 -55.08 68.72
C TYR B 4842 -43.27 -55.96 67.52
N ARG B 4843 -44.24 -56.87 67.66
CA ARG B 4843 -44.67 -57.71 66.54
C ARG B 4843 -45.23 -56.88 65.40
N ILE B 4844 -46.04 -55.87 65.71
CA ILE B 4844 -46.62 -55.02 64.68
C ILE B 4844 -45.53 -54.27 63.94
N ILE B 4845 -44.57 -53.71 64.67
CA ILE B 4845 -43.46 -52.99 64.04
C ILE B 4845 -42.64 -53.96 63.19
N PHE B 4846 -42.44 -55.18 63.67
CA PHE B 4846 -41.73 -56.20 62.91
C PHE B 4846 -42.41 -56.45 61.57
N ASP B 4847 -43.74 -56.66 61.60
CA ASP B 4847 -44.48 -56.93 60.37
C ASP B 4847 -44.45 -55.74 59.42
N ILE B 4848 -44.63 -54.53 59.94
CA ILE B 4848 -44.64 -53.34 59.09
C ILE B 4848 -43.28 -53.14 58.44
N THR B 4849 -42.20 -53.28 59.21
CA THR B 4849 -40.86 -53.14 58.64
C THR B 4849 -40.58 -54.22 57.61
N PHE B 4850 -40.98 -55.46 57.89
CA PHE B 4850 -40.80 -56.53 56.91
C PHE B 4850 -41.52 -56.22 55.62
N PHE B 4851 -42.78 -55.79 55.70
CA PHE B 4851 -43.55 -55.48 54.51
C PHE B 4851 -42.92 -54.33 53.73
N PHE B 4852 -42.51 -53.27 54.42
CA PHE B 4852 -41.98 -52.11 53.72
C PHE B 4852 -40.63 -52.42 53.08
N PHE B 4853 -39.74 -53.11 53.80
CA PHE B 4853 -38.41 -53.35 53.26
C PHE B 4853 -38.40 -54.50 52.26
N VAL B 4854 -38.77 -55.70 52.69
CA VAL B 4854 -38.61 -56.89 51.86
C VAL B 4854 -39.63 -56.90 50.72
N ILE B 4855 -40.91 -56.77 51.06
CA ILE B 4855 -41.97 -56.92 50.05
C ILE B 4855 -41.98 -55.74 49.09
N VAL B 4856 -41.84 -54.52 49.60
CA VAL B 4856 -42.06 -53.33 48.78
C VAL B 4856 -40.76 -52.83 48.18
N ILE B 4857 -39.80 -52.44 49.03
CA ILE B 4857 -38.62 -51.72 48.57
C ILE B 4857 -37.75 -52.61 47.69
N LEU B 4858 -37.45 -53.82 48.15
CA LEU B 4858 -36.53 -54.69 47.41
C LEU B 4858 -37.10 -55.07 46.05
N LEU B 4859 -38.39 -55.42 46.00
CA LEU B 4859 -39.02 -55.67 44.70
C LEU B 4859 -39.04 -54.42 43.85
N ALA B 4860 -39.28 -53.26 44.47
CA ALA B 4860 -39.19 -52.00 43.76
C ALA B 4860 -37.77 -51.78 43.24
N ILE B 4861 -36.77 -52.15 44.03
CA ILE B 4861 -35.38 -52.02 43.60
C ILE B 4861 -35.13 -52.88 42.35
N ILE B 4862 -35.61 -54.13 42.37
CA ILE B 4862 -35.39 -55.02 41.23
C ILE B 4862 -36.07 -54.47 39.98
N GLN B 4863 -37.34 -54.07 40.11
CA GLN B 4863 -38.07 -53.57 38.96
C GLN B 4863 -37.45 -52.27 38.44
N GLY B 4864 -36.98 -51.41 39.35
CA GLY B 4864 -36.32 -50.20 38.93
C GLY B 4864 -35.00 -50.45 38.22
N LEU B 4865 -34.27 -51.46 38.68
CA LEU B 4865 -33.05 -51.86 37.96
C LEU B 4865 -33.37 -52.30 36.54
N ILE B 4866 -34.43 -53.09 36.39
CA ILE B 4866 -34.81 -53.56 35.06
C ILE B 4866 -35.21 -52.38 34.16
N ILE B 4867 -36.02 -51.46 34.71
CA ILE B 4867 -36.47 -50.31 33.94
C ILE B 4867 -35.31 -49.40 33.57
N ASP B 4868 -34.39 -49.20 34.51
CA ASP B 4868 -33.20 -48.40 34.24
C ASP B 4868 -32.34 -49.06 33.17
N ALA B 4869 -32.34 -50.39 33.13
CA ALA B 4869 -31.62 -51.09 32.06
C ALA B 4869 -32.26 -50.81 30.70
N PHE B 4870 -33.59 -50.89 30.62
CA PHE B 4870 -34.27 -50.47 29.38
C PHE B 4870 -33.85 -49.05 28.99
N GLY B 4871 -33.91 -48.12 29.94
CA GLY B 4871 -33.59 -46.74 29.63
C GLY B 4871 -32.16 -46.55 29.17
N GLU B 4872 -31.22 -47.24 29.82
CA GLU B 4872 -29.82 -47.14 29.46
C GLU B 4872 -29.56 -47.70 28.06
N LEU B 4873 -30.20 -48.82 27.74
CA LEU B 4873 -30.04 -49.38 26.39
C LEU B 4873 -30.60 -48.42 25.34
N ARG B 4874 -31.78 -47.84 25.60
CA ARG B 4874 -32.33 -46.88 24.66
C ARG B 4874 -31.46 -45.65 24.50
N ASP B 4875 -30.91 -45.13 25.60
CA ASP B 4875 -30.03 -43.98 25.53
C ASP B 4875 -28.74 -44.31 24.77
N GLN B 4876 -28.22 -45.52 24.95
CA GLN B 4876 -27.04 -45.93 24.20
C GLN B 4876 -27.33 -45.97 22.70
N GLN B 4877 -28.48 -46.52 22.32
CA GLN B 4877 -28.84 -46.55 20.91
C GLN B 4877 -29.00 -45.14 20.34
N GLU B 4878 -29.65 -44.25 21.09
CA GLU B 4878 -29.81 -42.88 20.62
C GLU B 4878 -28.46 -42.17 20.52
N GLN B 4879 -27.57 -42.44 21.47
CA GLN B 4879 -26.23 -41.85 21.42
C GLN B 4879 -25.50 -42.29 20.16
N VAL B 4880 -25.52 -43.58 19.86
CA VAL B 4880 -24.89 -44.08 18.64
C VAL B 4880 -25.51 -43.42 17.41
N LYS B 4881 -26.83 -43.33 17.39
CA LYS B 4881 -27.54 -42.77 16.24
C LYS B 4881 -27.11 -41.34 15.97
N GLU B 4882 -27.19 -40.48 17.00
CA GLU B 4882 -26.92 -39.06 16.76
C GLU B 4882 -25.43 -38.80 16.62
N ASP B 4883 -24.59 -39.65 17.22
CA ASP B 4883 -23.16 -39.56 16.98
C ASP B 4883 -22.83 -39.82 15.51
N MET B 4884 -23.42 -40.88 14.94
CA MET B 4884 -23.21 -41.13 13.52
C MET B 4884 -23.78 -40.01 12.66
N GLU B 4885 -24.95 -39.48 13.01
CA GLU B 4885 -25.58 -38.45 12.20
C GLU B 4885 -24.98 -37.06 12.37
N THR B 4886 -24.13 -36.85 13.38
CA THR B 4886 -23.52 -35.55 13.59
C THR B 4886 -22.01 -35.53 13.38
N LYS B 4887 -21.32 -36.67 13.43
CA LYS B 4887 -19.88 -36.67 13.23
C LYS B 4887 -19.51 -37.72 12.19
N CYS B 4888 -18.58 -37.37 11.31
CA CYS B 4888 -18.03 -38.33 10.37
C CYS B 4888 -17.19 -39.36 11.12
N PHE B 4889 -17.31 -40.62 10.73
CA PHE B 4889 -16.69 -41.70 11.49
C PHE B 4889 -15.17 -41.59 11.48
N ILE B 4890 -14.59 -41.27 10.32
CA ILE B 4890 -13.14 -41.24 10.19
C ILE B 4890 -12.61 -39.83 10.43
N CYS B 4891 -13.24 -38.83 9.79
CA CYS B 4891 -12.77 -37.46 9.92
C CYS B 4891 -12.88 -36.96 11.36
N GLY B 4892 -13.99 -37.23 12.01
CA GLY B 4892 -14.29 -36.63 13.29
C GLY B 4892 -14.72 -35.19 13.23
N ILE B 4893 -14.99 -34.67 12.03
CA ILE B 4893 -15.38 -33.28 11.82
C ILE B 4893 -16.89 -33.16 12.00
N GLY B 4894 -17.32 -32.00 12.50
CA GLY B 4894 -18.74 -31.76 12.67
C GLY B 4894 -19.51 -31.73 11.37
N ASN B 4895 -20.80 -32.03 11.47
CA ASN B 4895 -21.63 -32.12 10.27
C ASN B 4895 -21.93 -30.76 9.67
N ASP B 4896 -21.97 -29.71 10.50
CA ASP B 4896 -22.38 -28.39 10.03
C ASP B 4896 -21.38 -27.83 9.01
N TYR B 4897 -20.09 -28.05 9.23
CA TYR B 4897 -19.08 -27.53 8.32
C TYR B 4897 -19.27 -28.07 6.91
N PHE B 4898 -19.51 -29.38 6.80
CA PHE B 4898 -19.84 -29.95 5.49
C PHE B 4898 -21.19 -29.45 5.00
N ASP B 4899 -22.16 -29.31 5.91
CA ASP B 4899 -23.51 -28.93 5.53
C ASP B 4899 -23.62 -27.48 5.08
N THR B 4900 -22.56 -26.68 5.25
CA THR B 4900 -22.56 -25.35 4.65
C THR B 4900 -22.80 -25.40 3.15
N VAL B 4901 -22.36 -26.46 2.47
CA VAL B 4901 -22.76 -26.75 1.10
C VAL B 4901 -23.91 -27.75 1.20
N PRO B 4902 -24.98 -27.59 0.43
CA PRO B 4902 -26.14 -28.49 0.56
C PRO B 4902 -25.74 -29.96 0.39
N HIS B 4903 -26.27 -30.79 1.28
CA HIS B 4903 -25.98 -32.24 1.30
C HIS B 4903 -24.49 -32.51 1.47
N GLY B 4904 -23.76 -31.56 2.06
CA GLY B 4904 -22.32 -31.71 2.19
C GLY B 4904 -21.94 -32.84 3.13
N PHE B 4905 -22.65 -32.98 4.25
CA PHE B 4905 -22.32 -34.04 5.20
C PHE B 4905 -22.56 -35.42 4.61
N GLU B 4906 -23.70 -35.61 3.93
CA GLU B 4906 -23.95 -36.92 3.33
C GLU B 4906 -22.97 -37.20 2.21
N THR B 4907 -22.62 -36.17 1.42
CA THR B 4907 -21.62 -36.37 0.37
C THR B 4907 -20.28 -36.78 0.95
N HIS B 4908 -19.85 -36.11 2.02
CA HIS B 4908 -18.59 -36.46 2.66
C HIS B 4908 -18.62 -37.87 3.25
N THR B 4909 -19.72 -38.25 3.88
CA THR B 4909 -19.81 -39.52 4.57
C THR B 4909 -20.06 -40.70 3.64
N LEU B 4910 -20.58 -40.46 2.43
CA LEU B 4910 -20.93 -41.55 1.53
C LEU B 4910 -20.05 -41.61 0.28
N GLN B 4911 -19.30 -40.56 -0.03
CA GLN B 4911 -18.46 -40.57 -1.22
C GLN B 4911 -17.00 -40.38 -0.86
N GLU B 4912 -16.70 -39.41 -0.01
CA GLU B 4912 -15.31 -39.07 0.29
C GLU B 4912 -14.72 -40.03 1.33
N HIS B 4913 -15.39 -40.17 2.47
CA HIS B 4913 -14.85 -40.89 3.62
C HIS B 4913 -15.74 -42.07 4.03
N ASN B 4914 -16.16 -42.88 3.05
CA ASN B 4914 -16.99 -44.03 3.37
C ASN B 4914 -16.14 -45.14 3.97
N LEU B 4915 -16.57 -45.63 5.14
CA LEU B 4915 -15.86 -46.74 5.78
C LEU B 4915 -15.90 -47.99 4.91
N ALA B 4916 -16.98 -48.17 4.16
CA ALA B 4916 -17.01 -49.25 3.17
C ALA B 4916 -15.92 -49.08 2.13
N ASN B 4917 -15.70 -47.84 1.67
CA ASN B 4917 -14.63 -47.58 0.72
C ASN B 4917 -13.26 -47.87 1.33
N TYR B 4918 -13.06 -47.49 2.59
CA TYR B 4918 -11.79 -47.81 3.25
C TYR B 4918 -11.57 -49.31 3.36
N LEU B 4919 -12.62 -50.05 3.73
CA LEU B 4919 -12.52 -51.50 3.81
C LEU B 4919 -12.23 -52.13 2.45
N PHE B 4920 -12.88 -51.63 1.40
CA PHE B 4920 -12.61 -52.13 0.05
C PHE B 4920 -11.19 -51.80 -0.38
N PHE B 4921 -10.66 -50.65 0.03
CA PHE B 4921 -9.26 -50.34 -0.24
C PHE B 4921 -8.32 -51.31 0.47
N LEU B 4922 -8.63 -51.65 1.72
CA LEU B 4922 -7.82 -52.66 2.42
C LEU B 4922 -7.86 -54.00 1.68
N MET B 4923 -9.05 -54.42 1.24
CA MET B 4923 -9.15 -55.64 0.45
C MET B 4923 -8.35 -55.54 -0.84
N TYR B 4924 -8.41 -54.40 -1.51
CA TYR B 4924 -7.68 -54.21 -2.76
C TYR B 4924 -6.18 -54.31 -2.54
N LEU B 4925 -5.68 -53.70 -1.47
CA LEU B 4925 -4.26 -53.82 -1.14
C LEU B 4925 -3.87 -55.25 -0.84
N ILE B 4926 -4.70 -55.96 -0.07
CA ILE B 4926 -4.36 -57.34 0.27
C ILE B 4926 -4.37 -58.24 -0.97
N ASN B 4927 -5.37 -58.09 -1.83
CA ASN B 4927 -5.47 -58.94 -3.01
C ASN B 4927 -4.40 -58.61 -4.04
N LYS B 4928 -4.08 -57.34 -4.21
CA LYS B 4928 -3.10 -56.93 -5.20
C LYS B 4928 -1.71 -57.43 -4.85
N ASP B 4929 -0.94 -57.80 -5.87
CA ASP B 4929 0.43 -58.21 -5.67
C ASP B 4929 1.28 -57.03 -5.21
N GLU B 4930 2.27 -57.33 -4.37
CA GLU B 4930 3.11 -56.28 -3.81
C GLU B 4930 3.99 -55.61 -4.85
N THR B 4931 4.31 -56.31 -5.95
CA THR B 4931 5.20 -55.74 -6.95
C THR B 4931 4.55 -54.58 -7.70
N GLU B 4932 3.27 -54.72 -8.05
CA GLU B 4932 2.57 -53.69 -8.81
C GLU B 4932 1.95 -52.62 -7.93
N HIS B 4933 2.37 -52.50 -6.67
CA HIS B 4933 1.90 -51.42 -5.82
C HIS B 4933 2.37 -50.07 -6.35
N THR B 4934 1.46 -49.11 -6.38
CA THR B 4934 1.80 -47.75 -6.78
C THR B 4934 2.51 -47.04 -5.63
N GLY B 4935 2.78 -45.75 -5.78
CA GLY B 4935 3.42 -45.01 -4.69
C GLY B 4935 2.53 -44.93 -3.47
N GLN B 4936 1.29 -44.49 -3.67
CA GLN B 4936 0.34 -44.41 -2.56
C GLN B 4936 0.04 -45.78 -1.99
N GLU B 4937 -0.12 -46.79 -2.86
CA GLU B 4937 -0.41 -48.14 -2.39
C GLU B 4937 0.73 -48.68 -1.55
N SER B 4938 1.97 -48.49 -2.00
CA SER B 4938 3.12 -48.93 -1.23
C SER B 4938 3.22 -48.19 0.11
N TYR B 4939 2.99 -46.88 0.09
CA TYR B 4939 3.06 -46.08 1.32
C TYR B 4939 2.05 -46.57 2.36
N VAL B 4940 0.78 -46.70 1.94
CA VAL B 4940 -0.25 -47.22 2.83
C VAL B 4940 0.01 -48.67 3.24
N TRP B 4941 0.53 -49.50 2.33
CA TRP B 4941 0.84 -50.88 2.66
C TRP B 4941 1.94 -50.98 3.72
N LYS B 4942 2.97 -50.16 3.61
CA LYS B 4942 4.02 -50.16 4.62
C LYS B 4942 3.48 -49.73 5.98
N MET B 4943 2.67 -48.67 6.02
CA MET B 4943 2.09 -48.31 7.32
C MET B 4943 1.09 -49.34 7.83
N TYR B 4944 0.38 -50.04 6.94
CA TYR B 4944 -0.53 -51.09 7.42
C TYR B 4944 0.25 -52.26 8.00
N GLN B 4945 1.36 -52.63 7.36
CA GLN B 4945 2.19 -53.73 7.83
C GLN B 4945 2.95 -53.38 9.10
N GLU B 4946 3.29 -52.11 9.33
CA GLU B 4946 3.88 -51.70 10.59
C GLU B 4946 2.83 -51.28 11.60
N ARG B 4947 1.55 -51.33 11.22
CA ARG B 4947 0.43 -50.97 12.10
C ARG B 4947 0.57 -49.55 12.63
N CYS B 4948 0.74 -48.63 11.68
CA CYS B 4948 0.73 -47.19 11.96
C CYS B 4948 -0.45 -46.58 11.21
N TRP B 4949 -1.44 -46.11 11.96
CA TRP B 4949 -2.69 -45.61 11.38
C TRP B 4949 -2.67 -44.11 11.17
N GLU B 4950 -1.49 -43.52 10.95
CA GLU B 4950 -1.40 -42.08 10.72
C GLU B 4950 -1.95 -41.70 9.35
N PHE B 4951 -1.94 -42.63 8.40
CA PHE B 4951 -2.43 -42.32 7.06
C PHE B 4951 -3.93 -42.04 7.04
N PHE B 4952 -4.63 -42.44 8.07
CA PHE B 4952 -6.06 -42.17 8.16
C PHE B 4952 -6.29 -40.69 8.43
N PRO B 4953 -7.20 -40.04 7.71
CA PRO B 4953 -7.43 -38.60 7.94
C PRO B 4953 -8.05 -38.37 9.31
N ALA B 4954 -7.45 -37.44 10.07
CA ALA B 4954 -7.91 -37.13 11.42
C ALA B 4954 -8.03 -35.61 11.56
N GLY B 4955 -9.27 -35.12 11.59
CA GLY B 4955 -9.52 -33.72 11.84
C GLY B 4955 -9.42 -32.84 10.60
N ASP B 4956 -8.89 -33.38 9.52
CA ASP B 4956 -8.71 -32.64 8.28
C ASP B 4956 -9.21 -33.48 7.10
N CYS B 4957 -9.61 -32.79 6.05
CA CYS B 4957 -10.14 -33.45 4.86
C CYS B 4957 -9.72 -32.68 3.62
N PHE B 4958 -10.11 -33.22 2.46
CA PHE B 4958 -9.80 -32.59 1.19
C PHE B 4958 -10.41 -31.19 1.11
N ARG B 4959 -11.66 -31.05 1.56
CA ARG B 4959 -12.32 -29.75 1.51
C ARG B 4959 -11.62 -28.73 2.41
N LYS B 4960 -11.23 -29.15 3.61
CA LYS B 4960 -10.49 -28.25 4.50
C LYS B 4960 -9.16 -27.84 3.89
N GLN B 4961 -8.43 -28.80 3.32
CA GLN B 4961 -7.09 -28.49 2.80
C GLN B 4961 -7.16 -27.61 1.56
N TYR B 4962 -8.14 -27.84 0.68
CA TYR B 4962 -8.24 -27.07 -0.55
C TYR B 4962 -9.51 -26.23 -0.55
N GLU B 4963 -9.84 -25.62 0.59
CA GLU B 4963 -11.08 -24.86 0.72
C GLU B 4963 -11.15 -23.72 -0.30
N ASP B 4964 -10.22 -22.76 -0.22
CA ASP B 4964 -10.35 -21.56 -1.03
C ASP B 4964 -10.05 -21.82 -2.50
N GLN B 4965 -9.30 -22.88 -2.80
CA GLN B 4965 -9.13 -23.25 -4.20
C GLN B 4965 -10.40 -23.89 -4.76
N LEU B 4966 -11.01 -24.82 -4.01
CA LEU B 4966 -12.26 -25.41 -4.46
C LEU B 4966 -13.40 -24.41 -4.42
N ASN B 4967 -13.45 -23.58 -3.38
CA ASN B 4967 -14.51 -22.59 -3.24
C ASN B 4967 -14.02 -21.21 -3.66
N GLU C 10 5.13 -15.88 -22.90
CA GLU C 10 5.24 -17.29 -23.26
C GLU C 10 5.13 -17.44 -24.77
N ILE C 11 5.73 -18.50 -25.32
CA ILE C 11 5.81 -18.67 -26.75
C ILE C 11 4.46 -19.08 -27.32
N GLN C 12 4.02 -18.40 -28.37
CA GLN C 12 2.82 -18.82 -29.10
C GLN C 12 3.22 -19.68 -30.28
N PHE C 13 2.21 -20.36 -30.86
CA PHE C 13 2.39 -21.23 -32.01
C PHE C 13 1.39 -20.86 -33.09
N LEU C 14 1.86 -20.84 -34.34
CA LEU C 14 0.99 -20.52 -35.46
C LEU C 14 -0.05 -21.63 -35.65
N ARG C 15 -1.30 -21.23 -35.86
CA ARG C 15 -2.39 -22.17 -36.11
C ARG C 15 -3.03 -21.88 -37.47
N THR C 16 -3.97 -22.75 -37.84
CA THR C 16 -4.69 -22.55 -39.09
C THR C 16 -5.63 -21.35 -38.99
N ASP C 17 -5.99 -20.81 -40.14
CA ASP C 17 -6.83 -19.62 -40.27
C ASP C 17 -6.21 -18.39 -39.64
N ASP C 18 -4.93 -18.45 -39.28
CA ASP C 18 -4.19 -17.29 -38.79
C ASP C 18 -3.55 -16.56 -39.96
N GLU C 19 -3.56 -15.23 -39.88
CA GLU C 19 -3.06 -14.37 -40.94
C GLU C 19 -1.62 -14.01 -40.64
N VAL C 20 -0.73 -14.22 -41.61
CA VAL C 20 0.70 -14.06 -41.41
C VAL C 20 1.30 -13.29 -42.58
N VAL C 21 2.52 -12.79 -42.37
CA VAL C 21 3.29 -12.10 -43.39
C VAL C 21 4.68 -12.73 -43.42
N LEU C 22 5.13 -13.13 -44.60
CA LEU C 22 6.44 -13.75 -44.78
C LEU C 22 7.47 -12.67 -45.05
N GLN C 23 8.53 -12.65 -44.24
CA GLN C 23 9.58 -11.65 -44.37
C GLN C 23 10.90 -12.31 -44.76
N CYS C 24 11.70 -11.59 -45.55
CA CYS C 24 13.03 -12.02 -45.94
C CYS C 24 14.01 -10.87 -45.72
N THR C 25 15.25 -11.23 -45.43
CA THR C 25 16.30 -10.28 -45.10
C THR C 25 17.29 -10.18 -46.25
N ALA C 26 17.55 -8.96 -46.70
CA ALA C 26 18.45 -8.72 -47.83
C ALA C 26 19.45 -7.64 -47.45
N THR C 27 20.73 -7.96 -47.57
CA THR C 27 21.81 -6.99 -47.28
C THR C 27 22.34 -6.38 -48.57
N ILE C 28 21.46 -5.62 -49.22
CA ILE C 28 21.82 -4.96 -50.47
C ILE C 28 22.68 -3.75 -50.16
N HIS C 29 23.72 -3.53 -50.99
CA HIS C 29 24.69 -2.45 -50.84
C HIS C 29 25.17 -2.28 -49.40
N LYS C 30 25.50 -3.40 -48.75
CA LYS C 30 26.12 -3.42 -47.42
C LYS C 30 25.21 -2.80 -46.36
N GLU C 31 23.90 -2.77 -46.61
CA GLU C 31 22.93 -2.29 -45.63
C GLU C 31 21.77 -3.28 -45.60
N GLN C 32 21.34 -3.64 -44.39
CA GLN C 32 20.31 -4.67 -44.25
C GLN C 32 18.93 -4.09 -44.51
N GLN C 33 18.15 -4.77 -45.33
CA GLN C 33 16.76 -4.40 -45.60
C GLN C 33 15.84 -5.53 -45.14
N LYS C 34 14.63 -5.16 -44.74
CA LYS C 34 13.60 -6.11 -44.36
C LYS C 34 12.48 -6.05 -45.40
N LEU C 35 12.29 -7.15 -46.12
CA LEU C 35 11.33 -7.21 -47.22
C LEU C 35 10.21 -8.18 -46.87
N CYS C 36 9.10 -8.06 -47.59
CA CYS C 36 7.93 -8.91 -47.41
C CYS C 36 7.44 -9.41 -48.76
N LEU C 37 6.87 -10.60 -48.74
CA LEU C 37 6.29 -11.19 -49.95
C LEU C 37 4.95 -10.54 -50.24
N ALA C 38 4.83 -9.95 -51.43
CA ALA C 38 3.64 -9.22 -51.82
C ALA C 38 3.13 -9.74 -53.16
N ALA C 39 1.83 -9.58 -53.39
CA ALA C 39 1.20 -9.97 -54.63
C ALA C 39 -0.07 -9.16 -54.82
N GLU C 40 -0.37 -8.85 -56.08
CA GLU C 40 -1.53 -8.05 -56.45
C GLU C 40 -2.50 -8.95 -57.21
N GLY C 41 -3.76 -8.99 -56.77
CA GLY C 41 -4.76 -9.83 -57.39
C GLY C 41 -4.99 -9.58 -58.85
N PHE C 42 -5.57 -8.44 -59.19
CA PHE C 42 -5.75 -8.09 -60.59
C PHE C 42 -4.46 -7.55 -61.18
N GLY C 43 -4.28 -7.75 -62.48
CA GLY C 43 -3.05 -7.31 -63.12
C GLY C 43 -1.99 -8.37 -62.99
N ASN C 44 -0.77 -7.94 -62.64
CA ASN C 44 0.35 -8.87 -62.55
C ASN C 44 0.13 -9.89 -61.45
N ARG C 45 0.01 -11.16 -61.85
CA ARG C 45 -0.08 -12.26 -60.90
C ARG C 45 1.25 -12.59 -60.25
N LEU C 46 2.36 -12.12 -60.83
CA LEU C 46 3.67 -12.44 -60.29
C LEU C 46 3.90 -11.73 -58.97
N CYS C 47 4.43 -12.46 -57.99
CA CYS C 47 4.71 -11.88 -56.69
C CYS C 47 5.95 -11.00 -56.74
N PHE C 48 5.91 -9.92 -55.97
CA PHE C 48 7.03 -9.00 -55.85
C PHE C 48 7.26 -8.73 -54.36
N LEU C 49 8.42 -8.16 -54.06
CA LEU C 49 8.83 -7.92 -52.69
C LEU C 49 8.65 -6.46 -52.32
N GLU C 50 8.04 -6.22 -51.16
CA GLU C 50 7.78 -4.87 -50.65
C GLU C 50 8.67 -4.63 -49.44
N SER C 51 9.44 -3.55 -49.49
CA SER C 51 10.34 -3.23 -48.39
C SER C 51 9.57 -2.71 -47.18
N THR C 52 9.97 -3.16 -45.99
CA THR C 52 9.36 -2.70 -44.75
C THR C 52 10.40 -2.23 -43.74
N SER C 53 11.64 -2.02 -44.19
CA SER C 53 12.70 -1.56 -43.29
C SER C 53 12.55 -0.07 -42.96
N ASN C 54 12.43 0.76 -43.99
CA ASN C 54 12.23 2.20 -43.82
C ASN C 54 10.76 2.58 -43.74
N SER C 55 10.01 2.02 -42.77
CA SER C 55 8.60 2.36 -42.62
C SER C 55 8.42 3.81 -42.19
N LYS C 56 9.49 4.44 -41.68
CA LYS C 56 9.39 5.81 -41.20
C LYS C 56 9.16 6.79 -42.35
N ASN C 57 9.96 6.67 -43.43
CA ASN C 57 9.84 7.62 -44.52
C ASN C 57 8.85 7.15 -45.58
N VAL C 58 8.72 5.84 -45.76
CA VAL C 58 7.82 5.26 -46.75
C VAL C 58 6.97 4.20 -46.07
N PRO C 59 5.65 4.35 -46.01
CA PRO C 59 4.81 3.34 -45.35
C PRO C 59 4.84 2.03 -46.11
N PRO C 60 4.69 0.90 -45.42
CA PRO C 60 4.60 -0.39 -46.11
C PRO C 60 3.15 -0.72 -46.47
N ASP C 61 2.99 -1.42 -47.59
CA ASP C 61 1.68 -1.85 -48.06
C ASP C 61 1.45 -3.31 -47.67
N LEU C 62 1.15 -3.51 -46.40
CA LEU C 62 0.97 -4.86 -45.87
C LEU C 62 -0.33 -5.49 -46.31
N SER C 63 -1.26 -4.70 -46.85
CA SER C 63 -2.56 -5.24 -47.26
C SER C 63 -2.40 -6.29 -48.34
N ILE C 64 -1.44 -6.11 -49.24
CA ILE C 64 -1.19 -7.07 -50.31
C ILE C 64 0.00 -7.95 -49.92
N CYS C 65 0.44 -7.84 -48.66
CA CYS C 65 1.51 -8.67 -48.13
C CYS C 65 1.01 -9.72 -47.16
N THR C 66 -0.23 -9.58 -46.67
CA THR C 66 -0.79 -10.49 -45.68
C THR C 66 -1.25 -11.77 -46.35
N PHE C 67 -0.97 -12.91 -45.71
CA PHE C 67 -1.44 -14.22 -46.14
C PHE C 67 -2.07 -14.94 -44.95
N VAL C 68 -3.03 -15.81 -45.24
CA VAL C 68 -3.73 -16.58 -44.21
C VAL C 68 -3.46 -18.06 -44.42
N LEU C 69 -3.23 -18.78 -43.32
CA LEU C 69 -2.91 -20.20 -43.37
C LEU C 69 -4.16 -21.05 -43.21
N GLU C 70 -4.76 -21.47 -44.33
CA GLU C 70 -5.98 -22.26 -44.29
C GLU C 70 -5.78 -23.63 -43.64
N GLN C 71 -4.95 -24.47 -44.25
CA GLN C 71 -4.83 -25.87 -43.84
C GLN C 71 -3.37 -26.26 -43.69
N SER C 72 -3.08 -27.04 -42.65
CA SER C 72 -1.78 -27.67 -42.45
C SER C 72 -1.99 -29.17 -42.40
N LEU C 73 -1.39 -29.89 -43.34
CA LEU C 73 -1.61 -31.32 -43.48
C LEU C 73 -0.29 -32.02 -43.75
N SER C 74 -0.25 -33.31 -43.39
CA SER C 74 0.93 -34.12 -43.64
C SER C 74 1.09 -34.38 -45.14
N VAL C 75 2.32 -34.75 -45.53
CA VAL C 75 2.61 -34.96 -46.95
C VAL C 75 1.81 -36.13 -47.51
N ARG C 76 1.63 -37.18 -46.71
CA ARG C 76 0.88 -38.33 -47.20
C ARG C 76 -0.61 -38.02 -47.27
N ALA C 77 -1.12 -37.24 -46.32
CA ALA C 77 -2.51 -36.78 -46.42
C ALA C 77 -2.71 -35.93 -47.67
N LEU C 78 -1.72 -35.08 -47.99
CA LEU C 78 -1.74 -34.34 -49.24
C LEU C 78 -1.77 -35.26 -50.45
N GLN C 79 -0.96 -36.31 -50.44
CA GLN C 79 -1.00 -37.28 -51.53
C GLN C 79 -2.36 -37.95 -51.65
N GLU C 80 -2.96 -38.34 -50.53
CA GLU C 80 -4.26 -39.02 -50.56
C GLU C 80 -5.36 -38.09 -51.09
N MET C 81 -5.40 -36.85 -50.60
CA MET C 81 -6.46 -35.94 -51.03
C MET C 81 -6.27 -35.51 -52.47
N LEU C 82 -5.04 -35.54 -52.96
CA LEU C 82 -4.78 -35.28 -54.37
C LEU C 82 -5.22 -36.46 -55.23
N ALA C 83 -4.96 -37.68 -54.74
CA ALA C 83 -5.40 -38.87 -55.46
C ALA C 83 -6.92 -38.94 -55.55
N ASN C 84 -7.61 -38.62 -54.45
CA ASN C 84 -9.07 -38.63 -54.44
C ASN C 84 -9.64 -37.62 -53.45
N HIS C 110 -9.12 -25.77 -35.90
CA HIS C 110 -7.80 -25.21 -35.66
C HIS C 110 -6.80 -26.26 -35.19
N ARG C 111 -5.75 -26.46 -35.97
CA ARG C 111 -4.63 -27.31 -35.58
C ARG C 111 -3.35 -26.51 -35.74
N THR C 112 -2.45 -26.62 -34.77
CA THR C 112 -1.21 -25.84 -34.79
C THR C 112 -0.28 -26.38 -35.88
N LEU C 113 0.52 -25.48 -36.45
CA LEU C 113 1.46 -25.88 -37.49
C LEU C 113 2.64 -26.63 -36.87
N LEU C 114 2.97 -27.77 -37.45
CA LEU C 114 4.13 -28.56 -37.03
C LEU C 114 5.10 -28.66 -38.19
N TYR C 115 6.39 -28.71 -37.87
CA TYR C 115 7.42 -28.83 -38.90
C TYR C 115 7.25 -30.11 -39.69
N GLY C 116 7.35 -30.00 -41.01
CA GLY C 116 7.20 -31.13 -41.90
C GLY C 116 5.86 -31.23 -42.61
N HIS C 117 4.84 -30.50 -42.16
CA HIS C 117 3.56 -30.51 -42.82
C HIS C 117 3.60 -29.69 -44.11
N ALA C 118 2.55 -29.83 -44.91
CA ALA C 118 2.34 -29.01 -46.09
C ALA C 118 1.21 -28.04 -45.83
N ILE C 119 1.49 -26.75 -45.98
CA ILE C 119 0.55 -25.69 -45.62
C ILE C 119 0.07 -24.99 -46.89
N LEU C 120 -1.15 -24.46 -46.83
CA LEU C 120 -1.77 -23.76 -47.94
C LEU C 120 -1.95 -22.30 -47.56
N LEU C 121 -1.43 -21.40 -48.39
CA LEU C 121 -1.51 -19.97 -48.14
C LEU C 121 -2.50 -19.33 -49.11
N ARG C 122 -3.44 -18.57 -48.56
CA ARG C 122 -4.36 -17.77 -49.35
C ARG C 122 -4.00 -16.31 -49.19
N HIS C 123 -3.86 -15.62 -50.32
CA HIS C 123 -3.57 -14.18 -50.29
C HIS C 123 -4.81 -13.46 -49.77
N SER C 124 -4.63 -12.63 -48.73
CA SER C 124 -5.77 -12.07 -48.03
C SER C 124 -6.60 -11.17 -48.93
N TYR C 125 -5.94 -10.34 -49.73
CA TYR C 125 -6.67 -9.41 -50.60
C TYR C 125 -7.33 -10.14 -51.76
N SER C 126 -6.53 -10.80 -52.60
CA SER C 126 -7.07 -11.41 -53.81
C SER C 126 -7.95 -12.61 -53.49
N GLY C 127 -7.58 -13.39 -52.48
CA GLY C 127 -8.24 -14.66 -52.23
C GLY C 127 -7.65 -15.83 -52.98
N MET C 128 -6.66 -15.60 -53.83
CA MET C 128 -5.98 -16.66 -54.55
C MET C 128 -4.90 -17.29 -53.66
N TYR C 129 -4.29 -18.35 -54.17
CA TYR C 129 -3.34 -19.15 -53.42
C TYR C 129 -1.93 -19.03 -54.00
N LEU C 130 -0.95 -18.96 -53.10
CA LEU C 130 0.44 -18.94 -53.51
C LEU C 130 0.83 -20.28 -54.12
N CYS C 131 1.62 -20.22 -55.20
CA CYS C 131 1.99 -21.44 -55.91
C CYS C 131 3.21 -21.17 -56.78
N CYS C 132 3.78 -22.24 -57.32
CA CYS C 132 4.78 -22.14 -58.37
C CYS C 132 4.07 -22.10 -59.72
N LEU C 133 4.37 -21.07 -60.51
CA LEU C 133 3.69 -20.85 -61.78
C LEU C 133 4.21 -21.74 -62.90
N SER C 134 5.29 -22.50 -62.67
CA SER C 134 5.86 -23.42 -63.65
C SER C 134 6.39 -22.70 -64.88
N THR C 135 6.35 -21.37 -64.87
CA THR C 135 6.91 -20.54 -65.92
C THR C 135 7.93 -19.60 -65.29
N SER C 136 9.01 -19.32 -66.02
CA SER C 136 10.12 -18.54 -65.49
C SER C 136 10.40 -17.34 -66.37
N ARG C 137 10.83 -16.25 -65.74
CA ARG C 137 11.29 -15.07 -66.47
C ARG C 137 12.62 -15.32 -67.18
N SER C 138 13.31 -16.42 -66.86
CA SER C 138 14.58 -16.79 -67.49
C SER C 138 15.62 -15.70 -67.33
N SER C 139 15.78 -15.22 -66.10
CA SER C 139 16.79 -14.21 -65.78
C SER C 139 18.15 -14.88 -65.58
N THR C 140 18.61 -15.61 -66.60
CA THR C 140 19.87 -16.37 -66.56
C THR C 140 19.87 -17.34 -65.38
N ASP C 141 18.67 -17.77 -64.97
CA ASP C 141 18.47 -18.70 -63.87
C ASP C 141 17.43 -19.74 -64.34
N LYS C 142 17.71 -20.33 -65.51
CA LYS C 142 16.75 -21.20 -66.17
C LYS C 142 16.19 -22.28 -65.25
N LEU C 143 16.95 -22.68 -64.22
CA LEU C 143 16.45 -23.66 -63.27
C LEU C 143 15.33 -23.11 -62.40
N ALA C 144 15.39 -21.81 -62.09
CA ALA C 144 14.40 -21.22 -61.19
C ALA C 144 13.03 -21.12 -61.85
N PHE C 145 11.99 -21.16 -61.02
CA PHE C 145 10.61 -20.99 -61.45
C PHE C 145 10.02 -19.77 -60.75
N ASP C 146 9.30 -18.96 -61.50
CA ASP C 146 8.66 -17.78 -60.92
C ASP C 146 7.52 -18.19 -60.00
N VAL C 147 7.23 -17.36 -59.02
CA VAL C 147 6.22 -17.63 -58.00
C VAL C 147 5.11 -16.59 -58.12
N GLY C 148 3.88 -17.04 -58.21
CA GLY C 148 2.74 -16.16 -58.31
C GLY C 148 1.52 -16.66 -57.54
N LEU C 149 0.32 -16.30 -58.01
CA LEU C 149 -0.92 -16.71 -57.39
C LEU C 149 -1.76 -17.51 -58.39
N GLN C 150 -2.55 -18.45 -57.86
CA GLN C 150 -3.41 -19.29 -58.68
C GLN C 150 -4.83 -19.23 -58.14
N GLU C 151 -5.80 -19.19 -59.05
CA GLU C 151 -7.20 -19.10 -58.65
C GLU C 151 -7.66 -20.38 -57.97
N ASP C 152 -7.31 -21.54 -58.52
CA ASP C 152 -7.79 -22.83 -58.03
C ASP C 152 -6.75 -23.45 -57.11
N THR C 153 -7.24 -24.06 -56.02
CA THR C 153 -6.35 -24.73 -55.08
C THR C 153 -6.01 -26.15 -55.50
N THR C 154 -6.67 -26.66 -56.54
CA THR C 154 -6.41 -28.02 -57.00
C THR C 154 -4.98 -28.15 -57.52
N GLY C 155 -4.38 -29.32 -57.26
CA GLY C 155 -3.01 -29.58 -57.64
C GLY C 155 -2.04 -29.39 -56.48
N GLU C 156 -0.81 -29.84 -56.71
CA GLU C 156 0.25 -29.77 -55.71
C GLU C 156 1.09 -28.51 -55.85
N ALA C 157 0.76 -27.64 -56.81
CA ALA C 157 1.52 -26.40 -56.97
C ALA C 157 1.24 -25.41 -55.86
N CYS C 158 -0.01 -25.34 -55.39
CA CYS C 158 -0.37 -24.37 -54.36
C CYS C 158 0.26 -24.71 -53.03
N TRP C 159 0.56 -25.98 -52.80
CA TRP C 159 1.00 -26.42 -51.49
C TRP C 159 2.50 -26.18 -51.28
N TRP C 160 2.85 -25.82 -50.04
CA TRP C 160 4.22 -25.60 -49.65
C TRP C 160 4.48 -26.31 -48.33
N THR C 161 5.70 -26.79 -48.16
CA THR C 161 6.11 -27.51 -46.95
C THR C 161 7.09 -26.67 -46.16
N ILE C 162 6.90 -26.64 -44.85
CA ILE C 162 7.74 -25.87 -43.94
C ILE C 162 8.73 -26.83 -43.30
N HIS C 163 9.99 -26.39 -43.20
CA HIS C 163 11.06 -27.20 -42.67
C HIS C 163 11.86 -26.41 -41.63
N PRO C 164 12.51 -27.09 -40.68
CA PRO C 164 13.31 -26.36 -39.67
C PRO C 164 14.42 -25.53 -40.30
N ALA C 165 14.58 -24.31 -39.79
CA ALA C 165 15.62 -23.42 -40.31
C ALA C 165 17.00 -23.80 -39.77
N SER C 166 17.09 -24.17 -38.50
CA SER C 166 18.36 -24.45 -37.85
C SER C 166 18.30 -25.80 -37.13
N LYS C 167 19.38 -26.11 -36.42
CA LYS C 167 19.46 -27.39 -35.71
C LYS C 167 18.63 -27.39 -34.43
N GLN C 168 18.32 -26.21 -33.88
CA GLN C 168 17.49 -26.13 -32.69
C GLN C 168 16.09 -26.68 -32.97
N ARG C 169 15.57 -26.39 -34.17
CA ARG C 169 14.26 -26.88 -34.55
C ARG C 169 14.38 -28.33 -35.07
N SER C 170 13.25 -29.02 -35.11
CA SER C 170 13.23 -30.41 -35.51
C SER C 170 11.90 -30.73 -36.17
N GLU C 171 11.88 -31.84 -36.91
CA GLU C 171 10.67 -32.29 -37.59
C GLU C 171 9.60 -32.69 -36.57
N GLY C 172 8.36 -32.26 -36.84
CA GLY C 172 7.21 -32.69 -36.10
C GLY C 172 6.80 -31.78 -34.95
N GLU C 173 7.71 -30.93 -34.48
CA GLU C 173 7.38 -30.08 -33.35
C GLU C 173 6.61 -28.84 -33.80
N LYS C 174 6.02 -28.17 -32.83
CA LYS C 174 5.19 -27.00 -33.11
C LYS C 174 6.02 -25.86 -33.67
N VAL C 175 5.48 -25.18 -34.67
CA VAL C 175 6.14 -24.05 -35.31
C VAL C 175 5.88 -22.81 -34.45
N ARG C 176 6.92 -22.31 -33.80
CA ARG C 176 6.79 -21.16 -32.92
C ARG C 176 6.53 -19.88 -33.71
N VAL C 177 5.88 -18.92 -33.06
CA VAL C 177 5.68 -17.61 -33.69
C VAL C 177 6.99 -16.83 -33.65
N GLY C 178 7.17 -15.96 -34.64
CA GLY C 178 8.42 -15.23 -34.75
C GLY C 178 9.62 -16.12 -35.01
N ASP C 179 9.40 -17.25 -35.67
CA ASP C 179 10.45 -18.22 -35.94
C ASP C 179 10.79 -18.22 -37.43
N ASP C 180 12.09 -18.22 -37.72
CA ASP C 180 12.55 -18.28 -39.10
C ASP C 180 12.21 -19.64 -39.71
N LEU C 181 11.74 -19.62 -40.95
CA LEU C 181 11.28 -20.82 -41.63
C LEU C 181 11.84 -20.89 -43.04
N ILE C 182 11.91 -22.11 -43.57
CA ILE C 182 12.28 -22.36 -44.96
C ILE C 182 11.14 -23.12 -45.61
N LEU C 183 10.71 -22.65 -46.78
CA LEU C 183 9.59 -23.24 -47.48
C LEU C 183 10.06 -24.01 -48.70
N VAL C 184 9.47 -25.19 -48.91
CA VAL C 184 9.85 -26.09 -50.00
C VAL C 184 8.62 -26.35 -50.84
N SER C 185 8.74 -26.17 -52.15
CA SER C 185 7.63 -26.40 -53.06
C SER C 185 7.42 -27.90 -53.24
N VAL C 186 6.16 -28.33 -53.11
CA VAL C 186 5.84 -29.75 -53.30
C VAL C 186 5.95 -30.12 -54.78
N SER C 187 5.41 -29.26 -55.65
CA SER C 187 5.34 -29.59 -57.07
C SER C 187 6.71 -29.55 -57.73
N SER C 188 7.48 -28.49 -57.47
CA SER C 188 8.72 -28.24 -58.19
C SER C 188 9.98 -28.56 -57.38
N GLU C 189 9.84 -28.84 -56.08
CA GLU C 189 10.99 -29.09 -55.20
C GLU C 189 12.01 -27.95 -55.29
N ARG C 190 11.51 -26.72 -55.36
CA ARG C 190 12.35 -25.54 -55.42
C ARG C 190 12.00 -24.61 -54.27
N TYR C 191 13.03 -24.15 -53.57
CA TYR C 191 12.83 -23.33 -52.38
C TYR C 191 12.43 -21.91 -52.79
N LEU C 192 11.71 -21.24 -51.90
CA LEU C 192 11.50 -19.81 -52.08
C LEU C 192 12.83 -19.08 -51.97
N HIS C 193 13.20 -18.38 -53.05
CA HIS C 193 14.54 -17.83 -53.18
C HIS C 193 14.48 -16.34 -53.48
N LEU C 194 15.40 -15.60 -52.89
CA LEU C 194 15.56 -14.17 -53.13
C LEU C 194 16.80 -13.98 -54.01
N SER C 195 16.60 -13.43 -55.20
CA SER C 195 17.68 -13.26 -56.16
C SER C 195 18.46 -11.99 -55.86
N TYR C 196 19.75 -12.15 -55.57
CA TYR C 196 20.61 -11.02 -55.25
C TYR C 196 21.34 -10.45 -56.46
N GLY C 197 21.74 -11.31 -57.41
CA GLY C 197 22.58 -10.86 -58.50
C GLY C 197 21.91 -9.84 -59.39
N ASN C 198 20.63 -10.04 -59.68
CA ASN C 198 19.91 -9.10 -60.53
C ASN C 198 19.73 -7.76 -59.83
N GLY C 199 19.60 -6.70 -60.63
CA GLY C 199 19.48 -5.36 -60.05
C GLY C 199 18.23 -5.19 -59.21
N SER C 200 17.10 -5.67 -59.70
CA SER C 200 15.84 -5.61 -58.96
C SER C 200 15.58 -6.96 -58.31
N LEU C 201 15.47 -6.96 -56.98
CA LEU C 201 15.28 -8.20 -56.25
C LEU C 201 13.96 -8.87 -56.64
N HIS C 202 14.03 -10.17 -56.93
CA HIS C 202 12.87 -10.94 -57.34
C HIS C 202 12.75 -12.17 -56.47
N VAL C 203 11.51 -12.59 -56.21
CA VAL C 203 11.22 -13.81 -55.48
C VAL C 203 10.82 -14.88 -56.48
N ASP C 204 11.41 -16.06 -56.36
CA ASP C 204 11.18 -17.16 -57.29
C ASP C 204 11.47 -18.48 -56.59
N ALA C 205 11.14 -19.57 -57.27
CA ALA C 205 11.36 -20.91 -56.75
C ALA C 205 12.66 -21.46 -57.33
N ALA C 206 13.70 -21.52 -56.51
CA ALA C 206 15.01 -21.98 -56.94
C ALA C 206 15.53 -23.00 -55.95
N PHE C 207 16.56 -23.74 -56.37
CA PHE C 207 17.11 -24.80 -55.53
C PHE C 207 17.86 -24.24 -54.33
N GLN C 208 18.39 -23.02 -54.44
CA GLN C 208 19.01 -22.38 -53.29
C GLN C 208 17.96 -21.96 -52.27
N GLN C 209 18.40 -21.76 -51.03
CA GLN C 209 17.50 -21.50 -49.93
C GLN C 209 17.61 -20.05 -49.50
N THR C 210 16.44 -19.42 -49.31
CA THR C 210 16.33 -18.12 -48.67
C THR C 210 15.46 -18.28 -47.43
N LEU C 211 15.95 -17.81 -46.28
CA LEU C 211 15.28 -18.08 -45.02
C LEU C 211 14.21 -17.03 -44.78
N TRP C 212 12.98 -17.48 -44.52
CA TRP C 212 11.82 -16.60 -44.39
C TRP C 212 11.35 -16.59 -42.94
N SER C 213 11.26 -15.41 -42.34
CA SER C 213 10.61 -15.27 -41.05
C SER C 213 9.12 -15.01 -41.23
N VAL C 214 8.35 -15.44 -40.23
CA VAL C 214 6.90 -15.32 -40.27
C VAL C 214 6.44 -14.45 -39.10
N ALA C 215 5.64 -13.44 -39.41
CA ALA C 215 5.14 -12.50 -38.41
C ALA C 215 3.63 -12.64 -38.29
N PRO C 216 3.08 -12.74 -37.08
CA PRO C 216 1.63 -12.83 -36.93
C PRO C 216 0.94 -11.49 -37.12
N ILE C 217 0.63 -11.16 -38.38
CA ILE C 217 0.03 -9.86 -38.68
C ILE C 217 -1.32 -9.71 -37.98
N SER C 218 -2.09 -10.78 -37.90
CA SER C 218 -3.39 -10.76 -37.24
C SER C 218 -3.90 -12.18 -37.08
N SER C 219 -4.89 -12.33 -36.20
CA SER C 219 -5.56 -13.61 -35.98
C SER C 219 -7.02 -13.32 -35.66
N GLY C 220 -7.91 -13.65 -36.60
CA GLY C 220 -9.31 -13.29 -36.43
C GLY C 220 -10.08 -14.28 -35.57
N SER C 221 -9.41 -15.34 -35.12
CA SER C 221 -10.09 -16.35 -34.30
C SER C 221 -10.58 -15.77 -32.98
N GLU C 222 -9.75 -14.97 -32.32
CA GLU C 222 -10.09 -14.37 -31.03
C GLU C 222 -10.41 -12.88 -31.14
N ALA C 223 -10.58 -12.36 -32.36
CA ALA C 223 -10.90 -10.95 -32.57
C ALA C 223 -12.39 -10.74 -32.34
N ALA C 224 -12.72 -9.88 -31.37
CA ALA C 224 -14.11 -9.59 -31.07
C ALA C 224 -14.75 -8.77 -32.18
N GLN C 225 -15.93 -9.19 -32.62
CA GLN C 225 -16.63 -8.48 -33.68
C GLN C 225 -17.15 -7.13 -33.19
N GLY C 226 -17.16 -6.15 -34.09
CA GLY C 226 -17.67 -4.84 -33.80
C GLY C 226 -16.64 -3.87 -33.25
N TYR C 227 -15.43 -4.33 -32.96
CA TYR C 227 -14.38 -3.49 -32.41
C TYR C 227 -13.33 -3.22 -33.49
N LEU C 228 -12.87 -1.97 -33.56
CA LEU C 228 -11.91 -1.58 -34.57
C LEU C 228 -10.59 -2.30 -34.38
N ILE C 229 -10.08 -2.89 -35.46
CA ILE C 229 -8.77 -3.53 -35.46
C ILE C 229 -7.94 -2.91 -36.60
N GLY C 230 -6.63 -3.06 -36.49
CA GLY C 230 -5.75 -2.50 -37.50
C GLY C 230 -5.98 -3.12 -38.87
N GLY C 231 -5.83 -2.29 -39.90
CA GLY C 231 -6.00 -2.72 -41.28
C GLY C 231 -7.42 -2.62 -41.80
N ASP C 232 -8.37 -2.21 -40.98
CA ASP C 232 -9.75 -2.10 -41.42
C ASP C 232 -9.92 -0.93 -42.40
N VAL C 233 -10.97 -1.03 -43.20
CA VAL C 233 -11.40 0.06 -44.08
C VAL C 233 -12.67 0.66 -43.50
N LEU C 234 -12.61 1.92 -43.11
CA LEU C 234 -13.68 2.55 -42.35
C LEU C 234 -14.00 3.93 -42.91
N ARG C 235 -15.17 4.44 -42.55
CA ARG C 235 -15.61 5.78 -42.89
C ARG C 235 -15.59 6.63 -41.63
N LEU C 236 -15.00 7.83 -41.74
CA LEU C 236 -14.99 8.77 -40.62
C LEU C 236 -16.24 9.63 -40.66
N LEU C 237 -17.18 9.35 -39.77
CA LEU C 237 -18.44 10.07 -39.70
C LEU C 237 -18.38 11.17 -38.65
N HIS C 238 -18.78 12.37 -39.06
CA HIS C 238 -18.76 13.52 -38.18
C HIS C 238 -19.90 13.38 -37.17
N GLY C 239 -19.87 14.18 -36.10
CA GLY C 239 -20.81 14.03 -34.99
C GLY C 239 -22.27 14.07 -35.37
N HIS C 240 -22.61 14.69 -36.50
CA HIS C 240 -23.98 14.67 -36.99
C HIS C 240 -24.34 13.39 -37.72
N MET C 241 -23.48 12.37 -37.66
CA MET C 241 -23.68 11.04 -38.26
C MET C 241 -24.39 11.12 -39.61
N ASP C 242 -24.00 12.10 -40.42
CA ASP C 242 -24.59 12.33 -41.73
C ASP C 242 -23.58 12.60 -42.83
N GLU C 243 -22.36 13.02 -42.48
CA GLU C 243 -21.37 13.44 -43.45
C GLU C 243 -20.07 12.67 -43.22
N CYS C 244 -19.37 12.38 -44.31
CA CYS C 244 -18.12 11.64 -44.26
C CYS C 244 -16.93 12.56 -44.53
N LEU C 245 -15.75 12.10 -44.15
CA LEU C 245 -14.52 12.79 -44.49
C LEU C 245 -14.07 12.37 -45.88
N THR C 246 -14.33 13.23 -46.87
CA THR C 246 -14.19 12.84 -48.27
C THR C 246 -13.33 13.86 -49.01
N VAL C 247 -12.80 13.43 -50.16
CA VAL C 247 -12.01 14.30 -51.02
C VAL C 247 -12.92 14.81 -52.13
N PRO C 248 -12.49 15.81 -52.93
CA PRO C 248 -13.31 16.22 -54.09
C PRO C 248 -13.59 15.06 -55.05
N SER C 249 -14.72 15.14 -55.75
CA SER C 249 -15.15 14.04 -56.59
C SER C 249 -14.22 13.84 -57.77
N GLY C 250 -14.52 12.81 -58.57
CA GLY C 250 -13.68 12.40 -59.67
C GLY C 250 -13.70 13.30 -60.89
N GLU C 251 -14.63 14.25 -60.96
CA GLU C 251 -14.65 15.18 -62.08
C GLU C 251 -13.46 16.13 -62.03
N HIS C 252 -13.02 16.49 -60.82
CA HIS C 252 -11.82 17.30 -60.68
C HIS C 252 -10.58 16.45 -60.95
N GLY C 253 -9.60 17.06 -61.61
CA GLY C 253 -8.39 16.34 -61.94
C GLY C 253 -7.52 16.06 -60.73
N GLU C 254 -6.46 15.29 -60.97
CA GLU C 254 -5.49 14.96 -59.93
C GLU C 254 -4.82 16.24 -59.45
N GLU C 255 -4.44 16.26 -58.15
CA GLU C 255 -3.90 17.33 -57.33
C GLU C 255 -4.93 18.44 -57.07
N GLN C 256 -6.13 18.31 -57.64
CA GLN C 256 -7.30 18.97 -57.08
C GLN C 256 -8.08 18.06 -56.13
N ARG C 257 -7.77 16.78 -56.10
CA ARG C 257 -8.37 15.84 -55.16
C ARG C 257 -7.60 15.73 -53.85
N ARG C 258 -6.49 16.47 -53.72
CA ARG C 258 -5.63 16.35 -52.55
C ARG C 258 -6.23 17.01 -51.32
N THR C 259 -7.17 17.94 -51.48
CA THR C 259 -7.78 18.59 -50.35
C THR C 259 -8.70 17.62 -49.59
N VAL C 260 -8.91 17.91 -48.31
CA VAL C 260 -9.72 17.09 -47.44
C VAL C 260 -10.84 17.94 -46.86
N HIS C 261 -12.08 17.45 -46.96
CA HIS C 261 -13.25 18.18 -46.52
C HIS C 261 -14.37 17.20 -46.21
N TYR C 262 -15.53 17.75 -45.89
CA TYR C 262 -16.68 16.95 -45.44
C TYR C 262 -17.79 17.01 -46.48
N GLU C 263 -18.35 15.84 -46.82
CA GLU C 263 -19.52 15.73 -47.67
C GLU C 263 -20.51 14.76 -47.05
N GLY C 264 -21.80 15.05 -47.24
CA GLY C 264 -22.85 14.21 -46.72
C GLY C 264 -23.86 13.88 -47.81
N GLY C 265 -24.52 12.74 -47.62
CA GLY C 265 -25.54 12.30 -48.54
C GLY C 265 -25.17 11.06 -49.34
N ALA C 266 -25.09 11.20 -50.67
CA ALA C 266 -24.83 10.04 -51.52
C ALA C 266 -23.40 9.55 -51.39
N VAL C 267 -22.47 10.43 -50.98
CA VAL C 267 -21.07 10.05 -50.87
C VAL C 267 -20.83 9.01 -49.79
N SER C 268 -21.75 8.86 -48.85
CA SER C 268 -21.56 7.90 -47.75
C SER C 268 -21.55 6.47 -48.26
N VAL C 269 -22.05 6.24 -49.47
CA VAL C 269 -22.12 4.89 -50.03
C VAL C 269 -21.25 4.86 -51.28
N HIS C 270 -20.18 5.65 -51.29
CA HIS C 270 -19.27 5.73 -52.42
C HIS C 270 -17.87 5.28 -52.00
N ALA C 271 -16.99 5.15 -52.99
CA ALA C 271 -15.62 4.70 -52.77
C ALA C 271 -14.66 5.84 -52.47
N ARG C 272 -15.12 7.08 -52.52
CA ARG C 272 -14.29 8.23 -52.19
C ARG C 272 -14.37 8.61 -50.72
N SER C 273 -15.09 7.84 -49.91
CA SER C 273 -15.20 8.08 -48.47
C SER C 273 -14.56 6.97 -47.66
N LEU C 274 -13.69 6.17 -48.28
CA LEU C 274 -13.11 4.98 -47.64
C LEU C 274 -11.68 5.28 -47.24
N TRP C 275 -11.34 4.95 -46.00
CA TRP C 275 -9.99 5.12 -45.47
C TRP C 275 -9.55 3.84 -44.78
N ARG C 276 -8.24 3.57 -44.85
CA ARG C 276 -7.65 2.42 -44.20
C ARG C 276 -6.78 2.88 -43.04
N LEU C 277 -6.96 2.26 -41.88
CA LEU C 277 -6.15 2.55 -40.70
C LEU C 277 -4.95 1.62 -40.69
N GLU C 278 -3.77 2.18 -40.89
CA GLU C 278 -2.53 1.41 -40.93
C GLU C 278 -1.68 1.77 -39.72
N THR C 279 -1.40 0.77 -38.89
CA THR C 279 -0.54 0.99 -37.72
C THR C 279 0.92 1.13 -38.15
N LEU C 280 1.70 1.81 -37.31
CA LEU C 280 3.12 2.02 -37.60
C LEU C 280 3.96 0.80 -37.33
N ARG C 281 3.38 -0.26 -36.78
CA ARG C 281 4.10 -1.50 -36.49
C ARG C 281 3.81 -2.53 -37.57
N VAL C 282 4.83 -3.30 -37.92
CA VAL C 282 4.67 -4.34 -38.94
C VAL C 282 4.07 -5.60 -38.32
N ALA C 283 4.67 -6.10 -37.24
CA ALA C 283 4.14 -7.28 -36.58
C ALA C 283 2.91 -6.92 -35.75
N TRP C 284 1.93 -7.83 -35.77
CA TRP C 284 0.70 -7.68 -34.99
C TRP C 284 -0.02 -6.39 -35.33
N SER C 285 -0.03 -6.05 -36.63
CA SER C 285 -0.68 -4.83 -37.10
C SER C 285 -2.19 -4.99 -37.24
N GLY C 286 -2.72 -6.20 -37.11
CA GLY C 286 -4.14 -6.43 -37.11
C GLY C 286 -4.79 -6.43 -35.75
N SER C 287 -4.07 -6.01 -34.71
CA SER C 287 -4.60 -6.01 -33.36
C SER C 287 -5.66 -4.93 -33.18
N HIS C 288 -6.40 -5.04 -32.08
CA HIS C 288 -7.39 -4.02 -31.74
C HIS C 288 -6.70 -2.68 -31.50
N ILE C 289 -7.27 -1.61 -32.04
CA ILE C 289 -6.67 -0.29 -31.90
C ILE C 289 -7.01 0.29 -30.55
N ARG C 290 -5.99 0.67 -29.80
CA ARG C 290 -6.14 1.26 -28.47
C ARG C 290 -6.10 2.78 -28.57
N TRP C 291 -6.70 3.43 -27.58
CA TRP C 291 -6.71 4.88 -27.54
C TRP C 291 -5.28 5.42 -27.41
N GLY C 292 -4.86 6.17 -28.42
CA GLY C 292 -3.53 6.75 -28.47
C GLY C 292 -2.55 6.00 -29.34
N GLN C 293 -2.94 4.88 -29.92
CA GLN C 293 -2.05 4.15 -30.82
C GLN C 293 -1.83 4.95 -32.09
N PRO C 294 -0.58 5.25 -32.45
CA PRO C 294 -0.33 5.98 -33.69
C PRO C 294 -0.66 5.13 -34.91
N PHE C 295 -1.33 5.75 -35.88
CA PHE C 295 -1.69 5.07 -37.11
C PHE C 295 -1.73 6.08 -38.26
N ARG C 296 -1.63 5.55 -39.47
CA ARG C 296 -1.72 6.34 -40.70
C ARG C 296 -3.04 6.05 -41.39
N LEU C 297 -3.71 7.12 -41.84
CA LEU C 297 -4.97 6.99 -42.58
C LEU C 297 -4.68 7.15 -44.06
N ARG C 298 -4.93 6.08 -44.81
CA ARG C 298 -4.69 6.06 -46.25
C ARG C 298 -6.02 6.03 -47.00
N HIS C 299 -6.13 6.87 -48.02
CA HIS C 299 -7.34 6.92 -48.85
C HIS C 299 -7.28 5.77 -49.85
N VAL C 300 -8.32 4.93 -49.85
CA VAL C 300 -8.26 3.68 -50.60
C VAL C 300 -8.27 3.94 -52.10
N THR C 301 -9.16 4.80 -52.58
CA THR C 301 -9.36 4.95 -54.01
C THR C 301 -8.21 5.73 -54.66
N THR C 302 -7.61 6.65 -53.91
CA THR C 302 -6.51 7.45 -54.44
C THR C 302 -5.14 6.90 -54.09
N GLY C 303 -5.04 6.11 -53.02
CA GLY C 303 -3.76 5.59 -52.59
C GLY C 303 -2.89 6.57 -51.85
N LYS C 304 -3.41 7.76 -51.54
CA LYS C 304 -2.65 8.80 -50.85
C LYS C 304 -2.84 8.67 -49.35
N TYR C 305 -1.92 9.30 -48.61
CA TYR C 305 -1.92 9.27 -47.16
C TYR C 305 -2.30 10.63 -46.60
N LEU C 306 -3.15 10.63 -45.59
CA LEU C 306 -3.50 11.87 -44.90
C LEU C 306 -2.27 12.44 -44.20
N SER C 307 -2.07 13.74 -44.35
CA SER C 307 -0.86 14.37 -43.82
C SER C 307 -1.19 15.78 -43.34
N LEU C 308 -0.33 16.29 -42.48
CA LEU C 308 -0.44 17.64 -41.94
C LEU C 308 0.70 18.47 -42.52
N MET C 309 0.36 19.44 -43.36
CA MET C 309 1.36 20.33 -43.91
C MET C 309 1.81 21.34 -42.86
N GLU C 310 2.94 22.00 -43.15
CA GLU C 310 3.51 22.96 -42.21
C GLU C 310 2.59 24.15 -41.97
N ASP C 311 1.72 24.46 -42.94
CA ASP C 311 0.77 25.56 -42.79
C ASP C 311 -0.48 25.18 -42.00
N LYS C 312 -0.46 24.03 -41.33
CA LYS C 312 -1.53 23.49 -40.50
C LYS C 312 -2.77 23.13 -41.31
N ASN C 313 -2.66 22.97 -42.62
CA ASN C 313 -3.81 22.63 -43.46
C ASN C 313 -3.72 21.16 -43.87
N LEU C 314 -4.84 20.46 -43.73
CA LEU C 314 -4.90 19.06 -44.13
C LEU C 314 -4.75 18.92 -45.63
N LEU C 315 -3.99 17.92 -46.06
CA LEU C 315 -3.72 17.70 -47.48
C LEU C 315 -3.30 16.25 -47.69
N LEU C 316 -3.93 15.57 -48.64
CA LEU C 316 -3.45 14.26 -49.05
C LEU C 316 -2.07 14.39 -49.67
N MET C 317 -1.20 13.44 -49.37
CA MET C 317 0.19 13.49 -49.79
C MET C 317 0.70 12.07 -50.03
N ASP C 318 1.69 11.97 -50.91
CA ASP C 318 2.02 10.73 -51.57
C ASP C 318 2.73 9.74 -50.63
N LYS C 319 2.70 8.47 -51.06
CA LYS C 319 3.35 7.39 -50.29
C LYS C 319 4.84 7.63 -50.15
N GLU C 320 5.48 8.14 -51.21
CA GLU C 320 6.93 8.32 -51.19
C GLU C 320 7.37 9.30 -50.12
N LYS C 321 6.64 10.41 -49.95
CA LYS C 321 6.97 11.41 -48.94
C LYS C 321 6.17 11.23 -47.66
N ALA C 322 5.36 10.17 -47.56
CA ALA C 322 4.51 9.95 -46.40
C ALA C 322 5.37 9.54 -45.21
N ASP C 323 5.90 10.55 -44.52
CA ASP C 323 6.69 10.31 -43.33
C ASP C 323 5.79 10.09 -42.12
N VAL C 324 6.36 9.52 -41.06
CA VAL C 324 5.61 9.29 -39.83
C VAL C 324 5.17 10.61 -39.21
N LYS C 325 6.06 11.61 -39.22
CA LYS C 325 5.74 12.88 -38.56
C LYS C 325 4.50 13.52 -39.17
N SER C 326 4.41 13.53 -40.50
CA SER C 326 3.28 14.20 -41.15
C SER C 326 2.01 13.35 -41.08
N THR C 327 2.14 12.03 -41.16
CA THR C 327 1.01 11.15 -41.38
C THR C 327 0.51 10.44 -40.13
N ALA C 328 0.99 10.83 -38.94
CA ALA C 328 0.63 10.15 -37.70
C ALA C 328 -0.59 10.81 -37.07
N PHE C 329 -1.60 10.01 -36.77
CA PHE C 329 -2.78 10.45 -36.04
C PHE C 329 -3.17 9.39 -35.02
N THR C 330 -3.85 9.83 -33.96
CA THR C 330 -4.29 8.95 -32.88
C THR C 330 -5.74 9.23 -32.54
N PHE C 331 -6.39 8.21 -31.97
CA PHE C 331 -7.76 8.30 -31.50
C PHE C 331 -7.76 8.59 -30.01
N ARG C 332 -8.49 9.61 -29.59
CA ARG C 332 -8.58 10.00 -28.19
C ARG C 332 -10.03 9.94 -27.75
N SER C 333 -10.27 9.32 -26.59
CA SER C 333 -11.63 9.16 -26.09
C SER C 333 -12.24 10.51 -25.73
N SER C 334 -11.45 11.40 -25.14
CA SER C 334 -11.94 12.70 -24.70
C SER C 334 -10.97 13.80 -25.15
N LYS C 335 -11.51 15.02 -25.24
CA LYS C 335 -10.73 16.20 -25.59
C LYS C 335 -9.72 16.59 -24.51
N GLU C 336 -9.82 15.98 -23.33
CA GLU C 336 -8.95 16.35 -22.21
C GLU C 336 -7.48 16.19 -22.60
N LYS C 337 -6.66 17.15 -22.15
CA LYS C 337 -5.33 17.37 -22.69
C LYS C 337 -4.28 16.39 -22.17
N LEU C 338 -4.58 15.63 -21.13
CA LEU C 338 -3.58 14.72 -20.54
C LEU C 338 -3.35 13.59 -21.54
N ASP C 339 -2.31 13.77 -22.36
CA ASP C 339 -1.95 12.77 -23.35
C ASP C 339 -1.37 11.53 -22.66
N VAL C 340 -1.61 10.38 -23.29
CA VAL C 340 -1.14 9.12 -22.71
C VAL C 340 0.38 9.06 -22.67
N GLY C 341 1.05 9.78 -23.58
CA GLY C 341 2.50 9.75 -23.61
C GLY C 341 3.00 8.54 -24.37
N VAL C 342 3.76 7.68 -23.69
CA VAL C 342 4.30 6.47 -24.29
C VAL C 342 3.79 5.27 -23.49
N ARG C 343 3.39 4.22 -24.22
CA ARG C 343 2.93 2.99 -23.61
C ARG C 343 3.64 1.82 -24.29
N LYS C 344 3.83 0.74 -23.53
CA LYS C 344 4.46 -0.45 -24.09
C LYS C 344 3.52 -1.14 -25.05
N GLU C 345 4.07 -1.64 -26.16
CA GLU C 345 3.27 -2.38 -27.13
C GLU C 345 3.05 -3.81 -26.66
N VAL C 346 1.88 -4.36 -26.98
CA VAL C 346 1.54 -5.72 -26.57
C VAL C 346 1.52 -6.61 -27.80
N ASP C 347 2.09 -7.81 -27.67
CA ASP C 347 2.17 -8.77 -28.76
C ASP C 347 0.88 -9.59 -28.80
N GLY C 348 -0.01 -9.25 -29.71
CA GLY C 348 -1.27 -9.96 -29.85
C GLY C 348 -2.40 -8.99 -30.11
N MET C 349 -3.62 -9.54 -30.11
CA MET C 349 -4.81 -8.72 -30.31
C MET C 349 -4.96 -7.68 -29.20
N GLY C 350 -4.70 -8.08 -27.96
CA GLY C 350 -4.86 -7.18 -26.85
C GLY C 350 -6.32 -6.99 -26.46
N THR C 351 -6.57 -5.87 -25.78
CA THR C 351 -7.90 -5.53 -25.30
C THR C 351 -8.59 -4.62 -26.31
N SER C 352 -9.83 -4.98 -26.65
CA SER C 352 -10.60 -4.18 -27.58
C SER C 352 -11.16 -2.95 -26.88
N GLU C 353 -10.78 -1.76 -27.36
CA GLU C 353 -11.20 -0.52 -26.74
C GLU C 353 -12.14 0.26 -27.66
N ILE C 354 -11.71 0.50 -28.90
CA ILE C 354 -12.53 1.26 -29.83
C ILE C 354 -13.57 0.33 -30.47
N LYS C 355 -14.83 0.75 -30.44
CA LYS C 355 -15.93 -0.03 -30.96
C LYS C 355 -16.64 0.75 -32.06
N TYR C 356 -17.14 0.01 -33.06
CA TYR C 356 -17.74 0.65 -34.22
C TYR C 356 -19.12 1.22 -33.91
N GLY C 357 -19.35 2.46 -34.34
CA GLY C 357 -20.67 3.05 -34.34
C GLY C 357 -21.14 3.65 -33.03
N ASP C 358 -20.46 3.36 -31.92
CA ASP C 358 -20.89 3.90 -30.63
C ASP C 358 -19.79 4.75 -30.00
N SER C 359 -18.55 4.28 -30.05
CA SER C 359 -17.45 5.02 -29.45
C SER C 359 -17.18 6.31 -30.23
N VAL C 360 -17.04 7.40 -29.49
CA VAL C 360 -16.78 8.71 -30.07
C VAL C 360 -15.28 8.95 -30.07
N CYS C 361 -14.71 9.16 -31.25
CA CYS C 361 -13.27 9.31 -31.42
C CYS C 361 -12.94 10.73 -31.87
N TYR C 362 -11.90 11.30 -31.28
CA TYR C 362 -11.37 12.60 -31.67
C TYR C 362 -9.98 12.41 -32.27
N ILE C 363 -9.83 12.75 -33.54
CA ILE C 363 -8.55 12.60 -34.23
C ILE C 363 -7.67 13.78 -33.89
N GLN C 364 -6.46 13.51 -33.41
CA GLN C 364 -5.45 14.54 -33.21
C GLN C 364 -4.14 14.08 -33.84
N HIS C 365 -3.42 15.03 -34.45
CA HIS C 365 -2.10 14.74 -34.96
C HIS C 365 -1.13 14.52 -33.81
N VAL C 366 -0.19 13.59 -34.01
CA VAL C 366 0.70 13.18 -32.92
C VAL C 366 1.73 14.27 -32.62
N ASP C 367 2.54 14.63 -33.61
CA ASP C 367 3.65 15.55 -33.36
C ASP C 367 3.14 16.95 -33.05
N THR C 368 2.21 17.46 -33.86
CA THR C 368 1.74 18.83 -33.68
C THR C 368 0.85 18.96 -32.45
N GLY C 369 0.00 17.95 -32.20
CA GLY C 369 -0.90 17.96 -31.07
C GLY C 369 -2.22 18.66 -31.31
N LEU C 370 -2.43 19.22 -32.49
CA LEU C 370 -3.69 19.86 -32.83
C LEU C 370 -4.81 18.83 -32.90
N TRP C 371 -6.05 19.31 -32.93
CA TRP C 371 -7.21 18.43 -33.05
C TRP C 371 -7.92 18.62 -34.39
N LEU C 372 -8.44 17.52 -34.93
CA LEU C 372 -9.22 17.57 -36.16
C LEU C 372 -10.56 18.22 -35.89
N THR C 373 -10.97 19.12 -36.79
CA THR C 373 -12.23 19.82 -36.66
C THR C 373 -12.68 20.35 -38.02
N TYR C 374 -13.93 20.76 -38.09
CA TYR C 374 -14.47 21.40 -39.28
C TYR C 374 -14.18 22.89 -39.23
N GLN C 375 -13.71 23.45 -40.34
CA GLN C 375 -13.39 24.87 -40.38
C GLN C 375 -14.65 25.73 -40.31
N SER C 376 -15.76 25.20 -40.84
CA SER C 376 -17.04 25.90 -40.96
C SER C 376 -16.96 27.10 -41.89
N VAL C 377 -16.43 26.92 -43.11
CA VAL C 377 -16.38 28.00 -44.08
C VAL C 377 -17.80 28.43 -44.43
N ASP C 378 -17.94 29.69 -44.83
CA ASP C 378 -19.23 30.24 -45.23
C ASP C 378 -19.28 30.49 -46.73
N SER C 386 -23.53 19.26 -51.71
CA SER C 386 -22.52 20.28 -51.96
C SER C 386 -22.32 21.16 -50.72
N ILE C 387 -22.41 20.56 -49.54
CA ILE C 387 -22.23 21.31 -48.30
C ILE C 387 -20.81 21.83 -48.20
N GLN C 388 -19.82 21.00 -48.54
CA GLN C 388 -18.41 21.36 -48.58
C GLN C 388 -17.96 22.01 -47.26
N ARG C 389 -18.23 21.32 -46.16
CA ARG C 389 -17.72 21.74 -44.86
C ARG C 389 -16.23 21.44 -44.78
N LYS C 390 -15.41 22.49 -44.81
CA LYS C 390 -13.97 22.29 -44.82
C LYS C 390 -13.48 21.69 -43.51
N ALA C 391 -12.55 20.75 -43.62
CA ALA C 391 -11.93 20.12 -42.45
C ALA C 391 -10.58 20.79 -42.22
N ILE C 392 -10.37 21.34 -41.02
CA ILE C 392 -9.19 22.12 -40.72
C ILE C 392 -8.58 21.58 -39.42
N MET C 393 -7.34 21.96 -39.16
CA MET C 393 -6.55 21.35 -38.10
C MET C 393 -6.28 22.46 -37.07
N HIS C 394 -6.76 22.27 -35.84
CA HIS C 394 -6.82 23.37 -34.88
C HIS C 394 -6.23 22.98 -33.53
N HIS C 395 -5.65 23.98 -32.85
CA HIS C 395 -5.15 23.83 -31.49
C HIS C 395 -6.26 23.43 -30.53
N GLU C 396 -7.40 24.11 -30.61
CA GLU C 396 -8.49 23.86 -29.68
C GLU C 396 -9.70 23.29 -30.40
N GLY C 397 -10.15 23.97 -31.45
CA GLY C 397 -11.28 23.50 -32.21
C GLY C 397 -12.59 23.71 -31.48
N HIS C 398 -13.64 23.11 -32.06
CA HIS C 398 -14.99 23.21 -31.51
C HIS C 398 -15.31 21.99 -30.66
N MET C 399 -16.45 22.08 -29.95
CA MET C 399 -16.83 21.01 -29.03
C MET C 399 -17.37 19.79 -29.78
N ASP C 400 -18.09 20.02 -30.88
CA ASP C 400 -18.69 18.92 -31.64
C ASP C 400 -17.72 18.42 -32.72
N ASP C 401 -16.54 18.00 -32.25
CA ASP C 401 -15.55 17.38 -33.11
C ASP C 401 -15.58 15.86 -33.06
N GLY C 402 -16.55 15.29 -32.36
CA GLY C 402 -16.67 13.84 -32.25
C GLY C 402 -16.83 13.16 -33.59
N ILE C 403 -16.07 12.09 -33.81
CA ILE C 403 -16.07 11.36 -35.07
C ILE C 403 -16.49 9.92 -34.81
N SER C 404 -17.55 9.48 -35.46
CA SER C 404 -17.99 8.10 -35.38
C SER C 404 -17.31 7.26 -36.46
N LEU C 405 -17.29 5.95 -36.23
CA LEU C 405 -16.63 5.03 -37.14
C LEU C 405 -17.63 3.98 -37.63
N SER C 406 -17.64 3.76 -38.94
CA SER C 406 -18.50 2.76 -39.56
C SER C 406 -17.66 1.83 -40.42
N ARG C 407 -17.78 0.54 -40.18
CA ARG C 407 -17.01 -0.45 -40.91
C ARG C 407 -17.58 -0.61 -42.33
N SER C 408 -16.68 -0.80 -43.29
CA SER C 408 -17.03 -0.99 -44.68
C SER C 408 -16.91 -2.46 -45.05
N GLN C 409 -17.76 -2.91 -45.97
CA GLN C 409 -17.79 -4.31 -46.34
C GLN C 409 -16.55 -4.70 -47.14
N HIS C 410 -16.19 -5.99 -47.06
CA HIS C 410 -15.04 -6.50 -47.79
C HIS C 410 -15.22 -6.37 -49.28
N GLU C 411 -16.44 -6.60 -49.79
CA GLU C 411 -16.69 -6.44 -51.22
C GLU C 411 -16.41 -5.00 -51.66
N GLU C 412 -16.89 -4.03 -50.89
CA GLU C 412 -16.64 -2.63 -51.22
C GLU C 412 -15.17 -2.26 -51.13
N SER C 413 -14.46 -2.76 -50.11
CA SER C 413 -13.03 -2.49 -50.00
C SER C 413 -12.25 -3.06 -51.18
N ARG C 414 -12.54 -4.31 -51.57
CA ARG C 414 -11.91 -4.90 -52.73
C ARG C 414 -12.24 -4.14 -54.00
N THR C 415 -13.50 -3.70 -54.15
CA THR C 415 -13.87 -2.91 -55.32
C THR C 415 -13.09 -1.60 -55.38
N ALA C 416 -12.94 -0.92 -54.24
CA ALA C 416 -12.19 0.33 -54.22
C ALA C 416 -10.73 0.11 -54.57
N ARG C 417 -10.10 -0.94 -54.04
CA ARG C 417 -8.72 -1.23 -54.39
C ARG C 417 -8.58 -1.57 -55.88
N VAL C 418 -9.53 -2.34 -56.42
CA VAL C 418 -9.53 -2.64 -57.85
C VAL C 418 -9.67 -1.36 -58.66
N ILE C 419 -10.52 -0.43 -58.23
CA ILE C 419 -10.66 0.84 -58.91
C ILE C 419 -9.35 1.60 -58.92
N ARG C 420 -8.66 1.65 -57.78
CA ARG C 420 -7.37 2.35 -57.74
C ARG C 420 -6.36 1.74 -58.69
N SER C 421 -6.25 0.41 -58.67
CA SER C 421 -5.29 -0.27 -59.54
C SER C 421 -5.62 -0.05 -61.01
N THR C 422 -6.91 -0.12 -61.35
CA THR C 422 -7.33 0.11 -62.73
C THR C 422 -7.05 1.54 -63.16
N VAL C 423 -7.27 2.50 -62.26
CA VAL C 423 -6.95 3.89 -62.55
C VAL C 423 -5.47 4.03 -62.88
N PHE C 424 -4.60 3.45 -62.05
CA PHE C 424 -3.17 3.55 -62.29
C PHE C 424 -2.79 2.93 -63.63
N LEU C 425 -3.26 1.71 -63.90
CA LEU C 425 -2.86 1.00 -65.11
C LEU C 425 -3.38 1.71 -66.36
N PHE C 426 -4.64 2.13 -66.35
CA PHE C 426 -5.21 2.79 -67.51
C PHE C 426 -4.67 4.20 -67.72
N ASN C 427 -4.23 4.89 -66.66
CA ASN C 427 -3.52 6.15 -66.86
C ASN C 427 -2.15 5.91 -67.47
N ARG C 428 -1.44 4.85 -67.06
CA ARG C 428 -0.18 4.52 -67.72
C ARG C 428 -0.41 4.22 -69.20
N PHE C 429 -1.46 3.47 -69.51
CA PHE C 429 -1.78 3.15 -70.90
C PHE C 429 -2.05 4.41 -71.72
N ILE C 430 -2.87 5.32 -71.16
CA ILE C 430 -3.23 6.54 -71.88
C ILE C 430 -2.00 7.43 -72.07
N ARG C 431 -1.14 7.52 -71.05
CA ARG C 431 0.07 8.32 -71.20
C ARG C 431 1.01 7.74 -72.26
N GLY C 432 1.13 6.41 -72.30
CA GLY C 432 1.93 5.79 -73.34
C GLY C 432 1.38 6.07 -74.73
N LEU C 433 0.05 5.97 -74.88
CA LEU C 433 -0.57 6.27 -76.17
C LEU C 433 -0.36 7.74 -76.54
N ASP C 434 -0.45 8.64 -75.56
CA ASP C 434 -0.21 10.05 -75.81
C ASP C 434 1.22 10.30 -76.28
N ALA C 435 2.18 9.65 -75.65
CA ALA C 435 3.57 9.79 -76.09
C ALA C 435 3.76 9.27 -77.50
N LEU C 436 3.15 8.12 -77.81
CA LEU C 436 3.25 7.56 -79.16
C LEU C 436 2.63 8.52 -80.18
N SER C 437 1.51 9.15 -79.83
CA SER C 437 0.92 10.14 -80.71
C SER C 437 1.82 11.36 -80.88
N LYS C 438 2.46 11.80 -79.79
CA LYS C 438 3.40 12.90 -79.84
C LYS C 438 4.73 12.51 -80.48
N LYS C 439 4.86 11.26 -80.92
CA LYS C 439 5.98 10.78 -81.73
C LYS C 439 7.26 10.56 -80.93
N ALA C 440 7.15 10.33 -79.63
CA ALA C 440 8.31 9.92 -78.86
C ALA C 440 8.78 8.54 -79.31
N LYS C 441 10.06 8.27 -79.13
CA LYS C 441 10.63 7.01 -79.58
C LYS C 441 9.95 5.84 -78.88
N ALA C 442 9.69 4.78 -79.65
CA ALA C 442 8.92 3.65 -79.13
C ALA C 442 9.63 2.96 -77.97
N SER C 443 10.95 2.84 -78.04
CA SER C 443 11.69 2.17 -76.97
C SER C 443 11.56 2.92 -75.65
N THR C 444 11.64 4.25 -75.68
CA THR C 444 11.54 5.04 -74.46
C THR C 444 10.15 4.90 -73.83
N VAL C 445 9.11 4.91 -74.65
CA VAL C 445 7.75 4.84 -74.13
C VAL C 445 7.44 3.41 -73.67
N ASP C 446 6.83 3.30 -72.50
CA ASP C 446 6.42 2.02 -71.94
C ASP C 446 4.92 1.83 -72.18
N LEU C 447 4.56 0.70 -72.79
CA LEU C 447 3.18 0.42 -73.14
C LEU C 447 2.77 -0.91 -72.51
N PRO C 448 1.95 -0.89 -71.45
CA PRO C 448 1.66 -2.13 -70.71
C PRO C 448 0.76 -3.11 -71.46
N ILE C 449 1.27 -3.67 -72.56
CA ILE C 449 0.44 -4.50 -73.44
C ILE C 449 -0.14 -5.70 -72.72
N GLU C 450 0.71 -6.48 -72.04
CA GLU C 450 0.23 -7.71 -71.41
C GLU C 450 -0.60 -7.41 -70.17
N SER C 451 -0.16 -6.46 -69.35
CA SER C 451 -0.83 -6.17 -68.10
C SER C 451 -2.23 -5.59 -68.35
N VAL C 452 -2.36 -4.70 -69.33
CA VAL C 452 -3.67 -4.14 -69.63
C VAL C 452 -4.64 -5.22 -70.08
N SER C 453 -4.19 -6.13 -70.95
CA SER C 453 -5.06 -7.21 -71.39
C SER C 453 -5.46 -8.12 -70.24
N LEU C 454 -4.51 -8.49 -69.40
CA LEU C 454 -4.81 -9.39 -68.28
C LEU C 454 -5.77 -8.73 -67.30
N SER C 455 -5.55 -7.46 -66.99
CA SER C 455 -6.48 -6.71 -66.15
C SER C 455 -7.86 -6.57 -66.79
N LEU C 456 -7.93 -6.42 -68.11
CA LEU C 456 -9.20 -6.40 -68.81
C LEU C 456 -9.96 -7.71 -68.68
N GLN C 457 -9.30 -8.85 -68.85
CA GLN C 457 -9.98 -10.13 -68.60
C GLN C 457 -10.39 -10.29 -67.13
N ASP C 458 -9.56 -9.84 -66.20
CA ASP C 458 -9.92 -9.89 -64.79
C ASP C 458 -11.16 -9.04 -64.51
N LEU C 459 -11.24 -7.86 -65.12
CA LEU C 459 -12.40 -7.00 -64.95
C LEU C 459 -13.65 -7.59 -65.59
N ILE C 460 -13.50 -8.26 -66.74
CA ILE C 460 -14.61 -8.97 -67.33
C ILE C 460 -15.11 -10.06 -66.38
N GLY C 461 -14.20 -10.83 -65.79
CA GLY C 461 -14.61 -11.81 -64.80
C GLY C 461 -15.28 -11.19 -63.59
N TYR C 462 -14.78 -10.03 -63.17
CA TYR C 462 -15.37 -9.33 -62.02
C TYR C 462 -16.81 -8.90 -62.30
N PHE C 463 -17.07 -8.38 -63.49
CA PHE C 463 -18.40 -7.90 -63.86
C PHE C 463 -19.18 -8.93 -64.68
N HIS C 464 -18.77 -10.19 -64.64
CA HIS C 464 -19.51 -11.25 -65.31
C HIS C 464 -20.89 -11.41 -64.71
N PRO C 465 -21.94 -11.43 -65.52
CA PRO C 465 -23.29 -11.62 -65.00
C PRO C 465 -23.47 -13.02 -64.43
N PRO C 466 -24.34 -13.18 -63.43
CA PRO C 466 -24.55 -14.51 -62.85
C PRO C 466 -25.14 -15.48 -63.85
N ASP C 467 -24.78 -16.75 -63.70
CA ASP C 467 -25.33 -17.79 -64.57
C ASP C 467 -26.73 -18.17 -64.13
N GLU C 468 -27.51 -18.69 -65.09
CA GLU C 468 -28.93 -18.92 -64.84
C GLU C 468 -29.21 -20.17 -64.00
N HIS C 469 -28.34 -21.19 -64.06
CA HIS C 469 -28.65 -22.42 -63.34
C HIS C 469 -28.46 -22.28 -61.84
N LEU C 470 -27.86 -21.18 -61.39
CA LEU C 470 -27.60 -20.99 -59.97
C LEU C 470 -28.90 -20.82 -59.19
N GLU C 471 -28.84 -21.13 -57.90
CA GLU C 471 -30.00 -21.02 -57.04
C GLU C 471 -30.44 -19.56 -56.94
N HIS C 472 -31.74 -19.36 -56.68
CA HIS C 472 -32.33 -18.03 -56.75
C HIS C 472 -31.72 -17.05 -55.76
N GLU C 473 -31.55 -17.44 -54.49
CA GLU C 473 -31.02 -16.52 -53.49
C GLU C 473 -29.58 -16.12 -53.81
N ASP C 474 -28.75 -17.10 -54.17
CA ASP C 474 -27.38 -16.80 -54.55
C ASP C 474 -27.33 -15.90 -55.77
N LYS C 475 -28.22 -16.16 -56.74
CA LYS C 475 -28.29 -15.31 -57.92
C LYS C 475 -28.64 -13.87 -57.55
N GLN C 476 -29.60 -13.70 -56.64
CA GLN C 476 -29.97 -12.35 -56.21
C GLN C 476 -28.81 -11.66 -55.50
N ASN C 477 -28.06 -12.42 -54.69
CA ASN C 477 -26.88 -11.84 -54.04
C ASN C 477 -25.84 -11.40 -55.06
N ARG C 478 -25.61 -12.22 -56.09
CA ARG C 478 -24.66 -11.86 -57.13
C ARG C 478 -25.13 -10.62 -57.90
N LEU C 479 -26.44 -10.52 -58.18
CA LEU C 479 -26.96 -9.32 -58.82
C LEU C 479 -26.74 -8.09 -57.95
N ARG C 480 -26.99 -8.21 -56.64
CA ARG C 480 -26.75 -7.07 -55.75
C ARG C 480 -25.29 -6.66 -55.77
N ALA C 481 -24.38 -7.64 -55.69
CA ALA C 481 -22.95 -7.33 -55.73
C ALA C 481 -22.54 -6.69 -57.05
N LEU C 482 -23.04 -7.19 -58.17
CA LEU C 482 -22.71 -6.62 -59.48
C LEU C 482 -23.23 -5.20 -59.61
N LYS C 483 -24.45 -4.95 -59.13
CA LYS C 483 -24.99 -3.60 -59.16
C LYS C 483 -24.17 -2.65 -58.30
N ASN C 484 -23.75 -3.10 -57.11
CA ASN C 484 -22.92 -2.27 -56.26
C ASN C 484 -21.58 -1.97 -56.92
N ARG C 485 -20.98 -2.98 -57.56
CA ARG C 485 -19.70 -2.78 -58.25
C ARG C 485 -19.84 -1.78 -59.38
N GLN C 486 -20.90 -1.91 -60.18
CA GLN C 486 -21.11 -0.97 -61.28
C GLN C 486 -21.35 0.44 -60.76
N ASN C 487 -22.13 0.58 -59.69
CA ASN C 487 -22.37 1.91 -59.12
C ASN C 487 -21.08 2.53 -58.62
N LEU C 488 -20.25 1.75 -57.93
CA LEU C 488 -18.98 2.28 -57.44
C LEU C 488 -18.07 2.68 -58.60
N PHE C 489 -18.00 1.86 -59.64
CA PHE C 489 -17.17 2.18 -60.79
C PHE C 489 -17.64 3.45 -61.47
N GLN C 490 -18.96 3.61 -61.65
CA GLN C 490 -19.49 4.81 -62.29
C GLN C 490 -19.29 6.04 -61.42
N GLU C 491 -19.44 5.92 -60.09
CA GLU C 491 -19.17 7.04 -59.19
C GLU C 491 -17.71 7.46 -59.20
N GLU C 492 -16.78 6.52 -59.29
CA GLU C 492 -15.37 6.84 -59.48
C GLU C 492 -15.07 7.25 -60.92
N GLY C 493 -16.03 7.13 -61.82
CA GLY C 493 -15.86 7.60 -63.18
C GLY C 493 -15.05 6.68 -64.07
N MET C 494 -15.24 5.37 -63.94
CA MET C 494 -14.48 4.42 -64.72
C MET C 494 -14.93 4.36 -66.18
N ILE C 495 -16.12 4.85 -66.49
CA ILE C 495 -16.60 4.88 -67.86
C ILE C 495 -15.75 5.78 -68.74
N ASN C 496 -15.43 6.99 -68.28
CA ASN C 496 -14.71 7.96 -69.09
C ASN C 496 -13.30 7.48 -69.41
N LEU C 497 -12.65 6.79 -68.47
CA LEU C 497 -11.31 6.26 -68.71
C LEU C 497 -11.34 5.23 -69.85
N VAL C 498 -12.32 4.33 -69.80
CA VAL C 498 -12.47 3.33 -70.85
C VAL C 498 -12.78 4.00 -72.18
N LEU C 499 -13.61 5.04 -72.16
CA LEU C 499 -13.92 5.78 -73.38
C LEU C 499 -12.66 6.42 -73.96
N GLU C 500 -11.81 7.01 -73.10
CA GLU C 500 -10.57 7.61 -73.58
C GLU C 500 -9.65 6.56 -74.17
N CYS C 501 -9.55 5.39 -73.53
CA CYS C 501 -8.71 4.32 -74.09
C CYS C 501 -9.25 3.87 -75.44
N ILE C 502 -10.57 3.76 -75.57
CA ILE C 502 -11.17 3.34 -76.84
C ILE C 502 -10.85 4.37 -77.93
N ASP C 503 -10.99 5.66 -77.60
CA ASP C 503 -10.71 6.71 -78.58
C ASP C 503 -9.24 6.70 -78.99
N ARG C 504 -8.33 6.53 -78.02
CA ARG C 504 -6.91 6.60 -78.33
C ARG C 504 -6.41 5.31 -78.98
N LEU C 505 -7.23 4.25 -78.94
CA LEU C 505 -6.95 3.08 -79.77
C LEU C 505 -7.57 3.21 -81.15
N HIS C 506 -8.67 3.95 -81.28
CA HIS C 506 -9.29 4.18 -82.58
C HIS C 506 -8.58 5.26 -83.39
N VAL C 507 -7.74 6.08 -82.77
CA VAL C 507 -6.94 7.02 -83.55
C VAL C 507 -6.07 6.29 -84.57
N TYR C 508 -5.69 5.04 -84.27
CA TYR C 508 -5.01 4.18 -85.23
C TYR C 508 -6.07 3.41 -86.01
N SER C 509 -6.04 3.54 -87.34
CA SER C 509 -7.11 2.97 -88.16
C SER C 509 -7.07 1.45 -88.16
N SER C 510 -5.88 0.87 -88.31
CA SER C 510 -5.73 -0.56 -88.52
C SER C 510 -4.67 -1.15 -87.60
N ALA C 511 -4.72 -2.47 -87.46
CA ALA C 511 -3.71 -3.18 -86.68
C ALA C 511 -2.32 -3.00 -87.28
N ALA C 512 -2.23 -3.00 -88.61
CA ALA C 512 -0.95 -2.76 -89.26
C ALA C 512 -0.44 -1.35 -88.95
N HIS C 513 -1.35 -0.37 -88.97
CA HIS C 513 -0.96 1.00 -88.63
C HIS C 513 -0.46 1.09 -87.20
N PHE C 514 -1.15 0.42 -86.26
CA PHE C 514 -0.70 0.46 -84.88
C PHE C 514 0.61 -0.30 -84.69
N ALA C 515 0.85 -1.32 -85.52
CA ALA C 515 2.12 -2.03 -85.47
C ALA C 515 3.25 -1.21 -86.07
N ASP C 516 2.92 -0.29 -86.99
CA ASP C 516 3.92 0.64 -87.50
C ASP C 516 4.25 1.71 -86.47
N VAL C 517 3.24 2.24 -85.78
CA VAL C 517 3.49 3.27 -84.77
C VAL C 517 4.17 2.66 -83.54
N ALA C 518 3.47 1.74 -82.86
CA ALA C 518 4.02 1.04 -81.70
C ALA C 518 4.71 -0.24 -82.13
N GLY C 519 4.99 -1.12 -81.16
CA GLY C 519 5.69 -2.36 -81.46
C GLY C 519 4.77 -3.38 -82.12
N ARG C 520 5.39 -4.43 -82.64
CA ARG C 520 4.65 -5.47 -83.34
C ARG C 520 3.71 -6.22 -82.38
N GLU C 521 4.18 -6.47 -81.15
CA GLU C 521 3.33 -7.12 -80.16
C GLU C 521 2.10 -6.27 -79.85
N ALA C 522 2.30 -4.95 -79.77
CA ALA C 522 1.16 -4.03 -79.65
C ALA C 522 0.27 -4.15 -80.88
N GLY C 523 0.87 -4.36 -82.05
CA GLY C 523 0.07 -4.57 -83.25
C GLY C 523 -0.84 -5.77 -83.16
N GLU C 524 -0.31 -6.90 -82.68
CA GLU C 524 -1.18 -8.08 -82.52
C GLU C 524 -2.21 -7.88 -81.41
N SER C 525 -1.84 -7.20 -80.33
CA SER C 525 -2.74 -7.02 -79.20
C SER C 525 -3.76 -5.91 -79.41
N TRP C 526 -3.63 -5.13 -80.49
CA TRP C 526 -4.54 -4.02 -80.74
C TRP C 526 -5.99 -4.47 -80.89
N LYS C 527 -6.24 -5.57 -81.62
CA LYS C 527 -7.59 -6.08 -81.76
C LYS C 527 -8.15 -6.58 -80.42
N SER C 528 -7.34 -7.35 -79.69
CA SER C 528 -7.82 -7.95 -78.45
C SER C 528 -8.14 -6.89 -77.40
N ILE C 529 -7.24 -5.91 -77.23
CA ILE C 529 -7.46 -4.87 -76.23
C ILE C 529 -8.68 -4.04 -76.59
N LEU C 530 -8.82 -3.68 -77.87
CA LEU C 530 -9.96 -2.89 -78.32
C LEU C 530 -11.28 -3.63 -78.13
N ASN C 531 -11.33 -4.93 -78.41
CA ASN C 531 -12.55 -5.68 -78.16
C ASN C 531 -12.83 -5.84 -76.67
N SER C 532 -11.79 -6.05 -75.88
CA SER C 532 -11.98 -6.23 -74.44
C SER C 532 -12.48 -4.96 -73.78
N LEU C 533 -12.01 -3.80 -74.24
CA LEU C 533 -12.51 -2.54 -73.70
C LEU C 533 -14.00 -2.36 -73.98
N TYR C 534 -14.45 -2.68 -75.18
CA TYR C 534 -15.87 -2.57 -75.49
C TYR C 534 -16.69 -3.56 -74.69
N GLU C 535 -16.17 -4.78 -74.51
CA GLU C 535 -16.88 -5.75 -73.67
C GLU C 535 -16.96 -5.27 -72.23
N LEU C 536 -15.89 -4.64 -71.74
CA LEU C 536 -15.91 -4.09 -70.38
C LEU C 536 -16.94 -2.96 -70.27
N LEU C 537 -17.02 -2.09 -71.27
CA LEU C 537 -18.02 -1.03 -71.24
C LEU C 537 -19.43 -1.62 -71.23
N ALA C 538 -19.66 -2.64 -72.05
CA ALA C 538 -20.98 -3.30 -72.06
C ALA C 538 -21.30 -3.92 -70.70
N ALA C 539 -20.31 -4.56 -70.08
CA ALA C 539 -20.51 -5.13 -68.75
C ALA C 539 -20.78 -4.07 -67.68
N LEU C 540 -20.09 -2.92 -67.77
CA LEU C 540 -20.31 -1.84 -66.82
C LEU C 540 -21.68 -1.19 -66.99
N ILE C 541 -22.20 -1.11 -68.21
CA ILE C 541 -23.49 -0.47 -68.45
C ILE C 541 -24.67 -1.42 -68.35
N ARG C 542 -24.45 -2.73 -68.45
CA ARG C 542 -25.56 -3.67 -68.54
C ARG C 542 -26.34 -3.72 -67.23
N GLY C 543 -27.65 -3.53 -67.33
CA GLY C 543 -28.55 -3.63 -66.21
C GLY C 543 -28.54 -2.45 -65.26
N ASN C 544 -27.71 -1.45 -65.50
CA ASN C 544 -27.61 -0.29 -64.62
C ASN C 544 -28.28 0.90 -65.32
N ARG C 545 -29.49 1.24 -64.87
CA ARG C 545 -30.22 2.35 -65.46
C ARG C 545 -29.52 3.68 -65.29
N LYS C 546 -28.94 3.93 -64.11
CA LYS C 546 -28.21 5.18 -63.89
C LYS C 546 -27.01 5.30 -64.82
N ASN C 547 -26.22 4.21 -64.94
CA ASN C 547 -25.07 4.24 -65.83
C ASN C 547 -25.49 4.44 -67.27
N CYS C 548 -26.54 3.75 -67.70
CA CYS C 548 -27.01 3.93 -69.07
C CYS C 548 -27.54 5.34 -69.31
N ALA C 549 -28.14 5.95 -68.29
CA ALA C 549 -28.58 7.34 -68.39
C ALA C 549 -27.41 8.31 -68.51
N GLN C 550 -26.35 8.12 -67.73
CA GLN C 550 -25.16 8.94 -67.88
C GLN C 550 -24.41 8.67 -69.18
N PHE C 551 -24.62 7.52 -69.81
CA PHE C 551 -24.03 7.21 -71.10
C PHE C 551 -24.80 7.82 -72.27
N SER C 552 -25.93 8.48 -72.00
CA SER C 552 -26.73 9.05 -73.07
C SER C 552 -25.98 10.12 -73.83
N GLY C 553 -25.24 10.97 -73.13
CA GLY C 553 -24.47 12.02 -73.80
C GLY C 553 -23.39 11.46 -74.70
N SER C 554 -22.73 10.39 -74.27
CA SER C 554 -21.66 9.78 -75.04
C SER C 554 -22.17 8.81 -76.11
N LEU C 555 -23.47 8.50 -76.12
CA LEU C 555 -24.02 7.66 -77.18
C LEU C 555 -23.70 8.22 -78.57
N ASP C 556 -23.88 9.52 -78.76
CA ASP C 556 -23.65 10.11 -80.08
C ASP C 556 -22.21 9.94 -80.52
N TRP C 557 -21.26 10.01 -79.58
CA TRP C 557 -19.86 9.74 -79.88
C TRP C 557 -19.67 8.30 -80.34
N LEU C 558 -20.39 7.37 -79.71
CA LEU C 558 -20.22 5.96 -80.01
C LEU C 558 -20.73 5.61 -81.41
N ILE C 559 -21.91 6.11 -81.77
CA ILE C 559 -22.52 5.78 -83.06
C ILE C 559 -21.70 6.28 -84.24
N SER C 560 -20.92 7.35 -84.06
CA SER C 560 -20.11 7.90 -85.14
C SER C 560 -19.05 6.95 -85.65
N ARG C 561 -18.71 5.90 -84.89
CA ARG C 561 -17.72 4.91 -85.31
C ARG C 561 -18.34 3.54 -85.54
N LEU C 562 -19.67 3.48 -85.68
CA LEU C 562 -20.33 2.20 -85.94
C LEU C 562 -19.91 1.60 -87.27
N GLU C 563 -19.53 2.43 -88.23
CA GLU C 563 -19.17 1.93 -89.56
C GLU C 563 -17.84 1.19 -89.53
N ARG C 564 -17.01 1.46 -88.53
CA ARG C 564 -15.71 0.80 -88.45
C ARG C 564 -15.87 -0.68 -88.14
N LEU C 565 -15.24 -1.52 -88.96
CA LEU C 565 -15.41 -2.97 -88.84
C LEU C 565 -14.71 -3.56 -87.62
N GLU C 566 -13.64 -2.92 -87.12
CA GLU C 566 -12.88 -3.49 -86.02
C GLU C 566 -13.63 -3.44 -84.69
N ALA C 567 -14.70 -2.66 -84.59
CA ALA C 567 -15.43 -2.52 -83.34
C ALA C 567 -16.94 -2.51 -83.52
N SER C 568 -17.44 -2.94 -84.70
CA SER C 568 -18.87 -2.84 -84.97
C SER C 568 -19.68 -3.66 -83.98
N SER C 569 -19.26 -4.90 -83.70
CA SER C 569 -20.01 -5.76 -82.81
C SER C 569 -20.08 -5.20 -81.41
N GLY C 570 -18.94 -4.73 -80.87
CA GLY C 570 -18.94 -4.17 -79.54
C GLY C 570 -19.75 -2.89 -79.44
N ILE C 571 -19.63 -2.01 -80.44
CA ILE C 571 -20.41 -0.78 -80.45
C ILE C 571 -21.90 -1.10 -80.50
N LEU C 572 -22.29 -2.06 -81.32
CA LEU C 572 -23.70 -2.41 -81.43
C LEU C 572 -24.22 -3.04 -80.14
N GLU C 573 -23.41 -3.89 -79.49
CA GLU C 573 -23.83 -4.46 -78.21
C GLU C 573 -24.01 -3.38 -77.15
N VAL C 574 -23.08 -2.42 -77.08
CA VAL C 574 -23.20 -1.33 -76.12
C VAL C 574 -24.44 -0.51 -76.40
N LEU C 575 -24.68 -0.20 -77.69
CA LEU C 575 -25.86 0.56 -78.07
C LEU C 575 -27.14 -0.19 -77.71
N HIS C 576 -27.20 -1.49 -77.96
CA HIS C 576 -28.35 -2.30 -77.58
C HIS C 576 -28.60 -2.28 -76.08
N CYS C 577 -27.54 -2.46 -75.28
CA CYS C 577 -27.72 -2.42 -73.83
C CYS C 577 -28.25 -1.07 -73.37
N VAL C 578 -27.67 0.03 -73.87
CA VAL C 578 -28.12 1.35 -73.46
C VAL C 578 -29.57 1.58 -73.87
N LEU C 579 -29.92 1.19 -75.10
CA LEU C 579 -31.28 1.40 -75.58
C LEU C 579 -32.30 0.61 -74.78
N VAL C 580 -31.98 -0.65 -74.44
CA VAL C 580 -32.95 -1.47 -73.72
C VAL C 580 -33.05 -1.04 -72.27
N GLU C 581 -31.98 -0.44 -71.73
CA GLU C 581 -32.00 -0.11 -70.30
C GLU C 581 -32.54 1.29 -70.04
N SER C 582 -32.01 2.31 -70.73
CA SER C 582 -32.29 3.70 -70.41
C SER C 582 -33.32 4.27 -71.37
N PRO C 583 -34.49 4.69 -70.88
CA PRO C 583 -35.43 5.42 -71.76
C PRO C 583 -34.86 6.72 -72.29
N GLU C 584 -33.97 7.37 -71.53
CA GLU C 584 -33.42 8.65 -71.97
C GLU C 584 -32.61 8.50 -73.25
N ALA C 585 -32.10 7.29 -73.52
CA ALA C 585 -31.33 7.06 -74.73
C ALA C 585 -32.17 7.27 -75.98
N LEU C 586 -33.46 6.89 -75.91
CA LEU C 586 -34.33 7.00 -77.08
C LEU C 586 -34.48 8.44 -77.53
N ASN C 587 -34.59 9.38 -76.59
CA ASN C 587 -34.66 10.79 -76.95
C ASN C 587 -33.36 11.27 -77.57
N ILE C 588 -32.22 10.75 -77.12
CA ILE C 588 -30.93 11.14 -77.68
C ILE C 588 -30.79 10.64 -79.10
N ILE C 589 -31.31 9.44 -79.38
CA ILE C 589 -31.24 8.89 -80.73
C ILE C 589 -31.99 9.80 -81.69
N LYS C 590 -31.36 10.11 -82.82
CA LYS C 590 -31.89 11.06 -83.79
C LYS C 590 -31.98 10.41 -85.18
N GLU C 591 -32.40 11.22 -86.16
CA GLU C 591 -32.63 10.72 -87.50
C GLU C 591 -31.34 10.27 -88.16
N GLY C 592 -30.25 11.01 -87.97
CA GLY C 592 -28.97 10.59 -88.49
C GLY C 592 -28.46 9.27 -87.91
N HIS C 593 -28.59 9.09 -86.60
CA HIS C 593 -28.21 7.82 -85.98
C HIS C 593 -29.09 6.67 -86.45
N ILE C 594 -30.41 6.89 -86.57
CA ILE C 594 -31.31 5.84 -87.02
C ILE C 594 -31.08 5.50 -88.50
N LYS C 595 -30.57 6.45 -89.30
CA LYS C 595 -30.11 6.12 -90.64
C LYS C 595 -28.79 5.38 -90.66
N SER C 596 -27.86 5.74 -89.76
CA SER C 596 -26.57 5.06 -89.71
C SER C 596 -26.74 3.60 -89.29
N ILE C 597 -27.70 3.33 -88.39
CA ILE C 597 -27.95 1.95 -87.99
C ILE C 597 -28.40 1.11 -89.17
N ILE C 598 -29.28 1.67 -90.02
CA ILE C 598 -29.73 0.95 -91.21
C ILE C 598 -28.59 0.83 -92.23
N SER C 599 -27.76 1.86 -92.34
CA SER C 599 -26.60 1.79 -93.22
C SER C 599 -25.63 0.68 -92.79
N LEU C 600 -25.58 0.41 -91.48
CA LEU C 600 -24.81 -0.74 -91.00
C LEU C 600 -25.32 -2.04 -91.61
N LEU C 601 -26.64 -2.25 -91.58
CA LEU C 601 -27.22 -3.44 -92.21
C LEU C 601 -26.94 -3.47 -93.71
N ASP C 602 -27.03 -2.30 -94.35
CA ASP C 602 -26.84 -2.23 -95.80
C ASP C 602 -25.40 -2.60 -96.19
N LYS C 603 -24.41 -2.01 -95.50
CA LYS C 603 -23.03 -2.18 -95.93
C LYS C 603 -22.45 -3.50 -95.43
N HIS C 604 -22.70 -3.86 -94.17
CA HIS C 604 -22.09 -5.07 -93.62
C HIS C 604 -22.85 -6.33 -94.01
N GLY C 605 -24.17 -6.29 -93.99
CA GLY C 605 -24.96 -7.45 -94.40
C GLY C 605 -26.05 -7.82 -93.41
N ARG C 606 -26.73 -8.93 -93.67
CA ARG C 606 -27.83 -9.36 -92.83
C ARG C 606 -27.32 -9.77 -91.46
N ASN C 607 -27.73 -9.04 -90.43
CA ASN C 607 -27.29 -9.28 -89.06
C ASN C 607 -28.48 -9.07 -88.13
N HIS C 608 -28.88 -10.14 -87.42
CA HIS C 608 -30.12 -10.11 -86.65
C HIS C 608 -30.07 -9.20 -85.45
N LYS C 609 -28.89 -8.97 -84.86
CA LYS C 609 -28.82 -8.08 -83.71
C LYS C 609 -29.00 -6.62 -84.09
N VAL C 610 -28.69 -6.23 -85.33
CA VAL C 610 -29.08 -4.90 -85.79
C VAL C 610 -30.59 -4.76 -85.80
N LEU C 611 -31.29 -5.79 -86.28
CA LEU C 611 -32.75 -5.78 -86.26
C LEU C 611 -33.26 -5.74 -84.82
N ASP C 612 -32.59 -6.43 -83.91
CA ASP C 612 -32.98 -6.37 -82.49
C ASP C 612 -32.81 -4.97 -81.93
N VAL C 613 -31.72 -4.29 -82.28
CA VAL C 613 -31.52 -2.91 -81.85
C VAL C 613 -32.61 -2.01 -82.41
N LEU C 614 -32.95 -2.20 -83.69
CA LEU C 614 -34.04 -1.44 -84.30
C LEU C 614 -35.38 -1.71 -83.63
N CYS C 615 -35.63 -2.96 -83.22
CA CYS C 615 -36.84 -3.28 -82.45
C CYS C 615 -36.86 -2.56 -81.11
N SER C 616 -35.73 -2.57 -80.40
CA SER C 616 -35.65 -1.88 -79.12
C SER C 616 -35.84 -0.38 -79.29
N LEU C 617 -35.45 0.16 -80.46
CA LEU C 617 -35.67 1.57 -80.73
C LEU C 617 -37.15 1.91 -80.80
N CYS C 618 -37.96 1.00 -81.35
CA CYS C 618 -39.37 1.28 -81.55
C CYS C 618 -40.11 1.43 -80.22
N VAL C 619 -39.95 0.45 -79.33
CA VAL C 619 -40.68 0.40 -78.06
C VAL C 619 -39.69 0.11 -76.95
N CYS C 620 -39.72 0.92 -75.90
CA CYS C 620 -38.88 0.73 -74.72
C CYS C 620 -39.74 0.80 -73.47
N HIS C 621 -39.63 -0.22 -72.61
CA HIS C 621 -40.37 -0.28 -71.34
C HIS C 621 -41.87 -0.14 -71.57
N GLY C 622 -42.37 -0.74 -72.65
CA GLY C 622 -43.78 -0.68 -72.96
C GLY C 622 -44.26 0.64 -73.53
N VAL C 623 -43.35 1.55 -73.85
CA VAL C 623 -43.68 2.86 -74.41
C VAL C 623 -43.18 2.92 -75.84
N ALA C 624 -44.07 3.28 -76.77
CA ALA C 624 -43.75 3.30 -78.19
C ALA C 624 -43.35 4.70 -78.61
N VAL C 625 -42.30 4.77 -79.43
CA VAL C 625 -41.82 6.05 -79.95
C VAL C 625 -42.32 6.18 -81.39
N ARG C 626 -43.28 7.08 -81.60
CA ARG C 626 -43.85 7.25 -82.94
C ARG C 626 -42.81 7.72 -83.94
N SER C 627 -41.93 8.64 -83.55
CA SER C 627 -40.90 9.13 -84.47
C SER C 627 -39.94 8.03 -84.89
N ASN C 628 -39.47 7.21 -83.94
CA ASN C 628 -38.58 6.12 -84.29
C ASN C 628 -39.29 5.08 -85.16
N GLN C 629 -40.54 4.75 -84.82
CA GLN C 629 -41.30 3.80 -85.61
C GLN C 629 -41.51 4.30 -87.03
N HIS C 630 -41.82 5.58 -87.22
CA HIS C 630 -41.97 6.16 -88.55
C HIS C 630 -40.67 6.22 -89.33
N LEU C 631 -39.56 6.61 -88.69
CA LEU C 631 -38.27 6.69 -89.35
C LEU C 631 -37.76 5.33 -89.79
N ILE C 632 -37.85 4.31 -88.93
CA ILE C 632 -37.41 2.98 -89.31
C ILE C 632 -38.20 2.49 -90.52
N CYS C 633 -39.52 2.65 -90.48
CA CYS C 633 -40.37 2.29 -91.62
C CYS C 633 -39.93 3.00 -92.88
N ASP C 634 -40.00 4.34 -92.89
CA ASP C 634 -39.74 5.12 -94.09
C ASP C 634 -38.30 5.05 -94.58
N ASN C 635 -37.37 4.55 -93.77
CA ASN C 635 -35.99 4.43 -94.21
C ASN C 635 -35.59 3.01 -94.56
N LEU C 636 -36.35 2.00 -94.11
CA LEU C 636 -35.99 0.62 -94.41
C LEU C 636 -36.97 -0.06 -95.36
N LEU C 637 -38.28 0.01 -95.09
CA LEU C 637 -39.25 -0.77 -95.83
C LEU C 637 -39.34 -0.43 -97.33
N PRO C 638 -39.47 0.85 -97.72
CA PRO C 638 -39.71 1.13 -99.15
C PRO C 638 -38.58 0.70 -100.06
N GLY C 639 -37.37 0.59 -99.55
CA GLY C 639 -36.24 0.20 -100.39
C GLY C 639 -36.39 -1.20 -100.94
N ARG C 640 -36.83 -2.14 -100.10
CA ARG C 640 -36.98 -3.55 -100.48
C ARG C 640 -35.69 -4.11 -101.08
N ASP C 641 -34.56 -3.76 -100.45
CA ASP C 641 -33.26 -4.26 -100.88
C ASP C 641 -32.49 -4.95 -99.77
N LEU C 642 -32.92 -4.85 -98.52
CA LEU C 642 -32.24 -5.50 -97.40
C LEU C 642 -33.07 -6.63 -96.82
N LEU C 643 -34.30 -6.36 -96.42
CA LEU C 643 -35.15 -7.40 -95.83
C LEU C 643 -35.62 -8.36 -96.91
N LEU C 644 -35.83 -9.62 -96.50
CA LEU C 644 -36.22 -10.68 -97.43
C LEU C 644 -37.70 -10.52 -97.77
N GLN C 645 -37.99 -10.24 -99.03
CA GLN C 645 -39.37 -10.07 -99.46
C GLN C 645 -40.07 -11.43 -99.55
N THR C 646 -41.39 -11.39 -99.40
CA THR C 646 -42.20 -12.59 -99.40
C THR C 646 -43.47 -12.36 -100.22
N ARG C 647 -43.96 -13.43 -100.83
CA ARG C 647 -45.11 -13.35 -101.71
C ARG C 647 -45.63 -14.75 -102.00
N LEU C 648 -46.91 -14.84 -102.32
CA LEU C 648 -47.53 -16.09 -102.73
C LEU C 648 -47.43 -16.22 -104.24
N VAL C 649 -46.95 -17.37 -104.71
CA VAL C 649 -46.83 -17.65 -106.14
C VAL C 649 -47.56 -18.96 -106.43
N ASN C 650 -48.39 -18.93 -107.48
CA ASN C 650 -49.11 -20.13 -107.88
C ASN C 650 -48.15 -21.19 -108.42
N HIS C 651 -48.42 -22.44 -108.09
CA HIS C 651 -47.64 -23.54 -108.65
C HIS C 651 -47.89 -23.65 -110.15
N VAL C 652 -46.82 -23.87 -110.90
CA VAL C 652 -46.88 -23.97 -112.35
C VAL C 652 -46.24 -25.30 -112.77
N SER C 653 -47.00 -26.12 -113.47
CA SER C 653 -46.53 -27.40 -114.00
C SER C 653 -46.43 -27.32 -115.52
N SER C 654 -45.76 -28.31 -116.10
CA SER C 654 -45.52 -28.35 -117.53
C SER C 654 -45.75 -29.75 -118.07
N MET C 655 -46.51 -29.85 -119.15
CA MET C 655 -46.74 -31.11 -119.84
C MET C 655 -45.96 -31.11 -121.15
N ARG C 656 -45.35 -32.24 -121.49
CA ARG C 656 -44.64 -32.34 -122.75
C ARG C 656 -44.96 -33.66 -123.45
N PRO C 657 -44.93 -33.66 -124.77
CA PRO C 657 -45.06 -34.92 -125.51
C PRO C 657 -43.79 -35.75 -125.41
N ASN C 658 -43.87 -36.97 -125.95
CA ASN C 658 -42.74 -37.89 -125.92
C ASN C 658 -41.65 -37.49 -126.92
N ILE C 659 -42.00 -36.68 -127.93
CA ILE C 659 -41.06 -36.39 -129.00
C ILE C 659 -39.89 -35.56 -128.48
N PHE C 660 -38.67 -35.97 -128.84
CA PHE C 660 -37.45 -35.23 -128.56
C PHE C 660 -36.80 -34.91 -129.90
N LEU C 661 -37.22 -33.81 -130.50
CA LEU C 661 -36.73 -33.40 -131.82
C LEU C 661 -35.48 -32.54 -131.65
N GLY C 662 -34.45 -32.82 -132.46
CA GLY C 662 -33.21 -32.09 -132.42
C GLY C 662 -32.56 -32.04 -133.79
N VAL C 663 -31.48 -31.27 -133.87
CA VAL C 663 -30.75 -31.05 -135.11
C VAL C 663 -29.26 -31.27 -134.85
N SER C 664 -28.61 -31.99 -135.76
CA SER C 664 -27.17 -32.20 -135.73
C SER C 664 -26.72 -32.63 -137.12
N GLU C 665 -25.42 -32.52 -137.36
CA GLU C 665 -24.86 -32.89 -138.65
C GLU C 665 -24.93 -34.39 -138.87
N GLY C 666 -25.22 -34.78 -140.10
CA GLY C 666 -25.32 -36.19 -140.44
C GLY C 666 -26.42 -36.92 -139.69
N SER C 667 -27.53 -36.24 -139.44
CA SER C 667 -28.64 -36.79 -138.68
C SER C 667 -29.92 -36.62 -139.47
N ALA C 668 -30.71 -37.68 -139.57
CA ALA C 668 -31.91 -37.67 -140.40
C ALA C 668 -33.15 -37.25 -139.61
N GLN C 669 -33.26 -35.96 -139.29
CA GLN C 669 -34.47 -35.40 -138.73
C GLN C 669 -34.82 -34.12 -139.49
N TYR C 670 -36.11 -33.89 -139.72
CA TYR C 670 -36.54 -32.73 -140.46
C TYR C 670 -36.36 -31.49 -139.61
N LYS C 671 -35.93 -30.39 -140.24
CA LYS C 671 -35.58 -29.17 -139.54
C LYS C 671 -36.76 -28.22 -139.35
N LYS C 672 -37.93 -28.55 -139.88
CA LYS C 672 -39.12 -27.70 -139.79
C LYS C 672 -40.25 -28.49 -139.16
N TRP C 673 -40.89 -27.90 -138.15
CA TRP C 673 -41.86 -28.62 -137.34
C TRP C 673 -43.00 -27.69 -136.94
N TYR C 674 -44.15 -28.28 -136.64
CA TYR C 674 -45.37 -27.52 -136.42
C TYR C 674 -46.29 -28.30 -135.50
N TYR C 675 -46.82 -27.60 -134.49
CA TYR C 675 -47.83 -28.17 -133.61
C TYR C 675 -48.76 -27.04 -133.17
N GLU C 676 -49.95 -27.43 -132.72
CA GLU C 676 -51.03 -26.47 -132.53
C GLU C 676 -51.76 -26.79 -131.23
N LEU C 677 -52.08 -25.73 -130.48
CA LEU C 677 -52.70 -25.85 -129.16
C LEU C 677 -54.11 -25.32 -129.20
N MET C 678 -55.02 -26.02 -128.50
CA MET C 678 -56.43 -25.64 -128.40
C MET C 678 -56.73 -25.38 -126.93
N VAL C 679 -57.19 -24.16 -126.62
CA VAL C 679 -57.54 -23.79 -125.25
C VAL C 679 -59.04 -23.98 -125.09
N ASP C 680 -59.44 -25.06 -124.41
CA ASP C 680 -60.86 -25.36 -124.23
C ASP C 680 -61.50 -24.39 -123.23
N HIS C 681 -60.82 -24.15 -122.10
CA HIS C 681 -61.35 -23.27 -121.08
C HIS C 681 -60.22 -22.81 -120.17
N THR C 682 -60.30 -21.55 -119.74
CA THR C 682 -59.28 -20.98 -118.86
C THR C 682 -59.94 -19.90 -118.00
N GLU C 683 -60.07 -20.18 -116.71
CA GLU C 683 -60.57 -19.17 -115.79
C GLU C 683 -59.51 -18.08 -115.61
N PRO C 684 -59.87 -16.81 -115.75
CA PRO C 684 -58.83 -15.75 -115.66
C PRO C 684 -58.24 -15.62 -114.27
N PHE C 685 -59.08 -15.58 -113.23
CA PHE C 685 -58.62 -15.40 -111.84
C PHE C 685 -59.26 -16.48 -110.98
N VAL C 686 -58.61 -17.64 -110.92
CA VAL C 686 -59.01 -18.66 -109.95
C VAL C 686 -58.61 -18.23 -108.55
N THR C 687 -57.48 -17.54 -108.43
CA THR C 687 -56.99 -16.97 -107.20
C THR C 687 -56.79 -15.46 -107.37
N ALA C 688 -56.18 -14.83 -106.37
CA ALA C 688 -55.86 -13.41 -106.48
C ALA C 688 -54.87 -13.16 -107.61
N GLU C 689 -53.86 -14.01 -107.73
CA GLU C 689 -52.88 -13.89 -108.80
C GLU C 689 -53.45 -14.45 -110.11
N ALA C 690 -53.12 -13.78 -111.21
CA ALA C 690 -53.59 -14.21 -112.52
C ALA C 690 -53.02 -15.58 -112.87
N THR C 691 -53.83 -16.38 -113.56
CA THR C 691 -53.43 -17.72 -113.96
C THR C 691 -52.31 -17.66 -114.99
N HIS C 692 -51.42 -18.66 -114.93
CA HIS C 692 -50.24 -18.74 -115.79
C HIS C 692 -50.54 -19.76 -116.88
N LEU C 693 -50.46 -19.32 -118.13
CA LEU C 693 -50.65 -20.19 -119.30
C LEU C 693 -49.68 -19.74 -120.38
N ARG C 694 -48.57 -20.45 -120.53
CA ARG C 694 -47.57 -20.18 -121.56
C ARG C 694 -47.33 -21.44 -122.37
N VAL C 695 -47.21 -21.27 -123.69
CA VAL C 695 -47.00 -22.40 -124.60
C VAL C 695 -45.83 -22.06 -125.52
N GLY C 696 -45.08 -23.09 -125.90
CA GLY C 696 -43.94 -22.93 -126.76
C GLY C 696 -43.05 -24.16 -126.71
N TRP C 697 -41.78 -23.94 -127.01
CA TRP C 697 -40.79 -25.01 -127.05
C TRP C 697 -39.79 -24.84 -125.90
N ALA C 698 -39.20 -25.97 -125.50
CA ALA C 698 -38.16 -25.99 -124.50
C ALA C 698 -37.05 -26.93 -124.95
N SER C 699 -35.84 -26.67 -124.46
CA SER C 699 -34.67 -27.44 -124.83
C SER C 699 -34.16 -28.23 -123.62
N THR C 700 -33.30 -29.21 -123.92
CA THR C 700 -32.68 -30.05 -122.91
C THR C 700 -31.17 -29.83 -122.95
N GLU C 701 -30.57 -29.65 -121.77
CA GLU C 701 -29.12 -29.50 -121.68
C GLU C 701 -28.45 -30.79 -122.11
N GLY C 702 -27.64 -30.71 -123.17
CA GLY C 702 -27.07 -31.92 -123.73
C GLY C 702 -28.14 -32.78 -124.39
N TYR C 703 -27.88 -34.08 -124.43
CA TYR C 703 -28.83 -35.05 -124.98
C TYR C 703 -29.61 -35.78 -123.90
N SER C 704 -29.49 -35.36 -122.64
CA SER C 704 -30.26 -35.96 -121.57
C SER C 704 -31.74 -35.60 -121.72
N PRO C 705 -32.65 -36.45 -121.26
CA PRO C 705 -34.08 -36.15 -121.37
C PRO C 705 -34.62 -35.16 -120.34
N TYR C 706 -33.77 -34.65 -119.44
CA TYR C 706 -34.20 -33.66 -118.46
C TYR C 706 -34.24 -32.28 -119.09
N PRO C 707 -35.32 -31.51 -118.89
CA PRO C 707 -35.28 -30.10 -119.27
C PRO C 707 -34.18 -29.37 -118.52
N GLY C 708 -33.49 -28.46 -119.20
CA GLY C 708 -32.33 -27.82 -118.63
C GLY C 708 -32.56 -26.41 -118.14
N GLY C 709 -31.80 -25.99 -117.13
CA GLY C 709 -31.80 -24.63 -116.66
C GLY C 709 -32.99 -24.20 -115.83
N GLY C 710 -33.91 -25.11 -115.54
CA GLY C 710 -35.11 -24.77 -114.80
C GLY C 710 -35.33 -25.69 -113.63
N GLU C 711 -35.92 -25.14 -112.57
CA GLU C 711 -36.22 -25.91 -111.38
C GLU C 711 -37.38 -26.87 -111.65
N GLU C 712 -37.31 -28.04 -111.04
CA GLU C 712 -38.32 -29.06 -111.28
C GLU C 712 -39.69 -28.61 -110.77
N TRP C 713 -39.72 -27.93 -109.62
CA TRP C 713 -40.96 -27.41 -109.06
C TRP C 713 -40.77 -25.97 -108.62
N GLY C 714 -41.89 -25.25 -108.54
CA GLY C 714 -41.93 -23.85 -108.18
C GLY C 714 -42.90 -23.10 -109.07
N GLY C 715 -42.69 -21.79 -109.16
CA GLY C 715 -43.54 -20.95 -109.99
C GLY C 715 -42.93 -20.66 -111.35
N ASN C 716 -41.96 -21.48 -111.75
CA ASN C 716 -41.27 -21.27 -113.02
C ASN C 716 -41.90 -22.14 -114.11
N GLY C 717 -42.12 -21.53 -115.28
CA GLY C 717 -42.70 -22.24 -116.40
C GLY C 717 -41.92 -22.03 -117.68
N VAL C 718 -42.58 -22.19 -118.83
CA VAL C 718 -41.92 -21.99 -120.12
C VAL C 718 -41.62 -20.50 -120.29
N GLY C 719 -40.38 -20.20 -120.68
CA GLY C 719 -39.95 -18.84 -120.86
C GLY C 719 -39.33 -18.19 -119.63
N ASP C 720 -39.31 -18.88 -118.49
CA ASP C 720 -38.69 -18.34 -117.30
C ASP C 720 -37.19 -18.64 -117.25
N ASP C 721 -36.77 -19.83 -117.65
CA ASP C 721 -35.37 -20.14 -117.82
C ASP C 721 -34.93 -19.81 -119.24
N LEU C 722 -33.63 -19.85 -119.48
CA LEU C 722 -33.08 -19.50 -120.77
C LEU C 722 -33.05 -20.69 -121.74
N PHE C 723 -33.65 -21.82 -121.35
CA PHE C 723 -33.74 -23.00 -122.19
C PHE C 723 -35.15 -23.19 -122.75
N SER C 724 -36.07 -22.28 -122.45
CA SER C 724 -37.45 -22.43 -122.88
C SER C 724 -37.88 -21.15 -123.61
N TYR C 725 -38.87 -21.30 -124.50
CA TYR C 725 -39.34 -20.20 -125.34
C TYR C 725 -40.85 -20.29 -125.40
N GLY C 726 -41.54 -19.29 -124.84
CA GLY C 726 -42.97 -19.37 -124.65
C GLY C 726 -43.69 -18.15 -125.18
N PHE C 727 -45.02 -18.24 -125.18
CA PHE C 727 -45.90 -17.18 -125.64
C PHE C 727 -47.21 -17.27 -124.88
N ASP C 728 -47.51 -16.25 -124.08
CA ASP C 728 -48.67 -16.26 -123.21
C ASP C 728 -49.88 -15.53 -123.78
N GLY C 729 -49.77 -14.98 -125.00
CA GLY C 729 -50.83 -14.24 -125.63
C GLY C 729 -50.50 -12.77 -125.85
N LEU C 730 -49.82 -12.14 -124.91
CA LEU C 730 -49.42 -10.74 -125.02
C LEU C 730 -47.91 -10.54 -125.04
N HIS C 731 -47.13 -11.47 -124.51
CA HIS C 731 -45.70 -11.29 -124.35
C HIS C 731 -44.95 -12.50 -124.90
N LEU C 732 -43.69 -12.27 -125.25
CA LEU C 732 -42.76 -13.33 -125.62
C LEU C 732 -41.83 -13.56 -124.44
N TRP C 733 -41.80 -14.80 -123.94
CA TRP C 733 -41.12 -15.12 -122.70
C TRP C 733 -39.86 -15.93 -122.98
N SER C 734 -38.74 -15.47 -122.42
CA SER C 734 -37.48 -16.19 -122.49
C SER C 734 -36.56 -15.67 -121.41
N GLY C 735 -36.22 -16.54 -120.45
CA GLY C 735 -35.35 -16.15 -119.36
C GLY C 735 -35.93 -15.13 -118.41
N CYS C 736 -37.18 -15.29 -117.99
CA CYS C 736 -37.90 -14.39 -117.09
C CYS C 736 -38.02 -12.98 -117.63
N ILE C 737 -37.83 -12.78 -118.93
CA ILE C 737 -37.97 -11.46 -119.55
C ILE C 737 -39.08 -11.53 -120.58
N ALA C 738 -40.06 -10.63 -120.45
CA ALA C 738 -41.22 -10.59 -121.32
C ALA C 738 -41.22 -9.29 -122.11
N ARG C 739 -41.35 -9.41 -123.43
CA ARG C 739 -41.49 -8.26 -124.32
C ARG C 739 -42.85 -8.32 -124.99
N THR C 740 -43.58 -7.19 -124.95
CA THR C 740 -44.91 -7.12 -125.53
C THR C 740 -44.82 -7.30 -127.04
N VAL C 741 -45.55 -8.28 -127.56
CA VAL C 741 -45.52 -8.62 -128.97
C VAL C 741 -46.83 -8.16 -129.62
N SER C 742 -46.73 -7.54 -130.78
CA SER C 742 -47.90 -7.03 -131.48
C SER C 742 -48.59 -8.14 -132.25
N SER C 743 -49.90 -8.28 -132.03
CA SER C 743 -50.70 -9.30 -132.69
C SER C 743 -52.08 -8.71 -132.95
N PRO C 744 -52.78 -9.20 -133.98
CA PRO C 744 -54.16 -8.79 -134.18
C PRO C 744 -55.04 -9.18 -133.00
N ASN C 745 -55.79 -8.21 -132.48
CA ASN C 745 -56.66 -8.40 -131.32
C ASN C 745 -55.88 -8.92 -130.12
N GLN C 746 -54.96 -8.10 -129.63
CA GLN C 746 -54.12 -8.49 -128.50
C GLN C 746 -54.96 -8.82 -127.28
N HIS C 747 -54.66 -9.95 -126.66
CA HIS C 747 -55.32 -10.38 -125.43
C HIS C 747 -54.57 -11.56 -124.84
N LEU C 748 -54.74 -11.75 -123.54
CA LEU C 748 -54.25 -12.97 -122.90
C LEU C 748 -55.03 -14.17 -123.41
N LEU C 749 -54.36 -15.33 -123.41
CA LEU C 749 -54.99 -16.55 -123.90
C LEU C 749 -56.23 -16.88 -123.09
N ARG C 750 -57.37 -16.98 -123.76
CA ARG C 750 -58.64 -17.24 -123.12
C ARG C 750 -59.30 -18.46 -123.75
N THR C 751 -60.57 -18.68 -123.39
CA THR C 751 -61.35 -19.78 -123.93
C THR C 751 -61.45 -19.68 -125.45
N ASP C 752 -61.31 -20.84 -126.10
CA ASP C 752 -61.47 -20.96 -127.56
C ASP C 752 -60.47 -20.10 -128.31
N ASP C 753 -59.22 -20.12 -127.84
CA ASP C 753 -58.10 -19.52 -128.55
C ASP C 753 -57.19 -20.64 -129.04
N VAL C 754 -56.75 -20.53 -130.29
CA VAL C 754 -55.94 -21.55 -130.94
C VAL C 754 -54.54 -20.98 -131.15
N ILE C 755 -53.54 -21.66 -130.58
CA ILE C 755 -52.14 -21.26 -130.70
C ILE C 755 -51.40 -22.35 -131.46
N SER C 756 -50.73 -21.98 -132.54
CA SER C 756 -49.93 -22.90 -133.32
C SER C 756 -48.49 -22.41 -133.38
N CYS C 757 -47.55 -23.31 -133.08
CA CYS C 757 -46.14 -22.96 -132.96
C CYS C 757 -45.36 -23.59 -134.10
N CYS C 758 -44.33 -22.86 -134.57
CA CYS C 758 -43.46 -23.32 -135.65
C CYS C 758 -42.02 -23.23 -135.17
N LEU C 759 -41.25 -24.29 -135.39
CA LEU C 759 -39.85 -24.34 -135.02
C LEU C 759 -39.01 -24.72 -136.23
N ASP C 760 -38.02 -23.90 -136.55
CA ASP C 760 -37.08 -24.15 -137.64
C ASP C 760 -35.70 -24.36 -137.03
N LEU C 761 -35.17 -25.57 -137.12
CA LEU C 761 -33.86 -25.89 -136.60
C LEU C 761 -32.74 -25.70 -137.62
N SER C 762 -33.07 -25.58 -138.91
CA SER C 762 -32.04 -25.27 -139.90
C SER C 762 -31.42 -23.91 -139.64
N ALA C 763 -32.26 -22.89 -139.48
CA ALA C 763 -31.85 -21.58 -138.99
C ALA C 763 -32.69 -21.29 -137.77
N PRO C 764 -32.09 -21.07 -136.59
CA PRO C 764 -32.87 -20.97 -135.35
C PRO C 764 -34.06 -20.02 -135.45
N SER C 765 -35.26 -20.58 -135.38
CA SER C 765 -36.49 -19.84 -135.67
C SER C 765 -37.64 -20.48 -134.92
N ILE C 766 -38.27 -19.71 -134.04
CA ILE C 766 -39.49 -20.12 -133.36
C ILE C 766 -40.56 -19.07 -133.67
N SER C 767 -41.65 -19.51 -134.30
CA SER C 767 -42.72 -18.63 -134.73
C SER C 767 -44.04 -19.07 -134.12
N PHE C 768 -44.87 -18.09 -133.79
CA PHE C 768 -46.18 -18.33 -133.20
C PHE C 768 -47.27 -17.81 -134.13
N ARG C 769 -48.43 -18.46 -134.05
CA ARG C 769 -49.55 -18.17 -134.93
C ARG C 769 -50.84 -18.30 -134.13
N ILE C 770 -51.48 -17.18 -133.84
CA ILE C 770 -52.65 -17.14 -132.96
C ILE C 770 -53.91 -17.05 -133.81
N ASN C 771 -54.83 -18.01 -133.60
CA ASN C 771 -56.15 -18.02 -134.24
C ASN C 771 -56.06 -17.84 -135.75
N GLY C 772 -54.97 -18.31 -136.36
CA GLY C 772 -54.75 -18.15 -137.78
C GLY C 772 -54.11 -16.84 -138.18
N GLN C 773 -53.89 -15.90 -137.24
CA GLN C 773 -53.23 -14.64 -137.54
C GLN C 773 -51.77 -14.69 -137.13
N PRO C 774 -50.88 -14.05 -137.90
CA PRO C 774 -49.44 -14.14 -137.58
C PRO C 774 -49.03 -13.26 -136.41
N VAL C 775 -48.33 -13.86 -135.45
CA VAL C 775 -47.80 -13.09 -134.33
C VAL C 775 -46.50 -12.44 -134.75
N GLN C 776 -46.42 -11.11 -134.61
CA GLN C 776 -45.22 -10.37 -134.98
C GLN C 776 -44.13 -10.52 -133.93
N GLY C 777 -43.76 -11.78 -133.69
CA GLY C 777 -42.73 -12.11 -132.73
C GLY C 777 -41.79 -13.14 -133.32
N MET C 778 -40.58 -13.20 -132.79
CA MET C 778 -39.53 -13.97 -133.44
C MET C 778 -38.44 -14.35 -132.44
N PHE C 779 -38.04 -15.62 -132.47
CA PHE C 779 -36.90 -16.11 -131.72
C PHE C 779 -35.82 -16.53 -132.72
N GLU C 780 -34.63 -15.96 -132.58
CA GLU C 780 -33.54 -16.16 -133.53
C GLU C 780 -32.25 -16.55 -132.81
N ASN C 781 -31.44 -17.33 -133.51
CA ASN C 781 -30.04 -17.58 -133.13
C ASN C 781 -29.91 -18.12 -131.72
N PHE C 782 -30.80 -19.04 -131.35
CA PHE C 782 -30.66 -19.71 -130.07
C PHE C 782 -29.85 -20.99 -130.23
N ASN C 783 -29.41 -21.54 -129.10
CA ASN C 783 -28.58 -22.73 -129.10
C ASN C 783 -29.37 -23.94 -129.59
N ILE C 784 -28.80 -24.68 -130.53
CA ILE C 784 -29.44 -25.84 -131.12
C ILE C 784 -28.70 -27.13 -130.78
N ASP C 785 -27.79 -27.10 -129.81
CA ASP C 785 -27.03 -28.28 -129.46
C ASP C 785 -27.92 -29.36 -128.83
N GLY C 786 -28.87 -28.95 -127.99
CA GLY C 786 -29.71 -29.87 -127.27
C GLY C 786 -30.97 -30.26 -128.04
N LEU C 787 -31.74 -31.16 -127.43
CA LEU C 787 -32.98 -31.62 -128.03
C LEU C 787 -34.15 -30.75 -127.58
N PHE C 788 -35.02 -30.42 -128.53
CA PHE C 788 -36.20 -29.61 -128.27
C PHE C 788 -37.42 -30.50 -128.06
N PHE C 789 -38.50 -29.89 -127.61
CA PHE C 789 -39.77 -30.57 -127.44
C PHE C 789 -40.86 -29.53 -127.16
N PRO C 790 -42.08 -29.77 -127.63
CA PRO C 790 -43.20 -28.89 -127.25
C PRO C 790 -43.48 -28.98 -125.76
N VAL C 791 -44.00 -27.88 -125.21
CA VAL C 791 -44.27 -27.81 -123.78
C VAL C 791 -45.25 -26.66 -123.53
N VAL C 792 -46.15 -26.88 -122.58
CA VAL C 792 -47.07 -25.84 -122.10
C VAL C 792 -46.94 -25.76 -120.59
N SER C 793 -46.85 -24.54 -120.06
CA SER C 793 -46.80 -24.31 -118.63
C SER C 793 -48.14 -23.73 -118.20
N PHE C 794 -48.80 -24.42 -117.27
CA PHE C 794 -50.14 -24.04 -116.85
C PHE C 794 -50.20 -23.91 -115.32
N SER C 795 -51.27 -23.27 -114.86
CA SER C 795 -51.53 -23.10 -113.44
C SER C 795 -52.94 -23.64 -113.20
N ALA C 796 -53.54 -23.36 -112.05
CA ALA C 796 -54.90 -23.78 -111.77
C ALA C 796 -55.87 -23.18 -112.78
N GLY C 797 -56.96 -23.89 -113.02
CA GLY C 797 -57.98 -23.44 -113.95
C GLY C 797 -57.55 -23.40 -115.40
N ILE C 798 -56.82 -24.42 -115.86
CA ILE C 798 -56.39 -24.52 -117.25
C ILE C 798 -56.90 -25.85 -117.80
N LYS C 799 -57.57 -25.79 -118.95
CA LYS C 799 -58.05 -26.98 -119.65
C LYS C 799 -57.76 -26.78 -121.14
N VAL C 800 -56.65 -27.36 -121.60
CA VAL C 800 -56.19 -27.19 -122.98
C VAL C 800 -55.95 -28.56 -123.58
N ARG C 801 -55.86 -28.58 -124.92
CA ARG C 801 -55.67 -29.81 -125.67
C ARG C 801 -54.55 -29.65 -126.69
N PHE C 802 -53.75 -30.71 -126.84
CA PHE C 802 -52.66 -30.77 -127.82
C PHE C 802 -53.24 -31.30 -129.13
N LEU C 803 -53.23 -30.47 -130.16
CA LEU C 803 -53.52 -30.91 -131.52
C LEU C 803 -52.18 -31.17 -132.20
N LEU C 804 -51.71 -32.41 -132.13
CA LEU C 804 -50.40 -32.77 -132.64
C LEU C 804 -50.41 -33.20 -134.10
N GLY C 805 -51.58 -33.40 -134.68
CA GLY C 805 -51.70 -33.76 -136.07
C GLY C 805 -51.75 -35.27 -136.28
N GLY C 806 -52.24 -35.66 -137.46
CA GLY C 806 -52.28 -37.06 -137.83
C GLY C 806 -53.26 -37.86 -137.00
N ARG C 807 -52.79 -39.00 -136.49
CA ARG C 807 -53.65 -39.88 -135.71
C ARG C 807 -54.10 -39.20 -134.41
N HIS C 808 -53.17 -38.52 -133.74
CA HIS C 808 -53.47 -37.98 -132.41
C HIS C 808 -54.41 -36.79 -132.49
N GLY C 809 -54.18 -35.89 -133.45
CA GLY C 809 -55.00 -34.70 -133.57
C GLY C 809 -55.16 -34.29 -135.03
N GLU C 810 -55.98 -33.25 -135.22
CA GLU C 810 -56.14 -32.61 -136.52
C GLU C 810 -55.95 -31.11 -136.34
N PHE C 811 -55.14 -30.51 -137.22
CA PHE C 811 -54.83 -29.10 -137.11
C PHE C 811 -56.03 -28.25 -137.55
N LYS C 812 -56.35 -27.24 -136.74
CA LYS C 812 -57.40 -26.30 -137.11
C LYS C 812 -57.00 -25.49 -138.34
N PHE C 813 -55.73 -25.10 -138.42
CA PHE C 813 -55.20 -24.34 -139.54
C PHE C 813 -54.13 -25.15 -140.26
N LEU C 814 -54.01 -24.92 -141.57
CA LEU C 814 -53.04 -25.63 -142.38
C LEU C 814 -51.62 -25.29 -141.94
N PRO C 815 -50.75 -26.28 -141.80
CA PRO C 815 -49.35 -26.01 -141.47
C PRO C 815 -48.69 -25.16 -142.53
N PRO C 816 -47.74 -24.32 -142.16
CA PRO C 816 -46.99 -23.55 -143.15
C PRO C 816 -46.25 -24.47 -144.10
N PRO C 817 -46.02 -24.05 -145.34
CA PRO C 817 -45.41 -24.95 -146.34
C PRO C 817 -44.09 -25.51 -145.85
N GLY C 818 -43.91 -26.81 -146.06
CA GLY C 818 -42.69 -27.47 -145.65
C GLY C 818 -42.50 -27.64 -144.15
N TYR C 819 -43.58 -27.61 -143.38
CA TYR C 819 -43.52 -27.75 -141.93
C TYR C 819 -44.20 -29.05 -141.53
N ALA C 820 -43.40 -30.05 -141.17
CA ALA C 820 -43.95 -31.35 -140.80
C ALA C 820 -44.68 -31.26 -139.46
N PRO C 821 -45.76 -32.02 -139.32
CA PRO C 821 -46.45 -32.09 -138.01
C PRO C 821 -45.57 -32.82 -136.99
N CYS C 822 -45.77 -32.49 -135.71
CA CYS C 822 -44.88 -32.99 -134.68
C CYS C 822 -45.08 -34.48 -134.39
N TYR C 823 -46.24 -35.03 -134.76
CA TYR C 823 -46.49 -36.44 -134.47
C TYR C 823 -45.61 -37.36 -135.29
N GLU C 824 -45.00 -36.84 -136.36
CA GLU C 824 -44.18 -37.64 -137.25
C GLU C 824 -42.79 -37.91 -136.69
N ALA C 825 -42.43 -37.29 -135.56
CA ALA C 825 -41.13 -37.51 -134.93
C ALA C 825 -41.13 -38.66 -133.94
N VAL C 826 -42.29 -39.29 -133.69
CA VAL C 826 -42.33 -40.40 -132.75
C VAL C 826 -41.60 -41.60 -133.33
N LEU C 827 -40.79 -42.25 -132.49
CA LEU C 827 -40.10 -43.45 -132.91
C LEU C 827 -41.11 -44.56 -133.18
N PRO C 828 -40.81 -45.48 -134.11
CA PRO C 828 -41.80 -46.49 -134.52
C PRO C 828 -42.37 -47.32 -133.37
N LYS C 829 -41.49 -47.99 -132.61
CA LYS C 829 -41.96 -48.84 -131.53
C LYS C 829 -42.44 -48.06 -130.32
N GLU C 830 -42.10 -46.78 -130.22
CA GLU C 830 -42.54 -45.96 -129.11
C GLU C 830 -43.90 -45.32 -129.42
N LYS C 831 -44.71 -45.16 -128.38
CA LYS C 831 -46.06 -44.65 -128.48
C LYS C 831 -46.10 -43.22 -127.96
N LEU C 832 -46.68 -42.32 -128.74
CA LEU C 832 -46.74 -40.91 -128.34
C LEU C 832 -47.73 -40.72 -127.21
N LYS C 833 -47.23 -40.22 -126.08
CA LYS C 833 -48.04 -39.94 -124.90
C LYS C 833 -47.63 -38.58 -124.35
N VAL C 834 -48.55 -37.94 -123.65
CA VAL C 834 -48.26 -36.66 -123.01
C VAL C 834 -48.05 -36.90 -121.52
N GLU C 835 -46.87 -36.54 -121.02
CA GLU C 835 -46.50 -36.78 -119.63
C GLU C 835 -46.13 -35.47 -118.96
N HIS C 836 -45.78 -35.58 -117.68
CA HIS C 836 -45.21 -34.45 -116.96
C HIS C 836 -43.82 -34.14 -117.48
N SER C 837 -43.50 -32.85 -117.58
CA SER C 837 -42.14 -32.47 -117.98
C SER C 837 -41.13 -32.92 -116.95
N ARG C 838 -41.50 -32.87 -115.67
CA ARG C 838 -40.63 -33.33 -114.60
C ARG C 838 -40.99 -34.75 -114.19
N GLU C 839 -40.06 -35.39 -113.49
CA GLU C 839 -40.19 -36.82 -113.23
C GLU C 839 -41.04 -37.11 -112.00
N TYR C 840 -41.16 -36.15 -111.08
CA TYR C 840 -41.96 -36.32 -109.88
C TYR C 840 -43.31 -35.64 -110.04
N LYS C 841 -44.37 -36.35 -109.64
CA LYS C 841 -45.74 -35.87 -109.75
C LYS C 841 -46.47 -36.17 -108.46
N GLN C 842 -47.78 -35.88 -108.44
CA GLN C 842 -48.59 -36.11 -107.27
C GLN C 842 -49.04 -37.57 -107.18
N GLU C 843 -48.75 -38.19 -106.04
CA GLU C 843 -49.09 -39.58 -105.77
C GLU C 843 -48.76 -39.86 -104.32
N ARG C 844 -49.10 -41.08 -103.87
CA ARG C 844 -48.83 -41.46 -102.49
C ARG C 844 -47.33 -41.52 -102.24
N THR C 845 -46.95 -41.16 -101.00
CA THR C 845 -45.52 -41.07 -100.67
C THR C 845 -44.86 -42.45 -100.71
N TYR C 846 -45.56 -43.50 -100.28
CA TYR C 846 -44.97 -44.84 -100.33
C TYR C 846 -45.00 -45.42 -101.74
N THR C 847 -45.98 -45.02 -102.55
CA THR C 847 -46.01 -45.44 -103.95
C THR C 847 -45.14 -44.56 -104.83
N ARG C 848 -44.60 -43.47 -104.30
CA ARG C 848 -43.78 -42.55 -105.09
C ARG C 848 -42.55 -43.25 -105.63
N ASP C 849 -42.38 -43.20 -106.95
CA ASP C 849 -41.24 -43.78 -107.62
C ASP C 849 -40.11 -42.76 -107.62
N LEU C 850 -39.02 -43.07 -106.92
CA LEU C 850 -37.87 -42.18 -106.85
C LEU C 850 -36.94 -42.52 -108.00
N LEU C 851 -36.66 -41.54 -108.86
CA LEU C 851 -35.83 -41.74 -110.04
C LEU C 851 -34.46 -41.12 -109.83
N GLY C 852 -33.41 -41.90 -110.08
CA GLY C 852 -32.06 -41.39 -110.07
C GLY C 852 -31.73 -40.74 -111.40
N PRO C 853 -30.46 -40.43 -111.61
CA PRO C 853 -30.05 -39.88 -112.91
C PRO C 853 -30.34 -40.86 -114.04
N THR C 854 -30.78 -40.32 -115.17
CA THR C 854 -31.09 -41.13 -116.34
C THR C 854 -29.98 -41.02 -117.38
N VAL C 855 -29.84 -42.09 -118.16
CA VAL C 855 -28.83 -42.10 -119.22
C VAL C 855 -29.21 -41.08 -120.30
N SER C 856 -28.19 -40.41 -120.84
CA SER C 856 -28.41 -39.42 -121.88
C SER C 856 -28.96 -40.11 -123.13
N LEU C 857 -29.98 -39.51 -123.74
CA LEU C 857 -30.61 -40.10 -124.91
C LEU C 857 -29.90 -39.71 -126.19
N THR C 858 -28.60 -40.01 -126.26
CA THR C 858 -27.87 -39.79 -127.51
C THR C 858 -28.33 -40.74 -128.60
N GLN C 859 -28.88 -41.89 -128.23
CA GLN C 859 -29.38 -42.84 -129.23
C GLN C 859 -30.62 -42.33 -129.92
N ALA C 860 -31.29 -41.33 -129.35
CA ALA C 860 -32.45 -40.73 -130.01
C ALA C 860 -32.06 -40.10 -131.33
N ALA C 861 -30.94 -39.39 -131.36
CA ALA C 861 -30.40 -38.88 -132.61
C ALA C 861 -29.65 -39.99 -133.34
N PHE C 862 -29.96 -40.15 -134.62
CA PHE C 862 -29.39 -41.22 -135.44
C PHE C 862 -28.39 -40.61 -136.41
N THR C 863 -27.15 -41.08 -136.34
CA THR C 863 -26.09 -40.62 -137.23
C THR C 863 -25.33 -41.84 -137.75
N PRO C 864 -25.24 -42.02 -139.06
CA PRO C 864 -24.51 -43.18 -139.59
C PRO C 864 -23.02 -43.05 -139.33
N ILE C 865 -22.42 -44.11 -138.79
CA ILE C 865 -20.99 -44.12 -138.50
C ILE C 865 -20.38 -45.34 -139.17
N PRO C 866 -20.14 -45.29 -140.49
CA PRO C 866 -19.42 -46.39 -141.15
C PRO C 866 -17.91 -46.23 -140.94
N VAL C 867 -17.22 -47.36 -140.76
CA VAL C 867 -15.78 -47.34 -140.62
C VAL C 867 -15.14 -47.14 -141.99
N ASP C 868 -14.20 -46.22 -142.08
CA ASP C 868 -13.50 -45.97 -143.33
C ASP C 868 -12.57 -47.14 -143.65
N THR C 869 -12.62 -47.60 -144.90
CA THR C 869 -11.85 -48.75 -145.33
C THR C 869 -10.78 -48.42 -146.38
N SER C 870 -10.70 -47.17 -146.81
CA SER C 870 -9.74 -46.81 -147.86
C SER C 870 -8.30 -47.03 -147.40
N GLN C 871 -8.05 -46.88 -146.09
CA GLN C 871 -6.70 -47.08 -145.58
C GLN C 871 -6.30 -48.55 -145.64
N ILE C 872 -7.27 -49.46 -145.55
CA ILE C 872 -6.96 -50.87 -145.67
C ILE C 872 -6.60 -51.19 -147.12
N VAL C 873 -5.46 -51.86 -147.30
CA VAL C 873 -5.00 -52.27 -148.61
C VAL C 873 -5.08 -53.79 -148.70
N LEU C 874 -5.56 -54.29 -149.82
CA LEU C 874 -5.72 -55.73 -149.99
C LEU C 874 -4.36 -56.38 -150.23
N PRO C 875 -4.04 -57.47 -149.54
CA PRO C 875 -2.91 -58.31 -149.95
C PRO C 875 -3.14 -58.88 -151.35
N PRO C 876 -2.07 -59.11 -152.11
CA PRO C 876 -2.25 -59.55 -153.52
C PRO C 876 -3.03 -60.84 -153.70
N HIS C 877 -2.89 -61.78 -152.76
CA HIS C 877 -3.64 -63.04 -152.85
C HIS C 877 -5.12 -62.81 -152.59
N LEU C 878 -5.44 -62.08 -151.53
CA LEU C 878 -6.83 -61.70 -151.31
C LEU C 878 -7.31 -60.83 -152.47
N GLU C 879 -6.38 -60.26 -153.24
CA GLU C 879 -6.78 -59.47 -154.38
C GLU C 879 -7.16 -60.32 -155.61
N ARG C 880 -6.39 -61.39 -155.96
CA ARG C 880 -6.96 -62.29 -156.96
C ARG C 880 -8.35 -62.69 -156.53
N ILE C 881 -8.45 -63.12 -155.27
CA ILE C 881 -9.72 -63.60 -154.76
C ILE C 881 -10.76 -62.49 -154.83
N ARG C 882 -10.31 -61.23 -154.75
CA ARG C 882 -11.23 -60.11 -154.86
C ARG C 882 -11.86 -60.05 -156.24
N GLU C 883 -11.06 -60.07 -157.32
CA GLU C 883 -11.72 -59.99 -158.62
C GLU C 883 -12.53 -61.26 -158.91
N LYS C 884 -11.97 -62.42 -158.55
CA LYS C 884 -12.68 -63.67 -158.82
C LYS C 884 -14.00 -63.73 -158.06
N LEU C 885 -14.00 -63.31 -156.80
CA LEU C 885 -15.24 -63.25 -156.04
C LEU C 885 -16.13 -62.11 -156.51
N ALA C 886 -15.59 -61.11 -157.21
CA ALA C 886 -16.46 -60.13 -157.84
C ALA C 886 -17.29 -60.75 -158.96
N GLU C 887 -16.64 -61.59 -159.78
CA GLU C 887 -17.42 -62.37 -160.73
C GLU C 887 -18.42 -63.27 -160.02
N ASN C 888 -17.96 -63.94 -158.95
CA ASN C 888 -18.88 -64.72 -158.13
C ASN C 888 -20.04 -63.89 -157.60
N ILE C 889 -19.80 -62.62 -157.28
CA ILE C 889 -20.85 -61.75 -156.75
C ILE C 889 -21.88 -61.41 -157.81
N HIS C 890 -21.47 -61.13 -159.05
CA HIS C 890 -22.55 -60.83 -160.01
C HIS C 890 -23.33 -62.11 -160.29
N GLU C 891 -22.64 -63.26 -160.27
CA GLU C 891 -23.35 -64.53 -160.33
C GLU C 891 -24.37 -64.67 -159.21
N LEU C 892 -23.98 -64.44 -157.95
CA LEU C 892 -24.91 -64.52 -156.84
C LEU C 892 -26.04 -63.51 -156.96
N TRP C 893 -25.76 -62.32 -157.48
CA TRP C 893 -26.82 -61.33 -157.60
C TRP C 893 -27.87 -61.77 -158.60
N VAL C 894 -27.45 -62.23 -159.78
CA VAL C 894 -28.43 -62.68 -160.77
C VAL C 894 -29.13 -63.94 -160.28
N MET C 895 -28.45 -64.75 -159.47
CA MET C 895 -29.12 -65.93 -158.92
C MET C 895 -30.15 -65.56 -157.87
N ASN C 896 -29.88 -64.54 -157.05
CA ASN C 896 -30.92 -64.01 -156.18
C ASN C 896 -32.09 -63.47 -156.99
N LYS C 897 -31.79 -62.79 -158.11
CA LYS C 897 -32.84 -62.28 -158.98
C LYS C 897 -33.72 -63.41 -159.51
N ILE C 898 -33.12 -64.53 -159.89
CA ILE C 898 -33.89 -65.68 -160.38
C ILE C 898 -34.56 -66.46 -159.26
N GLU C 899 -34.02 -66.41 -158.03
CA GLU C 899 -34.69 -67.03 -156.89
C GLU C 899 -35.91 -66.24 -156.48
N LEU C 900 -35.91 -64.93 -156.71
CA LEU C 900 -37.10 -64.12 -156.44
C LEU C 900 -38.27 -64.48 -157.35
N GLY C 901 -38.05 -65.29 -158.38
CA GLY C 901 -39.11 -65.58 -159.33
C GLY C 901 -39.52 -64.39 -160.16
N TRP C 902 -38.56 -63.61 -160.64
CA TRP C 902 -38.86 -62.35 -161.32
C TRP C 902 -38.83 -62.61 -162.82
N GLN C 903 -39.33 -61.67 -163.62
CA GLN C 903 -39.43 -61.85 -165.06
C GLN C 903 -38.48 -60.91 -165.78
N TYR C 904 -38.04 -61.33 -166.97
CA TYR C 904 -37.12 -60.55 -167.79
C TYR C 904 -37.86 -59.96 -168.98
N GLY C 905 -37.62 -58.67 -169.24
CA GLY C 905 -38.28 -57.98 -170.32
C GLY C 905 -37.40 -56.92 -170.96
N PRO C 906 -37.94 -56.21 -171.95
CA PRO C 906 -37.13 -55.22 -172.68
C PRO C 906 -36.90 -53.94 -171.92
N VAL C 907 -37.85 -53.53 -171.08
CA VAL C 907 -37.76 -52.26 -170.38
C VAL C 907 -37.46 -52.51 -168.91
N ARG C 908 -36.85 -51.51 -168.25
CA ARG C 908 -36.39 -51.65 -166.87
C ARG C 908 -37.42 -51.05 -165.90
N ASP C 909 -38.60 -51.66 -165.86
CA ASP C 909 -39.70 -51.18 -165.04
C ASP C 909 -40.13 -52.23 -164.04
N ASP C 910 -40.17 -51.85 -162.75
CA ASP C 910 -40.61 -52.78 -161.72
C ASP C 910 -42.13 -52.90 -161.70
N ASN C 911 -42.85 -51.81 -162.00
CA ASN C 911 -44.30 -51.83 -161.93
C ASN C 911 -44.89 -52.78 -162.97
N LYS C 912 -44.33 -52.80 -164.19
CA LYS C 912 -44.85 -53.70 -165.20
C LYS C 912 -44.17 -55.07 -165.10
N ARG C 913 -43.24 -55.21 -164.16
CA ARG C 913 -42.67 -56.48 -163.71
C ARG C 913 -41.69 -57.10 -164.70
N GLN C 914 -40.97 -56.28 -165.46
CA GLN C 914 -39.95 -56.76 -166.39
C GLN C 914 -38.64 -56.01 -166.15
N HIS C 915 -37.52 -56.75 -166.15
CA HIS C 915 -36.18 -56.18 -166.09
C HIS C 915 -35.24 -57.08 -166.89
N PRO C 916 -34.42 -56.51 -167.79
CA PRO C 916 -33.43 -57.32 -168.51
C PRO C 916 -32.16 -57.59 -167.71
N CYS C 917 -32.18 -57.42 -166.39
CA CYS C 917 -31.00 -57.58 -165.55
C CYS C 917 -30.91 -58.94 -164.90
N LEU C 918 -31.38 -59.99 -165.58
CA LEU C 918 -31.52 -61.30 -164.97
C LEU C 918 -30.53 -62.34 -165.49
N VAL C 919 -29.94 -62.13 -166.67
CA VAL C 919 -29.23 -63.23 -167.33
C VAL C 919 -27.75 -63.19 -167.01
N GLU C 920 -27.06 -62.12 -167.41
CA GLU C 920 -25.64 -62.06 -167.12
C GLU C 920 -25.20 -60.63 -166.74
N PHE C 921 -23.89 -60.47 -166.54
CA PHE C 921 -23.36 -59.16 -166.18
C PHE C 921 -23.28 -58.24 -167.39
N SER C 922 -23.00 -58.79 -168.57
CA SER C 922 -22.89 -57.94 -169.75
C SER C 922 -24.26 -57.45 -170.20
N LYS C 923 -25.31 -58.24 -169.95
CA LYS C 923 -26.66 -57.78 -170.22
C LYS C 923 -27.00 -56.58 -169.34
N LEU C 924 -26.39 -56.51 -168.16
CA LEU C 924 -26.51 -55.33 -167.31
C LEU C 924 -25.79 -54.14 -167.94
N PRO C 925 -26.13 -52.92 -167.54
CA PRO C 925 -25.26 -51.78 -167.82
C PRO C 925 -23.88 -52.02 -167.22
N GLU C 926 -22.85 -51.67 -167.97
CA GLU C 926 -21.48 -51.92 -167.51
C GLU C 926 -21.16 -51.09 -166.28
N GLN C 927 -21.69 -49.86 -166.21
CA GLN C 927 -21.51 -49.05 -165.02
C GLN C 927 -22.19 -49.66 -163.80
N GLU C 928 -23.39 -50.24 -163.99
CA GLU C 928 -24.05 -50.91 -162.89
C GLU C 928 -23.26 -52.13 -162.41
N ARG C 929 -22.72 -52.90 -163.36
CA ARG C 929 -21.92 -54.06 -162.99
C ARG C 929 -20.65 -53.62 -162.26
N ASN C 930 -20.04 -52.51 -162.71
CA ASN C 930 -18.86 -51.98 -162.04
C ASN C 930 -19.19 -51.51 -160.63
N TYR C 931 -20.34 -50.88 -160.43
CA TYR C 931 -20.73 -50.49 -159.08
C TYR C 931 -21.01 -51.70 -158.20
N ASN C 932 -21.58 -52.76 -158.79
CA ASN C 932 -21.75 -54.01 -158.06
C ASN C 932 -20.41 -54.56 -157.60
N LEU C 933 -19.44 -54.57 -158.51
CA LEU C 933 -18.08 -55.01 -158.19
C LEU C 933 -17.48 -54.16 -157.09
N GLN C 934 -17.66 -52.84 -157.16
CA GLN C 934 -17.02 -51.99 -156.18
C GLN C 934 -17.68 -52.09 -154.82
N MET C 935 -19.00 -52.38 -154.78
CA MET C 935 -19.63 -52.53 -153.46
C MET C 935 -19.28 -53.88 -152.86
N SER C 936 -19.05 -54.89 -153.70
CA SER C 936 -18.49 -56.15 -153.18
C SER C 936 -17.09 -55.94 -152.64
N LEU C 937 -16.30 -55.13 -153.35
CA LEU C 937 -14.97 -54.74 -152.87
C LEU C 937 -15.05 -54.01 -151.53
N GLU C 938 -16.01 -53.10 -151.40
CA GLU C 938 -16.19 -52.37 -150.15
C GLU C 938 -16.68 -53.29 -149.04
N THR C 939 -17.52 -54.26 -149.38
CA THR C 939 -17.99 -55.23 -148.38
C THR C 939 -16.84 -56.07 -147.85
N LEU C 940 -15.94 -56.52 -148.73
CA LEU C 940 -14.80 -57.29 -148.25
C LEU C 940 -13.78 -56.41 -147.55
N LYS C 941 -13.69 -55.13 -147.93
CA LYS C 941 -12.85 -54.21 -147.15
C LYS C 941 -13.43 -53.96 -145.77
N THR C 942 -14.76 -53.97 -145.64
CA THR C 942 -15.39 -53.95 -144.32
C THR C 942 -15.07 -55.22 -143.53
N LEU C 943 -15.14 -56.37 -144.19
CA LEU C 943 -14.69 -57.62 -143.57
C LEU C 943 -13.28 -57.51 -143.03
N LEU C 944 -12.37 -56.89 -143.80
CA LEU C 944 -11.01 -56.66 -143.33
C LEU C 944 -10.97 -55.66 -142.18
N ALA C 945 -11.77 -54.59 -142.26
CA ALA C 945 -11.75 -53.53 -141.26
C ALA C 945 -12.17 -54.06 -139.89
N LEU C 946 -13.15 -54.97 -139.86
CA LEU C 946 -13.51 -55.59 -138.60
C LEU C 946 -12.41 -56.54 -138.11
N GLY C 947 -11.43 -56.84 -138.96
CA GLY C 947 -10.21 -57.49 -138.52
C GLY C 947 -10.15 -58.99 -138.70
N CYS C 948 -10.86 -59.54 -139.68
CA CYS C 948 -10.82 -60.98 -139.89
C CYS C 948 -9.43 -61.42 -140.34
N HIS C 949 -8.89 -62.44 -139.66
CA HIS C 949 -7.61 -63.00 -140.07
C HIS C 949 -7.78 -63.75 -141.38
N VAL C 950 -6.93 -63.41 -142.36
CA VAL C 950 -7.03 -64.02 -143.69
C VAL C 950 -6.73 -65.51 -143.58
N GLY C 951 -7.63 -66.32 -144.12
CA GLY C 951 -7.46 -67.76 -144.08
C GLY C 951 -7.91 -68.41 -145.37
N ILE C 952 -7.23 -69.49 -145.72
CA ILE C 952 -7.51 -70.23 -146.96
C ILE C 952 -7.47 -71.72 -146.64
N SER C 953 -8.41 -72.47 -147.22
CA SER C 953 -8.47 -73.91 -146.97
C SER C 953 -7.34 -74.64 -147.69
N ASP C 954 -7.34 -74.57 -149.01
CA ASP C 954 -6.32 -75.24 -149.82
C ASP C 954 -6.34 -74.66 -151.23
N GLU C 955 -5.28 -74.94 -151.98
CA GLU C 955 -5.15 -74.40 -153.32
C GLU C 955 -6.09 -75.08 -154.32
N HIS C 956 -6.42 -76.35 -154.10
CA HIS C 956 -7.37 -77.03 -154.97
C HIS C 956 -8.76 -76.42 -154.87
N ALA C 957 -9.19 -76.09 -153.65
CA ALA C 957 -10.49 -75.46 -153.45
C ALA C 957 -10.58 -74.09 -154.10
N GLU C 958 -9.46 -73.48 -154.43
CA GLU C 958 -9.42 -72.23 -155.19
C GLU C 958 -9.33 -72.45 -156.69
N ASP C 959 -8.47 -73.37 -157.14
CA ASP C 959 -8.32 -73.62 -158.57
C ASP C 959 -9.58 -74.22 -159.16
N LYS C 960 -10.19 -75.18 -158.48
CA LYS C 960 -11.38 -75.87 -158.96
C LYS C 960 -12.47 -75.78 -157.91
N VAL C 961 -13.50 -74.99 -158.20
CA VAL C 961 -14.68 -74.91 -157.35
C VAL C 961 -15.78 -75.76 -157.99
N LYS C 962 -16.58 -76.39 -157.15
CA LYS C 962 -17.63 -77.25 -157.65
C LYS C 962 -18.80 -76.42 -158.18
N LYS C 963 -19.62 -77.06 -159.02
CA LYS C 963 -20.77 -76.42 -159.68
C LYS C 963 -22.01 -77.29 -159.38
N MET C 964 -22.80 -76.89 -158.39
CA MET C 964 -24.05 -77.61 -158.14
C MET C 964 -25.02 -77.33 -159.27
N LYS C 965 -25.83 -78.33 -159.61
CA LYS C 965 -26.85 -78.16 -160.65
C LYS C 965 -28.22 -78.14 -159.97
N LEU C 966 -29.00 -77.11 -160.28
CA LEU C 966 -30.40 -77.02 -159.86
C LEU C 966 -31.27 -77.50 -161.01
N PRO C 967 -32.55 -77.84 -160.77
CA PRO C 967 -33.40 -78.29 -161.87
C PRO C 967 -33.53 -77.22 -162.95
N LYS C 968 -34.08 -77.65 -164.09
CA LYS C 968 -34.18 -76.76 -165.24
C LYS C 968 -35.08 -75.57 -164.93
N ASN C 969 -36.05 -75.74 -164.04
CA ASN C 969 -36.93 -74.63 -163.67
C ASN C 969 -36.14 -73.50 -163.01
N TYR C 970 -35.20 -73.84 -162.14
CA TYR C 970 -34.37 -72.86 -161.45
C TYR C 970 -33.01 -72.66 -162.12
N GLN C 971 -32.82 -73.24 -163.30
CA GLN C 971 -31.62 -73.07 -164.09
C GLN C 971 -31.59 -71.68 -164.71
N LEU C 972 -30.48 -70.98 -164.54
CA LEU C 972 -30.35 -69.65 -165.12
C LEU C 972 -30.29 -69.74 -166.64
N THR C 973 -30.84 -68.72 -167.30
CA THR C 973 -30.81 -68.68 -168.77
C THR C 973 -29.38 -68.60 -169.29
N SER C 974 -28.48 -67.96 -168.54
CA SER C 974 -27.09 -67.90 -168.93
C SER C 974 -26.41 -69.24 -168.66
N GLY C 975 -25.15 -69.34 -169.09
CA GLY C 975 -24.40 -70.58 -168.96
C GLY C 975 -23.79 -70.81 -167.59
N TYR C 976 -23.97 -69.88 -166.66
CA TYR C 976 -23.38 -70.03 -165.34
C TYR C 976 -24.07 -71.14 -164.55
N LYS C 977 -23.35 -71.65 -163.56
CA LYS C 977 -23.89 -72.67 -162.66
C LYS C 977 -25.06 -72.08 -161.88
N PRO C 978 -26.13 -72.85 -161.68
CA PRO C 978 -27.30 -72.31 -160.96
C PRO C 978 -26.98 -71.79 -159.57
N ALA C 979 -25.92 -72.29 -158.94
CA ALA C 979 -25.45 -71.79 -157.66
C ALA C 979 -24.02 -72.29 -157.47
N PRO C 980 -23.22 -71.65 -156.63
CA PRO C 980 -21.85 -72.15 -156.41
C PRO C 980 -21.81 -73.54 -155.81
N MET C 981 -22.44 -73.75 -154.65
CA MET C 981 -22.54 -75.08 -154.05
C MET C 981 -23.57 -75.03 -152.93
N ASP C 982 -24.32 -76.12 -152.77
CA ASP C 982 -25.52 -76.12 -151.94
C ASP C 982 -25.22 -75.85 -150.47
N LEU C 983 -26.16 -75.18 -149.80
CA LEU C 983 -25.95 -74.67 -148.45
C LEU C 983 -25.88 -75.79 -147.42
N SER C 984 -26.22 -77.02 -147.80
CA SER C 984 -26.27 -78.10 -146.82
C SER C 984 -24.90 -78.43 -146.26
N PHE C 985 -23.91 -78.60 -147.15
CA PHE C 985 -22.58 -79.02 -146.71
C PHE C 985 -21.82 -77.92 -145.98
N ILE C 986 -22.25 -76.66 -146.11
CA ILE C 986 -21.57 -75.53 -145.49
C ILE C 986 -22.45 -75.01 -144.36
N LYS C 987 -21.96 -75.15 -143.12
CA LYS C 987 -22.57 -74.53 -141.95
C LYS C 987 -21.66 -73.41 -141.47
N LEU C 988 -22.21 -72.21 -141.36
CA LEU C 988 -21.39 -71.04 -141.03
C LEU C 988 -21.41 -70.78 -139.52
N THR C 989 -20.22 -70.57 -138.96
CA THR C 989 -20.09 -70.49 -137.52
C THR C 989 -20.64 -69.17 -137.00
N PRO C 990 -21.11 -69.13 -135.74
CA PRO C 990 -21.64 -67.87 -135.19
C PRO C 990 -20.62 -66.74 -135.16
N SER C 991 -19.32 -67.09 -135.11
CA SER C 991 -18.29 -66.06 -135.15
C SER C 991 -18.38 -65.21 -136.41
N GLN C 992 -18.63 -65.84 -137.55
CA GLN C 992 -18.88 -65.09 -138.77
C GLN C 992 -20.35 -64.73 -138.96
N GLU C 993 -21.27 -65.37 -138.23
CA GLU C 993 -22.66 -64.93 -138.28
C GLU C 993 -22.82 -63.52 -137.70
N ALA C 994 -22.16 -63.24 -136.57
CA ALA C 994 -22.14 -61.88 -136.05
C ALA C 994 -21.34 -60.94 -136.96
N MET C 995 -20.31 -61.47 -137.61
CA MET C 995 -19.54 -60.73 -138.61
C MET C 995 -20.46 -60.21 -139.73
N VAL C 996 -21.36 -61.06 -140.24
CA VAL C 996 -22.30 -60.66 -141.27
C VAL C 996 -23.28 -59.62 -140.73
N ASP C 997 -23.69 -59.76 -139.46
CA ASP C 997 -24.56 -58.76 -138.86
C ASP C 997 -23.89 -57.39 -138.86
N LYS C 998 -22.62 -57.34 -138.47
CA LYS C 998 -21.88 -56.08 -138.48
C LYS C 998 -21.77 -55.54 -139.90
N LEU C 999 -21.56 -56.42 -140.88
CA LEU C 999 -21.63 -56.00 -142.28
C LEU C 999 -22.98 -55.36 -142.59
N ALA C 1000 -24.07 -55.92 -142.06
CA ALA C 1000 -25.40 -55.37 -142.30
C ALA C 1000 -25.52 -53.97 -141.72
N GLU C 1001 -25.06 -53.77 -140.47
CA GLU C 1001 -25.11 -52.42 -139.90
C GLU C 1001 -24.27 -51.44 -140.72
N ASN C 1002 -23.08 -51.85 -141.15
CA ASN C 1002 -22.22 -50.91 -141.88
C ASN C 1002 -22.81 -50.58 -143.25
N ALA C 1003 -23.39 -51.58 -143.93
CA ALA C 1003 -24.04 -51.30 -145.21
C ALA C 1003 -25.24 -50.38 -145.04
N HIS C 1004 -26.02 -50.60 -143.98
CA HIS C 1004 -27.14 -49.71 -143.70
C HIS C 1004 -26.65 -48.29 -143.43
N ASN C 1005 -25.55 -48.15 -142.69
CA ASN C 1005 -24.99 -46.83 -142.44
C ASN C 1005 -24.48 -46.17 -143.71
N VAL C 1006 -23.89 -46.95 -144.62
CA VAL C 1006 -23.43 -46.40 -145.89
C VAL C 1006 -24.63 -45.89 -146.71
N TRP C 1007 -25.69 -46.69 -146.77
CA TRP C 1007 -26.89 -46.25 -147.48
C TRP C 1007 -27.49 -45.02 -146.83
N ALA C 1008 -27.45 -44.96 -145.49
CA ALA C 1008 -28.00 -43.81 -144.77
C ALA C 1008 -27.20 -42.54 -145.03
N ARG C 1009 -25.87 -42.62 -145.05
CA ARG C 1009 -25.09 -41.43 -145.39
C ARG C 1009 -25.28 -41.06 -146.85
N ASP C 1010 -25.51 -42.04 -147.73
CA ASP C 1010 -25.86 -41.71 -149.11
C ASP C 1010 -27.16 -40.91 -149.17
N ARG C 1011 -28.17 -41.34 -148.40
CA ARG C 1011 -29.41 -40.60 -148.33
C ARG C 1011 -29.21 -39.22 -147.74
N ILE C 1012 -28.36 -39.11 -146.73
CA ILE C 1012 -28.06 -37.81 -146.12
C ILE C 1012 -27.40 -36.87 -147.13
N ARG C 1013 -26.44 -37.38 -147.91
CA ARG C 1013 -25.83 -36.58 -148.97
C ARG C 1013 -26.88 -36.15 -149.99
N GLN C 1014 -27.79 -37.05 -150.34
CA GLN C 1014 -28.91 -36.68 -151.21
C GLN C 1014 -29.83 -35.66 -150.57
N GLY C 1015 -29.83 -35.57 -149.24
CA GLY C 1015 -30.71 -34.66 -148.53
C GLY C 1015 -31.92 -35.32 -147.90
N TRP C 1016 -32.01 -36.65 -147.92
CA TRP C 1016 -33.18 -37.34 -147.40
C TRP C 1016 -33.20 -37.29 -145.87
N THR C 1017 -34.41 -37.32 -145.32
CA THR C 1017 -34.62 -37.30 -143.88
C THR C 1017 -35.66 -38.34 -143.50
N TYR C 1018 -35.62 -38.76 -142.23
CA TYR C 1018 -36.55 -39.77 -141.74
C TYR C 1018 -37.98 -39.26 -141.78
N GLY C 1019 -38.88 -40.13 -142.24
CA GLY C 1019 -40.30 -39.83 -142.26
C GLY C 1019 -41.13 -41.07 -142.06
N ILE C 1020 -42.10 -41.03 -141.14
CA ILE C 1020 -42.91 -42.20 -140.83
C ILE C 1020 -43.69 -42.64 -142.05
N GLN C 1021 -43.99 -41.70 -142.96
CA GLN C 1021 -44.67 -42.01 -144.21
C GLN C 1021 -43.72 -41.73 -145.36
N GLN C 1022 -43.61 -42.69 -146.28
CA GLN C 1022 -42.72 -42.53 -147.42
C GLN C 1022 -43.24 -41.44 -148.36
N ASP C 1023 -42.35 -40.51 -148.70
CA ASP C 1023 -42.69 -39.40 -149.60
C ASP C 1023 -41.44 -39.02 -150.37
N VAL C 1024 -41.45 -39.26 -151.68
CA VAL C 1024 -40.25 -39.02 -152.50
C VAL C 1024 -39.99 -37.52 -152.66
N LYS C 1025 -41.05 -36.72 -152.79
CA LYS C 1025 -40.86 -35.30 -153.08
C LYS C 1025 -40.26 -34.57 -151.88
N ASN C 1026 -40.62 -34.97 -150.66
CA ASN C 1026 -40.06 -34.39 -149.45
C ASN C 1026 -38.87 -35.18 -148.93
N ARG C 1027 -38.41 -36.17 -149.69
CA ARG C 1027 -37.26 -37.00 -149.32
C ARG C 1027 -37.48 -37.68 -147.98
N ARG C 1028 -38.66 -38.28 -147.83
CA ARG C 1028 -39.05 -39.01 -146.63
C ARG C 1028 -38.75 -40.49 -146.79
N ASN C 1029 -38.12 -41.07 -145.77
CA ASN C 1029 -37.81 -42.49 -145.76
C ASN C 1029 -37.82 -42.98 -144.33
N PRO C 1030 -38.74 -43.88 -143.96
CA PRO C 1030 -38.73 -44.44 -142.59
C PRO C 1030 -37.56 -45.37 -142.34
N ARG C 1031 -36.82 -45.76 -143.37
CA ARG C 1031 -35.72 -46.71 -143.18
C ARG C 1031 -34.50 -46.05 -142.55
N LEU C 1032 -34.46 -44.72 -142.51
CA LEU C 1032 -33.33 -43.99 -141.95
C LEU C 1032 -33.38 -44.09 -140.43
N VAL C 1033 -33.11 -45.28 -139.91
CA VAL C 1033 -33.13 -45.57 -138.48
C VAL C 1033 -31.98 -46.51 -138.17
N PRO C 1034 -31.57 -46.66 -136.91
CA PRO C 1034 -30.57 -47.68 -136.58
C PRO C 1034 -31.09 -49.07 -136.90
N TYR C 1035 -30.13 -49.98 -137.15
CA TYR C 1035 -30.48 -51.33 -137.60
C TYR C 1035 -31.36 -52.05 -136.60
N THR C 1036 -31.15 -51.79 -135.31
CA THR C 1036 -32.03 -52.38 -134.29
C THR C 1036 -33.45 -51.85 -134.42
N LEU C 1037 -33.59 -50.56 -134.72
CA LEU C 1037 -34.91 -49.97 -134.89
C LEU C 1037 -35.45 -50.19 -136.30
N LEU C 1038 -34.68 -50.87 -137.16
CA LEU C 1038 -35.08 -51.03 -138.55
C LEU C 1038 -36.29 -51.95 -138.64
N ASP C 1039 -36.98 -51.89 -139.79
CA ASP C 1039 -38.09 -52.79 -140.04
C ASP C 1039 -37.61 -54.22 -140.16
N ASP C 1040 -38.38 -55.14 -139.57
CA ASP C 1040 -37.96 -56.54 -139.51
C ASP C 1040 -37.87 -57.15 -140.90
N ARG C 1041 -38.82 -56.85 -141.78
CA ARG C 1041 -38.82 -57.45 -143.11
C ARG C 1041 -37.59 -57.02 -143.92
N THR C 1042 -37.33 -55.71 -143.97
CA THR C 1042 -36.17 -55.24 -144.73
C THR C 1042 -34.87 -55.71 -144.11
N LYS C 1043 -34.78 -55.70 -142.78
CA LYS C 1043 -33.55 -56.14 -142.14
C LYS C 1043 -33.30 -57.62 -142.38
N LYS C 1044 -34.36 -58.45 -142.33
CA LYS C 1044 -34.15 -59.87 -142.60
C LYS C 1044 -33.84 -60.11 -144.08
N SER C 1045 -34.41 -59.30 -144.97
CA SER C 1045 -34.11 -59.44 -146.40
C SER C 1045 -32.64 -59.19 -146.67
N ASN C 1046 -32.16 -57.98 -146.36
CA ASN C 1046 -30.75 -57.71 -146.65
C ASN C 1046 -29.84 -58.53 -145.75
N LYS C 1047 -30.34 -58.98 -144.60
CA LYS C 1047 -29.57 -59.81 -143.70
C LYS C 1047 -29.31 -61.19 -144.32
N ASP C 1048 -30.35 -61.80 -144.89
CA ASP C 1048 -30.17 -63.09 -145.55
C ASP C 1048 -29.35 -62.93 -146.82
N SER C 1049 -29.48 -61.77 -147.48
CA SER C 1049 -28.62 -61.50 -148.63
C SER C 1049 -27.15 -61.52 -148.24
N LEU C 1050 -26.81 -60.86 -147.12
CA LEU C 1050 -25.41 -60.81 -146.70
C LEU C 1050 -24.96 -62.14 -146.12
N ARG C 1051 -25.84 -62.84 -145.41
CA ARG C 1051 -25.57 -64.23 -145.04
C ARG C 1051 -25.17 -65.05 -146.25
N GLU C 1052 -25.97 -65.01 -147.32
CA GLU C 1052 -25.68 -65.79 -148.51
C GLU C 1052 -24.36 -65.36 -149.14
N ALA C 1053 -24.13 -64.06 -149.22
CA ALA C 1053 -22.89 -63.57 -149.82
C ALA C 1053 -21.66 -64.06 -149.05
N VAL C 1054 -21.64 -63.89 -147.72
CA VAL C 1054 -20.46 -64.29 -146.95
C VAL C 1054 -20.33 -65.80 -146.91
N ARG C 1055 -21.45 -66.52 -146.85
CA ARG C 1055 -21.39 -67.98 -146.84
C ARG C 1055 -20.83 -68.51 -148.15
N THR C 1056 -21.18 -67.87 -149.27
CA THR C 1056 -20.54 -68.20 -150.54
C THR C 1056 -19.06 -67.81 -150.53
N LEU C 1057 -18.73 -66.69 -149.88
CA LEU C 1057 -17.33 -66.28 -149.78
C LEU C 1057 -16.49 -67.35 -149.08
N LEU C 1058 -17.01 -67.91 -147.98
CA LEU C 1058 -16.30 -68.96 -147.26
C LEU C 1058 -16.34 -70.29 -147.99
N GLY C 1059 -17.44 -70.59 -148.68
CA GLY C 1059 -17.49 -71.82 -149.46
C GLY C 1059 -16.60 -71.76 -150.68
N TYR C 1060 -16.17 -70.56 -151.07
CA TYR C 1060 -15.23 -70.40 -152.17
C TYR C 1060 -13.86 -70.99 -151.83
N GLY C 1061 -13.61 -71.28 -150.55
CA GLY C 1061 -12.36 -71.88 -150.10
C GLY C 1061 -11.53 -70.96 -149.22
N TYR C 1062 -11.75 -69.65 -149.33
CA TYR C 1062 -11.02 -68.70 -148.52
C TYR C 1062 -11.66 -68.57 -147.14
N ASN C 1063 -11.46 -69.58 -146.29
CA ASN C 1063 -12.06 -69.61 -144.95
C ASN C 1063 -11.31 -68.63 -144.06
N LEU C 1064 -11.65 -67.36 -144.19
CA LEU C 1064 -11.06 -66.33 -143.36
C LEU C 1064 -11.41 -66.54 -141.89
N GLU C 1065 -10.41 -66.40 -141.03
CA GLU C 1065 -10.61 -66.57 -139.60
C GLU C 1065 -11.34 -65.37 -139.02
N ALA C 1066 -12.09 -65.62 -137.95
CA ALA C 1066 -12.81 -64.56 -137.27
C ALA C 1066 -11.85 -63.62 -136.53
N PRO C 1067 -12.20 -62.34 -136.41
CA PRO C 1067 -11.35 -61.42 -135.65
C PRO C 1067 -11.38 -61.70 -134.15
N ASP C 1068 -10.64 -60.90 -133.38
CA ASP C 1068 -10.63 -61.06 -131.93
C ASP C 1068 -12.01 -60.79 -131.35
N GLN C 1069 -12.62 -61.82 -130.76
CA GLN C 1069 -13.94 -61.66 -130.16
C GLN C 1069 -13.89 -60.66 -129.02
N ASP C 1070 -14.84 -59.73 -129.01
CA ASP C 1070 -14.90 -58.67 -128.03
C ASP C 1070 -15.63 -59.16 -126.78
N HIS C 1071 -14.90 -59.29 -125.68
CA HIS C 1071 -15.45 -59.68 -124.39
C HIS C 1071 -15.48 -58.53 -123.39
N ALA C 1072 -15.20 -57.31 -123.84
CA ALA C 1072 -15.14 -56.17 -122.93
C ALA C 1072 -16.55 -55.74 -122.52
N ALA C 1073 -16.61 -55.01 -121.40
CA ALA C 1073 -17.86 -54.46 -120.90
C ALA C 1073 -17.66 -52.99 -120.55
N ARG C 1074 -18.61 -52.15 -120.97
CA ARG C 1074 -18.52 -50.72 -120.72
C ARG C 1074 -18.87 -50.36 -119.29
N ALA C 1075 -19.66 -51.19 -118.60
CA ALA C 1075 -20.09 -50.97 -117.22
C ALA C 1075 -20.98 -49.74 -117.09
N GLU C 1076 -21.51 -49.26 -118.22
CA GLU C 1076 -22.49 -48.18 -118.25
C GLU C 1076 -21.99 -46.94 -117.50
N VAL C 1077 -20.92 -46.32 -118.00
CA VAL C 1077 -20.40 -45.10 -117.39
C VAL C 1077 -21.24 -43.88 -117.73
N CYS C 1078 -22.03 -43.93 -118.79
CA CYS C 1078 -22.85 -42.80 -119.22
C CYS C 1078 -23.86 -42.40 -118.17
N SER C 1079 -24.13 -41.10 -118.04
CA SER C 1079 -25.09 -40.60 -117.08
C SER C 1079 -25.58 -39.24 -117.54
N GLY C 1080 -26.71 -38.81 -116.98
CA GLY C 1080 -27.24 -37.50 -117.27
C GLY C 1080 -26.31 -36.40 -116.79
N THR C 1081 -25.91 -35.51 -117.70
CA THR C 1081 -24.94 -34.46 -117.42
C THR C 1081 -23.66 -35.07 -116.84
N GLY C 1082 -23.44 -34.90 -115.54
CA GLY C 1082 -22.29 -35.47 -114.89
C GLY C 1082 -22.59 -36.05 -113.53
N GLU C 1083 -23.88 -36.08 -113.17
CA GLU C 1083 -24.29 -36.59 -111.88
C GLU C 1083 -24.42 -38.11 -111.93
N ARG C 1084 -23.70 -38.81 -111.06
CA ARG C 1084 -23.73 -40.26 -111.03
C ARG C 1084 -24.81 -40.82 -110.12
N PHE C 1085 -25.28 -40.04 -109.14
CA PHE C 1085 -26.28 -40.51 -108.20
C PHE C 1085 -27.01 -39.32 -107.61
N ARG C 1086 -28.28 -39.54 -107.26
CA ARG C 1086 -29.08 -38.54 -106.57
C ARG C 1086 -29.43 -39.07 -105.18
N ILE C 1087 -29.14 -38.26 -104.16
CA ILE C 1087 -29.33 -38.66 -102.77
C ILE C 1087 -30.69 -38.17 -102.30
N PHE C 1088 -31.48 -39.09 -101.74
CA PHE C 1088 -32.80 -38.77 -101.21
C PHE C 1088 -32.80 -39.06 -99.71
N ARG C 1089 -33.29 -38.11 -98.93
CA ARG C 1089 -33.25 -38.21 -97.47
C ARG C 1089 -34.45 -37.50 -96.87
N ALA C 1090 -34.75 -37.84 -95.63
CA ALA C 1090 -35.81 -37.17 -94.88
C ALA C 1090 -35.31 -35.83 -94.35
N GLU C 1091 -36.24 -35.04 -93.81
CA GLU C 1091 -35.90 -33.74 -93.28
C GLU C 1091 -35.01 -33.87 -92.04
N LYS C 1092 -34.17 -32.87 -91.82
CA LYS C 1092 -33.26 -32.89 -90.67
C LYS C 1092 -34.01 -32.86 -89.35
N THR C 1093 -35.13 -32.11 -89.31
CA THR C 1093 -35.88 -31.98 -88.07
C THR C 1093 -36.44 -33.31 -87.59
N TYR C 1094 -36.60 -34.28 -88.49
CA TYR C 1094 -37.10 -35.60 -88.13
C TYR C 1094 -36.02 -36.53 -87.62
N ALA C 1095 -34.86 -35.99 -87.25
CA ALA C 1095 -33.78 -36.82 -86.73
C ALA C 1095 -34.17 -37.47 -85.42
N VAL C 1096 -33.71 -38.70 -85.21
CA VAL C 1096 -34.01 -39.46 -84.01
C VAL C 1096 -32.75 -39.54 -83.15
N LYS C 1097 -32.87 -39.15 -81.89
CA LYS C 1097 -31.78 -39.23 -80.93
C LYS C 1097 -31.78 -40.51 -80.13
N ALA C 1098 -32.94 -40.98 -79.69
CA ALA C 1098 -33.08 -42.26 -79.02
C ALA C 1098 -34.21 -43.03 -79.69
N GLY C 1099 -34.53 -44.19 -79.14
CA GLY C 1099 -35.57 -45.03 -79.68
C GLY C 1099 -35.04 -46.19 -80.49
N ARG C 1100 -35.93 -46.77 -81.28
CA ARG C 1100 -35.65 -47.97 -82.05
C ARG C 1100 -36.62 -48.03 -83.22
N TRP C 1101 -36.13 -47.75 -84.42
CA TRP C 1101 -36.98 -47.38 -85.54
C TRP C 1101 -36.77 -48.31 -86.73
N TYR C 1102 -37.76 -48.35 -87.61
CA TYR C 1102 -37.79 -49.25 -88.76
C TYR C 1102 -38.41 -48.55 -89.96
N PHE C 1103 -37.85 -48.78 -91.14
CA PHE C 1103 -38.42 -48.33 -92.40
C PHE C 1103 -37.97 -49.28 -93.51
N GLU C 1104 -38.72 -49.28 -94.61
CA GLU C 1104 -38.49 -50.20 -95.72
C GLU C 1104 -38.09 -49.44 -96.98
N PHE C 1105 -37.28 -50.09 -97.81
CA PHE C 1105 -36.87 -49.56 -99.11
C PHE C 1105 -37.17 -50.61 -100.16
N GLU C 1106 -38.04 -50.27 -101.12
CA GLU C 1106 -38.44 -51.19 -102.18
C GLU C 1106 -37.62 -50.91 -103.43
N THR C 1107 -36.90 -51.92 -103.90
CA THR C 1107 -36.05 -51.76 -105.07
C THR C 1107 -36.83 -52.08 -106.34
N VAL C 1108 -37.29 -51.04 -107.03
CA VAL C 1108 -38.04 -51.23 -108.27
C VAL C 1108 -37.14 -51.85 -109.34
N THR C 1109 -35.94 -51.31 -109.52
CA THR C 1109 -35.00 -51.80 -110.52
C THR C 1109 -33.66 -52.11 -109.85
N ALA C 1110 -33.16 -53.32 -110.08
CA ALA C 1110 -31.91 -53.75 -109.48
C ALA C 1110 -30.74 -52.98 -110.10
N GLY C 1111 -29.81 -52.59 -109.23
CA GLY C 1111 -28.65 -51.83 -109.70
C GLY C 1111 -27.94 -51.17 -108.53
N ASP C 1112 -27.12 -50.18 -108.88
CA ASP C 1112 -26.26 -49.50 -107.92
C ASP C 1112 -27.11 -48.54 -107.08
N MET C 1113 -27.64 -49.07 -105.99
CA MET C 1113 -28.40 -48.29 -105.02
C MET C 1113 -27.84 -48.53 -103.62
N ARG C 1114 -27.92 -47.50 -102.78
CA ARG C 1114 -27.49 -47.58 -101.39
C ARG C 1114 -28.59 -47.04 -100.50
N VAL C 1115 -28.92 -47.77 -99.43
CA VAL C 1115 -29.94 -47.38 -98.48
C VAL C 1115 -29.37 -47.56 -97.08
N GLY C 1116 -29.66 -46.62 -96.19
CA GLY C 1116 -29.16 -46.68 -94.85
C GLY C 1116 -29.59 -45.48 -94.04
N TRP C 1117 -28.83 -45.21 -92.98
CA TRP C 1117 -29.09 -44.07 -92.11
C TRP C 1117 -27.95 -43.07 -92.19
N SER C 1118 -28.30 -41.79 -92.25
CA SER C 1118 -27.34 -40.72 -92.40
C SER C 1118 -27.57 -39.65 -91.33
N ARG C 1119 -26.51 -38.90 -91.05
CA ARG C 1119 -26.54 -37.78 -90.14
C ARG C 1119 -27.00 -36.53 -90.87
N PRO C 1120 -27.49 -35.51 -90.14
CA PRO C 1120 -27.94 -34.28 -90.79
C PRO C 1120 -26.84 -33.56 -91.56
N GLY C 1121 -25.59 -33.84 -91.23
CA GLY C 1121 -24.45 -33.22 -91.88
C GLY C 1121 -23.99 -33.90 -93.16
N CYS C 1122 -24.73 -34.88 -93.66
CA CYS C 1122 -24.32 -35.59 -94.87
C CYS C 1122 -24.39 -34.65 -96.08
N GLN C 1123 -23.31 -34.65 -96.87
CA GLN C 1123 -23.28 -33.82 -98.06
C GLN C 1123 -24.03 -34.51 -99.21
N PRO C 1124 -24.74 -33.77 -100.04
CA PRO C 1124 -25.51 -34.38 -101.13
C PRO C 1124 -24.72 -34.73 -102.38
N ASP C 1125 -23.42 -34.43 -102.42
CA ASP C 1125 -22.61 -34.73 -103.60
C ASP C 1125 -21.69 -35.93 -103.41
N GLN C 1126 -21.25 -36.20 -102.19
CA GLN C 1126 -20.37 -37.34 -101.95
C GLN C 1126 -21.16 -38.64 -101.96
N GLU C 1127 -20.43 -39.74 -102.14
CA GLU C 1127 -21.04 -41.05 -102.14
C GLU C 1127 -21.60 -41.38 -100.76
N LEU C 1128 -22.74 -42.06 -100.74
CA LEU C 1128 -23.43 -42.40 -99.49
C LEU C 1128 -22.65 -43.51 -98.79
N GLY C 1129 -22.04 -43.19 -97.65
CA GLY C 1129 -21.26 -44.12 -96.87
C GLY C 1129 -19.76 -43.99 -97.09
N SER C 1130 -19.34 -43.15 -98.03
CA SER C 1130 -17.91 -42.95 -98.26
C SER C 1130 -17.23 -42.34 -97.04
N ASP C 1131 -17.89 -41.40 -96.38
CA ASP C 1131 -17.37 -40.76 -95.18
C ASP C 1131 -18.18 -41.19 -93.96
N GLU C 1132 -17.88 -40.59 -92.81
CA GLU C 1132 -18.52 -40.96 -91.55
C GLU C 1132 -19.94 -40.42 -91.42
N ARG C 1133 -20.39 -39.56 -92.32
CA ARG C 1133 -21.67 -38.88 -92.15
C ARG C 1133 -22.84 -39.85 -92.31
N ALA C 1134 -22.63 -40.96 -93.00
CA ALA C 1134 -23.73 -41.86 -93.32
C ALA C 1134 -23.31 -43.30 -93.09
N PHE C 1135 -24.31 -44.14 -92.78
CA PHE C 1135 -24.16 -45.58 -92.66
C PHE C 1135 -25.16 -46.21 -93.62
N ALA C 1136 -24.67 -46.81 -94.70
CA ALA C 1136 -25.53 -47.28 -95.77
C ALA C 1136 -25.18 -48.72 -96.13
N PHE C 1137 -26.16 -49.39 -96.75
CA PHE C 1137 -26.02 -50.76 -97.24
C PHE C 1137 -26.10 -50.75 -98.76
N ASP C 1138 -25.07 -51.29 -99.41
CA ASP C 1138 -25.06 -51.43 -100.86
C ASP C 1138 -25.29 -52.89 -101.22
N GLY C 1139 -26.38 -53.16 -101.92
CA GLY C 1139 -26.71 -54.53 -102.28
C GLY C 1139 -26.17 -54.95 -103.63
N PHE C 1140 -25.95 -53.99 -104.53
CA PHE C 1140 -25.43 -54.32 -105.85
C PHE C 1140 -24.07 -54.97 -105.75
N LYS C 1141 -23.22 -54.45 -104.87
CA LYS C 1141 -21.94 -55.08 -104.54
C LYS C 1141 -22.03 -55.98 -103.31
N ALA C 1142 -23.18 -56.01 -102.63
CA ALA C 1142 -23.36 -56.77 -101.39
C ALA C 1142 -22.29 -56.39 -100.38
N GLN C 1143 -22.20 -55.10 -100.08
CA GLN C 1143 -21.08 -54.54 -99.33
C GLN C 1143 -21.55 -53.35 -98.52
N ARG C 1144 -21.21 -53.34 -97.23
CA ARG C 1144 -21.53 -52.21 -96.37
C ARG C 1144 -20.67 -51.01 -96.72
N TRP C 1145 -21.02 -49.85 -96.16
CA TRP C 1145 -20.31 -48.61 -96.46
C TRP C 1145 -20.33 -47.68 -95.27
N HIS C 1146 -19.17 -47.52 -94.62
CA HIS C 1146 -18.97 -46.47 -93.62
C HIS C 1146 -17.46 -46.23 -93.52
N GLN C 1147 -17.00 -45.09 -94.03
CA GLN C 1147 -15.57 -44.74 -94.07
C GLN C 1147 -14.78 -45.82 -94.82
N GLY C 1148 -15.45 -46.47 -95.76
CA GLY C 1148 -14.90 -47.61 -96.47
C GLY C 1148 -15.98 -48.65 -96.67
N ASN C 1149 -15.60 -49.75 -97.31
CA ASN C 1149 -16.55 -50.80 -97.67
C ASN C 1149 -16.06 -52.17 -97.19
N GLU C 1150 -16.98 -52.94 -96.62
CA GLU C 1150 -16.72 -54.31 -96.20
C GLU C 1150 -17.89 -55.19 -96.64
N HIS C 1151 -17.57 -56.41 -97.04
CA HIS C 1151 -18.57 -57.33 -97.58
C HIS C 1151 -19.62 -57.66 -96.53
N TYR C 1152 -20.89 -57.61 -96.94
CA TYR C 1152 -21.99 -57.83 -96.02
C TYR C 1152 -23.26 -58.12 -96.82
N GLY C 1153 -23.99 -59.17 -96.42
CA GLY C 1153 -25.25 -59.49 -97.05
C GLY C 1153 -25.11 -60.07 -98.44
N ARG C 1154 -26.25 -60.15 -99.12
CA ARG C 1154 -26.35 -60.67 -100.47
C ARG C 1154 -26.67 -59.52 -101.43
N SER C 1155 -26.91 -59.87 -102.69
CA SER C 1155 -27.38 -58.94 -103.69
C SER C 1155 -28.88 -59.13 -103.94
N TRP C 1156 -29.58 -58.01 -104.12
CA TRP C 1156 -31.01 -58.04 -104.35
C TRP C 1156 -31.32 -58.14 -105.83
N GLN C 1157 -32.54 -58.55 -106.14
CA GLN C 1157 -33.09 -58.53 -107.48
C GLN C 1157 -34.13 -57.42 -107.57
N ALA C 1158 -34.66 -57.24 -108.78
CA ALA C 1158 -35.72 -56.25 -108.98
C ALA C 1158 -36.98 -56.68 -108.25
N GLY C 1159 -37.52 -55.77 -107.43
CA GLY C 1159 -38.70 -56.02 -106.63
C GLY C 1159 -38.41 -56.40 -105.20
N ASP C 1160 -37.17 -56.77 -104.90
CA ASP C 1160 -36.80 -57.11 -103.53
C ASP C 1160 -36.90 -55.89 -102.63
N VAL C 1161 -37.39 -56.10 -101.41
CA VAL C 1161 -37.59 -55.03 -100.43
C VAL C 1161 -36.58 -55.22 -99.31
N VAL C 1162 -35.80 -54.17 -99.04
CA VAL C 1162 -34.81 -54.20 -97.98
C VAL C 1162 -35.31 -53.32 -96.84
N GLY C 1163 -35.29 -53.87 -95.63
CA GLY C 1163 -35.69 -53.11 -94.45
C GLY C 1163 -34.48 -52.69 -93.62
N CYS C 1164 -34.54 -51.47 -93.11
CA CYS C 1164 -33.45 -50.89 -92.33
C CYS C 1164 -33.91 -50.73 -90.89
N MET C 1165 -33.13 -51.30 -89.97
CA MET C 1165 -33.45 -51.28 -88.55
C MET C 1165 -32.33 -50.56 -87.81
N VAL C 1166 -32.70 -49.59 -86.98
CA VAL C 1166 -31.72 -48.84 -86.18
C VAL C 1166 -32.14 -48.92 -84.72
N ASP C 1167 -31.17 -49.21 -83.85
CA ASP C 1167 -31.38 -49.22 -82.40
C ASP C 1167 -30.44 -48.19 -81.80
N MET C 1168 -31.02 -47.14 -81.21
CA MET C 1168 -30.22 -46.04 -80.67
C MET C 1168 -29.86 -46.25 -79.20
N ASN C 1169 -30.31 -47.35 -78.59
CA ASN C 1169 -29.97 -47.64 -77.20
C ASN C 1169 -28.63 -48.36 -77.08
N GLU C 1170 -28.49 -49.50 -77.76
CA GLU C 1170 -27.23 -50.23 -77.80
C GLU C 1170 -26.39 -49.86 -79.02
N HIS C 1171 -26.79 -48.82 -79.77
CA HIS C 1171 -26.02 -48.34 -80.92
C HIS C 1171 -25.80 -49.43 -81.95
N THR C 1172 -26.87 -50.12 -82.31
CA THR C 1172 -26.82 -51.21 -83.28
C THR C 1172 -27.75 -50.91 -84.45
N MET C 1173 -27.31 -51.30 -85.64
CA MET C 1173 -28.11 -51.17 -86.85
C MET C 1173 -28.15 -52.51 -87.56
N MET C 1174 -29.28 -52.81 -88.18
CA MET C 1174 -29.49 -54.10 -88.81
C MET C 1174 -30.33 -53.94 -90.07
N PHE C 1175 -30.00 -54.73 -91.08
CA PHE C 1175 -30.69 -54.69 -92.37
C PHE C 1175 -31.27 -56.06 -92.67
N THR C 1176 -32.43 -56.06 -93.31
CA THR C 1176 -33.12 -57.29 -93.71
C THR C 1176 -33.52 -57.19 -95.17
N LEU C 1177 -33.24 -58.23 -95.95
CA LEU C 1177 -33.59 -58.27 -97.36
C LEU C 1177 -34.68 -59.31 -97.60
N ASN C 1178 -35.84 -58.84 -98.05
CA ASN C 1178 -37.00 -59.70 -98.31
C ASN C 1178 -37.42 -60.51 -97.09
N GLY C 1179 -37.09 -60.04 -95.90
CA GLY C 1179 -37.52 -60.69 -94.68
C GLY C 1179 -36.39 -61.32 -93.88
N GLU C 1180 -35.45 -61.97 -94.55
CA GLU C 1180 -34.33 -62.61 -93.85
C GLU C 1180 -33.33 -61.55 -93.40
N ILE C 1181 -32.72 -61.79 -92.24
CA ILE C 1181 -31.76 -60.85 -91.68
C ILE C 1181 -30.41 -61.06 -92.35
N LEU C 1182 -29.87 -60.00 -92.96
CA LEU C 1182 -28.53 -60.06 -93.50
C LEU C 1182 -27.49 -60.12 -92.39
N LEU C 1183 -26.45 -60.91 -92.59
CA LEU C 1183 -25.41 -61.12 -91.59
C LEU C 1183 -24.04 -60.80 -92.16
N ASP C 1184 -23.09 -60.59 -91.26
CA ASP C 1184 -21.75 -60.12 -91.63
C ASP C 1184 -20.96 -61.27 -92.23
N ASP C 1185 -19.65 -61.05 -92.40
CA ASP C 1185 -18.76 -62.15 -92.79
C ASP C 1185 -18.80 -63.26 -91.75
N SER C 1186 -18.82 -62.89 -90.47
CA SER C 1186 -19.04 -63.84 -89.40
C SER C 1186 -20.54 -64.03 -89.16
N GLY C 1187 -20.87 -64.68 -88.05
CA GLY C 1187 -22.26 -64.92 -87.71
C GLY C 1187 -22.97 -63.72 -87.11
N SER C 1188 -22.26 -62.63 -86.87
CA SER C 1188 -22.87 -61.44 -86.27
C SER C 1188 -23.92 -60.85 -87.19
N GLU C 1189 -25.07 -60.50 -86.60
CA GLU C 1189 -26.19 -59.96 -87.35
C GLU C 1189 -26.23 -58.44 -87.39
N LEU C 1190 -25.33 -57.76 -86.66
CA LEU C 1190 -25.35 -56.31 -86.57
C LEU C 1190 -24.52 -55.73 -87.71
N ALA C 1191 -25.14 -54.85 -88.50
CA ALA C 1191 -24.45 -54.25 -89.64
C ALA C 1191 -23.25 -53.42 -89.19
N PHE C 1192 -23.43 -52.62 -88.14
CA PHE C 1192 -22.36 -51.81 -87.56
C PHE C 1192 -22.34 -52.05 -86.06
N LYS C 1193 -21.17 -52.42 -85.53
CA LYS C 1193 -21.09 -52.86 -84.14
C LYS C 1193 -21.44 -51.75 -83.17
N ASP C 1194 -20.80 -50.59 -83.30
CA ASP C 1194 -20.96 -49.53 -82.32
C ASP C 1194 -20.67 -48.18 -82.95
N PHE C 1195 -21.50 -47.20 -82.64
CA PHE C 1195 -21.29 -45.82 -83.06
C PHE C 1195 -21.65 -44.87 -81.94
N ASP C 1196 -21.73 -43.57 -82.23
CA ASP C 1196 -22.18 -42.57 -81.28
C ASP C 1196 -23.45 -41.90 -81.79
N VAL C 1197 -24.29 -41.45 -80.86
CA VAL C 1197 -25.55 -40.81 -81.24
C VAL C 1197 -25.27 -39.56 -82.06
N GLY C 1198 -24.32 -38.74 -81.61
CA GLY C 1198 -23.98 -37.53 -82.35
C GLY C 1198 -25.15 -36.57 -82.41
N ASP C 1199 -25.52 -36.18 -83.62
CA ASP C 1199 -26.63 -35.26 -83.85
C ASP C 1199 -27.91 -35.95 -84.29
N GLY C 1200 -27.93 -37.28 -84.34
CA GLY C 1200 -29.11 -38.04 -84.73
C GLY C 1200 -28.94 -38.68 -86.09
N PHE C 1201 -29.95 -39.45 -86.46
CA PHE C 1201 -29.97 -40.18 -87.73
C PHE C 1201 -31.28 -39.93 -88.45
N ILE C 1202 -31.21 -39.94 -89.79
CA ILE C 1202 -32.39 -39.81 -90.64
C ILE C 1202 -32.29 -40.84 -91.76
N PRO C 1203 -33.42 -41.33 -92.27
CA PRO C 1203 -33.37 -42.27 -93.40
C PRO C 1203 -32.80 -41.60 -94.64
N VAL C 1204 -32.10 -42.38 -95.46
CA VAL C 1204 -31.46 -41.88 -96.67
C VAL C 1204 -31.35 -43.03 -97.68
N CYS C 1205 -31.36 -42.66 -98.96
CA CYS C 1205 -31.11 -43.63 -100.01
C CYS C 1205 -30.32 -43.00 -101.15
N SER C 1206 -29.41 -43.76 -101.73
CA SER C 1206 -28.65 -43.34 -102.90
C SER C 1206 -29.13 -44.13 -104.10
N LEU C 1207 -29.45 -43.43 -105.19
CA LEU C 1207 -29.96 -44.05 -106.40
C LEU C 1207 -29.00 -43.79 -107.54
N GLY C 1208 -28.58 -44.85 -108.23
CA GLY C 1208 -27.62 -44.76 -109.30
C GLY C 1208 -28.26 -44.37 -110.62
N VAL C 1209 -27.47 -44.53 -111.68
CA VAL C 1209 -27.96 -44.19 -113.02
C VAL C 1209 -29.01 -45.19 -113.44
N ALA C 1210 -30.15 -44.68 -113.92
CA ALA C 1210 -31.28 -45.50 -114.36
C ALA C 1210 -31.74 -46.44 -113.25
N GLN C 1211 -31.79 -45.92 -112.03
CA GLN C 1211 -32.21 -46.67 -110.86
C GLN C 1211 -33.49 -46.09 -110.29
N VAL C 1212 -34.46 -46.95 -110.00
CA VAL C 1212 -35.75 -46.54 -109.46
C VAL C 1212 -35.96 -47.26 -108.14
N GLY C 1213 -36.33 -46.51 -107.10
CA GLY C 1213 -36.59 -47.09 -105.80
C GLY C 1213 -37.78 -46.43 -105.13
N ARG C 1214 -38.22 -47.05 -104.04
CA ARG C 1214 -39.35 -46.55 -103.27
C ARG C 1214 -39.05 -46.70 -101.78
N MET C 1215 -39.23 -45.62 -101.03
CA MET C 1215 -39.07 -45.63 -99.58
C MET C 1215 -40.45 -45.55 -98.93
N ASN C 1216 -40.72 -46.47 -98.00
CA ASN C 1216 -41.97 -46.48 -97.25
C ASN C 1216 -41.64 -46.22 -95.79
N PHE C 1217 -41.94 -45.00 -95.32
CA PHE C 1217 -41.68 -44.62 -93.94
C PHE C 1217 -42.67 -45.26 -92.96
N GLY C 1218 -43.60 -46.06 -93.45
CA GLY C 1218 -44.53 -46.76 -92.58
C GLY C 1218 -45.52 -45.86 -91.85
N LYS C 1219 -46.08 -44.87 -92.55
CA LYS C 1219 -47.20 -44.14 -91.98
C LYS C 1219 -48.37 -45.08 -91.70
N ASP C 1220 -48.70 -45.93 -92.67
CA ASP C 1220 -49.67 -47.00 -92.48
C ASP C 1220 -48.90 -48.30 -92.25
N VAL C 1221 -49.14 -48.94 -91.11
CA VAL C 1221 -48.40 -50.14 -90.73
C VAL C 1221 -48.67 -51.25 -91.73
N SER C 1222 -49.87 -51.24 -92.32
CA SER C 1222 -50.23 -52.23 -93.33
C SER C 1222 -49.39 -52.13 -94.59
N THR C 1223 -48.90 -50.93 -94.92
CA THR C 1223 -48.07 -50.77 -96.11
C THR C 1223 -46.74 -51.52 -95.95
N LEU C 1224 -46.18 -51.53 -94.75
CA LEU C 1224 -44.96 -52.27 -94.47
C LEU C 1224 -45.19 -53.76 -94.71
N LYS C 1225 -44.39 -54.37 -95.59
CA LYS C 1225 -44.70 -55.72 -96.04
C LYS C 1225 -43.99 -56.76 -95.20
N TYR C 1226 -42.76 -56.50 -94.76
CA TYR C 1226 -41.97 -57.45 -94.00
C TYR C 1226 -41.84 -57.05 -92.54
N PHE C 1227 -42.52 -55.99 -92.12
CA PHE C 1227 -42.47 -55.54 -90.73
C PHE C 1227 -43.03 -56.60 -89.80
N THR C 1228 -44.12 -57.26 -90.19
CA THR C 1228 -44.75 -58.25 -89.33
C THR C 1228 -43.82 -59.42 -89.05
N ILE C 1229 -43.11 -59.90 -90.08
CA ILE C 1229 -42.24 -61.05 -89.89
C ILE C 1229 -40.94 -60.64 -89.22
N CYS C 1230 -40.49 -59.41 -89.45
CA CYS C 1230 -39.28 -58.91 -88.79
C CYS C 1230 -39.44 -57.45 -88.46
N GLY C 1231 -39.26 -57.12 -87.18
CA GLY C 1231 -39.32 -55.74 -86.73
C GLY C 1231 -40.39 -55.47 -85.70
N LEU C 1232 -41.56 -56.10 -85.88
CA LEU C 1232 -42.67 -55.87 -84.95
C LEU C 1232 -42.44 -56.59 -83.62
N GLN C 1233 -42.15 -57.89 -83.68
CA GLN C 1233 -41.88 -58.65 -82.46
C GLN C 1233 -40.56 -58.23 -81.83
N GLU C 1234 -39.60 -57.81 -82.65
CA GLU C 1234 -38.31 -57.37 -82.13
C GLU C 1234 -38.44 -56.10 -81.29
N GLY C 1235 -39.51 -55.33 -81.51
CA GLY C 1235 -39.70 -54.07 -80.82
C GLY C 1235 -39.41 -52.84 -81.63
N TYR C 1236 -38.98 -52.99 -82.88
CA TYR C 1236 -38.76 -51.83 -83.75
C TYR C 1236 -40.09 -51.17 -84.10
N GLU C 1237 -40.06 -49.85 -84.20
CA GLU C 1237 -41.25 -49.08 -84.54
C GLU C 1237 -41.11 -48.47 -85.93
N PRO C 1238 -42.21 -48.31 -86.66
CA PRO C 1238 -42.15 -47.60 -87.94
C PRO C 1238 -41.69 -46.16 -87.73
N PHE C 1239 -40.98 -45.63 -88.73
CA PHE C 1239 -40.50 -44.26 -88.62
C PHE C 1239 -41.65 -43.28 -88.52
N ALA C 1240 -42.69 -43.45 -89.35
CA ALA C 1240 -43.90 -42.64 -89.25
C ALA C 1240 -44.98 -43.39 -88.48
N VAL C 1241 -44.63 -43.78 -87.25
CA VAL C 1241 -45.56 -44.57 -86.43
C VAL C 1241 -46.72 -43.70 -85.96
N ASN C 1242 -46.44 -42.45 -85.60
CA ASN C 1242 -47.47 -41.58 -85.03
C ASN C 1242 -47.40 -40.16 -85.59
N THR C 1243 -47.25 -40.03 -86.90
CA THR C 1243 -47.22 -38.74 -87.56
C THR C 1243 -48.54 -38.51 -88.28
N ASN C 1244 -49.20 -37.39 -87.96
CA ASN C 1244 -50.47 -37.07 -88.61
C ASN C 1244 -50.27 -36.69 -90.08
N ARG C 1245 -49.18 -36.00 -90.38
CA ARG C 1245 -48.86 -35.58 -91.74
C ARG C 1245 -47.60 -36.28 -92.22
N ASP C 1246 -47.46 -36.37 -93.54
CA ASP C 1246 -46.37 -37.11 -94.15
C ASP C 1246 -45.03 -36.41 -93.96
N ILE C 1247 -43.96 -37.19 -94.04
CA ILE C 1247 -42.61 -36.65 -93.91
C ILE C 1247 -42.25 -35.86 -95.16
N THR C 1248 -41.68 -34.68 -94.95
CA THR C 1248 -41.14 -33.86 -96.04
C THR C 1248 -39.77 -34.43 -96.41
N MET C 1249 -39.65 -34.92 -97.64
CA MET C 1249 -38.45 -35.59 -98.10
C MET C 1249 -37.59 -34.63 -98.91
N TRP C 1250 -36.28 -34.68 -98.70
CA TRP C 1250 -35.34 -33.78 -99.35
C TRP C 1250 -34.43 -34.57 -100.29
N LEU C 1251 -34.22 -34.03 -101.48
CA LEU C 1251 -33.36 -34.64 -102.50
C LEU C 1251 -32.21 -33.70 -102.83
N SER C 1252 -31.22 -34.26 -103.53
CA SER C 1252 -30.07 -33.47 -103.95
C SER C 1252 -30.44 -32.56 -105.10
N LYS C 1253 -30.05 -31.29 -104.98
CA LYS C 1253 -30.36 -30.31 -106.02
C LYS C 1253 -29.57 -30.60 -107.28
N ARG C 1254 -30.23 -30.42 -108.44
CA ARG C 1254 -29.60 -30.67 -109.72
C ARG C 1254 -28.88 -29.44 -110.26
N LEU C 1255 -29.52 -28.28 -110.23
CA LEU C 1255 -28.92 -27.06 -110.74
C LEU C 1255 -27.89 -26.52 -109.75
N PRO C 1256 -26.64 -26.35 -110.15
CA PRO C 1256 -25.66 -25.74 -109.25
C PRO C 1256 -26.01 -24.30 -108.95
N GLN C 1257 -25.68 -23.88 -107.73
CA GLN C 1257 -25.97 -22.53 -107.27
C GLN C 1257 -24.69 -21.88 -106.74
N PHE C 1258 -24.75 -20.56 -106.56
CA PHE C 1258 -23.61 -19.79 -106.10
C PHE C 1258 -23.74 -19.56 -104.60
N LEU C 1259 -22.74 -20.00 -103.85
CA LEU C 1259 -22.68 -19.80 -102.41
C LEU C 1259 -21.29 -19.34 -102.00
N GLN C 1260 -21.22 -18.65 -100.86
CA GLN C 1260 -19.96 -18.08 -100.40
C GLN C 1260 -18.92 -19.18 -100.17
N VAL C 1261 -17.69 -18.91 -100.59
CA VAL C 1261 -16.61 -19.87 -100.47
C VAL C 1261 -16.35 -20.15 -98.99
N PRO C 1262 -16.42 -21.41 -98.55
CA PRO C 1262 -16.17 -21.71 -97.14
C PRO C 1262 -14.72 -21.47 -96.77
N SER C 1263 -14.52 -21.11 -95.50
CA SER C 1263 -13.16 -20.89 -95.00
C SER C 1263 -12.36 -22.18 -94.96
N ASN C 1264 -13.02 -23.32 -94.80
CA ASN C 1264 -12.38 -24.62 -94.71
C ASN C 1264 -12.37 -25.38 -96.03
N HIS C 1265 -12.62 -24.70 -97.15
CA HIS C 1265 -12.60 -25.37 -98.45
C HIS C 1265 -11.22 -25.96 -98.71
N GLU C 1266 -11.20 -27.20 -99.20
CA GLU C 1266 -9.93 -27.91 -99.36
C GLU C 1266 -9.13 -27.38 -100.53
N HIS C 1267 -9.77 -26.73 -101.49
CA HIS C 1267 -9.06 -26.19 -102.66
C HIS C 1267 -9.03 -24.67 -102.69
N ILE C 1268 -10.19 -24.02 -102.64
CA ILE C 1268 -10.27 -22.58 -102.83
C ILE C 1268 -10.00 -21.86 -101.52
N GLU C 1269 -9.25 -20.76 -101.61
CA GLU C 1269 -9.02 -19.87 -100.48
C GLU C 1269 -9.13 -18.44 -100.98
N VAL C 1270 -9.88 -17.62 -100.24
CA VAL C 1270 -10.10 -16.22 -100.59
C VAL C 1270 -9.59 -15.35 -99.44
N THR C 1271 -8.76 -14.38 -99.76
CA THR C 1271 -8.23 -13.44 -98.79
C THR C 1271 -8.64 -12.03 -99.19
N ARG C 1272 -8.96 -11.21 -98.19
CA ARG C 1272 -9.41 -9.84 -98.42
C ARG C 1272 -8.25 -8.90 -98.15
N ILE C 1273 -7.84 -8.15 -99.17
CA ILE C 1273 -6.74 -7.19 -99.07
C ILE C 1273 -7.35 -5.80 -98.94
N ASP C 1274 -7.15 -5.18 -97.78
CA ASP C 1274 -7.64 -3.82 -97.58
C ASP C 1274 -6.89 -2.85 -98.47
N GLY C 1275 -7.61 -1.88 -99.01
CA GLY C 1275 -7.02 -0.93 -99.93
C GLY C 1275 -6.36 0.23 -99.22
N THR C 1276 -5.11 0.51 -99.56
CA THR C 1276 -4.39 1.64 -98.99
C THR C 1276 -4.75 2.91 -99.76
N ILE C 1277 -4.01 3.99 -99.48
CA ILE C 1277 -4.23 5.23 -100.20
C ILE C 1277 -3.81 5.09 -101.67
N ASP C 1278 -2.76 4.32 -101.93
CA ASP C 1278 -2.24 4.13 -103.27
C ASP C 1278 -2.67 2.83 -103.92
N SER C 1279 -3.34 1.94 -103.18
CA SER C 1279 -3.75 0.63 -103.69
C SER C 1279 -5.24 0.45 -103.48
N SER C 1280 -5.91 -0.06 -104.50
CA SER C 1280 -7.34 -0.33 -104.41
C SER C 1280 -7.59 -1.57 -103.55
N PRO C 1281 -8.76 -1.66 -102.90
CA PRO C 1281 -9.11 -2.89 -102.20
C PRO C 1281 -9.16 -4.07 -103.15
N CYS C 1282 -8.72 -5.23 -102.66
CA CYS C 1282 -8.55 -6.41 -103.51
C CYS C 1282 -9.16 -7.64 -102.83
N LEU C 1283 -9.75 -8.49 -103.65
CA LEU C 1283 -10.20 -9.83 -103.24
C LEU C 1283 -9.44 -10.86 -104.08
N LYS C 1284 -8.62 -11.66 -103.41
CA LYS C 1284 -7.66 -12.52 -104.09
C LYS C 1284 -8.05 -13.98 -103.91
N VAL C 1285 -8.09 -14.72 -105.01
CA VAL C 1285 -8.47 -16.13 -105.01
C VAL C 1285 -7.23 -16.95 -105.30
N THR C 1286 -6.96 -17.94 -104.45
CA THR C 1286 -5.79 -18.79 -104.59
C THR C 1286 -6.19 -20.26 -104.46
N GLN C 1287 -5.36 -21.13 -105.03
CA GLN C 1287 -5.58 -22.57 -104.96
C GLN C 1287 -4.69 -23.16 -103.88
N LYS C 1288 -5.32 -23.74 -102.85
CA LYS C 1288 -4.56 -24.25 -101.70
C LYS C 1288 -3.64 -25.40 -102.09
N SER C 1289 -4.16 -26.39 -102.80
CA SER C 1289 -3.47 -27.67 -103.00
C SER C 1289 -2.91 -27.82 -104.40
N PHE C 1290 -2.59 -26.73 -105.09
CA PHE C 1290 -1.96 -26.86 -106.39
C PHE C 1290 -0.49 -27.22 -106.23
N GLY C 1291 0.01 -28.02 -107.16
CA GLY C 1291 1.31 -28.62 -107.01
C GLY C 1291 1.36 -29.78 -106.04
N SER C 1292 0.23 -30.16 -105.46
CA SER C 1292 0.11 -31.26 -104.53
C SER C 1292 -0.93 -32.26 -105.02
N GLN C 1293 -1.21 -33.25 -104.18
CA GLN C 1293 -2.19 -34.27 -104.52
C GLN C 1293 -3.61 -33.69 -104.50
N ASN C 1294 -4.54 -34.45 -105.06
CA ASN C 1294 -5.99 -34.20 -105.16
C ASN C 1294 -6.33 -32.80 -105.65
N SER C 1295 -5.47 -32.16 -106.43
CA SER C 1295 -5.78 -30.85 -106.99
C SER C 1295 -6.91 -30.98 -108.02
N ASN C 1296 -7.70 -29.92 -108.14
CA ASN C 1296 -8.85 -29.89 -109.03
C ASN C 1296 -8.53 -29.02 -110.23
N THR C 1297 -8.51 -29.62 -111.42
CA THR C 1297 -8.20 -28.92 -112.66
C THR C 1297 -9.45 -28.43 -113.39
N ASP C 1298 -10.65 -28.76 -112.90
CA ASP C 1298 -11.87 -28.30 -113.55
C ASP C 1298 -11.99 -26.79 -113.42
N ILE C 1299 -12.63 -26.17 -114.41
CA ILE C 1299 -12.80 -24.73 -114.41
C ILE C 1299 -13.69 -24.34 -113.24
N MET C 1300 -13.18 -23.47 -112.38
CA MET C 1300 -13.91 -23.05 -111.20
C MET C 1300 -14.58 -21.72 -111.47
N PHE C 1301 -15.88 -21.65 -111.20
CA PHE C 1301 -16.69 -20.47 -111.49
C PHE C 1301 -16.81 -19.63 -110.23
N TYR C 1302 -16.45 -18.35 -110.34
CA TYR C 1302 -16.49 -17.42 -109.22
C TYR C 1302 -17.39 -16.23 -109.55
N ARG C 1303 -17.99 -15.66 -108.51
CA ARG C 1303 -18.92 -14.54 -108.69
C ARG C 1303 -18.86 -13.65 -107.46
N LEU C 1304 -19.04 -12.35 -107.69
CA LEU C 1304 -19.22 -11.41 -106.59
C LEU C 1304 -20.68 -11.42 -106.13
N SER C 1305 -20.89 -11.20 -104.83
CA SER C 1305 -22.22 -11.37 -104.26
C SER C 1305 -23.20 -10.34 -104.79
N MET C 1306 -22.78 -9.07 -104.93
CA MET C 1306 -23.85 -8.16 -105.28
C MET C 1306 -23.77 -7.71 -106.74
N PRO C 1307 -24.94 -7.52 -107.37
CA PRO C 1307 -24.96 -7.18 -108.80
C PRO C 1307 -25.02 -5.68 -109.07
N ILE C 1308 -24.78 -5.30 -110.32
CA ILE C 1308 -25.00 -3.94 -110.79
C ILE C 1308 -26.31 -3.92 -111.58
N GLU C 1309 -27.23 -3.05 -111.17
CA GLU C 1309 -28.56 -2.98 -111.78
C GLU C 1309 -28.58 -1.85 -112.80
N CYS C 1310 -29.00 -2.16 -114.02
CA CYS C 1310 -29.14 -1.16 -115.06
C CYS C 1310 -30.38 -0.30 -114.81
N ALA C 1311 -30.44 0.83 -115.51
CA ALA C 1311 -31.57 1.74 -115.35
C ALA C 1311 -32.85 1.11 -115.90
N GLU C 1312 -33.98 1.53 -115.32
CA GLU C 1312 -35.27 1.01 -115.76
C GLU C 1312 -35.54 1.36 -117.21
N VAL C 1313 -35.24 2.59 -117.61
CA VAL C 1313 -35.41 3.04 -118.99
C VAL C 1313 -34.07 3.54 -119.50
N PHE C 1314 -33.67 3.07 -120.68
CA PHE C 1314 -32.42 3.52 -121.28
C PHE C 1314 -32.60 4.88 -121.95
N SER C 1315 -31.54 5.67 -121.90
CA SER C 1315 -31.52 6.94 -122.59
C SER C 1315 -31.45 6.73 -124.10
N LYS C 1316 -32.12 7.61 -124.84
CA LYS C 1316 -32.16 7.50 -126.29
C LYS C 1316 -31.53 8.71 -126.95
N ARG C 1414 -8.01 16.35 -110.96
CA ARG C 1414 -7.78 15.41 -112.06
C ARG C 1414 -9.07 15.11 -112.79
N ASP C 1415 -9.83 14.14 -112.27
CA ASP C 1415 -11.12 13.82 -112.85
C ASP C 1415 -12.14 14.89 -112.46
N ASP C 1416 -13.05 15.20 -113.39
CA ASP C 1416 -14.09 16.16 -113.09
C ASP C 1416 -15.03 15.61 -112.03
N TYR C 1417 -15.09 16.30 -110.89
CA TYR C 1417 -15.98 15.90 -109.82
C TYR C 1417 -17.45 15.99 -110.21
N ASP C 1418 -17.81 16.93 -111.10
CA ASP C 1418 -19.19 17.01 -111.57
C ASP C 1418 -19.55 15.86 -112.49
N PHE C 1419 -18.61 15.48 -113.38
CA PHE C 1419 -18.82 14.32 -114.24
C PHE C 1419 -18.95 13.05 -113.41
N LEU C 1420 -18.09 12.89 -112.39
CA LEU C 1420 -18.15 11.76 -111.47
C LEU C 1420 -19.39 11.79 -110.60
N MET C 1421 -20.08 12.92 -110.48
CA MET C 1421 -21.34 12.90 -109.76
C MET C 1421 -22.51 12.57 -110.66
N GLN C 1422 -22.48 13.05 -111.92
CA GLN C 1422 -23.57 12.82 -112.85
C GLN C 1422 -23.44 11.53 -113.66
N THR C 1423 -22.32 10.83 -113.55
CA THR C 1423 -22.11 9.63 -114.36
C THR C 1423 -22.77 8.41 -113.73
N SER C 1424 -22.89 7.36 -114.53
CA SER C 1424 -23.43 6.08 -114.09
C SER C 1424 -22.59 4.88 -114.50
N THR C 1425 -21.40 5.10 -115.05
CA THR C 1425 -20.54 4.00 -115.49
C THR C 1425 -19.71 3.49 -114.32
N TYR C 1426 -19.72 2.18 -114.10
CA TYR C 1426 -19.01 1.56 -113.00
C TYR C 1426 -17.95 0.60 -113.54
N TYR C 1427 -16.85 0.50 -112.79
CA TYR C 1427 -15.65 -0.20 -113.26
C TYR C 1427 -15.08 -1.09 -112.18
N TYR C 1428 -14.75 -2.33 -112.57
CA TYR C 1428 -13.91 -3.20 -111.77
C TYR C 1428 -12.94 -3.89 -112.73
N SER C 1429 -11.84 -4.38 -112.18
CA SER C 1429 -10.84 -5.07 -112.99
C SER C 1429 -10.31 -6.28 -112.25
N VAL C 1430 -9.58 -7.12 -112.97
CA VAL C 1430 -9.00 -8.35 -112.44
C VAL C 1430 -7.53 -8.37 -112.80
N ARG C 1431 -6.70 -8.88 -111.90
CA ARG C 1431 -5.27 -9.04 -112.14
C ARG C 1431 -4.96 -10.51 -112.34
N ILE C 1432 -4.68 -10.89 -113.59
CA ILE C 1432 -4.24 -12.25 -113.87
C ILE C 1432 -2.79 -12.39 -113.42
N PHE C 1433 -2.58 -13.21 -112.40
CA PHE C 1433 -1.28 -13.30 -111.75
C PHE C 1433 -0.23 -13.85 -112.73
N PRO C 1434 0.95 -13.25 -112.77
CA PRO C 1434 2.02 -13.77 -113.64
C PRO C 1434 2.31 -15.22 -113.28
N GLY C 1435 2.42 -16.05 -114.32
CA GLY C 1435 2.52 -17.48 -114.14
C GLY C 1435 1.21 -18.23 -114.26
N GLN C 1436 0.10 -17.53 -114.47
CA GLN C 1436 -1.21 -18.14 -114.70
C GLN C 1436 -1.60 -17.92 -116.15
N GLU C 1437 -1.96 -19.00 -116.84
CA GLU C 1437 -2.24 -18.92 -118.26
C GLU C 1437 -3.52 -18.13 -118.51
N PRO C 1438 -3.46 -17.03 -119.27
CA PRO C 1438 -4.68 -16.24 -119.54
C PRO C 1438 -5.71 -16.98 -120.40
N ALA C 1439 -5.30 -18.01 -121.14
CA ALA C 1439 -6.24 -18.70 -122.02
C ALA C 1439 -7.24 -19.53 -121.22
N ASN C 1440 -6.96 -19.81 -119.95
CA ASN C 1440 -7.83 -20.60 -119.09
C ASN C 1440 -8.70 -19.74 -118.19
N VAL C 1441 -8.69 -18.42 -118.38
CA VAL C 1441 -9.41 -17.49 -117.52
C VAL C 1441 -10.34 -16.64 -118.39
N TRP C 1442 -11.57 -16.49 -117.94
CA TRP C 1442 -12.55 -15.61 -118.59
C TRP C 1442 -13.01 -14.56 -117.59
N VAL C 1443 -13.24 -13.35 -118.09
CA VAL C 1443 -13.65 -12.21 -117.25
C VAL C 1443 -14.84 -11.53 -117.91
N GLY C 1444 -15.77 -11.09 -117.06
CA GLY C 1444 -16.93 -10.35 -117.54
C GLY C 1444 -18.03 -10.36 -116.50
N TRP C 1445 -19.27 -10.23 -116.98
CA TRP C 1445 -20.45 -10.18 -116.13
C TRP C 1445 -21.35 -11.36 -116.45
N ILE C 1446 -22.06 -11.86 -115.43
CA ILE C 1446 -23.03 -12.93 -115.58
C ILE C 1446 -24.32 -12.51 -114.89
N THR C 1447 -25.44 -13.09 -115.31
CA THR C 1447 -26.72 -12.84 -114.66
C THR C 1447 -26.99 -13.90 -113.61
N SER C 1448 -28.17 -13.78 -112.97
CA SER C 1448 -28.54 -14.71 -111.92
C SER C 1448 -28.90 -16.08 -112.48
N ASP C 1449 -29.25 -16.13 -113.76
CA ASP C 1449 -29.75 -17.37 -114.37
C ASP C 1449 -28.62 -18.33 -114.74
N PHE C 1450 -27.37 -17.89 -114.58
CA PHE C 1450 -26.22 -18.70 -114.98
C PHE C 1450 -26.05 -19.85 -114.00
N HIS C 1451 -26.52 -21.03 -114.40
CA HIS C 1451 -26.36 -22.25 -113.63
C HIS C 1451 -25.69 -23.36 -114.43
N GLN C 1452 -24.99 -23.00 -115.51
CA GLN C 1452 -24.37 -23.98 -116.41
C GLN C 1452 -22.99 -24.33 -115.88
N TYR C 1453 -22.88 -25.49 -115.24
CA TYR C 1453 -21.61 -26.00 -114.74
C TYR C 1453 -21.09 -27.04 -115.73
N ASP C 1454 -20.08 -26.67 -116.51
CA ASP C 1454 -19.45 -27.57 -117.46
C ASP C 1454 -17.97 -27.65 -117.16
N THR C 1455 -17.41 -28.85 -117.23
CA THR C 1455 -15.98 -29.05 -116.99
C THR C 1455 -15.16 -28.30 -118.02
N GLY C 1456 -15.61 -28.33 -119.29
CA GLY C 1456 -14.99 -27.56 -120.33
C GLY C 1456 -15.86 -26.40 -120.76
N PHE C 1457 -15.43 -25.17 -120.46
CA PHE C 1457 -16.21 -23.98 -120.74
C PHE C 1457 -15.58 -23.20 -121.89
N ASP C 1458 -16.42 -22.84 -122.87
CA ASP C 1458 -16.00 -22.00 -123.98
C ASP C 1458 -17.05 -20.92 -124.19
N LEU C 1459 -16.61 -19.76 -124.70
CA LEU C 1459 -17.53 -18.65 -124.90
C LEU C 1459 -18.52 -18.92 -126.03
N ASP C 1460 -18.31 -19.97 -126.82
CA ASP C 1460 -19.21 -20.25 -127.93
C ASP C 1460 -20.54 -20.84 -127.46
N ARG C 1461 -20.50 -21.67 -126.40
CA ARG C 1461 -21.69 -22.38 -125.94
C ARG C 1461 -22.39 -21.66 -124.80
N VAL C 1462 -22.28 -20.35 -124.71
CA VAL C 1462 -23.05 -19.58 -123.74
C VAL C 1462 -24.47 -19.46 -124.25
N ARG C 1463 -25.43 -19.80 -123.39
CA ARG C 1463 -26.83 -19.80 -123.79
C ARG C 1463 -27.27 -18.38 -124.15
N THR C 1464 -27.96 -18.26 -125.29
CA THR C 1464 -28.37 -16.96 -125.78
C THR C 1464 -29.63 -17.12 -126.64
N VAL C 1465 -30.37 -16.02 -126.77
CA VAL C 1465 -31.55 -15.95 -127.61
C VAL C 1465 -31.64 -14.53 -128.16
N THR C 1466 -32.25 -14.41 -129.35
CA THR C 1466 -32.38 -13.11 -130.03
C THR C 1466 -33.86 -12.92 -130.40
N VAL C 1467 -34.55 -12.13 -129.58
CA VAL C 1467 -35.94 -11.78 -129.89
C VAL C 1467 -35.96 -10.53 -130.76
N THR C 1468 -36.56 -10.65 -131.94
CA THR C 1468 -36.64 -9.56 -132.90
C THR C 1468 -38.10 -9.24 -133.15
N LEU C 1469 -38.61 -8.25 -132.42
CA LEU C 1469 -39.99 -7.81 -132.59
C LEU C 1469 -40.11 -7.00 -133.88
N GLY C 1470 -41.12 -7.32 -134.69
CA GLY C 1470 -41.31 -6.66 -135.97
C GLY C 1470 -42.72 -6.13 -136.11
N ASP C 1471 -42.92 -5.37 -137.18
CA ASP C 1471 -44.23 -4.80 -137.47
C ASP C 1471 -45.02 -5.75 -138.38
N GLU C 1472 -46.25 -5.31 -138.71
CA GLU C 1472 -47.08 -6.08 -139.62
C GLU C 1472 -46.49 -6.08 -141.03
N LYS C 1473 -45.72 -5.04 -141.38
CA LYS C 1473 -45.10 -4.99 -142.70
C LYS C 1473 -43.94 -5.97 -142.80
N GLY C 1474 -43.40 -6.43 -141.66
CA GLY C 1474 -42.29 -7.34 -141.63
C GLY C 1474 -40.96 -6.74 -141.30
N LYS C 1475 -40.86 -5.41 -141.24
CA LYS C 1475 -39.60 -4.77 -140.89
C LYS C 1475 -39.27 -5.03 -139.41
N VAL C 1476 -37.99 -5.23 -139.14
CA VAL C 1476 -37.52 -5.54 -137.79
C VAL C 1476 -37.47 -4.22 -137.02
N HIS C 1477 -38.42 -4.04 -136.09
CA HIS C 1477 -38.40 -2.85 -135.25
C HIS C 1477 -37.16 -2.83 -134.36
N GLU C 1478 -36.80 -3.96 -133.77
CA GLU C 1478 -35.69 -4.03 -132.85
C GLU C 1478 -35.23 -5.48 -132.70
N SER C 1479 -33.93 -5.65 -132.53
CA SER C 1479 -33.33 -6.96 -132.30
C SER C 1479 -32.65 -6.94 -130.94
N ILE C 1480 -33.08 -7.82 -130.05
CA ILE C 1480 -32.60 -7.85 -128.67
C ILE C 1480 -31.90 -9.19 -128.46
N LYS C 1481 -30.59 -9.14 -128.19
CA LYS C 1481 -29.85 -10.33 -127.81
C LYS C 1481 -29.84 -10.49 -126.30
N ARG C 1482 -30.22 -11.69 -125.84
CA ARG C 1482 -30.32 -11.98 -124.42
C ARG C 1482 -29.44 -13.17 -124.08
N SER C 1483 -28.61 -13.02 -123.06
CA SER C 1483 -27.73 -14.09 -122.63
C SER C 1483 -27.50 -13.97 -121.12
N ASN C 1484 -27.19 -15.11 -120.49
CA ASN C 1484 -26.90 -15.10 -119.07
C ASN C 1484 -25.45 -14.70 -118.81
N CYS C 1485 -24.56 -14.91 -119.78
CA CYS C 1485 -23.14 -14.70 -119.62
C CYS C 1485 -22.65 -13.67 -120.63
N TYR C 1486 -21.98 -12.63 -120.13
CA TYR C 1486 -21.31 -11.63 -120.96
C TYR C 1486 -19.86 -11.54 -120.48
N MET C 1487 -18.99 -12.36 -121.05
CA MET C 1487 -17.61 -12.46 -120.57
C MET C 1487 -16.67 -12.55 -121.77
N VAL C 1488 -15.39 -12.29 -121.50
CA VAL C 1488 -14.35 -12.33 -122.53
C VAL C 1488 -13.19 -13.17 -122.02
N CYS C 1489 -12.38 -13.65 -122.97
CA CYS C 1489 -11.24 -14.49 -122.64
C CYS C 1489 -9.97 -13.67 -122.58
N ALA C 1490 -9.16 -13.92 -121.54
CA ALA C 1490 -7.91 -13.19 -121.37
C ALA C 1490 -6.86 -13.63 -122.36
N GLY C 1491 -6.89 -14.90 -122.78
CA GLY C 1491 -5.89 -15.39 -123.71
C GLY C 1491 -5.92 -14.70 -125.05
N GLU C 1492 -7.12 -14.53 -125.62
CA GLU C 1492 -7.25 -13.82 -126.88
C GLU C 1492 -6.98 -12.33 -126.74
N SER C 1493 -7.23 -11.76 -125.56
CA SER C 1493 -6.93 -10.34 -125.33
C SER C 1493 -5.45 -10.08 -125.17
N MET C 1494 -4.69 -11.04 -124.65
CA MET C 1494 -3.26 -10.85 -124.41
C MET C 1494 -2.53 -10.93 -125.75
N SER C 1495 -2.54 -9.81 -126.47
CA SER C 1495 -1.84 -9.77 -127.75
C SER C 1495 -0.33 -9.71 -127.61
N PRO C 1496 0.26 -8.96 -126.65
CA PRO C 1496 1.72 -9.03 -126.50
C PRO C 1496 2.23 -10.42 -126.16
N GLY C 1497 1.46 -11.20 -125.41
CA GLY C 1497 1.89 -12.53 -125.03
C GLY C 1497 2.68 -12.54 -123.73
N GLN C 1498 2.89 -13.76 -123.23
CA GLN C 1498 3.61 -14.09 -121.99
C GLN C 1498 3.14 -13.24 -120.82
N GLY C 1499 3.94 -13.19 -119.76
CA GLY C 1499 3.57 -12.46 -118.57
C GLY C 1499 4.56 -11.37 -118.19
N ARG C 1500 4.06 -10.31 -117.56
CA ARG C 1500 4.87 -9.20 -117.09
C ARG C 1500 4.85 -9.18 -115.56
N ASN C 1501 6.05 -9.14 -114.96
CA ASN C 1501 6.12 -9.11 -113.50
C ASN C 1501 5.63 -7.79 -112.93
N ASN C 1502 5.91 -6.67 -113.62
CA ASN C 1502 5.50 -5.37 -113.12
C ASN C 1502 3.99 -5.26 -113.01
N ASN C 1503 3.27 -5.80 -113.99
CA ASN C 1503 1.82 -5.93 -113.87
C ASN C 1503 1.35 -7.09 -114.73
N GLY C 1504 0.52 -7.96 -114.16
CA GLY C 1504 -0.06 -9.04 -114.93
C GLY C 1504 -1.15 -8.54 -115.86
N LEU C 1505 -1.70 -9.46 -116.65
CA LEU C 1505 -2.81 -9.13 -117.53
C LEU C 1505 -3.97 -8.56 -116.73
N GLU C 1506 -4.26 -7.29 -116.96
CA GLU C 1506 -5.23 -6.53 -116.17
C GLU C 1506 -6.46 -6.26 -117.03
N ILE C 1507 -7.42 -7.19 -116.99
CA ILE C 1507 -8.67 -6.99 -117.71
C ILE C 1507 -9.60 -6.11 -116.89
N GLY C 1508 -10.09 -5.03 -117.50
CA GLY C 1508 -10.99 -4.14 -116.83
C GLY C 1508 -12.36 -4.11 -117.47
N CYS C 1509 -13.40 -4.10 -116.64
CA CYS C 1509 -14.78 -4.13 -117.12
C CYS C 1509 -15.48 -2.84 -116.71
N VAL C 1510 -16.12 -2.18 -117.68
CA VAL C 1510 -16.92 -0.99 -117.42
C VAL C 1510 -18.35 -1.27 -117.87
N VAL C 1511 -19.31 -0.91 -117.03
CA VAL C 1511 -20.73 -1.09 -117.32
C VAL C 1511 -21.40 0.28 -117.24
N ASP C 1512 -22.16 0.61 -118.27
CA ASP C 1512 -22.93 1.85 -118.31
C ASP C 1512 -24.37 1.51 -117.98
N ALA C 1513 -24.76 1.73 -116.73
CA ALA C 1513 -26.10 1.40 -116.26
C ALA C 1513 -27.19 2.22 -116.95
N ALA C 1514 -26.85 3.35 -117.54
CA ALA C 1514 -27.82 4.17 -118.25
C ALA C 1514 -28.03 3.72 -119.69
N SER C 1515 -27.04 3.07 -120.29
CA SER C 1515 -27.12 2.60 -121.67
C SER C 1515 -27.02 1.09 -121.81
N GLY C 1516 -26.57 0.38 -120.79
CA GLY C 1516 -26.44 -1.06 -120.89
C GLY C 1516 -25.31 -1.54 -121.77
N LEU C 1517 -24.28 -0.73 -121.98
CA LEU C 1517 -23.17 -1.07 -122.84
C LEU C 1517 -22.05 -1.69 -122.00
N LEU C 1518 -21.67 -2.92 -122.34
CA LEU C 1518 -20.61 -3.64 -121.64
C LEU C 1518 -19.38 -3.70 -122.53
N THR C 1519 -18.42 -2.83 -122.26
CA THR C 1519 -17.14 -2.82 -122.97
C THR C 1519 -16.01 -3.16 -122.01
N PHE C 1520 -14.94 -3.72 -122.55
CA PHE C 1520 -13.83 -4.24 -121.75
C PHE C 1520 -12.55 -3.50 -122.09
N ILE C 1521 -11.86 -3.02 -121.07
CA ILE C 1521 -10.59 -2.32 -121.22
C ILE C 1521 -9.49 -3.25 -120.71
N ALA C 1522 -8.42 -3.37 -121.49
CA ALA C 1522 -7.30 -4.25 -121.14
C ALA C 1522 -5.98 -3.58 -121.48
N ASN C 1523 -5.14 -3.38 -120.47
CA ASN C 1523 -3.82 -2.77 -120.63
C ASN C 1523 -3.89 -1.41 -121.31
N GLY C 1524 -4.96 -0.66 -121.05
CA GLY C 1524 -5.12 0.67 -121.61
C GLY C 1524 -5.69 0.73 -123.01
N LYS C 1525 -5.98 -0.41 -123.64
CA LYS C 1525 -6.54 -0.44 -124.97
C LYS C 1525 -7.89 -1.15 -124.92
N GLU C 1526 -8.89 -0.57 -125.61
CA GLU C 1526 -10.23 -1.12 -125.58
C GLU C 1526 -10.34 -2.34 -126.49
N LEU C 1527 -10.87 -3.43 -125.94
CA LEU C 1527 -11.07 -4.63 -126.74
C LEU C 1527 -12.25 -4.46 -127.68
N SER C 1528 -12.22 -5.21 -128.79
CA SER C 1528 -13.26 -5.09 -129.80
C SER C 1528 -14.60 -5.62 -129.31
N THR C 1529 -14.59 -6.67 -128.50
CA THR C 1529 -15.83 -7.27 -128.03
C THR C 1529 -16.60 -6.31 -127.14
N TYR C 1530 -17.91 -6.22 -127.36
CA TYR C 1530 -18.80 -5.38 -126.58
C TYR C 1530 -20.18 -6.02 -126.52
N TYR C 1531 -20.82 -5.91 -125.36
CA TYR C 1531 -22.13 -6.48 -125.12
C TYR C 1531 -23.12 -5.38 -124.76
N GLN C 1532 -24.29 -5.41 -125.36
CA GLN C 1532 -25.38 -4.50 -125.03
C GLN C 1532 -26.47 -5.29 -124.32
N VAL C 1533 -26.81 -4.90 -123.10
CA VAL C 1533 -27.77 -5.63 -122.29
C VAL C 1533 -29.10 -4.88 -122.25
N GLU C 1534 -30.14 -5.55 -121.78
CA GLU C 1534 -31.52 -5.10 -121.63
C GLU C 1534 -31.66 -4.20 -120.42
N PRO C 1535 -32.67 -3.31 -120.43
CA PRO C 1535 -32.93 -2.47 -119.25
C PRO C 1535 -33.28 -3.31 -118.04
N SER C 1536 -32.89 -2.82 -116.86
CA SER C 1536 -33.12 -3.39 -115.54
C SER C 1536 -32.39 -4.72 -115.34
N THR C 1537 -31.45 -5.07 -116.22
CA THR C 1537 -30.72 -6.31 -116.06
C THR C 1537 -29.75 -6.19 -114.88
N LYS C 1538 -29.73 -7.23 -114.04
CA LYS C 1538 -28.82 -7.29 -112.90
C LYS C 1538 -27.59 -8.10 -113.31
N LEU C 1539 -26.44 -7.42 -113.38
CA LEU C 1539 -25.20 -8.05 -113.83
C LEU C 1539 -24.28 -8.30 -112.64
N PHE C 1540 -23.87 -9.55 -112.48
CA PHE C 1540 -22.97 -9.93 -111.40
C PHE C 1540 -21.55 -9.99 -111.92
N PRO C 1541 -20.60 -9.25 -111.35
CA PRO C 1541 -19.19 -9.46 -111.71
C PRO C 1541 -18.77 -10.90 -111.50
N ALA C 1542 -18.05 -11.48 -112.46
CA ALA C 1542 -17.70 -12.90 -112.37
C ALA C 1542 -16.43 -13.15 -113.17
N VAL C 1543 -15.61 -14.07 -112.66
CA VAL C 1543 -14.39 -14.50 -113.32
C VAL C 1543 -14.35 -16.02 -113.29
N PHE C 1544 -14.27 -16.64 -114.47
CA PHE C 1544 -14.13 -18.09 -114.59
C PHE C 1544 -12.69 -18.41 -114.96
N ALA C 1545 -12.06 -19.28 -114.16
CA ALA C 1545 -10.65 -19.56 -114.35
C ALA C 1545 -10.36 -21.01 -114.02
N GLN C 1546 -9.43 -21.59 -114.76
CA GLN C 1546 -8.89 -22.91 -114.46
C GLN C 1546 -7.51 -22.73 -113.82
N ALA C 1547 -7.36 -23.25 -112.60
CA ALA C 1547 -6.16 -22.99 -111.82
C ALA C 1547 -4.96 -23.69 -112.44
N THR C 1548 -4.01 -22.89 -112.93
CA THR C 1548 -2.72 -23.40 -113.39
C THR C 1548 -1.57 -22.91 -112.52
N SER C 1549 -1.87 -22.29 -111.38
CA SER C 1549 -0.87 -21.71 -110.50
C SER C 1549 -1.48 -21.57 -109.12
N PRO C 1550 -0.64 -21.53 -108.06
CA PRO C 1550 -1.20 -21.26 -106.72
C PRO C 1550 -1.91 -19.93 -106.63
N ASN C 1551 -1.42 -18.91 -107.33
CA ASN C 1551 -2.09 -17.61 -107.42
C ASN C 1551 -2.72 -17.50 -108.80
N VAL C 1552 -4.04 -17.36 -108.85
CA VAL C 1552 -4.76 -17.39 -110.11
C VAL C 1552 -5.16 -15.99 -110.54
N PHE C 1553 -5.97 -15.32 -109.73
CA PHE C 1553 -6.46 -13.99 -110.04
C PHE C 1553 -6.91 -13.30 -108.76
N GLN C 1554 -7.11 -11.98 -108.86
CA GLN C 1554 -7.61 -11.19 -107.75
C GLN C 1554 -8.54 -10.12 -108.28
N PHE C 1555 -9.53 -9.75 -107.46
CA PHE C 1555 -10.56 -8.78 -107.85
C PHE C 1555 -10.09 -7.38 -107.49
N GLU C 1556 -9.73 -6.60 -108.51
CA GLU C 1556 -9.36 -5.20 -108.33
C GLU C 1556 -10.62 -4.34 -108.40
N LEU C 1557 -10.83 -3.51 -107.38
CA LEU C 1557 -12.04 -2.69 -107.29
C LEU C 1557 -11.71 -1.20 -107.44
N GLY C 1558 -10.73 -0.86 -108.27
CA GLY C 1558 -10.32 0.51 -108.46
C GLY C 1558 -11.21 1.24 -109.46
N ARG C 1559 -10.78 2.46 -109.80
CA ARG C 1559 -11.50 3.29 -110.74
C ARG C 1559 -10.54 3.83 -111.80
N ILE C 1560 -10.93 3.69 -113.06
CA ILE C 1560 -10.20 4.31 -114.17
C ILE C 1560 -10.74 5.71 -114.39
N LYS C 1561 -10.04 6.49 -115.22
CA LYS C 1561 -10.40 7.88 -115.47
C LYS C 1561 -11.87 8.03 -115.87
N ASN C 1562 -12.56 8.96 -115.21
CA ASN C 1562 -13.93 9.36 -115.53
C ASN C 1562 -14.93 8.22 -115.42
N VAL C 1563 -14.63 7.18 -114.64
CA VAL C 1563 -15.56 6.07 -114.45
C VAL C 1563 -15.79 5.89 -112.95
N MET C 1564 -17.05 5.85 -112.55
CA MET C 1564 -17.41 5.77 -111.15
C MET C 1564 -17.02 4.39 -110.62
N PRO C 1565 -16.43 4.30 -109.43
CA PRO C 1565 -16.05 3.00 -108.89
C PRO C 1565 -17.25 2.12 -108.60
N LEU C 1566 -16.98 0.80 -108.56
CA LEU C 1566 -18.01 -0.23 -108.47
C LEU C 1566 -18.83 -0.16 -107.20
N SER C 1567 -18.23 0.19 -106.06
CA SER C 1567 -18.97 0.27 -104.80
C SER C 1567 -20.12 1.25 -104.86
N ALA C 1568 -20.03 2.30 -105.67
CA ALA C 1568 -21.14 3.23 -105.82
C ALA C 1568 -22.37 2.57 -106.44
N GLY C 1569 -22.17 1.78 -107.50
CA GLY C 1569 -23.28 1.09 -108.12
C GLY C 1569 -23.76 -0.07 -107.27
N LEU C 1570 -22.86 -0.64 -106.47
CA LEU C 1570 -23.24 -1.75 -105.61
C LEU C 1570 -24.11 -1.29 -104.45
N PHE C 1571 -23.59 -0.35 -103.65
CA PHE C 1571 -24.25 0.09 -102.42
C PHE C 1571 -24.90 1.45 -102.65
N LYS C 1572 -26.18 1.55 -102.32
CA LYS C 1572 -26.89 2.82 -102.48
C LYS C 1572 -26.37 3.87 -101.51
N SER C 1573 -25.89 3.45 -100.34
CA SER C 1573 -25.34 4.39 -99.36
C SER C 1573 -24.11 5.10 -99.90
N GLU C 1574 -23.29 4.41 -100.68
CA GLU C 1574 -22.09 4.99 -101.28
C GLU C 1574 -22.28 5.36 -102.73
N HIS C 1575 -23.51 5.71 -103.12
CA HIS C 1575 -23.80 6.06 -104.50
C HIS C 1575 -23.01 7.27 -104.97
N LYS C 1576 -22.57 8.11 -104.04
CA LYS C 1576 -21.89 9.36 -104.38
C LYS C 1576 -20.49 9.44 -103.78
N ASN C 1577 -19.86 8.30 -103.50
CA ASN C 1577 -18.54 8.29 -102.88
C ASN C 1577 -17.49 7.86 -103.90
N PRO C 1578 -16.65 8.76 -104.40
CA PRO C 1578 -15.66 8.36 -105.40
C PRO C 1578 -14.60 7.41 -104.85
N VAL C 1579 -14.43 7.33 -103.54
CA VAL C 1579 -13.42 6.44 -102.97
C VAL C 1579 -13.86 5.00 -103.13
N PRO C 1580 -13.06 4.14 -103.73
CA PRO C 1580 -13.44 2.71 -103.82
C PRO C 1580 -13.58 2.09 -102.45
N GLN C 1581 -14.54 1.17 -102.33
CA GLN C 1581 -14.83 0.52 -101.06
C GLN C 1581 -15.09 -0.96 -101.29
N CYS C 1582 -14.77 -1.77 -100.28
CA CYS C 1582 -15.04 -3.20 -100.29
C CYS C 1582 -15.71 -3.58 -98.97
N PRO C 1583 -17.00 -3.28 -98.82
CA PRO C 1583 -17.69 -3.60 -97.57
C PRO C 1583 -17.79 -5.11 -97.36
N PRO C 1584 -17.93 -5.56 -96.11
CA PRO C 1584 -17.92 -7.01 -95.84
C PRO C 1584 -19.06 -7.77 -96.53
N ARG C 1585 -20.14 -7.08 -96.91
CA ARG C 1585 -21.25 -7.77 -97.57
C ARG C 1585 -20.79 -8.38 -98.89
N LEU C 1586 -19.99 -7.64 -99.65
CA LEU C 1586 -19.46 -8.18 -100.90
C LEU C 1586 -18.42 -9.25 -100.61
N HIS C 1587 -18.60 -10.42 -101.23
CA HIS C 1587 -17.70 -11.54 -101.02
C HIS C 1587 -17.73 -12.45 -102.24
N VAL C 1588 -16.63 -13.18 -102.46
CA VAL C 1588 -16.55 -14.06 -103.60
C VAL C 1588 -17.38 -15.32 -103.36
N GLN C 1589 -18.17 -15.70 -104.36
CA GLN C 1589 -18.98 -16.90 -104.31
C GLN C 1589 -18.60 -17.82 -105.45
N PHE C 1590 -18.60 -19.12 -105.18
CA PHE C 1590 -18.22 -20.12 -106.17
C PHE C 1590 -19.39 -21.05 -106.45
N LEU C 1591 -19.49 -21.48 -107.70
CA LEU C 1591 -20.57 -22.37 -108.11
C LEU C 1591 -20.29 -23.79 -107.62
N SER C 1592 -21.26 -24.38 -106.94
CA SER C 1592 -21.08 -25.69 -106.34
C SER C 1592 -22.38 -26.48 -106.42
N HIS C 1593 -22.26 -27.80 -106.28
CA HIS C 1593 -23.39 -28.71 -106.32
C HIS C 1593 -23.84 -29.15 -104.93
N VAL C 1594 -23.19 -28.64 -103.87
CA VAL C 1594 -23.46 -29.10 -102.52
C VAL C 1594 -24.61 -28.32 -101.89
N LEU C 1595 -25.84 -28.70 -102.25
CA LEU C 1595 -27.05 -28.09 -101.70
C LEU C 1595 -28.19 -29.08 -101.81
N TRP C 1596 -29.09 -29.07 -100.84
CA TRP C 1596 -30.26 -29.93 -100.87
C TRP C 1596 -31.45 -29.18 -101.46
N SER C 1597 -32.56 -29.90 -101.65
CA SER C 1597 -33.78 -29.33 -102.19
C SER C 1597 -34.97 -30.00 -101.54
N ARG C 1598 -36.02 -29.21 -101.33
CA ARG C 1598 -37.22 -29.66 -100.63
C ARG C 1598 -38.30 -30.09 -101.62
N MET C 1599 -38.63 -31.37 -101.61
CA MET C 1599 -39.73 -31.87 -102.43
C MET C 1599 -41.05 -31.33 -101.88
N PRO C 1600 -41.91 -30.74 -102.71
CA PRO C 1600 -43.19 -30.23 -102.21
C PRO C 1600 -44.03 -31.34 -101.60
N ASN C 1601 -44.72 -31.01 -100.51
CA ASN C 1601 -45.61 -31.97 -99.87
C ASN C 1601 -46.78 -32.33 -100.79
N GLN C 1602 -47.32 -31.33 -101.49
CA GLN C 1602 -48.44 -31.52 -102.40
C GLN C 1602 -48.09 -30.95 -103.77
N PHE C 1603 -48.42 -31.70 -104.81
CA PHE C 1603 -48.20 -31.28 -106.18
C PHE C 1603 -49.53 -30.95 -106.84
N LEU C 1604 -49.47 -30.20 -107.94
CA LEU C 1604 -50.67 -29.87 -108.69
C LEU C 1604 -51.29 -31.13 -109.27
N LYS C 1605 -52.61 -31.26 -109.10
CA LYS C 1605 -53.35 -32.41 -109.61
C LYS C 1605 -53.78 -32.13 -111.04
N VAL C 1606 -53.19 -32.84 -112.00
CA VAL C 1606 -53.52 -32.70 -113.41
C VAL C 1606 -53.67 -34.10 -114.00
N ASP C 1607 -54.71 -34.29 -114.80
CA ASP C 1607 -54.96 -35.55 -115.48
C ASP C 1607 -54.86 -35.35 -117.00
N VAL C 1608 -54.21 -36.29 -117.66
CA VAL C 1608 -53.97 -36.23 -119.10
C VAL C 1608 -54.58 -37.46 -119.74
N SER C 1609 -55.34 -37.25 -120.83
CA SER C 1609 -55.96 -38.34 -121.57
C SER C 1609 -56.35 -37.84 -122.95
N ARG C 1610 -56.16 -38.70 -123.95
CA ARG C 1610 -56.56 -38.37 -125.32
C ARG C 1610 -58.04 -38.66 -125.48
N ILE C 1611 -58.85 -37.60 -125.57
CA ILE C 1611 -60.30 -37.76 -125.64
C ILE C 1611 -60.68 -38.53 -126.90
N SER C 1612 -60.13 -38.14 -128.04
CA SER C 1612 -60.39 -38.82 -129.29
C SER C 1612 -59.30 -38.47 -130.29
N GLU C 1613 -59.35 -39.11 -131.45
CA GLU C 1613 -58.41 -38.79 -132.52
C GLU C 1613 -58.58 -37.35 -132.99
N ARG C 1614 -59.84 -36.89 -133.08
CA ARG C 1614 -60.10 -35.52 -133.49
C ARG C 1614 -59.69 -34.53 -132.40
N GLN C 1615 -60.04 -34.82 -131.15
CA GLN C 1615 -59.84 -33.85 -130.07
C GLN C 1615 -58.41 -33.83 -129.53
N GLY C 1616 -57.61 -34.85 -129.81
CA GLY C 1616 -56.24 -34.86 -129.34
C GLY C 1616 -56.12 -35.15 -127.86
N TRP C 1617 -54.92 -34.90 -127.34
CA TRP C 1617 -54.63 -35.10 -125.93
C TRP C 1617 -55.09 -33.89 -125.11
N LEU C 1618 -55.70 -34.16 -123.96
CA LEU C 1618 -56.28 -33.12 -123.13
C LEU C 1618 -55.52 -33.02 -121.82
N VAL C 1619 -55.28 -31.78 -121.39
CA VAL C 1619 -54.63 -31.47 -120.12
C VAL C 1619 -55.61 -30.65 -119.31
N GLN C 1620 -55.86 -31.07 -118.06
CA GLN C 1620 -56.90 -30.49 -117.23
C GLN C 1620 -56.40 -30.34 -115.80
N CYS C 1621 -56.36 -29.10 -115.31
CA CYS C 1621 -56.02 -28.79 -113.93
C CYS C 1621 -57.04 -27.76 -113.42
N LEU C 1622 -57.79 -28.12 -112.40
CA LEU C 1622 -58.89 -27.27 -111.92
C LEU C 1622 -58.77 -26.88 -110.45
N ASP C 1623 -57.85 -27.47 -109.69
CA ASP C 1623 -57.74 -27.17 -108.28
C ASP C 1623 -56.59 -26.20 -108.03
N PRO C 1624 -56.78 -25.18 -107.19
CA PRO C 1624 -55.71 -24.22 -106.94
C PRO C 1624 -54.74 -24.70 -105.88
N LEU C 1625 -53.46 -24.39 -106.10
CA LEU C 1625 -52.39 -24.70 -105.16
C LEU C 1625 -51.40 -23.56 -105.16
N GLN C 1626 -51.02 -23.07 -103.98
CA GLN C 1626 -50.12 -21.94 -103.84
C GLN C 1626 -49.01 -22.26 -102.86
N PHE C 1627 -47.88 -21.57 -103.04
CA PHE C 1627 -46.77 -21.61 -102.11
C PHE C 1627 -46.23 -20.20 -101.93
N MET C 1628 -45.62 -19.96 -100.77
CA MET C 1628 -45.05 -18.66 -100.47
C MET C 1628 -43.56 -18.67 -100.79
N SER C 1629 -43.11 -17.69 -101.57
CA SER C 1629 -41.74 -17.61 -102.03
C SER C 1629 -41.01 -16.52 -101.28
N LEU C 1630 -39.82 -16.84 -100.78
CA LEU C 1630 -38.97 -15.86 -100.11
C LEU C 1630 -37.91 -15.41 -101.10
N HIS C 1631 -37.95 -14.12 -101.47
CA HIS C 1631 -37.09 -13.57 -102.50
C HIS C 1631 -35.91 -12.87 -101.85
N ILE C 1632 -34.71 -13.41 -102.08
CA ILE C 1632 -33.48 -12.75 -101.63
C ILE C 1632 -33.20 -11.60 -102.57
N PRO C 1633 -33.15 -10.36 -102.08
CA PRO C 1633 -33.02 -9.21 -103.00
C PRO C 1633 -31.67 -9.13 -103.70
N GLU C 1634 -30.58 -9.29 -102.96
CA GLU C 1634 -29.26 -9.07 -103.54
C GLU C 1634 -28.91 -10.15 -104.56
N GLU C 1635 -29.33 -11.39 -104.32
CA GLU C 1635 -28.97 -12.50 -105.18
C GLU C 1635 -29.93 -12.71 -106.34
N ASN C 1636 -31.03 -11.94 -106.39
CA ASN C 1636 -32.05 -12.09 -107.43
C ASN C 1636 -32.57 -13.53 -107.48
N ARG C 1637 -32.72 -14.12 -106.30
CA ARG C 1637 -33.15 -15.51 -106.14
C ARG C 1637 -34.50 -15.55 -105.42
N SER C 1638 -35.07 -16.75 -105.36
CA SER C 1638 -36.33 -16.96 -104.66
C SER C 1638 -36.42 -18.42 -104.26
N VAL C 1639 -36.79 -18.66 -102.99
CA VAL C 1639 -36.95 -20.00 -102.45
C VAL C 1639 -38.27 -20.07 -101.70
N ASP C 1640 -38.78 -21.29 -101.57
CA ASP C 1640 -39.99 -21.50 -100.78
C ASP C 1640 -39.69 -21.24 -99.31
N ILE C 1641 -40.63 -20.59 -98.62
CA ILE C 1641 -40.44 -20.25 -97.23
C ILE C 1641 -40.38 -21.50 -96.35
N LEU C 1642 -41.02 -22.59 -96.77
CA LEU C 1642 -40.96 -23.85 -96.04
C LEU C 1642 -39.60 -24.53 -96.15
N GLU C 1643 -38.75 -24.09 -97.07
CA GLU C 1643 -37.39 -24.60 -97.20
C GLU C 1643 -36.47 -24.07 -96.11
N LEU C 1644 -36.85 -22.98 -95.44
CA LEU C 1644 -36.05 -22.37 -94.39
C LEU C 1644 -35.92 -23.24 -93.15
N THR C 1645 -36.50 -24.45 -93.16
CA THR C 1645 -36.31 -25.39 -92.06
C THR C 1645 -34.88 -25.92 -91.99
N GLU C 1646 -34.07 -25.68 -93.01
CA GLU C 1646 -32.68 -26.12 -93.04
C GLU C 1646 -31.67 -24.99 -93.12
N GLN C 1647 -32.09 -23.79 -93.51
CA GLN C 1647 -31.22 -22.61 -93.49
C GLN C 1647 -31.51 -21.85 -92.20
N GLU C 1648 -30.65 -22.06 -91.20
CA GLU C 1648 -30.88 -21.47 -89.88
C GLU C 1648 -30.69 -19.96 -89.92
N GLU C 1649 -29.68 -19.48 -90.65
CA GLU C 1649 -29.40 -18.04 -90.69
C GLU C 1649 -30.56 -17.26 -91.29
N LEU C 1650 -31.06 -17.71 -92.44
CA LEU C 1650 -32.18 -17.02 -93.08
C LEU C 1650 -33.43 -17.11 -92.22
N LEU C 1651 -33.66 -18.25 -91.58
CA LEU C 1651 -34.82 -18.40 -90.71
C LEU C 1651 -34.77 -17.42 -89.54
N LYS C 1652 -33.61 -17.31 -88.90
CA LYS C 1652 -33.46 -16.37 -87.78
C LYS C 1652 -33.62 -14.93 -88.25
N PHE C 1653 -33.02 -14.58 -89.40
CA PHE C 1653 -33.11 -13.22 -89.90
C PHE C 1653 -34.54 -12.86 -90.24
N HIS C 1654 -35.28 -13.78 -90.86
CA HIS C 1654 -36.68 -13.52 -91.19
C HIS C 1654 -37.57 -13.48 -89.95
N TYR C 1655 -37.30 -14.31 -88.94
CA TYR C 1655 -38.05 -14.20 -87.70
C TYR C 1655 -37.84 -12.84 -87.04
N HIS C 1656 -36.59 -12.36 -87.00
CA HIS C 1656 -36.36 -11.04 -86.45
C HIS C 1656 -36.89 -9.91 -87.33
N THR C 1657 -36.95 -10.11 -88.65
CA THR C 1657 -37.62 -9.17 -89.53
C THR C 1657 -39.11 -9.09 -89.21
N LEU C 1658 -39.74 -10.25 -88.94
CA LEU C 1658 -41.14 -10.26 -88.54
C LEU C 1658 -41.31 -9.56 -87.19
N ARG C 1659 -40.36 -9.76 -86.27
CA ARG C 1659 -40.42 -9.06 -84.99
C ARG C 1659 -40.32 -7.55 -85.19
N LEU C 1660 -39.45 -7.10 -86.09
CA LEU C 1660 -39.35 -5.67 -86.37
C LEU C 1660 -40.63 -5.15 -87.02
N TYR C 1661 -41.24 -5.94 -87.90
CA TYR C 1661 -42.51 -5.57 -88.50
C TYR C 1661 -43.59 -5.40 -87.44
N SER C 1662 -43.63 -6.31 -86.47
CA SER C 1662 -44.56 -6.16 -85.35
C SER C 1662 -44.25 -4.92 -84.51
N ALA C 1663 -42.97 -4.68 -84.22
CA ALA C 1663 -42.57 -3.56 -83.37
C ALA C 1663 -42.86 -2.20 -83.99
N VAL C 1664 -42.64 -2.04 -85.30
CA VAL C 1664 -42.85 -0.73 -85.90
C VAL C 1664 -44.32 -0.34 -85.89
N CYS C 1665 -45.22 -1.31 -86.00
CA CYS C 1665 -46.66 -1.05 -85.95
C CYS C 1665 -47.25 -1.31 -84.57
N ALA C 1666 -46.41 -1.62 -83.58
CA ALA C 1666 -46.89 -1.90 -82.23
C ALA C 1666 -47.49 -0.65 -81.60
N LEU C 1667 -48.38 -0.89 -80.63
CA LEU C 1667 -49.07 0.17 -79.89
C LEU C 1667 -49.87 1.08 -80.84
N GLY C 1668 -50.52 0.47 -81.81
CA GLY C 1668 -51.45 1.18 -82.66
C GLY C 1668 -50.86 2.23 -83.57
N ASN C 1669 -49.73 1.93 -84.22
CA ASN C 1669 -49.19 2.81 -85.26
C ASN C 1669 -49.90 2.46 -86.56
N HIS C 1670 -51.05 3.11 -86.76
CA HIS C 1670 -51.95 2.72 -87.85
C HIS C 1670 -51.36 3.04 -89.22
N ARG C 1671 -50.66 4.17 -89.34
CA ARG C 1671 -50.02 4.50 -90.61
C ARG C 1671 -48.95 3.47 -90.97
N VAL C 1672 -48.16 3.06 -89.99
CA VAL C 1672 -47.14 2.04 -90.24
C VAL C 1672 -47.77 0.71 -90.58
N ALA C 1673 -48.91 0.39 -89.94
CA ALA C 1673 -49.62 -0.84 -90.27
C ALA C 1673 -50.14 -0.80 -91.70
N HIS C 1674 -50.69 0.34 -92.12
CA HIS C 1674 -51.16 0.48 -93.49
C HIS C 1674 -50.00 0.34 -94.48
N ALA C 1675 -48.84 0.91 -94.14
CA ALA C 1675 -47.67 0.74 -94.98
C ALA C 1675 -47.24 -0.72 -95.06
N LEU C 1676 -47.27 -1.43 -93.93
CA LEU C 1676 -46.88 -2.83 -93.87
C LEU C 1676 -47.87 -3.74 -94.58
N CYS C 1677 -49.12 -3.31 -94.74
CA CYS C 1677 -50.08 -4.12 -95.49
C CYS C 1677 -49.61 -4.38 -96.92
N SER C 1678 -48.80 -3.48 -97.49
CA SER C 1678 -48.26 -3.71 -98.82
C SER C 1678 -47.20 -4.82 -98.81
N HIS C 1679 -46.30 -4.78 -97.83
CA HIS C 1679 -45.26 -5.80 -97.75
C HIS C 1679 -45.84 -7.17 -97.44
N VAL C 1680 -46.73 -7.24 -96.44
CA VAL C 1680 -47.40 -8.48 -96.07
C VAL C 1680 -48.89 -8.26 -96.24
N ASP C 1681 -49.52 -9.05 -97.10
CA ASP C 1681 -50.91 -8.86 -97.47
C ASP C 1681 -51.80 -9.95 -96.89
N GLU C 1682 -53.10 -9.81 -97.14
CA GLU C 1682 -54.10 -10.76 -96.65
C GLU C 1682 -53.88 -12.19 -97.12
N PRO C 1683 -53.68 -12.47 -98.42
CA PRO C 1683 -53.45 -13.87 -98.81
C PRO C 1683 -52.20 -14.46 -98.16
N GLN C 1684 -51.12 -13.70 -98.10
CA GLN C 1684 -49.89 -14.18 -97.46
C GLN C 1684 -50.14 -14.50 -96.00
N LEU C 1685 -50.78 -13.58 -95.28
CA LEU C 1685 -51.08 -13.83 -93.88
C LEU C 1685 -51.95 -15.06 -93.71
N LEU C 1686 -53.06 -15.17 -94.44
CA LEU C 1686 -53.98 -16.28 -94.30
C LEU C 1686 -53.36 -17.62 -94.69
N TYR C 1687 -52.45 -17.65 -95.65
CA TYR C 1687 -51.73 -18.88 -95.97
C TYR C 1687 -50.74 -19.26 -94.88
N ALA C 1688 -50.01 -18.28 -94.34
CA ALA C 1688 -49.14 -18.56 -93.22
C ALA C 1688 -49.93 -19.00 -91.99
N ILE C 1689 -51.21 -18.61 -91.94
CA ILE C 1689 -52.04 -19.03 -90.81
C ILE C 1689 -52.24 -20.54 -90.84
N GLU C 1690 -52.48 -21.09 -92.03
CA GLU C 1690 -52.98 -22.45 -92.17
C GLU C 1690 -51.92 -23.48 -92.58
N ASN C 1691 -50.84 -23.06 -93.23
CA ASN C 1691 -49.83 -24.04 -93.64
C ASN C 1691 -49.30 -24.81 -92.43
N LYS C 1692 -49.31 -26.13 -92.52
CA LYS C 1692 -48.87 -26.99 -91.42
C LYS C 1692 -47.38 -27.26 -91.43
N TYR C 1693 -46.68 -26.95 -92.51
CA TYR C 1693 -45.26 -27.21 -92.63
C TYR C 1693 -44.41 -25.97 -92.35
N MET C 1694 -45.04 -24.88 -91.93
CA MET C 1694 -44.32 -23.67 -91.59
C MET C 1694 -43.44 -23.90 -90.36
N PRO C 1695 -42.23 -23.36 -90.35
CA PRO C 1695 -41.42 -23.42 -89.12
C PRO C 1695 -42.13 -22.73 -87.96
N GLY C 1696 -41.90 -23.24 -86.76
CA GLY C 1696 -42.62 -22.74 -85.60
C GLY C 1696 -42.36 -21.28 -85.32
N LEU C 1697 -41.10 -20.85 -85.46
CA LEU C 1697 -40.75 -19.45 -85.22
C LEU C 1697 -41.48 -18.54 -86.19
N LEU C 1698 -41.50 -18.91 -87.47
CA LEU C 1698 -42.20 -18.10 -88.47
C LEU C 1698 -43.70 -18.12 -88.23
N ARG C 1699 -44.24 -19.26 -87.80
CA ARG C 1699 -45.66 -19.35 -87.47
C ARG C 1699 -46.03 -18.39 -86.35
N ALA C 1700 -45.23 -18.37 -85.28
CA ALA C 1700 -45.47 -17.46 -84.18
C ALA C 1700 -45.32 -16.01 -84.63
N GLY C 1701 -44.30 -15.71 -85.42
CA GLY C 1701 -44.09 -14.37 -85.93
C GLY C 1701 -45.25 -13.88 -86.79
N TYR C 1702 -45.80 -14.76 -87.62
CA TYR C 1702 -46.91 -14.38 -88.48
C TYR C 1702 -48.21 -14.22 -87.69
N TYR C 1703 -48.46 -15.09 -86.71
CA TYR C 1703 -49.63 -14.87 -85.88
C TYR C 1703 -49.52 -13.59 -85.04
N ASP C 1704 -48.31 -13.21 -84.64
CA ASP C 1704 -48.09 -11.91 -84.02
C ASP C 1704 -48.29 -10.75 -84.97
N LEU C 1705 -47.79 -10.88 -86.20
CA LEU C 1705 -47.90 -9.81 -87.19
C LEU C 1705 -49.35 -9.55 -87.56
N LEU C 1706 -50.13 -10.61 -87.74
CA LEU C 1706 -51.56 -10.43 -88.03
C LEU C 1706 -52.25 -9.64 -86.93
N ILE C 1707 -52.01 -10.02 -85.67
CA ILE C 1707 -52.65 -9.33 -84.55
C ILE C 1707 -52.21 -7.87 -84.51
N ASP C 1708 -50.91 -7.62 -84.65
CA ASP C 1708 -50.42 -6.25 -84.54
C ASP C 1708 -50.94 -5.37 -85.67
N ILE C 1709 -50.97 -5.89 -86.89
CA ILE C 1709 -51.37 -5.07 -88.03
C ILE C 1709 -52.87 -4.81 -88.02
N HIS C 1710 -53.68 -5.85 -87.83
CA HIS C 1710 -55.11 -5.73 -88.08
C HIS C 1710 -55.97 -5.65 -86.82
N LEU C 1711 -55.72 -6.50 -85.82
CA LEU C 1711 -56.68 -6.73 -84.74
C LEU C 1711 -56.00 -6.61 -83.37
N SER C 1712 -55.26 -5.51 -83.18
CA SER C 1712 -54.67 -5.23 -81.87
C SER C 1712 -55.24 -3.98 -81.21
N SER C 1713 -55.50 -2.92 -81.97
CA SER C 1713 -55.92 -1.65 -81.37
C SER C 1713 -57.29 -1.78 -80.71
N TYR C 1714 -58.25 -2.38 -81.42
CA TYR C 1714 -59.58 -2.55 -80.82
C TYR C 1714 -59.54 -3.49 -79.62
N ALA C 1715 -58.73 -4.54 -79.70
CA ALA C 1715 -58.58 -5.45 -78.57
C ALA C 1715 -58.04 -4.72 -77.35
N THR C 1716 -57.02 -3.87 -77.54
CA THR C 1716 -56.50 -3.06 -76.46
C THR C 1716 -57.52 -2.09 -75.89
N ALA C 1717 -58.30 -1.43 -76.77
CA ALA C 1717 -59.31 -0.49 -76.29
C ALA C 1717 -60.38 -1.19 -75.45
N ARG C 1718 -60.90 -2.32 -75.96
CA ARG C 1718 -61.91 -3.04 -75.21
C ARG C 1718 -61.35 -3.64 -73.93
N LEU C 1719 -60.09 -4.09 -73.93
CA LEU C 1719 -59.49 -4.58 -72.71
C LEU C 1719 -59.31 -3.47 -71.68
N MET C 1720 -58.98 -2.25 -72.11
CA MET C 1720 -58.90 -1.14 -71.18
C MET C 1720 -60.26 -0.75 -70.64
N MET C 1721 -61.32 -0.86 -71.44
CA MET C 1721 -62.64 -0.46 -70.97
C MET C 1721 -63.43 -1.64 -70.39
N ASN C 1722 -62.80 -2.81 -70.31
CA ASN C 1722 -63.43 -4.00 -69.77
C ASN C 1722 -63.88 -3.87 -68.32
N ASN C 1723 -63.22 -3.06 -67.50
CA ASN C 1723 -63.52 -2.98 -66.08
C ASN C 1723 -64.51 -1.88 -65.74
N GLU C 1724 -65.10 -1.23 -66.74
CA GLU C 1724 -66.06 -0.16 -66.52
C GLU C 1724 -67.40 -0.54 -67.14
N TYR C 1725 -68.49 -0.24 -66.42
CA TYR C 1725 -69.83 -0.68 -66.79
C TYR C 1725 -70.77 0.53 -66.84
N ILE C 1726 -71.05 1.00 -68.06
CA ILE C 1726 -72.09 2.00 -68.29
C ILE C 1726 -73.26 1.26 -68.91
N VAL C 1727 -74.35 1.11 -68.16
CA VAL C 1727 -75.50 0.32 -68.59
C VAL C 1727 -76.65 1.30 -68.90
N PRO C 1728 -77.02 1.47 -70.16
CA PRO C 1728 -78.16 2.36 -70.47
C PRO C 1728 -79.46 1.79 -69.96
N MET C 1729 -80.42 2.69 -69.72
CA MET C 1729 -81.75 2.30 -69.24
C MET C 1729 -82.68 2.07 -70.43
N THR C 1730 -82.51 0.91 -71.05
CA THR C 1730 -83.33 0.51 -72.19
C THR C 1730 -84.24 -0.66 -71.80
N GLU C 1731 -85.22 -0.94 -72.67
CA GLU C 1731 -86.08 -2.09 -72.46
C GLU C 1731 -85.29 -3.38 -72.53
N GLU C 1732 -84.30 -3.45 -73.44
CA GLU C 1732 -83.40 -4.60 -73.48
C GLU C 1732 -82.66 -4.76 -72.17
N THR C 1733 -82.21 -3.65 -71.58
CA THR C 1733 -81.57 -3.71 -70.27
C THR C 1733 -82.52 -4.23 -69.20
N LYS C 1734 -83.77 -3.73 -69.19
CA LYS C 1734 -84.73 -4.21 -68.20
C LYS C 1734 -85.04 -5.69 -68.39
N SER C 1735 -84.94 -6.19 -69.62
CA SER C 1735 -85.24 -7.60 -69.87
C SER C 1735 -84.16 -8.52 -69.33
N ILE C 1736 -82.99 -7.99 -68.99
CA ILE C 1736 -81.89 -8.84 -68.53
C ILE C 1736 -82.23 -9.42 -67.16
N THR C 1737 -81.91 -10.69 -66.97
CA THR C 1737 -82.14 -11.40 -65.72
C THR C 1737 -80.91 -12.20 -65.34
N LEU C 1738 -80.79 -12.49 -64.03
CA LEU C 1738 -79.67 -13.31 -63.56
C LEU C 1738 -79.68 -14.70 -64.15
N PHE C 1739 -80.85 -15.34 -64.20
CA PHE C 1739 -80.97 -16.71 -64.65
C PHE C 1739 -81.92 -16.79 -65.84
N PRO C 1740 -81.52 -17.46 -66.93
CA PRO C 1740 -82.36 -17.44 -68.15
C PRO C 1740 -83.74 -18.02 -67.96
N ASP C 1741 -83.89 -19.04 -67.13
CA ASP C 1741 -85.16 -19.77 -66.98
C ASP C 1741 -85.46 -20.02 -65.50
N GLU C 1742 -86.57 -20.73 -65.26
CA GLU C 1742 -87.09 -20.85 -63.90
C GLU C 1742 -86.13 -21.63 -63.00
N ASN C 1743 -85.52 -22.70 -63.51
CA ASN C 1743 -84.55 -23.43 -62.71
C ASN C 1743 -83.24 -22.65 -62.63
N LYS C 1744 -82.58 -22.73 -61.48
CA LYS C 1744 -81.42 -21.88 -61.19
C LYS C 1744 -80.15 -22.60 -61.63
N LYS C 1745 -79.93 -22.61 -62.95
CA LYS C 1745 -78.73 -23.16 -63.55
C LYS C 1745 -78.06 -22.07 -64.38
N HIS C 1746 -76.74 -21.95 -64.24
CA HIS C 1746 -75.99 -20.94 -64.99
C HIS C 1746 -76.01 -21.25 -66.48
N GLY C 1747 -76.21 -20.21 -67.29
CA GLY C 1747 -76.05 -20.33 -68.72
C GLY C 1747 -74.58 -20.31 -69.11
N LEU C 1748 -74.35 -20.53 -70.39
CA LEU C 1748 -72.99 -20.51 -70.91
C LEU C 1748 -72.44 -19.09 -70.82
N PRO C 1749 -71.23 -18.90 -70.28
CA PRO C 1749 -70.67 -17.55 -70.21
C PRO C 1749 -70.48 -16.95 -71.59
N GLY C 1750 -70.69 -15.66 -71.69
CA GLY C 1750 -70.58 -14.95 -72.97
C GLY C 1750 -71.87 -14.76 -73.74
N ILE C 1751 -72.59 -15.84 -74.02
CA ILE C 1751 -73.84 -15.75 -74.77
C ILE C 1751 -74.89 -15.07 -73.92
N GLY C 1752 -75.84 -14.43 -74.57
CA GLY C 1752 -76.90 -13.71 -73.89
C GLY C 1752 -77.05 -12.32 -74.48
N LEU C 1753 -77.88 -11.53 -73.82
CA LEU C 1753 -78.14 -10.15 -74.23
C LEU C 1753 -77.42 -9.21 -73.27
N SER C 1754 -76.35 -8.59 -73.76
CA SER C 1754 -75.58 -7.63 -72.98
C SER C 1754 -75.76 -6.23 -73.56
N THR C 1755 -76.17 -5.29 -72.72
CA THR C 1755 -76.46 -3.93 -73.15
C THR C 1755 -75.44 -2.92 -72.69
N SER C 1756 -74.35 -3.36 -72.05
CA SER C 1756 -73.32 -2.42 -71.59
C SER C 1756 -72.64 -1.75 -72.77
N LEU C 1757 -72.38 -0.45 -72.64
CA LEU C 1757 -71.72 0.27 -73.71
C LEU C 1757 -70.28 -0.19 -73.86
N ARG C 1758 -69.88 -0.47 -75.10
CA ARG C 1758 -68.59 -1.04 -75.41
C ARG C 1758 -67.99 -0.25 -76.55
N PRO C 1759 -66.66 -0.29 -76.71
CA PRO C 1759 -66.03 0.44 -77.82
C PRO C 1759 -66.55 -0.03 -79.17
N ARG C 1760 -66.61 0.91 -80.11
CA ARG C 1760 -67.23 0.69 -81.41
C ARG C 1760 -66.18 0.26 -82.42
N MET C 1761 -66.53 -0.72 -83.25
CA MET C 1761 -65.64 -1.22 -84.29
C MET C 1761 -65.75 -0.32 -85.52
N GLN C 1762 -64.61 0.22 -85.96
CA GLN C 1762 -64.53 0.93 -87.23
C GLN C 1762 -63.14 0.71 -87.81
N PHE C 1763 -63.09 0.09 -88.99
CA PHE C 1763 -61.82 -0.30 -89.61
C PHE C 1763 -61.61 0.51 -90.88
N SER C 1764 -60.42 1.07 -91.02
CA SER C 1764 -60.09 1.81 -92.23
C SER C 1764 -59.82 0.86 -93.39
N SER C 1765 -60.00 1.36 -94.61
CA SER C 1765 -59.72 0.56 -95.79
C SER C 1765 -58.23 0.28 -95.90
N PRO C 1766 -57.85 -0.90 -96.41
CA PRO C 1766 -56.43 -1.22 -96.56
C PRO C 1766 -55.70 -0.36 -97.58
N SER C 1767 -56.41 0.48 -98.33
CA SER C 1767 -55.78 1.35 -99.32
C SER C 1767 -54.98 2.45 -98.64
N PHE C 1768 -53.66 2.28 -98.56
CA PHE C 1768 -52.78 3.27 -97.97
C PHE C 1768 -52.26 4.28 -99.00
N VAL C 1769 -52.70 4.18 -100.25
CA VAL C 1769 -52.23 5.11 -101.28
C VAL C 1769 -52.63 6.54 -100.94
N SER C 1770 -53.87 6.72 -100.50
CA SER C 1770 -54.33 8.04 -100.06
C SER C 1770 -53.51 8.50 -98.86
N ILE C 1771 -53.04 9.75 -98.90
CA ILE C 1771 -52.19 10.28 -97.85
C ILE C 1771 -52.99 10.90 -96.71
N SER C 1772 -54.31 10.73 -96.69
CA SER C 1772 -55.14 11.36 -95.68
C SER C 1772 -54.90 10.73 -94.31
N ASN C 1773 -54.63 11.57 -93.31
CA ASN C 1773 -54.54 11.09 -91.95
C ASN C 1773 -55.86 10.52 -91.44
N GLU C 1774 -56.99 11.01 -91.94
CA GLU C 1774 -58.27 10.47 -91.55
C GLU C 1774 -58.40 9.00 -91.94
N CYS C 1775 -57.98 8.63 -93.15
CA CYS C 1775 -58.00 7.24 -93.55
C CYS C 1775 -56.84 6.44 -92.95
N TYR C 1776 -55.72 7.11 -92.64
CA TYR C 1776 -54.65 6.43 -91.92
C TYR C 1776 -55.07 6.06 -90.50
N GLN C 1777 -56.01 6.81 -89.92
CA GLN C 1777 -56.58 6.43 -88.63
C GLN C 1777 -57.22 5.04 -88.72
N TYR C 1778 -57.50 4.46 -87.55
CA TYR C 1778 -58.17 3.17 -87.42
C TYR C 1778 -57.27 2.05 -87.90
N SER C 1779 -57.78 0.81 -87.89
CA SER C 1779 -56.98 -0.34 -88.24
C SER C 1779 -57.33 -0.82 -89.65
N PRO C 1780 -56.37 -1.38 -90.38
CA PRO C 1780 -56.66 -1.88 -91.72
C PRO C 1780 -57.73 -2.96 -91.69
N GLU C 1781 -58.56 -2.96 -92.73
CA GLU C 1781 -59.65 -3.94 -92.83
C GLU C 1781 -59.10 -5.34 -93.07
N PHE C 1782 -59.84 -6.34 -92.59
CA PHE C 1782 -59.47 -7.74 -92.75
C PHE C 1782 -60.74 -8.58 -92.80
N PRO C 1783 -60.74 -9.69 -93.53
CA PRO C 1783 -61.92 -10.58 -93.54
C PRO C 1783 -62.08 -11.29 -92.20
N LEU C 1784 -62.66 -10.57 -91.25
CA LEU C 1784 -62.74 -10.99 -89.85
C LEU C 1784 -63.74 -12.12 -89.62
N ASP C 1785 -64.55 -12.46 -90.62
CA ASP C 1785 -65.41 -13.64 -90.56
C ASP C 1785 -64.72 -14.88 -91.10
N ILE C 1786 -63.99 -14.76 -92.21
CA ILE C 1786 -63.15 -15.85 -92.67
C ILE C 1786 -62.13 -16.19 -91.60
N LEU C 1787 -61.56 -15.16 -90.96
CA LEU C 1787 -60.59 -15.40 -89.90
C LEU C 1787 -61.21 -16.16 -88.73
N LYS C 1788 -62.41 -15.77 -88.30
CA LYS C 1788 -63.04 -16.43 -87.17
C LYS C 1788 -63.46 -17.86 -87.51
N SER C 1789 -63.90 -18.13 -88.74
CA SER C 1789 -64.20 -19.51 -89.13
C SER C 1789 -62.95 -20.37 -89.19
N LYS C 1790 -61.87 -19.83 -89.79
CA LYS C 1790 -60.63 -20.58 -89.89
C LYS C 1790 -60.03 -20.88 -88.53
N THR C 1791 -60.10 -19.92 -87.60
CA THR C 1791 -59.56 -20.15 -86.25
C THR C 1791 -60.31 -21.27 -85.54
N ILE C 1792 -61.64 -21.28 -85.66
CA ILE C 1792 -62.43 -22.34 -85.02
C ILE C 1792 -62.11 -23.70 -85.63
N GLN C 1793 -62.06 -23.77 -86.96
CA GLN C 1793 -61.70 -25.02 -87.61
C GLN C 1793 -60.31 -25.47 -87.18
N MET C 1794 -59.39 -24.52 -87.03
CA MET C 1794 -58.02 -24.81 -86.67
C MET C 1794 -57.93 -25.40 -85.29
N LEU C 1795 -58.59 -24.76 -84.32
CA LEU C 1795 -58.53 -25.25 -82.95
C LEU C 1795 -59.25 -26.58 -82.83
N THR C 1796 -60.33 -26.77 -83.59
CA THR C 1796 -61.00 -28.07 -83.62
C THR C 1796 -60.05 -29.16 -84.09
N GLU C 1797 -59.33 -28.92 -85.18
CA GLU C 1797 -58.37 -29.92 -85.65
C GLU C 1797 -57.24 -30.14 -84.65
N ALA C 1798 -56.76 -29.06 -84.02
CA ALA C 1798 -55.62 -29.17 -83.11
C ALA C 1798 -55.99 -29.95 -81.86
N VAL C 1799 -57.21 -29.79 -81.36
CA VAL C 1799 -57.63 -30.55 -80.18
C VAL C 1799 -57.59 -32.04 -80.47
N LYS C 1800 -58.06 -32.46 -81.65
CA LYS C 1800 -58.04 -33.88 -81.99
C LYS C 1800 -56.63 -34.37 -82.26
N GLU C 1801 -55.81 -33.56 -82.94
CA GLU C 1801 -54.47 -34.01 -83.30
C GLU C 1801 -53.56 -34.13 -82.07
N GLY C 1802 -53.56 -33.11 -81.21
CA GLY C 1802 -52.66 -33.13 -80.07
C GLY C 1802 -53.09 -34.12 -79.00
N SER C 1803 -54.37 -34.49 -78.99
CA SER C 1803 -54.85 -35.46 -78.01
C SER C 1803 -54.19 -36.82 -78.19
N LEU C 1804 -53.99 -37.23 -79.45
CA LEU C 1804 -53.30 -38.49 -79.71
C LEU C 1804 -51.82 -38.41 -79.40
N HIS C 1805 -51.32 -37.19 -79.13
CA HIS C 1805 -49.91 -36.96 -78.82
C HIS C 1805 -49.01 -37.42 -79.97
N ALA C 1806 -49.23 -36.87 -81.16
CA ALA C 1806 -48.40 -37.18 -82.31
C ALA C 1806 -47.00 -36.59 -82.13
N ARG C 1807 -46.03 -37.20 -82.80
CA ARG C 1807 -44.65 -36.76 -82.75
C ARG C 1807 -44.36 -35.62 -83.73
N ASP C 1808 -45.35 -35.21 -84.51
CA ASP C 1808 -45.18 -34.16 -85.52
C ASP C 1808 -46.21 -33.06 -85.30
N PRO C 1809 -46.04 -32.23 -84.28
CA PRO C 1809 -46.92 -31.08 -84.11
C PRO C 1809 -46.66 -30.03 -85.17
N VAL C 1810 -47.68 -29.20 -85.42
CA VAL C 1810 -47.52 -28.09 -86.36
C VAL C 1810 -46.53 -27.10 -85.79
N GLY C 1811 -45.48 -26.80 -86.56
CA GLY C 1811 -44.40 -25.97 -86.10
C GLY C 1811 -43.28 -26.72 -85.41
N GLY C 1812 -43.44 -28.02 -85.19
CA GLY C 1812 -42.41 -28.84 -84.57
C GLY C 1812 -42.60 -29.13 -83.10
N THR C 1813 -43.32 -28.28 -82.37
CA THR C 1813 -43.54 -28.48 -80.94
C THR C 1813 -44.98 -28.15 -80.60
N THR C 1814 -45.44 -28.74 -79.49
CA THR C 1814 -46.78 -28.44 -78.99
C THR C 1814 -46.92 -26.96 -78.63
N GLU C 1815 -45.87 -26.36 -78.09
CA GLU C 1815 -45.90 -24.92 -77.80
C GLU C 1815 -46.13 -24.11 -79.06
N PHE C 1816 -45.36 -24.38 -80.12
CA PHE C 1816 -45.53 -23.65 -81.37
C PHE C 1816 -46.90 -23.93 -81.98
N LEU C 1817 -47.45 -25.12 -81.75
CA LEU C 1817 -48.76 -25.46 -82.29
C LEU C 1817 -49.87 -24.69 -81.57
N PHE C 1818 -49.79 -24.57 -80.24
CA PHE C 1818 -50.91 -24.09 -79.45
C PHE C 1818 -50.79 -22.62 -79.02
N VAL C 1819 -49.63 -22.19 -78.52
CA VAL C 1819 -49.54 -20.85 -77.93
C VAL C 1819 -49.95 -19.76 -78.91
N PRO C 1820 -49.48 -19.71 -80.15
CA PRO C 1820 -49.89 -18.62 -81.04
C PRO C 1820 -51.33 -18.77 -81.52
N LEU C 1821 -51.76 -20.01 -81.76
CA LEU C 1821 -53.14 -20.24 -82.20
C LEU C 1821 -54.15 -19.84 -81.14
N ILE C 1822 -53.90 -20.23 -79.89
CA ILE C 1822 -54.82 -19.91 -78.79
C ILE C 1822 -54.81 -18.41 -78.57
N LYS C 1823 -53.63 -17.80 -78.69
CA LYS C 1823 -53.50 -16.35 -78.59
C LYS C 1823 -54.28 -15.60 -79.65
N LEU C 1824 -54.26 -16.06 -80.90
CA LEU C 1824 -55.16 -15.50 -81.91
C LEU C 1824 -56.62 -15.71 -81.53
N PHE C 1825 -56.96 -16.91 -81.04
CA PHE C 1825 -58.31 -17.16 -80.54
C PHE C 1825 -58.62 -16.23 -79.36
N TYR C 1826 -57.67 -16.07 -78.44
CA TYR C 1826 -57.92 -15.20 -77.29
C TYR C 1826 -58.14 -13.76 -77.72
N THR C 1827 -57.36 -13.27 -78.68
CA THR C 1827 -57.57 -11.92 -79.20
C THR C 1827 -58.93 -11.77 -79.87
N LEU C 1828 -59.33 -12.76 -80.67
CA LEU C 1828 -60.65 -12.71 -81.31
C LEU C 1828 -61.76 -12.70 -80.26
N LEU C 1829 -61.63 -13.53 -79.23
CA LEU C 1829 -62.67 -13.61 -78.20
C LEU C 1829 -62.73 -12.33 -77.37
N ILE C 1830 -61.56 -11.76 -77.06
CA ILE C 1830 -61.53 -10.47 -76.38
C ILE C 1830 -62.22 -9.42 -77.23
N MET C 1831 -61.92 -9.41 -78.52
CA MET C 1831 -62.56 -8.45 -79.43
C MET C 1831 -64.05 -8.70 -79.55
N GLY C 1832 -64.49 -9.92 -79.26
CA GLY C 1832 -65.91 -10.20 -79.15
C GLY C 1832 -66.63 -10.49 -80.44
N ILE C 1833 -65.91 -10.82 -81.52
CA ILE C 1833 -66.56 -11.14 -82.78
C ILE C 1833 -67.33 -12.46 -82.65
N PHE C 1834 -66.76 -13.41 -81.91
CA PHE C 1834 -67.45 -14.67 -81.67
C PHE C 1834 -68.77 -14.43 -80.95
N HIS C 1835 -69.83 -15.06 -81.45
CA HIS C 1835 -71.15 -14.84 -80.90
C HIS C 1835 -72.00 -16.09 -81.09
N ASN C 1836 -72.80 -16.41 -80.08
CA ASN C 1836 -73.83 -17.45 -80.15
C ASN C 1836 -73.23 -18.83 -80.43
N GLU C 1837 -73.58 -19.41 -81.58
CA GLU C 1837 -73.23 -20.81 -81.85
C GLU C 1837 -71.71 -20.99 -81.97
N ASP C 1838 -71.00 -19.99 -82.50
CA ASP C 1838 -69.55 -20.08 -82.57
C ASP C 1838 -68.94 -20.16 -81.18
N LEU C 1839 -69.42 -19.32 -80.26
CA LEU C 1839 -68.94 -19.37 -78.88
C LEU C 1839 -69.33 -20.70 -78.23
N LYS C 1840 -70.52 -21.21 -78.54
CA LYS C 1840 -70.93 -22.50 -77.99
C LYS C 1840 -69.99 -23.62 -78.44
N HIS C 1841 -69.68 -23.66 -79.73
CA HIS C 1841 -68.76 -24.67 -80.24
C HIS C 1841 -67.36 -24.52 -79.65
N ILE C 1842 -66.87 -23.28 -79.53
CA ILE C 1842 -65.53 -23.09 -78.98
C ILE C 1842 -65.50 -23.43 -77.49
N LEU C 1843 -66.59 -23.22 -76.77
CA LEU C 1843 -66.69 -23.65 -75.38
C LEU C 1843 -66.75 -25.17 -75.25
N GLN C 1844 -67.43 -25.84 -76.19
CA GLN C 1844 -67.37 -27.29 -76.25
C GLN C 1844 -65.94 -27.77 -76.46
N LEU C 1845 -65.21 -27.09 -77.34
CA LEU C 1845 -63.80 -27.42 -77.55
C LEU C 1845 -62.98 -27.22 -76.28
N ILE C 1846 -63.22 -26.11 -75.57
CA ILE C 1846 -62.46 -25.84 -74.35
C ILE C 1846 -62.74 -26.90 -73.30
N GLU C 1847 -64.02 -27.19 -73.07
CA GLU C 1847 -64.41 -28.24 -72.13
C GLU C 1847 -65.79 -28.78 -72.50
N PRO C 1848 -65.89 -30.03 -72.94
CA PRO C 1848 -67.20 -30.54 -73.38
C PRO C 1848 -68.16 -30.79 -72.22
N SER C 1849 -67.68 -31.37 -71.11
CA SER C 1849 -68.57 -31.81 -70.04
C SER C 1849 -69.24 -30.62 -69.35
N VAL C 1850 -68.45 -29.63 -68.95
CA VAL C 1850 -68.99 -28.53 -68.15
C VAL C 1850 -69.97 -27.70 -68.96
N PHE C 1851 -69.62 -27.38 -70.20
CA PHE C 1851 -70.43 -26.51 -71.04
C PHE C 1851 -71.44 -27.28 -71.90
N LYS C 1852 -71.58 -28.59 -71.70
CA LYS C 1852 -72.54 -29.37 -72.47
C LYS C 1852 -73.94 -28.86 -72.26
N GLU C 1853 -74.68 -28.67 -73.35
CA GLU C 1853 -76.05 -28.20 -73.26
C GLU C 1853 -76.96 -29.31 -72.76
N ALA C 1854 -77.83 -28.95 -71.81
CA ALA C 1854 -78.76 -29.91 -71.23
C ALA C 1854 -80.02 -29.21 -70.73
N PRO C 1889 -65.52 -40.62 -75.34
CA PRO C 1889 -64.31 -40.24 -74.59
C PRO C 1889 -63.61 -39.02 -75.20
N LYS C 1890 -64.22 -37.85 -75.08
CA LYS C 1890 -63.68 -36.61 -75.59
C LYS C 1890 -63.27 -35.71 -74.43
N GLU C 1891 -62.02 -35.25 -74.45
CA GLU C 1891 -61.47 -34.40 -73.40
C GLU C 1891 -61.11 -33.04 -74.00
N GLY C 1892 -61.44 -31.98 -73.27
CA GLY C 1892 -61.18 -30.63 -73.73
C GLY C 1892 -59.74 -30.21 -73.52
N LEU C 1893 -59.48 -28.94 -73.82
CA LEU C 1893 -58.13 -28.40 -73.69
C LEU C 1893 -57.68 -28.34 -72.23
N LEU C 1894 -58.62 -28.24 -71.29
CA LEU C 1894 -58.26 -28.05 -69.89
C LEU C 1894 -57.55 -29.27 -69.32
N GLN C 1895 -57.88 -30.47 -69.80
CA GLN C 1895 -57.20 -31.69 -69.39
C GLN C 1895 -56.57 -32.34 -70.62
N MET C 1896 -55.38 -31.83 -71.00
CA MET C 1896 -54.68 -32.31 -72.19
C MET C 1896 -53.18 -32.41 -71.93
N LYS C 1897 -52.74 -32.23 -70.69
CA LYS C 1897 -51.31 -32.19 -70.35
C LYS C 1897 -50.59 -31.16 -71.21
N LEU C 1898 -51.02 -29.91 -71.03
CA LEU C 1898 -50.58 -28.76 -71.79
C LEU C 1898 -49.28 -28.19 -71.23
N PRO C 1899 -48.45 -27.60 -72.10
CA PRO C 1899 -47.25 -26.91 -71.60
C PRO C 1899 -47.60 -25.65 -70.83
N GLU C 1900 -46.59 -25.13 -70.13
CA GLU C 1900 -46.77 -23.94 -69.31
C GLU C 1900 -47.21 -22.70 -70.09
N PRO C 1901 -46.59 -22.36 -71.23
CA PRO C 1901 -47.09 -21.20 -71.99
C PRO C 1901 -48.53 -21.38 -72.47
N VAL C 1902 -48.93 -22.59 -72.82
CA VAL C 1902 -50.32 -22.84 -73.22
C VAL C 1902 -51.24 -22.68 -72.02
N LYS C 1903 -50.79 -23.15 -70.85
CA LYS C 1903 -51.57 -23.00 -69.62
C LYS C 1903 -51.78 -21.54 -69.26
N LEU C 1904 -50.78 -20.69 -69.48
CA LEU C 1904 -50.96 -19.26 -69.22
C LEU C 1904 -52.06 -18.66 -70.09
N GLN C 1905 -52.07 -18.97 -71.38
CA GLN C 1905 -53.12 -18.48 -72.27
C GLN C 1905 -54.48 -19.04 -71.89
N MET C 1906 -54.55 -20.31 -71.49
CA MET C 1906 -55.81 -20.87 -71.03
C MET C 1906 -56.31 -20.16 -69.77
N CYS C 1907 -55.39 -19.82 -68.86
CA CYS C 1907 -55.78 -19.04 -67.69
C CYS C 1907 -56.31 -17.67 -68.08
N LEU C 1908 -55.70 -17.05 -69.09
CA LEU C 1908 -56.21 -15.77 -69.59
C LEU C 1908 -57.63 -15.92 -70.13
N LEU C 1909 -57.87 -16.98 -70.90
CA LEU C 1909 -59.21 -17.22 -71.44
C LEU C 1909 -60.23 -17.44 -70.32
N LEU C 1910 -59.85 -18.23 -69.31
CA LEU C 1910 -60.73 -18.48 -68.17
C LEU C 1910 -61.04 -17.20 -67.40
N GLN C 1911 -60.03 -16.33 -67.21
CA GLN C 1911 -60.26 -15.03 -66.60
C GLN C 1911 -61.19 -14.16 -67.42
N TYR C 1912 -61.07 -14.18 -68.75
CA TYR C 1912 -62.02 -13.44 -69.57
C TYR C 1912 -63.44 -13.97 -69.40
N LEU C 1913 -63.59 -15.29 -69.34
CA LEU C 1913 -64.93 -15.86 -69.10
C LEU C 1913 -65.49 -15.41 -67.76
N CYS C 1914 -64.64 -15.39 -66.73
CA CYS C 1914 -65.07 -14.89 -65.42
C CYS C 1914 -65.49 -13.43 -65.51
N ASP C 1915 -64.74 -12.62 -66.27
CA ASP C 1915 -65.09 -11.21 -66.43
C ASP C 1915 -66.44 -11.07 -67.13
N CYS C 1916 -66.71 -11.92 -68.12
CA CYS C 1916 -68.01 -11.91 -68.78
C CYS C 1916 -69.13 -12.24 -67.79
N GLN C 1917 -68.89 -13.22 -66.93
CA GLN C 1917 -69.90 -13.54 -65.91
C GLN C 1917 -70.13 -12.37 -64.96
N VAL C 1918 -69.06 -11.69 -64.54
CA VAL C 1918 -69.21 -10.52 -63.67
C VAL C 1918 -69.99 -9.42 -64.37
N ARG C 1919 -69.72 -9.18 -65.66
CA ARG C 1919 -70.49 -8.19 -66.41
C ARG C 1919 -71.96 -8.55 -66.49
N HIS C 1920 -72.27 -9.83 -66.71
CA HIS C 1920 -73.67 -10.27 -66.71
C HIS C 1920 -74.32 -10.02 -65.35
N ARG C 1921 -73.60 -10.31 -64.27
CA ARG C 1921 -74.12 -10.05 -62.93
C ARG C 1921 -74.43 -8.58 -62.73
N ILE C 1922 -73.50 -7.71 -63.13
CA ILE C 1922 -73.70 -6.27 -62.96
C ILE C 1922 -74.90 -5.79 -63.77
N GLU C 1923 -75.02 -6.27 -65.01
CA GLU C 1923 -76.17 -5.90 -65.83
C GLU C 1923 -77.49 -6.36 -65.23
N ALA C 1924 -77.53 -7.58 -64.67
CA ALA C 1924 -78.76 -8.04 -64.02
C ALA C 1924 -79.09 -7.20 -62.79
N ILE C 1925 -78.07 -6.82 -62.01
CA ILE C 1925 -78.32 -5.94 -60.87
C ILE C 1925 -78.89 -4.61 -61.31
N VAL C 1926 -78.32 -4.01 -62.38
CA VAL C 1926 -78.87 -2.77 -62.93
C VAL C 1926 -80.29 -2.95 -63.43
N ALA C 1927 -80.61 -4.07 -64.07
CA ALA C 1927 -81.98 -4.36 -64.50
C ALA C 1927 -82.96 -4.44 -63.33
N PHE C 1928 -82.56 -5.11 -62.24
CA PHE C 1928 -83.42 -5.18 -61.07
C PHE C 1928 -83.62 -3.80 -60.45
N SER C 1929 -82.56 -2.98 -60.44
CA SER C 1929 -82.67 -1.62 -59.91
C SER C 1929 -83.80 -0.83 -60.55
N ASP C 1930 -84.05 -1.04 -61.86
CA ASP C 1930 -85.06 -0.26 -62.55
C ASP C 1930 -86.42 -0.33 -61.86
N ASP C 1931 -86.88 -1.52 -61.50
CA ASP C 1931 -88.19 -1.63 -60.89
C ASP C 1931 -88.12 -1.45 -59.38
N PHE C 1932 -87.01 -1.89 -58.76
CA PHE C 1932 -86.93 -1.79 -57.30
C PHE C 1932 -86.91 -0.33 -56.86
N VAL C 1933 -86.10 0.50 -57.53
CA VAL C 1933 -86.04 1.91 -57.21
C VAL C 1933 -87.35 2.62 -57.53
N ALA C 1934 -88.03 2.23 -58.61
CA ALA C 1934 -89.32 2.83 -58.93
C ALA C 1934 -90.34 2.57 -57.82
N LYS C 1935 -90.45 1.32 -57.37
CA LYS C 1935 -91.38 1.03 -56.29
C LYS C 1935 -90.96 1.68 -54.98
N LEU C 1936 -89.64 1.77 -54.73
CA LEU C 1936 -89.16 2.48 -53.54
C LEU C 1936 -89.57 3.95 -53.58
N GLN C 1937 -89.40 4.61 -54.73
CA GLN C 1937 -89.80 6.00 -54.86
C GLN C 1937 -91.30 6.17 -54.69
N ASP C 1938 -92.11 5.26 -55.27
CA ASP C 1938 -93.54 5.35 -55.11
C ASP C 1938 -93.98 5.22 -53.65
N ASN C 1939 -93.46 4.23 -52.92
CA ASN C 1939 -93.87 4.09 -51.53
C ASN C 1939 -93.31 5.21 -50.67
N GLN C 1940 -92.11 5.70 -50.98
CA GLN C 1940 -91.50 6.80 -50.25
C GLN C 1940 -92.23 8.13 -50.47
N ARG C 1941 -92.85 8.32 -51.63
CA ARG C 1941 -93.72 9.48 -51.86
C ARG C 1941 -95.11 9.32 -51.25
N PHE C 1942 -95.67 8.10 -51.26
CA PHE C 1942 -96.93 7.87 -50.55
C PHE C 1942 -96.76 8.13 -49.06
N ARG C 1943 -95.64 7.70 -48.48
CA ARG C 1943 -95.35 7.98 -47.08
C ARG C 1943 -95.25 9.48 -46.83
N TYR C 1944 -94.61 10.21 -47.75
CA TYR C 1944 -94.51 11.66 -47.60
C TYR C 1944 -95.88 12.33 -47.66
N ASN C 1945 -96.75 11.86 -48.56
CA ASN C 1945 -98.09 12.41 -48.64
C ASN C 1945 -98.88 12.15 -47.36
N GLU C 1946 -98.78 10.93 -46.82
CA GLU C 1946 -99.42 10.63 -45.55
C GLU C 1946 -98.87 11.50 -44.42
N VAL C 1947 -97.55 11.68 -44.39
CA VAL C 1947 -96.93 12.50 -43.36
C VAL C 1947 -97.41 13.94 -43.44
N MET C 1948 -97.49 14.47 -44.64
CA MET C 1948 -97.84 15.88 -44.80
C MET C 1948 -99.31 16.11 -44.55
N GLN C 1949 -100.16 15.10 -44.79
CA GLN C 1949 -101.58 15.23 -44.47
C GLN C 1949 -101.84 15.04 -42.98
N ALA C 1950 -100.99 14.28 -42.29
CA ALA C 1950 -101.12 14.12 -40.86
C ALA C 1950 -100.33 15.18 -40.08
N LEU C 1951 -99.58 16.03 -40.78
CA LEU C 1951 -98.79 17.08 -40.14
C LEU C 1951 -99.61 17.98 -39.22
N ASN C 1952 -100.85 18.28 -39.59
CA ASN C 1952 -101.68 19.17 -38.77
C ASN C 1952 -102.04 18.51 -37.44
N MET C 1953 -102.09 17.18 -37.42
CA MET C 1953 -102.51 16.47 -36.20
C MET C 1953 -101.52 16.68 -35.06
N SER C 1954 -100.22 16.59 -35.37
CA SER C 1954 -99.18 16.70 -34.35
C SER C 1954 -97.96 17.37 -34.96
N ALA C 1955 -97.60 18.54 -34.45
CA ALA C 1955 -96.42 19.24 -34.94
C ALA C 1955 -95.14 18.62 -34.42
N ALA C 1956 -95.18 18.07 -33.20
CA ALA C 1956 -93.98 17.46 -32.62
C ALA C 1956 -93.56 16.23 -33.42
N LEU C 1957 -94.52 15.38 -33.79
CA LEU C 1957 -94.20 14.19 -34.56
C LEU C 1957 -93.75 14.54 -35.98
N THR C 1958 -94.10 15.74 -36.44
CA THR C 1958 -93.78 16.14 -37.82
C THR C 1958 -92.28 16.16 -38.05
N ALA C 1959 -91.51 16.68 -37.09
CA ALA C 1959 -90.07 16.79 -37.27
C ALA C 1959 -89.42 15.41 -37.41
N ARG C 1960 -89.79 14.46 -36.55
CA ARG C 1960 -89.18 13.14 -36.63
C ARG C 1960 -89.69 12.35 -37.83
N LYS C 1961 -90.90 12.66 -38.31
CA LYS C 1961 -91.38 12.04 -39.53
C LYS C 1961 -90.64 12.57 -40.75
N THR C 1962 -90.35 13.88 -40.77
CA THR C 1962 -89.72 14.51 -41.93
C THR C 1962 -88.20 14.47 -41.89
N LYS C 1963 -87.60 14.01 -40.79
CA LYS C 1963 -86.15 13.87 -40.73
C LYS C 1963 -85.63 13.01 -41.89
N GLU C 1964 -86.34 11.91 -42.19
CA GLU C 1964 -85.97 11.09 -43.33
C GLU C 1964 -86.07 11.89 -44.63
N PHE C 1965 -87.14 12.69 -44.77
CA PHE C 1965 -87.37 13.42 -46.00
C PHE C 1965 -86.42 14.60 -46.16
N ARG C 1966 -85.78 15.05 -45.08
CA ARG C 1966 -84.77 16.10 -45.17
C ARG C 1966 -83.35 15.58 -45.03
N SER C 1967 -83.17 14.28 -44.83
CA SER C 1967 -81.84 13.69 -44.89
C SER C 1967 -81.37 13.60 -46.34
N PRO C 1968 -80.07 13.72 -46.58
CA PRO C 1968 -79.54 13.73 -47.96
C PRO C 1968 -79.92 12.46 -48.70
N PRO C 1969 -80.07 12.52 -50.03
CA PRO C 1969 -80.55 11.34 -50.78
C PRO C 1969 -79.69 10.10 -50.57
N GLN C 1970 -78.37 10.26 -50.45
CA GLN C 1970 -77.52 9.12 -50.12
C GLN C 1970 -77.90 8.53 -48.77
N GLU C 1971 -78.16 9.38 -47.78
CA GLU C 1971 -78.60 8.92 -46.48
C GLU C 1971 -79.96 8.24 -46.55
N GLN C 1972 -80.85 8.75 -47.40
CA GLN C 1972 -82.17 8.17 -47.60
C GLN C 1972 -82.04 6.75 -48.16
N ILE C 1973 -81.18 6.59 -49.15
CA ILE C 1973 -80.91 5.25 -49.69
C ILE C 1973 -80.35 4.35 -48.60
N ASN C 1974 -79.36 4.85 -47.86
CA ASN C 1974 -78.72 4.05 -46.82
C ASN C 1974 -79.70 3.62 -45.73
N MET C 1975 -80.64 4.49 -45.35
CA MET C 1975 -81.58 4.16 -44.29
C MET C 1975 -82.73 3.29 -44.79
N LEU C 1976 -83.21 3.53 -46.02
CA LEU C 1976 -84.22 2.66 -46.60
C LEU C 1976 -83.68 1.28 -46.96
N LEU C 1977 -82.36 1.12 -47.01
CA LEU C 1977 -81.76 -0.17 -47.33
C LEU C 1977 -81.21 -0.89 -46.10
N ASN C 1978 -81.77 -0.64 -44.92
CA ASN C 1978 -81.36 -1.35 -43.71
C ASN C 1978 -82.30 -2.48 -43.31
N PHE C 1979 -83.20 -2.92 -44.19
CA PHE C 1979 -84.08 -4.02 -43.82
C PHE C 1979 -83.35 -5.35 -43.80
N LYS C 1980 -82.06 -5.36 -44.14
CA LYS C 1980 -81.22 -6.51 -43.84
C LYS C 1980 -81.11 -6.67 -42.33
N ASP C 1981 -80.89 -7.91 -41.89
CA ASP C 1981 -80.93 -8.27 -40.47
C ASP C 1981 -82.33 -8.04 -39.92
N ASP C 1982 -82.45 -7.77 -38.62
CA ASP C 1982 -83.76 -7.68 -37.99
C ASP C 1982 -84.00 -6.36 -37.26
N LYS C 1983 -83.12 -5.38 -37.41
CA LYS C 1983 -83.34 -4.08 -36.75
C LYS C 1983 -84.55 -3.36 -37.33
N SER C 1984 -84.73 -3.45 -38.66
CA SER C 1984 -85.94 -2.98 -39.33
C SER C 1984 -86.27 -1.53 -39.01
N GLU C 1985 -85.25 -0.68 -38.93
CA GLU C 1985 -85.50 0.74 -38.64
C GLU C 1985 -86.06 1.47 -39.85
N CYS C 1986 -85.92 0.90 -41.04
CA CYS C 1986 -86.38 1.56 -42.25
C CYS C 1986 -87.91 1.54 -42.32
N PRO C 1987 -88.53 2.58 -42.86
CA PRO C 1987 -89.98 2.54 -43.15
C PRO C 1987 -90.27 1.92 -44.51
N CYS C 1988 -89.77 0.70 -44.70
CA CYS C 1988 -89.87 0.00 -45.98
C CYS C 1988 -91.01 -0.98 -45.96
N PRO C 1989 -91.87 -0.97 -46.99
CA PRO C 1989 -92.97 -1.94 -47.03
C PRO C 1989 -92.46 -3.37 -47.13
N GLU C 1990 -93.27 -4.31 -46.63
CA GLU C 1990 -92.85 -5.70 -46.55
C GLU C 1990 -92.60 -6.30 -47.92
N GLU C 1991 -93.45 -5.99 -48.90
CA GLU C 1991 -93.23 -6.51 -50.25
C GLU C 1991 -91.95 -5.96 -50.86
N ILE C 1992 -91.65 -4.68 -50.64
CA ILE C 1992 -90.41 -4.09 -51.12
C ILE C 1992 -89.22 -4.78 -50.46
N ARG C 1993 -89.35 -5.10 -49.17
CA ARG C 1993 -88.29 -5.84 -48.49
C ARG C 1993 -88.11 -7.23 -49.11
N ASP C 1994 -89.22 -7.91 -49.40
CA ASP C 1994 -89.15 -9.27 -49.93
C ASP C 1994 -88.52 -9.29 -51.32
N GLN C 1995 -88.81 -8.27 -52.15
CA GLN C 1995 -88.23 -8.25 -53.49
C GLN C 1995 -86.71 -8.30 -53.43
N LEU C 1996 -86.10 -7.42 -52.64
CA LEU C 1996 -84.64 -7.40 -52.56
C LEU C 1996 -84.11 -8.60 -51.77
N LEU C 1997 -84.87 -9.07 -50.77
CA LEU C 1997 -84.44 -10.26 -50.04
C LEU C 1997 -84.39 -11.50 -50.93
N ASP C 1998 -85.22 -11.54 -51.97
CA ASP C 1998 -85.17 -12.62 -52.95
C ASP C 1998 -84.10 -12.39 -54.01
N PHE C 1999 -83.97 -11.15 -54.48
CA PHE C 1999 -82.98 -10.86 -55.52
C PHE C 1999 -81.57 -11.05 -55.00
N HIS C 2000 -81.29 -10.64 -53.76
CA HIS C 2000 -79.98 -10.85 -53.16
C HIS C 2000 -79.65 -12.31 -53.00
N GLU C 2001 -80.61 -13.14 -52.58
CA GLU C 2001 -80.40 -14.59 -52.52
C GLU C 2001 -80.13 -15.18 -53.90
N ASP C 2002 -80.87 -14.73 -54.91
CA ASP C 2002 -80.61 -15.21 -56.27
C ASP C 2002 -79.22 -14.82 -56.75
N LEU C 2003 -78.81 -13.58 -56.46
CA LEU C 2003 -77.48 -13.12 -56.83
C LEU C 2003 -76.37 -13.89 -56.11
N MET C 2004 -76.56 -14.18 -54.82
CA MET C 2004 -75.59 -15.01 -54.10
C MET C 2004 -75.54 -16.42 -54.65
N THR C 2005 -76.69 -16.98 -55.03
CA THR C 2005 -76.69 -18.30 -55.67
C THR C 2005 -75.94 -18.27 -56.99
N HIS C 2006 -76.14 -17.21 -57.78
CA HIS C 2006 -75.40 -17.08 -59.03
C HIS C 2006 -73.90 -16.97 -58.79
N CYS C 2007 -73.50 -16.20 -57.77
CA CYS C 2007 -72.10 -16.09 -57.42
C CYS C 2007 -71.54 -17.34 -56.75
N GLY C 2008 -72.40 -18.26 -56.33
CA GLY C 2008 -71.95 -19.47 -55.67
C GLY C 2008 -71.63 -19.31 -54.20
N ILE C 2009 -71.97 -18.18 -53.60
CA ILE C 2009 -71.66 -17.94 -52.19
C ILE C 2009 -72.41 -18.92 -51.30
N GLU C 2010 -73.71 -19.10 -51.56
CA GLU C 2010 -74.53 -19.98 -50.75
C GLU C 2010 -74.78 -21.31 -51.45
N LYS C 2053 -71.81 -35.58 -60.02
CA LYS C 2053 -70.79 -35.05 -59.13
C LYS C 2053 -69.84 -34.11 -59.87
N LYS C 2054 -70.10 -33.93 -61.16
CA LYS C 2054 -69.28 -33.05 -61.99
C LYS C 2054 -69.45 -31.61 -61.54
N SER C 2055 -68.49 -30.77 -61.94
CA SER C 2055 -68.50 -29.37 -61.50
C SER C 2055 -69.74 -28.64 -61.98
N SER C 2056 -70.06 -28.75 -63.27
CA SER C 2056 -71.25 -28.19 -63.90
C SER C 2056 -71.25 -26.67 -63.93
N THR C 2057 -70.25 -26.02 -63.33
CA THR C 2057 -70.15 -24.57 -63.31
C THR C 2057 -68.72 -24.16 -63.61
N LEU C 2058 -68.56 -22.96 -64.18
CA LEU C 2058 -67.23 -22.46 -64.50
C LEU C 2058 -66.40 -22.26 -63.23
N GLN C 2059 -67.02 -21.77 -62.16
CA GLN C 2059 -66.29 -21.55 -60.92
C GLN C 2059 -65.71 -22.84 -60.37
N GLN C 2060 -66.54 -23.89 -60.26
CA GLN C 2060 -66.04 -25.17 -59.76
C GLN C 2060 -65.04 -25.78 -60.72
N LEU C 2061 -65.27 -25.64 -62.03
CA LEU C 2061 -64.32 -26.16 -63.01
C LEU C 2061 -62.95 -25.53 -62.84
N ILE C 2062 -62.90 -24.21 -62.69
CA ILE C 2062 -61.61 -23.54 -62.49
C ILE C 2062 -60.99 -23.92 -61.16
N SER C 2063 -61.80 -23.97 -60.10
CA SER C 2063 -61.28 -24.35 -58.78
C SER C 2063 -60.70 -25.76 -58.78
N GLU C 2064 -61.26 -26.67 -59.56
CA GLU C 2064 -60.65 -28.00 -59.70
C GLU C 2064 -59.42 -27.97 -60.59
N THR C 2065 -59.47 -27.25 -61.71
CA THR C 2065 -58.39 -27.31 -62.69
C THR C 2065 -57.10 -26.69 -62.17
N MET C 2066 -57.21 -25.54 -61.51
CA MET C 2066 -56.01 -24.86 -61.00
C MET C 2066 -55.29 -25.74 -59.98
N VAL C 2067 -56.04 -26.28 -59.02
CA VAL C 2067 -55.45 -27.12 -58.00
C VAL C 2067 -54.91 -28.41 -58.61
N ARG C 2068 -55.60 -28.95 -59.62
CA ARG C 2068 -55.12 -30.16 -60.28
C ARG C 2068 -53.79 -29.91 -60.97
N TRP C 2069 -53.66 -28.77 -61.66
CA TRP C 2069 -52.38 -28.43 -62.30
C TRP C 2069 -51.28 -28.29 -61.26
N ALA C 2070 -51.57 -27.56 -60.18
CA ALA C 2070 -50.55 -27.31 -59.16
C ALA C 2070 -50.10 -28.61 -58.50
N GLN C 2071 -51.04 -29.52 -58.23
CA GLN C 2071 -50.69 -30.81 -57.65
C GLN C 2071 -49.94 -31.68 -58.66
N GLU C 2072 -50.31 -31.59 -59.93
CA GLU C 2072 -49.71 -32.44 -60.96
C GLU C 2072 -48.24 -32.08 -61.17
N SER C 2073 -47.94 -30.80 -61.33
CA SER C 2073 -46.58 -30.42 -61.65
C SER C 2073 -46.15 -29.21 -60.82
N VAL C 2074 -44.85 -29.14 -60.58
CA VAL C 2074 -44.24 -27.97 -59.95
C VAL C 2074 -44.02 -26.92 -61.04
N ILE C 2075 -44.86 -25.89 -61.05
CA ILE C 2075 -44.81 -24.91 -62.13
C ILE C 2075 -43.57 -24.05 -61.97
N GLU C 2076 -42.70 -24.08 -62.99
CA GLU C 2076 -41.44 -23.35 -62.96
C GLU C 2076 -41.63 -21.86 -63.19
N ASP C 2077 -42.56 -21.49 -64.08
CA ASP C 2077 -42.74 -20.09 -64.43
C ASP C 2077 -43.51 -19.37 -63.32
N PRO C 2078 -42.93 -18.33 -62.71
CA PRO C 2078 -43.65 -17.60 -61.65
C PRO C 2078 -44.94 -16.95 -62.12
N GLU C 2079 -45.01 -16.47 -63.36
CA GLU C 2079 -46.22 -15.82 -63.85
C GLU C 2079 -47.38 -16.79 -63.96
N LEU C 2080 -47.13 -18.05 -64.35
CA LEU C 2080 -48.21 -19.03 -64.39
C LEU C 2080 -48.77 -19.29 -63.00
N VAL C 2081 -47.89 -19.42 -62.01
CA VAL C 2081 -48.34 -19.61 -60.63
C VAL C 2081 -49.17 -18.41 -60.18
N ARG C 2082 -48.68 -17.19 -60.47
CA ARG C 2082 -49.40 -15.99 -60.09
C ARG C 2082 -50.79 -15.95 -60.72
N ALA C 2083 -50.88 -16.23 -62.02
CA ALA C 2083 -52.16 -16.20 -62.70
C ALA C 2083 -53.11 -17.27 -62.17
N MET C 2084 -52.59 -18.48 -61.94
CA MET C 2084 -53.43 -19.56 -61.42
C MET C 2084 -54.01 -19.21 -60.06
N PHE C 2085 -53.18 -18.67 -59.16
CA PHE C 2085 -53.67 -18.37 -57.83
C PHE C 2085 -54.58 -17.14 -57.83
N VAL C 2086 -54.31 -16.17 -58.71
CA VAL C 2086 -55.24 -15.03 -58.86
C VAL C 2086 -56.60 -15.54 -59.31
N LEU C 2087 -56.62 -16.43 -60.30
CA LEU C 2087 -57.89 -16.95 -60.80
C LEU C 2087 -58.62 -17.76 -59.74
N LEU C 2088 -57.88 -18.58 -58.98
CA LEU C 2088 -58.50 -19.36 -57.91
C LEU C 2088 -59.09 -18.44 -56.84
N HIS C 2089 -58.37 -17.39 -56.47
CA HIS C 2089 -58.90 -16.43 -55.51
C HIS C 2089 -60.13 -15.73 -56.06
N ARG C 2090 -60.13 -15.43 -57.36
CA ARG C 2090 -61.32 -14.83 -57.97
C ARG C 2090 -62.53 -15.76 -57.87
N GLN C 2091 -62.32 -17.06 -58.11
CA GLN C 2091 -63.42 -18.00 -57.97
C GLN C 2091 -63.90 -18.11 -56.53
N TYR C 2092 -62.98 -18.11 -55.56
CA TYR C 2092 -63.34 -18.29 -54.16
C TYR C 2092 -63.77 -16.99 -53.49
N ASP C 2093 -63.66 -15.85 -54.17
CA ASP C 2093 -64.01 -14.57 -53.59
C ASP C 2093 -64.93 -13.81 -54.55
N GLY C 2094 -66.00 -14.47 -55.01
CA GLY C 2094 -66.87 -13.86 -56.00
C GLY C 2094 -67.48 -12.55 -55.56
N ILE C 2095 -67.69 -12.39 -54.25
CA ILE C 2095 -68.22 -11.12 -53.73
C ILE C 2095 -67.23 -10.00 -53.97
N GLY C 2096 -65.94 -10.32 -54.04
CA GLY C 2096 -64.94 -9.31 -54.36
C GLY C 2096 -65.11 -8.71 -55.73
N GLY C 2097 -65.48 -9.51 -56.71
CA GLY C 2097 -65.78 -8.96 -58.02
C GLY C 2097 -66.90 -7.93 -57.97
N LEU C 2098 -67.94 -8.20 -57.16
CA LEU C 2098 -69.02 -7.23 -57.02
C LEU C 2098 -68.54 -5.98 -56.30
N VAL C 2099 -67.80 -6.13 -55.19
CA VAL C 2099 -67.34 -4.95 -54.45
C VAL C 2099 -66.33 -4.13 -55.22
N ARG C 2100 -65.70 -4.69 -56.26
CA ARG C 2100 -64.80 -3.91 -57.10
C ARG C 2100 -65.45 -3.43 -58.39
N ALA C 2101 -66.57 -4.02 -58.80
CA ALA C 2101 -67.20 -3.61 -60.05
C ALA C 2101 -68.31 -2.58 -59.81
N LEU C 2102 -69.12 -2.79 -58.78
CA LEU C 2102 -70.20 -1.85 -58.48
C LEU C 2102 -69.75 -0.41 -58.26
N PRO C 2103 -68.66 -0.12 -57.54
CA PRO C 2103 -68.19 1.27 -57.46
C PRO C 2103 -67.77 1.85 -58.80
N LYS C 2104 -67.45 1.01 -59.79
CA LYS C 2104 -67.19 1.45 -61.15
C LYS C 2104 -68.38 1.21 -62.07
N THR C 2105 -69.57 1.05 -61.52
CA THR C 2105 -70.79 0.86 -62.30
C THR C 2105 -71.60 2.15 -62.31
N TYR C 2106 -71.91 2.63 -63.52
CA TYR C 2106 -72.72 3.82 -63.69
C TYR C 2106 -73.90 3.52 -64.60
N THR C 2107 -74.95 4.31 -64.45
CA THR C 2107 -76.20 4.13 -65.18
C THR C 2107 -76.60 5.45 -65.81
N ILE C 2108 -76.98 5.40 -67.08
CA ILE C 2108 -77.35 6.61 -67.83
C ILE C 2108 -78.71 6.38 -68.48
N ASN C 2109 -79.37 7.49 -68.82
CA ASN C 2109 -80.63 7.42 -69.53
C ASN C 2109 -80.40 7.09 -71.00
N GLY C 2110 -81.48 6.67 -71.67
CA GLY C 2110 -81.37 6.30 -73.07
C GLY C 2110 -81.02 7.46 -73.99
N VAL C 2111 -81.45 8.67 -73.63
CA VAL C 2111 -81.20 9.83 -74.49
C VAL C 2111 -79.72 10.19 -74.53
N SER C 2112 -78.99 9.89 -73.46
CA SER C 2112 -77.59 10.29 -73.34
C SER C 2112 -76.62 9.26 -73.90
N VAL C 2113 -77.12 8.23 -74.57
CA VAL C 2113 -76.26 7.12 -75.02
C VAL C 2113 -75.24 7.63 -76.04
N GLU C 2114 -75.68 8.45 -77.00
CA GLU C 2114 -74.76 8.92 -78.03
C GLU C 2114 -73.66 9.81 -77.45
N ASP C 2115 -74.04 10.74 -76.56
CA ASP C 2115 -73.04 11.59 -75.93
C ASP C 2115 -72.08 10.78 -75.08
N THR C 2116 -72.60 9.78 -74.35
CA THR C 2116 -71.75 8.93 -73.53
C THR C 2116 -70.77 8.13 -74.39
N ILE C 2117 -71.23 7.59 -75.52
CA ILE C 2117 -70.33 6.79 -76.35
C ILE C 2117 -69.28 7.68 -77.02
N ASN C 2118 -69.64 8.91 -77.42
CA ASN C 2118 -68.65 9.82 -77.96
C ASN C 2118 -67.60 10.19 -76.90
N LEU C 2119 -68.06 10.48 -75.67
CA LEU C 2119 -67.13 10.78 -74.60
C LEU C 2119 -66.23 9.60 -74.28
N LEU C 2120 -66.78 8.39 -74.29
CA LEU C 2120 -65.98 7.20 -74.07
C LEU C 2120 -64.94 6.97 -75.16
N ALA C 2121 -65.29 7.24 -76.43
CA ALA C 2121 -64.30 7.14 -77.49
C ALA C 2121 -63.18 8.16 -77.32
N SER C 2122 -63.54 9.40 -76.97
CA SER C 2122 -62.51 10.41 -76.72
C SER C 2122 -61.61 10.01 -75.56
N LEU C 2123 -62.21 9.49 -74.48
CA LEU C 2123 -61.43 9.02 -73.34
C LEU C 2123 -60.56 7.84 -73.73
N GLY C 2124 -61.05 6.96 -74.59
CA GLY C 2124 -60.27 5.83 -75.04
C GLY C 2124 -59.03 6.30 -75.77
N GLN C 2125 -59.20 7.31 -76.63
CA GLN C 2125 -58.04 7.88 -77.31
C GLN C 2125 -57.05 8.48 -76.32
N ILE C 2126 -57.55 9.29 -75.38
CA ILE C 2126 -56.66 9.95 -74.42
C ILE C 2126 -55.90 8.94 -73.59
N ARG C 2127 -56.60 7.91 -73.10
CA ARG C 2127 -56.00 6.86 -72.29
C ARG C 2127 -55.05 5.97 -73.05
N SER C 2128 -55.36 5.62 -74.30
CA SER C 2128 -54.49 4.80 -75.13
C SER C 2128 -53.23 5.54 -75.56
N LEU C 2129 -53.27 6.87 -75.68
CA LEU C 2129 -52.05 7.58 -76.01
C LEU C 2129 -51.16 7.82 -74.80
N LEU C 2130 -51.48 7.23 -73.64
CA LEU C 2130 -50.57 7.23 -72.52
C LEU C 2130 -49.33 6.39 -72.81
N SER C 2131 -49.50 5.30 -73.56
CA SER C 2131 -48.46 4.31 -73.77
C SER C 2131 -47.46 4.70 -74.87
N VAL C 2132 -47.58 5.89 -75.43
CA VAL C 2132 -46.65 6.35 -76.46
C VAL C 2132 -45.86 7.53 -75.94
N ARG C 2133 -44.63 7.68 -76.44
CA ARG C 2133 -43.79 8.81 -76.05
C ARG C 2133 -44.37 10.10 -76.60
N MET C 2134 -44.21 11.17 -75.84
CA MET C 2134 -44.89 12.43 -76.14
C MET C 2134 -44.32 13.08 -77.39
N GLY C 2135 -45.19 13.69 -78.19
CA GLY C 2135 -44.78 14.33 -79.43
C GLY C 2135 -45.73 15.43 -79.82
N LYS C 2136 -45.46 16.04 -80.98
CA LYS C 2136 -46.27 17.16 -81.45
C LYS C 2136 -47.67 16.70 -81.88
N GLU C 2137 -47.73 15.65 -82.70
CA GLU C 2137 -49.02 15.14 -83.14
C GLU C 2137 -49.83 14.61 -81.96
N GLU C 2138 -49.14 13.98 -81.00
CA GLU C 2138 -49.80 13.59 -79.76
C GLU C 2138 -50.26 14.78 -78.94
N GLU C 2139 -49.54 15.91 -78.99
CA GLU C 2139 -50.01 17.13 -78.35
C GLU C 2139 -51.30 17.62 -78.97
N LYS C 2140 -51.36 17.64 -80.31
CA LYS C 2140 -52.61 17.98 -80.97
C LYS C 2140 -53.74 17.02 -80.62
N LEU C 2141 -53.46 15.72 -80.55
CA LEU C 2141 -54.48 14.76 -80.18
C LEU C 2141 -54.98 15.00 -78.75
N MET C 2142 -54.07 15.24 -77.81
CA MET C 2142 -54.46 15.55 -76.44
C MET C 2142 -55.35 16.79 -76.39
N ILE C 2143 -54.94 17.87 -77.04
CA ILE C 2143 -55.72 19.11 -76.98
C ILE C 2143 -57.09 18.90 -77.60
N ARG C 2144 -57.15 18.24 -78.75
CA ARG C 2144 -58.43 18.04 -79.43
C ARG C 2144 -59.35 17.14 -78.61
N GLY C 2145 -58.80 16.07 -78.02
CA GLY C 2145 -59.62 15.18 -77.22
C GLY C 2145 -60.13 15.86 -75.96
N LEU C 2146 -59.27 16.64 -75.29
CA LEU C 2146 -59.71 17.39 -74.13
C LEU C 2146 -60.80 18.40 -74.50
N GLY C 2147 -60.68 19.04 -75.65
CA GLY C 2147 -61.72 19.93 -76.13
C GLY C 2147 -63.04 19.23 -76.36
N ASP C 2148 -63.00 18.06 -77.00
CA ASP C 2148 -64.23 17.30 -77.20
C ASP C 2148 -64.86 16.91 -75.87
N ILE C 2149 -64.04 16.44 -74.93
CA ILE C 2149 -64.54 16.03 -73.62
C ILE C 2149 -65.20 17.21 -72.90
N MET C 2150 -64.57 18.38 -72.97
CA MET C 2150 -65.18 19.58 -72.40
C MET C 2150 -66.51 19.89 -73.08
N ASN C 2151 -66.58 19.74 -74.40
CA ASN C 2151 -67.79 20.11 -75.12
C ASN C 2151 -68.93 19.14 -74.85
N ASN C 2152 -68.61 17.89 -74.50
CA ASN C 2152 -69.67 16.93 -74.19
C ASN C 2152 -70.48 17.38 -72.99
N LYS C 2153 -71.82 17.28 -73.12
CA LYS C 2153 -72.70 17.67 -72.01
C LYS C 2153 -72.64 16.66 -70.87
N VAL C 2154 -72.23 15.42 -71.17
CA VAL C 2154 -72.13 14.40 -70.12
C VAL C 2154 -71.07 14.79 -69.10
N PHE C 2155 -69.99 15.43 -69.55
CA PHE C 2155 -68.94 15.86 -68.65
C PHE C 2155 -69.49 16.78 -67.55
N TYR C 2156 -70.48 17.59 -67.88
CA TYR C 2156 -71.10 18.45 -66.88
C TYR C 2156 -72.18 17.71 -66.09
N GLN C 2157 -73.05 16.98 -66.80
CA GLN C 2157 -74.23 16.42 -66.17
C GLN C 2157 -73.90 15.28 -65.22
N HIS C 2158 -72.79 14.57 -65.47
CA HIS C 2158 -72.46 13.41 -64.65
C HIS C 2158 -71.03 13.49 -64.13
N PRO C 2159 -70.78 14.29 -63.09
CA PRO C 2159 -69.42 14.32 -62.53
C PRO C 2159 -69.02 13.03 -61.86
N ASN C 2160 -69.98 12.28 -61.31
CA ASN C 2160 -69.67 11.00 -60.68
C ASN C 2160 -69.13 9.99 -61.68
N LEU C 2161 -69.73 9.93 -62.87
CA LEU C 2161 -69.19 9.08 -63.93
C LEU C 2161 -67.78 9.50 -64.31
N MET C 2162 -67.53 10.81 -64.39
CA MET C 2162 -66.21 11.30 -64.76
C MET C 2162 -65.18 10.90 -63.71
N ARG C 2163 -65.54 11.00 -62.44
CA ARG C 2163 -64.65 10.59 -61.35
C ARG C 2163 -64.42 9.09 -61.32
N ALA C 2164 -65.47 8.29 -61.60
CA ALA C 2164 -65.34 6.85 -61.57
C ALA C 2164 -64.53 6.33 -62.76
N LEU C 2165 -64.53 7.07 -63.86
CA LEU C 2165 -63.77 6.66 -65.04
C LEU C 2165 -62.27 6.87 -64.83
N GLY C 2166 -61.89 7.53 -63.74
CA GLY C 2166 -60.49 7.79 -63.46
C GLY C 2166 -59.88 8.75 -64.47
N MET C 2167 -60.66 9.73 -64.91
CA MET C 2167 -60.23 10.62 -65.98
C MET C 2167 -59.20 11.62 -65.48
N HIS C 2168 -59.45 12.20 -64.31
CA HIS C 2168 -58.50 13.15 -63.74
C HIS C 2168 -57.15 12.49 -63.49
N GLU C 2169 -57.16 11.22 -63.08
CA GLU C 2169 -55.90 10.48 -62.96
C GLU C 2169 -55.18 10.33 -64.29
N THR C 2170 -55.92 10.10 -65.38
CA THR C 2170 -55.28 9.98 -66.69
C THR C 2170 -54.64 11.29 -67.12
N VAL C 2171 -55.37 12.39 -66.96
CA VAL C 2171 -54.81 13.70 -67.29
C VAL C 2171 -53.60 13.99 -66.42
N MET C 2172 -53.69 13.65 -65.14
CA MET C 2172 -52.57 13.82 -64.22
C MET C 2172 -51.36 13.02 -64.66
N GLU C 2173 -51.55 11.77 -65.07
CA GLU C 2173 -50.43 10.96 -65.52
C GLU C 2173 -49.78 11.52 -66.78
N VAL C 2174 -50.59 12.02 -67.72
CA VAL C 2174 -50.00 12.68 -68.89
C VAL C 2174 -49.14 13.86 -68.46
N MET C 2175 -49.67 14.70 -67.56
CA MET C 2175 -48.92 15.85 -67.10
C MET C 2175 -47.67 15.43 -66.33
N VAL C 2176 -47.75 14.37 -65.53
CA VAL C 2176 -46.60 13.87 -64.80
C VAL C 2176 -45.50 13.44 -65.76
N ASN C 2177 -45.87 12.67 -66.79
CA ASN C 2177 -44.88 12.20 -67.75
C ASN C 2177 -44.20 13.38 -68.43
N VAL C 2178 -44.98 14.36 -68.89
CA VAL C 2178 -44.37 15.46 -69.64
C VAL C 2178 -43.54 16.36 -68.74
N LEU C 2179 -44.02 16.64 -67.53
CA LEU C 2179 -43.26 17.47 -66.61
C LEU C 2179 -41.96 16.79 -66.20
N GLY C 2180 -41.99 15.48 -65.96
CA GLY C 2180 -40.77 14.76 -65.65
C GLY C 2180 -39.80 14.72 -66.80
N GLY C 2181 -40.32 14.62 -68.03
CA GLY C 2181 -39.44 14.65 -69.20
C GLY C 2181 -38.92 16.05 -69.47
N GLY C 2182 -37.61 16.21 -69.29
CA GLY C 2182 -36.94 17.47 -69.54
C GLY C 2182 -37.39 18.61 -68.64
N GLU C 2183 -37.47 18.34 -67.33
CA GLU C 2183 -37.90 19.36 -66.38
C GLU C 2183 -36.90 20.51 -66.31
N SER C 2184 -35.61 20.20 -66.40
CA SER C 2184 -34.58 21.23 -66.29
C SER C 2184 -34.65 22.23 -67.44
N LYS C 2185 -34.83 21.74 -68.67
CA LYS C 2185 -34.94 22.61 -69.84
C LYS C 2185 -36.40 23.05 -70.01
N GLU C 2186 -36.79 23.97 -69.13
CA GLU C 2186 -38.16 24.46 -68.99
C GLU C 2186 -39.17 23.32 -69.14
N ILE C 2187 -40.27 23.52 -69.87
CA ILE C 2187 -41.24 22.45 -70.05
C ILE C 2187 -41.49 22.18 -71.52
N THR C 2188 -41.15 20.98 -71.98
CA THR C 2188 -41.44 20.59 -73.35
C THR C 2188 -42.95 20.50 -73.55
N PHE C 2189 -43.39 20.97 -74.72
CA PHE C 2189 -44.81 21.01 -75.08
C PHE C 2189 -45.61 21.75 -74.03
N PRO C 2190 -45.33 23.04 -73.82
CA PRO C 2190 -46.04 23.77 -72.74
C PRO C 2190 -47.52 23.93 -73.00
N LYS C 2191 -47.96 23.95 -74.26
CA LYS C 2191 -49.36 24.12 -74.59
C LYS C 2191 -50.24 23.00 -74.03
N MET C 2192 -49.81 21.75 -74.17
CA MET C 2192 -50.61 20.64 -73.68
C MET C 2192 -50.61 20.60 -72.16
N VAL C 2193 -49.49 20.98 -71.53
CA VAL C 2193 -49.46 21.08 -70.08
C VAL C 2193 -50.45 22.13 -69.59
N ALA C 2194 -50.48 23.29 -70.25
CA ALA C 2194 -51.45 24.32 -69.91
C ALA C 2194 -52.88 23.82 -70.13
N ASN C 2195 -53.11 23.09 -71.23
CA ASN C 2195 -54.44 22.57 -71.49
C ASN C 2195 -54.87 21.57 -70.41
N CYS C 2196 -53.96 20.70 -69.98
CA CYS C 2196 -54.28 19.75 -68.93
C CYS C 2196 -54.56 20.44 -67.61
N CYS C 2197 -53.77 21.47 -67.28
CA CYS C 2197 -54.02 22.23 -66.06
C CYS C 2197 -55.36 22.93 -66.11
N ARG C 2198 -55.70 23.50 -67.28
CA ARG C 2198 -57.01 24.13 -67.44
C ARG C 2198 -58.13 23.11 -67.28
N PHE C 2199 -57.96 21.93 -67.86
CA PHE C 2199 -58.97 20.87 -67.76
C PHE C 2199 -59.15 20.44 -66.32
N LEU C 2200 -58.04 20.30 -65.58
CA LEU C 2200 -58.15 19.92 -64.17
C LEU C 2200 -58.81 21.00 -63.34
N CYS C 2201 -58.49 22.28 -63.61
CA CYS C 2201 -59.15 23.37 -62.89
C CYS C 2201 -60.66 23.37 -63.16
N TYR C 2202 -61.04 23.19 -64.42
CA TYR C 2202 -62.47 23.13 -64.77
C TYR C 2202 -63.15 21.89 -64.18
N PHE C 2203 -62.44 20.76 -64.12
CA PHE C 2203 -62.97 19.57 -63.49
C PHE C 2203 -63.22 19.79 -62.00
N CYS C 2204 -62.30 20.50 -61.34
CA CYS C 2204 -62.52 20.89 -59.95
C CYS C 2204 -63.74 21.80 -59.83
N ARG C 2205 -63.88 22.75 -60.75
CA ARG C 2205 -64.97 23.71 -60.69
C ARG C 2205 -66.33 23.08 -60.98
N ILE C 2206 -66.36 21.98 -61.72
CA ILE C 2206 -67.64 21.36 -62.09
C ILE C 2206 -68.43 20.96 -60.84
N SER C 2207 -67.80 20.24 -59.92
CA SER C 2207 -68.50 19.75 -58.75
C SER C 2207 -67.56 19.72 -57.56
N ARG C 2208 -68.15 19.72 -56.36
CA ARG C 2208 -67.36 19.82 -55.14
C ARG C 2208 -66.64 18.51 -54.81
N GLN C 2209 -67.26 17.37 -55.08
CA GLN C 2209 -66.61 16.08 -54.87
C GLN C 2209 -65.40 15.90 -55.78
N ASN C 2210 -65.49 16.36 -57.04
CA ASN C 2210 -64.34 16.34 -57.92
C ASN C 2210 -63.21 17.20 -57.36
N GLN C 2211 -63.55 18.28 -56.67
CA GLN C 2211 -62.53 19.12 -56.05
C GLN C 2211 -61.76 18.35 -54.98
N LYS C 2212 -62.46 17.57 -54.15
CA LYS C 2212 -61.78 16.74 -53.16
C LYS C 2212 -60.98 15.64 -53.83
N ALA C 2213 -61.51 15.04 -54.91
CA ALA C 2213 -60.79 14.01 -55.63
C ALA C 2213 -59.46 14.54 -56.17
N MET C 2214 -59.47 15.78 -56.68
CA MET C 2214 -58.22 16.38 -57.13
C MET C 2214 -57.34 16.80 -55.96
N PHE C 2215 -57.96 17.22 -54.84
CA PHE C 2215 -57.21 17.57 -53.64
C PHE C 2215 -56.41 16.39 -53.10
N ASP C 2216 -56.90 15.17 -53.30
CA ASP C 2216 -56.18 14.00 -52.79
C ASP C 2216 -54.76 13.88 -53.33
N HIS C 2217 -54.46 14.52 -54.46
CA HIS C 2217 -53.11 14.53 -55.03
C HIS C 2217 -52.49 15.92 -55.02
N LEU C 2218 -52.86 16.75 -54.05
CA LEU C 2218 -52.35 18.12 -54.00
C LEU C 2218 -50.85 18.16 -53.72
N SER C 2219 -50.31 17.08 -53.12
CA SER C 2219 -48.90 17.08 -52.75
C SER C 2219 -48.00 17.18 -53.97
N TYR C 2220 -48.33 16.45 -55.04
CA TYR C 2220 -47.50 16.42 -56.24
C TYR C 2220 -47.41 17.81 -56.87
N LEU C 2221 -48.55 18.50 -56.96
CA LEU C 2221 -48.59 19.81 -57.61
C LEU C 2221 -47.71 20.81 -56.87
N LEU C 2222 -47.46 20.57 -55.58
CA LEU C 2222 -46.62 21.50 -54.82
C LEU C 2222 -45.16 21.41 -55.22
N GLU C 2223 -44.60 20.20 -55.32
CA GLU C 2223 -43.21 20.11 -55.78
C GLU C 2223 -43.10 20.41 -57.27
N ASN C 2224 -44.21 20.31 -58.00
CA ASN C 2224 -44.23 20.78 -59.39
C ASN C 2224 -45.01 22.08 -59.55
N SER C 2225 -44.91 22.98 -58.58
CA SER C 2225 -45.52 24.31 -58.73
C SER C 2225 -44.74 25.18 -59.70
N SER C 2226 -43.41 25.13 -59.63
CA SER C 2226 -42.55 25.99 -60.46
C SER C 2226 -42.41 25.37 -61.86
N VAL C 2227 -43.47 25.55 -62.65
CA VAL C 2227 -43.51 25.02 -64.00
C VAL C 2227 -43.48 26.15 -65.01
N GLY C 2228 -44.48 27.02 -64.96
CA GLY C 2228 -44.57 28.13 -65.90
C GLY C 2228 -45.02 29.42 -65.23
N LEU C 2229 -44.69 29.59 -63.95
CA LEU C 2229 -45.11 30.78 -63.23
C LEU C 2229 -44.50 32.04 -63.82
N ALA C 2230 -43.22 31.98 -64.23
CA ALA C 2230 -42.57 33.14 -64.82
C ALA C 2230 -43.20 33.54 -66.13
N SER C 2231 -43.53 32.56 -66.98
CA SER C 2231 -44.07 32.86 -68.30
C SER C 2231 -45.51 33.35 -68.18
N PRO C 2232 -45.83 34.54 -68.69
CA PRO C 2232 -47.23 35.00 -68.69
C PRO C 2232 -48.05 34.29 -69.76
N ALA C 2233 -49.34 34.61 -69.81
CA ALA C 2233 -50.34 34.00 -70.68
C ALA C 2233 -50.62 32.55 -70.29
N MET C 2234 -49.89 32.00 -69.32
CA MET C 2234 -50.18 30.69 -68.77
C MET C 2234 -50.85 30.78 -67.40
N ARG C 2235 -51.20 31.99 -66.96
CA ARG C 2235 -51.87 32.16 -65.68
C ARG C 2235 -53.21 31.45 -65.68
N GLY C 2236 -53.51 30.74 -64.59
CA GLY C 2236 -54.67 29.89 -64.54
C GLY C 2236 -54.50 28.54 -65.19
N SER C 2237 -53.32 28.25 -65.76
CA SER C 2237 -53.05 26.98 -66.40
C SER C 2237 -51.72 26.37 -65.95
N THR C 2238 -51.37 26.54 -64.67
CA THR C 2238 -50.18 25.94 -64.07
C THR C 2238 -50.59 24.99 -62.95
N PRO C 2239 -49.71 24.05 -62.59
CA PRO C 2239 -50.05 23.15 -61.46
C PRO C 2239 -50.33 23.89 -60.17
N LEU C 2240 -49.67 25.03 -59.95
CA LEU C 2240 -50.01 25.86 -58.80
C LEU C 2240 -51.46 26.35 -58.88
N ASP C 2241 -51.90 26.75 -60.06
CA ASP C 2241 -53.29 27.14 -60.24
C ASP C 2241 -54.23 25.96 -60.01
N VAL C 2242 -53.84 24.76 -60.42
CA VAL C 2242 -54.66 23.58 -60.18
C VAL C 2242 -54.79 23.31 -58.70
N ALA C 2243 -53.69 23.43 -57.96
CA ALA C 2243 -53.74 23.27 -56.51
C ALA C 2243 -54.62 24.35 -55.86
N ALA C 2244 -54.50 25.58 -56.35
CA ALA C 2244 -55.33 26.66 -55.83
C ALA C 2244 -56.81 26.40 -56.07
N ALA C 2245 -57.15 25.89 -57.25
CA ALA C 2245 -58.54 25.52 -57.55
C ALA C 2245 -59.01 24.34 -56.71
N SER C 2246 -58.13 23.39 -56.41
CA SER C 2246 -58.51 22.26 -55.57
C SER C 2246 -58.71 22.67 -54.13
N VAL C 2247 -57.99 23.70 -53.67
CA VAL C 2247 -58.13 24.19 -52.30
C VAL C 2247 -59.05 25.41 -52.23
N MET C 2248 -59.66 25.79 -53.35
CA MET C 2248 -60.41 27.05 -53.44
C MET C 2248 -61.81 26.87 -52.88
N ASP C 2249 -62.17 27.74 -51.93
CA ASP C 2249 -63.53 27.91 -51.40
C ASP C 2249 -64.13 26.63 -50.82
N ASN C 2250 -63.32 25.64 -50.49
CA ASN C 2250 -63.79 24.42 -49.84
C ASN C 2250 -63.27 24.43 -48.41
N ASN C 2251 -64.18 24.57 -47.44
CA ASN C 2251 -63.76 24.70 -46.05
C ASN C 2251 -63.21 23.37 -45.51
N GLU C 2252 -63.83 22.25 -45.86
CA GLU C 2252 -63.29 20.95 -45.48
C GLU C 2252 -61.87 20.77 -45.99
N LEU C 2253 -61.64 21.09 -47.26
CA LEU C 2253 -60.30 20.97 -47.82
C LEU C 2253 -59.32 21.96 -47.20
N ALA C 2254 -59.74 23.20 -46.94
CA ALA C 2254 -58.85 24.17 -46.32
C ALA C 2254 -58.45 23.73 -44.93
N LEU C 2255 -59.40 23.18 -44.16
CA LEU C 2255 -59.09 22.68 -42.83
C LEU C 2255 -58.23 21.43 -42.87
N ALA C 2256 -58.46 20.53 -43.83
CA ALA C 2256 -57.64 19.32 -43.92
C ALA C 2256 -56.27 19.60 -44.53
N LEU C 2257 -56.07 20.77 -45.12
CA LEU C 2257 -54.74 21.13 -45.62
C LEU C 2257 -53.71 21.04 -44.50
N ARG C 2258 -52.60 20.37 -44.79
CA ARG C 2258 -51.59 20.11 -43.77
C ARG C 2258 -50.57 21.25 -43.71
N GLU C 2259 -49.72 21.19 -42.69
CA GLU C 2259 -48.69 22.20 -42.46
C GLU C 2259 -47.48 22.03 -43.39
N PRO C 2260 -46.98 20.80 -43.64
CA PRO C 2260 -45.89 20.68 -44.62
C PRO C 2260 -46.26 21.17 -46.00
N ASP C 2261 -47.52 21.02 -46.41
CA ASP C 2261 -47.95 21.51 -47.70
C ASP C 2261 -47.80 23.03 -47.79
N LEU C 2262 -48.17 23.73 -46.73
CA LEU C 2262 -47.94 25.18 -46.68
C LEU C 2262 -46.45 25.50 -46.59
N GLU C 2263 -45.69 24.65 -45.89
CA GLU C 2263 -44.26 24.89 -45.70
C GLU C 2263 -43.51 24.83 -47.02
N LYS C 2264 -43.89 23.90 -47.90
CA LYS C 2264 -43.24 23.82 -49.21
C LYS C 2264 -43.44 25.10 -50.01
N VAL C 2265 -44.66 25.64 -50.00
CA VAL C 2265 -44.95 26.87 -50.73
C VAL C 2265 -44.21 28.05 -50.09
N VAL C 2266 -44.13 28.06 -48.76
CA VAL C 2266 -43.39 29.11 -48.07
C VAL C 2266 -41.91 29.05 -48.44
N ARG C 2267 -41.36 27.85 -48.53
CA ARG C 2267 -39.97 27.69 -48.94
C ARG C 2267 -39.75 28.16 -50.36
N TYR C 2268 -40.70 27.86 -51.26
CA TYR C 2268 -40.58 28.35 -52.63
C TYR C 2268 -40.63 29.88 -52.67
N LEU C 2269 -41.51 30.48 -51.88
CA LEU C 2269 -41.56 31.94 -51.80
C LEU C 2269 -40.27 32.53 -51.25
N ALA C 2270 -39.68 31.90 -50.25
CA ALA C 2270 -38.38 32.33 -49.74
C ALA C 2270 -37.30 32.23 -50.81
N GLY C 2271 -37.30 31.14 -51.57
CA GLY C 2271 -36.34 31.00 -52.66
C GLY C 2271 -36.50 32.08 -53.71
N CYS C 2272 -37.75 32.39 -54.06
CA CYS C 2272 -38.04 33.48 -54.99
C CYS C 2272 -37.62 34.84 -54.45
N GLY C 2273 -37.73 35.05 -53.14
CA GLY C 2273 -37.31 36.31 -52.54
C GLY C 2273 -35.81 36.45 -52.42
N LEU C 2274 -35.11 35.32 -52.29
CA LEU C 2274 -33.66 35.38 -52.14
C LEU C 2274 -32.93 35.38 -53.49
N GLN C 2275 -33.46 34.65 -54.47
CA GLN C 2275 -32.74 34.38 -55.70
C GLN C 2275 -33.32 35.18 -56.85
N SER C 2276 -32.46 35.51 -57.82
CA SER C 2276 -32.85 36.20 -59.03
C SER C 2276 -33.59 35.25 -59.97
N CYS C 2277 -34.29 35.82 -60.96
CA CYS C 2277 -35.08 35.03 -61.91
C CYS C 2277 -34.20 34.71 -63.12
N GLN C 2278 -33.72 33.46 -63.18
CA GLN C 2278 -32.73 33.08 -64.17
C GLN C 2278 -33.27 33.20 -65.59
N MET C 2279 -34.54 32.82 -65.80
CA MET C 2279 -35.08 32.84 -67.15
C MET C 2279 -35.20 34.27 -67.68
N LEU C 2280 -35.70 35.19 -66.86
CA LEU C 2280 -35.84 36.57 -67.29
C LEU C 2280 -34.47 37.24 -67.46
N VAL C 2281 -33.53 36.99 -66.55
CA VAL C 2281 -32.21 37.60 -66.74
C VAL C 2281 -31.50 37.00 -67.94
N SER C 2282 -31.83 35.76 -68.31
CA SER C 2282 -31.27 35.19 -69.55
C SER C 2282 -31.90 35.84 -70.77
N LYS C 2283 -33.21 36.06 -70.74
CA LYS C 2283 -33.85 36.77 -71.85
C LYS C 2283 -33.46 38.24 -71.90
N GLY C 2284 -32.83 38.78 -70.85
CA GLY C 2284 -32.31 40.12 -70.90
C GLY C 2284 -32.92 41.10 -69.93
N TYR C 2285 -33.81 40.66 -69.06
CA TYR C 2285 -34.42 41.56 -68.09
C TYR C 2285 -33.39 42.02 -67.08
N PRO C 2286 -33.51 43.24 -66.55
CA PRO C 2286 -32.56 43.70 -65.55
C PRO C 2286 -32.58 42.83 -64.30
N ASP C 2287 -31.40 42.63 -63.73
CA ASP C 2287 -31.21 41.68 -62.64
C ASP C 2287 -31.52 42.35 -61.30
N ILE C 2288 -32.48 41.78 -60.57
CA ILE C 2288 -32.74 42.16 -59.18
C ILE C 2288 -32.58 40.91 -58.33
N GLY C 2289 -32.60 41.08 -57.01
CA GLY C 2289 -32.29 39.98 -56.11
C GLY C 2289 -33.44 39.05 -55.78
N TRP C 2290 -34.63 39.34 -56.30
CA TRP C 2290 -35.83 38.60 -55.94
C TRP C 2290 -36.75 38.42 -57.14
N ASN C 2291 -37.75 37.55 -56.96
CA ASN C 2291 -38.59 37.07 -58.06
C ASN C 2291 -40.03 37.53 -57.85
N PRO C 2292 -40.41 38.73 -58.29
CA PRO C 2292 -41.79 39.18 -58.09
C PRO C 2292 -42.82 38.32 -58.81
N VAL C 2293 -42.50 37.84 -60.01
CA VAL C 2293 -43.50 37.17 -60.83
C VAL C 2293 -43.87 35.81 -60.24
N GLU C 2294 -42.88 35.08 -59.71
CA GLU C 2294 -43.19 33.83 -59.03
C GLU C 2294 -43.77 34.09 -57.64
N GLY C 2295 -43.26 35.12 -56.96
CA GLY C 2295 -43.74 35.41 -55.61
C GLY C 2295 -45.20 35.78 -55.58
N GLU C 2296 -45.67 36.48 -56.62
CA GLU C 2296 -47.09 36.85 -56.67
C GLU C 2296 -47.98 35.61 -56.78
N ARG C 2297 -47.60 34.63 -57.61
CA ARG C 2297 -48.38 33.40 -57.72
C ARG C 2297 -48.34 32.60 -56.42
N TYR C 2298 -47.15 32.49 -55.81
CA TYR C 2298 -47.05 31.77 -54.54
C TYR C 2298 -47.81 32.47 -53.43
N LEU C 2299 -47.96 33.80 -53.50
CA LEU C 2299 -48.77 34.51 -52.52
C LEU C 2299 -50.25 34.33 -52.80
N ASP C 2300 -50.64 34.23 -54.08
CA ASP C 2300 -52.03 33.95 -54.42
C ASP C 2300 -52.46 32.59 -53.88
N PHE C 2301 -51.58 31.58 -54.01
CA PHE C 2301 -51.94 30.26 -53.49
C PHE C 2301 -52.12 30.30 -51.98
N LEU C 2302 -51.25 31.03 -51.27
CA LEU C 2302 -51.40 31.17 -49.82
C LEU C 2302 -52.68 31.93 -49.47
N ARG C 2303 -53.04 32.94 -50.26
CA ARG C 2303 -54.30 33.62 -50.08
C ARG C 2303 -55.47 32.66 -50.16
N PHE C 2304 -55.51 31.85 -51.22
CA PHE C 2304 -56.58 30.86 -51.35
C PHE C 2304 -56.55 29.81 -50.24
N ALA C 2305 -55.38 29.52 -49.70
CA ALA C 2305 -55.29 28.53 -48.62
C ALA C 2305 -55.80 29.10 -47.30
N VAL C 2306 -55.53 30.37 -47.02
CA VAL C 2306 -55.85 30.92 -45.70
C VAL C 2306 -57.27 31.50 -45.66
N PHE C 2307 -57.74 32.04 -46.78
CA PHE C 2307 -58.99 32.77 -46.81
C PHE C 2307 -60.03 31.95 -47.57
N CYS C 2308 -61.21 31.77 -46.96
CA CYS C 2308 -62.24 30.92 -47.54
C CYS C 2308 -63.61 31.46 -47.15
N ASN C 2309 -64.43 31.78 -48.17
CA ASN C 2309 -65.85 32.11 -47.99
C ASN C 2309 -66.05 33.30 -47.05
N GLY C 2310 -65.33 34.39 -47.29
CA GLY C 2310 -65.51 35.60 -46.52
C GLY C 2310 -64.80 35.58 -45.18
N GLU C 2311 -64.78 34.42 -44.53
CA GLU C 2311 -64.06 34.28 -43.27
C GLU C 2311 -62.62 33.88 -43.52
N SER C 2312 -61.81 33.98 -42.47
CA SER C 2312 -60.40 33.59 -42.52
C SER C 2312 -60.20 32.34 -41.69
N VAL C 2313 -59.64 31.30 -42.30
CA VAL C 2313 -59.34 30.06 -41.59
C VAL C 2313 -58.18 30.36 -40.63
N GLU C 2314 -58.49 30.42 -39.33
CA GLU C 2314 -57.49 30.85 -38.36
C GLU C 2314 -56.35 29.84 -38.27
N GLU C 2315 -56.66 28.55 -38.34
CA GLU C 2315 -55.62 27.53 -38.21
C GLU C 2315 -54.57 27.64 -39.31
N ASN C 2316 -55.01 27.86 -40.55
CA ASN C 2316 -54.07 28.04 -41.64
C ASN C 2316 -53.39 29.41 -41.59
N ALA C 2317 -54.15 30.45 -41.21
CA ALA C 2317 -53.59 31.80 -41.18
C ALA C 2317 -52.46 31.92 -40.17
N ASN C 2318 -52.63 31.36 -38.98
CA ASN C 2318 -51.59 31.41 -37.96
C ASN C 2318 -50.34 30.65 -38.39
N VAL C 2319 -50.50 29.49 -39.02
CA VAL C 2319 -49.34 28.75 -39.51
C VAL C 2319 -48.62 29.54 -40.60
N VAL C 2320 -49.38 30.11 -41.52
CA VAL C 2320 -48.76 30.83 -42.64
C VAL C 2320 -48.03 32.07 -42.15
N VAL C 2321 -48.63 32.84 -41.25
CA VAL C 2321 -47.97 34.05 -40.77
C VAL C 2321 -46.74 33.68 -39.94
N ARG C 2322 -46.79 32.59 -39.17
CA ARG C 2322 -45.63 32.15 -38.42
C ARG C 2322 -44.49 31.72 -39.34
N LEU C 2323 -44.79 30.97 -40.40
CA LEU C 2323 -43.75 30.62 -41.35
C LEU C 2323 -43.19 31.86 -42.04
N LEU C 2324 -44.05 32.81 -42.39
CA LEU C 2324 -43.63 34.04 -43.04
C LEU C 2324 -42.73 34.88 -42.16
N ILE C 2325 -42.98 34.92 -40.86
CA ILE C 2325 -42.10 35.69 -39.97
C ILE C 2325 -40.84 34.92 -39.61
N ARG C 2326 -40.89 33.58 -39.60
CA ARG C 2326 -39.67 32.81 -39.40
C ARG C 2326 -38.73 32.94 -40.58
N ARG C 2327 -39.28 33.06 -41.79
CA ARG C 2327 -38.49 33.35 -42.99
C ARG C 2327 -38.78 34.78 -43.45
N PRO C 2328 -38.10 35.79 -42.90
CA PRO C 2328 -38.40 37.17 -43.28
C PRO C 2328 -38.05 37.50 -44.71
N GLU C 2329 -37.25 36.68 -45.40
CA GLU C 2329 -36.90 36.96 -46.78
C GLU C 2329 -38.10 36.87 -47.71
N CYS C 2330 -39.18 36.24 -47.25
CA CYS C 2330 -40.40 36.12 -48.06
C CYS C 2330 -41.12 37.44 -48.26
N PHE C 2331 -40.77 38.47 -47.51
CA PHE C 2331 -41.49 39.74 -47.54
C PHE C 2331 -40.99 40.69 -48.62
N GLY C 2332 -39.96 40.32 -49.37
CA GLY C 2332 -39.38 41.20 -50.35
C GLY C 2332 -38.30 42.07 -49.74
N PRO C 2333 -37.46 42.69 -50.58
CA PRO C 2333 -36.37 43.52 -50.04
C PRO C 2333 -36.85 44.71 -49.24
N ALA C 2334 -38.00 45.29 -49.62
CA ALA C 2334 -38.46 46.51 -48.95
C ALA C 2334 -38.84 46.23 -47.49
N LEU C 2335 -39.59 45.15 -47.25
CA LEU C 2335 -40.05 44.82 -45.91
C LEU C 2335 -39.22 43.74 -45.25
N ARG C 2336 -38.10 43.35 -45.87
CA ARG C 2336 -37.26 42.30 -45.31
C ARG C 2336 -36.58 42.75 -44.02
N GLY C 2337 -36.10 44.00 -43.98
CA GLY C 2337 -35.61 44.57 -42.74
C GLY C 2337 -34.10 44.80 -42.64
N GLU C 2338 -33.35 44.56 -43.71
CA GLU C 2338 -31.92 44.87 -43.69
C GLU C 2338 -31.67 46.26 -44.26
N GLY C 2339 -32.38 47.25 -43.72
CA GLY C 2339 -32.32 48.59 -44.28
C GLY C 2339 -33.27 48.81 -45.43
N GLY C 2340 -34.38 48.08 -45.48
CA GLY C 2340 -35.34 48.26 -46.55
C GLY C 2340 -35.93 49.65 -46.56
N ASN C 2341 -36.18 50.16 -47.77
CA ASN C 2341 -36.68 51.52 -47.94
C ASN C 2341 -38.10 51.71 -47.44
N GLY C 2342 -38.86 50.64 -47.28
CA GLY C 2342 -40.23 50.74 -46.84
C GLY C 2342 -41.23 50.49 -47.96
N LEU C 2343 -42.48 50.23 -47.57
CA LEU C 2343 -43.51 49.91 -48.54
C LEU C 2343 -43.80 51.10 -49.46
N LEU C 2344 -43.91 52.30 -48.88
CA LEU C 2344 -44.20 53.49 -49.68
C LEU C 2344 -43.06 53.80 -50.64
N ALA C 2345 -41.81 53.71 -50.16
CA ALA C 2345 -40.67 53.95 -51.02
C ALA C 2345 -40.58 52.91 -52.13
N ALA C 2346 -40.87 51.64 -51.80
CA ALA C 2346 -40.87 50.59 -52.81
C ALA C 2346 -41.92 50.85 -53.88
N MET C 2347 -43.13 51.26 -53.46
CA MET C 2347 -44.16 51.61 -54.43
C MET C 2347 -43.77 52.80 -55.30
N GLU C 2348 -43.18 53.85 -54.73
CA GLU C 2348 -42.73 54.97 -55.54
C GLU C 2348 -41.66 54.56 -56.54
N GLU C 2349 -40.68 53.77 -56.09
CA GLU C 2349 -39.62 53.30 -56.98
C GLU C 2349 -40.18 52.42 -58.09
N ALA C 2350 -41.17 51.59 -57.76
CA ALA C 2350 -41.77 50.72 -58.78
C ALA C 2350 -42.48 51.53 -59.86
N ILE C 2351 -43.21 52.58 -59.47
CA ILE C 2351 -43.83 53.44 -60.48
C ILE C 2351 -42.76 54.15 -61.31
N LYS C 2352 -41.69 54.62 -60.65
CA LYS C 2352 -40.62 55.26 -61.40
C LYS C 2352 -40.04 54.31 -62.44
N ILE C 2353 -39.84 53.04 -62.05
CA ILE C 2353 -39.42 52.02 -63.00
C ILE C 2353 -40.46 51.87 -64.11
N ALA C 2354 -41.74 51.96 -63.75
CA ALA C 2354 -42.80 51.78 -64.74
C ALA C 2354 -42.73 52.83 -65.83
N GLU C 2355 -42.55 54.10 -65.47
CA GLU C 2355 -42.35 55.11 -66.51
C GLU C 2355 -40.99 54.99 -67.18
N ASP C 2356 -40.00 54.44 -66.48
CA ASP C 2356 -38.68 54.29 -67.10
C ASP C 2356 -38.71 53.14 -68.11
N PRO C 2357 -38.36 53.39 -69.37
CA PRO C 2357 -38.41 52.30 -70.36
C PRO C 2357 -37.32 51.26 -70.19
N SER C 2358 -36.12 51.68 -69.76
CA SER C 2358 -34.98 50.76 -69.72
C SER C 2358 -35.15 49.71 -68.64
N ARG C 2359 -35.52 50.13 -67.43
CA ARG C 2359 -35.60 49.18 -66.31
C ARG C 2359 -36.86 48.33 -66.40
N ASP C 2360 -37.91 48.85 -67.04
CA ASP C 2360 -39.16 48.11 -67.12
C ASP C 2360 -39.06 46.93 -68.08
N GLY C 2361 -38.37 47.11 -69.21
CA GLY C 2361 -38.28 46.08 -70.22
C GLY C 2361 -36.90 45.48 -70.32
N PRO C 2362 -36.80 44.30 -70.96
CA PRO C 2362 -35.48 43.67 -71.12
C PRO C 2362 -34.49 44.54 -71.87
N SER C 2363 -34.93 45.27 -72.90
CA SER C 2363 -34.10 46.17 -73.70
C SER C 2363 -32.82 45.47 -74.18
N PRO C 2364 -32.92 44.56 -75.16
CA PRO C 2364 -31.76 43.82 -75.70
C PRO C 2364 -30.63 44.73 -76.16
N GLU C 2377 -47.64 40.22 -76.73
CA GLU C 2377 -47.74 41.66 -76.53
C GLU C 2377 -47.28 42.03 -75.11
N GLU C 2378 -47.83 41.34 -74.12
CA GLU C 2378 -47.43 41.55 -72.73
C GLU C 2378 -46.56 40.43 -72.20
N ASP C 2379 -46.81 39.19 -72.64
CA ASP C 2379 -45.98 38.08 -72.23
C ASP C 2379 -44.54 38.24 -72.71
N ASP C 2380 -44.36 38.93 -73.83
CA ASP C 2380 -43.01 39.17 -74.34
C ASP C 2380 -42.22 40.10 -73.42
N THR C 2381 -42.89 41.10 -72.86
CA THR C 2381 -42.22 42.11 -72.03
C THR C 2381 -42.93 42.16 -70.68
N ILE C 2382 -42.41 41.39 -69.71
CA ILE C 2382 -42.93 41.47 -68.36
C ILE C 2382 -42.48 42.78 -67.73
N HIS C 2383 -43.44 43.57 -67.25
CA HIS C 2383 -43.13 44.87 -66.66
C HIS C 2383 -42.67 44.67 -65.22
N MET C 2384 -41.41 44.99 -64.95
CA MET C 2384 -40.84 44.79 -63.62
C MET C 2384 -41.55 45.62 -62.56
N GLY C 2385 -41.91 46.86 -62.89
CA GLY C 2385 -42.62 47.69 -61.92
C GLY C 2385 -43.94 47.07 -61.52
N ASN C 2386 -44.71 46.62 -62.51
CA ASN C 2386 -45.98 45.96 -62.22
C ASN C 2386 -45.76 44.68 -61.42
N ALA C 2387 -44.71 43.92 -61.75
CA ALA C 2387 -44.41 42.72 -60.99
C ALA C 2387 -44.15 43.06 -59.53
N ILE C 2388 -43.38 44.11 -59.28
CA ILE C 2388 -43.05 44.49 -57.90
C ILE C 2388 -44.30 44.93 -57.15
N MET C 2389 -45.11 45.80 -57.77
CA MET C 2389 -46.32 46.29 -57.12
C MET C 2389 -47.31 45.17 -56.85
N THR C 2390 -47.48 44.25 -57.82
CA THR C 2390 -48.39 43.13 -57.62
C THR C 2390 -47.88 42.19 -56.52
N PHE C 2391 -46.56 41.96 -56.47
CA PHE C 2391 -45.99 41.16 -55.39
C PHE C 2391 -46.30 41.78 -54.04
N TYR C 2392 -46.03 43.07 -53.89
CA TYR C 2392 -46.24 43.70 -52.58
C TYR C 2392 -47.73 43.77 -52.23
N SER C 2393 -48.58 44.06 -53.21
CA SER C 2393 -50.02 44.06 -52.96
C SER C 2393 -50.56 42.68 -52.62
N ALA C 2394 -49.99 41.62 -53.19
CA ALA C 2394 -50.38 40.26 -52.87
C ALA C 2394 -49.92 39.87 -51.46
N LEU C 2395 -48.70 40.26 -51.09
CA LEU C 2395 -48.23 40.02 -49.73
C LEU C 2395 -49.10 40.74 -48.72
N ILE C 2396 -49.40 42.02 -48.97
CA ILE C 2396 -50.25 42.80 -48.08
C ILE C 2396 -51.65 42.20 -48.02
N ASP C 2397 -52.19 41.79 -49.17
CA ASP C 2397 -53.52 41.18 -49.19
C ASP C 2397 -53.54 39.89 -48.39
N LEU C 2398 -52.51 39.04 -48.57
CA LEU C 2398 -52.46 37.78 -47.85
C LEU C 2398 -52.38 38.00 -46.35
N LEU C 2399 -51.55 38.95 -45.91
CA LEU C 2399 -51.45 39.22 -44.48
C LEU C 2399 -52.75 39.79 -43.93
N GLY C 2400 -53.41 40.68 -44.67
CA GLY C 2400 -54.68 41.22 -44.23
C GLY C 2400 -55.76 40.15 -44.12
N ARG C 2401 -55.76 39.19 -45.05
CA ARG C 2401 -56.70 38.08 -44.95
C ARG C 2401 -56.32 37.16 -43.79
N CYS C 2402 -55.03 37.04 -43.50
CA CYS C 2402 -54.58 36.24 -42.37
C CYS C 2402 -54.86 36.93 -41.04
N ALA C 2403 -55.23 38.21 -41.06
CA ALA C 2403 -55.57 38.90 -39.83
C ALA C 2403 -56.76 38.23 -39.16
N PRO C 2404 -56.79 38.13 -37.83
CA PRO C 2404 -57.89 37.46 -37.16
C PRO C 2404 -59.20 38.22 -37.29
N GLU C 2405 -60.31 37.48 -37.16
CA GLU C 2405 -61.63 38.08 -37.23
C GLU C 2405 -61.88 38.97 -36.02
N MET C 2406 -62.78 39.95 -36.19
CA MET C 2406 -63.05 40.90 -35.12
C MET C 2406 -63.79 40.25 -33.96
N HIS C 2407 -64.56 39.20 -34.22
CA HIS C 2407 -65.25 38.50 -33.14
C HIS C 2407 -64.25 37.85 -32.18
N LEU C 2408 -63.17 37.28 -32.72
CA LEU C 2408 -62.13 36.73 -31.86
C LEU C 2408 -61.42 37.82 -31.06
N ILE C 2409 -61.19 38.99 -31.67
CA ILE C 2409 -60.59 40.09 -30.94
C ILE C 2409 -61.50 40.54 -29.80
N HIS C 2410 -62.80 40.63 -30.06
CA HIS C 2410 -63.74 40.98 -29.00
C HIS C 2410 -63.74 39.94 -27.90
N ALA C 2411 -63.69 38.65 -28.27
CA ALA C 2411 -63.57 37.60 -27.27
C ALA C 2411 -62.24 37.68 -26.52
N GLY C 2412 -61.24 38.33 -27.09
CA GLY C 2412 -59.97 38.52 -26.42
C GLY C 2412 -59.00 37.35 -26.50
N LYS C 2413 -59.08 36.54 -27.55
CA LYS C 2413 -58.21 35.37 -27.66
C LYS C 2413 -56.76 35.80 -27.85
N GLY C 2414 -55.90 35.31 -26.98
CA GLY C 2414 -54.53 35.80 -26.93
C GLY C 2414 -53.74 35.53 -28.19
N GLU C 2415 -53.95 34.37 -28.80
CA GLU C 2415 -53.23 34.05 -30.03
C GLU C 2415 -53.64 34.99 -31.16
N ALA C 2416 -54.94 35.28 -31.26
CA ALA C 2416 -55.41 36.24 -32.27
C ALA C 2416 -54.84 37.62 -32.02
N ILE C 2417 -54.82 38.05 -30.75
CA ILE C 2417 -54.23 39.35 -30.42
C ILE C 2417 -52.77 39.38 -30.82
N ARG C 2418 -52.04 38.30 -30.55
CA ARG C 2418 -50.62 38.23 -30.88
C ARG C 2418 -50.40 38.32 -32.38
N ILE C 2419 -51.20 37.58 -33.17
CA ILE C 2419 -51.04 37.61 -34.62
C ILE C 2419 -51.35 39.00 -35.17
N ARG C 2420 -52.42 39.62 -34.66
CA ARG C 2420 -52.79 40.94 -35.14
C ARG C 2420 -51.71 41.97 -34.81
N SER C 2421 -51.15 41.91 -33.60
CA SER C 2421 -50.05 42.80 -33.24
C SER C 2421 -48.81 42.54 -34.08
N ILE C 2422 -48.53 41.28 -34.40
CA ILE C 2422 -47.39 40.97 -35.26
C ILE C 2422 -47.58 41.59 -36.64
N LEU C 2423 -48.80 41.49 -37.19
CA LEU C 2423 -49.07 42.12 -38.48
C LEU C 2423 -48.93 43.62 -38.41
N ARG C 2424 -49.40 44.23 -37.32
CA ARG C 2424 -49.24 45.67 -37.13
C ARG C 2424 -47.77 46.05 -37.13
N SER C 2425 -46.94 45.27 -36.43
CA SER C 2425 -45.50 45.55 -36.41
C SER C 2425 -44.88 45.35 -37.78
N LEU C 2426 -45.32 44.33 -38.51
CA LEU C 2426 -44.77 44.05 -39.83
C LEU C 2426 -45.04 45.20 -40.79
N ILE C 2427 -46.26 45.70 -40.83
CA ILE C 2427 -46.66 46.73 -41.78
C ILE C 2427 -47.03 48.00 -41.02
N PRO C 2428 -46.27 49.09 -41.16
CA PRO C 2428 -46.67 50.35 -40.54
C PRO C 2428 -47.91 50.94 -41.20
N LEU C 2429 -48.70 51.66 -40.41
CA LEU C 2429 -49.91 52.29 -40.94
C LEU C 2429 -49.57 53.44 -41.89
N GLY C 2430 -48.50 54.18 -41.59
CA GLY C 2430 -48.13 55.31 -42.43
C GLY C 2430 -47.80 54.93 -43.86
N ASP C 2431 -47.15 53.77 -44.05
CA ASP C 2431 -46.86 53.31 -45.40
C ASP C 2431 -48.15 53.03 -46.16
N LEU C 2432 -49.12 52.39 -45.50
CA LEU C 2432 -50.41 52.14 -46.13
C LEU C 2432 -51.08 53.45 -46.52
N VAL C 2433 -51.02 54.43 -45.62
CA VAL C 2433 -51.63 55.73 -45.87
C VAL C 2433 -50.97 56.38 -47.09
N GLY C 2434 -49.64 56.32 -47.15
CA GLY C 2434 -48.93 56.90 -48.28
C GLY C 2434 -49.29 56.25 -49.61
N VAL C 2435 -49.34 54.91 -49.62
CA VAL C 2435 -49.67 54.21 -50.86
C VAL C 2435 -51.09 54.55 -51.30
N ILE C 2436 -52.01 54.68 -50.33
CA ILE C 2436 -53.36 55.12 -50.69
C ILE C 2436 -53.33 56.55 -51.22
N SER C 2437 -52.44 57.38 -50.67
CA SER C 2437 -52.36 58.77 -51.10
C SER C 2437 -51.80 58.90 -52.51
N ILE C 2438 -51.00 57.93 -52.95
CA ILE C 2438 -50.47 57.97 -54.32
C ILE C 2438 -51.62 57.96 -55.31
N ALA C 2439 -51.50 58.78 -56.36
CA ALA C 2439 -52.54 58.95 -57.36
C ALA C 2439 -52.19 58.19 -58.64
N PHE C 2440 -53.22 57.92 -59.44
CA PHE C 2440 -53.07 57.22 -60.70
C PHE C 2440 -52.66 58.20 -61.81
N GLN C 2441 -52.74 57.73 -63.05
CA GLN C 2441 -52.56 58.55 -64.24
C GLN C 2441 -53.84 58.46 -65.07
N MET C 2442 -54.52 59.60 -65.21
CA MET C 2442 -55.82 59.60 -65.87
C MET C 2442 -55.66 59.56 -67.38
N PRO C 2443 -56.51 58.83 -68.09
CA PRO C 2443 -56.47 58.88 -69.56
C PRO C 2443 -56.94 60.23 -70.09
N THR C 2444 -56.47 60.57 -71.29
CA THR C 2444 -56.77 61.84 -71.92
C THR C 2444 -56.96 61.65 -73.42
N ILE C 2445 -57.71 62.57 -74.03
CA ILE C 2445 -57.80 62.58 -75.48
C ILE C 2445 -56.71 63.48 -76.06
N ALA C 2446 -56.40 63.25 -77.33
CA ALA C 2446 -55.27 63.92 -77.96
C ALA C 2446 -55.73 65.16 -78.73
N LYS C 2447 -54.79 65.74 -79.49
CA LYS C 2447 -55.11 66.89 -80.33
C LYS C 2447 -56.20 66.56 -81.34
N ASP C 2448 -56.13 65.38 -81.97
CA ASP C 2448 -57.17 64.96 -82.88
C ASP C 2448 -58.47 64.68 -82.14
N GLY C 2449 -58.41 64.49 -80.83
CA GLY C 2449 -59.54 64.13 -80.02
C GLY C 2449 -59.67 62.65 -79.74
N ASN C 2450 -58.84 61.81 -80.37
CA ASN C 2450 -58.86 60.39 -80.11
C ASN C 2450 -58.44 60.09 -78.68
N VAL C 2451 -59.09 59.11 -78.05
CA VAL C 2451 -58.77 58.78 -76.67
C VAL C 2451 -57.41 58.12 -76.59
N VAL C 2452 -56.48 58.76 -75.88
CA VAL C 2452 -55.16 58.19 -75.61
C VAL C 2452 -55.19 57.59 -74.21
N GLU C 2453 -55.14 56.26 -74.14
CA GLU C 2453 -55.38 55.53 -72.91
C GLU C 2453 -54.14 54.73 -72.53
N PRO C 2454 -53.46 55.07 -71.43
CA PRO C 2454 -52.30 54.30 -70.99
C PRO C 2454 -52.70 52.87 -70.66
N ASP C 2455 -51.85 51.92 -71.07
CA ASP C 2455 -52.18 50.50 -70.93
C ASP C 2455 -52.26 50.09 -69.47
N MET C 2456 -53.27 49.28 -69.13
CA MET C 2456 -53.40 48.75 -67.79
C MET C 2456 -52.31 47.76 -67.41
N SER C 2457 -51.69 47.11 -68.39
CA SER C 2457 -50.58 46.21 -68.08
C SER C 2457 -49.35 46.98 -67.62
N ALA C 2458 -49.34 48.30 -67.78
CA ALA C 2458 -48.25 49.16 -67.35
C ALA C 2458 -48.80 50.35 -66.56
N GLY C 2459 -48.67 50.29 -65.25
CA GLY C 2459 -49.09 51.36 -64.37
C GLY C 2459 -49.62 50.85 -63.05
N PHE C 2460 -49.99 51.80 -62.19
CA PHE C 2460 -50.46 51.51 -60.84
C PHE C 2460 -51.92 51.11 -60.90
N CYS C 2461 -52.23 49.89 -60.46
CA CYS C 2461 -53.57 49.35 -60.60
C CYS C 2461 -54.44 49.67 -59.39
N PRO C 2462 -55.74 49.84 -59.59
CA PRO C 2462 -56.64 50.02 -58.44
C PRO C 2462 -56.69 48.83 -57.49
N ASP C 2463 -56.36 47.63 -57.97
CA ASP C 2463 -56.30 46.47 -57.10
C ASP C 2463 -55.21 46.62 -56.05
N HIS C 2464 -54.16 47.37 -56.39
CA HIS C 2464 -53.10 47.65 -55.42
C HIS C 2464 -53.65 48.43 -54.23
N LYS C 2465 -54.51 49.42 -54.49
CA LYS C 2465 -55.16 50.14 -53.40
C LYS C 2465 -56.22 49.30 -52.72
N ALA C 2466 -56.87 48.40 -53.47
CA ALA C 2466 -57.85 47.50 -52.90
C ALA C 2466 -57.24 46.58 -51.85
N ALA C 2467 -56.04 46.05 -52.11
CA ALA C 2467 -55.32 45.28 -51.09
C ALA C 2467 -54.97 46.14 -49.88
N MET C 2468 -54.56 47.39 -50.10
CA MET C 2468 -54.23 48.28 -49.00
C MET C 2468 -55.43 48.54 -48.11
N VAL C 2469 -56.59 48.80 -48.71
CA VAL C 2469 -57.80 49.03 -47.93
C VAL C 2469 -58.18 47.80 -47.14
N LEU C 2470 -58.08 46.61 -47.74
CA LEU C 2470 -58.40 45.38 -47.04
C LEU C 2470 -57.48 45.16 -45.84
N PHE C 2471 -56.17 45.37 -46.03
CA PHE C 2471 -55.25 45.27 -44.91
C PHE C 2471 -55.59 46.27 -43.82
N LEU C 2472 -55.94 47.49 -44.23
CA LEU C 2472 -56.28 48.52 -43.25
C LEU C 2472 -57.50 48.11 -42.42
N ASP C 2473 -58.54 47.60 -43.07
CA ASP C 2473 -59.78 47.33 -42.34
C ASP C 2473 -59.67 46.06 -41.52
N ARG C 2474 -58.83 45.11 -41.94
CA ARG C 2474 -58.76 43.86 -41.19
C ARG C 2474 -57.65 43.83 -40.15
N VAL C 2475 -56.58 44.59 -40.33
CA VAL C 2475 -55.43 44.50 -39.43
C VAL C 2475 -55.42 45.66 -38.44
N TYR C 2476 -55.27 46.87 -38.95
CA TYR C 2476 -55.13 48.04 -38.08
C TYR C 2476 -56.47 48.43 -37.45
N GLY C 2477 -57.55 48.30 -38.21
CA GLY C 2477 -58.83 48.72 -37.71
C GLY C 2477 -59.03 50.23 -37.83
N ILE C 2478 -60.23 50.60 -38.24
CA ILE C 2478 -60.60 52.00 -38.45
C ILE C 2478 -61.65 52.34 -37.40
N GLU C 2479 -61.23 53.03 -36.34
CA GLU C 2479 -62.11 53.38 -35.23
C GLU C 2479 -61.90 54.81 -34.75
N VAL C 2480 -61.04 55.59 -35.39
CA VAL C 2480 -60.70 56.93 -34.95
C VAL C 2480 -61.23 57.92 -35.98
N GLN C 2481 -61.98 58.92 -35.50
CA GLN C 2481 -62.68 59.83 -36.39
C GLN C 2481 -61.73 60.75 -37.15
N ASP C 2482 -60.77 61.37 -36.45
CA ASP C 2482 -59.84 62.26 -37.12
C ASP C 2482 -58.94 61.50 -38.08
N PHE C 2483 -58.54 60.28 -37.71
CA PHE C 2483 -57.80 59.42 -38.64
C PHE C 2483 -58.64 59.11 -39.88
N LEU C 2484 -59.92 58.78 -39.69
CA LEU C 2484 -60.78 58.50 -40.82
C LEU C 2484 -60.87 59.68 -41.76
N LEU C 2485 -61.09 60.88 -41.23
CA LEU C 2485 -61.18 62.06 -42.08
C LEU C 2485 -59.85 62.42 -42.72
N HIS C 2486 -58.74 62.24 -42.01
CA HIS C 2486 -57.43 62.51 -42.59
C HIS C 2486 -57.15 61.59 -43.77
N LEU C 2487 -57.43 60.29 -43.61
CA LEU C 2487 -57.27 59.36 -44.73
C LEU C 2487 -58.21 59.71 -45.87
N LEU C 2488 -59.46 60.05 -45.54
CA LEU C 2488 -60.42 60.46 -46.56
C LEU C 2488 -59.88 61.61 -47.39
N GLU C 2489 -59.26 62.59 -46.74
CA GLU C 2489 -58.73 63.74 -47.46
C GLU C 2489 -57.50 63.36 -48.27
N VAL C 2490 -56.58 62.59 -47.68
CA VAL C 2490 -55.29 62.38 -48.34
C VAL C 2490 -55.41 61.40 -49.51
N GLY C 2491 -56.09 60.27 -49.32
CA GLY C 2491 -56.04 59.23 -50.34
C GLY C 2491 -57.35 58.84 -50.97
N PHE C 2492 -58.45 58.94 -50.22
CA PHE C 2492 -59.73 58.42 -50.71
C PHE C 2492 -60.42 59.42 -51.62
N LEU C 2493 -60.58 60.66 -51.16
CA LEU C 2493 -61.32 61.68 -51.88
C LEU C 2493 -60.68 62.04 -53.23
N PRO C 2494 -59.34 62.21 -53.33
CA PRO C 2494 -58.76 62.51 -54.65
C PRO C 2494 -59.07 61.46 -55.69
N ASP C 2495 -59.04 60.19 -55.32
CA ASP C 2495 -59.34 59.12 -56.26
C ASP C 2495 -60.79 59.17 -56.70
N LEU C 2496 -61.70 59.44 -55.76
CA LEU C 2496 -63.11 59.52 -56.11
C LEU C 2496 -63.40 60.73 -57.00
N ARG C 2497 -62.70 61.84 -56.76
CA ARG C 2497 -62.85 63.01 -57.62
C ARG C 2497 -62.29 62.74 -59.02
N ALA C 2498 -61.19 61.99 -59.11
CA ALA C 2498 -60.68 61.59 -60.41
C ALA C 2498 -61.67 60.70 -61.14
N ALA C 2499 -62.31 59.78 -60.42
CA ALA C 2499 -63.35 58.95 -61.02
C ALA C 2499 -64.52 59.80 -61.51
N ALA C 2500 -64.91 60.80 -60.72
CA ALA C 2500 -65.95 61.74 -61.13
C ALA C 2500 -65.60 62.54 -62.37
N SER C 2501 -64.37 63.03 -62.46
CA SER C 2501 -63.90 63.77 -63.62
C SER C 2501 -63.74 62.88 -64.85
N LEU C 2502 -63.53 61.58 -64.66
CA LEU C 2502 -63.46 60.63 -65.76
C LEU C 2502 -64.79 59.92 -65.99
N ASP C 2503 -65.91 60.60 -65.71
CA ASP C 2503 -67.23 60.05 -65.95
C ASP C 2503 -67.83 60.45 -67.29
N THR C 2504 -67.06 61.13 -68.14
CA THR C 2504 -67.55 61.48 -69.47
C THR C 2504 -67.82 60.22 -70.28
N ALA C 2505 -68.79 60.29 -71.18
CA ALA C 2505 -69.27 59.11 -71.89
C ALA C 2505 -68.15 58.45 -72.69
N ALA C 2506 -67.35 59.25 -73.40
CA ALA C 2506 -66.26 58.69 -74.20
C ALA C 2506 -65.22 58.04 -73.31
N LEU C 2507 -64.86 58.70 -72.21
CA LEU C 2507 -63.83 58.18 -71.31
C LEU C 2507 -64.40 57.16 -70.33
N SER C 2508 -65.73 57.04 -70.24
CA SER C 2508 -66.32 56.05 -69.34
C SER C 2508 -66.01 54.63 -69.80
N ALA C 2509 -66.00 54.40 -71.11
CA ALA C 2509 -65.76 53.06 -71.64
C ALA C 2509 -64.33 52.59 -71.43
N THR C 2510 -63.42 53.49 -71.06
CA THR C 2510 -62.03 53.12 -70.82
C THR C 2510 -61.91 52.19 -69.61
N ASP C 2511 -61.00 51.22 -69.71
CA ASP C 2511 -60.85 50.24 -68.65
C ASP C 2511 -60.24 50.84 -67.39
N MET C 2512 -59.61 52.01 -67.51
CA MET C 2512 -59.30 52.81 -66.32
C MET C 2512 -60.56 53.12 -65.51
N ALA C 2513 -61.61 53.61 -66.18
CA ALA C 2513 -62.83 53.97 -65.46
C ALA C 2513 -63.47 52.74 -64.83
N LEU C 2514 -63.49 51.63 -65.56
CA LEU C 2514 -64.05 50.39 -65.02
C LEU C 2514 -63.27 49.92 -63.80
N ALA C 2515 -61.94 49.97 -63.86
CA ALA C 2515 -61.12 49.56 -62.73
C ALA C 2515 -61.34 50.46 -61.53
N LEU C 2516 -61.44 51.78 -61.76
CA LEU C 2516 -61.70 52.71 -60.67
C LEU C 2516 -63.05 52.45 -60.02
N ASN C 2517 -64.10 52.25 -60.84
CA ASN C 2517 -65.41 51.96 -60.28
C ASN C 2517 -65.40 50.67 -59.49
N ARG C 2518 -64.73 49.63 -60.03
CA ARG C 2518 -64.62 48.37 -59.31
C ARG C 2518 -63.95 48.54 -57.97
N TYR C 2519 -62.78 49.21 -57.94
CA TYR C 2519 -62.07 49.42 -56.68
C TYR C 2519 -62.91 50.19 -55.69
N LEU C 2520 -63.53 51.31 -56.12
CA LEU C 2520 -64.33 52.09 -55.20
C LEU C 2520 -65.47 51.27 -54.62
N CYS C 2521 -66.28 50.66 -55.48
CA CYS C 2521 -67.47 49.94 -55.03
C CYS C 2521 -67.13 48.66 -54.27
N THR C 2522 -65.90 48.15 -54.40
CA THR C 2522 -65.54 46.95 -53.66
C THR C 2522 -64.89 47.26 -52.32
N ALA C 2523 -64.12 48.36 -52.23
CA ALA C 2523 -63.36 48.64 -51.02
C ALA C 2523 -63.78 49.93 -50.32
N VAL C 2524 -63.85 51.04 -51.04
CA VAL C 2524 -63.94 52.35 -50.41
C VAL C 2524 -65.34 52.57 -49.85
N LEU C 2525 -66.35 52.41 -50.70
CA LEU C 2525 -67.73 52.59 -50.25
C LEU C 2525 -68.13 51.60 -49.16
N PRO C 2526 -67.81 50.30 -49.25
CA PRO C 2526 -68.06 49.43 -48.08
C PRO C 2526 -67.34 49.88 -46.82
N LEU C 2527 -66.11 50.38 -46.95
CA LEU C 2527 -65.39 50.86 -45.77
C LEU C 2527 -66.07 52.09 -45.18
N LEU C 2528 -66.49 53.02 -46.02
CA LEU C 2528 -67.22 54.20 -45.55
C LEU C 2528 -68.59 53.86 -45.00
N THR C 2529 -69.21 52.78 -45.46
CA THR C 2529 -70.45 52.30 -44.87
C THR C 2529 -70.25 51.66 -43.51
N ARG C 2530 -69.17 50.89 -43.35
CA ARG C 2530 -68.78 50.38 -42.04
C ARG C 2530 -68.33 51.48 -41.09
N CYS C 2531 -67.88 52.61 -41.61
CA CYS C 2531 -67.45 53.76 -40.81
C CYS C 2531 -68.57 54.77 -40.61
N ALA C 2532 -69.82 54.34 -40.82
CA ALA C 2532 -70.95 55.27 -40.75
C ALA C 2532 -71.10 55.95 -39.41
N PRO C 2533 -71.01 55.27 -38.26
CA PRO C 2533 -71.16 55.99 -36.97
C PRO C 2533 -70.12 57.09 -36.76
N LEU C 2534 -68.92 56.93 -37.29
CA LEU C 2534 -67.87 57.91 -37.06
C LEU C 2534 -68.15 59.24 -37.75
N PHE C 2535 -69.08 59.27 -38.71
CA PHE C 2535 -69.36 60.47 -39.47
C PHE C 2535 -70.24 61.45 -38.70
N ALA C 2536 -70.42 61.25 -37.40
CA ALA C 2536 -71.25 62.14 -36.61
C ALA C 2536 -70.60 63.51 -36.43
N GLY C 2537 -69.43 63.54 -35.81
CA GLY C 2537 -68.73 64.79 -35.55
C GLY C 2537 -67.89 65.27 -36.72
N THR C 2538 -68.55 65.77 -37.77
CA THR C 2538 -67.88 66.28 -38.96
C THR C 2538 -68.15 67.75 -39.21
N GLU C 2539 -68.51 68.52 -38.18
CA GLU C 2539 -68.81 69.92 -38.37
C GLU C 2539 -67.57 70.70 -38.79
N HIS C 2540 -66.41 70.33 -38.23
CA HIS C 2540 -65.18 71.08 -38.51
C HIS C 2540 -64.59 70.72 -39.87
N HIS C 2541 -65.10 69.65 -40.49
CA HIS C 2541 -64.75 69.30 -41.86
C HIS C 2541 -65.99 69.29 -42.75
N ALA C 2542 -66.79 70.34 -42.64
CA ALA C 2542 -68.01 70.46 -43.43
C ALA C 2542 -67.69 70.49 -44.92
N SER C 2543 -66.64 71.22 -45.30
CA SER C 2543 -66.26 71.26 -46.71
C SER C 2543 -65.87 69.88 -47.22
N LEU C 2544 -65.10 69.13 -46.42
CA LEU C 2544 -64.70 67.78 -46.81
C LEU C 2544 -65.90 66.86 -46.97
N ILE C 2545 -66.83 66.89 -46.01
CA ILE C 2545 -67.98 65.98 -46.10
C ILE C 2545 -68.90 66.38 -47.25
N ASP C 2546 -69.04 67.69 -47.51
CA ASP C 2546 -69.83 68.12 -48.66
C ASP C 2546 -69.17 67.69 -49.97
N SER C 2547 -67.84 67.77 -50.06
CA SER C 2547 -67.14 67.29 -51.23
C SER C 2547 -67.35 65.79 -51.43
N LEU C 2548 -67.30 65.02 -50.34
CA LEU C 2548 -67.57 63.59 -50.45
C LEU C 2548 -68.99 63.34 -50.97
N LEU C 2549 -69.98 64.06 -50.43
CA LEU C 2549 -71.35 63.87 -50.88
C LEU C 2549 -71.49 64.20 -52.35
N HIS C 2550 -70.90 65.32 -52.79
CA HIS C 2550 -70.98 65.70 -54.19
C HIS C 2550 -70.32 64.69 -55.11
N THR C 2551 -69.14 64.18 -54.74
CA THR C 2551 -68.47 63.17 -55.55
C THR C 2551 -69.28 61.89 -55.63
N VAL C 2552 -69.83 61.44 -54.49
CA VAL C 2552 -70.63 60.22 -54.49
C VAL C 2552 -71.86 60.39 -55.38
N TYR C 2553 -72.51 61.56 -55.29
CA TYR C 2553 -73.68 61.82 -56.12
C TYR C 2553 -73.31 61.84 -57.60
N ARG C 2554 -72.17 62.43 -57.94
CA ARG C 2554 -71.77 62.49 -59.35
C ARG C 2554 -71.45 61.10 -59.88
N LEU C 2555 -70.79 60.27 -59.07
CA LEU C 2555 -70.56 58.87 -59.48
C LEU C 2555 -71.87 58.12 -59.63
N SER C 2556 -72.84 58.37 -58.74
CA SER C 2556 -74.16 57.78 -58.90
C SER C 2556 -74.81 58.18 -60.21
N LYS C 2557 -74.67 59.44 -60.60
CA LYS C 2557 -75.15 59.91 -61.90
C LYS C 2557 -74.16 59.49 -63.00
N GLY C 2558 -74.10 58.18 -63.23
CA GLY C 2558 -73.21 57.62 -64.23
C GLY C 2558 -73.86 56.60 -65.14
N CYS C 2559 -73.17 56.22 -66.21
CA CYS C 2559 -73.71 55.27 -67.19
C CYS C 2559 -73.02 53.92 -67.11
N SER C 2560 -71.69 53.90 -67.12
CA SER C 2560 -70.96 52.63 -67.06
C SER C 2560 -71.13 51.92 -65.73
N LEU C 2561 -71.64 52.62 -64.73
CA LEU C 2561 -71.87 52.05 -63.41
C LEU C 2561 -72.83 50.88 -63.49
N THR C 2562 -72.38 49.70 -63.07
CA THR C 2562 -73.19 48.49 -63.14
C THR C 2562 -74.28 48.50 -62.09
N LYS C 2563 -75.11 47.45 -62.10
CA LYS C 2563 -76.24 47.39 -61.18
C LYS C 2563 -75.76 47.20 -59.74
N ALA C 2564 -74.83 46.27 -59.51
CA ALA C 2564 -74.29 46.08 -58.18
C ALA C 2564 -73.52 47.31 -57.72
N GLN C 2565 -72.85 47.99 -58.65
CA GLN C 2565 -72.15 49.22 -58.32
C GLN C 2565 -73.14 50.31 -57.90
N ARG C 2566 -74.28 50.40 -58.59
CA ARG C 2566 -75.33 51.33 -58.19
C ARG C 2566 -75.84 50.98 -56.79
N ASP C 2567 -76.00 49.68 -56.52
CA ASP C 2567 -76.45 49.24 -55.21
C ASP C 2567 -75.47 49.68 -54.12
N SER C 2568 -74.17 49.49 -54.37
CA SER C 2568 -73.15 49.89 -53.41
C SER C 2568 -73.17 51.40 -53.19
N ILE C 2569 -73.28 52.17 -54.28
CA ILE C 2569 -73.37 53.62 -54.17
C ILE C 2569 -74.58 54.02 -53.32
N GLU C 2570 -75.73 53.40 -53.59
CA GLU C 2570 -76.95 53.74 -52.87
C GLU C 2570 -76.81 53.44 -51.39
N VAL C 2571 -76.32 52.25 -51.05
CA VAL C 2571 -76.19 51.88 -49.64
C VAL C 2571 -75.21 52.81 -48.94
N CYS C 2572 -74.06 53.09 -49.56
CA CYS C 2572 -73.07 53.93 -48.92
C CYS C 2572 -73.59 55.34 -48.68
N LEU C 2573 -74.19 55.95 -49.71
CA LEU C 2573 -74.67 57.31 -49.57
C LEU C 2573 -75.83 57.40 -48.58
N LEU C 2574 -76.75 56.43 -48.63
CA LEU C 2574 -77.89 56.45 -47.71
C LEU C 2574 -77.42 56.24 -46.28
N SER C 2575 -76.39 55.43 -46.07
CA SER C 2575 -75.82 55.25 -44.73
C SER C 2575 -75.16 56.53 -44.23
N ILE C 2576 -74.33 57.15 -45.08
CA ILE C 2576 -73.60 58.36 -44.65
C ILE C 2576 -74.58 59.50 -44.33
N CYS C 2577 -75.54 59.74 -45.22
CA CYS C 2577 -76.49 60.83 -44.99
C CYS C 2577 -77.37 60.56 -43.78
N GLY C 2578 -77.44 59.30 -43.34
CA GLY C 2578 -78.23 58.99 -42.16
CA GLY C 2578 -78.23 58.99 -42.16
C GLY C 2578 -77.68 59.65 -40.91
N GLN C 2579 -76.43 59.32 -40.55
CA GLN C 2579 -75.83 59.93 -39.37
C GLN C 2579 -75.27 61.32 -39.68
N LEU C 2580 -75.29 61.72 -40.95
CA LEU C 2580 -74.81 63.04 -41.31
C LEU C 2580 -75.72 64.12 -40.71
N ARG C 2581 -75.10 65.13 -40.12
CA ARG C 2581 -75.85 66.20 -39.47
C ARG C 2581 -76.57 67.05 -40.52
N PRO C 2582 -77.82 67.43 -40.27
CA PRO C 2582 -78.60 68.12 -41.32
C PRO C 2582 -78.01 69.43 -41.79
N SER C 2583 -77.12 70.06 -41.00
CA SER C 2583 -76.60 71.37 -41.37
C SER C 2583 -75.80 71.32 -42.66
N MET C 2584 -74.94 70.31 -42.82
CA MET C 2584 -74.02 70.31 -43.96
C MET C 2584 -74.71 69.96 -45.28
N MET C 2585 -75.69 69.05 -45.25
CA MET C 2585 -76.19 68.48 -46.49
C MET C 2585 -77.09 69.43 -47.28
N GLN C 2586 -77.16 70.71 -46.92
CA GLN C 2586 -78.02 71.62 -47.66
C GLN C 2586 -77.44 71.92 -49.04
N HIS C 2587 -76.13 71.76 -49.22
CA HIS C 2587 -75.54 71.78 -50.56
C HIS C 2587 -76.08 70.65 -51.43
N LEU C 2588 -76.08 69.42 -50.90
CA LEU C 2588 -76.64 68.30 -51.62
C LEU C 2588 -78.12 68.53 -51.89
N LEU C 2589 -78.85 69.08 -50.93
CA LEU C 2589 -80.27 69.36 -51.12
C LEU C 2589 -80.50 70.38 -52.23
N ARG C 2590 -79.71 71.47 -52.24
CA ARG C 2590 -79.91 72.50 -53.25
C ARG C 2590 -79.51 72.05 -54.65
N ARG C 2591 -78.54 71.14 -54.75
CA ARG C 2591 -78.27 70.55 -56.06
C ARG C 2591 -79.30 69.49 -56.44
N LEU C 2592 -79.88 68.79 -55.46
CA LEU C 2592 -80.90 67.79 -55.76
C LEU C 2592 -82.20 68.40 -56.26
N VAL C 2593 -82.65 69.51 -55.66
CA VAL C 2593 -83.95 70.08 -56.01
C VAL C 2593 -84.08 70.48 -57.47
N PHE C 2594 -82.98 70.51 -58.22
CA PHE C 2594 -83.03 70.86 -59.64
C PHE C 2594 -83.09 69.64 -60.56
N ASP C 2595 -82.50 68.51 -60.17
CA ASP C 2595 -82.42 67.36 -61.06
C ASP C 2595 -83.29 66.19 -60.62
N VAL C 2596 -83.73 66.16 -59.37
CA VAL C 2596 -84.67 65.11 -58.94
C VAL C 2596 -86.07 65.28 -59.53
N PRO C 2597 -86.56 66.51 -59.88
CA PRO C 2597 -87.91 66.60 -60.47
C PRO C 2597 -88.05 65.87 -61.79
N LEU C 2598 -86.93 65.57 -62.45
CA LEU C 2598 -86.99 64.82 -63.71
C LEU C 2598 -87.68 63.48 -63.55
N LEU C 2599 -87.60 62.89 -62.34
CA LEU C 2599 -88.26 61.62 -62.03
C LEU C 2599 -87.80 60.51 -62.98
N ASN C 2600 -86.54 60.59 -63.38
CA ASN C 2600 -85.93 59.51 -64.16
C ASN C 2600 -85.53 58.37 -63.21
N GLU C 2601 -85.03 57.28 -63.80
CA GLU C 2601 -84.60 56.15 -62.98
C GLU C 2601 -83.40 56.51 -62.12
N HIS C 2602 -82.65 57.55 -62.49
CA HIS C 2602 -81.52 57.98 -61.68
C HIS C 2602 -81.96 58.81 -60.49
N ALA C 2603 -83.23 59.20 -60.43
CA ALA C 2603 -83.73 59.99 -59.31
C ALA C 2603 -84.21 59.15 -58.14
N LYS C 2604 -84.17 57.81 -58.26
CA LYS C 2604 -84.77 56.96 -57.24
C LYS C 2604 -83.98 57.02 -55.93
N MET C 2605 -82.64 56.95 -56.00
CA MET C 2605 -81.87 57.03 -54.76
C MET C 2605 -81.84 58.45 -54.18
N PRO C 2606 -81.89 59.53 -54.97
CA PRO C 2606 -82.21 60.83 -54.34
C PRO C 2606 -83.55 60.82 -53.64
N LEU C 2607 -84.53 60.09 -54.19
CA LEU C 2607 -85.84 60.01 -53.56
C LEU C 2607 -85.74 59.33 -52.19
N LYS C 2608 -85.04 58.18 -52.12
CA LYS C 2608 -84.82 57.55 -50.82
C LYS C 2608 -84.04 58.46 -49.88
N LEU C 2609 -83.00 59.13 -50.38
CA LEU C 2609 -82.18 59.97 -49.53
C LEU C 2609 -83.02 61.08 -48.91
N LEU C 2610 -83.80 61.78 -49.71
CA LEU C 2610 -84.67 62.82 -49.20
C LEU C 2610 -85.70 62.26 -48.23
N THR C 2611 -86.30 61.11 -48.54
CA THR C 2611 -87.29 60.51 -47.65
C THR C 2611 -86.69 60.27 -46.26
N ASN C 2612 -85.56 59.56 -46.19
CA ASN C 2612 -85.00 59.22 -44.90
C ASN C 2612 -84.47 60.45 -44.18
N HIS C 2613 -83.87 61.39 -44.91
CA HIS C 2613 -83.36 62.59 -44.27
C HIS C 2613 -84.48 63.40 -43.64
N TYR C 2614 -85.59 63.59 -44.35
CA TYR C 2614 -86.69 64.37 -43.79
C TYR C 2614 -87.39 63.62 -42.67
N GLU C 2615 -87.50 62.30 -42.77
CA GLU C 2615 -88.07 61.53 -41.66
C GLU C 2615 -87.21 61.66 -40.41
N ARG C 2616 -85.89 61.62 -40.55
CA ARG C 2616 -85.02 61.75 -39.39
C ARG C 2616 -85.01 63.16 -38.83
N CYS C 2617 -85.04 64.17 -39.69
CA CYS C 2617 -84.94 65.58 -39.29
C CYS C 2617 -86.31 66.25 -39.34
N TRP C 2618 -87.36 65.48 -39.08
CA TRP C 2618 -88.72 66.03 -39.03
C TRP C 2618 -88.83 67.20 -38.06
N LYS C 2619 -88.37 67.02 -36.82
CA LYS C 2619 -88.62 68.03 -35.80
C LYS C 2619 -87.67 69.20 -35.95
N TYR C 2620 -86.57 69.02 -36.70
CA TYR C 2620 -85.67 70.12 -36.99
C TYR C 2620 -86.38 71.21 -37.80
N TYR C 2621 -87.17 70.80 -38.80
CA TYR C 2621 -87.79 71.77 -39.68
C TYR C 2621 -89.11 72.27 -39.11
N CYS C 2622 -90.01 71.36 -38.72
CA CYS C 2622 -91.34 71.75 -38.30
C CYS C 2622 -91.30 72.59 -37.02
N LEU C 2623 -90.62 72.09 -35.99
CA LEU C 2623 -90.55 72.83 -34.73
C LEU C 2623 -89.56 73.99 -34.86
N PRO C 2624 -89.97 75.21 -34.49
CA PRO C 2624 -89.02 76.33 -34.54
C PRO C 2624 -87.79 76.11 -33.67
N GLY C 2625 -87.95 75.48 -32.51
CA GLY C 2625 -86.81 75.25 -31.65
C GLY C 2625 -85.85 74.21 -32.21
N GLY C 2626 -86.39 73.06 -32.60
CA GLY C 2626 -85.56 71.98 -33.12
C GLY C 2626 -84.66 71.38 -32.05
N TRP C 2627 -83.71 70.58 -32.53
CA TRP C 2627 -82.68 70.05 -31.63
C TRP C 2627 -81.72 71.15 -31.23
N GLY C 2628 -81.44 71.24 -29.93
CA GLY C 2628 -80.56 72.29 -29.44
C GLY C 2628 -79.16 72.19 -30.01
N ASN C 2629 -78.61 70.98 -30.05
CA ASN C 2629 -77.30 70.79 -30.65
C ASN C 2629 -77.32 71.08 -32.14
N PHE C 2630 -78.37 70.64 -32.85
CA PHE C 2630 -78.46 70.91 -34.28
C PHE C 2630 -78.84 72.35 -34.55
N GLY C 2631 -79.76 72.90 -33.77
CA GLY C 2631 -80.19 74.27 -33.96
C GLY C 2631 -81.57 74.38 -34.59
N ALA C 2632 -81.66 75.12 -35.69
CA ALA C 2632 -82.93 75.30 -36.39
C ALA C 2632 -82.64 75.61 -37.85
N ALA C 2633 -83.69 75.60 -38.66
CA ALA C 2633 -83.55 75.87 -40.08
C ALA C 2633 -83.10 77.31 -40.31
N SER C 2634 -82.28 77.49 -41.34
CA SER C 2634 -81.80 78.81 -41.75
C SER C 2634 -82.78 79.52 -42.67
N GLU C 2635 -83.89 78.86 -43.01
CA GLU C 2635 -84.96 79.32 -43.90
C GLU C 2635 -84.52 79.26 -45.36
N GLU C 2636 -83.22 79.11 -45.63
CA GLU C 2636 -82.82 78.74 -46.97
C GLU C 2636 -83.11 77.27 -47.23
N GLU C 2637 -82.83 76.42 -46.24
CA GLU C 2637 -83.24 75.03 -46.31
C GLU C 2637 -84.76 74.92 -46.43
N LEU C 2638 -85.47 75.79 -45.72
CA LEU C 2638 -86.93 75.77 -45.79
C LEU C 2638 -87.43 76.14 -47.19
N HIS C 2639 -86.84 77.18 -47.79
CA HIS C 2639 -87.23 77.55 -49.15
C HIS C 2639 -86.87 76.44 -50.15
N LEU C 2640 -85.71 75.81 -49.98
CA LEU C 2640 -85.33 74.72 -50.87
C LEU C 2640 -86.27 73.53 -50.70
N SER C 2641 -86.71 73.25 -49.48
CA SER C 2641 -87.69 72.19 -49.26
C SER C 2641 -89.04 72.54 -49.88
N ARG C 2642 -89.44 73.81 -49.80
CA ARG C 2642 -90.63 74.27 -50.51
C ARG C 2642 -90.52 74.01 -52.01
N LYS C 2643 -89.38 74.38 -52.60
CA LYS C 2643 -89.17 74.16 -54.03
C LYS C 2643 -89.19 72.67 -54.37
N LEU C 2644 -88.56 71.86 -53.52
CA LEU C 2644 -88.57 70.41 -53.72
C LEU C 2644 -90.00 69.86 -53.69
N PHE C 2645 -90.77 70.28 -52.69
CA PHE C 2645 -92.15 69.84 -52.56
C PHE C 2645 -92.96 70.19 -53.80
N TRP C 2646 -92.89 71.45 -54.23
CA TRP C 2646 -93.70 71.87 -55.37
C TRP C 2646 -93.24 71.19 -56.66
N GLY C 2647 -91.93 71.07 -56.86
CA GLY C 2647 -91.43 70.43 -58.06
C GLY C 2647 -91.83 68.97 -58.14
N ILE C 2648 -91.69 68.24 -57.03
CA ILE C 2648 -92.10 66.83 -57.02
C ILE C 2648 -93.60 66.72 -57.24
N PHE C 2649 -94.39 67.60 -56.60
CA PHE C 2649 -95.84 67.54 -56.73
C PHE C 2649 -96.27 67.75 -58.17
N ASP C 2650 -95.67 68.72 -58.86
CA ASP C 2650 -96.04 68.98 -60.24
C ASP C 2650 -95.52 67.90 -61.17
N ALA C 2651 -94.26 67.48 -61.00
CA ALA C 2651 -93.68 66.50 -61.91
C ALA C 2651 -94.34 65.13 -61.75
N LEU C 2652 -94.87 64.83 -60.56
CA LEU C 2652 -95.57 63.57 -60.36
C LEU C 2652 -96.93 63.58 -61.03
N SER C 2653 -97.58 64.75 -61.11
CA SER C 2653 -98.80 64.88 -61.88
C SER C 2653 -98.53 64.76 -63.38
N GLN C 2654 -97.46 65.38 -63.86
CA GLN C 2654 -97.15 65.28 -65.29
C GLN C 2654 -96.48 63.95 -65.64
N LYS C 2655 -96.12 63.15 -64.64
CA LYS C 2655 -95.36 61.93 -64.88
C LYS C 2655 -96.27 60.79 -65.32
N LYS C 2656 -95.79 59.97 -66.23
CA LYS C 2656 -96.55 58.82 -66.71
C LYS C 2656 -96.64 57.77 -65.62
N TYR C 2657 -97.70 56.97 -65.68
CA TYR C 2657 -97.98 55.96 -64.66
C TYR C 2657 -96.88 54.91 -64.56
N GLU C 2658 -96.27 54.80 -63.38
CA GLU C 2658 -95.43 53.67 -63.00
C GLU C 2658 -95.71 53.43 -61.52
N GLN C 2659 -96.47 52.38 -61.23
CA GLN C 2659 -97.02 52.15 -59.90
C GLN C 2659 -95.93 52.03 -58.83
N GLU C 2660 -94.79 51.45 -59.20
CA GLU C 2660 -93.68 51.40 -58.25
C GLU C 2660 -93.14 52.81 -57.97
N LEU C 2661 -93.11 53.65 -59.00
CA LEU C 2661 -92.67 55.03 -58.80
C LEU C 2661 -93.61 55.78 -57.87
N PHE C 2662 -94.92 55.58 -58.02
CA PHE C 2662 -95.82 56.20 -57.04
C PHE C 2662 -95.78 55.54 -55.67
N LYS C 2663 -95.41 54.26 -55.58
CA LYS C 2663 -95.13 53.72 -54.25
C LYS C 2663 -93.98 54.45 -53.59
N LEU C 2664 -92.88 54.64 -54.32
CA LEU C 2664 -91.65 55.11 -53.68
C LEU C 2664 -91.66 56.63 -53.49
N ALA C 2665 -92.37 57.36 -54.34
CA ALA C 2665 -92.43 58.81 -54.19
C ALA C 2665 -93.42 59.25 -53.11
N LEU C 2666 -94.32 58.38 -52.70
CA LEU C 2666 -95.29 58.72 -51.66
C LEU C 2666 -94.63 59.08 -50.33
N PRO C 2667 -93.75 58.23 -49.74
CA PRO C 2667 -93.17 58.59 -48.43
C PRO C 2667 -92.32 59.85 -48.49
N CYS C 2668 -91.63 60.09 -49.61
CA CYS C 2668 -90.81 61.29 -49.73
C CYS C 2668 -91.67 62.54 -49.72
N LEU C 2669 -92.72 62.57 -50.55
CA LEU C 2669 -93.59 63.72 -50.60
C LEU C 2669 -94.27 63.95 -49.26
N SER C 2670 -94.73 62.87 -48.61
CA SER C 2670 -95.37 62.98 -47.31
C SER C 2670 -94.39 63.52 -46.26
N ALA C 2671 -93.15 63.04 -46.27
CA ALA C 2671 -92.14 63.50 -45.31
C ALA C 2671 -91.82 64.97 -45.52
N VAL C 2672 -91.69 65.41 -46.77
CA VAL C 2672 -91.42 66.82 -47.04
C VAL C 2672 -92.57 67.68 -46.55
N ALA C 2673 -93.81 67.26 -46.86
CA ALA C 2673 -94.97 68.02 -46.43
C ALA C 2673 -95.05 68.11 -44.91
N GLY C 2674 -94.80 67.00 -44.23
CA GLY C 2674 -94.83 67.01 -42.77
C GLY C 2674 -93.72 67.86 -42.17
N ALA C 2675 -92.52 67.78 -42.74
CA ALA C 2675 -91.39 68.56 -42.22
C ALA C 2675 -91.63 70.05 -42.39
N LEU C 2676 -92.20 70.46 -43.51
CA LEU C 2676 -92.46 71.88 -43.72
C LEU C 2676 -93.52 72.37 -42.74
N PRO C 2677 -93.24 73.41 -41.95
CA PRO C 2677 -94.21 73.89 -40.97
C PRO C 2677 -95.41 74.53 -41.64
N PRO C 2678 -96.63 74.17 -41.23
CA PRO C 2678 -97.82 74.67 -41.96
C PRO C 2678 -97.92 76.18 -42.02
N ASP C 2679 -97.37 76.89 -41.04
CA ASP C 2679 -97.38 78.35 -41.05
C ASP C 2679 -96.21 78.94 -41.82
N TYR C 2680 -95.65 78.20 -42.77
CA TYR C 2680 -94.40 78.59 -43.41
C TYR C 2680 -94.50 79.94 -44.12
N MET C 2681 -93.44 80.73 -43.99
CA MET C 2681 -93.26 81.98 -44.71
C MET C 2681 -92.39 81.76 -45.94
N GLU C 2682 -93.01 81.79 -47.12
CA GLU C 2682 -92.21 81.90 -48.33
C GLU C 2682 -91.84 83.37 -48.51
N SER C 2683 -90.54 83.65 -48.56
CA SER C 2683 -90.09 85.03 -48.66
C SER C 2683 -90.42 85.57 -50.05
N ASN C 2684 -91.24 86.62 -50.10
CA ASN C 2684 -91.50 87.29 -51.37
C ASN C 2684 -90.22 87.86 -51.96
N TYR C 2685 -89.33 88.34 -51.10
CA TYR C 2685 -87.98 88.73 -51.50
C TYR C 2685 -87.09 87.50 -51.47
N VAL C 2686 -87.17 86.68 -52.52
CA VAL C 2686 -86.25 85.56 -52.64
C VAL C 2686 -84.88 86.08 -53.06
N SER C 2687 -83.87 85.21 -52.93
CA SER C 2687 -82.56 85.54 -53.46
C SER C 2687 -82.57 85.39 -54.98
N MET C 2688 -82.06 86.41 -55.67
CA MET C 2688 -81.97 86.41 -57.12
C MET C 2688 -80.55 86.04 -57.52
N MET C 2689 -80.32 85.97 -58.84
CA MET C 2689 -79.01 85.67 -59.43
C MET C 2689 -78.36 84.46 -58.77
N GLU C 2690 -79.07 83.33 -58.81
CA GLU C 2690 -78.61 82.12 -58.14
C GLU C 2690 -77.39 81.54 -58.84
N LYS C 2691 -76.94 80.38 -58.35
CA LYS C 2691 -75.83 79.68 -58.98
C LYS C 2691 -76.21 79.25 -60.40
N GLN C 2692 -75.66 79.96 -61.39
CA GLN C 2692 -75.95 79.63 -62.79
C GLN C 2692 -75.44 78.24 -63.16
N SER C 2693 -74.42 77.74 -62.45
CA SER C 2693 -73.91 76.40 -62.71
C SER C 2693 -74.95 75.34 -62.31
N SER C 2694 -75.75 75.64 -61.29
CA SER C 2694 -76.76 74.68 -60.83
C SER C 2694 -77.79 74.40 -61.90
N MET C 2695 -78.28 75.44 -62.59
CA MET C 2695 -79.26 75.23 -63.64
C MET C 2695 -78.63 74.60 -64.87
N ASP C 2696 -77.33 74.81 -65.07
CA ASP C 2696 -76.63 74.18 -66.18
C ASP C 2696 -76.59 72.67 -65.98
N SER C 2697 -77.23 71.95 -66.90
CA SER C 2697 -77.39 70.50 -66.78
C SER C 2697 -76.20 69.72 -67.32
N GLU C 2698 -75.24 70.38 -67.96
CA GLU C 2698 -74.07 69.70 -68.51
C GLU C 2698 -73.03 69.51 -67.40
N GLY C 2699 -73.31 68.54 -66.53
CA GLY C 2699 -72.43 68.19 -65.45
C GLY C 2699 -72.41 69.15 -64.28
N ASN C 2700 -73.21 70.21 -64.31
CA ASN C 2700 -73.30 71.23 -63.27
C ASN C 2700 -71.97 71.93 -63.01
N PHE C 2701 -71.02 71.85 -63.94
CA PHE C 2701 -69.73 72.51 -63.78
C PHE C 2701 -69.54 73.66 -64.77
N ASN C 2702 -70.63 74.19 -65.33
CA ASN C 2702 -70.54 75.27 -66.29
C ASN C 2702 -70.66 76.61 -65.58
N PRO C 2703 -69.57 77.38 -65.47
CA PRO C 2703 -69.64 78.68 -64.81
C PRO C 2703 -70.01 79.79 -65.77
N GLN C 2704 -70.33 80.95 -65.19
CA GLN C 2704 -70.62 82.16 -65.96
C GLN C 2704 -70.19 83.36 -65.13
N PRO C 2705 -69.07 83.99 -65.45
CA PRO C 2705 -68.67 85.21 -64.73
C PRO C 2705 -69.66 86.33 -64.96
N VAL C 2706 -69.79 87.18 -63.94
CA VAL C 2706 -70.73 88.30 -64.02
C VAL C 2706 -70.19 89.35 -65.00
N ASP C 2707 -71.11 90.06 -65.64
CA ASP C 2707 -70.75 91.08 -66.61
C ASP C 2707 -70.09 92.27 -65.90
N THR C 2708 -69.04 92.79 -66.52
CA THR C 2708 -68.24 93.86 -65.94
C THR C 2708 -68.20 95.14 -66.76
N SER C 2709 -68.47 95.09 -68.07
CA SER C 2709 -68.38 96.29 -68.89
C SER C 2709 -69.53 97.25 -68.62
N ASN C 2710 -70.63 96.73 -68.06
CA ASN C 2710 -71.82 97.56 -67.85
C ASN C 2710 -71.60 98.62 -66.78
N ILE C 2711 -70.57 98.46 -65.95
CA ILE C 2711 -70.38 99.30 -64.78
C ILE C 2711 -69.08 100.08 -64.91
N THR C 2712 -68.99 101.18 -64.15
CA THR C 2712 -67.84 102.06 -64.17
C THR C 2712 -67.31 102.27 -62.76
N ILE C 2713 -66.04 102.64 -62.67
CA ILE C 2713 -65.35 102.80 -61.39
C ILE C 2713 -65.68 104.15 -60.77
N PRO C 2714 -65.92 104.23 -59.47
CA PRO C 2714 -66.03 105.54 -58.83
C PRO C 2714 -64.69 106.05 -58.32
N GLU C 2715 -64.52 107.37 -58.24
CA GLU C 2715 -63.31 107.93 -57.68
C GLU C 2715 -63.15 107.61 -56.20
N LYS C 2716 -64.26 107.38 -55.49
CA LYS C 2716 -64.18 106.94 -54.11
C LYS C 2716 -63.55 105.55 -54.01
N LEU C 2717 -63.88 104.66 -54.94
CA LEU C 2717 -63.24 103.35 -54.98
C LEU C 2717 -61.81 103.44 -55.50
N GLU C 2718 -61.53 104.41 -56.37
CA GLU C 2718 -60.15 104.67 -56.76
C GLU C 2718 -59.31 105.06 -55.56
N TYR C 2719 -59.86 105.90 -54.68
CA TYR C 2719 -59.17 106.23 -53.44
C TYR C 2719 -58.89 104.98 -52.62
N PHE C 2720 -59.84 104.05 -52.56
CA PHE C 2720 -59.60 102.79 -51.87
C PHE C 2720 -58.49 101.96 -52.49
N ILE C 2721 -58.47 101.81 -53.81
CA ILE C 2721 -57.40 101.04 -54.42
C ILE C 2721 -56.06 101.74 -54.20
N ASN C 2722 -56.08 103.06 -54.04
CA ASN C 2722 -54.91 103.74 -53.51
C ASN C 2722 -54.65 103.33 -52.06
N LYS C 2723 -53.38 103.05 -51.78
CA LYS C 2723 -52.85 102.52 -50.53
C LYS C 2723 -53.19 101.04 -50.35
N TYR C 2724 -54.16 100.53 -51.11
CA TYR C 2724 -54.38 99.09 -51.09
C TYR C 2724 -53.43 98.37 -52.03
N ALA C 2725 -53.30 98.87 -53.25
CA ALA C 2725 -52.23 98.38 -54.13
C ALA C 2725 -50.87 98.58 -53.48
N GLU C 2726 -50.72 99.66 -52.70
CA GLU C 2726 -49.48 99.91 -51.98
C GLU C 2726 -49.23 98.85 -50.92
N HIS C 2727 -50.25 98.49 -50.13
CA HIS C 2727 -50.07 97.47 -49.11
C HIS C 2727 -49.83 96.10 -49.73
N SER C 2728 -50.48 95.82 -50.86
CA SER C 2728 -50.22 94.57 -51.58
C SER C 2728 -48.79 94.52 -52.09
N HIS C 2729 -48.31 95.61 -52.69
CA HIS C 2729 -46.91 95.69 -53.08
C HIS C 2729 -45.99 95.51 -51.88
N ASP C 2730 -46.40 96.03 -50.73
CA ASP C 2730 -45.57 95.92 -49.53
C ASP C 2730 -45.44 94.46 -49.09
N LYS C 2731 -46.56 93.75 -48.99
CA LYS C 2731 -46.48 92.34 -48.57
C LYS C 2731 -45.74 91.50 -49.60
N TRP C 2732 -45.94 91.79 -50.89
CA TRP C 2732 -45.18 91.06 -51.91
C TRP C 2732 -43.70 91.44 -51.86
N SER C 2733 -43.39 92.62 -51.34
CA SER C 2733 -41.99 93.00 -51.15
C SER C 2733 -41.35 92.22 -50.01
N MET C 2734 -42.09 92.01 -48.92
CA MET C 2734 -41.57 91.09 -47.90
C MET C 2734 -41.44 89.67 -48.44
N ASP C 2735 -42.35 89.26 -49.33
CA ASP C 2735 -42.18 87.97 -49.97
C ASP C 2735 -40.88 87.91 -50.78
N LYS C 2736 -40.57 89.00 -51.50
CA LYS C 2736 -39.35 89.04 -52.30
C LYS C 2736 -38.10 89.02 -51.42
N LEU C 2737 -38.12 89.78 -50.31
CA LEU C 2737 -36.96 89.75 -49.43
C LEU C 2737 -36.84 88.42 -48.70
N ALA C 2738 -37.96 87.74 -48.45
CA ALA C 2738 -37.92 86.41 -47.85
C ALA C 2738 -37.34 85.37 -48.79
N ASN C 2739 -37.70 85.38 -50.08
CA ASN C 2739 -37.15 84.43 -51.02
C ASN C 2739 -35.88 84.94 -51.70
N GLY C 2740 -35.34 86.06 -51.22
CA GLY C 2740 -33.95 86.36 -51.49
C GLY C 2740 -33.64 87.61 -52.28
N TRP C 2741 -34.64 88.43 -52.61
CA TRP C 2741 -34.38 89.57 -53.48
C TRP C 2741 -33.84 90.76 -52.69
N ILE C 2742 -32.78 91.38 -53.22
CA ILE C 2742 -32.18 92.58 -52.65
C ILE C 2742 -32.40 93.74 -53.60
N TYR C 2743 -32.69 94.92 -53.05
CA TYR C 2743 -32.97 96.11 -53.85
C TYR C 2743 -31.75 96.46 -54.69
N GLY C 2744 -31.91 96.39 -56.01
CA GLY C 2744 -30.87 96.78 -56.93
C GLY C 2744 -31.43 97.21 -58.28
N GLU C 2745 -31.01 98.39 -58.76
CA GLU C 2745 -31.56 98.95 -59.99
C GLU C 2745 -31.29 98.04 -61.19
N ILE C 2746 -30.19 97.29 -61.15
CA ILE C 2746 -29.89 96.35 -62.22
C ILE C 2746 -30.93 95.23 -62.20
N TYR C 2747 -31.36 94.81 -63.39
CA TYR C 2747 -32.37 93.77 -63.53
C TYR C 2747 -31.72 92.38 -63.47
N SER C 2748 -30.94 92.18 -62.41
CA SER C 2748 -30.21 90.92 -62.20
C SER C 2748 -31.15 89.91 -61.54
N ASP C 2749 -32.13 89.47 -62.33
CA ASP C 2749 -33.12 88.53 -61.81
C ASP C 2749 -32.56 87.13 -61.62
N SER C 2750 -31.39 86.83 -62.18
CA SER C 2750 -30.76 85.54 -61.94
C SER C 2750 -30.13 85.49 -60.55
N SER C 2751 -29.49 86.58 -60.13
CA SER C 2751 -28.72 86.61 -58.89
C SER C 2751 -29.49 87.22 -57.72
N LYS C 2752 -30.82 87.19 -57.76
CA LYS C 2752 -31.67 87.70 -56.68
C LYS C 2752 -31.39 89.18 -56.41
N VAL C 2753 -31.50 89.98 -57.47
CA VAL C 2753 -31.39 91.43 -57.39
C VAL C 2753 -32.56 92.02 -58.17
N GLN C 2754 -33.31 92.92 -57.53
CA GLN C 2754 -34.49 93.51 -58.14
C GLN C 2754 -34.73 94.89 -57.56
N PRO C 2755 -35.10 95.87 -58.39
CA PRO C 2755 -35.40 97.21 -57.88
C PRO C 2755 -36.80 97.40 -57.33
N LEU C 2756 -37.57 96.32 -57.19
CA LEU C 2756 -38.98 96.44 -56.86
C LEU C 2756 -39.19 96.70 -55.36
N MET C 2757 -38.15 96.49 -54.55
CA MET C 2757 -38.20 96.86 -53.15
C MET C 2757 -37.99 98.36 -52.99
N LYS C 2758 -38.93 99.14 -53.50
CA LYS C 2758 -38.88 100.59 -53.47
C LYS C 2758 -40.32 101.09 -53.56
N PRO C 2759 -40.66 102.12 -52.77
CA PRO C 2759 -42.08 102.42 -52.52
C PRO C 2759 -42.91 102.57 -53.80
N TYR C 2760 -44.17 102.15 -53.70
CA TYR C 2760 -45.02 101.98 -54.87
C TYR C 2760 -45.23 103.29 -55.61
N LYS C 2761 -45.44 104.40 -54.89
CA LYS C 2761 -45.61 105.69 -55.55
C LYS C 2761 -44.35 106.11 -56.31
N LEU C 2762 -43.17 105.84 -55.76
CA LEU C 2762 -41.94 106.17 -56.47
C LEU C 2762 -41.64 105.20 -57.59
N LEU C 2763 -42.32 104.05 -57.62
CA LEU C 2763 -42.18 103.13 -58.73
C LEU C 2763 -42.79 103.69 -60.01
N SER C 2764 -42.40 103.12 -61.14
CA SER C 2764 -42.86 103.56 -62.45
C SER C 2764 -44.34 103.23 -62.63
N GLU C 2765 -45.04 104.12 -63.34
CA GLU C 2765 -46.47 103.94 -63.54
C GLU C 2765 -46.77 102.72 -64.43
N LYS C 2766 -45.86 102.37 -65.33
CA LYS C 2766 -46.01 101.12 -66.09
C LYS C 2766 -46.07 99.91 -65.17
N GLU C 2767 -45.18 99.86 -64.17
CA GLU C 2767 -45.25 98.80 -63.18
C GLU C 2767 -46.50 98.93 -62.32
N LYS C 2768 -46.90 100.18 -62.02
CA LYS C 2768 -48.13 100.40 -61.26
C LYS C 2768 -49.34 99.89 -62.03
N GLU C 2769 -49.37 100.11 -63.34
CA GLU C 2769 -50.43 99.54 -64.17
C GLU C 2769 -50.25 98.02 -64.24
N ILE C 2770 -51.30 97.35 -64.73
CA ILE C 2770 -51.46 95.89 -64.86
C ILE C 2770 -51.26 95.18 -63.52
N TYR C 2771 -50.55 95.82 -62.59
CA TYR C 2771 -50.51 95.36 -61.21
C TYR C 2771 -51.80 95.66 -60.46
N ARG C 2772 -52.38 96.85 -60.69
CA ARG C 2772 -53.69 97.18 -60.15
C ARG C 2772 -54.84 96.56 -60.94
N TRP C 2773 -54.54 96.02 -62.13
CA TRP C 2773 -55.57 95.44 -62.99
C TRP C 2773 -56.36 94.32 -62.31
N PRO C 2774 -55.73 93.34 -61.64
CA PRO C 2774 -56.54 92.35 -60.89
C PRO C 2774 -57.47 92.99 -59.88
N ILE C 2775 -57.02 94.07 -59.22
CA ILE C 2775 -57.90 94.81 -58.33
C ILE C 2775 -59.08 95.40 -59.11
N LYS C 2776 -58.83 95.88 -60.34
CA LYS C 2776 -59.92 96.40 -61.15
C LYS C 2776 -60.95 95.32 -61.45
N GLU C 2777 -60.51 94.13 -61.85
CA GLU C 2777 -61.48 93.06 -62.10
C GLU C 2777 -62.20 92.66 -60.83
N SER C 2778 -61.48 92.66 -59.70
CA SER C 2778 -62.12 92.31 -58.44
C SER C 2778 -63.22 93.32 -58.07
N LEU C 2779 -62.97 94.60 -58.29
CA LEU C 2779 -63.97 95.60 -57.93
C LEU C 2779 -65.13 95.62 -58.92
N LYS C 2780 -64.84 95.35 -60.21
CA LYS C 2780 -65.94 95.07 -61.14
C LYS C 2780 -66.80 93.93 -60.65
N THR C 2781 -66.18 92.84 -60.18
CA THR C 2781 -66.94 91.70 -59.70
C THR C 2781 -67.78 92.05 -58.47
N MET C 2782 -67.20 92.78 -57.51
CA MET C 2782 -67.97 93.10 -56.30
C MET C 2782 -69.11 94.05 -56.61
N LEU C 2783 -68.91 95.03 -57.48
CA LEU C 2783 -70.00 95.97 -57.76
C LEU C 2783 -71.06 95.33 -58.66
N ALA C 2784 -70.66 94.38 -59.52
CA ALA C 2784 -71.62 93.71 -60.39
C ALA C 2784 -72.69 93.00 -59.57
N TRP C 2785 -72.36 92.59 -58.35
CA TRP C 2785 -73.38 92.07 -57.43
C TRP C 2785 -74.39 93.14 -57.04
N GLY C 2786 -74.08 94.41 -57.26
CA GLY C 2786 -75.00 95.48 -56.91
C GLY C 2786 -74.95 95.91 -55.45
N TRP C 2787 -73.99 95.40 -54.68
CA TRP C 2787 -73.97 95.66 -53.25
C TRP C 2787 -73.68 97.12 -52.97
N ARG C 2788 -74.33 97.66 -51.94
CA ARG C 2788 -74.17 99.06 -51.58
C ARG C 2788 -72.96 99.22 -50.68
N ILE C 2789 -72.26 100.35 -50.80
CA ILE C 2789 -71.07 100.66 -50.01
C ILE C 2789 -71.27 102.02 -49.36
N GLU C 2790 -71.00 102.08 -48.05
CA GLU C 2790 -71.15 103.30 -47.27
C GLU C 2790 -69.84 103.64 -46.59
N ARG C 2791 -69.43 104.90 -46.65
CA ARG C 2791 -68.19 105.32 -46.03
C ARG C 2791 -68.46 105.82 -44.61
N THR C 2792 -67.60 105.42 -43.68
CA THR C 2792 -67.75 105.85 -42.30
C THR C 2792 -67.06 107.20 -42.09
N ARG C 2793 -67.38 107.83 -40.95
CA ARG C 2793 -66.75 109.11 -40.60
C ARG C 2793 -65.25 108.95 -40.41
N GLU C 2794 -64.81 107.84 -39.81
CA GLU C 2794 -63.39 107.60 -39.65
C GLU C 2794 -62.70 107.46 -41.00
N GLY C 2795 -63.29 106.71 -41.93
CA GLY C 2795 -62.72 106.54 -43.25
C GLY C 2795 -62.72 107.79 -44.10
N ASP C 2796 -63.57 108.76 -43.79
CA ASP C 2796 -63.57 110.05 -44.47
C ASP C 2796 -62.59 111.04 -43.83
N SER C 2797 -62.44 110.99 -42.51
CA SER C 2797 -61.40 111.78 -41.85
C SER C 2797 -60.02 111.32 -42.31
N MET C 2798 -59.85 110.01 -42.52
CA MET C 2798 -58.59 109.52 -43.06
C MET C 2798 -58.35 110.04 -44.47
N ALA C 2799 -59.40 110.10 -45.29
CA ALA C 2799 -59.27 110.69 -46.62
C ALA C 2799 -58.89 112.16 -46.54
N LEU C 2800 -59.47 112.89 -45.57
CA LEU C 2800 -59.11 114.28 -45.38
C LEU C 2800 -57.65 114.43 -44.98
N TYR C 2801 -57.16 113.55 -44.09
CA TYR C 2801 -55.78 113.65 -43.64
C TYR C 2801 -54.81 113.18 -44.72
N ASN C 2802 -55.26 112.34 -45.64
CA ASN C 2802 -54.40 111.73 -46.66
C ASN C 2802 -53.27 110.93 -46.01
N GLY C 2820 -35.77 104.26 -46.84
CA GLY C 2820 -36.15 105.43 -46.08
C GLY C 2820 -37.04 105.11 -44.89
N TYR C 2821 -37.97 104.17 -45.08
CA TYR C 2821 -38.89 103.76 -44.04
C TYR C 2821 -38.94 102.23 -44.01
N SER C 2822 -39.10 101.69 -42.81
CA SER C 2822 -39.28 100.26 -42.64
C SER C 2822 -40.68 99.87 -43.08
N PRO C 2823 -40.83 98.86 -43.92
CA PRO C 2823 -42.16 98.49 -44.42
C PRO C 2823 -43.12 98.05 -43.32
N ARG C 2824 -44.28 98.70 -43.23
CA ARG C 2824 -45.34 98.30 -42.32
C ARG C 2824 -46.41 97.55 -43.09
N ALA C 2825 -46.57 96.26 -42.79
CA ALA C 2825 -47.75 95.50 -43.18
C ALA C 2825 -48.44 94.98 -41.92
N ILE C 2826 -49.76 95.15 -41.89
CA ILE C 2826 -50.57 94.75 -40.75
C ILE C 2826 -51.28 93.44 -41.08
N ASP C 2827 -51.12 92.46 -40.20
CA ASP C 2827 -51.92 91.25 -40.32
C ASP C 2827 -53.36 91.57 -39.94
N MET C 2828 -54.27 90.95 -40.65
CA MET C 2828 -55.69 91.27 -40.54
C MET C 2828 -56.54 90.01 -40.43
N SER C 2829 -55.90 88.83 -40.30
CA SER C 2829 -56.57 87.63 -39.78
C SER C 2829 -57.00 87.82 -38.34
N ASN C 2830 -56.40 88.78 -37.63
CA ASN C 2830 -56.83 89.09 -36.27
C ASN C 2830 -58.27 89.59 -36.26
N VAL C 2831 -58.63 90.45 -37.21
CA VAL C 2831 -60.01 90.90 -37.33
C VAL C 2831 -60.88 89.73 -37.78
N THR C 2832 -62.17 89.80 -37.45
CA THR C 2832 -63.11 88.75 -37.82
C THR C 2832 -64.36 89.36 -38.44
N LEU C 2833 -64.85 88.74 -39.50
CA LEU C 2833 -66.09 89.17 -40.14
C LEU C 2833 -67.30 88.55 -39.45
N SER C 2834 -68.49 88.99 -39.87
CA SER C 2834 -69.74 88.44 -39.38
C SER C 2834 -70.22 87.31 -40.30
N ARG C 2835 -71.34 86.70 -39.90
CA ARG C 2835 -71.97 85.69 -40.75
C ARG C 2835 -72.27 86.22 -42.15
N ASP C 2836 -72.83 87.43 -42.22
CA ASP C 2836 -73.26 87.99 -43.49
C ASP C 2836 -72.08 88.22 -44.43
N LEU C 2837 -71.07 88.93 -43.94
CA LEU C 2837 -69.86 89.15 -44.74
C LEU C 2837 -69.17 87.83 -45.08
N HIS C 2838 -69.24 86.85 -44.17
CA HIS C 2838 -68.72 85.53 -44.45
CA HIS C 2838 -68.72 85.52 -44.45
C HIS C 2838 -69.36 84.92 -45.69
N ALA C 2839 -70.70 84.91 -45.71
CA ALA C 2839 -71.44 84.32 -46.82
C ALA C 2839 -71.18 85.09 -48.11
N MET C 2840 -71.15 86.42 -48.01
CA MET C 2840 -70.86 87.24 -49.19
C MET C 2840 -69.48 86.92 -49.74
N ALA C 2841 -68.48 86.82 -48.86
CA ALA C 2841 -67.13 86.50 -49.29
C ALA C 2841 -67.06 85.10 -49.89
N GLU C 2842 -67.80 84.15 -49.31
CA GLU C 2842 -67.80 82.79 -49.83
C GLU C 2842 -68.38 82.73 -51.25
N MET C 2843 -69.47 83.46 -51.52
CA MET C 2843 -70.08 83.38 -52.84
C MET C 2843 -69.27 84.18 -53.88
N MET C 2844 -68.65 85.29 -53.45
CA MET C 2844 -67.79 86.01 -54.39
C MET C 2844 -66.49 85.23 -54.66
N ALA C 2845 -66.02 84.47 -53.68
CA ALA C 2845 -64.93 83.53 -53.92
C ALA C 2845 -65.37 82.40 -54.87
N GLU C 2846 -66.61 81.95 -54.73
CA GLU C 2846 -67.20 81.06 -55.74
C GLU C 2846 -67.06 81.66 -57.13
N ASN C 2847 -67.38 82.95 -57.26
CA ASN C 2847 -67.30 83.60 -58.58
C ASN C 2847 -65.86 83.66 -59.08
N TYR C 2848 -64.91 83.97 -58.20
CA TYR C 2848 -63.52 84.00 -58.66
C TYR C 2848 -63.04 82.61 -59.06
N HIS C 2849 -63.44 81.57 -58.33
CA HIS C 2849 -63.07 80.22 -58.75
C HIS C 2849 -63.72 79.89 -60.10
N ASN C 2850 -64.94 80.39 -60.32
CA ASN C 2850 -65.59 80.19 -61.61
C ASN C 2850 -64.83 80.89 -62.73
N ILE C 2851 -64.31 82.09 -62.46
CA ILE C 2851 -63.51 82.81 -63.44
C ILE C 2851 -62.23 82.02 -63.76
N TRP C 2852 -61.56 81.53 -62.72
CA TRP C 2852 -60.36 80.74 -62.93
C TRP C 2852 -60.66 79.44 -63.69
N ALA C 2853 -61.82 78.83 -63.41
CA ALA C 2853 -62.24 77.64 -64.12
C ALA C 2853 -62.52 77.95 -65.58
N LYS C 2854 -63.12 79.11 -65.87
CA LYS C 2854 -63.30 79.53 -67.25
C LYS C 2854 -61.96 79.68 -67.96
N LYS C 2855 -61.00 80.34 -67.34
CA LYS C 2855 -59.67 80.41 -67.95
C LYS C 2855 -59.11 79.03 -68.22
N LYS C 2856 -59.05 78.17 -67.19
CA LYS C 2856 -58.55 76.82 -67.38
C LYS C 2856 -59.30 76.10 -68.48
N LYS C 2857 -60.58 76.42 -68.66
CA LYS C 2857 -61.35 75.82 -69.75
C LYS C 2857 -60.87 76.33 -71.11
N MET C 2858 -60.56 77.62 -71.22
CA MET C 2858 -59.99 78.08 -72.48
C MET C 2858 -58.64 77.42 -72.79
N GLU C 2859 -57.73 77.31 -71.83
CA GLU C 2859 -56.52 76.53 -72.14
C GLU C 2859 -56.86 75.07 -72.41
N LEU C 2860 -57.95 74.56 -71.84
CA LEU C 2860 -58.34 73.17 -72.11
C LEU C 2860 -58.74 73.00 -73.56
N GLU C 2861 -59.57 73.89 -74.10
CA GLU C 2861 -59.92 73.77 -75.51
C GLU C 2861 -58.74 74.13 -76.42
N SER C 2862 -57.82 74.98 -75.95
CA SER C 2862 -56.61 75.23 -76.74
C SER C 2862 -55.77 73.97 -76.86
N LYS C 2863 -55.62 73.22 -75.76
CA LYS C 2863 -54.92 71.95 -75.82
C LYS C 2863 -55.70 70.93 -76.66
N GLY C 2864 -57.03 71.01 -76.61
CA GLY C 2864 -57.88 70.08 -77.32
C GLY C 2864 -58.21 68.81 -76.57
N GLY C 2865 -57.71 68.64 -75.35
CA GLY C 2865 -57.98 67.44 -74.58
C GLY C 2865 -57.56 67.60 -73.14
N GLY C 2866 -57.84 66.55 -72.36
CA GLY C 2866 -57.47 66.52 -70.96
C GLY C 2866 -58.49 67.21 -70.07
N ASN C 2867 -58.17 67.21 -68.78
CA ASN C 2867 -59.01 67.84 -67.76
C ASN C 2867 -58.15 68.18 -66.56
N HIS C 2868 -58.69 69.03 -65.69
CA HIS C 2868 -57.95 69.44 -64.51
C HIS C 2868 -58.69 68.97 -63.26
N PRO C 2869 -57.96 68.45 -62.26
CA PRO C 2869 -58.65 67.93 -61.07
C PRO C 2869 -59.49 68.97 -60.34
N LEU C 2870 -59.04 70.23 -60.34
CA LEU C 2870 -59.78 71.28 -59.65
C LEU C 2870 -60.83 71.96 -60.53
N LEU C 2871 -61.03 71.48 -61.76
CA LEU C 2871 -62.09 72.01 -62.61
C LEU C 2871 -63.47 71.81 -62.01
N VAL C 2872 -63.63 70.88 -61.07
CA VAL C 2872 -64.90 70.63 -60.39
C VAL C 2872 -65.29 71.89 -59.63
N PRO C 2873 -66.59 72.12 -59.40
CA PRO C 2873 -67.03 73.39 -58.78
C PRO C 2873 -66.37 73.70 -57.44
N TYR C 2874 -66.46 74.98 -57.05
CA TYR C 2874 -65.77 75.46 -55.87
C TYR C 2874 -66.28 74.76 -54.61
N ASP C 2875 -67.59 74.58 -54.51
CA ASP C 2875 -68.14 73.85 -53.37
C ASP C 2875 -67.67 72.41 -53.35
N THR C 2876 -67.56 71.79 -54.51
CA THR C 2876 -67.05 70.41 -54.58
C THR C 2876 -65.59 70.34 -54.19
N LEU C 2877 -64.85 71.44 -54.31
CA LEU C 2877 -63.48 71.47 -53.83
C LEU C 2877 -63.44 71.37 -52.30
N THR C 2878 -62.23 71.26 -51.77
CA THR C 2878 -62.02 71.24 -50.33
C THR C 2878 -61.22 72.48 -49.88
N ALA C 2879 -61.24 72.72 -48.57
CA ALA C 2879 -60.76 73.99 -48.03
C ALA C 2879 -59.28 74.22 -48.35
N LYS C 2880 -58.50 73.16 -48.45
CA LYS C 2880 -57.05 73.33 -48.66
C LYS C 2880 -56.75 74.02 -49.98
N GLU C 2881 -57.33 73.55 -51.08
CA GLU C 2881 -57.11 74.23 -52.36
C GLU C 2881 -57.94 75.50 -52.45
N LYS C 2882 -59.04 75.58 -51.68
CA LYS C 2882 -59.81 76.81 -51.60
C LYS C 2882 -59.05 77.93 -50.90
N ALA C 2883 -58.00 77.59 -50.15
CA ALA C 2883 -57.45 78.48 -49.13
C ALA C 2883 -56.97 79.80 -49.72
N LYS C 2884 -56.29 79.75 -50.86
CA LYS C 2884 -55.77 80.99 -51.42
C LYS C 2884 -56.90 81.92 -51.86
N ASP C 2885 -57.93 81.36 -52.51
CA ASP C 2885 -59.05 82.19 -52.93
C ASP C 2885 -59.81 82.76 -51.74
N ARG C 2886 -60.06 81.94 -50.71
CA ARG C 2886 -60.69 82.48 -49.51
C ARG C 2886 -59.86 83.59 -48.92
N GLU C 2887 -58.58 83.33 -48.62
CA GLU C 2887 -57.77 84.33 -47.92
C GLU C 2887 -57.71 85.63 -48.70
N LYS C 2888 -57.65 85.53 -50.03
CA LYS C 2888 -57.73 86.74 -50.85
C LYS C 2888 -59.07 87.44 -50.64
N ALA C 2889 -60.17 86.67 -50.60
CA ALA C 2889 -61.48 87.26 -50.41
C ALA C 2889 -61.56 88.02 -49.10
N GLN C 2890 -61.20 87.38 -47.98
CA GLN C 2890 -61.38 88.08 -46.71
C GLN C 2890 -60.36 89.19 -46.57
N ASP C 2891 -59.16 89.07 -47.14
CA ASP C 2891 -58.24 90.19 -46.99
C ASP C 2891 -58.75 91.41 -47.73
N ILE C 2892 -59.27 91.24 -48.95
CA ILE C 2892 -59.76 92.43 -49.64
C ILE C 2892 -60.97 93.02 -48.91
N LEU C 2893 -61.90 92.18 -48.45
CA LEU C 2893 -63.10 92.74 -47.83
C LEU C 2893 -62.79 93.33 -46.44
N LYS C 2894 -61.88 92.71 -45.69
CA LYS C 2894 -61.39 93.26 -44.43
C LYS C 2894 -60.67 94.57 -44.65
N PHE C 2895 -59.93 94.68 -45.75
CA PHE C 2895 -59.25 95.94 -46.04
C PHE C 2895 -60.28 97.01 -46.36
N LEU C 2896 -61.36 96.64 -47.04
CA LEU C 2896 -62.46 97.59 -47.24
C LEU C 2896 -63.05 98.04 -45.91
N GLN C 2897 -63.30 97.09 -44.99
CA GLN C 2897 -63.83 97.44 -43.67
C GLN C 2897 -62.90 98.40 -42.93
N ILE C 2898 -61.60 98.12 -42.92
CA ILE C 2898 -60.68 98.95 -42.14
C ILE C 2898 -60.50 100.32 -42.79
N ASN C 2899 -60.56 100.37 -44.13
CA ASN C 2899 -60.55 101.67 -44.80
C ASN C 2899 -61.82 102.45 -44.49
N GLY C 2900 -62.88 101.74 -44.11
CA GLY C 2900 -64.10 102.36 -43.61
C GLY C 2900 -65.28 102.21 -44.52
N TYR C 2901 -65.06 101.85 -45.78
CA TYR C 2901 -66.17 101.54 -46.67
C TYR C 2901 -66.96 100.35 -46.11
N ALA C 2902 -68.27 100.50 -46.03
CA ALA C 2902 -69.14 99.51 -45.42
C ALA C 2902 -70.01 98.88 -46.50
N VAL C 2903 -69.68 97.64 -46.88
CA VAL C 2903 -70.46 96.94 -47.88
C VAL C 2903 -71.60 96.18 -47.20
N SER C 2904 -72.76 96.18 -47.85
CA SER C 2904 -73.94 95.51 -47.34
C SER C 2904 -74.67 94.85 -48.51
N ARG C 2905 -75.90 94.40 -48.26
CA ARG C 2905 -76.69 93.79 -49.31
C ARG C 2905 -77.07 94.85 -50.34
N GLY C 2906 -77.18 94.42 -51.61
CA GLY C 2906 -77.48 95.36 -52.68
C GLY C 2906 -78.82 96.04 -52.50
N PHE C 2907 -79.84 95.28 -52.05
CA PHE C 2907 -81.19 95.80 -51.92
C PHE C 2907 -81.85 95.19 -50.69
N LYS C 2908 -82.27 96.05 -49.77
CA LYS C 2908 -82.97 95.59 -48.57
C LYS C 2908 -84.39 95.17 -48.91
N ASP C 2909 -85.06 94.54 -47.94
CA ASP C 2909 -86.40 94.00 -48.15
C ASP C 2909 -87.36 95.09 -48.63
N LEU C 2910 -88.12 94.77 -49.67
CA LEU C 2910 -89.05 95.75 -50.24
C LEU C 2910 -90.44 95.58 -49.66
N GLU C 2911 -90.86 94.34 -49.40
CA GLU C 2911 -92.20 94.07 -48.94
C GLU C 2911 -92.22 92.77 -48.15
N LEU C 2912 -93.35 92.43 -47.55
CA LEU C 2912 -93.48 91.21 -46.75
C LEU C 2912 -94.85 90.60 -46.98
N ASP C 2913 -94.89 89.29 -47.16
CA ASP C 2913 -96.08 88.57 -47.59
C ASP C 2913 -96.88 87.98 -46.44
N THR C 2914 -96.53 88.29 -45.19
CA THR C 2914 -97.30 87.79 -44.05
C THR C 2914 -98.77 88.17 -44.08
N PRO C 2915 -99.20 89.38 -44.47
CA PRO C 2915 -100.64 89.68 -44.44
C PRO C 2915 -101.46 88.76 -45.34
N SER C 2916 -100.89 88.30 -46.45
CA SER C 2916 -101.60 87.40 -47.34
C SER C 2916 -101.95 86.10 -46.65
N ILE C 2917 -103.13 85.56 -46.97
CA ILE C 2917 -103.53 84.27 -46.39
C ILE C 2917 -103.00 83.09 -47.19
N GLU C 2918 -102.54 83.32 -48.42
CA GLU C 2918 -101.80 82.31 -49.16
C GLU C 2918 -100.34 82.25 -48.75
N LYS C 2919 -99.94 83.07 -47.77
CA LYS C 2919 -98.60 82.99 -47.19
C LYS C 2919 -98.29 81.57 -46.75
N ARG C 2920 -99.23 80.91 -46.10
CA ARG C 2920 -99.03 79.55 -45.64
C ARG C 2920 -98.98 78.58 -46.80
N PHE C 2921 -97.88 77.81 -46.89
CA PHE C 2921 -97.80 76.83 -47.96
C PHE C 2921 -98.89 75.79 -47.79
N ALA C 2922 -99.36 75.59 -46.55
CA ALA C 2922 -100.52 74.74 -46.34
C ALA C 2922 -101.75 75.31 -47.03
N TYR C 2923 -101.96 76.62 -46.93
CA TYR C 2923 -103.09 77.24 -47.62
C TYR C 2923 -102.96 77.09 -49.13
N SER C 2924 -101.77 77.36 -49.66
CA SER C 2924 -101.58 77.23 -51.11
C SER C 2924 -101.75 75.79 -51.58
N PHE C 2925 -101.17 74.84 -50.84
CA PHE C 2925 -101.26 73.43 -51.19
C PHE C 2925 -102.70 72.95 -51.11
N LEU C 2926 -103.45 73.41 -50.10
CA LEU C 2926 -104.85 73.04 -50.02
C LEU C 2926 -105.67 73.68 -51.13
N GLN C 2927 -105.28 74.88 -51.57
CA GLN C 2927 -105.93 75.48 -52.74
C GLN C 2927 -105.76 74.61 -53.97
N GLN C 2928 -104.50 74.26 -54.28
CA GLN C 2928 -104.25 73.36 -55.40
C GLN C 2928 -104.94 72.01 -55.20
N LEU C 2929 -105.01 71.54 -53.95
CA LEU C 2929 -105.64 70.26 -53.65
C LEU C 2929 -107.12 70.30 -53.97
N ILE C 2930 -107.81 71.35 -53.50
CA ILE C 2930 -109.23 71.51 -53.80
C ILE C 2930 -109.44 71.65 -55.29
N ARG C 2931 -108.51 72.31 -55.99
CA ARG C 2931 -108.59 72.34 -57.45
C ARG C 2931 -108.59 70.92 -58.02
N TYR C 2932 -107.51 70.17 -57.79
CA TYR C 2932 -107.39 68.83 -58.36
C TYR C 2932 -108.58 67.95 -57.96
N VAL C 2933 -109.15 68.16 -56.78
CA VAL C 2933 -110.31 67.36 -56.40
C VAL C 2933 -111.57 67.86 -57.12
N ASP C 2934 -111.62 69.13 -57.53
CA ASP C 2934 -112.72 69.58 -58.38
C ASP C 2934 -112.62 68.98 -59.78
N GLU C 2935 -111.42 68.97 -60.35
CA GLU C 2935 -111.20 68.22 -61.58
C GLU C 2935 -111.56 66.75 -61.39
N ALA C 2936 -111.25 66.17 -60.23
CA ALA C 2936 -111.62 64.79 -59.96
C ALA C 2936 -113.14 64.62 -59.90
N HIS C 2937 -113.84 65.61 -59.35
CA HIS C 2937 -115.30 65.56 -59.29
C HIS C 2937 -115.91 65.59 -60.68
N GLN C 2938 -115.40 66.45 -61.55
CA GLN C 2938 -115.97 66.49 -62.89
C GLN C 2938 -115.53 65.27 -63.70
N TYR C 2939 -114.34 64.73 -63.40
CA TYR C 2939 -113.96 63.43 -63.91
C TYR C 2939 -114.95 62.35 -63.52
N ILE C 2940 -115.32 62.28 -62.24
CA ILE C 2940 -116.19 61.22 -61.76
C ILE C 2940 -117.60 61.40 -62.30
N LEU C 2941 -118.02 62.65 -62.54
CA LEU C 2941 -119.26 62.86 -63.28
C LEU C 2941 -119.14 62.29 -64.68
N GLU C 2942 -117.99 62.48 -65.33
CA GLU C 2942 -117.81 61.93 -66.67
C GLU C 2942 -117.81 60.41 -66.67
N PHE C 2943 -117.13 59.78 -65.70
CA PHE C 2943 -117.17 58.32 -65.63
C PHE C 2943 -118.52 57.78 -65.20
N ASP C 2944 -119.31 58.54 -64.44
CA ASP C 2944 -120.68 58.12 -64.18
C ASP C 2944 -121.53 58.18 -65.43
N GLY C 2945 -121.34 59.21 -66.25
CA GLY C 2945 -122.03 59.26 -67.54
C GLY C 2945 -121.60 58.13 -68.46
N GLY C 2946 -120.32 57.78 -68.45
CA GLY C 2946 -119.83 56.72 -69.32
C GLY C 2946 -120.05 55.33 -68.77
N SER C 2947 -120.33 55.21 -67.48
CA SER C 2947 -120.61 53.91 -66.89
C SER C 2947 -122.01 53.44 -67.25
N ARG C 2948 -122.97 54.37 -67.32
CA ARG C 2948 -124.26 54.06 -67.92
C ARG C 2948 -124.09 53.74 -69.39
N GLY C 2949 -123.12 54.36 -70.05
CA GLY C 2949 -122.78 54.00 -71.42
C GLY C 2949 -122.04 52.67 -71.46
N LYS C 2950 -121.97 52.11 -72.66
CA LYS C 2950 -121.35 50.79 -72.82
C LYS C 2950 -119.86 50.82 -72.52
N GLY C 2951 -119.16 51.86 -72.98
CA GLY C 2951 -117.72 51.90 -72.85
C GLY C 2951 -117.30 52.22 -71.43
N GLU C 2952 -116.65 51.26 -70.77
CA GLU C 2952 -116.09 51.46 -69.44
C GLU C 2952 -114.65 51.96 -69.48
N HIS C 2953 -114.06 52.10 -70.67
CA HIS C 2953 -112.72 52.66 -70.77
C HIS C 2953 -112.74 54.13 -70.42
N PHE C 2954 -111.78 54.55 -69.59
CA PHE C 2954 -111.69 55.94 -69.14
C PHE C 2954 -110.42 56.58 -69.69
N PRO C 2955 -110.54 57.70 -70.41
CA PRO C 2955 -109.34 58.41 -70.85
C PRO C 2955 -108.51 58.96 -69.71
N TYR C 2956 -109.09 59.10 -68.52
CA TYR C 2956 -108.43 59.73 -67.38
C TYR C 2956 -108.03 58.70 -66.32
N GLU C 2957 -107.63 57.50 -66.76
CA GLU C 2957 -107.20 56.48 -65.82
C GLU C 2957 -105.89 56.88 -65.15
N GLN C 2958 -105.00 57.55 -65.87
CA GLN C 2958 -103.78 58.06 -65.26
C GLN C 2958 -104.08 59.07 -64.18
N GLU C 2959 -105.06 59.95 -64.43
CA GLU C 2959 -105.50 60.90 -63.41
C GLU C 2959 -106.14 60.20 -62.22
N ILE C 2960 -106.93 59.14 -62.44
CA ILE C 2960 -107.52 58.38 -61.35
C ILE C 2960 -106.42 57.80 -60.47
N LYS C 2961 -105.42 57.17 -61.10
CA LYS C 2961 -104.33 56.57 -60.34
C LYS C 2961 -103.52 57.63 -59.60
N PHE C 2962 -103.23 58.76 -60.25
CA PHE C 2962 -102.55 59.86 -59.57
C PHE C 2962 -103.32 60.31 -58.34
N PHE C 2963 -104.61 60.60 -58.49
CA PHE C 2963 -105.42 61.01 -57.36
C PHE C 2963 -105.34 59.98 -56.23
N ALA C 2964 -105.70 58.73 -56.52
CA ALA C 2964 -105.81 57.71 -55.49
C ALA C 2964 -104.48 57.44 -54.79
N LYS C 2965 -103.36 57.48 -55.53
CA LYS C 2965 -102.10 57.07 -54.95
C LYS C 2965 -101.30 58.24 -54.38
N VAL C 2966 -101.66 59.48 -54.70
CA VAL C 2966 -100.93 60.65 -54.23
C VAL C 2966 -101.80 61.53 -53.34
N VAL C 2967 -102.90 62.06 -53.87
CA VAL C 2967 -103.72 63.01 -53.12
C VAL C 2967 -104.34 62.32 -51.91
N LEU C 2968 -104.83 61.11 -52.10
CA LEU C 2968 -105.50 60.39 -51.02
C LEU C 2968 -104.56 60.08 -49.85
N PRO C 2969 -103.36 59.54 -50.05
CA PRO C 2969 -102.49 59.26 -48.89
C PRO C 2969 -101.78 60.48 -48.33
N LEU C 2970 -101.47 61.46 -49.19
CA LEU C 2970 -100.79 62.66 -48.71
C LEU C 2970 -101.64 63.43 -47.73
N ILE C 2971 -102.94 63.54 -48.01
CA ILE C 2971 -103.86 64.18 -47.08
C ILE C 2971 -103.80 63.47 -45.72
N ASP C 2972 -103.86 62.14 -45.73
CA ASP C 2972 -103.86 61.37 -44.50
C ASP C 2972 -102.60 61.58 -43.70
N GLN C 2973 -101.43 61.49 -44.35
CA GLN C 2973 -100.18 61.64 -43.64
C GLN C 2973 -100.01 63.05 -43.10
N TYR C 2974 -100.32 64.05 -43.93
CA TYR C 2974 -100.24 65.44 -43.49
C TYR C 2974 -101.13 65.68 -42.28
N PHE C 2975 -102.35 65.14 -42.31
CA PHE C 2975 -103.30 65.45 -41.25
C PHE C 2975 -102.96 64.71 -39.97
N LYS C 2976 -102.51 63.46 -40.08
CA LYS C 2976 -102.07 62.73 -38.89
C LYS C 2976 -100.76 63.25 -38.33
N ASN C 2977 -99.96 63.97 -39.13
CA ASN C 2977 -98.73 64.56 -38.62
C ASN C 2977 -98.96 65.93 -38.01
N HIS C 2978 -99.84 66.74 -38.59
CA HIS C 2978 -100.10 68.11 -38.12
C HIS C 2978 -101.56 68.20 -37.69
N ARG C 2979 -102.02 67.18 -36.97
CA ARG C 2979 -103.38 67.18 -36.43
C ARG C 2979 -103.60 68.34 -35.47
N LEU C 2980 -102.62 68.65 -34.64
CA LEU C 2980 -102.77 69.72 -33.67
C LEU C 2980 -102.92 71.07 -34.36
N TYR C 2981 -102.33 71.22 -35.55
CA TYR C 2981 -102.43 72.49 -36.28
C TYR C 2981 -103.87 72.82 -36.63
N PHE C 2982 -104.62 71.84 -37.14
CA PHE C 2982 -106.02 72.08 -37.47
C PHE C 2982 -106.89 72.21 -36.23
N LEU C 2983 -106.53 71.52 -35.15
CA LEU C 2983 -107.30 71.60 -33.92
C LEU C 2983 -107.04 72.86 -33.12
N SER C 2984 -106.32 73.83 -33.68
CA SER C 2984 -106.13 75.11 -33.00
C SER C 2984 -107.47 75.81 -32.83
N ALA C 2985 -107.95 75.89 -31.60
CA ALA C 2985 -109.28 76.39 -31.28
C ALA C 2985 -109.20 77.60 -30.37
N ALA C 2986 -108.30 78.53 -30.69
CA ALA C 2986 -108.14 79.80 -29.97
C ALA C 2986 -107.66 79.59 -28.54
N SER C 2987 -107.38 78.34 -28.17
CA SER C 2987 -106.78 78.03 -26.87
C SER C 2987 -105.26 78.07 -26.91
N ARG C 2988 -104.69 78.40 -28.07
CA ARG C 2988 -103.25 78.43 -28.27
C ARG C 2988 -102.57 77.12 -27.87
N PRO C 2989 -102.87 76.01 -28.58
CA PRO C 2989 -102.12 74.77 -28.35
C PRO C 2989 -100.75 74.86 -28.99
N LEU C 2990 -99.72 74.33 -28.34
CA LEU C 2990 -98.34 74.48 -28.80
C LEU C 2990 -98.04 75.97 -28.93
N CYS C 2991 -98.01 76.67 -27.79
CA CYS C 2991 -98.03 78.12 -27.76
C CYS C 2991 -96.95 78.78 -28.62
N SER C 2992 -95.95 78.03 -29.07
CA SER C 2992 -94.93 78.60 -29.96
C SER C 2992 -95.56 79.06 -31.27
N GLY C 2993 -96.51 78.29 -31.78
CA GLY C 2993 -97.21 78.64 -33.00
C GLY C 2993 -98.02 77.47 -33.52
N GLY C 2994 -98.70 77.71 -34.64
CA GLY C 2994 -99.48 76.66 -35.27
C GLY C 2994 -100.97 76.94 -35.31
N HIS C 2995 -101.34 78.21 -35.41
CA HIS C 2995 -102.75 78.56 -35.50
C HIS C 2995 -103.22 78.47 -36.95
N ALA C 2996 -104.07 77.48 -37.24
CA ALA C 2996 -104.70 77.40 -38.55
C ALA C 2996 -105.69 78.54 -38.72
N SER C 2997 -105.65 79.17 -39.89
CA SER C 2997 -106.52 80.30 -40.15
C SER C 2997 -107.95 79.84 -40.38
N ASN C 2998 -108.90 80.77 -40.22
CA ASN C 2998 -110.30 80.46 -40.45
C ASN C 2998 -110.53 80.06 -41.90
N LYS C 2999 -109.85 80.72 -42.85
CA LYS C 2999 -109.92 80.31 -44.25
C LYS C 2999 -109.37 78.91 -44.45
N GLU C 3000 -108.24 78.61 -43.81
CA GLU C 3000 -107.68 77.26 -43.86
C GLU C 3000 -108.72 76.24 -43.41
N LYS C 3001 -109.33 76.47 -42.24
CA LYS C 3001 -110.30 75.52 -41.72
C LYS C 3001 -111.55 75.41 -42.58
N GLU C 3002 -112.05 76.53 -43.12
CA GLU C 3002 -113.26 76.46 -43.94
C GLU C 3002 -113.00 75.73 -45.25
N MET C 3003 -111.81 75.91 -45.84
CA MET C 3003 -111.55 75.22 -47.09
C MET C 3003 -111.21 73.76 -46.84
N VAL C 3004 -110.66 73.45 -45.66
CA VAL C 3004 -110.53 72.06 -45.25
C VAL C 3004 -111.90 71.41 -45.12
N THR C 3005 -112.87 72.14 -44.56
CA THR C 3005 -114.24 71.62 -44.48
C THR C 3005 -114.88 71.45 -45.85
N SER C 3006 -114.61 72.37 -46.79
CA SER C 3006 -115.14 72.18 -48.14
C SER C 3006 -114.53 70.95 -48.81
N LEU C 3007 -113.23 70.73 -48.62
CA LEU C 3007 -112.59 69.51 -49.11
C LEU C 3007 -113.20 68.28 -48.42
N PHE C 3008 -113.46 68.40 -47.13
CA PHE C 3008 -114.15 67.38 -46.35
C PHE C 3008 -115.45 66.96 -47.04
N CYS C 3009 -116.30 67.95 -47.34
CA CYS C 3009 -117.61 67.69 -47.92
C CYS C 3009 -117.48 67.13 -49.33
N LYS C 3010 -116.56 67.67 -50.14
CA LYS C 3010 -116.47 67.23 -51.52
C LYS C 3010 -115.88 65.83 -51.61
N LEU C 3011 -114.97 65.48 -50.70
CA LEU C 3011 -114.50 64.10 -50.61
C LEU C 3011 -115.64 63.17 -50.22
N GLY C 3012 -116.50 63.60 -49.30
CA GLY C 3012 -117.69 62.82 -49.02
C GLY C 3012 -118.56 62.60 -50.24
N VAL C 3013 -118.78 63.66 -51.02
CA VAL C 3013 -119.59 63.56 -52.23
C VAL C 3013 -118.95 62.58 -53.22
N LEU C 3014 -117.63 62.65 -53.37
CA LEU C 3014 -116.95 61.72 -54.27
C LEU C 3014 -117.10 60.28 -53.81
N VAL C 3015 -116.84 60.01 -52.53
CA VAL C 3015 -116.90 58.64 -52.02
C VAL C 3015 -118.31 58.10 -52.02
N ARG C 3016 -119.33 58.96 -52.08
CA ARG C 3016 -120.72 58.49 -52.12
C ARG C 3016 -120.92 57.56 -53.30
N HIS C 3017 -121.15 56.27 -53.01
CA HIS C 3017 -121.56 55.27 -53.99
C HIS C 3017 -120.57 55.13 -55.14
N ARG C 3018 -119.28 54.94 -54.78
CA ARG C 3018 -118.27 54.68 -55.79
C ARG C 3018 -117.25 53.63 -55.34
N ILE C 3019 -117.60 52.79 -54.36
CA ILE C 3019 -116.67 51.80 -53.84
C ILE C 3019 -116.30 50.79 -54.92
N SER C 3020 -117.26 50.45 -55.78
CA SER C 3020 -116.96 49.53 -56.88
C SER C 3020 -115.95 50.14 -57.84
N LEU C 3021 -116.10 51.43 -58.15
CA LEU C 3021 -115.14 52.10 -59.03
C LEU C 3021 -113.76 52.15 -58.38
N PHE C 3022 -113.72 52.40 -57.08
CA PHE C 3022 -112.44 52.33 -56.36
C PHE C 3022 -111.91 50.90 -56.40
N GLY C 3023 -110.70 50.73 -56.93
CA GLY C 3023 -110.12 49.41 -57.07
C GLY C 3023 -109.62 48.84 -55.76
N ASN C 3024 -110.56 48.49 -54.87
CA ASN C 3024 -110.32 48.01 -53.51
C ASN C 3024 -109.68 49.07 -52.63
N ASP C 3025 -109.45 50.29 -53.14
CA ASP C 3025 -108.95 51.39 -52.35
C ASP C 3025 -110.06 52.16 -51.63
N ALA C 3026 -111.31 51.75 -51.82
CA ALA C 3026 -112.41 52.38 -51.09
C ALA C 3026 -112.17 52.38 -49.60
N THR C 3027 -111.56 51.34 -49.06
CA THR C 3027 -111.16 51.35 -47.65
C THR C 3027 -110.15 52.45 -47.37
N SER C 3028 -109.26 52.72 -48.33
CA SER C 3028 -108.31 53.81 -48.15
C SER C 3028 -109.03 55.16 -48.11
N ILE C 3029 -110.04 55.36 -48.96
CA ILE C 3029 -110.82 56.60 -48.86
C ILE C 3029 -111.58 56.66 -47.54
N VAL C 3030 -112.04 55.51 -47.05
CA VAL C 3030 -112.75 55.48 -45.76
C VAL C 3030 -111.81 55.94 -44.64
N ASN C 3031 -110.59 55.42 -44.63
CA ASN C 3031 -109.60 55.85 -43.63
C ASN C 3031 -109.24 57.32 -43.82
N CYS C 3032 -109.19 57.77 -45.08
CA CYS C 3032 -108.90 59.17 -45.37
C CYS C 3032 -109.93 60.08 -44.76
N LEU C 3033 -111.21 59.75 -44.91
CA LEU C 3033 -112.23 60.63 -44.39
C LEU C 3033 -112.38 60.44 -42.88
N HIS C 3034 -111.97 59.28 -42.36
CA HIS C 3034 -111.80 59.14 -40.91
C HIS C 3034 -110.81 60.17 -40.38
N ILE C 3035 -109.62 60.26 -40.98
CA ILE C 3035 -108.64 61.21 -40.48
C ILE C 3035 -109.09 62.65 -40.74
N LEU C 3036 -109.83 62.86 -41.84
CA LEU C 3036 -110.42 64.18 -42.08
C LEU C 3036 -111.35 64.57 -40.94
N GLY C 3037 -112.25 63.67 -40.53
CA GLY C 3037 -113.14 63.95 -39.43
C GLY C 3037 -112.43 64.12 -38.11
N GLN C 3038 -111.36 63.36 -37.89
CA GLN C 3038 -110.58 63.52 -36.66
C GLN C 3038 -109.89 64.87 -36.62
N THR C 3039 -109.45 65.38 -37.77
CA THR C 3039 -108.81 66.68 -37.85
C THR C 3039 -109.79 67.82 -38.11
N LEU C 3040 -111.09 67.53 -38.15
CA LEU C 3040 -112.10 68.54 -38.45
C LEU C 3040 -112.08 69.67 -37.41
N ASP C 3041 -112.28 70.90 -37.90
CA ASP C 3041 -112.54 72.09 -37.09
C ASP C 3041 -113.66 72.85 -37.79
N ALA C 3042 -114.91 72.52 -37.44
CA ALA C 3042 -116.04 73.05 -38.18
C ALA C 3042 -116.77 74.14 -37.40
N ARG C 3043 -116.60 74.18 -36.08
CA ARG C 3043 -117.35 75.13 -35.26
C ARG C 3043 -116.95 76.56 -35.58
N THR C 3044 -115.65 76.82 -35.70
CA THR C 3044 -115.19 78.17 -36.01
C THR C 3044 -115.68 78.62 -37.38
N VAL C 3045 -115.68 77.72 -38.36
CA VAL C 3045 -116.05 78.11 -39.71
C VAL C 3045 -117.56 78.25 -39.84
N MET C 3046 -118.33 77.54 -39.01
CA MET C 3046 -119.77 77.75 -39.04
C MET C 3046 -120.16 79.03 -38.32
N LYS C 3047 -119.48 79.35 -37.21
CA LYS C 3047 -119.81 80.60 -36.52
C LYS C 3047 -119.35 81.80 -37.33
N THR C 3048 -118.23 81.69 -38.03
CA THR C 3048 -117.77 82.72 -38.96
C THR C 3048 -117.23 82.03 -40.21
N GLY C 3049 -117.98 82.11 -41.31
CA GLY C 3049 -117.57 81.45 -42.54
C GLY C 3049 -118.44 81.84 -43.71
N LEU C 3050 -117.99 81.45 -44.90
CA LEU C 3050 -118.68 81.79 -46.13
C LEU C 3050 -119.89 80.89 -46.33
N GLU C 3051 -120.93 81.44 -46.95
CA GLU C 3051 -122.21 80.74 -47.06
C GLU C 3051 -122.09 79.47 -47.90
N SER C 3052 -121.18 79.45 -48.87
CA SER C 3052 -120.95 78.22 -49.64
C SER C 3052 -120.39 77.12 -48.74
N VAL C 3053 -119.47 77.48 -47.85
CA VAL C 3053 -118.94 76.52 -46.88
C VAL C 3053 -120.04 76.06 -45.93
N LYS C 3054 -120.91 76.99 -45.51
CA LYS C 3054 -122.05 76.62 -44.69
C LYS C 3054 -122.91 75.56 -45.39
N SER C 3055 -123.29 75.84 -46.64
CA SER C 3055 -124.15 74.92 -47.38
C SER C 3055 -123.46 73.58 -47.59
N ALA C 3056 -122.15 73.59 -47.87
CA ALA C 3056 -121.42 72.35 -48.04
C ALA C 3056 -121.43 71.52 -46.76
N LEU C 3057 -121.20 72.17 -45.62
CA LEU C 3057 -121.14 71.40 -44.36
C LEU C 3057 -122.52 70.89 -43.96
N ARG C 3058 -123.59 71.63 -44.26
CA ARG C 3058 -124.93 71.08 -44.07
C ARG C 3058 -125.15 69.87 -44.98
N ALA C 3059 -124.85 70.03 -46.27
CA ALA C 3059 -125.16 68.98 -47.24
C ALA C 3059 -124.35 67.71 -46.97
N PHE C 3060 -123.15 67.86 -46.39
CA PHE C 3060 -122.33 66.70 -46.10
C PHE C 3060 -123.04 65.70 -45.19
N LEU C 3061 -123.78 66.18 -44.18
CA LEU C 3061 -124.59 65.29 -43.36
C LEU C 3061 -126.00 65.10 -43.90
N ASP C 3062 -126.53 66.06 -44.65
CA ASP C 3062 -127.85 65.90 -45.26
C ASP C 3062 -127.88 64.72 -46.23
N ASN C 3063 -126.90 64.62 -47.13
CA ASN C 3063 -126.86 63.54 -48.11
C ASN C 3063 -126.78 62.18 -47.41
N ALA C 3064 -125.91 62.08 -46.40
CA ALA C 3064 -125.87 60.87 -45.59
C ALA C 3064 -127.24 60.60 -44.97
N ALA C 3065 -127.95 61.66 -44.58
CA ALA C 3065 -129.25 61.48 -43.97
C ALA C 3065 -130.24 60.82 -44.93
N GLU C 3066 -130.39 61.36 -46.15
CA GLU C 3066 -131.37 60.69 -47.00
C GLU C 3066 -130.87 59.35 -47.50
N ASP C 3067 -129.56 59.19 -47.66
CA ASP C 3067 -129.01 57.88 -48.04
C ASP C 3067 -129.40 56.83 -47.03
N LEU C 3068 -129.11 57.09 -45.75
CA LEU C 3068 -129.49 56.14 -44.72
C LEU C 3068 -131.00 55.96 -44.66
N GLU C 3069 -131.77 57.05 -44.74
CA GLU C 3069 -133.22 56.90 -44.65
C GLU C 3069 -133.74 55.94 -45.71
N LYS C 3070 -133.44 56.21 -46.99
CA LYS C 3070 -133.91 55.32 -48.04
C LYS C 3070 -133.31 53.93 -47.88
N THR C 3071 -132.14 53.81 -47.23
CA THR C 3071 -131.60 52.50 -46.92
C THR C 3071 -132.54 51.72 -46.01
N MET C 3072 -133.04 52.36 -44.94
CA MET C 3072 -134.01 51.67 -44.08
C MET C 3072 -135.30 51.35 -44.82
N GLU C 3073 -135.85 52.27 -45.61
CA GLU C 3073 -137.04 51.83 -46.33
C GLU C 3073 -136.73 50.63 -47.23
N ASN C 3074 -135.55 50.58 -47.86
CA ASN C 3074 -135.32 49.51 -48.82
C ASN C 3074 -135.07 48.16 -48.15
N LEU C 3075 -134.38 48.14 -46.99
CA LEU C 3075 -134.21 46.83 -46.34
C LEU C 3075 -135.55 46.19 -45.96
N LYS C 3076 -136.47 46.97 -45.40
CA LYS C 3076 -137.74 46.40 -44.96
C LYS C 3076 -138.74 46.20 -46.08
N GLN C 3077 -138.71 47.04 -47.13
CA GLN C 3077 -139.58 46.79 -48.27
C GLN C 3077 -139.09 45.58 -49.08
N GLY C 3078 -137.79 45.53 -49.37
CA GLY C 3078 -137.22 44.41 -50.08
C GLY C 3078 -136.65 43.35 -49.17
N GLN C 3079 -137.52 42.73 -48.36
CA GLN C 3079 -137.07 41.65 -47.49
C GLN C 3079 -136.52 40.48 -48.31
N PHE C 3080 -137.07 40.27 -49.50
CA PHE C 3080 -136.56 39.24 -50.40
C PHE C 3080 -135.15 39.61 -50.85
N THR C 3081 -134.31 38.58 -51.03
CA THR C 3081 -132.93 38.78 -51.48
C THR C 3081 -132.88 39.47 -52.84
N LYS C 3088 -126.63 43.86 -57.28
CA LYS C 3088 -127.55 44.81 -57.88
C LYS C 3088 -127.21 46.20 -57.32
N GLY C 3089 -127.79 47.25 -57.92
CA GLY C 3089 -127.49 48.60 -57.49
C GLY C 3089 -127.82 48.85 -56.03
N VAL C 3090 -128.98 48.38 -55.57
CA VAL C 3090 -129.37 48.61 -54.18
C VAL C 3090 -128.46 47.81 -53.24
N THR C 3091 -128.06 46.61 -53.65
CA THR C 3091 -127.12 45.84 -52.83
C THR C 3091 -125.77 46.55 -52.73
N GLN C 3092 -125.29 47.12 -53.84
CA GLN C 3092 -124.05 47.88 -53.80
C GLN C 3092 -124.19 49.12 -52.93
N ILE C 3093 -125.36 49.76 -52.96
CA ILE C 3093 -125.58 50.94 -52.13
C ILE C 3093 -125.57 50.58 -50.65
N ILE C 3094 -126.20 49.44 -50.30
CA ILE C 3094 -126.18 48.98 -48.92
C ILE C 3094 -124.76 48.59 -48.51
N ASN C 3095 -123.99 48.01 -49.43
CA ASN C 3095 -122.60 47.69 -49.13
C ASN C 3095 -121.80 48.95 -48.85
N TYR C 3096 -121.97 49.98 -49.68
CA TYR C 3096 -121.36 51.28 -49.40
C TYR C 3096 -121.79 51.81 -48.03
N THR C 3097 -123.09 51.77 -47.76
CA THR C 3097 -123.60 52.24 -46.48
C THR C 3097 -122.89 51.56 -45.32
N THR C 3098 -122.97 50.23 -45.25
CA THR C 3098 -122.38 49.51 -44.12
C THR C 3098 -120.87 49.71 -44.04
N VAL C 3099 -120.18 49.65 -45.18
CA VAL C 3099 -118.72 49.66 -45.17
C VAL C 3099 -118.19 51.04 -44.79
N ALA C 3100 -118.77 52.10 -45.34
CA ALA C 3100 -118.25 53.45 -45.13
C ALA C 3100 -119.20 54.36 -44.37
N LEU C 3101 -120.46 54.44 -44.79
CA LEU C 3101 -121.30 55.55 -44.33
C LEU C 3101 -121.47 55.58 -42.83
N LEU C 3102 -121.73 54.43 -42.21
CA LEU C 3102 -121.82 54.40 -40.76
C LEU C 3102 -120.49 54.73 -40.09
N PRO C 3103 -119.36 54.10 -40.44
CA PRO C 3103 -118.08 54.46 -39.79
C PRO C 3103 -117.67 55.92 -39.94
N MET C 3104 -117.93 56.56 -41.08
CA MET C 3104 -117.53 57.96 -41.24
C MET C 3104 -118.31 58.85 -40.27
N LEU C 3105 -119.64 58.64 -40.21
CA LEU C 3105 -120.45 59.36 -39.25
C LEU C 3105 -120.02 59.07 -37.82
N SER C 3106 -119.65 57.81 -37.52
CA SER C 3106 -119.20 57.47 -36.18
C SER C 3106 -117.93 58.21 -35.82
N SER C 3107 -116.99 58.30 -36.77
CA SER C 3107 -115.76 59.06 -36.54
C SER C 3107 -116.05 60.53 -36.29
N LEU C 3108 -116.97 61.11 -37.08
CA LEU C 3108 -117.36 62.50 -36.87
C LEU C 3108 -117.97 62.68 -35.49
N PHE C 3109 -118.83 61.74 -35.07
CA PHE C 3109 -119.48 61.86 -33.78
C PHE C 3109 -118.47 61.73 -32.63
N GLU C 3110 -117.49 60.84 -32.79
CA GLU C 3110 -116.42 60.73 -31.78
C GLU C 3110 -115.60 62.01 -31.70
N HIS C 3111 -115.29 62.61 -32.86
CA HIS C 3111 -114.62 63.91 -32.88
C HIS C 3111 -115.42 64.96 -32.11
N ILE C 3112 -116.71 65.08 -32.41
CA ILE C 3112 -117.57 66.03 -31.71
C ILE C 3112 -117.57 65.76 -30.22
N GLY C 3113 -117.66 64.48 -29.84
CA GLY C 3113 -117.69 64.10 -28.44
C GLY C 3113 -116.45 64.46 -27.66
N GLN C 3114 -115.26 64.17 -28.19
CA GLN C 3114 -114.06 64.41 -27.40
C GLN C 3114 -113.57 65.85 -27.57
N HIS C 3115 -114.18 66.61 -28.49
CA HIS C 3115 -114.09 68.07 -28.36
C HIS C 3115 -115.11 68.64 -27.40
N GLN C 3116 -116.18 67.89 -27.10
CA GLN C 3116 -117.26 68.33 -26.23
C GLN C 3116 -117.93 69.59 -26.76
N PHE C 3117 -117.60 69.99 -27.99
CA PHE C 3117 -118.01 71.28 -28.51
C PHE C 3117 -118.55 71.08 -29.92
N GLY C 3118 -119.68 71.73 -30.20
CA GLY C 3118 -120.55 71.38 -31.30
C GLY C 3118 -122.02 71.56 -30.98
N GLU C 3119 -122.33 71.94 -29.75
CA GLU C 3119 -123.63 72.50 -29.40
C GLU C 3119 -124.00 73.70 -30.25
N ASP C 3120 -123.02 74.27 -30.96
CA ASP C 3120 -123.27 75.25 -31.99
C ASP C 3120 -123.48 74.59 -33.35
N LEU C 3121 -122.72 73.53 -33.65
CA LEU C 3121 -122.94 72.75 -34.87
C LEU C 3121 -124.40 72.35 -35.00
N ILE C 3122 -125.03 71.96 -33.89
CA ILE C 3122 -126.42 71.56 -33.97
C ILE C 3122 -127.27 72.81 -34.19
N LEU C 3123 -128.02 72.82 -35.27
CA LEU C 3123 -128.74 74.01 -35.74
C LEU C 3123 -130.08 73.67 -36.36
N GLU C 3124 -130.63 74.63 -37.09
CA GLU C 3124 -131.93 74.47 -37.73
C GLU C 3124 -131.87 73.45 -38.85
N ASP C 3125 -132.83 72.52 -38.82
CA ASP C 3125 -132.96 71.38 -39.73
C ASP C 3125 -131.84 70.40 -39.44
N VAL C 3126 -130.84 70.84 -38.66
CA VAL C 3126 -129.81 69.92 -38.20
C VAL C 3126 -130.40 69.02 -37.12
N GLN C 3127 -131.25 69.57 -36.25
CA GLN C 3127 -132.00 68.71 -35.34
C GLN C 3127 -132.97 67.80 -36.08
N VAL C 3128 -133.56 68.27 -37.17
CA VAL C 3128 -134.44 67.40 -37.94
C VAL C 3128 -133.66 66.20 -38.46
N SER C 3129 -132.51 66.46 -39.09
CA SER C 3129 -131.66 65.38 -39.56
C SER C 3129 -131.15 64.52 -38.40
N CYS C 3130 -130.95 65.13 -37.23
CA CYS C 3130 -130.41 64.40 -36.09
C CYS C 3130 -131.44 63.44 -35.51
N TYR C 3131 -132.69 63.88 -35.37
CA TYR C 3131 -133.76 62.98 -34.97
C TYR C 3131 -134.01 61.91 -36.02
N ARG C 3132 -133.94 62.25 -37.31
CA ARG C 3132 -134.01 61.20 -38.33
C ARG C 3132 -132.90 60.17 -38.14
N ILE C 3133 -131.66 60.63 -37.93
CA ILE C 3133 -130.53 59.73 -37.74
C ILE C 3133 -130.71 58.89 -36.48
N LEU C 3134 -131.18 59.50 -35.41
CA LEU C 3134 -131.37 58.79 -34.15
C LEU C 3134 -132.41 57.68 -34.29
N THR C 3135 -133.63 58.05 -34.69
CA THR C 3135 -134.69 57.05 -34.88
C THR C 3135 -134.24 55.97 -35.86
N SER C 3136 -133.48 56.35 -36.88
CA SER C 3136 -133.09 55.42 -37.93
C SER C 3136 -132.09 54.39 -37.44
N LEU C 3137 -130.93 54.85 -36.95
CA LEU C 3137 -129.91 53.93 -36.45
C LEU C 3137 -130.36 53.25 -35.17
N TYR C 3138 -131.45 53.71 -34.55
CA TYR C 3138 -132.03 52.97 -33.44
C TYR C 3138 -132.96 51.85 -33.93
N ALA C 3139 -133.76 52.11 -34.96
CA ALA C 3139 -134.59 51.07 -35.54
C ALA C 3139 -133.75 49.98 -36.20
N LEU C 3140 -132.60 50.36 -36.77
CA LEU C 3140 -131.70 49.35 -37.32
C LEU C 3140 -131.24 48.37 -36.26
N GLY C 3141 -130.85 48.88 -35.09
CA GLY C 3141 -130.48 47.99 -34.00
C GLY C 3141 -131.63 47.30 -33.31
N THR C 3142 -132.83 47.89 -33.37
CA THR C 3142 -134.02 47.28 -32.79
C THR C 3142 -134.56 46.12 -33.61
N SER C 3143 -134.59 46.24 -34.93
CA SER C 3143 -135.06 45.14 -35.77
C SER C 3143 -133.99 44.06 -35.86
N LYS C 3144 -134.43 42.83 -36.10
CA LYS C 3144 -133.53 41.69 -36.28
C LYS C 3144 -133.71 41.19 -37.71
N SER C 3145 -132.60 40.97 -38.40
CA SER C 3145 -132.61 40.52 -39.78
C SER C 3145 -131.27 39.89 -40.13
N ILE C 3146 -131.30 38.94 -41.07
CA ILE C 3146 -130.09 38.21 -41.46
C ILE C 3146 -129.06 39.17 -42.04
N TYR C 3147 -129.53 40.24 -42.70
CA TYR C 3147 -128.60 41.22 -43.25
C TYR C 3147 -127.96 42.05 -42.14
N VAL C 3148 -128.76 42.53 -41.18
CA VAL C 3148 -128.25 43.43 -40.15
C VAL C 3148 -127.42 42.70 -39.11
N GLU C 3149 -127.57 41.38 -38.97
CA GLU C 3149 -126.81 40.62 -37.98
C GLU C 3149 -125.30 40.82 -38.15
N ARG C 3150 -124.83 40.82 -39.39
CA ARG C 3150 -123.39 40.95 -39.62
C ARG C 3150 -122.88 42.32 -39.19
N GLN C 3151 -123.63 43.38 -39.46
CA GLN C 3151 -123.20 44.74 -39.16
C GLN C 3151 -123.80 45.29 -37.87
N ARG C 3152 -124.29 44.43 -36.98
CA ARG C 3152 -124.81 44.90 -35.70
C ARG C 3152 -123.78 45.71 -34.93
N SER C 3153 -122.54 45.22 -34.85
CA SER C 3153 -121.53 45.90 -34.04
C SER C 3153 -121.23 47.30 -34.56
N ALA C 3154 -121.11 47.45 -35.89
CA ALA C 3154 -120.79 48.75 -36.46
C ALA C 3154 -121.86 49.78 -36.15
N LEU C 3155 -123.14 49.44 -36.34
CA LEU C 3155 -124.21 50.39 -36.06
C LEU C 3155 -124.29 50.70 -34.57
N GLY C 3156 -124.01 49.72 -33.72
CA GLY C 3156 -123.96 49.99 -32.30
C GLY C 3156 -122.90 51.01 -31.94
N GLU C 3157 -121.68 50.83 -32.47
CA GLU C 3157 -120.63 51.83 -32.28
C GLU C 3157 -121.06 53.19 -32.80
N CYS C 3158 -121.64 53.22 -33.99
CA CYS C 3158 -122.01 54.48 -34.63
C CYS C 3158 -123.05 55.24 -33.82
N LEU C 3159 -124.09 54.55 -33.35
CA LEU C 3159 -125.16 55.22 -32.63
C LEU C 3159 -124.71 55.55 -31.21
N ALA C 3160 -123.78 54.76 -30.65
CA ALA C 3160 -123.18 55.13 -29.37
C ALA C 3160 -122.39 56.43 -29.50
N ALA C 3161 -121.63 56.58 -30.58
CA ALA C 3161 -120.95 57.85 -30.82
C ALA C 3161 -121.95 58.98 -31.06
N PHE C 3162 -123.03 58.70 -31.77
CA PHE C 3162 -124.06 59.70 -32.03
C PHE C 3162 -124.71 60.20 -30.76
N ALA C 3163 -125.00 59.30 -29.81
CA ALA C 3163 -125.62 59.72 -28.57
C ALA C 3163 -124.73 60.68 -27.79
N GLY C 3164 -123.42 60.41 -27.75
CA GLY C 3164 -122.51 61.34 -27.11
C GLY C 3164 -122.39 62.66 -27.86
N ALA C 3165 -122.32 62.60 -29.20
CA ALA C 3165 -122.13 63.82 -29.98
C ALA C 3165 -123.35 64.73 -29.90
N PHE C 3166 -124.55 64.15 -29.92
CA PHE C 3166 -125.77 64.94 -29.94
C PHE C 3166 -125.97 65.60 -28.57
N PRO C 3167 -126.03 66.93 -28.49
CA PRO C 3167 -125.96 67.62 -27.20
C PRO C 3167 -127.31 67.96 -26.56
N VAL C 3168 -128.43 67.65 -27.21
CA VAL C 3168 -129.75 67.89 -26.65
C VAL C 3168 -130.24 66.56 -26.08
N ALA C 3169 -130.97 66.62 -24.98
CA ALA C 3169 -131.49 65.39 -24.39
C ALA C 3169 -132.38 64.66 -25.38
N PHE C 3170 -131.86 63.57 -25.93
CA PHE C 3170 -132.59 62.77 -26.91
C PHE C 3170 -133.46 61.71 -26.27
N LEU C 3171 -133.19 61.38 -25.01
CA LEU C 3171 -133.92 60.36 -24.27
C LEU C 3171 -134.75 60.94 -23.13
N GLU C 3172 -134.37 62.13 -22.65
CA GLU C 3172 -135.10 62.84 -21.60
C GLU C 3172 -136.13 63.81 -22.20
N THR C 3173 -137.27 63.28 -22.65
CA THR C 3173 -138.27 64.15 -23.28
C THR C 3173 -139.36 64.56 -22.30
N HIS C 3174 -139.38 63.97 -21.10
CA HIS C 3174 -140.47 64.24 -20.17
C HIS C 3174 -140.32 65.60 -19.50
N LEU C 3175 -139.09 66.00 -19.17
CA LEU C 3175 -138.84 67.31 -18.57
C LEU C 3175 -137.90 68.15 -19.43
N ASP C 3176 -137.87 67.91 -20.74
CA ASP C 3176 -137.06 68.73 -21.63
C ASP C 3176 -137.62 70.13 -21.82
N LYS C 3177 -138.86 70.38 -21.39
CA LYS C 3177 -139.41 71.73 -21.47
C LYS C 3177 -138.62 72.71 -20.62
N HIS C 3178 -137.98 72.22 -19.55
CA HIS C 3178 -137.20 73.08 -18.68
C HIS C 3178 -135.95 73.60 -19.39
N ASN C 3179 -135.46 72.87 -20.38
CA ASN C 3179 -134.29 73.31 -21.13
C ASN C 3179 -134.61 74.56 -21.94
N ILE C 3180 -133.65 75.48 -21.99
CA ILE C 3180 -133.75 76.67 -22.81
C ILE C 3180 -132.74 76.66 -23.95
N TYR C 3181 -131.61 75.98 -23.75
CA TYR C 3181 -130.61 75.94 -24.82
C TYR C 3181 -131.00 74.97 -25.92
N SER C 3182 -131.94 74.06 -25.65
CA SER C 3182 -132.43 73.14 -26.66
C SER C 3182 -132.86 73.94 -27.89
N ILE C 3183 -132.17 73.74 -29.03
CA ILE C 3183 -132.53 74.46 -30.24
C ILE C 3183 -133.96 74.17 -30.67
N TYR C 3184 -134.48 72.99 -30.33
CA TYR C 3184 -135.90 72.73 -30.48
C TYR C 3184 -136.74 73.64 -29.58
N ASN C 3185 -136.14 74.20 -28.54
CA ASN C 3185 -136.84 75.25 -27.80
C ASN C 3185 -136.59 76.62 -28.42
N THR C 3186 -135.41 76.83 -29.02
CA THR C 3186 -135.03 78.17 -29.48
C THR C 3186 -135.71 78.55 -30.79
N LYS C 3187 -136.02 77.56 -31.65
CA LYS C 3187 -136.54 77.89 -32.97
C LYS C 3187 -137.84 78.66 -32.92
N SER C 3188 -138.65 78.46 -31.87
CA SER C 3188 -139.98 79.04 -31.68
C SER C 3188 -141.06 78.40 -32.55
N SER C 3189 -142.31 78.57 -32.09
CA SER C 3189 -143.46 77.90 -32.70
C SER C 3189 -143.69 78.37 -34.13
N ARG C 3190 -143.30 79.61 -34.45
CA ARG C 3190 -143.41 80.07 -35.82
C ARG C 3190 -142.55 79.22 -36.74
N GLU C 3191 -141.33 78.93 -36.33
CA GLU C 3191 -140.45 78.09 -37.13
C GLU C 3191 -140.93 76.64 -37.15
N ARG C 3192 -141.53 76.17 -36.05
CA ARG C 3192 -142.18 74.86 -36.10
C ARG C 3192 -143.33 74.77 -37.11
N ALA C 3193 -144.17 75.79 -37.22
CA ALA C 3193 -145.20 75.79 -38.25
C ALA C 3193 -144.66 75.99 -39.65
N ALA C 3194 -143.58 76.76 -39.79
CA ALA C 3194 -142.98 76.98 -41.11
C ALA C 3194 -142.29 75.72 -41.64
N LEU C 3195 -141.54 75.03 -40.78
CA LEU C 3195 -140.77 73.87 -41.20
C LEU C 3195 -141.56 72.60 -40.94
N SER C 3196 -141.19 71.52 -41.64
CA SER C 3196 -141.86 70.22 -41.52
C SER C 3196 -141.54 69.63 -40.14
N LEU C 3197 -142.23 70.16 -39.14
CA LEU C 3197 -141.99 69.74 -37.78
C LEU C 3197 -143.30 69.42 -37.09
N PRO C 3198 -143.41 68.29 -36.39
CA PRO C 3198 -144.70 67.83 -35.89
C PRO C 3198 -145.28 68.63 -34.73
N THR C 3199 -144.58 69.66 -34.24
CA THR C 3199 -145.02 70.58 -33.19
C THR C 3199 -145.20 69.92 -31.83
N ASN C 3200 -144.89 68.62 -31.68
CA ASN C 3200 -144.96 67.94 -30.40
C ASN C 3200 -143.83 66.93 -30.30
N VAL C 3201 -143.03 67.05 -29.23
CA VAL C 3201 -141.84 66.22 -29.05
C VAL C 3201 -142.22 64.74 -29.03
N GLU C 3202 -143.39 64.41 -28.49
CA GLU C 3202 -143.79 63.01 -28.40
C GLU C 3202 -144.07 62.40 -29.77
N ASP C 3203 -144.69 63.17 -30.67
CA ASP C 3203 -144.87 62.65 -32.03
C ASP C 3203 -143.58 62.72 -32.84
N VAL C 3204 -142.67 63.63 -32.47
CA VAL C 3204 -141.42 63.75 -33.23
C VAL C 3204 -140.62 62.45 -33.12
N CYS C 3205 -140.50 61.90 -31.92
CA CYS C 3205 -139.80 60.63 -31.69
C CYS C 3205 -140.64 59.74 -30.79
N PRO C 3206 -141.69 59.12 -31.34
CA PRO C 3206 -142.51 58.21 -30.52
C PRO C 3206 -141.94 56.82 -30.40
N ASN C 3207 -141.09 56.41 -31.36
CA ASN C 3207 -140.59 55.03 -31.35
C ASN C 3207 -139.70 54.76 -30.14
N ILE C 3208 -138.85 55.71 -29.78
CA ILE C 3208 -137.94 55.53 -28.65
C ILE C 3208 -138.71 55.64 -27.34
N PRO C 3209 -138.60 54.66 -26.45
CA PRO C 3209 -139.28 54.75 -25.16
C PRO C 3209 -138.60 55.68 -24.17
N SER C 3210 -139.28 55.89 -23.04
CA SER C 3210 -138.78 56.79 -22.01
C SER C 3210 -137.60 56.19 -21.28
N LEU C 3211 -136.78 57.06 -20.68
CA LEU C 3211 -135.51 56.62 -20.07
C LEU C 3211 -135.75 55.72 -18.86
N GLU C 3212 -136.67 56.12 -17.97
CA GLU C 3212 -136.93 55.32 -16.78
C GLU C 3212 -137.55 53.98 -17.14
N LYS C 3213 -138.44 53.97 -18.13
CA LYS C 3213 -139.01 52.71 -18.59
C LYS C 3213 -137.93 51.80 -19.15
N LEU C 3214 -137.12 52.33 -20.08
CA LEU C 3214 -136.06 51.53 -20.68
C LEU C 3214 -135.13 50.97 -19.61
N MET C 3215 -134.74 51.78 -18.64
CA MET C 3215 -133.84 51.27 -17.62
C MET C 3215 -134.52 50.24 -16.72
N GLU C 3216 -135.86 50.32 -16.56
CA GLU C 3216 -136.49 49.26 -15.76
C GLU C 3216 -136.63 47.95 -16.54
N GLU C 3217 -136.86 47.98 -17.86
CA GLU C 3217 -136.74 46.71 -18.57
C GLU C 3217 -135.30 46.21 -18.55
N ILE C 3218 -134.32 47.10 -18.57
CA ILE C 3218 -132.93 46.66 -18.42
C ILE C 3218 -132.73 45.96 -17.09
N VAL C 3219 -133.28 46.54 -16.01
CA VAL C 3219 -133.16 45.93 -14.69
C VAL C 3219 -133.80 44.55 -14.67
N GLU C 3220 -135.01 44.43 -15.23
CA GLU C 3220 -135.72 43.16 -15.13
C GLU C 3220 -135.08 42.09 -16.03
N LEU C 3221 -134.53 42.48 -17.18
CA LEU C 3221 -133.85 41.50 -18.01
C LEU C 3221 -132.52 41.08 -17.39
N ALA C 3222 -131.85 42.00 -16.70
CA ALA C 3222 -130.67 41.61 -15.92
C ALA C 3222 -131.05 40.61 -14.83
N GLU C 3223 -132.17 40.86 -14.13
CA GLU C 3223 -132.62 39.94 -13.10
C GLU C 3223 -132.95 38.57 -13.69
N SER C 3224 -133.60 38.55 -14.86
CA SER C 3224 -133.94 37.28 -15.50
C SER C 3224 -132.69 36.55 -15.97
N GLY C 3225 -131.67 37.29 -16.41
CA GLY C 3225 -130.44 36.68 -16.87
C GLY C 3225 -130.57 35.87 -18.14
N ILE C 3226 -131.31 36.40 -19.13
CA ILE C 3226 -131.44 35.70 -20.40
C ILE C 3226 -130.11 35.73 -21.15
N ARG C 3227 -129.89 34.70 -21.95
CA ARG C 3227 -128.63 34.57 -22.69
C ARG C 3227 -128.53 35.61 -23.80
N TYR C 3228 -127.28 35.92 -24.17
CA TYR C 3228 -127.05 36.95 -25.18
C TYR C 3228 -127.50 36.49 -26.57
N THR C 3229 -127.28 35.22 -26.90
CA THR C 3229 -127.73 34.71 -28.19
C THR C 3229 -129.24 34.61 -28.26
N GLN C 3230 -129.92 34.57 -27.11
CA GLN C 3230 -131.37 34.51 -27.10
C GLN C 3230 -131.97 35.78 -27.70
N MET C 3231 -131.50 36.94 -27.23
CA MET C 3231 -131.94 38.23 -27.75
C MET C 3231 -130.82 39.23 -27.48
N PRO C 3232 -129.98 39.54 -28.49
CA PRO C 3232 -128.77 40.33 -28.23
C PRO C 3232 -128.97 41.84 -28.40
N HIS C 3233 -130.20 42.25 -28.72
CA HIS C 3233 -130.49 43.66 -29.00
C HIS C 3233 -129.97 44.59 -27.92
N VAL C 3234 -130.47 44.41 -26.69
CA VAL C 3234 -130.15 45.34 -25.62
C VAL C 3234 -128.68 45.27 -25.25
N MET C 3235 -128.16 44.06 -24.99
CA MET C 3235 -126.77 43.92 -24.60
C MET C 3235 -125.81 44.44 -25.67
N GLU C 3236 -126.25 44.52 -26.93
CA GLU C 3236 -125.32 44.95 -27.96
C GLU C 3236 -125.42 46.45 -28.24
N VAL C 3237 -126.61 47.04 -28.16
CA VAL C 3237 -126.71 48.45 -28.53
C VAL C 3237 -127.19 49.32 -27.37
N ILE C 3238 -128.16 48.84 -26.59
CA ILE C 3238 -128.84 49.71 -25.63
C ILE C 3238 -127.92 50.08 -24.47
N LEU C 3239 -127.13 49.12 -23.99
CA LEU C 3239 -126.17 49.44 -22.92
C LEU C 3239 -125.18 50.51 -23.35
N PRO C 3240 -124.55 50.43 -24.54
CA PRO C 3240 -123.76 51.59 -24.99
C PRO C 3240 -124.59 52.86 -25.14
N MET C 3241 -125.88 52.74 -25.49
CA MET C 3241 -126.72 53.93 -25.58
C MET C 3241 -126.74 54.68 -24.26
N LEU C 3242 -127.07 53.96 -23.18
CA LEU C 3242 -127.05 54.55 -21.85
C LEU C 3242 -125.65 55.05 -21.51
N CYS C 3243 -124.63 54.21 -21.67
CA CYS C 3243 -123.28 54.60 -21.25
C CYS C 3243 -122.87 55.93 -21.88
N SER C 3244 -123.11 56.09 -23.19
CA SER C 3244 -122.83 57.37 -23.84
C SER C 3244 -123.73 58.49 -23.31
N TYR C 3245 -125.02 58.21 -23.09
CA TYR C 3245 -125.96 59.20 -22.57
C TYR C 3245 -125.52 59.78 -21.21
N MET C 3246 -125.35 58.91 -20.21
CA MET C 3246 -124.88 59.34 -18.89
C MET C 3246 -123.48 59.95 -18.96
N SER C 3247 -122.58 59.36 -19.74
CA SER C 3247 -121.24 59.94 -19.81
C SER C 3247 -121.28 61.37 -20.33
N ARG C 3248 -122.16 61.64 -21.29
CA ARG C 3248 -122.25 62.99 -21.83
C ARG C 3248 -122.99 63.95 -20.91
N TRP C 3249 -124.06 63.50 -20.25
CA TRP C 3249 -124.90 64.43 -19.50
C TRP C 3249 -124.64 64.42 -18.00
N TRP C 3250 -123.60 63.74 -17.54
CA TRP C 3250 -123.32 63.70 -16.11
C TRP C 3250 -122.97 65.07 -15.56
N GLU C 3251 -122.07 65.80 -16.23
CA GLU C 3251 -121.75 67.15 -15.79
C GLU C 3251 -122.94 68.09 -15.95
N HIS C 3252 -123.86 67.76 -16.86
CA HIS C 3252 -125.05 68.58 -17.05
C HIS C 3252 -126.15 68.28 -16.03
N GLY C 3253 -126.06 67.16 -15.32
CA GLY C 3253 -127.07 66.79 -14.35
C GLY C 3253 -127.16 67.76 -13.18
N PRO C 3254 -128.34 67.85 -12.56
CA PRO C 3254 -128.51 68.80 -11.45
C PRO C 3254 -127.66 68.47 -10.23
N GLU C 3255 -127.20 67.22 -10.11
CA GLU C 3255 -126.33 66.86 -9.00
C GLU C 3255 -124.99 67.59 -9.08
N ASN C 3256 -124.47 67.81 -10.30
CA ASN C 3256 -123.26 68.61 -10.45
C ASN C 3256 -123.56 70.10 -10.45
N ASN C 3257 -124.79 70.48 -10.80
CA ASN C 3257 -125.20 71.87 -10.85
C ASN C 3257 -126.50 72.04 -10.06
N PRO C 3258 -126.41 72.08 -8.72
CA PRO C 3258 -127.61 72.36 -7.92
C PRO C 3258 -128.20 73.73 -8.21
N GLU C 3259 -127.43 74.60 -8.87
CA GLU C 3259 -127.93 75.89 -9.29
C GLU C 3259 -128.97 75.72 -10.40
N ARG C 3260 -129.43 76.86 -10.93
CA ARG C 3260 -130.47 76.96 -11.97
C ARG C 3260 -131.59 75.93 -11.76
N ALA C 3261 -132.07 75.83 -10.51
CA ALA C 3261 -133.14 74.90 -10.18
C ALA C 3261 -134.36 75.16 -11.07
N GLU C 3262 -135.04 74.06 -11.42
CA GLU C 3262 -136.18 73.98 -12.34
C GLU C 3262 -135.86 74.59 -13.70
N MET C 3263 -134.57 74.88 -13.96
CA MET C 3263 -134.06 75.07 -15.31
C MET C 3263 -133.17 73.91 -15.76
N CYS C 3264 -133.18 72.80 -15.03
CA CYS C 3264 -132.35 71.65 -15.36
C CYS C 3264 -133.13 70.71 -16.28
N CYS C 3265 -132.51 70.35 -17.41
CA CYS C 3265 -133.19 69.50 -18.37
C CYS C 3265 -133.09 68.02 -17.99
N THR C 3266 -131.87 67.48 -17.97
CA THR C 3266 -131.65 66.06 -17.76
C THR C 3266 -131.41 65.76 -16.29
N ALA C 3267 -132.10 64.75 -15.79
CA ALA C 3267 -132.00 64.32 -14.40
C ALA C 3267 -131.25 63.00 -14.33
N LEU C 3268 -130.14 62.99 -13.59
CA LEU C 3268 -129.27 61.83 -13.46
C LEU C 3268 -128.51 61.95 -12.13
N ASN C 3269 -128.07 60.82 -11.60
CA ASN C 3269 -127.36 60.87 -10.33
C ASN C 3269 -126.43 59.66 -10.20
N SER C 3270 -125.48 59.78 -9.26
CA SER C 3270 -124.50 58.73 -9.02
C SER C 3270 -125.16 57.39 -8.72
N GLU C 3271 -126.27 57.38 -7.98
CA GLU C 3271 -126.95 56.12 -7.75
C GLU C 3271 -127.57 55.57 -9.02
N HIS C 3272 -128.01 56.45 -9.93
CA HIS C 3272 -128.51 55.99 -11.22
C HIS C 3272 -127.41 55.26 -11.98
N MET C 3273 -126.22 55.88 -12.08
CA MET C 3273 -125.13 55.17 -12.76
C MET C 3273 -124.74 53.90 -12.02
N ASN C 3274 -124.75 53.93 -10.69
CA ASN C 3274 -124.33 52.76 -9.93
C ASN C 3274 -125.27 51.60 -10.17
N THR C 3275 -126.58 51.86 -10.17
CA THR C 3275 -127.55 50.82 -10.46
C THR C 3275 -127.39 50.29 -11.87
N LEU C 3276 -127.14 51.17 -12.85
CA LEU C 3276 -127.06 50.72 -14.23
C LEU C 3276 -125.78 49.91 -14.47
N LEU C 3277 -124.65 50.34 -13.88
CA LEU C 3277 -123.43 49.56 -14.02
C LEU C 3277 -123.51 48.25 -13.24
N GLY C 3278 -124.27 48.23 -12.14
CA GLY C 3278 -124.57 46.99 -11.47
C GLY C 3278 -125.36 46.06 -12.37
N ASN C 3279 -126.31 46.63 -13.12
CA ASN C 3279 -127.03 45.86 -14.11
C ASN C 3279 -126.10 45.29 -15.16
N ILE C 3280 -125.16 46.11 -15.64
CA ILE C 3280 -124.20 45.66 -16.66
C ILE C 3280 -123.35 44.52 -16.13
N LEU C 3281 -122.83 44.67 -14.91
CA LEU C 3281 -121.98 43.63 -14.33
C LEU C 3281 -122.76 42.36 -14.00
N LYS C 3282 -124.01 42.48 -13.58
CA LYS C 3282 -124.80 41.29 -13.33
C LYS C 3282 -125.17 40.60 -14.64
N ILE C 3283 -125.36 41.37 -15.71
CA ILE C 3283 -125.59 40.78 -17.03
C ILE C 3283 -124.37 40.01 -17.50
N ILE C 3284 -123.18 40.61 -17.36
CA ILE C 3284 -121.98 39.90 -17.80
C ILE C 3284 -121.73 38.70 -16.90
N TYR C 3285 -122.10 38.78 -15.62
CA TYR C 3285 -122.07 37.61 -14.76
C TYR C 3285 -122.98 36.51 -15.29
N ASN C 3286 -124.20 36.85 -15.70
CA ASN C 3286 -125.10 35.87 -16.27
C ASN C 3286 -124.55 35.27 -17.55
N ASN C 3287 -123.81 36.04 -18.34
CA ASN C 3287 -123.33 35.60 -19.64
C ASN C 3287 -121.83 35.32 -19.66
N LEU C 3288 -121.23 35.03 -18.50
CA LEU C 3288 -119.81 34.66 -18.46
C LEU C 3288 -119.56 33.37 -19.23
N GLY C 3289 -120.11 32.26 -18.74
CA GLY C 3289 -119.87 30.97 -19.36
C GLY C 3289 -120.78 30.73 -20.53
N ILE C 3290 -121.68 31.67 -20.78
CA ILE C 3290 -122.62 31.59 -21.89
C ILE C 3290 -122.04 32.39 -23.05
N ASP C 3291 -121.82 31.71 -24.17
CA ASP C 3291 -121.67 32.14 -25.58
C ASP C 3291 -120.51 33.09 -25.77
N GLU C 3292 -119.89 33.53 -24.67
CA GLU C 3292 -118.75 34.45 -24.68
C GLU C 3292 -118.87 35.54 -25.72
N GLY C 3293 -117.87 35.66 -26.60
CA GLY C 3293 -117.86 36.68 -27.61
C GLY C 3293 -116.95 37.85 -27.24
N ALA C 3294 -117.12 38.94 -28.00
CA ALA C 3294 -116.38 40.17 -27.74
C ALA C 3294 -117.29 41.35 -27.44
N TRP C 3295 -118.61 41.14 -27.38
CA TRP C 3295 -119.52 42.22 -27.06
C TRP C 3295 -119.27 42.78 -25.66
N MET C 3296 -119.03 41.89 -24.68
CA MET C 3296 -118.62 42.37 -23.37
C MET C 3296 -117.28 43.09 -23.43
N LYS C 3297 -116.36 42.62 -24.28
CA LYS C 3297 -115.07 43.28 -24.42
C LYS C 3297 -115.22 44.72 -24.89
N ARG C 3298 -116.09 44.97 -25.87
CA ARG C 3298 -116.26 46.33 -26.37
C ARG C 3298 -117.11 47.18 -25.42
N LEU C 3299 -118.13 46.60 -24.78
CA LEU C 3299 -118.92 47.39 -23.86
C LEU C 3299 -118.10 47.76 -22.62
N ALA C 3300 -117.06 46.98 -22.31
CA ALA C 3300 -116.17 47.36 -21.22
C ALA C 3300 -115.43 48.64 -21.54
N VAL C 3301 -114.89 48.77 -22.76
CA VAL C 3301 -114.18 50.00 -23.08
C VAL C 3301 -115.16 51.15 -23.28
N PHE C 3302 -116.41 50.86 -23.66
CA PHE C 3302 -117.42 51.92 -23.67
C PHE C 3302 -117.80 52.36 -22.26
N SER C 3303 -117.77 51.44 -21.28
CA SER C 3303 -118.12 51.74 -19.91
C SER C 3303 -116.94 52.27 -19.09
N GLN C 3304 -115.73 52.24 -19.64
CA GLN C 3304 -114.56 52.83 -18.99
C GLN C 3304 -114.78 54.25 -18.48
N PRO C 3305 -115.33 55.19 -19.27
CA PRO C 3305 -115.60 56.52 -18.71
C PRO C 3305 -116.54 56.49 -17.51
N ILE C 3306 -117.50 55.55 -17.48
CA ILE C 3306 -118.39 55.45 -16.33
C ILE C 3306 -117.64 54.99 -15.08
N ILE C 3307 -116.70 54.05 -15.23
CA ILE C 3307 -115.98 53.57 -14.05
C ILE C 3307 -114.94 54.61 -13.61
N ASN C 3308 -114.48 55.46 -14.53
CA ASN C 3308 -113.70 56.62 -14.07
C ASN C 3308 -114.58 57.64 -13.36
N LYS C 3309 -115.81 57.84 -13.84
CA LYS C 3309 -116.72 58.81 -13.24
C LYS C 3309 -117.09 58.42 -11.82
N VAL C 3310 -117.45 57.15 -11.62
CA VAL C 3310 -117.90 56.70 -10.31
C VAL C 3310 -116.72 56.68 -9.33
N LYS C 3311 -117.00 57.08 -8.09
CA LYS C 3311 -115.97 57.15 -7.06
C LYS C 3311 -115.51 55.75 -6.68
N PRO C 3312 -114.19 55.53 -6.59
CA PRO C 3312 -113.70 54.24 -6.08
C PRO C 3312 -114.15 53.95 -4.66
N GLN C 3313 -114.24 54.99 -3.82
CA GLN C 3313 -114.81 54.86 -2.48
C GLN C 3313 -116.24 54.36 -2.54
N LEU C 3314 -117.01 54.83 -3.52
CA LEU C 3314 -118.37 54.31 -3.70
C LEU C 3314 -118.33 52.89 -4.26
N LEU C 3315 -117.30 52.57 -5.05
CA LEU C 3315 -117.19 51.25 -5.66
C LEU C 3315 -116.45 50.27 -4.75
N LYS C 3316 -116.20 50.66 -3.50
CA LYS C 3316 -116.04 49.66 -2.45
C LYS C 3316 -117.35 48.89 -2.28
N THR C 3317 -117.25 47.66 -1.77
CA THR C 3317 -118.33 46.68 -1.74
C THR C 3317 -118.69 46.27 -3.16
N HIS C 3318 -118.02 46.86 -4.14
CA HIS C 3318 -118.08 46.43 -5.53
C HIS C 3318 -116.73 45.95 -6.04
N PHE C 3319 -115.64 46.27 -5.32
CA PHE C 3319 -114.36 45.64 -5.62
C PHE C 3319 -114.47 44.12 -5.70
N LEU C 3320 -115.14 43.50 -4.73
CA LEU C 3320 -115.25 42.03 -4.72
C LEU C 3320 -116.01 41.50 -5.93
N PRO C 3321 -117.14 42.08 -6.35
CA PRO C 3321 -117.74 41.66 -7.63
C PRO C 3321 -116.85 41.91 -8.84
N LEU C 3322 -115.82 42.75 -8.70
CA LEU C 3322 -114.92 42.99 -9.82
C LEU C 3322 -113.91 41.86 -9.96
N MET C 3323 -113.26 41.47 -8.87
CA MET C 3323 -112.32 40.34 -8.93
C MET C 3323 -113.04 39.01 -9.12
N GLU C 3324 -114.22 38.85 -8.53
CA GLU C 3324 -115.06 37.70 -8.81
C GLU C 3324 -115.83 37.98 -10.10
N LYS C 3325 -116.41 36.93 -10.68
CA LYS C 3325 -116.83 36.82 -12.08
C LYS C 3325 -115.60 36.62 -12.95
N LEU C 3326 -114.41 36.75 -12.36
CA LEU C 3326 -113.17 36.51 -13.10
C LEU C 3326 -112.35 35.43 -12.41
N LYS C 3327 -112.27 35.49 -11.09
CA LYS C 3327 -111.47 34.50 -10.35
C LYS C 3327 -112.18 33.15 -10.28
N LYS C 3328 -113.51 33.15 -10.29
CA LYS C 3328 -114.24 31.90 -10.04
C LYS C 3328 -114.21 31.00 -11.27
N LYS C 3329 -114.27 31.58 -12.46
CA LYS C 3329 -114.21 30.80 -13.71
C LYS C 3329 -112.78 30.39 -14.07
N ALA C 3330 -112.10 29.65 -13.19
CA ALA C 3330 -110.77 29.15 -13.52
C ALA C 3330 -110.83 28.09 -14.61
N ALA C 3331 -111.96 27.39 -14.72
CA ALA C 3331 -112.11 26.39 -15.77
C ALA C 3331 -112.06 27.03 -17.15
N THR C 3332 -112.70 28.18 -17.31
CA THR C 3332 -112.65 28.90 -18.57
C THR C 3332 -111.28 29.53 -18.78
N VAL C 3333 -111.01 29.91 -20.03
CA VAL C 3333 -109.73 30.50 -20.42
C VAL C 3333 -109.87 31.92 -20.90
N VAL C 3334 -111.07 32.35 -21.31
CA VAL C 3334 -111.25 33.71 -21.79
C VAL C 3334 -111.13 34.69 -20.62
N SER C 3335 -110.44 35.80 -20.89
CA SER C 3335 -110.18 36.83 -19.90
C SER C 3335 -110.79 38.15 -20.35
N GLU C 3336 -111.43 38.86 -19.41
CA GLU C 3336 -112.04 40.14 -19.73
C GLU C 3336 -112.08 40.98 -18.47
N GLU C 3337 -111.72 42.26 -18.63
CA GLU C 3337 -111.73 43.25 -17.56
C GLU C 3337 -110.85 42.80 -16.39
N VAL C 3599 -88.88 22.92 -41.89
CA VAL C 3599 -89.93 23.14 -42.87
C VAL C 3599 -89.32 23.36 -44.26
N VAL C 3600 -88.36 24.30 -44.33
CA VAL C 3600 -87.74 24.63 -45.60
C VAL C 3600 -86.67 23.65 -46.02
N ALA C 3601 -86.30 22.70 -45.17
CA ALA C 3601 -85.25 21.74 -45.53
C ALA C 3601 -85.71 20.82 -46.65
N CYS C 3602 -86.94 20.32 -46.57
CA CYS C 3602 -87.49 19.42 -47.57
C CYS C 3602 -87.58 20.05 -48.95
N PHE C 3603 -87.63 21.38 -49.03
CA PHE C 3603 -87.61 22.10 -50.30
C PHE C 3603 -86.20 22.49 -50.71
N ARG C 3604 -85.34 22.86 -49.75
CA ARG C 3604 -83.94 23.12 -50.05
C ARG C 3604 -83.28 21.90 -50.66
N MET C 3605 -83.72 20.71 -50.26
CA MET C 3605 -83.20 19.46 -50.80
C MET C 3605 -84.35 18.46 -50.84
N ALA C 3606 -84.58 17.88 -52.02
CA ALA C 3606 -85.78 17.11 -52.29
C ALA C 3606 -85.61 15.64 -51.90
N PRO C 3607 -86.70 14.95 -51.63
CA PRO C 3607 -86.63 13.50 -51.38
C PRO C 3607 -86.29 12.74 -52.66
N LEU C 3608 -86.19 11.42 -52.49
CA LEU C 3608 -85.81 10.55 -53.60
C LEU C 3608 -86.85 10.53 -54.72
N TYR C 3609 -88.14 10.68 -54.41
CA TYR C 3609 -89.16 10.64 -55.44
C TYR C 3609 -89.07 11.80 -56.42
N ASN C 3610 -88.50 12.93 -56.00
CA ASN C 3610 -88.31 14.04 -56.93
C ASN C 3610 -87.09 13.82 -57.82
N LEU C 3611 -86.17 12.95 -57.40
CA LEU C 3611 -84.94 12.75 -58.15
C LEU C 3611 -85.23 12.03 -59.46
N PRO C 3612 -84.42 12.26 -60.50
CA PRO C 3612 -84.59 11.50 -61.76
C PRO C 3612 -84.35 10.02 -61.57
N ARG C 3613 -84.83 9.21 -62.53
CA ARG C 3613 -84.73 7.76 -62.40
C ARG C 3613 -83.28 7.28 -62.37
N HIS C 3614 -82.44 7.82 -63.26
CA HIS C 3614 -81.07 7.33 -63.35
C HIS C 3614 -80.23 7.71 -62.14
N ARG C 3615 -80.42 8.93 -61.62
CA ARG C 3615 -79.72 9.34 -60.41
C ARG C 3615 -80.10 8.45 -59.23
N ALA C 3616 -81.39 8.18 -59.06
CA ALA C 3616 -81.85 7.32 -57.97
C ALA C 3616 -81.32 5.90 -58.17
N VAL C 3617 -81.27 5.43 -59.41
CA VAL C 3617 -80.74 4.09 -59.68
C VAL C 3617 -79.27 4.00 -59.27
N ASN C 3618 -78.48 5.01 -59.64
CA ASN C 3618 -77.06 4.99 -59.27
C ASN C 3618 -76.89 5.06 -57.75
N LEU C 3619 -77.67 5.92 -57.09
CA LEU C 3619 -77.60 6.02 -55.64
C LEU C 3619 -77.97 4.71 -54.97
N PHE C 3620 -79.01 4.04 -55.49
CA PHE C 3620 -79.40 2.74 -54.95
C PHE C 3620 -78.32 1.69 -55.20
N LEU C 3621 -77.67 1.73 -56.36
CA LEU C 3621 -76.57 0.79 -56.60
C LEU C 3621 -75.48 0.97 -55.56
N GLN C 3622 -75.07 2.21 -55.31
CA GLN C 3622 -74.03 2.47 -54.32
C GLN C 3622 -74.48 2.04 -52.92
N GLY C 3623 -75.72 2.37 -52.56
CA GLY C 3623 -76.22 2.02 -51.24
C GLY C 3623 -76.34 0.53 -51.04
N TYR C 3624 -76.89 -0.18 -52.03
CA TYR C 3624 -76.96 -1.63 -51.98
C TYR C 3624 -75.58 -2.25 -51.83
N GLU C 3625 -74.63 -1.81 -52.66
CA GLU C 3625 -73.26 -2.28 -52.56
C GLU C 3625 -72.76 -2.14 -51.12
N LYS C 3626 -72.71 -0.90 -50.62
CA LYS C 3626 -72.11 -0.64 -49.31
C LYS C 3626 -72.84 -1.39 -48.19
N SER C 3627 -74.17 -1.44 -48.26
CA SER C 3627 -74.95 -1.95 -47.13
C SER C 3627 -74.97 -3.47 -47.11
N TRP C 3628 -74.97 -4.12 -48.27
CA TRP C 3628 -75.23 -5.56 -48.35
C TRP C 3628 -73.98 -6.35 -48.72
N ILE C 3629 -73.22 -5.93 -49.73
CA ILE C 3629 -72.24 -6.83 -50.34
C ILE C 3629 -71.09 -7.10 -49.37
N GLU C 3630 -70.61 -6.06 -48.70
CA GLU C 3630 -69.56 -6.27 -47.69
C GLU C 3630 -70.08 -7.03 -46.50
N THR C 3631 -71.28 -6.69 -46.02
CA THR C 3631 -71.84 -7.35 -44.84
C THR C 3631 -72.07 -8.84 -45.09
N GLU C 3632 -72.33 -9.23 -46.34
CA GLU C 3632 -72.41 -10.64 -46.67
C GLU C 3632 -71.02 -11.27 -46.58
N GLU C 3633 -70.86 -12.20 -45.64
CA GLU C 3633 -69.56 -12.80 -45.36
C GLU C 3633 -69.67 -14.31 -45.42
N HIS C 3634 -68.74 -14.94 -46.14
CA HIS C 3634 -68.67 -16.40 -46.24
C HIS C 3634 -67.27 -16.85 -45.85
N TYR C 3635 -67.22 -17.98 -45.15
CA TYR C 3635 -65.98 -18.51 -44.58
C TYR C 3635 -65.49 -19.65 -45.45
N PHE C 3636 -64.39 -19.42 -46.17
CA PHE C 3636 -63.81 -20.40 -47.07
C PHE C 3636 -62.33 -20.66 -46.81
N GLU C 3637 -61.72 -19.92 -45.87
CA GLU C 3637 -60.27 -19.95 -45.72
C GLU C 3637 -59.79 -21.32 -45.26
N ASP C 3638 -60.47 -21.93 -44.30
CA ASP C 3638 -60.04 -23.22 -43.78
C ASP C 3638 -60.06 -24.28 -44.88
N LYS C 3639 -61.18 -24.39 -45.60
CA LYS C 3639 -61.28 -25.38 -46.68
C LYS C 3639 -60.28 -25.09 -47.79
N LEU C 3640 -60.08 -23.81 -48.13
CA LEU C 3640 -59.14 -23.47 -49.19
C LEU C 3640 -57.71 -23.87 -48.84
N ILE C 3641 -57.28 -23.53 -47.63
CA ILE C 3641 -55.90 -23.77 -47.22
C ILE C 3641 -55.71 -25.26 -46.91
N GLU C 3642 -56.81 -25.97 -46.69
CA GLU C 3642 -56.67 -27.41 -46.53
C GLU C 3642 -56.60 -28.14 -47.85
N ASP C 3643 -57.43 -27.76 -48.83
CA ASP C 3643 -57.35 -28.37 -50.15
C ASP C 3643 -56.01 -28.03 -50.82
N LEU C 3644 -55.53 -26.80 -50.65
CA LEU C 3644 -54.20 -26.46 -51.16
C LEU C 3644 -53.11 -27.24 -50.46
N ALA C 3645 -53.32 -27.59 -49.19
CA ALA C 3645 -52.32 -28.36 -48.45
C ALA C 3645 -52.33 -29.83 -48.88
N LYS C 3646 -53.48 -30.33 -49.32
CA LYS C 3646 -53.56 -31.73 -49.72
C LYS C 3646 -52.66 -32.00 -50.91
N PRO C 3647 -51.78 -33.00 -50.82
CA PRO C 3647 -51.03 -33.45 -52.00
C PRO C 3647 -51.93 -34.25 -52.93
N GLY C 3648 -52.03 -33.82 -54.18
CA GLY C 3648 -52.96 -34.42 -55.11
C GLY C 3648 -52.51 -35.74 -55.71
N ALA C 3649 -52.47 -36.78 -54.88
CA ALA C 3649 -52.11 -38.14 -55.33
C ALA C 3649 -50.78 -38.15 -56.06
N GLU C 3650 -49.76 -37.50 -55.49
CA GLU C 3650 -48.45 -37.47 -56.12
C GLU C 3650 -47.81 -38.84 -56.25
N PRO C 3651 -47.76 -39.68 -55.22
CA PRO C 3651 -47.20 -41.04 -55.40
C PRO C 3651 -48.00 -41.86 -56.41
N PRO C 3652 -49.34 -41.76 -56.43
CA PRO C 3652 -50.06 -42.38 -57.55
C PRO C 3652 -49.66 -41.84 -58.91
N GLU C 3653 -49.37 -40.55 -59.00
CA GLU C 3653 -48.92 -39.98 -60.27
C GLU C 3653 -47.57 -40.54 -60.66
N GLU C 3654 -47.36 -40.73 -61.96
CA GLU C 3654 -46.12 -41.29 -62.49
C GLU C 3654 -44.99 -40.26 -62.44
N ASP C 3655 -44.59 -39.91 -61.22
CA ASP C 3655 -43.47 -39.00 -61.04
C ASP C 3655 -42.16 -39.73 -60.91
N GLU C 3656 -42.15 -40.84 -60.15
CA GLU C 3656 -40.95 -41.64 -59.90
C GLU C 3656 -39.79 -40.79 -59.40
N GLY C 3657 -40.07 -39.94 -58.42
CA GLY C 3657 -39.06 -39.04 -57.88
C GLY C 3657 -39.40 -38.64 -56.46
N THR C 3658 -38.68 -37.63 -55.99
CA THR C 3658 -38.89 -37.12 -54.64
C THR C 3658 -40.25 -36.45 -54.53
N LYS C 3659 -40.72 -36.28 -53.29
CA LYS C 3659 -41.99 -35.65 -53.00
C LYS C 3659 -42.07 -34.25 -53.62
N ARG C 3660 -43.04 -34.06 -54.51
CA ARG C 3660 -43.23 -32.76 -55.11
C ARG C 3660 -43.88 -31.79 -54.13
N VAL C 3661 -43.61 -30.50 -54.33
CA VAL C 3661 -44.08 -29.49 -53.40
C VAL C 3661 -45.57 -29.24 -53.59
N ASP C 3662 -46.30 -29.14 -52.48
CA ASP C 3662 -47.74 -28.93 -52.53
C ASP C 3662 -48.05 -27.51 -53.00
N PRO C 3663 -49.27 -27.29 -53.52
CA PRO C 3663 -49.61 -25.95 -54.06
C PRO C 3663 -49.44 -24.82 -53.06
N LEU C 3664 -49.77 -25.06 -51.78
CA LEU C 3664 -49.55 -24.04 -50.75
C LEU C 3664 -48.06 -23.75 -50.60
N HIS C 3665 -47.22 -24.79 -50.64
CA HIS C 3665 -45.78 -24.58 -50.56
C HIS C 3665 -45.27 -23.81 -51.76
N GLN C 3666 -45.78 -24.10 -52.97
CA GLN C 3666 -45.41 -23.32 -54.15
C GLN C 3666 -45.82 -21.87 -54.04
N LEU C 3667 -47.02 -21.58 -53.54
CA LEU C 3667 -47.45 -20.20 -53.32
C LEU C 3667 -46.54 -19.48 -52.32
N ILE C 3668 -46.21 -20.15 -51.21
CA ILE C 3668 -45.33 -19.54 -50.23
C ILE C 3668 -43.94 -19.29 -50.81
N LEU C 3669 -43.43 -20.23 -51.60
CA LEU C 3669 -42.16 -20.03 -52.29
C LEU C 3669 -42.20 -18.88 -53.29
N LEU C 3670 -43.30 -18.74 -54.03
CA LEU C 3670 -43.44 -17.61 -54.94
C LEU C 3670 -43.40 -16.29 -54.19
N PHE C 3671 -44.16 -16.19 -53.09
CA PHE C 3671 -44.12 -14.97 -52.29
C PHE C 3671 -42.74 -14.71 -51.69
N SER C 3672 -42.07 -15.75 -51.20
CA SER C 3672 -40.74 -15.59 -50.64
C SER C 3672 -39.74 -15.12 -51.69
N ARG C 3673 -39.79 -15.69 -52.88
CA ARG C 3673 -38.90 -15.25 -53.96
C ARG C 3673 -39.19 -13.82 -54.37
N THR C 3674 -40.48 -13.43 -54.43
CA THR C 3674 -40.82 -12.06 -54.75
C THR C 3674 -40.26 -11.10 -53.69
N ALA C 3675 -40.36 -11.49 -52.42
CA ALA C 3675 -39.81 -10.66 -51.35
C ALA C 3675 -38.28 -10.57 -51.45
N LEU C 3676 -37.63 -11.69 -51.76
CA LEU C 3676 -36.17 -11.71 -51.78
C LEU C 3676 -35.61 -10.97 -52.98
N THR C 3677 -36.38 -10.87 -54.06
CA THR C 3677 -35.91 -10.15 -55.24
C THR C 3677 -35.64 -8.69 -54.89
N GLU C 3678 -34.47 -8.21 -55.33
CA GLU C 3678 -34.07 -6.84 -54.99
C GLU C 3678 -34.91 -5.83 -55.75
N LYS C 3679 -35.55 -4.93 -55.01
CA LYS C 3679 -36.34 -3.86 -55.60
C LYS C 3679 -36.11 -2.60 -54.77
N CYS C 3680 -36.25 -1.44 -55.43
CA CYS C 3680 -36.10 -0.17 -54.72
C CYS C 3680 -37.23 0.04 -53.72
N LYS C 3681 -38.42 -0.47 -54.00
CA LYS C 3681 -39.57 -0.32 -53.13
C LYS C 3681 -40.39 -1.61 -53.15
N LEU C 3682 -41.00 -1.92 -52.00
CA LEU C 3682 -41.86 -3.09 -51.89
C LEU C 3682 -43.20 -2.76 -52.52
N GLU C 3683 -43.36 -3.11 -53.80
CA GLU C 3683 -44.59 -2.81 -54.52
C GLU C 3683 -45.76 -3.62 -53.96
N GLU C 3684 -46.93 -2.99 -53.93
CA GLU C 3684 -48.13 -3.65 -53.43
C GLU C 3684 -48.55 -4.77 -54.37
N ASP C 3685 -48.87 -5.94 -53.79
CA ASP C 3685 -49.32 -7.09 -54.55
C ASP C 3685 -50.68 -7.51 -54.03
N PHE C 3686 -51.71 -7.35 -54.87
CA PHE C 3686 -53.07 -7.73 -54.49
C PHE C 3686 -53.15 -9.22 -54.16
N LEU C 3687 -52.42 -10.04 -54.90
CA LEU C 3687 -52.36 -11.47 -54.60
C LEU C 3687 -51.85 -11.71 -53.19
N TYR C 3688 -50.81 -10.99 -52.79
CA TYR C 3688 -50.29 -11.14 -51.43
C TYR C 3688 -51.30 -10.66 -50.40
N MET C 3689 -51.86 -9.47 -50.60
CA MET C 3689 -52.81 -8.96 -49.60
C MET C 3689 -54.07 -9.81 -49.50
N ALA C 3690 -54.38 -10.59 -50.53
CA ALA C 3690 -55.50 -11.51 -50.42
C ALA C 3690 -55.11 -12.82 -49.74
N TYR C 3691 -54.07 -13.48 -50.24
CA TYR C 3691 -53.75 -14.81 -49.75
C TYR C 3691 -53.13 -14.78 -48.35
N ALA C 3692 -52.38 -13.73 -48.01
CA ALA C 3692 -51.88 -13.63 -46.64
C ALA C 3692 -53.03 -13.50 -45.65
N ASP C 3693 -54.05 -12.72 -46.02
CA ASP C 3693 -55.24 -12.63 -45.17
C ASP C 3693 -55.94 -13.98 -45.07
N ILE C 3694 -56.05 -14.71 -46.19
CA ILE C 3694 -56.67 -16.03 -46.14
C ILE C 3694 -55.90 -16.95 -45.21
N MET C 3695 -54.56 -16.95 -45.31
CA MET C 3695 -53.73 -17.79 -44.46
C MET C 3695 -53.86 -17.42 -42.99
N ALA C 3696 -53.89 -16.12 -42.68
CA ALA C 3696 -54.05 -15.69 -41.30
C ALA C 3696 -55.40 -16.10 -40.73
N LYS C 3697 -56.47 -15.94 -41.52
CA LYS C 3697 -57.79 -16.38 -41.09
C LYS C 3697 -57.80 -17.88 -40.85
N SER C 3698 -57.16 -18.66 -41.73
CA SER C 3698 -57.13 -20.11 -41.56
C SER C 3698 -56.45 -20.50 -40.25
N CYS C 3699 -55.43 -19.73 -39.84
CA CYS C 3699 -54.75 -20.05 -38.58
C CYS C 3699 -55.57 -19.64 -37.38
N HIS C 3700 -55.99 -18.37 -37.31
CA HIS C 3700 -56.58 -17.91 -36.05
C HIS C 3700 -58.02 -18.39 -35.89
N ASP C 3701 -58.66 -18.78 -37.00
CA ASP C 3701 -59.96 -19.47 -37.05
C ASP C 3701 -60.95 -19.01 -35.98
N GLU C 3702 -61.01 -17.69 -35.74
CA GLU C 3702 -61.94 -17.15 -34.76
C GLU C 3702 -62.43 -15.76 -35.16
N GLU C 3710 -70.65 -21.36 -21.42
CA GLU C 3710 -69.57 -20.66 -22.11
C GLU C 3710 -68.22 -21.16 -21.62
N VAL C 3711 -68.18 -21.61 -20.36
CA VAL C 3711 -66.95 -22.12 -19.79
C VAL C 3711 -66.52 -23.39 -20.53
N LYS C 3712 -65.23 -23.51 -20.79
CA LYS C 3712 -64.68 -24.64 -21.52
C LYS C 3712 -63.99 -25.60 -20.55
N SER C 3713 -64.18 -26.89 -20.81
CA SER C 3713 -63.48 -27.91 -20.03
C SER C 3713 -62.02 -27.99 -20.45
N PHE C 3714 -61.21 -28.63 -19.59
CA PHE C 3714 -59.79 -28.73 -19.87
C PHE C 3714 -59.51 -29.54 -21.14
N GLU C 3715 -60.25 -30.63 -21.35
CA GLU C 3715 -60.10 -31.41 -22.57
C GLU C 3715 -60.44 -30.58 -23.80
N GLU C 3716 -61.53 -29.80 -23.74
CA GLU C 3716 -61.87 -28.93 -24.85
C GLU C 3716 -60.75 -27.92 -25.12
N LYS C 3717 -60.26 -27.26 -24.06
CA LYS C 3717 -59.22 -26.24 -24.24
C LYS C 3717 -57.96 -26.83 -24.85
N GLU C 3718 -57.54 -28.00 -24.37
CA GLU C 3718 -56.47 -28.73 -25.04
C GLU C 3718 -56.80 -29.02 -26.49
N MET C 3719 -58.07 -29.27 -26.81
CA MET C 3719 -58.45 -29.46 -28.20
C MET C 3719 -58.26 -28.21 -29.05
N GLU C 3720 -58.70 -27.04 -28.59
CA GLU C 3720 -58.46 -25.85 -29.40
C GLU C 3720 -56.97 -25.55 -29.50
N LYS C 3721 -56.20 -25.86 -28.45
CA LYS C 3721 -54.75 -25.69 -28.54
C LYS C 3721 -54.16 -26.60 -29.62
N GLN C 3722 -54.58 -27.86 -29.67
CA GLN C 3722 -54.08 -28.77 -30.69
C GLN C 3722 -54.52 -28.32 -32.09
N LYS C 3723 -55.76 -27.84 -32.22
CA LYS C 3723 -56.25 -27.34 -33.50
C LYS C 3723 -55.40 -26.16 -33.99
N LEU C 3724 -55.13 -25.21 -33.08
CA LEU C 3724 -54.31 -24.06 -33.44
C LEU C 3724 -52.89 -24.49 -33.83
N LEU C 3725 -52.33 -25.45 -33.08
CA LEU C 3725 -50.99 -25.94 -33.41
C LEU C 3725 -50.95 -26.60 -34.78
N TYR C 3726 -51.97 -27.41 -35.11
CA TYR C 3726 -52.00 -28.05 -36.42
C TYR C 3726 -52.17 -27.03 -37.54
N GLN C 3727 -53.04 -26.04 -37.33
CA GLN C 3727 -53.25 -25.02 -38.35
C GLN C 3727 -52.01 -24.15 -38.55
N GLN C 3728 -51.27 -23.87 -37.47
CA GLN C 3728 -50.00 -23.16 -37.60
C GLN C 3728 -48.92 -24.02 -38.23
N ALA C 3729 -48.95 -25.33 -37.99
CA ALA C 3729 -48.03 -26.26 -38.64
C ALA C 3729 -48.22 -26.33 -40.13
N ARG C 3730 -49.48 -26.32 -40.58
CA ARG C 3730 -49.76 -26.35 -42.02
C ARG C 3730 -49.10 -25.19 -42.74
N LEU C 3731 -48.83 -24.08 -42.05
CA LEU C 3731 -48.22 -22.92 -42.69
C LEU C 3731 -46.73 -22.79 -42.42
N HIS C 3732 -46.27 -23.01 -41.19
CA HIS C 3732 -44.85 -22.84 -40.92
C HIS C 3732 -44.04 -24.10 -41.23
N ASP C 3733 -44.68 -25.17 -41.69
CA ASP C 3733 -43.97 -26.29 -42.29
C ASP C 3733 -43.68 -26.08 -43.77
N ARG C 3734 -44.09 -24.94 -44.33
CA ARG C 3734 -43.93 -24.65 -45.75
C ARG C 3734 -43.22 -23.34 -46.02
N GLY C 3735 -42.64 -22.70 -45.01
CA GLY C 3735 -41.86 -21.51 -45.19
C GLY C 3735 -42.53 -20.19 -44.85
N ALA C 3736 -43.71 -20.22 -44.23
CA ALA C 3736 -44.39 -18.98 -43.89
C ALA C 3736 -43.61 -18.17 -42.85
N ALA C 3737 -42.90 -18.85 -41.95
CA ALA C 3737 -42.12 -18.15 -40.93
C ALA C 3737 -41.01 -17.33 -41.58
N GLU C 3738 -40.34 -17.89 -42.59
CA GLU C 3738 -39.33 -17.13 -43.32
C GLU C 3738 -39.96 -16.08 -44.23
N MET C 3739 -41.15 -16.37 -44.78
CA MET C 3739 -41.84 -15.43 -45.66
C MET C 3739 -42.23 -14.15 -44.93
N VAL C 3740 -42.79 -14.28 -43.72
CA VAL C 3740 -43.21 -13.11 -42.96
C VAL C 3740 -42.03 -12.27 -42.48
N LEU C 3741 -40.84 -12.85 -42.39
CA LEU C 3741 -39.65 -12.09 -42.09
C LEU C 3741 -39.09 -11.42 -43.35
N GLN C 3742 -39.11 -12.13 -44.47
CA GLN C 3742 -38.58 -11.59 -45.72
C GLN C 3742 -39.40 -10.39 -46.18
N THR C 3743 -40.73 -10.46 -46.07
CA THR C 3743 -41.55 -9.33 -46.50
C THR C 3743 -41.29 -8.11 -45.64
N ILE C 3744 -41.19 -8.29 -44.32
CA ILE C 3744 -40.89 -7.18 -43.42
C ILE C 3744 -39.52 -6.58 -43.74
N SER C 3745 -38.52 -7.43 -43.97
CA SER C 3745 -37.19 -6.94 -44.32
C SER C 3745 -37.19 -6.16 -45.63
N ALA C 3746 -37.93 -6.65 -46.64
CA ALA C 3746 -37.98 -5.94 -47.92
C ALA C 3746 -38.80 -4.66 -47.83
N SER C 3747 -39.67 -4.55 -46.82
CA SER C 3747 -40.45 -3.34 -46.64
C SER C 3747 -39.57 -2.12 -46.39
N LYS C 3748 -38.40 -2.30 -45.79
CA LYS C 3748 -37.45 -1.21 -45.54
C LYS C 3748 -38.07 -0.09 -44.71
N GLY C 3749 -38.88 -0.48 -43.72
CA GLY C 3749 -39.47 0.47 -42.81
C GLY C 3749 -40.47 1.42 -43.43
N GLU C 3750 -41.29 0.95 -44.37
CA GLU C 3750 -42.32 1.76 -45.01
C GLU C 3750 -43.68 1.19 -44.62
N THR C 3751 -44.49 1.99 -43.93
CA THR C 3751 -45.81 1.54 -43.52
C THR C 3751 -46.72 1.40 -44.73
N GLY C 3752 -47.40 0.26 -44.82
CA GLY C 3752 -48.30 0.00 -45.92
C GLY C 3752 -49.09 -1.28 -45.74
N PRO C 3753 -50.03 -1.54 -46.67
CA PRO C 3753 -50.83 -2.78 -46.57
C PRO C 3753 -49.98 -4.04 -46.63
N MET C 3754 -48.83 -3.99 -47.31
CA MET C 3754 -47.92 -5.13 -47.32
C MET C 3754 -47.56 -5.54 -45.89
N VAL C 3755 -47.07 -4.58 -45.10
CA VAL C 3755 -46.71 -4.85 -43.71
C VAL C 3755 -47.94 -5.14 -42.89
N ALA C 3756 -49.05 -4.44 -43.17
CA ALA C 3756 -50.29 -4.65 -42.43
C ALA C 3756 -50.80 -6.08 -42.54
N ALA C 3757 -50.62 -6.73 -43.68
CA ALA C 3757 -50.99 -8.14 -43.83
C ALA C 3757 -49.90 -9.09 -43.35
N THR C 3758 -48.63 -8.75 -43.57
CA THR C 3758 -47.54 -9.62 -43.11
C THR C 3758 -47.53 -9.74 -41.59
N LEU C 3759 -47.73 -8.62 -40.88
CA LEU C 3759 -47.76 -8.65 -39.43
C LEU C 3759 -48.92 -9.49 -38.92
N LYS C 3760 -50.09 -9.38 -39.56
CA LYS C 3760 -51.24 -10.20 -39.17
C LYS C 3760 -50.94 -11.68 -39.38
N LEU C 3761 -50.31 -12.03 -40.50
CA LEU C 3761 -49.97 -13.43 -40.73
C LEU C 3761 -48.95 -13.92 -39.70
N GLY C 3762 -47.97 -13.09 -39.36
CA GLY C 3762 -47.01 -13.47 -38.34
C GLY C 3762 -47.65 -13.69 -36.98
N ILE C 3763 -48.58 -12.80 -36.62
CA ILE C 3763 -49.31 -12.97 -35.35
C ILE C 3763 -50.13 -14.25 -35.39
N ALA C 3764 -50.79 -14.52 -36.51
CA ALA C 3764 -51.60 -15.72 -36.62
C ALA C 3764 -50.76 -16.98 -36.45
N ILE C 3765 -49.56 -17.00 -37.04
CA ILE C 3765 -48.74 -18.20 -36.92
C ILE C 3765 -48.02 -18.26 -35.57
N LEU C 3766 -47.89 -17.12 -34.89
CA LEU C 3766 -47.23 -17.07 -33.58
C LEU C 3766 -48.18 -17.09 -32.41
N ASN C 3767 -49.49 -17.19 -32.64
CA ASN C 3767 -50.45 -17.21 -31.54
C ASN C 3767 -50.14 -18.35 -30.58
N GLY C 3768 -50.20 -18.06 -29.29
CA GLY C 3768 -49.87 -19.02 -28.26
C GLY C 3768 -48.40 -19.18 -27.98
N GLY C 3769 -47.54 -18.33 -28.54
CA GLY C 3769 -46.11 -18.45 -28.33
C GLY C 3769 -45.52 -19.71 -28.92
N ASN C 3770 -45.77 -19.94 -30.21
CA ASN C 3770 -45.32 -21.16 -30.85
C ASN C 3770 -43.80 -21.25 -30.84
N SER C 3771 -43.28 -22.18 -30.03
CA SER C 3771 -41.83 -22.34 -29.88
C SER C 3771 -41.16 -22.78 -31.17
N THR C 3772 -41.79 -23.69 -31.93
CA THR C 3772 -41.20 -24.14 -33.18
C THR C 3772 -41.06 -22.99 -34.17
N VAL C 3773 -42.11 -22.17 -34.30
CA VAL C 3773 -42.06 -21.01 -35.20
C VAL C 3773 -41.05 -19.98 -34.72
N GLN C 3774 -41.00 -19.73 -33.41
CA GLN C 3774 -40.00 -18.79 -32.88
C GLN C 3774 -38.58 -19.27 -33.19
N GLN C 3775 -38.32 -20.56 -33.00
CA GLN C 3775 -37.01 -21.11 -33.31
C GLN C 3775 -36.71 -21.00 -34.80
N LYS C 3776 -37.71 -21.25 -35.64
CA LYS C 3776 -37.48 -21.13 -37.09
C LYS C 3776 -37.12 -19.71 -37.49
N MET C 3777 -37.85 -18.71 -36.98
CA MET C 3777 -37.51 -17.33 -37.29
C MET C 3777 -36.14 -16.96 -36.76
N LEU C 3778 -35.81 -17.33 -35.52
CA LEU C 3778 -34.51 -16.99 -34.97
C LEU C 3778 -33.37 -17.64 -35.75
N ASP C 3779 -33.52 -18.92 -36.11
CA ASP C 3779 -32.49 -19.60 -36.88
C ASP C 3779 -32.33 -18.97 -38.26
N TYR C 3780 -33.45 -18.63 -38.92
CA TYR C 3780 -33.37 -18.00 -40.23
C TYR C 3780 -32.64 -16.66 -40.15
N LEU C 3781 -33.00 -15.84 -39.16
CA LEU C 3781 -32.34 -14.55 -39.01
C LEU C 3781 -30.86 -14.72 -38.73
N LYS C 3782 -30.51 -15.67 -37.87
CA LYS C 3782 -29.10 -15.89 -37.53
C LYS C 3782 -28.30 -16.35 -38.74
N GLU C 3783 -28.85 -17.27 -39.53
CA GLU C 3783 -28.08 -17.83 -40.63
C GLU C 3783 -28.01 -16.88 -41.82
N LYS C 3784 -29.05 -16.06 -42.02
CA LYS C 3784 -28.99 -15.07 -43.10
C LYS C 3784 -28.26 -13.79 -42.71
N LYS C 3785 -28.07 -13.53 -41.42
CA LYS C 3785 -27.43 -12.31 -40.94
C LYS C 3785 -28.12 -11.07 -41.53
N ASP C 3786 -29.45 -11.07 -41.46
CA ASP C 3786 -30.25 -10.05 -42.10
C ASP C 3786 -30.36 -8.84 -41.18
N VAL C 3787 -29.74 -7.73 -41.58
CA VAL C 3787 -29.90 -6.46 -40.87
C VAL C 3787 -31.16 -5.71 -41.32
N GLY C 3788 -31.62 -5.98 -42.55
CA GLY C 3788 -32.77 -5.26 -43.08
C GLY C 3788 -34.04 -5.49 -42.26
N PHE C 3789 -34.18 -6.69 -41.69
CA PHE C 3789 -35.35 -6.97 -40.85
C PHE C 3789 -35.42 -6.00 -39.67
N PHE C 3790 -34.33 -5.86 -38.92
CA PHE C 3790 -34.34 -4.96 -37.77
C PHE C 3790 -34.39 -3.50 -38.18
N GLN C 3791 -33.74 -3.16 -39.31
CA GLN C 3791 -33.83 -1.79 -39.80
C GLN C 3791 -35.26 -1.43 -40.16
N SER C 3792 -35.97 -2.34 -40.83
CA SER C 3792 -37.36 -2.10 -41.18
C SER C 3792 -38.25 -2.06 -39.95
N LEU C 3793 -37.98 -2.91 -38.96
CA LEU C 3793 -38.72 -2.84 -37.70
C LEU C 3793 -38.57 -1.48 -37.05
N ALA C 3794 -37.33 -0.98 -36.95
CA ALA C 3794 -37.10 0.34 -36.39
C ALA C 3794 -37.85 1.41 -37.19
N GLY C 3795 -37.68 1.41 -38.52
CA GLY C 3795 -38.36 2.38 -39.36
C GLY C 3795 -39.87 2.38 -39.23
N LEU C 3796 -40.48 1.18 -39.15
CA LEU C 3796 -41.90 1.09 -38.86
C LEU C 3796 -42.22 1.72 -37.51
N MET C 3797 -41.35 1.52 -36.53
CA MET C 3797 -41.58 2.14 -35.22
C MET C 3797 -41.60 3.66 -35.30
N GLN C 3798 -40.64 4.27 -36.01
CA GLN C 3798 -40.71 5.72 -36.13
C GLN C 3798 -41.90 6.17 -36.96
N SER C 3799 -42.29 5.36 -37.97
CA SER C 3799 -43.41 5.77 -38.81
C SER C 3799 -44.76 5.56 -38.13
N CYS C 3800 -44.81 4.82 -37.03
CA CYS C 3800 -46.06 4.63 -36.30
C CYS C 3800 -46.58 5.98 -35.79
N SER C 3801 -47.89 6.15 -35.84
CA SER C 3801 -48.53 7.42 -35.53
C SER C 3801 -49.04 7.45 -34.10
N VAL C 3802 -49.30 8.66 -33.60
CA VAL C 3802 -49.83 8.90 -32.27
C VAL C 3802 -50.98 9.90 -32.35
N LEU C 3803 -51.52 10.28 -31.20
CA LEU C 3803 -52.57 11.29 -31.14
C LEU C 3803 -52.05 12.64 -31.65
N ASP C 3804 -52.93 13.38 -32.32
CA ASP C 3804 -52.59 14.70 -32.86
C ASP C 3804 -53.68 15.69 -32.46
N LEU C 3805 -53.33 16.59 -31.53
CA LEU C 3805 -54.28 17.60 -31.07
C LEU C 3805 -54.70 18.52 -32.21
N ASN C 3806 -53.76 18.87 -33.09
CA ASN C 3806 -54.10 19.76 -34.20
C ASN C 3806 -55.14 19.12 -35.11
N ALA C 3807 -54.94 17.85 -35.48
CA ALA C 3807 -55.91 17.16 -36.31
C ALA C 3807 -57.25 17.01 -35.60
N PHE C 3808 -57.20 16.68 -34.30
CA PHE C 3808 -58.45 16.53 -33.56
C PHE C 3808 -59.24 17.84 -33.51
N GLU C 3809 -58.56 18.96 -33.25
CA GLU C 3809 -59.21 20.26 -33.21
C GLU C 3809 -59.76 20.67 -34.58
N ARG C 3810 -58.98 20.43 -35.64
CA ARG C 3810 -59.45 20.75 -36.98
C ARG C 3810 -60.68 19.96 -37.34
N GLN C 3811 -60.68 18.65 -37.05
CA GLN C 3811 -61.85 17.82 -37.31
C GLN C 3811 -63.04 18.24 -36.46
N ASN C 3812 -62.82 18.55 -35.18
CA ASN C 3812 -63.90 19.00 -34.32
C ASN C 3812 -64.54 20.29 -34.83
N LYS C 3813 -63.73 21.25 -35.27
CA LYS C 3813 -64.29 22.45 -35.88
C LYS C 3813 -65.02 22.12 -37.18
N ALA C 3814 -64.51 21.14 -37.93
CA ALA C 3814 -65.19 20.70 -39.14
C ALA C 3814 -66.58 20.15 -38.89
N GLU C 3815 -66.76 19.31 -37.87
CA GLU C 3815 -68.12 18.90 -37.54
C GLU C 3815 -68.93 20.01 -36.88
N GLY C 3816 -68.28 20.89 -36.11
CA GLY C 3816 -69.01 21.95 -35.44
C GLY C 3816 -69.65 22.92 -36.41
N LEU C 3817 -68.94 23.23 -37.50
CA LEU C 3817 -69.50 24.15 -38.50
C LEU C 3817 -70.63 23.50 -39.28
N GLY C 3818 -70.81 22.18 -39.14
CA GLY C 3818 -71.97 21.48 -39.65
C GLY C 3818 -71.77 20.73 -40.96
N MET C 3819 -70.57 20.77 -41.53
CA MET C 3819 -70.34 20.19 -42.85
C MET C 3819 -70.10 18.68 -42.78
N VAL C 3820 -70.54 17.99 -43.82
CA VAL C 3820 -70.50 16.53 -43.83
C VAL C 3820 -69.06 16.04 -43.80
N THR C 3821 -68.80 15.04 -42.97
CA THR C 3821 -67.47 14.47 -42.77
C THR C 3821 -67.47 13.01 -43.22
N GLU C 3822 -66.46 12.65 -44.02
CA GLU C 3822 -66.35 11.27 -44.50
C GLU C 3822 -66.13 10.30 -43.34
N GLU C 3823 -65.31 10.69 -42.38
CA GLU C 3823 -64.97 9.84 -41.24
C GLU C 3823 -65.58 10.43 -39.97
N GLY C 3824 -66.39 9.63 -39.29
CA GLY C 3824 -67.00 10.11 -38.05
C GLY C 3824 -66.03 10.09 -36.88
N SER C 3825 -65.52 8.91 -36.55
CA SER C 3825 -64.50 8.81 -35.50
C SER C 3825 -63.23 9.53 -35.89
N GLY C 3826 -62.81 9.40 -37.15
CA GLY C 3826 -61.65 10.12 -37.64
C GLY C 3826 -60.39 9.29 -37.72
N GLU C 3827 -59.99 8.92 -38.93
CA GLU C 3827 -58.73 8.20 -39.10
C GLU C 3827 -57.54 9.14 -39.04
N LYS C 3828 -57.77 10.46 -39.11
CA LYS C 3828 -56.68 11.42 -39.07
C LYS C 3828 -55.93 11.35 -37.74
N VAL C 3829 -56.67 11.32 -36.64
CA VAL C 3829 -56.04 11.16 -35.33
C VAL C 3829 -55.73 9.68 -35.11
N LEU C 3830 -54.50 9.38 -34.69
CA LEU C 3830 -54.04 8.00 -34.54
C LEU C 3830 -54.25 7.24 -35.85
N GLN C 3831 -53.51 7.62 -36.88
CA GLN C 3831 -53.71 7.17 -38.26
C GLN C 3831 -54.01 5.68 -38.37
N ASP C 3832 -53.13 4.83 -37.85
CA ASP C 3832 -53.32 3.39 -37.89
C ASP C 3832 -53.17 2.82 -36.49
N ASP C 3833 -54.31 2.53 -35.85
CA ASP C 3833 -54.33 1.96 -34.51
C ASP C 3833 -54.13 0.45 -34.52
N GLU C 3834 -54.70 -0.25 -35.50
CA GLU C 3834 -54.52 -1.69 -35.60
C GLU C 3834 -53.10 -2.03 -36.05
N PHE C 3835 -52.47 -1.19 -36.87
CA PHE C 3835 -51.13 -1.48 -37.35
C PHE C 3835 -50.12 -1.46 -36.22
N THR C 3836 -50.16 -0.44 -35.36
CA THR C 3836 -49.23 -0.37 -34.24
C THR C 3836 -49.45 -1.51 -33.25
N CYS C 3837 -50.71 -1.82 -32.96
CA CYS C 3837 -51.02 -2.93 -32.07
C CYS C 3837 -50.51 -4.25 -32.64
N ASP C 3838 -50.69 -4.48 -33.94
CA ASP C 3838 -50.18 -5.70 -34.56
C ASP C 3838 -48.66 -5.73 -34.54
N LEU C 3839 -48.02 -4.59 -34.81
CA LEU C 3839 -46.57 -4.53 -34.81
C LEU C 3839 -45.98 -4.86 -33.46
N PHE C 3840 -46.57 -4.36 -32.38
CA PHE C 3840 -46.05 -4.67 -31.05
C PHE C 3840 -46.50 -6.04 -30.54
N ARG C 3841 -47.67 -6.53 -30.96
CA ARG C 3841 -48.08 -7.88 -30.60
C ARG C 3841 -47.20 -8.91 -31.29
N PHE C 3842 -46.75 -8.62 -32.51
CA PHE C 3842 -45.80 -9.49 -33.19
C PHE C 3842 -44.52 -9.67 -32.38
N LEU C 3843 -43.96 -8.55 -31.91
CA LEU C 3843 -42.73 -8.59 -31.12
C LEU C 3843 -42.94 -9.18 -29.73
N GLN C 3844 -44.12 -9.00 -29.13
CA GLN C 3844 -44.46 -9.66 -27.89
C GLN C 3844 -44.59 -11.17 -28.04
N LEU C 3845 -45.25 -11.63 -29.10
CA LEU C 3845 -45.34 -13.06 -29.37
C LEU C 3845 -43.98 -13.65 -29.71
N LEU C 3846 -43.11 -12.86 -30.33
CA LEU C 3846 -41.77 -13.33 -30.65
C LEU C 3846 -40.98 -13.68 -29.39
N CYS C 3847 -41.23 -12.98 -28.29
CA CYS C 3847 -40.53 -13.22 -27.03
C CYS C 3847 -41.41 -13.92 -25.98
N GLU C 3848 -42.64 -14.27 -26.32
CA GLU C 3848 -43.50 -14.94 -25.35
C GLU C 3848 -42.92 -16.31 -24.99
N GLY C 3849 -43.28 -16.77 -23.79
CA GLY C 3849 -42.71 -17.99 -23.25
C GLY C 3849 -41.32 -17.83 -22.66
N HIS C 3850 -40.91 -16.60 -22.35
CA HIS C 3850 -39.57 -16.32 -21.81
C HIS C 3850 -38.48 -16.82 -22.76
N ASN C 3851 -38.62 -16.48 -24.04
CA ASN C 3851 -37.65 -16.87 -25.06
C ASN C 3851 -36.41 -16.00 -24.90
N SER C 3852 -35.49 -16.45 -24.05
CA SER C 3852 -34.32 -15.64 -23.72
C SER C 3852 -33.41 -15.41 -24.91
N ASP C 3853 -33.27 -16.42 -25.78
CA ASP C 3853 -32.39 -16.27 -26.95
C ASP C 3853 -32.85 -15.12 -27.84
N PHE C 3854 -34.13 -15.11 -28.22
CA PHE C 3854 -34.64 -14.05 -29.07
C PHE C 3854 -34.73 -12.73 -28.32
N GLN C 3855 -35.01 -12.79 -27.01
CA GLN C 3855 -35.02 -11.57 -26.20
C GLN C 3855 -33.66 -10.87 -26.25
N ASN C 3856 -32.58 -11.64 -26.10
CA ASN C 3856 -31.25 -11.05 -26.16
C ASN C 3856 -30.89 -10.65 -27.59
N TYR C 3857 -31.36 -11.42 -28.58
CA TYR C 3857 -30.99 -11.14 -29.97
C TYR C 3857 -31.66 -9.86 -30.46
N LEU C 3858 -32.85 -9.55 -29.93
CA LEU C 3858 -33.46 -8.26 -30.26
C LEU C 3858 -32.64 -7.09 -29.75
N ARG C 3859 -32.13 -7.19 -28.52
CA ARG C 3859 -31.32 -6.10 -27.97
C ARG C 3859 -30.00 -5.97 -28.71
N THR C 3860 -29.29 -7.09 -28.87
CA THR C 3860 -27.98 -7.08 -29.53
C THR C 3860 -27.95 -8.21 -30.56
N GLN C 3861 -27.80 -7.84 -31.83
CA GLN C 3861 -27.61 -8.83 -32.89
C GLN C 3861 -26.11 -9.08 -33.02
N THR C 3862 -25.66 -10.21 -32.48
CA THR C 3862 -24.22 -10.49 -32.43
C THR C 3862 -23.64 -10.68 -33.82
N GLY C 3863 -24.28 -11.51 -34.64
CA GLY C 3863 -23.74 -11.81 -35.96
C GLY C 3863 -23.73 -10.63 -36.89
N ASN C 3864 -24.76 -9.79 -36.82
CA ASN C 3864 -24.91 -8.70 -37.77
C ASN C 3864 -23.82 -7.66 -37.61
N ASN C 3865 -23.43 -7.05 -38.73
CA ASN C 3865 -22.41 -6.00 -38.70
C ASN C 3865 -22.90 -4.79 -37.92
N THR C 3866 -24.15 -4.40 -38.11
CA THR C 3866 -24.73 -3.26 -37.42
C THR C 3866 -25.91 -3.74 -36.57
N THR C 3867 -26.04 -3.16 -35.38
CA THR C 3867 -27.02 -3.57 -34.39
C THR C 3867 -28.04 -2.47 -34.15
N VAL C 3868 -29.31 -2.86 -34.11
CA VAL C 3868 -30.42 -1.95 -33.84
C VAL C 3868 -31.08 -2.39 -32.54
N ASN C 3869 -31.27 -1.44 -31.62
CA ASN C 3869 -31.81 -1.76 -30.29
C ASN C 3869 -33.33 -1.62 -30.34
N ILE C 3870 -33.99 -2.75 -30.64
CA ILE C 3870 -35.45 -2.79 -30.66
C ILE C 3870 -36.01 -2.45 -29.27
N ILE C 3871 -35.31 -2.86 -28.23
CA ILE C 3871 -35.76 -2.57 -26.86
C ILE C 3871 -35.82 -1.07 -26.62
N ILE C 3872 -34.79 -0.35 -27.06
CA ILE C 3872 -34.77 1.10 -26.90
C ILE C 3872 -35.79 1.77 -27.81
N SER C 3873 -35.95 1.27 -29.03
CA SER C 3873 -36.93 1.88 -29.94
C SER C 3873 -38.35 1.73 -29.39
N THR C 3874 -38.65 0.59 -28.76
CA THR C 3874 -39.97 0.37 -28.18
C THR C 3874 -40.26 1.38 -27.08
N VAL C 3875 -39.30 1.63 -26.19
CA VAL C 3875 -39.52 2.60 -25.13
C VAL C 3875 -39.55 4.03 -25.69
N ASP C 3876 -38.85 4.29 -26.79
CA ASP C 3876 -38.99 5.59 -27.44
C ASP C 3876 -40.41 5.81 -27.95
N TYR C 3877 -40.99 4.79 -28.59
CA TYR C 3877 -42.39 4.91 -29.01
C TYR C 3877 -43.32 5.03 -27.81
N LEU C 3878 -43.03 4.32 -26.72
CA LEU C 3878 -43.82 4.48 -25.51
C LEU C 3878 -43.76 5.90 -24.96
N LEU C 3879 -42.58 6.51 -24.98
CA LEU C 3879 -42.47 7.92 -24.60
C LEU C 3879 -43.28 8.84 -25.51
N ARG C 3880 -43.21 8.63 -26.82
CA ARG C 3880 -44.00 9.45 -27.74
C ARG C 3880 -45.50 9.30 -27.52
N VAL C 3881 -46.01 8.08 -27.37
CA VAL C 3881 -47.43 7.90 -27.11
C VAL C 3881 -47.82 8.41 -25.73
N GLN C 3882 -46.93 8.32 -24.73
CA GLN C 3882 -47.20 8.94 -23.43
C GLN C 3882 -47.35 10.44 -23.55
N GLU C 3883 -46.46 11.08 -24.32
CA GLU C 3883 -46.59 12.51 -24.55
C GLU C 3883 -47.89 12.86 -25.27
N SER C 3884 -48.27 12.07 -26.27
CA SER C 3884 -49.52 12.32 -26.97
C SER C 3884 -50.72 12.21 -26.03
N ILE C 3885 -50.74 11.17 -25.20
CA ILE C 3885 -51.85 10.97 -24.26
C ILE C 3885 -51.88 12.09 -23.24
N SER C 3886 -50.72 12.50 -22.73
CA SER C 3886 -50.68 13.59 -21.75
C SER C 3886 -51.18 14.88 -22.37
N ASP C 3887 -50.80 15.17 -23.61
CA ASP C 3887 -51.28 16.37 -24.28
C ASP C 3887 -52.79 16.32 -24.51
N PHE C 3888 -53.32 15.15 -24.85
CA PHE C 3888 -54.76 15.02 -25.06
C PHE C 3888 -55.50 15.21 -23.75
N TYR C 3889 -54.97 14.65 -22.66
CA TYR C 3889 -55.50 14.93 -21.33
C TYR C 3889 -55.49 16.42 -21.03
N TRP C 3890 -54.36 17.08 -21.31
CA TRP C 3890 -54.25 18.50 -21.00
C TRP C 3890 -55.25 19.32 -21.79
N TYR C 3891 -55.51 18.92 -23.04
CA TYR C 3891 -56.56 19.57 -23.82
C TYR C 3891 -57.93 19.36 -23.17
N TYR C 3892 -58.19 18.15 -22.67
CA TYR C 3892 -59.50 17.84 -22.10
C TYR C 3892 -59.60 18.17 -20.60
N SER C 3893 -58.59 18.79 -20.00
CA SER C 3893 -58.61 19.00 -18.56
C SER C 3893 -59.67 20.03 -18.15
N GLY C 3894 -59.69 21.18 -18.83
CA GLY C 3894 -60.64 22.22 -18.46
C GLY C 3894 -62.09 21.84 -18.73
N LYS C 3895 -62.34 21.19 -19.87
CA LYS C 3895 -63.70 20.85 -20.25
C LYS C 3895 -64.29 19.80 -19.31
N ASP C 3896 -65.56 19.99 -18.95
CA ASP C 3896 -66.18 19.17 -17.91
C ASP C 3896 -66.45 17.75 -18.39
N VAL C 3897 -66.99 17.62 -19.60
CA VAL C 3897 -67.47 16.34 -20.11
C VAL C 3897 -66.65 15.94 -21.32
N ILE C 3898 -66.31 14.66 -21.41
CA ILE C 3898 -65.58 14.14 -22.56
C ILE C 3898 -66.57 13.71 -23.64
N ASP C 3899 -66.39 14.22 -24.85
CA ASP C 3899 -67.28 13.87 -25.94
C ASP C 3899 -66.96 12.46 -26.46
N GLU C 3900 -67.79 11.99 -27.39
CA GLU C 3900 -67.63 10.64 -27.93
C GLU C 3900 -66.31 10.48 -28.68
N GLN C 3901 -65.94 11.48 -29.48
CA GLN C 3901 -64.67 11.42 -30.20
C GLN C 3901 -63.50 11.36 -29.23
N GLY C 3902 -63.54 12.18 -28.17
CA GLY C 3902 -62.51 12.13 -27.16
C GLY C 3902 -62.43 10.78 -26.47
N GLN C 3903 -63.58 10.19 -26.13
CA GLN C 3903 -63.62 8.86 -25.54
C GLN C 3903 -63.02 7.80 -26.46
N ARG C 3904 -63.36 7.81 -27.74
CA ARG C 3904 -62.77 6.88 -28.70
C ARG C 3904 -61.27 7.05 -28.85
N ASN C 3905 -60.79 8.30 -28.92
CA ASN C 3905 -59.35 8.53 -29.03
C ASN C 3905 -58.63 8.07 -27.77
N PHE C 3906 -59.19 8.35 -26.59
CA PHE C 3906 -58.59 7.85 -25.35
C PHE C 3906 -58.55 6.33 -25.34
N SER C 3907 -59.65 5.69 -25.73
CA SER C 3907 -59.68 4.23 -25.75
C SER C 3907 -58.64 3.64 -26.68
N LYS C 3908 -58.53 4.16 -27.90
CA LYS C 3908 -57.53 3.69 -28.85
C LYS C 3908 -56.10 3.92 -28.37
N ALA C 3909 -55.79 5.11 -27.85
CA ALA C 3909 -54.47 5.38 -27.29
C ALA C 3909 -54.14 4.51 -26.10
N ILE C 3910 -55.12 4.27 -25.21
CA ILE C 3910 -54.88 3.40 -24.06
C ILE C 3910 -54.65 1.96 -24.51
N GLN C 3911 -55.37 1.50 -25.53
CA GLN C 3911 -55.12 0.16 -26.06
C GLN C 3911 -53.70 0.06 -26.63
N VAL C 3912 -53.28 1.07 -27.38
CA VAL C 3912 -51.92 1.06 -27.94
C VAL C 3912 -50.89 1.06 -26.82
N ALA C 3913 -51.09 1.90 -25.81
CA ALA C 3913 -50.15 1.97 -24.69
C ALA C 3913 -50.10 0.66 -23.93
N LYS C 3914 -51.26 0.02 -23.73
CA LYS C 3914 -51.32 -1.28 -23.09
C LYS C 3914 -50.55 -2.34 -23.87
N GLN C 3915 -50.68 -2.36 -25.19
CA GLN C 3915 -49.91 -3.29 -25.99
C GLN C 3915 -48.41 -3.02 -25.89
N VAL C 3916 -48.01 -1.74 -25.88
CA VAL C 3916 -46.59 -1.43 -25.74
C VAL C 3916 -46.06 -1.87 -24.38
N PHE C 3917 -46.83 -1.63 -23.31
CA PHE C 3917 -46.41 -2.09 -21.99
C PHE C 3917 -46.31 -3.61 -21.93
N ASN C 3918 -47.25 -4.32 -22.57
CA ASN C 3918 -47.15 -5.78 -22.62
C ASN C 3918 -45.91 -6.23 -23.36
N THR C 3919 -45.59 -5.57 -24.47
CA THR C 3919 -44.38 -5.92 -25.21
C THR C 3919 -43.13 -5.68 -24.38
N LEU C 3920 -43.07 -4.56 -23.67
CA LEU C 3920 -41.93 -4.29 -22.80
C LEU C 3920 -41.84 -5.30 -21.67
N THR C 3921 -42.99 -5.68 -21.10
CA THR C 3921 -43.00 -6.68 -20.03
C THR C 3921 -42.48 -8.02 -20.52
N GLU C 3922 -42.88 -8.43 -21.72
CA GLU C 3922 -42.34 -9.67 -22.28
C GLU C 3922 -40.86 -9.53 -22.63
N TYR C 3923 -40.42 -8.32 -22.98
CA TYR C 3923 -38.99 -8.09 -23.16
C TYR C 3923 -38.22 -8.32 -21.87
N ILE C 3924 -38.75 -7.84 -20.75
CA ILE C 3924 -37.99 -7.82 -19.49
C ILE C 3924 -38.19 -9.04 -18.61
N GLN C 3925 -39.28 -9.80 -18.80
CA GLN C 3925 -39.50 -10.99 -17.98
C GLN C 3925 -38.50 -12.09 -18.32
N GLY C 3926 -38.54 -13.19 -17.58
CA GLY C 3926 -37.54 -14.22 -17.71
C GLY C 3926 -36.18 -13.67 -17.34
N PRO C 3927 -36.04 -13.26 -16.07
CA PRO C 3927 -34.98 -12.31 -15.65
C PRO C 3927 -33.91 -11.95 -16.69
N CYS C 3928 -34.35 -11.35 -17.79
CA CYS C 3928 -33.42 -10.92 -18.84
C CYS C 3928 -32.66 -9.70 -18.36
N THR C 3929 -31.46 -9.95 -17.80
CA THR C 3929 -30.70 -8.88 -17.18
C THR C 3929 -30.28 -7.81 -18.19
N GLY C 3930 -29.92 -8.23 -19.40
CA GLY C 3930 -29.54 -7.27 -20.43
C GLY C 3930 -30.64 -6.30 -20.78
N ASN C 3931 -31.85 -6.82 -21.03
CA ASN C 3931 -32.98 -5.96 -21.34
C ASN C 3931 -33.35 -5.10 -20.14
N GLN C 3932 -33.29 -5.68 -18.93
CA GLN C 3932 -33.60 -4.91 -17.73
C GLN C 3932 -32.65 -3.73 -17.57
N GLN C 3933 -31.35 -3.96 -17.72
CA GLN C 3933 -30.36 -2.90 -17.63
C GLN C 3933 -30.47 -1.89 -18.75
N SER C 3934 -30.84 -2.32 -19.96
CA SER C 3934 -31.04 -1.38 -21.06
C SER C 3934 -32.23 -0.46 -20.80
N LEU C 3935 -33.36 -1.02 -20.37
CA LEU C 3935 -34.53 -0.18 -20.10
C LEU C 3935 -34.36 0.64 -18.82
N ALA C 3936 -33.46 0.22 -17.94
CA ALA C 3936 -33.11 1.05 -16.79
C ALA C 3936 -32.44 2.36 -17.20
N HIS C 3937 -31.52 2.32 -18.16
CA HIS C 3937 -30.84 3.52 -18.64
C HIS C 3937 -31.58 4.19 -19.79
N SER C 3938 -32.63 3.56 -20.31
CA SER C 3938 -33.45 4.16 -21.34
C SER C 3938 -34.33 5.26 -20.73
N ARG C 3939 -35.24 5.81 -21.53
CA ARG C 3939 -36.13 6.88 -21.09
C ARG C 3939 -37.48 6.36 -20.60
N LEU C 3940 -37.48 5.16 -20.02
CA LEU C 3940 -38.72 4.59 -19.49
C LEU C 3940 -39.25 5.41 -18.32
N TRP C 3941 -38.35 5.98 -17.52
CA TRP C 3941 -38.77 6.66 -16.30
C TRP C 3941 -39.63 7.89 -16.59
N ASP C 3942 -39.30 8.66 -17.62
CA ASP C 3942 -40.11 9.82 -17.99
C ASP C 3942 -41.50 9.41 -18.46
N ALA C 3943 -41.59 8.34 -19.26
CA ALA C 3943 -42.90 7.84 -19.67
C ALA C 3943 -43.71 7.40 -18.46
N VAL C 3944 -43.06 6.70 -17.53
CA VAL C 3944 -43.77 6.22 -16.34
C VAL C 3944 -44.26 7.38 -15.49
N VAL C 3945 -43.42 8.42 -15.31
CA VAL C 3945 -43.83 9.57 -14.53
C VAL C 3945 -44.91 10.38 -15.22
N GLY C 3946 -44.96 10.37 -16.55
CA GLY C 3946 -46.07 11.00 -17.25
C GLY C 3946 -47.37 10.23 -17.05
N PHE C 3947 -47.31 8.92 -17.21
CA PHE C 3947 -48.50 8.10 -16.99
C PHE C 3947 -48.98 8.19 -15.54
N LEU C 3948 -48.07 8.35 -14.58
CA LEU C 3948 -48.48 8.47 -13.19
C LEU C 3948 -49.31 9.73 -12.96
N HIS C 3949 -48.87 10.85 -13.53
CA HIS C 3949 -49.65 12.09 -13.45
C HIS C 3949 -50.99 11.94 -14.15
N VAL C 3950 -50.99 11.31 -15.32
CA VAL C 3950 -52.23 11.12 -16.07
C VAL C 3950 -53.22 10.30 -15.24
N PHE C 3951 -52.74 9.22 -14.62
CA PHE C 3951 -53.57 8.39 -13.76
C PHE C 3951 -54.05 9.14 -12.52
N ALA C 3952 -53.18 9.93 -11.89
CA ALA C 3952 -53.58 10.70 -10.72
C ALA C 3952 -54.69 11.69 -11.02
N HIS C 3953 -54.70 12.27 -12.23
CA HIS C 3953 -55.72 13.27 -12.51
C HIS C 3953 -56.99 12.69 -13.15
N MET C 3954 -56.87 11.65 -13.99
CA MET C 3954 -58.06 10.97 -14.48
C MET C 3954 -58.83 10.27 -13.37
N GLN C 3955 -58.13 9.68 -12.41
CA GLN C 3955 -58.86 8.99 -11.34
C GLN C 3955 -59.71 9.96 -10.53
N MET C 3956 -59.25 11.20 -10.37
CA MET C 3956 -60.12 12.24 -9.81
C MET C 3956 -61.23 12.67 -10.76
N LYS C 3957 -60.92 12.91 -12.04
CA LYS C 3957 -61.91 13.53 -12.93
C LYS C 3957 -63.01 12.54 -13.34
N LEU C 3958 -62.63 11.38 -13.87
CA LEU C 3958 -63.61 10.46 -14.44
C LEU C 3958 -64.52 9.86 -13.38
N SER C 3959 -63.99 9.60 -12.19
CA SER C 3959 -64.79 8.98 -11.15
C SER C 3959 -65.96 9.86 -10.73
N GLN C 3960 -65.78 11.19 -10.78
CA GLN C 3960 -66.88 12.09 -10.45
C GLN C 3960 -68.02 11.96 -11.45
N ASP C 3961 -67.69 11.83 -12.73
CA ASP C 3961 -68.71 11.66 -13.75
C ASP C 3961 -69.14 10.19 -13.82
N SER C 3962 -70.30 9.96 -14.43
CA SER C 3962 -70.87 8.63 -14.53
C SER C 3962 -70.93 8.09 -15.96
N SER C 3963 -70.66 8.92 -16.96
CA SER C 3963 -70.76 8.50 -18.35
C SER C 3963 -69.44 8.04 -18.94
N GLN C 3964 -68.34 8.08 -18.17
CA GLN C 3964 -67.04 7.63 -18.64
C GLN C 3964 -66.49 6.46 -17.83
N ILE C 3965 -67.37 5.57 -17.35
CA ILE C 3965 -66.92 4.44 -16.54
C ILE C 3965 -66.09 3.47 -17.37
N GLU C 3966 -66.45 3.29 -18.65
CA GLU C 3966 -65.66 2.44 -19.52
C GLU C 3966 -64.26 3.01 -19.74
N LEU C 3967 -64.15 4.33 -19.95
CA LEU C 3967 -62.84 4.94 -20.07
C LEU C 3967 -62.05 4.78 -18.77
N LEU C 3968 -62.73 4.96 -17.64
CA LEU C 3968 -62.08 4.77 -16.35
C LEU C 3968 -61.51 3.36 -16.21
N LYS C 3969 -62.30 2.33 -16.53
CA LYS C 3969 -61.80 0.96 -16.37
C LYS C 3969 -60.70 0.63 -17.36
N GLU C 3970 -60.79 1.12 -18.60
CA GLU C 3970 -59.69 0.91 -19.55
C GLU C 3970 -58.41 1.53 -19.03
N LEU C 3971 -58.49 2.76 -18.51
CA LEU C 3971 -57.30 3.41 -17.99
C LEU C 3971 -56.77 2.74 -16.74
N MET C 3972 -57.64 2.23 -15.87
CA MET C 3972 -57.23 1.49 -14.69
C MET C 3972 -56.51 0.21 -15.05
N ASP C 3973 -56.97 -0.48 -16.09
CA ASP C 3973 -56.24 -1.61 -16.68
C ASP C 3973 -54.88 -1.21 -17.21
N LEU C 3974 -54.78 -0.06 -17.86
CA LEU C 3974 -53.48 0.45 -18.29
C LEU C 3974 -52.53 0.64 -17.10
N GLN C 3975 -53.06 1.18 -15.99
CA GLN C 3975 -52.23 1.36 -14.79
C GLN C 3975 -51.76 0.02 -14.24
N LYS C 3976 -52.66 -0.98 -14.22
CA LYS C 3976 -52.27 -2.29 -13.75
C LYS C 3976 -51.16 -2.89 -14.61
N ASP C 3977 -51.27 -2.74 -15.94
CA ASP C 3977 -50.22 -3.25 -16.81
C ASP C 3977 -48.90 -2.51 -16.58
N MET C 3978 -48.95 -1.19 -16.35
CA MET C 3978 -47.73 -0.46 -16.05
C MET C 3978 -47.08 -0.96 -14.77
N VAL C 3979 -47.88 -1.21 -13.74
CA VAL C 3979 -47.32 -1.71 -12.48
C VAL C 3979 -46.76 -3.11 -12.65
N VAL C 3980 -47.40 -3.96 -13.47
CA VAL C 3980 -46.84 -5.28 -13.76
C VAL C 3980 -45.50 -5.13 -14.48
N MET C 3981 -45.40 -4.17 -15.40
CA MET C 3981 -44.12 -3.93 -16.06
C MET C 3981 -43.05 -3.50 -15.08
N LEU C 3982 -43.41 -2.64 -14.13
CA LEU C 3982 -42.46 -2.22 -13.10
C LEU C 3982 -42.02 -3.40 -12.23
N LEU C 3983 -42.97 -4.28 -11.89
CA LEU C 3983 -42.63 -5.48 -11.14
C LEU C 3983 -41.68 -6.39 -11.92
N SER C 3984 -41.91 -6.52 -13.23
CA SER C 3984 -41.00 -7.30 -14.06
C SER C 3984 -39.63 -6.64 -14.19
N MET C 3985 -39.56 -5.31 -14.15
CA MET C 3985 -38.28 -4.63 -14.01
C MET C 3985 -37.59 -5.02 -12.71
N LEU C 3986 -38.31 -5.00 -11.60
CA LEU C 3986 -37.75 -5.34 -10.30
C LEU C 3986 -37.46 -6.83 -10.15
N GLU C 3987 -37.97 -7.65 -11.07
CA GLU C 3987 -37.69 -9.09 -11.03
C GLU C 3987 -36.20 -9.36 -11.01
N GLY C 3988 -35.78 -10.25 -10.11
CA GLY C 3988 -34.38 -10.56 -9.96
C GLY C 3988 -33.52 -9.41 -9.46
N ASN C 3989 -34.07 -8.59 -8.56
CA ASN C 3989 -33.33 -7.44 -8.05
C ASN C 3989 -32.31 -7.87 -7.01
N VAL C 3990 -31.29 -7.03 -6.84
CA VAL C 3990 -30.27 -7.23 -5.82
C VAL C 3990 -30.37 -6.09 -4.81
N VAL C 3991 -29.74 -6.29 -3.66
CA VAL C 3991 -29.74 -5.27 -2.61
C VAL C 3991 -29.00 -4.04 -3.10
N ASN C 3992 -29.62 -2.87 -2.96
CA ASN C 3992 -29.07 -1.59 -3.42
C ASN C 3992 -28.77 -1.65 -4.92
N GLY C 3993 -29.71 -2.19 -5.69
CA GLY C 3993 -29.53 -2.26 -7.13
C GLY C 3993 -29.74 -0.92 -7.80
N THR C 3994 -29.06 -0.75 -8.94
CA THR C 3994 -29.20 0.49 -9.70
C THR C 3994 -30.60 0.67 -10.25
N ILE C 3995 -31.25 -0.44 -10.66
CA ILE C 3995 -32.62 -0.36 -11.14
C ILE C 3995 -33.54 0.11 -10.03
N GLY C 3996 -33.37 -0.42 -8.81
CA GLY C 3996 -34.16 0.04 -7.69
C GLY C 3996 -33.91 1.50 -7.36
N LYS C 3997 -32.63 1.91 -7.39
CA LYS C 3997 -32.32 3.31 -7.12
C LYS C 3997 -33.02 4.23 -8.12
N GLN C 3998 -32.95 3.89 -9.41
CA GLN C 3998 -33.60 4.69 -10.43
C GLN C 3998 -35.12 4.70 -10.25
N MET C 3999 -35.70 3.56 -9.86
CA MET C 3999 -37.14 3.50 -9.66
C MET C 3999 -37.57 4.38 -8.49
N VAL C 4000 -36.78 4.40 -7.42
CA VAL C 4000 -37.12 5.27 -6.28
C VAL C 4000 -36.91 6.74 -6.64
N ASP C 4001 -35.91 7.04 -7.48
CA ASP C 4001 -35.79 8.40 -7.99
C ASP C 4001 -37.03 8.80 -8.78
N MET C 4002 -37.54 7.88 -9.61
CA MET C 4002 -38.79 8.13 -10.33
C MET C 4002 -39.94 8.35 -9.36
N LEU C 4003 -40.01 7.55 -8.30
CA LEU C 4003 -41.10 7.69 -7.34
C LEU C 4003 -41.05 9.02 -6.61
N VAL C 4004 -39.86 9.44 -6.18
CA VAL C 4004 -39.74 10.72 -5.47
C VAL C 4004 -39.97 11.88 -6.44
N GLU C 4005 -39.68 11.68 -7.72
CA GLU C 4005 -40.06 12.67 -8.72
C GLU C 4005 -41.57 12.77 -8.85
N SER C 4006 -42.26 11.63 -8.80
CA SER C 4006 -43.72 11.58 -8.91
C SER C 4006 -44.41 11.44 -7.56
N SER C 4007 -43.82 11.99 -6.50
CA SER C 4007 -44.37 11.83 -5.16
C SER C 4007 -45.83 12.25 -5.08
N ASN C 4008 -46.16 13.44 -5.61
CA ASN C 4008 -47.53 13.95 -5.50
C ASN C 4008 -48.51 13.06 -6.25
N ASN C 4009 -48.16 12.63 -7.47
CA ASN C 4009 -49.09 11.83 -8.27
C ASN C 4009 -49.36 10.49 -7.63
N VAL C 4010 -48.31 9.78 -7.18
CA VAL C 4010 -48.51 8.49 -6.55
C VAL C 4010 -49.21 8.64 -5.21
N GLU C 4011 -48.94 9.75 -4.50
CA GLU C 4011 -49.68 10.02 -3.27
C GLU C 4011 -51.16 10.16 -3.53
N MET C 4012 -51.53 10.90 -4.58
CA MET C 4012 -52.94 11.05 -4.93
C MET C 4012 -53.55 9.71 -5.34
N ILE C 4013 -52.80 8.90 -6.08
CA ILE C 4013 -53.29 7.59 -6.49
C ILE C 4013 -53.53 6.70 -5.27
N LEU C 4014 -52.59 6.72 -4.32
CA LEU C 4014 -52.73 5.90 -3.13
C LEU C 4014 -53.89 6.36 -2.25
N LYS C 4015 -54.09 7.67 -2.13
CA LYS C 4015 -55.27 8.16 -1.44
C LYS C 4015 -56.56 7.75 -2.14
N PHE C 4016 -56.62 7.85 -3.46
CA PHE C 4016 -57.79 7.38 -4.19
C PHE C 4016 -58.03 5.89 -4.02
N PHE C 4017 -56.96 5.10 -3.89
CA PHE C 4017 -57.08 3.65 -3.71
C PHE C 4017 -57.56 3.28 -2.31
N ASP C 4018 -56.92 3.80 -1.27
CA ASP C 4018 -57.35 3.46 0.08
C ASP C 4018 -58.61 4.20 0.50
N MET C 4019 -59.07 5.18 -0.28
CA MET C 4019 -60.37 5.80 -0.06
C MET C 4019 -61.52 4.89 -0.48
N PHE C 4020 -61.30 4.05 -1.50
CA PHE C 4020 -62.31 3.10 -1.96
C PHE C 4020 -62.07 1.69 -1.43
N LEU C 4021 -60.89 1.42 -0.90
CA LEU C 4021 -60.61 0.13 -0.27
C LEU C 4021 -61.30 -0.04 1.07
N LYS C 4022 -61.72 1.06 1.70
CA LYS C 4022 -62.50 1.03 2.94
C LYS C 4022 -63.99 0.92 2.67
N LEU C 4023 -64.40 0.94 1.41
CA LEU C 4023 -65.82 0.90 1.07
C LEU C 4023 -66.43 -0.45 1.44
N LYS C 4024 -65.66 -1.53 1.30
CA LYS C 4024 -66.15 -2.84 1.74
C LYS C 4024 -66.43 -2.87 3.24
N ASP C 4025 -65.52 -2.32 4.05
CA ASP C 4025 -65.75 -2.25 5.49
C ASP C 4025 -66.95 -1.37 5.80
N LEU C 4026 -67.09 -0.25 5.09
CA LEU C 4026 -68.23 0.64 5.31
C LEU C 4026 -69.54 -0.07 5.01
N THR C 4027 -69.59 -0.83 3.90
CA THR C 4027 -70.80 -1.55 3.54
C THR C 4027 -71.10 -2.67 4.53
N SER C 4028 -70.05 -3.38 4.98
CA SER C 4028 -70.24 -4.50 5.89
C SER C 4028 -70.44 -4.06 7.33
N SER C 4029 -70.29 -2.78 7.64
CA SER C 4029 -70.53 -2.30 8.99
C SER C 4029 -72.00 -2.47 9.36
N ASP C 4030 -72.24 -2.74 10.65
CA ASP C 4030 -73.60 -2.93 11.12
C ASP C 4030 -74.41 -1.65 11.05
N THR C 4031 -73.75 -0.49 11.12
CA THR C 4031 -74.45 0.78 10.96
C THR C 4031 -75.08 0.89 9.57
N PHE C 4032 -74.36 0.44 8.54
CA PHE C 4032 -74.93 0.38 7.20
C PHE C 4032 -75.98 -0.71 7.08
N LYS C 4033 -75.80 -1.82 7.80
CA LYS C 4033 -76.78 -2.92 7.75
C LYS C 4033 -78.12 -2.47 8.31
N GLU C 4034 -78.12 -1.73 9.41
CA GLU C 4034 -79.38 -1.27 9.98
C GLU C 4034 -79.99 -0.13 9.15
N TYR C 4035 -79.15 0.61 8.43
CA TYR C 4035 -79.68 1.55 7.44
C TYR C 4035 -80.38 0.82 6.30
N ASP C 4036 -79.81 -0.30 5.85
CA ASP C 4036 -80.34 -1.06 4.72
C ASP C 4036 -80.56 -2.52 5.14
N PRO C 4037 -81.67 -2.82 5.80
CA PRO C 4037 -82.00 -4.21 6.10
C PRO C 4037 -82.65 -4.98 4.95
N ASP C 4038 -82.83 -4.34 3.80
CA ASP C 4038 -83.51 -4.96 2.68
C ASP C 4038 -82.54 -5.80 1.84
N GLY C 4039 -83.04 -6.91 1.32
CA GLY C 4039 -82.23 -7.74 0.45
C GLY C 4039 -81.91 -7.07 -0.88
N LYS C 4040 -82.83 -6.27 -1.38
CA LYS C 4040 -82.62 -5.59 -2.66
C LYS C 4040 -81.44 -4.63 -2.59
N GLY C 4041 -81.23 -3.99 -1.43
CA GLY C 4041 -80.01 -3.26 -1.16
C GLY C 4041 -79.93 -1.86 -1.73
N VAL C 4042 -80.99 -1.35 -2.37
CA VAL C 4042 -80.95 0.00 -2.91
C VAL C 4042 -81.09 0.99 -1.77
N ILE C 4043 -79.97 1.54 -1.30
CA ILE C 4043 -79.97 2.39 -0.12
C ILE C 4043 -80.21 3.84 -0.52
N SER C 4044 -80.85 4.58 0.38
CA SER C 4044 -81.12 6.00 0.16
C SER C 4044 -79.83 6.81 0.18
N LYS C 4045 -79.82 7.87 -0.63
CA LYS C 4045 -78.65 8.75 -0.69
C LYS C 4045 -78.39 9.40 0.66
N ARG C 4046 -79.45 9.84 1.34
CA ARG C 4046 -79.28 10.43 2.66
C ARG C 4046 -78.72 9.43 3.65
N ASP C 4047 -79.21 8.19 3.61
CA ASP C 4047 -78.70 7.16 4.51
C ASP C 4047 -77.22 6.89 4.27
N PHE C 4048 -76.83 6.77 3.00
CA PHE C 4048 -75.43 6.52 2.68
C PHE C 4048 -74.55 7.71 3.09
N HIS C 4049 -75.04 8.93 2.86
CA HIS C 4049 -74.32 10.13 3.26
C HIS C 4049 -74.11 10.19 4.77
N LYS C 4050 -75.16 9.96 5.56
CA LYS C 4050 -75.00 10.00 7.01
C LYS C 4050 -74.16 8.83 7.53
N ALA C 4051 -74.25 7.67 6.89
CA ALA C 4051 -73.40 6.55 7.27
C ALA C 4051 -71.93 6.90 7.05
N MET C 4052 -71.64 7.72 6.04
CA MET C 4052 -70.26 8.01 5.72
C MET C 4052 -69.59 8.89 6.77
N GLU C 4053 -70.37 9.54 7.64
CA GLU C 4053 -69.72 10.18 8.79
C GLU C 4053 -69.94 9.38 10.07
N SER C 4054 -71.02 8.59 10.14
CA SER C 4054 -71.22 7.74 11.32
C SER C 4054 -70.14 6.68 11.41
N HIS C 4055 -69.57 6.28 10.27
CA HIS C 4055 -68.49 5.30 10.27
C HIS C 4055 -67.22 5.86 10.93
N LYS C 4056 -67.07 7.18 10.93
CA LYS C 4056 -66.02 7.89 11.66
C LYS C 4056 -64.62 7.62 11.10
N HIS C 4057 -64.52 6.85 10.03
CA HIS C 4057 -63.24 6.61 9.37
C HIS C 4057 -63.11 7.34 8.04
N TYR C 4058 -64.15 8.05 7.61
CA TYR C 4058 -64.11 8.85 6.40
C TYR C 4058 -64.19 10.32 6.77
N THR C 4059 -63.23 11.10 6.29
CA THR C 4059 -63.22 12.53 6.55
C THR C 4059 -64.31 13.21 5.72
N GLN C 4060 -64.47 14.52 5.94
CA GLN C 4060 -65.50 15.27 5.23
C GLN C 4060 -65.15 15.39 3.75
N SER C 4061 -63.86 15.55 3.44
CA SER C 4061 -63.44 15.62 2.05
C SER C 4061 -63.73 14.31 1.32
N GLU C 4062 -63.40 13.19 1.96
CA GLU C 4062 -63.72 11.87 1.38
C GLU C 4062 -65.23 11.70 1.25
N THR C 4063 -65.97 12.18 2.25
CA THR C 4063 -67.43 12.13 2.21
C THR C 4063 -67.98 12.84 0.98
N GLU C 4064 -67.55 14.08 0.77
CA GLU C 4064 -68.07 14.85 -0.37
C GLU C 4064 -67.59 14.27 -1.69
N PHE C 4065 -66.37 13.73 -1.71
CA PHE C 4065 -65.87 13.11 -2.95
C PHE C 4065 -66.67 11.87 -3.31
N LEU C 4066 -66.96 11.01 -2.34
CA LEU C 4066 -67.80 9.84 -2.61
C LEU C 4066 -69.23 10.24 -2.97
N LEU C 4067 -69.75 11.31 -2.37
CA LEU C 4067 -71.08 11.79 -2.75
C LEU C 4067 -71.09 12.26 -4.21
N SER C 4068 -70.04 12.99 -4.62
CA SER C 4068 -69.95 13.42 -6.01
C SER C 4068 -69.79 12.24 -6.96
N CYS C 4069 -69.01 11.24 -6.54
CA CYS C 4069 -68.76 10.04 -7.34
C CYS C 4069 -69.93 9.06 -7.30
N ALA C 4070 -71.03 9.42 -6.65
CA ALA C 4070 -72.17 8.54 -6.47
C ALA C 4070 -73.27 8.97 -7.44
N GLU C 4071 -73.57 8.11 -8.42
CA GLU C 4071 -74.66 8.39 -9.35
C GLU C 4071 -75.99 7.99 -8.71
N THR C 4072 -76.99 8.86 -8.86
CA THR C 4072 -78.31 8.62 -8.31
C THR C 4072 -79.37 8.80 -9.38
N ASP C 4073 -80.43 8.01 -9.28
CA ASP C 4073 -81.54 8.10 -10.22
C ASP C 4073 -82.51 9.20 -9.81
N GLU C 4074 -83.64 9.26 -10.50
CA GLU C 4074 -84.69 10.22 -10.18
C GLU C 4074 -85.31 9.91 -8.83
N ASN C 4075 -85.16 8.67 -8.37
CA ASN C 4075 -85.67 8.23 -7.06
C ASN C 4075 -84.82 8.71 -5.90
N GLU C 4076 -83.66 9.31 -6.18
CA GLU C 4076 -82.76 9.81 -5.13
C GLU C 4076 -82.32 8.66 -4.22
N THR C 4077 -81.65 7.68 -4.82
CA THR C 4077 -81.20 6.49 -4.12
C THR C 4077 -80.07 5.84 -4.91
N LEU C 4078 -79.36 4.94 -4.24
CA LEU C 4078 -78.18 4.30 -4.82
C LEU C 4078 -78.07 2.86 -4.34
N ASP C 4079 -77.44 2.02 -5.17
CA ASP C 4079 -77.20 0.62 -4.83
C ASP C 4079 -75.74 0.48 -4.41
N TYR C 4080 -75.51 0.18 -3.13
CA TYR C 4080 -74.15 0.04 -2.65
C TYR C 4080 -73.44 -1.13 -3.31
N GLU C 4081 -74.21 -2.15 -3.72
CA GLU C 4081 -73.62 -3.29 -4.41
C GLU C 4081 -72.97 -2.87 -5.72
N GLU C 4082 -73.71 -2.15 -6.55
CA GLU C 4082 -73.13 -1.70 -7.83
C GLU C 4082 -72.03 -0.69 -7.58
N PHE C 4083 -72.19 0.17 -6.57
CA PHE C 4083 -71.14 1.13 -6.23
C PHE C 4083 -69.83 0.42 -5.91
N VAL C 4084 -69.89 -0.59 -5.02
CA VAL C 4084 -68.68 -1.25 -4.57
C VAL C 4084 -68.08 -2.11 -5.67
N LYS C 4085 -68.92 -2.80 -6.45
CA LYS C 4085 -68.37 -3.59 -7.55
C LYS C 4085 -67.77 -2.70 -8.62
N ARG C 4086 -68.24 -1.45 -8.71
CA ARG C 4086 -67.71 -0.54 -9.70
C ARG C 4086 -66.36 0.04 -9.27
N PHE C 4087 -66.20 0.30 -7.97
CA PHE C 4087 -64.99 0.98 -7.51
C PHE C 4087 -63.96 0.04 -6.86
N HIS C 4088 -64.38 -0.78 -5.89
CA HIS C 4088 -63.44 -1.54 -5.06
C HIS C 4088 -62.56 -2.50 -5.84
N GLU C 4089 -63.14 -3.25 -6.79
CA GLU C 4089 -62.42 -4.32 -7.44
C GLU C 4089 -61.19 -3.84 -8.19
N PRO C 4090 -61.29 -2.82 -9.07
CA PRO C 4090 -60.04 -2.27 -9.66
C PRO C 4090 -59.09 -1.72 -8.60
N ALA C 4091 -59.64 -1.10 -7.56
CA ALA C 4091 -58.81 -0.56 -6.49
C ALA C 4091 -57.99 -1.65 -5.81
N LYS C 4092 -58.63 -2.76 -5.42
CA LYS C 4092 -57.89 -3.87 -4.82
C LYS C 4092 -56.90 -4.46 -5.82
N ASP C 4093 -57.32 -4.65 -7.07
CA ASP C 4093 -56.48 -5.31 -8.05
C ASP C 4093 -55.18 -4.54 -8.28
N ILE C 4094 -55.26 -3.20 -8.35
CA ILE C 4094 -54.06 -2.41 -8.60
C ILE C 4094 -53.31 -2.15 -7.30
N GLY C 4095 -54.04 -2.02 -6.18
CA GLY C 4095 -53.39 -1.77 -4.91
C GLY C 4095 -52.51 -2.91 -4.46
N PHE C 4096 -52.92 -4.16 -4.75
CA PHE C 4096 -52.06 -5.28 -4.43
C PHE C 4096 -50.73 -5.20 -5.18
N ASN C 4097 -50.78 -4.86 -6.46
CA ASN C 4097 -49.55 -4.73 -7.24
C ASN C 4097 -48.68 -3.58 -6.75
N VAL C 4098 -49.31 -2.45 -6.40
CA VAL C 4098 -48.56 -1.33 -5.86
C VAL C 4098 -47.89 -1.70 -4.54
N ALA C 4099 -48.62 -2.40 -3.67
CA ALA C 4099 -48.05 -2.87 -2.42
C ALA C 4099 -46.91 -3.85 -2.61
N VAL C 4100 -47.03 -4.77 -3.58
CA VAL C 4100 -45.93 -5.68 -3.88
C VAL C 4100 -44.71 -4.90 -4.36
N LEU C 4101 -44.91 -3.93 -5.25
CA LEU C 4101 -43.80 -3.12 -5.75
C LEU C 4101 -43.11 -2.38 -4.61
N LEU C 4102 -43.87 -1.70 -3.76
CA LEU C 4102 -43.32 -0.96 -2.64
C LEU C 4102 -42.63 -1.86 -1.61
N THR C 4103 -43.22 -3.01 -1.28
CA THR C 4103 -42.59 -3.94 -0.35
C THR C 4103 -41.27 -4.47 -0.91
N ASN C 4104 -41.25 -4.81 -2.20
CA ASN C 4104 -40.02 -5.29 -2.83
C ASN C 4104 -38.94 -4.22 -2.78
N LEU C 4105 -39.30 -2.98 -3.12
CA LEU C 4105 -38.32 -1.89 -3.07
C LEU C 4105 -37.80 -1.69 -1.66
N SER C 4106 -38.69 -1.67 -0.67
CA SER C 4106 -38.29 -1.44 0.71
C SER C 4106 -37.38 -2.55 1.22
N GLU C 4107 -37.69 -3.80 0.88
CA GLU C 4107 -36.87 -4.91 1.36
C GLU C 4107 -35.51 -4.93 0.67
N HIS C 4108 -35.48 -4.62 -0.63
CA HIS C 4108 -34.21 -4.69 -1.35
C HIS C 4108 -33.29 -3.52 -0.99
N MET C 4109 -33.88 -2.36 -0.65
CA MET C 4109 -33.09 -1.23 -0.17
C MET C 4109 -33.56 -0.84 1.22
N PRO C 4110 -32.83 -1.23 2.28
CA PRO C 4110 -33.37 -1.05 3.63
C PRO C 4110 -33.13 0.34 4.23
N ASN C 4111 -32.22 1.12 3.66
CA ASN C 4111 -31.78 2.37 4.27
C ASN C 4111 -31.77 3.52 3.28
N ASP C 4112 -32.86 3.68 2.53
CA ASP C 4112 -33.03 4.83 1.65
C ASP C 4112 -34.06 5.77 2.26
N THR C 4113 -33.58 6.92 2.76
CA THR C 4113 -34.45 7.82 3.53
C THR C 4113 -35.68 8.23 2.74
N ARG C 4114 -35.49 8.59 1.46
CA ARG C 4114 -36.62 8.89 0.61
C ARG C 4114 -37.57 7.71 0.51
N LEU C 4115 -37.03 6.49 0.49
CA LEU C 4115 -37.88 5.31 0.43
C LEU C 4115 -38.73 5.17 1.68
N GLN C 4116 -38.15 5.36 2.87
CA GLN C 4116 -38.97 5.27 4.08
C GLN C 4116 -40.01 6.38 4.13
N THR C 4117 -39.64 7.61 3.71
CA THR C 4117 -40.63 8.68 3.68
C THR C 4117 -41.80 8.33 2.78
N PHE C 4118 -41.52 7.89 1.56
CA PHE C 4118 -42.59 7.52 0.65
C PHE C 4118 -43.38 6.33 1.21
N LEU C 4119 -42.72 5.47 2.00
CA LEU C 4119 -43.44 4.41 2.68
C LEU C 4119 -44.43 4.93 3.71
N GLU C 4120 -44.05 5.92 4.52
CA GLU C 4120 -45.04 6.48 5.45
C GLU C 4120 -46.16 7.18 4.71
N LEU C 4121 -45.87 7.78 3.54
CA LEU C 4121 -46.98 8.22 2.70
C LEU C 4121 -47.84 7.06 2.23
N ALA C 4122 -47.26 5.87 2.07
CA ALA C 4122 -47.98 4.69 1.59
C ALA C 4122 -48.30 3.70 2.71
N GLU C 4123 -48.62 4.17 3.92
CA GLU C 4123 -48.85 3.25 5.04
C GLU C 4123 -50.15 2.47 4.88
N SER C 4124 -51.25 3.18 4.57
CA SER C 4124 -52.57 2.57 4.69
C SER C 4124 -52.75 1.38 3.75
N VAL C 4125 -52.33 1.53 2.49
CA VAL C 4125 -52.49 0.44 1.52
C VAL C 4125 -51.63 -0.75 1.92
N LEU C 4126 -50.41 -0.49 2.40
CA LEU C 4126 -49.54 -1.57 2.84
C LEU C 4126 -50.13 -2.31 4.04
N ASN C 4127 -50.69 -1.58 5.00
CA ASN C 4127 -51.33 -2.21 6.14
C ASN C 4127 -52.55 -3.02 5.72
N TYR C 4128 -53.33 -2.52 4.77
CA TYR C 4128 -54.50 -3.28 4.30
C TYR C 4128 -54.08 -4.56 3.58
N PHE C 4129 -53.04 -4.50 2.75
CA PHE C 4129 -52.64 -5.63 1.92
C PHE C 4129 -51.60 -6.53 2.58
N GLN C 4130 -51.19 -6.22 3.82
CA GLN C 4130 -50.22 -7.08 4.50
C GLN C 4130 -50.73 -8.50 4.71
N PRO C 4131 -51.96 -8.74 5.20
CA PRO C 4131 -52.41 -10.13 5.35
C PRO C 4131 -52.45 -10.91 4.05
N PHE C 4132 -52.77 -10.25 2.93
CA PHE C 4132 -52.86 -10.90 1.64
C PHE C 4132 -51.55 -10.93 0.89
N LEU C 4133 -50.47 -10.43 1.49
CA LEU C 4133 -49.15 -10.41 0.86
C LEU C 4133 -48.26 -11.46 1.52
N GLY C 4134 -47.65 -12.32 0.70
CA GLY C 4134 -46.74 -13.33 1.17
C GLY C 4134 -45.40 -13.22 0.49
N ARG C 4135 -44.36 -13.64 1.20
CA ARG C 4135 -42.99 -13.57 0.71
C ARG C 4135 -42.28 -14.87 1.02
N ILE C 4136 -41.54 -15.38 0.03
CA ILE C 4136 -40.70 -16.56 0.21
C ILE C 4136 -39.35 -16.28 -0.44
N GLU C 4137 -38.38 -17.14 -0.12
CA GLU C 4137 -37.05 -17.05 -0.68
C GLU C 4137 -36.77 -18.34 -1.45
N ILE C 4138 -36.38 -18.21 -2.71
CA ILE C 4138 -36.14 -19.36 -3.58
C ILE C 4138 -34.68 -19.33 -4.02
N MET C 4139 -34.22 -20.47 -4.53
CA MET C 4139 -32.85 -20.61 -5.03
C MET C 4139 -32.89 -20.26 -6.51
N GLY C 4140 -32.61 -19.00 -6.83
CA GLY C 4140 -32.84 -18.49 -8.17
C GLY C 4140 -31.94 -19.04 -9.25
N SER C 4141 -32.32 -18.80 -10.52
CA SER C 4141 -31.54 -19.28 -11.65
C SER C 4141 -30.17 -18.63 -11.77
N ALA C 4142 -30.02 -17.41 -11.26
CA ALA C 4142 -28.75 -16.72 -11.30
C ALA C 4142 -27.79 -17.18 -10.21
N LYS C 4143 -28.05 -18.35 -9.61
CA LYS C 4143 -27.28 -18.85 -8.48
C LYS C 4143 -27.27 -17.85 -7.34
N ARG C 4144 -28.43 -17.23 -7.11
CA ARG C 4144 -28.63 -16.30 -6.01
C ARG C 4144 -30.00 -16.54 -5.38
N ILE C 4145 -30.11 -16.17 -4.11
CA ILE C 4145 -31.37 -16.27 -3.39
C ILE C 4145 -32.22 -15.04 -3.69
N GLU C 4146 -33.43 -15.28 -4.18
CA GLU C 4146 -34.33 -14.20 -4.57
C GLU C 4146 -35.67 -14.36 -3.88
N ARG C 4147 -36.33 -13.23 -3.65
CA ARG C 4147 -37.61 -13.20 -2.95
C ARG C 4147 -38.76 -13.15 -3.94
N VAL C 4148 -39.80 -13.94 -3.67
CA VAL C 4148 -40.99 -14.01 -4.52
C VAL C 4148 -42.17 -13.48 -3.73
N TYR C 4149 -42.89 -12.54 -4.32
CA TYR C 4149 -44.07 -11.93 -3.71
C TYR C 4149 -45.30 -12.32 -4.50
N PHE C 4150 -46.31 -12.83 -3.80
CA PHE C 4150 -47.50 -13.38 -4.42
C PHE C 4150 -48.72 -13.07 -3.57
N GLU C 4151 -49.89 -13.53 -4.02
CA GLU C 4151 -51.16 -13.16 -3.44
C GLU C 4151 -51.64 -14.27 -2.49
N ILE C 4152 -51.91 -13.89 -1.24
CA ILE C 4152 -52.52 -14.79 -0.29
C ILE C 4152 -54.04 -14.57 -0.33
N SER C 4153 -54.78 -15.63 -0.63
CA SER C 4153 -56.22 -15.52 -0.70
C SER C 4153 -56.85 -15.72 0.68
N GLU C 4154 -57.93 -14.99 0.92
CA GLU C 4154 -58.61 -15.03 2.21
C GLU C 4154 -59.13 -16.43 2.50
N SER C 4155 -59.70 -17.09 1.48
CA SER C 4155 -60.19 -18.45 1.67
C SER C 4155 -59.06 -19.40 2.06
N SER C 4156 -57.93 -19.30 1.36
CA SER C 4156 -56.79 -20.17 1.68
C SER C 4156 -56.29 -19.93 3.09
N ARG C 4157 -56.18 -18.66 3.50
CA ARG C 4157 -55.71 -18.37 4.86
C ARG C 4157 -56.68 -18.90 5.91
N THR C 4158 -57.98 -18.73 5.70
CA THR C 4158 -58.94 -19.25 6.67
C THR C 4158 -58.90 -20.77 6.75
N GLN C 4159 -58.85 -21.45 5.59
CA GLN C 4159 -58.77 -22.91 5.62
C GLN C 4159 -57.48 -23.38 6.27
N TRP C 4160 -56.40 -22.63 6.09
CA TRP C 4160 -55.14 -22.97 6.75
C TRP C 4160 -55.24 -22.79 8.25
N GLU C 4161 -55.91 -21.73 8.70
CA GLU C 4161 -56.07 -21.47 10.12
C GLU C 4161 -57.14 -22.33 10.78
N LYS C 4162 -57.90 -23.09 10.01
CA LYS C 4162 -58.84 -24.02 10.63
C LYS C 4162 -58.08 -25.07 11.45
N PRO C 4163 -58.65 -25.50 12.59
CA PRO C 4163 -57.87 -26.35 13.51
C PRO C 4163 -57.45 -27.69 12.95
N GLN C 4164 -58.26 -28.32 12.10
CA GLN C 4164 -57.91 -29.64 11.58
C GLN C 4164 -56.63 -29.59 10.75
N VAL C 4165 -56.50 -28.54 9.92
CA VAL C 4165 -55.27 -28.34 9.17
C VAL C 4165 -54.08 -28.10 10.10
N LYS C 4166 -54.30 -27.42 11.23
CA LYS C 4166 -53.22 -27.23 12.20
C LYS C 4166 -52.78 -28.55 12.81
N GLU C 4167 -53.73 -29.43 13.14
CA GLU C 4167 -53.38 -30.76 13.64
C GLU C 4167 -52.62 -31.55 12.59
N SER C 4168 -53.06 -31.45 11.33
CA SER C 4168 -52.34 -32.13 10.25
C SER C 4168 -50.91 -31.61 10.13
N LYS C 4169 -50.73 -30.30 10.25
CA LYS C 4169 -49.40 -29.71 10.23
C LYS C 4169 -48.54 -30.24 11.36
N ARG C 4170 -49.09 -30.31 12.57
CA ARG C 4170 -48.34 -30.82 13.70
C ARG C 4170 -47.94 -32.27 13.49
N GLN C 4171 -48.86 -33.09 12.99
CA GLN C 4171 -48.55 -34.49 12.74
C GLN C 4171 -47.47 -34.64 11.66
N PHE C 4172 -47.57 -33.86 10.59
CA PHE C 4172 -46.56 -33.90 9.54
C PHE C 4172 -45.19 -33.47 10.06
N ILE C 4173 -45.12 -32.40 10.86
CA ILE C 4173 -43.85 -31.98 11.43
C ILE C 4173 -43.26 -33.07 12.34
N PHE C 4174 -44.09 -33.66 13.20
CA PHE C 4174 -43.62 -34.73 14.07
C PHE C 4174 -43.06 -35.90 13.25
N ASP C 4175 -43.77 -36.30 12.19
CA ASP C 4175 -43.33 -37.41 11.37
C ASP C 4175 -42.01 -37.09 10.66
N VAL C 4176 -41.94 -35.91 10.02
CA VAL C 4176 -40.76 -35.60 9.22
C VAL C 4176 -39.54 -35.37 10.13
N VAL C 4177 -39.78 -35.01 11.39
CA VAL C 4177 -38.66 -34.84 12.30
C VAL C 4177 -38.20 -36.18 12.85
N ASN C 4178 -39.13 -37.06 13.23
CA ASN C 4178 -38.74 -38.29 13.90
C ASN C 4178 -38.30 -39.37 12.92
N GLU C 4179 -39.05 -39.63 11.85
CA GLU C 4179 -38.70 -40.66 10.89
C GLU C 4179 -38.48 -40.07 9.50
N GLY C 4180 -37.87 -38.89 9.46
CA GLY C 4180 -37.58 -38.24 8.20
C GLY C 4180 -36.09 -38.06 8.01
N GLY C 4181 -35.69 -38.06 6.75
CA GLY C 4181 -34.30 -37.87 6.37
C GLY C 4181 -34.16 -36.67 5.44
N GLU C 4182 -32.96 -36.09 5.41
CA GLU C 4182 -32.72 -34.90 4.60
C GLU C 4182 -32.83 -35.19 3.11
N LYS C 4183 -32.66 -36.45 2.71
CA LYS C 4183 -32.82 -36.83 1.31
C LYS C 4183 -34.23 -36.54 0.80
N GLU C 4184 -35.25 -36.97 1.54
CA GLU C 4184 -36.63 -36.80 1.12
C GLU C 4184 -37.45 -35.94 2.08
N LYS C 4185 -36.77 -35.16 2.93
CA LYS C 4185 -37.51 -34.25 3.81
C LYS C 4185 -38.34 -33.27 3.00
N MET C 4186 -37.73 -32.62 2.03
CA MET C 4186 -38.42 -31.59 1.27
C MET C 4186 -39.41 -32.18 0.27
N GLU C 4187 -39.13 -33.38 -0.25
CA GLU C 4187 -40.12 -34.16 -0.98
C GLU C 4187 -41.36 -34.45 -0.14
N LEU C 4188 -41.17 -34.88 1.11
CA LEU C 4188 -42.31 -35.09 1.99
C LEU C 4188 -43.03 -33.78 2.28
N PHE C 4189 -42.28 -32.69 2.41
CA PHE C 4189 -42.90 -31.37 2.60
C PHE C 4189 -43.78 -31.00 1.40
N VAL C 4190 -43.29 -31.26 0.18
CA VAL C 4190 -44.09 -30.97 -1.01
C VAL C 4190 -45.32 -31.87 -1.07
N ASN C 4191 -45.18 -33.15 -0.73
CA ASN C 4191 -46.34 -34.04 -0.72
C ASN C 4191 -47.38 -33.58 0.29
N PHE C 4192 -46.94 -33.20 1.49
CA PHE C 4192 -47.86 -32.69 2.50
C PHE C 4192 -48.52 -31.41 2.02
N CYS C 4193 -47.76 -30.53 1.37
CA CYS C 4193 -48.33 -29.29 0.85
C CYS C 4193 -49.40 -29.57 -0.20
N GLU C 4194 -49.14 -30.50 -1.11
CA GLU C 4194 -50.14 -30.85 -2.12
C GLU C 4194 -51.39 -31.45 -1.50
N ASP C 4195 -51.24 -32.38 -0.55
CA ASP C 4195 -52.41 -32.97 0.10
C ASP C 4195 -53.21 -31.92 0.86
N THR C 4196 -52.52 -31.03 1.58
CA THR C 4196 -53.17 -29.97 2.33
C THR C 4196 -53.87 -28.98 1.41
N ILE C 4197 -53.27 -28.64 0.27
CA ILE C 4197 -53.93 -27.79 -0.71
C ILE C 4197 -55.20 -28.45 -1.24
N PHE C 4198 -55.14 -29.75 -1.55
CA PHE C 4198 -56.33 -30.43 -2.04
C PHE C 4198 -57.44 -30.42 -1.00
N GLU C 4199 -57.10 -30.71 0.27
CA GLU C 4199 -58.14 -30.74 1.30
C GLU C 4199 -58.69 -29.35 1.63
N MET C 4200 -57.87 -28.30 1.61
CA MET C 4200 -58.41 -26.96 1.76
C MET C 4200 -59.29 -26.53 0.60
N GLN C 4201 -58.92 -26.87 -0.64
CA GLN C 4201 -59.78 -26.61 -1.78
C GLN C 4201 -61.09 -27.37 -1.71
N LEU C 4202 -61.08 -28.58 -1.18
CA LEU C 4202 -62.34 -29.30 -0.98
C LEU C 4202 -63.17 -28.68 0.14
N ALA C 4203 -62.55 -28.31 1.26
CA ALA C 4203 -63.28 -27.72 2.37
C ALA C 4203 -63.91 -26.38 2.01
N ALA C 4204 -63.17 -25.50 1.33
CA ALA C 4204 -63.74 -24.23 0.91
C ALA C 4204 -64.87 -24.43 -0.09
N GLN C 4205 -64.73 -25.41 -0.98
CA GLN C 4205 -65.76 -25.68 -1.96
C GLN C 4205 -67.04 -26.18 -1.29
N ILE C 4206 -66.91 -27.09 -0.33
CA ILE C 4206 -68.10 -27.64 0.33
C ILE C 4206 -68.73 -26.61 1.26
N SER C 4207 -67.92 -25.72 1.83
CA SER C 4207 -68.46 -24.71 2.72
C SER C 4207 -69.22 -23.64 1.94
N GLU C 4208 -70.49 -23.45 2.28
CA GLU C 4208 -71.35 -22.49 1.62
C GLU C 4208 -71.99 -21.57 2.66
N SER C 4209 -72.17 -20.31 2.29
CA SER C 4209 -72.78 -19.33 3.20
C SER C 4209 -73.91 -18.57 2.50
N SER C 4237 -74.51 -20.21 31.15
CA SER C 4237 -73.56 -19.62 32.08
C SER C 4237 -73.98 -18.21 32.47
N ILE C 4238 -74.77 -17.57 31.60
CA ILE C 4238 -75.22 -16.21 31.87
C ILE C 4238 -76.13 -16.18 33.09
N LEU C 4239 -76.92 -17.25 33.31
CA LEU C 4239 -77.74 -17.33 34.51
C LEU C 4239 -76.87 -17.37 35.76
N THR C 4240 -75.79 -18.17 35.73
CA THR C 4240 -74.87 -18.22 36.86
C THR C 4240 -74.18 -16.88 37.09
N VAL C 4241 -73.78 -16.19 36.01
CA VAL C 4241 -73.17 -14.87 36.16
C VAL C 4241 -74.17 -13.90 36.79
N ARG C 4242 -75.42 -13.92 36.32
CA ARG C 4242 -76.45 -13.04 36.88
C ARG C 4242 -76.66 -13.32 38.36
N SER C 4243 -76.74 -14.60 38.74
CA SER C 4243 -76.93 -14.94 40.15
C SER C 4243 -75.74 -14.52 41.01
N ALA C 4244 -74.51 -14.83 40.58
CA ALA C 4244 -73.31 -14.50 41.33
C ALA C 4244 -73.04 -13.02 41.39
N LEU C 4245 -73.57 -12.23 40.45
CA LEU C 4245 -73.43 -10.78 40.49
C LEU C 4245 -74.51 -10.14 41.33
N PHE C 4246 -75.75 -10.64 41.25
CA PHE C 4246 -76.80 -10.15 42.13
C PHE C 4246 -76.48 -10.43 43.59
N ALA C 4247 -75.93 -11.61 43.88
CA ALA C 4247 -75.56 -11.91 45.26
C ALA C 4247 -74.45 -10.98 45.74
N LEU C 4248 -73.40 -10.82 44.93
CA LEU C 4248 -72.29 -9.96 45.30
C LEU C 4248 -72.69 -8.49 45.41
N ARG C 4249 -73.76 -8.06 44.75
CA ARG C 4249 -74.29 -6.73 44.98
C ARG C 4249 -75.09 -6.69 46.28
N TYR C 4250 -76.11 -7.55 46.38
CA TYR C 4250 -77.07 -7.46 47.49
C TYR C 4250 -76.44 -7.69 48.85
N ASN C 4251 -75.54 -8.67 48.96
CA ASN C 4251 -74.91 -8.94 50.25
C ASN C 4251 -74.09 -7.75 50.73
N ILE C 4252 -73.37 -7.09 49.81
CA ILE C 4252 -72.58 -5.92 50.18
C ILE C 4252 -73.50 -4.75 50.51
N LEU C 4253 -74.64 -4.64 49.81
CA LEU C 4253 -75.61 -3.61 50.17
C LEU C 4253 -76.12 -3.82 51.59
N THR C 4254 -76.43 -5.06 51.97
CA THR C 4254 -76.85 -5.32 53.34
C THR C 4254 -75.71 -5.06 54.32
N LEU C 4255 -74.47 -5.34 53.91
CA LEU C 4255 -73.32 -5.07 54.76
C LEU C 4255 -73.19 -3.58 55.06
N MET C 4256 -73.38 -2.74 54.04
CA MET C 4256 -73.25 -1.29 54.19
C MET C 4256 -74.57 -0.63 54.60
N ARG C 4257 -75.63 -1.43 54.76
CA ARG C 4257 -76.95 -0.88 55.06
C ARG C 4257 -76.98 -0.22 56.43
N MET C 4258 -76.23 -0.78 57.39
CA MET C 4258 -76.24 -0.21 58.74
C MET C 4258 -75.51 1.13 58.76
N LEU C 4259 -74.42 1.26 58.01
CA LEU C 4259 -73.79 2.57 57.83
C LEU C 4259 -74.74 3.52 57.12
N SER C 4260 -75.50 3.02 56.15
CA SER C 4260 -76.46 3.88 55.44
C SER C 4260 -77.51 4.42 56.40
N LEU C 4261 -78.02 3.57 57.29
CA LEU C 4261 -78.98 3.97 58.31
C LEU C 4261 -78.34 4.80 59.43
N LYS C 4262 -77.01 4.76 59.54
CA LYS C 4262 -76.28 5.40 60.64
C LYS C 4262 -76.66 4.73 61.95
N SER C 4263 -76.43 3.42 62.01
CA SER C 4263 -76.69 2.61 63.19
C SER C 4263 -75.48 2.55 64.13
N LEU C 4264 -74.40 3.25 63.80
CA LEU C 4264 -73.20 3.29 64.63
C LEU C 4264 -73.34 4.27 65.80
N LYS C 4265 -74.45 5.02 65.85
CA LYS C 4265 -74.68 5.91 66.97
C LYS C 4265 -74.85 5.15 68.28
N LYS C 4266 -75.29 3.89 68.22
CA LYS C 4266 -75.34 3.08 69.43
C LYS C 4266 -73.95 2.79 69.98
N GLN C 4267 -73.00 2.46 69.09
CA GLN C 4267 -71.62 2.25 69.54
C GLN C 4267 -70.90 3.55 69.80
N MET C 4268 -71.47 4.68 69.38
CA MET C 4268 -70.85 5.98 69.60
C MET C 4268 -70.62 6.28 71.09
N LYS C 4269 -71.61 6.03 71.94
CA LYS C 4269 -71.47 6.37 73.35
C LYS C 4269 -70.39 5.53 74.02
N LYS C 4270 -70.25 4.27 73.62
CA LYS C 4270 -69.17 3.43 74.10
C LYS C 4270 -67.82 3.82 73.51
N VAL C 4271 -67.79 4.30 72.27
CA VAL C 4271 -66.57 4.77 71.63
C VAL C 4271 -66.08 6.01 72.35
N LYS C 4272 -67.01 6.76 72.97
CA LYS C 4272 -66.62 7.95 73.73
C LYS C 4272 -65.61 7.60 74.82
N LYS C 4273 -65.64 6.36 75.31
CA LYS C 4273 -64.62 5.89 76.25
C LYS C 4273 -63.41 5.34 75.47
N MET C 4274 -62.54 6.25 75.06
CA MET C 4274 -61.35 5.87 74.31
C MET C 4274 -60.40 5.06 75.18
N THR C 4275 -60.27 3.77 74.87
CA THR C 4275 -59.26 2.93 75.51
C THR C 4275 -58.97 1.73 74.61
N VAL C 4276 -57.80 1.13 74.83
CA VAL C 4276 -57.30 0.11 73.93
C VAL C 4276 -58.22 -1.11 73.92
N LYS C 4277 -58.66 -1.56 75.09
CA LYS C 4277 -59.51 -2.75 75.15
C LYS C 4277 -60.85 -2.50 74.49
N ASP C 4278 -61.46 -1.33 74.73
CA ASP C 4278 -62.73 -1.02 74.09
C ASP C 4278 -62.58 -0.97 72.58
N MET C 4279 -61.50 -0.35 72.09
CA MET C 4279 -61.29 -0.28 70.64
C MET C 4279 -61.04 -1.66 70.05
N VAL C 4280 -60.27 -2.52 70.74
CA VAL C 4280 -59.98 -3.84 70.18
C VAL C 4280 -61.26 -4.68 70.12
N THR C 4281 -62.08 -4.63 71.18
CA THR C 4281 -63.36 -5.33 71.12
C THR C 4281 -64.27 -4.73 70.06
N ALA C 4282 -64.20 -3.41 69.85
CA ALA C 4282 -65.04 -2.78 68.85
C ALA C 4282 -64.72 -3.26 67.45
N PHE C 4283 -63.43 -3.26 67.08
CA PHE C 4283 -63.12 -3.66 65.70
C PHE C 4283 -63.20 -5.18 65.56
N PHE C 4284 -63.04 -5.91 66.67
CA PHE C 4284 -63.34 -7.35 66.63
C PHE C 4284 -64.81 -7.58 66.34
N SER C 4285 -65.69 -6.78 66.93
CA SER C 4285 -67.12 -6.89 66.64
C SER C 4285 -67.41 -6.52 65.20
N SER C 4286 -66.71 -5.50 64.68
CA SER C 4286 -66.90 -5.12 63.29
C SER C 4286 -66.47 -6.25 62.35
N TYR C 4287 -65.32 -6.86 62.62
CA TYR C 4287 -64.88 -7.98 61.78
C TYR C 4287 -65.78 -9.20 61.96
N TRP C 4288 -66.36 -9.37 63.15
CA TRP C 4288 -67.34 -10.43 63.36
C TRP C 4288 -68.59 -10.20 62.53
N SER C 4289 -69.02 -8.94 62.42
CA SER C 4289 -70.12 -8.60 61.54
C SER C 4289 -69.78 -8.89 60.09
N ILE C 4290 -68.55 -8.55 59.68
CA ILE C 4290 -68.11 -8.85 58.32
C ILE C 4290 -68.13 -10.35 58.07
N PHE C 4291 -67.67 -11.13 59.04
CA PHE C 4291 -67.61 -12.58 58.90
C PHE C 4291 -68.99 -13.21 58.87
N MET C 4292 -69.93 -12.69 59.66
CA MET C 4292 -71.29 -13.23 59.63
C MET C 4292 -71.98 -12.86 58.33
N THR C 4293 -71.67 -11.67 57.79
CA THR C 4293 -72.16 -11.33 56.45
C THR C 4293 -71.58 -12.29 55.40
N LEU C 4294 -70.31 -12.64 55.54
CA LEU C 4294 -69.71 -13.63 54.64
C LEU C 4294 -70.39 -14.99 54.79
N LEU C 4295 -70.75 -15.36 56.01
CA LEU C 4295 -71.46 -16.61 56.26
C LEU C 4295 -72.83 -16.60 55.59
N HIS C 4296 -73.55 -15.47 55.69
CA HIS C 4296 -74.80 -15.33 54.97
C HIS C 4296 -74.59 -15.44 53.46
N PHE C 4297 -73.50 -14.84 52.95
CA PHE C 4297 -73.21 -14.94 51.52
C PHE C 4297 -73.00 -16.38 51.08
N VAL C 4298 -72.18 -17.13 51.83
CA VAL C 4298 -71.87 -18.51 51.43
C VAL C 4298 -73.10 -19.40 51.59
N ALA C 4299 -73.90 -19.16 52.63
CA ALA C 4299 -75.15 -19.90 52.79
C ALA C 4299 -76.13 -19.60 51.67
N SER C 4300 -76.20 -18.34 51.22
CA SER C 4300 -77.07 -18.01 50.09
C SER C 4300 -76.56 -18.62 48.80
N VAL C 4301 -75.23 -18.72 48.66
CA VAL C 4301 -74.66 -19.39 47.49
C VAL C 4301 -75.06 -20.86 47.48
N PHE C 4302 -74.95 -21.53 48.63
CA PHE C 4302 -75.38 -22.92 48.71
C PHE C 4302 -76.87 -23.06 48.46
N ARG C 4303 -77.67 -22.14 48.98
CA ARG C 4303 -79.12 -22.19 48.75
C ARG C 4303 -79.45 -22.03 47.26
N GLY C 4304 -78.77 -21.10 46.58
CA GLY C 4304 -78.99 -20.94 45.16
C GLY C 4304 -78.54 -22.14 44.37
N PHE C 4305 -77.43 -22.77 44.78
CA PHE C 4305 -76.97 -23.98 44.12
C PHE C 4305 -77.99 -25.10 44.27
N PHE C 4306 -78.56 -25.25 45.47
CA PHE C 4306 -79.59 -26.25 45.69
C PHE C 4306 -80.86 -25.93 44.88
N ARG C 4307 -81.19 -24.64 44.76
CA ARG C 4307 -82.34 -24.25 43.96
C ARG C 4307 -82.13 -24.59 42.49
N ILE C 4308 -80.92 -24.36 41.98
CA ILE C 4308 -80.61 -24.72 40.60
C ILE C 4308 -80.68 -26.23 40.43
N ILE C 4309 -80.21 -26.99 41.42
CA ILE C 4309 -80.30 -28.44 41.36
C ILE C 4309 -81.76 -28.88 41.29
N CYS C 4310 -82.60 -28.31 42.14
CA CYS C 4310 -84.01 -28.68 42.20
C CYS C 4310 -84.85 -27.69 41.41
N PHE C 4480 -86.76 -30.52 -12.57
CA PHE C 4480 -85.78 -30.73 -13.62
C PHE C 4480 -84.40 -31.06 -13.06
N TRP C 4481 -83.49 -31.44 -13.96
CA TRP C 4481 -82.20 -31.99 -13.54
C TRP C 4481 -81.36 -30.97 -12.80
N LYS C 4482 -81.29 -29.74 -13.31
CA LYS C 4482 -80.35 -28.76 -12.78
C LYS C 4482 -80.69 -28.30 -11.38
N LYS C 4483 -81.93 -28.47 -10.94
CA LYS C 4483 -82.33 -28.09 -9.57
C LYS C 4483 -82.12 -29.26 -8.63
N ILE C 4484 -82.50 -30.46 -9.06
CA ILE C 4484 -82.38 -31.63 -8.18
C ILE C 4484 -80.92 -31.97 -7.94
N ILE C 4485 -80.07 -31.85 -8.97
CA ILE C 4485 -78.65 -32.12 -8.79
C ILE C 4485 -78.02 -31.08 -7.87
N ALA C 4486 -78.45 -29.82 -8.00
CA ALA C 4486 -77.95 -28.78 -7.11
C ALA C 4486 -78.33 -29.06 -5.65
N TYR C 4487 -79.58 -29.47 -5.41
CA TYR C 4487 -79.99 -29.77 -4.05
C TYR C 4487 -79.27 -31.00 -3.52
N GLN C 4488 -79.02 -31.98 -4.38
CA GLN C 4488 -78.24 -33.15 -3.99
C GLN C 4488 -76.83 -32.73 -3.57
N GLN C 4489 -76.20 -31.87 -4.37
CA GLN C 4489 -74.87 -31.38 -4.01
C GLN C 4489 -74.89 -30.64 -2.69
N LYS C 4490 -75.94 -29.85 -2.45
CA LYS C 4490 -76.08 -29.16 -1.17
C LYS C 4490 -76.17 -30.15 -0.01
N LEU C 4491 -76.96 -31.21 -0.17
CA LEU C 4491 -77.11 -32.20 0.90
C LEU C 4491 -75.79 -32.93 1.17
N LEU C 4492 -75.09 -33.33 0.10
CA LEU C 4492 -73.80 -34.00 0.24
C LEU C 4492 -72.78 -33.09 0.92
N ASN C 4493 -72.79 -31.80 0.55
CA ASN C 4493 -71.90 -30.85 1.20
C ASN C 4493 -72.24 -30.68 2.68
N TYR C 4494 -73.53 -30.68 3.01
CA TYR C 4494 -73.96 -30.60 4.41
C TYR C 4494 -73.42 -31.79 5.19
N PHE C 4495 -73.55 -32.99 4.63
CA PHE C 4495 -73.01 -34.18 5.30
C PHE C 4495 -71.50 -34.08 5.48
N ALA C 4496 -70.80 -33.62 4.44
CA ALA C 4496 -69.35 -33.46 4.55
C ALA C 4496 -68.99 -32.47 5.64
N ARG C 4497 -69.74 -31.37 5.74
CA ARG C 4497 -69.46 -30.36 6.76
C ARG C 4497 -69.71 -30.92 8.16
N ASN C 4498 -70.77 -31.71 8.33
CA ASN C 4498 -71.18 -32.18 9.64
C ASN C 4498 -70.69 -33.59 9.95
N PHE C 4499 -69.71 -34.10 9.18
CA PHE C 4499 -69.20 -35.44 9.42
C PHE C 4499 -68.66 -35.61 10.84
N TYR C 4500 -67.80 -34.67 11.29
CA TYR C 4500 -67.20 -34.81 12.62
C TYR C 4500 -68.21 -34.65 13.74
N ASN C 4501 -69.10 -33.66 13.64
CA ASN C 4501 -70.10 -33.42 14.68
C ASN C 4501 -70.99 -34.64 14.86
N MET C 4502 -71.45 -35.24 13.76
CA MET C 4502 -72.26 -36.44 13.87
C MET C 4502 -71.43 -37.63 14.35
N ARG C 4503 -70.12 -37.64 14.04
CA ARG C 4503 -69.25 -38.68 14.59
C ARG C 4503 -69.19 -38.63 16.11
N MET C 4504 -69.12 -37.42 16.69
CA MET C 4504 -69.10 -37.30 18.16
C MET C 4504 -70.49 -37.55 18.74
N LEU C 4505 -71.53 -37.16 18.02
CA LEU C 4505 -72.88 -37.30 18.55
C LEU C 4505 -73.31 -38.77 18.51
N ALA C 4506 -72.77 -39.55 17.57
CA ALA C 4506 -72.98 -40.99 17.58
C ALA C 4506 -72.39 -41.63 18.83
N LEU C 4507 -71.20 -41.19 19.24
CA LEU C 4507 -70.61 -41.61 20.50
C LEU C 4507 -71.47 -41.19 21.70
N PHE C 4508 -72.02 -39.98 21.68
CA PHE C 4508 -72.95 -39.56 22.72
C PHE C 4508 -74.16 -40.48 22.81
N VAL C 4509 -74.74 -40.83 21.66
CA VAL C 4509 -75.88 -41.74 21.64
C VAL C 4509 -75.46 -43.12 22.14
N ALA C 4510 -74.24 -43.54 21.82
CA ALA C 4510 -73.75 -44.83 22.30
C ALA C 4510 -73.63 -44.84 23.81
N PHE C 4511 -73.08 -43.78 24.40
CA PHE C 4511 -73.01 -43.65 25.85
C PHE C 4511 -74.40 -43.58 26.50
N ALA C 4512 -75.37 -42.97 25.83
CA ALA C 4512 -76.75 -42.96 26.32
C ALA C 4512 -77.38 -44.34 26.31
N ILE C 4513 -77.22 -45.09 25.21
CA ILE C 4513 -77.74 -46.44 25.13
C ILE C 4513 -77.07 -47.37 26.13
N ASN C 4514 -75.75 -47.24 26.32
CA ASN C 4514 -75.08 -48.08 27.31
C ASN C 4514 -75.51 -47.70 28.73
N PHE C 4515 -75.73 -46.41 28.99
CA PHE C 4515 -76.22 -46.01 30.30
C PHE C 4515 -77.61 -46.56 30.56
N ILE C 4516 -78.48 -46.57 29.54
CA ILE C 4516 -79.83 -47.11 29.74
C ILE C 4516 -79.79 -48.63 29.78
N LEU C 4517 -78.77 -49.26 29.20
CA LEU C 4517 -78.55 -50.70 29.31
C LEU C 4517 -77.94 -51.09 30.64
N LEU C 4518 -77.37 -50.13 31.38
CA LEU C 4518 -76.90 -50.39 32.74
C LEU C 4518 -77.98 -50.89 33.67
N PHE C 4519 -79.26 -50.66 33.34
CA PHE C 4519 -80.39 -51.15 34.12
C PHE C 4519 -81.00 -52.42 33.54
N TYR C 4520 -80.28 -53.11 32.64
CA TYR C 4520 -80.80 -54.30 32.00
C TYR C 4520 -80.84 -55.45 33.00
N LYS C 4521 -81.85 -56.31 32.87
CA LYS C 4521 -82.07 -57.37 33.85
C LYS C 4521 -82.57 -58.63 33.17
N VAL C 4522 -82.15 -59.77 33.70
CA VAL C 4522 -82.60 -61.08 33.24
C VAL C 4522 -83.86 -61.45 34.00
N SER C 4523 -84.93 -61.73 33.27
CA SER C 4523 -86.19 -62.18 33.84
C SER C 4523 -86.34 -63.69 33.67
N THR C 4524 -86.92 -64.32 34.68
CA THR C 4524 -87.12 -65.76 34.67
C THR C 4524 -88.60 -66.11 34.54
N ILE C 4555 -85.39 -74.44 30.23
CA ILE C 4555 -85.65 -73.23 30.98
C ILE C 4555 -86.01 -72.09 30.02
N ALA C 4556 -86.78 -71.13 30.52
CA ALA C 4556 -87.18 -69.96 29.75
C ALA C 4556 -86.33 -68.77 30.19
N VAL C 4557 -85.62 -68.17 29.25
CA VAL C 4557 -84.74 -67.05 29.52
C VAL C 4557 -85.34 -65.80 28.89
N HIS C 4558 -85.53 -64.76 29.70
CA HIS C 4558 -86.13 -63.51 29.25
C HIS C 4558 -85.11 -62.38 29.46
N TYR C 4559 -85.46 -61.21 28.90
CA TYR C 4559 -84.63 -60.02 29.02
C TYR C 4559 -85.56 -58.81 28.96
N VAL C 4560 -85.75 -58.15 30.11
CA VAL C 4560 -86.62 -56.99 30.21
C VAL C 4560 -85.94 -55.95 31.09
N LEU C 4561 -86.03 -54.69 30.69
CA LEU C 4561 -85.49 -53.58 31.48
C LEU C 4561 -86.42 -53.23 32.63
N GLU C 4562 -85.84 -52.90 33.78
CA GLU C 4562 -86.61 -52.30 34.86
C GLU C 4562 -86.81 -50.82 34.58
N GLU C 4563 -88.05 -50.42 34.32
CA GLU C 4563 -88.38 -49.06 33.92
C GLU C 4563 -89.11 -48.37 35.08
N SER C 4564 -88.35 -47.56 35.84
CA SER C 4564 -88.95 -46.78 36.91
C SER C 4564 -89.90 -45.73 36.36
N SER C 4565 -89.49 -45.04 35.28
CA SER C 4565 -90.37 -44.05 34.66
C SER C 4565 -91.44 -44.71 33.80
N GLY C 4566 -91.21 -45.95 33.37
CA GLY C 4566 -92.14 -46.64 32.51
C GLY C 4566 -91.98 -46.35 31.03
N TYR C 4567 -91.02 -45.53 30.64
CA TYR C 4567 -90.82 -45.16 29.24
C TYR C 4567 -89.40 -45.48 28.76
N MET C 4568 -88.65 -46.29 29.51
CA MET C 4568 -87.28 -46.58 29.11
C MET C 4568 -87.23 -47.38 27.82
N GLU C 4569 -88.15 -48.33 27.63
CA GLU C 4569 -88.13 -49.17 26.43
C GLU C 4569 -88.32 -48.36 25.16
N PRO C 4570 -89.36 -47.50 25.04
CA PRO C 4570 -89.42 -46.63 23.86
C PRO C 4570 -88.22 -45.70 23.77
N THR C 4571 -87.66 -45.30 24.91
CA THR C 4571 -86.51 -44.40 24.91
C THR C 4571 -85.33 -45.04 24.20
N LEU C 4572 -84.93 -46.25 24.60
CA LEU C 4572 -83.78 -46.81 23.90
C LEU C 4572 -84.14 -47.37 22.54
N ARG C 4573 -85.41 -47.66 22.26
CA ARG C 4573 -85.76 -47.97 20.89
C ARG C 4573 -85.53 -46.79 19.96
N ILE C 4574 -85.99 -45.60 20.38
CA ILE C 4574 -85.74 -44.38 19.62
C ILE C 4574 -84.24 -44.11 19.55
N LEU C 4575 -83.52 -44.35 20.64
CA LEU C 4575 -82.08 -44.13 20.66
C LEU C 4575 -81.37 -45.04 19.67
N ALA C 4576 -81.77 -46.30 19.60
CA ALA C 4576 -81.16 -47.24 18.66
C ALA C 4576 -81.47 -46.86 17.21
N ILE C 4577 -82.71 -46.48 16.93
CA ILE C 4577 -83.03 -46.04 15.57
C ILE C 4577 -82.23 -44.80 15.20
N LEU C 4578 -82.12 -43.84 16.11
CA LEU C 4578 -81.33 -42.63 15.86
C LEU C 4578 -79.87 -42.97 15.64
N HIS C 4579 -79.32 -43.89 16.44
CA HIS C 4579 -77.93 -44.29 16.28
C HIS C 4579 -77.70 -44.94 14.92
N THR C 4580 -78.61 -45.80 14.48
CA THR C 4580 -78.50 -46.42 13.17
C THR C 4580 -78.59 -45.41 12.04
N VAL C 4581 -79.50 -44.45 12.12
CA VAL C 4581 -79.59 -43.39 11.11
C VAL C 4581 -78.34 -42.53 11.09
N ILE C 4582 -77.80 -42.22 12.28
CA ILE C 4582 -76.57 -41.43 12.37
C ILE C 4582 -75.41 -42.20 11.78
N SER C 4583 -75.40 -43.52 11.93
CA SER C 4583 -74.36 -44.32 11.30
C SER C 4583 -74.42 -44.20 9.78
N PHE C 4584 -75.63 -44.23 9.22
CA PHE C 4584 -75.78 -44.05 7.77
C PHE C 4584 -75.31 -42.68 7.33
N PHE C 4585 -75.67 -41.65 8.09
CA PHE C 4585 -75.20 -40.30 7.78
C PHE C 4585 -73.69 -40.16 7.89
N CYS C 4586 -73.06 -40.83 8.86
CA CYS C 4586 -71.60 -40.82 8.95
C CYS C 4586 -70.96 -41.56 7.79
N ILE C 4587 -71.54 -42.69 7.36
CA ILE C 4587 -71.09 -43.36 6.15
C ILE C 4587 -71.16 -42.45 4.93
N ILE C 4588 -72.26 -41.72 4.76
CA ILE C 4588 -72.36 -40.76 3.67
C ILE C 4588 -71.32 -39.65 3.79
N GLY C 4589 -71.16 -39.10 4.99
CA GLY C 4589 -70.22 -37.99 5.17
C GLY C 4589 -68.78 -38.38 4.93
N TYR C 4590 -68.41 -39.61 5.31
CA TYR C 4590 -67.07 -40.10 5.00
C TYR C 4590 -66.83 -40.11 3.49
N TYR C 4591 -67.76 -40.69 2.73
CA TYR C 4591 -67.63 -40.71 1.28
C TYR C 4591 -67.65 -39.31 0.67
N CYS C 4592 -68.32 -38.36 1.32
CA CYS C 4592 -68.27 -36.97 0.87
C CYS C 4592 -66.89 -36.36 1.08
N LEU C 4593 -66.32 -36.52 2.27
CA LEU C 4593 -65.18 -35.70 2.68
C LEU C 4593 -63.85 -36.42 2.55
N LYS C 4594 -63.71 -37.59 3.17
CA LYS C 4594 -62.39 -38.21 3.28
C LYS C 4594 -62.06 -39.03 2.03
N VAL C 4595 -63.06 -39.60 1.37
CA VAL C 4595 -62.79 -40.41 0.18
C VAL C 4595 -62.09 -39.63 -0.92
N PRO C 4596 -62.50 -38.40 -1.26
CA PRO C 4596 -61.75 -37.65 -2.29
C PRO C 4596 -60.28 -37.48 -1.97
N LEU C 4597 -59.93 -37.25 -0.70
CA LEU C 4597 -58.52 -37.08 -0.34
C LEU C 4597 -57.73 -38.36 -0.56
N VAL C 4598 -58.29 -39.51 -0.16
CA VAL C 4598 -57.60 -40.78 -0.35
C VAL C 4598 -57.46 -41.09 -1.83
N ILE C 4599 -58.52 -40.85 -2.60
CA ILE C 4599 -58.45 -41.07 -4.05
C ILE C 4599 -57.39 -40.18 -4.67
N PHE C 4600 -57.33 -38.90 -4.27
CA PHE C 4600 -56.31 -38.00 -4.80
C PHE C 4600 -54.91 -38.49 -4.45
N LYS C 4601 -54.71 -38.93 -3.21
CA LYS C 4601 -53.39 -39.41 -2.80
C LYS C 4601 -52.96 -40.61 -3.64
N ARG C 4602 -53.82 -41.64 -3.73
CA ARG C 4602 -53.43 -42.83 -4.47
C ARG C 4602 -53.27 -42.53 -5.96
N GLU C 4603 -54.15 -41.68 -6.52
CA GLU C 4603 -54.07 -41.35 -7.92
C GLU C 4603 -52.80 -40.58 -8.27
N LYS C 4604 -52.44 -39.58 -7.47
CA LYS C 4604 -51.17 -38.89 -7.70
C LYS C 4604 -49.97 -39.80 -7.50
N GLU C 4605 -50.01 -40.70 -6.52
CA GLU C 4605 -48.90 -41.62 -6.33
C GLU C 4605 -48.72 -42.53 -7.54
N VAL C 4606 -49.82 -43.06 -8.08
CA VAL C 4606 -49.73 -43.88 -9.29
C VAL C 4606 -49.23 -43.06 -10.46
N ALA C 4607 -49.69 -41.81 -10.58
CA ALA C 4607 -49.23 -40.96 -11.69
C ALA C 4607 -47.73 -40.73 -11.61
N ARG C 4608 -47.21 -40.43 -10.42
CA ARG C 4608 -45.78 -40.20 -10.27
C ARG C 4608 -44.99 -41.47 -10.54
N LYS C 4609 -45.46 -42.62 -10.03
CA LYS C 4609 -44.75 -43.87 -10.30
C LYS C 4609 -44.75 -44.18 -11.80
N LEU C 4610 -45.82 -43.79 -12.50
CA LEU C 4610 -45.89 -44.05 -13.93
C LEU C 4610 -44.92 -43.15 -14.70
N GLU C 4611 -44.91 -41.86 -14.39
CA GLU C 4611 -44.11 -40.93 -15.18
C GLU C 4611 -42.62 -41.05 -14.86
N PHE C 4612 -42.27 -41.26 -13.59
CA PHE C 4612 -40.86 -41.22 -13.20
C PHE C 4612 -40.25 -42.61 -13.06
N ASP C 4613 -41.07 -43.62 -12.72
CA ASP C 4613 -40.56 -44.97 -12.51
C ASP C 4613 -41.07 -45.97 -13.53
N GLY C 4614 -42.16 -45.65 -14.25
CA GLY C 4614 -42.66 -46.53 -15.29
C GLY C 4614 -43.03 -47.92 -14.82
N LEU C 4615 -43.81 -47.99 -13.73
CA LEU C 4615 -44.13 -49.25 -13.08
C LEU C 4615 -45.01 -50.16 -13.93
N TYR C 4616 -45.38 -49.75 -15.14
CA TYR C 4616 -46.16 -50.58 -16.05
C TYR C 4616 -45.50 -50.73 -17.41
N ILE C 4617 -44.32 -50.17 -17.60
CA ILE C 4617 -43.61 -50.28 -18.87
C ILE C 4617 -42.19 -50.82 -18.67
N THR C 4618 -41.41 -50.20 -17.78
CA THR C 4618 -40.06 -50.69 -17.54
C THR C 4618 -40.03 -51.62 -16.34
N GLU C 4619 -41.10 -51.63 -15.57
CA GLU C 4619 -41.23 -52.42 -14.36
C GLU C 4619 -42.65 -52.97 -14.32
N GLN C 4620 -42.86 -54.04 -13.57
CA GLN C 4620 -44.17 -54.61 -13.35
C GLN C 4620 -44.30 -55.02 -11.89
N PRO C 4621 -45.50 -54.89 -11.31
CA PRO C 4621 -45.66 -55.18 -9.88
C PRO C 4621 -45.25 -56.60 -9.55
N SER C 4622 -44.61 -56.74 -8.39
CA SER C 4622 -44.06 -58.03 -7.98
C SER C 4622 -45.14 -59.04 -7.63
N GLU C 4623 -46.41 -58.72 -7.88
CA GLU C 4623 -47.60 -59.53 -7.67
C GLU C 4623 -47.91 -59.75 -6.20
N ASP C 4624 -47.09 -59.24 -5.28
CA ASP C 4624 -47.43 -59.24 -3.86
C ASP C 4624 -47.97 -57.89 -3.40
N ASP C 4625 -48.08 -56.92 -4.30
CA ASP C 4625 -48.60 -55.59 -3.99
C ASP C 4625 -50.00 -55.45 -4.59
N ILE C 4626 -51.02 -55.75 -3.78
CA ILE C 4626 -52.39 -55.62 -4.22
C ILE C 4626 -52.73 -54.20 -4.64
N LYS C 4627 -52.09 -53.19 -4.04
CA LYS C 4627 -52.31 -51.82 -4.44
C LYS C 4627 -51.93 -51.60 -5.91
N GLY C 4628 -50.73 -52.02 -6.29
CA GLY C 4628 -50.32 -51.90 -7.69
C GLY C 4628 -51.13 -52.77 -8.62
N GLN C 4629 -51.43 -54.00 -8.19
CA GLN C 4629 -52.23 -54.88 -9.03
C GLN C 4629 -53.61 -54.29 -9.30
N TRP C 4630 -54.19 -53.61 -8.31
CA TRP C 4630 -55.48 -52.98 -8.50
C TRP C 4630 -55.37 -51.69 -9.31
N ASP C 4631 -54.32 -50.91 -9.08
CA ASP C 4631 -54.12 -49.65 -9.79
C ASP C 4631 -53.72 -49.86 -11.24
N ARG C 4632 -53.34 -51.08 -11.63
CA ARG C 4632 -53.14 -51.37 -13.05
C ARG C 4632 -54.38 -51.07 -13.88
N LEU C 4633 -55.57 -51.14 -13.26
CA LEU C 4633 -56.81 -50.94 -14.00
C LEU C 4633 -57.04 -49.48 -14.33
N VAL C 4634 -56.61 -48.57 -13.45
CA VAL C 4634 -57.04 -47.18 -13.56
C VAL C 4634 -56.34 -46.47 -14.70
N ILE C 4635 -55.18 -46.97 -15.14
CA ILE C 4635 -54.42 -46.29 -16.19
C ILE C 4635 -55.18 -46.34 -17.51
N ASN C 4636 -55.90 -47.44 -17.75
CA ASN C 4636 -56.66 -47.57 -18.99
C ASN C 4636 -57.86 -46.63 -19.03
N THR C 4637 -58.34 -46.19 -17.87
CA THR C 4637 -59.55 -45.37 -17.82
C THR C 4637 -59.30 -43.99 -18.40
N GLN C 4638 -60.35 -43.38 -18.92
CA GLN C 4638 -60.30 -42.04 -19.47
C GLN C 4638 -60.62 -40.96 -18.43
N SER C 4639 -60.91 -41.36 -17.20
CA SER C 4639 -61.22 -40.42 -16.12
C SER C 4639 -60.05 -40.26 -15.15
N PHE C 4640 -58.83 -40.53 -15.59
CA PHE C 4640 -57.63 -40.44 -14.75
C PHE C 4640 -57.30 -38.94 -14.66
N PRO C 4641 -56.19 -38.54 -14.00
CA PRO C 4641 -56.24 -37.35 -13.12
C PRO C 4641 -57.63 -36.78 -12.83
N ASN C 4642 -58.50 -37.58 -12.23
CA ASN C 4642 -59.80 -37.05 -11.81
C ASN C 4642 -59.64 -36.07 -10.66
N ASN C 4643 -58.83 -36.41 -9.66
CA ASN C 4643 -58.57 -35.54 -8.52
C ASN C 4643 -57.21 -34.85 -8.60
N TYR C 4644 -56.20 -35.56 -9.09
CA TYR C 4644 -54.89 -34.95 -9.29
C TYR C 4644 -54.99 -33.83 -10.31
N TRP C 4645 -54.38 -32.69 -9.99
CA TRP C 4645 -54.52 -31.51 -10.84
C TRP C 4645 -53.90 -31.72 -12.22
N ASP C 4646 -52.73 -32.36 -12.28
CA ASP C 4646 -51.98 -32.49 -13.52
C ASP C 4646 -52.68 -33.48 -14.44
N LYS C 4647 -53.53 -32.99 -15.33
CA LYS C 4647 -54.17 -33.80 -16.35
C LYS C 4647 -53.22 -34.14 -17.50
N PHE C 4648 -51.95 -33.75 -17.39
CA PHE C 4648 -50.97 -33.88 -18.46
C PHE C 4648 -50.09 -35.11 -18.30
N VAL C 4649 -50.39 -36.00 -17.35
CA VAL C 4649 -49.51 -37.13 -17.10
C VAL C 4649 -49.50 -38.11 -18.28
N LYS C 4650 -50.65 -38.30 -18.92
CA LYS C 4650 -50.73 -39.18 -20.08
C LYS C 4650 -49.90 -38.68 -21.25
N ARG C 4651 -49.64 -37.37 -21.34
CA ARG C 4651 -48.76 -36.82 -22.35
C ARG C 4651 -47.31 -36.78 -21.89
N LYS C 4652 -47.07 -36.56 -20.60
CA LYS C 4652 -45.71 -36.61 -20.07
C LYS C 4652 -45.11 -38.00 -20.26
N VAL C 4653 -45.89 -39.04 -19.95
CA VAL C 4653 -45.41 -40.41 -20.12
C VAL C 4653 -45.16 -40.70 -21.59
N MET C 4654 -46.07 -40.24 -22.46
CA MET C 4654 -45.89 -40.44 -23.89
C MET C 4654 -44.61 -39.79 -24.40
N ASP C 4655 -44.36 -38.54 -24.01
CA ASP C 4655 -43.13 -37.87 -24.45
C ASP C 4655 -41.88 -38.54 -23.87
N LYS C 4656 -41.96 -39.00 -22.63
CA LYS C 4656 -40.78 -39.55 -21.97
C LYS C 4656 -40.41 -40.92 -22.54
N TYR C 4657 -41.40 -41.79 -22.74
CA TYR C 4657 -41.13 -43.18 -23.08
C TYR C 4657 -41.75 -43.61 -24.40
N GLY C 4658 -42.05 -42.67 -25.31
CA GLY C 4658 -42.73 -43.03 -26.53
C GLY C 4658 -41.89 -43.86 -27.49
N GLU C 4659 -40.60 -43.55 -27.58
CA GLU C 4659 -39.75 -44.17 -28.60
C GLU C 4659 -39.27 -45.56 -28.21
N PHE C 4660 -38.98 -45.77 -26.92
CA PHE C 4660 -38.30 -47.01 -26.53
C PHE C 4660 -39.28 -48.18 -26.48
N TYR C 4661 -40.56 -47.91 -26.23
CA TYR C 4661 -41.59 -48.93 -26.20
C TYR C 4661 -42.61 -48.79 -27.34
N GLY C 4662 -42.64 -47.66 -28.04
CA GLY C 4662 -43.52 -47.52 -29.18
C GLY C 4662 -44.81 -46.78 -28.90
N ARG C 4663 -45.02 -45.66 -29.62
CA ARG C 4663 -46.25 -44.88 -29.50
C ARG C 4663 -47.49 -45.75 -29.42
N ASP C 4664 -47.59 -46.78 -30.25
CA ASP C 4664 -48.75 -47.65 -30.23
C ASP C 4664 -48.89 -48.36 -28.88
N ARG C 4665 -47.78 -48.87 -28.33
CA ARG C 4665 -47.88 -49.62 -27.08
C ARG C 4665 -48.22 -48.70 -25.91
N ILE C 4666 -47.59 -47.52 -25.84
CA ILE C 4666 -47.95 -46.61 -24.77
C ILE C 4666 -49.38 -46.11 -24.92
N SER C 4667 -49.84 -45.85 -26.14
CA SER C 4667 -51.22 -45.45 -26.35
C SER C 4667 -52.22 -46.53 -25.96
N GLU C 4668 -51.93 -47.80 -26.25
CA GLU C 4668 -52.76 -48.90 -25.81
C GLU C 4668 -52.76 -49.08 -24.30
N LEU C 4669 -51.60 -48.91 -23.66
CA LEU C 4669 -51.52 -49.07 -22.22
C LEU C 4669 -52.26 -47.94 -21.50
N LEU C 4670 -52.18 -46.72 -22.02
CA LEU C 4670 -52.89 -45.59 -21.44
C LEU C 4670 -54.31 -45.45 -21.96
N GLY C 4671 -54.69 -46.27 -22.95
CA GLY C 4671 -56.06 -46.23 -23.44
C GLY C 4671 -56.47 -44.91 -24.06
N MET C 4672 -55.60 -44.31 -24.85
CA MET C 4672 -55.87 -43.04 -25.51
C MET C 4672 -56.05 -43.25 -27.00
N ASP C 4673 -56.94 -42.45 -27.59
CA ASP C 4673 -57.28 -42.59 -29.01
C ASP C 4673 -56.42 -41.66 -29.85
N LYS C 4674 -55.18 -42.11 -30.09
CA LYS C 4674 -54.28 -41.37 -30.96
C LYS C 4674 -54.78 -41.35 -32.40
N ALA C 4675 -55.50 -42.38 -32.82
CA ALA C 4675 -56.12 -42.37 -34.13
C ALA C 4675 -57.21 -41.30 -34.23
N ALA C 4676 -58.02 -41.16 -33.19
CA ALA C 4676 -59.04 -40.12 -33.16
C ALA C 4676 -58.45 -38.73 -32.95
N LEU C 4677 -57.24 -38.63 -32.41
CA LEU C 4677 -56.59 -37.33 -32.29
C LEU C 4677 -56.34 -36.71 -33.66
N ASP C 4678 -55.90 -37.52 -34.63
CA ASP C 4678 -55.72 -37.03 -35.99
C ASP C 4678 -57.05 -36.58 -36.59
N PHE C 4679 -58.09 -37.39 -36.45
CA PHE C 4679 -59.41 -36.99 -36.91
C PHE C 4679 -59.94 -35.77 -36.17
N SER C 4680 -59.64 -35.65 -34.88
CA SER C 4680 -60.07 -34.47 -34.14
C SER C 4680 -59.40 -33.22 -34.69
N ASP C 4681 -58.08 -33.27 -34.88
CA ASP C 4681 -57.37 -32.13 -35.46
C ASP C 4681 -57.85 -31.84 -36.88
N ALA C 4682 -58.30 -32.87 -37.59
CA ALA C 4682 -58.90 -32.68 -38.91
C ALA C 4682 -60.36 -32.26 -38.77
N ARG C 4683 -61.11 -32.31 -39.86
CA ARG C 4683 -62.51 -31.90 -39.87
C ARG C 4683 -63.34 -33.00 -39.20
N GLU C 4684 -63.95 -32.66 -38.08
CA GLU C 4684 -64.82 -33.58 -37.34
C GLU C 4684 -66.27 -33.14 -37.52
N LYS C 4685 -67.12 -34.09 -37.88
CA LYS C 4685 -68.51 -33.77 -38.19
C LYS C 4685 -69.28 -33.39 -36.91
N LYS C 4686 -70.29 -32.56 -37.09
CA LYS C 4686 -71.12 -32.13 -35.97
C LYS C 4686 -72.12 -33.21 -35.60
N LYS C 4687 -72.30 -33.41 -34.29
CA LYS C 4687 -73.22 -34.42 -33.79
C LYS C 4687 -74.13 -33.79 -32.72
N PRO C 4688 -75.40 -34.21 -32.65
CA PRO C 4688 -76.25 -33.73 -31.56
C PRO C 4688 -75.83 -34.34 -30.23
N LYS C 4689 -75.85 -33.53 -29.18
CA LYS C 4689 -75.42 -33.98 -27.86
C LYS C 4689 -76.13 -33.16 -26.78
N LYS C 4690 -76.75 -33.85 -25.84
CA LYS C 4690 -77.37 -33.21 -24.69
C LYS C 4690 -77.26 -34.14 -23.48
N ASP C 4691 -77.07 -33.52 -22.32
CA ASP C 4691 -76.95 -34.29 -21.08
C ASP C 4691 -78.31 -34.70 -20.51
N SER C 4692 -79.40 -34.22 -21.10
CA SER C 4692 -80.73 -34.61 -20.63
C SER C 4692 -80.99 -36.09 -20.83
N SER C 4693 -80.34 -36.70 -21.82
CA SER C 4693 -80.58 -38.10 -22.12
C SER C 4693 -79.97 -39.00 -21.04
N LEU C 4694 -80.78 -39.95 -20.57
CA LEU C 4694 -80.28 -40.92 -19.60
C LEU C 4694 -79.16 -41.77 -20.19
N SER C 4695 -79.30 -42.17 -21.46
CA SER C 4695 -78.24 -42.89 -22.13
C SER C 4695 -76.97 -42.05 -22.21
N ALA C 4696 -77.12 -40.76 -22.51
CA ALA C 4696 -75.96 -39.89 -22.62
C ALA C 4696 -75.24 -39.74 -21.29
N VAL C 4697 -75.99 -39.55 -20.20
CA VAL C 4697 -75.36 -39.41 -18.89
C VAL C 4697 -74.73 -40.74 -18.46
N LEU C 4698 -75.35 -41.87 -18.84
CA LEU C 4698 -74.76 -43.17 -18.54
C LEU C 4698 -73.43 -43.34 -19.27
N ASN C 4699 -73.37 -42.93 -20.54
CA ASN C 4699 -72.11 -43.00 -21.27
C ASN C 4699 -71.07 -42.06 -20.65
N SER C 4700 -71.51 -40.89 -20.17
CA SER C 4700 -70.59 -39.97 -19.51
C SER C 4700 -70.01 -40.60 -18.25
N ILE C 4701 -70.83 -41.33 -17.49
CA ILE C 4701 -70.33 -42.06 -16.33
C ILE C 4701 -69.37 -43.14 -16.80
N ASP C 4702 -68.18 -43.18 -16.21
CA ASP C 4702 -67.16 -44.17 -16.55
C ASP C 4702 -67.30 -45.35 -15.58
N VAL C 4703 -67.70 -46.50 -16.12
CA VAL C 4703 -68.00 -47.66 -15.27
C VAL C 4703 -66.72 -48.21 -14.65
N LYS C 4704 -65.63 -48.24 -15.42
CA LYS C 4704 -64.40 -48.86 -14.94
C LYS C 4704 -63.70 -47.98 -13.92
N TYR C 4705 -63.72 -46.66 -14.11
CA TYR C 4705 -63.15 -45.77 -13.11
C TYR C 4705 -63.93 -45.84 -11.81
N GLN C 4706 -65.26 -45.90 -11.89
CA GLN C 4706 -66.06 -46.08 -10.67
C GLN C 4706 -65.79 -47.42 -10.02
N MET C 4707 -65.56 -48.46 -10.81
CA MET C 4707 -65.15 -49.76 -10.28
C MET C 4707 -63.85 -49.64 -9.49
N TRP C 4708 -62.85 -48.97 -10.07
CA TRP C 4708 -61.58 -48.76 -9.39
C TRP C 4708 -61.76 -47.96 -8.10
N LYS C 4709 -62.57 -46.91 -8.17
CA LYS C 4709 -62.81 -46.06 -6.99
C LYS C 4709 -63.49 -46.85 -5.88
N LEU C 4710 -64.47 -47.67 -6.24
CA LEU C 4710 -65.14 -48.50 -5.24
C LEU C 4710 -64.17 -49.50 -4.62
N GLY C 4711 -63.29 -50.08 -5.43
CA GLY C 4711 -62.28 -50.97 -4.89
C GLY C 4711 -61.37 -50.27 -3.90
N VAL C 4712 -60.92 -49.06 -4.25
CA VAL C 4712 -60.04 -48.29 -3.36
C VAL C 4712 -60.76 -47.97 -2.06
N VAL C 4713 -62.02 -47.53 -2.16
CA VAL C 4713 -62.79 -47.16 -0.97
C VAL C 4713 -62.98 -48.37 -0.07
N PHE C 4714 -63.29 -49.53 -0.67
CA PHE C 4714 -63.45 -50.75 0.12
C PHE C 4714 -62.14 -51.15 0.78
N THR C 4715 -61.01 -50.91 0.10
CA THR C 4715 -59.71 -51.22 0.68
C THR C 4715 -59.37 -50.26 1.82
N ASP C 4716 -59.90 -49.04 1.78
CA ASP C 4716 -59.59 -48.03 2.80
C ASP C 4716 -59.94 -48.52 4.19
N ASN C 4717 -59.05 -48.27 5.15
CA ASN C 4717 -59.20 -48.81 6.49
C ASN C 4717 -60.31 -48.11 7.26
N SER C 4718 -60.36 -46.78 7.19
CA SER C 4718 -61.37 -46.04 7.95
C SER C 4718 -62.77 -46.35 7.44
N PHE C 4719 -62.92 -46.54 6.12
CA PHE C 4719 -64.20 -46.95 5.59
C PHE C 4719 -64.60 -48.33 6.13
N LEU C 4720 -63.63 -49.22 6.27
CA LEU C 4720 -63.91 -50.53 6.85
C LEU C 4720 -64.35 -50.40 8.31
N TYR C 4721 -63.72 -49.49 9.06
CA TYR C 4721 -64.12 -49.26 10.44
C TYR C 4721 -65.55 -48.73 10.52
N LEU C 4722 -65.89 -47.78 9.65
CA LEU C 4722 -67.24 -47.25 9.65
C LEU C 4722 -68.27 -48.30 9.22
N ALA C 4723 -67.91 -49.16 8.27
CA ALA C 4723 -68.80 -50.26 7.89
C ALA C 4723 -68.98 -51.24 9.04
N TRP C 4724 -67.92 -51.49 9.81
CA TRP C 4724 -68.04 -52.33 11.00
C TRP C 4724 -68.96 -51.68 12.03
N TYR C 4725 -68.86 -50.35 12.18
CA TYR C 4725 -69.78 -49.63 13.04
C TYR C 4725 -71.24 -49.82 12.60
N MET C 4726 -71.49 -49.69 11.29
CA MET C 4726 -72.81 -49.98 10.73
C MET C 4726 -73.27 -51.39 11.06
N THR C 4727 -72.41 -52.39 10.82
CA THR C 4727 -72.80 -53.77 11.05
C THR C 4727 -73.10 -54.02 12.53
N MET C 4728 -72.30 -53.44 13.43
CA MET C 4728 -72.55 -53.62 14.85
C MET C 4728 -73.85 -52.95 15.28
N SER C 4729 -74.16 -51.78 14.72
CA SER C 4729 -75.45 -51.15 15.04
C SER C 4729 -76.62 -51.99 14.54
N VAL C 4730 -76.49 -52.52 13.31
CA VAL C 4730 -77.57 -53.34 12.75
C VAL C 4730 -77.77 -54.59 13.59
N LEU C 4731 -76.68 -55.24 14.01
CA LEU C 4731 -76.81 -56.42 14.86
C LEU C 4731 -77.30 -56.05 16.25
N GLY C 4732 -76.98 -54.85 16.73
CA GLY C 4732 -77.51 -54.37 18.00
C GLY C 4732 -79.00 -54.16 17.98
N HIS C 4733 -79.56 -53.83 16.82
CA HIS C 4733 -81.01 -53.82 16.71
C HIS C 4733 -81.61 -55.19 17.04
N TYR C 4734 -81.00 -56.26 16.53
CA TYR C 4734 -81.49 -57.61 16.83
C TYR C 4734 -81.23 -57.97 18.29
N ASN C 4735 -80.00 -57.75 18.76
CA ASN C 4735 -79.61 -58.04 20.14
C ASN C 4735 -79.04 -56.76 20.74
N ASN C 4736 -79.74 -56.20 21.72
CA ASN C 4736 -79.42 -54.86 22.21
C ASN C 4736 -78.02 -54.76 22.82
N PHE C 4737 -77.41 -55.88 23.20
CA PHE C 4737 -76.11 -55.83 23.85
C PHE C 4737 -74.95 -55.72 22.87
N PHE C 4738 -75.21 -55.79 21.57
CA PHE C 4738 -74.15 -55.54 20.59
C PHE C 4738 -73.77 -54.06 20.55
N PHE C 4739 -74.57 -53.19 21.16
CA PHE C 4739 -74.26 -51.77 21.21
C PHE C 4739 -73.05 -51.46 22.08
N ALA C 4740 -72.60 -52.40 22.90
CA ALA C 4740 -71.47 -52.14 23.79
C ALA C 4740 -70.18 -51.97 23.00
N ALA C 4741 -70.08 -52.64 21.84
CA ALA C 4741 -68.87 -52.54 21.03
C ALA C 4741 -68.66 -51.12 20.51
N HIS C 4742 -69.71 -50.31 20.49
CA HIS C 4742 -69.56 -48.92 20.04
C HIS C 4742 -68.77 -48.08 21.03
N LEU C 4743 -68.58 -48.56 22.26
CA LEU C 4743 -67.72 -47.88 23.22
C LEU C 4743 -66.24 -48.01 22.88
N LEU C 4744 -65.88 -48.93 21.98
CA LEU C 4744 -64.50 -49.06 21.53
C LEU C 4744 -64.09 -47.92 20.59
N ASP C 4745 -64.99 -46.97 20.36
CA ASP C 4745 -64.72 -45.82 19.51
C ASP C 4745 -64.04 -44.68 20.27
N ILE C 4746 -63.92 -44.78 21.60
CA ILE C 4746 -63.26 -43.73 22.37
C ILE C 4746 -61.80 -43.64 22.00
N ALA C 4747 -61.18 -44.76 21.63
CA ALA C 4747 -59.77 -44.77 21.26
C ALA C 4747 -59.47 -43.79 20.14
N MET C 4748 -60.40 -43.66 19.19
CA MET C 4748 -60.23 -42.74 18.07
C MET C 4748 -60.91 -41.39 18.31
N GLY C 4749 -61.98 -41.38 19.10
CA GLY C 4749 -62.64 -40.11 19.41
C GLY C 4749 -61.79 -39.19 20.25
N PHE C 4750 -61.14 -39.74 21.28
CA PHE C 4750 -60.34 -38.96 22.20
C PHE C 4750 -58.86 -39.17 21.90
N LYS C 4751 -58.17 -38.07 21.55
CA LYS C 4751 -56.73 -38.16 21.32
C LYS C 4751 -55.96 -38.28 22.62
N THR C 4752 -56.51 -37.72 23.71
CA THR C 4752 -55.87 -37.87 25.02
C THR C 4752 -55.82 -39.33 25.44
N LEU C 4753 -56.91 -40.07 25.22
CA LEU C 4753 -56.86 -41.52 25.40
C LEU C 4753 -55.97 -42.17 24.37
N ARG C 4754 -55.84 -41.56 23.19
CA ARG C 4754 -54.98 -42.12 22.15
C ARG C 4754 -53.51 -42.08 22.56
N THR C 4755 -53.09 -41.08 23.32
CA THR C 4755 -51.72 -41.08 23.85
C THR C 4755 -51.50 -42.24 24.80
N ILE C 4756 -52.44 -42.48 25.71
CA ILE C 4756 -52.32 -43.59 26.65
C ILE C 4756 -52.27 -44.91 25.91
N LEU C 4757 -53.11 -45.06 24.88
CA LEU C 4757 -53.12 -46.31 24.12
C LEU C 4757 -51.86 -46.46 23.27
N SER C 4758 -51.38 -45.36 22.69
CA SER C 4758 -50.13 -45.41 21.93
C SER C 4758 -48.95 -45.74 22.82
N SER C 4759 -49.07 -45.48 24.12
CA SER C 4759 -48.04 -45.92 25.05
C SER C 4759 -47.86 -47.43 25.02
N VAL C 4760 -48.96 -48.18 25.03
CA VAL C 4760 -48.85 -49.64 25.06
C VAL C 4760 -48.67 -50.21 23.66
N THR C 4761 -49.22 -49.53 22.64
CA THR C 4761 -49.10 -50.03 21.28
C THR C 4761 -47.74 -49.67 20.68
N HIS C 4762 -47.01 -48.73 21.28
CA HIS C 4762 -45.68 -48.41 20.79
C HIS C 4762 -44.74 -49.61 20.93
N ASN C 4763 -44.84 -50.32 22.06
CA ASN C 4763 -44.07 -51.54 22.29
C ASN C 4763 -44.96 -52.78 22.25
N GLY C 4764 -45.95 -52.78 21.35
CA GLY C 4764 -46.86 -53.92 21.27
C GLY C 4764 -46.16 -55.20 20.88
N LYS C 4765 -45.24 -55.13 19.92
CA LYS C 4765 -44.47 -56.30 19.54
C LYS C 4765 -43.65 -56.83 20.72
N GLN C 4766 -43.01 -55.92 21.47
CA GLN C 4766 -42.22 -56.34 22.62
C GLN C 4766 -43.11 -56.99 23.68
N LEU C 4767 -44.30 -56.42 23.92
CA LEU C 4767 -45.20 -57.02 24.90
C LEU C 4767 -45.69 -58.39 24.47
N VAL C 4768 -46.03 -58.55 23.18
CA VAL C 4768 -46.47 -59.85 22.69
C VAL C 4768 -45.36 -60.88 22.81
N LEU C 4769 -44.13 -60.50 22.47
CA LEU C 4769 -43.01 -61.42 22.61
C LEU C 4769 -42.75 -61.76 24.08
N THR C 4770 -42.92 -60.78 24.97
CA THR C 4770 -42.78 -61.04 26.40
C THR C 4770 -43.81 -62.04 26.88
N VAL C 4771 -45.06 -61.89 26.44
CA VAL C 4771 -46.10 -62.87 26.78
C VAL C 4771 -45.77 -64.25 26.23
N GLY C 4772 -45.26 -64.33 25.00
CA GLY C 4772 -44.85 -65.62 24.46
C GLY C 4772 -43.73 -66.26 25.26
N LEU C 4773 -42.73 -65.45 25.66
CA LEU C 4773 -41.65 -65.96 26.50
C LEU C 4773 -42.17 -66.44 27.85
N LEU C 4774 -43.12 -65.71 28.44
CA LEU C 4774 -43.75 -66.15 29.67
C LEU C 4774 -44.49 -67.46 29.50
N ALA C 4775 -45.19 -67.64 28.38
CA ALA C 4775 -45.87 -68.89 28.09
C ALA C 4775 -44.90 -70.05 27.85
N VAL C 4776 -43.71 -69.77 27.33
CA VAL C 4776 -42.71 -70.81 27.11
C VAL C 4776 -42.03 -71.21 28.40
N VAL C 4777 -41.67 -70.23 29.24
CA VAL C 4777 -41.01 -70.53 30.51
C VAL C 4777 -41.93 -71.33 31.42
N VAL C 4778 -43.21 -70.93 31.48
CA VAL C 4778 -44.17 -71.68 32.30
C VAL C 4778 -44.39 -73.07 31.73
N TYR C 4779 -44.29 -73.23 30.41
CA TYR C 4779 -44.35 -74.57 29.83
C TYR C 4779 -43.16 -75.42 30.26
N LEU C 4780 -41.97 -74.84 30.30
CA LEU C 4780 -40.81 -75.56 30.79
C LEU C 4780 -40.99 -75.97 32.25
N TYR C 4781 -41.51 -75.06 33.08
CA TYR C 4781 -41.81 -75.39 34.47
C TYR C 4781 -42.86 -76.50 34.55
N THR C 4782 -43.87 -76.45 33.69
CA THR C 4782 -44.89 -77.49 33.67
C THR C 4782 -44.29 -78.84 33.31
N VAL C 4783 -43.35 -78.85 32.36
CA VAL C 4783 -42.66 -80.08 31.99
C VAL C 4783 -41.88 -80.62 33.18
N VAL C 4784 -41.17 -79.73 33.90
CA VAL C 4784 -40.42 -80.16 35.08
C VAL C 4784 -41.35 -80.77 36.13
N ALA C 4785 -42.48 -80.10 36.38
CA ALA C 4785 -43.46 -80.62 37.34
C ALA C 4785 -44.02 -81.97 36.90
N PHE C 4786 -44.36 -82.09 35.61
CA PHE C 4786 -44.87 -83.34 35.06
C PHE C 4786 -43.86 -84.47 35.20
N ASN C 4787 -42.56 -84.16 35.08
CA ASN C 4787 -41.53 -85.17 35.26
C ASN C 4787 -41.31 -85.55 36.72
N PHE C 4788 -41.30 -84.57 37.63
CA PHE C 4788 -40.95 -84.84 39.03
C PHE C 4788 -42.13 -84.60 39.97
N PHE C 4789 -42.71 -83.41 39.99
CA PHE C 4789 -43.71 -83.05 41.01
C PHE C 4789 -45.11 -83.28 40.45
N ARG C 4790 -45.58 -84.52 40.58
CA ARG C 4790 -46.92 -84.90 40.16
C ARG C 4790 -47.89 -85.02 41.32
N LYS C 4791 -47.53 -85.76 42.37
CA LYS C 4791 -48.42 -85.93 43.51
C LYS C 4791 -48.61 -84.61 44.26
N PHE C 4792 -47.68 -83.67 44.08
CA PHE C 4792 -47.81 -82.37 44.73
C PHE C 4792 -48.97 -81.55 44.16
N TYR C 4793 -49.37 -81.85 42.93
CA TYR C 4793 -50.41 -81.06 42.27
C TYR C 4793 -51.80 -81.60 42.56
N ASN C 4794 -51.93 -82.43 43.59
CA ASN C 4794 -53.25 -82.91 44.00
C ASN C 4794 -54.06 -81.76 44.55
N LYS C 4795 -55.24 -81.54 43.96
CA LYS C 4795 -56.08 -80.40 44.31
C LYS C 4795 -57.37 -80.88 44.98
N SER C 4796 -57.42 -82.16 45.33
CA SER C 4796 -58.62 -82.74 45.94
C SER C 4796 -58.90 -82.13 47.30
N GLU C 4797 -60.03 -81.42 47.42
CA GLU C 4797 -60.44 -80.90 48.72
C GLU C 4797 -60.76 -82.05 49.68
N ASP C 4798 -61.39 -83.10 49.20
CA ASP C 4798 -61.70 -84.29 49.98
C ASP C 4798 -60.81 -85.43 49.50
N GLY C 4799 -60.18 -86.12 50.45
CA GLY C 4799 -59.28 -87.20 50.12
C GLY C 4799 -59.95 -88.39 49.44
N ASP C 4800 -61.26 -88.50 49.61
CA ASP C 4800 -61.99 -89.62 49.01
C ASP C 4800 -61.93 -89.57 47.49
N THR C 4801 -62.08 -88.39 46.89
CA THR C 4801 -62.13 -88.26 45.45
C THR C 4801 -60.81 -87.66 44.96
N PRO C 4802 -59.94 -88.44 44.32
CA PRO C 4802 -58.69 -87.87 43.79
C PRO C 4802 -58.95 -87.06 42.55
N ASP C 4803 -58.53 -85.79 42.58
CA ASP C 4803 -58.61 -84.90 41.43
C ASP C 4803 -57.20 -84.39 41.14
N MET C 4804 -56.58 -84.92 40.09
CA MET C 4804 -55.20 -84.61 39.75
C MET C 4804 -55.18 -83.65 38.57
N LYS C 4805 -54.50 -82.52 38.74
CA LYS C 4805 -54.45 -81.49 37.72
C LYS C 4805 -53.25 -81.61 36.77
N CYS C 4806 -52.35 -82.57 37.00
CA CYS C 4806 -51.15 -82.68 36.19
C CYS C 4806 -50.90 -84.10 35.69
N ASP C 4807 -51.95 -84.92 35.56
CA ASP C 4807 -51.78 -86.22 34.93
C ASP C 4807 -51.54 -86.08 33.44
N ASP C 4808 -52.12 -85.06 32.81
CA ASP C 4808 -52.01 -84.84 31.38
C ASP C 4808 -51.23 -83.56 31.13
N MET C 4809 -50.43 -83.57 30.05
CA MET C 4809 -49.56 -82.43 29.74
C MET C 4809 -50.37 -81.16 29.52
N LEU C 4810 -51.42 -81.25 28.70
CA LEU C 4810 -52.24 -80.08 28.38
C LEU C 4810 -52.95 -79.55 29.60
N THR C 4811 -53.55 -80.44 30.40
CA THR C 4811 -54.25 -80.02 31.60
C THR C 4811 -53.29 -79.36 32.59
N CYS C 4812 -52.09 -79.93 32.73
CA CYS C 4812 -51.11 -79.38 33.66
C CYS C 4812 -50.66 -78.00 33.20
N TYR C 4813 -50.44 -77.81 31.90
CA TYR C 4813 -50.03 -76.51 31.38
C TYR C 4813 -51.14 -75.47 31.53
N MET C 4814 -52.39 -75.86 31.24
CA MET C 4814 -53.51 -74.94 31.41
C MET C 4814 -53.68 -74.54 32.87
N PHE C 4815 -53.53 -75.51 33.78
CA PHE C 4815 -53.56 -75.20 35.21
C PHE C 4815 -52.44 -74.24 35.60
N HIS C 4816 -51.21 -74.52 35.15
CA HIS C 4816 -50.10 -73.61 35.43
C HIS C 4816 -50.42 -72.19 34.99
N MET C 4817 -50.84 -72.01 33.74
CA MET C 4817 -51.24 -70.68 33.29
C MET C 4817 -52.32 -70.10 34.22
N TYR C 4818 -53.51 -70.69 34.19
CA TYR C 4818 -54.70 -70.05 34.75
C TYR C 4818 -54.54 -69.77 36.23
N VAL C 4819 -53.81 -70.61 36.96
CA VAL C 4819 -53.68 -70.47 38.40
C VAL C 4819 -52.38 -69.79 38.78
N GLY C 4820 -51.24 -70.33 38.37
CA GLY C 4820 -49.96 -69.78 38.81
C GLY C 4820 -49.71 -68.38 38.28
N VAL C 4821 -49.98 -68.15 36.98
CA VAL C 4821 -49.66 -66.84 36.42
C VAL C 4821 -50.50 -65.74 37.06
N ARG C 4822 -51.74 -66.02 37.40
CA ARG C 4822 -52.62 -65.04 38.06
C ARG C 4822 -52.37 -64.94 39.55
N ALA C 4823 -51.89 -66.00 40.19
CA ALA C 4823 -51.66 -65.98 41.62
C ALA C 4823 -50.50 -65.06 41.98
N GLY C 4824 -50.69 -64.25 43.03
CA GLY C 4824 -49.64 -63.33 43.45
C GLY C 4824 -48.42 -64.04 44.00
N GLY C 4825 -48.63 -65.05 44.85
CA GLY C 4825 -47.50 -65.75 45.44
C GLY C 4825 -46.81 -66.69 44.45
N GLY C 4826 -47.56 -67.30 43.56
CA GLY C 4826 -47.04 -68.24 42.59
C GLY C 4826 -47.79 -69.56 42.63
N ILE C 4827 -47.19 -70.56 41.99
CA ILE C 4827 -47.78 -71.88 41.96
C ILE C 4827 -47.66 -72.60 43.30
N GLY C 4828 -46.69 -72.20 44.13
CA GLY C 4828 -46.51 -72.80 45.44
C GLY C 4828 -47.61 -72.48 46.42
N ASP C 4829 -48.12 -71.25 46.40
CA ASP C 4829 -49.24 -70.87 47.26
C ASP C 4829 -50.53 -71.57 46.85
N GLU C 4830 -50.55 -72.19 45.68
CA GLU C 4830 -51.73 -72.89 45.17
C GLU C 4830 -51.65 -74.39 45.38
N ILE C 4831 -50.57 -75.03 44.94
CA ILE C 4831 -50.43 -76.47 45.06
C ILE C 4831 -49.93 -76.86 46.46
N GLU C 4832 -49.95 -78.15 46.76
CA GLU C 4832 -49.81 -78.66 48.12
C GLU C 4832 -48.41 -78.36 48.69
N ASP C 4833 -48.34 -78.41 50.03
CA ASP C 4833 -47.16 -78.15 50.86
C ASP C 4833 -46.16 -79.31 50.76
N PRO C 4834 -44.86 -79.01 50.78
CA PRO C 4834 -43.86 -80.08 50.55
C PRO C 4834 -43.26 -80.70 51.80
N ALA C 4835 -43.71 -80.29 52.98
CA ALA C 4835 -43.05 -80.67 54.22
C ALA C 4835 -43.02 -82.19 54.40
N GLY C 4836 -41.87 -82.68 54.89
CA GLY C 4836 -41.68 -84.10 55.12
C GLY C 4836 -41.71 -84.94 53.87
N ASP C 4837 -41.00 -84.52 52.83
CA ASP C 4837 -40.95 -85.26 51.58
C ASP C 4837 -39.52 -85.28 51.07
N GLU C 4838 -39.24 -86.28 50.21
CA GLU C 4838 -37.89 -86.44 49.67
C GLU C 4838 -37.49 -85.27 48.79
N TYR C 4839 -38.42 -84.74 47.99
CA TYR C 4839 -38.16 -83.65 47.06
C TYR C 4839 -38.43 -82.28 47.67
N GLU C 4840 -38.25 -82.14 48.99
CA GLU C 4840 -38.58 -80.89 49.66
C GLU C 4840 -37.75 -79.72 49.12
N ILE C 4841 -36.42 -79.89 49.09
CA ILE C 4841 -35.55 -78.78 48.70
C ILE C 4841 -35.72 -78.46 47.22
N TYR C 4842 -35.88 -79.48 46.38
CA TYR C 4842 -36.09 -79.25 44.96
C TYR C 4842 -37.42 -78.52 44.72
N ARG C 4843 -38.46 -78.90 45.47
CA ARG C 4843 -39.74 -78.22 45.38
C ARG C 4843 -39.62 -76.76 45.81
N ILE C 4844 -38.87 -76.50 46.89
CA ILE C 4844 -38.71 -75.13 47.37
C ILE C 4844 -37.97 -74.29 46.33
N ILE C 4845 -36.91 -74.84 45.75
CA ILE C 4845 -36.17 -74.12 44.72
C ILE C 4845 -37.07 -73.88 43.50
N PHE C 4846 -37.89 -74.87 43.15
CA PHE C 4846 -38.84 -74.71 42.05
C PHE C 4846 -39.77 -73.53 42.30
N ASP C 4847 -40.35 -73.47 43.50
CA ASP C 4847 -41.29 -72.39 43.82
C ASP C 4847 -40.60 -71.04 43.83
N ILE C 4848 -39.40 -70.96 44.42
CA ILE C 4848 -38.70 -69.68 44.49
C ILE C 4848 -38.32 -69.20 43.09
N THR C 4849 -37.82 -70.09 42.24
CA THR C 4849 -37.48 -69.71 40.87
C THR C 4849 -38.71 -69.28 40.09
N PHE C 4850 -39.82 -70.01 40.26
CA PHE C 4850 -41.06 -69.63 39.58
C PHE C 4850 -41.50 -68.24 40.00
N PHE C 4851 -41.49 -67.96 41.31
CA PHE C 4851 -41.91 -66.66 41.81
C PHE C 4851 -41.01 -65.55 41.29
N PHE C 4852 -39.69 -65.76 41.32
CA PHE C 4852 -38.77 -64.72 40.90
C PHE C 4852 -38.85 -64.46 39.40
N PHE C 4853 -38.91 -65.52 38.59
CA PHE C 4853 -38.89 -65.33 37.15
C PHE C 4853 -40.26 -64.91 36.63
N VAL C 4854 -41.27 -65.76 36.80
CA VAL C 4854 -42.57 -65.56 36.17
C VAL C 4854 -43.31 -64.41 36.83
N ILE C 4855 -43.48 -64.49 38.15
CA ILE C 4855 -44.32 -63.51 38.84
C ILE C 4855 -43.66 -62.14 38.90
N VAL C 4856 -42.36 -62.09 39.18
CA VAL C 4856 -41.70 -60.81 39.44
C VAL C 4856 -41.06 -60.24 38.18
N ILE C 4857 -40.11 -60.97 37.60
CA ILE C 4857 -39.27 -60.40 36.54
C ILE C 4857 -40.10 -60.11 35.30
N LEU C 4858 -40.90 -61.09 34.85
CA LEU C 4858 -41.63 -60.92 33.60
C LEU C 4858 -42.66 -59.79 33.70
N LEU C 4859 -43.40 -59.72 34.80
CA LEU C 4859 -44.30 -58.60 35.01
C LEU C 4859 -43.52 -57.29 35.11
N ALA C 4860 -42.36 -57.32 35.77
CA ALA C 4860 -41.49 -56.15 35.79
C ALA C 4860 -41.04 -55.78 34.38
N ILE C 4861 -40.75 -56.79 33.55
CA ILE C 4861 -40.37 -56.52 32.18
C ILE C 4861 -41.49 -55.82 31.42
N ILE C 4862 -42.73 -56.30 31.57
CA ILE C 4862 -43.86 -55.70 30.88
C ILE C 4862 -44.07 -54.26 31.33
N GLN C 4863 -44.06 -54.03 32.65
CA GLN C 4863 -44.28 -52.68 33.15
C GLN C 4863 -43.16 -51.75 32.74
N GLY C 4864 -41.92 -52.26 32.73
CA GLY C 4864 -40.80 -51.45 32.30
C GLY C 4864 -40.87 -51.10 30.83
N LEU C 4865 -41.36 -52.04 30.00
CA LEU C 4865 -41.57 -51.74 28.60
C LEU C 4865 -42.59 -50.62 28.44
N ILE C 4866 -43.68 -50.68 29.21
CA ILE C 4866 -44.70 -49.64 29.12
C ILE C 4866 -44.13 -48.28 29.54
N ILE C 4867 -43.38 -48.26 30.65
CA ILE C 4867 -42.82 -47.01 31.15
C ILE C 4867 -41.78 -46.46 30.17
N ASP C 4868 -40.96 -47.33 29.60
CA ASP C 4868 -40.00 -46.91 28.59
C ASP C 4868 -40.70 -46.36 27.36
N ALA C 4869 -41.88 -46.89 27.04
CA ALA C 4869 -42.65 -46.34 25.94
C ALA C 4869 -43.12 -44.92 26.25
N PHE C 4870 -43.64 -44.69 27.47
CA PHE C 4870 -43.94 -43.32 27.89
C PHE C 4870 -42.72 -42.41 27.73
N GLY C 4871 -41.57 -42.87 28.23
CA GLY C 4871 -40.38 -42.03 28.19
C GLY C 4871 -39.94 -41.73 26.76
N GLU C 4872 -40.00 -42.73 25.89
CA GLU C 4872 -39.59 -42.55 24.50
C GLU C 4872 -40.53 -41.58 23.78
N LEU C 4873 -41.83 -41.69 24.03
CA LEU C 4873 -42.77 -40.75 23.42
C LEU C 4873 -42.49 -39.32 23.89
N ARG C 4874 -42.27 -39.14 25.19
CA ARG C 4874 -41.96 -37.81 25.71
C ARG C 4874 -40.66 -37.27 25.13
N ASP C 4875 -39.63 -38.11 25.02
CA ASP C 4875 -38.37 -37.65 24.44
C ASP C 4875 -38.53 -37.29 22.97
N GLN C 4876 -39.36 -38.05 22.24
CA GLN C 4876 -39.62 -37.71 20.84
C GLN C 4876 -40.31 -36.35 20.73
N GLN C 4877 -41.30 -36.09 21.59
CA GLN C 4877 -41.96 -34.79 21.56
C GLN C 4877 -41.00 -33.67 21.88
N GLU C 4878 -40.15 -33.86 22.90
CA GLU C 4878 -39.16 -32.83 23.25
C GLU C 4878 -38.16 -32.62 22.13
N GLN C 4879 -37.74 -33.70 21.46
CA GLN C 4879 -36.84 -33.60 20.32
C GLN C 4879 -37.46 -32.75 19.22
N VAL C 4880 -38.71 -33.03 18.87
CA VAL C 4880 -39.39 -32.24 17.84
C VAL C 4880 -39.47 -30.78 18.27
N LYS C 4881 -39.82 -30.54 19.53
CA LYS C 4881 -39.97 -29.18 20.03
C LYS C 4881 -38.69 -28.39 19.90
N GLU C 4882 -37.58 -28.92 20.42
CA GLU C 4882 -36.36 -28.13 20.45
C GLU C 4882 -35.70 -28.09 19.07
N ASP C 4883 -35.96 -29.11 18.24
CA ASP C 4883 -35.51 -29.05 16.85
C ASP C 4883 -36.18 -27.89 16.11
N MET C 4884 -37.50 -27.76 16.27
CA MET C 4884 -38.20 -26.62 15.67
C MET C 4884 -37.71 -25.30 16.24
N GLU C 4885 -37.49 -25.24 17.54
CA GLU C 4885 -37.10 -23.98 18.17
C GLU C 4885 -35.63 -23.63 17.97
N THR C 4886 -34.80 -24.55 17.48
CA THR C 4886 -33.39 -24.26 17.27
C THR C 4886 -32.97 -24.26 15.80
N LYS C 4887 -33.73 -24.88 14.91
CA LYS C 4887 -33.35 -24.90 13.50
C LYS C 4887 -34.53 -24.48 12.65
N CYS C 4888 -34.25 -23.66 11.63
CA CYS C 4888 -35.28 -23.31 10.65
C CYS C 4888 -35.62 -24.53 9.82
N PHE C 4889 -36.91 -24.71 9.53
CA PHE C 4889 -37.37 -25.94 8.90
C PHE C 4889 -36.80 -26.08 7.48
N ILE C 4890 -36.78 -24.99 6.72
CA ILE C 4890 -36.32 -25.06 5.33
C ILE C 4890 -34.84 -24.73 5.22
N CYS C 4891 -34.41 -23.66 5.88
CA CYS C 4891 -33.01 -23.24 5.79
C CYS C 4891 -32.08 -24.29 6.38
N GLY C 4892 -32.43 -24.84 7.54
CA GLY C 4892 -31.52 -25.70 8.27
C GLY C 4892 -30.42 -24.96 9.00
N ILE C 4893 -30.50 -23.63 9.08
CA ILE C 4893 -29.49 -22.80 9.70
C ILE C 4893 -29.79 -22.70 11.19
N GLY C 4894 -28.74 -22.58 12.01
CA GLY C 4894 -28.91 -22.45 13.43
C GLY C 4894 -29.63 -21.17 13.82
N ASN C 4895 -30.24 -21.21 15.00
CA ASN C 4895 -31.04 -20.06 15.45
C ASN C 4895 -30.17 -18.91 15.90
N ASP C 4896 -28.96 -19.19 16.39
CA ASP C 4896 -28.10 -18.15 16.96
C ASP C 4896 -27.68 -17.13 15.91
N TYR C 4897 -27.39 -17.61 14.69
CA TYR C 4897 -26.94 -16.70 13.63
C TYR C 4897 -28.00 -15.65 13.32
N PHE C 4898 -29.26 -16.08 13.21
CA PHE C 4898 -30.34 -15.11 13.06
C PHE C 4898 -30.52 -14.28 14.32
N ASP C 4899 -30.37 -14.89 15.50
CA ASP C 4899 -30.60 -14.21 16.75
C ASP C 4899 -29.54 -13.18 17.09
N THR C 4900 -28.45 -13.12 16.32
CA THR C 4900 -27.50 -12.02 16.47
C THR C 4900 -28.19 -10.66 16.31
N VAL C 4901 -29.22 -10.57 15.47
CA VAL C 4901 -30.12 -9.43 15.44
C VAL C 4901 -31.31 -9.79 16.32
N PRO C 4902 -31.81 -8.88 17.15
CA PRO C 4902 -32.91 -9.23 18.06
C PRO C 4902 -34.12 -9.76 17.31
N HIS C 4903 -34.69 -10.85 17.83
CA HIS C 4903 -35.85 -11.52 17.24
C HIS C 4903 -35.56 -11.99 15.80
N GLY C 4904 -34.28 -12.20 15.50
CA GLY C 4904 -33.91 -12.58 14.15
C GLY C 4904 -34.43 -13.96 13.76
N PHE C 4905 -34.35 -14.93 14.68
CA PHE C 4905 -34.81 -16.27 14.36
C PHE C 4905 -36.31 -16.30 14.11
N GLU C 4906 -37.09 -15.63 14.97
CA GLU C 4906 -38.54 -15.62 14.76
C GLU C 4906 -38.89 -14.86 13.48
N THR C 4907 -38.17 -13.78 13.19
CA THR C 4907 -38.42 -13.05 11.95
C THR C 4907 -38.14 -13.93 10.74
N HIS C 4908 -37.03 -14.66 10.76
CA HIS C 4908 -36.68 -15.55 9.65
C HIS C 4908 -37.70 -16.67 9.50
N THR C 4909 -38.15 -17.25 10.62
CA THR C 4909 -39.04 -18.39 10.56
C THR C 4909 -40.49 -18.03 10.29
N LEU C 4910 -40.90 -16.79 10.55
CA LEU C 4910 -42.29 -16.40 10.38
C LEU C 4910 -42.54 -15.44 9.23
N GLN C 4911 -41.48 -14.81 8.68
CA GLN C 4911 -41.67 -13.86 7.60
C GLN C 4911 -40.91 -14.30 6.35
N GLU C 4912 -39.64 -14.68 6.52
CA GLU C 4912 -38.81 -15.00 5.36
C GLU C 4912 -39.07 -16.41 4.85
N HIS C 4913 -38.97 -17.40 5.73
CA HIS C 4913 -39.02 -18.81 5.36
C HIS C 4913 -40.17 -19.55 6.03
N ASN C 4914 -41.37 -18.98 5.98
CA ASN C 4914 -42.53 -19.64 6.57
C ASN C 4914 -43.00 -20.78 5.67
N LEU C 4915 -43.13 -21.97 6.25
CA LEU C 4915 -43.63 -23.12 5.49
C LEU C 4915 -45.05 -22.88 5.01
N ALA C 4916 -45.84 -22.12 5.79
CA ALA C 4916 -47.16 -21.71 5.32
C ALA C 4916 -47.04 -20.85 4.07
N ASN C 4917 -46.06 -19.94 4.05
CA ASN C 4917 -45.86 -19.12 2.86
C ASN C 4917 -45.44 -19.97 1.66
N TYR C 4918 -44.59 -20.97 1.87
CA TYR C 4918 -44.21 -21.85 0.77
C TYR C 4918 -45.42 -22.63 0.25
N LEU C 4919 -46.26 -23.14 1.15
CA LEU C 4919 -47.47 -23.85 0.74
C LEU C 4919 -48.43 -22.94 -0.02
N PHE C 4920 -48.59 -21.70 0.45
CA PHE C 4920 -49.44 -20.76 -0.27
C PHE C 4920 -48.86 -20.41 -1.64
N PHE C 4921 -47.54 -20.36 -1.76
CA PHE C 4921 -46.92 -20.17 -3.07
C PHE C 4921 -47.20 -21.35 -4.00
N LEU C 4922 -47.14 -22.57 -3.48
CA LEU C 4922 -47.50 -23.72 -4.29
C LEU C 4922 -48.95 -23.65 -4.75
N MET C 4923 -49.87 -23.27 -3.85
CA MET C 4923 -51.26 -23.08 -4.24
C MET C 4923 -51.40 -21.99 -5.29
N TYR C 4924 -50.66 -20.90 -5.14
CA TYR C 4924 -50.74 -19.79 -6.10
C TYR C 4924 -50.27 -20.23 -7.47
N LEU C 4925 -49.18 -21.00 -7.53
CA LEU C 4925 -48.71 -21.53 -8.80
C LEU C 4925 -49.72 -22.47 -9.43
N ILE C 4926 -50.31 -23.35 -8.63
CA ILE C 4926 -51.29 -24.29 -9.17
C ILE C 4926 -52.53 -23.57 -9.70
N ASN C 4927 -53.04 -22.60 -8.93
CA ASN C 4927 -54.26 -21.90 -9.33
C ASN C 4927 -54.01 -20.99 -10.53
N LYS C 4928 -52.86 -20.32 -10.57
CA LYS C 4928 -52.57 -19.40 -11.66
C LYS C 4928 -52.43 -20.13 -12.98
N ASP C 4929 -52.89 -19.47 -14.04
CA ASP C 4929 -52.73 -20.01 -15.38
C ASP C 4929 -51.27 -20.02 -15.78
N GLU C 4930 -50.90 -21.04 -16.57
CA GLU C 4930 -49.50 -21.21 -16.98
C GLU C 4930 -49.04 -20.10 -17.92
N THR C 4931 -49.95 -19.46 -18.65
CA THR C 4931 -49.54 -18.45 -19.61
C THR C 4931 -49.03 -17.18 -18.92
N GLU C 4932 -49.68 -16.76 -17.84
CA GLU C 4932 -49.28 -15.54 -17.13
C GLU C 4932 -48.21 -15.79 -16.07
N HIS C 4933 -47.51 -16.92 -16.13
CA HIS C 4933 -46.40 -17.15 -15.21
C HIS C 4933 -45.28 -16.16 -15.48
N THR C 4934 -44.72 -15.61 -14.40
CA THR C 4934 -43.59 -14.70 -14.51
C THR C 4934 -42.32 -15.52 -14.72
N GLY C 4935 -41.16 -14.87 -14.72
CA GLY C 4935 -39.92 -15.61 -14.86
C GLY C 4935 -39.67 -16.55 -13.70
N GLN C 4936 -39.75 -16.01 -12.48
CA GLN C 4936 -39.56 -16.85 -11.29
C GLN C 4936 -40.64 -17.91 -11.18
N GLU C 4937 -41.89 -17.54 -11.49
CA GLU C 4937 -42.99 -18.49 -11.40
C GLU C 4937 -42.79 -19.63 -12.40
N SER C 4938 -42.40 -19.32 -13.63
CA SER C 4938 -42.13 -20.35 -14.62
C SER C 4938 -40.97 -21.24 -14.21
N TYR C 4939 -39.89 -20.63 -13.69
CA TYR C 4939 -38.73 -21.39 -13.25
C TYR C 4939 -39.08 -22.39 -12.14
N VAL C 4940 -39.74 -21.91 -11.09
CA VAL C 4940 -40.20 -22.78 -10.02
C VAL C 4940 -41.23 -23.80 -10.49
N TRP C 4941 -42.12 -23.43 -11.42
CA TRP C 4941 -43.12 -24.35 -11.95
C TRP C 4941 -42.45 -25.49 -12.72
N LYS C 4942 -41.45 -25.18 -13.54
CA LYS C 4942 -40.75 -26.22 -14.27
C LYS C 4942 -40.04 -27.18 -13.32
N MET C 4943 -39.37 -26.65 -12.29
CA MET C 4943 -38.74 -27.57 -11.34
C MET C 4943 -39.77 -28.34 -10.51
N TYR C 4944 -40.93 -27.75 -10.24
CA TYR C 4944 -41.96 -28.50 -9.50
C TYR C 4944 -42.52 -29.63 -10.37
N GLN C 4945 -42.73 -29.37 -11.65
CA GLN C 4945 -43.24 -30.38 -12.56
C GLN C 4945 -42.24 -31.47 -12.88
N GLU C 4946 -40.93 -31.16 -12.85
CA GLU C 4946 -39.91 -32.20 -12.99
C GLU C 4946 -39.50 -32.78 -11.64
N ARG C 4947 -40.09 -32.29 -10.55
CA ARG C 4947 -39.82 -32.76 -9.19
C ARG C 4947 -38.33 -32.64 -8.86
N CYS C 4948 -37.82 -31.43 -9.04
CA CYS C 4948 -36.48 -31.06 -8.62
C CYS C 4948 -36.59 -29.97 -7.57
N TRP C 4949 -36.22 -30.30 -6.33
CA TRP C 4949 -36.40 -29.40 -5.20
C TRP C 4949 -35.15 -28.57 -4.91
N GLU C 4950 -34.35 -28.28 -5.95
CA GLU C 4950 -33.15 -27.47 -5.75
C GLU C 4950 -33.50 -26.01 -5.49
N PHE C 4951 -34.67 -25.56 -5.96
CA PHE C 4951 -35.05 -24.16 -5.77
C PHE C 4951 -35.27 -23.82 -4.31
N PHE C 4952 -35.47 -24.83 -3.48
CA PHE C 4952 -35.66 -24.59 -2.05
C PHE C 4952 -34.33 -24.17 -1.42
N PRO C 4953 -34.32 -23.12 -0.60
CA PRO C 4953 -33.06 -22.68 0.02
C PRO C 4953 -32.54 -23.72 1.00
N ALA C 4954 -31.26 -24.07 0.86
CA ALA C 4954 -30.63 -25.08 1.70
C ALA C 4954 -29.29 -24.55 2.20
N GLY C 4955 -29.24 -24.20 3.48
CA GLY C 4955 -28.00 -23.78 4.11
C GLY C 4955 -27.66 -22.32 3.91
N ASP C 4956 -28.38 -21.66 3.00
CA ASP C 4956 -28.14 -20.25 2.69
C ASP C 4956 -29.46 -19.50 2.68
N CYS C 4957 -29.39 -18.20 2.94
CA CYS C 4957 -30.57 -17.35 2.98
C CYS C 4957 -30.23 -15.97 2.45
N PHE C 4958 -31.25 -15.12 2.40
CA PHE C 4958 -31.06 -13.75 1.93
C PHE C 4958 -30.07 -13.00 2.81
N ARG C 4959 -30.17 -13.17 4.13
CA ARG C 4959 -29.28 -12.48 5.04
C ARG C 4959 -27.84 -12.94 4.85
N LYS C 4960 -27.62 -14.25 4.69
CA LYS C 4960 -26.27 -14.74 4.44
C LYS C 4960 -25.71 -14.21 3.12
N GLN C 4961 -26.54 -14.21 2.06
CA GLN C 4961 -26.04 -13.79 0.76
C GLN C 4961 -25.75 -12.31 0.71
N TYR C 4962 -26.59 -11.49 1.35
CA TYR C 4962 -26.40 -10.05 1.31
C TYR C 4962 -26.09 -9.51 2.71
N GLU C 4963 -25.22 -10.22 3.44
CA GLU C 4963 -24.91 -9.84 4.81
C GLU C 4963 -24.32 -8.44 4.89
N ASP C 4964 -23.15 -8.22 4.26
CA ASP C 4964 -22.44 -6.96 4.46
C ASP C 4964 -23.13 -5.80 3.74
N GLN C 4965 -23.92 -6.09 2.71
CA GLN C 4965 -24.72 -5.01 2.11
C GLN C 4965 -25.88 -4.63 3.01
N LEU C 4966 -26.60 -5.61 3.56
CA LEU C 4966 -27.69 -5.30 4.48
C LEU C 4966 -27.16 -4.75 5.80
N ASN C 4967 -26.07 -5.31 6.30
CA ASN C 4967 -25.48 -4.86 7.56
C ASN C 4967 -24.28 -3.96 7.32
N GLU D 10 -20.72 12.93 -14.31
CA GLU D 10 -22.04 12.63 -14.83
C GLU D 10 -22.77 13.93 -15.14
N ILE D 11 -23.70 13.87 -16.09
CA ILE D 11 -24.36 15.08 -16.57
C ILE D 11 -25.36 15.59 -15.54
N GLN D 12 -25.30 16.88 -15.23
CA GLN D 12 -26.31 17.52 -14.40
C GLN D 12 -27.39 18.15 -15.27
N PHE D 13 -28.51 18.50 -14.63
CA PHE D 13 -29.64 19.13 -15.29
C PHE D 13 -30.02 20.39 -14.54
N LEU D 14 -30.33 21.46 -15.28
CA LEU D 14 -30.75 22.70 -14.68
C LEU D 14 -32.12 22.54 -14.02
N ARG D 15 -32.25 23.07 -12.80
CA ARG D 15 -33.50 23.04 -12.06
C ARG D 15 -33.95 24.45 -11.74
N THR D 16 -35.15 24.54 -11.15
CA THR D 16 -35.67 25.84 -10.74
C THR D 16 -34.88 26.39 -9.56
N ASP D 17 -34.95 27.70 -9.38
CA ASP D 17 -34.23 28.44 -8.35
C ASP D 17 -32.72 28.32 -8.49
N ASP D 18 -32.24 27.80 -9.61
CA ASP D 18 -30.81 27.77 -9.91
C ASP D 18 -30.40 29.04 -10.64
N GLU D 19 -29.22 29.53 -10.30
CA GLU D 19 -28.71 30.78 -10.84
C GLU D 19 -27.82 30.48 -12.02
N VAL D 20 -28.09 31.14 -13.16
CA VAL D 20 -27.42 30.84 -14.42
C VAL D 20 -26.99 32.14 -15.10
N VAL D 21 -26.08 31.99 -16.07
CA VAL D 21 -25.62 33.10 -16.89
C VAL D 21 -25.74 32.67 -18.35
N LEU D 22 -26.39 33.49 -19.16
CA LEU D 22 -26.58 33.20 -20.58
C LEU D 22 -25.41 33.77 -21.37
N GLN D 23 -24.76 32.92 -22.16
CA GLN D 23 -23.60 33.31 -22.94
C GLN D 23 -23.90 33.21 -24.44
N CYS D 24 -23.31 34.12 -25.21
CA CYS D 24 -23.41 34.10 -26.66
C CYS D 24 -22.02 34.26 -27.26
N THR D 25 -21.84 33.68 -28.44
CA THR D 25 -20.55 33.65 -29.12
C THR D 25 -20.57 34.59 -30.32
N ALA D 26 -19.59 35.49 -30.39
CA ALA D 26 -19.51 36.48 -31.46
C ALA D 26 -18.11 36.47 -32.05
N THR D 27 -18.03 36.26 -33.37
CA THR D 27 -16.75 36.26 -34.08
C THR D 27 -16.52 37.61 -34.76
N ILE D 28 -16.38 38.64 -33.93
CA ILE D 28 -16.15 40.00 -34.42
C ILE D 28 -14.71 40.12 -34.87
N HIS D 29 -14.51 40.80 -36.00
CA HIS D 29 -13.19 41.01 -36.62
C HIS D 29 -12.35 39.74 -36.67
N LYS D 30 -12.98 38.63 -37.09
CA LYS D 30 -12.31 37.36 -37.32
C LYS D 30 -11.66 36.80 -36.06
N GLU D 31 -12.15 37.19 -34.89
CA GLU D 31 -11.66 36.67 -33.62
C GLU D 31 -12.89 36.37 -32.75
N GLN D 32 -12.89 35.20 -32.12
CA GLN D 32 -14.06 34.77 -31.36
C GLN D 32 -14.09 35.43 -29.99
N GLN D 33 -15.24 35.98 -29.62
CA GLN D 33 -15.45 36.56 -28.30
C GLN D 33 -16.56 35.80 -27.59
N LYS D 34 -16.48 35.76 -26.26
CA LYS D 34 -17.49 35.15 -25.42
C LYS D 34 -18.17 36.24 -24.62
N LEU D 35 -19.46 36.45 -24.88
CA LEU D 35 -20.23 37.53 -24.27
C LEU D 35 -21.30 36.96 -23.36
N CYS D 36 -21.81 37.80 -22.47
CA CYS D 36 -22.86 37.43 -21.53
C CYS D 36 -23.96 38.48 -21.53
N LEU D 37 -25.17 38.04 -21.26
CA LEU D 37 -26.32 38.94 -21.17
C LEU D 37 -26.28 39.66 -19.83
N ALA D 38 -26.24 41.00 -19.88
CA ALA D 38 -26.13 41.82 -18.69
C ALA D 38 -27.25 42.85 -18.68
N ALA D 39 -27.61 43.30 -17.47
CA ALA D 39 -28.60 44.33 -17.29
C ALA D 39 -28.37 45.01 -15.95
N GLU D 40 -28.67 46.32 -15.92
CA GLU D 40 -28.47 47.14 -14.73
C GLU D 40 -29.85 47.57 -14.22
N GLY D 41 -30.11 47.34 -12.94
CA GLY D 41 -31.40 47.65 -12.36
C GLY D 41 -31.80 49.10 -12.46
N PHE D 42 -31.10 49.98 -11.73
CA PHE D 42 -31.38 51.40 -11.83
C PHE D 42 -30.72 51.98 -13.07
N GLY D 43 -31.32 53.03 -13.60
CA GLY D 43 -30.79 53.62 -14.82
C GLY D 43 -31.33 52.90 -16.04
N ASN D 44 -30.44 52.61 -16.99
CA ASN D 44 -30.85 51.99 -18.24
C ASN D 44 -31.41 50.59 -17.99
N ARG D 45 -32.70 50.42 -18.27
CA ARG D 45 -33.34 49.11 -18.20
C ARG D 45 -32.96 48.21 -19.37
N LEU D 46 -32.42 48.78 -20.45
CA LEU D 46 -32.09 47.99 -21.62
C LEU D 46 -30.90 47.08 -21.34
N CYS D 47 -31.01 45.82 -21.76
CA CYS D 47 -29.93 44.87 -21.55
C CYS D 47 -28.78 45.13 -22.52
N PHE D 48 -27.57 44.92 -22.03
CA PHE D 48 -26.36 45.05 -22.84
C PHE D 48 -25.50 43.81 -22.62
N LEU D 49 -24.52 43.63 -23.50
CA LEU D 49 -23.68 42.45 -23.48
C LEU D 49 -22.32 42.77 -22.88
N GLU D 50 -21.88 41.92 -21.95
CA GLU D 50 -20.59 42.08 -21.26
C GLU D 50 -19.65 40.98 -21.73
N SER D 51 -18.48 41.38 -22.23
CA SER D 51 -17.51 40.42 -22.72
C SER D 51 -16.85 39.67 -21.56
N THR D 52 -16.67 38.36 -21.74
CA THR D 52 -16.00 37.53 -20.74
C THR D 52 -14.89 36.69 -21.36
N SER D 53 -14.47 37.01 -22.59
CA SER D 53 -13.40 36.27 -23.24
C SER D 53 -12.03 36.63 -22.67
N ASN D 54 -11.72 37.93 -22.62
CA ASN D 54 -10.47 38.42 -22.05
C ASN D 54 -10.57 38.71 -20.57
N SER D 55 -10.94 37.70 -19.76
CA SER D 55 -11.03 37.90 -18.33
C SER D 55 -9.66 38.17 -17.70
N LYS D 56 -8.59 37.84 -18.43
CA LYS D 56 -7.25 38.01 -17.90
C LYS D 56 -6.90 39.49 -17.75
N ASN D 57 -7.15 40.29 -18.78
CA ASN D 57 -6.76 41.69 -18.73
C ASN D 57 -7.88 42.57 -18.18
N VAL D 58 -9.13 42.19 -18.42
CA VAL D 58 -10.29 42.95 -17.95
C VAL D 58 -11.24 41.99 -17.23
N PRO D 59 -11.49 42.18 -15.94
CA PRO D 59 -12.39 41.28 -15.22
C PRO D 59 -13.82 41.38 -15.74
N PRO D 60 -14.59 40.30 -15.69
CA PRO D 60 -16.00 40.38 -16.08
C PRO D 60 -16.88 40.74 -14.90
N ASP D 61 -17.96 41.48 -15.19
CA ASP D 61 -18.92 41.88 -14.17
C ASP D 61 -20.13 40.94 -14.20
N LEU D 62 -19.91 39.75 -13.65
CA LEU D 62 -20.96 38.73 -13.67
C LEU D 62 -22.09 39.03 -12.69
N SER D 63 -21.89 39.98 -11.77
CA SER D 63 -22.93 40.28 -10.78
C SER D 63 -24.20 40.79 -11.45
N ILE D 64 -24.06 41.54 -12.54
CA ILE D 64 -25.22 42.04 -13.27
C ILE D 64 -25.47 41.16 -14.49
N CYS D 65 -24.77 40.02 -14.56
CA CYS D 65 -24.96 39.04 -15.63
C CYS D 65 -25.67 37.79 -15.15
N THR D 66 -25.76 37.58 -13.83
CA THR D 66 -26.36 36.38 -13.27
C THR D 66 -27.88 36.50 -13.31
N PHE D 67 -28.54 35.39 -13.67
CA PHE D 67 -29.99 35.28 -13.65
C PHE D 67 -30.38 33.99 -12.92
N VAL D 68 -31.56 34.00 -12.30
CA VAL D 68 -32.06 32.85 -11.56
C VAL D 68 -33.35 32.36 -12.21
N LEU D 69 -33.49 31.05 -12.31
CA LEU D 69 -34.65 30.43 -12.96
C LEU D 69 -35.73 30.10 -11.94
N GLU D 70 -36.70 30.99 -11.76
CA GLU D 70 -37.76 30.78 -10.78
C GLU D 70 -38.65 29.58 -11.12
N GLN D 71 -39.35 29.65 -12.25
CA GLN D 71 -40.37 28.68 -12.59
C GLN D 71 -40.20 28.17 -14.02
N SER D 72 -40.39 26.87 -14.20
CA SER D 72 -40.46 26.25 -15.52
C SER D 72 -41.82 25.59 -15.66
N LEU D 73 -42.61 26.04 -16.63
CA LEU D 73 -43.97 25.57 -16.80
C LEU D 73 -44.28 25.33 -18.26
N SER D 74 -45.25 24.46 -18.52
CA SER D 74 -45.67 24.18 -19.88
C SER D 74 -46.41 25.38 -20.46
N VAL D 75 -46.49 25.41 -21.80
CA VAL D 75 -47.10 26.54 -22.49
C VAL D 75 -48.58 26.65 -22.14
N ARG D 76 -49.27 25.50 -22.02
CA ARG D 76 -50.69 25.56 -21.71
C ARG D 76 -50.92 25.94 -20.25
N ALA D 77 -50.04 25.51 -19.35
CA ALA D 77 -50.11 25.98 -17.97
C ALA D 77 -49.90 27.49 -17.90
N LEU D 78 -48.97 28.00 -18.71
CA LEU D 78 -48.79 29.44 -18.83
C LEU D 78 -50.05 30.13 -19.33
N GLN D 79 -50.71 29.56 -20.34
CA GLN D 79 -51.98 30.13 -20.80
C GLN D 79 -53.04 30.13 -19.69
N GLU D 80 -53.16 29.04 -18.95
CA GLU D 80 -54.17 28.95 -17.90
C GLU D 80 -53.90 29.97 -16.78
N MET D 81 -52.65 30.08 -16.33
CA MET D 81 -52.35 30.99 -15.23
C MET D 81 -52.45 32.44 -15.67
N LEU D 82 -52.27 32.70 -16.97
CA LEU D 82 -52.48 34.03 -17.49
C LEU D 82 -53.97 34.35 -17.59
N ALA D 83 -54.77 33.36 -17.98
CA ALA D 83 -56.22 33.55 -18.02
C ALA D 83 -56.80 33.80 -16.64
N ASN D 84 -56.33 33.05 -15.64
CA ASN D 84 -56.79 33.24 -14.27
C ASN D 84 -55.72 32.86 -13.24
N HIS D 110 -38.70 22.20 -6.53
CA HIS D 110 -37.70 22.05 -7.58
C HIS D 110 -38.12 21.05 -8.64
N ARG D 111 -38.26 21.51 -9.87
CA ARG D 111 -38.50 20.65 -11.02
C ARG D 111 -37.45 20.97 -12.08
N THR D 112 -36.90 19.93 -12.70
CA THR D 112 -35.84 20.12 -13.69
C THR D 112 -36.42 20.74 -14.96
N LEU D 113 -35.59 21.53 -15.65
CA LEU D 113 -36.03 22.15 -16.89
C LEU D 113 -36.07 21.12 -18.01
N LEU D 114 -37.18 21.10 -18.74
CA LEU D 114 -37.35 20.23 -19.89
C LEU D 114 -37.56 21.09 -21.13
N TYR D 115 -37.08 20.62 -22.27
CA TYR D 115 -37.23 21.34 -23.53
C TYR D 115 -38.71 21.51 -23.88
N GLY D 116 -39.07 22.73 -24.27
CA GLY D 116 -40.43 23.07 -24.62
C GLY D 116 -41.21 23.84 -23.57
N HIS D 117 -40.72 23.89 -22.33
CA HIS D 117 -41.38 24.64 -21.29
C HIS D 117 -41.14 26.14 -21.47
N ALA D 118 -41.88 26.94 -20.71
CA ALA D 118 -41.68 28.38 -20.63
C ALA D 118 -41.09 28.70 -19.27
N ILE D 119 -39.94 29.36 -19.27
CA ILE D 119 -39.17 29.62 -18.06
C ILE D 119 -39.19 31.12 -17.76
N LEU D 120 -39.09 31.45 -16.48
CA LEU D 120 -39.09 32.83 -16.01
C LEU D 120 -37.73 33.14 -15.40
N LEU D 121 -37.09 34.20 -15.89
CA LEU D 121 -35.77 34.60 -15.43
C LEU D 121 -35.89 35.88 -14.60
N ARG D 122 -35.33 35.84 -13.39
CA ARG D 122 -35.21 37.01 -12.54
C ARG D 122 -33.76 37.45 -12.50
N HIS D 123 -33.53 38.74 -12.76
CA HIS D 123 -32.17 39.29 -12.68
C HIS D 123 -31.74 39.30 -11.22
N SER D 124 -30.59 38.70 -10.94
CA SER D 124 -30.19 38.47 -9.56
C SER D 124 -30.01 39.77 -8.79
N TYR D 125 -29.36 40.77 -9.43
CA TYR D 125 -29.11 42.03 -8.74
C TYR D 125 -30.39 42.84 -8.58
N SER D 126 -31.02 43.20 -9.70
CA SER D 126 -32.18 44.09 -9.65
C SER D 126 -33.38 43.41 -9.01
N GLY D 127 -33.58 42.12 -9.29
CA GLY D 127 -34.80 41.44 -8.90
C GLY D 127 -35.91 41.52 -9.92
N MET D 128 -35.71 42.25 -11.01
CA MET D 128 -36.69 42.35 -12.08
C MET D 128 -36.57 41.14 -13.02
N TYR D 129 -37.49 41.06 -13.96
CA TYR D 129 -37.60 39.92 -14.85
C TYR D 129 -37.27 40.30 -16.29
N LEU D 130 -36.56 39.39 -16.97
CA LEU D 130 -36.25 39.58 -18.37
C LEU D 130 -37.53 39.49 -19.22
N CYS D 131 -37.63 40.38 -20.21
CA CYS D 131 -38.84 40.43 -21.03
C CYS D 131 -38.53 41.16 -22.32
N CYS D 132 -39.50 41.11 -23.24
CA CYS D 132 -39.47 41.96 -24.42
C CYS D 132 -40.16 43.28 -24.10
N LEU D 133 -39.48 44.38 -24.35
CA LEU D 133 -39.97 45.70 -23.97
C LEU D 133 -41.00 46.25 -24.95
N SER D 134 -41.23 45.58 -26.08
CA SER D 134 -42.22 45.97 -27.08
C SER D 134 -41.88 47.31 -27.73
N THR D 135 -40.73 47.88 -27.37
CA THR D 135 -40.22 49.10 -27.97
C THR D 135 -38.84 48.80 -28.55
N SER D 136 -38.53 49.43 -29.69
CA SER D 136 -37.30 49.14 -30.42
C SER D 136 -36.49 50.41 -30.62
N ARG D 137 -35.16 50.26 -30.60
CA ARG D 137 -34.26 51.35 -30.96
C ARG D 137 -34.32 51.70 -32.43
N SER D 138 -34.94 50.85 -33.26
CA SER D 138 -35.10 51.08 -34.69
C SER D 138 -33.74 51.26 -35.38
N SER D 139 -32.82 50.35 -35.10
CA SER D 139 -31.51 50.36 -35.74
C SER D 139 -31.59 49.72 -37.12
N THR D 140 -32.46 50.25 -37.98
CA THR D 140 -32.71 49.72 -39.32
C THR D 140 -33.11 48.25 -39.26
N ASP D 141 -33.72 47.86 -38.14
CA ASP D 141 -34.19 46.50 -37.88
C ASP D 141 -35.59 46.61 -37.27
N LYS D 142 -36.46 47.38 -37.95
CA LYS D 142 -37.77 47.72 -37.43
C LYS D 142 -38.54 46.50 -36.91
N LEU D 143 -38.26 45.32 -37.47
CA LEU D 143 -38.93 44.11 -36.99
C LEU D 143 -38.47 43.73 -35.58
N ALA D 144 -37.22 43.99 -35.25
CA ALA D 144 -36.68 43.58 -33.96
C ALA D 144 -37.27 44.40 -32.82
N PHE D 145 -37.32 43.78 -31.64
CA PHE D 145 -37.77 44.42 -30.42
C PHE D 145 -36.64 44.39 -29.41
N ASP D 146 -36.43 45.52 -28.72
CA ASP D 146 -35.39 45.59 -27.70
C ASP D 146 -35.78 44.75 -26.49
N VAL D 147 -34.77 44.26 -25.78
CA VAL D 147 -34.95 43.37 -24.63
C VAL D 147 -34.43 44.07 -23.39
N GLY D 148 -35.26 44.13 -22.35
CA GLY D 148 -34.88 44.75 -21.10
C GLY D 148 -35.42 44.02 -19.88
N LEU D 149 -35.66 44.75 -18.79
CA LEU D 149 -36.18 44.19 -17.56
C LEU D 149 -37.52 44.84 -17.21
N GLN D 150 -38.39 44.07 -16.57
CA GLN D 150 -39.70 44.56 -16.16
C GLN D 150 -39.90 44.30 -14.67
N GLU D 151 -40.51 45.26 -13.99
CA GLU D 151 -40.73 45.13 -12.55
C GLU D 151 -41.74 44.03 -12.24
N ASP D 152 -42.84 43.98 -12.99
CA ASP D 152 -43.93 43.06 -12.71
C ASP D 152 -43.81 41.82 -13.58
N THR D 153 -44.09 40.65 -13.00
CA THR D 153 -44.04 39.40 -13.75
C THR D 153 -45.33 39.13 -14.50
N THR D 154 -46.37 39.92 -14.27
CA THR D 154 -47.64 39.72 -14.95
C THR D 154 -47.50 39.93 -16.45
N GLY D 155 -48.23 39.12 -17.22
CA GLY D 155 -48.17 39.16 -18.66
C GLY D 155 -47.26 38.08 -19.23
N GLU D 156 -47.36 37.92 -20.55
CA GLU D 156 -46.59 36.92 -21.28
C GLU D 156 -45.27 37.47 -21.81
N ALA D 157 -44.97 38.74 -21.54
CA ALA D 157 -43.71 39.32 -22.01
C ALA D 157 -42.52 38.79 -21.23
N CYS D 158 -42.68 38.57 -19.93
CA CYS D 158 -41.57 38.12 -19.09
C CYS D 158 -41.17 36.69 -19.43
N TRP D 159 -42.10 35.90 -19.96
CA TRP D 159 -41.85 34.48 -20.13
C TRP D 159 -41.09 34.20 -21.43
N TRP D 160 -40.20 33.21 -21.36
CA TRP D 160 -39.43 32.76 -22.50
C TRP D 160 -39.48 31.24 -22.57
N THR D 161 -39.45 30.72 -23.79
CA THR D 161 -39.50 29.28 -24.03
C THR D 161 -38.16 28.80 -24.56
N ILE D 162 -37.70 27.67 -24.04
CA ILE D 162 -36.43 27.07 -24.41
C ILE D 162 -36.71 25.96 -25.41
N HIS D 163 -35.90 25.89 -26.47
CA HIS D 163 -36.05 24.91 -27.52
C HIS D 163 -34.73 24.22 -27.83
N PRO D 164 -34.76 23.00 -28.36
CA PRO D 164 -33.51 22.30 -28.68
C PRO D 164 -32.66 23.07 -29.68
N ALA D 165 -31.35 23.11 -29.42
CA ALA D 165 -30.44 23.81 -30.32
C ALA D 165 -30.14 22.99 -31.57
N SER D 166 -29.95 21.69 -31.42
CA SER D 166 -29.56 20.82 -32.51
C SER D 166 -30.48 19.59 -32.59
N LYS D 167 -30.15 18.69 -33.50
CA LYS D 167 -30.97 17.49 -33.69
C LYS D 167 -30.76 16.47 -32.59
N GLN D 168 -29.62 16.52 -31.88
CA GLN D 168 -29.38 15.60 -30.78
C GLN D 168 -30.40 15.81 -29.67
N ARG D 169 -30.75 17.06 -29.42
CA ARG D 169 -31.75 17.38 -28.40
C ARG D 169 -33.16 17.19 -28.98
N SER D 170 -34.14 17.10 -28.08
CA SER D 170 -35.52 16.86 -28.49
C SER D 170 -36.47 17.49 -27.49
N GLU D 171 -37.71 17.68 -27.92
CA GLU D 171 -38.73 18.24 -27.05
C GLU D 171 -39.04 17.31 -25.89
N GLY D 172 -39.16 17.91 -24.69
CA GLY D 172 -39.63 17.22 -23.52
C GLY D 172 -38.54 16.63 -22.64
N GLU D 173 -37.33 16.45 -23.17
CA GLU D 173 -36.27 15.85 -22.38
C GLU D 173 -35.60 16.89 -21.48
N LYS D 174 -34.84 16.40 -20.51
CA LYS D 174 -34.19 17.26 -19.54
C LYS D 174 -33.14 18.14 -20.20
N VAL D 175 -33.09 19.40 -19.78
CA VAL D 175 -32.14 20.36 -20.30
C VAL D 175 -30.82 20.17 -19.55
N ARG D 176 -29.81 19.66 -20.25
CA ARG D 176 -28.52 19.38 -19.63
C ARG D 176 -27.78 20.67 -19.29
N VAL D 177 -26.90 20.59 -18.29
CA VAL D 177 -26.06 21.74 -17.96
C VAL D 177 -24.95 21.87 -19.00
N GLY D 178 -24.50 23.10 -19.22
CA GLY D 178 -23.51 23.35 -20.25
C GLY D 178 -24.00 23.03 -21.64
N ASP D 179 -25.31 23.17 -21.87
CA ASP D 179 -25.92 22.85 -23.15
C ASP D 179 -26.36 24.13 -23.85
N ASP D 180 -26.06 24.21 -25.15
CA ASP D 180 -26.48 25.36 -25.94
C ASP D 180 -27.99 25.36 -26.09
N LEU D 181 -28.60 26.55 -25.96
CA LEU D 181 -30.05 26.70 -25.98
C LEU D 181 -30.45 27.86 -26.88
N ILE D 182 -31.68 27.79 -27.37
CA ILE D 182 -32.30 28.88 -28.12
C ILE D 182 -33.57 29.29 -27.40
N LEU D 183 -33.73 30.59 -27.18
CA LEU D 183 -34.87 31.11 -26.43
C LEU D 183 -35.85 31.81 -27.38
N VAL D 184 -37.14 31.57 -27.15
CA VAL D 184 -38.20 32.10 -27.98
C VAL D 184 -39.14 32.90 -27.10
N SER D 185 -39.42 34.14 -27.51
CA SER D 185 -40.32 35.00 -26.75
C SER D 185 -41.76 34.55 -26.94
N VAL D 186 -42.48 34.41 -25.83
CA VAL D 186 -43.90 34.03 -25.91
C VAL D 186 -44.73 35.17 -26.47
N SER D 187 -44.48 36.39 -26.00
CA SER D 187 -45.32 37.53 -26.37
C SER D 187 -45.09 37.95 -27.81
N SER D 188 -43.83 38.07 -28.22
CA SER D 188 -43.49 38.65 -29.51
C SER D 188 -43.06 37.62 -30.55
N GLU D 189 -42.87 36.36 -30.17
CA GLU D 189 -42.39 35.31 -31.08
C GLU D 189 -41.12 35.74 -31.80
N ARG D 190 -40.23 36.39 -31.05
CA ARG D 190 -38.95 36.85 -31.58
C ARG D 190 -37.82 36.26 -30.75
N TYR D 191 -36.83 35.70 -31.43
CA TYR D 191 -35.74 35.02 -30.74
C TYR D 191 -34.78 36.05 -30.15
N LEU D 192 -34.09 35.64 -29.08
CA LEU D 192 -32.97 36.45 -28.60
C LEU D 192 -31.87 36.48 -29.65
N HIS D 193 -31.55 37.69 -30.11
CA HIS D 193 -30.70 37.85 -31.28
C HIS D 193 -29.53 38.78 -30.95
N LEU D 194 -28.37 38.44 -31.50
CA LEU D 194 -27.16 39.25 -31.37
C LEU D 194 -26.93 39.95 -32.71
N SER D 195 -26.95 41.28 -32.69
CA SER D 195 -26.83 42.07 -33.91
C SER D 195 -25.35 42.23 -34.28
N TYR D 196 -24.97 41.72 -35.45
CA TYR D 196 -23.59 41.81 -35.92
C TYR D 196 -23.33 43.04 -36.77
N GLY D 197 -24.30 43.46 -37.58
CA GLY D 197 -24.04 44.52 -38.55
C GLY D 197 -23.70 45.85 -37.91
N ASN D 198 -24.39 46.20 -36.83
CA ASN D 198 -24.11 47.46 -36.15
C ASN D 198 -22.73 47.43 -35.48
N GLY D 199 -22.15 48.62 -35.31
CA GLY D 199 -20.81 48.69 -34.74
C GLY D 199 -20.74 48.18 -33.33
N SER D 200 -21.70 48.56 -32.50
CA SER D 200 -21.77 48.10 -31.12
C SER D 200 -22.79 46.97 -31.02
N LEU D 201 -22.33 45.80 -30.58
CA LEU D 201 -23.21 44.63 -30.50
C LEU D 201 -24.35 44.88 -29.53
N HIS D 202 -25.56 44.57 -29.96
CA HIS D 202 -26.76 44.76 -29.15
C HIS D 202 -27.55 43.47 -29.10
N VAL D 203 -28.21 43.23 -27.97
CA VAL D 203 -29.09 42.09 -27.80
C VAL D 203 -30.53 42.58 -27.93
N ASP D 204 -31.32 41.89 -28.73
CA ASP D 204 -32.70 42.28 -29.01
C ASP D 204 -33.50 41.04 -29.40
N ALA D 205 -34.81 41.22 -29.52
CA ALA D 205 -35.72 40.15 -29.91
C ALA D 205 -36.00 40.27 -31.40
N ALA D 206 -35.41 39.37 -32.19
CA ALA D 206 -35.56 39.37 -33.64
C ALA D 206 -35.93 37.98 -34.12
N PHE D 207 -36.40 37.90 -35.36
CA PHE D 207 -36.84 36.62 -35.91
C PHE D 207 -35.66 35.69 -36.18
N GLN D 208 -34.46 36.24 -36.42
CA GLN D 208 -33.29 35.40 -36.57
C GLN D 208 -32.88 34.82 -35.22
N GLN D 209 -32.11 33.73 -35.27
CA GLN D 209 -31.75 32.98 -34.08
C GLN D 209 -30.29 33.21 -33.73
N THR D 210 -30.04 33.46 -32.44
CA THR D 210 -28.70 33.47 -31.88
C THR D 210 -28.65 32.42 -30.78
N LEU D 211 -27.67 31.53 -30.84
CA LEU D 211 -27.65 30.37 -29.96
C LEU D 211 -26.97 30.75 -28.64
N TRP D 212 -27.66 30.49 -27.53
CA TRP D 212 -27.21 30.91 -26.20
C TRP D 212 -26.82 29.68 -25.39
N SER D 213 -25.59 29.67 -24.88
CA SER D 213 -25.20 28.66 -23.92
C SER D 213 -25.50 29.13 -22.50
N VAL D 214 -25.75 28.16 -21.62
CA VAL D 214 -26.12 28.44 -20.23
C VAL D 214 -25.07 27.84 -19.31
N ALA D 215 -24.56 28.65 -18.40
CA ALA D 215 -23.53 28.23 -17.47
C ALA D 215 -24.08 28.27 -16.05
N PRO D 216 -23.89 27.22 -15.25
CA PRO D 216 -24.38 27.23 -13.87
C PRO D 216 -23.50 28.08 -12.95
N ILE D 217 -23.78 29.38 -12.91
CA ILE D 217 -22.94 30.29 -12.12
C ILE D 217 -22.98 29.91 -10.64
N SER D 218 -24.14 29.48 -10.15
CA SER D 218 -24.28 29.08 -8.75
C SER D 218 -25.62 28.40 -8.57
N SER D 219 -25.74 27.68 -7.45
CA SER D 219 -26.98 27.02 -7.05
C SER D 219 -27.08 27.05 -5.53
N GLY D 220 -28.00 27.87 -5.01
CA GLY D 220 -28.07 28.07 -3.57
C GLY D 220 -28.86 26.98 -2.87
N SER D 221 -29.40 26.03 -3.62
CA SER D 221 -30.19 24.95 -3.02
C SER D 221 -29.34 24.10 -2.09
N GLU D 222 -28.14 23.73 -2.52
CA GLU D 222 -27.24 22.89 -1.73
C GLU D 222 -26.08 23.67 -1.11
N ALA D 223 -26.14 25.00 -1.14
CA ALA D 223 -25.09 25.84 -0.56
C ALA D 223 -25.29 25.92 0.94
N ALA D 224 -24.29 25.48 1.70
CA ALA D 224 -24.37 25.51 3.15
C ALA D 224 -24.26 26.95 3.66
N GLN D 225 -25.16 27.32 4.56
CA GLN D 225 -25.16 28.67 5.11
C GLN D 225 -23.98 28.88 6.04
N GLY D 226 -23.47 30.10 6.05
CA GLY D 226 -22.36 30.48 6.90
C GLY D 226 -20.99 30.26 6.32
N TYR D 227 -20.90 29.64 5.15
CA TYR D 227 -19.62 29.36 4.48
C TYR D 227 -19.46 30.31 3.30
N LEU D 228 -18.25 30.84 3.14
CA LEU D 228 -17.98 31.78 2.06
C LEU D 228 -18.12 31.13 0.70
N ILE D 229 -18.87 31.77 -0.19
CA ILE D 229 -19.01 31.33 -1.57
C ILE D 229 -18.63 32.49 -2.48
N GLY D 230 -18.31 32.15 -3.73
CA GLY D 230 -17.91 33.18 -4.68
C GLY D 230 -19.04 34.16 -4.96
N GLY D 231 -18.66 35.42 -5.16
CA GLY D 231 -19.60 36.49 -5.45
C GLY D 231 -20.16 37.19 -4.23
N ASP D 232 -19.79 36.75 -3.03
CA ASP D 232 -20.29 37.39 -1.82
C ASP D 232 -19.70 38.78 -1.63
N VAL D 233 -20.40 39.61 -0.87
CA VAL D 233 -19.91 40.92 -0.45
C VAL D 233 -19.59 40.82 1.04
N LEU D 234 -18.32 41.01 1.37
CA LEU D 234 -17.83 40.75 2.71
C LEU D 234 -16.94 41.89 3.19
N ARG D 235 -16.73 41.93 4.51
CA ARG D 235 -15.83 42.87 5.14
C ARG D 235 -14.60 42.12 5.64
N LEU D 236 -13.42 42.64 5.34
CA LEU D 236 -12.17 42.05 5.83
C LEU D 236 -11.84 42.62 7.20
N LEU D 237 -12.05 41.83 8.24
CA LEU D 237 -11.80 42.24 9.62
C LEU D 237 -10.42 41.77 10.07
N HIS D 238 -9.66 42.71 10.62
CA HIS D 238 -8.32 42.42 11.10
C HIS D 238 -8.43 41.60 12.40
N GLY D 239 -7.32 40.99 12.82
CA GLY D 239 -7.33 40.06 13.95
C GLY D 239 -7.90 40.62 15.24
N HIS D 240 -7.89 41.94 15.41
CA HIS D 240 -8.52 42.55 16.57
C HIS D 240 -10.03 42.70 16.43
N MET D 241 -10.62 42.09 15.39
CA MET D 241 -12.07 42.08 15.13
C MET D 241 -12.73 43.42 15.46
N ASP D 242 -12.05 44.51 15.12
CA ASP D 242 -12.53 45.86 15.40
C ASP D 242 -12.38 46.82 14.22
N GLU D 243 -11.50 46.52 13.28
CA GLU D 243 -11.18 47.44 12.19
C GLU D 243 -11.35 46.73 10.85
N CYS D 244 -11.79 47.48 9.85
CA CYS D 244 -12.02 46.94 8.52
C CYS D 244 -10.94 47.43 7.55
N LEU D 245 -10.84 46.74 6.42
CA LEU D 245 -9.95 47.17 5.35
C LEU D 245 -10.70 48.17 4.48
N THR D 246 -10.40 49.46 4.67
CA THR D 246 -11.21 50.52 4.10
C THR D 246 -10.33 51.50 3.33
N VAL D 247 -10.96 52.27 2.44
CA VAL D 247 -10.27 53.31 1.68
C VAL D 247 -10.53 54.65 2.38
N PRO D 248 -9.84 55.73 2.00
CA PRO D 248 -10.16 57.04 2.57
C PRO D 248 -11.60 57.45 2.32
N SER D 249 -12.16 58.25 3.22
CA SER D 249 -13.58 58.59 3.17
C SER D 249 -13.90 59.43 1.94
N GLY D 250 -15.18 59.74 1.79
CA GLY D 250 -15.68 60.45 0.61
C GLY D 250 -15.36 61.92 0.54
N GLU D 251 -14.84 62.52 1.62
CA GLU D 251 -14.47 63.92 1.56
C GLU D 251 -13.24 64.12 0.68
N HIS D 252 -12.33 63.14 0.67
CA HIS D 252 -11.19 63.20 -0.24
C HIS D 252 -11.64 62.91 -1.66
N GLY D 253 -11.04 63.62 -2.62
CA GLY D 253 -11.41 63.45 -4.00
C GLY D 253 -10.92 62.13 -4.59
N GLU D 254 -11.35 61.88 -5.82
CA GLU D 254 -10.94 60.68 -6.54
C GLU D 254 -9.44 60.69 -6.75
N GLU D 255 -8.83 59.50 -6.78
CA GLU D 255 -7.40 59.16 -6.82
C GLU D 255 -6.67 59.54 -5.53
N GLN D 256 -7.37 60.16 -4.57
CA GLN D 256 -6.96 60.09 -3.17
C GLN D 256 -7.64 58.97 -2.42
N ARG D 257 -8.66 58.33 -3.01
CA ARG D 257 -9.31 57.18 -2.43
C ARG D 257 -8.68 55.86 -2.84
N ARG D 258 -7.65 55.91 -3.68
CA ARG D 258 -7.03 54.70 -4.21
C ARG D 258 -6.19 53.95 -3.18
N THR D 259 -5.74 54.63 -2.13
CA THR D 259 -4.94 53.98 -1.10
C THR D 259 -5.80 53.03 -0.28
N VAL D 260 -5.13 52.02 0.29
CA VAL D 260 -5.79 50.99 1.09
C VAL D 260 -5.19 51.00 2.49
N HIS D 261 -6.04 51.05 3.50
CA HIS D 261 -5.61 51.12 4.89
C HIS D 261 -6.71 50.58 5.80
N TYR D 262 -6.48 50.68 7.11
CA TYR D 262 -7.36 50.09 8.09
C TYR D 262 -8.05 51.20 8.90
N GLU D 263 -9.38 51.07 9.06
CA GLU D 263 -10.16 51.94 9.91
C GLU D 263 -11.09 51.10 10.78
N GLY D 264 -11.31 51.58 12.01
CA GLY D 264 -12.19 50.89 12.94
C GLY D 264 -13.20 51.85 13.53
N GLY D 265 -14.34 51.28 13.93
CA GLY D 265 -15.39 52.06 14.55
C GLY D 265 -16.65 52.18 13.72
N ALA D 266 -16.99 53.42 13.34
CA ALA D 266 -18.23 53.65 12.61
C ALA D 266 -18.16 53.13 11.18
N VAL D 267 -16.95 53.02 10.62
CA VAL D 267 -16.80 52.57 9.24
C VAL D 267 -17.23 51.12 9.04
N SER D 268 -17.31 50.34 10.12
CA SER D 268 -17.67 48.93 9.99
C SER D 268 -19.10 48.76 9.52
N VAL D 269 -19.92 49.81 9.63
CA VAL D 269 -21.32 49.74 9.23
C VAL D 269 -21.54 50.73 8.09
N HIS D 270 -20.52 50.93 7.27
CA HIS D 270 -20.57 51.85 6.15
C HIS D 270 -20.37 51.09 4.84
N ALA D 271 -20.57 51.81 3.73
CA ALA D 271 -20.44 51.23 2.40
C ALA D 271 -19.03 51.33 1.83
N ARG D 272 -18.11 51.97 2.54
CA ARG D 272 -16.72 52.06 2.11
C ARG D 272 -15.87 50.91 2.65
N SER D 273 -16.48 49.95 3.36
CA SER D 273 -15.76 48.79 3.88
C SER D 273 -16.23 47.50 3.22
N LEU D 274 -16.89 47.59 2.07
CA LEU D 274 -17.49 46.44 1.41
C LEU D 274 -16.63 46.01 0.22
N TRP D 275 -16.35 44.72 0.15
CA TRP D 275 -15.57 44.15 -0.94
C TRP D 275 -16.30 42.92 -1.49
N ARG D 276 -16.15 42.69 -2.79
CA ARG D 276 -16.73 41.52 -3.44
C ARG D 276 -15.61 40.57 -3.86
N LEU D 277 -15.78 39.29 -3.54
CA LEU D 277 -14.83 38.25 -3.93
C LEU D 277 -15.26 37.69 -5.28
N GLU D 278 -14.47 37.95 -6.31
CA GLU D 278 -14.75 37.49 -7.66
C GLU D 278 -13.73 36.44 -8.06
N THR D 279 -14.20 35.24 -8.36
CA THR D 279 -13.31 34.17 -8.81
C THR D 279 -12.88 34.42 -10.25
N LEU D 280 -11.73 33.86 -10.61
CA LEU D 280 -11.20 34.01 -11.97
C LEU D 280 -11.90 33.13 -12.99
N ARG D 281 -12.81 32.26 -12.54
CA ARG D 281 -13.55 31.38 -13.43
C ARG D 281 -14.94 31.94 -13.67
N VAL D 282 -15.42 31.78 -14.90
CA VAL D 282 -16.75 32.27 -15.25
C VAL D 282 -17.82 31.26 -14.83
N ALA D 283 -17.66 30.00 -15.23
CA ALA D 283 -18.61 28.97 -14.84
C ALA D 283 -18.38 28.55 -13.39
N TRP D 284 -19.49 28.30 -12.69
CA TRP D 284 -19.46 27.84 -11.30
C TRP D 284 -18.69 28.80 -10.41
N SER D 285 -18.88 30.10 -10.65
CA SER D 285 -18.20 31.13 -9.88
C SER D 285 -18.87 31.40 -8.53
N GLY D 286 -20.04 30.83 -8.29
CA GLY D 286 -20.70 30.92 -7.00
C GLY D 286 -20.39 29.79 -6.05
N SER D 287 -19.41 28.95 -6.36
CA SER D 287 -19.08 27.82 -5.52
C SER D 287 -18.40 28.27 -4.23
N HIS D 288 -18.32 27.34 -3.28
CA HIS D 288 -17.62 27.60 -2.03
C HIS D 288 -16.15 27.86 -2.30
N ILE D 289 -15.60 28.90 -1.66
CA ILE D 289 -14.20 29.25 -1.87
C ILE D 289 -13.30 28.33 -1.08
N ARG D 290 -12.35 27.69 -1.76
CA ARG D 290 -11.41 26.78 -1.14
C ARG D 290 -10.11 27.51 -0.85
N TRP D 291 -9.35 26.99 0.11
CA TRP D 291 -8.07 27.58 0.47
C TRP D 291 -7.10 27.51 -0.71
N GLY D 292 -6.70 28.68 -1.20
CA GLY D 292 -5.79 28.78 -2.32
C GLY D 292 -6.45 29.11 -3.64
N GLN D 293 -7.77 29.20 -3.67
CA GLN D 293 -8.46 29.56 -4.90
C GLN D 293 -8.16 31.02 -5.25
N PRO D 294 -7.64 31.30 -6.45
CA PRO D 294 -7.38 32.69 -6.83
C PRO D 294 -8.68 33.46 -7.02
N PHE D 295 -8.71 34.69 -6.50
CA PHE D 295 -9.88 35.53 -6.62
C PHE D 295 -9.45 37.00 -6.64
N ARG D 296 -10.33 37.85 -7.17
CA ARG D 296 -10.12 39.28 -7.21
C ARG D 296 -11.04 39.96 -6.21
N LEU D 297 -10.50 40.90 -5.45
CA LEU D 297 -11.28 41.68 -4.50
C LEU D 297 -11.61 43.03 -5.09
N ARG D 298 -12.90 43.29 -5.30
CA ARG D 298 -13.38 44.53 -5.89
C ARG D 298 -14.09 45.36 -4.84
N HIS D 299 -13.78 46.66 -4.80
CA HIS D 299 -14.42 47.57 -3.86
C HIS D 299 -15.78 47.96 -4.45
N VAL D 300 -16.84 47.74 -3.66
CA VAL D 300 -18.20 47.87 -4.20
C VAL D 300 -18.54 49.32 -4.52
N THR D 301 -18.24 50.23 -3.59
CA THR D 301 -18.70 51.61 -3.74
C THR D 301 -17.90 52.36 -4.79
N THR D 302 -16.62 52.02 -4.96
CA THR D 302 -15.77 52.69 -5.94
C THR D 302 -15.70 51.94 -7.27
N GLY D 303 -15.95 50.63 -7.28
CA GLY D 303 -15.84 49.85 -8.49
C GLY D 303 -14.43 49.50 -8.88
N LYS D 304 -13.44 49.81 -8.05
CA LYS D 304 -12.04 49.54 -8.33
C LYS D 304 -11.65 48.17 -7.81
N TYR D 305 -10.54 47.65 -8.33
CA TYR D 305 -10.03 46.34 -7.98
C TYR D 305 -8.75 46.48 -7.18
N LEU D 306 -8.65 45.69 -6.10
CA LEU D 306 -7.42 45.65 -5.31
C LEU D 306 -6.28 45.11 -6.16
N SER D 307 -5.13 45.78 -6.09
CA SER D 307 -4.00 45.41 -6.94
C SER D 307 -2.71 45.63 -6.17
N LEU D 308 -1.65 44.97 -6.65
CA LEU D 308 -0.32 45.08 -6.10
C LEU D 308 0.56 45.80 -7.13
N MET D 309 0.98 47.01 -6.78
CA MET D 309 1.87 47.76 -7.66
C MET D 309 3.29 47.19 -7.59
N GLU D 310 4.11 47.58 -8.56
CA GLU D 310 5.48 47.07 -8.63
C GLU D 310 6.32 47.50 -7.43
N ASP D 311 5.95 48.61 -6.78
CA ASP D 311 6.67 49.08 -5.59
C ASP D 311 6.22 48.37 -4.31
N LYS D 312 5.48 47.28 -4.44
CA LYS D 312 4.98 46.45 -3.34
C LYS D 312 3.97 47.18 -2.46
N ASN D 313 3.38 48.27 -2.94
CA ASN D 313 2.41 49.03 -2.16
C ASN D 313 1.00 48.76 -2.68
N LEU D 314 0.07 48.49 -1.76
CA LEU D 314 -1.31 48.24 -2.13
C LEU D 314 -1.94 49.51 -2.68
N LEU D 315 -2.74 49.36 -3.74
CA LEU D 315 -3.37 50.48 -4.41
C LEU D 315 -4.58 49.99 -5.19
N LEU D 316 -5.72 50.65 -5.00
CA LEU D 316 -6.86 50.39 -5.86
C LEU D 316 -6.53 50.81 -7.28
N MET D 317 -6.99 50.01 -8.24
CA MET D 317 -6.66 50.22 -9.64
C MET D 317 -7.82 49.76 -10.51
N ASP D 318 -7.92 50.36 -11.68
CA ASP D 318 -9.15 50.37 -12.46
C ASP D 318 -9.44 49.02 -13.11
N LYS D 319 -10.72 48.85 -13.50
CA LYS D 319 -11.16 47.63 -14.16
C LYS D 319 -10.42 47.41 -15.47
N GLU D 320 -10.17 48.48 -16.21
CA GLU D 320 -9.55 48.35 -17.53
C GLU D 320 -8.16 47.74 -17.44
N LYS D 321 -7.36 48.17 -16.46
CA LYS D 321 -6.01 47.66 -16.28
C LYS D 321 -5.94 46.54 -15.24
N ALA D 322 -7.09 46.11 -14.71
CA ALA D 322 -7.12 45.09 -13.66
C ALA D 322 -6.77 43.73 -14.27
N ASP D 323 -5.45 43.48 -14.34
CA ASP D 323 -4.97 42.21 -14.84
C ASP D 323 -5.00 41.16 -13.74
N VAL D 324 -4.91 39.89 -14.15
CA VAL D 324 -4.89 38.79 -13.19
C VAL D 324 -3.65 38.87 -12.31
N LYS D 325 -2.50 39.18 -12.91
CA LYS D 325 -1.25 39.18 -12.16
C LYS D 325 -1.31 40.17 -10.99
N SER D 326 -1.82 41.38 -11.24
CA SER D 326 -1.85 42.39 -10.18
C SER D 326 -2.96 42.15 -9.18
N THR D 327 -4.10 41.63 -9.64
CA THR D 327 -5.31 41.60 -8.82
C THR D 327 -5.62 40.24 -8.20
N ALA D 328 -4.70 39.29 -8.26
CA ALA D 328 -4.95 37.93 -7.77
C ALA D 328 -4.51 37.81 -6.31
N PHE D 329 -5.42 37.34 -5.47
CA PHE D 329 -5.14 37.03 -4.07
C PHE D 329 -5.80 35.72 -3.69
N THR D 330 -5.24 35.06 -2.69
CA THR D 330 -5.74 33.78 -2.21
C THR D 330 -5.84 33.78 -0.69
N PHE D 331 -6.72 32.93 -0.19
CA PHE D 331 -6.90 32.73 1.25
C PHE D 331 -6.10 31.51 1.69
N ARG D 332 -5.28 31.69 2.72
CA ARG D 332 -4.45 30.61 3.25
C ARG D 332 -4.80 30.39 4.72
N SER D 333 -4.98 29.12 5.09
CA SER D 333 -5.37 28.79 6.45
C SER D 333 -4.25 29.12 7.44
N SER D 334 -3.00 28.88 7.05
CA SER D 334 -1.85 29.11 7.92
C SER D 334 -0.78 29.86 7.16
N LYS D 335 0.10 30.52 7.92
CA LYS D 335 1.23 31.25 7.38
C LYS D 335 2.30 30.31 6.80
N GLU D 336 2.19 29.01 7.05
CA GLU D 336 3.20 28.06 6.60
C GLU D 336 3.38 28.13 5.09
N LYS D 337 4.65 28.03 4.65
CA LYS D 337 5.06 28.44 3.32
C LYS D 337 4.74 27.41 2.24
N LEU D 338 4.36 26.19 2.60
CA LEU D 338 4.11 25.15 1.60
C LEU D 338 2.82 25.52 0.86
N ASP D 339 3.00 26.19 -0.27
CA ASP D 339 1.87 26.59 -1.09
C ASP D 339 1.23 25.38 -1.76
N VAL D 340 -0.09 25.45 -1.96
CA VAL D 340 -0.82 24.34 -2.54
C VAL D 340 -0.37 24.08 -3.98
N GLY D 341 0.12 25.10 -4.66
CA GLY D 341 0.55 24.92 -6.04
C GLY D 341 -0.63 25.02 -6.98
N VAL D 342 -0.88 23.94 -7.73
CA VAL D 342 -1.99 23.88 -8.67
C VAL D 342 -2.90 22.73 -8.28
N ARG D 343 -4.21 22.98 -8.32
CA ARG D 343 -5.22 21.96 -8.02
C ARG D 343 -6.26 21.97 -9.12
N LYS D 344 -6.86 20.81 -9.38
CA LYS D 344 -7.90 20.71 -10.38
C LYS D 344 -9.16 21.41 -9.90
N GLU D 345 -9.84 22.10 -10.82
CA GLU D 345 -11.10 22.76 -10.49
C GLU D 345 -12.24 21.75 -10.49
N VAL D 346 -13.21 21.95 -9.61
CA VAL D 346 -14.36 21.06 -9.49
C VAL D 346 -15.60 21.77 -10.00
N ASP D 347 -16.41 21.06 -10.78
CA ASP D 347 -17.63 21.61 -11.35
C ASP D 347 -18.76 21.46 -10.34
N GLY D 348 -19.10 22.54 -9.66
CA GLY D 348 -20.16 22.54 -8.68
C GLY D 348 -19.77 23.34 -7.46
N MET D 349 -20.64 23.27 -6.45
CA MET D 349 -20.38 23.96 -5.19
C MET D 349 -19.10 23.43 -4.52
N GLY D 350 -18.91 22.12 -4.54
CA GLY D 350 -17.75 21.54 -3.89
C GLY D 350 -17.91 21.46 -2.39
N THR D 351 -16.76 21.37 -1.72
CA THR D 351 -16.70 21.27 -0.28
C THR D 351 -16.51 22.65 0.34
N SER D 352 -17.34 22.98 1.33
CA SER D 352 -17.23 24.26 2.01
C SER D 352 -16.07 24.24 2.99
N GLU D 353 -15.10 25.12 2.79
CA GLU D 353 -13.92 25.15 3.63
C GLU D 353 -13.89 26.43 4.46
N ILE D 354 -13.99 27.58 3.80
CA ILE D 354 -13.94 28.85 4.51
C ILE D 354 -15.32 29.17 5.10
N LYS D 355 -15.33 29.49 6.39
CA LYS D 355 -16.56 29.77 7.12
C LYS D 355 -16.52 31.19 7.69
N TYR D 356 -17.68 31.83 7.74
CA TYR D 356 -17.76 33.21 8.15
C TYR D 356 -17.58 33.36 9.66
N GLY D 357 -16.72 34.32 10.05
CA GLY D 357 -16.63 34.75 11.43
C GLY D 357 -15.76 33.90 12.34
N ASP D 358 -15.39 32.69 11.92
CA ASP D 358 -14.57 31.83 12.76
C ASP D 358 -13.24 31.49 12.10
N SER D 359 -13.29 31.16 10.80
CA SER D 359 -12.07 30.80 10.10
C SER D 359 -11.16 32.00 9.96
N VAL D 360 -9.88 31.80 10.26
CA VAL D 360 -8.87 32.84 10.18
C VAL D 360 -8.19 32.74 8.82
N CYS D 361 -8.26 33.81 8.04
CA CYS D 361 -7.74 33.83 6.67
C CYS D 361 -6.56 34.80 6.58
N TYR D 362 -5.52 34.37 5.89
CA TYR D 362 -4.36 35.22 5.60
C TYR D 362 -4.30 35.48 4.10
N ILE D 363 -4.43 36.74 3.72
CA ILE D 363 -4.41 37.11 2.30
C ILE D 363 -2.97 37.21 1.83
N GLN D 364 -2.66 36.50 0.75
CA GLN D 364 -1.36 36.63 0.10
C GLN D 364 -1.58 36.82 -1.40
N HIS D 365 -0.76 37.67 -2.00
CA HIS D 365 -0.78 37.82 -3.45
C HIS D 365 -0.23 36.57 -4.12
N VAL D 366 -0.82 36.22 -5.26
CA VAL D 366 -0.49 34.96 -5.92
C VAL D 366 0.90 35.01 -6.54
N ASP D 367 1.10 35.94 -7.49
CA ASP D 367 2.35 35.97 -8.25
C ASP D 367 3.53 36.36 -7.36
N THR D 368 3.38 37.43 -6.59
CA THR D 368 4.48 37.92 -5.77
C THR D 368 4.76 37.00 -4.59
N GLY D 369 3.72 36.46 -3.97
CA GLY D 369 3.86 35.57 -2.84
C GLY D 369 3.97 36.26 -1.49
N LEU D 370 3.94 37.58 -1.47
CA LEU D 370 3.98 38.34 -0.22
C LEU D 370 2.70 38.11 0.57
N TRP D 371 2.71 38.50 1.85
CA TRP D 371 1.53 38.39 2.69
C TRP D 371 0.98 39.76 3.07
N LEU D 372 -0.35 39.83 3.16
CA LEU D 372 -1.02 41.06 3.59
C LEU D 372 -0.76 41.29 5.08
N THR D 373 -0.45 42.54 5.44
CA THR D 373 -0.18 42.89 6.83
C THR D 373 -0.38 44.39 7.01
N TYR D 374 -0.43 44.80 8.28
CA TYR D 374 -0.49 46.20 8.63
C TYR D 374 0.93 46.76 8.72
N GLN D 375 1.14 47.94 8.13
CA GLN D 375 2.47 48.53 8.14
C GLN D 375 2.84 49.01 9.54
N SER D 376 1.83 49.42 10.33
CA SER D 376 1.99 49.99 11.67
C SER D 376 2.72 51.32 11.63
N VAL D 377 2.28 52.26 10.77
CA VAL D 377 2.88 53.58 10.75
C VAL D 377 2.67 54.28 12.09
N ASP D 378 3.58 55.19 12.41
CA ASP D 378 3.50 55.95 13.65
C ASP D 378 3.15 57.41 13.37
N SER D 386 -9.86 57.61 13.48
CA SER D 386 -8.74 58.12 12.70
C SER D 386 -7.44 57.38 13.04
N ILE D 387 -7.56 56.07 13.29
CA ILE D 387 -6.39 55.27 13.60
C ILE D 387 -5.44 55.21 12.42
N GLN D 388 -5.99 55.03 11.21
CA GLN D 388 -5.23 55.02 9.97
C GLN D 388 -4.04 54.07 10.02
N ARG D 389 -4.33 52.82 10.40
CA ARG D 389 -3.30 51.78 10.35
C ARG D 389 -3.07 51.37 8.90
N LYS D 390 -1.90 51.73 8.37
CA LYS D 390 -1.61 51.47 6.96
C LYS D 390 -1.50 49.97 6.70
N ALA D 391 -2.07 49.53 5.58
CA ALA D 391 -1.98 48.15 5.15
C ALA D 391 -0.89 48.05 4.08
N ILE D 392 0.09 47.18 4.32
CA ILE D 392 1.28 47.09 3.48
C ILE D 392 1.48 45.62 3.10
N MET D 393 2.31 45.38 2.09
CA MET D 393 2.42 44.07 1.49
C MET D 393 3.84 43.60 1.75
N HIS D 394 4.00 42.47 2.46
CA HIS D 394 5.29 42.09 3.02
C HIS D 394 5.64 40.64 2.72
N HIS D 395 6.95 40.39 2.58
CA HIS D 395 7.48 39.04 2.42
C HIS D 395 7.13 38.16 3.61
N GLU D 396 7.34 38.67 4.82
CA GLU D 396 7.12 37.89 6.02
C GLU D 396 5.96 38.44 6.85
N GLY D 397 6.03 39.74 7.15
CA GLY D 397 4.98 40.37 7.92
C GLY D 397 5.01 39.99 9.38
N HIS D 398 3.95 40.39 10.08
CA HIS D 398 3.81 40.12 11.50
C HIS D 398 2.97 38.87 11.74
N MET D 399 2.94 38.43 13.00
CA MET D 399 2.23 37.20 13.35
C MET D 399 0.72 37.43 13.38
N ASP D 400 0.28 38.60 13.84
CA ASP D 400 -1.15 38.90 13.95
C ASP D 400 -1.69 39.50 12.65
N ASP D 401 -1.51 38.76 11.56
CA ASP D 401 -2.04 39.12 10.27
C ASP D 401 -3.37 38.42 9.96
N GLY D 402 -3.91 37.67 10.92
CA GLY D 402 -5.17 36.98 10.72
C GLY D 402 -6.32 37.89 10.37
N ILE D 403 -7.09 37.54 9.34
CA ILE D 403 -8.19 38.36 8.86
C ILE D 403 -9.48 37.55 8.99
N SER D 404 -10.45 38.10 9.71
CA SER D 404 -11.76 37.48 9.82
C SER D 404 -12.68 38.00 8.71
N LEU D 405 -13.73 37.23 8.45
CA LEU D 405 -14.68 37.55 7.39
C LEU D 405 -16.07 37.68 7.96
N SER D 406 -16.76 38.75 7.58
CA SER D 406 -18.13 38.99 7.99
C SER D 406 -18.99 39.25 6.77
N ARG D 407 -20.08 38.49 6.65
CA ARG D 407 -20.96 38.62 5.50
C ARG D 407 -21.82 39.89 5.64
N SER D 408 -22.05 40.53 4.50
CA SER D 408 -22.84 41.76 4.44
C SER D 408 -24.23 41.43 3.90
N GLN D 409 -25.24 42.18 4.36
CA GLN D 409 -26.61 41.91 3.96
C GLN D 409 -26.84 42.29 2.51
N HIS D 410 -27.82 41.61 1.90
CA HIS D 410 -28.18 41.89 0.51
C HIS D 410 -28.68 43.31 0.32
N GLU D 411 -29.46 43.82 1.28
CA GLU D 411 -29.93 45.20 1.21
C GLU D 411 -28.75 46.17 1.15
N GLU D 412 -27.76 45.98 2.03
CA GLU D 412 -26.59 46.84 2.04
C GLU D 412 -25.77 46.71 0.77
N SER D 413 -25.59 45.50 0.24
CA SER D 413 -24.87 45.32 -1.01
C SER D 413 -25.56 46.03 -2.17
N ARG D 414 -26.88 45.88 -2.28
CA ARG D 414 -27.63 46.57 -3.31
C ARG D 414 -27.55 48.08 -3.14
N THR D 415 -27.62 48.58 -1.90
CA THR D 415 -27.48 50.01 -1.66
C THR D 415 -26.12 50.51 -2.10
N ALA D 416 -25.04 49.77 -1.80
CA ALA D 416 -23.71 50.18 -2.21
C ALA D 416 -23.57 50.21 -3.73
N ARG D 417 -24.10 49.20 -4.42
CA ARG D 417 -24.04 49.20 -5.87
C ARG D 417 -24.84 50.37 -6.46
N VAL D 418 -26.01 50.65 -5.89
CA VAL D 418 -26.81 51.79 -6.32
C VAL D 418 -26.04 53.09 -6.11
N ILE D 419 -25.34 53.21 -4.98
CA ILE D 419 -24.53 54.39 -4.71
C ILE D 419 -23.45 54.56 -5.77
N ARG D 420 -22.76 53.47 -6.13
CA ARG D 420 -21.73 53.55 -7.15
C ARG D 420 -22.29 53.99 -8.49
N SER D 421 -23.41 53.40 -8.89
CA SER D 421 -24.03 53.75 -10.17
C SER D 421 -24.48 55.21 -10.18
N THR D 422 -25.08 55.66 -9.08
CA THR D 422 -25.53 57.04 -8.98
C THR D 422 -24.35 58.00 -9.02
N VAL D 423 -23.25 57.64 -8.35
CA VAL D 423 -22.04 58.45 -8.42
C VAL D 423 -21.57 58.61 -9.86
N PHE D 424 -21.50 57.50 -10.59
CA PHE D 424 -21.04 57.56 -11.98
C PHE D 424 -21.96 58.45 -12.83
N LEU D 425 -23.27 58.22 -12.72
CA LEU D 425 -24.21 58.95 -13.57
C LEU D 425 -24.23 60.44 -13.24
N PHE D 426 -24.25 60.78 -11.96
CA PHE D 426 -24.30 62.17 -11.56
C PHE D 426 -22.97 62.89 -11.79
N ASN D 427 -21.84 62.18 -11.78
CA ASN D 427 -20.59 62.80 -12.20
C ASN D 427 -20.58 63.07 -13.71
N ARG D 428 -21.13 62.16 -14.50
CA ARG D 428 -21.28 62.43 -15.94
C ARG D 428 -22.15 63.66 -16.16
N PHE D 429 -23.25 63.75 -15.43
CA PHE D 429 -24.16 64.89 -15.56
C PHE D 429 -23.45 66.20 -15.21
N ILE D 430 -22.71 66.20 -14.10
CA ILE D 430 -22.02 67.42 -13.66
C ILE D 430 -20.92 67.80 -14.65
N ARG D 431 -20.20 66.82 -15.19
CA ARG D 431 -19.16 67.13 -16.17
C ARG D 431 -19.77 67.70 -17.45
N GLY D 432 -20.91 67.16 -17.88
CA GLY D 432 -21.57 67.72 -19.04
C GLY D 432 -22.04 69.14 -18.81
N LEU D 433 -22.59 69.41 -17.64
CA LEU D 433 -23.00 70.78 -17.31
C LEU D 433 -21.80 71.71 -17.25
N ASP D 434 -20.68 71.23 -16.71
CA ASP D 434 -19.46 72.03 -16.66
C ASP D 434 -18.97 72.37 -18.06
N ALA D 435 -19.00 71.39 -18.97
CA ALA D 435 -18.60 71.66 -20.35
C ALA D 435 -19.52 72.67 -21.00
N LEU D 436 -20.83 72.53 -20.78
CA LEU D 436 -21.78 73.49 -21.35
C LEU D 436 -21.52 74.90 -20.80
N SER D 437 -21.20 75.00 -19.51
CA SER D 437 -20.85 76.30 -18.95
C SER D 437 -19.56 76.85 -19.56
N LYS D 438 -18.57 75.97 -19.77
CA LYS D 438 -17.32 76.37 -20.42
C LYS D 438 -17.49 76.59 -21.91
N LYS D 439 -18.70 76.43 -22.45
CA LYS D 439 -19.07 76.80 -23.81
C LYS D 439 -18.55 75.82 -24.86
N ALA D 440 -18.31 74.57 -24.48
CA ALA D 440 -18.01 73.55 -25.47
C ALA D 440 -19.23 73.30 -26.34
N LYS D 441 -18.99 72.85 -27.57
CA LYS D 441 -20.08 72.64 -28.51
C LYS D 441 -21.05 71.60 -27.97
N ALA D 442 -22.35 71.86 -28.16
CA ALA D 442 -23.38 71.02 -27.56
C ALA D 442 -23.33 69.59 -28.10
N SER D 443 -23.03 69.43 -29.39
CA SER D 443 -22.99 68.08 -29.97
C SER D 443 -21.90 67.24 -29.34
N THR D 444 -20.72 67.84 -29.12
CA THR D 444 -19.61 67.09 -28.52
C THR D 444 -19.94 66.65 -27.10
N VAL D 445 -20.57 67.53 -26.32
CA VAL D 445 -20.86 67.22 -24.93
C VAL D 445 -22.03 66.24 -24.86
N ASP D 446 -21.89 65.23 -24.00
CA ASP D 446 -22.92 64.23 -23.77
C ASP D 446 -23.66 64.56 -22.48
N LEU D 447 -24.98 64.68 -22.56
CA LEU D 447 -25.80 65.05 -21.42
C LEU D 447 -26.85 63.97 -21.18
N PRO D 448 -26.71 63.15 -20.14
CA PRO D 448 -27.61 61.99 -19.97
C PRO D 448 -29.01 62.36 -19.53
N ILE D 449 -29.76 63.03 -20.43
CA ILE D 449 -31.07 63.58 -20.07
C ILE D 449 -32.04 62.49 -19.63
N GLU D 450 -32.19 61.44 -20.42
CA GLU D 450 -33.18 60.41 -20.11
C GLU D 450 -32.73 59.55 -18.93
N SER D 451 -31.45 59.16 -18.93
CA SER D 451 -30.95 58.26 -17.90
C SER D 451 -30.98 58.91 -16.52
N VAL D 452 -30.60 60.19 -16.45
CA VAL D 452 -30.63 60.88 -15.15
C VAL D 452 -32.05 60.95 -14.61
N SER D 453 -33.03 61.28 -15.46
CA SER D 453 -34.41 61.33 -15.02
C SER D 453 -34.91 59.97 -14.55
N LEU D 454 -34.61 58.92 -15.32
CA LEU D 454 -35.08 57.58 -14.97
C LEU D 454 -34.45 57.11 -13.66
N SER D 455 -33.15 57.36 -13.49
CA SER D 455 -32.48 57.04 -12.24
C SER D 455 -33.03 57.87 -11.08
N LEU D 456 -33.41 59.12 -11.32
CA LEU D 456 -34.06 59.92 -10.28
C LEU D 456 -35.39 59.35 -9.83
N GLN D 457 -36.25 58.92 -10.77
CA GLN D 457 -37.47 58.24 -10.36
C GLN D 457 -37.21 56.92 -9.65
N ASP D 458 -36.20 56.17 -10.10
CA ASP D 458 -35.84 54.93 -9.40
C ASP D 458 -35.38 55.22 -7.97
N LEU D 459 -34.60 56.28 -7.78
CA LEU D 459 -34.16 56.65 -6.43
C LEU D 459 -35.32 57.13 -5.57
N ILE D 460 -36.27 57.86 -6.17
CA ILE D 460 -37.47 58.22 -5.42
C ILE D 460 -38.23 56.99 -4.97
N GLY D 461 -38.38 56.00 -5.85
CA GLY D 461 -39.01 54.75 -5.45
C GLY D 461 -38.22 54.02 -4.37
N TYR D 462 -36.89 54.08 -4.45
CA TYR D 462 -36.04 53.43 -3.45
C TYR D 462 -36.24 54.06 -2.08
N PHE D 463 -36.30 55.39 -2.01
CA PHE D 463 -36.45 56.10 -0.75
C PHE D 463 -37.89 56.49 -0.46
N HIS D 464 -38.85 55.85 -1.13
CA HIS D 464 -40.25 56.11 -0.85
C HIS D 464 -40.60 55.69 0.57
N PRO D 465 -41.27 56.54 1.33
CA PRO D 465 -41.67 56.17 2.70
C PRO D 465 -42.73 55.08 2.68
N PRO D 466 -42.78 54.24 3.72
CA PRO D 466 -43.79 53.18 3.75
C PRO D 466 -45.19 53.74 3.83
N ASP D 467 -46.13 53.01 3.23
CA ASP D 467 -47.53 53.41 3.27
C ASP D 467 -48.15 53.04 4.62
N GLU D 468 -49.20 53.78 4.99
CA GLU D 468 -49.76 53.65 6.33
C GLU D 468 -50.62 52.41 6.51
N HIS D 469 -51.26 51.90 5.45
CA HIS D 469 -52.17 50.77 5.63
C HIS D 469 -51.43 49.47 5.87
N LEU D 470 -50.11 49.46 5.68
CA LEU D 470 -49.34 48.24 5.83
C LEU D 470 -49.31 47.79 7.29
N GLU D 471 -49.08 46.50 7.49
CA GLU D 471 -49.03 45.92 8.82
C GLU D 471 -47.86 46.52 9.60
N HIS D 472 -48.00 46.56 10.93
CA HIS D 472 -47.05 47.26 11.78
C HIS D 472 -45.64 46.72 11.69
N GLU D 473 -45.45 45.40 11.76
CA GLU D 473 -44.10 44.84 11.73
C GLU D 473 -43.42 45.09 10.40
N ASP D 474 -44.15 44.89 9.29
CA ASP D 474 -43.59 45.17 7.98
C ASP D 474 -43.25 46.64 7.83
N LYS D 475 -44.11 47.52 8.36
CA LYS D 475 -43.83 48.95 8.32
C LYS D 475 -42.55 49.27 9.09
N GLN D 476 -42.36 48.66 10.25
CA GLN D 476 -41.15 48.91 11.03
C GLN D 476 -39.91 48.42 10.27
N ASN D 477 -40.03 47.27 9.60
CA ASN D 477 -38.92 46.77 8.79
C ASN D 477 -38.58 47.74 7.66
N ARG D 478 -39.61 48.27 6.99
CA ARG D 478 -39.37 49.24 5.92
C ARG D 478 -38.74 50.51 6.46
N LEU D 479 -39.18 50.98 7.64
CA LEU D 479 -38.52 52.14 8.25
C LEU D 479 -37.06 51.86 8.54
N ARG D 480 -36.75 50.67 9.08
CA ARG D 480 -35.35 50.33 9.35
C ARG D 480 -34.53 50.33 8.07
N ALA D 481 -35.07 49.72 7.00
CA ALA D 481 -34.36 49.70 5.73
C ALA D 481 -34.16 51.10 5.16
N LEU D 482 -35.18 51.95 5.22
CA LEU D 482 -35.07 53.31 4.70
C LEU D 482 -34.04 54.11 5.50
N LYS D 483 -34.03 53.96 6.82
CA LYS D 483 -33.03 54.64 7.64
C LYS D 483 -31.62 54.17 7.30
N ASN D 484 -31.45 52.85 7.11
CA ASN D 484 -30.14 52.33 6.73
C ASN D 484 -29.69 52.88 5.38
N ARG D 485 -30.63 52.93 4.42
CA ARG D 485 -30.30 53.46 3.10
C ARG D 485 -29.89 54.92 3.17
N GLN D 486 -30.64 55.72 3.93
CA GLN D 486 -30.30 57.13 4.08
C GLN D 486 -28.95 57.31 4.76
N ASN D 487 -28.68 56.52 5.79
CA ASN D 487 -27.39 56.61 6.48
C ASN D 487 -26.24 56.25 5.54
N LEU D 488 -26.40 55.19 4.74
CA LEU D 488 -25.35 54.82 3.80
C LEU D 488 -25.15 55.90 2.75
N PHE D 489 -26.24 56.47 2.23
CA PHE D 489 -26.12 57.52 1.23
C PHE D 489 -25.41 58.74 1.80
N GLN D 490 -25.76 59.13 3.02
CA GLN D 490 -25.12 60.30 3.63
C GLN D 490 -23.65 60.03 3.97
N GLU D 491 -23.32 58.81 4.40
CA GLU D 491 -21.92 58.45 4.65
C GLU D 491 -21.09 58.45 3.37
N GLU D 492 -21.65 57.99 2.25
CA GLU D 492 -21.00 58.11 0.96
C GLU D 492 -21.07 59.54 0.41
N GLY D 493 -21.83 60.41 1.06
CA GLY D 493 -21.86 61.81 0.66
C GLY D 493 -22.74 62.09 -0.53
N MET D 494 -23.89 61.44 -0.63
CA MET D 494 -24.78 61.62 -1.77
C MET D 494 -25.51 62.96 -1.73
N ILE D 495 -25.57 63.61 -0.57
CA ILE D 495 -26.21 64.91 -0.47
C ILE D 495 -25.48 65.98 -1.28
N ASN D 496 -24.15 66.03 -1.17
CA ASN D 496 -23.38 67.08 -1.85
C ASN D 496 -23.48 66.98 -3.36
N LEU D 497 -23.52 65.75 -3.89
CA LEU D 497 -23.65 65.56 -5.33
C LEU D 497 -24.98 66.13 -5.83
N VAL D 498 -26.06 65.84 -5.11
CA VAL D 498 -27.37 66.37 -5.47
C VAL D 498 -27.38 67.89 -5.37
N LEU D 499 -26.73 68.42 -4.32
CA LEU D 499 -26.63 69.87 -4.18
C LEU D 499 -25.88 70.50 -5.36
N GLU D 500 -24.79 69.87 -5.79
CA GLU D 500 -24.05 70.39 -6.94
C GLU D 500 -24.89 70.34 -8.21
N CYS D 501 -25.64 69.26 -8.41
CA CYS D 501 -26.52 69.18 -9.58
C CYS D 501 -27.59 70.27 -9.54
N ILE D 502 -28.16 70.51 -8.35
CA ILE D 502 -29.17 71.55 -8.21
C ILE D 502 -28.58 72.92 -8.53
N ASP D 503 -27.38 73.19 -8.02
CA ASP D 503 -26.74 74.47 -8.29
C ASP D 503 -26.43 74.64 -9.77
N ARG D 504 -25.93 73.60 -10.42
CA ARG D 504 -25.54 73.71 -11.82
C ARG D 504 -26.75 73.66 -12.74
N LEU D 505 -27.91 73.28 -12.22
CA LEU D 505 -29.15 73.48 -12.97
C LEU D 505 -29.76 74.85 -12.71
N HIS D 506 -29.50 75.44 -11.54
CA HIS D 506 -29.98 76.77 -11.23
C HIS D 506 -29.11 77.87 -11.85
N VAL D 507 -27.90 77.55 -12.30
CA VAL D 507 -27.12 78.55 -13.02
C VAL D 507 -27.87 79.02 -14.26
N TYR D 508 -28.71 78.16 -14.84
CA TYR D 508 -29.60 78.57 -15.92
C TYR D 508 -30.91 79.07 -15.30
N SER D 509 -31.28 80.31 -15.63
CA SER D 509 -32.41 80.95 -14.98
C SER D 509 -33.73 80.28 -15.37
N SER D 510 -33.91 80.01 -16.66
CA SER D 510 -35.20 79.57 -17.17
C SER D 510 -35.03 78.36 -18.07
N ALA D 511 -36.15 77.66 -18.31
CA ALA D 511 -36.15 76.52 -19.22
C ALA D 511 -35.79 76.95 -20.63
N ALA D 512 -36.25 78.12 -21.06
CA ALA D 512 -35.87 78.65 -22.37
C ALA D 512 -34.37 78.91 -22.44
N HIS D 513 -33.81 79.45 -21.36
CA HIS D 513 -32.37 79.69 -21.33
C HIS D 513 -31.59 78.38 -21.41
N PHE D 514 -32.04 77.35 -20.68
CA PHE D 514 -31.36 76.07 -20.74
C PHE D 514 -31.53 75.41 -22.10
N ALA D 515 -32.66 75.67 -22.77
CA ALA D 515 -32.86 75.15 -24.12
C ALA D 515 -32.01 75.90 -25.13
N ASP D 516 -31.66 77.15 -24.85
CA ASP D 516 -30.71 77.87 -25.70
C ASP D 516 -29.29 77.36 -25.50
N VAL D 517 -28.89 77.12 -24.25
CA VAL D 517 -27.54 76.62 -24.00
C VAL D 517 -27.40 75.17 -24.46
N ALA D 518 -28.17 74.26 -23.85
CA ALA D 518 -28.17 72.86 -24.22
C ALA D 518 -29.24 72.59 -25.28
N GLY D 519 -29.55 71.31 -25.51
CA GLY D 519 -30.52 70.95 -26.53
C GLY D 519 -31.94 71.23 -26.06
N ARG D 520 -32.86 71.15 -27.04
CA ARG D 520 -34.27 71.43 -26.75
C ARG D 520 -34.85 70.38 -25.81
N GLU D 521 -34.47 69.11 -25.99
CA GLU D 521 -34.94 68.06 -25.09
C GLU D 521 -34.47 68.32 -23.67
N ALA D 522 -33.23 68.78 -23.51
CA ALA D 522 -32.75 69.23 -22.21
C ALA D 522 -33.59 70.39 -21.70
N GLY D 523 -34.02 71.27 -22.62
CA GLY D 523 -34.89 72.36 -22.23
C GLY D 523 -36.20 71.88 -21.62
N GLU D 524 -36.84 70.90 -22.26
CA GLU D 524 -38.09 70.37 -21.69
C GLU D 524 -37.83 69.60 -20.39
N SER D 525 -36.71 68.87 -20.30
CA SER D 525 -36.42 68.06 -19.12
C SER D 525 -35.85 68.86 -17.97
N TRP D 526 -35.53 70.14 -18.18
CA TRP D 526 -34.95 70.97 -17.13
C TRP D 526 -35.85 71.11 -15.92
N LYS D 527 -37.16 71.32 -16.11
CA LYS D 527 -38.09 71.40 -15.00
C LYS D 527 -38.20 70.07 -14.26
N SER D 528 -38.35 68.98 -15.00
CA SER D 528 -38.57 67.67 -14.39
C SER D 528 -37.34 67.24 -13.57
N ILE D 529 -36.15 67.38 -14.15
CA ILE D 529 -34.93 66.97 -13.44
C ILE D 529 -34.73 67.82 -12.19
N LEU D 530 -34.94 69.13 -12.31
CA LEU D 530 -34.78 70.02 -11.17
C LEU D 530 -35.76 69.71 -10.05
N ASN D 531 -37.02 69.41 -10.38
CA ASN D 531 -37.98 69.03 -9.34
C ASN D 531 -37.64 67.68 -8.73
N SER D 532 -37.21 66.73 -9.57
CA SER D 532 -36.89 65.40 -9.08
C SER D 532 -35.69 65.42 -8.13
N LEU D 533 -34.70 66.27 -8.41
CA LEU D 533 -33.56 66.39 -7.51
C LEU D 533 -33.97 66.92 -6.14
N TYR D 534 -34.85 67.92 -6.10
CA TYR D 534 -35.32 68.44 -4.83
C TYR D 534 -36.15 67.39 -4.08
N GLU D 535 -36.99 66.65 -4.80
CA GLU D 535 -37.74 65.57 -4.16
C GLU D 535 -36.81 64.51 -3.60
N LEU D 536 -35.74 64.19 -4.34
CA LEU D 536 -34.75 63.23 -3.84
C LEU D 536 -34.06 63.74 -2.59
N LEU D 537 -33.69 65.02 -2.57
CA LEU D 537 -33.08 65.59 -1.37
C LEU D 537 -34.02 65.52 -0.18
N ALA D 538 -35.31 65.83 -0.40
CA ALA D 538 -36.29 65.74 0.66
C ALA D 538 -36.43 64.31 1.16
N ALA D 539 -36.45 63.34 0.26
CA ALA D 539 -36.51 61.94 0.65
C ALA D 539 -35.28 61.49 1.41
N LEU D 540 -34.09 61.95 1.02
CA LEU D 540 -32.87 61.60 1.72
C LEU D 540 -32.79 62.21 3.11
N ILE D 541 -33.35 63.40 3.31
CA ILE D 541 -33.27 64.08 4.61
C ILE D 541 -34.45 63.74 5.52
N ARG D 542 -35.56 63.23 4.97
CA ARG D 542 -36.76 63.05 5.77
C ARG D 542 -36.57 61.97 6.82
N GLY D 543 -36.85 62.32 8.08
CA GLY D 543 -36.82 61.38 9.18
C GLY D 543 -35.43 61.05 9.69
N ASN D 544 -34.38 61.58 9.09
CA ASN D 544 -33.00 61.29 9.49
C ASN D 544 -32.44 62.51 10.22
N ARG D 545 -32.36 62.41 11.55
CA ARG D 545 -31.85 63.52 12.35
C ARG D 545 -30.40 63.84 12.03
N LYS D 546 -29.56 62.82 11.84
CA LYS D 546 -28.15 63.06 11.52
C LYS D 546 -28.02 63.77 10.17
N ASN D 547 -28.76 63.32 9.16
CA ASN D 547 -28.70 63.96 7.85
C ASN D 547 -29.19 65.40 7.92
N CYS D 548 -30.29 65.63 8.63
CA CYS D 548 -30.80 67.00 8.78
C CYS D 548 -29.82 67.88 9.54
N ALA D 549 -29.09 67.32 10.51
CA ALA D 549 -28.06 68.06 11.22
C ALA D 549 -26.89 68.42 10.32
N GLN D 550 -26.43 67.50 9.47
CA GLN D 550 -25.39 67.83 8.51
C GLN D 550 -25.87 68.77 7.41
N PHE D 551 -27.18 68.86 7.19
CA PHE D 551 -27.73 69.81 6.23
C PHE D 551 -27.88 71.22 6.80
N SER D 552 -27.56 71.42 8.08
CA SER D 552 -27.73 72.72 8.70
C SER D 552 -26.83 73.77 8.05
N GLY D 553 -25.59 73.40 7.73
CA GLY D 553 -24.69 74.34 7.09
C GLY D 553 -25.16 74.77 5.71
N SER D 554 -25.73 73.83 4.94
CA SER D 554 -26.21 74.12 3.61
C SER D 554 -27.61 74.73 3.59
N LEU D 555 -28.30 74.77 4.73
CA LEU D 555 -29.60 75.43 4.79
C LEU D 555 -29.54 76.86 4.26
N ASP D 556 -28.53 77.64 4.69
CA ASP D 556 -28.44 79.03 4.27
C ASP D 556 -28.28 79.15 2.76
N TRP D 557 -27.57 78.21 2.13
CA TRP D 557 -27.48 78.18 0.68
C TRP D 557 -28.85 77.93 0.05
N LEU D 558 -29.65 77.07 0.67
CA LEU D 558 -30.95 76.71 0.10
C LEU D 558 -31.93 77.88 0.14
N ILE D 559 -32.00 78.58 1.28
CA ILE D 559 -32.96 79.67 1.44
C ILE D 559 -32.71 80.82 0.49
N SER D 560 -31.46 81.03 0.05
CA SER D 560 -31.11 82.12 -0.84
C SER D 560 -31.80 82.02 -2.20
N ARG D 561 -32.32 80.85 -2.56
CA ARG D 561 -33.02 80.66 -3.83
C ARG D 561 -34.51 80.36 -3.62
N LEU D 562 -35.04 80.64 -2.44
CA LEU D 562 -36.46 80.41 -2.18
C LEU D 562 -37.34 81.28 -3.05
N GLU D 563 -36.85 82.45 -3.46
CA GLU D 563 -37.67 83.37 -4.25
C GLU D 563 -37.88 82.85 -5.66
N ARG D 564 -37.02 81.95 -6.12
CA ARG D 564 -37.14 81.43 -7.48
C ARG D 564 -38.37 80.54 -7.59
N LEU D 565 -39.21 80.82 -8.58
CA LEU D 565 -40.48 80.12 -8.74
C LEU D 565 -40.32 78.68 -9.21
N GLU D 566 -39.25 78.36 -9.95
CA GLU D 566 -39.09 77.03 -10.52
C GLU D 566 -38.79 75.97 -9.47
N ALA D 567 -38.41 76.36 -8.25
CA ALA D 567 -38.05 75.40 -7.21
C ALA D 567 -38.59 75.79 -5.84
N SER D 568 -39.56 76.70 -5.76
CA SER D 568 -40.03 77.19 -4.47
C SER D 568 -40.64 76.06 -3.64
N SER D 569 -41.48 75.22 -4.28
CA SER D 569 -42.14 74.15 -3.54
C SER D 569 -41.15 73.15 -2.98
N GLY D 570 -40.18 72.73 -3.81
CA GLY D 570 -39.19 71.78 -3.34
C GLY D 570 -38.31 72.35 -2.25
N ILE D 571 -37.87 73.59 -2.42
CA ILE D 571 -37.04 74.24 -1.40
C ILE D 571 -37.80 74.35 -0.10
N LEU D 572 -39.08 74.73 -0.16
CA LEU D 572 -39.87 74.86 1.05
C LEU D 572 -40.11 73.50 1.73
N GLU D 573 -40.34 72.45 0.94
CA GLU D 573 -40.49 71.12 1.52
C GLU D 573 -39.22 70.65 2.20
N VAL D 574 -38.07 70.88 1.57
CA VAL D 574 -36.79 70.51 2.18
C VAL D 574 -36.57 71.29 3.48
N LEU D 575 -36.86 72.60 3.45
CA LEU D 575 -36.72 73.42 4.64
C LEU D 575 -37.63 72.96 5.75
N HIS D 576 -38.89 72.62 5.44
CA HIS D 576 -39.81 72.10 6.43
C HIS D 576 -39.32 70.79 7.04
N CYS D 577 -38.84 69.86 6.22
CA CYS D 577 -38.32 68.61 6.75
C CYS D 577 -37.14 68.85 7.69
N VAL D 578 -36.20 69.69 7.27
CA VAL D 578 -35.02 69.95 8.11
C VAL D 578 -35.44 70.61 9.42
N LEU D 579 -36.35 71.58 9.34
CA LEU D 579 -36.77 72.30 10.55
C LEU D 579 -37.50 71.37 11.52
N VAL D 580 -38.36 70.48 11.01
CA VAL D 580 -39.11 69.62 11.91
C VAL D 580 -38.23 68.52 12.48
N GLU D 581 -37.16 68.16 11.75
CA GLU D 581 -36.35 67.03 12.20
C GLU D 581 -35.20 67.47 13.11
N SER D 582 -34.41 68.45 12.66
CA SER D 582 -33.16 68.79 13.35
C SER D 582 -33.35 70.03 14.21
N PRO D 583 -33.17 69.93 15.53
CA PRO D 583 -33.16 71.16 16.35
C PRO D 583 -32.04 72.12 15.98
N GLU D 584 -30.91 71.61 15.49
CA GLU D 584 -29.78 72.47 15.16
C GLU D 584 -30.14 73.44 14.03
N ALA D 585 -31.12 73.09 13.21
CA ALA D 585 -31.54 73.97 12.12
C ALA D 585 -32.09 75.29 12.66
N LEU D 586 -32.80 75.23 13.78
CA LEU D 586 -33.42 76.43 14.34
C LEU D 586 -32.38 77.49 14.69
N ASN D 587 -31.24 77.07 15.26
CA ASN D 587 -30.16 78.00 15.55
C ASN D 587 -29.55 78.58 14.29
N ILE D 588 -29.49 77.80 13.21
CA ILE D 588 -28.94 78.30 11.96
C ILE D 588 -29.87 79.35 11.35
N ILE D 589 -31.18 79.14 11.49
CA ILE D 589 -32.14 80.10 10.95
C ILE D 589 -31.94 81.45 11.62
N LYS D 590 -31.89 82.51 10.81
CA LYS D 590 -31.60 83.86 11.28
C LYS D 590 -32.71 84.83 10.88
N GLU D 591 -32.49 86.11 11.20
CA GLU D 591 -33.51 87.12 10.97
C GLU D 591 -33.74 87.34 9.48
N GLY D 592 -32.67 87.34 8.68
CA GLY D 592 -32.82 87.45 7.24
C GLY D 592 -33.59 86.31 6.61
N HIS D 593 -33.31 85.07 7.01
CA HIS D 593 -34.07 83.93 6.53
C HIS D 593 -35.52 83.97 6.97
N ILE D 594 -35.80 84.34 8.23
CA ILE D 594 -37.17 84.42 8.70
C ILE D 594 -37.94 85.56 8.03
N LYS D 595 -37.25 86.61 7.57
CA LYS D 595 -37.89 87.62 6.73
C LYS D 595 -38.12 87.12 5.31
N SER D 596 -37.18 86.36 4.74
CA SER D 596 -37.35 85.84 3.39
C SER D 596 -38.52 84.86 3.32
N ILE D 597 -38.72 84.08 4.38
CA ILE D 597 -39.85 83.16 4.39
C ILE D 597 -41.17 83.93 4.34
N ILE D 598 -41.28 85.03 5.08
CA ILE D 598 -42.48 85.85 5.02
C ILE D 598 -42.61 86.55 3.67
N SER D 599 -41.49 86.98 3.09
CA SER D 599 -41.52 87.58 1.76
C SER D 599 -42.01 86.58 0.72
N LEU D 600 -41.74 85.29 0.93
CA LEU D 600 -42.33 84.26 0.06
C LEU D 600 -43.85 84.32 0.08
N LEU D 601 -44.45 84.38 1.28
CA LEU D 601 -45.89 84.51 1.39
C LEU D 601 -46.38 85.81 0.74
N ASP D 602 -45.63 86.89 0.93
CA ASP D 602 -46.05 88.19 0.40
C ASP D 602 -46.06 88.19 -1.13
N LYS D 603 -44.98 87.69 -1.74
CA LYS D 603 -44.85 87.81 -3.20
C LYS D 603 -45.63 86.72 -3.93
N HIS D 604 -45.56 85.47 -3.45
CA HIS D 604 -46.21 84.38 -4.16
C HIS D 604 -47.70 84.29 -3.85
N GLY D 605 -48.09 84.47 -2.59
CA GLY D 605 -49.49 84.44 -2.23
C GLY D 605 -49.79 83.55 -1.04
N ARG D 606 -51.07 83.40 -0.73
CA ARG D 606 -51.48 82.61 0.42
C ARG D 606 -51.18 81.14 0.20
N ASN D 607 -50.28 80.58 1.02
CA ASN D 607 -49.84 79.20 0.90
C ASN D 607 -49.69 78.62 2.30
N HIS D 608 -50.47 77.58 2.60
CA HIS D 608 -50.56 77.08 3.97
C HIS D 608 -49.30 76.39 4.43
N LYS D 609 -48.52 75.80 3.53
CA LYS D 609 -47.29 75.14 3.97
C LYS D 609 -46.21 76.14 4.38
N VAL D 610 -46.24 77.37 3.86
CA VAL D 610 -45.37 78.41 4.41
C VAL D 610 -45.74 78.68 5.87
N LEU D 611 -47.03 78.76 6.17
CA LEU D 611 -47.47 78.94 7.54
C LEU D 611 -47.06 77.74 8.40
N ASP D 612 -47.12 76.54 7.83
CA ASP D 612 -46.66 75.35 8.57
C ASP D 612 -45.18 75.44 8.89
N VAL D 613 -44.37 75.90 7.93
CA VAL D 613 -42.93 76.07 8.17
C VAL D 613 -42.71 77.10 9.27
N LEU D 614 -43.46 78.21 9.21
CA LEU D 614 -43.37 79.22 10.26
C LEU D 614 -43.78 78.70 11.63
N CYS D 615 -44.79 77.82 11.68
CA CYS D 615 -45.17 77.17 12.93
C CYS D 615 -44.05 76.29 13.46
N SER D 616 -43.44 75.49 12.58
CA SER D 616 -42.34 74.63 12.99
C SER D 616 -41.16 75.46 13.47
N LEU D 617 -41.00 76.67 12.93
CA LEU D 617 -39.93 77.55 13.40
C LEU D 617 -40.14 77.96 14.85
N CYS D 618 -41.39 78.16 15.26
CA CYS D 618 -41.66 78.65 16.61
C CYS D 618 -41.28 77.63 17.66
N VAL D 619 -41.75 76.40 17.52
CA VAL D 619 -41.54 75.34 18.51
C VAL D 619 -41.08 74.08 17.79
N CYS D 620 -39.99 73.50 18.28
CA CYS D 620 -39.45 72.25 17.74
C CYS D 620 -39.19 71.28 18.89
N HIS D 621 -39.73 70.07 18.76
CA HIS D 621 -39.55 69.01 19.77
C HIS D 621 -39.99 69.48 21.15
N GLY D 622 -41.07 70.25 21.21
CA GLY D 622 -41.57 70.75 22.46
C GLY D 622 -40.79 71.88 23.07
N VAL D 623 -39.82 72.43 22.35
CA VAL D 623 -39.00 73.53 22.83
C VAL D 623 -39.32 74.77 22.00
N ALA D 624 -39.63 75.87 22.69
CA ALA D 624 -40.05 77.11 22.04
C ALA D 624 -38.86 78.04 21.87
N VAL D 625 -38.75 78.66 20.70
CA VAL D 625 -37.69 79.61 20.41
C VAL D 625 -38.27 81.01 20.55
N ARG D 626 -37.86 81.73 21.60
CA ARG D 626 -38.39 83.07 21.84
C ARG D 626 -38.03 84.03 20.71
N SER D 627 -36.79 83.95 20.21
CA SER D 627 -36.38 84.84 19.13
C SER D 627 -37.20 84.62 17.86
N ASN D 628 -37.40 83.35 17.48
CA ASN D 628 -38.21 83.07 16.29
C ASN D 628 -39.66 83.50 16.50
N GLN D 629 -40.22 83.22 17.68
CA GLN D 629 -41.58 83.63 17.97
C GLN D 629 -41.76 85.14 17.92
N HIS D 630 -40.80 85.90 18.46
CA HIS D 630 -40.82 87.35 18.40
C HIS D 630 -40.66 87.90 16.99
N LEU D 631 -39.73 87.34 16.21
CA LEU D 631 -39.49 87.80 14.85
C LEU D 631 -40.68 87.54 13.94
N ILE D 632 -41.28 86.34 14.01
CA ILE D 632 -42.45 86.05 13.18
C ILE D 632 -43.57 87.04 13.51
N CYS D 633 -43.83 87.24 14.80
CA CYS D 633 -44.84 88.21 15.22
C CYS D 633 -44.55 89.60 14.66
N ASP D 634 -43.41 90.18 15.02
CA ASP D 634 -43.09 91.56 14.67
C ASP D 634 -42.88 91.77 13.18
N ASN D 635 -42.72 90.71 12.39
CA ASN D 635 -42.55 90.86 10.95
C ASN D 635 -43.79 90.50 10.15
N LEU D 636 -44.74 89.78 10.74
CA LEU D 636 -45.95 89.40 10.02
C LEU D 636 -47.21 90.10 10.52
N LEU D 637 -47.46 90.06 11.84
CA LEU D 637 -48.72 90.52 12.39
C LEU D 637 -49.01 92.01 12.18
N PRO D 638 -48.08 92.93 12.50
CA PRO D 638 -48.45 94.35 12.42
C PRO D 638 -48.81 94.84 11.03
N GLY D 639 -48.32 94.17 9.99
CA GLY D 639 -48.61 94.60 8.64
C GLY D 639 -50.10 94.50 8.30
N ARG D 640 -50.74 93.41 8.70
CA ARG D 640 -52.16 93.17 8.43
C ARG D 640 -52.46 93.29 6.94
N ASP D 641 -51.57 92.73 6.11
CA ASP D 641 -51.74 92.72 4.68
C ASP D 641 -51.70 91.33 4.06
N LEU D 642 -51.28 90.31 4.81
CA LEU D 642 -51.21 88.94 4.30
C LEU D 642 -52.25 88.04 4.97
N LEU D 643 -52.25 87.97 6.30
CA LEU D 643 -53.20 87.12 6.99
C LEU D 643 -54.60 87.72 6.95
N LEU D 644 -55.60 86.86 6.95
CA LEU D 644 -57.00 87.28 6.83
C LEU D 644 -57.46 87.84 8.16
N GLN D 645 -57.77 89.14 8.18
CA GLN D 645 -58.23 89.78 9.40
C GLN D 645 -59.67 89.37 9.72
N THR D 646 -59.99 89.42 11.02
CA THR D 646 -61.31 89.01 11.50
C THR D 646 -61.80 90.02 12.53
N ARG D 647 -63.13 90.17 12.59
CA ARG D 647 -63.74 91.16 13.47
C ARG D 647 -65.24 90.87 13.55
N LEU D 648 -65.84 91.29 14.66
CA LEU D 648 -67.29 91.20 14.85
C LEU D 648 -67.92 92.49 14.34
N VAL D 649 -68.95 92.35 13.51
CA VAL D 649 -69.69 93.49 12.95
C VAL D 649 -71.16 93.29 13.27
N ASN D 650 -71.80 94.34 13.77
CA ASN D 650 -73.22 94.29 14.07
C ASN D 650 -74.04 94.18 12.78
N HIS D 651 -75.10 93.38 12.84
CA HIS D 651 -76.02 93.31 11.71
C HIS D 651 -76.75 94.64 11.54
N VAL D 652 -76.88 95.07 10.29
CA VAL D 652 -77.54 96.33 9.96
C VAL D 652 -78.63 96.05 8.94
N SER D 653 -79.87 96.43 9.29
CA SER D 653 -81.02 96.28 8.41
C SER D 653 -81.49 97.65 7.95
N SER D 654 -82.36 97.65 6.95
CA SER D 654 -82.84 98.89 6.35
C SER D 654 -84.34 98.79 6.09
N MET D 655 -85.07 99.82 6.52
CA MET D 655 -86.50 99.94 6.27
C MET D 655 -86.74 101.01 5.20
N ARG D 656 -87.66 100.73 4.29
CA ARG D 656 -87.99 101.71 3.26
C ARG D 656 -89.49 101.81 3.09
N PRO D 657 -89.99 102.99 2.72
CA PRO D 657 -91.40 103.12 2.36
C PRO D 657 -91.69 102.51 1.00
N ASN D 658 -92.98 102.48 0.65
CA ASN D 658 -93.40 101.91 -0.62
C ASN D 658 -93.09 102.83 -1.80
N ILE D 659 -92.86 104.12 -1.54
CA ILE D 659 -92.72 105.07 -2.63
C ILE D 659 -91.42 104.81 -3.39
N PHE D 660 -91.53 104.80 -4.72
CA PHE D 660 -90.39 104.69 -5.62
C PHE D 660 -90.41 105.94 -6.50
N LEU D 661 -89.80 107.01 -6.02
CA LEU D 661 -89.78 108.29 -6.71
C LEU D 661 -88.57 108.35 -7.64
N GLY D 662 -88.80 108.81 -8.87
CA GLY D 662 -87.75 108.92 -9.86
C GLY D 662 -88.00 110.08 -10.81
N VAL D 663 -87.01 110.34 -11.66
CA VAL D 663 -87.05 111.44 -12.62
C VAL D 663 -86.67 110.92 -14.00
N SER D 664 -87.45 111.33 -15.00
CA SER D 664 -87.16 111.01 -16.39
C SER D 664 -87.91 112.01 -17.27
N GLU D 665 -87.48 112.09 -18.53
CA GLU D 665 -88.11 113.01 -19.46
C GLU D 665 -89.53 112.57 -19.81
N GLY D 666 -90.42 113.55 -19.94
CA GLY D 666 -91.81 113.26 -20.25
C GLY D 666 -92.50 112.42 -19.20
N SER D 667 -92.17 112.64 -17.93
CA SER D 667 -92.73 111.87 -16.83
C SER D 667 -93.28 112.83 -15.78
N ALA D 668 -94.49 112.57 -15.32
CA ALA D 668 -95.17 113.47 -14.40
C ALA D 668 -94.91 113.12 -12.94
N GLN D 669 -93.69 113.39 -12.46
CA GLN D 669 -93.38 113.30 -11.05
C GLN D 669 -92.66 114.57 -10.62
N TYR D 670 -92.95 115.05 -9.41
CA TYR D 670 -92.35 116.27 -8.92
C TYR D 670 -90.88 116.03 -8.59
N LYS D 671 -90.03 117.00 -8.89
CA LYS D 671 -88.60 116.85 -8.75
C LYS D 671 -88.07 117.25 -7.38
N LYS D 672 -88.93 117.74 -6.49
CA LYS D 672 -88.52 118.18 -5.16
C LYS D 672 -89.34 117.43 -4.12
N TRP D 673 -88.65 116.87 -3.13
CA TRP D 673 -89.28 115.97 -2.17
C TRP D 673 -88.68 116.17 -0.79
N TYR D 674 -89.46 115.79 0.23
CA TYR D 674 -89.10 116.10 1.61
C TYR D 674 -89.72 115.06 2.53
N TYR D 675 -88.91 114.53 3.45
CA TYR D 675 -89.40 113.64 4.49
C TYR D 675 -88.55 113.85 5.73
N GLU D 676 -89.11 113.45 6.87
CA GLU D 676 -88.54 113.83 8.15
C GLU D 676 -88.56 112.63 9.09
N LEU D 677 -87.46 112.45 9.83
CA LEU D 677 -87.27 111.31 10.71
C LEU D 677 -87.27 111.76 12.17
N MET D 678 -87.90 110.96 13.03
CA MET D 678 -87.98 111.23 14.46
C MET D 678 -87.30 110.06 15.19
N VAL D 679 -86.27 110.37 15.97
CA VAL D 679 -85.55 109.36 16.74
C VAL D 679 -86.13 109.34 18.15
N ASP D 680 -86.95 108.32 18.43
CA ASP D 680 -87.58 108.22 19.74
C ASP D 680 -86.58 107.82 20.82
N HIS D 681 -85.73 106.84 20.54
CA HIS D 681 -84.75 106.36 21.49
C HIS D 681 -83.65 105.60 20.76
N THR D 682 -82.42 105.77 21.24
CA THR D 682 -81.26 105.10 20.64
C THR D 682 -80.22 104.88 21.72
N GLU D 683 -80.03 103.63 22.12
CA GLU D 683 -78.96 103.30 23.05
C GLU D 683 -77.62 103.47 22.36
N PRO D 684 -76.66 104.19 22.96
CA PRO D 684 -75.39 104.42 22.25
C PRO D 684 -74.56 103.16 22.09
N PHE D 685 -74.40 102.36 23.14
CA PHE D 685 -73.59 101.14 23.11
C PHE D 685 -74.41 99.98 23.67
N VAL D 686 -75.21 99.35 22.81
CA VAL D 686 -75.85 98.11 23.19
C VAL D 686 -74.82 96.98 23.28
N THR D 687 -73.82 97.02 22.41
CA THR D 687 -72.71 96.09 22.38
C THR D 687 -71.40 96.86 22.51
N ALA D 688 -70.27 96.17 22.34
CA ALA D 688 -68.98 96.83 22.35
C ALA D 688 -68.86 97.81 21.18
N GLU D 689 -69.34 97.41 20.00
CA GLU D 689 -69.32 98.29 18.84
C GLU D 689 -70.47 99.29 18.92
N ALA D 690 -70.19 100.52 18.48
CA ALA D 690 -71.21 101.56 18.49
C ALA D 690 -72.35 101.22 17.54
N THR D 691 -73.56 101.60 17.94
CA THR D 691 -74.74 101.33 17.15
C THR D 691 -74.72 102.12 15.85
N HIS D 692 -75.28 101.52 14.81
CA HIS D 692 -75.31 102.10 13.47
C HIS D 692 -76.69 102.68 13.23
N LEU D 693 -76.75 103.97 12.93
CA LEU D 693 -78.01 104.66 12.61
C LEU D 693 -77.71 105.70 11.53
N ARG D 694 -78.05 105.37 10.29
CA ARG D 694 -77.87 106.27 9.15
C ARG D 694 -79.19 106.43 8.43
N VAL D 695 -79.51 107.65 8.02
CA VAL D 695 -80.75 107.96 7.32
C VAL D 695 -80.43 108.77 6.08
N GLY D 696 -81.23 108.56 5.04
CA GLY D 696 -81.04 109.25 3.78
C GLY D 696 -81.82 108.55 2.68
N TRP D 697 -81.34 108.74 1.46
CA TRP D 697 -81.97 108.18 0.27
C TRP D 697 -81.09 107.09 -0.34
N ALA D 698 -81.74 106.18 -1.05
CA ALA D 698 -81.05 105.12 -1.79
C ALA D 698 -81.68 104.98 -3.16
N SER D 699 -80.89 104.49 -4.11
CA SER D 699 -81.32 104.34 -5.49
C SER D 699 -81.40 102.86 -5.85
N THR D 700 -82.10 102.58 -6.95
CA THR D 700 -82.25 101.24 -7.48
C THR D 700 -81.60 101.15 -8.85
N GLU D 701 -80.81 100.11 -9.06
CA GLU D 701 -80.20 99.89 -10.37
C GLU D 701 -81.26 99.63 -11.41
N GLY D 702 -81.34 100.50 -12.42
CA GLY D 702 -82.42 100.41 -13.38
C GLY D 702 -83.75 100.77 -12.74
N TYR D 703 -84.82 100.21 -13.30
CA TYR D 703 -86.17 100.42 -12.77
C TYR D 703 -86.65 99.24 -11.94
N SER D 704 -85.78 98.28 -11.64
CA SER D 704 -86.15 97.17 -10.78
C SER D 704 -86.36 97.66 -9.34
N PRO D 705 -87.22 97.00 -8.57
CA PRO D 705 -87.46 97.42 -7.18
C PRO D 705 -86.38 97.00 -6.19
N TYR D 706 -85.33 96.31 -6.63
CA TYR D 706 -84.24 95.91 -5.75
C TYR D 706 -83.27 97.08 -5.55
N PRO D 707 -82.87 97.38 -4.32
CA PRO D 707 -81.77 98.31 -4.11
C PRO D 707 -80.50 97.80 -4.79
N GLY D 708 -79.75 98.71 -5.39
CA GLY D 708 -78.60 98.32 -6.20
C GLY D 708 -77.26 98.52 -5.52
N GLY D 709 -76.29 97.69 -5.88
CA GLY D 709 -74.92 97.87 -5.45
C GLY D 709 -74.63 97.46 -4.02
N GLY D 710 -75.60 96.94 -3.29
CA GLY D 710 -75.41 96.59 -1.90
C GLY D 710 -75.84 95.17 -1.61
N GLU D 711 -75.15 94.56 -0.66
CA GLU D 711 -75.48 93.19 -0.26
C GLU D 711 -76.78 93.18 0.54
N GLU D 712 -77.56 92.11 0.35
CA GLU D 712 -78.86 92.03 1.02
C GLU D 712 -78.71 91.95 2.53
N TRP D 713 -77.70 91.22 3.01
CA TRP D 713 -77.43 91.11 4.44
C TRP D 713 -75.95 91.31 4.71
N GLY D 714 -75.64 91.70 5.95
CA GLY D 714 -74.30 91.99 6.39
C GLY D 714 -74.29 93.24 7.24
N GLY D 715 -73.11 93.85 7.34
CA GLY D 715 -72.95 95.07 8.12
C GLY D 715 -73.01 96.32 7.27
N ASN D 716 -73.57 96.21 6.07
CA ASN D 716 -73.64 97.33 5.14
C ASN D 716 -75.00 98.02 5.27
N GLY D 717 -74.99 99.34 5.32
CA GLY D 717 -76.19 100.13 5.40
C GLY D 717 -76.24 101.25 4.39
N VAL D 718 -77.02 102.29 4.69
CA VAL D 718 -77.12 103.44 3.80
C VAL D 718 -75.79 104.19 3.81
N GLY D 719 -75.28 104.51 2.62
CA GLY D 719 -74.01 105.20 2.49
C GLY D 719 -72.80 104.30 2.37
N ASP D 720 -72.98 102.98 2.48
CA ASP D 720 -71.86 102.06 2.32
C ASP D 720 -71.63 101.68 0.86
N ASP D 721 -72.69 101.47 0.09
CA ASP D 721 -72.57 101.31 -1.34
C ASP D 721 -72.68 102.65 -2.04
N LEU D 722 -72.39 102.68 -3.33
CA LEU D 722 -72.39 103.91 -4.10
C LEU D 722 -73.78 104.26 -4.63
N PHE D 723 -74.81 103.50 -4.24
CA PHE D 723 -76.17 103.77 -4.64
C PHE D 723 -77.00 104.38 -3.51
N SER D 724 -76.38 104.62 -2.36
CA SER D 724 -77.10 105.13 -1.20
C SER D 724 -76.40 106.37 -0.68
N TYR D 725 -77.18 107.24 -0.02
CA TYR D 725 -76.68 108.53 0.46
C TYR D 725 -77.26 108.74 1.84
N GLY D 726 -76.39 108.77 2.86
CA GLY D 726 -76.85 108.76 4.24
C GLY D 726 -76.20 109.86 5.07
N PHE D 727 -76.71 110.00 6.29
CA PHE D 727 -76.24 110.98 7.25
C PHE D 727 -76.45 110.43 8.65
N ASP D 728 -75.36 110.21 9.37
CA ASP D 728 -75.41 109.57 10.68
C ASP D 728 -75.36 110.57 11.84
N GLY D 729 -75.31 111.87 11.56
CA GLY D 729 -75.23 112.90 12.58
C GLY D 729 -73.94 113.68 12.54
N LEU D 730 -72.81 113.01 12.29
CA LEU D 730 -71.51 113.67 12.21
C LEU D 730 -70.85 113.56 10.85
N HIS D 731 -71.23 112.58 10.02
CA HIS D 731 -70.55 112.32 8.76
C HIS D 731 -71.57 112.20 7.64
N LEU D 732 -71.10 112.45 6.41
CA LEU D 732 -71.88 112.19 5.21
C LEU D 732 -71.35 110.90 4.57
N TRP D 733 -72.22 109.93 4.39
CA TRP D 733 -71.83 108.59 3.99
C TRP D 733 -72.24 108.33 2.54
N SER D 734 -71.27 107.87 1.74
CA SER D 734 -71.53 107.46 0.37
C SER D 734 -70.38 106.58 -0.10
N GLY D 735 -70.68 105.32 -0.37
CA GLY D 735 -69.66 104.39 -0.82
C GLY D 735 -68.60 104.06 0.19
N CYS D 736 -68.98 103.78 1.44
CA CYS D 736 -68.09 103.46 2.56
C CYS D 736 -67.09 104.57 2.87
N ILE D 737 -67.34 105.79 2.40
CA ILE D 737 -66.47 106.93 2.67
C ILE D 737 -67.27 107.96 3.46
N ALA D 738 -66.74 108.36 4.61
CA ALA D 738 -67.39 109.32 5.49
C ALA D 738 -66.56 110.59 5.58
N ARG D 739 -67.19 111.73 5.35
CA ARG D 739 -66.57 113.03 5.52
C ARG D 739 -67.29 113.80 6.62
N THR D 740 -66.53 114.34 7.57
CA THR D 740 -67.11 115.07 8.69
C THR D 740 -67.79 116.33 8.18
N VAL D 741 -69.07 116.47 8.50
CA VAL D 741 -69.90 117.59 8.04
C VAL D 741 -70.15 118.52 9.22
N SER D 742 -70.00 119.83 8.97
CA SER D 742 -70.18 120.82 10.01
C SER D 742 -71.66 121.12 10.21
N SER D 743 -72.11 121.04 11.45
CA SER D 743 -73.50 121.30 11.82
C SER D 743 -73.53 121.97 13.18
N PRO D 744 -74.56 122.78 13.45
CA PRO D 744 -74.72 123.33 14.81
C PRO D 744 -74.89 122.22 15.83
N ASN D 745 -74.09 122.28 16.88
CA ASN D 745 -74.09 121.27 17.96
C ASN D 745 -73.87 119.88 17.40
N GLN D 746 -72.67 119.66 16.86
CA GLN D 746 -72.32 118.37 16.26
C GLN D 746 -72.43 117.26 17.30
N HIS D 747 -73.09 116.16 16.90
CA HIS D 747 -73.22 114.98 17.74
C HIS D 747 -73.78 113.84 16.90
N LEU D 748 -73.53 112.61 17.35
CA LEU D 748 -74.19 111.46 16.77
C LEU D 748 -75.68 111.50 17.08
N LEU D 749 -76.48 110.91 16.19
CA LEU D 749 -77.92 110.92 16.36
C LEU D 749 -78.30 110.21 17.66
N ARG D 750 -79.00 110.94 18.54
CA ARG D 750 -79.38 110.42 19.84
C ARG D 750 -80.91 110.53 20.01
N THR D 751 -81.35 110.31 21.24
CA THR D 751 -82.76 110.42 21.58
C THR D 751 -83.28 111.82 21.32
N ASP D 752 -84.48 111.89 20.76
CA ASP D 752 -85.19 113.16 20.51
C ASP D 752 -84.39 114.07 19.56
N ASP D 753 -83.84 113.47 18.52
CA ASP D 753 -83.23 114.21 17.41
C ASP D 753 -84.09 114.05 16.17
N VAL D 754 -84.32 115.15 15.47
CA VAL D 754 -85.20 115.18 14.31
C VAL D 754 -84.35 115.42 13.08
N ILE D 755 -84.41 114.50 12.12
CA ILE D 755 -83.66 114.59 10.88
C ILE D 755 -84.66 114.68 9.74
N SER D 756 -84.52 115.73 8.91
CA SER D 756 -85.37 115.92 7.75
C SER D 756 -84.50 116.00 6.49
N CYS D 757 -84.87 115.22 5.49
CA CYS D 757 -84.08 115.06 4.27
C CYS D 757 -84.80 115.71 3.10
N CYS D 758 -84.02 116.31 2.19
CA CYS D 758 -84.54 116.95 1.00
C CYS D 758 -83.82 116.37 -0.22
N LEU D 759 -84.59 116.01 -1.25
CA LEU D 759 -84.05 115.46 -2.48
C LEU D 759 -84.57 116.26 -3.66
N ASP D 760 -83.66 116.77 -4.48
CA ASP D 760 -83.99 117.51 -5.70
C ASP D 760 -83.50 116.69 -6.89
N LEU D 761 -84.44 116.18 -7.69
CA LEU D 761 -84.09 115.40 -8.86
C LEU D 761 -83.95 116.24 -10.13
N SER D 762 -84.43 117.49 -10.12
CA SER D 762 -84.21 118.36 -11.27
C SER D 762 -82.72 118.63 -11.46
N ALA D 763 -82.05 119.04 -10.39
CA ALA D 763 -80.59 119.11 -10.35
C ALA D 763 -80.15 118.26 -9.18
N PRO D 764 -79.33 117.22 -9.40
CA PRO D 764 -79.03 116.26 -8.33
C PRO D 764 -78.61 116.92 -7.02
N SER D 765 -79.45 116.78 -6.00
CA SER D 765 -79.31 117.53 -4.75
C SER D 765 -79.94 116.74 -3.63
N ILE D 766 -79.16 116.37 -2.63
CA ILE D 766 -79.65 115.75 -1.41
C ILE D 766 -79.18 116.61 -0.24
N SER D 767 -80.15 117.14 0.52
CA SER D 767 -79.87 118.05 1.62
C SER D 767 -80.45 117.49 2.91
N PHE D 768 -79.74 117.72 4.00
CA PHE D 768 -80.14 117.27 5.33
C PHE D 768 -80.38 118.47 6.23
N ARG D 769 -81.28 118.28 7.19
CA ARG D 769 -81.72 119.35 8.10
C ARG D 769 -81.94 118.74 9.47
N ILE D 770 -81.06 119.05 10.41
CA ILE D 770 -81.07 118.44 11.74
C ILE D 770 -81.71 119.41 12.72
N ASN D 771 -82.74 118.93 13.42
CA ASN D 771 -83.41 119.67 14.49
C ASN D 771 -83.80 121.08 14.07
N GLY D 772 -84.08 121.29 12.78
CA GLY D 772 -84.40 122.59 12.25
C GLY D 772 -83.21 123.43 11.86
N GLN D 773 -81.97 122.95 12.11
CA GLN D 773 -80.78 123.68 11.70
C GLN D 773 -80.20 123.09 10.42
N PRO D 774 -79.65 123.93 9.54
CA PRO D 774 -79.16 123.42 8.25
C PRO D 774 -77.82 122.71 8.36
N VAL D 775 -77.75 121.50 7.82
CA VAL D 775 -76.50 120.75 7.78
C VAL D 775 -75.67 121.23 6.60
N GLN D 776 -74.44 121.65 6.88
CA GLN D 776 -73.56 122.16 5.83
C GLN D 776 -72.95 120.99 5.04
N GLY D 777 -73.84 120.20 4.46
CA GLY D 777 -73.44 119.06 3.65
C GLY D 777 -74.27 119.02 2.39
N MET D 778 -73.73 118.36 1.36
CA MET D 778 -74.33 118.47 0.04
C MET D 778 -73.93 117.27 -0.82
N PHE D 779 -74.92 116.70 -1.50
CA PHE D 779 -74.71 115.66 -2.50
C PHE D 779 -75.10 116.22 -3.86
N GLU D 780 -74.17 116.18 -4.81
CA GLU D 780 -74.37 116.80 -6.11
C GLU D 780 -74.03 115.82 -7.23
N ASN D 781 -74.71 116.00 -8.37
CA ASN D 781 -74.34 115.37 -9.64
C ASN D 781 -74.25 113.85 -9.52
N PHE D 782 -75.19 113.24 -8.81
CA PHE D 782 -75.26 111.79 -8.76
C PHE D 782 -76.18 111.27 -9.87
N ASN D 783 -76.10 109.97 -10.12
CA ASN D 783 -76.88 109.35 -11.19
C ASN D 783 -78.36 109.38 -10.83
N ILE D 784 -79.18 109.82 -11.79
CA ILE D 784 -80.61 109.93 -11.61
C ILE D 784 -81.38 108.98 -12.52
N ASP D 785 -80.70 108.00 -13.12
CA ASP D 785 -81.36 107.07 -14.02
C ASP D 785 -82.35 106.17 -13.27
N GLY D 786 -81.98 105.73 -12.08
CA GLY D 786 -82.79 104.80 -11.32
C GLY D 786 -83.80 105.50 -10.42
N LEU D 787 -84.61 104.67 -9.76
CA LEU D 787 -85.63 105.16 -8.85
C LEU D 787 -85.07 105.29 -7.44
N PHE D 788 -85.41 106.41 -6.79
CA PHE D 788 -84.98 106.68 -5.43
C PHE D 788 -86.07 106.27 -4.43
N PHE D 789 -85.71 106.28 -3.15
CA PHE D 789 -86.64 106.01 -2.07
C PHE D 789 -85.98 106.35 -0.75
N PRO D 790 -86.75 106.84 0.23
CA PRO D 790 -86.19 107.02 1.57
C PRO D 790 -85.81 105.69 2.20
N VAL D 791 -84.80 105.74 3.08
CA VAL D 791 -84.30 104.54 3.72
C VAL D 791 -83.52 104.93 4.97
N VAL D 792 -83.63 104.12 6.01
CA VAL D 792 -82.84 104.26 7.22
C VAL D 792 -82.17 102.92 7.51
N SER D 793 -80.89 102.97 7.84
CA SER D 793 -80.13 101.78 8.21
C SER D 793 -79.89 101.81 9.72
N PHE D 794 -80.36 100.78 10.42
CA PHE D 794 -80.30 100.74 11.86
C PHE D 794 -79.63 99.46 12.33
N SER D 795 -79.24 99.46 13.61
CA SER D 795 -78.65 98.29 14.25
C SER D 795 -79.48 98.03 15.50
N ALA D 796 -79.00 97.22 16.43
CA ALA D 796 -79.70 96.97 17.69
C ALA D 796 -79.84 98.26 18.47
N GLY D 797 -80.92 98.31 19.27
CA GLY D 797 -81.18 99.48 20.09
C GLY D 797 -81.54 100.73 19.33
N ILE D 798 -82.37 100.61 18.29
CA ILE D 798 -82.86 101.75 17.52
C ILE D 798 -84.37 101.74 17.54
N LYS D 799 -84.97 102.88 17.89
CA LYS D 799 -86.41 103.06 17.90
C LYS D 799 -86.70 104.43 17.28
N VAL D 800 -87.02 104.44 15.99
CA VAL D 800 -87.24 105.68 15.26
C VAL D 800 -88.60 105.61 14.55
N ARG D 801 -89.07 106.77 14.13
CA ARG D 801 -90.36 106.90 13.47
C ARG D 801 -90.25 107.72 12.20
N PHE D 802 -90.97 107.29 11.15
CA PHE D 802 -91.04 108.00 9.89
C PHE D 802 -92.18 109.01 9.96
N LEU D 803 -91.83 110.30 9.89
CA LEU D 803 -92.82 111.35 9.71
C LEU D 803 -92.87 111.68 8.22
N LEU D 804 -93.78 111.02 7.50
CA LEU D 804 -93.86 111.14 6.06
C LEU D 804 -94.80 112.25 5.60
N GLY D 805 -95.56 112.84 6.51
CA GLY D 805 -96.42 113.96 6.18
C GLY D 805 -97.83 113.49 5.83
N GLY D 806 -98.76 114.45 5.89
CA GLY D 806 -100.14 114.18 5.52
C GLY D 806 -100.84 113.23 6.46
N ARG D 807 -101.49 112.22 5.88
CA ARG D 807 -102.24 111.25 6.68
C ARG D 807 -101.31 110.46 7.58
N HIS D 808 -100.17 110.02 7.06
CA HIS D 808 -99.30 109.11 7.79
C HIS D 808 -98.58 109.83 8.94
N GLY D 809 -98.08 111.04 8.69
CA GLY D 809 -97.35 111.76 9.70
C GLY D 809 -97.59 113.26 9.59
N GLU D 810 -97.02 113.99 10.54
CA GLU D 810 -96.99 115.44 10.52
C GLU D 810 -95.56 115.92 10.73
N PHE D 811 -95.11 116.82 9.88
CA PHE D 811 -93.73 117.30 9.95
C PHE D 811 -93.54 118.22 11.16
N LYS D 812 -92.46 117.97 11.90
CA LYS D 812 -92.11 118.85 13.01
C LYS D 812 -91.72 120.25 12.51
N PHE D 813 -91.02 120.32 11.39
CA PHE D 813 -90.61 121.57 10.78
C PHE D 813 -91.24 121.71 9.41
N LEU D 814 -91.48 122.96 9.03
CA LEU D 814 -92.10 123.26 7.75
C LEU D 814 -91.18 122.82 6.60
N PRO D 815 -91.73 122.15 5.58
CA PRO D 815 -90.92 121.78 4.42
C PRO D 815 -90.37 123.01 3.73
N PRO D 816 -89.19 122.91 3.12
CA PRO D 816 -88.65 124.03 2.35
C PRO D 816 -89.58 124.38 1.20
N PRO D 817 -89.59 125.64 0.76
CA PRO D 817 -90.56 126.05 -0.27
C PRO D 817 -90.45 125.21 -1.52
N GLY D 818 -91.60 124.80 -2.04
CA GLY D 818 -91.64 123.99 -3.24
C GLY D 818 -91.17 122.56 -3.06
N TYR D 819 -91.21 122.03 -1.85
CA TYR D 819 -90.76 120.66 -1.58
C TYR D 819 -91.97 119.84 -1.14
N ALA D 820 -92.45 118.98 -2.03
CA ALA D 820 -93.62 118.16 -1.73
C ALA D 820 -93.27 117.10 -0.68
N PRO D 821 -94.23 116.79 0.20
CA PRO D 821 -94.01 115.69 1.15
C PRO D 821 -94.00 114.35 0.43
N CYS D 822 -93.30 113.38 1.00
CA CYS D 822 -93.07 112.12 0.31
C CYS D 822 -94.32 111.25 0.23
N TYR D 823 -95.31 111.49 1.10
CA TYR D 823 -96.51 110.66 1.08
C TYR D 823 -97.34 110.88 -0.17
N GLU D 824 -97.10 111.99 -0.89
CA GLU D 824 -97.86 112.32 -2.08
C GLU D 824 -97.45 111.52 -3.31
N ALA D 825 -96.37 110.73 -3.21
CA ALA D 825 -95.92 109.91 -4.32
C ALA D 825 -96.56 108.52 -4.34
N VAL D 826 -97.37 108.18 -3.34
CA VAL D 826 -98.01 106.87 -3.32
C VAL D 826 -99.04 106.78 -4.42
N LEU D 827 -99.04 105.64 -5.13
CA LEU D 827 -100.02 105.40 -6.16
C LEU D 827 -101.41 105.30 -5.54
N PRO D 828 -102.46 105.70 -6.27
CA PRO D 828 -103.81 105.76 -5.68
C PRO D 828 -104.28 104.46 -5.05
N LYS D 829 -104.31 103.38 -5.83
CA LYS D 829 -104.80 102.10 -5.31
C LYS D 829 -103.82 101.43 -4.38
N GLU D 830 -102.56 101.84 -4.38
CA GLU D 830 -101.57 101.27 -3.48
C GLU D 830 -101.56 102.00 -2.14
N LYS D 831 -101.29 101.24 -1.08
CA LYS D 831 -101.31 101.75 0.28
C LYS D 831 -99.88 101.89 0.77
N LEU D 832 -99.56 103.06 1.33
CA LEU D 832 -98.21 103.31 1.82
C LEU D 832 -97.94 102.50 3.08
N LYS D 833 -96.92 101.65 3.01
CA LYS D 833 -96.50 100.83 4.14
C LYS D 833 -94.98 100.86 4.21
N VAL D 834 -94.44 100.65 5.41
CA VAL D 834 -92.99 100.58 5.60
C VAL D 834 -92.60 99.11 5.72
N GLU D 835 -91.71 98.66 4.83
CA GLU D 835 -91.29 97.27 4.78
C GLU D 835 -89.79 97.18 4.89
N HIS D 836 -89.29 95.95 4.86
CA HIS D 836 -87.86 95.71 4.78
C HIS D 836 -87.34 96.13 3.41
N SER D 837 -86.15 96.73 3.38
CA SER D 837 -85.54 97.07 2.10
C SER D 837 -85.22 95.81 1.30
N ARG D 838 -84.82 94.74 1.98
CA ARG D 838 -84.54 93.48 1.34
C ARG D 838 -85.75 92.54 1.44
N GLU D 839 -85.76 91.52 0.59
CA GLU D 839 -86.95 90.69 0.45
C GLU D 839 -87.01 89.58 1.51
N TYR D 840 -85.87 89.19 2.06
CA TYR D 840 -85.83 88.15 3.08
C TYR D 840 -85.72 88.77 4.47
N LYS D 841 -86.52 88.25 5.41
CA LYS D 841 -86.58 88.74 6.77
C LYS D 841 -86.60 87.55 7.73
N GLN D 842 -86.74 87.84 9.02
CA GLN D 842 -86.77 86.80 10.03
C GLN D 842 -88.15 86.16 10.12
N GLU D 843 -88.18 84.84 10.00
CA GLU D 843 -89.40 84.05 10.06
C GLU D 843 -89.00 82.58 10.06
N ARG D 844 -90.00 81.71 10.20
CA ARG D 844 -89.75 80.27 10.21
C ARG D 844 -89.22 79.81 8.86
N THR D 845 -88.32 78.82 8.89
CA THR D 845 -87.68 78.37 7.66
C THR D 845 -88.68 77.73 6.70
N TYR D 846 -89.66 76.98 7.22
CA TYR D 846 -90.64 76.37 6.35
C TYR D 846 -91.70 77.38 5.88
N THR D 847 -91.96 78.42 6.70
CA THR D 847 -92.86 79.48 6.26
C THR D 847 -92.14 80.54 5.43
N ARG D 848 -90.83 80.45 5.31
CA ARG D 848 -90.06 81.44 4.56
C ARG D 848 -90.48 81.46 3.11
N ASP D 849 -90.87 82.64 2.63
CA ASP D 849 -91.26 82.83 1.23
C ASP D 849 -90.01 83.12 0.42
N LEU D 850 -89.68 82.21 -0.49
CA LEU D 850 -88.52 82.38 -1.35
C LEU D 850 -88.95 83.13 -2.60
N LEU D 851 -88.33 84.29 -2.85
CA LEU D 851 -88.67 85.14 -3.96
C LEU D 851 -87.62 85.03 -5.06
N GLY D 852 -88.05 84.78 -6.29
CA GLY D 852 -87.18 84.82 -7.43
C GLY D 852 -87.01 86.23 -7.94
N PRO D 853 -86.41 86.39 -9.11
CA PRO D 853 -86.29 87.73 -9.69
C PRO D 853 -87.65 88.35 -9.93
N THR D 854 -87.74 89.65 -9.69
CA THR D 854 -88.98 90.39 -9.88
C THR D 854 -88.92 91.21 -11.16
N VAL D 855 -90.10 91.44 -11.74
CA VAL D 855 -90.18 92.25 -12.95
C VAL D 855 -89.81 93.70 -12.63
N SER D 856 -89.10 94.33 -13.57
CA SER D 856 -88.70 95.72 -13.40
C SER D 856 -89.94 96.61 -13.36
N LEU D 857 -89.96 97.55 -12.42
CA LEU D 857 -91.11 98.42 -12.25
C LEU D 857 -91.03 99.64 -13.16
N THR D 858 -90.91 99.40 -14.47
CA THR D 858 -90.94 100.51 -15.43
C THR D 858 -92.32 101.14 -15.48
N GLN D 859 -93.38 100.39 -15.14
CA GLN D 859 -94.72 100.94 -15.16
C GLN D 859 -94.92 101.95 -14.03
N ALA D 860 -94.05 101.94 -13.03
CA ALA D 860 -94.14 102.95 -11.97
C ALA D 860 -93.96 104.35 -12.52
N ALA D 861 -92.99 104.53 -13.42
CA ALA D 861 -92.85 105.80 -14.13
C ALA D 861 -93.85 105.87 -15.26
N PHE D 862 -94.57 106.98 -15.34
CA PHE D 862 -95.62 107.19 -16.33
C PHE D 862 -95.13 108.18 -17.37
N THR D 863 -95.12 107.75 -18.63
CA THR D 863 -94.72 108.60 -19.75
C THR D 863 -95.73 108.43 -20.88
N PRO D 864 -96.36 109.51 -21.34
CA PRO D 864 -97.33 109.39 -22.43
C PRO D 864 -96.64 109.01 -23.73
N ILE D 865 -97.18 107.99 -24.40
CA ILE D 865 -96.63 107.53 -25.67
C ILE D 865 -97.75 107.53 -26.71
N PRO D 866 -98.13 108.69 -27.25
CA PRO D 866 -99.08 108.71 -28.35
C PRO D 866 -98.40 108.40 -29.68
N VAL D 867 -99.10 107.66 -30.53
CA VAL D 867 -98.57 107.35 -31.86
C VAL D 867 -98.71 108.58 -32.75
N ASP D 868 -97.63 108.92 -33.45
CA ASP D 868 -97.67 110.05 -34.37
C ASP D 868 -98.51 109.71 -35.59
N THR D 869 -99.39 110.63 -35.96
CA THR D 869 -100.31 110.41 -37.07
C THR D 869 -100.08 111.35 -38.25
N SER D 870 -99.11 112.27 -38.16
CA SER D 870 -98.88 113.23 -39.24
C SER D 870 -98.45 112.52 -40.52
N GLN D 871 -97.75 111.40 -40.39
CA GLN D 871 -97.31 110.67 -41.58
C GLN D 871 -98.48 110.03 -42.31
N ILE D 872 -99.56 109.69 -41.59
CA ILE D 872 -100.74 109.14 -42.23
C ILE D 872 -101.44 110.26 -43.02
N VAL D 873 -101.73 109.98 -44.29
CA VAL D 873 -102.43 110.92 -45.16
C VAL D 873 -103.82 110.35 -45.44
N LEU D 874 -104.83 111.20 -45.40
CA LEU D 874 -106.19 110.76 -45.63
C LEU D 874 -106.42 110.51 -47.12
N PRO D 875 -107.02 109.38 -47.50
CA PRO D 875 -107.54 109.23 -48.87
C PRO D 875 -108.62 110.26 -49.13
N PRO D 876 -108.77 110.71 -50.38
CA PRO D 876 -109.74 111.79 -50.68
C PRO D 876 -111.18 111.50 -50.28
N HIS D 877 -111.61 110.24 -50.40
CA HIS D 877 -112.97 109.88 -50.01
C HIS D 877 -113.15 109.96 -48.50
N LEU D 878 -112.22 109.36 -47.76
CA LEU D 878 -112.23 109.52 -46.32
C LEU D 878 -112.07 110.99 -45.95
N GLU D 879 -111.56 111.80 -46.89
CA GLU D 879 -111.42 113.21 -46.62
C GLU D 879 -112.73 113.99 -46.78
N ARG D 880 -113.56 113.74 -47.83
CA ARG D 880 -114.91 114.33 -47.76
C ARG D 880 -115.52 113.96 -46.44
N ILE D 881 -115.47 112.66 -46.13
CA ILE D 881 -116.10 112.17 -44.91
C ILE D 881 -115.47 112.84 -43.71
N ARG D 882 -114.21 113.27 -43.81
CA ARG D 882 -113.58 113.96 -42.71
C ARG D 882 -114.23 115.30 -42.45
N GLU D 883 -114.40 116.15 -43.48
CA GLU D 883 -115.02 117.45 -43.18
C GLU D 883 -116.49 117.26 -42.79
N LYS D 884 -117.19 116.37 -43.49
CA LYS D 884 -118.61 116.16 -43.18
C LYS D 884 -118.80 115.64 -41.76
N LEU D 885 -117.95 114.68 -41.35
CA LEU D 885 -118.02 114.21 -39.98
C LEU D 885 -117.48 115.24 -39.00
N ALA D 886 -116.70 116.22 -39.46
CA ALA D 886 -116.35 117.32 -38.56
C ALA D 886 -117.57 118.16 -38.22
N GLU D 887 -118.40 118.45 -39.23
CA GLU D 887 -119.68 119.07 -38.92
C GLU D 887 -120.52 118.17 -38.01
N ASN D 888 -120.57 116.88 -38.32
CA ASN D 888 -121.24 115.93 -37.44
C ASN D 888 -120.68 115.96 -36.02
N ILE D 889 -119.37 116.20 -35.87
CA ILE D 889 -118.75 116.24 -34.55
C ILE D 889 -119.17 117.48 -33.77
N HIS D 890 -119.26 118.65 -34.40
CA HIS D 890 -119.69 119.78 -33.56
C HIS D 890 -121.16 119.58 -33.20
N GLU D 891 -121.94 118.97 -34.11
CA GLU D 891 -123.30 118.58 -33.75
C GLU D 891 -123.34 117.65 -32.54
N LEU D 892 -122.54 116.58 -32.54
CA LEU D 892 -122.49 115.68 -31.40
C LEU D 892 -122.01 116.36 -30.13
N TRP D 893 -121.08 117.31 -30.25
CA TRP D 893 -120.59 117.98 -29.05
C TRP D 893 -121.69 118.82 -28.42
N VAL D 894 -122.39 119.64 -29.23
CA VAL D 894 -123.45 120.45 -28.67
C VAL D 894 -124.60 119.57 -28.18
N MET D 895 -124.79 118.40 -28.79
CA MET D 895 -125.83 117.50 -28.30
C MET D 895 -125.44 116.86 -26.98
N ASN D 896 -124.16 116.53 -26.79
CA ASN D 896 -123.71 116.12 -25.47
C ASN D 896 -123.91 117.23 -24.45
N LYS D 897 -123.64 118.48 -24.85
CA LYS D 897 -123.84 119.61 -23.96
C LYS D 897 -125.31 119.72 -23.54
N ILE D 898 -126.24 119.50 -24.47
CA ILE D 898 -127.66 119.55 -24.14
C ILE D 898 -128.14 118.30 -23.40
N GLU D 899 -127.47 117.16 -23.59
CA GLU D 899 -127.80 115.96 -22.81
C GLU D 899 -127.34 116.10 -21.36
N LEU D 900 -126.28 116.88 -21.13
CA LEU D 900 -125.86 117.13 -19.76
C LEU D 900 -126.89 117.94 -18.97
N GLY D 901 -127.91 118.50 -19.63
CA GLY D 901 -128.84 119.36 -18.95
C GLY D 901 -128.25 120.67 -18.50
N TRP D 902 -127.44 121.30 -19.33
CA TRP D 902 -126.69 122.48 -18.93
C TRP D 902 -127.46 123.72 -19.40
N GLN D 903 -127.10 124.89 -18.92
CA GLN D 903 -127.82 126.12 -19.23
C GLN D 903 -126.97 127.04 -20.09
N TYR D 904 -127.63 127.86 -20.89
CA TYR D 904 -126.97 128.80 -21.78
C TYR D 904 -127.13 130.22 -21.26
N GLY D 905 -126.03 130.97 -21.25
CA GLY D 905 -126.04 132.33 -20.74
C GLY D 905 -125.06 133.23 -21.48
N PRO D 906 -124.99 134.50 -21.06
CA PRO D 906 -124.15 135.47 -21.77
C PRO D 906 -122.66 135.30 -21.50
N VAL D 907 -122.30 134.85 -20.31
CA VAL D 907 -120.90 134.77 -19.91
C VAL D 907 -120.48 133.31 -19.88
N ARG D 908 -119.18 133.06 -20.05
CA ARG D 908 -118.63 131.71 -20.16
C ARG D 908 -118.07 131.24 -18.81
N ASP D 909 -118.96 131.10 -17.83
CA ASP D 909 -118.59 130.73 -16.48
C ASP D 909 -119.27 129.44 -16.07
N ASP D 910 -118.47 128.45 -15.62
CA ASP D 910 -119.04 127.19 -15.16
C ASP D 910 -119.62 127.32 -13.75
N ASN D 911 -119.00 128.16 -12.91
CA ASN D 911 -119.46 128.28 -11.53
C ASN D 911 -120.86 128.88 -11.46
N LYS D 912 -121.15 129.89 -12.29
CA LYS D 912 -122.48 130.48 -12.28
C LYS D 912 -123.42 129.71 -13.20
N ARG D 913 -122.90 128.68 -13.87
CA ARG D 913 -123.67 127.65 -14.59
C ARG D 913 -124.25 128.15 -15.91
N GLN D 914 -123.60 129.08 -16.59
CA GLN D 914 -124.04 129.56 -17.89
C GLN D 914 -122.88 129.50 -18.89
N HIS D 915 -123.17 129.02 -20.10
CA HIS D 915 -122.23 129.04 -21.22
C HIS D 915 -123.01 129.24 -22.51
N PRO D 916 -122.59 130.17 -23.38
CA PRO D 916 -123.25 130.33 -24.68
C PRO D 916 -122.79 129.34 -25.73
N CYS D 917 -122.15 128.24 -25.34
CA CYS D 917 -121.60 127.26 -26.27
C CYS D 917 -122.53 126.08 -26.51
N LEU D 918 -123.84 126.30 -26.49
CA LEU D 918 -124.80 125.21 -26.50
C LEU D 918 -125.58 125.09 -27.81
N VAL D 919 -125.66 126.15 -28.60
CA VAL D 919 -126.64 126.18 -29.69
C VAL D 919 -126.01 125.72 -31.00
N GLU D 920 -125.00 126.44 -31.50
CA GLU D 920 -124.39 126.00 -32.76
C GLU D 920 -122.88 126.23 -32.72
N PHE D 921 -122.24 125.94 -33.87
CA PHE D 921 -120.80 126.10 -33.97
C PHE D 921 -120.42 127.57 -34.14
N SER D 922 -121.25 128.36 -34.83
CA SER D 922 -120.91 129.76 -35.04
C SER D 922 -121.08 130.56 -33.75
N LYS D 923 -122.02 130.14 -32.88
CA LYS D 923 -122.14 130.76 -31.57
C LYS D 923 -120.87 130.53 -30.75
N LEU D 924 -120.17 129.43 -31.01
CA LEU D 924 -118.87 129.20 -30.41
C LEU D 924 -117.84 130.17 -30.97
N PRO D 925 -116.74 130.38 -30.26
CA PRO D 925 -115.57 131.00 -30.88
C PRO D 925 -115.12 130.17 -32.08
N GLU D 926 -114.76 130.86 -33.16
CA GLU D 926 -114.38 130.15 -34.38
C GLU D 926 -113.10 129.38 -34.18
N GLN D 927 -112.16 129.91 -33.38
CA GLN D 927 -110.95 129.18 -33.06
C GLN D 927 -111.25 127.91 -32.25
N GLU D 928 -112.20 127.99 -31.31
CA GLU D 928 -112.59 126.80 -30.56
C GLU D 928 -113.23 125.76 -31.48
N ARG D 929 -114.09 126.20 -32.40
CA ARG D 929 -114.71 125.26 -33.34
C ARG D 929 -113.65 124.63 -34.23
N ASN D 930 -112.66 125.42 -34.66
CA ASN D 930 -111.57 124.89 -35.47
C ASN D 930 -110.74 123.88 -34.70
N TYR D 931 -110.48 124.12 -33.41
CA TYR D 931 -109.75 123.14 -32.62
C TYR D 931 -110.57 121.88 -32.42
N ASN D 932 -111.89 122.02 -32.29
CA ASN D 932 -112.77 120.86 -32.22
C ASN D 932 -112.66 120.04 -33.50
N LEU D 933 -112.69 120.71 -34.64
CA LEU D 933 -112.53 120.05 -35.94
C LEU D 933 -111.19 119.35 -36.03
N GLN D 934 -110.13 120.00 -35.56
CA GLN D 934 -108.81 119.42 -35.72
C GLN D 934 -108.61 118.24 -34.77
N MET D 935 -109.25 118.26 -33.60
CA MET D 935 -109.10 117.10 -32.70
C MET D 935 -109.94 115.94 -33.20
N SER D 936 -111.07 116.22 -33.86
CA SER D 936 -111.80 115.14 -34.54
C SER D 936 -110.95 114.56 -35.68
N LEU D 937 -110.26 115.44 -36.41
CA LEU D 937 -109.33 115.00 -37.45
C LEU D 937 -108.22 114.13 -36.86
N GLU D 938 -107.69 114.52 -35.71
CA GLU D 938 -106.63 113.75 -35.06
C GLU D 938 -107.18 112.43 -34.54
N THR D 939 -108.42 112.42 -34.05
CA THR D 939 -109.04 111.18 -33.59
C THR D 939 -109.21 110.20 -34.73
N LEU D 940 -109.65 110.67 -35.90
CA LEU D 940 -109.79 109.75 -37.03
C LEU D 940 -108.43 109.37 -37.61
N LYS D 941 -107.43 110.25 -37.49
CA LYS D 941 -106.07 109.84 -37.86
C LYS D 941 -105.53 108.78 -36.90
N THR D 942 -105.91 108.84 -35.63
CA THR D 942 -105.59 107.76 -34.70
C THR D 942 -106.30 106.46 -35.10
N LEU D 943 -107.58 106.57 -35.47
CA LEU D 943 -108.30 105.41 -36.02
C LEU D 943 -107.55 104.79 -37.18
N LEU D 944 -107.01 105.62 -38.08
CA LEU D 944 -106.20 105.12 -39.20
C LEU D 944 -104.88 104.52 -38.71
N ALA D 945 -104.24 105.16 -37.72
CA ALA D 945 -102.94 104.72 -37.24
C ALA D 945 -103.02 103.33 -36.63
N LEU D 946 -104.12 103.03 -35.91
CA LEU D 946 -104.30 101.68 -35.39
C LEU D 946 -104.60 100.69 -36.52
N GLY D 947 -104.87 101.19 -37.73
CA GLY D 947 -104.89 100.35 -38.91
C GLY D 947 -106.24 99.87 -39.37
N CYS D 948 -107.31 100.60 -39.08
CA CYS D 948 -108.63 100.17 -39.51
C CYS D 948 -108.75 100.19 -41.02
N HIS D 949 -109.21 99.08 -41.59
CA HIS D 949 -109.44 99.03 -43.03
C HIS D 949 -110.64 99.90 -43.39
N VAL D 950 -110.44 100.80 -44.34
CA VAL D 950 -111.49 101.73 -44.73
C VAL D 950 -112.66 100.97 -45.34
N GLY D 951 -113.85 101.22 -44.82
CA GLY D 951 -115.04 100.54 -45.30
C GLY D 951 -116.22 101.48 -45.35
N ILE D 952 -117.09 101.23 -46.33
CA ILE D 952 -118.28 102.05 -46.56
C ILE D 952 -119.45 101.13 -46.86
N SER D 953 -120.62 101.46 -46.31
CA SER D 953 -121.79 100.61 -46.52
C SER D 953 -122.35 100.79 -47.93
N ASP D 954 -122.78 102.00 -48.26
CA ASP D 954 -123.34 102.30 -49.56
C ASP D 954 -123.37 103.81 -49.77
N GLU D 955 -123.56 104.22 -51.03
CA GLU D 955 -123.54 105.64 -51.36
C GLU D 955 -124.80 106.35 -50.89
N HIS D 956 -125.92 105.65 -50.82
CA HIS D 956 -127.14 106.28 -50.31
C HIS D 956 -127.01 106.63 -48.84
N ALA D 957 -126.41 105.75 -48.04
CA ALA D 957 -126.20 106.01 -46.63
C ALA D 957 -125.28 107.19 -46.38
N GLU D 958 -124.50 107.60 -47.38
CA GLU D 958 -123.70 108.80 -47.32
C GLU D 958 -124.42 110.03 -47.83
N ASP D 959 -125.11 109.93 -48.97
CA ASP D 959 -125.81 111.08 -49.53
C ASP D 959 -126.96 111.52 -48.64
N LYS D 960 -127.74 110.58 -48.11
CA LYS D 960 -128.89 110.88 -47.29
C LYS D 960 -128.77 110.12 -45.97
N VAL D 961 -128.51 110.86 -44.90
CA VAL D 961 -128.50 110.30 -43.55
C VAL D 961 -129.82 110.65 -42.89
N LYS D 962 -130.31 109.73 -42.06
CA LYS D 962 -131.60 109.95 -41.41
C LYS D 962 -131.44 110.94 -40.25
N LYS D 963 -132.57 111.52 -39.84
CA LYS D 963 -132.62 112.54 -38.77
C LYS D 963 -133.65 112.08 -37.75
N MET D 964 -133.19 111.46 -36.66
CA MET D 964 -134.12 111.10 -35.59
C MET D 964 -134.61 112.36 -34.90
N LYS D 965 -135.86 112.35 -34.45
CA LYS D 965 -136.42 113.48 -33.72
C LYS D 965 -136.59 113.07 -32.26
N LEU D 966 -136.05 113.89 -31.36
CA LEU D 966 -136.27 113.74 -29.93
C LEU D 966 -137.39 114.67 -29.51
N PRO D 967 -137.98 114.49 -28.33
CA PRO D 967 -139.07 115.39 -27.91
C PRO D 967 -138.58 116.83 -27.81
N LYS D 968 -139.55 117.75 -27.69
CA LYS D 968 -139.23 119.17 -27.66
C LYS D 968 -138.36 119.53 -26.48
N ASN D 969 -138.48 118.78 -25.37
CA ASN D 969 -137.65 119.05 -24.20
C ASN D 969 -136.18 118.83 -24.51
N TYR D 970 -135.85 117.78 -25.25
CA TYR D 970 -134.48 117.49 -25.63
C TYR D 970 -134.12 117.99 -27.02
N GLN D 971 -135.01 118.77 -27.64
CA GLN D 971 -134.77 119.38 -28.94
C GLN D 971 -133.79 120.53 -28.79
N LEU D 972 -132.76 120.53 -29.63
CA LEU D 972 -131.77 121.60 -29.59
C LEU D 972 -132.40 122.91 -30.05
N THR D 973 -131.92 124.02 -29.47
CA THR D 973 -132.43 125.33 -29.85
C THR D 973 -132.10 125.64 -31.31
N SER D 974 -130.97 125.12 -31.81
CA SER D 974 -130.63 125.31 -33.20
C SER D 974 -131.48 124.41 -34.09
N GLY D 975 -131.33 124.58 -35.40
CA GLY D 975 -132.12 123.82 -36.36
C GLY D 975 -131.62 122.43 -36.65
N TYR D 976 -130.53 122.01 -36.02
CA TYR D 976 -129.97 120.70 -36.27
C TYR D 976 -130.87 119.61 -35.69
N LYS D 977 -130.71 118.40 -36.23
CA LYS D 977 -131.44 117.24 -35.74
C LYS D 977 -131.02 116.95 -34.30
N PRO D 978 -131.95 116.58 -33.42
CA PRO D 978 -131.57 116.34 -32.01
C PRO D 978 -130.51 115.27 -31.84
N ALA D 979 -130.37 114.36 -32.79
CA ALA D 979 -129.31 113.36 -32.80
C ALA D 979 -129.22 112.79 -34.21
N PRO D 980 -128.09 112.21 -34.59
CA PRO D 980 -128.01 111.61 -35.94
C PRO D 980 -128.99 110.46 -36.15
N MET D 981 -128.94 109.43 -35.32
CA MET D 981 -129.92 108.33 -35.37
C MET D 981 -129.78 107.48 -34.12
N ASP D 982 -130.91 106.98 -33.63
CA ASP D 982 -130.98 106.41 -32.28
C ASP D 982 -130.10 105.17 -32.14
N LEU D 983 -129.57 104.99 -30.93
CA LEU D 983 -128.56 103.96 -30.66
C LEU D 983 -129.13 102.55 -30.72
N SER D 984 -130.45 102.42 -30.79
CA SER D 984 -131.04 101.08 -30.73
C SER D 984 -130.69 100.25 -31.97
N PHE D 985 -130.85 100.83 -33.16
CA PHE D 985 -130.64 100.08 -34.39
C PHE D 985 -129.16 99.81 -34.67
N ILE D 986 -128.25 100.52 -34.01
CA ILE D 986 -126.82 100.35 -34.22
C ILE D 986 -126.21 99.69 -32.99
N LYS D 987 -125.73 98.46 -33.16
CA LYS D 987 -124.94 97.77 -32.15
C LYS D 987 -123.51 97.70 -32.63
N LEU D 988 -122.59 98.18 -31.80
CA LEU D 988 -121.19 98.29 -32.21
C LEU D 988 -120.41 97.06 -31.76
N THR D 989 -119.63 96.48 -32.68
CA THR D 989 -118.99 95.21 -32.42
C THR D 989 -117.82 95.39 -31.45
N PRO D 990 -117.46 94.35 -30.68
CA PRO D 990 -116.31 94.47 -29.76
C PRO D 990 -115.00 94.79 -30.45
N SER D 991 -114.87 94.43 -31.73
CA SER D 991 -113.67 94.75 -32.48
C SER D 991 -113.43 96.25 -32.51
N GLN D 992 -114.48 97.05 -32.71
CA GLN D 992 -114.35 98.49 -32.62
C GLN D 992 -114.58 99.01 -31.20
N GLU D 993 -115.15 98.21 -30.30
CA GLU D 993 -115.23 98.62 -28.89
C GLU D 993 -113.84 98.74 -28.28
N ALA D 994 -112.96 97.76 -28.55
CA ALA D 994 -111.57 97.88 -28.11
C ALA D 994 -110.85 98.98 -28.87
N MET D 995 -111.22 99.20 -30.13
CA MET D 995 -110.71 100.30 -30.93
C MET D 995 -110.96 101.65 -30.23
N VAL D 996 -112.17 101.86 -29.72
CA VAL D 996 -112.50 103.09 -29.00
C VAL D 996 -111.72 103.17 -27.70
N ASP D 997 -111.49 102.04 -27.03
CA ASP D 997 -110.67 102.05 -25.83
C ASP D 997 -109.27 102.54 -26.14
N LYS D 998 -108.67 102.04 -27.22
CA LYS D 998 -107.34 102.50 -27.62
C LYS D 998 -107.36 103.99 -27.97
N LEU D 999 -108.43 104.45 -28.60
CA LEU D 999 -108.60 105.89 -28.80
C LEU D 999 -108.58 106.63 -27.47
N ALA D 1000 -109.22 106.06 -26.44
CA ALA D 1000 -109.24 106.69 -25.13
C ALA D 1000 -107.84 106.78 -24.53
N GLU D 1001 -107.07 105.70 -24.61
CA GLU D 1001 -105.70 105.78 -24.10
C GLU D 1001 -104.88 106.81 -24.86
N ASN D 1002 -105.02 106.86 -26.19
CA ASN D 1002 -104.20 107.80 -26.96
C ASN D 1002 -104.61 109.25 -26.68
N ALA D 1003 -105.91 109.51 -26.53
CA ALA D 1003 -106.36 110.86 -26.19
C ALA D 1003 -105.87 111.26 -24.80
N HIS D 1004 -105.92 110.32 -23.85
CA HIS D 1004 -105.38 110.61 -22.52
C HIS D 1004 -103.90 110.90 -22.58
N ASN D 1005 -103.15 110.17 -23.40
CA ASN D 1005 -101.73 110.43 -23.55
C ASN D 1005 -101.46 111.78 -24.19
N VAL D 1006 -102.29 112.18 -25.17
CA VAL D 1006 -102.14 113.49 -25.79
C VAL D 1006 -102.38 114.59 -24.76
N TRP D 1007 -103.44 114.45 -23.95
CA TRP D 1007 -103.71 115.43 -22.91
C TRP D 1007 -102.57 115.46 -21.90
N ALA D 1008 -102.01 114.29 -21.58
CA ALA D 1008 -100.92 114.21 -20.62
C ALA D 1008 -99.65 114.88 -21.14
N ARG D 1009 -99.31 114.69 -22.41
CA ARG D 1009 -98.15 115.40 -22.95
C ARG D 1009 -98.42 116.88 -23.05
N ASP D 1010 -99.68 117.28 -23.29
CA ASP D 1010 -100.01 118.70 -23.24
C ASP D 1010 -99.75 119.27 -21.84
N ARG D 1011 -100.16 118.53 -20.80
CA ARG D 1011 -99.88 118.96 -19.44
C ARG D 1011 -98.39 119.00 -19.15
N ILE D 1012 -97.65 118.03 -19.68
CA ILE D 1012 -96.20 118.01 -19.50
C ILE D 1012 -95.55 119.22 -20.16
N ARG D 1013 -95.98 119.57 -21.37
CA ARG D 1013 -95.48 120.77 -22.03
C ARG D 1013 -95.81 122.02 -21.20
N GLN D 1014 -97.02 122.06 -20.65
CA GLN D 1014 -97.38 123.15 -19.73
C GLN D 1014 -96.54 123.14 -18.47
N GLY D 1015 -95.96 121.98 -18.11
CA GLY D 1015 -95.19 121.86 -16.89
C GLY D 1015 -95.91 121.18 -15.75
N TRP D 1016 -97.11 120.64 -15.98
CA TRP D 1016 -97.89 120.04 -14.91
C TRP D 1016 -97.28 118.70 -14.49
N THR D 1017 -97.49 118.36 -13.22
CA THR D 1017 -96.99 117.10 -12.65
C THR D 1017 -98.09 116.45 -11.82
N TYR D 1018 -97.98 115.14 -11.63
CA TYR D 1018 -98.97 114.39 -10.88
C TYR D 1018 -98.99 114.84 -9.42
N GLY D 1019 -100.20 114.99 -8.89
CA GLY D 1019 -100.40 115.33 -7.50
C GLY D 1019 -101.68 114.74 -6.96
N ILE D 1020 -101.60 114.06 -5.81
CA ILE D 1020 -102.77 113.39 -5.25
C ILE D 1020 -103.87 114.40 -4.92
N GLN D 1021 -103.47 115.65 -4.65
CA GLN D 1021 -104.41 116.73 -4.40
C GLN D 1021 -104.30 117.75 -5.52
N GLN D 1022 -105.44 118.14 -6.08
CA GLN D 1022 -105.45 119.11 -7.16
C GLN D 1022 -105.00 120.48 -6.67
N ASP D 1023 -104.04 121.07 -7.35
CA ASP D 1023 -103.51 122.39 -7.01
C ASP D 1023 -103.07 123.08 -8.30
N VAL D 1024 -103.77 124.15 -8.68
CA VAL D 1024 -103.49 124.82 -9.95
C VAL D 1024 -102.16 125.57 -9.88
N LYS D 1025 -101.84 126.18 -8.74
CA LYS D 1025 -100.65 127.02 -8.65
C LYS D 1025 -99.38 126.18 -8.75
N ASN D 1026 -99.39 124.97 -8.20
CA ASN D 1026 -98.26 124.06 -8.28
C ASN D 1026 -98.37 123.10 -9.45
N ARG D 1027 -99.37 123.28 -10.31
CA ARG D 1027 -99.59 122.44 -11.48
C ARG D 1027 -99.77 120.98 -11.10
N ARG D 1028 -100.61 120.76 -10.09
CA ARG D 1028 -100.91 119.42 -9.58
C ARG D 1028 -102.17 118.89 -10.25
N ASN D 1029 -102.10 117.64 -10.72
CA ASN D 1029 -103.24 116.98 -11.34
C ASN D 1029 -103.14 115.49 -11.09
N PRO D 1030 -104.07 114.91 -10.34
CA PRO D 1030 -104.05 113.44 -10.13
C PRO D 1030 -104.40 112.65 -11.38
N ARG D 1031 -104.89 113.31 -12.44
CA ARG D 1031 -105.30 112.58 -13.64
C ARG D 1031 -104.10 112.14 -14.46
N LEU D 1032 -102.91 112.68 -14.18
CA LEU D 1032 -101.71 112.33 -14.93
C LEU D 1032 -101.24 110.94 -14.53
N VAL D 1033 -102.01 109.93 -14.93
CA VAL D 1033 -101.73 108.53 -14.61
C VAL D 1033 -102.08 107.69 -15.83
N PRO D 1034 -101.60 106.45 -15.92
CA PRO D 1034 -102.06 105.58 -17.02
C PRO D 1034 -103.56 105.34 -16.95
N TYR D 1035 -104.14 105.04 -18.11
CA TYR D 1035 -105.59 104.92 -18.22
C TYR D 1035 -106.13 103.83 -17.31
N THR D 1036 -105.37 102.76 -17.11
CA THR D 1036 -105.77 101.72 -16.17
C THR D 1036 -105.81 102.25 -14.75
N LEU D 1037 -104.83 103.09 -14.39
CA LEU D 1037 -104.80 103.68 -13.06
C LEU D 1037 -105.69 104.91 -12.96
N LEU D 1038 -106.36 105.28 -14.06
CA LEU D 1038 -107.14 106.51 -14.07
C LEU D 1038 -108.36 106.36 -13.17
N ASP D 1039 -108.95 107.50 -12.80
CA ASP D 1039 -110.18 107.49 -12.02
C ASP D 1039 -111.33 106.91 -12.85
N ASP D 1040 -112.15 106.10 -12.19
CA ASP D 1040 -113.21 105.39 -12.88
C ASP D 1040 -114.24 106.35 -13.48
N ARG D 1041 -114.60 107.40 -12.73
CA ARG D 1041 -115.62 108.33 -13.21
C ARG D 1041 -115.16 109.07 -14.47
N THR D 1042 -113.96 109.64 -14.42
CA THR D 1042 -113.46 110.37 -15.59
C THR D 1042 -113.23 109.44 -16.77
N LYS D 1043 -112.69 108.24 -16.51
CA LYS D 1043 -112.45 107.31 -17.61
C LYS D 1043 -113.76 106.85 -18.24
N LYS D 1044 -114.79 106.60 -17.44
CA LYS D 1044 -116.06 106.21 -18.02
C LYS D 1044 -116.72 107.38 -18.75
N SER D 1045 -116.53 108.60 -18.26
CA SER D 1045 -117.09 109.77 -18.92
C SER D 1045 -116.50 109.93 -20.33
N ASN D 1046 -115.18 110.10 -20.41
CA ASN D 1046 -114.60 110.29 -21.75
C ASN D 1046 -114.70 109.01 -22.57
N LYS D 1047 -114.83 107.86 -21.91
CA LYS D 1047 -114.98 106.59 -22.59
C LYS D 1047 -116.31 106.52 -23.31
N ASP D 1048 -117.41 106.90 -22.62
CA ASP D 1048 -118.71 106.91 -23.27
C ASP D 1048 -118.78 108.02 -24.31
N SER D 1049 -118.06 109.12 -24.10
CA SER D 1049 -117.97 110.15 -25.12
C SER D 1049 -117.38 109.59 -26.42
N LEU D 1050 -116.28 108.83 -26.30
CA LEU D 1050 -115.64 108.29 -27.49
C LEU D 1050 -116.43 107.13 -28.08
N ARG D 1051 -117.07 106.31 -27.22
CA ARG D 1051 -118.06 105.35 -27.72
C ARG D 1051 -119.10 106.02 -28.59
N GLU D 1052 -119.72 107.10 -28.10
CA GLU D 1052 -120.75 107.79 -28.86
C GLU D 1052 -120.19 108.36 -30.15
N ALA D 1053 -119.01 108.97 -30.10
CA ALA D 1053 -118.40 109.53 -31.29
C ALA D 1053 -118.16 108.48 -32.37
N VAL D 1054 -117.51 107.37 -32.02
CA VAL D 1054 -117.20 106.35 -33.01
C VAL D 1054 -118.46 105.64 -33.48
N ARG D 1055 -119.42 105.43 -32.57
CA ARG D 1055 -120.67 104.79 -32.97
C ARG D 1055 -121.44 105.66 -33.96
N THR D 1056 -121.42 106.97 -33.76
CA THR D 1056 -121.96 107.89 -34.76
C THR D 1056 -121.16 107.83 -36.06
N LEU D 1057 -119.83 107.69 -35.94
CA LEU D 1057 -119.00 107.59 -37.14
C LEU D 1057 -119.41 106.39 -37.99
N LEU D 1058 -119.65 105.25 -37.35
CA LEU D 1058 -120.07 104.06 -38.08
C LEU D 1058 -121.52 104.14 -38.54
N GLY D 1059 -122.39 104.78 -37.76
CA GLY D 1059 -123.76 104.96 -38.19
C GLY D 1059 -123.89 105.95 -39.33
N TYR D 1060 -122.85 106.76 -39.55
CA TYR D 1060 -122.81 107.67 -40.67
C TYR D 1060 -122.77 106.94 -42.01
N GLY D 1061 -122.46 105.64 -41.99
CA GLY D 1061 -122.43 104.80 -43.18
C GLY D 1061 -121.03 104.31 -43.53
N TYR D 1062 -120.01 105.00 -43.04
CA TYR D 1062 -118.63 104.57 -43.30
C TYR D 1062 -118.22 103.49 -42.32
N ASN D 1063 -118.72 102.28 -42.53
CA ASN D 1063 -118.44 101.14 -41.64
C ASN D 1063 -117.02 100.67 -41.88
N LEU D 1064 -116.06 101.38 -41.29
CA LEU D 1064 -114.66 101.00 -41.41
C LEU D 1064 -114.42 99.65 -40.75
N GLU D 1065 -113.65 98.80 -41.44
CA GLU D 1065 -113.34 97.48 -40.93
C GLU D 1065 -112.30 97.58 -39.81
N ALA D 1066 -112.36 96.61 -38.91
CA ALA D 1066 -111.40 96.56 -37.80
C ALA D 1066 -110.02 96.17 -38.30
N PRO D 1067 -108.97 96.67 -37.65
CA PRO D 1067 -107.61 96.27 -38.03
C PRO D 1067 -107.30 94.81 -37.70
N ASP D 1068 -106.09 94.36 -38.00
CA ASP D 1068 -105.68 93.00 -37.69
C ASP D 1068 -105.67 92.78 -36.18
N GLN D 1069 -106.53 91.89 -35.69
CA GLN D 1069 -106.60 91.61 -34.27
C GLN D 1069 -105.28 91.01 -33.78
N ASP D 1070 -104.77 91.53 -32.67
CA ASP D 1070 -103.50 91.11 -32.12
C ASP D 1070 -103.69 89.89 -31.23
N HIS D 1071 -103.15 88.75 -31.68
CA HIS D 1071 -103.21 87.51 -30.91
C HIS D 1071 -101.84 87.11 -30.38
N ALA D 1072 -100.85 88.00 -30.46
CA ALA D 1072 -99.50 87.66 -30.02
C ALA D 1072 -99.41 87.68 -28.51
N ALA D 1073 -98.38 87.01 -27.99
CA ALA D 1073 -98.11 86.95 -26.56
C ALA D 1073 -96.65 87.25 -26.32
N ARG D 1074 -96.37 88.11 -25.34
CA ARG D 1074 -94.99 88.50 -25.02
C ARG D 1074 -94.25 87.41 -24.24
N ALA D 1075 -94.98 86.55 -23.53
CA ALA D 1075 -94.41 85.47 -22.72
C ALA D 1075 -93.56 85.99 -21.56
N GLU D 1076 -93.73 87.28 -21.24
CA GLU D 1076 -93.11 87.92 -20.08
C GLU D 1076 -91.60 87.70 -20.06
N VAL D 1077 -90.90 88.28 -21.05
CA VAL D 1077 -89.45 88.18 -21.10
C VAL D 1077 -88.77 89.13 -20.12
N CYS D 1078 -89.46 90.16 -19.66
CA CYS D 1078 -88.90 91.14 -18.74
C CYS D 1078 -88.48 90.51 -17.42
N SER D 1079 -87.38 90.99 -16.84
CA SER D 1079 -86.89 90.47 -15.57
C SER D 1079 -86.02 91.53 -14.91
N GLY D 1080 -85.81 91.37 -13.62
CA GLY D 1080 -84.93 92.26 -12.88
C GLY D 1080 -83.50 92.18 -13.38
N THR D 1081 -82.94 93.33 -13.78
CA THR D 1081 -81.62 93.39 -14.38
C THR D 1081 -81.52 92.44 -15.56
N GLY D 1082 -80.82 91.33 -15.40
CA GLY D 1082 -80.71 90.34 -16.46
C GLY D 1082 -80.81 88.92 -15.95
N GLU D 1083 -81.11 88.77 -14.66
CA GLU D 1083 -81.20 87.44 -14.07
C GLU D 1083 -82.59 86.86 -14.31
N ARG D 1084 -82.65 85.68 -14.94
CA ARG D 1084 -83.91 85.03 -15.23
C ARG D 1084 -84.40 84.13 -14.12
N PHE D 1085 -83.51 83.65 -13.26
CA PHE D 1085 -83.89 82.74 -12.19
C PHE D 1085 -82.86 82.83 -11.07
N ARG D 1086 -83.32 82.59 -9.84
CA ARG D 1086 -82.45 82.51 -8.68
C ARG D 1086 -82.50 81.09 -8.13
N ILE D 1087 -81.32 80.49 -7.94
CA ILE D 1087 -81.21 79.10 -7.51
C ILE D 1087 -81.04 79.07 -6.00
N PHE D 1088 -81.89 78.28 -5.33
CA PHE D 1088 -81.83 78.13 -3.88
C PHE D 1088 -81.53 76.67 -3.57
N ARG D 1089 -80.57 76.44 -2.70
CA ARG D 1089 -80.10 75.09 -2.38
C ARG D 1089 -79.63 75.03 -0.94
N ALA D 1090 -79.56 73.80 -0.42
CA ALA D 1090 -79.04 73.57 0.92
C ALA D 1090 -77.51 73.60 0.90
N GLU D 1091 -76.92 73.58 2.08
CA GLU D 1091 -75.47 73.63 2.21
C GLU D 1091 -74.85 72.34 1.66
N LYS D 1092 -73.63 72.46 1.16
CA LYS D 1092 -72.93 71.30 0.58
C LYS D 1092 -72.65 70.25 1.64
N THR D 1093 -72.34 70.67 2.87
CA THR D 1093 -72.00 69.72 3.93
C THR D 1093 -73.16 68.80 4.26
N TYR D 1094 -74.39 69.21 3.96
CA TYR D 1094 -75.57 68.39 4.21
C TYR D 1094 -75.84 67.39 3.10
N ALA D 1095 -74.86 67.12 2.24
CA ALA D 1095 -75.06 66.17 1.16
C ALA D 1095 -75.26 64.77 1.71
N VAL D 1096 -76.11 63.99 1.04
CA VAL D 1096 -76.42 62.63 1.45
C VAL D 1096 -75.78 61.66 0.47
N LYS D 1097 -75.01 60.72 1.00
CA LYS D 1097 -74.36 59.69 0.19
C LYS D 1097 -75.19 58.41 0.09
N ALA D 1098 -75.80 57.98 1.19
CA ALA D 1098 -76.72 56.85 1.19
C ALA D 1098 -77.99 57.27 1.91
N GLY D 1099 -78.90 56.32 2.07
CA GLY D 1099 -80.16 56.59 2.72
C GLY D 1099 -81.31 56.73 1.75
N ARG D 1100 -82.40 57.32 2.25
CA ARG D 1100 -83.64 57.45 1.50
C ARG D 1100 -84.43 58.59 2.11
N TRP D 1101 -84.48 59.72 1.40
CA TRP D 1101 -84.85 61.00 2.01
C TRP D 1101 -86.03 61.63 1.29
N TYR D 1102 -86.71 62.53 1.99
CA TYR D 1102 -87.93 63.18 1.52
C TYR D 1102 -87.96 64.64 1.96
N PHE D 1103 -88.42 65.51 1.07
CA PHE D 1103 -88.69 66.91 1.40
C PHE D 1103 -89.78 67.43 0.48
N GLU D 1104 -90.43 68.52 0.89
CA GLU D 1104 -91.56 69.08 0.18
C GLU D 1104 -91.24 70.48 -0.33
N PHE D 1105 -91.86 70.83 -1.46
CA PHE D 1105 -91.76 72.17 -2.04
C PHE D 1105 -93.16 72.69 -2.27
N GLU D 1106 -93.50 73.81 -1.63
CA GLU D 1106 -94.82 74.42 -1.72
C GLU D 1106 -94.78 75.54 -2.75
N THR D 1107 -95.61 75.43 -3.79
CA THR D 1107 -95.63 76.43 -4.84
C THR D 1107 -96.63 77.53 -4.50
N VAL D 1108 -96.12 78.66 -4.00
CA VAL D 1108 -96.99 79.78 -3.66
C VAL D 1108 -97.64 80.36 -4.92
N THR D 1109 -96.86 80.59 -5.96
CA THR D 1109 -97.36 81.14 -7.22
C THR D 1109 -96.96 80.22 -8.37
N ALA D 1110 -97.94 79.84 -9.18
CA ALA D 1110 -97.69 78.96 -10.31
C ALA D 1110 -96.89 79.67 -11.38
N GLY D 1111 -95.92 78.95 -11.95
CA GLY D 1111 -95.08 79.54 -12.98
C GLY D 1111 -93.84 78.68 -13.19
N ASP D 1112 -92.84 79.30 -13.83
CA ASP D 1112 -91.61 78.63 -14.23
C ASP D 1112 -90.74 78.40 -12.99
N MET D 1113 -90.96 77.27 -12.34
CA MET D 1113 -90.16 76.85 -11.20
C MET D 1113 -89.67 75.42 -11.42
N ARG D 1114 -88.49 75.12 -10.89
CA ARG D 1114 -87.91 73.79 -10.96
C ARG D 1114 -87.45 73.37 -9.58
N VAL D 1115 -87.80 72.15 -9.18
CA VAL D 1115 -87.42 71.61 -7.88
C VAL D 1115 -86.88 70.20 -8.10
N GLY D 1116 -85.82 69.85 -7.39
CA GLY D 1116 -85.21 68.55 -7.53
C GLY D 1116 -84.00 68.41 -6.64
N TRP D 1117 -83.13 67.47 -7.03
CA TRP D 1117 -81.90 67.22 -6.30
C TRP D 1117 -80.70 67.57 -7.15
N SER D 1118 -79.72 68.23 -6.54
CA SER D 1118 -78.53 68.69 -7.23
C SER D 1118 -77.27 68.22 -6.50
N ARG D 1119 -76.18 68.15 -7.24
CA ARG D 1119 -74.87 67.82 -6.73
C ARG D 1119 -74.19 69.08 -6.18
N PRO D 1120 -73.19 68.92 -5.30
CA PRO D 1120 -72.50 70.09 -4.76
C PRO D 1120 -71.81 70.94 -5.82
N GLY D 1121 -71.53 70.36 -6.98
CA GLY D 1121 -70.88 71.06 -8.06
C GLY D 1121 -71.80 71.85 -8.98
N CYS D 1122 -73.08 71.97 -8.64
CA CYS D 1122 -74.01 72.69 -9.50
C CYS D 1122 -73.67 74.18 -9.52
N GLN D 1123 -73.61 74.75 -10.73
CA GLN D 1123 -73.32 76.16 -10.86
C GLN D 1123 -74.59 76.98 -10.62
N PRO D 1124 -74.48 78.15 -9.99
CA PRO D 1124 -75.66 78.97 -9.68
C PRO D 1124 -76.18 79.82 -10.83
N ASP D 1125 -75.52 79.82 -11.98
CA ASP D 1125 -75.96 80.63 -13.13
C ASP D 1125 -76.65 79.82 -14.21
N GLN D 1126 -76.29 78.55 -14.38
CA GLN D 1126 -76.91 77.73 -15.40
C GLN D 1126 -78.31 77.29 -14.98
N GLU D 1127 -79.11 76.88 -15.97
CA GLU D 1127 -80.44 76.39 -15.69
C GLU D 1127 -80.39 75.10 -14.89
N LEU D 1128 -81.34 74.94 -13.97
CA LEU D 1128 -81.40 73.77 -13.10
C LEU D 1128 -81.85 72.56 -13.91
N GLY D 1129 -80.95 71.60 -14.11
CA GLY D 1129 -81.23 70.40 -14.87
C GLY D 1129 -80.72 70.44 -16.30
N SER D 1130 -80.20 71.60 -16.73
CA SER D 1130 -79.67 71.70 -18.09
C SER D 1130 -78.47 70.77 -18.29
N ASP D 1131 -77.60 70.67 -17.28
CA ASP D 1131 -76.43 69.81 -17.30
C ASP D 1131 -76.61 68.65 -16.34
N GLU D 1132 -75.57 67.84 -16.18
CA GLU D 1132 -75.63 66.64 -15.35
C GLU D 1132 -75.55 66.94 -13.86
N ARG D 1133 -75.28 68.18 -13.47
CA ARG D 1133 -75.03 68.49 -12.06
C ARG D 1133 -76.30 68.37 -11.23
N ALA D 1134 -77.47 68.49 -11.86
CA ALA D 1134 -78.72 68.53 -11.12
C ALA D 1134 -79.76 67.65 -11.79
N PHE D 1135 -80.68 67.14 -10.97
CA PHE D 1135 -81.86 66.41 -11.42
C PHE D 1135 -83.08 67.11 -10.87
N ALA D 1136 -83.86 67.76 -11.74
CA ALA D 1136 -84.94 68.63 -11.31
C ALA D 1136 -86.22 68.29 -12.07
N PHE D 1137 -87.34 68.69 -11.46
CA PHE D 1137 -88.66 68.51 -12.04
C PHE D 1137 -89.25 69.89 -12.34
N ASP D 1138 -89.63 70.10 -13.60
CA ASP D 1138 -90.29 71.34 -14.01
C ASP D 1138 -91.78 71.06 -14.24
N GLY D 1139 -92.62 71.71 -13.45
CA GLY D 1139 -94.05 71.49 -13.55
C GLY D 1139 -94.75 72.44 -14.49
N PHE D 1140 -94.18 73.63 -14.70
CA PHE D 1140 -94.80 74.59 -15.60
C PHE D 1140 -94.89 74.04 -17.02
N LYS D 1141 -93.84 73.37 -17.47
CA LYS D 1141 -93.86 72.63 -18.72
C LYS D 1141 -94.21 71.16 -18.53
N ALA D 1142 -94.36 70.70 -17.29
CA ALA D 1142 -94.61 69.29 -16.99
C ALA D 1142 -93.57 68.40 -17.65
N GLN D 1143 -92.30 68.68 -17.35
CA GLN D 1143 -91.18 68.09 -18.09
C GLN D 1143 -89.98 67.95 -17.17
N ARG D 1144 -89.39 66.76 -17.15
CA ARG D 1144 -88.19 66.52 -16.37
C ARG D 1144 -86.99 67.23 -16.98
N TRP D 1145 -85.89 67.28 -16.24
CA TRP D 1145 -84.69 67.98 -16.69
C TRP D 1145 -83.43 67.31 -16.16
N HIS D 1146 -82.70 66.65 -17.05
CA HIS D 1146 -81.34 66.18 -16.74
C HIS D 1146 -80.62 65.99 -18.07
N GLN D 1147 -79.66 66.88 -18.37
CA GLN D 1147 -78.94 66.86 -19.64
C GLN D 1147 -79.90 66.97 -20.82
N GLY D 1148 -81.03 67.62 -20.59
CA GLY D 1148 -82.11 67.69 -21.55
C GLY D 1148 -83.44 67.56 -20.83
N ASN D 1149 -84.51 67.61 -21.60
CA ASN D 1149 -85.86 67.61 -21.05
C ASN D 1149 -86.71 66.53 -21.70
N GLU D 1150 -87.47 65.81 -20.88
CA GLU D 1150 -88.43 64.81 -21.33
C GLU D 1150 -89.72 64.98 -20.54
N HIS D 1151 -90.85 64.78 -21.23
CA HIS D 1151 -92.17 65.00 -20.65
C HIS D 1151 -92.40 64.06 -19.48
N TYR D 1152 -92.91 64.61 -18.37
CA TYR D 1152 -93.11 63.85 -17.15
C TYR D 1152 -94.07 64.61 -16.23
N GLY D 1153 -95.06 63.90 -15.70
CA GLY D 1153 -95.97 64.49 -14.74
C GLY D 1153 -96.95 65.47 -15.37
N ARG D 1154 -97.64 66.19 -14.49
CA ARG D 1154 -98.62 67.20 -14.86
C ARG D 1154 -98.08 68.58 -14.53
N SER D 1155 -98.93 69.58 -14.70
CA SER D 1155 -98.63 70.95 -14.30
C SER D 1155 -99.36 71.28 -13.00
N TRP D 1156 -98.68 72.02 -12.14
CA TRP D 1156 -99.24 72.41 -10.85
C TRP D 1156 -99.99 73.73 -10.96
N GLN D 1157 -100.85 73.99 -9.98
CA GLN D 1157 -101.50 75.27 -9.80
C GLN D 1157 -100.90 75.98 -8.60
N ALA D 1158 -101.36 77.21 -8.36
CA ALA D 1158 -100.91 77.95 -7.20
C ALA D 1158 -101.40 77.28 -5.92
N GLY D 1159 -100.48 77.02 -4.99
CA GLY D 1159 -100.77 76.35 -3.74
C GLY D 1159 -100.48 74.87 -3.74
N ASP D 1160 -100.29 74.27 -4.91
CA ASP D 1160 -99.97 72.86 -4.99
C ASP D 1160 -98.60 72.60 -4.38
N VAL D 1161 -98.48 71.48 -3.67
CA VAL D 1161 -97.25 71.09 -2.98
C VAL D 1161 -96.68 69.87 -3.68
N VAL D 1162 -95.42 69.97 -4.10
CA VAL D 1162 -94.73 68.88 -4.77
C VAL D 1162 -93.70 68.31 -3.81
N GLY D 1163 -93.72 66.99 -3.65
CA GLY D 1163 -92.75 66.32 -2.80
C GLY D 1163 -91.69 65.60 -3.63
N CYS D 1164 -90.45 65.67 -3.16
CA CYS D 1164 -89.31 65.08 -3.85
C CYS D 1164 -88.78 63.92 -3.02
N MET D 1165 -88.69 62.75 -3.64
CA MET D 1165 -88.25 61.53 -2.98
C MET D 1165 -86.99 61.03 -3.68
N VAL D 1166 -85.94 60.75 -2.89
CA VAL D 1166 -84.69 60.24 -3.43
C VAL D 1166 -84.34 58.95 -2.69
N ASP D 1167 -83.97 57.92 -3.44
CA ASP D 1167 -83.50 56.65 -2.88
C ASP D 1167 -82.08 56.43 -3.37
N MET D 1168 -81.13 56.43 -2.44
CA MET D 1168 -79.72 56.31 -2.79
C MET D 1168 -79.24 54.86 -2.80
N ASN D 1169 -80.11 53.90 -2.49
CA ASN D 1169 -79.74 52.49 -2.52
C ASN D 1169 -79.91 51.90 -3.91
N GLU D 1170 -81.10 52.00 -4.49
CA GLU D 1170 -81.36 51.55 -5.85
C GLU D 1170 -81.22 52.68 -6.86
N HIS D 1171 -80.72 53.85 -6.44
CA HIS D 1171 -80.48 54.98 -7.33
C HIS D 1171 -81.75 55.41 -8.06
N THR D 1172 -82.83 55.57 -7.30
CA THR D 1172 -84.12 55.97 -7.86
C THR D 1172 -84.58 57.26 -7.20
N MET D 1173 -85.24 58.11 -8.01
CA MET D 1173 -85.82 59.35 -7.54
C MET D 1173 -87.27 59.41 -7.99
N MET D 1174 -88.12 59.99 -7.15
CA MET D 1174 -89.56 60.02 -7.41
C MET D 1174 -90.14 61.33 -6.91
N PHE D 1175 -91.10 61.85 -7.67
CA PHE D 1175 -91.76 63.10 -7.33
C PHE D 1175 -93.26 62.86 -7.18
N THR D 1176 -93.86 63.60 -6.25
CA THR D 1176 -95.30 63.52 -6.00
C THR D 1176 -95.89 64.92 -5.97
N LEU D 1177 -97.00 65.12 -6.67
CA LEU D 1177 -97.66 66.42 -6.71
C LEU D 1177 -99.01 66.33 -5.99
N ASN D 1178 -99.14 67.08 -4.90
CA ASN D 1178 -100.35 67.12 -4.08
C ASN D 1178 -100.73 65.73 -3.57
N GLY D 1179 -99.77 64.83 -3.46
CA GLY D 1179 -100.03 63.51 -2.91
C GLY D 1179 -99.92 62.38 -3.91
N GLU D 1180 -100.44 62.57 -5.12
CA GLU D 1180 -100.38 61.52 -6.13
C GLU D 1180 -98.97 61.44 -6.72
N ILE D 1181 -98.56 60.22 -7.05
CA ILE D 1181 -97.22 59.99 -7.59
C ILE D 1181 -97.23 60.32 -9.08
N LEU D 1182 -96.36 61.24 -9.48
CA LEU D 1182 -96.19 61.53 -10.90
C LEU D 1182 -95.50 60.36 -11.60
N LEU D 1183 -95.93 60.07 -12.82
CA LEU D 1183 -95.42 58.94 -13.58
C LEU D 1183 -94.91 59.41 -14.94
N ASP D 1184 -94.09 58.57 -15.56
CA ASP D 1184 -93.40 58.91 -16.80
C ASP D 1184 -94.37 58.85 -17.98
N ASP D 1185 -93.83 58.91 -19.19
CA ASP D 1185 -94.65 58.68 -20.38
C ASP D 1185 -95.24 57.26 -20.34
N SER D 1186 -94.45 56.29 -19.91
CA SER D 1186 -94.96 54.96 -19.64
C SER D 1186 -95.50 54.86 -18.23
N GLY D 1187 -95.77 53.64 -17.78
CA GLY D 1187 -96.29 53.43 -16.45
C GLY D 1187 -95.25 53.49 -15.34
N SER D 1188 -93.97 53.65 -15.70
CA SER D 1188 -92.92 53.70 -14.70
C SER D 1188 -93.06 54.93 -13.81
N GLU D 1189 -92.91 54.71 -12.50
CA GLU D 1189 -93.07 55.76 -11.50
C GLU D 1189 -91.77 56.45 -11.13
N LEU D 1190 -90.63 55.97 -11.63
CA LEU D 1190 -89.33 56.52 -11.25
C LEU D 1190 -88.98 57.67 -12.19
N ALA D 1191 -88.70 58.84 -11.60
CA ALA D 1191 -88.39 60.02 -12.41
C ALA D 1191 -87.12 59.81 -13.21
N PHE D 1192 -86.09 59.25 -12.59
CA PHE D 1192 -84.83 58.93 -13.27
C PHE D 1192 -84.47 57.49 -12.96
N LYS D 1193 -84.23 56.70 -14.01
CA LYS D 1193 -84.07 55.26 -13.84
C LYS D 1193 -82.85 54.92 -13.00
N ASP D 1194 -81.68 55.45 -13.37
CA ASP D 1194 -80.44 55.05 -12.72
C ASP D 1194 -79.41 56.15 -12.84
N PHE D 1195 -78.69 56.40 -11.75
CA PHE D 1195 -77.59 57.34 -11.73
C PHE D 1195 -76.45 56.80 -10.89
N ASP D 1196 -75.46 57.63 -10.58
CA ASP D 1196 -74.37 57.27 -9.69
C ASP D 1196 -74.39 58.18 -8.47
N VAL D 1197 -73.90 57.65 -7.34
CA VAL D 1197 -73.89 58.44 -6.10
C VAL D 1197 -73.00 59.67 -6.28
N GLY D 1198 -71.83 59.50 -6.87
CA GLY D 1198 -70.95 60.63 -7.09
C GLY D 1198 -70.50 61.25 -5.79
N ASP D 1199 -70.72 62.55 -5.65
CA ASP D 1199 -70.36 63.30 -4.45
C ASP D 1199 -71.54 63.57 -3.53
N GLY D 1200 -72.72 63.04 -3.84
CA GLY D 1200 -73.90 63.22 -3.01
C GLY D 1200 -74.91 64.14 -3.67
N PHE D 1201 -76.04 64.28 -2.98
CA PHE D 1201 -77.16 65.10 -3.45
C PHE D 1201 -77.62 66.03 -2.34
N ILE D 1202 -78.10 67.21 -2.75
CA ILE D 1202 -78.67 68.19 -1.84
C ILE D 1202 -79.96 68.73 -2.44
N PRO D 1203 -80.94 69.12 -1.63
CA PRO D 1203 -82.17 69.72 -2.19
C PRO D 1203 -81.86 71.05 -2.88
N VAL D 1204 -82.63 71.35 -3.92
CA VAL D 1204 -82.43 72.55 -4.72
C VAL D 1204 -83.77 72.95 -5.34
N CYS D 1205 -83.93 74.25 -5.57
CA CYS D 1205 -85.09 74.74 -6.30
C CYS D 1205 -84.72 75.92 -7.18
N SER D 1206 -85.31 75.99 -8.37
CA SER D 1206 -85.13 77.11 -9.27
C SER D 1206 -86.43 77.91 -9.32
N LEU D 1207 -86.31 79.22 -9.14
CA LEU D 1207 -87.47 80.11 -9.09
C LEU D 1207 -87.36 81.11 -10.23
N GLY D 1208 -88.42 81.21 -11.05
CA GLY D 1208 -88.43 82.08 -12.20
C GLY D 1208 -88.79 83.51 -11.84
N VAL D 1209 -89.06 84.29 -12.88
CA VAL D 1209 -89.42 85.69 -12.69
C VAL D 1209 -90.79 85.78 -12.03
N ALA D 1210 -90.88 86.58 -10.98
CA ALA D 1210 -92.11 86.77 -10.22
C ALA D 1210 -92.66 85.44 -9.71
N GLN D 1211 -91.77 84.58 -9.24
CA GLN D 1211 -92.13 83.27 -8.73
C GLN D 1211 -91.81 83.18 -7.24
N VAL D 1212 -92.77 82.68 -6.46
CA VAL D 1212 -92.62 82.55 -5.02
C VAL D 1212 -92.82 81.08 -4.66
N GLY D 1213 -91.90 80.54 -3.86
CA GLY D 1213 -92.00 79.16 -3.43
C GLY D 1213 -91.55 79.01 -1.99
N ARG D 1214 -91.83 77.82 -1.44
CA ARG D 1214 -91.46 77.50 -0.07
C ARG D 1214 -90.94 76.06 -0.01
N MET D 1215 -89.77 75.88 0.60
CA MET D 1215 -89.20 74.56 0.82
C MET D 1215 -89.34 74.21 2.29
N ASN D 1216 -89.87 73.02 2.57
CA ASN D 1216 -89.99 72.51 3.93
C ASN D 1216 -89.12 71.27 4.06
N PHE D 1217 -87.97 71.42 4.74
CA PHE D 1217 -87.05 70.31 4.94
C PHE D 1217 -87.56 69.30 5.95
N GLY D 1218 -88.73 69.51 6.53
CA GLY D 1218 -89.31 68.57 7.45
C GLY D 1218 -88.57 68.43 8.78
N LYS D 1219 -88.15 69.55 9.36
CA LYS D 1219 -87.65 69.51 10.73
C LYS D 1219 -88.74 69.02 11.68
N ASP D 1220 -89.94 69.57 11.55
CA ASP D 1220 -91.12 69.06 12.25
C ASP D 1220 -91.92 68.21 11.28
N VAL D 1221 -92.13 66.94 11.64
CA VAL D 1221 -92.80 65.98 10.77
C VAL D 1221 -94.22 66.44 10.51
N SER D 1222 -94.82 67.13 11.49
CA SER D 1222 -96.18 67.65 11.35
C SER D 1222 -96.29 68.71 10.26
N THR D 1223 -95.21 69.45 9.99
CA THR D 1223 -95.25 70.46 8.94
C THR D 1223 -95.42 69.83 7.57
N LEU D 1224 -94.80 68.68 7.35
CA LEU D 1224 -94.96 67.94 6.09
C LEU D 1224 -96.42 67.55 5.90
N LYS D 1225 -97.03 67.97 4.79
CA LYS D 1225 -98.47 67.83 4.65
C LYS D 1225 -98.84 66.53 3.95
N TYR D 1226 -98.06 66.09 2.97
CA TYR D 1226 -98.36 64.89 2.20
C TYR D 1226 -97.43 63.74 2.54
N PHE D 1227 -96.56 63.93 3.53
CA PHE D 1227 -95.64 62.87 3.94
C PHE D 1227 -96.38 61.66 4.47
N THR D 1228 -97.46 61.87 5.23
CA THR D 1228 -98.20 60.76 5.82
C THR D 1228 -98.82 59.88 4.73
N ILE D 1229 -99.39 60.50 3.70
CA ILE D 1229 -100.06 59.71 2.66
C ILE D 1229 -99.03 59.12 1.70
N CYS D 1230 -97.90 59.79 1.51
CA CYS D 1230 -96.85 59.25 0.66
C CYS D 1230 -95.49 59.61 1.23
N GLY D 1231 -94.67 58.58 1.47
CA GLY D 1231 -93.32 58.78 1.95
C GLY D 1231 -93.04 58.12 3.29
N LEU D 1232 -94.03 58.17 4.19
CA LEU D 1232 -93.83 57.59 5.52
C LEU D 1232 -93.90 56.06 5.47
N GLN D 1233 -94.96 55.52 4.88
CA GLN D 1233 -95.08 54.07 4.77
C GLN D 1233 -94.05 53.50 3.79
N GLU D 1234 -93.69 54.29 2.77
CA GLU D 1234 -92.71 53.84 1.79
C GLU D 1234 -91.33 53.66 2.43
N GLY D 1235 -91.08 54.32 3.55
CA GLY D 1235 -89.79 54.27 4.20
C GLY D 1235 -88.92 55.49 4.01
N TYR D 1236 -89.39 56.48 3.25
CA TYR D 1236 -88.62 57.72 3.10
C TYR D 1236 -88.60 58.49 4.41
N GLU D 1237 -87.47 59.16 4.66
CA GLU D 1237 -87.31 59.95 5.87
C GLU D 1237 -87.25 61.43 5.53
N PRO D 1238 -87.73 62.30 6.42
CA PRO D 1238 -87.56 63.74 6.20
C PRO D 1238 -86.09 64.11 6.16
N PHE D 1239 -85.77 65.13 5.37
CA PHE D 1239 -84.39 65.56 5.25
C PHE D 1239 -83.85 66.05 6.60
N ALA D 1240 -84.64 66.86 7.31
CA ALA D 1240 -84.29 67.28 8.67
C ALA D 1240 -85.00 66.41 9.70
N VAL D 1241 -84.77 65.09 9.60
CA VAL D 1241 -85.44 64.16 10.49
C VAL D 1241 -84.88 64.26 11.91
N ASN D 1242 -83.56 64.44 12.02
CA ASN D 1242 -82.92 64.44 13.33
C ASN D 1242 -81.87 65.54 13.46
N THR D 1243 -82.19 66.75 13.02
CA THR D 1243 -81.30 67.89 13.12
C THR D 1243 -81.79 68.81 14.23
N ASN D 1244 -80.90 69.10 15.19
CA ASN D 1244 -81.27 69.98 16.30
C ASN D 1244 -81.42 71.43 15.83
N ARG D 1245 -80.58 71.85 14.87
CA ARG D 1245 -80.62 73.20 14.34
C ARG D 1245 -81.01 73.17 12.87
N ASP D 1246 -81.54 74.30 12.38
CA ASP D 1246 -82.06 74.36 11.03
C ASP D 1246 -80.95 74.31 9.99
N ILE D 1247 -81.32 73.91 8.78
CA ILE D 1247 -80.37 73.85 7.67
C ILE D 1247 -80.04 75.25 7.20
N THR D 1248 -78.75 75.50 6.99
CA THR D 1248 -78.27 76.74 6.39
C THR D 1248 -78.47 76.64 4.89
N MET D 1249 -79.32 77.51 4.35
CA MET D 1249 -79.69 77.48 2.95
C MET D 1249 -78.88 78.50 2.16
N TRP D 1250 -78.44 78.11 0.96
CA TRP D 1250 -77.60 78.94 0.13
C TRP D 1250 -78.35 79.33 -1.14
N LEU D 1251 -78.25 80.59 -1.51
CA LEU D 1251 -78.88 81.13 -2.71
C LEU D 1251 -77.83 81.67 -3.68
N SER D 1252 -78.26 81.92 -4.90
CA SER D 1252 -77.37 82.48 -5.91
C SER D 1252 -77.11 83.96 -5.65
N LYS D 1253 -75.84 84.34 -5.68
CA LYS D 1253 -75.46 85.72 -5.42
C LYS D 1253 -75.94 86.62 -6.55
N ARG D 1254 -76.42 87.82 -6.19
CA ARG D 1254 -76.91 88.78 -7.17
C ARG D 1254 -75.81 89.69 -7.69
N LEU D 1255 -75.00 90.24 -6.80
CA LEU D 1255 -73.93 91.14 -7.22
C LEU D 1255 -72.77 90.35 -7.81
N PRO D 1256 -72.37 90.61 -9.04
CA PRO D 1256 -71.19 89.94 -9.60
C PRO D 1256 -69.93 90.33 -8.85
N GLN D 1257 -69.00 89.39 -8.75
CA GLN D 1257 -67.75 89.60 -8.06
C GLN D 1257 -66.59 89.23 -8.97
N PHE D 1258 -65.39 89.64 -8.56
CA PHE D 1258 -64.18 89.41 -9.34
C PHE D 1258 -63.46 88.19 -8.78
N LEU D 1259 -63.25 87.18 -9.63
CA LEU D 1259 -62.52 85.98 -9.26
C LEU D 1259 -61.53 85.63 -10.37
N GLN D 1260 -60.48 84.90 -9.98
CA GLN D 1260 -59.42 84.57 -10.92
C GLN D 1260 -59.95 83.75 -12.08
N VAL D 1261 -59.48 84.07 -13.28
CA VAL D 1261 -59.94 83.40 -14.50
C VAL D 1261 -59.55 81.93 -14.43
N PRO D 1262 -60.50 81.01 -14.53
CA PRO D 1262 -60.17 79.58 -14.49
C PRO D 1262 -59.35 79.16 -15.70
N SER D 1263 -58.51 78.15 -15.48
CA SER D 1263 -57.70 77.62 -16.58
C SER D 1263 -58.56 76.92 -17.63
N ASN D 1264 -59.70 76.38 -17.22
CA ASN D 1264 -60.60 75.65 -18.11
C ASN D 1264 -61.75 76.51 -18.64
N HIS D 1265 -61.65 77.83 -18.52
CA HIS D 1265 -62.71 78.70 -19.03
C HIS D 1265 -62.89 78.50 -20.53
N GLU D 1266 -64.15 78.39 -20.95
CA GLU D 1266 -64.42 78.06 -22.35
C GLU D 1266 -64.14 79.22 -23.29
N HIS D 1267 -64.14 80.45 -22.78
CA HIS D 1267 -63.88 81.62 -23.60
C HIS D 1267 -62.55 82.31 -23.29
N ILE D 1268 -62.33 82.69 -22.04
CA ILE D 1268 -61.17 83.50 -21.67
C ILE D 1268 -59.97 82.60 -21.44
N GLU D 1269 -58.81 83.05 -21.90
CA GLU D 1269 -57.54 82.39 -21.63
C GLU D 1269 -56.51 83.47 -21.30
N VAL D 1270 -55.75 83.26 -20.23
CA VAL D 1270 -54.73 84.20 -19.79
C VAL D 1270 -53.39 83.48 -19.76
N THR D 1271 -52.40 84.08 -20.41
CA THR D 1271 -51.05 83.54 -20.44
C THR D 1271 -50.10 84.55 -19.83
N ARG D 1272 -49.11 84.06 -19.08
CA ARG D 1272 -48.14 84.91 -18.40
C ARG D 1272 -46.85 84.93 -19.21
N ILE D 1273 -46.45 86.10 -19.67
CA ILE D 1273 -45.22 86.27 -20.45
C ILE D 1273 -44.16 86.83 -19.52
N ASP D 1274 -43.12 86.04 -19.26
CA ASP D 1274 -42.02 86.51 -18.44
C ASP D 1274 -41.26 87.62 -19.15
N GLY D 1275 -40.85 88.63 -18.38
CA GLY D 1275 -40.17 89.77 -18.95
C GLY D 1275 -38.69 89.54 -19.11
N THR D 1276 -38.18 89.80 -20.31
CA THR D 1276 -36.75 89.68 -20.57
C THR D 1276 -36.04 90.97 -20.15
N ILE D 1277 -34.76 91.07 -20.51
CA ILE D 1277 -34.01 92.28 -20.20
C ILE D 1277 -34.55 93.47 -21.00
N ASP D 1278 -34.99 93.23 -22.23
CA ASP D 1278 -35.48 94.28 -23.10
C ASP D 1278 -37.00 94.36 -23.17
N SER D 1279 -37.71 93.41 -22.56
CA SER D 1279 -39.16 93.36 -22.61
C SER D 1279 -39.73 93.28 -21.20
N SER D 1280 -40.76 94.08 -20.95
CA SER D 1280 -41.42 94.07 -19.64
C SER D 1280 -42.26 92.80 -19.48
N PRO D 1281 -42.47 92.35 -18.24
CA PRO D 1281 -43.39 91.23 -18.02
C PRO D 1281 -44.79 91.58 -18.49
N CYS D 1282 -45.48 90.59 -19.05
CA CYS D 1282 -46.77 90.81 -19.69
C CYS D 1282 -47.78 89.78 -19.23
N LEU D 1283 -49.02 90.21 -19.09
CA LEU D 1283 -50.17 89.33 -18.88
C LEU D 1283 -51.14 89.54 -20.03
N LYS D 1284 -51.34 88.49 -20.83
CA LYS D 1284 -52.03 88.59 -22.11
C LYS D 1284 -53.36 87.85 -22.03
N VAL D 1285 -54.43 88.53 -22.44
CA VAL D 1285 -55.78 87.97 -22.41
C VAL D 1285 -56.21 87.71 -23.85
N THR D 1286 -56.68 86.49 -24.11
CA THR D 1286 -57.10 86.09 -25.44
C THR D 1286 -58.46 85.40 -25.38
N GLN D 1287 -59.17 85.42 -26.51
CA GLN D 1287 -60.47 84.77 -26.62
C GLN D 1287 -60.30 83.43 -27.32
N LYS D 1288 -60.62 82.35 -26.60
CA LYS D 1288 -60.40 81.00 -27.13
C LYS D 1288 -61.25 80.73 -28.36
N SER D 1289 -62.55 81.01 -28.30
CA SER D 1289 -63.52 80.55 -29.29
C SER D 1289 -64.00 81.66 -30.21
N PHE D 1290 -63.20 82.70 -30.43
CA PHE D 1290 -63.60 83.72 -31.38
C PHE D 1290 -63.38 83.22 -32.80
N GLY D 1291 -64.27 83.64 -33.69
CA GLY D 1291 -64.33 83.07 -35.01
C GLY D 1291 -64.96 81.70 -35.08
N SER D 1292 -65.44 81.19 -33.96
CA SER D 1292 -66.08 79.88 -33.88
C SER D 1292 -67.47 80.04 -33.25
N GLN D 1293 -68.11 78.90 -33.00
CA GLN D 1293 -69.44 78.90 -32.41
C GLN D 1293 -69.37 79.31 -30.94
N ASN D 1294 -70.54 79.61 -30.38
CA ASN D 1294 -70.83 80.00 -29.00
C ASN D 1294 -69.88 81.09 -28.47
N SER D 1295 -69.34 81.95 -29.33
CA SER D 1295 -68.51 83.05 -28.87
C SER D 1295 -69.37 84.07 -28.11
N ASN D 1296 -68.74 84.74 -27.15
CA ASN D 1296 -69.41 85.70 -26.29
C ASN D 1296 -68.99 87.10 -26.69
N THR D 1297 -69.95 87.90 -27.15
CA THR D 1297 -69.70 89.27 -27.59
C THR D 1297 -69.94 90.30 -26.49
N ASP D 1298 -70.42 89.88 -25.32
CA ASP D 1298 -70.66 90.83 -24.23
C ASP D 1298 -69.33 91.37 -23.73
N ILE D 1299 -69.36 92.61 -23.23
CA ILE D 1299 -68.15 93.25 -22.74
C ILE D 1299 -67.66 92.49 -21.52
N MET D 1300 -66.42 92.03 -21.58
CA MET D 1300 -65.85 91.26 -20.49
C MET D 1300 -65.00 92.16 -19.62
N PHE D 1301 -65.25 92.13 -18.32
CA PHE D 1301 -64.58 93.00 -17.36
C PHE D 1301 -63.41 92.26 -16.72
N TYR D 1302 -62.23 92.86 -16.79
CA TYR D 1302 -61.01 92.26 -16.25
C TYR D 1302 -60.38 93.18 -15.21
N ARG D 1303 -59.69 92.58 -14.25
CA ARG D 1303 -59.08 93.34 -13.17
C ARG D 1303 -57.82 92.62 -12.70
N LEU D 1304 -56.83 93.41 -12.29
CA LEU D 1304 -55.66 92.85 -11.62
C LEU D 1304 -55.97 92.63 -10.14
N SER D 1305 -55.35 91.60 -9.56
CA SER D 1305 -55.71 91.19 -8.21
C SER D 1305 -55.32 92.24 -7.18
N MET D 1306 -54.13 92.86 -7.32
CA MET D 1306 -53.79 93.71 -6.18
C MET D 1306 -53.94 95.19 -6.53
N PRO D 1307 -54.36 96.00 -5.55
CA PRO D 1307 -54.60 97.42 -5.82
C PRO D 1307 -53.42 98.31 -5.48
N ILE D 1308 -53.49 99.56 -5.93
CA ILE D 1308 -52.54 100.60 -5.53
C ILE D 1308 -53.23 101.48 -4.49
N GLU D 1309 -52.61 101.62 -3.33
CA GLU D 1309 -53.19 102.37 -2.21
C GLU D 1309 -52.59 103.77 -2.19
N CYS D 1310 -53.46 104.78 -2.17
CA CYS D 1310 -53.01 106.16 -2.07
C CYS D 1310 -52.56 106.46 -0.64
N ALA D 1311 -51.86 107.58 -0.50
CA ALA D 1311 -51.37 108.00 0.81
C ALA D 1311 -52.52 108.37 1.73
N GLU D 1312 -52.29 108.20 3.03
CA GLU D 1312 -53.32 108.53 4.01
C GLU D 1312 -53.65 110.02 3.99
N VAL D 1313 -52.63 110.86 3.88
CA VAL D 1313 -52.79 112.31 3.80
C VAL D 1313 -52.12 112.81 2.53
N PHE D 1314 -52.85 113.59 1.74
CA PHE D 1314 -52.29 114.16 0.53
C PHE D 1314 -51.40 115.36 0.83
N SER D 1315 -50.35 115.52 0.04
CA SER D 1315 -49.50 116.69 0.14
C SER D 1315 -50.23 117.93 -0.35
N LYS D 1316 -49.94 119.06 0.29
CA LYS D 1316 -50.59 120.31 -0.06
C LYS D 1316 -49.58 121.34 -0.54
N ARG D 1414 -29.51 107.17 -16.79
CA ARG D 1414 -30.67 107.71 -17.51
C ARG D 1414 -31.61 108.41 -16.54
N ASP D 1415 -32.50 107.64 -15.94
CA ASP D 1415 -33.41 108.19 -14.93
C ASP D 1415 -32.66 108.43 -13.64
N ASP D 1416 -33.02 109.52 -12.95
CA ASP D 1416 -32.40 109.82 -11.66
C ASP D 1416 -32.79 108.75 -10.64
N TYR D 1417 -31.77 108.05 -10.14
CA TYR D 1417 -32.01 107.03 -9.12
C TYR D 1417 -32.53 107.62 -7.82
N ASP D 1418 -32.18 108.87 -7.48
CA ASP D 1418 -32.71 109.51 -6.29
C ASP D 1418 -34.17 109.89 -6.46
N PHE D 1419 -34.53 110.39 -7.65
CA PHE D 1419 -35.93 110.68 -7.94
C PHE D 1419 -36.78 109.42 -7.92
N LEU D 1420 -36.25 108.32 -8.50
CA LEU D 1420 -36.93 107.03 -8.47
C LEU D 1420 -36.97 106.42 -7.07
N MET D 1421 -36.14 106.90 -6.14
CA MET D 1421 -36.30 106.42 -4.78
C MET D 1421 -37.29 107.24 -3.98
N GLN D 1422 -37.34 108.55 -4.21
CA GLN D 1422 -38.23 109.44 -3.48
C GLN D 1422 -39.61 109.58 -4.10
N THR D 1423 -39.84 109.05 -5.30
CA THR D 1423 -41.10 109.22 -5.98
C THR D 1423 -42.15 108.23 -5.48
N SER D 1424 -43.41 108.51 -5.84
CA SER D 1424 -44.53 107.64 -5.50
C SER D 1424 -45.46 107.37 -6.67
N THR D 1425 -45.10 107.80 -7.88
CA THR D 1425 -45.94 107.60 -9.06
C THR D 1425 -45.68 106.23 -9.66
N TYR D 1426 -46.75 105.47 -9.89
CA TYR D 1426 -46.66 104.13 -10.43
C TYR D 1426 -47.37 104.05 -11.78
N TYR D 1427 -46.83 103.18 -12.66
CA TYR D 1427 -47.22 103.15 -14.06
C TYR D 1427 -47.42 101.72 -14.53
N TYR D 1428 -48.54 101.50 -15.22
CA TYR D 1428 -48.74 100.29 -16.01
C TYR D 1428 -49.39 100.72 -17.32
N SER D 1429 -49.27 99.88 -18.34
CA SER D 1429 -49.85 100.16 -19.64
C SER D 1429 -50.47 98.91 -20.23
N VAL D 1430 -51.24 99.10 -21.30
CA VAL D 1430 -51.93 98.02 -21.99
C VAL D 1430 -51.61 98.13 -23.47
N ARG D 1431 -51.45 97.00 -24.14
CA ARG D 1431 -51.23 96.95 -25.58
C ARG D 1431 -52.49 96.46 -26.26
N ILE D 1432 -53.20 97.37 -26.93
CA ILE D 1432 -54.35 96.98 -27.73
C ILE D 1432 -53.85 96.32 -29.01
N PHE D 1433 -54.11 95.03 -29.13
CA PHE D 1433 -53.54 94.24 -30.22
C PHE D 1433 -54.05 94.74 -31.57
N PRO D 1434 -53.17 94.87 -32.56
CA PRO D 1434 -53.61 95.27 -33.90
C PRO D 1434 -54.65 94.29 -34.43
N GLY D 1435 -55.72 94.85 -34.98
CA GLY D 1435 -56.87 94.07 -35.36
C GLY D 1435 -57.99 94.03 -34.34
N GLN D 1436 -57.81 94.67 -33.19
CA GLN D 1436 -58.84 94.78 -32.16
C GLN D 1436 -59.31 96.22 -32.11
N GLU D 1437 -60.62 96.43 -32.19
CA GLU D 1437 -61.17 97.77 -32.28
C GLU D 1437 -60.98 98.50 -30.95
N PRO D 1438 -60.29 99.65 -30.94
CA PRO D 1438 -60.09 100.39 -29.68
C PRO D 1438 -61.37 100.98 -29.11
N ALA D 1439 -62.42 101.14 -29.92
CA ALA D 1439 -63.65 101.75 -29.42
C ALA D 1439 -64.39 100.82 -28.47
N ASN D 1440 -64.07 99.52 -28.48
CA ASN D 1440 -64.72 98.54 -27.63
C ASN D 1440 -63.90 98.22 -26.38
N VAL D 1441 -62.83 98.95 -26.13
CA VAL D 1441 -61.92 98.68 -25.03
C VAL D 1441 -61.80 99.95 -24.17
N TRP D 1442 -61.89 99.78 -22.86
CA TRP D 1442 -61.67 100.87 -21.91
C TRP D 1442 -60.53 100.50 -20.97
N VAL D 1443 -59.73 101.48 -20.60
CA VAL D 1443 -58.56 101.29 -19.74
C VAL D 1443 -58.58 102.32 -18.63
N GLY D 1444 -58.18 101.89 -17.45
CA GLY D 1444 -58.08 102.78 -16.30
C GLY D 1444 -58.05 101.99 -15.00
N TRP D 1445 -58.51 102.64 -13.94
CA TRP D 1445 -58.53 102.07 -12.60
C TRP D 1445 -59.96 101.96 -12.11
N ILE D 1446 -60.24 100.94 -11.31
CA ILE D 1446 -61.54 100.75 -10.67
C ILE D 1446 -61.32 100.47 -9.19
N THR D 1447 -62.34 100.76 -8.39
CA THR D 1447 -62.29 100.47 -6.97
C THR D 1447 -62.91 99.09 -6.69
N SER D 1448 -62.94 98.74 -5.39
CA SER D 1448 -63.48 97.45 -5.00
C SER D 1448 -64.99 97.41 -5.13
N ASP D 1449 -65.64 98.58 -5.12
CA ASP D 1449 -67.09 98.66 -5.10
C ASP D 1449 -67.71 98.43 -6.48
N PHE D 1450 -66.87 98.30 -7.51
CA PHE D 1450 -67.36 98.17 -8.88
C PHE D 1450 -67.94 96.77 -9.06
N HIS D 1451 -69.27 96.68 -8.99
CA HIS D 1451 -70.00 95.44 -9.23
C HIS D 1451 -71.04 95.60 -10.33
N GLN D 1452 -70.92 96.62 -11.16
CA GLN D 1452 -71.91 96.92 -12.20
C GLN D 1452 -71.58 96.11 -13.44
N TYR D 1453 -72.32 95.02 -13.66
CA TYR D 1453 -72.18 94.19 -14.85
C TYR D 1453 -73.29 94.55 -15.83
N ASP D 1454 -72.95 95.28 -16.89
CA ASP D 1454 -73.88 95.66 -17.93
C ASP D 1454 -73.36 95.15 -19.26
N THR D 1455 -74.26 94.62 -20.09
CA THR D 1455 -73.89 94.12 -21.41
C THR D 1455 -73.36 95.27 -22.26
N GLY D 1456 -74.00 96.44 -22.17
CA GLY D 1456 -73.51 97.62 -22.83
C GLY D 1456 -72.94 98.63 -21.85
N PHE D 1457 -71.63 98.82 -21.90
CA PHE D 1457 -70.93 99.69 -20.97
C PHE D 1457 -70.48 100.96 -21.67
N ASP D 1458 -70.80 102.10 -21.05
CA ASP D 1458 -70.35 103.40 -21.52
C ASP D 1458 -69.81 104.19 -20.34
N LEU D 1459 -68.86 105.09 -20.61
CA LEU D 1459 -68.25 105.87 -19.54
C LEU D 1459 -69.22 106.90 -18.96
N ASP D 1460 -70.37 107.12 -19.60
CA ASP D 1460 -71.31 108.11 -19.10
C ASP D 1460 -72.07 107.61 -17.88
N ARG D 1461 -72.38 106.32 -17.85
CA ARG D 1461 -73.21 105.75 -16.77
C ARG D 1461 -72.39 105.14 -15.65
N VAL D 1462 -71.16 105.62 -15.44
CA VAL D 1462 -70.38 105.18 -14.29
C VAL D 1462 -70.92 105.87 -13.05
N ARG D 1463 -71.20 105.09 -12.01
CA ARG D 1463 -71.79 105.63 -10.80
C ARG D 1463 -70.83 106.62 -10.14
N THR D 1464 -71.36 107.78 -9.76
CA THR D 1464 -70.54 108.83 -9.18
C THR D 1464 -71.39 109.71 -8.27
N VAL D 1465 -70.72 110.39 -7.35
CA VAL D 1465 -71.34 111.34 -6.43
C VAL D 1465 -70.35 112.46 -6.16
N THR D 1466 -70.87 113.65 -5.86
CA THR D 1466 -70.04 114.82 -5.61
C THR D 1466 -70.46 115.44 -4.27
N VAL D 1467 -69.70 115.14 -3.23
CA VAL D 1467 -69.95 115.75 -1.92
C VAL D 1467 -69.20 117.07 -1.83
N THR D 1468 -69.93 118.15 -1.59
CA THR D 1468 -69.34 119.49 -1.52
C THR D 1468 -69.63 120.05 -0.12
N LEU D 1469 -68.66 119.88 0.77
CA LEU D 1469 -68.78 120.42 2.12
C LEU D 1469 -68.58 121.93 2.09
N GLY D 1470 -69.48 122.65 2.76
CA GLY D 1470 -69.45 124.09 2.77
C GLY D 1470 -69.48 124.64 4.18
N ASP D 1471 -69.27 125.96 4.28
CA ASP D 1471 -69.31 126.64 5.56
C ASP D 1471 -70.72 127.15 5.86
N GLU D 1472 -70.86 127.78 7.03
CA GLU D 1472 -72.13 128.39 7.39
C GLU D 1472 -72.46 129.57 6.49
N LYS D 1473 -71.44 130.21 5.92
CA LYS D 1473 -71.69 131.33 5.01
C LYS D 1473 -72.22 130.84 3.67
N GLY D 1474 -72.02 129.57 3.35
CA GLY D 1474 -72.47 129.00 2.10
C GLY D 1474 -71.38 128.78 1.07
N LYS D 1475 -70.18 129.28 1.30
CA LYS D 1475 -69.08 129.07 0.36
C LYS D 1475 -68.66 127.61 0.36
N VAL D 1476 -68.32 127.10 -0.82
CA VAL D 1476 -67.94 125.71 -0.99
C VAL D 1476 -66.49 125.57 -0.53
N HIS D 1477 -66.29 124.96 0.64
CA HIS D 1477 -64.93 124.70 1.10
C HIS D 1477 -64.18 123.76 0.17
N GLU D 1478 -64.85 122.69 -0.27
CA GLU D 1478 -64.21 121.69 -1.10
C GLU D 1478 -65.27 120.88 -1.83
N SER D 1479 -64.95 120.48 -3.05
CA SER D 1479 -65.80 119.62 -3.86
C SER D 1479 -65.07 118.33 -4.15
N ILE D 1480 -65.65 117.21 -3.72
CA ILE D 1480 -65.01 115.90 -3.84
C ILE D 1480 -65.88 115.04 -4.75
N LYS D 1481 -65.32 114.64 -5.89
CA LYS D 1481 -65.99 113.70 -6.77
C LYS D 1481 -65.57 112.28 -6.44
N ARG D 1482 -66.55 111.40 -6.24
CA ARG D 1482 -66.31 110.02 -5.86
C ARG D 1482 -66.94 109.10 -6.88
N SER D 1483 -66.17 108.13 -7.35
CA SER D 1483 -66.66 107.17 -8.33
C SER D 1483 -65.94 105.85 -8.13
N ASN D 1484 -66.58 104.76 -8.53
CA ASN D 1484 -65.95 103.45 -8.44
C ASN D 1484 -65.05 103.19 -9.64
N CYS D 1485 -65.32 103.85 -10.77
CA CYS D 1485 -64.61 103.61 -12.02
C CYS D 1485 -63.94 104.89 -12.49
N TYR D 1486 -62.63 104.79 -12.75
CA TYR D 1486 -61.86 105.87 -13.36
C TYR D 1486 -61.14 105.28 -14.57
N MET D 1487 -61.79 105.32 -15.73
CA MET D 1487 -61.27 104.67 -16.93
C MET D 1487 -61.49 105.58 -18.14
N VAL D 1488 -60.76 105.28 -19.21
CA VAL D 1488 -60.84 106.04 -20.45
C VAL D 1488 -61.02 105.06 -21.60
N CYS D 1489 -61.54 105.59 -22.72
CA CYS D 1489 -61.79 104.79 -23.90
C CYS D 1489 -60.65 104.91 -24.89
N ALA D 1490 -60.23 103.77 -25.44
CA ALA D 1490 -59.12 103.77 -26.40
C ALA D 1490 -59.54 104.33 -27.75
N GLY D 1491 -60.82 104.15 -28.12
CA GLY D 1491 -61.28 104.63 -29.42
C GLY D 1491 -61.18 106.14 -29.55
N GLU D 1492 -61.63 106.88 -28.54
CA GLU D 1492 -61.52 108.33 -28.57
C GLU D 1492 -60.08 108.81 -28.44
N SER D 1493 -59.21 108.04 -27.77
CA SER D 1493 -57.81 108.40 -27.67
C SER D 1493 -57.04 108.17 -28.95
N MET D 1494 -57.45 107.18 -29.76
CA MET D 1494 -56.74 106.86 -31.00
C MET D 1494 -57.08 107.92 -32.05
N SER D 1495 -56.37 109.06 -31.95
CA SER D 1495 -56.59 110.12 -32.92
C SER D 1495 -56.01 109.81 -34.30
N PRO D 1496 -54.81 109.21 -34.43
CA PRO D 1496 -54.35 108.84 -35.78
C PRO D 1496 -55.28 107.87 -36.49
N GLY D 1497 -55.92 106.96 -35.77
CA GLY D 1497 -56.80 106.00 -36.37
C GLY D 1497 -56.08 104.72 -36.79
N GLN D 1498 -56.89 103.73 -37.15
CA GLN D 1498 -56.49 102.39 -37.59
C GLN D 1498 -55.46 101.77 -36.65
N GLY D 1499 -54.77 100.73 -37.13
CA GLY D 1499 -53.81 100.03 -36.30
C GLY D 1499 -52.40 100.03 -36.88
N ARG D 1500 -51.40 100.00 -36.01
CA ARG D 1500 -50.00 99.94 -36.38
C ARG D 1500 -49.42 98.59 -35.98
N ASN D 1501 -48.78 97.91 -36.94
CA ASN D 1501 -48.19 96.61 -36.63
C ASN D 1501 -46.99 96.73 -35.72
N ASN D 1502 -46.18 97.79 -35.91
CA ASN D 1502 -44.99 97.95 -35.09
C ASN D 1502 -45.32 98.11 -33.61
N ASN D 1503 -46.39 98.85 -33.31
CA ASN D 1503 -46.92 98.88 -31.94
C ASN D 1503 -48.40 99.21 -31.99
N GLY D 1504 -49.21 98.44 -31.27
CA GLY D 1504 -50.62 98.75 -31.18
C GLY D 1504 -50.88 99.94 -30.27
N LEU D 1505 -52.15 100.31 -30.17
CA LEU D 1505 -52.54 101.40 -29.27
C LEU D 1505 -52.11 101.08 -27.85
N GLU D 1506 -51.18 101.87 -27.34
CA GLU D 1506 -50.53 101.62 -26.05
C GLU D 1506 -51.01 102.67 -25.05
N ILE D 1507 -52.11 102.36 -24.36
CA ILE D 1507 -52.60 103.27 -23.32
C ILE D 1507 -51.81 103.03 -22.03
N GLY D 1508 -51.26 104.10 -21.49
CA GLY D 1508 -50.51 104.02 -20.25
C GLY D 1508 -51.15 104.79 -19.12
N CYS D 1509 -51.18 104.19 -17.93
CA CYS D 1509 -51.81 104.79 -16.77
C CYS D 1509 -50.76 105.08 -15.71
N VAL D 1510 -50.75 106.30 -15.20
CA VAL D 1510 -49.87 106.70 -14.10
C VAL D 1510 -50.73 107.17 -12.94
N VAL D 1511 -50.42 106.70 -11.74
CA VAL D 1511 -51.13 107.07 -10.52
C VAL D 1511 -50.12 107.68 -9.56
N ASP D 1512 -50.45 108.84 -9.02
CA ASP D 1512 -49.62 109.52 -8.03
C ASP D 1512 -50.26 109.27 -6.67
N ALA D 1513 -49.72 108.30 -5.93
CA ALA D 1513 -50.27 107.92 -4.63
C ALA D 1513 -50.15 109.02 -3.59
N ALA D 1514 -49.27 110.00 -3.80
CA ALA D 1514 -49.14 111.11 -2.87
C ALA D 1514 -50.12 112.24 -3.15
N SER D 1515 -50.60 112.36 -4.40
CA SER D 1515 -51.55 113.40 -4.76
C SER D 1515 -52.89 112.86 -5.25
N GLY D 1516 -52.98 111.59 -5.58
CA GLY D 1516 -54.24 111.04 -6.06
C GLY D 1516 -54.63 111.48 -7.45
N LEU D 1517 -53.67 111.86 -8.28
CA LEU D 1517 -53.94 112.34 -9.63
C LEU D 1517 -53.81 111.18 -10.61
N LEU D 1518 -54.88 110.90 -11.34
CA LEU D 1518 -54.92 109.82 -12.32
C LEU D 1518 -54.91 110.42 -13.72
N THR D 1519 -53.74 110.43 -14.35
CA THR D 1519 -53.59 110.90 -15.73
C THR D 1519 -53.18 109.73 -16.62
N PHE D 1520 -53.53 109.83 -17.90
CA PHE D 1520 -53.34 108.75 -18.86
C PHE D 1520 -52.42 109.20 -19.97
N ILE D 1521 -51.40 108.40 -20.25
CA ILE D 1521 -50.43 108.66 -21.32
C ILE D 1521 -50.71 107.67 -22.44
N ALA D 1522 -50.76 108.16 -23.67
CA ALA D 1522 -51.05 107.31 -24.83
C ALA D 1522 -50.17 107.74 -26.00
N ASN D 1523 -49.35 106.81 -26.49
CA ASN D 1523 -48.46 107.03 -27.63
C ASN D 1523 -47.55 108.24 -27.42
N GLY D 1524 -47.14 108.47 -26.17
CA GLY D 1524 -46.24 109.55 -25.86
C GLY D 1524 -46.89 110.91 -25.66
N LYS D 1525 -48.20 111.02 -25.82
CA LYS D 1525 -48.91 112.28 -25.63
C LYS D 1525 -49.94 112.12 -24.52
N GLU D 1526 -50.01 113.10 -23.63
CA GLU D 1526 -50.90 113.02 -22.48
C GLU D 1526 -52.33 113.33 -22.89
N LEU D 1527 -53.26 112.44 -22.52
CA LEU D 1527 -54.67 112.67 -22.81
C LEU D 1527 -55.23 113.74 -21.90
N SER D 1528 -56.29 114.40 -22.38
CA SER D 1528 -56.90 115.50 -21.63
C SER D 1528 -57.60 115.01 -20.37
N THR D 1529 -58.20 113.83 -20.43
CA THR D 1529 -58.96 113.32 -19.28
C THR D 1529 -58.02 113.04 -18.10
N TYR D 1530 -58.46 113.46 -16.92
CA TYR D 1530 -57.70 113.24 -15.68
C TYR D 1530 -58.67 113.09 -14.52
N TYR D 1531 -58.35 112.19 -13.60
CA TYR D 1531 -59.18 111.92 -12.44
C TYR D 1531 -58.39 112.20 -11.17
N GLN D 1532 -59.02 112.87 -10.22
CA GLN D 1532 -58.44 113.12 -8.90
C GLN D 1532 -59.22 112.29 -7.88
N VAL D 1533 -58.52 111.42 -7.17
CA VAL D 1533 -59.17 110.51 -6.23
C VAL D 1533 -58.91 110.97 -4.81
N GLU D 1534 -59.66 110.40 -3.86
CA GLU D 1534 -59.65 110.65 -2.42
C GLU D 1534 -58.45 109.98 -1.77
N PRO D 1535 -58.01 110.50 -0.62
CA PRO D 1535 -56.92 109.85 0.11
C PRO D 1535 -57.30 108.45 0.56
N SER D 1536 -56.32 107.56 0.60
CA SER D 1536 -56.40 106.16 1.03
C SER D 1536 -57.25 105.32 0.08
N THR D 1537 -57.59 105.82 -1.10
CA THR D 1537 -58.37 105.05 -2.05
C THR D 1537 -57.53 103.92 -2.63
N LYS D 1538 -58.11 102.72 -2.68
CA LYS D 1538 -57.45 101.55 -3.25
C LYS D 1538 -57.92 101.40 -4.70
N LEU D 1539 -57.01 101.61 -5.64
CA LEU D 1539 -57.31 101.57 -7.06
C LEU D 1539 -56.80 100.28 -7.67
N PHE D 1540 -57.70 99.54 -8.33
CA PHE D 1540 -57.35 98.29 -8.98
C PHE D 1540 -57.15 98.54 -10.46
N PRO D 1541 -55.98 98.22 -11.04
CA PRO D 1541 -55.85 98.27 -12.50
C PRO D 1541 -56.90 97.39 -13.17
N ALA D 1542 -57.54 97.91 -14.23
CA ALA D 1542 -58.63 97.17 -14.87
C ALA D 1542 -58.74 97.61 -16.32
N VAL D 1543 -59.09 96.64 -17.17
CA VAL D 1543 -59.33 96.89 -18.59
C VAL D 1543 -60.63 96.20 -18.97
N PHE D 1544 -61.59 96.98 -19.49
CA PHE D 1544 -62.85 96.44 -19.98
C PHE D 1544 -62.81 96.44 -21.51
N ALA D 1545 -63.08 95.28 -22.10
CA ALA D 1545 -62.94 95.14 -23.53
C ALA D 1545 -63.99 94.17 -24.06
N GLN D 1546 -64.48 94.46 -25.26
CA GLN D 1546 -65.35 93.55 -26.00
C GLN D 1546 -64.51 92.87 -27.09
N ALA D 1547 -64.47 91.54 -27.04
CA ALA D 1547 -63.57 90.79 -27.91
C ALA D 1547 -64.03 90.88 -29.36
N THR D 1548 -63.22 91.53 -30.19
CA THR D 1548 -63.42 91.55 -31.64
C THR D 1548 -62.30 90.84 -32.37
N SER D 1549 -61.44 90.12 -31.66
CA SER D 1549 -60.29 89.45 -32.24
C SER D 1549 -59.84 88.36 -31.28
N PRO D 1550 -59.15 87.32 -31.79
CA PRO D 1550 -58.59 86.31 -30.87
C PRO D 1550 -57.63 86.90 -29.86
N ASN D 1551 -56.84 87.90 -30.27
CA ASN D 1551 -55.95 88.62 -29.36
C ASN D 1551 -56.57 89.99 -29.10
N VAL D 1552 -56.88 90.28 -27.83
CA VAL D 1552 -57.61 91.48 -27.49
C VAL D 1552 -56.67 92.52 -26.89
N PHE D 1553 -56.04 92.19 -25.77
CA PHE D 1553 -55.15 93.11 -25.08
C PHE D 1553 -54.21 92.32 -24.17
N GLN D 1554 -53.17 93.01 -23.70
CA GLN D 1554 -52.22 92.42 -22.77
C GLN D 1554 -51.78 93.48 -21.77
N PHE D 1555 -51.47 93.04 -20.56
CA PHE D 1555 -51.09 93.94 -19.46
C PHE D 1555 -49.58 94.17 -19.49
N GLU D 1556 -49.17 95.36 -19.90
CA GLU D 1556 -47.77 95.74 -19.88
C GLU D 1556 -47.44 96.35 -18.51
N LEU D 1557 -46.41 95.82 -17.86
CA LEU D 1557 -46.03 96.27 -16.52
C LEU D 1557 -44.69 96.98 -16.51
N GLY D 1558 -44.39 97.74 -17.56
CA GLY D 1558 -43.14 98.45 -17.68
C GLY D 1558 -43.15 99.78 -16.93
N ARG D 1559 -42.08 100.54 -17.13
CA ARG D 1559 -41.94 101.85 -16.50
C ARG D 1559 -41.54 102.88 -17.55
N ILE D 1560 -42.26 104.00 -17.54
CA ILE D 1560 -41.91 105.16 -18.36
C ILE D 1560 -40.94 106.03 -17.57
N LYS D 1561 -40.34 107.01 -18.26
CA LYS D 1561 -39.34 107.88 -17.65
C LYS D 1561 -39.82 108.50 -16.36
N ASN D 1562 -38.98 108.40 -15.32
CA ASN D 1562 -39.18 109.05 -14.02
C ASN D 1562 -40.46 108.59 -13.31
N VAL D 1563 -40.98 107.41 -13.64
CA VAL D 1563 -42.18 106.88 -12.99
C VAL D 1563 -41.84 105.51 -12.43
N MET D 1564 -42.13 105.30 -11.15
CA MET D 1564 -41.79 104.06 -10.47
C MET D 1564 -42.67 102.95 -11.04
N PRO D 1565 -42.12 101.76 -11.30
CA PRO D 1565 -42.94 100.66 -11.83
C PRO D 1565 -43.98 100.19 -10.83
N LEU D 1566 -45.03 99.56 -11.37
CA LEU D 1566 -46.22 99.17 -10.63
C LEU D 1566 -45.95 98.17 -9.52
N SER D 1567 -45.03 97.24 -9.71
CA SER D 1567 -44.74 96.24 -8.69
C SER D 1567 -44.26 96.86 -7.38
N ALA D 1568 -43.62 98.03 -7.44
CA ALA D 1568 -43.21 98.71 -6.21
C ALA D 1568 -44.40 99.15 -5.38
N GLY D 1569 -45.42 99.73 -6.01
CA GLY D 1569 -46.61 100.13 -5.29
C GLY D 1569 -47.46 98.94 -4.89
N LEU D 1570 -47.37 97.86 -5.67
CA LEU D 1570 -48.14 96.67 -5.35
C LEU D 1570 -47.58 95.95 -4.14
N PHE D 1571 -46.31 95.56 -4.20
CA PHE D 1571 -45.68 94.76 -3.17
C PHE D 1571 -44.77 95.63 -2.30
N LYS D 1572 -44.97 95.54 -0.99
CA LYS D 1572 -44.15 96.32 -0.06
C LYS D 1572 -42.70 95.84 -0.06
N SER D 1573 -42.49 94.54 -0.32
CA SER D 1573 -41.12 94.01 -0.36
C SER D 1573 -40.31 94.64 -1.48
N GLU D 1574 -40.94 94.93 -2.62
CA GLU D 1574 -40.29 95.53 -3.76
C GLU D 1574 -40.56 97.03 -3.87
N HIS D 1575 -40.79 97.68 -2.72
CA HIS D 1575 -41.11 99.11 -2.72
C HIS D 1575 -39.97 99.95 -3.30
N LYS D 1576 -38.74 99.42 -3.29
CA LYS D 1576 -37.56 100.17 -3.72
C LYS D 1576 -36.83 99.48 -4.87
N ASN D 1577 -37.51 98.64 -5.65
CA ASN D 1577 -36.87 97.91 -6.74
C ASN D 1577 -37.30 98.49 -8.07
N PRO D 1578 -36.44 99.22 -8.78
CA PRO D 1578 -36.84 99.81 -10.07
C PRO D 1578 -37.12 98.77 -11.14
N VAL D 1579 -36.65 97.54 -10.98
CA VAL D 1579 -36.90 96.51 -12.00
C VAL D 1579 -38.36 96.09 -11.95
N PRO D 1580 -39.09 96.15 -13.06
CA PRO D 1580 -40.48 95.68 -13.06
C PRO D 1580 -40.56 94.20 -12.72
N GLN D 1581 -41.62 93.82 -12.00
CA GLN D 1581 -41.81 92.45 -11.57
C GLN D 1581 -43.27 92.06 -11.72
N CYS D 1582 -43.49 90.77 -11.96
CA CYS D 1582 -44.83 90.19 -12.03
C CYS D 1582 -44.88 88.94 -11.16
N PRO D 1583 -44.97 89.11 -9.85
CA PRO D 1583 -45.01 87.94 -8.95
C PRO D 1583 -46.27 87.13 -9.16
N PRO D 1584 -46.25 85.84 -8.82
CA PRO D 1584 -47.41 84.97 -9.09
C PRO D 1584 -48.69 85.41 -8.38
N ARG D 1585 -48.57 86.19 -7.30
CA ARG D 1585 -49.77 86.64 -6.59
C ARG D 1585 -50.66 87.49 -7.49
N LEU D 1586 -50.04 88.38 -8.27
CA LEU D 1586 -50.80 89.20 -9.21
C LEU D 1586 -51.30 88.34 -10.35
N HIS D 1587 -52.60 88.41 -10.62
CA HIS D 1587 -53.22 87.62 -11.67
C HIS D 1587 -54.48 88.32 -12.16
N VAL D 1588 -54.84 88.06 -13.41
CA VAL D 1588 -56.02 88.69 -14.00
C VAL D 1588 -57.28 88.04 -13.45
N GLN D 1589 -58.24 88.88 -13.04
CA GLN D 1589 -59.52 88.43 -12.54
C GLN D 1589 -60.63 89.00 -13.41
N PHE D 1590 -61.67 88.20 -13.64
CA PHE D 1590 -62.78 88.60 -14.49
C PHE D 1590 -64.07 88.61 -13.67
N LEU D 1591 -64.95 89.55 -14.00
CA LEU D 1591 -66.21 89.69 -13.29
C LEU D 1591 -67.19 88.60 -13.77
N SER D 1592 -67.75 87.87 -12.82
CA SER D 1592 -68.62 86.75 -13.14
C SER D 1592 -69.75 86.65 -12.13
N HIS D 1593 -70.81 85.95 -12.51
CA HIS D 1593 -71.98 85.74 -11.67
C HIS D 1593 -71.98 84.37 -11.00
N VAL D 1594 -70.93 83.56 -11.21
CA VAL D 1594 -70.93 82.19 -10.73
C VAL D 1594 -70.37 82.12 -9.31
N LEU D 1595 -71.23 82.44 -8.33
CA LEU D 1595 -70.87 82.38 -6.92
C LEU D 1595 -72.14 82.21 -6.11
N TRP D 1596 -72.06 81.46 -5.01
CA TRP D 1596 -73.19 81.28 -4.13
C TRP D 1596 -73.13 82.29 -2.98
N SER D 1597 -74.18 82.29 -2.16
CA SER D 1597 -74.27 83.19 -1.02
C SER D 1597 -75.00 82.48 0.12
N ARG D 1598 -74.56 82.77 1.34
CA ARG D 1598 -75.08 82.12 2.53
C ARG D 1598 -76.15 82.97 3.19
N MET D 1599 -77.38 82.45 3.21
CA MET D 1599 -78.46 83.12 3.92
C MET D 1599 -78.21 83.03 5.42
N PRO D 1600 -78.27 84.14 6.15
CA PRO D 1600 -78.04 84.09 7.60
C PRO D 1600 -79.05 83.18 8.29
N ASN D 1601 -78.57 82.44 9.29
CA ASN D 1601 -79.46 81.58 10.07
C ASN D 1601 -80.48 82.40 10.84
N GLN D 1602 -80.05 83.52 11.41
CA GLN D 1602 -80.91 84.40 12.19
C GLN D 1602 -80.81 85.82 11.65
N PHE D 1603 -81.96 86.48 11.52
CA PHE D 1603 -82.03 87.85 11.06
C PHE D 1603 -82.41 88.77 12.22
N LEU D 1604 -82.14 90.07 12.05
CA LEU D 1604 -82.51 91.03 13.06
C LEU D 1604 -84.02 91.10 13.21
N LYS D 1605 -84.50 91.07 14.46
CA LYS D 1605 -85.92 91.13 14.75
C LYS D 1605 -86.34 92.59 14.87
N VAL D 1606 -87.13 93.05 13.91
CA VAL D 1606 -87.65 94.42 13.88
C VAL D 1606 -89.13 94.36 13.55
N ASP D 1607 -89.93 95.13 14.29
CA ASP D 1607 -91.35 95.24 14.05
C ASP D 1607 -91.72 96.66 13.62
N VAL D 1608 -92.57 96.76 12.61
CA VAL D 1608 -92.98 98.05 12.05
C VAL D 1608 -94.49 98.17 12.17
N SER D 1609 -94.95 99.33 12.64
CA SER D 1609 -96.37 99.60 12.81
C SER D 1609 -96.57 101.11 12.92
N ARG D 1610 -97.63 101.60 12.31
CA ARG D 1610 -97.98 103.03 12.40
C ARG D 1610 -98.77 103.24 13.69
N ILE D 1611 -98.12 103.89 14.67
CA ILE D 1611 -98.76 104.07 15.97
C ILE D 1611 -100.02 104.92 15.83
N SER D 1612 -99.92 106.03 15.11
CA SER D 1612 -101.08 106.89 14.88
C SER D 1612 -100.79 107.78 13.68
N GLU D 1613 -101.80 108.56 13.30
CA GLU D 1613 -101.62 109.52 12.21
C GLU D 1613 -100.59 110.58 12.59
N ARG D 1614 -100.63 111.03 13.85
CA ARG D 1614 -99.66 112.02 14.31
C ARG D 1614 -98.26 111.42 14.43
N GLN D 1615 -98.15 110.22 15.02
CA GLN D 1615 -96.84 109.65 15.32
C GLN D 1615 -96.17 108.99 14.13
N GLY D 1616 -96.91 108.69 13.06
CA GLY D 1616 -96.31 108.08 11.90
C GLY D 1616 -95.98 106.61 12.09
N TRP D 1617 -95.18 106.10 11.16
CA TRP D 1617 -94.74 104.71 11.20
C TRP D 1617 -93.54 104.56 12.12
N LEU D 1618 -93.55 103.51 12.92
CA LEU D 1618 -92.51 103.28 13.92
C LEU D 1618 -91.69 102.05 13.56
N VAL D 1619 -90.37 102.18 13.73
CA VAL D 1619 -89.43 101.09 13.51
C VAL D 1619 -88.71 100.84 14.83
N GLN D 1620 -88.69 99.59 15.27
CA GLN D 1620 -88.21 99.23 16.62
C GLN D 1620 -87.38 97.95 16.53
N CYS D 1621 -86.11 98.05 16.91
CA CYS D 1621 -85.22 96.90 17.02
C CYS D 1621 -84.46 97.03 18.33
N LEU D 1622 -84.62 96.05 19.23
CA LEU D 1622 -84.06 96.13 20.57
C LEU D 1622 -83.13 94.98 20.92
N ASP D 1623 -83.07 93.93 20.11
CA ASP D 1623 -82.25 92.77 20.44
C ASP D 1623 -80.95 92.81 19.65
N PRO D 1624 -79.81 92.52 20.28
CA PRO D 1624 -78.53 92.57 19.56
C PRO D 1624 -78.25 91.29 18.81
N LEU D 1625 -77.65 91.45 17.63
CA LEU D 1625 -77.24 90.33 16.79
C LEU D 1625 -75.92 90.70 16.12
N GLN D 1626 -74.95 89.79 16.17
CA GLN D 1626 -73.63 90.04 15.63
C GLN D 1626 -73.18 88.87 14.75
N PHE D 1627 -72.28 89.17 13.83
CA PHE D 1627 -71.63 88.17 13.00
C PHE D 1627 -70.16 88.55 12.87
N MET D 1628 -69.32 87.54 12.64
CA MET D 1628 -67.89 87.75 12.49
C MET D 1628 -67.55 87.84 11.01
N SER D 1629 -66.85 88.89 10.62
CA SER D 1629 -66.52 89.15 9.22
C SER D 1629 -65.04 88.85 8.99
N LEU D 1630 -64.76 88.11 7.93
CA LEU D 1630 -63.39 87.81 7.52
C LEU D 1630 -63.03 88.76 6.38
N HIS D 1631 -62.06 89.64 6.64
CA HIS D 1631 -61.70 90.69 5.69
C HIS D 1631 -60.46 90.24 4.90
N ILE D 1632 -60.63 90.06 3.60
CA ILE D 1632 -59.51 89.76 2.71
C ILE D 1632 -58.75 91.07 2.48
N PRO D 1633 -57.48 91.16 2.85
CA PRO D 1633 -56.78 92.45 2.75
C PRO D 1633 -56.54 92.93 1.34
N GLU D 1634 -56.05 92.05 0.45
CA GLU D 1634 -55.66 92.49 -0.88
C GLU D 1634 -56.88 92.89 -1.72
N GLU D 1635 -58.00 92.19 -1.56
CA GLU D 1635 -59.18 92.43 -2.37
C GLU D 1635 -60.10 93.51 -1.81
N ASN D 1636 -59.79 94.04 -0.62
CA ASN D 1636 -60.63 95.04 0.05
C ASN D 1636 -62.07 94.53 0.19
N ARG D 1637 -62.20 93.25 0.50
CA ARG D 1637 -63.47 92.57 0.62
C ARG D 1637 -63.68 92.09 2.05
N SER D 1638 -64.88 91.60 2.32
CA SER D 1638 -65.21 91.05 3.64
C SER D 1638 -66.36 90.07 3.49
N VAL D 1639 -66.21 88.90 4.09
CA VAL D 1639 -67.24 87.87 4.07
C VAL D 1639 -67.44 87.34 5.48
N ASP D 1640 -68.61 86.76 5.72
CA ASP D 1640 -68.88 86.13 6.99
C ASP D 1640 -68.02 84.88 7.15
N ILE D 1641 -67.50 84.69 8.36
CA ILE D 1641 -66.62 83.54 8.61
C ILE D 1641 -67.36 82.22 8.48
N LEU D 1642 -68.67 82.21 8.72
CA LEU D 1642 -69.47 81.02 8.56
C LEU D 1642 -69.68 80.64 7.10
N GLU D 1643 -69.37 81.54 6.17
CA GLU D 1643 -69.43 81.25 4.75
C GLU D 1643 -68.27 80.39 4.28
N LEU D 1644 -67.20 80.31 5.06
CA LEU D 1644 -66.02 79.51 4.71
C LEU D 1644 -66.27 78.02 4.70
N THR D 1645 -67.51 77.59 4.97
CA THR D 1645 -67.87 76.18 4.85
C THR D 1645 -67.86 75.70 3.40
N GLU D 1646 -67.76 76.61 2.43
CA GLU D 1646 -67.73 76.25 1.03
C GLU D 1646 -66.45 76.68 0.32
N GLN D 1647 -65.67 77.60 0.89
CA GLN D 1647 -64.36 77.97 0.36
C GLN D 1647 -63.31 77.17 1.12
N GLU D 1648 -62.85 76.07 0.53
CA GLU D 1648 -61.92 75.18 1.22
C GLU D 1648 -60.55 75.84 1.38
N GLU D 1649 -60.08 76.57 0.36
CA GLU D 1649 -58.76 77.17 0.42
C GLU D 1649 -58.66 78.21 1.54
N LEU D 1650 -59.65 79.11 1.62
CA LEU D 1650 -59.64 80.12 2.66
C LEU D 1650 -59.79 79.49 4.04
N LEU D 1651 -60.64 78.46 4.15
CA LEU D 1651 -60.80 77.76 5.43
C LEU D 1651 -59.49 77.14 5.89
N LYS D 1652 -58.78 76.46 4.99
CA LYS D 1652 -57.51 75.85 5.35
C LYS D 1652 -56.47 76.91 5.73
N PHE D 1653 -56.41 78.00 4.94
CA PHE D 1653 -55.43 79.04 5.23
C PHE D 1653 -55.71 79.70 6.57
N HIS D 1654 -56.97 79.97 6.89
CA HIS D 1654 -57.31 80.55 8.19
C HIS D 1654 -57.09 79.58 9.34
N TYR D 1655 -57.35 78.29 9.15
CA TYR D 1655 -57.03 77.32 10.19
C TYR D 1655 -55.54 77.28 10.49
N HIS D 1656 -54.71 77.29 9.44
CA HIS D 1656 -53.27 77.34 9.65
C HIS D 1656 -52.79 78.68 10.19
N THR D 1657 -53.48 79.77 9.87
CA THR D 1657 -53.19 81.06 10.50
C THR D 1657 -53.48 81.00 12.00
N LEU D 1658 -54.58 80.36 12.38
CA LEU D 1658 -54.88 80.18 13.79
C LEU D 1658 -53.84 79.30 14.47
N ARG D 1659 -53.37 78.26 13.77
CA ARG D 1659 -52.29 77.43 14.30
C ARG D 1659 -51.02 78.24 14.52
N LEU D 1660 -50.68 79.12 13.58
CA LEU D 1660 -49.51 79.97 13.74
C LEU D 1660 -49.70 80.95 14.89
N TYR D 1661 -50.92 81.47 15.05
CA TYR D 1661 -51.22 82.35 16.18
C TYR D 1661 -51.02 81.62 17.50
N SER D 1662 -51.46 80.37 17.59
CA SER D 1662 -51.20 79.56 18.77
C SER D 1662 -49.72 79.30 18.99
N ALA D 1663 -48.99 78.97 17.92
CA ALA D 1663 -47.58 78.64 18.02
C ALA D 1663 -46.71 79.81 18.44
N VAL D 1664 -46.99 81.02 17.94
CA VAL D 1664 -46.13 82.15 18.29
C VAL D 1664 -46.25 82.51 19.77
N CYS D 1665 -47.42 82.31 20.36
CA CYS D 1665 -47.64 82.56 21.78
C CYS D 1665 -47.53 81.31 22.63
N ALA D 1666 -47.18 80.17 22.02
CA ALA D 1666 -47.07 78.91 22.74
C ALA D 1666 -45.93 78.97 23.76
N LEU D 1667 -46.07 78.12 24.79
CA LEU D 1667 -45.08 78.01 25.87
C LEU D 1667 -44.90 79.34 26.59
N GLY D 1668 -46.00 80.05 26.82
CA GLY D 1668 -46.00 81.24 27.64
C GLY D 1668 -45.23 82.42 27.09
N ASN D 1669 -45.37 82.72 25.80
CA ASN D 1669 -44.82 83.95 25.23
C ASN D 1669 -45.83 85.06 25.48
N HIS D 1670 -45.70 85.67 26.67
CA HIS D 1670 -46.73 86.59 27.15
C HIS D 1670 -46.77 87.88 26.33
N ARG D 1671 -45.61 88.37 25.89
CA ARG D 1671 -45.60 89.57 25.06
C ARG D 1671 -46.29 89.30 23.72
N VAL D 1672 -46.03 88.14 23.12
CA VAL D 1672 -46.69 87.79 21.87
C VAL D 1672 -48.19 87.60 22.07
N ALA D 1673 -48.58 87.05 23.21
CA ALA D 1673 -50.00 86.91 23.51
C ALA D 1673 -50.67 88.28 23.66
N HIS D 1674 -50.00 89.21 24.32
CA HIS D 1674 -50.54 90.57 24.45
C HIS D 1674 -50.65 91.23 23.09
N ALA D 1675 -49.67 91.01 22.21
CA ALA D 1675 -49.76 91.54 20.85
C ALA D 1675 -50.93 90.92 20.10
N LEU D 1676 -51.13 89.61 20.24
CA LEU D 1676 -52.21 88.90 19.57
C LEU D 1676 -53.59 89.28 20.10
N CYS D 1677 -53.67 89.78 21.33
CA CYS D 1677 -54.96 90.23 21.86
C CYS D 1677 -55.57 91.34 21.00
N SER D 1678 -54.73 92.11 20.30
CA SER D 1678 -55.26 93.13 19.41
C SER D 1678 -55.88 92.51 18.16
N HIS D 1679 -55.21 91.52 17.57
CA HIS D 1679 -55.73 90.88 16.36
C HIS D 1679 -56.99 90.08 16.68
N VAL D 1680 -56.97 89.29 17.74
CA VAL D 1680 -58.12 88.51 18.18
C VAL D 1680 -58.46 88.96 19.60
N ASP D 1681 -59.67 89.47 19.77
CA ASP D 1681 -60.09 90.07 21.03
C ASP D 1681 -61.10 89.20 21.76
N GLU D 1682 -61.48 89.67 22.95
CA GLU D 1682 -62.44 88.95 23.79
C GLU D 1682 -63.80 88.73 23.14
N PRO D 1683 -64.47 89.73 22.55
CA PRO D 1683 -65.76 89.45 21.90
C PRO D 1683 -65.66 88.46 20.76
N GLN D 1684 -64.61 88.59 19.94
CA GLN D 1684 -64.41 87.65 18.84
C GLN D 1684 -64.22 86.23 19.37
N LEU D 1685 -63.34 86.07 20.37
CA LEU D 1685 -63.14 84.76 20.95
C LEU D 1685 -64.43 84.19 21.51
N LEU D 1686 -65.14 84.95 22.35
CA LEU D 1686 -66.36 84.47 22.99
C LEU D 1686 -67.48 84.16 22.01
N TYR D 1687 -67.57 84.88 20.88
CA TYR D 1687 -68.53 84.54 19.85
C TYR D 1687 -68.15 83.28 19.10
N ALA D 1688 -66.85 83.12 18.79
CA ALA D 1688 -66.41 81.87 18.18
C ALA D 1688 -66.58 80.70 19.14
N ILE D 1689 -66.63 80.98 20.45
CA ILE D 1689 -66.84 79.91 21.42
C ILE D 1689 -68.23 79.32 21.25
N GLU D 1690 -69.24 80.17 21.03
CA GLU D 1690 -70.63 79.77 21.16
C GLU D 1690 -71.34 79.56 19.82
N ASN D 1691 -70.88 80.17 18.73
CA ASN D 1691 -71.57 79.98 17.45
C ASN D 1691 -71.61 78.51 17.08
N LYS D 1692 -72.81 78.02 16.75
CA LYS D 1692 -73.00 76.61 16.43
C LYS D 1692 -72.78 76.29 14.96
N TYR D 1693 -72.68 77.30 14.10
CA TYR D 1693 -72.50 77.11 12.68
C TYR D 1693 -71.05 77.28 12.24
N MET D 1694 -70.14 77.45 13.20
CA MET D 1694 -68.73 77.58 12.88
C MET D 1694 -68.20 76.26 12.33
N PRO D 1695 -67.34 76.31 11.32
CA PRO D 1695 -66.67 75.09 10.85
C PRO D 1695 -65.87 74.44 11.98
N GLY D 1696 -65.80 73.11 11.94
CA GLY D 1696 -65.15 72.39 13.03
C GLY D 1696 -63.69 72.74 13.19
N LEU D 1697 -62.97 72.88 12.07
CA LEU D 1697 -61.55 73.21 12.14
C LEU D 1697 -61.34 74.58 12.79
N LEU D 1698 -62.15 75.56 12.39
CA LEU D 1698 -62.05 76.89 12.98
C LEU D 1698 -62.45 76.87 14.46
N ARG D 1699 -63.45 76.06 14.80
CA ARG D 1699 -63.85 75.94 16.20
C ARG D 1699 -62.71 75.40 17.05
N ALA D 1700 -62.07 74.34 16.57
CA ALA D 1700 -60.92 73.78 17.29
C ALA D 1700 -59.78 74.78 17.38
N GLY D 1701 -59.48 75.48 16.28
CA GLY D 1701 -58.44 76.49 16.28
C GLY D 1701 -58.70 77.61 17.26
N TYR D 1702 -59.96 78.05 17.36
CA TYR D 1702 -60.30 79.13 18.28
C TYR D 1702 -60.27 78.67 19.73
N TYR D 1703 -60.75 77.45 20.00
CA TYR D 1703 -60.61 76.97 21.38
C TYR D 1703 -59.16 76.76 21.77
N ASP D 1704 -58.28 76.40 20.83
CA ASP D 1704 -56.84 76.37 21.08
C ASP D 1704 -56.25 77.75 21.30
N LEU D 1705 -56.67 78.72 20.49
CA LEU D 1705 -56.13 80.08 20.60
C LEU D 1705 -56.51 80.72 21.92
N LEU D 1706 -57.75 80.52 22.37
CA LEU D 1706 -58.15 81.05 23.67
C LEU D 1706 -57.27 80.50 24.78
N ILE D 1707 -57.07 79.18 24.80
CA ILE D 1707 -56.24 78.56 25.82
C ILE D 1707 -54.82 79.10 25.77
N ASP D 1708 -54.24 79.15 24.58
CA ASP D 1708 -52.85 79.57 24.46
C ASP D 1708 -52.66 81.03 24.86
N ILE D 1709 -53.59 81.92 24.47
CA ILE D 1709 -53.42 83.34 24.75
C ILE D 1709 -53.66 83.64 26.22
N HIS D 1710 -54.75 83.13 26.78
CA HIS D 1710 -55.19 83.60 28.09
C HIS D 1710 -54.92 82.62 29.23
N LEU D 1711 -55.23 81.34 29.06
CA LEU D 1711 -55.32 80.40 30.18
C LEU D 1711 -54.49 79.14 29.92
N SER D 1712 -53.23 79.33 29.52
CA SER D 1712 -52.31 78.21 29.36
C SER D 1712 -51.16 78.23 30.36
N SER D 1713 -50.59 79.41 30.66
CA SER D 1713 -49.40 79.47 31.50
C SER D 1713 -49.70 79.01 32.93
N TYR D 1714 -50.79 79.51 33.51
CA TYR D 1714 -51.14 79.08 34.86
C TYR D 1714 -51.49 77.60 34.91
N ALA D 1715 -52.20 77.11 33.88
CA ALA D 1715 -52.51 75.69 33.83
C ALA D 1715 -51.25 74.84 33.80
N THR D 1716 -50.27 75.24 32.99
CA THR D 1716 -48.99 74.56 32.96
C THR D 1716 -48.26 74.61 34.29
N ALA D 1717 -48.24 75.77 34.95
CA ALA D 1717 -47.57 75.88 36.25
C ALA D 1717 -48.22 74.98 37.29
N ARG D 1718 -49.55 75.02 37.38
CA ARG D 1718 -50.23 74.18 38.36
C ARG D 1718 -50.09 72.70 38.02
N LEU D 1719 -50.08 72.34 36.74
CA LEU D 1719 -49.86 70.95 36.37
C LEU D 1719 -48.45 70.49 36.72
N MET D 1720 -47.45 71.36 36.58
CA MET D 1720 -46.10 70.99 37.00
C MET D 1720 -45.99 70.85 38.51
N MET D 1721 -46.73 71.67 39.27
CA MET D 1721 -46.63 71.60 40.72
C MET D 1721 -47.68 70.67 41.34
N ASN D 1722 -48.47 70.01 40.49
CA ASN D 1722 -49.51 69.10 40.94
C ASN D 1722 -49.01 67.93 41.77
N ASN D 1723 -47.79 67.46 41.54
CA ASN D 1723 -47.28 66.26 42.20
C ASN D 1723 -46.50 66.57 43.47
N GLU D 1724 -46.50 67.81 43.92
CA GLU D 1724 -45.79 68.21 45.13
C GLU D 1724 -46.78 68.78 46.15
N TYR D 1725 -46.58 68.41 47.42
CA TYR D 1725 -47.54 68.74 48.48
C TYR D 1725 -46.80 69.43 49.63
N ILE D 1726 -46.93 70.76 49.70
CA ILE D 1726 -46.47 71.52 50.85
C ILE D 1726 -47.73 71.93 51.62
N VAL D 1727 -47.91 71.33 52.80
CA VAL D 1727 -49.13 71.53 53.59
C VAL D 1727 -48.76 72.38 54.81
N PRO D 1728 -49.20 73.64 54.88
CA PRO D 1728 -48.89 74.45 56.07
C PRO D 1728 -49.61 73.93 57.30
N MET D 1729 -49.04 74.22 58.48
CA MET D 1729 -49.62 73.80 59.75
C MET D 1729 -50.57 74.90 60.27
N THR D 1730 -51.76 74.93 59.68
CA THR D 1730 -52.78 75.88 60.06
C THR D 1730 -53.95 75.17 60.74
N GLU D 1731 -54.82 75.95 61.37
CA GLU D 1731 -56.03 75.37 61.98
C GLU D 1731 -56.93 74.78 60.91
N GLU D 1732 -57.01 75.42 59.74
CA GLU D 1732 -57.75 74.85 58.62
C GLU D 1732 -57.16 73.51 58.21
N THR D 1733 -55.83 73.40 58.20
CA THR D 1733 -55.19 72.12 57.91
C THR D 1733 -55.55 71.08 58.97
N LYS D 1734 -55.51 71.45 60.25
CA LYS D 1734 -55.87 70.49 61.29
C LYS D 1734 -57.32 70.05 61.19
N SER D 1735 -58.19 70.93 60.67
CA SER D 1735 -59.60 70.59 60.55
C SER D 1735 -59.87 69.56 59.47
N ILE D 1736 -58.91 69.34 58.57
CA ILE D 1736 -59.12 68.40 57.46
C ILE D 1736 -59.23 66.98 58.00
N THR D 1737 -60.17 66.21 57.44
CA THR D 1737 -60.39 64.83 57.81
C THR D 1737 -60.56 63.98 56.56
N LEU D 1738 -60.29 62.68 56.71
CA LEU D 1738 -60.47 61.75 55.61
C LEU D 1738 -61.91 61.69 55.14
N PHE D 1739 -62.86 61.62 56.07
CA PHE D 1739 -64.26 61.44 55.75
C PHE D 1739 -65.07 62.60 56.31
N PRO D 1740 -65.93 63.23 55.52
CA PRO D 1740 -66.63 64.44 56.00
C PRO D 1740 -67.52 64.21 57.21
N ASP D 1741 -68.15 63.04 57.32
CA ASP D 1741 -69.12 62.78 58.37
C ASP D 1741 -68.88 61.39 58.98
N GLU D 1742 -69.76 61.02 59.91
CA GLU D 1742 -69.54 59.81 60.71
C GLU D 1742 -69.57 58.55 59.86
N ASN D 1743 -70.50 58.46 58.92
CA ASN D 1743 -70.54 57.30 58.03
C ASN D 1743 -69.41 57.39 57.01
N LYS D 1744 -68.84 56.23 56.66
CA LYS D 1744 -67.63 56.19 55.85
C LYS D 1744 -68.02 56.11 54.37
N LYS D 1745 -68.44 57.25 53.84
CA LYS D 1745 -68.76 57.38 52.42
C LYS D 1745 -67.91 58.50 51.83
N HIS D 1746 -67.34 58.26 50.66
CA HIS D 1746 -66.50 59.26 50.01
C HIS D 1746 -67.32 60.45 49.57
N GLY D 1747 -66.78 61.65 49.79
CA GLY D 1747 -67.37 62.85 49.25
C GLY D 1747 -67.04 63.02 47.79
N LEU D 1748 -67.64 64.04 47.18
CA LEU D 1748 -67.37 64.32 45.78
C LEU D 1748 -65.92 64.78 45.62
N PRO D 1749 -65.17 64.21 44.67
CA PRO D 1749 -63.79 64.65 44.47
C PRO D 1749 -63.73 66.12 44.08
N GLY D 1750 -62.70 66.80 44.56
CA GLY D 1750 -62.51 68.22 44.30
C GLY D 1750 -63.05 69.17 45.35
N ILE D 1751 -64.33 69.04 45.70
CA ILE D 1751 -64.92 69.92 46.71
C ILE D 1751 -64.35 69.60 48.07
N GLY D 1752 -64.33 70.59 48.94
CA GLY D 1752 -63.78 70.43 50.28
C GLY D 1752 -62.84 71.57 50.60
N LEU D 1753 -62.17 71.43 51.73
CA LEU D 1753 -61.20 72.43 52.20
C LEU D 1753 -59.80 71.88 51.98
N SER D 1754 -59.09 72.44 51.00
CA SER D 1754 -57.72 72.05 50.69
C SER D 1754 -56.79 73.20 51.04
N THR D 1755 -55.77 72.90 51.85
CA THR D 1755 -54.84 73.91 52.34
C THR D 1755 -53.45 73.80 51.72
N SER D 1756 -53.26 72.89 50.76
CA SER D 1756 -51.95 72.74 50.14
C SER D 1756 -51.59 74.00 49.36
N LEU D 1757 -50.33 74.40 49.45
CA LEU D 1757 -49.87 75.59 48.72
C LEU D 1757 -49.88 75.31 47.22
N ARG D 1758 -50.46 76.25 46.47
CA ARG D 1758 -50.66 76.11 45.05
C ARG D 1758 -50.21 77.39 44.38
N PRO D 1759 -49.87 77.34 43.08
CA PRO D 1759 -49.46 78.55 42.38
C PRO D 1759 -50.54 79.63 42.41
N ARG D 1760 -50.09 80.87 42.45
CA ARG D 1760 -50.95 82.03 42.65
C ARG D 1760 -51.37 82.61 41.31
N MET D 1761 -52.65 82.97 41.20
CA MET D 1761 -53.20 83.57 39.99
C MET D 1761 -52.89 85.07 39.98
N GLN D 1762 -52.24 85.54 38.93
CA GLN D 1762 -52.05 86.96 38.70
C GLN D 1762 -52.03 87.20 37.20
N PHE D 1763 -52.98 87.99 36.70
CA PHE D 1763 -53.16 88.20 35.27
C PHE D 1763 -52.86 89.66 34.94
N SER D 1764 -52.04 89.87 33.92
CA SER D 1764 -51.74 91.21 33.46
C SER D 1764 -52.91 91.80 32.70
N SER D 1765 -52.99 93.13 32.67
CA SER D 1765 -54.03 93.80 31.93
C SER D 1765 -53.85 93.58 30.42
N PRO D 1766 -54.95 93.49 29.68
CA PRO D 1766 -54.84 93.28 28.22
C PRO D 1766 -54.23 94.47 27.48
N SER D 1767 -54.00 95.59 28.15
CA SER D 1767 -53.42 96.77 27.52
C SER D 1767 -51.95 96.53 27.19
N PHE D 1768 -51.66 96.20 25.93
CA PHE D 1768 -50.29 95.99 25.49
C PHE D 1768 -49.62 97.26 24.98
N VAL D 1769 -50.31 98.40 25.05
CA VAL D 1769 -49.74 99.65 24.56
C VAL D 1769 -48.50 100.02 25.36
N SER D 1770 -48.56 99.86 26.68
CA SER D 1770 -47.39 100.10 27.52
C SER D 1770 -46.28 99.12 27.17
N ILE D 1771 -45.06 99.63 27.01
CA ILE D 1771 -43.93 98.80 26.61
C ILE D 1771 -43.22 98.16 27.78
N SER D 1772 -43.79 98.25 28.99
CA SER D 1772 -43.12 97.73 30.17
C SER D 1772 -43.09 96.20 30.15
N ASN D 1773 -41.89 95.64 30.35
CA ASN D 1773 -41.78 94.19 30.48
C ASN D 1773 -42.50 93.67 31.72
N GLU D 1774 -42.62 94.49 32.77
CA GLU D 1774 -43.36 94.08 33.96
C GLU D 1774 -44.83 93.82 33.64
N CYS D 1775 -45.46 94.68 32.84
CA CYS D 1775 -46.83 94.43 32.43
C CYS D 1775 -46.93 93.41 31.31
N TYR D 1776 -45.88 93.27 30.49
CA TYR D 1776 -45.87 92.19 29.52
C TYR D 1776 -45.80 90.83 30.19
N GLN D 1777 -45.23 90.76 31.39
CA GLN D 1777 -45.26 89.51 32.15
C GLN D 1777 -46.70 89.09 32.42
N TYR D 1778 -46.86 87.83 32.84
CA TYR D 1778 -48.16 87.25 33.21
C TYR D 1778 -49.04 87.08 31.97
N SER D 1779 -50.26 86.60 32.17
CA SER D 1779 -51.15 86.30 31.05
C SER D 1779 -52.19 87.40 30.92
N PRO D 1780 -52.65 87.68 29.70
CA PRO D 1780 -53.68 88.71 29.52
C PRO D 1780 -54.96 88.37 30.27
N GLU D 1781 -55.61 89.40 30.80
CA GLU D 1781 -56.83 89.22 31.56
C GLU D 1781 -57.98 88.76 30.66
N PHE D 1782 -58.91 88.01 31.24
CA PHE D 1782 -60.06 87.49 30.53
C PHE D 1782 -61.22 87.35 31.52
N PRO D 1783 -62.46 87.52 31.07
CA PRO D 1783 -63.61 87.30 31.96
C PRO D 1783 -63.79 85.84 32.29
N LEU D 1784 -62.99 85.36 33.24
CA LEU D 1784 -62.87 83.95 33.57
C LEU D 1784 -64.09 83.39 34.31
N ASP D 1785 -65.01 84.25 34.74
CA ASP D 1785 -66.29 83.80 35.29
C ASP D 1785 -67.36 83.66 34.22
N ILE D 1786 -67.43 84.61 33.28
CA ILE D 1786 -68.29 84.42 32.11
C ILE D 1786 -67.86 83.18 31.34
N LEU D 1787 -66.55 82.98 31.21
CA LEU D 1787 -66.04 81.80 30.52
C LEU D 1787 -66.48 80.51 31.22
N LYS D 1788 -66.35 80.46 32.55
CA LYS D 1788 -66.72 79.25 33.26
C LYS D 1788 -68.22 78.99 33.25
N SER D 1789 -69.05 80.04 33.29
CA SER D 1789 -70.49 79.84 33.15
C SER D 1789 -70.86 79.35 31.75
N LYS D 1790 -70.28 79.97 30.72
CA LYS D 1790 -70.57 79.58 29.35
C LYS D 1790 -70.14 78.15 29.06
N THR D 1791 -68.97 77.74 29.59
CA THR D 1791 -68.50 76.37 29.37
C THR D 1791 -69.46 75.35 29.98
N ILE D 1792 -69.93 75.63 31.21
CA ILE D 1792 -70.87 74.71 31.87
C ILE D 1792 -72.17 74.63 31.09
N GLN D 1793 -72.72 75.79 30.69
CA GLN D 1793 -73.94 75.78 29.90
C GLN D 1793 -73.73 75.00 28.60
N MET D 1794 -72.56 75.16 28.00
CA MET D 1794 -72.24 74.54 26.73
C MET D 1794 -72.21 73.03 26.86
N LEU D 1795 -71.51 72.53 27.88
CA LEU D 1795 -71.40 71.09 28.05
C LEU D 1795 -72.74 70.51 28.44
N THR D 1796 -73.54 71.26 29.22
CA THR D 1796 -74.89 70.80 29.54
C THR D 1796 -75.73 70.63 28.28
N GLU D 1797 -75.68 71.61 27.38
CA GLU D 1797 -76.43 71.48 26.12
C GLU D 1797 -75.89 70.34 25.27
N ALA D 1798 -74.56 70.17 25.23
CA ALA D 1798 -73.96 69.16 24.36
C ALA D 1798 -74.29 67.75 24.84
N VAL D 1799 -74.35 67.54 26.15
CA VAL D 1799 -74.72 66.22 26.68
C VAL D 1799 -76.11 65.83 26.21
N LYS D 1800 -77.06 66.77 26.26
CA LYS D 1800 -78.42 66.46 25.82
C LYS D 1800 -78.50 66.30 24.32
N GLU D 1801 -77.79 67.14 23.57
CA GLU D 1801 -77.88 67.09 22.11
C GLU D 1801 -77.24 65.83 21.55
N GLY D 1802 -76.04 65.50 21.99
CA GLY D 1802 -75.34 64.34 21.44
C GLY D 1802 -75.94 63.03 21.88
N SER D 1803 -76.67 63.03 23.00
CA SER D 1803 -77.30 61.80 23.47
C SER D 1803 -78.34 61.30 22.49
N LEU D 1804 -79.11 62.21 21.88
CA LEU D 1804 -80.09 61.80 20.88
C LEU D 1804 -79.43 61.37 19.58
N HIS D 1805 -78.11 61.58 19.46
CA HIS D 1805 -77.35 61.22 18.27
C HIS D 1805 -77.89 61.92 17.03
N ALA D 1806 -77.93 63.25 17.07
CA ALA D 1806 -78.36 64.03 15.92
C ALA D 1806 -77.33 63.94 14.80
N ARG D 1807 -77.81 64.14 13.58
CA ARG D 1807 -76.97 64.10 12.40
C ARG D 1807 -76.25 65.42 12.14
N ASP D 1808 -76.49 66.44 12.96
CA ASP D 1808 -75.90 67.76 12.79
C ASP D 1808 -75.19 68.18 14.07
N PRO D 1809 -74.03 67.60 14.35
CA PRO D 1809 -73.23 68.06 15.50
C PRO D 1809 -72.63 69.43 15.23
N VAL D 1810 -72.32 70.14 16.32
CA VAL D 1810 -71.66 71.43 16.19
C VAL D 1810 -70.27 71.21 15.63
N GLY D 1811 -69.96 71.89 14.53
CA GLY D 1811 -68.73 71.69 13.82
C GLY D 1811 -68.76 70.60 12.77
N GLY D 1812 -69.87 69.87 12.67
CA GLY D 1812 -70.02 68.84 11.67
C GLY D 1812 -69.80 67.41 12.16
N THR D 1813 -69.01 67.23 13.21
CA THR D 1813 -68.72 65.90 13.74
C THR D 1813 -68.77 65.91 15.25
N THR D 1814 -69.01 64.74 15.83
CA THR D 1814 -68.99 64.60 17.29
C THR D 1814 -67.61 64.93 17.85
N GLU D 1815 -66.54 64.58 17.13
CA GLU D 1815 -65.20 64.93 17.58
C GLU D 1815 -65.03 66.44 17.66
N PHE D 1816 -65.42 67.16 16.61
CA PHE D 1816 -65.30 68.61 16.62
C PHE D 1816 -66.20 69.23 17.69
N LEU D 1817 -67.33 68.58 17.99
CA LEU D 1817 -68.24 69.10 19.00
C LEU D 1817 -67.66 68.93 20.41
N PHE D 1818 -67.03 67.79 20.69
CA PHE D 1818 -66.67 67.45 22.06
C PHE D 1818 -65.20 67.67 22.40
N VAL D 1819 -64.26 67.25 21.53
CA VAL D 1819 -62.85 67.29 21.90
C VAL D 1819 -62.39 68.68 22.31
N PRO D 1820 -62.65 69.76 21.55
CA PRO D 1820 -62.17 71.07 21.98
C PRO D 1820 -62.94 71.64 23.16
N LEU D 1821 -64.24 71.36 23.22
CA LEU D 1821 -65.05 71.86 24.35
C LEU D 1821 -64.62 71.21 25.65
N ILE D 1822 -64.42 69.88 25.66
CA ILE D 1822 -64.03 69.17 26.86
C ILE D 1822 -62.62 69.61 27.26
N LYS D 1823 -61.76 69.84 26.27
CA LYS D 1823 -60.42 70.34 26.51
C LYS D 1823 -60.41 71.72 27.14
N LEU D 1824 -61.27 72.63 26.71
CA LEU D 1824 -61.44 73.90 27.43
C LEU D 1824 -61.95 73.66 28.85
N PHE D 1825 -62.93 72.76 29.00
CA PHE D 1825 -63.38 72.38 30.34
C PHE D 1825 -62.24 71.77 31.15
N TYR D 1826 -61.44 70.89 30.53
CA TYR D 1826 -60.34 70.27 31.25
C TYR D 1826 -59.31 71.30 31.69
N THR D 1827 -58.99 72.27 30.83
CA THR D 1827 -58.07 73.34 31.20
C THR D 1827 -58.62 74.19 32.34
N LEU D 1828 -59.91 74.54 32.29
CA LEU D 1828 -60.52 75.30 33.38
C LEU D 1828 -60.48 74.52 34.69
N LEU D 1829 -60.77 73.22 34.64
CA LEU D 1829 -60.79 72.40 35.85
C LEU D 1829 -59.39 72.22 36.42
N ILE D 1830 -58.41 72.03 35.54
CA ILE D 1830 -57.01 71.97 35.97
C ILE D 1830 -56.63 73.27 36.66
N MET D 1831 -57.00 74.40 36.04
CA MET D 1831 -56.71 75.70 36.64
C MET D 1831 -57.44 75.91 37.95
N GLY D 1832 -58.54 75.18 38.16
CA GLY D 1832 -59.20 75.15 39.45
C GLY D 1832 -60.17 76.28 39.73
N ILE D 1833 -60.62 77.00 38.70
CA ILE D 1833 -61.58 78.07 38.92
C ILE D 1833 -62.92 77.50 39.37
N PHE D 1834 -63.29 76.35 38.80
CA PHE D 1834 -64.52 75.69 39.21
C PHE D 1834 -64.46 75.33 40.69
N HIS D 1835 -65.54 75.65 41.41
CA HIS D 1835 -65.56 75.43 42.85
C HIS D 1835 -66.99 75.18 43.30
N ASN D 1836 -67.14 74.24 44.24
CA ASN D 1836 -68.40 74.00 44.94
C ASN D 1836 -69.52 73.57 43.99
N GLU D 1837 -70.58 74.40 43.90
CA GLU D 1837 -71.77 74.00 43.16
C GLU D 1837 -71.49 73.82 41.66
N ASP D 1838 -70.60 74.63 41.10
CA ASP D 1838 -70.25 74.46 39.70
C ASP D 1838 -69.61 73.10 39.45
N LEU D 1839 -68.68 72.71 40.34
CA LEU D 1839 -68.07 71.39 40.23
C LEU D 1839 -69.10 70.28 40.45
N LYS D 1840 -70.05 70.50 41.37
CA LYS D 1840 -71.09 69.51 41.59
C LYS D 1840 -71.93 69.30 40.34
N HIS D 1841 -72.35 70.39 39.70
CA HIS D 1841 -73.13 70.29 38.48
C HIS D 1841 -72.33 69.64 37.35
N ILE D 1842 -71.05 70.00 37.20
CA ILE D 1842 -70.26 69.42 36.13
C ILE D 1842 -69.99 67.93 36.40
N LEU D 1843 -69.88 67.53 37.66
CA LEU D 1843 -69.78 66.11 38.00
C LEU D 1843 -71.07 65.36 37.74
N GLN D 1844 -72.22 66.00 37.98
CA GLN D 1844 -73.49 65.42 37.57
C GLN D 1844 -73.54 65.22 36.06
N LEU D 1845 -73.03 66.19 35.31
CA LEU D 1845 -72.96 66.04 33.86
C LEU D 1845 -72.06 64.88 33.46
N ILE D 1846 -70.90 64.75 34.12
CA ILE D 1846 -69.95 63.69 33.79
C ILE D 1846 -70.58 62.33 34.08
N GLU D 1847 -71.16 62.16 35.26
CA GLU D 1847 -71.85 60.93 35.62
C GLU D 1847 -72.89 61.23 36.70
N PRO D 1848 -74.18 61.09 36.39
CA PRO D 1848 -75.21 61.43 37.40
C PRO D 1848 -75.29 60.42 38.53
N SER D 1849 -75.24 59.12 38.21
CA SER D 1849 -75.50 58.10 39.23
C SER D 1849 -74.42 58.08 40.30
N VAL D 1850 -73.15 58.05 39.90
CA VAL D 1850 -72.07 57.87 40.86
C VAL D 1850 -71.96 59.09 41.77
N PHE D 1851 -72.03 60.28 41.19
CA PHE D 1851 -71.86 61.52 41.95
C PHE D 1851 -73.15 62.09 42.50
N LYS D 1852 -74.27 61.37 42.37
CA LYS D 1852 -75.54 61.85 42.89
C LYS D 1852 -75.46 62.06 44.40
N GLU D 1853 -75.93 63.22 44.85
CA GLU D 1853 -75.93 63.53 46.27
C GLU D 1853 -76.99 62.72 46.99
N ALA D 1854 -76.60 62.15 48.13
CA ALA D 1854 -77.52 61.34 48.93
C ALA D 1854 -77.12 61.36 50.40
N PRO D 1889 -84.19 58.63 32.96
CA PRO D 1889 -83.20 57.97 32.11
C PRO D 1889 -82.15 58.93 31.58
N LYS D 1890 -81.28 59.41 32.46
CA LYS D 1890 -80.20 60.33 32.10
C LYS D 1890 -78.86 59.62 32.22
N GLU D 1891 -78.06 59.68 31.16
CA GLU D 1891 -76.76 59.03 31.11
C GLU D 1891 -75.68 60.10 30.93
N GLY D 1892 -74.59 59.95 31.68
CA GLY D 1892 -73.51 60.91 31.62
C GLY D 1892 -72.61 60.70 30.42
N LEU D 1893 -71.53 61.48 30.39
CA LEU D 1893 -70.58 61.41 29.29
C LEU D 1893 -69.85 60.08 29.25
N LEU D 1894 -69.71 59.41 30.40
CA LEU D 1894 -68.91 58.19 30.46
C LEU D 1894 -69.53 57.06 29.65
N GLN D 1895 -70.86 57.02 29.56
CA GLN D 1895 -71.56 56.03 28.74
C GLN D 1895 -72.38 56.78 27.69
N MET D 1896 -71.70 57.17 26.60
CA MET D 1896 -72.33 57.93 25.53
C MET D 1896 -71.86 57.46 24.15
N LYS D 1897 -71.10 56.36 24.09
CA LYS D 1897 -70.48 55.88 22.86
C LYS D 1897 -69.68 57.00 22.20
N LEU D 1898 -68.66 57.44 22.93
CA LEU D 1898 -67.79 58.55 22.60
C LEU D 1898 -66.67 58.12 21.65
N PRO D 1899 -66.22 59.03 20.80
CA PRO D 1899 -65.06 58.72 19.95
C PRO D 1899 -63.77 58.63 20.77
N GLU D 1900 -62.74 58.09 20.11
CA GLU D 1900 -61.46 57.88 20.78
C GLU D 1900 -60.81 59.19 21.27
N PRO D 1901 -60.73 60.27 20.48
CA PRO D 1901 -60.17 61.51 21.04
C PRO D 1901 -60.95 62.05 22.23
N VAL D 1902 -62.28 61.89 22.22
CA VAL D 1902 -63.08 62.33 23.37
C VAL D 1902 -62.79 61.45 24.57
N LYS D 1903 -62.61 60.15 24.35
CA LYS D 1903 -62.28 59.22 25.42
C LYS D 1903 -60.93 59.55 26.05
N LEU D 1904 -59.95 59.98 25.26
CA LEU D 1904 -58.67 60.38 25.82
C LEU D 1904 -58.81 61.57 26.77
N GLN D 1905 -59.57 62.59 26.38
CA GLN D 1905 -59.81 63.73 27.26
C GLN D 1905 -60.59 63.34 28.50
N MET D 1906 -61.57 62.45 28.37
CA MET D 1906 -62.29 61.96 29.54
C MET D 1906 -61.35 61.21 30.49
N CYS D 1907 -60.43 60.43 29.95
CA CYS D 1907 -59.44 59.76 30.78
C CYS D 1907 -58.55 60.77 31.51
N LEU D 1908 -58.19 61.86 30.82
CA LEU D 1908 -57.42 62.92 31.47
C LEU D 1908 -58.20 63.53 32.63
N LEU D 1909 -59.50 63.80 32.41
CA LEU D 1909 -60.33 64.36 33.49
C LEU D 1909 -60.43 63.40 34.67
N LEU D 1910 -60.62 62.10 34.38
CA LEU D 1910 -60.69 61.10 35.44
C LEU D 1910 -59.39 61.01 36.22
N GLN D 1911 -58.25 61.07 35.54
CA GLN D 1911 -56.95 61.11 36.20
C GLN D 1911 -56.79 62.34 37.07
N TYR D 1912 -57.27 63.50 36.62
CA TYR D 1912 -57.23 64.69 37.47
C TYR D 1912 -58.08 64.51 38.72
N LEU D 1913 -59.26 63.89 38.59
CA LEU D 1913 -60.09 63.63 39.75
C LEU D 1913 -59.38 62.69 40.73
N CYS D 1914 -58.71 61.66 40.20
CA CYS D 1914 -57.92 60.77 41.05
C CYS D 1914 -56.81 61.53 41.76
N ASP D 1915 -56.15 62.45 41.05
CA ASP D 1915 -55.09 63.25 41.66
C ASP D 1915 -55.66 64.12 42.79
N CYS D 1916 -56.85 64.67 42.60
CA CYS D 1916 -57.49 65.44 43.65
C CYS D 1916 -57.77 64.57 44.87
N GLN D 1917 -58.23 63.34 44.64
CA GLN D 1917 -58.45 62.43 45.77
C GLN D 1917 -57.15 62.12 46.50
N VAL D 1918 -56.06 61.89 45.76
CA VAL D 1918 -54.77 61.64 46.40
C VAL D 1918 -54.31 62.85 47.21
N ARG D 1919 -54.49 64.06 46.69
CA ARG D 1919 -54.15 65.26 47.45
C ARG D 1919 -54.97 65.37 48.73
N HIS D 1920 -56.26 65.06 48.66
CA HIS D 1920 -57.09 65.06 49.87
C HIS D 1920 -56.58 64.05 50.89
N ARG D 1921 -56.19 62.86 50.41
CA ARG D 1921 -55.64 61.84 51.31
C ARG D 1921 -54.38 62.33 51.99
N ILE D 1922 -53.48 62.95 51.22
CA ILE D 1922 -52.21 63.44 51.78
C ILE D 1922 -52.48 64.53 52.81
N GLU D 1923 -53.39 65.44 52.51
CA GLU D 1923 -53.74 66.50 53.46
C GLU D 1923 -54.34 65.94 54.74
N ALA D 1924 -55.20 64.92 54.65
CA ALA D 1924 -55.75 64.31 55.85
C ALA D 1924 -54.68 63.61 56.67
N ILE D 1925 -53.73 62.95 56.00
CA ILE D 1925 -52.61 62.33 56.72
C ILE D 1925 -51.80 63.39 57.46
N VAL D 1926 -51.50 64.51 56.79
CA VAL D 1926 -50.80 65.61 57.46
C VAL D 1926 -51.58 66.16 58.63
N ALA D 1927 -52.90 66.30 58.50
CA ALA D 1927 -53.75 66.74 59.61
C ALA D 1927 -53.69 65.80 60.81
N PHE D 1928 -53.74 64.49 60.56
CA PHE D 1928 -53.64 63.52 61.64
C PHE D 1928 -52.27 63.58 62.31
N SER D 1929 -51.22 63.79 61.52
CA SER D 1929 -49.87 63.91 62.07
C SER D 1929 -49.78 64.98 63.15
N ASP D 1930 -50.52 66.09 63.00
CA ASP D 1930 -50.42 67.18 63.96
C ASP D 1930 -50.65 66.71 65.39
N ASP D 1931 -51.72 65.95 65.63
CA ASP D 1931 -51.99 65.53 67.00
C ASP D 1931 -51.25 64.24 67.35
N PHE D 1932 -51.05 63.35 66.37
CA PHE D 1932 -50.40 62.08 66.69
C PHE D 1932 -48.96 62.32 67.11
N VAL D 1933 -48.23 63.17 66.38
CA VAL D 1933 -46.84 63.48 66.74
C VAL D 1933 -46.76 64.25 68.04
N ALA D 1934 -47.72 65.13 68.32
CA ALA D 1934 -47.72 65.85 69.59
C ALA D 1934 -47.86 64.89 70.77
N LYS D 1935 -48.82 63.95 70.70
CA LYS D 1935 -48.97 62.99 71.79
C LYS D 1935 -47.77 62.05 71.86
N LEU D 1936 -47.19 61.68 70.71
CA LEU D 1936 -45.98 60.87 70.72
C LEU D 1936 -44.85 61.59 71.43
N GLN D 1937 -44.64 62.87 71.15
CA GLN D 1937 -43.60 63.64 71.82
C GLN D 1937 -43.87 63.76 73.31
N ASP D 1938 -45.13 63.99 73.69
CA ASP D 1938 -45.44 64.09 75.11
C ASP D 1938 -45.15 62.79 75.86
N ASN D 1939 -45.59 61.65 75.33
CA ASN D 1939 -45.32 60.39 76.03
C ASN D 1939 -43.84 60.03 75.99
N GLN D 1940 -43.15 60.37 74.90
CA GLN D 1940 -41.73 60.11 74.76
C GLN D 1940 -40.88 60.96 75.70
N ARG D 1941 -41.34 62.16 76.04
CA ARG D 1941 -40.70 62.97 77.06
C ARG D 1941 -41.06 62.56 78.48
N PHE D 1942 -42.29 62.12 78.72
CA PHE D 1942 -42.63 61.55 80.03
C PHE D 1942 -41.79 60.31 80.32
N ARG D 1943 -41.60 59.46 79.31
CA ARG D 1943 -40.74 58.29 79.45
C ARG D 1943 -39.31 58.70 79.78
N TYR D 1944 -38.81 59.75 79.11
CA TYR D 1944 -37.46 60.22 79.39
C TYR D 1944 -37.33 60.74 80.81
N ASN D 1945 -38.35 61.47 81.29
CA ASN D 1945 -38.33 61.95 82.67
C ASN D 1945 -38.33 60.81 83.66
N GLU D 1946 -39.15 59.79 83.42
CA GLU D 1946 -39.15 58.61 84.29
C GLU D 1946 -37.80 57.91 84.26
N VAL D 1947 -37.21 57.78 83.07
CA VAL D 1947 -35.91 57.12 82.94
C VAL D 1947 -34.84 57.87 83.71
N MET D 1948 -34.84 59.19 83.59
CA MET D 1948 -33.79 59.98 84.21
C MET D 1948 -33.96 60.06 85.72
N GLN D 1949 -35.20 59.94 86.20
CA GLN D 1949 -35.41 59.92 87.66
C GLN D 1949 -35.10 58.54 88.23
N ALA D 1950 -35.25 57.48 87.43
CA ALA D 1950 -34.89 56.14 87.87
C ALA D 1950 -33.43 55.80 87.59
N LEU D 1951 -32.71 56.69 86.90
CA LEU D 1951 -31.31 56.47 86.57
C LEU D 1951 -30.44 56.14 87.78
N ASN D 1952 -30.71 56.78 88.92
CA ASN D 1952 -29.90 56.53 90.10
C ASN D 1952 -30.09 55.11 90.63
N MET D 1953 -31.26 54.51 90.39
CA MET D 1953 -31.55 53.19 90.92
C MET D 1953 -30.64 52.12 90.32
N SER D 1954 -30.41 52.18 89.00
CA SER D 1954 -29.60 51.19 88.32
C SER D 1954 -28.88 51.85 87.17
N ALA D 1955 -27.54 51.85 87.23
CA ALA D 1955 -26.74 52.44 86.17
C ALA D 1955 -26.68 51.52 84.94
N ALA D 1956 -26.72 50.20 85.16
CA ALA D 1956 -26.66 49.27 84.04
C ALA D 1956 -27.89 49.39 83.15
N LEU D 1957 -29.07 49.49 83.77
CA LEU D 1957 -30.30 49.63 83.00
C LEU D 1957 -30.38 50.97 82.30
N THR D 1958 -29.62 51.96 82.79
CA THR D 1958 -29.68 53.31 82.23
C THR D 1958 -29.26 53.33 80.77
N ALA D 1959 -28.22 52.58 80.41
CA ALA D 1959 -27.73 52.59 79.04
C ALA D 1959 -28.79 52.05 78.08
N ARG D 1960 -29.41 50.93 78.42
CA ARG D 1960 -30.40 50.34 77.51
C ARG D 1960 -31.69 51.15 77.50
N LYS D 1961 -31.98 51.87 78.59
CA LYS D 1961 -33.14 52.76 78.58
C LYS D 1961 -32.88 53.97 77.70
N THR D 1962 -31.67 54.52 77.73
CA THR D 1962 -31.34 55.74 77.01
C THR D 1962 -30.87 55.48 75.58
N LYS D 1963 -30.68 54.22 75.18
CA LYS D 1963 -30.32 53.91 73.79
C LYS D 1963 -31.34 54.51 72.83
N GLU D 1964 -32.63 54.40 73.15
CA GLU D 1964 -33.65 55.02 72.32
C GLU D 1964 -33.49 56.54 72.28
N PHE D 1965 -33.17 57.13 73.43
CA PHE D 1965 -33.06 58.59 73.50
C PHE D 1965 -31.79 59.11 72.85
N ARG D 1966 -30.80 58.26 72.62
CA ARG D 1966 -29.59 58.65 71.91
C ARG D 1966 -29.54 58.11 70.48
N SER D 1967 -30.55 57.36 70.05
CA SER D 1967 -30.67 56.98 68.66
C SER D 1967 -31.13 58.17 67.83
N PRO D 1968 -30.70 58.25 66.57
CA PRO D 1968 -31.05 59.42 65.73
C PRO D 1968 -32.55 59.59 65.60
N PRO D 1969 -33.03 60.82 65.43
CA PRO D 1969 -34.49 61.04 65.41
C PRO D 1969 -35.22 60.22 64.37
N GLN D 1970 -34.62 59.99 63.20
CA GLN D 1970 -35.23 59.10 62.21
C GLN D 1970 -35.36 57.69 62.78
N GLU D 1971 -34.32 57.21 63.47
CA GLU D 1971 -34.38 55.90 64.10
C GLU D 1971 -35.44 55.86 65.21
N GLN D 1972 -35.59 56.96 65.93
CA GLN D 1972 -36.59 57.06 66.99
C GLN D 1972 -37.98 56.94 66.40
N ILE D 1973 -38.24 57.64 65.30
CA ILE D 1973 -39.51 57.51 64.60
C ILE D 1973 -39.72 56.06 64.14
N ASN D 1974 -38.69 55.48 63.52
CA ASN D 1974 -38.80 54.12 62.99
C ASN D 1974 -39.08 53.11 64.09
N MET D 1975 -38.47 53.27 65.27
CA MET D 1975 -38.67 52.30 66.34
C MET D 1975 -39.99 52.54 67.09
N LEU D 1976 -40.38 53.80 67.29
CA LEU D 1976 -41.68 54.07 67.89
C LEU D 1976 -42.84 53.73 66.97
N LEU D 1977 -42.58 53.53 65.67
CA LEU D 1977 -43.64 53.19 64.73
C LEU D 1977 -43.63 51.70 64.35
N ASN D 1978 -43.16 50.83 65.25
CA ASN D 1978 -43.19 49.39 65.01
C ASN D 1978 -44.33 48.67 65.72
N PHE D 1979 -45.31 49.40 66.24
CA PHE D 1979 -46.42 48.71 66.91
C PHE D 1979 -47.34 48.02 65.91
N LYS D 1980 -47.07 48.15 64.62
CA LYS D 1980 -47.69 47.27 63.63
C LYS D 1980 -47.24 45.83 63.89
N ASP D 1981 -48.09 44.88 63.50
CA ASP D 1981 -47.89 43.46 63.80
C ASP D 1981 -47.93 43.27 65.32
N ASP D 1982 -47.24 42.24 65.82
CA ASP D 1982 -47.34 41.89 67.23
C ASP D 1982 -46.01 41.82 67.95
N LYS D 1983 -44.91 42.27 67.31
CA LYS D 1983 -43.62 42.26 67.99
C LYS D 1983 -43.59 43.26 69.14
N SER D 1984 -44.21 44.43 68.96
CA SER D 1984 -44.44 45.40 70.03
C SER D 1984 -43.15 45.78 70.76
N GLU D 1985 -42.06 45.93 70.03
CA GLU D 1985 -40.80 46.31 70.66
C GLU D 1985 -40.79 47.78 71.05
N CYS D 1986 -41.68 48.58 70.48
CA CYS D 1986 -41.70 50.01 70.77
C CYS D 1986 -42.23 50.27 72.18
N PRO D 1987 -41.71 51.29 72.87
CA PRO D 1987 -42.32 51.72 74.15
C PRO D 1987 -43.46 52.70 73.93
N CYS D 1988 -44.44 52.28 73.12
CA CYS D 1988 -45.55 53.14 72.72
C CYS D 1988 -46.77 52.85 73.59
N PRO D 1989 -47.41 53.88 74.13
CA PRO D 1989 -48.63 53.66 74.92
C PRO D 1989 -49.75 53.07 74.08
N GLU D 1990 -50.64 52.34 74.76
CA GLU D 1990 -51.68 51.60 74.06
C GLU D 1990 -52.65 52.53 73.33
N GLU D 1991 -52.99 53.66 73.96
CA GLU D 1991 -53.88 54.61 73.30
C GLU D 1991 -53.23 55.22 72.06
N ILE D 1992 -51.93 55.53 72.14
CA ILE D 1992 -51.21 56.04 70.98
C ILE D 1992 -51.18 55.01 69.87
N ARG D 1993 -51.02 53.73 70.24
CA ARG D 1993 -51.09 52.66 69.26
C ARG D 1993 -52.46 52.60 68.60
N ASP D 1994 -53.52 52.72 69.41
CA ASP D 1994 -54.89 52.61 68.89
C ASP D 1994 -55.23 53.74 67.95
N GLN D 1995 -54.73 54.95 68.24
CA GLN D 1995 -55.02 56.08 67.37
C GLN D 1995 -54.57 55.81 65.94
N LEU D 1996 -53.31 55.39 65.77
CA LEU D 1996 -52.81 55.13 64.43
C LEU D 1996 -53.39 53.85 63.85
N LEU D 1997 -53.67 52.85 64.70
CA LEU D 1997 -54.29 51.63 64.21
C LEU D 1997 -55.69 51.88 63.66
N ASP D 1998 -56.37 52.91 64.16
CA ASP D 1998 -57.67 53.30 63.61
C ASP D 1998 -57.52 54.21 62.40
N PHE D 1999 -56.58 55.16 62.44
CA PHE D 1999 -56.40 56.07 61.32
C PHE D 1999 -55.93 55.33 60.07
N HIS D 2000 -55.01 54.37 60.23
CA HIS D 2000 -54.56 53.58 59.10
C HIS D 2000 -55.68 52.75 58.48
N GLU D 2001 -56.54 52.14 59.29
CA GLU D 2001 -57.71 51.44 58.78
C GLU D 2001 -58.66 52.38 58.04
N ASP D 2002 -58.88 53.58 58.58
CA ASP D 2002 -59.73 54.55 57.89
C ASP D 2002 -59.11 54.96 56.55
N LEU D 2003 -57.80 55.17 56.52
CA LEU D 2003 -57.11 55.52 55.28
C LEU D 2003 -57.17 54.41 54.26
N MET D 2004 -56.99 53.16 54.69
CA MET D 2004 -57.13 52.03 53.77
C MET D 2004 -58.56 51.90 53.25
N THR D 2005 -59.56 52.16 54.10
CA THR D 2005 -60.95 52.16 53.64
C THR D 2005 -61.17 53.25 52.60
N HIS D 2006 -60.61 54.44 52.83
CA HIS D 2006 -60.73 55.52 51.87
C HIS D 2006 -60.06 55.14 50.54
N CYS D 2007 -58.89 54.51 50.61
CA CYS D 2007 -58.21 54.06 49.41
C CYS D 2007 -58.88 52.86 48.76
N GLY D 2008 -59.80 52.19 49.45
CA GLY D 2008 -60.46 51.02 48.92
C GLY D 2008 -59.68 49.73 49.02
N ILE D 2009 -58.58 49.73 49.76
CA ILE D 2009 -57.75 48.53 49.87
C ILE D 2009 -58.51 47.42 50.58
N GLU D 2010 -59.18 47.74 51.69
CA GLU D 2010 -59.90 46.75 52.46
C GLU D 2010 -61.40 46.84 52.21
N LYS D 2053 -76.09 47.97 43.92
CA LYS D 2053 -74.97 47.26 43.33
C LYS D 2053 -74.13 48.20 42.47
N LYS D 2054 -74.53 49.47 42.42
CA LYS D 2054 -73.82 50.46 41.63
C LYS D 2054 -72.45 50.71 42.24
N SER D 2055 -71.55 51.30 41.45
CA SER D 2055 -70.18 51.51 41.88
C SER D 2055 -70.12 52.41 43.11
N SER D 2056 -70.79 53.56 43.05
CA SER D 2056 -70.91 54.53 44.14
C SER D 2056 -69.59 55.20 44.48
N THR D 2057 -68.49 54.82 43.84
CA THR D 2057 -67.19 55.41 44.10
C THR D 2057 -66.49 55.66 42.77
N LEU D 2058 -65.60 56.66 42.77
CA LEU D 2058 -64.86 56.98 41.55
C LEU D 2058 -63.96 55.83 41.13
N GLN D 2059 -63.33 55.16 42.10
CA GLN D 2059 -62.43 54.05 41.80
C GLN D 2059 -63.18 52.92 41.08
N GLN D 2060 -64.31 52.49 41.64
CA GLN D 2060 -65.08 51.43 41.01
C GLN D 2060 -65.67 51.89 39.67
N LEU D 2061 -66.10 53.14 39.59
CA LEU D 2061 -66.62 53.68 38.34
C LEU D 2061 -65.57 53.60 37.24
N ILE D 2062 -64.34 54.03 37.53
CA ILE D 2062 -63.28 53.97 36.54
C ILE D 2062 -62.92 52.53 36.19
N SER D 2063 -62.82 51.67 37.21
CA SER D 2063 -62.50 50.27 36.97
C SER D 2063 -63.54 49.58 36.09
N GLU D 2064 -64.81 49.96 36.21
CA GLU D 2064 -65.83 49.45 35.30
C GLU D 2064 -65.74 50.07 33.92
N THR D 2065 -65.54 51.39 33.85
CA THR D 2065 -65.62 52.10 32.57
C THR D 2065 -64.47 51.73 31.65
N MET D 2066 -63.25 51.65 32.19
CA MET D 2066 -62.09 51.32 31.35
C MET D 2066 -62.25 49.94 30.72
N VAL D 2067 -62.60 48.95 31.54
CA VAL D 2067 -62.79 47.58 31.05
C VAL D 2067 -63.96 47.52 30.09
N ARG D 2068 -65.03 48.27 30.36
CA ARG D 2068 -66.16 48.28 29.46
C ARG D 2068 -65.79 48.83 28.09
N TRP D 2069 -65.01 49.91 28.06
CA TRP D 2069 -64.55 50.45 26.78
C TRP D 2069 -63.69 49.44 26.03
N ALA D 2070 -62.74 48.83 26.75
CA ALA D 2070 -61.82 47.89 26.11
C ALA D 2070 -62.57 46.67 25.56
N GLN D 2071 -63.56 46.17 26.30
CA GLN D 2071 -64.36 45.05 25.80
C GLN D 2071 -65.26 45.48 24.65
N GLU D 2072 -65.77 46.71 24.70
CA GLU D 2072 -66.70 47.18 23.67
C GLU D 2072 -66.00 47.32 22.33
N SER D 2073 -64.84 47.97 22.31
CA SER D 2073 -64.19 48.25 21.03
C SER D 2073 -62.71 47.95 21.12
N VAL D 2074 -62.14 47.60 19.97
CA VAL D 2074 -60.69 47.46 19.83
C VAL D 2074 -60.11 48.86 19.59
N ILE D 2075 -59.48 49.42 20.62
CA ILE D 2075 -59.01 50.80 20.54
C ILE D 2075 -57.81 50.87 19.60
N GLU D 2076 -57.94 51.63 18.53
CA GLU D 2076 -56.89 51.76 17.52
C GLU D 2076 -55.73 52.64 17.99
N ASP D 2077 -56.04 53.71 18.72
CA ASP D 2077 -55.00 54.64 19.13
C ASP D 2077 -54.20 54.07 20.29
N PRO D 2078 -52.89 53.89 20.15
CA PRO D 2078 -52.09 53.35 21.27
C PRO D 2078 -52.11 54.22 22.51
N GLU D 2079 -52.17 55.55 22.37
CA GLU D 2079 -52.17 56.43 23.53
C GLU D 2079 -53.43 56.26 24.37
N LEU D 2080 -54.58 56.04 23.74
CA LEU D 2080 -55.80 55.80 24.52
C LEU D 2080 -55.69 54.52 25.34
N VAL D 2081 -55.15 53.46 24.74
CA VAL D 2081 -54.94 52.22 25.46
C VAL D 2081 -53.99 52.43 26.63
N ARG D 2082 -52.89 53.15 26.38
CA ARG D 2082 -51.93 53.42 27.43
C ARG D 2082 -52.57 54.18 28.59
N ALA D 2083 -53.32 55.25 28.28
CA ALA D 2083 -53.95 56.04 29.32
C ALA D 2083 -54.99 55.23 30.08
N MET D 2084 -55.79 54.44 29.39
CA MET D 2084 -56.82 53.63 30.05
C MET D 2084 -56.18 52.64 31.01
N PHE D 2085 -55.12 51.96 30.59
CA PHE D 2085 -54.51 50.96 31.47
C PHE D 2085 -53.73 51.61 32.60
N VAL D 2086 -53.12 52.78 32.36
CA VAL D 2086 -52.49 53.52 33.45
C VAL D 2086 -53.52 53.89 34.49
N LEU D 2087 -54.68 54.40 34.05
CA LEU D 2087 -55.72 54.79 35.00
C LEU D 2087 -56.26 53.59 35.76
N LEU D 2088 -56.46 52.47 35.07
CA LEU D 2088 -56.94 51.26 35.74
C LEU D 2088 -55.94 50.78 36.78
N HIS D 2089 -54.64 50.80 36.44
CA HIS D 2089 -53.62 50.42 37.41
C HIS D 2089 -53.60 51.39 38.60
N ARG D 2090 -53.83 52.68 38.33
CA ARG D 2090 -53.91 53.64 39.43
C ARG D 2090 -55.06 53.31 40.37
N GLN D 2091 -56.22 52.95 39.81
CA GLN D 2091 -57.34 52.56 40.66
C GLN D 2091 -57.05 51.29 41.46
N TYR D 2092 -56.39 50.30 40.84
CA TYR D 2092 -56.14 49.02 41.49
C TYR D 2092 -54.89 49.04 42.37
N ASP D 2093 -54.12 50.12 42.35
CA ASP D 2093 -52.89 50.20 43.14
C ASP D 2093 -52.88 51.51 43.93
N GLY D 2094 -53.97 51.77 44.66
CA GLY D 2094 -54.09 53.04 45.36
C GLY D 2094 -52.97 53.29 46.36
N ILE D 2095 -52.40 52.22 46.93
CA ILE D 2095 -51.29 52.38 47.85
C ILE D 2095 -50.07 52.94 47.13
N GLY D 2096 -49.97 52.69 45.81
CA GLY D 2096 -48.89 53.27 45.03
C GLY D 2096 -48.93 54.78 44.99
N GLY D 2097 -50.12 55.36 44.89
CA GLY D 2097 -50.22 56.81 44.98
C GLY D 2097 -49.65 57.35 46.28
N LEU D 2098 -49.92 56.66 47.39
CA LEU D 2098 -49.36 57.09 48.67
C LEU D 2098 -47.84 56.92 48.70
N VAL D 2099 -47.33 55.76 48.24
CA VAL D 2099 -45.89 55.54 48.28
C VAL D 2099 -45.13 56.46 47.32
N ARG D 2100 -45.81 57.06 46.34
CA ARG D 2100 -45.16 58.02 45.46
C ARG D 2100 -45.41 59.47 45.85
N ALA D 2101 -46.45 59.73 46.66
CA ALA D 2101 -46.75 61.11 47.05
C ALA D 2101 -46.11 61.48 48.37
N LEU D 2102 -46.17 60.58 49.35
CA LEU D 2102 -45.59 60.87 50.67
C LEU D 2102 -44.11 61.23 50.63
N PRO D 2103 -43.24 60.55 49.86
CA PRO D 2103 -41.84 61.02 49.76
C PRO D 2103 -41.71 62.42 49.16
N LYS D 2104 -42.71 62.88 48.42
CA LYS D 2104 -42.74 64.26 47.93
C LYS D 2104 -43.67 65.14 48.76
N THR D 2105 -43.98 64.73 49.98
CA THR D 2105 -44.83 65.51 50.88
C THR D 2105 -43.96 66.19 51.93
N TYR D 2106 -44.09 67.51 52.04
CA TYR D 2106 -43.37 68.29 53.03
C TYR D 2106 -44.35 69.13 53.83
N THR D 2107 -43.94 69.47 55.04
CA THR D 2107 -44.76 70.22 55.99
C THR D 2107 -43.97 71.41 56.51
N ILE D 2108 -44.60 72.57 56.54
CA ILE D 2108 -43.96 73.81 56.97
C ILE D 2108 -44.81 74.47 58.03
N ASN D 2109 -44.18 75.35 58.82
CA ASN D 2109 -44.90 76.12 59.82
C ASN D 2109 -45.68 77.26 59.14
N GLY D 2110 -46.63 77.83 59.89
CA GLY D 2110 -47.45 78.90 59.36
C GLY D 2110 -46.66 80.17 59.06
N VAL D 2111 -45.61 80.43 59.83
CA VAL D 2111 -44.85 81.66 59.66
C VAL D 2111 -44.08 81.65 58.34
N SER D 2112 -43.69 80.46 57.85
CA SER D 2112 -42.86 80.35 56.66
C SER D 2112 -43.66 80.27 55.37
N VAL D 2113 -44.97 80.49 55.43
CA VAL D 2113 -45.82 80.31 54.25
C VAL D 2113 -45.44 81.29 53.15
N GLU D 2114 -45.22 82.56 53.50
CA GLU D 2114 -44.90 83.56 52.50
C GLU D 2114 -43.56 83.28 51.82
N ASP D 2115 -42.55 82.92 52.62
CA ASP D 2115 -41.25 82.61 52.03
C ASP D 2115 -41.33 81.36 51.17
N THR D 2116 -42.10 80.36 51.60
CA THR D 2116 -42.27 79.15 50.81
C THR D 2116 -42.97 79.44 49.49
N ILE D 2117 -44.01 80.26 49.50
CA ILE D 2117 -44.73 80.55 48.26
C ILE D 2117 -43.87 81.38 47.32
N ASN D 2118 -43.07 82.32 47.85
CA ASN D 2118 -42.15 83.06 46.99
C ASN D 2118 -41.11 82.14 46.37
N LEU D 2119 -40.55 81.22 47.17
CA LEU D 2119 -39.58 80.27 46.64
C LEU D 2119 -40.21 79.35 45.60
N LEU D 2120 -41.44 78.91 45.83
CA LEU D 2120 -42.15 78.10 44.85
C LEU D 2120 -42.43 78.85 43.55
N ALA D 2121 -42.78 80.13 43.62
CA ALA D 2121 -42.94 80.91 42.41
C ALA D 2121 -41.63 81.04 41.63
N SER D 2122 -40.53 81.31 42.34
CA SER D 2122 -39.23 81.39 41.68
C SER D 2122 -38.87 80.05 41.03
N LEU D 2123 -39.10 78.95 41.75
CA LEU D 2123 -38.85 77.63 41.20
C LEU D 2123 -39.74 77.34 40.00
N GLY D 2124 -40.99 77.80 40.04
CA GLY D 2124 -41.89 77.61 38.93
C GLY D 2124 -41.36 78.30 37.70
N GLN D 2125 -40.86 79.52 37.87
CA GLN D 2125 -40.25 80.23 36.74
C GLN D 2125 -39.04 79.46 36.21
N ILE D 2126 -38.14 79.04 37.10
CA ILE D 2126 -36.92 78.35 36.66
C ILE D 2126 -37.26 77.06 35.92
N ARG D 2127 -38.20 76.28 36.45
CA ARG D 2127 -38.62 75.02 35.86
C ARG D 2127 -39.38 75.19 34.56
N SER D 2128 -40.25 76.20 34.46
CA SER D 2128 -40.99 76.47 33.25
C SER D 2128 -40.11 77.01 32.12
N LEU D 2129 -39.02 77.70 32.44
CA LEU D 2129 -38.12 78.13 31.38
C LEU D 2129 -37.18 77.03 30.91
N LEU D 2130 -37.37 75.79 31.37
CA LEU D 2130 -36.66 74.65 30.78
C LEU D 2130 -37.12 74.40 29.35
N SER D 2131 -38.40 74.63 29.08
CA SER D 2131 -39.01 74.25 27.81
C SER D 2131 -38.77 75.25 26.70
N VAL D 2132 -37.96 76.28 26.93
CA VAL D 2132 -37.66 77.28 25.91
C VAL D 2132 -36.18 77.21 25.57
N ARG D 2133 -35.84 77.55 24.33
CA ARG D 2133 -34.46 77.58 23.90
C ARG D 2133 -33.71 78.70 24.61
N MET D 2134 -32.44 78.46 24.90
CA MET D 2134 -31.68 79.36 25.75
C MET D 2134 -31.39 80.68 25.04
N GLY D 2135 -31.44 81.78 25.81
CA GLY D 2135 -31.20 83.10 25.25
C GLY D 2135 -30.69 84.05 26.31
N LYS D 2136 -30.50 85.31 25.90
CA LYS D 2136 -29.96 86.33 26.81
C LYS D 2136 -30.96 86.70 27.89
N GLU D 2137 -32.20 86.98 27.50
CA GLU D 2137 -33.22 87.34 28.49
C GLU D 2137 -33.50 86.15 29.41
N GLU D 2138 -33.47 84.93 28.88
CA GLU D 2138 -33.56 83.74 29.70
C GLU D 2138 -32.36 83.59 30.64
N GLU D 2139 -31.18 84.03 30.20
CA GLU D 2139 -30.02 84.03 31.09
C GLU D 2139 -30.23 84.98 32.27
N LYS D 2140 -30.73 86.19 31.99
CA LYS D 2140 -31.07 87.10 33.07
C LYS D 2140 -32.13 86.52 34.00
N LEU D 2141 -33.16 85.87 33.45
CA LEU D 2141 -34.19 85.26 34.28
C LEU D 2141 -33.61 84.16 35.16
N MET D 2142 -32.75 83.30 34.59
CA MET D 2142 -32.10 82.26 35.39
C MET D 2142 -31.27 82.86 36.53
N ILE D 2143 -30.44 83.85 36.23
CA ILE D 2143 -29.59 84.43 37.26
C ILE D 2143 -30.43 85.08 38.34
N ARG D 2144 -31.46 85.83 37.96
CA ARG D 2144 -32.29 86.52 38.94
C ARG D 2144 -33.07 85.53 39.80
N GLY D 2145 -33.61 84.48 39.18
CA GLY D 2145 -34.33 83.48 39.95
C GLY D 2145 -33.45 82.72 40.91
N LEU D 2146 -32.24 82.36 40.45
CA LEU D 2146 -31.29 81.69 41.34
C LEU D 2146 -30.90 82.60 42.50
N GLY D 2147 -30.72 83.89 42.23
CA GLY D 2147 -30.46 84.84 43.30
C GLY D 2147 -31.57 84.91 44.32
N ASP D 2148 -32.82 84.99 43.85
CA ASP D 2148 -33.95 85.01 44.78
C ASP D 2148 -34.00 83.73 45.61
N ILE D 2149 -33.78 82.58 44.97
CA ILE D 2149 -33.83 81.30 45.69
C ILE D 2149 -32.74 81.27 46.75
N MET D 2150 -31.53 81.74 46.42
CA MET D 2150 -30.47 81.82 47.42
C MET D 2150 -30.87 82.73 48.56
N ASN D 2151 -31.51 83.87 48.26
CA ASN D 2151 -31.85 84.83 49.29
C ASN D 2151 -32.96 84.32 50.20
N ASN D 2152 -33.82 83.43 49.71
CA ASN D 2152 -34.88 82.89 50.56
C ASN D 2152 -34.30 82.11 51.73
N LYS D 2153 -34.85 82.36 52.93
CA LYS D 2153 -34.38 81.67 54.12
C LYS D 2153 -34.81 80.21 54.12
N VAL D 2154 -35.87 79.88 53.38
CA VAL D 2154 -36.35 78.50 53.31
C VAL D 2154 -35.30 77.60 52.67
N PHE D 2155 -34.56 78.14 51.69
CA PHE D 2155 -33.51 77.38 51.03
C PHE D 2155 -32.47 76.87 52.03
N TYR D 2156 -32.20 77.65 53.08
CA TYR D 2156 -31.28 77.20 54.11
C TYR D 2156 -31.98 76.33 55.15
N GLN D 2157 -33.15 76.77 55.61
CA GLN D 2157 -33.78 76.12 56.76
C GLN D 2157 -34.32 74.74 56.42
N HIS D 2158 -34.68 74.51 55.15
CA HIS D 2158 -35.29 73.24 54.77
C HIS D 2158 -34.56 72.61 53.59
N PRO D 2159 -33.40 71.99 53.80
CA PRO D 2159 -32.73 71.32 52.67
C PRO D 2159 -33.49 70.11 52.17
N ASN D 2160 -34.25 69.43 53.03
CA ASN D 2160 -35.02 68.27 52.60
C ASN D 2160 -36.10 68.66 51.61
N LEU D 2161 -36.79 69.78 51.85
CA LEU D 2161 -37.75 70.29 50.88
C LEU D 2161 -37.07 70.62 49.55
N MET D 2162 -35.89 71.22 49.61
CA MET D 2162 -35.18 71.58 48.40
C MET D 2162 -34.82 70.34 47.59
N ARG D 2163 -34.37 69.28 48.28
CA ARG D 2163 -34.03 68.03 47.62
C ARG D 2163 -35.27 67.33 47.07
N ALA D 2164 -36.39 67.37 47.79
CA ALA D 2164 -37.60 66.70 47.34
C ALA D 2164 -38.25 67.43 46.16
N LEU D 2165 -38.01 68.74 46.05
CA LEU D 2165 -38.56 69.51 44.94
C LEU D 2165 -37.83 69.22 43.64
N GLY D 2166 -36.73 68.48 43.71
CA GLY D 2166 -35.95 68.15 42.53
C GLY D 2166 -35.29 69.37 41.93
N MET D 2167 -34.86 70.30 42.78
CA MET D 2167 -34.33 71.58 42.31
C MET D 2167 -32.94 71.43 41.70
N HIS D 2168 -32.08 70.65 42.37
CA HIS D 2168 -30.74 70.43 41.84
C HIS D 2168 -30.80 69.74 40.49
N GLU D 2169 -31.76 68.83 40.28
CA GLU D 2169 -31.95 68.23 38.97
C GLU D 2169 -32.36 69.26 37.93
N THR D 2170 -33.20 70.23 38.29
CA THR D 2170 -33.59 71.27 37.33
C THR D 2170 -32.40 72.13 36.93
N VAL D 2171 -31.62 72.56 37.91
CA VAL D 2171 -30.42 73.35 37.60
C VAL D 2171 -29.45 72.53 36.75
N MET D 2172 -29.30 71.24 37.08
CA MET D 2172 -28.46 70.35 36.31
C MET D 2172 -28.93 70.23 34.88
N GLU D 2173 -30.25 70.09 34.66
CA GLU D 2173 -30.76 69.99 33.31
C GLU D 2173 -30.53 71.26 32.50
N VAL D 2174 -30.70 72.43 33.14
CA VAL D 2174 -30.38 73.68 32.45
C VAL D 2174 -28.91 73.68 32.02
N MET D 2175 -28.02 73.32 32.95
CA MET D 2175 -26.60 73.30 32.62
C MET D 2175 -26.28 72.27 31.55
N VAL D 2176 -26.95 71.11 31.58
CA VAL D 2176 -26.74 70.08 30.56
C VAL D 2176 -27.13 70.62 29.20
N ASN D 2177 -28.30 71.25 29.10
CA ASN D 2177 -28.75 71.78 27.82
C ASN D 2177 -27.75 72.79 27.28
N VAL D 2178 -27.32 73.73 28.12
CA VAL D 2178 -26.46 74.79 27.63
C VAL D 2178 -25.07 74.26 27.28
N LEU D 2179 -24.52 73.37 28.10
CA LEU D 2179 -23.20 72.79 27.81
C LEU D 2179 -23.23 71.96 26.54
N GLY D 2180 -24.31 71.18 26.33
CA GLY D 2180 -24.43 70.44 25.08
C GLY D 2180 -24.59 71.33 23.88
N GLY D 2181 -25.30 72.44 24.02
CA GLY D 2181 -25.43 73.38 22.91
C GLY D 2181 -24.14 74.15 22.67
N GLY D 2182 -23.52 73.88 21.53
CA GLY D 2182 -22.30 74.56 21.14
C GLY D 2182 -21.12 74.31 22.05
N GLU D 2183 -20.89 73.03 22.39
CA GLU D 2183 -19.78 72.69 23.28
C GLU D 2183 -18.43 72.97 22.62
N SER D 2184 -18.33 72.75 21.31
CA SER D 2184 -17.06 72.96 20.62
C SER D 2184 -16.64 74.43 20.63
N LYS D 2185 -17.58 75.33 20.38
CA LYS D 2185 -17.29 76.77 20.37
C LYS D 2185 -17.44 77.31 21.81
N GLU D 2186 -16.42 76.97 22.62
CA GLU D 2186 -16.38 77.24 24.06
C GLU D 2186 -17.76 77.03 24.70
N ILE D 2187 -18.19 77.91 25.59
CA ILE D 2187 -19.50 77.73 26.20
C ILE D 2187 -20.38 78.97 26.01
N THR D 2188 -21.48 78.81 25.28
CA THR D 2188 -22.42 79.91 25.13
C THR D 2188 -23.05 80.26 26.46
N PHE D 2189 -23.22 81.57 26.70
CA PHE D 2189 -23.77 82.09 27.94
C PHE D 2189 -22.98 81.58 29.14
N PRO D 2190 -21.69 81.90 29.23
CA PRO D 2190 -20.88 81.36 30.34
C PRO D 2190 -21.30 81.85 31.70
N LYS D 2191 -21.90 83.04 31.79
CA LYS D 2191 -22.30 83.60 33.07
C LYS D 2191 -23.36 82.75 33.77
N MET D 2192 -24.37 82.27 33.03
CA MET D 2192 -25.40 81.46 33.66
C MET D 2192 -24.87 80.08 34.03
N VAL D 2193 -23.95 79.55 33.23
CA VAL D 2193 -23.31 78.28 33.58
C VAL D 2193 -22.54 78.42 34.89
N ALA D 2194 -21.78 79.52 35.02
CA ALA D 2194 -21.06 79.79 36.26
C ALA D 2194 -22.02 79.97 37.43
N ASN D 2195 -23.14 80.66 37.20
CA ASN D 2195 -24.13 80.85 38.26
C ASN D 2195 -24.72 79.52 38.71
N CYS D 2196 -25.04 78.64 37.76
CA CYS D 2196 -25.58 77.33 38.11
C CYS D 2196 -24.57 76.48 38.86
N CYS D 2197 -23.30 76.53 38.44
CA CYS D 2197 -22.27 75.80 39.16
C CYS D 2197 -22.11 76.33 40.58
N ARG D 2198 -22.14 77.65 40.73
CA ARG D 2198 -22.08 78.25 42.06
C ARG D 2198 -23.26 77.82 42.92
N PHE D 2199 -24.46 77.81 42.33
CA PHE D 2199 -25.64 77.40 43.06
C PHE D 2199 -25.55 75.94 43.50
N LEU D 2200 -25.04 75.07 42.61
CA LEU D 2200 -24.88 73.68 42.98
C LEU D 2200 -23.84 73.48 44.07
N CYS D 2201 -22.73 74.23 44.00
CA CYS D 2201 -21.73 74.15 45.05
C CYS D 2201 -22.30 74.59 46.40
N TYR D 2202 -23.05 75.69 46.40
CA TYR D 2202 -23.68 76.16 47.62
C TYR D 2202 -24.75 75.20 48.13
N PHE D 2203 -25.49 74.57 47.22
CA PHE D 2203 -26.47 73.56 47.60
C PHE D 2203 -25.79 72.36 48.25
N CYS D 2204 -24.65 71.95 47.72
CA CYS D 2204 -23.86 70.91 48.38
C CYS D 2204 -23.40 71.36 49.77
N ARG D 2205 -22.96 72.61 49.88
CA ARG D 2205 -22.44 73.11 51.15
C ARG D 2205 -23.53 73.28 52.21
N ILE D 2206 -24.79 73.47 51.79
CA ILE D 2206 -25.87 73.71 52.76
C ILE D 2206 -26.01 72.54 53.72
N SER D 2207 -26.08 71.32 53.19
CA SER D 2207 -26.30 70.15 54.03
C SER D 2207 -25.58 68.95 53.44
N ARG D 2208 -25.32 67.96 54.30
CA ARG D 2208 -24.53 66.81 53.89
C ARG D 2208 -25.33 65.87 52.99
N GLN D 2209 -26.62 65.69 53.26
CA GLN D 2209 -27.45 64.86 52.39
C GLN D 2209 -27.57 65.43 50.98
N ASN D 2210 -27.67 66.76 50.86
CA ASN D 2210 -27.65 67.38 49.53
C ASN D 2210 -26.33 67.10 48.82
N GLN D 2211 -25.24 66.99 49.57
CA GLN D 2211 -23.95 66.66 48.97
C GLN D 2211 -23.99 65.29 48.33
N LYS D 2212 -24.58 64.30 49.02
CA LYS D 2212 -24.73 62.97 48.44
C LYS D 2212 -25.68 62.98 47.26
N ALA D 2213 -26.76 63.76 47.36
CA ALA D 2213 -27.70 63.86 46.25
C ALA D 2213 -27.02 64.39 44.99
N MET D 2214 -26.14 65.38 45.15
CA MET D 2214 -25.38 65.88 44.01
C MET D 2214 -24.30 64.89 43.58
N PHE D 2215 -23.71 64.16 44.53
CA PHE D 2215 -22.72 63.14 44.21
C PHE D 2215 -23.29 62.04 43.33
N ASP D 2216 -24.59 61.75 43.45
CA ASP D 2216 -25.19 60.70 42.64
C ASP D 2216 -25.06 60.95 41.15
N HIS D 2217 -24.81 62.19 40.72
CA HIS D 2217 -24.60 62.52 39.31
C HIS D 2217 -23.18 63.02 39.06
N LEU D 2218 -22.21 62.56 39.84
CA LEU D 2218 -20.84 63.04 39.69
C LEU D 2218 -20.22 62.60 38.37
N SER D 2219 -20.76 61.54 37.76
CA SER D 2219 -20.19 61.01 36.53
C SER D 2219 -20.27 62.03 35.40
N TYR D 2220 -21.41 62.72 35.27
CA TYR D 2220 -21.62 63.66 34.18
C TYR D 2220 -20.61 64.81 34.25
N LEU D 2221 -20.40 65.33 35.46
CA LEU D 2221 -19.51 66.48 35.64
C LEU D 2221 -18.09 66.13 35.23
N LEU D 2222 -17.74 64.84 35.28
CA LEU D 2222 -16.38 64.46 34.90
C LEU D 2222 -16.14 64.58 33.40
N GLU D 2223 -17.06 64.07 32.57
CA GLU D 2223 -16.86 64.25 31.13
C GLU D 2223 -17.12 65.70 30.72
N ASN D 2224 -17.83 66.45 31.55
CA ASN D 2224 -17.94 67.90 31.33
C ASN D 2224 -17.13 68.71 32.32
N SER D 2225 -15.93 68.22 32.67
CA SER D 2225 -15.03 69.00 33.52
C SER D 2225 -14.38 70.13 32.75
N SER D 2226 -13.97 69.88 31.51
CA SER D 2226 -13.27 70.86 30.70
C SER D 2226 -14.28 71.83 30.06
N VAL D 2227 -14.76 72.75 30.89
CA VAL D 2227 -15.74 73.74 30.47
C VAL D 2227 -15.10 75.13 30.44
N GLY D 2228 -14.65 75.59 31.61
CA GLY D 2228 -14.06 76.91 31.71
C GLY D 2228 -12.83 76.94 32.60
N LEU D 2229 -12.10 75.83 32.64
CA LEU D 2229 -10.93 75.74 33.51
C LEU D 2229 -9.85 76.73 33.07
N ALA D 2230 -9.66 76.89 31.75
CA ALA D 2230 -8.65 77.83 31.26
C ALA D 2230 -9.00 79.27 31.62
N SER D 2231 -10.27 79.64 31.49
CA SER D 2231 -10.66 81.02 31.73
C SER D 2231 -10.66 81.32 33.23
N PRO D 2232 -9.91 82.33 33.67
CA PRO D 2232 -9.95 82.71 35.09
C PRO D 2232 -11.22 83.47 35.43
N ALA D 2233 -11.38 83.83 36.71
CA ALA D 2233 -12.56 84.48 37.28
C ALA D 2233 -13.77 83.55 37.30
N MET D 2234 -13.64 82.35 36.74
CA MET D 2234 -14.68 81.32 36.83
C MET D 2234 -14.30 80.23 37.83
N ARG D 2235 -13.19 80.41 38.56
CA ARG D 2235 -12.78 79.42 39.55
C ARG D 2235 -13.82 79.31 40.65
N GLY D 2236 -14.13 78.08 41.03
CA GLY D 2236 -15.21 77.82 41.94
C GLY D 2236 -16.59 77.80 41.31
N SER D 2237 -16.67 78.02 39.99
CA SER D 2237 -17.94 78.00 39.27
C SER D 2237 -17.88 77.16 38.00
N THR D 2238 -17.15 76.05 38.02
CA THR D 2238 -17.07 75.09 36.93
C THR D 2238 -17.61 73.74 37.37
N PRO D 2239 -18.03 72.89 36.42
CA PRO D 2239 -18.49 71.55 36.81
C PRO D 2239 -17.46 70.74 37.57
N LEU D 2240 -16.17 70.96 37.28
CA LEU D 2240 -15.13 70.33 38.09
C LEU D 2240 -15.18 70.81 39.53
N ASP D 2241 -15.42 72.11 39.74
CA ASP D 2241 -15.60 72.61 41.10
C ASP D 2241 -16.82 72.03 41.76
N VAL D 2242 -17.91 71.82 41.00
CA VAL D 2242 -19.11 71.22 41.57
C VAL D 2242 -18.83 69.79 42.01
N ALA D 2243 -18.10 69.04 41.19
CA ALA D 2243 -17.71 67.68 41.56
C ALA D 2243 -16.81 67.68 42.79
N ALA D 2244 -15.89 68.64 42.86
CA ALA D 2244 -15.01 68.74 44.02
C ALA D 2244 -15.80 69.05 45.28
N ALA D 2245 -16.79 69.93 45.19
CA ALA D 2245 -17.66 70.21 46.33
C ALA D 2245 -18.52 69.02 46.71
N SER D 2246 -18.97 68.24 45.72
CA SER D 2246 -19.77 67.05 46.04
C SER D 2246 -18.92 65.96 46.69
N VAL D 2247 -17.64 65.90 46.38
CA VAL D 2247 -16.74 64.91 46.97
C VAL D 2247 -15.95 65.49 48.13
N MET D 2248 -16.22 66.74 48.52
CA MET D 2248 -15.40 67.45 49.47
C MET D 2248 -15.78 67.06 50.90
N ASP D 2249 -14.79 66.64 51.68
CA ASP D 2249 -14.87 66.44 53.13
C ASP D 2249 -15.96 65.44 53.54
N ASN D 2250 -16.45 64.62 52.63
CA ASN D 2250 -17.42 63.58 52.95
C ASN D 2250 -16.72 62.23 52.83
N ASN D 2251 -16.52 61.54 53.96
CA ASN D 2251 -15.75 60.30 53.95
C ASN D 2251 -16.54 59.17 53.27
N GLU D 2252 -17.85 59.10 53.51
CA GLU D 2252 -18.67 58.12 52.80
C GLU D 2252 -18.57 58.31 51.29
N LEU D 2253 -18.67 59.55 50.82
CA LEU D 2253 -18.57 59.82 49.39
C LEU D 2253 -17.18 59.56 48.85
N ALA D 2254 -16.13 59.92 49.60
CA ALA D 2254 -14.76 59.65 49.15
C ALA D 2254 -14.50 58.16 49.03
N LEU D 2255 -14.99 57.38 49.98
CA LEU D 2255 -14.84 55.93 49.92
C LEU D 2255 -15.67 55.31 48.80
N ALA D 2256 -16.89 55.81 48.57
CA ALA D 2256 -17.71 55.27 47.49
C ALA D 2256 -17.27 55.74 46.12
N LEU D 2257 -16.40 56.76 46.05
CA LEU D 2257 -15.85 57.17 44.76
C LEU D 2257 -15.19 55.99 44.06
N ARG D 2258 -15.53 55.81 42.79
CA ARG D 2258 -15.06 54.66 42.03
C ARG D 2258 -13.72 54.95 41.36
N GLU D 2259 -13.12 53.91 40.81
CA GLU D 2259 -11.84 53.99 40.13
C GLU D 2259 -11.94 54.59 38.73
N PRO D 2260 -12.93 54.22 37.90
CA PRO D 2260 -13.07 54.89 36.60
C PRO D 2260 -13.28 56.39 36.71
N ASP D 2261 -13.96 56.85 37.76
CA ASP D 2261 -14.15 58.29 37.95
C ASP D 2261 -12.81 58.99 38.14
N LEU D 2262 -11.91 58.39 38.92
CA LEU D 2262 -10.56 58.95 39.05
C LEU D 2262 -9.78 58.80 37.76
N GLU D 2263 -10.00 57.71 37.02
CA GLU D 2263 -9.27 57.45 35.78
C GLU D 2263 -9.59 58.51 34.73
N LYS D 2264 -10.85 58.95 34.65
CA LYS D 2264 -11.20 59.98 33.69
C LYS D 2264 -10.44 61.28 33.96
N VAL D 2265 -10.36 61.66 35.24
CA VAL D 2265 -9.63 62.88 35.61
C VAL D 2265 -8.14 62.72 35.36
N VAL D 2266 -7.61 61.52 35.63
CA VAL D 2266 -6.20 61.26 35.35
C VAL D 2266 -5.92 61.37 33.85
N ARG D 2267 -6.83 60.86 33.03
CA ARG D 2267 -6.68 60.96 31.58
C ARG D 2267 -6.73 62.42 31.13
N TYR D 2268 -7.62 63.21 31.71
CA TYR D 2268 -7.67 64.63 31.38
C TYR D 2268 -6.38 65.33 31.77
N LEU D 2269 -5.83 65.00 32.94
CA LEU D 2269 -4.55 65.56 33.35
C LEU D 2269 -3.42 65.15 32.41
N ALA D 2270 -3.41 63.89 31.96
CA ALA D 2270 -2.43 63.45 30.97
C ALA D 2270 -2.57 64.22 29.66
N GLY D 2271 -3.81 64.43 29.21
CA GLY D 2271 -4.02 65.22 28.00
C GLY D 2271 -3.53 66.64 28.15
N CYS D 2272 -3.78 67.26 29.30
CA CYS D 2272 -3.27 68.59 29.58
C CYS D 2272 -1.75 68.64 29.66
N GLY D 2273 -1.10 67.57 30.13
CA GLY D 2273 0.35 67.53 30.18
C GLY D 2273 0.98 67.27 28.83
N LEU D 2274 0.28 66.58 27.94
CA LEU D 2274 0.84 66.27 26.63
C LEU D 2274 0.56 67.38 25.61
N GLN D 2275 -0.60 68.02 25.69
CA GLN D 2275 -1.08 68.91 24.64
C GLN D 2275 -0.99 70.36 25.09
N SER D 2276 -0.78 71.24 24.10
CA SER D 2276 -0.75 72.68 24.33
C SER D 2276 -2.17 73.20 24.56
N CYS D 2277 -2.27 74.43 25.09
CA CYS D 2277 -3.54 75.05 25.41
C CYS D 2277 -4.00 75.87 24.20
N GLN D 2278 -4.96 75.32 23.46
CA GLN D 2278 -5.35 75.91 22.18
C GLN D 2278 -5.94 77.30 22.36
N MET D 2279 -6.75 77.49 23.40
CA MET D 2279 -7.42 78.79 23.58
C MET D 2279 -6.40 79.88 23.88
N LEU D 2280 -5.45 79.61 24.78
CA LEU D 2280 -4.45 80.61 25.12
C LEU D 2280 -3.50 80.86 23.95
N VAL D 2281 -3.08 79.82 23.23
CA VAL D 2281 -2.19 80.07 22.09
C VAL D 2281 -2.94 80.81 20.98
N SER D 2282 -4.27 80.64 20.90
CA SER D 2282 -5.04 81.41 19.94
C SER D 2282 -5.13 82.87 20.37
N LYS D 2283 -5.35 83.12 21.66
CA LYS D 2283 -5.34 84.49 22.15
C LYS D 2283 -3.95 85.13 22.12
N GLY D 2284 -2.90 84.34 21.92
CA GLY D 2284 -1.58 84.88 21.72
C GLY D 2284 -0.55 84.52 22.77
N TYR D 2285 -0.89 83.67 23.72
CA TYR D 2285 0.06 83.29 24.75
C TYR D 2285 1.17 82.43 24.14
N PRO D 2286 2.38 82.50 24.67
CA PRO D 2286 3.47 81.68 24.14
C PRO D 2286 3.16 80.19 24.28
N ASP D 2287 3.58 79.44 23.27
CA ASP D 2287 3.21 78.02 23.15
C ASP D 2287 4.19 77.16 23.93
N ILE D 2288 3.66 76.39 24.88
CA ILE D 2288 4.42 75.36 25.57
C ILE D 2288 3.70 74.03 25.35
N GLY D 2289 4.34 72.93 25.73
CA GLY D 2289 3.81 71.62 25.41
C GLY D 2289 2.75 71.08 26.37
N TRP D 2290 2.43 71.82 27.41
CA TRP D 2290 1.55 71.34 28.47
C TRP D 2290 0.65 72.45 28.98
N ASN D 2291 -0.36 72.06 29.76
CA ASN D 2291 -1.44 72.96 30.16
C ASN D 2291 -1.44 73.16 31.67
N PRO D 2292 -0.66 74.11 32.20
CA PRO D 2292 -0.64 74.32 33.66
C PRO D 2292 -1.98 74.72 34.24
N VAL D 2293 -2.74 75.55 33.51
CA VAL D 2293 -3.96 76.13 34.10
C VAL D 2293 -5.03 75.07 34.27
N GLU D 2294 -5.17 74.16 33.31
CA GLU D 2294 -6.10 73.04 33.49
C GLU D 2294 -5.54 72.00 34.44
N GLY D 2295 -4.23 71.76 34.36
CA GLY D 2295 -3.63 70.75 35.22
C GLY D 2295 -3.75 71.08 36.69
N GLU D 2296 -3.67 72.36 37.05
CA GLU D 2296 -3.83 72.76 38.44
C GLU D 2296 -5.22 72.44 38.97
N ARG D 2297 -6.27 72.71 38.17
CA ARG D 2297 -7.63 72.39 38.58
C ARG D 2297 -7.83 70.88 38.69
N TYR D 2298 -7.33 70.12 37.70
CA TYR D 2298 -7.44 68.67 37.76
C TYR D 2298 -6.66 68.08 38.92
N LEU D 2299 -5.59 68.73 39.35
CA LEU D 2299 -4.86 68.28 40.53
C LEU D 2299 -5.59 68.66 41.81
N ASP D 2300 -6.26 69.81 41.82
CA ASP D 2300 -7.08 70.18 42.98
C ASP D 2300 -8.20 69.16 43.20
N PHE D 2301 -8.85 68.73 42.11
CA PHE D 2301 -9.92 67.75 42.27
C PHE D 2301 -9.38 66.44 42.83
N LEU D 2302 -8.21 66.00 42.36
CA LEU D 2302 -7.60 64.80 42.90
C LEU D 2302 -7.21 64.98 44.36
N ARG D 2303 -6.74 66.17 44.74
CA ARG D 2303 -6.47 66.46 46.13
C ARG D 2303 -7.72 66.27 46.99
N PHE D 2304 -8.84 66.88 46.57
CA PHE D 2304 -10.08 66.72 47.31
C PHE D 2304 -10.58 65.28 47.31
N ALA D 2305 -10.25 64.50 46.28
CA ALA D 2305 -10.68 63.11 46.24
C ALA D 2305 -9.86 62.23 47.19
N VAL D 2306 -8.55 62.49 47.30
CA VAL D 2306 -7.70 61.59 48.07
C VAL D 2306 -7.62 62.00 49.53
N PHE D 2307 -7.71 63.29 49.82
CA PHE D 2307 -7.49 63.81 51.17
C PHE D 2307 -8.81 64.27 51.77
N CYS D 2308 -9.11 63.81 52.97
CA CYS D 2308 -10.40 64.09 53.61
C CYS D 2308 -10.22 64.16 55.11
N ASN D 2309 -10.57 65.32 55.69
CA ASN D 2309 -10.67 65.50 57.15
C ASN D 2309 -9.35 65.20 57.85
N GLY D 2310 -8.27 65.79 57.37
CA GLY D 2310 -6.98 65.63 58.03
C GLY D 2310 -6.27 64.34 57.68
N GLU D 2311 -7.03 63.25 57.56
CA GLU D 2311 -6.45 61.97 57.18
C GLU D 2311 -6.44 61.83 55.66
N SER D 2312 -5.71 60.83 55.19
CA SER D 2312 -5.63 60.52 53.77
C SER D 2312 -6.34 59.21 53.50
N VAL D 2313 -7.31 59.24 52.58
CA VAL D 2313 -8.02 58.02 52.19
C VAL D 2313 -7.05 57.14 51.42
N GLU D 2314 -6.60 56.06 52.04
CA GLU D 2314 -5.55 55.23 51.45
C GLU D 2314 -6.02 54.56 50.17
N GLU D 2315 -7.28 54.12 50.13
CA GLU D 2315 -7.79 53.41 48.96
C GLU D 2315 -7.76 54.31 47.73
N ASN D 2316 -8.18 55.56 47.88
CA ASN D 2316 -8.12 56.50 46.75
C ASN D 2316 -6.71 56.95 46.45
N ALA D 2317 -5.89 57.17 47.49
CA ALA D 2317 -4.52 57.64 47.29
C ALA D 2317 -3.69 56.63 46.52
N ASN D 2318 -3.79 55.34 46.86
CA ASN D 2318 -3.03 54.32 46.14
C ASN D 2318 -3.45 54.21 44.68
N VAL D 2319 -4.75 54.30 44.40
CA VAL D 2319 -5.22 54.25 43.02
C VAL D 2319 -4.71 55.46 42.25
N VAL D 2320 -4.79 56.66 42.86
CA VAL D 2320 -4.39 57.88 42.17
C VAL D 2320 -2.90 57.87 41.88
N VAL D 2321 -2.08 57.48 42.87
CA VAL D 2321 -0.63 57.47 42.64
C VAL D 2321 -0.25 56.41 41.62
N ARG D 2322 -0.93 55.26 41.62
CA ARG D 2322 -0.67 54.25 40.60
C ARG D 2322 -1.02 54.73 39.20
N LEU D 2323 -2.17 55.40 39.04
CA LEU D 2323 -2.51 55.97 37.74
C LEU D 2323 -1.50 57.03 37.33
N LEU D 2324 -1.08 57.87 38.28
CA LEU D 2324 -0.10 58.92 38.00
C LEU D 2324 1.24 58.37 37.56
N ILE D 2325 1.68 57.25 38.14
CA ILE D 2325 2.95 56.68 37.73
C ILE D 2325 2.81 55.85 36.45
N ARG D 2326 1.63 55.28 36.20
CA ARG D 2326 1.42 54.60 34.91
C ARG D 2326 1.40 55.60 33.76
N ARG D 2327 0.87 56.80 34.01
CA ARG D 2327 0.94 57.89 33.03
C ARG D 2327 1.92 58.94 33.52
N PRO D 2328 3.22 58.79 33.24
CA PRO D 2328 4.20 59.77 33.75
C PRO D 2328 4.06 61.16 33.14
N GLU D 2329 3.34 61.30 32.03
CA GLU D 2329 3.18 62.60 31.41
C GLU D 2329 2.37 63.56 32.28
N CYS D 2330 1.65 63.03 33.27
CA CYS D 2330 0.86 63.86 34.18
C CYS D 2330 1.71 64.71 35.11
N PHE D 2331 3.00 64.44 35.21
CA PHE D 2331 3.87 65.10 36.17
C PHE D 2331 4.45 66.41 35.65
N GLY D 2332 4.18 66.78 34.40
CA GLY D 2332 4.77 67.95 33.81
C GLY D 2332 6.10 67.63 33.17
N PRO D 2333 6.58 68.53 32.30
CA PRO D 2333 7.86 68.26 31.61
C PRO D 2333 9.05 68.12 32.55
N ALA D 2334 9.06 68.87 33.66
CA ALA D 2334 10.21 68.85 34.55
C ALA D 2334 10.39 67.49 35.21
N LEU D 2335 9.31 66.91 35.72
CA LEU D 2335 9.36 65.63 36.43
C LEU D 2335 8.93 64.46 35.55
N ARG D 2336 8.71 64.70 34.25
CA ARG D 2336 8.28 63.63 33.37
C ARG D 2336 9.37 62.58 33.16
N GLY D 2337 10.62 63.01 33.00
CA GLY D 2337 11.74 62.09 32.99
C GLY D 2337 12.45 61.90 31.67
N GLU D 2338 12.08 62.65 30.62
CA GLU D 2338 12.81 62.57 29.36
C GLU D 2338 13.90 63.65 29.32
N GLY D 2339 14.73 63.69 30.35
CA GLY D 2339 15.70 64.75 30.46
C GLY D 2339 15.18 66.01 31.11
N GLY D 2340 14.16 65.88 31.96
CA GLY D 2340 13.62 67.04 32.63
C GLY D 2340 14.64 67.73 33.51
N ASN D 2341 14.56 69.06 33.55
CA ASN D 2341 15.53 69.87 34.29
C ASN D 2341 15.43 69.69 35.80
N GLY D 2342 14.31 69.19 36.31
CA GLY D 2342 14.13 69.03 37.74
C GLY D 2342 13.17 70.06 38.32
N LEU D 2343 12.69 69.76 39.53
CA LEU D 2343 11.73 70.64 40.19
C LEU D 2343 12.34 71.99 40.51
N LEU D 2344 13.57 72.01 41.03
CA LEU D 2344 14.22 73.27 41.37
C LEU D 2344 14.48 74.11 40.13
N ALA D 2345 14.97 73.48 39.07
CA ALA D 2345 15.23 74.21 37.83
C ALA D 2345 13.94 74.73 37.22
N ALA D 2346 12.87 73.93 37.29
CA ALA D 2346 11.58 74.38 36.78
C ALA D 2346 11.08 75.58 37.57
N MET D 2347 11.19 75.55 38.89
CA MET D 2347 10.82 76.70 39.70
C MET D 2347 11.65 77.94 39.39
N GLU D 2348 12.97 77.81 39.22
CA GLU D 2348 13.79 78.95 38.87
C GLU D 2348 13.40 79.52 37.50
N GLU D 2349 13.18 78.65 36.52
CA GLU D 2349 12.79 79.09 35.19
C GLU D 2349 11.43 79.78 35.22
N ALA D 2350 10.51 79.28 36.04
CA ALA D 2350 9.18 79.89 36.15
C ALA D 2350 9.26 81.30 36.72
N ILE D 2351 10.08 81.51 37.75
CA ILE D 2351 10.26 82.85 38.28
C ILE D 2351 10.92 83.75 37.24
N LYS D 2352 11.91 83.24 36.51
CA LYS D 2352 12.53 84.03 35.45
C LYS D 2352 11.50 84.47 34.43
N ILE D 2353 10.60 83.55 34.05
CA ILE D 2353 9.48 83.90 33.17
C ILE D 2353 8.62 84.97 33.82
N ALA D 2354 8.42 84.86 35.15
CA ALA D 2354 7.56 85.81 35.86
C ALA D 2354 8.09 87.23 35.74
N GLU D 2355 9.40 87.42 35.96
CA GLU D 2355 9.95 88.76 35.76
C GLU D 2355 10.02 89.12 34.28
N ASP D 2356 10.13 88.13 33.40
CA ASP D 2356 10.17 88.43 31.97
C ASP D 2356 8.79 88.85 31.47
N PRO D 2357 8.65 90.04 30.89
CA PRO D 2357 7.32 90.46 30.43
C PRO D 2357 6.82 89.70 29.20
N SER D 2358 7.72 89.35 28.29
CA SER D 2358 7.30 88.77 27.01
C SER D 2358 6.73 87.36 27.20
N ARG D 2359 7.43 86.51 27.95
CA ARG D 2359 6.99 85.13 28.08
C ARG D 2359 5.82 85.01 29.04
N ASP D 2360 5.70 85.94 29.98
CA ASP D 2360 4.62 85.86 30.97
C ASP D 2360 3.27 86.19 30.35
N GLY D 2361 3.23 87.19 29.46
CA GLY D 2361 1.98 87.64 28.89
C GLY D 2361 1.86 87.28 27.42
N PRO D 2362 0.63 87.34 26.90
CA PRO D 2362 0.43 87.04 25.47
C PRO D 2362 1.23 87.94 24.54
N SER D 2363 1.33 89.23 24.87
CA SER D 2363 2.09 90.22 24.10
C SER D 2363 1.70 90.18 22.61
N PRO D 2364 0.51 90.68 22.25
CA PRO D 2364 0.04 90.69 20.85
C PRO D 2364 1.02 91.33 19.88
N GLU D 2377 -8.51 92.19 34.65
CA GLU D 2377 -7.21 92.64 35.14
C GLU D 2377 -6.22 91.48 35.15
N GLU D 2378 -6.62 90.37 35.76
CA GLU D 2378 -5.79 89.17 35.79
C GLU D 2378 -6.31 88.09 34.83
N ASP D 2379 -7.63 88.00 34.67
CA ASP D 2379 -8.19 87.03 33.74
C ASP D 2379 -7.77 87.34 32.31
N ASP D 2380 -7.52 88.61 32.01
CA ASP D 2380 -7.08 88.99 30.67
C ASP D 2380 -5.68 88.46 30.38
N THR D 2381 -4.80 88.48 31.38
CA THR D 2381 -3.40 88.08 31.20
C THR D 2381 -3.09 86.99 32.23
N ILE D 2382 -3.22 85.73 31.80
CA ILE D 2382 -2.82 84.62 32.66
C ILE D 2382 -1.30 84.56 32.69
N HIS D 2383 -0.74 84.60 33.90
CA HIS D 2383 0.72 84.59 34.07
C HIS D 2383 1.21 83.16 33.95
N MET D 2384 2.01 82.89 32.91
CA MET D 2384 2.50 81.54 32.66
C MET D 2384 3.40 81.05 33.80
N GLY D 2385 4.25 81.92 34.34
CA GLY D 2385 5.10 81.50 35.44
C GLY D 2385 4.29 81.07 36.64
N ASN D 2386 3.28 81.85 37.01
CA ASN D 2386 2.41 81.48 38.11
C ASN D 2386 1.67 80.19 37.82
N ALA D 2387 1.21 80.03 36.57
CA ALA D 2387 0.54 78.78 36.20
C ALA D 2387 1.46 77.58 36.40
N ILE D 2388 2.72 77.70 35.99
CA ILE D 2388 3.67 76.59 36.12
C ILE D 2388 3.94 76.28 37.59
N MET D 2389 4.21 77.32 38.38
CA MET D 2389 4.49 77.12 39.81
C MET D 2389 3.29 76.53 40.54
N THR D 2390 2.09 77.02 40.24
CA THR D 2390 0.89 76.47 40.88
C THR D 2390 0.64 75.04 40.46
N PHE D 2391 0.88 74.71 39.19
CA PHE D 2391 0.76 73.32 38.74
C PHE D 2391 1.71 72.41 39.51
N TYR D 2392 2.98 72.81 39.60
CA TYR D 2392 3.95 71.95 40.28
C TYR D 2392 3.67 71.86 41.77
N SER D 2393 3.28 72.97 42.40
CA SER D 2393 2.92 72.94 43.82
C SER D 2393 1.67 72.12 44.09
N ALA D 2394 0.72 72.10 43.16
CA ALA D 2394 -0.48 71.27 43.30
C ALA D 2394 -0.15 69.79 43.12
N LEU D 2395 0.73 69.46 42.16
CA LEU D 2395 1.16 68.08 42.02
C LEU D 2395 1.89 67.60 43.26
N ILE D 2396 2.82 68.43 43.77
CA ILE D 2396 3.57 68.07 44.98
C ILE D 2396 2.62 67.94 46.16
N ASP D 2397 1.67 68.87 46.29
CA ASP D 2397 0.70 68.81 47.38
C ASP D 2397 -0.14 67.54 47.31
N LEU D 2398 -0.61 67.20 46.10
CA LEU D 2398 -1.43 66.01 45.93
C LEU D 2398 -0.66 64.75 46.30
N LEU D 2399 0.60 64.65 45.85
CA LEU D 2399 1.40 63.47 46.18
C LEU D 2399 1.69 63.40 47.67
N GLY D 2400 1.98 64.54 48.31
CA GLY D 2400 2.21 64.55 49.73
C GLY D 2400 0.98 64.13 50.52
N ARG D 2401 -0.20 64.56 50.07
CA ARG D 2401 -1.43 64.12 50.73
C ARG D 2401 -1.70 62.64 50.45
N CYS D 2402 -1.27 62.15 49.28
CA CYS D 2402 -1.41 60.73 48.96
C CYS D 2402 -0.40 59.87 49.73
N ALA D 2403 0.59 60.50 50.36
CA ALA D 2403 1.55 59.74 51.15
C ALA D 2403 0.83 59.03 52.28
N PRO D 2404 1.23 57.79 52.62
CA PRO D 2404 0.54 57.05 53.68
C PRO D 2404 0.74 57.67 55.05
N GLU D 2405 -0.20 57.39 55.94
CA GLU D 2405 -0.13 57.89 57.30
C GLU D 2405 1.02 57.22 58.06
N MET D 2406 1.52 57.93 59.08
CA MET D 2406 2.67 57.42 59.83
C MET D 2406 2.30 56.19 60.68
N HIS D 2407 1.03 56.08 61.08
CA HIS D 2407 0.62 54.91 61.84
C HIS D 2407 0.72 53.63 61.00
N LEU D 2408 0.36 53.72 59.72
CA LEU D 2408 0.54 52.58 58.82
C LEU D 2408 2.01 52.24 58.63
N ILE D 2409 2.86 53.25 58.53
CA ILE D 2409 4.30 53.01 58.40
C ILE D 2409 4.83 52.30 59.64
N HIS D 2410 4.40 52.74 60.82
CA HIS D 2410 4.80 52.07 62.06
C HIS D 2410 4.29 50.64 62.09
N ALA D 2411 3.06 50.41 61.65
CA ALA D 2411 2.55 49.05 61.54
C ALA D 2411 3.32 48.23 60.50
N GLY D 2412 3.99 48.89 59.57
CA GLY D 2412 4.80 48.20 58.59
C GLY D 2412 4.06 47.64 57.40
N LYS D 2413 2.94 48.24 57.01
CA LYS D 2413 2.16 47.72 55.89
C LYS D 2413 2.91 47.88 54.59
N GLY D 2414 3.08 46.76 53.88
CA GLY D 2414 3.97 46.75 52.72
C GLY D 2414 3.52 47.66 51.61
N GLU D 2415 2.20 47.73 51.37
CA GLU D 2415 1.69 48.59 50.31
C GLU D 2415 1.96 50.06 50.63
N ALA D 2416 1.77 50.46 51.89
CA ALA D 2416 2.08 51.83 52.30
C ALA D 2416 3.57 52.13 52.15
N ILE D 2417 4.42 51.17 52.55
CA ILE D 2417 5.85 51.35 52.39
C ILE D 2417 6.20 51.53 50.92
N ARG D 2418 5.59 50.72 50.05
CA ARG D 2418 5.86 50.80 48.61
C ARG D 2418 5.45 52.15 48.05
N ILE D 2419 4.26 52.64 48.43
CA ILE D 2419 3.79 53.94 47.92
C ILE D 2419 4.70 55.05 48.40
N ARG D 2420 5.08 55.02 49.68
CA ARG D 2420 5.95 56.07 50.21
C ARG D 2420 7.31 56.06 49.52
N SER D 2421 7.89 54.89 49.29
CA SER D 2421 9.14 54.80 48.55
C SER D 2421 9.00 55.26 47.11
N ILE D 2422 7.87 54.97 46.47
CA ILE D 2422 7.64 55.45 45.12
C ILE D 2422 7.60 56.97 45.09
N LEU D 2423 6.94 57.59 46.07
CA LEU D 2423 6.90 59.05 46.13
C LEU D 2423 8.30 59.62 46.38
N ARG D 2424 9.08 58.96 47.24
CA ARG D 2424 10.46 59.40 47.47
C ARG D 2424 11.26 59.35 46.18
N SER D 2425 11.11 58.28 45.40
CA SER D 2425 11.81 58.19 44.12
C SER D 2425 11.32 59.25 43.14
N LEU D 2426 10.01 59.52 43.13
CA LEU D 2426 9.46 60.50 42.21
C LEU D 2426 10.02 61.89 42.49
N ILE D 2427 10.05 62.30 43.75
CA ILE D 2427 10.48 63.65 44.11
C ILE D 2427 11.75 63.57 44.95
N PRO D 2428 12.89 64.06 44.46
CA PRO D 2428 14.09 64.11 45.29
C PRO D 2428 13.96 65.11 46.41
N LEU D 2429 14.64 64.82 47.53
CA LEU D 2429 14.61 65.72 48.67
C LEU D 2429 15.36 67.02 48.39
N GLY D 2430 16.46 66.93 47.63
CA GLY D 2430 17.25 68.11 47.34
C GLY D 2430 16.50 69.18 46.58
N ASP D 2431 15.62 68.77 45.64
CA ASP D 2431 14.80 69.74 44.92
C ASP D 2431 13.87 70.48 45.86
N LEU D 2432 13.25 69.74 46.79
CA LEU D 2432 12.39 70.37 47.79
C LEU D 2432 13.18 71.36 48.63
N VAL D 2433 14.38 70.98 49.03
CA VAL D 2433 15.22 71.85 49.84
C VAL D 2433 15.55 73.12 49.07
N GLY D 2434 15.89 72.98 47.79
CA GLY D 2434 16.21 74.14 46.98
C GLY D 2434 15.04 75.08 46.82
N VAL D 2435 13.85 74.53 46.54
CA VAL D 2435 12.67 75.37 46.38
C VAL D 2435 12.36 76.10 47.68
N ILE D 2436 12.53 75.43 48.82
CA ILE D 2436 12.35 76.12 50.10
C ILE D 2436 13.41 77.20 50.27
N SER D 2437 14.62 76.95 49.77
CA SER D 2437 15.70 77.92 49.92
C SER D 2437 15.47 79.16 49.06
N ILE D 2438 14.72 79.02 47.96
CA ILE D 2438 14.41 80.18 47.14
C ILE D 2438 13.67 81.23 47.96
N ALA D 2439 14.04 82.50 47.77
CA ALA D 2439 13.47 83.59 48.53
C ALA D 2439 12.45 84.37 47.70
N PHE D 2440 11.60 85.11 48.41
CA PHE D 2440 10.56 85.92 47.78
C PHE D 2440 11.13 87.27 47.34
N GLN D 2441 10.23 88.19 46.99
CA GLN D 2441 10.56 89.58 46.72
C GLN D 2441 9.78 90.45 47.68
N MET D 2442 10.49 91.16 48.55
CA MET D 2442 9.82 91.92 49.61
C MET D 2442 9.30 93.24 49.06
N PRO D 2443 8.12 93.68 49.51
CA PRO D 2443 7.62 95.00 49.11
C PRO D 2443 8.47 96.11 49.73
N THR D 2444 8.45 97.26 49.07
CA THR D 2444 9.24 98.42 49.49
C THR D 2444 8.46 99.69 49.25
N ILE D 2445 8.79 100.74 50.01
CA ILE D 2445 8.23 102.05 49.72
C ILE D 2445 9.14 102.81 48.76
N ALA D 2446 8.58 103.80 48.09
CA ALA D 2446 9.28 104.50 47.03
C ALA D 2446 9.93 105.78 47.55
N LYS D 2447 10.46 106.58 46.62
CA LYS D 2447 11.04 107.87 46.97
C LYS D 2447 10.03 108.78 47.66
N ASP D 2448 8.80 108.82 47.16
CA ASP D 2448 7.75 109.60 47.81
C ASP D 2448 7.38 108.99 49.16
N GLY D 2449 7.72 107.72 49.38
CA GLY D 2449 7.34 107.01 50.58
C GLY D 2449 6.13 106.12 50.42
N ASN D 2450 5.43 106.23 49.29
CA ASN D 2450 4.26 105.39 49.03
C ASN D 2450 4.67 103.93 48.93
N VAL D 2451 3.85 103.02 49.47
CA VAL D 2451 4.18 101.61 49.45
C VAL D 2451 4.06 101.07 48.03
N VAL D 2452 5.17 100.59 47.49
CA VAL D 2452 5.20 99.93 46.20
C VAL D 2452 5.17 98.43 46.44
N GLU D 2453 4.06 97.79 46.09
CA GLU D 2453 3.82 96.40 46.46
C GLU D 2453 3.65 95.55 45.20
N PRO D 2454 4.58 94.62 44.94
CA PRO D 2454 4.42 93.75 43.76
C PRO D 2454 3.17 92.88 43.89
N ASP D 2455 2.45 92.73 42.78
CA ASP D 2455 1.16 92.05 42.79
C ASP D 2455 1.33 90.57 43.13
N MET D 2456 0.43 90.06 43.98
CA MET D 2456 0.43 88.64 44.33
C MET D 2456 0.05 87.74 43.16
N SER D 2457 -0.70 88.25 42.18
CA SER D 2457 -1.00 87.45 41.01
C SER D 2457 0.23 87.20 40.15
N ALA D 2458 1.32 87.92 40.41
CA ALA D 2458 2.58 87.73 39.69
C ALA D 2458 3.73 87.62 40.68
N GLY D 2459 4.22 86.40 40.89
CA GLY D 2459 5.35 86.14 41.74
C GLY D 2459 5.21 84.82 42.47
N PHE D 2460 6.26 84.50 43.25
CA PHE D 2460 6.35 83.23 43.96
C PHE D 2460 5.51 83.32 45.23
N CYS D 2461 4.51 82.44 45.34
CA CYS D 2461 3.56 82.51 46.44
C CYS D 2461 4.03 81.68 47.63
N PRO D 2462 3.69 82.11 48.84
CA PRO D 2462 3.98 81.29 50.03
C PRO D 2462 3.29 79.93 50.03
N ASP D 2463 2.15 79.80 49.33
CA ASP D 2463 1.49 78.51 49.23
C ASP D 2463 2.37 77.50 48.50
N HIS D 2464 3.23 77.98 47.60
CA HIS D 2464 4.17 77.09 46.92
C HIS D 2464 5.11 76.44 47.92
N LYS D 2465 5.60 77.20 48.89
CA LYS D 2465 6.44 76.64 49.94
C LYS D 2465 5.62 75.81 50.92
N ALA D 2466 4.35 76.18 51.12
CA ALA D 2466 3.46 75.40 51.98
C ALA D 2466 3.24 74.00 51.46
N ALA D 2467 3.07 73.83 50.15
CA ALA D 2467 3.01 72.51 49.54
C ALA D 2467 4.31 71.74 49.73
N MET D 2468 5.45 72.43 49.58
CA MET D 2468 6.75 71.78 49.74
C MET D 2468 6.91 71.26 51.17
N VAL D 2469 6.55 72.07 52.17
CA VAL D 2469 6.66 71.64 53.55
C VAL D 2469 5.76 70.44 53.83
N LEU D 2470 4.53 70.46 53.30
CA LEU D 2470 3.61 69.34 53.49
C LEU D 2470 4.17 68.06 52.88
N PHE D 2471 4.68 68.14 51.65
CA PHE D 2471 5.30 66.97 51.04
C PHE D 2471 6.48 66.49 51.87
N LEU D 2472 7.29 67.41 52.39
CA LEU D 2472 8.44 67.03 53.20
C LEU D 2472 8.00 66.28 54.45
N ASP D 2473 6.99 66.79 55.15
CA ASP D 2473 6.64 66.18 56.43
C ASP D 2473 5.85 64.88 56.25
N ARG D 2474 5.14 64.74 55.13
CA ARG D 2474 4.35 63.52 54.96
C ARG D 2474 5.06 62.43 54.18
N VAL D 2475 6.01 62.77 53.30
CA VAL D 2475 6.62 61.78 52.43
C VAL D 2475 8.00 61.39 52.94
N TYR D 2476 8.93 62.35 52.95
CA TYR D 2476 10.30 62.05 53.32
C TYR D 2476 10.44 61.83 54.82
N GLY D 2477 9.71 62.61 55.61
CA GLY D 2477 9.87 62.51 57.04
C GLY D 2477 11.06 63.29 57.55
N ILE D 2478 10.86 63.98 58.65
CA ILE D 2478 11.89 64.81 59.27
C ILE D 2478 12.24 64.18 60.61
N GLU D 2479 13.37 63.47 60.64
CA GLU D 2479 13.81 62.74 61.82
C GLU D 2479 15.31 62.89 62.09
N VAL D 2480 16.02 63.68 61.29
CA VAL D 2480 17.47 63.82 61.40
C VAL D 2480 17.79 65.23 61.87
N GLN D 2481 18.59 65.34 62.93
CA GLN D 2481 18.83 66.62 63.58
C GLN D 2481 19.66 67.57 62.71
N ASP D 2482 20.75 67.08 62.13
CA ASP D 2482 21.58 67.94 61.30
C ASP D 2482 20.84 68.34 60.02
N PHE D 2483 20.05 67.44 59.46
CA PHE D 2483 19.19 67.80 58.33
C PHE D 2483 18.19 68.88 58.73
N LEU D 2484 17.57 68.74 59.90
CA LEU D 2484 16.62 69.76 60.36
C LEU D 2484 17.27 71.11 60.47
N LEU D 2485 18.45 71.18 61.10
CA LEU D 2485 19.13 72.47 61.25
C LEU D 2485 19.63 73.01 59.91
N HIS D 2486 20.10 72.15 59.01
CA HIS D 2486 20.52 72.59 57.69
C HIS D 2486 19.37 73.22 56.92
N LEU D 2487 18.20 72.56 56.92
CA LEU D 2487 17.04 73.14 56.27
C LEU D 2487 16.61 74.43 56.94
N LEU D 2488 16.63 74.45 58.28
CA LEU D 2488 16.31 75.67 59.02
C LEU D 2488 17.17 76.83 58.58
N GLU D 2489 18.48 76.58 58.39
CA GLU D 2489 19.37 77.65 57.96
C GLU D 2489 19.13 78.05 56.51
N VAL D 2490 18.97 77.06 55.62
CA VAL D 2490 18.95 77.39 54.20
C VAL D 2490 17.63 78.03 53.78
N GLY D 2491 16.49 77.47 54.20
CA GLY D 2491 15.23 77.93 53.67
C GLY D 2491 14.22 78.50 54.65
N PHE D 2492 14.25 78.02 55.89
CA PHE D 2492 13.21 78.40 56.84
C PHE D 2492 13.52 79.74 57.50
N LEU D 2493 14.72 79.88 58.04
CA LEU D 2493 15.11 81.07 58.79
C LEU D 2493 15.13 82.34 57.95
N PRO D 2494 15.67 82.32 56.70
CA PRO D 2494 15.63 83.55 55.88
C PRO D 2494 14.21 84.08 55.67
N ASP D 2495 13.26 83.18 55.44
CA ASP D 2495 11.88 83.61 55.24
C ASP D 2495 11.29 84.22 56.51
N LEU D 2496 11.59 83.62 57.66
CA LEU D 2496 11.09 84.16 58.92
C LEU D 2496 11.72 85.51 59.23
N ARG D 2497 13.00 85.68 58.90
CA ARG D 2497 13.65 86.98 59.09
C ARG D 2497 13.08 88.03 58.15
N ALA D 2498 12.74 87.63 56.92
CA ALA D 2498 12.07 88.55 56.01
C ALA D 2498 10.71 88.96 56.56
N ALA D 2499 9.96 88.00 57.12
CA ALA D 2499 8.69 88.33 57.75
C ALA D 2499 8.88 89.29 58.92
N ALA D 2500 9.91 89.07 59.72
CA ALA D 2500 10.25 89.96 60.82
C ALA D 2500 10.61 91.37 60.35
N SER D 2501 11.39 91.50 59.29
CA SER D 2501 11.74 92.80 58.73
C SER D 2501 10.57 93.49 58.07
N LEU D 2502 9.57 92.73 57.61
CA LEU D 2502 8.35 93.30 57.04
C LEU D 2502 7.23 93.38 58.08
N ASP D 2503 7.57 93.57 59.35
CA ASP D 2503 6.58 93.71 60.41
C ASP D 2503 6.25 95.16 60.72
N THR D 2504 6.77 96.12 59.94
CA THR D 2504 6.43 97.52 60.15
C THR D 2504 4.93 97.74 59.89
N ALA D 2505 4.36 98.72 60.60
CA ALA D 2505 2.91 98.89 60.59
C ALA D 2505 2.39 99.18 59.19
N ALA D 2506 3.07 100.06 58.45
CA ALA D 2506 2.64 100.38 57.09
C ALA D 2506 2.73 99.16 56.18
N LEU D 2507 3.84 98.42 56.28
CA LEU D 2507 4.03 97.26 55.42
C LEU D 2507 3.34 96.01 55.97
N SER D 2508 2.84 96.05 57.21
CA SER D 2508 2.12 94.91 57.75
C SER D 2508 0.82 94.67 57.01
N ALA D 2509 0.12 95.74 56.63
CA ALA D 2509 -1.17 95.61 55.96
C ALA D 2509 -1.04 95.03 54.55
N THR D 2510 0.16 94.96 54.00
CA THR D 2510 0.38 94.39 52.67
C THR D 2510 0.05 92.91 52.65
N ASP D 2511 -0.54 92.46 51.55
CA ASP D 2511 -0.97 91.06 51.44
C ASP D 2511 0.23 90.11 51.34
N MET D 2512 1.41 90.64 50.98
CA MET D 2512 2.64 89.87 51.19
C MET D 2512 2.81 89.46 52.64
N ALA D 2513 2.67 90.40 53.57
CA ALA D 2513 2.86 90.08 54.98
C ALA D 2513 1.82 89.08 55.46
N LEU D 2514 0.57 89.25 55.03
CA LEU D 2514 -0.48 88.32 55.41
C LEU D 2514 -0.20 86.91 54.87
N ALA D 2515 0.24 86.82 53.61
CA ALA D 2515 0.56 85.52 53.04
C ALA D 2515 1.74 84.87 53.77
N LEU D 2516 2.76 85.65 54.11
CA LEU D 2516 3.89 85.11 54.85
C LEU D 2516 3.48 84.60 56.21
N ASN D 2517 2.68 85.38 56.94
CA ASN D 2517 2.21 84.95 58.25
C ASN D 2517 1.37 83.68 58.13
N ARG D 2518 0.50 83.62 57.14
CA ARG D 2518 -0.32 82.43 56.92
C ARG D 2518 0.56 81.21 56.67
N TYR D 2519 1.51 81.31 55.74
CA TYR D 2519 2.39 80.20 55.43
C TYR D 2519 3.17 79.74 56.66
N LEU D 2520 3.78 80.68 57.38
CA LEU D 2520 4.56 80.32 58.55
C LEU D 2520 3.69 79.60 59.58
N CYS D 2521 2.58 80.22 59.98
CA CYS D 2521 1.75 79.66 61.04
C CYS D 2521 1.03 78.39 60.62
N THR D 2522 0.92 78.12 59.31
CA THR D 2522 0.26 76.90 58.87
C THR D 2522 1.24 75.75 58.68
N ALA D 2523 2.47 76.03 58.24
CA ALA D 2523 3.41 74.97 57.89
C ALA D 2523 4.67 74.96 58.77
N VAL D 2524 5.35 76.09 58.91
CA VAL D 2524 6.70 76.10 59.46
C VAL D 2524 6.65 75.87 60.96
N LEU D 2525 5.87 76.71 61.66
CA LEU D 2525 5.75 76.57 63.11
C LEU D 2525 5.17 75.23 63.53
N PRO D 2526 4.11 74.70 62.90
CA PRO D 2526 3.69 73.32 63.24
C PRO D 2526 4.78 72.29 62.99
N LEU D 2527 5.57 72.45 61.92
CA LEU D 2527 6.65 71.52 61.65
C LEU D 2527 7.73 71.60 62.73
N LEU D 2528 8.09 72.81 63.13
CA LEU D 2528 9.07 73.00 64.19
C LEU D 2528 8.55 72.53 65.55
N THR D 2529 7.24 72.57 65.76
CA THR D 2529 6.64 72.01 66.96
C THR D 2529 6.66 70.49 66.97
N ARG D 2530 6.39 69.86 65.82
CA ARG D 2530 6.55 68.42 65.67
C ARG D 2530 8.00 67.98 65.75
N CYS D 2531 8.95 68.89 65.44
CA CYS D 2531 10.37 68.61 65.52
C CYS D 2531 10.97 69.01 66.86
N ALA D 2532 10.13 69.18 67.88
CA ALA D 2532 10.61 69.67 69.17
C ALA D 2532 11.66 68.78 69.81
N PRO D 2533 11.52 67.45 69.86
CA PRO D 2533 12.58 66.64 70.49
C PRO D 2533 13.94 66.78 69.83
N LEU D 2534 13.98 67.03 68.53
CA LEU D 2534 15.26 67.09 67.83
C LEU D 2534 16.07 68.32 68.23
N PHE D 2535 15.45 69.30 68.86
CA PHE D 2535 16.13 70.54 69.21
C PHE D 2535 16.99 70.40 70.47
N ALA D 2536 17.24 69.17 70.91
CA ALA D 2536 18.05 68.96 72.11
C ALA D 2536 19.52 69.31 71.85
N GLY D 2537 20.14 68.60 70.91
CA GLY D 2537 21.54 68.82 70.63
C GLY D 2537 21.80 69.96 69.65
N THR D 2538 21.64 71.19 70.12
CA THR D 2538 21.84 72.38 69.30
C THR D 2538 22.95 73.29 69.85
N GLU D 2539 23.89 72.73 70.61
CA GLU D 2539 24.96 73.54 71.18
C GLU D 2539 25.88 74.08 70.09
N HIS D 2540 26.13 73.28 69.06
CA HIS D 2540 27.07 73.68 68.01
C HIS D 2540 26.43 74.66 67.03
N HIS D 2541 25.11 74.83 67.10
CA HIS D 2541 24.39 75.85 66.34
C HIS D 2541 23.66 76.81 67.27
N ALA D 2542 24.38 77.27 68.31
CA ALA D 2542 23.80 78.19 69.27
C ALA D 2542 23.37 79.50 68.61
N SER D 2543 24.19 80.01 67.70
CA SER D 2543 23.83 81.23 66.98
C SER D 2543 22.56 81.04 66.17
N LEU D 2544 22.44 79.90 65.48
CA LEU D 2544 21.25 79.61 64.68
C LEU D 2544 20.00 79.52 65.55
N ILE D 2545 20.10 78.80 66.68
CA ILE D 2545 18.91 78.64 67.51
C ILE D 2545 18.54 79.96 68.18
N ASP D 2546 19.53 80.78 68.57
CA ASP D 2546 19.23 82.11 69.10
C ASP D 2546 18.58 82.99 68.05
N SER D 2547 19.04 82.93 66.80
CA SER D 2547 18.40 83.68 65.73
C SER D 2547 16.95 83.24 65.53
N LEU D 2548 16.70 81.94 65.57
CA LEU D 2548 15.32 81.45 65.48
C LEU D 2548 14.46 81.99 66.62
N LEU D 2549 14.98 81.95 67.85
CA LEU D 2549 14.23 82.47 68.98
C LEU D 2549 13.92 83.95 68.82
N HIS D 2550 14.92 84.73 68.41
CA HIS D 2550 14.70 86.16 68.22
C HIS D 2550 13.68 86.45 67.13
N THR D 2551 13.76 85.74 66.00
CA THR D 2551 12.79 85.95 64.93
C THR D 2551 11.38 85.57 65.37
N VAL D 2552 11.23 84.44 66.08
CA VAL D 2552 9.91 84.02 66.54
C VAL D 2552 9.35 85.05 67.51
N TYR D 2553 10.20 85.56 68.42
CA TYR D 2553 9.74 86.57 69.37
C TYR D 2553 9.32 87.85 68.64
N ARG D 2554 10.08 88.25 67.62
CA ARG D 2554 9.73 89.49 66.91
C ARG D 2554 8.42 89.32 66.14
N LEU D 2555 8.21 88.15 65.53
CA LEU D 2555 6.92 87.89 64.90
C LEU D 2555 5.78 87.87 65.92
N SER D 2556 6.03 87.31 67.11
CA SER D 2556 5.03 87.38 68.17
C SER D 2556 4.68 88.82 68.54
N LYS D 2557 5.68 89.69 68.61
CA LYS D 2557 5.46 91.12 68.83
C LYS D 2557 4.99 91.79 67.54
N GLY D 2558 3.78 91.42 67.11
CA GLY D 2558 3.22 91.94 65.88
C GLY D 2558 1.78 92.40 66.03
N CYS D 2559 1.26 93.11 65.02
CA CYS D 2559 -0.09 93.65 65.05
C CYS D 2559 -1.03 92.91 64.12
N SER D 2560 -0.63 92.72 62.85
CA SER D 2560 -1.48 92.04 61.88
C SER D 2560 -1.66 90.57 62.23
N LEU D 2561 -0.84 90.03 63.13
CA LEU D 2561 -0.92 88.64 63.55
C LEU D 2561 -2.28 88.35 64.15
N THR D 2562 -3.01 87.41 63.56
CA THR D 2562 -4.35 87.06 64.02
C THR D 2562 -4.28 86.26 65.32
N LYS D 2563 -5.47 85.93 65.84
CA LYS D 2563 -5.54 85.23 67.12
C LYS D 2563 -5.02 83.80 66.99
N ALA D 2564 -5.46 83.08 65.96
CA ALA D 2564 -4.95 81.73 65.74
C ALA D 2564 -3.46 81.75 65.43
N GLN D 2565 -3.01 82.79 64.72
CA GLN D 2565 -1.59 82.92 64.44
C GLN D 2565 -0.79 83.14 65.72
N ARG D 2566 -1.33 83.97 66.63
CA ARG D 2566 -0.70 84.12 67.95
C ARG D 2566 -0.65 82.81 68.70
N ASP D 2567 -1.74 82.03 68.61
CA ASP D 2567 -1.77 80.72 69.27
C ASP D 2567 -0.68 79.81 68.72
N SER D 2568 -0.52 79.79 67.39
CA SER D 2568 0.51 78.96 66.78
C SER D 2568 1.90 79.42 67.20
N ILE D 2569 2.14 80.73 67.20
CA ILE D 2569 3.42 81.27 67.66
C ILE D 2569 3.69 80.83 69.09
N GLU D 2570 2.69 80.97 69.97
CA GLU D 2570 2.86 80.65 71.38
C GLU D 2570 3.20 79.17 71.55
N VAL D 2571 2.43 78.30 70.90
CA VAL D 2571 2.68 76.86 71.05
C VAL D 2571 4.07 76.50 70.52
N CYS D 2572 4.44 77.02 69.35
CA CYS D 2572 5.73 76.66 68.77
C CYS D 2572 6.88 77.13 69.65
N LEU D 2573 6.84 78.39 70.09
CA LEU D 2573 7.93 78.92 70.90
C LEU D 2573 8.00 78.23 72.26
N LEU D 2574 6.85 77.99 72.90
CA LEU D 2574 6.85 77.32 74.20
C LEU D 2574 7.35 75.89 74.08
N SER D 2575 7.05 75.22 72.97
CA SER D 2575 7.57 73.87 72.73
C SER D 2575 9.07 73.89 72.53
N ILE D 2576 9.57 74.79 71.69
CA ILE D 2576 11.01 74.83 71.40
C ILE D 2576 11.81 75.17 72.65
N CYS D 2577 11.38 76.20 73.39
CA CYS D 2577 12.12 76.59 74.58
C CYS D 2577 12.06 75.51 75.66
N GLY D 2578 11.11 74.59 75.55
CA GLY D 2578 11.03 73.50 76.51
CA GLY D 2578 11.03 73.50 76.51
C GLY D 2578 12.24 72.59 76.47
N GLN D 2579 12.48 71.97 75.31
CA GLN D 2579 13.64 71.09 75.19
C GLN D 2579 14.91 71.89 74.91
N LEU D 2580 14.78 73.20 74.70
CA LEU D 2580 15.95 74.03 74.47
C LEU D 2580 16.83 74.07 75.73
N ARG D 2581 18.13 73.90 75.53
CA ARG D 2581 19.07 73.89 76.64
C ARG D 2581 19.19 75.29 77.25
N PRO D 2582 19.22 75.40 78.58
CA PRO D 2582 19.18 76.73 79.21
C PRO D 2582 20.34 77.63 78.84
N SER D 2583 21.45 77.08 78.35
CA SER D 2583 22.63 77.90 78.08
C SER D 2583 22.36 78.92 76.98
N MET D 2584 21.69 78.52 75.90
CA MET D 2584 21.56 79.41 74.75
C MET D 2584 20.55 80.52 74.97
N MET D 2585 19.45 80.24 75.69
CA MET D 2585 18.33 81.18 75.72
C MET D 2585 18.59 82.40 76.58
N GLN D 2586 19.83 82.64 77.03
CA GLN D 2586 20.05 83.81 77.87
C GLN D 2586 19.99 85.10 77.05
N HIS D 2587 20.20 85.01 75.73
CA HIS D 2587 19.91 86.13 74.84
C HIS D 2587 18.43 86.51 74.86
N LEU D 2588 17.56 85.50 74.71
CA LEU D 2588 16.13 85.75 74.80
C LEU D 2588 15.75 86.28 76.17
N LEU D 2589 16.37 85.75 77.23
CA LEU D 2589 16.09 86.24 78.58
C LEU D 2589 16.49 87.70 78.75
N ARG D 2590 17.68 88.07 78.26
CA ARG D 2590 18.16 89.44 78.43
C ARG D 2590 17.36 90.43 77.59
N ARG D 2591 16.84 90.01 76.44
CA ARG D 2591 15.92 90.89 75.72
C ARG D 2591 14.53 90.92 76.35
N LEU D 2592 14.10 89.82 76.98
CA LEU D 2592 12.79 89.79 77.63
C LEU D 2592 12.73 90.67 78.86
N VAL D 2593 13.79 90.67 79.69
CA VAL D 2593 13.74 91.40 80.96
C VAL D 2593 13.50 92.90 80.80
N PHE D 2594 13.60 93.44 79.59
CA PHE D 2594 13.35 94.86 79.36
C PHE D 2594 11.93 95.18 78.89
N ASP D 2595 11.28 94.26 78.18
CA ASP D 2595 9.97 94.54 77.61
C ASP D 2595 8.83 93.77 78.26
N VAL D 2596 9.13 92.69 78.99
CA VAL D 2596 8.08 91.99 79.73
C VAL D 2596 7.56 92.78 80.94
N PRO D 2597 8.35 93.68 81.60
CA PRO D 2597 7.78 94.42 82.73
C PRO D 2597 6.60 95.31 82.36
N LEU D 2598 6.45 95.62 81.07
CA LEU D 2598 5.32 96.44 80.63
C LEU D 2598 3.99 95.80 81.00
N LEU D 2599 3.95 94.47 81.11
CA LEU D 2599 2.75 93.74 81.50
C LEU D 2599 1.58 94.03 80.57
N ASN D 2600 1.88 94.26 79.30
CA ASN D 2600 0.85 94.41 78.28
C ASN D 2600 0.34 93.03 77.88
N GLU D 2601 -0.67 93.00 77.02
CA GLU D 2601 -1.22 91.73 76.55
C GLU D 2601 -0.20 90.95 75.73
N HIS D 2602 0.79 91.63 75.17
CA HIS D 2602 1.84 90.95 74.41
C HIS D 2602 2.87 90.29 75.33
N ALA D 2603 2.82 90.59 76.63
CA ALA D 2603 3.77 90.00 77.56
C ALA D 2603 3.32 88.64 78.11
N LYS D 2604 2.13 88.17 77.73
CA LYS D 2604 1.57 86.97 78.36
C LYS D 2604 2.36 85.72 77.97
N MET D 2605 2.69 85.58 76.68
CA MET D 2605 3.47 84.41 76.29
C MET D 2605 4.93 84.49 76.74
N PRO D 2606 5.57 85.66 76.83
CA PRO D 2606 6.83 85.71 77.60
C PRO D 2606 6.65 85.26 79.03
N LEU D 2607 5.51 85.57 79.64
CA LEU D 2607 5.26 85.15 81.01
C LEU D 2607 5.20 83.62 81.11
N LYS D 2608 4.45 82.98 80.19
CA LYS D 2608 4.46 81.51 80.17
C LYS D 2608 5.84 80.95 79.89
N LEU D 2609 6.57 81.55 78.95
CA LEU D 2609 7.89 81.05 78.58
C LEU D 2609 8.82 81.06 79.78
N LEU D 2610 8.87 82.20 80.48
CA LEU D 2610 9.70 82.30 81.68
C LEU D 2610 9.25 81.34 82.76
N THR D 2611 7.94 81.20 82.97
CA THR D 2611 7.44 80.27 83.98
C THR D 2611 7.93 78.86 83.72
N ASN D 2612 7.70 78.35 82.50
CA ASN D 2612 8.05 76.97 82.23
C ASN D 2612 9.56 76.77 82.20
N HIS D 2613 10.31 77.75 81.68
CA HIS D 2613 11.76 77.63 81.63
C HIS D 2613 12.34 77.55 83.04
N TYR D 2614 11.88 78.43 83.94
CA TYR D 2614 12.42 78.42 85.29
C TYR D 2614 11.98 77.18 86.06
N GLU D 2615 10.74 76.72 85.83
CA GLU D 2615 10.31 75.48 86.47
C GLU D 2615 11.17 74.30 86.02
N ARG D 2616 11.49 74.24 84.73
CA ARG D 2616 12.31 73.13 84.24
C ARG D 2616 13.75 73.24 84.70
N CYS D 2617 14.31 74.44 84.74
CA CYS D 2617 15.70 74.67 85.08
C CYS D 2617 15.85 75.18 86.51
N TRP D 2618 14.94 74.77 87.39
CA TRP D 2618 15.00 75.14 88.80
C TRP D 2618 16.35 74.80 89.42
N LYS D 2619 16.79 73.55 89.26
CA LYS D 2619 17.98 73.10 89.99
C LYS D 2619 19.25 73.62 89.33
N TYR D 2620 19.16 74.05 88.07
CA TYR D 2620 20.29 74.68 87.40
C TYR D 2620 20.72 75.96 88.11
N TYR D 2621 19.75 76.78 88.51
CA TYR D 2621 20.05 78.07 89.10
C TYR D 2621 20.29 77.95 90.61
N CYS D 2622 19.36 77.34 91.32
CA CYS D 2622 19.44 77.30 92.78
C CYS D 2622 20.65 76.52 93.26
N LEU D 2623 20.83 75.29 92.76
CA LEU D 2623 21.95 74.48 93.19
C LEU D 2623 23.23 74.94 92.50
N PRO D 2624 24.30 75.21 93.26
CA PRO D 2624 25.57 75.59 92.62
C PRO D 2624 26.09 74.57 91.63
N GLY D 2625 25.92 73.27 91.93
CA GLY D 2625 26.41 72.25 91.02
C GLY D 2625 25.59 72.17 89.74
N GLY D 2626 24.26 72.12 89.88
CA GLY D 2626 23.38 72.00 88.72
C GLY D 2626 23.55 70.67 88.01
N TRP D 2627 22.98 70.61 86.80
CA TRP D 2627 23.18 69.45 85.95
C TRP D 2627 24.60 69.44 85.39
N GLY D 2628 25.25 68.28 85.48
CA GLY D 2628 26.63 68.18 85.03
C GLY D 2628 26.77 68.45 83.54
N ASN D 2629 25.86 67.89 82.74
CA ASN D 2629 25.88 68.17 81.30
C ASN D 2629 25.57 69.63 81.01
N PHE D 2630 24.61 70.21 81.71
CA PHE D 2630 24.27 71.62 81.51
C PHE D 2630 25.32 72.53 82.13
N GLY D 2631 25.80 72.20 83.32
CA GLY D 2631 26.78 73.02 84.00
C GLY D 2631 26.20 73.81 85.15
N ALA D 2632 26.41 75.12 85.14
CA ALA D 2632 25.91 76.00 86.19
C ALA D 2632 25.73 77.39 85.62
N ALA D 2633 25.08 78.25 86.40
CA ALA D 2633 24.83 79.61 85.97
C ALA D 2633 26.15 80.38 85.83
N SER D 2634 26.19 81.27 84.83
CA SER D 2634 27.33 82.14 84.58
C SER D 2634 27.30 83.40 85.43
N GLU D 2635 26.26 83.56 86.24
CA GLU D 2635 25.99 84.69 87.13
C GLU D 2635 25.51 85.92 86.34
N GLU D 2636 25.71 85.91 85.02
CA GLU D 2636 25.01 86.90 84.20
C GLU D 2636 23.53 86.54 84.06
N GLU D 2637 23.25 85.25 83.87
CA GLU D 2637 21.88 84.78 83.90
C GLU D 2637 21.26 85.03 85.27
N LEU D 2638 22.05 84.88 86.33
CA LEU D 2638 21.55 85.12 87.68
C LEU D 2638 21.20 86.59 87.88
N HIS D 2639 22.07 87.51 87.41
CA HIS D 2639 21.76 88.93 87.51
C HIS D 2639 20.55 89.30 86.67
N LEU D 2640 20.42 88.72 85.46
CA LEU D 2640 19.26 88.99 84.64
C LEU D 2640 17.97 88.46 85.29
N SER D 2641 18.05 87.30 85.95
CA SER D 2641 16.89 86.79 86.67
C SER D 2641 16.55 87.68 87.87
N ARG D 2642 17.56 88.21 88.56
CA ARG D 2642 17.31 89.20 89.60
C ARG D 2642 16.56 90.41 89.05
N LYS D 2643 17.03 90.94 87.92
CA LYS D 2643 16.37 92.09 87.31
C LYS D 2643 14.95 91.75 86.90
N LEU D 2644 14.74 90.56 86.34
CA LEU D 2644 13.41 90.13 85.96
C LEU D 2644 12.50 90.05 87.17
N PHE D 2645 12.98 89.43 88.25
CA PHE D 2645 12.20 89.32 89.48
C PHE D 2645 11.79 90.69 89.99
N TRP D 2646 12.75 91.61 90.13
CA TRP D 2646 12.43 92.91 90.69
C TRP D 2646 11.52 93.72 89.78
N GLY D 2647 11.76 93.66 88.46
CA GLY D 2647 10.91 94.39 87.54
C GLY D 2647 9.48 93.89 87.56
N ILE D 2648 9.29 92.56 87.53
CA ILE D 2648 7.94 92.01 87.59
C ILE D 2648 7.29 92.36 88.92
N PHE D 2649 8.04 92.27 90.02
CA PHE D 2649 7.47 92.55 91.34
C PHE D 2649 7.00 94.00 91.44
N ASP D 2650 7.78 94.94 90.92
CA ASP D 2650 7.37 96.34 90.97
C ASP D 2650 6.23 96.63 90.00
N ALA D 2651 6.33 96.14 88.77
CA ALA D 2651 5.32 96.44 87.76
C ALA D 2651 3.99 95.80 88.11
N LEU D 2652 4.01 94.69 88.84
CA LEU D 2652 2.76 94.06 89.25
C LEU D 2652 2.08 94.85 90.36
N SER D 2653 2.87 95.51 91.22
CA SER D 2653 2.30 96.42 92.20
C SER D 2653 1.72 97.66 91.54
N GLN D 2654 2.43 98.21 90.55
CA GLN D 2654 1.91 99.40 89.87
C GLN D 2654 0.83 99.06 88.86
N LYS D 2655 0.62 97.77 88.57
CA LYS D 2655 -0.29 97.36 87.51
C LYS D 2655 -1.73 97.38 88.00
N LYS D 2656 -2.64 97.79 87.12
CA LYS D 2656 -4.06 97.81 87.46
C LYS D 2656 -4.61 96.40 87.56
N TYR D 2657 -5.67 96.25 88.36
CA TYR D 2657 -6.25 94.95 88.65
C TYR D 2657 -6.79 94.27 87.40
N GLU D 2658 -6.25 93.09 87.10
CA GLU D 2658 -6.83 92.15 86.14
C GLU D 2658 -6.56 90.76 86.72
N GLN D 2659 -7.61 90.15 87.27
CA GLN D 2659 -7.49 88.93 88.07
C GLN D 2659 -6.87 87.79 87.28
N GLU D 2660 -7.14 87.70 85.98
CA GLU D 2660 -6.47 86.70 85.16
C GLU D 2660 -4.99 86.97 85.06
N LEU D 2661 -4.61 88.25 84.96
CA LEU D 2661 -3.20 88.61 84.92
C LEU D 2661 -2.50 88.22 86.23
N PHE D 2662 -3.14 88.45 87.38
CA PHE D 2662 -2.52 87.97 88.60
C PHE D 2662 -2.58 86.45 88.76
N LYS D 2663 -3.54 85.76 88.15
CA LYS D 2663 -3.43 84.31 88.09
C LYS D 2663 -2.18 83.87 87.34
N LEU D 2664 -1.94 84.46 86.17
CA LEU D 2664 -0.90 83.93 85.30
C LEU D 2664 0.49 84.41 85.70
N ALA D 2665 0.58 85.59 86.33
CA ALA D 2665 1.89 86.08 86.76
C ALA D 2665 2.37 85.44 88.05
N LEU D 2666 1.46 84.82 88.81
CA LEU D 2666 1.86 84.17 90.06
C LEU D 2666 2.86 83.05 89.86
N PRO D 2667 2.62 82.04 88.99
CA PRO D 2667 3.60 80.95 88.85
C PRO D 2667 4.95 81.43 88.34
N CYS D 2668 4.95 82.43 87.47
CA CYS D 2668 6.21 82.95 86.95
C CYS D 2668 7.05 83.59 88.05
N LEU D 2669 6.43 84.48 88.83
CA LEU D 2669 7.14 85.15 89.91
C LEU D 2669 7.63 84.12 90.94
N SER D 2670 6.78 83.16 91.27
CA SER D 2670 7.16 82.12 92.22
C SER D 2670 8.33 81.29 91.70
N ALA D 2671 8.30 80.93 90.42
CA ALA D 2671 9.38 80.13 89.83
C ALA D 2671 10.69 80.91 89.81
N VAL D 2672 10.64 82.19 89.48
CA VAL D 2672 11.86 83.00 89.48
C VAL D 2672 12.43 83.10 90.89
N ALA D 2673 11.56 83.35 91.87
CA ALA D 2673 12.01 83.46 93.25
C ALA D 2673 12.63 82.15 93.73
N GLY D 2674 11.99 81.01 93.41
CA GLY D 2674 12.53 79.73 93.81
C GLY D 2674 13.85 79.41 93.12
N ALA D 2675 13.95 79.73 91.83
CA ALA D 2675 15.17 79.44 91.09
C ALA D 2675 16.35 80.26 91.61
N LEU D 2676 16.10 81.53 91.96
CA LEU D 2676 17.18 82.36 92.48
C LEU D 2676 17.63 81.82 93.85
N PRO D 2677 18.92 81.53 94.02
CA PRO D 2677 19.40 80.99 95.29
C PRO D 2677 19.33 82.04 96.40
N PRO D 2678 18.78 81.68 97.56
CA PRO D 2678 18.56 82.69 98.61
C PRO D 2678 19.82 83.42 99.05
N ASP D 2679 20.98 82.77 98.95
CA ASP D 2679 22.25 83.41 99.29
C ASP D 2679 22.86 84.20 98.13
N TYR D 2680 22.03 84.65 97.19
CA TYR D 2680 22.54 85.21 95.94
C TYR D 2680 23.41 86.44 96.17
N MET D 2681 24.49 86.52 95.41
CA MET D 2681 25.37 87.68 95.34
C MET D 2681 24.99 88.57 94.16
N GLU D 2682 24.38 89.72 94.45
CA GLU D 2682 24.30 90.74 93.42
C GLU D 2682 25.62 91.48 93.36
N SER D 2683 26.26 91.47 92.20
CA SER D 2683 27.56 92.10 92.07
C SER D 2683 27.42 93.61 92.15
N ASN D 2684 28.05 94.22 93.16
CA ASN D 2684 28.07 95.67 93.23
C ASN D 2684 28.76 96.27 92.01
N TYR D 2685 29.79 95.59 91.51
CA TYR D 2685 30.41 95.94 90.23
C TYR D 2685 29.63 95.26 89.12
N VAL D 2686 28.49 95.85 88.73
CA VAL D 2686 27.76 95.36 87.58
C VAL D 2686 28.48 95.76 86.31
N SER D 2687 28.11 95.14 85.20
CA SER D 2687 28.61 95.59 83.90
C SER D 2687 27.91 96.87 83.50
N MET D 2688 28.69 97.86 83.08
CA MET D 2688 28.19 99.15 82.62
C MET D 2688 28.17 99.15 81.09
N MET D 2689 27.70 100.28 80.54
CA MET D 2689 27.63 100.50 79.08
C MET D 2689 27.02 99.30 78.36
N GLU D 2690 25.80 98.95 78.75
CA GLU D 2690 25.13 97.76 78.21
C GLU D 2690 24.76 97.97 76.75
N LYS D 2691 24.07 96.98 76.18
CA LYS D 2691 23.57 97.09 74.81
C LYS D 2691 22.56 98.22 74.71
N GLN D 2692 22.97 99.34 74.11
CA GLN D 2692 22.08 100.48 73.95
C GLN D 2692 20.89 100.15 73.05
N SER D 2693 21.05 99.17 72.15
CA SER D 2693 19.93 98.75 71.32
C SER D 2693 18.84 98.08 72.13
N SER D 2694 19.22 97.41 73.22
CA SER D 2694 18.24 96.72 74.05
C SER D 2694 17.26 97.70 74.69
N MET D 2695 17.77 98.82 75.22
CA MET D 2695 16.88 99.81 75.83
C MET D 2695 16.06 100.55 74.77
N ASP D 2696 16.59 100.64 73.55
CA ASP D 2696 15.85 101.26 72.46
C ASP D 2696 14.61 100.43 72.12
N SER D 2697 13.44 101.03 72.33
CA SER D 2697 12.17 100.31 72.16
C SER D 2697 11.67 100.30 70.73
N GLU D 2698 12.32 101.03 69.81
CA GLU D 2698 11.89 101.08 68.41
C GLU D 2698 12.46 99.86 67.68
N GLY D 2699 11.85 98.72 67.95
CA GLY D 2699 12.23 97.47 67.30
C GLY D 2699 13.50 96.84 67.81
N ASN D 2700 14.16 97.43 68.81
CA ASN D 2700 15.42 96.95 69.38
C ASN D 2700 16.54 96.83 68.37
N PHE D 2701 16.43 97.50 67.22
CA PHE D 2701 17.47 97.48 66.21
C PHE D 2701 18.18 98.82 66.05
N ASN D 2702 18.07 99.70 67.04
CA ASN D 2702 18.69 101.01 66.97
C ASN D 2702 20.09 100.96 67.58
N PRO D 2703 21.14 101.05 66.76
CA PRO D 2703 22.50 101.04 67.29
C PRO D 2703 23.00 102.42 67.66
N GLN D 2704 24.12 102.45 68.38
CA GLN D 2704 24.80 103.68 68.74
C GLN D 2704 26.29 103.41 68.81
N PRO D 2705 27.08 103.81 67.82
CA PRO D 2705 28.53 103.64 67.92
C PRO D 2705 29.12 104.46 69.06
N VAL D 2706 30.19 103.93 69.65
CA VAL D 2706 30.85 104.61 70.75
C VAL D 2706 31.56 105.85 70.25
N ASP D 2707 31.66 106.86 71.12
CA ASP D 2707 32.30 108.11 70.78
C ASP D 2707 33.80 107.91 70.61
N THR D 2708 34.36 108.55 69.58
CA THR D 2708 35.77 108.37 69.24
C THR D 2708 36.59 109.66 69.28
N SER D 2709 35.98 110.83 69.19
CA SER D 2709 36.75 112.06 69.18
C SER D 2709 37.31 112.40 70.55
N ASN D 2710 36.73 111.82 71.61
CA ASN D 2710 37.15 112.16 72.97
C ASN D 2710 38.55 111.62 73.28
N ILE D 2711 39.05 110.68 72.49
CA ILE D 2711 40.27 109.96 72.80
C ILE D 2711 41.32 110.24 71.73
N THR D 2712 42.58 110.02 72.09
CA THR D 2712 43.71 110.27 71.21
C THR D 2712 44.58 109.02 71.12
N ILE D 2713 45.34 108.94 70.03
CA ILE D 2713 46.17 107.76 69.76
C ILE D 2713 47.47 107.84 70.53
N PRO D 2714 47.95 106.74 71.11
CA PRO D 2714 49.31 106.74 71.68
C PRO D 2714 50.36 106.33 70.66
N GLU D 2715 51.59 106.80 70.85
CA GLU D 2715 52.68 106.38 69.98
C GLU D 2715 53.00 104.89 70.13
N LYS D 2716 52.71 104.32 71.30
CA LYS D 2716 52.87 102.88 71.46
C LYS D 2716 51.88 102.11 70.58
N LEU D 2717 50.65 102.61 70.44
CA LEU D 2717 49.71 101.99 69.52
C LEU D 2717 50.05 102.30 68.08
N GLU D 2718 50.66 103.46 67.82
CA GLU D 2718 51.17 103.73 66.48
C GLU D 2718 52.23 102.71 66.09
N TYR D 2719 53.12 102.36 67.03
CA TYR D 2719 54.08 101.30 66.77
C TYR D 2719 53.38 100.00 66.42
N PHE D 2720 52.29 99.68 67.10
CA PHE D 2720 51.53 98.48 66.78
C PHE D 2720 50.93 98.52 65.37
N ILE D 2721 50.31 99.64 64.99
CA ILE D 2721 49.75 99.72 63.64
C ILE D 2721 50.86 99.63 62.61
N ASN D 2722 52.08 100.05 62.98
CA ASN D 2722 53.25 99.73 62.17
C ASN D 2722 53.50 98.22 62.20
N LYS D 2723 53.76 97.67 61.01
CA LYS D 2723 53.93 96.25 60.70
C LYS D 2723 52.60 95.51 60.73
N TYR D 2724 51.56 96.11 61.32
CA TYR D 2724 50.23 95.50 61.20
C TYR D 2724 49.57 95.90 59.90
N ALA D 2725 49.60 97.19 59.58
CA ALA D 2725 49.18 97.61 58.25
C ALA D 2725 50.03 96.94 57.18
N GLU D 2726 51.30 96.69 57.49
CA GLU D 2726 52.19 95.98 56.57
C GLU D 2726 51.73 94.55 56.36
N HIS D 2727 51.39 93.83 57.43
CA HIS D 2727 50.94 92.44 57.29
C HIS D 2727 49.59 92.39 56.57
N SER D 2728 48.71 93.36 56.84
CA SER D 2728 47.44 93.43 56.12
C SER D 2728 47.66 93.67 54.63
N HIS D 2729 48.54 94.61 54.29
CA HIS D 2729 48.91 94.81 52.89
C HIS D 2729 49.49 93.54 52.30
N ASP D 2730 50.25 92.78 53.09
CA ASP D 2730 50.86 91.56 52.58
C ASP D 2730 49.78 90.52 52.23
N LYS D 2731 48.84 90.27 53.15
CA LYS D 2731 47.81 89.28 52.86
C LYS D 2731 46.92 89.74 51.70
N TRP D 2732 46.62 91.04 51.63
CA TRP D 2732 45.85 91.54 50.50
C TRP D 2732 46.67 91.46 49.20
N SER D 2733 47.99 91.46 49.31
CA SER D 2733 48.84 91.26 48.14
C SER D 2733 48.79 89.83 47.64
N MET D 2734 48.77 88.86 48.56
CA MET D 2734 48.51 87.49 48.12
C MET D 2734 47.12 87.34 47.54
N ASP D 2735 46.15 88.08 48.06
CA ASP D 2735 44.83 88.07 47.44
C ASP D 2735 44.89 88.59 46.01
N LYS D 2736 45.66 89.67 45.78
CA LYS D 2736 45.79 90.24 44.44
C LYS D 2736 46.50 89.26 43.49
N LEU D 2737 47.56 88.61 43.97
CA LEU D 2737 48.24 87.65 43.10
C LEU D 2737 47.38 86.42 42.86
N ALA D 2738 46.52 86.06 43.81
CA ALA D 2738 45.61 84.94 43.62
C ALA D 2738 44.53 85.25 42.59
N ASN D 2739 43.95 86.45 42.61
CA ASN D 2739 42.93 86.81 41.63
C ASN D 2739 43.54 87.47 40.38
N GLY D 2740 44.86 87.46 40.26
CA GLY D 2740 45.47 87.64 38.95
C GLY D 2740 46.36 88.84 38.75
N TRP D 2741 46.64 89.62 39.80
CA TRP D 2741 47.39 90.85 39.60
C TRP D 2741 48.89 90.59 39.57
N ILE D 2742 49.57 91.18 38.59
CA ILE D 2742 51.03 91.10 38.45
C ILE D 2742 51.61 92.48 38.68
N TYR D 2743 52.75 92.54 39.37
CA TYR D 2743 53.41 93.80 39.71
C TYR D 2743 53.78 94.53 38.43
N GLY D 2744 53.18 95.71 38.24
CA GLY D 2744 53.51 96.56 37.11
C GLY D 2744 53.21 98.01 37.40
N GLU D 2745 54.18 98.89 37.16
CA GLU D 2745 54.04 100.31 37.48
C GLU D 2745 52.89 100.95 36.72
N ILE D 2746 52.60 100.45 35.52
CA ILE D 2746 51.47 100.96 34.74
C ILE D 2746 50.17 100.60 35.46
N TYR D 2747 49.23 101.54 35.48
CA TYR D 2747 47.95 101.36 36.15
C TYR D 2747 46.98 100.62 35.23
N SER D 2748 47.43 99.48 34.71
CA SER D 2748 46.64 98.66 33.79
C SER D 2748 45.71 97.76 34.60
N ASP D 2749 44.71 98.40 35.23
CA ASP D 2749 43.77 97.67 36.07
C ASP D 2749 42.81 96.82 35.26
N SER D 2750 42.71 97.05 33.95
CA SER D 2750 41.88 96.18 33.12
C SER D 2750 42.54 94.84 32.87
N SER D 2751 43.86 94.83 32.63
CA SER D 2751 44.59 93.64 32.23
C SER D 2751 45.31 92.97 33.39
N LYS D 2752 44.85 93.17 34.62
CA LYS D 2752 45.43 92.54 35.81
C LYS D 2752 46.91 92.90 35.96
N VAL D 2753 47.18 94.19 35.97
CA VAL D 2753 48.50 94.74 36.23
C VAL D 2753 48.36 95.84 37.27
N GLN D 2754 49.15 95.75 38.35
CA GLN D 2754 49.05 96.72 39.44
C GLN D 2754 50.40 96.83 40.14
N PRO D 2755 50.83 98.04 40.50
CA PRO D 2755 52.10 98.20 41.22
C PRO D 2755 52.02 97.98 42.72
N LEU D 2756 50.88 97.49 43.23
CA LEU D 2756 50.67 97.44 44.67
C LEU D 2756 51.38 96.25 45.31
N MET D 2757 51.83 95.29 44.49
CA MET D 2757 52.67 94.19 44.97
C MET D 2757 54.10 94.67 45.16
N LYS D 2758 54.29 95.59 46.10
CA LYS D 2758 55.57 96.18 46.40
C LYS D 2758 55.53 96.66 47.84
N PRO D 2759 56.61 96.46 48.61
CA PRO D 2759 56.52 96.55 50.07
C PRO D 2759 55.92 97.86 50.56
N TYR D 2760 55.18 97.76 51.67
CA TYR D 2760 54.32 98.85 52.13
C TYR D 2760 55.12 100.10 52.45
N LYS D 2761 56.30 99.97 53.09
CA LYS D 2761 57.12 101.14 53.37
C LYS D 2761 57.60 101.83 52.10
N LEU D 2762 57.94 101.06 51.06
CA LEU D 2762 58.37 101.66 49.81
C LEU D 2762 57.19 102.21 49.02
N LEU D 2763 55.96 101.83 49.39
CA LEU D 2763 54.79 102.42 48.75
C LEU D 2763 54.63 103.88 49.13
N SER D 2764 53.81 104.59 48.34
CA SER D 2764 53.57 106.01 48.55
C SER D 2764 52.74 106.23 49.81
N GLU D 2765 53.03 107.34 50.51
CA GLU D 2765 52.35 107.63 51.76
C GLU D 2765 50.87 107.93 51.52
N LYS D 2766 50.51 108.47 50.36
CA LYS D 2766 49.09 108.64 50.02
C LYS D 2766 48.36 107.30 50.02
N GLU D 2767 48.97 106.27 49.43
CA GLU D 2767 48.39 104.94 49.50
C GLU D 2767 48.42 104.40 50.92
N LYS D 2768 49.50 104.71 51.66
CA LYS D 2768 49.58 104.30 53.06
C LYS D 2768 48.47 104.93 53.89
N GLU D 2769 48.17 106.20 53.64
CA GLU D 2769 47.03 106.83 54.28
C GLU D 2769 45.73 106.22 53.74
N ILE D 2770 44.64 106.51 54.44
CA ILE D 2770 43.27 106.02 54.22
C ILE D 2770 43.21 104.49 54.21
N TYR D 2771 44.33 103.84 53.92
CA TYR D 2771 44.45 102.41 54.13
C TYR D 2771 44.59 102.04 55.61
N ARG D 2772 45.35 102.83 56.37
CA ARG D 2772 45.43 102.67 57.81
C ARG D 2772 44.23 103.27 58.55
N TRP D 2773 43.41 104.05 57.84
CA TRP D 2773 42.25 104.70 58.44
C TRP D 2773 41.28 103.73 59.10
N PRO D 2774 40.88 102.62 58.46
CA PRO D 2774 40.03 101.65 59.17
C PRO D 2774 40.67 101.14 60.46
N ILE D 2775 42.00 100.96 60.45
CA ILE D 2775 42.70 100.60 61.67
C ILE D 2775 42.57 101.70 62.72
N LYS D 2776 42.60 102.96 62.29
CA LYS D 2776 42.41 104.07 63.22
C LYS D 2776 41.03 104.02 63.87
N GLU D 2777 39.97 103.79 63.07
CA GLU D 2777 38.64 103.70 63.67
C GLU D 2777 38.53 102.48 64.57
N SER D 2778 39.18 101.38 64.19
CA SER D 2778 39.15 100.19 65.03
C SER D 2778 39.81 100.44 66.38
N LEU D 2779 40.93 101.16 66.39
CA LEU D 2779 41.62 101.39 67.67
C LEU D 2779 40.90 102.45 68.50
N LYS D 2780 40.28 103.43 67.85
CA LYS D 2780 39.35 104.30 68.56
C LYS D 2780 38.24 103.49 69.24
N THR D 2781 37.68 102.51 68.51
CA THR D 2781 36.61 101.69 69.09
C THR D 2781 37.11 100.87 70.27
N MET D 2782 38.28 100.24 70.14
CA MET D 2782 38.77 99.40 71.24
C MET D 2782 39.12 100.24 72.47
N LEU D 2783 39.72 101.42 72.29
CA LEU D 2783 40.08 102.21 73.45
C LEU D 2783 38.87 102.89 74.07
N ALA D 2784 37.84 103.19 73.26
CA ALA D 2784 36.63 103.81 73.79
C ALA D 2784 35.97 102.92 74.83
N TRP D 2785 36.17 101.61 74.73
CA TRP D 2785 35.75 100.70 75.79
C TRP D 2785 36.49 100.94 77.09
N GLY D 2786 37.62 101.64 77.05
CA GLY D 2786 38.40 101.92 78.24
C GLY D 2786 39.32 100.79 78.67
N TRP D 2787 39.48 99.76 77.85
CA TRP D 2787 40.23 98.58 78.25
C TRP D 2787 41.72 98.92 78.38
N ARG D 2788 42.36 98.33 79.39
CA ARG D 2788 43.76 98.59 79.66
C ARG D 2788 44.64 97.68 78.78
N ILE D 2789 45.78 98.19 78.36
CA ILE D 2789 46.72 97.45 77.51
C ILE D 2789 48.09 97.48 78.17
N GLU D 2790 48.71 96.30 78.27
CA GLU D 2790 50.02 96.16 78.91
C GLU D 2790 50.98 95.51 77.91
N ARG D 2791 52.19 96.06 77.81
CA ARG D 2791 53.19 95.51 76.90
C ARG D 2791 54.06 94.49 77.63
N THR D 2792 54.32 93.37 76.97
CA THR D 2792 55.19 92.35 77.56
C THR D 2792 56.66 92.65 77.27
N ARG D 2793 57.52 91.95 78.01
CA ARG D 2793 58.97 92.10 77.81
C ARG D 2793 59.37 91.67 76.41
N GLU D 2794 58.77 90.59 75.90
CA GLU D 2794 59.07 90.14 74.54
C GLU D 2794 58.68 91.20 73.52
N GLY D 2795 57.48 91.78 73.67
CA GLY D 2795 57.02 92.82 72.76
C GLY D 2795 57.80 94.11 72.83
N ASP D 2796 58.48 94.37 73.95
CA ASP D 2796 59.36 95.52 74.06
C ASP D 2796 60.76 95.24 73.54
N SER D 2797 61.26 94.02 73.72
CA SER D 2797 62.52 93.64 73.09
C SER D 2797 62.40 93.66 71.57
N MET D 2798 61.23 93.27 71.06
CA MET D 2798 61.00 93.37 69.62
C MET D 2798 60.99 94.82 69.16
N ALA D 2799 60.43 95.72 69.96
CA ALA D 2799 60.48 97.15 69.62
C ALA D 2799 61.91 97.65 69.64
N LEU D 2800 62.72 97.19 70.60
CA LEU D 2800 64.13 97.56 70.64
C LEU D 2800 64.87 97.07 69.39
N TYR D 2801 64.59 95.84 68.97
CA TYR D 2801 65.27 95.29 67.80
C TYR D 2801 64.78 95.92 66.50
N ASN D 2802 63.55 96.44 66.50
CA ASN D 2802 62.91 96.97 65.30
C ASN D 2802 62.82 95.91 64.21
N GLY D 2820 62.23 91.41 46.01
CA GLY D 2820 63.42 91.29 46.84
C GLY D 2820 63.29 90.21 47.90
N TYR D 2821 62.12 90.12 48.50
CA TYR D 2821 61.85 89.13 49.53
C TYR D 2821 60.51 88.45 49.24
N SER D 2822 60.44 87.15 49.57
CA SER D 2822 59.20 86.41 49.44
C SER D 2822 58.25 86.84 50.56
N PRO D 2823 57.00 87.17 50.24
CA PRO D 2823 56.07 87.63 51.28
C PRO D 2823 55.80 86.60 52.36
N ARG D 2824 56.02 86.96 53.62
CA ARG D 2824 55.69 86.11 54.76
C ARG D 2824 54.40 86.62 55.40
N ALA D 2825 53.35 85.82 55.33
CA ALA D 2825 52.16 86.00 56.15
C ALA D 2825 51.96 84.75 56.99
N ILE D 2826 51.70 84.97 58.28
CA ILE D 2826 51.51 83.89 59.24
C ILE D 2826 50.03 83.72 59.50
N ASP D 2827 49.54 82.48 59.36
CA ASP D 2827 48.19 82.18 59.79
C ASP D 2827 48.16 82.18 61.31
N MET D 2828 47.06 82.66 61.85
CA MET D 2828 46.94 82.89 63.27
C MET D 2828 45.61 82.37 63.83
N SER D 2829 44.83 81.65 62.99
CA SER D 2829 43.77 80.78 63.46
C SER D 2829 44.33 79.62 64.28
N ASN D 2830 45.61 79.32 64.12
CA ASN D 2830 46.26 78.30 64.93
C ASN D 2830 46.24 78.69 66.40
N VAL D 2831 46.53 79.97 66.70
CA VAL D 2831 46.44 80.46 68.07
C VAL D 2831 44.98 80.47 68.50
N THR D 2832 44.74 80.38 69.80
CA THR D 2832 43.39 80.37 70.35
C THR D 2832 43.30 81.35 71.51
N LEU D 2833 42.20 82.11 71.57
CA LEU D 2833 41.95 83.03 72.66
C LEU D 2833 41.28 82.31 73.83
N SER D 2834 41.14 83.03 74.93
CA SER D 2834 40.45 82.53 76.10
C SER D 2834 38.96 82.92 76.06
N ARG D 2835 38.22 82.47 77.08
CA ARG D 2835 36.81 82.87 77.21
C ARG D 2835 36.68 84.39 77.26
N ASP D 2836 37.52 85.05 78.06
CA ASP D 2836 37.40 86.48 78.28
C ASP D 2836 37.63 87.26 76.99
N LEU D 2837 38.75 87.00 76.31
CA LEU D 2837 39.02 87.63 75.03
C LEU D 2837 37.98 87.28 73.99
N HIS D 2838 37.43 86.06 74.06
CA HIS D 2838 36.33 85.67 73.18
CA HIS D 2838 36.33 85.67 73.18
C HIS D 2838 35.14 86.60 73.35
N ALA D 2839 34.70 86.79 74.58
CA ALA D 2839 33.53 87.63 74.86
C ALA D 2839 33.82 89.08 74.48
N MET D 2840 35.03 89.57 74.78
CA MET D 2840 35.39 90.93 74.39
C MET D 2840 35.34 91.10 72.88
N ALA D 2841 35.90 90.14 72.14
CA ALA D 2841 35.88 90.19 70.69
C ALA D 2841 34.46 90.12 70.16
N GLU D 2842 33.62 89.29 70.77
CA GLU D 2842 32.24 89.19 70.33
C GLU D 2842 31.48 90.50 70.50
N MET D 2843 31.66 91.19 71.62
CA MET D 2843 30.92 92.42 71.83
C MET D 2843 31.48 93.58 71.00
N MET D 2844 32.79 93.59 70.78
CA MET D 2844 33.35 94.63 69.91
C MET D 2844 32.99 94.36 68.45
N ALA D 2845 32.83 93.09 68.06
CA ALA D 2845 32.26 92.76 66.76
C ALA D 2845 30.81 93.18 66.67
N GLU D 2846 30.06 93.03 67.77
CA GLU D 2846 28.73 93.62 67.87
C GLU D 2846 28.78 95.10 67.52
N ASN D 2847 29.74 95.83 68.09
CA ASN D 2847 29.84 97.27 67.84
C ASN D 2847 30.17 97.55 66.37
N TYR D 2848 31.07 96.77 65.76
CA TYR D 2848 31.36 97.00 64.34
C TYR D 2848 30.16 96.70 63.46
N HIS D 2849 29.40 95.65 63.79
CA HIS D 2849 28.17 95.41 63.03
C HIS D 2849 27.19 96.55 63.21
N ASN D 2850 27.15 97.13 64.42
CA ASN D 2850 26.29 98.28 64.66
C ASN D 2850 26.72 99.47 63.82
N ILE D 2851 28.04 99.67 63.68
CA ILE D 2851 28.55 100.76 62.85
C ILE D 2851 28.15 100.53 61.39
N TRP D 2852 28.32 99.31 60.90
CA TRP D 2852 27.93 98.99 59.53
C TRP D 2852 26.43 99.15 59.34
N ALA D 2853 25.63 98.79 60.34
CA ALA D 2853 24.19 98.97 60.28
C ALA D 2853 23.82 100.45 60.25
N LYS D 2854 24.55 101.28 61.00
CA LYS D 2854 24.34 102.73 60.92
C LYS D 2854 24.63 103.25 59.52
N LYS D 2855 25.75 102.83 58.92
CA LYS D 2855 26.01 103.24 57.54
C LYS D 2855 24.87 102.82 56.63
N LYS D 2856 24.52 101.52 56.64
CA LYS D 2856 23.43 101.03 55.80
C LYS D 2856 22.16 101.81 56.05
N LYS D 2857 21.96 102.28 57.28
CA LYS D 2857 20.80 103.09 57.60
C LYS D 2857 20.88 104.47 56.91
N MET D 2858 22.07 105.07 56.90
CA MET D 2858 22.19 106.33 56.15
C MET D 2858 21.92 106.15 54.66
N GLU D 2859 22.46 105.11 54.01
CA GLU D 2859 22.05 104.89 52.62
C GLU D 2859 20.57 104.55 52.52
N LEU D 2860 20.00 103.96 53.58
CA LEU D 2860 18.57 103.66 53.56
C LEU D 2860 17.73 104.94 53.52
N GLU D 2861 18.06 105.91 54.38
CA GLU D 2861 17.33 107.18 54.31
C GLU D 2861 17.67 107.97 53.06
N SER D 2862 18.87 107.80 52.51
CA SER D 2862 19.18 108.45 51.23
C SER D 2862 18.30 107.90 50.12
N LYS D 2863 18.11 106.59 50.08
CA LYS D 2863 17.19 105.99 49.12
C LYS D 2863 15.76 106.41 49.40
N GLY D 2864 15.41 106.58 50.68
CA GLY D 2864 14.07 106.92 51.08
C GLY D 2864 13.14 105.76 51.29
N GLY D 2865 13.61 104.52 51.08
CA GLY D 2865 12.75 103.36 51.26
C GLY D 2865 13.57 102.08 51.27
N GLY D 2866 12.85 100.98 51.48
CA GLY D 2866 13.46 99.67 51.49
C GLY D 2866 14.07 99.30 52.82
N ASN D 2867 14.66 98.10 52.85
CA ASN D 2867 15.31 97.59 54.05
C ASN D 2867 16.33 96.54 53.62
N HIS D 2868 17.23 96.20 54.55
CA HIS D 2868 18.24 95.22 54.25
C HIS D 2868 18.08 94.01 55.15
N PRO D 2869 18.22 92.80 54.60
CA PRO D 2869 18.00 91.59 55.43
C PRO D 2869 18.91 91.50 56.64
N LEU D 2870 20.15 91.99 56.52
CA LEU D 2870 21.10 91.92 57.63
C LEU D 2870 21.02 93.13 58.54
N LEU D 2871 20.08 94.05 58.32
CA LEU D 2871 19.89 95.18 59.21
C LEU D 2871 19.50 94.75 60.62
N VAL D 2872 18.99 93.53 60.78
CA VAL D 2872 18.61 92.99 62.09
C VAL D 2872 19.87 92.90 62.94
N PRO D 2873 19.76 92.98 64.28
CA PRO D 2873 20.96 93.02 65.13
C PRO D 2873 21.93 91.87 64.93
N TYR D 2874 23.16 92.09 65.42
CA TYR D 2874 24.24 91.14 65.17
C TYR D 2874 23.93 89.79 65.81
N ASP D 2875 23.40 89.79 67.03
CA ASP D 2875 23.02 88.54 67.67
C ASP D 2875 21.92 87.83 66.89
N THR D 2876 20.97 88.60 66.34
CA THR D 2876 19.91 88.00 65.54
C THR D 2876 20.46 87.42 64.24
N LEU D 2877 21.60 87.91 63.78
CA LEU D 2877 22.24 87.30 62.61
C LEU D 2877 22.74 85.90 62.93
N THR D 2878 23.22 85.20 61.91
CA THR D 2878 23.81 83.88 62.08
C THR D 2878 25.30 83.91 61.73
N ALA D 2879 26.00 82.84 62.14
CA ALA D 2879 27.46 82.83 62.12
C ALA D 2879 28.01 83.02 60.71
N LYS D 2880 27.30 82.55 59.69
CA LYS D 2880 27.82 82.62 58.33
C LYS D 2880 28.04 84.05 57.87
N GLU D 2881 27.03 84.91 58.02
CA GLU D 2881 27.22 86.32 57.66
C GLU D 2881 28.04 87.06 58.71
N LYS D 2882 28.04 86.56 59.95
CA LYS D 2882 28.90 87.11 60.99
C LYS D 2882 30.37 86.86 60.70
N ALA D 2883 30.68 85.91 59.83
CA ALA D 2883 32.01 85.31 59.78
C ALA D 2883 33.10 86.34 59.49
N LYS D 2884 32.85 87.24 58.54
CA LYS D 2884 33.89 88.22 58.20
C LYS D 2884 34.18 89.15 59.38
N ASP D 2885 33.13 89.62 60.05
CA ASP D 2885 33.34 90.52 61.19
C ASP D 2885 34.03 89.79 62.33
N ARG D 2886 33.61 88.55 62.64
CA ARG D 2886 34.34 87.80 63.66
C ARG D 2886 35.81 87.64 63.28
N GLU D 2887 36.09 87.09 62.10
CA GLU D 2887 37.48 86.77 61.76
C GLU D 2887 38.33 88.03 61.79
N LYS D 2888 37.77 89.17 61.38
CA LYS D 2888 38.50 90.42 61.54
C LYS D 2888 38.76 90.72 63.01
N ALA D 2889 37.76 90.51 63.86
CA ALA D 2889 37.93 90.76 65.29
C ALA D 2889 39.06 89.92 65.88
N GLN D 2890 39.02 88.61 65.68
CA GLN D 2890 40.04 87.80 66.32
C GLN D 2890 41.40 88.00 65.67
N ASP D 2891 41.45 88.30 64.36
CA ASP D 2891 42.78 88.52 63.79
C ASP D 2891 43.42 89.78 64.36
N ILE D 2892 42.65 90.87 64.50
CA ILE D 2892 43.28 92.06 65.07
C ILE D 2892 43.68 91.82 66.53
N LEU D 2893 42.82 91.19 67.32
CA LEU D 2893 43.15 91.03 68.74
C LEU D 2893 44.27 90.00 68.94
N LYS D 2894 44.31 88.95 68.12
CA LYS D 2894 45.40 87.99 68.12
C LYS D 2894 46.70 88.66 67.70
N PHE D 2895 46.62 89.58 66.74
CA PHE D 2895 47.83 90.29 66.33
C PHE D 2895 48.33 91.16 67.45
N LEU D 2896 47.41 91.77 68.22
CA LEU D 2896 47.80 92.50 69.41
C LEU D 2896 48.50 91.58 70.42
N GLN D 2897 47.94 90.39 70.65
CA GLN D 2897 48.57 89.44 71.56
C GLN D 2897 49.98 89.05 71.11
N ILE D 2898 50.16 88.75 69.82
CA ILE D 2898 51.46 88.29 69.34
C ILE D 2898 52.46 89.44 69.34
N ASN D 2899 52.00 90.66 69.06
CA ASN D 2899 52.88 91.82 69.19
C ASN D 2899 53.27 92.05 70.64
N GLY D 2900 52.46 91.54 71.58
CA GLY D 2900 52.80 91.53 72.98
C GLY D 2900 51.95 92.44 73.84
N TYR D 2901 51.23 93.37 73.22
CA TYR D 2901 50.28 94.18 73.97
C TYR D 2901 49.20 93.28 74.57
N ALA D 2902 48.96 93.45 75.87
CA ALA D 2902 48.04 92.60 76.61
C ALA D 2902 46.82 93.42 76.98
N VAL D 2903 45.70 93.18 76.30
CA VAL D 2903 44.46 93.86 76.61
C VAL D 2903 43.70 93.09 77.69
N SER D 2904 43.08 93.83 78.61
CA SER D 2904 42.32 93.25 79.69
C SER D 2904 41.07 94.10 79.91
N ARG D 2905 40.39 93.84 81.03
CA ARG D 2905 39.21 94.64 81.37
C ARG D 2905 39.63 96.06 81.71
N GLY D 2906 38.76 97.01 81.39
CA GLY D 2906 39.08 98.41 81.63
C GLY D 2906 39.30 98.74 83.09
N PHE D 2907 38.50 98.14 83.97
CA PHE D 2907 38.57 98.44 85.40
C PHE D 2907 38.28 97.17 86.18
N LYS D 2908 39.24 96.76 87.02
CA LYS D 2908 39.06 95.59 87.86
C LYS D 2908 38.12 95.90 89.02
N ASP D 2909 37.72 94.86 89.74
CA ASP D 2909 36.75 95.00 90.82
C ASP D 2909 37.21 96.01 91.86
N LEU D 2910 36.31 96.92 92.24
CA LEU D 2910 36.65 97.96 93.18
C LEU D 2910 36.28 97.56 94.61
N GLU D 2911 35.16 96.86 94.77
CA GLU D 2911 34.67 96.50 96.10
C GLU D 2911 33.84 95.24 96.00
N LEU D 2912 33.39 94.72 97.14
CA LEU D 2912 32.59 93.50 97.17
C LEU D 2912 31.55 93.62 98.27
N ASP D 2913 30.32 93.22 97.94
CA ASP D 2913 29.15 93.47 98.79
C ASP D 2913 28.81 92.29 99.69
N THR D 2914 29.65 91.26 99.75
CA THR D 2914 29.41 90.13 100.65
C THR D 2914 29.25 90.52 102.12
N PRO D 2915 30.04 91.44 102.70
CA PRO D 2915 29.84 91.74 104.14
C PRO D 2915 28.45 92.26 104.45
N SER D 2916 27.81 92.97 103.53
CA SER D 2916 26.47 93.49 103.76
C SER D 2916 25.49 92.35 103.96
N ILE D 2917 24.52 92.56 104.86
CA ILE D 2917 23.48 91.55 105.09
C ILE D 2917 22.33 91.69 104.11
N GLU D 2918 22.22 92.83 103.42
CA GLU D 2918 21.29 92.95 102.30
C GLU D 2918 21.86 92.35 101.02
N LYS D 2919 23.06 91.78 101.08
CA LYS D 2919 23.63 91.04 99.96
C LYS D 2919 22.65 90.00 99.44
N ARG D 2920 22.03 89.27 100.34
CA ARG D 2920 21.07 88.24 99.95
C ARG D 2920 19.81 88.86 99.38
N PHE D 2921 19.45 88.47 98.15
CA PHE D 2921 18.22 88.98 97.57
C PHE D 2921 17.04 88.54 98.40
N ALA D 2922 17.17 87.41 99.11
CA ALA D 2922 16.15 87.00 100.06
C ALA D 2922 15.99 88.03 101.16
N TYR D 2923 17.11 88.53 101.70
CA TYR D 2923 17.04 89.56 102.73
C TYR D 2923 16.39 90.83 102.18
N SER D 2924 16.80 91.27 100.99
CA SER D 2924 16.20 92.48 100.42
C SER D 2924 14.72 92.30 100.11
N PHE D 2925 14.35 91.16 99.55
CA PHE D 2925 12.97 90.87 99.21
C PHE D 2925 12.11 90.79 100.48
N LEU D 2926 12.66 90.19 101.54
CA LEU D 2926 11.92 90.13 102.80
C LEU D 2926 11.81 91.52 103.43
N GLN D 2927 12.81 92.38 103.22
CA GLN D 2927 12.70 93.76 103.68
C GLN D 2927 11.53 94.47 103.00
N GLN D 2928 11.50 94.41 101.66
CA GLN D 2928 10.38 95.00 100.94
C GLN D 2928 9.07 94.33 101.32
N LEU D 2929 9.10 93.03 101.59
CA LEU D 2929 7.89 92.30 101.95
C LEU D 2929 7.34 92.80 103.28
N ILE D 2930 8.21 92.92 104.29
CA ILE D 2930 7.79 93.45 105.59
C ILE D 2930 7.29 94.87 105.44
N ARG D 2931 7.89 95.65 104.54
CA ARG D 2931 7.35 96.97 104.25
C ARG D 2931 5.90 96.88 103.78
N TYR D 2932 5.68 96.21 102.64
CA TYR D 2932 4.33 96.12 102.08
C TYR D 2932 3.33 95.55 103.09
N VAL D 2933 3.79 94.65 103.98
CA VAL D 2933 2.86 94.14 104.98
C VAL D 2933 2.63 95.16 106.10
N ASP D 2934 3.57 96.08 106.33
CA ASP D 2934 3.29 97.18 107.25
C ASP D 2934 2.29 98.16 106.67
N GLU D 2935 2.45 98.51 105.39
CA GLU D 2935 1.39 99.25 104.70
C GLU D 2935 0.07 98.50 104.74
N ALA D 2936 0.10 97.17 104.61
CA ALA D 2936 -1.13 96.38 104.71
C ALA D 2936 -1.73 96.47 106.10
N HIS D 2937 -0.88 96.49 107.13
CA HIS D 2937 -1.37 96.61 108.51
C HIS D 2937 -2.06 97.94 108.73
N GLN D 2938 -1.47 99.03 108.23
CA GLN D 2938 -2.11 100.33 108.44
C GLN D 2938 -3.34 100.46 107.54
N TYR D 2939 -3.32 99.79 106.38
CA TYR D 2939 -4.52 99.64 105.57
C TYR D 2939 -5.64 98.96 106.36
N ILE D 2940 -5.33 97.84 107.01
CA ILE D 2940 -6.36 97.08 107.70
C ILE D 2940 -6.84 97.82 108.93
N LEU D 2941 -5.98 98.63 109.56
CA LEU D 2941 -6.46 99.54 110.58
C LEU D 2941 -7.45 100.54 109.98
N GLU D 2942 -7.16 101.05 108.78
CA GLU D 2942 -8.08 101.99 108.14
C GLU D 2942 -9.41 101.32 107.79
N PHE D 2943 -9.37 100.11 107.25
CA PHE D 2943 -10.64 99.42 106.96
C PHE D 2943 -11.37 98.98 108.22
N ASP D 2944 -10.68 98.74 109.33
CA ASP D 2944 -11.38 98.50 110.58
C ASP D 2944 -12.07 99.77 111.08
N GLY D 2945 -11.41 100.92 110.93
CA GLY D 2945 -12.06 102.17 111.25
C GLY D 2945 -13.26 102.47 110.36
N GLY D 2946 -13.15 102.11 109.08
CA GLY D 2946 -14.25 102.39 108.16
C GLY D 2946 -15.32 101.33 108.18
N SER D 2947 -15.03 100.15 108.75
CA SER D 2947 -16.04 99.10 108.85
C SER D 2947 -17.03 99.42 109.97
N ARG D 2948 -16.54 100.00 111.07
CA ARG D 2948 -17.45 100.58 112.05
C ARG D 2948 -18.23 101.74 111.44
N GLY D 2949 -17.62 102.47 110.51
CA GLY D 2949 -18.33 103.48 109.76
C GLY D 2949 -19.27 102.85 108.74
N LYS D 2950 -20.19 103.67 108.24
CA LYS D 2950 -21.20 103.17 107.31
C LYS D 2950 -20.58 102.71 106.00
N GLY D 2951 -19.64 103.47 105.47
CA GLY D 2951 -19.09 103.17 104.16
C GLY D 2951 -18.15 101.98 104.20
N GLU D 2952 -18.55 100.90 103.54
CA GLU D 2952 -17.70 99.73 103.38
C GLU D 2952 -16.81 99.79 102.14
N HIS D 2953 -16.96 100.82 101.31
CA HIS D 2953 -16.08 100.98 100.16
C HIS D 2953 -14.66 101.30 100.61
N PHE D 2954 -13.69 100.61 100.02
CA PHE D 2954 -12.29 100.78 100.37
C PHE D 2954 -11.53 101.38 99.20
N PRO D 2955 -10.85 102.52 99.39
CA PRO D 2955 -10.02 103.06 98.31
C PRO D 2955 -8.85 102.16 97.95
N TYR D 2956 -8.47 101.25 98.83
CA TYR D 2956 -7.29 100.41 98.65
C TYR D 2956 -7.67 98.96 98.30
N GLU D 2957 -8.75 98.80 97.54
CA GLU D 2957 -9.15 97.45 97.14
C GLU D 2957 -8.14 96.84 96.17
N GLN D 2958 -7.54 97.66 95.31
CA GLN D 2958 -6.49 97.17 94.43
C GLN D 2958 -5.29 96.68 95.23
N GLU D 2959 -4.93 97.41 96.29
CA GLU D 2959 -3.86 96.96 97.18
C GLU D 2959 -4.23 95.68 97.92
N ILE D 2960 -5.49 95.55 98.35
CA ILE D 2960 -5.92 94.32 99.00
C ILE D 2960 -5.77 93.13 98.06
N LYS D 2961 -6.22 93.30 96.81
CA LYS D 2961 -6.12 92.22 95.84
C LYS D 2961 -4.66 91.89 95.52
N PHE D 2962 -3.84 92.93 95.35
CA PHE D 2962 -2.41 92.70 95.14
C PHE D 2962 -1.80 91.89 96.28
N PHE D 2963 -2.01 92.34 97.52
CA PHE D 2963 -1.50 91.60 98.67
C PHE D 2963 -1.94 90.15 98.63
N ALA D 2964 -3.25 89.91 98.62
CA ALA D 2964 -3.80 88.57 98.73
C ALA D 2964 -3.36 87.66 97.59
N LYS D 2965 -3.23 88.18 96.37
CA LYS D 2965 -2.96 87.31 95.23
C LYS D 2965 -1.49 87.20 94.91
N VAL D 2966 -0.64 88.07 95.45
CA VAL D 2966 0.79 88.05 95.16
C VAL D 2966 1.61 87.74 96.41
N VAL D 2967 1.52 88.61 97.42
CA VAL D 2967 2.37 88.44 98.60
C VAL D 2967 2.03 87.16 99.33
N LEU D 2968 0.73 86.87 99.46
CA LEU D 2968 0.31 85.68 100.20
C LEU D 2968 0.77 84.38 99.54
N PRO D 2969 0.60 84.17 98.23
CA PRO D 2969 1.06 82.89 97.65
C PRO D 2969 2.55 82.83 97.41
N LEU D 2970 3.19 83.97 97.13
CA LEU D 2970 4.63 83.97 96.88
C LEU D 2970 5.41 83.54 98.11
N ILE D 2971 4.98 84.01 99.29
CA ILE D 2971 5.60 83.56 100.54
C ILE D 2971 5.50 82.06 100.66
N ASP D 2972 4.31 81.50 100.40
CA ASP D 2972 4.10 80.07 100.54
C ASP D 2972 4.99 79.27 99.60
N GLN D 2973 5.03 79.66 98.33
CA GLN D 2973 5.82 78.91 97.36
C GLN D 2973 7.31 79.02 97.66
N TYR D 2974 7.78 80.24 97.98
CA TYR D 2974 9.18 80.43 98.34
C TYR D 2974 9.55 79.57 99.55
N PHE D 2975 8.68 79.53 100.55
CA PHE D 2975 9.05 78.84 101.79
C PHE D 2975 8.98 77.33 101.61
N LYS D 2976 8.00 76.83 100.88
CA LYS D 2976 7.94 75.40 100.60
C LYS D 2976 9.03 74.95 99.63
N ASN D 2977 9.60 75.87 98.84
CA ASN D 2977 10.70 75.50 97.95
C ASN D 2977 12.06 75.57 98.65
N HIS D 2978 12.27 76.56 99.53
CA HIS D 2978 13.54 76.76 100.20
C HIS D 2978 13.34 76.61 101.70
N ARG D 2979 12.56 75.58 102.07
CA ARG D 2979 12.32 75.30 103.48
C ARG D 2979 13.62 74.97 104.21
N LEU D 2980 14.52 74.22 103.56
CA LEU D 2980 15.77 73.84 104.21
C LEU D 2980 16.64 75.06 104.48
N TYR D 2981 16.52 76.10 103.66
CA TYR D 2981 17.31 77.30 103.87
C TYR D 2981 17.02 77.96 105.21
N PHE D 2982 15.73 78.09 105.56
CA PHE D 2982 15.37 78.69 106.84
C PHE D 2982 15.67 77.75 108.00
N LEU D 2983 15.59 76.44 107.78
CA LEU D 2983 15.87 75.48 108.84
C LEU D 2983 17.36 75.27 109.08
N SER D 2984 18.23 76.09 108.50
CA SER D 2984 19.65 76.01 108.79
C SER D 2984 19.89 76.34 110.25
N ALA D 2985 20.28 75.33 111.03
CA ALA D 2985 20.40 75.45 112.48
C ALA D 2985 21.83 75.13 112.91
N ALA D 2986 22.81 75.70 112.21
CA ALA D 2986 24.23 75.59 112.53
C ALA D 2986 24.73 74.15 112.40
N SER D 2987 23.87 73.24 111.93
CA SER D 2987 24.27 71.88 111.64
C SER D 2987 24.77 71.72 110.21
N ARG D 2988 24.81 72.81 109.45
CA ARG D 2988 25.23 72.82 108.05
C ARG D 2988 24.43 71.81 107.22
N PRO D 2989 23.11 72.00 107.07
CA PRO D 2989 22.36 71.16 106.13
C PRO D 2989 22.63 71.60 104.69
N LEU D 2990 22.74 70.64 103.77
CA LEU D 2990 23.13 70.93 102.39
C LEU D 2990 24.48 71.65 102.42
N CYS D 2991 25.52 70.93 102.84
CA CYS D 2991 26.80 71.53 103.21
C CYS D 2991 27.39 72.44 102.14
N SER D 2992 26.89 72.38 100.90
CA SER D 2992 27.37 73.28 99.86
C SER D 2992 27.09 74.73 100.23
N GLY D 2993 25.92 74.99 100.81
CA GLY D 2993 25.56 76.33 101.24
C GLY D 2993 24.10 76.39 101.59
N GLY D 2994 23.67 77.58 102.00
CA GLY D 2994 22.27 77.80 102.33
C GLY D 2994 22.02 78.16 103.77
N HIS D 2995 22.98 78.84 104.40
CA HIS D 2995 22.79 79.27 105.79
C HIS D 2995 22.02 80.58 105.84
N ALA D 2996 20.80 80.52 106.34
CA ALA D 2996 20.04 81.74 106.57
C ALA D 2996 20.65 82.53 107.73
N SER D 2997 20.78 83.84 107.54
CA SER D 2997 21.39 84.67 108.55
C SER D 2997 20.45 84.86 109.73
N ASN D 2998 21.03 85.26 110.87
CA ASN D 2998 20.22 85.52 112.06
C ASN D 2998 19.26 86.67 111.81
N LYS D 2999 19.70 87.71 111.09
CA LYS D 2999 18.80 88.79 110.71
C LYS D 2999 17.68 88.29 109.81
N GLU D 3000 18.01 87.44 108.83
CA GLU D 3000 16.98 86.83 108.00
C GLU D 3000 15.94 86.13 108.84
N LYS D 3001 16.38 85.27 109.76
CA LYS D 3001 15.44 84.51 110.59
C LYS D 3001 14.63 85.42 111.52
N GLU D 3002 15.25 86.44 112.11
CA GLU D 3002 14.50 87.31 113.02
C GLU D 3002 13.46 88.13 112.27
N MET D 3003 13.77 88.58 111.06
CA MET D 3003 12.79 89.37 110.33
C MET D 3003 11.72 88.46 109.73
N VAL D 3004 12.06 87.21 109.44
CA VAL D 3004 11.04 86.22 109.10
C VAL D 3004 10.09 86.01 110.27
N THR D 3005 10.62 85.95 111.49
CA THR D 3005 9.76 85.85 112.67
C THR D 3005 8.91 87.09 112.89
N SER D 3006 9.44 88.29 112.62
CA SER D 3006 8.61 89.48 112.72
C SER D 3006 7.47 89.46 111.70
N LEU D 3007 7.77 89.03 110.47
CA LEU D 3007 6.71 88.85 109.47
C LEU D 3007 5.71 87.80 109.92
N PHE D 3008 6.21 86.72 110.53
CA PHE D 3008 5.39 85.68 111.14
C PHE D 3008 4.36 86.30 112.08
N CYS D 3009 4.85 87.10 113.03
CA CYS D 3009 3.99 87.69 114.05
C CYS D 3009 3.01 88.69 113.44
N LYS D 3010 3.48 89.53 112.51
CA LYS D 3010 2.61 90.55 111.96
C LYS D 3010 1.54 89.95 111.06
N LEU D 3011 1.86 88.86 110.35
CA LEU D 3011 0.83 88.13 109.62
C LEU D 3011 -0.20 87.53 110.57
N GLY D 3012 0.26 87.01 111.71
CA GLY D 3012 -0.70 86.58 112.73
C GLY D 3012 -1.62 87.70 113.17
N VAL D 3013 -1.04 88.88 113.42
CA VAL D 3013 -1.85 90.03 113.86
C VAL D 3013 -2.86 90.40 112.79
N LEU D 3014 -2.44 90.40 111.51
CA LEU D 3014 -3.37 90.70 110.43
C LEU D 3014 -4.50 89.68 110.36
N VAL D 3015 -4.18 88.39 110.37
CA VAL D 3015 -5.21 87.37 110.24
C VAL D 3015 -6.14 87.32 111.44
N ARG D 3016 -5.72 87.87 112.59
CA ARG D 3016 -6.59 87.90 113.76
C ARG D 3016 -7.91 88.58 113.44
N HIS D 3017 -8.99 87.80 113.42
CA HIS D 3017 -10.37 88.30 113.33
C HIS D 3017 -10.59 89.13 112.07
N ARG D 3018 -10.22 88.56 110.91
CA ARG D 3018 -10.50 89.22 109.64
C ARG D 3018 -10.92 88.22 108.56
N ILE D 3019 -11.40 87.03 108.95
CA ILE D 3019 -11.77 86.02 107.97
C ILE D 3019 -12.94 86.49 107.12
N SER D 3020 -13.86 87.25 107.71
CA SER D 3020 -14.98 87.80 106.94
C SER D 3020 -14.49 88.79 105.89
N LEU D 3021 -13.52 89.64 106.26
CA LEU D 3021 -12.97 90.57 105.29
C LEU D 3021 -12.24 89.84 104.18
N PHE D 3022 -11.51 88.77 104.51
CA PHE D 3022 -10.91 87.94 103.49
C PHE D 3022 -12.00 87.28 102.64
N GLY D 3023 -11.97 87.51 101.33
CA GLY D 3023 -12.98 86.99 100.44
C GLY D 3023 -12.84 85.52 100.18
N ASN D 3024 -13.12 84.70 101.20
CA ASN D 3024 -12.95 83.25 101.22
C ASN D 3024 -11.50 82.83 101.07
N ASP D 3025 -10.56 83.77 101.02
CA ASP D 3025 -9.13 83.48 101.00
C ASP D 3025 -8.55 83.32 102.40
N ALA D 3026 -9.36 83.47 103.44
CA ALA D 3026 -8.90 83.25 104.80
C ALA D 3026 -8.26 81.87 104.96
N THR D 3027 -8.79 80.86 104.27
CA THR D 3027 -8.13 79.56 104.27
C THR D 3027 -6.75 79.64 103.64
N SER D 3028 -6.58 80.49 102.63
CA SER D 3028 -5.25 80.68 102.03
C SER D 3028 -4.29 81.32 103.03
N ILE D 3029 -4.76 82.30 103.81
CA ILE D 3029 -3.89 82.85 104.86
C ILE D 3029 -3.58 81.80 105.91
N VAL D 3030 -4.55 80.92 106.22
CA VAL D 3030 -4.31 79.86 107.19
C VAL D 3030 -3.21 78.94 106.70
N ASN D 3031 -3.26 78.53 105.43
CA ASN D 3031 -2.21 77.70 104.86
C ASN D 3031 -0.88 78.45 104.83
N CYS D 3032 -0.95 79.75 104.56
CA CYS D 3032 0.27 80.57 104.53
C CYS D 3032 0.97 80.56 105.87
N LEU D 3033 0.20 80.73 106.95
CA LEU D 3033 0.84 80.77 108.26
C LEU D 3033 1.20 79.37 108.73
N HIS D 3034 0.50 78.34 108.21
CA HIS D 3034 0.97 76.97 108.38
C HIS D 3034 2.40 76.81 107.83
N ILE D 3035 2.62 77.23 106.59
CA ILE D 3035 3.95 77.05 106.00
C ILE D 3035 4.96 77.96 106.70
N LEU D 3036 4.51 79.14 107.17
CA LEU D 3036 5.37 79.99 107.98
C LEU D 3036 5.86 79.27 109.23
N GLY D 3037 4.92 78.64 109.95
CA GLY D 3037 5.29 77.90 111.14
C GLY D 3037 6.17 76.69 110.84
N GLN D 3038 5.93 76.02 109.71
CA GLN D 3038 6.76 74.89 109.33
C GLN D 3038 8.19 75.34 109.01
N THR D 3039 8.33 76.53 108.43
CA THR D 3039 9.65 77.07 108.11
C THR D 3039 10.22 77.92 109.24
N LEU D 3040 9.54 78.01 110.38
CA LEU D 3040 10.00 78.84 111.48
C LEU D 3040 11.38 78.41 111.98
N ASP D 3041 12.20 79.41 112.33
CA ASP D 3041 13.46 79.21 113.07
C ASP D 3041 13.51 80.32 114.12
N ALA D 3042 12.95 80.03 115.30
CA ALA D 3042 12.78 81.08 116.30
C ALA D 3042 13.78 80.95 117.44
N ARG D 3043 14.37 79.76 117.62
CA ARG D 3043 15.26 79.54 118.75
C ARG D 3043 16.52 80.39 118.63
N THR D 3044 17.11 80.43 117.43
CA THR D 3044 18.33 81.22 117.24
C THR D 3044 18.06 82.70 117.46
N VAL D 3045 16.90 83.20 117.00
CA VAL D 3045 16.63 84.62 117.10
C VAL D 3045 16.23 85.00 118.52
N MET D 3046 15.66 84.06 119.28
CA MET D 3046 15.38 84.37 120.68
C MET D 3046 16.64 84.33 121.52
N LYS D 3047 17.55 83.38 121.24
CA LYS D 3047 18.79 83.35 122.01
C LYS D 3047 19.68 84.52 121.66
N THR D 3048 19.68 84.95 120.40
CA THR D 3048 20.38 86.16 119.98
C THR D 3048 19.48 86.91 119.00
N GLY D 3049 18.91 88.03 119.44
CA GLY D 3049 18.02 88.78 118.58
C GLY D 3049 17.63 90.12 119.20
N LEU D 3050 17.00 90.94 118.38
CA LEU D 3050 16.62 92.28 118.80
C LEU D 3050 15.36 92.25 119.67
N GLU D 3051 15.29 93.18 120.62
CA GLU D 3051 14.23 93.14 121.63
C GLU D 3051 12.86 93.32 121.01
N SER D 3052 12.76 94.06 119.90
CA SER D 3052 11.48 94.19 119.21
C SER D 3052 11.03 92.84 118.66
N VAL D 3053 11.97 92.07 118.10
CA VAL D 3053 11.66 90.73 117.63
C VAL D 3053 11.25 89.84 118.79
N LYS D 3054 11.95 89.97 119.93
CA LYS D 3054 11.56 89.23 121.13
C LYS D 3054 10.11 89.53 121.50
N SER D 3055 9.77 90.80 121.61
CA SER D 3055 8.42 91.19 122.01
C SER D 3055 7.39 90.72 121.00
N ALA D 3056 7.71 90.79 119.70
CA ALA D 3056 6.79 90.31 118.69
C ALA D 3056 6.55 88.81 118.82
N LEU D 3057 7.61 88.03 119.05
CA LEU D 3057 7.43 86.58 119.14
C LEU D 3057 6.70 86.18 120.41
N ARG D 3058 6.90 86.91 121.52
CA ARG D 3058 6.06 86.69 122.70
C ARG D 3058 4.60 87.01 122.39
N ALA D 3059 4.34 88.19 121.81
CA ALA D 3059 2.97 88.64 121.62
C ALA D 3059 2.22 87.76 120.62
N PHE D 3060 2.95 87.15 119.68
CA PHE D 3060 2.30 86.26 118.72
C PHE D 3060 1.54 85.13 119.38
N LEU D 3061 2.10 84.53 120.44
CA LEU D 3061 1.38 83.52 121.20
C LEU D 3061 0.57 84.11 122.34
N ASP D 3062 0.96 85.26 122.88
CA ASP D 3062 0.16 85.92 123.92
C ASP D 3062 -1.24 86.28 123.43
N ASN D 3063 -1.33 86.91 122.25
CA ASN D 3063 -2.63 87.32 121.73
C ASN D 3063 -3.53 86.10 121.51
N ALA D 3064 -2.98 85.04 120.93
CA ALA D 3064 -3.71 83.78 120.81
C ALA D 3064 -4.15 83.29 122.19
N ALA D 3065 -3.30 83.50 123.20
CA ALA D 3065 -3.66 83.05 124.55
C ALA D 3065 -4.89 83.77 125.07
N GLU D 3066 -4.93 85.11 125.03
CA GLU D 3066 -6.14 85.72 125.58
C GLU D 3066 -7.34 85.51 124.66
N ASP D 3067 -7.12 85.41 123.35
CA ASP D 3067 -8.23 85.12 122.45
C ASP D 3067 -8.89 83.80 122.81
N LEU D 3068 -8.09 82.74 122.93
CA LEU D 3068 -8.66 81.46 123.33
C LEU D 3068 -9.28 81.54 124.72
N GLU D 3069 -8.60 82.19 125.68
CA GLU D 3069 -9.16 82.23 127.02
C GLU D 3069 -10.56 82.85 127.03
N LYS D 3070 -10.70 84.05 126.48
CA LYS D 3070 -12.02 84.67 126.44
C LYS D 3070 -12.99 83.85 125.60
N THR D 3071 -12.46 83.06 124.64
CA THR D 3071 -13.33 82.15 123.90
C THR D 3071 -13.97 81.12 124.84
N MET D 3072 -13.18 80.52 125.72
CA MET D 3072 -13.76 79.59 126.69
C MET D 3072 -14.73 80.28 127.64
N GLU D 3073 -14.39 81.46 128.17
CA GLU D 3073 -15.42 82.07 129.00
C GLU D 3073 -16.70 82.32 128.21
N ASN D 3074 -16.60 82.70 126.93
CA ASN D 3074 -17.83 83.06 126.21
C ASN D 3074 -18.67 81.84 125.83
N LEU D 3075 -18.05 80.70 125.48
CA LEU D 3075 -18.89 79.55 125.17
C LEU D 3075 -19.73 79.12 126.39
N LYS D 3076 -19.13 79.08 127.58
CA LYS D 3076 -19.86 78.60 128.74
C LYS D 3076 -20.77 79.66 129.36
N GLN D 3077 -20.42 80.95 129.26
CA GLN D 3077 -21.35 81.97 129.72
C GLN D 3077 -22.53 82.12 128.77
N GLY D 3078 -22.27 82.17 127.47
CA GLY D 3078 -23.34 82.25 126.48
C GLY D 3078 -23.74 80.90 125.94
N GLN D 3079 -24.26 80.04 126.81
CA GLN D 3079 -24.74 78.73 126.37
C GLN D 3079 -25.89 78.88 125.38
N PHE D 3080 -26.70 79.94 125.53
CA PHE D 3080 -27.76 80.22 124.59
C PHE D 3080 -27.17 80.59 123.23
N THR D 3081 -27.86 80.21 122.16
CA THR D 3081 -27.42 80.50 120.81
C THR D 3081 -27.30 82.01 120.56
N LYS D 3088 -23.14 87.01 114.61
CA LYS D 3088 -22.82 88.09 115.53
C LYS D 3088 -21.31 88.14 115.68
N GLY D 3089 -20.80 89.21 116.31
CA GLY D 3089 -19.35 89.35 116.45
C GLY D 3089 -18.70 88.21 117.20
N VAL D 3090 -19.31 87.76 118.30
CA VAL D 3090 -18.72 86.66 119.06
C VAL D 3090 -18.77 85.37 118.26
N THR D 3091 -19.84 85.15 117.49
CA THR D 3091 -19.92 83.96 116.64
C THR D 3091 -18.84 84.00 115.57
N GLN D 3092 -18.59 85.17 114.98
CA GLN D 3092 -17.52 85.30 113.99
C GLN D 3092 -16.16 85.07 114.64
N ILE D 3093 -15.99 85.52 115.88
CA ILE D 3093 -14.72 85.33 116.57
C ILE D 3093 -14.49 83.84 116.85
N ILE D 3094 -15.54 83.14 117.26
CA ILE D 3094 -15.43 81.69 117.48
C ILE D 3094 -15.16 80.97 116.16
N ASN D 3095 -15.77 81.44 115.08
CA ASN D 3095 -15.49 80.86 113.77
C ASN D 3095 -14.03 81.03 113.39
N TYR D 3096 -13.49 82.23 113.57
CA TYR D 3096 -12.07 82.46 113.37
C TYR D 3096 -11.24 81.53 114.25
N THR D 3097 -11.58 81.44 115.54
CA THR D 3097 -10.86 80.56 116.45
C THR D 3097 -10.78 79.15 115.90
N THR D 3098 -11.94 78.52 115.69
CA THR D 3098 -11.98 77.12 115.27
C THR D 3098 -11.30 76.93 113.92
N VAL D 3099 -11.55 77.83 112.96
CA VAL D 3099 -11.06 77.63 111.60
C VAL D 3099 -9.55 77.81 111.51
N ALA D 3100 -9.01 78.84 112.17
CA ALA D 3100 -7.60 79.17 112.04
C ALA D 3100 -6.82 79.00 113.33
N LEU D 3101 -7.30 79.58 114.44
CA LEU D 3101 -6.44 79.77 115.60
C LEU D 3101 -5.91 78.45 116.14
N LEU D 3102 -6.77 77.45 116.28
CA LEU D 3102 -6.28 76.15 116.72
C LEU D 3102 -5.32 75.52 115.72
N PRO D 3103 -5.65 75.41 114.42
CA PRO D 3103 -4.68 74.81 113.47
C PRO D 3103 -3.32 75.51 113.39
N MET D 3104 -3.27 76.84 113.50
CA MET D 3104 -1.98 77.53 113.41
C MET D 3104 -1.11 77.15 114.60
N LEU D 3105 -1.69 77.19 115.80
CA LEU D 3105 -0.96 76.75 116.98
C LEU D 3105 -0.55 75.28 116.87
N SER D 3106 -1.41 74.44 116.31
CA SER D 3106 -1.07 73.02 116.16
C SER D 3106 0.13 72.85 115.22
N SER D 3107 0.15 73.61 114.12
CA SER D 3107 1.27 73.56 113.19
C SER D 3107 2.56 74.02 113.88
N LEU D 3108 2.48 75.10 114.66
CA LEU D 3108 3.64 75.55 115.42
C LEU D 3108 4.14 74.48 116.39
N PHE D 3109 3.20 73.82 117.07
CA PHE D 3109 3.57 72.80 118.04
C PHE D 3109 4.20 71.60 117.35
N GLU D 3110 3.69 71.21 116.18
CA GLU D 3110 4.29 70.13 115.41
C GLU D 3110 5.71 70.49 114.96
N HIS D 3111 5.90 71.74 114.51
CA HIS D 3111 7.23 72.24 114.18
C HIS D 3111 8.18 72.09 115.37
N ILE D 3112 7.76 72.59 116.53
CA ILE D 3112 8.58 72.49 117.74
C ILE D 3112 8.89 71.04 118.05
N GLY D 3113 7.89 70.17 117.94
CA GLY D 3113 8.08 68.76 118.24
C GLY D 3113 9.07 68.05 117.35
N GLN D 3114 8.99 68.24 116.02
CA GLN D 3114 9.88 67.48 115.15
C GLN D 3114 11.24 68.18 114.99
N HIS D 3115 11.37 69.41 115.51
CA HIS D 3115 12.71 69.90 115.79
C HIS D 3115 13.24 69.44 117.14
N GLN D 3116 12.35 68.98 118.04
CA GLN D 3116 12.72 68.55 119.38
C GLN D 3116 13.42 69.64 120.16
N PHE D 3117 13.41 70.87 119.63
CA PHE D 3117 14.21 71.95 120.18
C PHE D 3117 13.34 73.20 120.28
N GLY D 3118 13.45 73.88 121.42
CA GLY D 3118 12.45 74.83 121.89
C GLY D 3118 12.26 74.82 123.39
N GLU D 3119 12.95 73.92 124.09
CA GLU D 3119 13.16 74.02 125.52
C GLU D 3119 13.78 75.34 125.93
N ASP D 3120 14.32 76.09 124.96
CA ASP D 3120 14.71 77.47 125.17
C ASP D 3120 13.57 78.43 124.86
N LEU D 3121 12.76 78.14 123.83
CA LEU D 3121 11.57 78.93 123.56
C LEU D 3121 10.71 79.06 124.79
N ILE D 3122 10.58 77.98 125.57
CA ILE D 3122 9.77 78.07 126.76
C ILE D 3122 10.51 78.92 127.80
N LEU D 3123 9.87 80.00 128.23
CA LEU D 3123 10.51 81.02 129.06
C LEU D 3123 9.54 81.61 130.08
N GLU D 3124 9.95 82.75 130.65
CA GLU D 3124 9.16 83.42 131.67
C GLU D 3124 7.86 83.98 131.09
N ASP D 3125 6.76 83.68 131.77
CA ASP D 3125 5.39 84.03 131.41
C ASP D 3125 5.00 83.19 130.19
N VAL D 3126 5.98 82.56 129.56
CA VAL D 3126 5.68 81.60 128.50
C VAL D 3126 5.10 80.34 129.10
N GLN D 3127 5.63 79.91 130.26
CA GLN D 3127 5.00 78.82 130.99
C GLN D 3127 3.62 79.22 131.50
N VAL D 3128 3.44 80.48 131.90
CA VAL D 3128 2.11 80.92 132.32
C VAL D 3128 1.12 80.76 131.18
N SER D 3129 1.48 81.27 130.00
CA SER D 3129 0.63 81.12 128.83
C SER D 3129 0.47 79.65 128.44
N CYS D 3130 1.50 78.84 128.69
CA CYS D 3130 1.46 77.44 128.30
C CYS D 3130 0.52 76.64 129.19
N TYR D 3131 0.56 76.87 130.51
CA TYR D 3131 -0.43 76.28 131.40
C TYR D 3131 -1.84 76.78 131.12
N ARG D 3132 -2.00 78.07 130.80
CA ARG D 3132 -3.31 78.54 130.36
C ARG D 3132 -3.78 77.77 129.14
N ILE D 3133 -2.91 77.62 128.13
CA ILE D 3133 -3.27 76.92 126.91
C ILE D 3133 -3.59 75.45 127.20
N LEU D 3134 -2.81 74.82 128.07
CA LEU D 3134 -3.03 73.41 128.39
C LEU D 3134 -4.36 73.21 129.07
N THR D 3135 -4.58 73.89 130.21
CA THR D 3135 -5.86 73.77 130.91
C THR D 3135 -7.02 74.12 130.00
N SER D 3136 -6.83 75.09 129.11
CA SER D 3136 -7.90 75.58 128.27
C SER D 3136 -8.31 74.56 127.20
N LEU D 3137 -7.36 74.17 126.34
CA LEU D 3137 -7.64 73.19 125.31
C LEU D 3137 -7.91 71.82 125.90
N TYR D 3138 -7.63 71.61 127.18
CA TYR D 3138 -8.04 70.38 127.84
C TYR D 3138 -9.48 70.45 128.32
N ALA D 3139 -9.91 71.60 128.87
CA ALA D 3139 -11.29 71.78 129.26
C ALA D 3139 -12.22 71.79 128.06
N LEU D 3140 -11.74 72.30 126.91
CA LEU D 3140 -12.54 72.24 125.69
C LEU D 3140 -12.85 70.81 125.30
N GLY D 3141 -11.86 69.92 125.36
CA GLY D 3141 -12.11 68.53 125.07
C GLY D 3141 -12.82 67.78 126.17
N THR D 3142 -12.70 68.23 127.42
CA THR D 3142 -13.39 67.62 128.55
C THR D 3142 -14.88 67.92 128.58
N SER D 3143 -15.28 69.17 128.30
CA SER D 3143 -16.69 69.50 128.26
C SER D 3143 -17.33 68.98 126.98
N LYS D 3144 -18.63 68.71 127.05
CA LYS D 3144 -19.41 68.26 125.90
C LYS D 3144 -20.44 69.35 125.59
N SER D 3145 -20.53 69.72 124.30
CA SER D 3145 -21.44 70.76 123.86
C SER D 3145 -21.70 70.62 122.37
N ILE D 3146 -22.89 71.07 121.95
CA ILE D 3146 -23.28 70.95 120.54
C ILE D 3146 -22.33 71.72 119.65
N TYR D 3147 -21.80 72.83 120.17
CA TYR D 3147 -20.85 73.63 119.39
C TYR D 3147 -19.51 72.90 119.26
N VAL D 3148 -19.00 72.36 120.37
CA VAL D 3148 -17.67 71.76 120.36
C VAL D 3148 -17.64 70.39 119.68
N GLU D 3149 -18.80 69.73 119.54
CA GLU D 3149 -18.84 68.42 118.91
C GLU D 3149 -18.27 68.45 117.50
N ARG D 3150 -18.56 69.50 116.73
CA ARG D 3150 -18.08 69.57 115.35
C ARG D 3150 -16.57 69.70 115.30
N GLN D 3151 -15.99 70.50 116.19
CA GLN D 3151 -14.56 70.76 116.17
C GLN D 3151 -13.78 69.93 117.20
N ARG D 3152 -14.36 68.82 117.69
CA ARG D 3152 -13.63 67.95 118.60
C ARG D 3152 -12.31 67.47 118.02
N SER D 3153 -12.31 67.02 116.76
CA SER D 3153 -11.10 66.46 116.18
C SER D 3153 -9.98 67.48 116.08
N ALA D 3154 -10.30 68.71 115.67
CA ALA D 3154 -9.28 69.75 115.54
C ALA D 3154 -8.61 70.06 116.86
N LEU D 3155 -9.38 70.25 117.92
CA LEU D 3155 -8.79 70.56 119.23
C LEU D 3155 -7.99 69.37 119.76
N GLY D 3156 -8.43 68.15 119.46
CA GLY D 3156 -7.66 66.98 119.85
C GLY D 3156 -6.30 66.96 119.18
N GLU D 3157 -6.26 67.20 117.87
CA GLU D 3157 -5.00 67.31 117.16
C GLU D 3157 -4.13 68.43 117.75
N CYS D 3158 -4.73 69.58 118.01
CA CYS D 3158 -3.99 70.73 118.49
C CYS D 3158 -3.36 70.47 119.85
N LEU D 3159 -4.12 69.90 120.77
CA LEU D 3159 -3.60 69.69 122.11
C LEU D 3159 -2.64 68.50 122.14
N ALA D 3160 -2.82 67.55 121.21
CA ALA D 3160 -1.84 66.48 121.06
C ALA D 3160 -0.50 67.03 120.60
N ALA D 3161 -0.52 67.97 119.65
CA ALA D 3161 0.71 68.64 119.23
C ALA D 3161 1.29 69.47 120.37
N PHE D 3162 0.43 70.14 121.14
CA PHE D 3162 0.89 70.93 122.28
C PHE D 3162 1.59 70.09 123.34
N ALA D 3163 1.06 68.90 123.62
CA ALA D 3163 1.69 68.05 124.63
C ALA D 3163 3.10 67.67 124.22
N GLY D 3164 3.30 67.34 122.93
CA GLY D 3164 4.64 67.04 122.45
C GLY D 3164 5.55 68.25 122.45
N ALA D 3165 5.02 69.41 122.04
CA ALA D 3165 5.85 70.62 121.95
C ALA D 3165 6.29 71.10 123.33
N PHE D 3166 5.40 71.03 124.31
CA PHE D 3166 5.70 71.55 125.64
C PHE D 3166 6.71 70.64 126.32
N PRO D 3167 7.88 71.15 126.70
CA PRO D 3167 8.99 70.29 127.14
C PRO D 3167 9.09 70.04 128.63
N VAL D 3168 8.22 70.63 129.45
CA VAL D 3168 8.22 70.41 130.89
C VAL D 3168 7.12 69.41 131.19
N ALA D 3169 7.36 68.53 132.16
CA ALA D 3169 6.34 67.55 132.52
C ALA D 3169 5.05 68.25 132.93
N PHE D 3170 4.05 68.20 132.05
CA PHE D 3170 2.76 68.83 132.30
C PHE D 3170 1.79 67.92 133.03
N LEU D 3171 2.06 66.61 133.02
CA LEU D 3171 1.21 65.61 133.65
C LEU D 3171 1.88 64.95 134.85
N GLU D 3172 3.21 64.98 134.90
CA GLU D 3172 4.00 64.46 136.02
C GLU D 3172 4.30 65.54 137.05
N THR D 3173 3.31 65.88 137.89
CA THR D 3173 3.51 66.94 138.86
C THR D 3173 3.89 66.40 140.23
N HIS D 3174 3.81 65.07 140.42
CA HIS D 3174 4.05 64.51 141.75
C HIS D 3174 5.54 64.46 142.10
N LEU D 3175 6.40 64.18 141.12
CA LEU D 3175 7.84 64.18 141.34
C LEU D 3175 8.57 65.18 140.43
N ASP D 3176 7.87 66.24 140.02
CA ASP D 3176 8.51 67.27 139.22
C ASP D 3176 9.48 68.12 140.02
N LYS D 3177 9.47 68.01 141.36
CA LYS D 3177 10.44 68.75 142.17
C LYS D 3177 11.87 68.28 141.87
N HIS D 3178 12.02 67.04 141.42
CA HIS D 3178 13.36 66.53 141.12
C HIS D 3178 13.94 67.22 139.89
N ASN D 3179 13.09 67.73 139.00
CA ASN D 3179 13.57 68.42 137.82
C ASN D 3179 14.25 69.73 138.20
N ILE D 3180 15.34 70.04 137.50
CA ILE D 3180 16.05 71.29 137.67
C ILE D 3180 15.94 72.16 136.42
N TYR D 3181 15.78 71.56 135.25
CA TYR D 3181 15.66 72.34 134.03
C TYR D 3181 14.28 72.97 133.91
N SER D 3182 13.29 72.46 134.64
CA SER D 3182 11.95 73.04 134.63
C SER D 3182 12.05 74.54 134.90
N ILE D 3183 11.68 75.38 133.93
CA ILE D 3183 11.74 76.82 134.13
C ILE D 3183 10.87 77.26 135.29
N TYR D 3184 9.81 76.52 135.58
CA TYR D 3184 9.07 76.74 136.83
C TYR D 3184 9.93 76.44 138.05
N ASN D 3185 11.01 75.66 137.88
CA ASN D 3185 11.97 75.55 138.97
C ASN D 3185 13.02 76.67 138.90
N THR D 3186 13.35 77.13 137.69
CA THR D 3186 14.47 78.07 137.54
C THR D 3186 14.10 79.49 137.92
N LYS D 3187 12.83 79.87 137.77
CA LYS D 3187 12.45 81.27 137.99
C LYS D 3187 12.72 81.73 139.42
N SER D 3188 12.68 80.81 140.38
CA SER D 3188 12.84 81.07 141.81
C SER D 3188 11.61 81.72 142.47
N SER D 3189 11.53 81.55 143.79
CA SER D 3189 10.36 81.96 144.56
C SER D 3189 10.16 83.47 144.52
N ARG D 3190 11.25 84.23 144.36
CA ARG D 3190 11.11 85.68 144.23
C ARG D 3190 10.30 86.02 143.00
N GLU D 3191 10.59 85.34 141.88
CA GLU D 3191 9.84 85.59 140.65
C GLU D 3191 8.42 85.05 140.76
N ARG D 3192 8.22 83.95 141.49
CA ARG D 3192 6.85 83.52 141.80
C ARG D 3192 6.04 84.53 142.60
N ALA D 3193 6.61 85.18 143.59
CA ALA D 3193 5.91 86.23 144.30
C ALA D 3193 5.73 87.50 143.48
N ALA D 3194 6.69 87.82 142.61
CA ALA D 3194 6.58 89.01 141.76
C ALA D 3194 5.51 88.84 140.69
N LEU D 3195 5.46 87.69 140.04
CA LEU D 3195 4.54 87.46 138.94
C LEU D 3195 3.27 86.78 139.45
N SER D 3196 2.19 86.91 138.67
CA SER D 3196 0.90 86.32 139.03
C SER D 3196 0.99 84.80 138.94
N LEU D 3197 1.61 84.21 139.97
CA LEU D 3197 1.83 82.78 139.99
C LEU D 3197 1.38 82.22 141.33
N PRO D 3198 0.62 81.12 141.33
CA PRO D 3198 -0.01 80.65 142.58
C PRO D 3198 0.94 80.03 143.60
N THR D 3199 2.24 79.95 143.31
CA THR D 3199 3.30 79.46 144.19
C THR D 3199 3.17 77.99 144.56
N ASN D 3200 2.20 77.26 144.00
CA ASN D 3200 2.06 75.83 144.24
C ASN D 3200 1.56 75.15 142.97
N VAL D 3201 2.32 74.14 142.51
CA VAL D 3201 2.04 73.47 141.25
C VAL D 3201 0.65 72.85 141.25
N GLU D 3202 0.18 72.40 142.42
CA GLU D 3202 -1.13 71.76 142.49
C GLU D 3202 -2.26 72.76 142.27
N ASP D 3203 -2.13 73.98 142.79
CA ASP D 3203 -3.14 74.99 142.51
C ASP D 3203 -2.97 75.58 141.10
N VAL D 3204 -1.75 75.52 140.55
CA VAL D 3204 -1.54 76.08 139.21
C VAL D 3204 -2.37 75.32 138.18
N CYS D 3205 -2.37 73.99 138.25
CA CYS D 3205 -3.17 73.15 137.36
C CYS D 3205 -3.88 72.08 138.18
N PRO D 3206 -4.97 72.44 138.87
CA PRO D 3206 -5.70 71.43 139.64
C PRO D 3206 -6.70 70.65 138.80
N ASN D 3207 -7.14 71.21 137.67
CA ASN D 3207 -8.18 70.55 136.88
C ASN D 3207 -7.69 69.23 136.29
N ILE D 3208 -6.45 69.20 135.80
CA ILE D 3208 -5.90 68.00 135.19
C ILE D 3208 -5.56 66.97 136.28
N PRO D 3209 -6.05 65.74 136.17
CA PRO D 3209 -5.71 64.72 137.16
C PRO D 3209 -4.31 64.14 136.99
N SER D 3210 -3.93 63.32 137.96
CA SER D 3210 -2.59 62.72 137.96
C SER D 3210 -2.47 61.64 136.90
N LEU D 3211 -1.22 61.37 136.48
CA LEU D 3211 -0.99 60.48 135.35
C LEU D 3211 -1.40 59.04 135.66
N GLU D 3212 -1.02 58.54 136.84
CA GLU D 3212 -1.35 57.16 137.20
C GLU D 3212 -2.85 57.00 137.38
N LYS D 3213 -3.51 58.00 137.97
CA LYS D 3213 -4.95 57.93 138.09
C LYS D 3213 -5.62 57.91 136.72
N LEU D 3214 -5.25 58.86 135.85
CA LEU D 3214 -5.83 58.90 134.51
C LEU D 3214 -5.63 57.58 133.79
N MET D 3215 -4.42 57.01 133.86
CA MET D 3215 -4.21 55.75 133.14
C MET D 3215 -4.99 54.61 133.78
N GLU D 3216 -5.29 54.68 135.09
CA GLU D 3216 -6.11 53.59 135.64
C GLU D 3216 -7.58 53.74 135.27
N GLU D 3217 -8.12 54.97 135.16
CA GLU D 3217 -9.47 55.05 134.57
C GLU D 3217 -9.44 54.62 133.10
N ILE D 3218 -8.35 54.88 132.39
CA ILE D 3218 -8.24 54.37 131.02
C ILE D 3218 -8.29 52.85 131.00
N VAL D 3219 -7.57 52.22 131.92
CA VAL D 3219 -7.56 50.76 132.01
C VAL D 3219 -8.97 50.24 132.29
N GLU D 3220 -9.66 50.85 133.26
CA GLU D 3220 -10.96 50.31 133.65
C GLU D 3220 -12.01 50.56 132.57
N LEU D 3221 -11.94 51.69 131.86
CA LEU D 3221 -12.89 51.92 130.78
C LEU D 3221 -12.61 51.00 129.60
N ALA D 3222 -11.32 50.68 129.35
CA ALA D 3222 -11.01 49.66 128.36
C ALA D 3222 -11.59 48.32 128.75
N GLU D 3223 -11.46 47.96 130.04
CA GLU D 3223 -12.03 46.68 130.51
C GLU D 3223 -13.56 46.67 130.35
N SER D 3224 -14.21 47.79 130.66
CA SER D 3224 -15.66 47.86 130.52
C SER D 3224 -16.07 47.81 129.06
N GLY D 3225 -15.27 48.38 128.16
CA GLY D 3225 -15.58 48.37 126.75
C GLY D 3225 -16.80 49.17 126.36
N ILE D 3226 -16.94 50.38 126.93
CA ILE D 3226 -18.07 51.22 126.57
C ILE D 3226 -17.90 51.73 125.13
N ARG D 3227 -19.03 51.99 124.48
CA ARG D 3227 -19.02 52.40 123.08
C ARG D 3227 -18.50 53.83 122.95
N TYR D 3228 -17.97 54.14 121.75
CA TYR D 3228 -17.36 55.44 121.53
C TYR D 3228 -18.42 56.55 121.48
N THR D 3229 -19.58 56.27 120.89
CA THR D 3229 -20.65 57.26 120.87
C THR D 3229 -21.24 57.49 122.25
N GLN D 3230 -21.08 56.53 123.17
CA GLN D 3230 -21.58 56.69 124.53
C GLN D 3230 -20.89 57.85 125.23
N MET D 3231 -19.55 57.87 125.18
CA MET D 3231 -18.75 58.95 125.75
C MET D 3231 -17.42 58.99 125.00
N PRO D 3232 -17.27 59.91 124.03
CA PRO D 3232 -16.09 59.86 123.15
C PRO D 3232 -14.91 60.68 123.65
N HIS D 3233 -15.06 61.31 124.81
CA HIS D 3233 -14.03 62.20 125.34
C HIS D 3233 -12.65 61.56 125.34
N VAL D 3234 -12.51 60.46 126.09
CA VAL D 3234 -11.19 59.86 126.28
C VAL D 3234 -10.65 59.31 124.97
N MET D 3235 -11.45 58.48 124.27
CA MET D 3235 -10.98 57.89 123.03
C MET D 3235 -10.63 58.93 121.98
N GLU D 3236 -11.16 60.15 122.09
CA GLU D 3236 -10.87 61.13 121.06
C GLU D 3236 -9.70 62.03 121.43
N VAL D 3237 -9.54 62.38 122.70
CA VAL D 3237 -8.47 63.33 123.03
C VAL D 3237 -7.43 62.74 123.98
N ILE D 3238 -7.86 61.95 124.97
CA ILE D 3238 -6.97 61.57 126.06
C ILE D 3238 -5.93 60.57 125.58
N LEU D 3239 -6.33 59.61 124.74
CA LEU D 3239 -5.36 58.67 124.18
C LEU D 3239 -4.27 59.38 123.38
N PRO D 3240 -4.57 60.32 122.48
CA PRO D 3240 -3.49 61.12 121.89
C PRO D 3240 -2.70 61.91 122.92
N MET D 3241 -3.33 62.34 124.02
CA MET D 3241 -2.60 63.06 125.07
C MET D 3241 -1.47 62.19 125.61
N LEU D 3242 -1.80 60.96 126.01
CA LEU D 3242 -0.77 60.02 126.46
C LEU D 3242 0.24 59.76 125.35
N CYS D 3243 -0.24 59.40 124.15
CA CYS D 3243 0.69 59.02 123.09
C CYS D 3243 1.75 60.10 122.86
N SER D 3244 1.33 61.36 122.78
CA SER D 3244 2.29 62.46 122.66
C SER D 3244 3.18 62.58 123.90
N TYR D 3245 2.59 62.44 125.10
CA TYR D 3245 3.37 62.53 126.34
C TYR D 3245 4.50 61.50 126.40
N MET D 3246 4.18 60.21 126.30
CA MET D 3246 5.19 59.15 126.29
C MET D 3246 6.15 59.30 125.11
N SER D 3247 5.63 59.61 123.92
CA SER D 3247 6.53 59.75 122.79
C SER D 3247 7.57 60.84 123.02
N ARG D 3248 7.18 61.92 123.68
CA ARG D 3248 8.12 63.00 123.93
C ARG D 3248 9.07 62.69 125.08
N TRP D 3249 8.58 62.05 126.15
CA TRP D 3249 9.41 61.89 127.35
C TRP D 3249 10.03 60.51 127.48
N TRP D 3250 9.94 59.67 126.45
CA TRP D 3250 10.53 58.33 126.54
C TRP D 3250 12.04 58.39 126.68
N GLU D 3251 12.70 59.17 125.83
CA GLU D 3251 14.15 59.30 125.96
C GLU D 3251 14.54 60.02 127.26
N HIS D 3252 13.63 60.82 127.82
CA HIS D 3252 13.89 61.51 129.08
C HIS D 3252 13.66 60.61 130.29
N GLY D 3253 12.97 59.49 130.13
CA GLY D 3253 12.70 58.59 131.24
C GLY D 3253 13.95 57.98 131.85
N PRO D 3254 13.88 57.63 133.13
CA PRO D 3254 15.06 57.06 133.80
C PRO D 3254 15.49 55.72 133.23
N GLU D 3255 14.60 55.01 132.54
CA GLU D 3255 14.98 53.75 131.92
C GLU D 3255 16.01 53.95 130.81
N ASN D 3256 15.92 55.06 130.07
CA ASN D 3256 16.93 55.38 129.07
C ASN D 3256 18.14 56.05 129.70
N ASN D 3257 17.95 56.69 130.85
CA ASN D 3257 19.01 57.41 131.56
C ASN D 3257 19.05 56.93 133.01
N PRO D 3258 19.60 55.75 133.27
CA PRO D 3258 19.77 55.32 134.67
C PRO D 3258 20.67 56.24 135.47
N GLU D 3259 21.43 57.10 134.79
CA GLU D 3259 22.23 58.11 135.46
C GLU D 3259 21.35 59.16 136.11
N ARG D 3260 22.00 60.18 136.66
CA ARG D 3260 21.37 61.29 137.40
C ARG D 3260 20.20 60.81 138.26
N ALA D 3261 20.42 59.73 139.01
CA ALA D 3261 19.39 59.18 139.89
C ALA D 3261 18.90 60.25 140.87
N GLU D 3262 17.60 60.17 141.16
CA GLU D 3262 16.82 61.11 141.97
C GLU D 3262 16.96 62.55 141.47
N MET D 3263 17.51 62.73 140.27
CA MET D 3263 17.34 63.95 139.49
C MET D 3263 16.45 63.74 138.27
N CYS D 3264 15.74 62.62 138.20
CA CYS D 3264 14.87 62.29 137.06
C CYS D 3264 13.48 62.82 137.35
N CYS D 3265 12.94 63.58 136.39
CA CYS D 3265 11.61 64.18 136.60
C CYS D 3265 10.50 63.19 136.25
N THR D 3266 10.42 62.77 134.99
CA THR D 3266 9.33 61.94 134.49
C THR D 3266 9.70 60.47 134.58
N ALA D 3267 8.77 59.68 135.13
CA ALA D 3267 8.95 58.25 135.28
C ALA D 3267 8.06 57.52 134.28
N LEU D 3268 8.68 56.71 133.43
CA LEU D 3268 8.00 55.96 132.38
C LEU D 3268 8.84 54.73 132.03
N ASN D 3269 8.18 53.71 131.48
CA ASN D 3269 8.93 52.50 131.15
C ASN D 3269 8.21 51.75 130.03
N SER D 3270 8.97 50.83 129.40
CA SER D 3270 8.45 50.03 128.29
C SER D 3270 7.19 49.28 128.68
N GLU D 3271 7.09 48.76 129.90
CA GLU D 3271 5.86 48.09 130.31
C GLU D 3271 4.73 49.09 130.45
N HIS D 3272 5.02 50.33 130.84
CA HIS D 3272 3.97 51.36 130.87
C HIS D 3272 3.41 51.57 129.47
N MET D 3273 4.29 51.77 128.48
CA MET D 3273 3.75 51.92 127.12
C MET D 3273 3.05 50.66 126.65
N ASN D 3274 3.57 49.49 126.99
CA ASN D 3274 2.97 48.25 126.52
C ASN D 3274 1.56 48.10 127.07
N THR D 3275 1.38 48.38 128.36
CA THR D 3275 0.05 48.32 128.96
C THR D 3275 -0.89 49.34 128.32
N LEU D 3276 -0.40 50.55 128.05
CA LEU D 3276 -1.29 51.58 127.52
C LEU D 3276 -1.68 51.28 126.06
N LEU D 3277 -0.73 50.79 125.26
CA LEU D 3277 -1.07 50.40 123.89
C LEU D 3277 -1.95 49.16 123.86
N GLY D 3278 -1.79 48.27 124.84
CA GLY D 3278 -2.72 47.17 125.01
C GLY D 3278 -4.12 47.68 125.31
N ASN D 3279 -4.19 48.73 126.14
CA ASN D 3279 -5.48 49.38 126.39
C ASN D 3279 -6.07 49.95 125.10
N ILE D 3280 -5.23 50.61 124.30
CA ILE D 3280 -5.70 51.19 123.04
C ILE D 3280 -6.22 50.11 122.10
N LEU D 3281 -5.47 49.02 121.96
CA LEU D 3281 -5.90 47.94 121.07
C LEU D 3281 -7.12 47.21 121.59
N LYS D 3282 -7.26 47.04 122.90
CA LYS D 3282 -8.47 46.42 123.42
C LYS D 3282 -9.68 47.34 123.27
N ILE D 3283 -9.46 48.66 123.37
CA ILE D 3283 -10.53 49.62 123.11
C ILE D 3283 -10.99 49.55 121.66
N ILE D 3284 -10.04 49.51 120.73
CA ILE D 3284 -10.43 49.44 119.32
C ILE D 3284 -11.08 48.09 119.02
N TYR D 3285 -10.64 47.03 119.73
CA TYR D 3285 -11.33 45.75 119.64
C TYR D 3285 -12.78 45.87 120.10
N ASN D 3286 -13.02 46.55 121.22
CA ASN D 3286 -14.38 46.76 121.70
C ASN D 3286 -15.21 47.57 120.71
N ASN D 3287 -14.58 48.51 120.00
CA ASN D 3287 -15.30 49.42 119.12
C ASN D 3287 -15.09 49.11 117.63
N LEU D 3288 -14.71 47.87 117.31
CA LEU D 3288 -14.57 47.49 115.90
C LEU D 3288 -15.90 47.58 115.17
N GLY D 3289 -16.87 46.75 115.55
CA GLY D 3289 -18.15 46.71 114.87
C GLY D 3289 -19.08 47.79 115.36
N ILE D 3290 -18.64 48.52 116.37
CA ILE D 3290 -19.42 49.61 116.95
C ILE D 3290 -18.96 50.91 116.29
N ASP D 3291 -19.92 51.59 115.64
CA ASP D 3291 -20.01 53.00 115.25
C ASP D 3291 -18.87 53.44 114.33
N GLU D 3292 -17.89 52.56 114.13
CA GLU D 3292 -16.73 52.80 113.27
C GLU D 3292 -16.21 54.23 113.37
N GLY D 3293 -16.12 54.92 112.24
CA GLY D 3293 -15.58 56.27 112.21
C GLY D 3293 -14.16 56.31 111.72
N ALA D 3294 -13.53 57.47 111.94
CA ALA D 3294 -12.13 57.69 111.61
C ALA D 3294 -11.28 58.04 112.82
N TRP D 3295 -11.85 58.06 114.02
CA TRP D 3295 -11.07 58.38 115.20
C TRP D 3295 -10.00 57.32 115.45
N MET D 3296 -10.33 56.05 115.26
CA MET D 3296 -9.29 55.03 115.33
C MET D 3296 -8.26 55.20 114.23
N LYS D 3297 -8.69 55.63 113.04
CA LYS D 3297 -7.77 55.88 111.93
C LYS D 3297 -6.72 56.93 112.30
N ARG D 3298 -7.15 58.03 112.93
CA ARG D 3298 -6.20 59.08 113.28
C ARG D 3298 -5.39 58.72 114.52
N LEU D 3299 -5.98 58.03 115.49
CA LEU D 3299 -5.18 57.66 116.66
C LEU D 3299 -4.15 56.60 116.29
N ALA D 3300 -4.39 55.84 115.21
CA ALA D 3300 -3.37 54.91 114.73
C ALA D 3300 -2.12 55.65 114.26
N VAL D 3301 -2.29 56.72 113.48
CA VAL D 3301 -1.12 57.45 113.01
C VAL D 3301 -0.50 58.25 114.15
N PHE D 3302 -1.28 58.63 115.16
CA PHE D 3302 -0.70 59.23 116.35
C PHE D 3302 0.09 58.21 117.17
N SER D 3303 -0.33 56.95 117.17
CA SER D 3303 0.34 55.89 117.92
C SER D 3303 1.46 55.23 117.15
N GLN D 3304 1.61 55.54 115.86
CA GLN D 3304 2.75 55.05 115.06
C GLN D 3304 4.10 55.25 115.73
N PRO D 3305 4.46 56.43 116.27
CA PRO D 3305 5.75 56.53 116.97
C PRO D 3305 5.86 55.57 118.15
N ILE D 3306 4.76 55.28 118.84
CA ILE D 3306 4.81 54.33 119.95
C ILE D 3306 5.12 52.92 119.45
N ILE D 3307 4.54 52.51 118.32
CA ILE D 3307 4.79 51.16 117.83
C ILE D 3307 6.17 51.06 117.20
N ASN D 3308 6.74 52.19 116.74
CA ASN D 3308 8.15 52.18 116.39
C ASN D 3308 9.03 52.11 117.63
N LYS D 3309 8.64 52.79 118.70
CA LYS D 3309 9.42 52.79 119.94
C LYS D 3309 9.49 51.39 120.56
N VAL D 3310 8.34 50.72 120.65
CA VAL D 3310 8.29 49.42 121.31
C VAL D 3310 9.01 48.38 120.45
N LYS D 3311 9.75 47.48 121.11
CA LYS D 3311 10.50 46.46 120.42
C LYS D 3311 9.58 45.45 119.76
N PRO D 3312 9.83 45.10 118.48
CA PRO D 3312 9.05 44.02 117.86
C PRO D 3312 9.19 42.69 118.58
N GLN D 3313 10.38 42.39 119.12
CA GLN D 3313 10.58 41.21 119.95
C GLN D 3313 9.67 41.24 121.18
N LEU D 3314 9.46 42.43 121.76
CA LEU D 3314 8.52 42.55 122.86
C LEU D 3314 7.09 42.44 122.35
N LEU D 3315 6.85 42.87 121.11
CA LEU D 3315 5.49 42.83 120.55
C LEU D 3315 5.22 41.50 119.85
N LYS D 3316 6.10 40.51 120.03
CA LYS D 3316 5.67 39.12 119.92
C LYS D 3316 4.64 38.83 121.01
N THR D 3317 3.80 37.83 120.75
CA THR D 3317 2.61 37.52 121.54
C THR D 3317 1.60 38.66 121.43
N HIS D 3318 1.96 39.70 120.68
CA HIS D 3318 1.06 40.77 120.29
C HIS D 3318 0.88 40.83 118.78
N PHE D 3319 1.76 40.18 118.02
CA PHE D 3319 1.51 40.00 116.59
C PHE D 3319 0.12 39.45 116.32
N LEU D 3320 -0.27 38.39 117.05
CA LEU D 3320 -1.57 37.77 116.81
C LEU D 3320 -2.73 38.73 117.09
N PRO D 3321 -2.74 39.50 118.19
CA PRO D 3321 -3.77 40.54 118.33
C PRO D 3321 -3.73 41.60 117.25
N LEU D 3322 -2.62 41.70 116.51
CA LEU D 3322 -2.53 42.68 115.44
C LEU D 3322 -3.27 42.20 114.19
N MET D 3323 -2.99 40.97 113.76
CA MET D 3323 -3.70 40.41 112.61
C MET D 3323 -5.16 40.12 112.92
N GLU D 3324 -5.44 39.66 114.14
CA GLU D 3324 -6.82 39.53 114.60
C GLU D 3324 -7.30 40.92 115.04
N LYS D 3325 -8.62 41.05 115.21
CA LYS D 3325 -9.36 42.32 115.22
C LYS D 3325 -9.48 42.85 113.79
N LEU D 3326 -8.77 42.21 112.85
CA LEU D 3326 -8.85 42.59 111.45
C LEU D 3326 -9.28 41.42 110.60
N LYS D 3327 -8.71 40.24 110.87
CA LYS D 3327 -9.05 39.05 110.09
C LYS D 3327 -10.42 38.51 110.45
N LYS D 3328 -10.85 38.69 111.71
CA LYS D 3328 -12.08 38.04 112.16
C LYS D 3328 -13.31 38.73 111.61
N LYS D 3329 -13.28 40.06 111.50
CA LYS D 3329 -14.39 40.82 110.94
C LYS D 3329 -14.44 40.79 109.42
N ALA D 3330 -14.55 39.59 108.83
CA ALA D 3330 -14.67 39.49 107.38
C ALA D 3330 -16.02 40.02 106.91
N ALA D 3331 -17.03 39.95 107.77
CA ALA D 3331 -18.34 40.49 107.42
C ALA D 3331 -18.29 41.99 107.17
N THR D 3332 -17.54 42.71 107.99
CA THR D 3332 -17.37 44.14 107.80
C THR D 3332 -16.47 44.42 106.61
N VAL D 3333 -16.51 45.66 106.13
CA VAL D 3333 -15.74 46.08 104.96
C VAL D 3333 -14.72 47.16 105.30
N VAL D 3334 -14.88 47.86 106.43
CA VAL D 3334 -13.93 48.90 106.80
C VAL D 3334 -12.59 48.26 107.19
N SER D 3335 -11.51 48.89 106.75
CA SER D 3335 -10.15 48.41 106.99
C SER D 3335 -9.37 49.46 107.76
N GLU D 3336 -8.61 49.01 108.76
CA GLU D 3336 -7.79 49.92 109.55
C GLU D 3336 -6.60 49.17 110.11
N GLU D 3337 -5.44 49.82 110.03
CA GLU D 3337 -4.18 49.28 110.54
C GLU D 3337 -3.86 47.94 109.90
N VAL D 3599 -23.72 59.20 78.18
CA VAL D 3599 -24.24 60.32 78.97
C VAL D 3599 -24.35 61.56 78.09
N VAL D 3600 -23.27 61.90 77.40
CA VAL D 3600 -23.24 63.10 76.57
C VAL D 3600 -23.93 62.91 75.22
N ALA D 3601 -24.32 61.69 74.87
CA ALA D 3601 -24.96 61.45 73.58
C ALA D 3601 -26.33 62.13 73.51
N CYS D 3602 -27.12 62.01 74.57
CA CYS D 3602 -28.45 62.58 74.62
C CYS D 3602 -28.44 64.10 74.51
N PHE D 3603 -27.33 64.75 74.83
CA PHE D 3603 -27.17 66.19 74.65
C PHE D 3603 -26.52 66.54 73.32
N ARG D 3604 -25.58 65.72 72.85
CA ARG D 3604 -25.01 65.91 71.52
C ARG D 3604 -26.09 65.84 70.45
N MET D 3605 -27.13 65.03 70.69
CA MET D 3605 -28.25 64.90 69.78
C MET D 3605 -29.51 64.67 70.61
N ALA D 3606 -30.51 65.51 70.40
CA ALA D 3606 -31.67 65.57 71.28
C ALA D 3606 -32.76 64.58 70.87
N PRO D 3607 -33.61 64.17 71.81
CA PRO D 3607 -34.76 63.33 71.46
C PRO D 3607 -35.79 64.09 70.65
N LEU D 3608 -36.85 63.36 70.28
CA LEU D 3608 -37.91 63.93 69.45
C LEU D 3608 -38.67 65.06 70.14
N TYR D 3609 -38.82 65.03 71.46
CA TYR D 3609 -39.58 66.07 72.15
C TYR D 3609 -38.89 67.43 72.09
N ASN D 3610 -37.57 67.47 71.92
CA ASN D 3610 -36.88 68.74 71.76
C ASN D 3610 -37.02 69.28 70.34
N LEU D 3611 -37.32 68.41 69.38
CA LEU D 3611 -37.39 68.83 67.99
C LEU D 3611 -38.60 69.72 67.76
N PRO D 3612 -38.53 70.64 66.78
CA PRO D 3612 -39.71 71.46 66.45
C PRO D 3612 -40.87 70.62 65.94
N ARG D 3613 -42.07 71.20 65.94
CA ARG D 3613 -43.26 70.45 65.56
C ARG D 3613 -43.20 70.02 64.09
N HIS D 3614 -42.80 70.93 63.19
CA HIS D 3614 -42.84 70.62 61.77
C HIS D 3614 -41.78 69.58 61.39
N ARG D 3615 -40.59 69.66 61.98
CA ARG D 3615 -39.56 68.67 61.71
C ARG D 3615 -40.01 67.28 62.16
N ALA D 3616 -40.59 67.20 63.36
CA ALA D 3616 -41.09 65.92 63.86
C ALA D 3616 -42.23 65.40 62.99
N VAL D 3617 -43.09 66.31 62.51
CA VAL D 3617 -44.19 65.90 61.64
C VAL D 3617 -43.66 65.31 60.35
N ASN D 3618 -42.66 65.96 59.73
CA ASN D 3618 -42.08 65.43 58.50
C ASN D 3618 -41.40 64.08 58.73
N LEU D 3619 -40.65 63.97 59.84
CA LEU D 3619 -40.00 62.71 60.16
C LEU D 3619 -41.01 61.60 60.38
N PHE D 3620 -42.13 61.92 61.06
CA PHE D 3620 -43.18 60.93 61.26
C PHE D 3620 -43.84 60.54 59.95
N LEU D 3621 -44.03 61.51 59.05
CA LEU D 3621 -44.60 61.17 57.74
C LEU D 3621 -43.71 60.17 57.01
N GLN D 3622 -42.40 60.44 56.98
CA GLN D 3622 -41.48 59.52 56.32
C GLN D 3622 -41.48 58.15 56.99
N GLY D 3623 -41.45 58.14 58.33
CA GLY D 3623 -41.42 56.87 59.05
C GLY D 3623 -42.68 56.06 58.87
N TYR D 3624 -43.85 56.72 58.96
CA TYR D 3624 -45.12 56.06 58.71
C TYR D 3624 -45.17 55.49 57.31
N GLU D 3625 -44.78 56.29 56.30
CA GLU D 3625 -44.73 55.80 54.94
C GLU D 3625 -43.92 54.51 54.86
N LYS D 3626 -42.63 54.58 55.24
CA LYS D 3626 -41.73 53.45 55.07
C LYS D 3626 -42.18 52.24 55.86
N SER D 3627 -42.68 52.44 57.09
CA SER D 3627 -42.95 51.33 57.97
C SER D 3627 -44.28 50.65 57.65
N TRP D 3628 -45.29 51.42 57.20
CA TRP D 3628 -46.64 50.89 57.09
C TRP D 3628 -47.08 50.72 55.64
N ILE D 3629 -46.84 51.71 54.77
CA ILE D 3629 -47.55 51.73 53.49
C ILE D 3629 -47.05 50.60 52.59
N GLU D 3630 -45.74 50.38 52.55
CA GLU D 3630 -45.22 49.26 51.77
C GLU D 3630 -45.61 47.92 52.38
N THR D 3631 -45.51 47.80 53.72
CA THR D 3631 -45.83 46.54 54.37
C THR D 3631 -47.29 46.16 54.19
N GLU D 3632 -48.18 47.13 54.02
CA GLU D 3632 -49.56 46.84 53.67
C GLU D 3632 -49.64 46.30 52.25
N GLU D 3633 -50.05 45.04 52.12
CA GLU D 3633 -50.05 44.36 50.84
C GLU D 3633 -51.44 43.78 50.58
N HIS D 3634 -51.95 44.02 49.38
CA HIS D 3634 -53.24 43.48 48.95
C HIS D 3634 -53.05 42.75 47.63
N TYR D 3635 -53.76 41.64 47.49
CA TYR D 3635 -53.60 40.73 46.35
C TYR D 3635 -54.78 40.94 45.39
N PHE D 3636 -54.49 41.54 44.23
CA PHE D 3636 -55.51 41.84 43.23
C PHE D 3636 -55.16 41.29 41.86
N GLU D 3637 -53.97 40.70 41.69
CA GLU D 3637 -53.48 40.36 40.36
C GLU D 3637 -54.37 39.30 39.70
N ASP D 3638 -54.74 38.26 40.45
CA ASP D 3638 -55.54 37.19 39.87
C ASP D 3638 -56.88 37.72 39.37
N LYS D 3639 -57.60 38.47 40.21
CA LYS D 3639 -58.89 39.02 39.80
C LYS D 3639 -58.73 40.00 38.65
N LEU D 3640 -57.69 40.82 38.67
CA LEU D 3640 -57.49 41.79 37.60
C LEU D 3640 -57.25 41.11 36.26
N ILE D 3641 -56.36 40.12 36.23
CA ILE D 3641 -55.99 39.46 34.98
C ILE D 3641 -57.11 38.52 34.55
N GLU D 3642 -58.00 38.16 35.47
CA GLU D 3642 -59.16 37.39 35.05
C GLU D 3642 -60.26 38.25 34.46
N ASP D 3643 -60.56 39.39 35.09
CA ASP D 3643 -61.55 40.31 34.53
C ASP D 3643 -61.08 40.86 33.19
N LEU D 3644 -59.79 41.17 33.06
CA LEU D 3644 -59.26 41.61 31.77
C LEU D 3644 -59.33 40.49 30.73
N ALA D 3645 -59.23 39.24 31.18
CA ALA D 3645 -59.32 38.11 30.24
C ALA D 3645 -60.76 37.86 29.81
N LYS D 3646 -61.72 38.20 30.66
CA LYS D 3646 -63.12 37.96 30.31
C LYS D 3646 -63.52 38.79 29.09
N PRO D 3647 -64.07 38.16 28.05
CA PRO D 3647 -64.66 38.93 26.94
C PRO D 3647 -66.00 39.52 27.37
N GLY D 3648 -66.12 40.84 27.25
CA GLY D 3648 -67.28 41.54 27.75
C GLY D 3648 -68.51 41.44 26.87
N ALA D 3649 -69.10 40.25 26.78
CA ALA D 3649 -70.34 40.02 26.04
C ALA D 3649 -70.20 40.49 24.58
N GLU D 3650 -69.10 40.13 23.94
CA GLU D 3650 -68.88 40.53 22.55
C GLU D 3650 -69.93 39.97 21.59
N PRO D 3651 -70.26 38.68 21.60
CA PRO D 3651 -71.33 38.18 20.72
C PRO D 3651 -72.68 38.84 21.02
N PRO D 3652 -73.03 39.08 22.30
CA PRO D 3652 -74.22 39.90 22.55
C PRO D 3652 -74.13 41.30 21.95
N GLU D 3653 -72.94 41.90 21.95
CA GLU D 3653 -72.77 43.22 21.35
C GLU D 3653 -72.98 43.14 19.85
N GLU D 3654 -73.56 44.20 19.29
CA GLU D 3654 -73.86 44.25 17.85
C GLU D 3654 -72.58 44.51 17.04
N ASP D 3655 -71.70 43.51 17.06
CA ASP D 3655 -70.47 43.61 16.27
C ASP D 3655 -70.64 42.97 14.89
N GLU D 3656 -71.33 41.83 14.82
CA GLU D 3656 -71.56 41.11 13.57
C GLU D 3656 -70.26 40.87 12.81
N GLY D 3657 -69.23 40.39 13.52
CA GLY D 3657 -67.94 40.16 12.92
C GLY D 3657 -67.16 39.12 13.68
N THR D 3658 -65.88 39.03 13.37
CA THR D 3658 -65.01 38.06 14.03
C THR D 3658 -64.81 38.44 15.50
N LYS D 3659 -64.34 37.47 16.27
CA LYS D 3659 -64.09 37.65 17.70
C LYS D 3659 -63.13 38.81 17.94
N ARG D 3660 -63.60 39.82 18.67
CA ARG D 3660 -62.74 40.95 19.00
C ARG D 3660 -61.74 40.57 20.07
N VAL D 3661 -60.61 41.27 20.08
CA VAL D 3661 -59.53 40.94 20.99
C VAL D 3661 -59.85 41.42 22.40
N ASP D 3662 -59.58 40.57 23.38
CA ASP D 3662 -59.87 40.90 24.77
C ASP D 3662 -58.91 41.97 25.29
N PRO D 3663 -59.29 42.69 26.35
CA PRO D 3663 -58.44 43.78 26.84
C PRO D 3663 -57.03 43.35 27.19
N LEU D 3664 -56.87 42.16 27.77
CA LEU D 3664 -55.54 41.65 28.06
C LEU D 3664 -54.74 41.44 26.78
N HIS D 3665 -55.40 40.92 25.74
CA HIS D 3665 -54.74 40.74 24.46
C HIS D 3665 -54.33 42.08 23.85
N GLN D 3666 -55.20 43.10 23.95
CA GLN D 3666 -54.85 44.43 23.48
C GLN D 3666 -53.67 45.03 24.24
N LEU D 3667 -53.61 44.86 25.55
CA LEU D 3667 -52.46 45.31 26.33
C LEU D 3667 -51.17 44.60 25.91
N ILE D 3668 -51.24 43.28 25.72
CA ILE D 3668 -50.07 42.54 25.28
C ILE D 3668 -49.62 42.98 23.90
N LEU D 3669 -50.57 43.22 22.99
CA LEU D 3669 -50.25 43.75 21.67
C LEU D 3669 -49.63 45.14 21.73
N LEU D 3670 -50.14 46.02 22.60
CA LEU D 3670 -49.53 47.34 22.77
C LEU D 3670 -48.09 47.22 23.23
N PHE D 3671 -47.84 46.38 24.24
CA PHE D 3671 -46.47 46.18 24.70
C PHE D 3671 -45.58 45.58 23.61
N SER D 3672 -46.09 44.60 22.86
CA SER D 3672 -45.31 43.99 21.79
C SER D 3672 -44.98 45.00 20.69
N ARG D 3673 -45.94 45.84 20.31
CA ARG D 3673 -45.68 46.85 19.30
C ARG D 3673 -44.66 47.88 19.81
N THR D 3674 -44.77 48.28 21.08
CA THR D 3674 -43.79 49.19 21.65
C THR D 3674 -42.39 48.58 21.62
N ALA D 3675 -42.28 47.30 21.94
CA ALA D 3675 -40.99 46.62 21.89
C ALA D 3675 -40.46 46.54 20.45
N LEU D 3676 -41.34 46.25 19.49
CA LEU D 3676 -40.91 46.06 18.12
C LEU D 3676 -40.52 47.39 17.46
N THR D 3677 -41.09 48.49 17.93
CA THR D 3677 -40.75 49.79 17.36
C THR D 3677 -39.26 50.07 17.53
N GLU D 3678 -38.63 50.51 16.44
CA GLU D 3678 -37.18 50.74 16.46
C GLU D 3678 -36.85 51.97 17.29
N LYS D 3679 -36.00 51.78 18.29
CA LYS D 3679 -35.53 52.87 19.14
C LYS D 3679 -34.05 52.64 19.43
N CYS D 3680 -33.34 53.75 19.66
CA CYS D 3680 -31.91 53.64 20.00
C CYS D 3680 -31.71 52.99 21.35
N LYS D 3681 -32.64 53.18 22.29
CA LYS D 3681 -32.55 52.62 23.62
C LYS D 3681 -33.94 52.19 24.08
N LEU D 3682 -33.98 51.12 24.88
CA LEU D 3682 -35.23 50.63 25.44
C LEU D 3682 -35.61 51.52 26.61
N GLU D 3683 -36.44 52.53 26.36
CA GLU D 3683 -36.83 53.47 27.40
C GLU D 3683 -37.70 52.78 28.45
N GLU D 3684 -37.50 53.17 29.70
CA GLU D 3684 -38.28 52.61 30.80
C GLU D 3684 -39.74 53.02 30.70
N ASP D 3685 -40.64 52.05 30.87
CA ASP D 3685 -42.07 52.29 30.83
C ASP D 3685 -42.68 51.83 32.15
N PHE D 3686 -43.18 52.79 32.94
CA PHE D 3686 -43.80 52.46 34.22
C PHE D 3686 -45.00 51.54 34.04
N LEU D 3687 -45.76 51.76 32.96
CA LEU D 3687 -46.88 50.87 32.66
C LEU D 3687 -46.40 49.43 32.48
N TYR D 3688 -45.29 49.25 31.77
CA TYR D 3688 -44.76 47.90 31.59
C TYR D 3688 -44.27 47.32 32.92
N MET D 3689 -43.48 48.09 33.68
CA MET D 3689 -42.97 47.54 34.93
C MET D 3689 -44.07 47.25 35.94
N ALA D 3690 -45.23 47.88 35.79
CA ALA D 3690 -46.36 47.54 36.65
C ALA D 3690 -47.12 46.31 36.15
N TYR D 3691 -47.55 46.34 34.89
CA TYR D 3691 -48.43 45.29 34.41
C TYR D 3691 -47.69 43.97 34.20
N ALA D 3692 -46.41 44.01 33.81
CA ALA D 3692 -45.65 42.77 33.72
C ALA D 3692 -45.53 42.09 35.08
N ASP D 3693 -45.31 42.89 36.14
CA ASP D 3693 -45.30 42.34 37.49
C ASP D 3693 -46.65 41.76 37.86
N ILE D 3694 -47.74 42.46 37.49
CA ILE D 3694 -49.08 41.94 37.78
C ILE D 3694 -49.30 40.59 37.08
N MET D 3695 -48.91 40.51 35.80
CA MET D 3695 -49.06 39.27 35.04
C MET D 3695 -48.22 38.14 35.63
N ALA D 3696 -46.99 38.43 36.03
CA ALA D 3696 -46.14 37.41 36.64
C ALA D 3696 -46.72 36.90 37.96
N LYS D 3697 -47.22 37.82 38.79
CA LYS D 3697 -47.87 37.43 40.04
C LYS D 3697 -49.09 36.56 39.76
N SER D 3698 -49.89 36.93 38.75
CA SER D 3698 -51.07 36.15 38.42
C SER D 3698 -50.71 34.73 38.04
N CYS D 3699 -49.58 34.54 37.35
CA CYS D 3699 -49.16 33.20 36.96
C CYS D 3699 -48.61 32.41 38.14
N HIS D 3700 -47.61 32.95 38.84
CA HIS D 3700 -46.93 32.10 39.82
C HIS D 3700 -47.76 31.96 41.11
N ASP D 3701 -48.71 32.86 41.33
CA ASP D 3701 -49.74 32.78 42.38
C ASP D 3701 -49.25 32.15 43.69
N GLU D 3702 -48.04 32.51 44.12
CA GLU D 3702 -47.49 31.99 45.36
C GLU D 3702 -46.59 33.02 46.04
N GLU D 3710 -48.96 19.45 55.94
CA GLU D 3710 -48.26 20.22 54.92
C GLU D 3710 -48.09 19.39 53.65
N VAL D 3711 -48.01 18.06 53.83
CA VAL D 3711 -47.85 17.17 52.70
C VAL D 3711 -49.09 17.22 51.81
N LYS D 3712 -48.89 17.23 50.51
CA LYS D 3712 -49.97 17.32 49.54
C LYS D 3712 -50.24 15.96 48.92
N SER D 3713 -51.51 15.66 48.72
CA SER D 3713 -51.89 14.43 48.03
C SER D 3713 -51.65 14.58 46.53
N PHE D 3714 -51.63 13.43 45.84
CA PHE D 3714 -51.38 13.43 44.41
C PHE D 3714 -52.47 14.19 43.65
N GLU D 3715 -53.73 14.01 44.03
CA GLU D 3715 -54.82 14.73 43.41
C GLU D 3715 -54.66 16.24 43.60
N GLU D 3716 -54.30 16.67 44.82
CA GLU D 3716 -54.06 18.08 45.06
C GLU D 3716 -52.92 18.60 44.18
N LYS D 3717 -51.80 17.87 44.14
CA LYS D 3717 -50.64 18.33 43.36
C LYS D 3717 -50.99 18.46 41.88
N GLU D 3718 -51.70 17.47 41.34
CA GLU D 3718 -52.25 17.61 39.99
C GLU D 3718 -53.14 18.82 39.86
N MET D 3719 -53.88 19.17 40.92
CA MET D 3719 -54.69 20.38 40.87
C MET D 3719 -53.84 21.66 40.77
N GLU D 3720 -52.80 21.80 41.58
CA GLU D 3720 -51.98 23.01 41.42
C GLU D 3720 -51.29 23.02 40.07
N LYS D 3721 -50.92 21.85 39.54
CA LYS D 3721 -50.35 21.81 38.20
C LYS D 3721 -51.36 22.31 37.16
N GLN D 3722 -52.61 21.87 37.25
CA GLN D 3722 -53.63 22.33 36.31
C GLN D 3722 -53.89 23.82 36.46
N LYS D 3723 -53.91 24.31 37.71
CA LYS D 3723 -54.11 25.73 37.96
C LYS D 3723 -52.99 26.56 37.32
N LEU D 3724 -51.75 26.12 37.51
CA LEU D 3724 -50.61 26.83 36.91
C LEU D 3724 -50.69 26.79 35.39
N LEU D 3725 -51.07 25.64 34.82
CA LEU D 3725 -51.18 25.54 33.38
C LEU D 3725 -52.26 26.48 32.84
N TYR D 3726 -53.41 26.56 33.52
CA TYR D 3726 -54.47 27.46 33.07
C TYR D 3726 -54.05 28.92 33.18
N GLN D 3727 -53.38 29.28 34.29
CA GLN D 3727 -52.94 30.66 34.45
C GLN D 3727 -51.86 31.03 33.45
N GLN D 3728 -50.97 30.10 33.09
CA GLN D 3728 -50.01 30.35 32.03
C GLN D 3728 -50.65 30.40 30.65
N ALA D 3729 -51.72 29.62 30.44
CA ALA D 3729 -52.48 29.67 29.20
C ALA D 3729 -53.15 31.00 28.99
N ARG D 3730 -53.72 31.58 30.06
CA ARG D 3730 -54.35 32.89 29.93
C ARG D 3730 -53.40 33.95 29.40
N LEU D 3731 -52.09 33.77 29.60
CA LEU D 3731 -51.13 34.76 29.13
C LEU D 3731 -50.45 34.37 27.83
N HIS D 3732 -50.03 33.11 27.65
CA HIS D 3732 -49.34 32.76 26.42
C HIS D 3732 -50.29 32.38 25.30
N ASP D 3733 -51.59 32.43 25.53
CA ASP D 3733 -52.57 32.38 24.44
C ASP D 3733 -52.84 33.75 23.86
N ARG D 3734 -52.18 34.79 24.35
CA ARG D 3734 -52.42 36.16 23.92
C ARG D 3734 -51.14 36.88 23.49
N GLY D 3735 -50.04 36.16 23.35
CA GLY D 3735 -48.81 36.74 22.85
C GLY D 3735 -47.76 37.10 23.86
N ALA D 3736 -47.92 36.68 25.13
CA ALA D 3736 -46.92 37.00 26.15
C ALA D 3736 -45.58 36.31 25.85
N ALA D 3737 -45.62 35.12 25.27
CA ALA D 3737 -44.38 34.42 24.95
C ALA D 3737 -43.54 35.20 23.94
N GLU D 3738 -44.21 35.76 22.92
CA GLU D 3738 -43.49 36.61 21.97
C GLU D 3738 -43.12 37.95 22.58
N MET D 3739 -43.95 38.48 23.49
CA MET D 3739 -43.67 39.77 24.12
C MET D 3739 -42.41 39.72 24.97
N VAL D 3740 -42.25 38.66 25.78
CA VAL D 3740 -41.08 38.54 26.63
C VAL D 3740 -39.80 38.31 25.86
N LEU D 3741 -39.89 37.81 24.62
CA LEU D 3741 -38.73 37.72 23.75
C LEU D 3741 -38.43 39.05 23.07
N GLN D 3742 -39.49 39.75 22.62
CA GLN D 3742 -39.32 41.03 21.95
C GLN D 3742 -38.69 42.07 22.87
N THR D 3743 -39.14 42.12 24.13
CA THR D 3743 -38.58 43.09 25.06
C THR D 3743 -37.10 42.82 25.31
N ILE D 3744 -36.74 41.55 25.51
CA ILE D 3744 -35.34 41.19 25.72
C ILE D 3744 -34.51 41.54 24.50
N SER D 3745 -35.02 41.25 23.30
CA SER D 3745 -34.29 41.58 22.08
C SER D 3745 -34.11 43.09 21.93
N ALA D 3746 -35.14 43.89 22.25
CA ALA D 3746 -35.02 45.33 22.14
C ALA D 3746 -34.12 45.91 23.23
N SER D 3747 -33.93 45.18 24.33
CA SER D 3747 -33.05 45.65 25.39
C SER D 3747 -31.61 45.83 24.91
N LYS D 3748 -31.17 45.06 23.92
CA LYS D 3748 -29.83 45.17 23.35
C LYS D 3748 -28.75 44.99 24.41
N GLY D 3749 -28.98 44.06 25.32
CA GLY D 3749 -27.99 43.74 26.34
C GLY D 3749 -27.70 44.83 27.33
N GLU D 3750 -28.72 45.58 27.75
CA GLU D 3750 -28.58 46.64 28.75
C GLU D 3750 -29.38 46.23 29.99
N THR D 3751 -28.67 46.05 31.11
CA THR D 3751 -29.33 45.68 32.34
C THR D 3751 -30.19 46.82 32.86
N GLY D 3752 -31.44 46.50 33.22
CA GLY D 3752 -32.35 47.50 33.71
C GLY D 3752 -33.65 46.89 34.22
N PRO D 3753 -34.52 47.73 34.79
CA PRO D 3753 -35.82 47.22 35.28
C PRO D 3753 -36.68 46.62 34.18
N MET D 3754 -36.53 47.10 32.94
CA MET D 3754 -37.24 46.49 31.82
C MET D 3754 -36.94 44.99 31.74
N VAL D 3755 -35.66 44.64 31.71
CA VAL D 3755 -35.27 43.23 31.65
C VAL D 3755 -35.60 42.53 32.97
N ALA D 3756 -35.44 43.24 34.09
CA ALA D 3756 -35.75 42.65 35.39
C ALA D 3756 -37.20 42.19 35.51
N ALA D 3757 -38.14 42.91 34.90
CA ALA D 3757 -39.53 42.50 34.87
C ALA D 3757 -39.84 41.51 33.76
N THR D 3758 -39.23 41.68 32.58
CA THR D 3758 -39.46 40.75 31.49
C THR D 3758 -38.99 39.34 31.82
N LEU D 3759 -37.82 39.22 32.45
CA LEU D 3759 -37.31 37.91 32.85
C LEU D 3759 -38.24 37.25 33.87
N LYS D 3760 -38.74 38.03 34.83
CA LYS D 3760 -39.67 37.48 35.81
C LYS D 3760 -40.95 36.99 35.14
N LEU D 3761 -41.48 37.75 34.18
CA LEU D 3761 -42.68 37.31 33.46
C LEU D 3761 -42.40 36.04 32.67
N GLY D 3762 -41.23 35.97 32.02
CA GLY D 3762 -40.88 34.77 31.28
C GLY D 3762 -40.77 33.55 32.19
N ILE D 3763 -40.16 33.72 33.36
CA ILE D 3763 -40.06 32.62 34.32
C ILE D 3763 -41.45 32.21 34.78
N ALA D 3764 -42.32 33.19 35.05
CA ALA D 3764 -43.67 32.87 35.51
C ALA D 3764 -44.43 32.08 34.48
N ILE D 3765 -44.29 32.42 33.20
CA ILE D 3765 -45.03 31.70 32.17
C ILE D 3765 -44.34 30.38 31.83
N LEU D 3766 -43.06 30.24 32.15
CA LEU D 3766 -42.33 29.01 31.86
C LEU D 3766 -42.20 28.07 33.05
N ASN D 3767 -42.79 28.41 34.20
CA ASN D 3767 -42.70 27.55 35.36
C ASN D 3767 -43.25 26.16 35.05
N GLY D 3768 -42.53 25.14 35.51
CA GLY D 3768 -42.88 23.76 35.23
C GLY D 3768 -42.45 23.24 33.89
N GLY D 3769 -41.65 24.00 33.13
CA GLY D 3769 -41.21 23.57 31.83
C GLY D 3769 -42.35 23.47 30.83
N ASN D 3770 -43.11 24.55 30.69
CA ASN D 3770 -44.28 24.54 29.80
C ASN D 3770 -43.86 24.29 28.37
N SER D 3771 -44.21 23.10 27.86
CA SER D 3771 -43.83 22.71 26.51
C SER D 3771 -44.48 23.58 25.45
N THR D 3772 -45.76 23.95 25.63
CA THR D 3772 -46.43 24.80 24.65
C THR D 3772 -45.75 26.15 24.55
N VAL D 3773 -45.43 26.76 25.69
CA VAL D 3773 -44.73 28.05 25.68
C VAL D 3773 -43.32 27.94 25.10
N GLN D 3774 -42.59 26.87 25.44
CA GLN D 3774 -41.27 26.66 24.86
C GLN D 3774 -41.35 26.55 23.34
N GLN D 3775 -42.33 25.78 22.83
CA GLN D 3775 -42.51 25.64 21.40
C GLN D 3775 -42.87 26.98 20.76
N LYS D 3776 -43.72 27.78 21.43
CA LYS D 3776 -44.08 29.08 20.88
C LYS D 3776 -42.87 29.99 20.77
N MET D 3777 -42.04 30.07 21.82
CA MET D 3777 -40.85 30.90 21.73
C MET D 3777 -39.89 30.40 20.67
N LEU D 3778 -39.66 29.09 20.59
CA LEU D 3778 -38.74 28.56 19.58
C LEU D 3778 -39.24 28.83 18.18
N ASP D 3779 -40.53 28.62 17.92
CA ASP D 3779 -41.08 28.88 16.60
C ASP D 3779 -41.00 30.36 16.25
N TYR D 3780 -41.30 31.24 17.20
CA TYR D 3780 -41.21 32.67 16.94
C TYR D 3780 -39.79 33.07 16.60
N LEU D 3781 -38.81 32.60 17.37
CA LEU D 3781 -37.43 32.93 17.10
C LEU D 3781 -37.00 32.41 15.74
N LYS D 3782 -37.39 31.18 15.40
CA LYS D 3782 -37.01 30.60 14.12
C LYS D 3782 -37.60 31.38 12.95
N GLU D 3783 -38.89 31.76 13.07
CA GLU D 3783 -39.54 32.39 11.92
C GLU D 3783 -39.13 33.85 11.78
N LYS D 3784 -38.81 34.53 12.89
CA LYS D 3784 -38.33 35.90 12.79
C LYS D 3784 -36.84 36.01 12.51
N LYS D 3785 -36.08 34.94 12.72
CA LYS D 3785 -34.62 34.95 12.52
C LYS D 3785 -33.98 36.10 13.30
N ASP D 3786 -34.38 36.22 14.57
CA ASP D 3786 -33.97 37.34 15.41
C ASP D 3786 -32.62 37.05 16.03
N VAL D 3787 -31.60 37.80 15.59
CA VAL D 3787 -30.29 37.74 16.22
C VAL D 3787 -30.21 38.63 17.46
N GLY D 3788 -31.04 39.68 17.52
CA GLY D 3788 -30.97 40.60 18.64
C GLY D 3788 -31.27 39.95 19.98
N PHE D 3789 -32.14 38.94 19.98
CA PHE D 3789 -32.44 38.23 21.22
C PHE D 3789 -31.18 37.61 21.82
N PHE D 3790 -30.43 36.85 21.02
CA PHE D 3790 -29.24 36.20 21.52
C PHE D 3790 -28.13 37.22 21.80
N GLN D 3791 -28.04 38.27 20.99
CA GLN D 3791 -27.05 39.32 21.26
C GLN D 3791 -27.32 39.99 22.61
N SER D 3792 -28.60 40.29 22.89
CA SER D 3792 -28.96 40.89 24.16
C SER D 3792 -28.75 39.93 25.31
N LEU D 3793 -29.04 38.64 25.12
CA LEU D 3793 -28.74 37.65 26.15
C LEU D 3793 -27.26 37.63 26.49
N ALA D 3794 -26.41 37.59 25.46
CA ALA D 3794 -24.97 37.63 25.70
C ALA D 3794 -24.57 38.90 26.44
N GLY D 3795 -25.00 40.07 25.96
CA GLY D 3795 -24.68 41.33 26.62
C GLY D 3795 -25.13 41.41 28.05
N LEU D 3796 -26.33 40.91 28.36
CA LEU D 3796 -26.75 40.80 29.76
C LEU D 3796 -25.80 39.91 30.55
N MET D 3797 -25.33 38.83 29.92
CA MET D 3797 -24.38 37.95 30.62
C MET D 3797 -23.09 38.68 30.97
N GLN D 3798 -22.52 39.44 30.03
CA GLN D 3798 -21.32 40.19 30.41
C GLN D 3798 -21.62 41.29 31.42
N SER D 3799 -22.81 41.89 31.35
CA SER D 3799 -23.13 42.97 32.28
C SER D 3799 -23.49 42.45 33.66
N CYS D 3800 -23.74 41.15 33.81
CA CYS D 3800 -24.02 40.59 35.13
C CYS D 3800 -22.83 40.78 36.06
N SER D 3801 -23.12 41.08 37.32
CA SER D 3801 -22.09 41.43 38.29
C SER D 3801 -21.69 40.24 39.15
N VAL D 3802 -20.54 40.36 39.80
CA VAL D 3802 -20.01 39.33 40.69
C VAL D 3802 -19.53 39.99 41.98
N LEU D 3803 -18.93 39.19 42.87
CA LEU D 3803 -18.35 39.73 44.10
C LEU D 3803 -17.22 40.68 43.80
N ASP D 3804 -17.09 41.72 44.63
CA ASP D 3804 -16.04 42.73 44.48
C ASP D 3804 -15.36 42.94 45.83
N LEU D 3805 -14.12 42.45 45.95
CA LEU D 3805 -13.37 42.60 47.19
C LEU D 3805 -13.13 44.07 47.52
N ASN D 3806 -12.85 44.88 46.51
CA ASN D 3806 -12.60 46.31 46.73
C ASN D 3806 -13.83 46.99 47.33
N ALA D 3807 -15.00 46.73 46.76
CA ALA D 3807 -16.23 47.31 47.29
C ALA D 3807 -16.52 46.79 48.70
N PHE D 3808 -16.31 45.49 48.91
CA PHE D 3808 -16.54 44.93 50.24
C PHE D 3808 -15.65 45.54 51.29
N GLU D 3809 -14.35 45.70 50.99
CA GLU D 3809 -13.42 46.32 51.91
C GLU D 3809 -13.74 47.78 52.17
N ARG D 3810 -14.10 48.52 51.11
CA ARG D 3810 -14.45 49.93 51.28
C ARG D 3810 -15.68 50.07 52.18
N GLN D 3811 -16.71 49.26 51.93
CA GLN D 3811 -17.90 49.29 52.78
C GLN D 3811 -17.60 48.86 54.21
N ASN D 3812 -16.77 47.83 54.40
CA ASN D 3812 -16.41 47.40 55.73
C ASN D 3812 -15.68 48.49 56.50
N LYS D 3813 -14.75 49.19 55.85
CA LYS D 3813 -14.11 50.32 56.51
C LYS D 3813 -15.10 51.44 56.79
N ALA D 3814 -16.07 51.63 55.89
CA ALA D 3814 -17.13 52.61 56.11
C ALA D 3814 -17.96 52.33 57.37
N GLU D 3815 -18.37 51.09 57.59
CA GLU D 3815 -19.04 50.80 58.86
C GLU D 3815 -18.07 50.80 60.04
N GLY D 3816 -16.82 50.39 59.83
CA GLY D 3816 -15.87 50.36 60.93
C GLY D 3816 -15.58 51.73 61.51
N LEU D 3817 -15.49 52.73 60.64
CA LEU D 3817 -15.24 54.09 61.13
C LEU D 3817 -16.46 54.67 61.84
N GLY D 3818 -17.62 53.99 61.73
CA GLY D 3818 -18.79 54.31 62.54
C GLY D 3818 -19.86 55.12 61.84
N MET D 3819 -19.66 55.49 60.58
CA MET D 3819 -20.59 56.38 59.89
C MET D 3819 -21.79 55.65 59.34
N VAL D 3820 -22.94 56.34 59.32
CA VAL D 3820 -24.20 55.72 58.94
C VAL D 3820 -24.15 55.29 57.48
N THR D 3821 -24.64 54.07 57.22
CA THR D 3821 -24.63 53.47 55.89
C THR D 3821 -26.07 53.26 55.43
N GLU D 3822 -26.37 53.67 54.20
CA GLU D 3822 -27.71 53.50 53.65
C GLU D 3822 -28.07 52.02 53.51
N GLU D 3823 -27.10 51.21 53.08
CA GLU D 3823 -27.32 49.79 52.84
C GLU D 3823 -26.52 49.00 53.87
N GLY D 3824 -27.21 48.15 54.64
CA GLY D 3824 -26.53 47.33 55.62
C GLY D 3824 -25.82 46.15 55.00
N SER D 3825 -26.56 45.27 54.33
CA SER D 3825 -25.93 44.16 53.63
C SER D 3825 -25.04 44.64 52.50
N GLY D 3826 -25.48 45.66 51.76
CA GLY D 3826 -24.68 46.25 50.71
C GLY D 3826 -25.04 45.78 49.32
N GLU D 3827 -25.68 46.66 48.55
CA GLU D 3827 -25.97 46.33 47.14
C GLU D 3827 -24.75 46.53 46.27
N LYS D 3828 -23.70 47.18 46.78
CA LYS D 3828 -22.51 47.42 45.98
C LYS D 3828 -21.83 46.10 45.60
N VAL D 3829 -21.68 45.19 46.57
CA VAL D 3829 -21.14 43.87 46.26
C VAL D 3829 -22.25 42.99 45.69
N LEU D 3830 -21.95 42.34 44.57
CA LEU D 3830 -22.95 41.55 43.86
C LEU D 3830 -24.18 42.41 43.55
N GLN D 3831 -24.00 43.41 42.68
CA GLN D 3831 -24.96 44.46 42.40
C GLN D 3831 -26.40 43.97 42.33
N ASP D 3832 -26.66 43.02 41.43
CA ASP D 3832 -28.00 42.45 41.25
C ASP D 3832 -27.93 40.94 41.34
N ASP D 3833 -28.31 40.40 42.51
CA ASP D 3833 -28.32 38.96 42.72
C ASP D 3833 -29.58 38.30 42.18
N GLU D 3834 -30.73 38.94 42.31
CA GLU D 3834 -31.97 38.39 41.78
C GLU D 3834 -31.98 38.45 40.25
N PHE D 3835 -31.34 39.47 39.66
CA PHE D 3835 -31.35 39.59 38.21
C PHE D 3835 -30.60 38.45 37.54
N THR D 3836 -29.40 38.12 38.04
CA THR D 3836 -28.62 37.03 37.47
C THR D 3836 -29.33 35.69 37.65
N CYS D 3837 -29.89 35.47 38.85
CA CYS D 3837 -30.63 34.24 39.10
C CYS D 3837 -31.83 34.11 38.18
N ASP D 3838 -32.57 35.19 37.97
CA ASP D 3838 -33.70 35.16 37.05
C ASP D 3838 -33.24 34.92 35.61
N LEU D 3839 -32.15 35.58 35.21
CA LEU D 3839 -31.63 35.40 33.86
C LEU D 3839 -31.22 33.96 33.57
N PHE D 3840 -30.57 33.30 34.52
CA PHE D 3840 -30.19 31.91 34.30
C PHE D 3840 -31.34 30.93 34.52
N ARG D 3841 -32.28 31.25 35.40
CA ARG D 3841 -33.47 30.40 35.56
C ARG D 3841 -34.34 30.46 34.31
N PHE D 3842 -34.39 31.61 33.65
CA PHE D 3842 -35.11 31.71 32.38
C PHE D 3842 -34.55 30.75 31.36
N LEU D 3843 -33.23 30.72 31.20
CA LEU D 3843 -32.58 29.85 30.25
C LEU D 3843 -32.64 28.38 30.65
N GLN D 3844 -32.64 28.08 31.95
CA GLN D 3844 -32.87 26.72 32.43
C GLN D 3844 -34.28 26.23 32.17
N LEU D 3845 -35.28 27.07 32.41
CA LEU D 3845 -36.66 26.71 32.09
C LEU D 3845 -36.87 26.57 30.60
N LEU D 3846 -36.13 27.35 29.80
CA LEU D 3846 -36.25 27.25 28.35
C LEU D 3846 -35.82 25.87 27.85
N CYS D 3847 -34.89 25.22 28.54
CA CYS D 3847 -34.41 23.91 28.14
C CYS D 3847 -34.90 22.79 29.05
N GLU D 3848 -35.72 23.10 30.05
CA GLU D 3848 -36.22 22.06 30.94
C GLU D 3848 -37.10 21.07 30.18
N GLY D 3849 -37.17 19.85 30.70
CA GLY D 3849 -37.84 18.77 30.02
C GLY D 3849 -37.05 18.13 28.91
N HIS D 3850 -35.73 18.32 28.89
CA HIS D 3850 -34.85 17.79 27.83
C HIS D 3850 -35.30 18.27 26.46
N ASN D 3851 -35.53 19.58 26.35
CA ASN D 3851 -35.94 20.19 25.09
C ASN D 3851 -34.72 20.25 24.16
N SER D 3852 -34.51 19.18 23.40
CA SER D 3852 -33.32 19.06 22.58
C SER D 3852 -33.28 20.12 21.48
N ASP D 3853 -34.43 20.44 20.88
CA ASP D 3853 -34.45 21.42 19.81
C ASP D 3853 -33.92 22.78 20.27
N PHE D 3854 -34.47 23.29 21.38
CA PHE D 3854 -34.02 24.58 21.88
C PHE D 3854 -32.62 24.48 22.49
N GLN D 3855 -32.27 23.33 23.05
CA GLN D 3855 -30.91 23.13 23.55
C GLN D 3855 -29.88 23.30 22.44
N ASN D 3856 -30.15 22.69 21.28
CA ASN D 3856 -29.24 22.82 20.15
C ASN D 3856 -29.32 24.21 19.53
N TYR D 3857 -30.50 24.83 19.54
CA TYR D 3857 -30.65 26.14 18.91
C TYR D 3857 -29.93 27.21 19.71
N LEU D 3858 -29.84 27.04 21.04
CA LEU D 3858 -29.04 27.96 21.84
C LEU D 3858 -27.56 27.90 21.46
N ARG D 3859 -27.03 26.69 21.28
CA ARG D 3859 -25.63 26.56 20.92
C ARG D 3859 -25.37 27.09 19.52
N THR D 3860 -26.18 26.67 18.54
CA THR D 3860 -26.00 27.08 17.15
C THR D 3860 -27.35 27.52 16.60
N GLN D 3861 -27.46 28.78 16.22
CA GLN D 3861 -28.65 29.28 15.53
C GLN D 3861 -28.44 29.09 14.05
N THR D 3862 -29.09 28.07 13.48
CA THR D 3862 -28.85 27.71 12.08
C THR D 3862 -29.36 28.79 11.14
N GLY D 3863 -30.59 29.24 11.35
CA GLY D 3863 -31.18 30.22 10.43
C GLY D 3863 -30.48 31.57 10.46
N ASN D 3864 -30.05 32.00 11.65
CA ASN D 3864 -29.50 33.34 11.80
C ASN D 3864 -28.18 33.49 11.05
N ASN D 3865 -27.95 34.70 10.54
CA ASN D 3865 -26.70 34.98 9.84
C ASN D 3865 -25.51 34.87 10.78
N THR D 3866 -25.63 35.39 12.00
CA THR D 3866 -24.57 35.32 12.99
C THR D 3866 -25.04 34.53 14.20
N THR D 3867 -24.14 33.73 14.75
CA THR D 3867 -24.45 32.80 15.83
C THR D 3867 -23.71 33.20 17.10
N VAL D 3868 -24.44 33.16 18.23
CA VAL D 3868 -23.89 33.46 19.54
C VAL D 3868 -24.00 32.20 20.39
N ASN D 3869 -22.90 31.81 21.02
CA ASN D 3869 -22.85 30.57 21.79
C ASN D 3869 -23.23 30.87 23.23
N ILE D 3870 -24.54 30.74 23.52
CA ILE D 3870 -25.04 30.94 24.87
C ILE D 3870 -24.41 29.93 25.83
N ILE D 3871 -24.15 28.71 25.34
CA ILE D 3871 -23.55 27.69 26.18
C ILE D 3871 -22.16 28.12 26.64
N ILE D 3872 -21.36 28.68 25.73
CA ILE D 3872 -20.03 29.16 26.09
C ILE D 3872 -20.11 30.40 26.99
N SER D 3873 -21.05 31.30 26.71
CA SER D 3873 -21.17 32.50 27.54
C SER D 3873 -21.55 32.13 28.98
N THR D 3874 -22.40 31.12 29.15
CA THR D 3874 -22.79 30.69 30.48
C THR D 3874 -21.59 30.18 31.28
N VAL D 3875 -20.74 29.36 30.65
CA VAL D 3875 -19.57 28.87 31.36
C VAL D 3875 -18.54 29.98 31.57
N ASP D 3876 -18.50 30.99 30.69
CA ASP D 3876 -17.66 32.14 30.96
C ASP D 3876 -18.10 32.88 32.22
N TYR D 3877 -19.41 33.09 32.37
CA TYR D 3877 -19.92 33.70 33.60
C TYR D 3877 -19.65 32.82 34.81
N LEU D 3878 -19.78 31.50 34.64
CA LEU D 3878 -19.44 30.59 35.72
C LEU D 3878 -17.98 30.71 36.14
N LEU D 3879 -17.07 30.82 35.18
CA LEU D 3879 -15.66 31.07 35.49
C LEU D 3879 -15.46 32.39 36.23
N ARG D 3880 -16.11 33.46 35.80
CA ARG D 3880 -15.99 34.73 36.49
C ARG D 3880 -16.51 34.69 37.92
N VAL D 3881 -17.68 34.09 38.15
CA VAL D 3881 -18.19 33.97 39.51
C VAL D 3881 -17.35 33.01 40.35
N GLN D 3882 -16.78 31.96 39.75
CA GLN D 3882 -15.85 31.11 40.47
C GLN D 3882 -14.63 31.88 40.93
N GLU D 3883 -14.07 32.72 40.06
CA GLU D 3883 -12.95 33.55 40.45
C GLU D 3883 -13.32 34.52 41.57
N SER D 3884 -14.51 35.13 41.49
CA SER D 3884 -14.95 36.03 42.55
C SER D 3884 -15.07 35.30 43.88
N ILE D 3885 -15.68 34.12 43.86
CA ILE D 3885 -15.86 33.35 45.09
C ILE D 3885 -14.51 32.91 45.65
N SER D 3886 -13.59 32.48 44.79
CA SER D 3886 -12.27 32.08 45.24
C SER D 3886 -11.52 33.25 45.86
N ASP D 3887 -11.61 34.42 45.25
CA ASP D 3887 -10.98 35.61 45.82
C ASP D 3887 -11.58 35.98 47.16
N PHE D 3888 -12.90 35.86 47.30
CA PHE D 3888 -13.54 36.19 48.56
C PHE D 3888 -13.12 35.21 49.65
N TYR D 3889 -13.04 33.91 49.29
CA TYR D 3889 -12.46 32.92 50.20
C TYR D 3889 -11.05 33.29 50.59
N TRP D 3890 -10.23 33.68 49.63
CA TRP D 3890 -8.83 33.99 49.93
C TRP D 3890 -8.73 35.20 50.86
N TYR D 3891 -9.62 36.17 50.70
CA TYR D 3891 -9.69 37.27 51.64
C TYR D 3891 -10.06 36.80 53.04
N TYR D 3892 -11.00 35.86 53.13
CA TYR D 3892 -11.48 35.39 54.43
C TYR D 3892 -10.67 34.21 54.99
N SER D 3893 -9.58 33.80 54.33
CA SER D 3893 -8.87 32.61 54.77
C SER D 3893 -8.16 32.83 56.10
N GLY D 3894 -7.42 33.94 56.23
CA GLY D 3894 -6.67 34.18 57.44
C GLY D 3894 -7.57 34.46 58.64
N LYS D 3895 -8.63 35.22 58.44
CA LYS D 3895 -9.50 35.59 59.55
C LYS D 3895 -10.25 34.39 60.08
N ASP D 3896 -10.35 34.31 61.42
CA ASP D 3896 -10.87 33.12 62.07
C ASP D 3896 -12.37 32.99 61.88
N VAL D 3897 -13.12 34.08 62.05
CA VAL D 3897 -14.57 34.05 62.07
C VAL D 3897 -15.11 34.85 60.89
N ILE D 3898 -16.17 34.33 60.26
CA ILE D 3898 -16.81 35.04 59.16
C ILE D 3898 -17.90 35.95 59.72
N ASP D 3899 -17.85 37.23 59.36
CA ASP D 3899 -18.85 38.17 59.83
C ASP D 3899 -20.17 37.98 59.07
N GLU D 3900 -21.18 38.72 59.51
CA GLU D 3900 -22.51 38.60 58.91
C GLU D 3900 -22.51 39.03 57.45
N GLN D 3901 -21.81 40.12 57.13
CA GLN D 3901 -21.73 40.56 55.73
C GLN D 3901 -21.05 39.52 54.87
N GLY D 3902 -19.96 38.94 55.36
CA GLY D 3902 -19.30 37.86 54.64
C GLY D 3902 -20.20 36.66 54.44
N GLN D 3903 -20.95 36.26 55.46
CA GLN D 3903 -21.90 35.17 55.32
C GLN D 3903 -22.97 35.45 54.29
N ARG D 3904 -23.56 36.65 54.29
CA ARG D 3904 -24.54 37.03 53.28
C ARG D 3904 -23.96 37.02 51.87
N ASN D 3905 -22.75 37.57 51.69
CA ASN D 3905 -22.13 37.56 50.37
C ASN D 3905 -21.84 36.14 49.89
N PHE D 3906 -21.33 35.29 50.78
CA PHE D 3906 -21.12 33.89 50.43
C PHE D 3906 -22.42 33.21 50.04
N SER D 3907 -23.49 33.45 50.82
CA SER D 3907 -24.77 32.83 50.51
C SER D 3907 -25.31 33.26 49.15
N LYS D 3908 -25.27 34.56 48.86
CA LYS D 3908 -25.71 35.07 47.57
C LYS D 3908 -24.88 34.55 46.40
N ALA D 3909 -23.55 34.57 46.53
CA ALA D 3909 -22.69 34.01 45.50
C ALA D 3909 -22.90 32.52 45.29
N ILE D 3910 -23.09 31.75 46.36
CA ILE D 3910 -23.35 30.32 46.24
C ILE D 3910 -24.69 30.08 45.57
N GLN D 3911 -25.70 30.88 45.88
CA GLN D 3911 -26.98 30.75 45.19
C GLN D 3911 -26.84 31.02 43.70
N VAL D 3912 -26.10 32.07 43.35
CA VAL D 3912 -25.89 32.38 41.92
C VAL D 3912 -25.15 31.24 41.23
N ALA D 3913 -24.10 30.73 41.88
CA ALA D 3913 -23.32 29.64 41.30
C ALA D 3913 -24.18 28.37 41.14
N LYS D 3914 -25.02 28.09 42.13
CA LYS D 3914 -25.95 26.96 42.04
C LYS D 3914 -26.91 27.10 40.88
N GLN D 3915 -27.46 28.30 40.67
CA GLN D 3915 -28.33 28.50 39.52
C GLN D 3915 -27.58 28.33 38.20
N VAL D 3916 -26.33 28.81 38.12
CA VAL D 3916 -25.56 28.63 36.90
C VAL D 3916 -25.26 27.16 36.65
N PHE D 3917 -24.91 26.41 37.69
CA PHE D 3917 -24.69 24.97 37.52
C PHE D 3917 -25.96 24.26 37.10
N ASN D 3918 -27.10 24.65 37.65
CA ASN D 3918 -28.37 24.05 37.21
C ASN D 3918 -28.64 24.35 35.74
N THR D 3919 -28.38 25.58 35.31
CA THR D 3919 -28.58 25.94 33.91
C THR D 3919 -27.66 25.13 33.00
N LEU D 3920 -26.40 24.97 33.40
CA LEU D 3920 -25.48 24.15 32.61
C LEU D 3920 -25.91 22.70 32.57
N THR D 3921 -26.40 22.18 33.69
CA THR D 3921 -26.87 20.80 33.75
C THR D 3921 -28.06 20.59 32.83
N GLU D 3922 -28.99 21.53 32.80
CA GLU D 3922 -30.11 21.43 31.86
C GLU D 3922 -29.66 21.60 30.41
N TYR D 3923 -28.59 22.37 30.20
CA TYR D 3923 -28.00 22.44 28.87
C TYR D 3923 -27.47 21.09 28.41
N ILE D 3924 -26.81 20.36 29.30
CA ILE D 3924 -26.08 19.15 28.92
C ILE D 3924 -26.89 17.86 29.05
N GLN D 3925 -27.96 17.85 29.84
CA GLN D 3925 -28.76 16.64 29.98
C GLN D 3925 -29.53 16.34 28.69
N GLY D 3926 -30.23 15.21 28.67
CA GLY D 3926 -30.86 14.75 27.46
C GLY D 3926 -29.82 14.47 26.40
N PRO D 3927 -28.93 13.49 26.69
CA PRO D 3927 -27.61 13.38 26.01
C PRO D 3927 -27.35 14.32 24.85
N CYS D 3928 -27.38 15.62 25.10
CA CYS D 3928 -27.11 16.62 24.07
C CYS D 3928 -25.62 16.61 23.76
N THR D 3929 -25.24 15.85 22.72
CA THR D 3929 -23.83 15.65 22.40
C THR D 3929 -23.15 16.95 22.01
N GLY D 3930 -23.84 17.81 21.28
CA GLY D 3930 -23.27 19.09 20.88
C GLY D 3930 -22.91 19.97 22.05
N ASN D 3931 -23.84 20.13 22.99
CA ASN D 3931 -23.56 20.93 24.19
C ASN D 3931 -22.48 20.27 25.04
N GLN D 3932 -22.51 18.94 25.15
CA GLN D 3932 -21.50 18.24 25.92
C GLN D 3932 -20.10 18.48 25.35
N GLN D 3933 -19.95 18.33 24.03
CA GLN D 3933 -18.68 18.57 23.37
C GLN D 3933 -18.25 20.02 23.42
N SER D 3934 -19.19 20.97 23.36
CA SER D 3934 -18.85 22.38 23.50
C SER D 3934 -18.32 22.70 24.89
N LEU D 3935 -19.01 22.22 25.93
CA LEU D 3935 -18.55 22.50 27.29
C LEU D 3935 -17.31 21.70 27.65
N ALA D 3936 -17.06 20.60 26.94
CA ALA D 3936 -15.79 19.90 27.09
C ALA D 3936 -14.59 20.73 26.66
N HIS D 3937 -14.69 21.45 25.55
CA HIS D 3937 -13.61 22.29 25.07
C HIS D 3937 -13.69 23.71 25.63
N SER D 3938 -14.76 24.04 26.33
CA SER D 3938 -14.88 25.34 26.98
C SER D 3938 -13.97 25.38 28.21
N ARG D 3939 -14.07 26.46 29.00
CA ARG D 3939 -13.26 26.64 30.19
C ARG D 3939 -13.96 26.16 31.45
N LEU D 3940 -14.79 25.11 31.33
CA LEU D 3940 -15.48 24.57 32.49
C LEU D 3940 -14.51 23.96 33.48
N TRP D 3941 -13.42 23.37 32.98
CA TRP D 3941 -12.51 22.62 33.84
C TRP D 3941 -11.82 23.52 34.85
N ASP D 3942 -11.42 24.73 34.46
CA ASP D 3942 -10.81 25.67 35.39
C ASP D 3942 -11.78 26.11 36.48
N ALA D 3943 -13.03 26.37 36.12
CA ALA D 3943 -14.04 26.70 37.14
C ALA D 3943 -14.23 25.54 38.09
N VAL D 3944 -14.29 24.31 37.57
CA VAL D 3944 -14.49 23.14 38.42
C VAL D 3944 -13.31 22.95 39.36
N VAL D 3945 -12.08 23.12 38.86
CA VAL D 3945 -10.91 22.97 39.71
C VAL D 3945 -10.80 24.08 40.75
N GLY D 3946 -11.32 25.27 40.45
CA GLY D 3946 -11.39 26.31 41.45
C GLY D 3946 -12.39 25.99 42.55
N PHE D 3947 -13.59 25.56 42.15
CA PHE D 3947 -14.59 25.16 43.13
C PHE D 3947 -14.12 23.98 43.97
N LEU D 3948 -13.33 23.07 43.39
CA LEU D 3948 -12.85 21.93 44.17
C LEU D 3948 -11.92 22.38 45.30
N HIS D 3949 -11.01 23.32 45.00
CA HIS D 3949 -10.16 23.87 46.04
C HIS D 3949 -10.97 24.61 47.09
N VAL D 3950 -11.95 25.40 46.64
CA VAL D 3950 -12.80 26.15 47.57
C VAL D 3950 -13.52 25.19 48.52
N PHE D 3951 -14.07 24.10 47.97
CA PHE D 3951 -14.74 23.09 48.78
C PHE D 3951 -13.79 22.36 49.71
N ALA D 3952 -12.58 22.03 49.25
CA ALA D 3952 -11.60 21.36 50.10
C ALA D 3952 -11.20 22.21 51.29
N HIS D 3953 -11.14 23.54 51.12
CA HIS D 3953 -10.71 24.35 52.25
C HIS D 3953 -11.85 24.85 53.14
N MET D 3954 -13.02 25.14 52.58
CA MET D 3954 -14.19 25.46 53.41
C MET D 3954 -14.63 24.26 54.26
N GLN D 3955 -14.57 23.05 53.71
CA GLN D 3955 -15.00 21.90 54.48
C GLN D 3955 -14.13 21.71 55.72
N MET D 3956 -12.84 22.03 55.63
CA MET D 3956 -12.00 22.09 56.82
C MET D 3956 -12.32 23.28 57.73
N LYS D 3957 -12.49 24.48 57.17
CA LYS D 3957 -12.60 25.67 58.00
C LYS D 3957 -13.95 25.77 58.71
N LEU D 3958 -15.05 25.69 57.96
CA LEU D 3958 -16.37 25.95 58.51
C LEU D 3958 -16.79 24.86 59.50
N SER D 3959 -16.40 23.61 59.24
CA SER D 3959 -16.81 22.52 60.12
C SER D 3959 -16.26 22.69 61.52
N GLN D 3960 -15.07 23.26 61.65
CA GLN D 3960 -14.49 23.52 62.97
C GLN D 3960 -15.35 24.51 63.76
N ASP D 3961 -15.84 25.55 63.10
CA ASP D 3961 -16.70 26.53 63.75
C ASP D 3961 -18.13 26.01 63.80
N SER D 3962 -18.93 26.62 64.67
CA SER D 3962 -20.31 26.20 64.87
C SER D 3962 -21.33 27.26 64.45
N SER D 3963 -20.89 28.47 64.14
CA SER D 3963 -21.81 29.55 63.78
C SER D 3963 -22.01 29.71 62.27
N GLN D 3964 -21.34 28.89 61.46
CA GLN D 3964 -21.50 28.94 60.00
C GLN D 3964 -22.04 27.63 59.43
N ILE D 3965 -22.92 26.95 60.17
CA ILE D 3965 -23.45 25.68 59.68
C ILE D 3965 -24.35 25.88 58.47
N GLU D 3966 -25.09 27.00 58.45
CA GLU D 3966 -25.91 27.30 57.28
C GLU D 3966 -25.06 27.56 56.04
N LEU D 3967 -23.95 28.29 56.19
CA LEU D 3967 -23.04 28.50 55.07
C LEU D 3967 -22.45 27.17 54.63
N LEU D 3968 -22.09 26.31 55.59
CA LEU D 3968 -21.56 24.99 55.26
C LEU D 3968 -22.56 24.18 54.44
N LYS D 3969 -23.83 24.14 54.85
CA LYS D 3969 -24.80 23.34 54.11
C LYS D 3969 -25.11 23.93 52.74
N GLU D 3970 -25.18 25.26 52.63
CA GLU D 3970 -25.37 25.87 51.32
C GLU D 3970 -24.21 25.51 50.38
N LEU D 3971 -22.98 25.58 50.88
CA LEU D 3971 -21.85 25.24 50.04
C LEU D 3971 -21.80 23.75 49.70
N MET D 3972 -22.20 22.88 50.63
CA MET D 3972 -22.27 21.45 50.38
C MET D 3972 -23.30 21.13 49.30
N ASP D 3973 -24.43 21.83 49.31
CA ASP D 3973 -25.40 21.76 48.22
C ASP D 3973 -24.82 22.22 46.89
N LEU D 3974 -24.02 23.29 46.90
CA LEU D 3974 -23.33 23.71 45.69
C LEU D 3974 -22.42 22.60 45.16
N GLN D 3975 -21.71 21.91 46.05
CA GLN D 3975 -20.84 20.82 45.63
C GLN D 3975 -21.65 19.69 45.01
N LYS D 3976 -22.80 19.35 45.63
CA LYS D 3976 -23.65 18.31 45.07
C LYS D 3976 -24.13 18.68 43.68
N ASP D 3977 -24.54 19.95 43.48
CA ASP D 3977 -24.97 20.36 42.15
C ASP D 3977 -23.83 20.30 41.14
N MET D 3978 -22.60 20.66 41.55
CA MET D 3978 -21.46 20.55 40.65
C MET D 3978 -21.22 19.10 40.25
N VAL D 3979 -21.31 18.18 41.21
CA VAL D 3979 -21.10 16.77 40.88
C VAL D 3979 -22.21 16.24 39.97
N VAL D 3980 -23.45 16.70 40.19
CA VAL D 3980 -24.53 16.31 39.27
C VAL D 3980 -24.26 16.83 37.87
N MET D 3981 -23.72 18.06 37.76
CA MET D 3981 -23.35 18.59 36.46
C MET D 3981 -22.27 17.74 35.79
N LEU D 3982 -21.28 17.31 36.58
CA LEU D 3982 -20.23 16.45 36.03
C LEU D 3982 -20.81 15.11 35.57
N LEU D 3983 -21.74 14.55 36.34
CA LEU D 3983 -22.41 13.32 35.93
C LEU D 3983 -23.18 13.50 34.64
N SER D 3984 -23.87 14.64 34.48
CA SER D 3984 -24.56 14.92 33.23
C SER D 3984 -23.59 15.14 32.08
N MET D 3985 -22.40 15.67 32.34
CA MET D 3985 -21.35 15.67 31.33
C MET D 3985 -20.99 14.24 30.91
N LEU D 3986 -20.78 13.35 31.88
CA LEU D 3986 -20.42 11.97 31.60
C LEU D 3986 -21.58 11.16 31.02
N GLU D 3987 -22.80 11.69 31.07
CA GLU D 3987 -23.95 11.01 30.50
C GLU D 3987 -23.70 10.67 29.03
N GLY D 3988 -24.01 9.43 28.66
CA GLY D 3988 -23.78 8.97 27.30
C GLY D 3988 -22.32 8.91 26.90
N ASN D 3989 -21.44 8.53 27.83
CA ASN D 3989 -20.02 8.47 27.54
C ASN D 3989 -19.68 7.21 26.74
N VAL D 3990 -18.56 7.28 26.03
CA VAL D 3990 -18.03 6.15 25.28
C VAL D 3990 -16.70 5.76 25.89
N VAL D 3991 -16.24 4.56 25.54
CA VAL D 3991 -14.97 4.06 26.05
C VAL D 3991 -13.84 4.93 25.51
N ASN D 3992 -12.96 5.38 26.42
CA ASN D 3992 -11.84 6.27 26.06
C ASN D 3992 -12.35 7.55 25.40
N GLY D 3993 -13.41 8.13 25.95
CA GLY D 3993 -13.95 9.36 25.41
C GLY D 3993 -13.10 10.57 25.75
N THR D 3994 -13.16 11.57 24.86
CA THR D 3994 -12.40 12.80 25.09
C THR D 3994 -12.89 13.55 26.31
N ILE D 3995 -14.22 13.53 26.54
CA ILE D 3995 -14.76 14.17 27.73
C ILE D 3995 -14.22 13.51 28.99
N GLY D 3996 -14.19 12.17 29.00
CA GLY D 3996 -13.62 11.46 30.14
C GLY D 3996 -12.15 11.77 30.33
N LYS D 3997 -11.39 11.80 29.23
CA LYS D 3997 -9.97 12.12 29.33
C LYS D 3997 -9.76 13.50 29.94
N GLN D 3998 -10.52 14.49 29.47
CA GLN D 3998 -10.40 15.84 30.01
C GLN D 3998 -10.81 15.89 31.48
N MET D 3999 -11.84 15.13 31.86
CA MET D 3999 -12.28 15.12 33.26
C MET D 3999 -11.21 14.51 34.16
N VAL D 4000 -10.54 13.46 33.70
CA VAL D 4000 -9.48 12.86 34.49
C VAL D 4000 -8.26 13.78 34.55
N ASP D 4001 -8.00 14.53 33.47
CA ASP D 4001 -6.95 15.55 33.55
C ASP D 4001 -7.30 16.60 34.61
N MET D 4002 -8.57 17.00 34.66
CA MET D 4002 -9.02 17.92 35.70
C MET D 4002 -8.82 17.31 37.09
N LEU D 4003 -9.15 16.03 37.24
CA LEU D 4003 -9.02 15.37 38.53
C LEU D 4003 -7.56 15.29 38.98
N VAL D 4004 -6.66 14.93 38.07
CA VAL D 4004 -5.25 14.83 38.44
C VAL D 4004 -4.67 16.22 38.68
N GLU D 4005 -5.23 17.24 38.03
CA GLU D 4005 -4.86 18.61 38.36
C GLU D 4005 -5.30 18.97 39.78
N SER D 4006 -6.48 18.53 40.18
CA SER D 4006 -7.03 18.81 41.50
C SER D 4006 -6.88 17.64 42.46
N SER D 4007 -5.81 16.84 42.30
CA SER D 4007 -5.62 15.65 43.13
C SER D 4007 -5.70 15.97 44.61
N ASN D 4008 -4.95 16.99 45.06
CA ASN D 4008 -4.91 17.29 46.48
C ASN D 4008 -6.27 17.71 47.03
N ASN D 4009 -6.99 18.56 46.28
CA ASN D 4009 -8.28 19.06 46.76
C ASN D 4009 -9.30 17.94 46.87
N VAL D 4010 -9.41 17.11 45.83
CA VAL D 4010 -10.39 16.02 45.87
C VAL D 4010 -9.96 14.98 46.91
N GLU D 4011 -8.65 14.79 47.10
CA GLU D 4011 -8.19 13.89 48.16
C GLU D 4011 -8.63 14.39 49.53
N MET D 4012 -8.49 15.70 49.77
CA MET D 4012 -8.95 16.27 51.04
C MET D 4012 -10.46 16.13 51.20
N ILE D 4013 -11.19 16.36 50.11
CA ILE D 4013 -12.65 16.22 50.17
C ILE D 4013 -13.05 14.78 50.50
N LEU D 4014 -12.38 13.81 49.86
CA LEU D 4014 -12.70 12.40 50.10
C LEU D 4014 -12.34 11.98 51.51
N LYS D 4015 -11.20 12.48 52.04
CA LYS D 4015 -10.90 12.22 53.44
C LYS D 4015 -11.93 12.83 54.38
N PHE D 4016 -12.35 14.07 54.13
CA PHE D 4016 -13.40 14.68 54.93
C PHE D 4016 -14.71 13.92 54.84
N PHE D 4017 -15.01 13.32 53.69
CA PHE D 4017 -16.25 12.56 53.51
C PHE D 4017 -16.22 11.22 54.23
N ASP D 4018 -15.16 10.42 54.01
CA ASP D 4018 -15.09 9.13 54.68
C ASP D 4018 -14.69 9.23 56.15
N MET D 4019 -14.27 10.41 56.61
CA MET D 4019 -14.07 10.65 58.02
C MET D 4019 -15.38 10.80 58.78
N PHE D 4020 -16.43 11.31 58.14
CA PHE D 4020 -17.73 11.46 58.74
C PHE D 4020 -18.69 10.35 58.32
N LEU D 4021 -18.36 9.60 57.28
CA LEU D 4021 -19.17 8.44 56.88
C LEU D 4021 -19.03 7.26 57.84
N LYS D 4022 -17.97 7.23 58.64
CA LYS D 4022 -17.79 6.23 59.68
C LYS D 4022 -18.45 6.61 60.99
N LEU D 4023 -19.03 7.81 61.05
CA LEU D 4023 -19.65 8.27 62.30
C LEU D 4023 -20.88 7.45 62.64
N LYS D 4024 -21.63 7.00 61.64
CA LYS D 4024 -22.76 6.12 61.90
C LYS D 4024 -22.32 4.80 62.53
N ASP D 4025 -21.26 4.20 62.01
CA ASP D 4025 -20.73 2.98 62.61
C ASP D 4025 -20.23 3.23 64.02
N LEU D 4026 -19.56 4.37 64.23
CA LEU D 4026 -19.06 4.70 65.57
C LEU D 4026 -20.21 4.84 66.55
N THR D 4027 -21.29 5.52 66.14
CA THR D 4027 -22.45 5.69 67.03
C THR D 4027 -23.15 4.36 67.29
N SER D 4028 -23.28 3.53 66.26
CA SER D 4028 -23.96 2.25 66.40
C SER D 4028 -23.11 1.18 67.06
N SER D 4029 -21.83 1.44 67.29
CA SER D 4029 -20.98 0.47 67.98
C SER D 4029 -21.46 0.26 69.41
N ASP D 4030 -21.30 -0.98 69.90
CA ASP D 4030 -21.72 -1.30 71.26
C ASP D 4030 -20.88 -0.56 72.30
N THR D 4031 -19.63 -0.22 71.96
CA THR D 4031 -18.82 0.56 72.87
C THR D 4031 -19.44 1.93 73.14
N PHE D 4032 -19.97 2.56 72.09
CA PHE D 4032 -20.71 3.81 72.28
C PHE D 4032 -22.04 3.58 72.98
N LYS D 4033 -22.69 2.44 72.73
CA LYS D 4033 -23.96 2.15 73.38
C LYS D 4033 -23.80 2.02 74.89
N GLU D 4034 -22.73 1.37 75.34
CA GLU D 4034 -22.52 1.22 76.78
C GLU D 4034 -22.03 2.52 77.40
N TYR D 4035 -21.38 3.38 76.60
CA TYR D 4035 -21.11 4.73 77.07
C TYR D 4035 -22.39 5.53 77.27
N ASP D 4036 -23.35 5.38 76.36
CA ASP D 4036 -24.60 6.12 76.40
C ASP D 4036 -25.78 5.17 76.36
N PRO D 4037 -26.15 4.60 77.50
CA PRO D 4037 -27.36 3.77 77.58
C PRO D 4037 -28.66 4.56 77.71
N ASP D 4038 -28.59 5.88 77.74
CA ASP D 4038 -29.77 6.70 77.94
C ASP D 4038 -30.49 6.97 76.63
N GLY D 4039 -31.83 7.02 76.71
CA GLY D 4039 -32.62 7.33 75.53
C GLY D 4039 -32.43 8.75 75.04
N LYS D 4040 -32.21 9.69 75.97
CA LYS D 4040 -32.02 11.09 75.60
C LYS D 4040 -30.78 11.27 74.74
N GLY D 4041 -29.73 10.48 74.99
CA GLY D 4041 -28.61 10.40 74.08
C GLY D 4041 -27.56 11.50 74.18
N VAL D 4042 -27.70 12.42 75.14
CA VAL D 4042 -26.71 13.48 75.28
C VAL D 4042 -25.47 12.90 75.93
N ILE D 4043 -24.46 12.57 75.12
CA ILE D 4043 -23.27 11.89 75.62
C ILE D 4043 -22.23 12.90 76.08
N SER D 4044 -21.45 12.50 77.08
CA SER D 4044 -20.39 13.34 77.62
C SER D 4044 -19.26 13.50 76.60
N LYS D 4045 -18.64 14.68 76.63
CA LYS D 4045 -17.52 14.95 75.73
C LYS D 4045 -16.36 13.99 75.97
N ARG D 4046 -16.07 13.70 77.24
CA ARG D 4046 -15.00 12.77 77.55
C ARG D 4046 -15.33 11.37 77.05
N ASP D 4047 -16.58 10.94 77.20
CA ASP D 4047 -16.99 9.62 76.72
C ASP D 4047 -16.85 9.53 75.21
N PHE D 4048 -17.29 10.57 74.49
CA PHE D 4048 -17.18 10.56 73.03
C PHE D 4048 -15.72 10.57 72.60
N HIS D 4049 -14.90 11.37 73.27
CA HIS D 4049 -13.48 11.43 72.97
C HIS D 4049 -12.80 10.09 73.17
N LYS D 4050 -13.05 9.42 74.31
CA LYS D 4050 -12.41 8.12 74.54
C LYS D 4050 -12.96 7.05 73.62
N ALA D 4051 -14.25 7.13 73.26
CA ALA D 4051 -14.81 6.20 72.29
C ALA D 4051 -14.13 6.33 70.95
N MET D 4052 -13.70 7.55 70.61
CA MET D 4052 -13.12 7.78 69.29
C MET D 4052 -11.75 7.14 69.14
N GLU D 4053 -11.11 6.73 70.24
CA GLU D 4053 -9.91 5.90 70.07
C GLU D 4053 -10.21 4.43 70.42
N SER D 4054 -11.21 4.19 71.26
CA SER D 4054 -11.57 2.80 71.56
C SER D 4054 -12.13 2.10 70.32
N HIS D 4055 -12.71 2.88 69.39
CA HIS D 4055 -13.23 2.30 68.16
C HIS D 4055 -12.10 1.79 67.26
N LYS D 4056 -10.89 2.34 67.43
CA LYS D 4056 -9.68 1.85 66.79
C LYS D 4056 -9.67 2.05 65.28
N HIS D 4057 -10.71 2.66 64.73
CA HIS D 4057 -10.76 2.97 63.30
C HIS D 4057 -10.58 4.45 63.02
N TYR D 4058 -10.45 5.28 64.05
CA TYR D 4058 -10.20 6.71 63.89
C TYR D 4058 -8.79 7.02 64.40
N THR D 4059 -7.98 7.65 63.56
CA THR D 4059 -6.64 8.03 63.96
C THR D 4059 -6.70 9.21 64.93
N GLN D 4060 -5.52 9.59 65.43
CA GLN D 4060 -5.46 10.70 66.39
C GLN D 4060 -5.79 12.03 65.71
N SER D 4061 -5.36 12.20 64.46
CA SER D 4061 -5.69 13.42 63.73
C SER D 4061 -7.19 13.54 63.51
N GLU D 4062 -7.84 12.44 63.11
CA GLU D 4062 -9.29 12.44 62.95
C GLU D 4062 -9.97 12.67 64.30
N THR D 4063 -9.41 12.09 65.36
CA THR D 4063 -9.93 12.30 66.71
C THR D 4063 -9.95 13.78 67.08
N GLU D 4064 -8.80 14.45 66.91
CA GLU D 4064 -8.73 15.85 67.29
C GLU D 4064 -9.57 16.73 66.36
N PHE D 4065 -9.67 16.35 65.08
CA PHE D 4065 -10.50 17.12 64.16
C PHE D 4065 -11.97 17.02 64.53
N LEU D 4066 -12.46 15.82 64.86
CA LEU D 4066 -13.83 15.68 65.30
C LEU D 4066 -14.08 16.36 66.64
N LEU D 4067 -13.09 16.34 67.54
CA LEU D 4067 -13.23 17.08 68.79
C LEU D 4067 -13.36 18.58 68.55
N SER D 4068 -12.56 19.12 67.64
CA SER D 4068 -12.66 20.53 67.29
C SER D 4068 -14.00 20.85 66.63
N CYS D 4069 -14.48 19.95 65.76
CA CYS D 4069 -15.74 20.12 65.06
C CYS D 4069 -16.95 19.82 65.92
N ALA D 4070 -16.74 19.53 67.21
CA ALA D 4070 -17.81 19.16 68.13
C ALA D 4070 -18.14 20.36 69.01
N GLU D 4071 -19.34 20.89 68.84
CA GLU D 4071 -19.79 21.98 69.70
C GLU D 4071 -20.31 21.43 71.01
N THR D 4072 -19.94 22.07 72.11
CA THR D 4072 -20.35 21.65 73.44
C THR D 4072 -20.95 22.83 74.21
N ASP D 4073 -21.93 22.53 75.05
CA ASP D 4073 -22.54 23.57 75.86
C ASP D 4073 -21.74 23.80 77.13
N GLU D 4074 -22.31 24.59 78.04
CA GLU D 4074 -21.68 24.87 79.32
C GLU D 4074 -21.64 23.61 80.18
N ASN D 4075 -22.51 22.65 79.87
CA ASN D 4075 -22.58 21.37 80.58
C ASN D 4075 -21.45 20.42 80.18
N GLU D 4076 -20.66 20.76 79.17
CA GLU D 4076 -19.56 19.93 78.70
C GLU D 4076 -20.07 18.56 78.25
N THR D 4077 -20.93 18.58 77.24
CA THR D 4077 -21.57 17.38 76.72
C THR D 4077 -22.07 17.65 75.31
N LEU D 4078 -22.40 16.57 74.59
CA LEU D 4078 -22.79 16.66 73.19
C LEU D 4078 -23.84 15.59 72.88
N ASP D 4079 -24.67 15.90 71.88
CA ASP D 4079 -25.69 14.96 71.41
C ASP D 4079 -25.20 14.32 70.12
N TYR D 4080 -24.91 13.03 70.16
CA TYR D 4080 -24.42 12.35 68.97
C TYR D 4080 -25.48 12.34 67.87
N GLU D 4081 -26.75 12.38 68.24
CA GLU D 4081 -27.81 12.41 67.25
C GLU D 4081 -27.72 13.68 66.40
N GLU D 4082 -27.64 14.84 67.05
CA GLU D 4082 -27.54 16.09 66.30
C GLU D 4082 -26.22 16.16 65.56
N PHE D 4083 -25.14 15.65 66.16
CA PHE D 4083 -23.85 15.61 65.49
C PHE D 4083 -23.94 14.84 64.18
N VAL D 4084 -24.50 13.63 64.22
CA VAL D 4084 -24.53 12.77 63.05
C VAL D 4084 -25.50 13.31 62.01
N LYS D 4085 -26.66 13.83 62.44
CA LYS D 4085 -27.58 14.38 61.46
C LYS D 4085 -27.01 15.65 60.82
N ARG D 4086 -26.12 16.33 61.54
CA ARG D 4086 -25.50 17.54 61.00
C ARG D 4086 -24.41 17.21 59.99
N PHE D 4087 -23.65 16.14 60.22
CA PHE D 4087 -22.51 15.86 59.36
C PHE D 4087 -22.75 14.74 58.34
N HIS D 4088 -23.25 13.58 58.78
CA HIS D 4088 -23.29 12.39 57.94
C HIS D 4088 -24.15 12.55 56.69
N GLU D 4089 -25.33 13.16 56.82
CA GLU D 4089 -26.29 13.17 55.72
C GLU D 4089 -25.75 13.90 54.49
N PRO D 4090 -25.23 15.12 54.60
CA PRO D 4090 -24.57 15.72 53.41
C PRO D 4090 -23.40 14.88 52.92
N ALA D 4091 -22.65 14.29 53.84
CA ALA D 4091 -21.51 13.46 53.45
C ALA D 4091 -21.95 12.27 52.61
N LYS D 4092 -22.97 11.53 53.04
CA LYS D 4092 -23.48 10.43 52.25
C LYS D 4092 -24.06 10.92 50.92
N ASP D 4093 -24.82 12.02 50.96
CA ASP D 4093 -25.49 12.51 49.76
C ASP D 4093 -24.50 12.86 48.67
N ILE D 4094 -23.38 13.50 49.04
CA ILE D 4094 -22.40 13.90 48.03
C ILE D 4094 -21.45 12.76 47.72
N GLY D 4095 -21.16 11.91 48.72
CA GLY D 4095 -20.26 10.80 48.49
C GLY D 4095 -20.81 9.79 47.51
N PHE D 4096 -22.13 9.57 47.53
CA PHE D 4096 -22.72 8.68 46.54
C PHE D 4096 -22.50 9.21 45.12
N ASN D 4097 -22.71 10.51 44.92
CA ASN D 4097 -22.50 11.08 43.60
C ASN D 4097 -21.03 11.03 43.18
N VAL D 4098 -20.12 11.28 44.12
CA VAL D 4098 -18.70 11.19 43.81
C VAL D 4098 -18.32 9.76 43.43
N ALA D 4099 -18.84 8.78 44.17
CA ALA D 4099 -18.60 7.38 43.85
C ALA D 4099 -19.17 6.98 42.49
N VAL D 4100 -20.37 7.46 42.16
CA VAL D 4100 -20.93 7.20 40.83
C VAL D 4100 -20.04 7.79 39.74
N LEU D 4101 -19.59 9.04 39.94
CA LEU D 4101 -18.71 9.68 38.96
C LEU D 4101 -17.43 8.88 38.76
N LEU D 4102 -16.76 8.53 39.85
CA LEU D 4102 -15.52 7.76 39.78
C LEU D 4102 -15.70 6.36 39.20
N THR D 4103 -16.77 5.65 39.56
CA THR D 4103 -17.03 4.34 38.99
C THR D 4103 -17.29 4.44 37.49
N ASN D 4104 -18.06 5.44 37.07
CA ASN D 4104 -18.32 5.63 35.64
C ASN D 4104 -17.03 5.91 34.89
N LEU D 4105 -16.18 6.78 35.43
CA LEU D 4105 -14.90 7.08 34.78
C LEU D 4105 -14.03 5.83 34.69
N SER D 4106 -13.94 5.07 35.79
CA SER D 4106 -13.09 3.89 35.81
C SER D 4106 -13.58 2.84 34.83
N GLU D 4107 -14.90 2.64 34.74
CA GLU D 4107 -15.44 1.63 33.83
C GLU D 4107 -15.28 2.06 32.38
N HIS D 4108 -15.48 3.34 32.08
CA HIS D 4108 -15.40 3.79 30.70
C HIS D 4108 -13.95 3.85 30.20
N MET D 4109 -13.01 4.12 31.11
CA MET D 4109 -11.59 4.07 30.75
C MET D 4109 -10.88 3.05 31.63
N PRO D 4110 -10.60 1.85 31.14
CA PRO D 4110 -10.11 0.79 32.02
C PRO D 4110 -8.60 0.81 32.27
N ASN D 4111 -7.85 1.54 31.45
CA ASN D 4111 -6.39 1.47 31.48
C ASN D 4111 -5.75 2.84 31.50
N ASP D 4112 -6.22 3.73 32.37
CA ASP D 4112 -5.61 5.04 32.57
C ASP D 4112 -4.88 5.04 33.91
N THR D 4113 -3.55 5.02 33.87
CA THR D 4113 -2.75 4.83 35.07
C THR D 4113 -3.08 5.89 36.13
N ARG D 4114 -3.18 7.15 35.71
CA ARG D 4114 -3.59 8.20 36.63
C ARG D 4114 -4.96 7.90 37.22
N LEU D 4115 -5.86 7.33 36.42
CA LEU D 4115 -7.18 6.99 36.93
C LEU D 4115 -7.11 5.92 38.01
N GLN D 4116 -6.32 4.86 37.80
CA GLN D 4116 -6.20 3.86 38.87
C GLN D 4116 -5.54 4.43 40.11
N THR D 4117 -4.52 5.28 39.94
CA THR D 4117 -3.90 5.90 41.12
C THR D 4117 -4.92 6.71 41.91
N PHE D 4118 -5.67 7.57 41.22
CA PHE D 4118 -6.68 8.37 41.91
C PHE D 4118 -7.74 7.47 42.53
N LEU D 4119 -7.99 6.31 41.91
CA LEU D 4119 -8.89 5.33 42.51
C LEU D 4119 -8.37 4.78 43.82
N GLU D 4120 -7.08 4.42 43.90
CA GLU D 4120 -6.57 3.96 45.20
C GLU D 4120 -6.58 5.09 46.22
N LEU D 4121 -6.40 6.34 45.80
CA LEU D 4121 -6.68 7.44 46.72
C LEU D 4121 -8.14 7.47 47.15
N ALA D 4122 -9.05 7.03 46.27
CA ALA D 4122 -10.49 7.04 46.56
C ALA D 4122 -11.04 5.66 46.91
N GLU D 4123 -10.28 4.83 47.63
CA GLU D 4123 -10.74 3.47 47.90
C GLU D 4123 -11.89 3.45 48.92
N SER D 4124 -11.74 4.17 50.03
CA SER D 4124 -12.64 3.99 51.16
C SER D 4124 -14.08 4.34 50.81
N VAL D 4125 -14.29 5.47 50.13
CA VAL D 4125 -15.65 5.88 49.78
C VAL D 4125 -16.27 4.90 48.80
N LEU D 4126 -15.48 4.42 47.83
CA LEU D 4126 -15.99 3.45 46.88
C LEU D 4126 -16.38 2.15 47.57
N ASN D 4127 -15.54 1.68 48.50
CA ASN D 4127 -15.89 0.47 49.25
C ASN D 4127 -17.13 0.65 50.10
N TYR D 4128 -17.30 1.83 50.71
CA TYR D 4128 -18.50 2.07 51.50
C TYR D 4128 -19.76 2.11 50.64
N PHE D 4129 -19.68 2.74 49.46
CA PHE D 4129 -20.85 2.94 48.61
C PHE D 4129 -21.06 1.82 47.60
N GLN D 4130 -20.20 0.79 47.59
CA GLN D 4130 -20.39 -0.31 46.66
C GLN D 4130 -21.71 -1.05 46.86
N PRO D 4131 -22.13 -1.42 48.08
CA PRO D 4131 -23.43 -2.09 48.21
C PRO D 4131 -24.61 -1.25 47.75
N PHE D 4132 -24.54 0.07 47.91
CA PHE D 4132 -25.63 0.95 47.53
C PHE D 4132 -25.51 1.44 46.08
N LEU D 4133 -24.52 0.97 45.34
CA LEU D 4133 -24.31 1.36 43.95
C LEU D 4133 -24.70 0.20 43.04
N GLY D 4134 -25.56 0.50 42.06
CA GLY D 4134 -25.98 -0.49 41.09
C GLY D 4134 -25.71 -0.01 39.68
N ARG D 4135 -25.49 -0.98 38.79
CA ARG D 4135 -25.17 -0.69 37.40
C ARG D 4135 -25.96 -1.61 36.50
N ILE D 4136 -26.54 -1.06 35.44
CA ILE D 4136 -27.24 -1.83 34.42
C ILE D 4136 -26.81 -1.32 33.06
N GLU D 4137 -27.12 -2.10 32.03
CA GLU D 4137 -26.84 -1.74 30.64
C GLU D 4137 -28.16 -1.65 29.90
N ILE D 4138 -28.40 -0.52 29.24
CA ILE D 4138 -29.64 -0.27 28.52
C ILE D 4138 -29.33 -0.06 27.05
N MET D 4139 -30.36 -0.16 26.23
CA MET D 4139 -30.23 0.05 24.78
C MET D 4139 -30.49 1.53 24.52
N GLY D 4140 -29.41 2.32 24.47
CA GLY D 4140 -29.54 3.77 24.47
C GLY D 4140 -30.14 4.38 23.22
N SER D 4141 -30.53 5.65 23.31
CA SER D 4141 -31.13 6.35 22.18
C SER D 4141 -30.17 6.55 21.02
N ALA D 4142 -28.86 6.62 21.29
CA ALA D 4142 -27.87 6.77 20.24
C ALA D 4142 -27.57 5.46 19.51
N LYS D 4143 -28.44 4.47 19.64
CA LYS D 4143 -28.22 3.13 19.08
C LYS D 4143 -26.92 2.54 19.61
N ARG D 4144 -26.65 2.77 20.89
CA ARG D 4144 -25.50 2.21 21.58
C ARG D 4144 -25.90 1.73 22.96
N ILE D 4145 -25.14 0.77 23.48
CA ILE D 4145 -25.37 0.25 24.81
C ILE D 4145 -24.67 1.16 25.83
N GLU D 4146 -25.45 1.66 26.79
CA GLU D 4146 -24.93 2.60 27.78
C GLU D 4146 -25.25 2.08 29.18
N ARG D 4147 -24.39 2.45 30.12
CA ARG D 4147 -24.51 2.01 31.51
C ARG D 4147 -25.19 3.07 32.35
N VAL D 4148 -26.10 2.64 33.20
CA VAL D 4148 -26.86 3.53 34.09
C VAL D 4148 -26.49 3.20 35.53
N TYR D 4149 -26.11 4.24 36.27
CA TYR D 4149 -25.72 4.11 37.67
C TYR D 4149 -26.74 4.82 38.53
N PHE D 4150 -27.25 4.10 39.54
CA PHE D 4150 -28.34 4.58 40.38
C PHE D 4150 -28.14 4.12 41.81
N GLU D 4151 -29.08 4.48 42.68
CA GLU D 4151 -28.95 4.29 44.12
C GLU D 4151 -29.70 3.03 44.54
N ILE D 4152 -29.00 2.12 45.20
CA ILE D 4152 -29.62 0.97 45.82
C ILE D 4152 -29.93 1.30 47.27
N SER D 4153 -31.21 1.21 47.64
CA SER D 4153 -31.58 1.51 49.00
C SER D 4153 -31.45 0.28 49.89
N GLU D 4154 -31.06 0.53 51.15
CA GLU D 4154 -30.84 -0.55 52.10
C GLU D 4154 -32.12 -1.34 52.34
N SER D 4155 -33.25 -0.64 52.46
CA SER D 4155 -34.52 -1.33 52.65
C SER D 4155 -34.85 -2.23 51.47
N SER D 4156 -34.66 -1.72 50.25
CA SER D 4156 -34.95 -2.54 49.06
C SER D 4156 -34.05 -3.76 49.01
N ARG D 4157 -32.75 -3.59 49.30
CA ARG D 4157 -31.85 -4.74 49.27
C ARG D 4157 -32.22 -5.78 50.32
N THR D 4158 -32.57 -5.35 51.54
CA THR D 4158 -32.97 -6.30 52.57
C THR D 4158 -34.25 -7.03 52.19
N GLN D 4159 -35.26 -6.30 51.69
CA GLN D 4159 -36.49 -6.96 51.28
C GLN D 4159 -36.25 -7.91 50.13
N TRP D 4160 -35.32 -7.58 49.24
CA TRP D 4160 -34.98 -8.48 48.14
C TRP D 4160 -34.29 -9.74 48.66
N GLU D 4161 -33.41 -9.59 49.65
CA GLU D 4161 -32.70 -10.72 50.22
C GLU D 4161 -33.55 -11.54 51.19
N LYS D 4162 -34.75 -11.08 51.54
CA LYS D 4162 -35.62 -11.90 52.35
C LYS D 4162 -35.99 -13.19 51.61
N PRO D 4163 -36.13 -14.31 52.33
CA PRO D 4163 -36.27 -15.60 51.63
C PRO D 4163 -37.52 -15.74 50.78
N GLN D 4164 -38.64 -15.14 51.18
CA GLN D 4164 -39.87 -15.29 50.42
C GLN D 4164 -39.73 -14.69 49.02
N VAL D 4165 -39.09 -13.53 48.93
CA VAL D 4165 -38.80 -12.94 47.63
C VAL D 4165 -37.88 -13.82 46.81
N LYS D 4166 -36.92 -14.50 47.46
CA LYS D 4166 -36.05 -15.43 46.74
C LYS D 4166 -36.84 -16.61 46.16
N GLU D 4167 -37.79 -17.15 46.94
CA GLU D 4167 -38.65 -18.21 46.42
C GLU D 4167 -39.49 -17.72 45.26
N SER D 4168 -40.02 -16.49 45.37
CA SER D 4168 -40.77 -15.91 44.27
C SER D 4168 -39.92 -15.77 43.02
N LYS D 4169 -38.67 -15.35 43.19
CA LYS D 4169 -37.74 -15.25 42.06
C LYS D 4169 -37.51 -16.62 41.42
N ARG D 4170 -37.29 -17.65 42.24
CA ARG D 4170 -37.08 -18.98 41.69
C ARG D 4170 -38.30 -19.47 40.92
N GLN D 4171 -39.50 -19.25 41.47
CA GLN D 4171 -40.72 -19.67 40.79
C GLN D 4171 -40.89 -18.92 39.47
N PHE D 4172 -40.64 -17.60 39.48
CA PHE D 4172 -40.75 -16.82 38.24
C PHE D 4172 -39.75 -17.29 37.19
N ILE D 4173 -38.50 -17.56 37.58
CA ILE D 4173 -37.51 -18.06 36.63
C ILE D 4173 -37.94 -19.40 36.06
N PHE D 4174 -38.40 -20.33 36.92
CA PHE D 4174 -38.87 -21.62 36.44
C PHE D 4174 -40.00 -21.46 35.44
N ASP D 4175 -40.97 -20.59 35.75
CA ASP D 4175 -42.11 -20.40 34.86
C ASP D 4175 -41.68 -19.80 33.53
N VAL D 4176 -40.87 -18.74 33.56
CA VAL D 4176 -40.51 -18.05 32.32
C VAL D 4176 -39.59 -18.93 31.47
N VAL D 4177 -38.88 -19.86 32.10
CA VAL D 4177 -38.04 -20.76 31.32
C VAL D 4177 -38.86 -21.88 30.71
N ASN D 4178 -39.78 -22.47 31.48
CA ASN D 4178 -40.49 -23.65 31.00
C ASN D 4178 -41.66 -23.31 30.07
N GLU D 4179 -42.50 -22.36 30.45
CA GLU D 4179 -43.66 -22.00 29.64
C GLU D 4179 -43.59 -20.53 29.21
N GLY D 4180 -42.39 -20.07 28.90
CA GLY D 4180 -42.19 -18.70 28.47
C GLY D 4180 -41.63 -18.65 27.06
N GLY D 4181 -41.97 -17.57 26.37
CA GLY D 4181 -41.51 -17.34 25.00
C GLY D 4181 -40.77 -16.02 24.92
N GLU D 4182 -39.89 -15.90 23.91
CA GLU D 4182 -39.08 -14.70 23.77
C GLU D 4182 -39.92 -13.49 23.42
N LYS D 4183 -41.12 -13.70 22.87
CA LYS D 4183 -42.01 -12.57 22.58
C LYS D 4183 -42.40 -11.82 23.84
N GLU D 4184 -42.83 -12.52 24.89
CA GLU D 4184 -43.27 -11.89 26.11
C GLU D 4184 -42.41 -12.27 27.32
N LYS D 4185 -41.21 -12.78 27.10
CA LYS D 4185 -40.32 -13.08 28.22
C LYS D 4185 -40.02 -11.83 29.03
N MET D 4186 -39.63 -10.75 28.35
CA MET D 4186 -39.24 -9.55 29.05
C MET D 4186 -40.43 -8.78 29.59
N GLU D 4187 -41.58 -8.86 28.91
CA GLU D 4187 -42.86 -8.41 29.48
C GLU D 4187 -43.19 -9.11 30.79
N LEU D 4188 -43.04 -10.44 30.82
CA LEU D 4188 -43.25 -11.18 32.07
C LEU D 4188 -42.23 -10.76 33.13
N PHE D 4189 -40.99 -10.51 32.71
CA PHE D 4189 -39.98 -10.03 33.64
C PHE D 4189 -40.38 -8.69 34.25
N VAL D 4190 -40.89 -7.77 33.42
CA VAL D 4190 -41.34 -6.48 33.93
C VAL D 4190 -42.53 -6.64 34.87
N ASN D 4191 -43.48 -7.52 34.53
CA ASN D 4191 -44.62 -7.75 35.41
C ASN D 4191 -44.18 -8.32 36.75
N PHE D 4192 -43.27 -9.29 36.73
CA PHE D 4192 -42.72 -9.84 37.97
C PHE D 4192 -41.99 -8.77 38.77
N CYS D 4193 -41.23 -7.91 38.09
CA CYS D 4193 -40.52 -6.84 38.78
C CYS D 4193 -41.49 -5.88 39.46
N GLU D 4194 -42.57 -5.52 38.77
CA GLU D 4194 -43.56 -4.62 39.36
C GLU D 4194 -44.26 -5.26 40.57
N ASP D 4195 -44.66 -6.53 40.44
CA ASP D 4195 -45.30 -7.20 41.56
C ASP D 4195 -44.37 -7.32 42.75
N THR D 4196 -43.10 -7.68 42.49
CA THR D 4196 -42.10 -7.81 43.54
C THR D 4196 -41.80 -6.47 44.20
N ILE D 4197 -41.74 -5.39 43.42
CA ILE D 4197 -41.57 -4.05 43.99
C ILE D 4197 -42.75 -3.70 44.91
N PHE D 4198 -43.98 -3.98 44.46
CA PHE D 4198 -45.13 -3.69 45.30
C PHE D 4198 -45.09 -4.46 46.60
N GLU D 4199 -44.76 -5.76 46.53
CA GLU D 4199 -44.73 -6.55 47.76
C GLU D 4199 -43.58 -6.18 48.69
N MET D 4200 -42.40 -5.82 48.16
CA MET D 4200 -41.35 -5.31 49.02
C MET D 4200 -41.69 -3.96 49.64
N GLN D 4201 -42.32 -3.05 48.90
CA GLN D 4201 -42.79 -1.80 49.49
C GLN D 4201 -43.84 -2.01 50.57
N LEU D 4202 -44.71 -3.01 50.40
CA LEU D 4202 -45.66 -3.34 51.46
C LEU D 4202 -44.96 -3.96 52.68
N ALA D 4203 -44.02 -4.87 52.46
CA ALA D 4203 -43.33 -5.52 53.57
C ALA D 4203 -42.49 -4.53 54.38
N ALA D 4204 -41.75 -3.65 53.72
CA ALA D 4204 -40.97 -2.65 54.44
C ALA D 4204 -41.88 -1.69 55.21
N GLN D 4205 -43.02 -1.34 54.61
CA GLN D 4205 -43.96 -0.43 55.27
C GLN D 4205 -44.54 -1.08 56.54
N ILE D 4206 -44.94 -2.36 56.44
CA ILE D 4206 -45.54 -3.01 57.59
C ILE D 4206 -44.50 -3.32 58.66
N SER D 4207 -43.25 -3.56 58.25
CA SER D 4207 -42.21 -3.84 59.23
C SER D 4207 -41.81 -2.58 59.98
N GLU D 4208 -41.92 -2.63 61.31
CA GLU D 4208 -41.60 -1.52 62.18
C GLU D 4208 -40.62 -1.97 63.25
N SER D 4209 -39.71 -1.07 63.63
CA SER D 4209 -38.72 -1.37 64.65
C SER D 4209 -38.66 -0.27 65.70
N SER D 4237 -29.64 -26.47 73.17
CA SER D 4237 -28.47 -27.19 72.65
C SER D 4237 -27.23 -26.87 73.46
N ILE D 4238 -27.25 -25.71 74.13
CA ILE D 4238 -26.10 -25.31 74.94
C ILE D 4238 -25.91 -26.27 76.12
N LEU D 4239 -27.00 -26.81 76.65
CA LEU D 4239 -26.89 -27.82 77.71
C LEU D 4239 -26.19 -29.07 77.21
N THR D 4240 -26.55 -29.52 76.00
CA THR D 4240 -25.88 -30.68 75.41
C THR D 4240 -24.41 -30.40 75.13
N VAL D 4241 -24.08 -29.19 74.65
CA VAL D 4241 -22.68 -28.84 74.43
C VAL D 4241 -21.91 -28.85 75.73
N ARG D 4242 -22.50 -28.27 76.79
CA ARG D 4242 -21.86 -28.26 78.10
C ARG D 4242 -21.62 -29.67 78.61
N SER D 4243 -22.62 -30.55 78.49
CA SER D 4243 -22.46 -31.92 78.93
C SER D 4243 -21.40 -32.67 78.14
N ALA D 4244 -21.43 -32.59 76.81
CA ALA D 4244 -20.49 -33.28 75.95
C ALA D 4244 -19.07 -32.73 76.05
N LEU D 4245 -18.91 -31.48 76.49
CA LEU D 4245 -17.58 -30.91 76.71
C LEU D 4245 -17.05 -31.25 78.09
N PHE D 4246 -17.91 -31.22 79.11
CA PHE D 4246 -17.50 -31.65 80.44
C PHE D 4246 -17.10 -33.12 80.45
N ALA D 4247 -17.84 -33.96 79.73
CA ALA D 4247 -17.47 -35.37 79.66
C ALA D 4247 -16.14 -35.55 78.94
N LEU D 4248 -15.96 -34.90 77.80
CA LEU D 4248 -14.72 -35.00 77.05
C LEU D 4248 -13.53 -34.43 77.79
N ARG D 4249 -13.74 -33.51 78.74
CA ARG D 4249 -12.66 -33.08 79.59
C ARG D 4249 -12.39 -34.11 80.69
N TYR D 4250 -13.42 -34.42 81.47
CA TYR D 4250 -13.24 -35.24 82.67
C TYR D 4250 -12.73 -36.64 82.37
N ASN D 4251 -13.27 -37.29 81.33
CA ASN D 4251 -12.82 -38.64 81.01
C ASN D 4251 -11.35 -38.66 80.63
N ILE D 4252 -10.89 -37.66 79.88
CA ILE D 4252 -9.47 -37.60 79.51
C ILE D 4252 -8.62 -37.25 80.72
N LEU D 4253 -9.15 -36.43 81.63
CA LEU D 4253 -8.42 -36.18 82.88
C LEU D 4253 -8.24 -37.47 83.67
N THR D 4254 -9.28 -38.30 83.78
CA THR D 4254 -9.12 -39.58 84.45
C THR D 4254 -8.18 -40.51 83.69
N LEU D 4255 -8.18 -40.42 82.35
CA LEU D 4255 -7.26 -41.22 81.56
C LEU D 4255 -5.81 -40.86 81.86
N MET D 4256 -5.51 -39.57 81.97
CA MET D 4256 -4.16 -39.10 82.23
C MET D 4256 -3.85 -39.01 83.72
N ARG D 4257 -4.82 -39.34 84.57
CA ARG D 4257 -4.65 -39.20 86.02
C ARG D 4257 -3.57 -40.14 86.54
N MET D 4258 -3.47 -41.34 85.96
CA MET D 4258 -2.47 -42.29 86.44
C MET D 4258 -1.06 -41.83 86.07
N LEU D 4259 -0.88 -41.26 84.88
CA LEU D 4259 0.39 -40.62 84.56
C LEU D 4259 0.67 -39.44 85.49
N SER D 4260 -0.38 -38.68 85.84
CA SER D 4260 -0.20 -37.57 86.76
C SER D 4260 0.29 -38.04 88.12
N LEU D 4261 -0.27 -39.13 88.62
CA LEU D 4261 0.16 -39.74 89.87
C LEU D 4261 1.49 -40.47 89.75
N LYS D 4262 1.92 -40.77 88.53
CA LYS D 4262 3.12 -41.57 88.27
C LYS D 4262 2.90 -42.99 88.80
N SER D 4263 1.84 -43.63 88.29
CA SER D 4263 1.51 -44.99 88.64
C SER D 4263 2.18 -46.03 87.73
N LEU D 4264 3.02 -45.57 86.80
CA LEU D 4264 3.74 -46.45 85.90
C LEU D 4264 4.97 -47.06 86.55
N LYS D 4265 5.30 -46.63 87.78
CA LYS D 4265 6.43 -47.22 88.49
C LYS D 4265 6.21 -48.69 88.80
N LYS D 4266 4.94 -49.12 88.90
CA LYS D 4266 4.67 -50.54 89.08
C LYS D 4266 5.05 -51.34 87.84
N GLN D 4267 4.74 -50.83 86.65
CA GLN D 4267 5.15 -51.50 85.42
C GLN D 4267 6.62 -51.26 85.11
N MET D 4268 7.26 -50.33 85.80
CA MET D 4268 8.68 -50.06 85.58
C MET D 4268 9.57 -51.29 85.79
N LYS D 4269 9.36 -52.02 86.89
CA LYS D 4269 10.22 -53.16 87.20
C LYS D 4269 10.08 -54.25 86.16
N LYS D 4270 8.88 -54.46 85.63
CA LYS D 4270 8.66 -55.40 84.54
C LYS D 4270 9.21 -54.89 83.22
N VAL D 4271 9.18 -53.58 82.99
CA VAL D 4271 9.74 -52.97 81.79
C VAL D 4271 11.24 -53.15 81.80
N LYS D 4272 11.83 -53.23 83.00
CA LYS D 4272 13.27 -53.47 83.11
C LYS D 4272 13.70 -54.72 82.36
N LYS D 4273 12.79 -55.69 82.21
CA LYS D 4273 13.04 -56.87 81.39
C LYS D 4273 12.66 -56.58 79.94
N MET D 4274 13.58 -55.94 79.22
CA MET D 4274 13.34 -55.59 77.83
C MET D 4274 13.27 -56.85 76.97
N THR D 4275 12.07 -57.13 76.46
CA THR D 4275 11.89 -58.20 75.49
C THR D 4275 10.61 -57.95 74.70
N VAL D 4276 10.53 -58.56 73.52
CA VAL D 4276 9.46 -58.27 72.58
C VAL D 4276 8.11 -58.65 73.16
N LYS D 4277 8.01 -59.84 73.77
CA LYS D 4277 6.73 -60.29 74.31
C LYS D 4277 6.27 -59.41 75.45
N ASP D 4278 7.19 -59.04 76.35
CA ASP D 4278 6.82 -58.17 77.46
C ASP D 4278 6.35 -56.82 76.95
N MET D 4279 7.05 -56.26 75.95
CA MET D 4279 6.63 -54.97 75.41
C MET D 4279 5.29 -55.06 74.70
N VAL D 4280 5.03 -56.14 73.96
CA VAL D 4280 3.77 -56.26 73.23
C VAL D 4280 2.62 -56.39 74.22
N THR D 4281 2.79 -57.20 75.26
CA THR D 4281 1.75 -57.28 76.29
C THR D 4281 1.59 -55.96 77.02
N ALA D 4282 2.69 -55.21 77.21
CA ALA D 4282 2.60 -53.94 77.90
C ALA D 4282 1.77 -52.92 77.11
N PHE D 4283 2.03 -52.77 75.81
CA PHE D 4283 1.26 -51.76 75.09
C PHE D 4283 -0.14 -52.27 74.77
N PHE D 4284 -0.32 -53.59 74.73
CA PHE D 4284 -1.67 -54.13 74.66
C PHE D 4284 -2.46 -53.78 75.92
N SER D 4285 -1.81 -53.85 77.09
CA SER D 4285 -2.47 -53.45 78.33
C SER D 4285 -2.77 -51.96 78.31
N SER D 4286 -1.86 -51.15 77.77
CA SER D 4286 -2.09 -49.71 77.68
C SER D 4286 -3.30 -49.41 76.77
N TYR D 4287 -3.37 -50.09 75.62
CA TYR D 4287 -4.51 -49.88 74.73
C TYR D 4287 -5.79 -50.43 75.34
N TRP D 4288 -5.69 -51.49 76.15
CA TRP D 4288 -6.84 -52.01 76.87
C TRP D 4288 -7.34 -50.99 77.88
N SER D 4289 -6.42 -50.30 78.56
CA SER D 4289 -6.81 -49.22 79.45
C SER D 4289 -7.49 -48.09 78.69
N ILE D 4290 -6.96 -47.75 77.52
CA ILE D 4290 -7.59 -46.72 76.68
C ILE D 4290 -9.00 -47.15 76.30
N PHE D 4291 -9.17 -48.41 75.93
CA PHE D 4291 -10.46 -48.90 75.49
C PHE D 4291 -11.47 -48.97 76.64
N MET D 4292 -11.02 -49.33 77.85
CA MET D 4292 -11.93 -49.35 78.99
C MET D 4292 -12.30 -47.92 79.39
N THR D 4293 -11.37 -46.98 79.24
CA THR D 4293 -11.74 -45.57 79.43
C THR D 4293 -12.77 -45.13 78.41
N LEU D 4294 -12.63 -45.57 77.16
CA LEU D 4294 -13.64 -45.28 76.14
C LEU D 4294 -14.98 -45.90 76.51
N LEU D 4295 -14.95 -47.11 77.07
CA LEU D 4295 -16.19 -47.76 77.50
C LEU D 4295 -16.86 -46.98 78.62
N HIS D 4296 -16.06 -46.48 79.58
CA HIS D 4296 -16.61 -45.60 80.61
C HIS D 4296 -17.19 -44.34 80.00
N PHE D 4297 -16.52 -43.78 78.99
CA PHE D 4297 -17.05 -42.58 78.34
C PHE D 4297 -18.40 -42.84 77.68
N VAL D 4298 -18.51 -43.94 76.93
CA VAL D 4298 -19.76 -44.21 76.22
C VAL D 4298 -20.87 -44.57 77.21
N ALA D 4299 -20.53 -45.28 78.28
CA ALA D 4299 -21.50 -45.58 79.32
C ALA D 4299 -21.98 -44.32 80.02
N SER D 4300 -21.07 -43.37 80.28
CA SER D 4300 -21.48 -42.10 80.88
C SER D 4300 -22.33 -41.28 79.92
N VAL D 4301 -22.05 -41.38 78.62
CA VAL D 4301 -22.88 -40.69 77.64
C VAL D 4301 -24.30 -41.26 77.66
N PHE D 4302 -24.42 -42.59 77.69
CA PHE D 4302 -25.74 -43.20 77.80
C PHE D 4302 -26.43 -42.84 79.10
N ARG D 4303 -25.69 -42.80 80.20
CA ARG D 4303 -26.27 -42.43 81.49
C ARG D 4303 -26.79 -40.98 81.46
N GLY D 4304 -26.02 -40.07 80.87
CA GLY D 4304 -26.48 -38.70 80.75
C GLY D 4304 -27.67 -38.56 79.84
N PHE D 4305 -27.71 -39.35 78.76
CA PHE D 4305 -28.87 -39.35 77.88
C PHE D 4305 -30.12 -39.83 78.62
N PHE D 4306 -29.98 -40.89 79.42
CA PHE D 4306 -31.10 -41.38 80.21
C PHE D 4306 -31.52 -40.35 81.27
N ARG D 4307 -30.55 -39.64 81.85
CA ARG D 4307 -30.87 -38.60 82.82
C ARG D 4307 -31.65 -37.47 82.17
N ILE D 4308 -31.26 -37.07 80.96
CA ILE D 4308 -31.99 -36.04 80.23
C ILE D 4308 -33.39 -36.52 79.90
N ILE D 4309 -33.53 -37.80 79.54
CA ILE D 4309 -34.85 -38.35 79.26
C ILE D 4309 -35.72 -38.29 80.52
N CYS D 4310 -35.18 -38.69 81.66
CA CYS D 4310 -35.92 -38.71 82.91
C CYS D 4310 -35.62 -37.46 83.73
N PHE D 4480 -58.77 9.78 71.18
CA PHE D 4480 -59.03 10.51 69.94
C PHE D 4480 -58.68 9.67 68.71
N TRP D 4481 -59.05 10.19 67.53
CA TRP D 4481 -58.97 9.40 66.31
C TRP D 4481 -57.53 9.07 65.93
N LYS D 4482 -56.63 10.04 66.04
CA LYS D 4482 -55.28 9.86 65.51
C LYS D 4482 -54.46 8.86 66.29
N LYS D 4483 -54.85 8.56 67.53
CA LYS D 4483 -54.13 7.55 68.34
C LYS D 4483 -54.73 6.17 68.11
N ILE D 4484 -56.07 6.09 68.08
CA ILE D 4484 -56.72 4.80 67.91
C ILE D 4484 -56.46 4.24 66.52
N ILE D 4485 -56.47 5.10 65.49
CA ILE D 4485 -56.19 4.63 64.14
C ILE D 4485 -54.74 4.17 64.02
N ALA D 4486 -53.83 4.88 64.70
CA ALA D 4486 -52.42 4.45 64.70
C ALA D 4486 -52.25 3.09 65.35
N TYR D 4487 -52.91 2.88 66.49
CA TYR D 4487 -52.80 1.58 67.15
C TYR D 4487 -53.45 0.48 66.33
N GLN D 4488 -54.55 0.79 65.64
CA GLN D 4488 -55.17 -0.16 64.74
C GLN D 4488 -54.21 -0.54 63.61
N GLN D 4489 -53.55 0.46 63.03
CA GLN D 4489 -52.57 0.17 61.98
C GLN D 4489 -51.44 -0.69 62.50
N LYS D 4490 -51.00 -0.43 63.74
CA LYS D 4490 -49.96 -1.26 64.35
C LYS D 4490 -50.42 -2.70 64.50
N LEU D 4491 -51.66 -2.91 64.95
CA LEU D 4491 -52.17 -4.27 65.13
C LEU D 4491 -52.29 -5.00 63.79
N LEU D 4492 -52.81 -4.31 62.77
CA LEU D 4492 -52.94 -4.90 61.45
C LEU D 4492 -51.57 -5.25 60.87
N ASN D 4493 -50.58 -4.37 61.08
CA ASN D 4493 -49.22 -4.65 60.64
C ASN D 4493 -48.63 -5.86 61.38
N TYR D 4494 -48.92 -5.97 62.67
CA TYR D 4494 -48.47 -7.14 63.43
C TYR D 4494 -49.05 -8.43 62.87
N PHE D 4495 -50.34 -8.42 62.55
CA PHE D 4495 -50.96 -9.60 61.95
C PHE D 4495 -50.34 -9.92 60.60
N ALA D 4496 -50.09 -8.89 59.78
CA ALA D 4496 -49.44 -9.11 58.48
C ALA D 4496 -48.06 -9.71 58.65
N ARG D 4497 -47.30 -9.22 59.63
CA ARG D 4497 -45.96 -9.74 59.87
C ARG D 4497 -46.00 -11.19 60.34
N ASN D 4498 -46.97 -11.55 61.18
CA ASN D 4498 -47.02 -12.86 61.79
C ASN D 4498 -47.98 -13.81 61.07
N PHE D 4499 -48.39 -13.47 59.86
CA PHE D 4499 -49.32 -14.33 59.12
C PHE D 4499 -48.76 -15.75 58.93
N TYR D 4500 -47.51 -15.87 58.45
CA TYR D 4500 -46.94 -17.19 58.19
C TYR D 4500 -46.70 -17.98 59.47
N ASN D 4501 -46.16 -17.35 60.51
CA ASN D 4501 -45.89 -18.04 61.77
C ASN D 4501 -47.17 -18.61 62.36
N MET D 4502 -48.24 -17.82 62.38
CA MET D 4502 -49.50 -18.32 62.89
C MET D 4502 -50.10 -19.37 61.95
N ARG D 4503 -49.81 -19.29 60.65
CA ARG D 4503 -50.24 -20.33 59.73
C ARG D 4503 -49.62 -21.68 60.06
N MET D 4504 -48.32 -21.69 60.42
CA MET D 4504 -47.66 -22.94 60.81
C MET D 4504 -48.11 -23.39 62.20
N LEU D 4505 -48.36 -22.44 63.09
CA LEU D 4505 -48.72 -22.79 64.45
C LEU D 4505 -50.14 -23.32 64.51
N ALA D 4506 -51.01 -22.88 63.58
CA ALA D 4506 -52.32 -23.49 63.44
C ALA D 4506 -52.23 -24.96 63.06
N LEU D 4507 -51.32 -25.30 62.15
CA LEU D 4507 -51.03 -26.69 61.82
C LEU D 4507 -50.49 -27.47 63.01
N PHE D 4508 -49.62 -26.85 63.81
CA PHE D 4508 -49.15 -27.48 65.05
C PHE D 4508 -50.31 -27.79 65.99
N VAL D 4509 -51.22 -26.83 66.17
CA VAL D 4509 -52.39 -27.05 67.02
C VAL D 4509 -53.27 -28.14 66.43
N ALA D 4510 -53.37 -28.20 65.10
CA ALA D 4510 -54.16 -29.26 64.47
C ALA D 4510 -53.57 -30.63 64.74
N PHE D 4511 -52.25 -30.77 64.61
CA PHE D 4511 -51.57 -32.02 64.95
C PHE D 4511 -51.72 -32.38 66.43
N ALA D 4512 -51.74 -31.39 67.32
CA ALA D 4512 -51.98 -31.64 68.74
C ALA D 4512 -53.39 -32.13 69.00
N ILE D 4513 -54.40 -31.50 68.40
CA ILE D 4513 -55.78 -31.94 68.56
C ILE D 4513 -56.00 -33.32 67.96
N ASN D 4514 -55.40 -33.61 66.81
CA ASN D 4514 -55.55 -34.95 66.23
C ASN D 4514 -54.83 -35.99 67.08
N PHE D 4515 -53.68 -35.64 67.65
CA PHE D 4515 -53.00 -36.58 68.54
C PHE D 4515 -53.82 -36.86 69.79
N ILE D 4516 -54.49 -35.83 70.34
CA ILE D 4516 -55.31 -36.06 71.52
C ILE D 4516 -56.62 -36.76 71.15
N LEU D 4517 -57.05 -36.64 69.89
CA LEU D 4517 -58.19 -37.39 69.39
C LEU D 4517 -57.84 -38.83 69.06
N LEU D 4518 -56.56 -39.16 68.94
CA LEU D 4518 -56.13 -40.54 68.77
C LEU D 4518 -56.56 -41.44 69.91
N PHE D 4519 -56.89 -40.87 71.08
CA PHE D 4519 -57.38 -41.63 72.22
C PHE D 4519 -58.90 -41.57 72.35
N TYR D 4520 -59.60 -41.17 71.29
CA TYR D 4520 -61.05 -41.03 71.34
C TYR D 4520 -61.70 -42.42 71.35
N LYS D 4521 -62.81 -42.54 72.07
CA LYS D 4521 -63.44 -43.83 72.29
C LYS D 4521 -64.95 -43.70 72.29
N VAL D 4522 -65.61 -44.72 71.76
CA VAL D 4522 -67.07 -44.81 71.76
C VAL D 4522 -67.52 -45.48 73.05
N SER D 4523 -68.37 -44.80 73.80
CA SER D 4523 -68.94 -45.34 75.02
C SER D 4523 -70.37 -45.81 74.78
N THR D 4524 -70.73 -46.91 75.42
CA THR D 4524 -72.06 -47.49 75.28
C THR D 4524 -72.87 -47.33 76.56
N ILE D 4555 -80.74 -47.48 70.50
CA ILE D 4555 -79.48 -47.60 71.22
C ILE D 4555 -78.96 -46.21 71.59
N ALA D 4556 -78.18 -46.14 72.66
CA ALA D 4556 -77.57 -44.90 73.12
C ALA D 4556 -76.10 -44.91 72.71
N VAL D 4557 -75.70 -43.89 71.93
CA VAL D 4557 -74.34 -43.76 71.43
C VAL D 4557 -73.68 -42.59 72.13
N HIS D 4558 -72.54 -42.84 72.76
CA HIS D 4558 -71.79 -41.82 73.49
C HIS D 4558 -70.41 -41.65 72.87
N TYR D 4559 -69.71 -40.61 73.31
CA TYR D 4559 -68.36 -40.31 72.84
C TYR D 4559 -67.61 -39.62 73.98
N VAL D 4560 -66.69 -40.34 74.60
CA VAL D 4560 -65.91 -39.81 75.72
C VAL D 4560 -64.45 -40.25 75.55
N LEU D 4561 -63.53 -39.33 75.83
CA LEU D 4561 -62.10 -39.64 75.77
C LEU D 4561 -61.67 -40.38 77.02
N GLU D 4562 -60.76 -41.34 76.84
CA GLU D 4562 -60.09 -41.95 77.98
C GLU D 4562 -58.95 -41.04 78.44
N GLU D 4563 -59.11 -40.47 79.64
CA GLU D 4563 -58.17 -39.48 80.16
C GLU D 4563 -57.35 -40.13 81.30
N SER D 4564 -56.14 -40.56 80.97
CA SER D 4564 -55.25 -41.10 81.98
C SER D 4564 -54.84 -40.02 82.98
N SER D 4565 -54.51 -38.82 82.49
CA SER D 4565 -54.16 -37.72 83.38
C SER D 4565 -55.39 -37.10 84.01
N GLY D 4566 -56.56 -37.28 83.40
CA GLY D 4566 -57.78 -36.67 83.90
C GLY D 4566 -58.02 -35.25 83.44
N TYR D 4567 -57.15 -34.68 82.63
CA TYR D 4567 -57.28 -33.30 82.17
C TYR D 4567 -57.28 -33.20 80.65
N MET D 4568 -57.47 -34.31 79.94
CA MET D 4568 -57.44 -34.26 78.48
C MET D 4568 -58.61 -33.47 77.92
N GLU D 4569 -59.80 -33.59 78.52
CA GLU D 4569 -60.96 -32.88 78.00
C GLU D 4569 -60.79 -31.36 78.05
N PRO D 4570 -60.42 -30.75 79.19
CA PRO D 4570 -60.11 -29.31 79.16
C PRO D 4570 -58.96 -29.00 78.22
N THR D 4571 -58.01 -29.92 78.08
CA THR D 4571 -56.86 -29.69 77.21
C THR D 4571 -57.30 -29.48 75.77
N LEU D 4572 -58.09 -30.40 75.21
CA LEU D 4572 -58.47 -30.19 73.83
C LEU D 4572 -59.58 -29.16 73.69
N ARG D 4573 -60.33 -28.87 74.75
CA ARG D 4573 -61.24 -27.72 74.65
C ARG D 4573 -60.47 -26.42 74.48
N ILE D 4574 -59.43 -26.22 75.29
CA ILE D 4574 -58.57 -25.06 75.15
C ILE D 4574 -57.88 -25.08 73.78
N LEU D 4575 -57.45 -26.25 73.33
CA LEU D 4575 -56.80 -26.36 72.03
C LEU D 4575 -57.73 -25.97 70.90
N ALA D 4576 -59.00 -26.40 70.97
CA ALA D 4576 -59.97 -26.04 69.93
C ALA D 4576 -60.27 -24.55 69.94
N ILE D 4577 -60.43 -23.96 71.13
CA ILE D 4577 -60.67 -22.52 71.20
C ILE D 4577 -59.46 -21.76 70.63
N LEU D 4578 -58.24 -22.19 70.99
CA LEU D 4578 -57.04 -21.54 70.47
C LEU D 4578 -56.95 -21.68 68.95
N HIS D 4579 -57.29 -22.87 68.43
CA HIS D 4579 -57.26 -23.09 66.98
C HIS D 4579 -58.25 -22.18 66.28
N THR D 4580 -59.46 -22.04 66.82
CA THR D 4580 -60.45 -21.15 66.24
C THR D 4580 -60.02 -19.69 66.27
N VAL D 4581 -59.44 -19.22 67.37
CA VAL D 4581 -58.91 -17.86 67.45
C VAL D 4581 -57.77 -17.64 66.47
N ILE D 4582 -56.89 -18.64 66.33
CA ILE D 4582 -55.78 -18.54 65.39
C ILE D 4582 -56.31 -18.51 63.96
N SER D 4583 -57.40 -19.21 63.69
CA SER D 4583 -58.00 -19.13 62.36
C SER D 4583 -58.48 -17.71 62.07
N PHE D 4584 -59.11 -17.06 63.05
CA PHE D 4584 -59.54 -15.68 62.87
C PHE D 4584 -58.35 -14.75 62.64
N PHE D 4585 -57.27 -14.94 63.41
CA PHE D 4585 -56.07 -14.15 63.20
C PHE D 4585 -55.43 -14.39 61.84
N CYS D 4586 -55.45 -15.62 61.34
CA CYS D 4586 -54.95 -15.90 60.00
C CYS D 4586 -55.82 -15.26 58.93
N ILE D 4587 -57.14 -15.30 59.10
CA ILE D 4587 -58.05 -14.56 58.22
C ILE D 4587 -57.72 -13.07 58.19
N ILE D 4588 -57.50 -12.46 59.34
CA ILE D 4588 -57.11 -11.05 59.39
C ILE D 4588 -55.76 -10.83 58.70
N GLY D 4589 -54.78 -11.69 58.97
CA GLY D 4589 -53.45 -11.49 58.41
C GLY D 4589 -53.42 -11.64 56.90
N TYR D 4590 -54.23 -12.56 56.36
CA TYR D 4590 -54.36 -12.67 54.91
C TYR D 4590 -54.84 -11.36 54.30
N TYR D 4591 -55.93 -10.80 54.84
CA TYR D 4591 -56.44 -9.53 54.36
C TYR D 4591 -55.45 -8.39 54.54
N CYS D 4592 -54.60 -8.47 55.56
CA CYS D 4592 -53.54 -7.48 55.72
C CYS D 4592 -52.48 -7.59 54.62
N LEU D 4593 -52.01 -8.80 54.35
CA LEU D 4593 -50.78 -8.97 53.58
C LEU D 4593 -51.03 -9.34 52.12
N LYS D 4594 -51.78 -10.42 51.88
CA LYS D 4594 -51.86 -10.95 50.52
C LYS D 4594 -52.92 -10.24 49.70
N VAL D 4595 -54.00 -9.75 50.35
CA VAL D 4595 -55.06 -9.08 49.60
C VAL D 4595 -54.56 -7.85 48.85
N PRO D 4596 -53.75 -6.96 49.43
CA PRO D 4596 -53.25 -5.83 48.63
C PRO D 4596 -52.50 -6.24 47.38
N LEU D 4597 -51.72 -7.32 47.43
CA LEU D 4597 -51.00 -7.75 46.24
C LEU D 4597 -51.94 -8.21 45.13
N VAL D 4598 -52.97 -8.99 45.50
CA VAL D 4598 -53.93 -9.47 44.50
C VAL D 4598 -54.71 -8.29 43.92
N ILE D 4599 -55.12 -7.36 44.78
CA ILE D 4599 -55.83 -6.17 44.30
C ILE D 4599 -54.95 -5.37 43.35
N PHE D 4600 -53.67 -5.19 43.69
CA PHE D 4600 -52.75 -4.48 42.82
C PHE D 4600 -52.60 -5.18 41.47
N LYS D 4601 -52.45 -6.51 41.50
CA LYS D 4601 -52.32 -7.26 40.25
C LYS D 4601 -53.54 -7.08 39.36
N ARG D 4602 -54.74 -7.32 39.90
CA ARG D 4602 -55.93 -7.22 39.07
C ARG D 4602 -56.17 -5.79 38.60
N GLU D 4603 -55.92 -4.82 39.49
CA GLU D 4603 -56.12 -3.41 39.14
C GLU D 4603 -55.19 -2.96 38.04
N LYS D 4604 -53.90 -3.28 38.13
CA LYS D 4604 -52.98 -2.95 37.04
C LYS D 4604 -53.32 -3.68 35.76
N GLU D 4605 -53.75 -4.95 35.84
CA GLU D 4605 -54.13 -5.65 34.62
C GLU D 4605 -55.32 -4.99 33.93
N VAL D 4606 -56.34 -4.59 34.71
CA VAL D 4606 -57.47 -3.87 34.13
C VAL D 4606 -57.03 -2.54 33.54
N ALA D 4607 -56.13 -1.83 34.23
CA ALA D 4607 -55.66 -0.55 33.73
C ALA D 4607 -54.95 -0.72 32.39
N ARG D 4608 -54.07 -1.72 32.28
CA ARG D 4608 -53.37 -1.95 31.03
C ARG D 4608 -54.33 -2.36 29.92
N LYS D 4609 -55.29 -3.24 30.22
CA LYS D 4609 -56.26 -3.63 29.20
C LYS D 4609 -57.09 -2.43 28.75
N LEU D 4610 -57.35 -1.49 29.66
CA LEU D 4610 -58.12 -0.31 29.30
C LEU D 4610 -57.32 0.62 28.41
N GLU D 4611 -56.07 0.90 28.78
CA GLU D 4611 -55.30 1.90 28.04
C GLU D 4611 -54.82 1.36 26.70
N PHE D 4612 -54.42 0.09 26.65
CA PHE D 4612 -53.80 -0.43 25.43
C PHE D 4612 -54.76 -1.23 24.57
N ASP D 4613 -55.77 -1.85 25.18
CA ASP D 4613 -56.71 -2.70 24.44
C ASP D 4613 -58.13 -2.15 24.44
N GLY D 4614 -58.46 -1.23 25.35
CA GLY D 4614 -59.77 -0.60 25.34
C GLY D 4614 -60.93 -1.57 25.50
N LEU D 4615 -60.83 -2.47 26.48
CA LEU D 4615 -61.79 -3.55 26.66
C LEU D 4615 -63.18 -3.06 27.06
N TYR D 4616 -63.39 -1.76 27.19
CA TYR D 4616 -64.70 -1.20 27.50
C TYR D 4616 -65.13 -0.14 26.50
N ILE D 4617 -64.33 0.12 25.46
CA ILE D 4617 -64.67 1.12 24.45
C ILE D 4617 -64.63 0.51 23.05
N THR D 4618 -63.50 -0.13 22.70
CA THR D 4618 -63.41 -0.73 21.37
C THR D 4618 -63.77 -2.21 21.43
N GLU D 4619 -63.83 -2.76 22.63
CA GLU D 4619 -64.11 -4.16 22.87
C GLU D 4619 -65.02 -4.23 24.09
N GLN D 4620 -65.75 -5.34 24.22
CA GLN D 4620 -66.58 -5.61 25.38
C GLN D 4620 -66.44 -7.06 25.77
N PRO D 4621 -66.48 -7.36 27.07
CA PRO D 4621 -66.26 -8.74 27.52
C PRO D 4621 -67.24 -9.70 26.88
N SER D 4622 -66.74 -10.90 26.55
CA SER D 4622 -67.52 -11.89 25.84
C SER D 4622 -68.63 -12.49 26.71
N GLU D 4623 -68.84 -11.95 27.90
CA GLU D 4623 -69.85 -12.33 28.88
C GLU D 4623 -69.59 -13.69 29.50
N ASP D 4624 -68.55 -14.41 29.08
CA ASP D 4624 -68.12 -15.62 29.77
C ASP D 4624 -66.94 -15.38 30.71
N ASP D 4625 -66.46 -14.15 30.81
CA ASP D 4625 -65.36 -13.79 31.68
C ASP D 4625 -65.91 -13.01 32.87
N ILE D 4626 -66.18 -13.72 33.96
CA ILE D 4626 -66.67 -13.08 35.18
C ILE D 4626 -65.69 -12.05 35.73
N LYS D 4627 -64.39 -12.25 35.50
CA LYS D 4627 -63.40 -11.25 35.93
C LYS D 4627 -63.65 -9.91 35.25
N GLY D 4628 -63.78 -9.92 33.93
CA GLY D 4628 -64.05 -8.67 33.22
C GLY D 4628 -65.41 -8.10 33.53
N GLN D 4629 -66.43 -8.96 33.64
CA GLN D 4629 -67.77 -8.50 33.98
C GLN D 4629 -67.78 -7.81 35.33
N TRP D 4630 -67.00 -8.33 36.29
CA TRP D 4630 -66.94 -7.71 37.61
C TRP D 4630 -66.09 -6.46 37.60
N ASP D 4631 -64.98 -6.46 36.85
CA ASP D 4631 -64.09 -5.31 36.78
C ASP D 4631 -64.68 -4.16 35.98
N ARG D 4632 -65.77 -4.38 35.25
CA ARG D 4632 -66.47 -3.27 34.62
C ARG D 4632 -66.92 -2.24 35.66
N LEU D 4633 -67.13 -2.66 36.91
CA LEU D 4633 -67.62 -1.75 37.93
C LEU D 4633 -66.54 -0.79 38.41
N VAL D 4634 -65.29 -1.25 38.44
CA VAL D 4634 -64.24 -0.50 39.15
C VAL D 4634 -63.83 0.74 38.35
N ILE D 4635 -64.07 0.76 37.05
CA ILE D 4635 -63.63 1.89 36.22
C ILE D 4635 -64.40 3.15 36.59
N ASN D 4636 -65.67 2.99 36.95
CA ASN D 4636 -66.49 4.14 37.31
C ASN D 4636 -66.07 4.75 38.64
N THR D 4637 -65.41 3.96 39.50
CA THR D 4637 -65.06 4.42 40.83
C THR D 4637 -63.99 5.51 40.77
N GLN D 4638 -63.99 6.37 41.77
CA GLN D 4638 -63.00 7.43 41.90
C GLN D 4638 -61.78 7.01 42.71
N SER D 4639 -61.74 5.78 43.21
CA SER D 4639 -60.63 5.26 43.98
C SER D 4639 -59.77 4.30 43.18
N PHE D 4640 -59.77 4.42 41.85
CA PHE D 4640 -59.00 3.55 40.96
C PHE D 4640 -57.56 4.06 41.02
N PRO D 4641 -56.61 3.50 40.25
CA PRO D 4641 -55.26 3.23 40.79
C PRO D 4641 -55.09 3.41 42.30
N ASN D 4642 -55.84 2.64 43.08
CA ASN D 4642 -55.64 2.66 44.53
C ASN D 4642 -54.30 2.04 44.90
N ASN D 4643 -53.97 0.89 44.31
CA ASN D 4643 -52.71 0.22 44.56
C ASN D 4643 -51.71 0.41 43.43
N TYR D 4644 -52.18 0.40 42.19
CA TYR D 4644 -51.31 0.65 41.05
C TYR D 4644 -50.75 2.07 41.14
N TRP D 4645 -49.44 2.19 40.92
CA TRP D 4645 -48.78 3.48 41.12
C TRP D 4645 -49.28 4.53 40.13
N ASP D 4646 -49.48 4.15 38.88
CA ASP D 4646 -49.82 5.11 37.82
C ASP D 4646 -51.25 5.59 38.01
N LYS D 4647 -51.41 6.71 38.70
CA LYS D 4647 -52.71 7.36 38.85
C LYS D 4647 -53.13 8.11 37.60
N PHE D 4648 -52.35 8.01 36.52
CA PHE D 4648 -52.56 8.78 35.30
C PHE D 4648 -53.28 7.99 34.22
N VAL D 4649 -53.81 6.80 34.54
CA VAL D 4649 -54.42 5.97 33.51
C VAL D 4649 -55.70 6.60 32.98
N LYS D 4650 -56.48 7.25 33.85
CA LYS D 4650 -57.70 7.92 33.42
C LYS D 4650 -57.43 9.07 32.46
N ARG D 4651 -56.24 9.66 32.51
CA ARG D 4651 -55.87 10.69 31.55
C ARG D 4651 -55.19 10.11 30.31
N LYS D 4652 -54.45 9.01 30.47
CA LYS D 4652 -53.86 8.34 29.31
C LYS D 4652 -54.96 7.83 28.38
N VAL D 4653 -55.99 7.20 28.95
CA VAL D 4653 -57.10 6.70 28.13
C VAL D 4653 -57.82 7.87 27.46
N MET D 4654 -58.03 8.95 28.20
CA MET D 4654 -58.68 10.13 27.63
C MET D 4654 -57.91 10.69 26.45
N ASP D 4655 -56.58 10.85 26.59
CA ASP D 4655 -55.78 11.36 25.48
C ASP D 4655 -55.75 10.39 24.31
N LYS D 4656 -55.71 9.09 24.59
CA LYS D 4656 -55.57 8.11 23.52
C LYS D 4656 -56.86 7.97 22.71
N TYR D 4657 -58.01 7.91 23.37
CA TYR D 4657 -59.27 7.58 22.73
C TYR D 4657 -60.32 8.67 22.86
N GLY D 4658 -59.93 9.91 23.14
CA GLY D 4658 -60.92 10.95 23.38
C GLY D 4658 -61.73 11.33 22.16
N GLU D 4659 -61.10 11.37 20.99
CA GLU D 4659 -61.74 11.91 19.79
C GLU D 4659 -62.65 10.89 19.12
N PHE D 4660 -62.27 9.62 19.11
CA PHE D 4660 -62.99 8.64 18.30
C PHE D 4660 -64.30 8.23 18.95
N TYR D 4661 -64.37 8.29 20.28
CA TYR D 4661 -65.59 7.97 21.03
C TYR D 4661 -66.21 9.18 21.72
N GLY D 4662 -65.49 10.29 21.84
CA GLY D 4662 -66.07 11.49 22.41
C GLY D 4662 -65.73 11.73 23.86
N ARG D 4663 -65.09 12.89 24.13
CA ARG D 4663 -64.75 13.28 25.50
C ARG D 4663 -65.87 13.00 26.48
N ASP D 4664 -67.11 13.32 26.12
CA ASP D 4664 -68.24 13.06 27.01
C ASP D 4664 -68.39 11.58 27.32
N ARG D 4665 -68.29 10.72 26.31
CA ARG D 4665 -68.51 9.30 26.54
C ARG D 4665 -67.38 8.69 27.37
N ILE D 4666 -66.12 9.06 27.07
CA ILE D 4666 -65.03 8.53 27.90
C ILE D 4666 -65.12 9.07 29.32
N SER D 4667 -65.49 10.34 29.50
CA SER D 4667 -65.66 10.89 30.84
C SER D 4667 -66.77 10.21 31.62
N GLU D 4668 -67.89 9.88 30.97
CA GLU D 4668 -68.96 9.13 31.62
C GLU D 4668 -68.55 7.71 31.95
N LEU D 4669 -67.80 7.05 31.07
CA LEU D 4669 -67.37 5.68 31.33
C LEU D 4669 -66.36 5.63 32.47
N LEU D 4670 -65.46 6.61 32.54
CA LEU D 4670 -64.48 6.68 33.61
C LEU D 4670 -65.01 7.38 34.85
N GLY D 4671 -66.20 7.97 34.76
CA GLY D 4671 -66.79 8.61 35.94
C GLY D 4671 -66.00 9.78 36.47
N MET D 4672 -65.49 10.63 35.58
CA MET D 4672 -64.72 11.79 35.97
C MET D 4672 -65.51 13.06 35.72
N ASP D 4673 -65.32 14.06 36.58
CA ASP D 4673 -66.08 15.30 36.52
C ASP D 4673 -65.30 16.35 35.71
N LYS D 4674 -65.39 16.19 34.37
CA LYS D 4674 -64.78 17.17 33.49
C LYS D 4674 -65.44 18.53 33.60
N ALA D 4675 -66.74 18.55 33.93
CA ALA D 4675 -67.41 19.83 34.18
C ALA D 4675 -66.87 20.51 35.42
N ALA D 4676 -66.61 19.75 36.49
CA ALA D 4676 -66.01 20.31 37.69
C ALA D 4676 -64.54 20.65 37.52
N LEU D 4677 -63.87 20.04 36.54
CA LEU D 4677 -62.48 20.40 36.26
C LEU D 4677 -62.37 21.87 35.82
N ASP D 4678 -63.30 22.31 34.98
CA ASP D 4678 -63.32 23.73 34.58
C ASP D 4678 -63.57 24.63 35.77
N PHE D 4679 -64.56 24.29 36.61
CA PHE D 4679 -64.80 25.06 37.82
C PHE D 4679 -63.63 24.99 38.78
N SER D 4680 -62.95 23.85 38.86
CA SER D 4680 -61.78 23.75 39.73
C SER D 4680 -60.68 24.69 39.24
N ASP D 4681 -60.38 24.67 37.94
CA ASP D 4681 -59.37 25.57 37.41
C ASP D 4681 -59.80 27.03 37.56
N ALA D 4682 -61.11 27.29 37.56
CA ALA D 4682 -61.63 28.62 37.84
C ALA D 4682 -61.67 28.88 39.34
N ARG D 4683 -62.34 29.93 39.75
CA ARG D 4683 -62.44 30.31 41.16
C ARG D 4683 -63.41 29.35 41.85
N GLU D 4684 -62.90 28.57 42.79
CA GLU D 4684 -63.70 27.64 43.58
C GLU D 4684 -63.84 28.18 45.00
N LYS D 4685 -65.07 28.21 45.48
CA LYS D 4685 -65.35 28.80 46.79
C LYS D 4685 -64.80 27.93 47.91
N LYS D 4686 -64.45 28.58 49.02
CA LYS D 4686 -63.92 27.88 50.18
C LYS D 4686 -65.05 27.22 50.96
N LYS D 4687 -64.79 25.99 51.42
CA LYS D 4687 -65.78 25.22 52.18
C LYS D 4687 -65.12 24.67 53.44
N PRO D 4688 -65.85 24.60 54.55
CA PRO D 4688 -65.30 23.95 55.75
C PRO D 4688 -65.21 22.44 55.54
N LYS D 4689 -64.12 21.85 56.01
CA LYS D 4689 -63.88 20.42 55.84
C LYS D 4689 -62.99 19.91 56.97
N LYS D 4690 -63.44 18.85 57.63
CA LYS D 4690 -62.65 18.18 58.66
C LYS D 4690 -62.97 16.69 58.64
N ASP D 4691 -61.95 15.88 58.91
CA ASP D 4691 -62.12 14.44 58.93
C ASP D 4691 -62.69 13.93 60.25
N SER D 4692 -62.84 14.82 61.24
CA SER D 4692 -63.42 14.41 62.53
C SER D 4692 -64.88 13.98 62.36
N SER D 4693 -65.56 14.52 61.36
CA SER D 4693 -66.98 14.22 61.18
C SER D 4693 -67.17 12.79 60.67
N LEU D 4694 -68.08 12.06 61.33
CA LEU D 4694 -68.40 10.71 60.88
C LEU D 4694 -69.01 10.73 59.49
N SER D 4695 -69.87 11.71 59.21
CA SER D 4695 -70.42 11.85 57.86
C SER D 4695 -69.31 12.11 56.85
N ALA D 4696 -68.35 12.96 57.21
CA ALA D 4696 -67.25 13.28 56.31
C ALA D 4696 -66.41 12.05 56.00
N VAL D 4697 -66.08 11.27 57.03
CA VAL D 4697 -65.27 10.07 56.79
C VAL D 4697 -66.07 9.03 56.01
N LEU D 4698 -67.39 8.97 56.23
CA LEU D 4698 -68.22 8.07 55.45
C LEU D 4698 -68.22 8.47 53.98
N ASN D 4699 -68.32 9.76 53.69
CA ASN D 4699 -68.25 10.22 52.30
C ASN D 4699 -66.87 9.93 51.71
N SER D 4700 -65.81 10.06 52.52
CA SER D 4700 -64.48 9.74 52.03
C SER D 4700 -64.37 8.27 51.66
N ILE D 4701 -64.98 7.39 52.45
CA ILE D 4701 -65.03 5.97 52.10
C ILE D 4701 -65.85 5.79 50.84
N ASP D 4702 -65.28 5.09 49.86
CA ASP D 4702 -65.95 4.83 48.59
C ASP D 4702 -66.66 3.48 48.69
N VAL D 4703 -68.00 3.52 48.67
CA VAL D 4703 -68.78 2.30 48.87
C VAL D 4703 -68.63 1.34 47.71
N LYS D 4704 -68.59 1.87 46.48
CA LYS D 4704 -68.57 1.01 45.30
C LYS D 4704 -67.19 0.37 45.11
N TYR D 4705 -66.13 1.12 45.40
CA TYR D 4705 -64.80 0.53 45.32
C TYR D 4705 -64.61 -0.55 46.37
N GLN D 4706 -65.12 -0.33 47.58
CA GLN D 4706 -65.08 -1.38 48.59
C GLN D 4706 -65.92 -2.58 48.19
N MET D 4707 -67.05 -2.35 47.53
CA MET D 4707 -67.85 -3.44 46.99
C MET D 4707 -67.05 -4.27 45.99
N TRP D 4708 -66.36 -3.60 45.07
CA TRP D 4708 -65.52 -4.29 44.09
C TRP D 4708 -64.40 -5.07 44.77
N LYS D 4709 -63.76 -4.44 45.77
CA LYS D 4709 -62.66 -5.10 46.48
C LYS D 4709 -63.15 -6.34 47.21
N LEU D 4710 -64.32 -6.24 47.86
CA LEU D 4710 -64.88 -7.40 48.54
C LEU D 4710 -65.21 -8.51 47.56
N GLY D 4711 -65.75 -8.16 46.39
CA GLY D 4711 -66.00 -9.17 45.37
C GLY D 4711 -64.73 -9.86 44.93
N VAL D 4712 -63.66 -9.09 44.70
CA VAL D 4712 -62.39 -9.68 44.28
C VAL D 4712 -61.84 -10.59 45.37
N VAL D 4713 -61.90 -10.16 46.62
CA VAL D 4713 -61.38 -10.95 47.72
C VAL D 4713 -62.16 -12.25 47.86
N PHE D 4714 -63.49 -12.17 47.72
CA PHE D 4714 -64.31 -13.39 47.79
C PHE D 4714 -64.00 -14.32 46.63
N THR D 4715 -63.69 -13.75 45.46
CA THR D 4715 -63.32 -14.59 44.32
C THR D 4715 -61.96 -15.24 44.51
N ASP D 4716 -61.08 -14.61 45.28
CA ASP D 4716 -59.72 -15.12 45.48
C ASP D 4716 -59.75 -16.53 46.06
N ASN D 4717 -58.88 -17.39 45.51
CA ASN D 4717 -58.90 -18.81 45.86
C ASN D 4717 -58.36 -19.05 47.27
N SER D 4718 -57.24 -18.40 47.61
CA SER D 4718 -56.63 -18.62 48.93
C SER D 4718 -57.53 -18.11 50.04
N PHE D 4719 -58.23 -17.00 49.80
CA PHE D 4719 -59.21 -16.53 50.77
C PHE D 4719 -60.33 -17.54 50.96
N LEU D 4720 -60.76 -18.20 49.87
CA LEU D 4720 -61.76 -19.24 49.99
C LEU D 4720 -61.24 -20.42 50.80
N TYR D 4721 -59.97 -20.79 50.59
CA TYR D 4721 -59.39 -21.87 51.39
C TYR D 4721 -59.34 -21.52 52.87
N LEU D 4722 -58.95 -20.28 53.19
CA LEU D 4722 -58.91 -19.87 54.59
C LEU D 4722 -60.31 -19.80 55.19
N ALA D 4723 -61.31 -19.37 54.42
CA ALA D 4723 -62.68 -19.38 54.90
C ALA D 4723 -63.17 -20.81 55.13
N TRP D 4724 -62.76 -21.74 54.27
CA TRP D 4724 -63.10 -23.15 54.49
C TRP D 4724 -62.44 -23.67 55.77
N TYR D 4725 -61.20 -23.25 56.03
CA TYR D 4725 -60.54 -23.59 57.28
C TYR D 4725 -61.33 -23.07 58.47
N MET D 4726 -61.78 -21.81 58.42
CA MET D 4726 -62.66 -21.26 59.44
C MET D 4726 -63.92 -22.10 59.64
N THR D 4727 -64.60 -22.43 58.54
CA THR D 4727 -65.84 -23.18 58.63
C THR D 4727 -65.61 -24.56 59.24
N MET D 4728 -64.51 -25.22 58.85
CA MET D 4728 -64.22 -26.53 59.40
C MET D 4728 -63.89 -26.46 60.89
N SER D 4729 -63.18 -25.42 61.31
CA SER D 4729 -62.92 -25.26 62.74
C SER D 4729 -64.21 -25.01 63.52
N VAL D 4730 -65.09 -24.17 62.98
CA VAL D 4730 -66.35 -23.87 63.65
C VAL D 4730 -67.19 -25.13 63.76
N LEU D 4731 -67.26 -25.93 62.69
CA LEU D 4731 -68.00 -27.18 62.75
C LEU D 4731 -67.32 -28.20 63.65
N GLY D 4732 -65.99 -28.15 63.75
CA GLY D 4732 -65.28 -29.00 64.68
C GLY D 4732 -65.57 -28.70 66.13
N HIS D 4733 -65.90 -27.45 66.44
CA HIS D 4733 -66.39 -27.15 67.78
C HIS D 4733 -67.65 -27.95 68.10
N TYR D 4734 -68.58 -28.03 67.15
CA TYR D 4734 -69.79 -28.82 67.37
C TYR D 4734 -69.49 -30.32 67.41
N ASN D 4735 -68.74 -30.80 66.43
CA ASN D 4735 -68.35 -32.21 66.35
C ASN D 4735 -66.82 -32.28 66.25
N ASN D 4736 -66.19 -32.81 67.29
CA ASN D 4736 -64.74 -32.72 67.43
C ASN D 4736 -63.98 -33.41 66.29
N PHE D 4737 -64.63 -34.33 65.56
CA PHE D 4737 -63.94 -35.06 64.51
C PHE D 4737 -63.83 -34.28 63.20
N PHE D 4738 -64.46 -33.11 63.10
CA PHE D 4738 -64.27 -32.27 61.92
C PHE D 4738 -62.87 -31.66 61.89
N PHE D 4739 -62.14 -31.72 63.00
CA PHE D 4739 -60.79 -31.19 63.05
C PHE D 4739 -59.81 -32.00 62.21
N ALA D 4740 -60.18 -33.21 61.78
CA ALA D 4740 -59.28 -34.04 61.00
C ALA D 4740 -59.00 -33.42 59.63
N ALA D 4741 -59.98 -32.69 59.08
CA ALA D 4741 -59.81 -32.09 57.77
C ALA D 4741 -58.71 -31.04 57.77
N HIS D 4742 -58.33 -30.53 58.94
CA HIS D 4742 -57.25 -29.56 59.01
C HIS D 4742 -55.89 -30.19 58.72
N LEU D 4743 -55.79 -31.52 58.74
CA LEU D 4743 -54.57 -32.20 58.33
C LEU D 4743 -54.35 -32.15 56.83
N LEU D 4744 -55.36 -31.80 56.04
CA LEU D 4744 -55.21 -31.63 54.60
C LEU D 4744 -54.44 -30.36 54.25
N ASP D 4745 -53.97 -29.62 55.25
CA ASP D 4745 -53.19 -28.40 55.05
C ASP D 4745 -51.71 -28.68 54.86
N ILE D 4746 -51.26 -29.93 55.07
CA ILE D 4746 -49.86 -30.26 54.90
C ILE D 4746 -49.44 -30.09 53.44
N ALA D 4747 -50.36 -30.31 52.51
CA ALA D 4747 -50.07 -30.18 51.09
C ALA D 4747 -49.53 -28.79 50.76
N MET D 4748 -50.06 -27.77 51.42
CA MET D 4748 -49.62 -26.40 51.19
C MET D 4748 -48.58 -25.95 52.21
N GLY D 4749 -48.61 -26.51 53.41
CA GLY D 4749 -47.61 -26.15 54.40
C GLY D 4749 -46.22 -26.62 54.04
N PHE D 4750 -46.10 -27.85 53.55
CA PHE D 4750 -44.82 -28.45 53.21
C PHE D 4750 -44.65 -28.46 51.70
N LYS D 4751 -43.61 -27.78 51.21
CA LYS D 4751 -43.31 -27.80 49.79
C LYS D 4751 -42.68 -29.12 49.37
N THR D 4752 -41.97 -29.78 50.30
CA THR D 4752 -41.41 -31.09 50.00
C THR D 4752 -42.51 -32.10 49.71
N LEU D 4753 -43.58 -32.09 50.51
CA LEU D 4753 -44.77 -32.87 50.17
C LEU D 4753 -45.44 -32.35 48.91
N ARG D 4754 -45.30 -31.05 48.64
CA ARG D 4754 -45.91 -30.49 47.44
C ARG D 4754 -45.25 -31.03 46.17
N THR D 4755 -43.96 -31.34 46.21
CA THR D 4755 -43.33 -31.99 45.05
C THR D 4755 -43.93 -33.37 44.81
N ILE D 4756 -44.09 -34.16 45.87
CA ILE D 4756 -44.67 -35.49 45.73
C ILE D 4756 -46.08 -35.41 45.21
N LEU D 4757 -46.86 -34.44 45.68
CA LEU D 4757 -48.24 -34.30 45.22
C LEU D 4757 -48.29 -33.77 43.79
N SER D 4758 -47.39 -32.84 43.43
CA SER D 4758 -47.32 -32.35 42.06
C SER D 4758 -46.91 -33.46 41.10
N SER D 4759 -46.24 -34.48 41.61
CA SER D 4759 -45.94 -35.64 40.76
C SER D 4759 -47.22 -36.29 40.24
N VAL D 4760 -48.22 -36.47 41.10
CA VAL D 4760 -49.43 -37.15 40.67
C VAL D 4760 -50.40 -36.16 40.02
N THR D 4761 -50.35 -34.89 40.44
CA THR D 4761 -51.26 -33.90 39.85
C THR D 4761 -50.75 -33.39 38.51
N HIS D 4762 -49.47 -33.62 38.20
CA HIS D 4762 -48.95 -33.23 36.89
C HIS D 4762 -49.64 -33.99 35.78
N ASN D 4763 -49.88 -35.28 35.98
CA ASN D 4763 -50.61 -36.12 35.04
C ASN D 4763 -51.99 -36.50 35.58
N GLY D 4764 -52.64 -35.57 36.27
CA GLY D 4764 -53.95 -35.86 36.84
C GLY D 4764 -55.00 -36.16 35.79
N LYS D 4765 -54.98 -35.39 34.70
CA LYS D 4765 -55.92 -35.67 33.60
C LYS D 4765 -55.68 -37.05 33.02
N GLN D 4766 -54.41 -37.41 32.81
CA GLN D 4766 -54.09 -38.73 32.27
C GLN D 4766 -54.54 -39.84 33.21
N LEU D 4767 -54.34 -39.65 34.52
CA LEU D 4767 -54.77 -40.66 35.49
C LEU D 4767 -56.29 -40.78 35.52
N VAL D 4768 -57.02 -39.66 35.47
CA VAL D 4768 -58.47 -39.72 35.45
C VAL D 4768 -58.97 -40.43 34.21
N LEU D 4769 -58.38 -40.12 33.05
CA LEU D 4769 -58.78 -40.80 31.82
C LEU D 4769 -58.44 -42.28 31.86
N THR D 4770 -57.31 -42.64 32.49
CA THR D 4770 -56.97 -44.05 32.65
C THR D 4770 -57.99 -44.77 33.51
N VAL D 4771 -58.42 -44.14 34.61
CA VAL D 4771 -59.46 -44.72 35.44
C VAL D 4771 -60.77 -44.87 34.67
N GLY D 4772 -61.13 -43.88 33.86
CA GLY D 4772 -62.33 -44.00 33.04
C GLY D 4772 -62.23 -45.14 32.03
N LEU D 4773 -61.07 -45.29 31.39
CA LEU D 4773 -60.87 -46.40 30.48
C LEU D 4773 -60.94 -47.74 31.19
N LEU D 4774 -60.38 -47.82 32.40
CA LEU D 4774 -60.50 -49.04 33.21
C LEU D 4774 -61.95 -49.35 33.55
N ALA D 4775 -62.74 -48.33 33.88
CA ALA D 4775 -64.17 -48.52 34.16
C ALA D 4775 -64.96 -48.92 32.92
N VAL D 4776 -64.53 -48.50 31.73
CA VAL D 4776 -65.21 -48.89 30.49
C VAL D 4776 -64.86 -50.31 30.08
N VAL D 4777 -63.58 -50.68 30.19
CA VAL D 4777 -63.15 -52.04 29.82
C VAL D 4777 -63.81 -53.06 30.73
N VAL D 4778 -63.84 -52.77 32.04
CA VAL D 4778 -64.48 -53.69 32.97
C VAL D 4778 -65.98 -53.76 32.71
N TYR D 4779 -66.59 -52.66 32.24
CA TYR D 4779 -67.99 -52.71 31.85
C TYR D 4779 -68.20 -53.62 30.64
N LEU D 4780 -67.29 -53.57 29.67
CA LEU D 4780 -67.38 -54.47 28.53
C LEU D 4780 -67.24 -55.93 28.97
N TYR D 4781 -66.31 -56.20 29.89
CA TYR D 4781 -66.18 -57.54 30.44
C TYR D 4781 -67.44 -57.96 31.20
N THR D 4782 -68.04 -57.02 31.94
CA THR D 4782 -69.27 -57.32 32.65
C THR D 4782 -70.40 -57.66 31.68
N VAL D 4783 -70.46 -56.94 30.55
CA VAL D 4783 -71.45 -57.24 29.52
C VAL D 4783 -71.23 -58.64 28.97
N VAL D 4784 -69.97 -58.98 28.70
CA VAL D 4784 -69.66 -60.33 28.18
C VAL D 4784 -70.11 -61.40 29.18
N ALA D 4785 -69.79 -61.19 30.46
CA ALA D 4785 -70.19 -62.14 31.50
C ALA D 4785 -71.72 -62.24 31.60
N PHE D 4786 -72.41 -61.10 31.56
CA PHE D 4786 -73.87 -61.08 31.61
C PHE D 4786 -74.48 -61.82 30.43
N ASN D 4787 -73.84 -61.76 29.26
CA ASN D 4787 -74.33 -62.49 28.10
C ASN D 4787 -74.04 -63.99 28.18
N PHE D 4788 -72.84 -64.39 28.62
CA PHE D 4788 -72.46 -65.80 28.59
C PHE D 4788 -72.27 -66.37 29.99
N PHE D 4789 -71.41 -65.80 30.82
CA PHE D 4789 -71.03 -66.42 32.10
C PHE D 4789 -71.89 -65.83 33.22
N ARG D 4790 -73.06 -66.42 33.40
CA ARG D 4790 -73.98 -66.02 34.47
C ARG D 4790 -73.94 -66.98 35.65
N LYS D 4791 -74.10 -68.28 35.41
CA LYS D 4791 -74.09 -69.26 36.50
C LYS D 4791 -72.73 -69.34 37.16
N PHE D 4792 -71.67 -68.90 36.47
CA PHE D 4792 -70.34 -68.91 37.06
C PHE D 4792 -70.22 -67.89 38.18
N TYR D 4793 -71.06 -66.85 38.20
CA TYR D 4793 -70.95 -65.79 39.17
C TYR D 4793 -71.75 -66.09 40.44
N ASN D 4794 -72.12 -67.36 40.62
CA ASN D 4794 -72.82 -67.75 41.84
C ASN D 4794 -71.87 -67.64 43.03
N LYS D 4795 -72.26 -66.87 44.03
CA LYS D 4795 -71.41 -66.56 45.18
C LYS D 4795 -71.98 -67.19 46.44
N SER D 4796 -72.99 -68.05 46.28
CA SER D 4796 -73.65 -68.68 47.42
C SER D 4796 -72.70 -69.60 48.18
N GLU D 4797 -72.40 -69.25 49.43
CA GLU D 4797 -71.59 -70.14 50.27
C GLU D 4797 -72.32 -71.44 50.53
N ASP D 4798 -73.63 -71.37 50.77
CA ASP D 4798 -74.48 -72.54 50.98
C ASP D 4798 -75.36 -72.72 49.76
N GLY D 4799 -75.42 -73.95 49.25
CA GLY D 4799 -76.20 -74.24 48.05
C GLY D 4799 -77.69 -74.06 48.24
N ASP D 4800 -78.15 -74.08 49.50
CA ASP D 4800 -79.58 -73.93 49.76
C ASP D 4800 -80.09 -72.56 49.34
N THR D 4801 -79.31 -71.50 49.61
CA THR D 4801 -79.76 -70.15 49.30
C THR D 4801 -79.00 -69.62 48.09
N PRO D 4802 -79.65 -69.51 46.92
CA PRO D 4802 -78.94 -68.97 45.75
C PRO D 4802 -78.78 -67.46 45.86
N ASP D 4803 -77.53 -67.01 45.77
CA ASP D 4803 -77.21 -65.58 45.76
C ASP D 4803 -76.42 -65.30 44.49
N MET D 4804 -77.08 -64.67 43.52
CA MET D 4804 -76.50 -64.42 42.20
C MET D 4804 -76.10 -62.96 42.12
N LYS D 4805 -74.84 -62.72 41.78
CA LYS D 4805 -74.30 -61.37 41.72
C LYS D 4805 -74.37 -60.74 40.32
N CYS D 4806 -74.82 -61.48 39.31
CA CYS D 4806 -74.85 -60.96 37.95
C CYS D 4806 -76.19 -61.16 37.26
N ASP D 4807 -77.29 -61.25 38.03
CA ASP D 4807 -78.61 -61.27 37.39
C ASP D 4807 -78.97 -59.91 36.82
N ASP D 4808 -78.50 -58.83 37.45
CA ASP D 4808 -78.80 -57.47 37.04
C ASP D 4808 -77.53 -56.80 36.53
N MET D 4809 -77.68 -55.95 35.52
CA MET D 4809 -76.53 -55.31 34.88
C MET D 4809 -75.76 -54.46 35.88
N LEU D 4810 -76.48 -53.62 36.64
CA LEU D 4810 -75.84 -52.71 37.59
C LEU D 4810 -75.14 -53.49 38.71
N THR D 4811 -75.82 -54.50 39.25
CA THR D 4811 -75.22 -55.30 40.32
C THR D 4811 -73.98 -56.03 39.82
N CYS D 4812 -74.04 -56.56 38.60
CA CYS D 4812 -72.91 -57.28 38.04
C CYS D 4812 -71.72 -56.35 37.82
N TYR D 4813 -71.98 -55.13 37.33
CA TYR D 4813 -70.91 -54.16 37.11
C TYR D 4813 -70.30 -53.71 38.44
N MET D 4814 -71.14 -53.45 39.45
CA MET D 4814 -70.62 -53.05 40.75
C MET D 4814 -69.79 -54.16 41.38
N PHE D 4815 -70.24 -55.41 41.25
CA PHE D 4815 -69.46 -56.54 41.71
C PHE D 4815 -68.12 -56.62 40.98
N HIS D 4816 -68.13 -56.51 39.64
CA HIS D 4816 -66.89 -56.52 38.88
C HIS D 4816 -65.92 -55.48 39.41
N MET D 4817 -66.36 -54.23 39.53
CA MET D 4817 -65.49 -53.20 40.10
C MET D 4817 -64.97 -53.64 41.47
N TYR D 4818 -65.88 -53.70 42.45
CA TYR D 4818 -65.49 -53.77 43.86
C TYR D 4818 -64.63 -54.99 44.16
N VAL D 4819 -64.88 -56.10 43.45
CA VAL D 4819 -64.19 -57.35 43.73
C VAL D 4819 -63.03 -57.57 42.78
N GLY D 4820 -63.30 -57.59 41.47
CA GLY D 4820 -62.25 -57.91 40.52
C GLY D 4820 -61.15 -56.87 40.46
N VAL D 4821 -61.51 -55.59 40.44
CA VAL D 4821 -60.48 -54.56 40.31
C VAL D 4821 -59.54 -54.55 41.51
N ARG D 4822 -60.05 -54.81 42.70
CA ARG D 4822 -59.24 -54.84 43.91
C ARG D 4822 -58.50 -56.17 44.09
N ALA D 4823 -59.04 -57.26 43.54
CA ALA D 4823 -58.41 -58.57 43.69
C ALA D 4823 -57.12 -58.64 42.91
N GLY D 4824 -56.09 -59.20 43.54
CA GLY D 4824 -54.80 -59.34 42.88
C GLY D 4824 -54.83 -60.29 41.71
N GLY D 4825 -55.46 -61.46 41.89
CA GLY D 4825 -55.50 -62.43 40.82
C GLY D 4825 -56.45 -62.06 39.69
N GLY D 4826 -57.56 -61.41 40.03
CA GLY D 4826 -58.57 -61.03 39.08
C GLY D 4826 -59.95 -61.53 39.48
N ILE D 4827 -60.87 -61.46 38.52
CA ILE D 4827 -62.22 -61.92 38.76
C ILE D 4827 -62.30 -63.44 38.83
N GLY D 4828 -61.34 -64.14 38.22
CA GLY D 4828 -61.33 -65.59 38.24
C GLY D 4828 -61.04 -66.19 39.60
N ASP D 4829 -60.13 -65.58 40.36
CA ASP D 4829 -59.83 -66.03 41.71
C ASP D 4829 -61.00 -65.78 42.66
N GLU D 4830 -61.99 -65.01 42.24
CA GLU D 4830 -63.16 -64.69 43.05
C GLU D 4830 -64.37 -65.54 42.68
N ILE D 4831 -64.74 -65.57 41.41
CA ILE D 4831 -65.92 -66.31 40.97
C ILE D 4831 -65.57 -67.79 40.77
N GLU D 4832 -66.60 -68.61 40.56
CA GLU D 4832 -66.49 -70.07 40.65
C GLU D 4832 -65.57 -70.62 39.57
N ASP D 4833 -65.08 -71.86 39.81
CA ASP D 4833 -64.17 -72.64 38.98
C ASP D 4833 -64.90 -73.20 37.76
N PRO D 4834 -64.24 -73.26 36.59
CA PRO D 4834 -64.94 -73.64 35.35
C PRO D 4834 -64.81 -75.11 34.97
N ALA D 4835 -64.16 -75.93 35.79
CA ALA D 4835 -63.82 -77.28 35.39
C ALA D 4835 -65.07 -78.11 35.05
N GLY D 4836 -64.96 -78.90 33.99
CA GLY D 4836 -66.04 -79.75 33.54
C GLY D 4836 -67.26 -78.99 33.04
N ASP D 4837 -67.05 -77.97 32.22
CA ASP D 4837 -68.15 -77.18 31.68
C ASP D 4837 -67.91 -76.92 30.20
N GLU D 4838 -69.00 -76.62 29.49
CA GLU D 4838 -68.93 -76.39 28.04
C GLU D 4838 -68.09 -75.16 27.73
N TYR D 4839 -68.23 -74.09 28.51
CA TYR D 4839 -67.55 -72.83 28.28
C TYR D 4839 -66.21 -72.75 29.01
N GLU D 4840 -65.54 -73.89 29.22
CA GLU D 4840 -64.29 -73.91 29.98
C GLU D 4840 -63.22 -73.04 29.34
N ILE D 4841 -62.95 -73.27 28.04
CA ILE D 4841 -61.86 -72.56 27.39
C ILE D 4841 -62.17 -71.07 27.25
N TYR D 4842 -63.43 -70.74 26.94
CA TYR D 4842 -63.84 -69.34 26.84
C TYR D 4842 -63.70 -68.64 28.19
N ARG D 4843 -64.09 -69.33 29.26
CA ARG D 4843 -63.93 -68.78 30.61
C ARG D 4843 -62.45 -68.56 30.94
N ILE D 4844 -61.60 -69.51 30.58
CA ILE D 4844 -60.17 -69.38 30.87
C ILE D 4844 -59.59 -68.18 30.11
N ILE D 4845 -59.95 -68.05 28.83
CA ILE D 4845 -59.47 -66.91 28.04
C ILE D 4845 -59.99 -65.61 28.64
N PHE D 4846 -61.25 -65.60 29.09
CA PHE D 4846 -61.82 -64.42 29.74
C PHE D 4846 -61.00 -64.02 30.95
N ASP D 4847 -60.68 -64.98 31.81
CA ASP D 4847 -59.92 -64.68 33.02
C ASP D 4847 -58.52 -64.20 32.70
N ILE D 4848 -57.85 -64.85 31.74
CA ILE D 4848 -56.49 -64.46 31.39
C ILE D 4848 -56.46 -63.05 30.81
N THR D 4849 -57.40 -62.74 29.90
CA THR D 4849 -57.46 -61.41 29.32
C THR D 4849 -57.78 -60.36 30.38
N PHE D 4850 -58.70 -60.67 31.30
CA PHE D 4850 -59.01 -59.74 32.38
C PHE D 4850 -57.77 -59.46 33.22
N PHE D 4851 -57.05 -60.50 33.61
CA PHE D 4851 -55.86 -60.33 34.43
C PHE D 4851 -54.80 -59.51 33.72
N PHE D 4852 -54.56 -59.82 32.44
CA PHE D 4852 -53.50 -59.12 31.71
C PHE D 4852 -53.86 -57.66 31.46
N PHE D 4853 -55.10 -57.38 31.07
CA PHE D 4853 -55.47 -56.01 30.73
C PHE D 4853 -55.74 -55.18 31.98
N VAL D 4854 -56.74 -55.57 32.77
CA VAL D 4854 -57.20 -54.73 33.88
C VAL D 4854 -56.19 -54.73 35.01
N ILE D 4855 -55.82 -55.93 35.49
CA ILE D 4855 -54.98 -56.02 36.68
C ILE D 4855 -53.56 -55.56 36.39
N VAL D 4856 -52.99 -55.96 35.25
CA VAL D 4856 -51.57 -55.75 34.99
C VAL D 4856 -51.33 -54.46 34.22
N ILE D 4857 -51.89 -54.39 33.00
CA ILE D 4857 -51.52 -53.30 32.08
C ILE D 4857 -52.00 -51.95 32.62
N LEU D 4858 -53.26 -51.86 33.02
CA LEU D 4858 -53.82 -50.58 33.43
C LEU D 4858 -53.13 -50.04 34.67
N LEU D 4859 -52.88 -50.90 35.67
CA LEU D 4859 -52.10 -50.48 36.83
C LEU D 4859 -50.69 -50.11 36.43
N ALA D 4860 -50.10 -50.87 35.50
CA ALA D 4860 -48.79 -50.50 34.96
C ALA D 4860 -48.86 -49.15 34.27
N ILE D 4861 -49.94 -48.88 33.56
CA ILE D 4861 -50.11 -47.58 32.91
C ILE D 4861 -50.13 -46.46 33.94
N ILE D 4862 -50.89 -46.65 35.02
CA ILE D 4862 -50.98 -45.61 36.04
C ILE D 4862 -49.61 -45.36 36.69
N GLN D 4863 -48.93 -46.44 37.07
CA GLN D 4863 -47.64 -46.29 37.73
C GLN D 4863 -46.62 -45.67 36.78
N GLY D 4864 -46.67 -46.05 35.49
CA GLY D 4864 -45.77 -45.45 34.52
C GLY D 4864 -46.05 -43.99 34.30
N LEU D 4865 -47.31 -43.59 34.33
CA LEU D 4865 -47.65 -42.18 34.25
C LEU D 4865 -47.05 -41.41 35.42
N ILE D 4866 -47.16 -41.98 36.61
CA ILE D 4866 -46.61 -41.31 37.80
C ILE D 4866 -45.10 -41.19 37.69
N ILE D 4867 -44.43 -42.27 37.27
CA ILE D 4867 -42.97 -42.26 37.16
C ILE D 4867 -42.53 -41.28 36.08
N ASP D 4868 -43.24 -41.26 34.96
CA ASP D 4868 -42.93 -40.31 33.89
C ASP D 4868 -43.13 -38.88 34.36
N ALA D 4869 -44.10 -38.66 35.25
CA ALA D 4869 -44.26 -37.33 35.84
C ALA D 4869 -43.05 -36.95 36.70
N PHE D 4870 -42.58 -37.87 37.54
CA PHE D 4870 -41.31 -37.61 38.25
C PHE D 4870 -40.20 -37.24 37.27
N GLY D 4871 -40.03 -38.04 36.22
CA GLY D 4871 -38.96 -37.80 35.28
C GLY D 4871 -39.08 -36.46 34.58
N GLU D 4872 -40.31 -36.10 34.18
CA GLU D 4872 -40.52 -34.84 33.50
C GLU D 4872 -40.24 -33.65 34.40
N LEU D 4873 -40.67 -33.75 35.67
CA LEU D 4873 -40.36 -32.66 36.61
C LEU D 4873 -38.86 -32.51 36.81
N ARG D 4874 -38.15 -33.63 36.97
CA ARG D 4874 -36.70 -33.57 37.12
C ARG D 4874 -36.02 -32.98 35.89
N ASP D 4875 -36.47 -33.38 34.69
CA ASP D 4875 -35.89 -32.85 33.46
C ASP D 4875 -36.18 -31.36 33.33
N GLN D 4876 -37.37 -30.92 33.75
CA GLN D 4876 -37.67 -29.49 33.72
C GLN D 4876 -36.75 -28.71 34.64
N GLN D 4877 -36.51 -29.23 35.85
CA GLN D 4877 -35.61 -28.56 36.77
C GLN D 4877 -34.19 -28.49 36.20
N GLU D 4878 -33.72 -29.59 35.62
CA GLU D 4878 -32.38 -29.60 35.03
C GLU D 4878 -32.29 -28.64 33.85
N GLN D 4879 -33.35 -28.57 33.05
CA GLN D 4879 -33.40 -27.63 31.93
C GLN D 4879 -33.27 -26.20 32.42
N VAL D 4880 -34.04 -25.84 33.45
CA VAL D 4880 -33.94 -24.49 34.01
C VAL D 4880 -32.54 -24.23 34.52
N LYS D 4881 -31.97 -25.21 35.24
CA LYS D 4881 -30.65 -25.05 35.84
C LYS D 4881 -29.59 -24.76 34.76
N GLU D 4882 -29.52 -25.61 33.75
CA GLU D 4882 -28.43 -25.46 32.78
C GLU D 4882 -28.70 -24.31 31.82
N ASP D 4883 -29.98 -23.96 31.63
CA ASP D 4883 -30.29 -22.76 30.87
C ASP D 4883 -29.78 -21.51 31.57
N MET D 4884 -30.02 -21.41 32.89
CA MET D 4884 -29.47 -20.29 33.64
C MET D 4884 -27.96 -20.30 33.64
N GLU D 4885 -27.34 -21.47 33.78
CA GLU D 4885 -25.89 -21.54 33.87
C GLU D 4885 -25.19 -21.41 32.51
N THR D 4886 -25.91 -21.48 31.40
CA THR D 4886 -25.29 -21.35 30.09
C THR D 4886 -25.71 -20.10 29.32
N LYS D 4887 -26.82 -19.46 29.67
CA LYS D 4887 -27.24 -18.27 28.95
C LYS D 4887 -27.56 -17.16 29.95
N CYS D 4888 -27.14 -15.95 29.62
CA CYS D 4888 -27.52 -14.78 30.41
C CYS D 4888 -29.01 -14.52 30.23
N PHE D 4889 -29.68 -14.17 31.34
CA PHE D 4889 -31.14 -14.07 31.31
C PHE D 4889 -31.61 -12.94 30.39
N ILE D 4890 -30.93 -11.80 30.42
CA ILE D 4890 -31.37 -10.65 29.63
C ILE D 4890 -30.65 -10.61 28.29
N CYS D 4891 -29.33 -10.79 28.30
CA CYS D 4891 -28.56 -10.73 27.06
C CYS D 4891 -28.96 -11.83 26.09
N GLY D 4892 -29.11 -13.05 26.59
CA GLY D 4892 -29.30 -14.19 25.72
C GLY D 4892 -28.04 -14.67 25.05
N ILE D 4893 -26.88 -14.16 25.44
CA ILE D 4893 -25.60 -14.50 24.85
C ILE D 4893 -25.05 -15.75 25.54
N GLY D 4894 -24.31 -16.56 24.78
CA GLY D 4894 -23.72 -17.75 25.33
C GLY D 4894 -22.68 -17.46 26.40
N ASN D 4895 -22.48 -18.44 27.27
CA ASN D 4895 -21.57 -18.25 28.40
C ASN D 4895 -20.11 -18.27 27.96
N ASP D 4896 -19.80 -18.99 26.89
CA ASP D 4896 -18.40 -19.17 26.47
C ASP D 4896 -17.77 -17.85 26.04
N TYR D 4897 -18.54 -17.00 25.35
CA TYR D 4897 -18.00 -15.74 24.87
C TYR D 4897 -17.54 -14.86 26.04
N PHE D 4898 -18.35 -14.77 27.09
CA PHE D 4898 -17.92 -14.08 28.30
C PHE D 4898 -16.77 -14.82 28.98
N ASP D 4899 -16.82 -16.16 28.99
CA ASP D 4899 -15.83 -16.97 29.69
C ASP D 4899 -14.47 -16.95 29.01
N THR D 4900 -14.37 -16.40 27.80
CA THR D 4900 -13.04 -16.17 27.21
C THR D 4900 -12.13 -15.36 28.13
N VAL D 4901 -12.70 -14.44 28.91
CA VAL D 4901 -12.00 -13.79 30.01
C VAL D 4901 -12.37 -14.57 31.27
N PRO D 4902 -11.42 -14.86 32.16
CA PRO D 4902 -11.73 -15.67 33.35
C PRO D 4902 -12.86 -15.06 34.17
N HIS D 4903 -13.80 -15.92 34.58
CA HIS D 4903 -14.97 -15.53 35.35
C HIS D 4903 -15.82 -14.49 34.62
N GLY D 4904 -15.72 -14.48 33.29
CA GLY D 4904 -16.43 -13.48 32.50
C GLY D 4904 -17.94 -13.66 32.58
N PHE D 4905 -18.42 -14.90 32.51
CA PHE D 4905 -19.86 -15.14 32.55
C PHE D 4905 -20.46 -14.73 33.89
N GLU D 4906 -19.79 -15.09 34.99
CA GLU D 4906 -20.32 -14.71 36.30
C GLU D 4906 -20.25 -13.20 36.49
N THR D 4907 -19.18 -12.57 35.99
CA THR D 4907 -19.09 -11.11 36.07
C THR D 4907 -20.22 -10.45 35.30
N HIS D 4908 -20.49 -10.93 34.09
CA HIS D 4908 -21.57 -10.37 33.28
C HIS D 4908 -22.93 -10.58 33.94
N THR D 4909 -23.16 -11.77 34.50
CA THR D 4909 -24.47 -12.09 35.06
C THR D 4909 -24.71 -11.51 36.45
N LEU D 4910 -23.66 -11.13 37.18
CA LEU D 4910 -23.82 -10.63 38.54
C LEU D 4910 -23.49 -9.15 38.69
N GLN D 4911 -22.81 -8.55 37.72
CA GLN D 4911 -22.44 -7.14 37.83
C GLN D 4911 -23.06 -6.32 36.71
N GLU D 4912 -22.93 -6.80 35.47
CA GLU D 4912 -23.36 -6.02 34.31
C GLU D 4912 -24.86 -6.14 34.10
N HIS D 4913 -25.37 -7.36 34.01
CA HIS D 4913 -26.75 -7.62 33.62
C HIS D 4913 -27.52 -8.39 34.71
N ASN D 4914 -27.42 -7.93 35.95
CA ASN D 4914 -28.14 -8.59 37.03
C ASN D 4914 -29.62 -8.21 36.98
N LEU D 4915 -30.48 -9.23 36.97
CA LEU D 4915 -31.92 -8.97 36.99
C LEU D 4915 -32.34 -8.24 38.26
N ALA D 4916 -31.65 -8.51 39.37
CA ALA D 4916 -31.88 -7.74 40.58
C ALA D 4916 -31.56 -6.28 40.36
N ASN D 4917 -30.47 -5.98 39.64
CA ASN D 4917 -30.12 -4.60 39.34
C ASN D 4917 -31.18 -3.95 38.46
N TYR D 4918 -31.70 -4.69 37.47
CA TYR D 4918 -32.76 -4.14 36.63
C TYR D 4918 -34.02 -3.84 37.45
N LEU D 4919 -34.39 -4.75 38.35
CA LEU D 4919 -35.55 -4.54 39.22
C LEU D 4919 -35.34 -3.33 40.13
N PHE D 4920 -34.13 -3.19 40.69
CA PHE D 4920 -33.85 -2.03 41.52
C PHE D 4920 -33.88 -0.74 40.72
N PHE D 4921 -33.45 -0.78 39.46
CA PHE D 4921 -33.58 0.39 38.59
C PHE D 4921 -35.03 0.75 38.35
N LEU D 4922 -35.90 -0.26 38.14
CA LEU D 4922 -37.32 0.02 38.00
C LEU D 4922 -37.89 0.66 39.26
N MET D 4923 -37.51 0.14 40.43
CA MET D 4923 -37.93 0.76 41.68
C MET D 4923 -37.41 2.18 41.81
N TYR D 4924 -36.17 2.42 41.41
CA TYR D 4924 -35.59 3.76 41.49
C TYR D 4924 -36.33 4.74 40.60
N LEU D 4925 -36.68 4.30 39.39
CA LEU D 4925 -37.46 5.16 38.50
C LEU D 4925 -38.84 5.45 39.08
N ILE D 4926 -39.50 4.43 39.64
CA ILE D 4926 -40.83 4.65 40.18
C ILE D 4926 -40.79 5.59 41.38
N ASN D 4927 -39.82 5.40 42.28
CA ASN D 4927 -39.74 6.22 43.49
C ASN D 4927 -39.32 7.64 43.17
N LYS D 4928 -38.38 7.81 42.23
CA LYS D 4928 -37.89 9.14 41.89
C LYS D 4928 -38.98 9.99 41.26
N ASP D 4929 -38.94 11.29 41.58
CA ASP D 4929 -39.86 12.23 40.96
C ASP D 4929 -39.56 12.38 39.47
N GLU D 4930 -40.62 12.60 38.70
CA GLU D 4930 -40.48 12.70 37.25
C GLU D 4930 -39.71 13.96 36.83
N THR D 4931 -39.72 15.00 37.64
CA THR D 4931 -39.06 16.25 37.26
C THR D 4931 -37.54 16.10 37.24
N GLU D 4932 -36.97 15.41 38.23
CA GLU D 4932 -35.52 15.24 38.31
C GLU D 4932 -35.00 14.05 37.52
N HIS D 4933 -35.79 13.52 36.59
CA HIS D 4933 -35.29 12.45 35.73
C HIS D 4933 -34.18 12.96 34.84
N THR D 4934 -33.11 12.16 34.72
CA THR D 4934 -32.00 12.50 33.84
C THR D 4934 -32.40 12.16 32.40
N GLY D 4935 -31.46 12.28 31.46
CA GLY D 4935 -31.76 11.93 30.09
C GLY D 4935 -32.07 10.46 29.93
N GLN D 4936 -31.18 9.60 30.44
CA GLN D 4936 -31.40 8.16 30.37
C GLN D 4936 -32.63 7.76 31.17
N GLU D 4937 -32.82 8.35 32.35
CA GLU D 4937 -33.97 8.02 33.18
C GLU D 4937 -35.27 8.39 32.48
N SER D 4938 -35.32 9.57 31.87
CA SER D 4938 -36.52 9.97 31.12
C SER D 4938 -36.76 9.07 29.93
N TYR D 4939 -35.71 8.72 29.20
CA TYR D 4939 -35.83 7.85 28.03
C TYR D 4939 -36.40 6.48 28.40
N VAL D 4940 -35.80 5.83 29.41
CA VAL D 4940 -36.31 4.56 29.91
C VAL D 4940 -37.70 4.69 30.52
N TRP D 4941 -38.01 5.80 31.21
CA TRP D 4941 -39.33 5.99 31.80
C TRP D 4941 -40.40 6.11 30.71
N LYS D 4942 -40.11 6.85 29.63
CA LYS D 4942 -41.07 6.96 28.54
C LYS D 4942 -41.33 5.59 27.91
N MET D 4943 -40.27 4.82 27.64
CA MET D 4943 -40.52 3.49 27.08
C MET D 4943 -41.21 2.56 28.08
N TYR D 4944 -40.96 2.72 29.39
CA TYR D 4944 -41.67 1.88 30.36
C TYR D 4944 -43.15 2.24 30.40
N GLN D 4945 -43.47 3.53 30.34
CA GLN D 4945 -44.85 3.98 30.36
C GLN D 4945 -45.60 3.66 29.07
N GLU D 4946 -44.91 3.58 27.93
CA GLU D 4946 -45.53 3.13 26.69
C GLU D 4946 -45.41 1.61 26.52
N ARG D 4947 -44.77 0.94 27.45
CA ARG D 4947 -44.60 -0.52 27.44
C ARG D 4947 -43.89 -0.96 26.16
N CYS D 4948 -42.74 -0.35 25.91
CA CYS D 4948 -41.83 -0.74 24.84
C CYS D 4948 -40.53 -1.20 25.46
N TRP D 4949 -40.24 -2.50 25.36
CA TRP D 4949 -39.09 -3.10 26.02
C TRP D 4949 -37.86 -3.16 25.11
N GLU D 4950 -37.74 -2.22 24.17
CA GLU D 4950 -36.59 -2.21 23.28
C GLU D 4950 -35.32 -1.77 24.01
N PHE D 4951 -35.47 -1.01 25.10
CA PHE D 4951 -34.30 -0.51 25.83
C PHE D 4951 -33.54 -1.65 26.49
N PHE D 4952 -34.17 -2.80 26.65
CA PHE D 4952 -33.49 -3.94 27.24
C PHE D 4952 -32.46 -4.50 26.26
N PRO D 4953 -31.24 -4.79 26.70
CA PRO D 4953 -30.23 -5.32 25.77
C PRO D 4953 -30.61 -6.71 25.29
N ALA D 4954 -30.56 -6.91 23.98
CA ALA D 4954 -30.93 -8.18 23.36
C ALA D 4954 -29.86 -8.58 22.36
N GLY D 4955 -29.06 -9.58 22.71
CA GLY D 4955 -28.06 -10.13 21.80
C GLY D 4955 -26.75 -9.37 21.78
N ASP D 4956 -26.73 -8.18 22.37
CA ASP D 4956 -25.56 -7.33 22.40
C ASP D 4956 -25.32 -6.81 23.81
N CYS D 4957 -24.06 -6.49 24.11
CA CYS D 4957 -23.69 -6.01 25.43
C CYS D 4957 -22.57 -4.99 25.30
N PHE D 4958 -22.17 -4.44 26.44
CA PHE D 4958 -21.09 -3.46 26.47
C PHE D 4958 -19.80 -4.06 25.94
N ARG D 4959 -19.49 -5.29 26.32
CA ARG D 4959 -18.26 -5.94 25.86
C ARG D 4959 -18.27 -6.15 24.36
N LYS D 4960 -19.41 -6.60 23.82
CA LYS D 4960 -19.50 -6.77 22.38
C LYS D 4960 -19.36 -5.44 21.64
N GLN D 4961 -20.01 -4.39 22.15
CA GLN D 4961 -19.98 -3.11 21.45
C GLN D 4961 -18.60 -2.46 21.50
N TYR D 4962 -17.91 -2.57 22.65
CA TYR D 4962 -16.61 -1.94 22.80
C TYR D 4962 -15.53 -3.00 22.97
N GLU D 4963 -15.59 -4.08 22.19
CA GLU D 4963 -14.66 -5.18 22.33
C GLU D 4963 -13.21 -4.73 22.12
N ASP D 4964 -12.89 -4.23 20.92
CA ASP D 4964 -11.49 -3.97 20.60
C ASP D 4964 -10.97 -2.73 21.32
N GLN D 4965 -11.86 -1.83 21.75
CA GLN D 4965 -11.40 -0.72 22.59
C GLN D 4965 -11.09 -1.20 24.00
N LEU D 4966 -11.97 -2.02 24.59
CA LEU D 4966 -11.70 -2.56 25.91
C LEU D 4966 -10.56 -3.57 25.88
N ASN D 4967 -10.52 -4.41 24.85
CA ASN D 4967 -9.48 -5.43 24.73
C ASN D 4967 -8.40 -4.98 23.74
ZN ZN E . -5.73 -27.89 30.25
PG ATP F . -7.48 -43.81 34.84
O1G ATP F . -7.10 -44.88 33.87
O2G ATP F . -8.34 -44.31 36.01
O3G ATP F . -6.28 -43.04 35.40
PB ATP F . -9.90 -42.36 33.86
O1B ATP F . -10.55 -43.34 32.97
O2B ATP F . -10.57 -42.17 35.23
O3B ATP F . -8.38 -42.70 34.13
PA ATP F . -9.77 -39.40 33.67
O1A ATP F . -9.21 -39.29 35.05
O2A ATP F . -11.17 -38.84 33.49
O3A ATP F . -9.80 -40.92 33.19
O5' ATP F . -8.80 -38.73 32.63
C5' ATP F . -8.82 -39.11 31.24
C4' ATP F . -9.69 -38.15 30.48
O4' ATP F . -10.17 -37.12 31.36
C3' ATP F . -9.00 -37.40 29.35
O3' ATP F . -8.98 -38.17 28.15
C2' ATP F . -9.87 -36.15 29.21
O2' ATP F . -11.00 -36.39 28.37
C1' ATP F . -10.32 -35.90 30.66
N9 ATP F . -9.56 -34.87 31.34
C8 ATP F . -9.92 -33.55 31.47
N7 ATP F . -9.05 -32.83 32.15
C5 ATP F . -8.06 -33.73 32.48
C6 ATP F . -6.85 -33.60 33.20
N6 ATP F . -6.42 -32.45 33.74
N1 ATP F . -6.09 -34.71 33.36
C2 ATP F . -6.51 -35.85 32.84
N3 ATP F . -7.63 -36.10 32.14
C4 ATP F . -8.37 -34.99 32.00
PG ATP G . 64.46 84.82 122.60
O1G ATP G . 64.04 83.47 122.11
O2G ATP G . 65.83 85.26 122.08
O3G ATP G . 63.43 85.92 122.33
PB ATP G . 65.10 85.76 125.38
O1B ATP G . 64.15 85.74 126.52
O2B ATP G . 66.55 85.38 125.71
O3B ATP G . 64.62 84.80 124.20
PA ATP G . 64.29 88.52 124.71
O1A ATP G . 63.53 88.64 125.98
O2A ATP G . 63.43 88.57 123.44
O3A ATP G . 65.13 87.17 124.66
O5' ATP G . 65.40 89.64 124.61
C5' ATP G . 65.91 90.07 123.33
C4' ATP G . 65.22 91.36 122.94
O4' ATP G . 64.08 91.58 123.79
C3' ATP G . 66.08 92.62 123.09
O3' ATP G . 65.68 93.62 122.16
C2' ATP G . 65.79 93.03 124.53
O2' ATP G . 65.97 94.44 124.72
C1' ATP G . 64.30 92.66 124.67
N9 ATP G . 63.93 92.25 126.02
C8 ATP G . 64.66 92.39 127.17
N7 ATP G . 64.07 91.93 128.24
C5 ATP G . 62.86 91.44 127.77
C6 ATP G . 61.78 90.82 128.41
N6 ATP G . 61.72 90.58 129.72
N1 ATP G . 60.72 90.46 127.65
C2 ATP G . 60.76 90.71 126.33
N3 ATP G . 61.73 91.29 125.63
C4 ATP G . 62.76 91.63 126.40
ZN ZN H . -14.90 -38.26 6.47
PG ATP I . -27.64 -48.97 5.56
O1G ATP I . -28.81 -48.61 4.71
O2G ATP I . -27.92 -50.11 6.54
O3G ATP I . -26.38 -49.30 4.75
PB ATP I . -27.50 -47.13 7.92
O1B ATP I . -28.90 -46.67 8.07
O2B ATP I . -27.04 -48.18 8.94
O3B ATP I . -27.21 -47.73 6.47
PA ATP I . -24.95 -45.73 8.43
O1A ATP I . -24.17 -46.97 8.29
O2A ATP I . -24.97 -45.12 9.84
O3A ATP I . -26.47 -45.93 7.98
O5' ATP I . -24.44 -44.63 7.42
C5' ATP I . -25.30 -43.55 6.99
C4' ATP I . -25.03 -42.33 7.84
O4' ATP I . -23.94 -42.62 8.76
C3' ATP I . -24.57 -41.10 7.08
O3' ATP I . -25.68 -40.36 6.59
C2' ATP I . -23.81 -40.32 8.16
O2' ATP I . -24.69 -39.53 8.96
C1' ATP I . -23.20 -41.44 9.01
N9 ATP I . -21.79 -41.72 8.71
C8 ATP I . -20.70 -41.22 9.38
N7 ATP I . -19.55 -41.63 8.91
C5 ATP I . -19.90 -42.46 7.85
C6 ATP I . -19.15 -43.20 6.93
N6 ATP I . -17.80 -43.24 6.94
N1 ATP I . -19.80 -43.92 6.00
C2 ATP I . -21.14 -43.88 6.00
N3 ATP I . -21.96 -43.22 6.80
C4 ATP I . -21.28 -42.52 7.72
PG ATP J . 140.03 -81.75 -9.74
O1G ATP J . 138.54 -81.83 -9.78
O2G ATP J . 140.67 -81.27 -11.05
O3G ATP J . 140.56 -80.89 -8.58
PB ATP J . 142.09 -83.91 -9.41
O1B ATP J . 142.19 -84.80 -8.25
O2B ATP J . 142.34 -84.55 -10.77
O3B ATP J . 140.67 -83.20 -9.49
PA ATP J . 143.99 -82.01 -8.17
O1A ATP J . 144.33 -82.99 -7.12
O2A ATP J . 143.30 -80.73 -7.69
O3A ATP J . 143.07 -82.66 -9.29
O5' ATP J . 145.28 -81.60 -8.99
C5' ATP J . 145.35 -80.33 -9.69
C4' ATP J . 146.11 -79.34 -8.85
O4' ATP J . 146.25 -79.85 -7.51
C3' ATP J . 147.53 -79.05 -9.32
O3' ATP J . 147.93 -77.73 -8.95
C2' ATP J . 148.35 -80.12 -8.59
O2' ATP J . 149.69 -79.71 -8.38
C1' ATP J . 147.60 -80.20 -7.25
N9 ATP J . 147.61 -81.54 -6.64
C8 ATP J . 148.40 -82.60 -7.00
N7 ATP J . 148.22 -83.68 -6.29
C5 ATP J . 147.24 -83.30 -5.38
C6 ATP J . 146.58 -83.99 -4.34
N6 ATP J . 146.84 -85.26 -4.02
N1 ATP J . 145.65 -83.32 -3.64
C2 ATP J . 145.39 -82.05 -3.95
N3 ATP J . 145.93 -81.30 -4.90
C4 ATP J . 146.86 -81.98 -5.59
ZN ZN K . -35.68 -20.21 6.73
PG ATP L . -49.39 -22.28 15.97
O1G ATP L . -49.77 -21.21 16.94
O2G ATP L . -50.10 -23.62 16.21
O3G ATP L . -49.58 -21.88 14.51
PB ATP L . -46.87 -23.63 16.87
O1B ATP L . -46.86 -23.38 18.32
O2B ATP L . -47.26 -25.05 16.45
O3B ATP L . -47.84 -22.64 16.10
PA ATP L . -44.64 -23.82 14.93
O1A ATP L . -45.54 -24.34 13.87
O2A ATP L . -43.61 -24.82 15.45
O3A ATP L . -45.47 -23.31 16.19
O5' ATP L . -43.90 -22.52 14.46
C5' ATP L . -43.39 -21.56 15.40
C4' ATP L . -41.93 -21.83 15.64
O4' ATP L . -41.50 -22.91 14.80
C3' ATP L . -40.98 -20.69 15.31
O3' ATP L . -40.88 -19.77 16.40
C2' ATP L . -39.66 -21.42 15.05
O2' ATP L . -38.95 -21.66 16.26
C1' ATP L . -40.14 -22.73 14.43
N9 ATP L . -40.04 -22.78 12.97
C8 ATP L . -39.01 -23.31 12.24
N7 ATP L . -39.18 -23.21 10.94
C5 ATP L . -40.40 -22.57 10.81
C6 ATP L . -41.15 -22.18 9.68
N6 ATP L . -40.77 -22.38 8.42
N1 ATP L . -42.34 -21.57 9.91
C2 ATP L . -42.74 -21.37 11.16
N3 ATP L . -42.11 -21.70 12.30
C4 ATP L . -40.95 -22.31 12.06
PG ATP M . -30.55 -45.26 -152.96
O1G ATP M . -31.10 -45.06 -151.59
O2G ATP M . -30.42 -43.97 -153.78
O3G ATP M . -29.20 -45.99 -152.97
PB ATP M . -31.66 -46.75 -155.32
O1B ATP M . -31.97 -48.20 -155.32
O2B ATP M . -32.65 -45.85 -156.04
O3B ATP M . -31.52 -46.19 -153.83
PA ATP M . -28.94 -47.30 -156.35
O1A ATP M . -29.29 -48.71 -156.63
O2A ATP M . -27.87 -47.10 -155.27
O3A ATP M . -30.21 -46.45 -155.91
O5' ATP M . -28.47 -46.57 -157.67
C5' ATP M . -27.60 -45.41 -157.62
C4' ATP M . -26.19 -45.84 -157.88
O4' ATP M . -26.09 -47.27 -157.80
C3' ATP M . -25.65 -45.49 -159.27
O3' ATP M . -24.24 -45.31 -159.24
C2' ATP M . -26.06 -46.72 -160.09
O2' ATP M . -25.20 -46.90 -161.22
C1' ATP M . -25.87 -47.84 -159.08
N9 ATP M . -26.80 -48.96 -159.25
C8 ATP M . -27.62 -49.19 -160.33
N7 ATP M . -28.35 -50.27 -160.22
C5 ATP M . -28.00 -50.79 -158.98
C6 ATP M . -28.42 -51.92 -158.27
N6 ATP M . -29.33 -52.79 -158.72
N1 ATP M . -27.86 -52.15 -157.06
C2 ATP M . -26.96 -51.29 -156.59
N3 ATP M . -26.49 -50.18 -157.17
C4 ATP M . -27.05 -49.98 -158.38
ZN ZN N . -26.41 -9.91 30.51
PG ATP O . -29.13 -17.20 45.25
O1G ATP O . -27.95 -17.56 46.09
O2G ATP O . -30.42 -17.90 45.67
O3G ATP O . -29.37 -15.69 45.15
PB ATP O . -29.17 -18.91 42.79
O1B ATP O . -28.40 -20.11 43.21
O2B ATP O . -30.69 -19.10 42.72
O3B ATP O . -28.89 -17.67 43.73
PA ATP O . -29.35 -17.57 40.17
O1A ATP O . -30.47 -16.72 40.61
O2A ATP O . -29.69 -18.60 39.09
O3A ATP O . -28.70 -18.37 41.37
O5' ATP O . -28.15 -16.68 39.65
C5' ATP O . -26.80 -17.18 39.63
C4' ATP O . -26.49 -17.71 38.26
O4' ATP O . -27.60 -17.48 37.39
C3' ATP O . -25.31 -17.05 37.55
O3' ATP O . -24.08 -17.64 37.95
C2' ATP O . -25.63 -17.31 36.09
O2' ATP O . -25.17 -18.59 35.67
C1' ATP O . -27.16 -17.25 36.06
N9 ATP O . -27.70 -15.99 35.59
C8 ATP O . -28.11 -15.70 34.31
N7 ATP O . -28.57 -14.48 34.16
C5 ATP O . -28.45 -13.93 35.43
C6 ATP O . -28.77 -12.65 35.94
N6 ATP O . -29.27 -11.66 35.21
N1 ATP O . -28.52 -12.42 37.25
C2 ATP O . -28.01 -13.41 37.99
N3 ATP O . -27.67 -14.64 37.61
C4 ATP O . -27.92 -14.84 36.32
PG ATP P . -106.03 121.25 -20.63
O1G ATP P . -105.53 120.19 -19.72
O2G ATP P . -105.17 122.51 -20.66
O3G ATP P . -106.25 120.76 -22.07
PB ATP P . -108.56 122.86 -20.54
O1B ATP P . -109.92 122.28 -20.58
O2B ATP P . -108.36 124.03 -19.58
O3B ATP P . -107.48 121.76 -20.16
PA ATP P . -108.56 123.18 -23.48
O1A ATP P . -110.01 122.87 -23.55
O2A ATP P . -107.65 122.16 -24.16
O3A ATP P . -108.06 123.33 -21.97
O5' ATP P . -108.27 124.61 -24.09
C5' ATP P . -106.97 124.94 -24.61
C4' ATP P . -106.98 124.81 -26.11
O4' ATP P . -108.18 124.10 -26.52
C3' ATP P . -107.03 126.13 -26.88
O3' ATP P . -106.41 125.99 -28.16
C2' ATP P . -108.53 126.38 -26.99
O2' ATP P . -108.83 127.19 -28.13
C1' ATP P . -109.08 124.97 -27.17
N9 ATP P . -110.41 124.77 -26.61
C8 ATP P . -111.27 125.74 -26.17
N7 ATP P . -112.41 125.28 -25.71
C5 ATP P . -112.28 123.90 -25.84
C6 ATP P . -113.14 122.84 -25.53
N6 ATP P . -114.36 122.99 -25.00
N1 ATP P . -112.71 121.58 -25.79
C2 ATP P . -111.50 121.42 -26.33
N3 ATP P . -110.60 122.35 -26.66
C4 ATP P . -111.05 123.58 -26.39
#